data_7K58
#
_entry.id   7K58
#
_cell.length_a   1.00
_cell.length_b   1.00
_cell.length_c   1.00
_cell.angle_alpha   90.00
_cell.angle_beta   90.00
_cell.angle_gamma   90.00
#
_symmetry.space_group_name_H-M   'P 1'
#
loop_
_entity.id
_entity.type
_entity.pdbx_description
1 polymer 'Dynein heavy chain, outer arm protein'
2 polymer 'gamma heavy chain'
3 polymer 'Dynein light chain 1'
4 polymer 'Outer arm dynein beta heavy chain'
5 polymer 'Dynein light chain'
6 polymer 'Dynein light chain'
7 polymer 'Dynein light chain roadblock'
8 polymer 'Dynein light chain roadblock-type 2 protein'
9 polymer 'Dynein light chain tctex-type 1 protein'
10 polymer 'Dynein light chain 2A'
11 polymer 'Flagellar outer dynein arm intermediate protein, putative'
12 polymer 'Dynein intermediate chain 2'
13 polymer Thioredoxin
14 polymer 'Dynein light chain'
15 polymer 'Dynein light chain'
16 polymer 'Dynein light chain'
17 polymer 'Dynein light chain'
18 non-polymer "ADENOSINE-5'-DIPHOSPHATE"
19 non-polymer "ADENOSINE-5'-TRIPHOSPHATE"
20 non-polymer 'MAGNESIUM ION'
#
loop_
_entity_poly.entity_id
_entity_poly.type
_entity_poly.pdbx_seq_one_letter_code
_entity_poly.pdbx_strand_id
1 'polypeptide(L)'
;KYSKRIAWMKTTICDSLQLKDMIVEESFQYEKNKNLLEQFLSGEGLNKIFAYYQVQEQAQNDDIKDTGAQDPVLFFTTGD
LEKIQDKAVWFLRITNPADDKKKASQQDGNDNDIIFGEITPNTVPMLNALMESVYSRQIDHIITEKIQFWGVAEEEQVLE
FQQHSNKFSSEVREAINLMSPGTEHFKLDYEAISGLSESEKMQHYEMKFNEWINLISSQLNDDSEVRKDEKDAGPATELI
YWRSRMQKITNWSEQLKSKDFQIVKASLQRHKNHDNQRPRGDESLSKLMMEYNRLDLLLTDKLNEAKDNVKYLTTLEKFI
EPLYNGTPQQIIDTLPALMNAIKMIHTIARFYNTTDKMTGLFIKITNQMIKNCKDRILNKKDNGDNPSLYKMIWEQDPAE
LIEVLGSCIKLYCEYKKCYNDTKEKVADMPKGKTFDFSDAQIFGKFDTFVRRLQKLIEIFSNIQQFNALAKHNLEGMDVL
TNKFKKIIDDFKKKGHNLLDTANNKFDRDWVEFNVEISHLDGELQNFIDNNFNRFRNIEYSLKLLHKFQSTIKRDSLKHN
LTSRYNAILHNYATELDTIQRVFQDQKSNPPLVRNMPPEAGKIIWARHLFQKITGPINIFPENVINSTEIRRYYGSYNTL
GKQLTIYEMWFYQDWVNKIEQSKAALQATLIVRHDENKKLYVNFDLEIMQLIREAKCLDRQGIEIPESARIILLQEDKFK
TYYNELLYALKEYERINSKIKPICKNLLLPHIEDLDLKLRPGMVTLTWTSMNIESYLYYVHQGLKKLEQLIINVNDIIEN
RIENNLKTVSKVVLVHLPQDTKPLSLDSFVQLQEEYINSKTDFLTSKNVEVERAVDDLLQTIMLYPLDPHVDPVLPEETK
RIKRYYFWYFYQALLNSTQNSLNAMKYRVCGKKIPGANTLQNLKPFFQVEVQLNGDKVTLNPSLQEIQKSINRAATAVLR
CSKHLYNWDQQNKDSTDKATFYDMIACDKEIVKVILLLTGSIQGTKNKVNEFLSGFTKFEWLCKESIQESIKKFSKNGPT
LQNYEDQLKKFSQIEEEIEKIVPTYKIGAMELMTHNICTSLSTWAKEWKLQYSQDLHKRARQLLDSLTEQTKMLSTKLSK
PVKDIDSLGYVMETLEQIRKEQAEIDMKFNPVQEMYSLLDNYLPGGITDKDEMDARSLLRRNWDILIQQAEIKGKEYQHK
QAIYLKELKQSIKDFTNQVSIFRRDYEKNGPMVEGISPAEAMERLRRFEDEYDVKYQMYKINARGENLFGLQNQKYPELE
KTDAEIKNLNKLYNLYDSVIKNIQQFKEKSWQDVSKDDLAKMEEDAGKYGEQCSRLPKDLKEWQAYRDLKNYIDSLREQL
PLIISLKKPSIMPRHWEKIKEITNTKLNYENPDQFYIEEIMGAKLLDFREDIEDITESADKQLKIRTGLDEINLYWNDMQ
FQFGIWGKRDVPCMLNGLIVGTILERLEEDQLQLSTFNSQRHVTPFKAEVENLIRTFSDVNDTLDMWVKVQKLWTSLEPV
FTGGDIARQMPLQAKQFQGIDKNWMKIMEKAVETKKVIPCCQNDMLKDFLPDLNRKLEDCQKMLEAYLEGKRKKFPRFYF
VSNPTLLKILSQGSEPTSIQEDFEKLFDAITKVTFESAKDKKNPALKQITQIQQVIGRNEENISLTGYYVKCEGNIEDWL
KKLEQNMQQTLKDIASAAAQQVFQVGLKEFVSSQASQIALLGLQILWTSKVNEGLERLSRNERNAMDIKRNEIKEHMNIL
SSMCLEDLNGAVERTKVETLVTIQVHQKDISMDLKCKDVNDFEWQKQTRIAWKTDIDECIISITDWDSPYSYEFLGAKER
LCITPLTDRCYITLAQAMSMYYGGAPAGPAGTGKTETVKDLGRTLGVFVVVTNCSDQHRYRDMAKIFKGLVQSGLWGCFD
EFNRIDLEVLSVVAMQVESITTARKQHMKKFMFPEEEIEIELIPTVSYFITMNPGYAGRQELPENLKVLFRGVSMMVPDR
EIIIKVKLASVGYLQIDLLAKKFNVLYRLCEEQLSKQRHYDFGLRNILSVLRTAGNTKRQEIKSDEEMLLMRSLRDMNLS
KLVADDIPLFNGLLADIFPKLKEVPKKLYPDVEKKIPEEINAESYLINTPSFQLKIIQLYETCLVRHGFMLVGPTGSGKS
TIMKILTEVLTKLGSPHKIVIMNPKAITAEQMYGVKSEISDDWIPGVFSTIWAKSNNRALKHTTWITCDGPVDAIWIENL
NTVLDDNKILTLANGERIAMTENCKVVFEVENLNNASPATVSRCGQVYVSPTDLGYEAVIEGWIRNRKASGRAEESDKLG
NILRKYLINMRFIELQSKECKEPMMDTSPVISVINILNLLTGCLQYFVQTQRTLSEQEYEKFIVYSMAWAIGGIYEAQDR
VRFHELLLAKNAPIPQKGKENETVFDYYVSQDYLDWKICSPEEWVPPQSLQFSQLLLPTLDSFRAEMLLNFILTQPKSHT
CSNSALLIGGSGTAKTSSVLLYCNKFDPQKMLFKRTNFSSATSPFMFQSTIEAECDFKVGKEFAPPGNKMMTIFIDDMSM
PFVNKWGDQITLELVRQLIETGGFYMLDKTQRGNQRKMKNLQYIGAMNHPGGGRNDIPNRLKRQFFIFNMILPLSIEGIY
GPIIKHMFKQKYFSDSTYKVIESLTSATIALWNKVKSTMLPTPAKFHYVFNMRELSRIFKGILTCKKDTINDAPKSMKIK
PELFLVGLWRHEAERVLADKLVNNKDKDTVMGYIQEVSLESFSQIENEILEKYSSEKTFLFCDFLRPDVINEDGIIEEEA
PKIYEAIDSLTELRKRCNFLLSFYNDRNPSKKMPLVLFDDALKHLLRISRIIRQPRSSGLLVGVGGSGKQSLTRLAGFIG
KNLIQQIIVTKTYSDKDLKEDIKKGFDDAGHLGKQVTFLMTDSEVKKEEFLEYINMVLSTGEIPNLLAKDEREVWLGDIS
QAYCKEKNLGNIDPPQSELWTYFVDRVRDNFHIMLCFSPVGQKFRERARKFPALFNECTIDWFLPWPEEALVSVAETFIK
NFDKLDTKEETKQELMKHMGNVHLMVNEICDEYYQKMRRQVYVTPKSFLSYLNSYKTLYIEKYDELDQQEESFKIGLNKI
QEATITINQMEISLKEEEIQLNEATEKTNQLLANLDKESKKANQKGEEVAATNKQCEIQAEQISKEKEEAERELEAALPA
LRRAQEAVDSIESKDIVELKANKKPLDIIKYIMDAVLVFFKARLIPIQIEERVFNKKEGKAVLFLKESYDESGIQTLGDM
NFMKKLKEFEKDSINEETIELLEPYLNQSEDWFNDTFATKASKAAAGILKWAFAIYEYHQKSKIVKPKRIQVAIAEGRQA
IALKELEKAREDLAQIQAYIKNLKDVYTKQMEEKNELEMKAAKTKKKINTARTLITSLSGEKDRWGKGAQDISDQKRKLV
GNVSLSTAFISYCGPFNAEYRNKLAQQRFVVDMKKRGVPVTPGLELTSFLIDDATIGEWNLQGLPKDDLSIQNGIMVTNS
ARYPLFIDPQGQGQNWIRNKLSASIIPERCITTLSHPKFKDMFLKYCMESGLTLIVENIENEVDPMMDPVLERQIIVKGK
TQFVNVAGTEMELSKEFKLFMTCRLANPSFSPELSAKTTIIDFTVTQSGLEQQLLGKVISKEQKALEDSLNQLLADVNQN
QKDLQRLDKNLLERLINSQGNLLDDTELMDVLNNTKTQAKEVAAKLIDAEIKTKEINEKREQYRPVAIRGSAIYFTMIEV
SLVNWMYNSSLEQFLKLFIESIDLSEKAQLPSNRVKNIISFLTFHVYRYVNRGLFEKDKITFILMMAFKILTTAGTISSG
DVSLFLKSGDALDIKSERQKQISYLEDNQWLNILALSKHTFSGQTLPFFKELPDLISRSENQWRNWIDKNDPENFPIPDF
AESINQEKEIGSFISLCLVRSLRNDRTLIATQNFISNVLGKEFTDPISYPIEGIWQESSNMDPVLFLLSAGADPTSSIDE
LAKKKKKFPCEKVSMGEGQERVARQVIMKGFVEGGWVILQNCHLGLKFMEEIETLVSPINQIHEDFRLWITCEQHPKFPL
GLLQKTLKVTNEPPKGLKAGLYKTFTTIITQEFIDKVDHSNWRSLIFTICFLHSIVIERKKFGPLGWCVPYEYNYSDLEA
SLLYIEKYLTNLMSTPQPNSHNLPISMNVVRYMICEVQYGGRITDDLDRELFITYGETYLKDGIFGNDYFFYDIMVDGSG
QKFKYRIPQNPSAELIKYQEYIAKVPTVDNPEVFGLHSNADLTFRLKESKEMINTVMETRPKDSSVGGGKTREEIVQDKA
KDMLKNLPPDYNDVEVRELVSKLGGPNPKTSTERGMTVPLNIFLYQEVTRMQRVIGLVRKTLQDTILAIDGQIIMTPEIL
EAINAIYDAKVPNSWLYDPSGAEISWLLPNLGSWSTSLSDRNKQLNDWLRSGQRPILFWLTGFFNPQGFLTGMKQEVTRN
HKKGDGKGGEAWSLDDVVYSTTVKEREKEKDIEQPPAEGVYIKGLYLEGCKWSKNGLDDSDPKKIFADLPILHVSAINKK
KTNEQDRMSNTYLCPVYKYPKRTDKYLIFRVGLPCEGSNNPSHWKLRGVALLCST
;
A
2 'polypeptide(L)'
;PLVWTQLKQTGTTQPTARSGHTIITVGKTHIMFGGLDNDKNNYKDGKIAPNNQVFTLKLTQNNCEWRQIACQGDVPLPRC
YHASCAISADKMLVFGGSYTSNLRFNDTYILKTTSYQWSKPANQISGGEPKNAESKIGAPQPRYGHSATFFEGKVYIFGG
HGGINYQRLAFNDLYVLETENFEWTRLEPKGNPPDPRGGHSAAMMANKPQLMIFGGWSFTSQYSNIMIYDIEKDEWVDPE
IAHEIPKWNLSGIMAPSIPSWKYFIFGGSVGSFEEGGNRTNSRFVDDSFVLDIDTLSWSSINLEADETSKAVCKPRPRES
ASIFYDSGESRAIVFGGWANNWLNDLWALNVSTITGPIFSIKPALGPLTGKTKVLIEGDGFKDTQNISVKFSGGKLEKEV
NGTFVNEKEISCETPTFDYPRSVEVTVCMNKGDYTITKSAFTYTKADKTIAYGPGLLTENLIGVQTTIVIQARNGSDEFV
VTIRNPAKIKKEEEVKEGDKANTKNTIKEDEEEEGEDEEENKKKKEAEKNDLTGSAVMNYISKQLKDIQEFIENTKENIE
IRNKNISELINVMINLEKVRVKNDDDVLTLDTVEEMLNFLKKKKDSDIKKCKKLQEEWKNLAKMAQAVKKDIQNPVKTES
DKTKENIKKFEEITLKEYANSLKKESFYKTGVSESFKRIGEVKQKVDEFEVQLNQYEDFARIGSKKLMEQIRTDVSSVEK
LWVRIEISEKTMDEYKKMKWGSINSMDMEDEIKKLRKALTDLRGIDKRSNAFIGITEELKKWATFLPLLGELKDPSMNSE
DGRHWKKLKDLVKKEFDVSQELMLEIIWDLKLFDYKDGIEEITDQAKQELKMEKALKKIIDFWRDIEFELVQHKNTDIHT
LKMSEENFETLEDHQLQINNMLLSKYVAYFEKEVEKWKYDLGSVYDVVQLLLEVQKTWSFLENLFEVKRELPNESAQFVG
IDKDMKEIMQKGCDIKNCLKFCTIEGMLKRLENIQAQLKVCEKALNEFLDSKRRAFPRFYFVSVNDLLDILSNGNSPAKI
NRHMSKIFQAIDNLQLKEDSSGGRPTLKMISCVGTEEVDFSSPRLLQGKVESYLKDVIDTMIGTLKSVANSSFKNFQSMT
RKEWLKSDPSQITLLVNNIIWSKAVEDCFLKLQSGDINAMKLFLDESIKQLTELIGMVQGDLSKPLRQKIMCLITIDTHS
RDVVHRLINEHVRKAEEFQWQSQLKFYWVDNDAKIKIADARFVYNYEYLGNGPRLVITPLTDRIYVTATQALHLKMGCAP
AGPAGTGKTETTKDLANALAKACYVFNCSSEMNYESMGNIYKGLASSGCWGCFDEFNRLLPEVLSVCSVQFKAVTDAIKQ
NVERFIIEGDEISLDPTCGVFITMNPGYLGRAELPEGLKALFRPITVVVPDLELICENMLMAEGFIEAKILAKKFVTLYM
LCRDLLSKQLHYDWGLRAIKSVLVVAGGFKRSEPEIAEQALLMRALRDFNIPKIAFQDLYVFHGLLGDLFPGINIKPKKD
LDFEKIITDVCIENKLDPDPEFVLKVVQLSELLAIRHCVFVMGPPGAGKSTTWKILAKAQDKTNKKTTLIDIDPKVVSTK
DFYGYNLPSKEWKDGLFSKMLRSLAEQPDTNPKWICLDGDLDANWIESMNSVMDDNKILTLANNERIPLKPHMRALFEIR
DLRFATPATVSRAGILYISDEVGYQWRSYVKSWIKQEFSQDQEMSKNLDTLFGKYVPDTLDHIKKHCRFLVPVSPISQVI
SICKSLQTLLKGDVKNLEYLFVYALIWAIGGALAEKDSIDYRKDFSTWWKGAWKTAVKFPSKGTIFDYYVDQSGDSSKFV
EWSKRLENKEFDPQVETMGNITVNTIETLATTEFIKSYLMVKHPSLLIGNSGCGKTQLAKGILKEIVQAKPENYAYQLIN
FNYYTDSTYLQGQIEQTLEKKAGRQYGPPGKVQLIYFIDDLNMPQLDAYDTQTAIALLRQLADYGHFYDVSKLALKDIIN
TQVLAAMNPSAGSFFVNPRYQRHFWTISIPFPDNESLSLIYITFLNGHLKRFKSTIQEYSNIIVRASLMLHQAVTQNFRK
TAINFHYEFNLRHMSNVFQGLLLSDPNKFTEPDKLIKLWIHECERTYGDRLVSTDNLKTYKENIFDIVKKSFSKFNFSRY
FGNNPENLIYCNFIAGINSDRFYDQMPNNEMEKHISEALKEYNDNNAFMGLVLFEDAMKHVCRICRIVLPSSGHALLVGV
GGSGKQSLSKLASFIMGYTTFSITISATYSMVDLRNDLQQLYFKCGPKEEGILFLFTEGQITNERFLVYINDLLSSGEIA
ELYTLDEKEAMINQVRAKVKGEGKPDTRENCWNWFIDQVKKNLHMAICFSPVGDMRRRARQFPALVNCTVIDWFQPWPYE
ALFNVAKSFLEPVDLGDDKVREAVVKFMPFSFTLVNDLGLKLLEQERRYAYTTPKSFLELISLFTNMLAQKRESLERNKE
RYETGLVKLKETAEQVAIIEVEVKEKQVEAEAKKKEADAFAEVVGREKDKVEKENSKATIEADKCGLIKQNVEAQKSSTQ
QDLDAAQPLVEQAKSALNSISKKDFQQAKSFASPPAGVPEVFAATIYLLAGYFNEAIEIDKNKKPKDVSWKSSLKLMKSP
EEFMEKLLNFKDVVDANQVANVNIVKNQYLNMPSFTPEQMASKSAAAKGICSWVVNIVKYYDVIQDVEPKRKALKEATEQ
LEEATVKLNEVEEVVRKLNEELNKLKAENDKAIAERNAAISEAERCARRLNLAQRLVTALSSENERWGKSIIQLEDQLKL
MVGDVLVASSFVSYSGPFNKKFRNIMINQNFMKFMKEHTIPMSPDPNPIKILTDESTIALWNKQKLPSDSVSIENGTILT
NSARYPLMIDPQLQGITWIREKEKANNLKILRLGSKNINRDLELSIENGYSAIIENMNERIDAILMPIIARSFIKRGKNK
IIKFAGKDLILHPNFKLFLHTKLSNPHYPPEIQAEAALINFTVTEAGLGDQLLSLVVARERPDLAKMKIELITQQNDFKI
KLKDLEDELLYKLANAKGDILDDIELIENLEYSKKLSVEIAEKVAAAKITEAKINETSENYRPAASRGALFYFLLSDLSK
VHSFYKYSLESFIVVINRAIDAISENKIYGKTTMMSPRSLKKRVDELIESLTYTAYQTTRRGLFESHKLIVAAMLCLRVL
LRSEELNSDEVDHLIIGKVDVNPTPMPDALKSFLNDNIWAACKALETIHQFQGFCQSLETDVLQWKKWYSEEKAETADLP
KAFKELSKFHRLLLLRALRPDRLPSALSQFVHDKMGERYIEQPPFNIFETFQETSKTVPIFFVLFPGVDPTPDVERVAAT
FDVSANNGRFINISMGQGQEDRAKKALFDCAQKGHWIMLQNVHLMQSWLYGLNGLEGFLESVFASPKTHPNFRVFISSEP
PNVLLPLMQIIPESILQGSLKIANEAPQYLKANLRRAYNKFDQEFLDKCDKKPTEFKSCLFALCFFHSLMLGRKKFGTQG
WSRVYNFNDGDLTICADVLYNYLSKYDQVPWDDLRYIFGEIMYGGHITDDWDRRTNRTYLKVLIRSELLQQNFNLAPQFK
SPDPSKFDYEAYRKYIEEKLPIESPQMFGMHPNAEIGYLTQTCDQVFNTILEVQGGSSGGGASKKDDGVMVTLTDFKTRC
PHDFNMLLIEEKVKEKTPYIVVCLQECERMNGLLKEIKTSLEDLRLGLTGALNMTDAMESLQQSLSFNKVPDTWEKKAYF
SKKPLSSWFADLIERNIQLQEWCKELVTPTSLCISYLFNPMSYLTAIMQFTARAQGLPLDGITIQTNVTAMKGPEDVVNP
AENGAYIHGLFLEGAAWEIGGQGQDGYLIEQKPKELHPKMPVINAVAVPLDKKKKNGQYDCPTYVTSARGQTFVFTANLN
MESDDSDPNKWILSGTCMLMSDD
;
C
3 'polypeptide(L)'
;AKGTTCQKAIVNWEAANPGKNPSEAEEIKLIFQIPPIEKMDGPVLNTLTKCKKLSLSSNSIDKMISLNMLRNLEILSLSR
NVIKKISGLEDIGGTLRQLWLSYNFIEKLDGLNNCSVLQTLYIGNNRIKNWEELDKLKDLPELENVLFYGNPIYEQVKED
PKLIVLKKLPTLKNVDGYIIDDSVLEKVKQIA
;
Q
4 'polypeptide(L)'
;MGDHSQKDSPEDFIINRLSQALGIQKEKIKKSLETQQDDKGEVTNKDEFQGFIQQDNSTNILWVSGQSEKCTFYYGQLPP
IDKFKKKGIAVIKLGLHKLTNENVAKDVVVVEITNNLLEHLNSVFNEIMSPVMQNPLNQQGWTDLVAKDLMEKFNNYVAQ
VYVLLGQIKGKTMLPLPSHKLTSSDTTPDKDKAHVFEGSIITWTKQIKNVLKLEPEQLLKYGNDPGPLAEIEFWQNKRDN
LNLIDSQLKSVEVQNILHFLDNNKSTYTTPFTKLQAEVKKARLEANENYRYLFTLKDLFSKLQESQPSDFPTLYELFIPI
MHTILLIYNKSKTYNQPPRLVVLIREICNAIISNAQAFVDKDTIFSLIDSKETTEACDKLQVTLDVCSKFKDAYFEYKAK
AGGNWKLTSNALFVRLDSFLERCQDILHLTNTIVQFNKLEKIELGGTKGKTLTESIAQIFKEFEEAVQAFTSVSYDIMNI
AEKKFDDDFYEFRSKIKELERRLASVITQGFDDYDTIYGRFKLLDNFEGLLTRPIIADELEKKHIVLLEMYKQDLKQVQS
IFLEGKQFVDSMHENAPLFLNMPPIAGALTWCKSLRDRIQEPIEKLAQLGQGITEREEYKDVQKLYTSITKSIKDYEDQK
ILSWEKEVEDSSQDKLKQTLLCKDENDLIKVNFDPSLVRLLKEVKYFLLLRLEVPTTAKDIYTKAETYRTQIVALDMIVD
NYNHIKTCLLPVEEPLVKKKIQDMEEEVKPGIEEIRWKSTNIDQFISKSKSIVDQLFETVNKMKDSLQKIHKSLANFNVK
IIERKNRPMSPDDYDQFLKAIFSNKLTIVKDNGNQIQKLVKEVLDAVKADKKQNSWKNYNDYVNVIVIEGISTAIQTALL
HLNEQINPVFIKRNDISPLFDIRLELGQSGIQFDPEIGESSNQLTVRNTIRNWINDFFNIAGTIQRLDTTMPGDFLQEIR
SFFEIKQCLAMITQNLEWIENECNQFRARFDTYSYLWTEDEQISFNRFLDENEPKDEDGKGGDDDEGENTEKQNPLLKGC
RAKIPNLDLFDEKITHLKAIQQEISRIKTPEDISWLRINLQPMKTALDARVTRWIRVYTDFLVNQFRTTQKNLLDFIEKT
KDGIKKNPADHENLHDKKLLMSVMKVISDVKDVEPRREGIITRMKEMVTKLKKHNVPITEKGTDDPLQQIDNANSNFIEI
YGRVFKVKADIIPLQAEETQNIKRDLDIFMKEVESFRKEFMQKLPFDYTESMGYENINNAYDTIMVYYHKLTAIEGRALE
YNNLEKLFELQKSNYKQLKDCMNDLKNLKTMWDAIALIHFQYNDWKTKPWRQIKADILLDTNKTLGTQIKNLPKEIRNFK
GYNVIVEKVKNMGTVLPLVSALHSEFMEDRHWSQLKQITGTVFDHNSLSFYFEDILALNLYKYENTVNEIVDVAQKEAKI
EKKLKNIEQWWSKQVFEFTEYKETKTFASLDNMMEVLDQHSLDLMGMKSQGKYVEFFYDRVEDWREKLGRVDVVVNEWLK
VQKNWKILYNIFLLSEDIRMQLPEDTKVFEGVDKEFKDMMSEVSANPSVVEACTIERRDVLVGWSQAIKKCEKALNDYLE
QKKKSFPRFYFLSNQSLLTILSNGQNAPKVCEYLGDCFDGLKTLTFEPPANPAETSKVGIGMISKDDEKVPFSSKFICEG
AVEHWLLNLEFRMRETLQEILEGAKNTADLWDSGDKPREEWVEGYNAQIALLTTTIVWTEDVGRAFEDLAGGSETAMKEC
QKLIEVRLENLIKKVRGDLHILERWKIINIITIDVHSRDVVEKFVIQKVSEAESFAWLSQLKFYWENKPDSDMHLRQTLR
FPWEKDKNKNKCIIRIVDWFRFYSYEYIGNAIRLVITPLTDRCYITLTQALNLTMGGAPAGPAGTGKTETTKDLGRAIGI
PVMVFNCSDQMNKDSMAQIFMGLSQSGAWGCFDEFNRISIEVLSVVSTQVKCVLDALKEKKTKFSFVEEGEIQLQDTVGF
FITMNPGYAGRTELPENLKALFRSCAMVVPDLALICENMLMSEGFTMARVLSRKFVSLYMLSRELLSKQKHYDWGLRAVK
SVLRQAGKLKRGDPDMPEDPLLMRALRDFNMPKIVTDDKVIFRRLIGDLFPKLDPPTKQNPELKKIVQDTTKKDMGLVAE
ELFVTKVVQLAEILEVRHCCFVIGPPGSGKTCVWKTLIKSYINSGEDAEYDTLNPKAVTSDELFGAYTKTKEWKNGVIAV
IMKNQVKNEEKYKATHMHKWSVLDGDIDPEWIESLNTVMDDNKVLTLVSNDRIFLTPQMRLIFEISNLRNATPATVSRAG
VLFINETDIGWMPYMNSWLERSQINILKQQKEMANMPEYPVIDDVAKSVFYRCFQSYFEQNIDVHDKNRVRHICPMVDIA
MIQTICTILDALLIQHLPKLKQMKEEDEKQALEAFFIFAGLWAIGGPVGGGQDDSKDMKEFNTVWKGAAKVKFPEQGLCY
DYYYDINENKWNTWKVEDYLPNDQPLFSKIYVATIHTTRLRYMIDIHLQRRKPILFIGSAGTGKTAVVRDYLNSTRPEQV
SHKTINFSSFTDSLALQKNIESMVEKKNGRNYGSATNKVLICFIDDFNMPYVDKYGTQSPIQLLRLILDYGSIFNREQLE
ERKFLQDLLFFGCLNQKSGSFTVDLRLQRNFSVFSMYTPSSDVIKTIFGSILNAHLSTIDDKAQKMAFKLVEATYFTFDK
ILKNTTAFAPSAKRFHYQFNFRELARVCEGICRTTPGQYSGGDQGKLVRLWAHEMKRTFEDRFIANEHVEFFRRYLTEAI
SKCIGEFPETENPIAEPLIFTGFVAAHQGLDQQYTQCTIPVLKRVLDDKLEEYNEVKAQMNLVLFQQAMEHVSRICRILD
MPGNNALLVGVGGSGKQSLCRLSTFINGFEIDQLVVTASFTINDLRNNLQEIYKKIAKPNSIARVFMITDSQIKEEQFLI
PINDMLNSGWIFDLFPKEDMDSLVSGVRNEAKGEGVDVNNLTALTSYFLDKIRKNLKVVLCFSPVGDTMRIRSRKFPGII
NNTSIDWFHPWPHEALIDVAFRFLEEIEFPTEEIRQSISLNMAKVHSSIDTANEKFLKLERRYNYTTPKSFLELIDFYKK
LLTEKRETIQRQIQRYEMGLNILAETQNKVQGLQEELKVKMVEVNKQREETDILIEKVGKESALAEEEQTIANAEEEKTN
VAAAEAEKISKEATEALAEALPALRSAEAAVDCLKKPHVTEMKNLGSPPAGVIVTARVVLILFNQGITLNDPDEKVWKKA
VTFMNNPQAFIDKVKSFDGENIEPNIIEQSNKIIQDPSKKFNEKDMAGQSYAASKLCAWAVNIVTFNKIFKQVKPLQDAQ
KQANEILEEKKKELAIVKQRVAELNARVNSLKRQLEEAEARKMIVEQDAARCQSRLSAAENLVNGLAGENKRWTQNVKFL
KENIKSMIGDSLLASAFVSYIGAFSAKLRLELWKNTWLPDIIEKGIPITEGIEPLKILTTEAIKSKWKNEGLPADPMSLE
NAAIITACARWPLIIDPQLQGSTWIRGKQGENLTTISLSQPKWLGALTSSISSGRAVLIEGIQQEIDATLDPLLQRAVKK
NGNQLQLEIGGDPIDYDPNFKLFLMTKLINPHFRPEIAAQCTIINFIVTESGLEEQFIAMVVNIEKNELEMAKQDLVKKQ
NEYAVTLDKLESDLLQSLSEADPATILDNTELIQNLDKTKKTTIEITEQQQKAKVTEAEINIQREHYRVVAAEGSMLYFL
VISLSVMDHMYQYSLESFITFFFKAINRTTVRDENRIPTLILNIRQTIYQWISRGLFEKHKLIFLTLIVFRLMQKKIIDV
AYEVAEMDFLIKCPARPGVENTLDWLPNISWDQIQGLINLEEFRNFAHQLEKEAPNRFKDWYNELQPEDQKLPLDWKRLD
SMPFKKLLVLRCLRPDRMTISLNNFIRAVLPQGDAFVEMDQKLAFSEILESVINEDSESTIPIFFILSPGSDPVKEVEKI
AKKKRIEPGKNFFNIALGQGQDEIARRRIEEGNKEGHWVMLQNIHLMPTWLIELEKILDSYSGEAGGGNSEFRLFLSAEP
STGIPIGILDRSIKLTNEPPAGLKANMKRAWTYFSKEEIEDKDPKIKSILFALCFFHSTLIERRRFGPKGWNMSYPFNMG
DLRDSYLVMNRYMEQNQGGKVPFNDLIYIFGEIMYGGHIVDDWDRRLCNSYLFNTMHEQLFDELELFPYIEGKGLSFKVP
GQNPYEKYIEHIETSLKQETPLAYGLHPNAEIGFRTDQCKTLFNTLLELMPKEQSRDEKSSDIKSSNEMASDLIKQLLED
SELKNKIFNMEEIKNKIDAENKGPYQNVFLQEIEYMNALLSEIVKDLEEIGQGLSGLLTVSENMEMIIESIALSRVPASW
QKLAYPSKRGLQSWLANLFQRIEQLNIFRDDPYSIPRVVMISRFFNPQSFLTAIMQVISRAKAYELNKLYIQTEITKRSI
EEIEGAAKEGAYVYGFILEGARWDYQLGQLEESKPKEMFSVLPVTYCKAIPLPPEGKEDKSLYQCPVYKTEDRGNTYVFT
AQLKTRFPPRKWILAGVAIIMDVEGVSD
;
B
5 'polypeptide(L)'
;KAVTDMDINELRKLMIGKAIINSSDMQGDLLQEAQDVIQSGIENNSAPVLNIEAACKYIKENLDKKFGPTWQCIIGEGYA
YDVTVQNNTLLFMFYNGNLAVLIFKS
;
I
6 'polypeptide(L)'
;SHLDKVQPVIKNSDMSVEMQKEVEEVAKKAIDYCNTDKEIATFIKDDFRSRYHGTWHCIVGRNFGSFVTFERSYYIYLYV
GQLAILLFKTG
;
H
7 'polypeptide(L)'
;MSEVEDTLNRIKTHKTVLGYLIVNSEGGVVRGAFKDEEESKNIANSIPLLTKKARSVVRDLDPTNDLVFLRIQTKLNEIM
VAPDDEFSLIVIQTKG
;
G
8 'polypeptide(L)'
;NADDQLKQLSALEGANGYVIFNESGIPLKRHEKSISHEKAVHIAALVSDLWNVSKKVIQRDLKTPENDIEVIRLRTKHSY
EYIITQSGDFTMLAIQLCGKAIEEAKKAAA
;
F
9 'polypeptide(L)'
;TDKEYISEEVQKAIDDSVKQVFGIKDDSSQVTITYNKDKVNLWTQQIIDYTIRGLNKLGKHFKYCVTAILQQTNHAGISV
QITAYQDTNTDGSLIQCYEINDIYAIVSVFAMAV
;
N
10 'polypeptide(L)'
;RKREASLITLNYIKNRFYPSKIQKIIKELFEDRLKGVEYDPNNANQLSERLVLELREKIKRGKVPRYKIGVQVVFGEIKG
QGLRIASKCLWDVQNDNYASYTYTSEKVYCTGIVFGCYFE
;
O
11 'polypeptide(L)'
;KEFNNPINFQDTETRYGGIQNQVVNINQYVQRNPNFIDLDNIAELSEHSVNTERVKTGDRGMSHKEGGWPGNVDPNEAQE
TGRFKKRIEKDTSFPQAVKDLKEGVEKCIYQNNQIDLLEEYFEGETSEHVVENLSSKTLMLFKDEKEICKRSVSEISWHP
EGPTKVAVSYAIMRFQQMPEKMPTQAYVWDLLNPNSPEIKLMSPSAVTNISYNQKIPDQIGGGCYNGLLAVWDGRKGENP
IMISPVENSHYEPVTHFHWLMSKTGSECVTTSTDGKVMWWDTRKFEAGPVEKLNIIEGLGENEEIIGGTALEYNVEAGPS
KFLIGTESGSILTANKKLKKPVEITTRYGLDQGRHLGPVYSINRSNQNPKYFLSVGDWSCKIWVEDLKTPIIRTKYHGSY
LSDGCWSPTRSGAFFLVRRDGWMDVWDYYYRQNEIAFSHKVSDSPLTCIKINQTGGAYHNSGKLCAIGDQDGTVTILELC
DSLYTMQPKEKDIINEMFEREYRKEKNLETIKKQQELAKRQVQKDMGSQKEKWEKKKLEMIETAEASFHENLAKNPV
;
E
12 'polypeptide(L)'
;LTAQELNEDMPSKMLEPKNPQAPKNITVYDYYTRKFKTDELVDQMIVHFSMDGDYIWKESNEYKTQEEIRDTKKALIKEA
MRKQESEEPGANHDEEAIKQTLRNKFNYNTRECQTINPSIRERGVSTEPPPSDTICGNITQWEIFDAYYAEIMKDHQIEN
KKKKEVDQDKKQDQSMYSTSFKRCCKIMERMVVQNDQEDKYHDYRYYWSQGDNLEAGKNEGHLLPIWRFSNEKQRKKNVT
SICWNPLYPDLFAVSLGSYDFTKQRMGLICLYSLKNTTHPEYAFNCEAGVMCLDFHPKSAALLAVGLYDGTVLVYDIRNK
HKKPIYQSTVRNQKHTDPVWQVKWNPDTSKNYNFYSISSDGRVMNWILMKNKLEPEEVILLRLVGKNEEESTLIGLACGL
CFDFNKFEPHIFLVGTEEGKIHKCSRAYSGQYQETYNGHLLAVYKVKWNNFHPRTFISASADWTVRIWDSKYTSQIICFD
LSMMVVDAVWAPYSSTVFACATMDKVQVYDLNVDKLNKLAEQKIVKQPKLTNLSFNYKDPILLVGDSHGGVTLVKLSPNL
CKSGPEIKQTEDKKAMEEFKNVKIEDYEREKMENL
;
D
13 'polypeptide(L)'
;TTTVTSEDHFMTFYNENNKKLIVVDVYPGWSGPCTAMYPTYNQLMISIDDFEKRIDILLLDQDKLVTYKNDKFHATCQPK
FLFISEGKIIDEVLGTNIPVFIEKVNKYIPLS
;
P
14 'polypeptide(L)'
;EPLPPHIIRFNDMAQHLLKKVIRQADVLIKENPQGLEKDIALNLVKFVKSQPEFKIGDGEWQCIIGKNFGCSLTFDANVL
AFFDLLPSRKSILLFKSG
;
L
15 'polypeptide(L)'
;HANEQIIDMPENSEMKSMKNDAFSQAKFAVENYKFENKISSHIKKFFDEKYGPNWHCVVGKHFNAYVSYDSKNFIFFYEG
QLAILLYRKG
;
K
16 'polypeptide(L)'
;QQYKTFMGARVLWPPEAADDILEGAIRETQDALKKFEIAREGQKIAEHLKKYMDDHFDPYWHVFFGKNFGCQAVHNKNRF
IYFYIEKTAFLMYQT
;
J
17 'polypeptide(L)'
;MNHEPEVKATDMEEDMIKRVKEIAINAVKEYKQEKQIAHYIKYEFDKIDGYGWNCIVGRNFGSHIIHQTKKYIFFKINEL
CLLLWKA
;
M
#
loop_
_chem_comp.id
_chem_comp.type
_chem_comp.name
_chem_comp.formula
ADP non-polymer ADENOSINE-5'-DIPHOSPHATE 'C10 H15 N5 O10 P2'
ATP non-polymer ADENOSINE-5'-TRIPHOSPHATE 'C10 H16 N5 O13 P3'
MG non-polymer 'MAGNESIUM ION' 'Mg 2'
#
# COMPACT_ATOMS: atom_id res chain seq x y z
N LYS A 1 -183.02 93.54 143.36
CA LYS A 1 -181.57 93.35 143.03
C LYS A 1 -181.40 92.13 142.11
N TYR A 2 -180.15 91.73 141.86
CA TYR A 2 -179.78 90.41 141.25
C TYR A 2 -180.16 89.28 142.21
N SER A 3 -179.71 88.06 141.90
CA SER A 3 -179.96 86.81 142.69
C SER A 3 -178.86 86.59 143.72
N LYS A 4 -177.82 87.44 143.75
CA LYS A 4 -176.63 87.31 144.65
C LYS A 4 -176.62 88.38 145.75
N ARG A 5 -177.80 88.74 146.28
CA ARG A 5 -177.94 89.69 147.41
C ARG A 5 -177.66 88.97 148.74
N ILE A 6 -177.55 87.62 148.71
CA ILE A 6 -177.21 86.74 149.86
C ILE A 6 -175.76 86.95 150.30
N ALA A 7 -174.86 87.28 149.35
CA ALA A 7 -173.39 87.38 149.54
C ALA A 7 -172.95 88.84 149.82
N TRP A 8 -173.89 89.79 149.92
CA TRP A 8 -173.64 91.20 150.35
C TRP A 8 -174.20 91.40 151.76
N MET A 9 -175.50 91.16 151.96
CA MET A 9 -176.20 91.19 153.28
C MET A 9 -175.42 90.37 154.31
N LYS A 10 -174.83 89.23 153.91
CA LYS A 10 -173.91 88.40 154.73
C LYS A 10 -172.62 89.18 155.01
N THR A 11 -172.05 89.83 153.98
CA THR A 11 -170.87 90.75 154.08
C THR A 11 -171.22 91.98 154.93
N THR A 12 -172.51 92.34 155.01
CA THR A 12 -173.08 93.44 155.83
C THR A 12 -173.20 92.99 157.30
N ILE A 13 -173.90 91.88 157.56
CA ILE A 13 -173.99 91.22 158.91
C ILE A 13 -172.58 90.99 159.44
N CYS A 14 -171.64 90.69 158.53
CA CYS A 14 -170.16 90.68 158.73
C CYS A 14 -169.66 92.04 159.26
N ASP A 15 -169.53 93.05 158.39
CA ASP A 15 -168.74 94.29 158.63
C ASP A 15 -169.55 95.39 159.33
N SER A 16 -170.89 95.39 159.21
CA SER A 16 -171.81 96.42 159.79
C SER A 16 -171.74 96.43 161.32
N LEU A 17 -171.22 95.36 161.94
CA LEU A 17 -170.98 95.24 163.40
C LEU A 17 -169.50 95.50 163.75
N GLN A 18 -168.73 96.15 162.86
CA GLN A 18 -167.32 96.59 163.09
C GLN A 18 -167.14 98.09 162.78
N LEU A 19 -168.22 98.82 162.45
CA LEU A 19 -168.20 100.25 162.04
C LEU A 19 -169.30 101.05 162.76
N LYS A 20 -170.59 100.72 162.52
CA LYS A 20 -171.79 101.49 162.98
C LYS A 20 -171.94 101.40 164.50
N ASP A 21 -169.51 99.18 165.19
CA ASP A 21 -169.85 98.60 166.51
C ASP A 21 -168.66 97.81 167.04
N MET A 22 -168.44 97.86 168.35
CA MET A 22 -167.45 96.99 169.04
C MET A 22 -167.94 95.55 168.89
N ILE A 23 -167.65 94.94 167.72
CA ILE A 23 -167.98 93.52 167.39
C ILE A 23 -169.40 93.21 167.92
N VAL A 24 -169.62 91.99 168.45
CA VAL A 24 -170.93 91.50 168.97
C VAL A 24 -171.80 91.05 167.77
N GLU A 25 -172.92 91.74 167.48
CA GLU A 25 -173.87 91.39 166.37
C GLU A 25 -174.44 92.65 165.71
N GLU A 26 -175.04 92.50 164.52
CA GLU A 26 -175.70 93.60 163.72
C GLU A 26 -177.23 93.53 163.88
N SER A 27 -177.79 94.42 164.69
CA SER A 27 -179.26 94.60 164.83
C SER A 27 -179.84 94.69 163.43
N PHE A 28 -180.52 93.63 162.98
CA PHE A 28 -180.92 93.36 161.57
C PHE A 28 -181.57 94.61 160.95
N GLN A 29 -180.84 95.27 160.03
CA GLN A 29 -181.18 96.61 159.45
C GLN A 29 -181.70 96.46 158.00
N TYR A 30 -181.02 95.65 157.17
CA TYR A 30 -181.39 95.38 155.75
C TYR A 30 -182.77 94.72 155.66
N GLU A 31 -183.18 93.98 156.69
CA GLU A 31 -184.46 93.20 156.75
C GLU A 31 -185.53 93.94 157.57
N LYS A 32 -185.26 95.16 158.04
CA LYS A 32 -186.29 96.21 158.25
C LYS A 32 -185.92 97.43 157.38
N ASN A 33 -184.96 97.23 156.47
CA ASN A 33 -184.81 97.95 155.18
C ASN A 33 -185.72 97.28 154.13
N LYS A 34 -185.85 95.94 154.19
CA LYS A 34 -186.45 95.06 153.14
C LYS A 34 -187.89 94.64 153.48
N ASN A 35 -188.55 95.28 154.47
CA ASN A 35 -189.96 94.99 154.84
C ASN A 35 -190.73 96.27 155.20
N LEU A 36 -190.23 97.45 154.82
CA LEU A 36 -190.91 98.77 155.01
C LEU A 36 -191.73 99.11 153.76
N LEU A 37 -188.82 99.03 152.03
CA LEU A 37 -189.26 99.07 150.61
C LEU A 37 -188.30 99.95 149.80
N GLU A 38 -188.02 101.16 150.29
CA GLU A 38 -187.06 102.14 149.68
C GLU A 38 -185.62 101.68 149.95
N GLN A 39 -185.34 101.16 151.16
CA GLN A 39 -184.01 100.65 151.60
C GLN A 39 -183.73 99.27 150.99
N PHE A 40 -184.79 98.51 150.67
CA PHE A 40 -184.74 97.25 149.89
C PHE A 40 -184.37 97.54 148.43
N LEU A 41 -185.20 98.34 147.76
CA LEU A 41 -185.07 98.68 146.31
C LEU A 41 -183.78 99.48 146.06
N SER A 42 -183.35 100.31 147.03
CA SER A 42 -182.12 101.13 146.97
C SER A 42 -180.88 100.22 146.88
N GLY A 43 -180.78 99.27 147.83
CA GLY A 43 -179.75 98.21 147.86
C GLY A 43 -179.90 97.28 146.66
N GLU A 44 -181.14 97.09 146.19
CA GLU A 44 -181.48 96.44 144.90
C GLU A 44 -180.84 97.24 143.75
N GLY A 45 -180.95 98.57 143.79
CA GLY A 45 -180.26 99.50 142.89
C GLY A 45 -178.75 99.42 143.05
N LEU A 46 -178.26 99.29 144.29
CA LEU A 46 -176.81 99.21 144.62
C LEU A 46 -176.13 98.13 143.76
N ASN A 47 -176.49 96.86 143.98
CA ASN A 47 -175.87 95.68 143.31
C ASN A 47 -176.16 95.70 141.80
N LYS A 48 -177.41 95.98 141.40
CA LYS A 48 -177.93 95.77 140.03
C LYS A 48 -177.64 96.99 139.14
N ILE A 49 -177.85 98.21 139.66
CA ILE A 49 -177.63 99.50 138.92
C ILE A 49 -176.17 99.94 139.09
N PHE A 50 -176.17 99.47 135.55
CA PHE A 50 -174.80 100.06 135.62
C PHE A 50 -174.83 101.52 136.08
N ALA A 51 -176.00 102.18 136.08
CA ALA A 51 -176.18 103.64 136.34
C ALA A 51 -175.62 104.03 137.72
N TYR A 52 -176.32 103.67 138.81
CA TYR A 52 -176.01 104.10 140.20
C TYR A 52 -174.85 103.27 140.75
N TYR A 53 -173.62 103.65 140.40
CA TYR A 53 -172.36 102.91 140.69
C TYR A 53 -172.10 102.84 142.20
N GLN A 54 -172.37 103.94 142.92
CA GLN A 54 -172.11 104.10 144.38
C GLN A 54 -173.41 103.95 145.17
N VAL A 55 -173.30 103.40 146.39
CA VAL A 55 -174.37 103.39 147.44
C VAL A 55 -173.87 104.25 148.60
N GLN A 56 -174.42 104.03 149.80
CA GLN A 56 -173.88 104.55 151.10
C GLN A 56 -174.59 103.80 152.24
N GLU A 57 -173.82 103.12 153.10
CA GLU A 57 -174.33 102.34 154.27
C GLU A 57 -174.16 103.18 155.54
N GLN A 58 -175.02 104.21 155.67
CA GLN A 58 -174.92 105.30 156.68
C GLN A 58 -175.31 104.77 158.07
N ALA A 59 -174.52 105.15 159.09
CA ALA A 59 -174.83 105.01 160.53
C ALA A 59 -175.07 106.41 161.13
N GLN A 60 -176.14 106.59 161.91
CA GLN A 60 -176.60 107.93 162.38
C GLN A 60 -177.15 107.84 163.81
N ASN A 61 -176.79 108.83 164.65
CA ASN A 61 -177.14 108.95 166.08
C ASN A 61 -177.96 110.23 166.31
N THR A 77 -179.24 103.29 168.77
CA THR A 77 -178.50 103.30 167.48
C THR A 77 -179.50 103.11 166.32
N THR A 78 -179.27 103.85 165.23
CA THR A 78 -180.12 103.90 164.02
C THR A 78 -179.27 103.55 162.79
N GLY A 79 -179.76 102.64 161.94
CA GLY A 79 -179.19 102.31 160.62
C GLY A 79 -180.12 102.75 159.49
N ASP A 80 -179.57 103.36 158.43
CA ASP A 80 -180.34 103.90 157.27
C ASP A 80 -179.51 103.73 155.99
N LEU A 81 -179.84 102.73 155.16
CA LEU A 81 -179.14 102.42 153.88
C LEU A 81 -179.76 103.28 152.77
N GLU A 82 -178.94 104.10 152.10
CA GLU A 82 -179.34 105.01 150.99
C GLU A 82 -178.12 105.74 150.44
N LYS A 83 -178.05 105.90 149.11
CA LYS A 83 -176.89 106.48 148.36
C LYS A 83 -176.64 107.94 148.79
N ILE A 84 -177.71 108.67 149.11
CA ILE A 84 -177.67 110.11 149.53
C ILE A 84 -176.85 110.25 150.82
N GLN A 85 -175.59 110.72 150.70
CA GLN A 85 -174.61 110.83 151.80
C GLN A 85 -175.02 111.94 152.78
N ASP A 86 -174.94 111.68 154.09
CA ASP A 86 -175.20 112.64 155.20
C ASP A 86 -174.12 112.48 156.28
N LYS A 87 -173.50 113.58 156.74
CA LYS A 87 -172.46 113.60 157.81
C LYS A 87 -173.11 113.40 159.17
N ALA A 88 -172.79 112.28 159.83
CA ALA A 88 -173.57 111.69 160.95
C ALA A 88 -172.70 111.52 162.20
N VAL A 89 -172.71 112.52 163.09
CA VAL A 89 -172.03 112.48 164.43
C VAL A 89 -172.99 111.88 165.45
N TRP A 90 -172.51 111.04 166.39
CA TRP A 90 -171.14 110.58 166.54
C TRP A 90 -171.04 109.13 166.04
N PHE A 91 -170.91 108.94 164.72
CA PHE A 91 -170.95 107.62 164.03
C PHE A 91 -169.61 107.31 163.35
N LEU A 92 -169.35 106.01 163.16
CA LEU A 92 -168.38 105.44 162.18
C LEU A 92 -169.17 104.50 161.26
N ARG A 93 -168.82 104.41 159.99
CA ARG A 93 -169.67 103.81 158.92
C ARG A 93 -168.89 102.78 158.12
N ILE A 94 -169.58 102.14 157.17
CA ILE A 94 -169.02 101.30 156.07
C ILE A 94 -169.86 101.53 154.81
N THR A 95 -169.21 101.80 153.67
CA THR A 95 -169.85 102.17 152.38
C THR A 95 -169.68 101.02 151.37
N ASN A 96 -170.74 100.69 150.63
CA ASN A 96 -170.81 99.53 149.69
C ASN A 96 -171.15 100.01 148.28
N PRO A 97 -170.13 100.32 147.44
CA PRO A 97 -170.35 100.73 146.05
C PRO A 97 -170.07 99.59 145.05
N ALA A 98 -171.14 99.02 144.45
CA ALA A 98 -171.10 97.85 143.56
C ALA A 98 -170.36 98.20 142.26
N ASP A 99 -170.82 99.25 141.56
CA ASP A 99 -170.17 99.86 140.36
C ASP A 99 -170.73 99.22 139.08
N ASP A 100 -170.81 97.89 139.01
CA ASP A 100 -171.13 97.11 137.76
C ASP A 100 -172.62 96.74 137.70
N LYS A 101 -173.07 96.35 136.51
CA LYS A 101 -174.49 95.96 136.20
C LYS A 101 -174.69 94.48 136.52
N LYS A 102 -175.75 94.15 137.28
CA LYS A 102 -176.16 92.77 137.66
C LYS A 102 -175.10 92.14 138.57
N LYS A 103 -175.37 92.09 139.87
CA LYS A 103 -174.50 91.44 140.90
C LYS A 103 -174.32 89.96 140.54
N ALA A 104 -173.08 89.56 140.20
CA ALA A 104 -172.72 88.19 139.77
C ALA A 104 -172.94 87.20 140.91
N SER A 105 -173.85 86.23 140.74
CA SER A 105 -174.25 85.21 141.74
C SER A 105 -173.34 83.98 141.68
N GLN A 106 -172.45 83.89 140.68
CA GLN A 106 -171.44 82.81 140.52
C GLN A 106 -170.03 83.33 140.87
N GLN A 107 -169.93 84.32 141.76
CA GLN A 107 -168.66 84.83 142.35
C GLN A 107 -168.94 85.33 143.77
N ASP A 108 -167.89 85.65 144.53
CA ASP A 108 -167.99 86.18 145.92
C ASP A 108 -168.58 87.60 145.87
N GLY A 109 -169.36 87.98 146.89
CA GLY A 109 -169.89 89.34 147.06
C GLY A 109 -168.84 90.33 147.53
N ASN A 110 -167.63 89.86 147.87
CA ASN A 110 -166.49 90.68 148.37
C ASN A 110 -165.51 90.99 147.23
N ASP A 111 -165.05 89.97 146.50
CA ASP A 111 -164.00 90.06 145.44
C ASP A 111 -164.51 90.90 144.27
N ASN A 112 -167.86 91.73 144.20
CA ASN A 112 -168.43 92.79 143.31
C ASN A 112 -168.21 94.19 143.92
N ASP A 113 -168.33 94.31 145.25
CA ASP A 113 -168.28 95.60 146.00
C ASP A 113 -166.83 95.96 146.36
N ILE A 114 -166.62 97.20 146.83
CA ILE A 114 -165.33 97.73 147.39
C ILE A 114 -165.65 98.48 148.68
N ILE A 115 -165.28 97.92 149.84
CA ILE A 115 -165.65 98.42 151.20
C ILE A 115 -164.95 99.75 151.48
N PHE A 116 -165.58 100.63 152.25
CA PHE A 116 -165.00 101.93 152.69
C PHE A 116 -165.60 102.34 154.05
N GLY A 117 -164.86 102.07 155.13
CA GLY A 117 -165.19 102.49 156.50
C GLY A 117 -164.98 103.98 156.69
N GLU A 118 -166.06 104.73 156.89
CA GLU A 118 -166.03 106.21 157.07
C GLU A 118 -166.02 106.54 158.57
N ILE A 119 -165.42 107.68 158.91
CA ILE A 119 -165.55 108.37 160.23
C ILE A 119 -166.54 109.53 160.05
N THR A 120 -167.70 109.46 160.72
CA THR A 120 -168.80 110.45 160.62
C THR A 120 -168.58 111.53 161.68
N PRO A 121 -168.28 112.78 161.26
CA PRO A 121 -167.81 113.85 162.13
C PRO A 121 -166.60 113.45 162.99
N ASN A 122 -165.63 112.77 162.38
CA ASN A 122 -164.41 112.23 163.04
C ASN A 122 -163.23 112.24 162.06
N THR A 123 -162.26 113.14 162.26
CA THR A 123 -160.96 113.24 161.55
C THR A 123 -161.03 112.59 160.15
N VAL A 124 -161.73 113.26 159.22
CA VAL A 124 -161.96 112.79 157.82
C VAL A 124 -160.89 113.42 156.91
N PRO A 125 -160.56 114.71 157.14
CA PRO A 125 -159.51 115.39 156.38
C PRO A 125 -158.11 114.75 156.53
N MET A 126 -157.86 114.09 157.68
CA MET A 126 -156.63 113.31 157.93
C MET A 126 -156.71 111.97 157.20
N LEU A 127 -157.76 111.19 157.49
CA LEU A 127 -157.99 109.82 156.94
C LEU A 127 -157.95 109.85 155.41
N ASN A 128 -158.58 110.86 154.80
CA ASN A 128 -158.58 111.08 153.33
C ASN A 128 -157.14 111.28 152.85
N ALA A 129 -156.37 112.15 153.54
CA ALA A 129 -154.99 112.57 153.18
C ALA A 129 -154.02 111.38 153.20
N LEU A 130 -154.23 110.44 154.13
CA LEU A 130 -153.43 109.18 154.24
C LEU A 130 -153.79 108.26 153.08
N MET A 131 -155.10 108.08 152.81
CA MET A 131 -155.64 107.24 151.70
C MET A 131 -155.04 107.68 150.36
N GLU A 132 -154.84 108.99 150.16
CA GLU A 132 -154.24 109.60 148.94
C GLU A 132 -152.71 109.53 148.99
N SER A 133 -152.13 109.55 150.20
CA SER A 133 -150.67 109.31 150.45
C SER A 133 -150.30 107.87 150.08
N VAL A 134 -151.25 106.92 150.19
CA VAL A 134 -151.07 105.47 149.92
C VAL A 134 -151.19 105.18 148.42
N TYR A 135 -152.24 105.71 147.78
CA TYR A 135 -152.52 105.59 146.32
C TYR A 135 -151.41 106.28 145.50
N SER A 136 -150.73 107.28 146.09
CA SER A 136 -149.54 107.98 145.54
C SER A 136 -148.32 107.06 145.55
N ARG A 137 -148.06 106.39 146.68
CA ARG A 137 -146.92 105.47 146.91
C ARG A 137 -147.05 104.25 145.98
N GLN A 138 -148.25 103.66 145.91
CA GLN A 138 -148.60 102.53 145.00
C GLN A 138 -148.40 102.96 143.55
N ILE A 139 -148.78 104.20 143.20
CA ILE A 139 -148.63 104.83 141.86
C ILE A 139 -147.14 105.03 141.55
N ASP A 140 -146.33 105.39 142.55
CA ASP A 140 -144.86 105.54 142.44
C ASP A 140 -144.22 104.16 142.23
N HIS A 141 -144.68 103.14 142.99
CA HIS A 141 -144.22 101.73 142.92
C HIS A 141 -144.49 101.15 141.52
N ILE A 142 -145.63 101.50 140.92
CA ILE A 142 -146.04 101.07 139.54
C ILE A 142 -145.17 101.79 138.49
N ILE A 143 -144.78 103.04 138.75
CA ILE A 143 -143.96 103.91 137.84
C ILE A 143 -142.55 103.31 137.67
N THR A 144 -141.98 102.79 138.77
CA THR A 144 -140.68 102.07 138.80
C THR A 144 -140.81 100.71 138.09
N GLU A 145 -141.96 100.04 138.22
CA GLU A 145 -142.25 98.69 137.66
C GLU A 145 -142.62 98.82 136.17
N LYS A 146 -143.79 98.30 135.76
CA LYS A 146 -144.17 98.06 134.33
C LYS A 146 -145.08 99.19 133.83
N ILE A 147 -145.82 98.95 132.72
CA ILE A 147 -146.63 99.95 131.96
C ILE A 147 -147.56 100.73 132.91
N GLN A 148 -148.44 100.03 133.64
CA GLN A 148 -149.33 100.59 134.70
C GLN A 148 -150.26 101.66 134.08
N PHE A 149 -149.70 102.81 133.72
CA PHE A 149 -150.36 103.89 132.94
C PHE A 149 -150.63 103.38 131.52
N ALA A 153 -150.34 104.89 126.36
CA ALA A 153 -148.96 104.76 126.91
C ALA A 153 -148.00 105.70 126.16
N GLU A 154 -146.73 105.73 126.59
CA GLU A 154 -145.59 106.50 125.99
C GLU A 154 -145.63 107.95 126.50
N GLU A 155 -146.09 108.91 125.69
CA GLU A 155 -146.35 110.31 126.11
C GLU A 155 -147.58 110.35 127.03
N GLU A 156 -148.51 109.42 126.82
CA GLU A 156 -149.69 109.14 127.69
C GLU A 156 -149.20 108.72 129.09
N GLN A 157 -148.28 107.77 129.18
CA GLN A 157 -147.66 107.27 130.44
C GLN A 157 -146.77 108.37 131.04
N VAL A 158 -146.16 109.21 130.20
CA VAL A 158 -145.34 110.41 130.61
C VAL A 158 -146.25 111.45 131.25
N LEU A 159 -147.45 111.66 130.67
CA LEU A 159 -148.50 112.58 131.20
C LEU A 159 -149.08 112.02 132.51
N GLU A 160 -149.25 110.69 132.60
CA GLU A 160 -149.77 109.95 133.79
C GLU A 160 -148.83 110.17 134.99
N PHE A 161 -147.52 110.08 134.76
CA PHE A 161 -146.44 110.31 135.76
C PHE A 161 -146.41 111.79 136.20
N GLN A 162 -146.80 112.70 135.30
CA GLN A 162 -146.96 114.15 135.60
C GLN A 162 -148.23 114.39 136.43
N GLN A 163 -149.28 113.58 136.22
CA GLN A 163 -150.56 113.60 136.98
C GLN A 163 -150.35 113.08 138.41
N HIS A 164 -149.55 112.02 138.57
CA HIS A 164 -149.20 111.38 139.87
C HIS A 164 -148.31 112.32 140.69
N SER A 165 -147.29 112.93 140.07
CA SER A 165 -146.34 113.90 140.69
C SER A 165 -147.08 115.16 141.17
N ASN A 166 -148.18 115.53 140.50
CA ASN A 166 -149.08 116.63 140.91
C ASN A 166 -150.00 116.17 142.05
N LYS A 167 -150.49 114.92 142.00
CA LYS A 167 -151.31 114.28 143.05
C LYS A 167 -150.48 114.10 144.34
N PHE A 168 -149.16 113.91 144.20
CA PHE A 168 -148.18 113.77 145.32
C PHE A 168 -147.99 115.11 146.03
N SER A 169 -147.84 116.20 145.26
CA SER A 169 -147.68 117.60 145.76
C SER A 169 -148.94 118.05 146.52
N SER A 170 -150.13 117.62 146.08
CA SER A 170 -151.44 117.84 146.74
C SER A 170 -151.51 117.10 148.07
N GLU A 171 -150.92 115.90 148.13
CA GLU A 171 -150.81 115.04 149.36
C GLU A 171 -149.93 115.75 150.40
N VAL A 172 -148.76 116.24 149.98
CA VAL A 172 -147.82 117.05 150.81
C VAL A 172 -148.49 118.37 151.20
N ARG A 173 -149.33 118.92 150.32
CA ARG A 173 -150.19 120.12 150.58
C ARG A 173 -151.20 119.78 151.69
N GLU A 174 -151.80 118.58 151.65
CA GLU A 174 -152.78 118.07 152.64
C GLU A 174 -152.08 117.87 154.00
N ALA A 175 -150.92 117.23 154.01
CA ALA A 175 -150.11 116.92 155.22
C ALA A 175 -149.71 118.21 155.95
N ILE A 176 -149.34 119.26 155.18
CA ILE A 176 -149.00 120.61 155.70
C ILE A 176 -150.22 121.23 156.39
N ASN A 177 -151.43 121.00 155.83
CA ASN A 177 -152.73 121.51 156.35
C ASN A 177 -153.02 120.93 157.74
N LEU A 178 -152.77 119.63 157.95
CA LEU A 178 -153.11 118.84 159.17
C LEU A 178 -152.75 119.63 160.44
N LEU A 188 -164.87 127.37 168.75
CA LEU A 188 -165.47 128.70 168.47
C LEU A 188 -164.51 129.80 168.94
N ASP A 189 -165.01 131.03 169.13
CA ASP A 189 -164.29 132.17 169.75
C ASP A 189 -164.74 132.33 171.21
N TYR A 190 -166.05 132.25 171.49
CA TYR A 190 -166.68 132.41 172.83
C TYR A 190 -166.98 131.03 173.43
N GLU A 191 -165.93 130.24 173.70
CA GLU A 191 -165.97 128.92 174.38
C GLU A 191 -165.33 129.01 175.78
N ALA A 192 -165.03 130.23 176.24
CA ALA A 192 -164.42 130.54 177.56
C ALA A 192 -165.44 131.26 178.45
N ILE A 193 -166.02 132.36 177.95
CA ILE A 193 -167.06 133.18 178.64
C ILE A 193 -166.39 134.41 179.27
N SER A 194 -166.18 134.39 180.59
CA SER A 194 -165.51 135.45 181.38
C SER A 194 -164.01 135.17 181.51
N GLY A 195 -163.54 134.00 181.04
CA GLY A 195 -162.12 133.60 181.02
C GLY A 195 -161.34 134.26 179.89
N LEU A 196 -162.03 134.79 178.87
CA LEU A 196 -161.43 135.49 177.69
C LEU A 196 -160.80 136.81 178.15
N SER A 197 -161.54 137.61 178.93
CA SER A 197 -161.14 138.96 179.43
C SER A 197 -160.40 138.82 180.77
N GLU A 198 -159.06 138.77 180.72
CA GLU A 198 -158.17 138.75 181.90
C GLU A 198 -156.79 139.30 181.52
N SER A 199 -156.16 140.09 182.39
CA SER A 199 -154.83 140.74 182.19
C SER A 199 -153.69 139.74 182.47
N GLU A 200 -154.00 138.55 183.00
CA GLU A 200 -153.04 137.43 183.22
C GLU A 200 -153.13 136.43 182.05
N LYS A 201 -154.34 136.15 181.57
CA LYS A 201 -154.63 135.17 180.47
C LYS A 201 -154.23 135.78 179.11
N MET A 202 -154.61 137.03 178.85
CA MET A 202 -154.37 137.74 177.57
C MET A 202 -152.92 138.23 177.48
N GLN A 203 -152.24 138.43 178.62
CA GLN A 203 -150.81 138.84 178.69
C GLN A 203 -149.90 137.61 178.52
N HIS A 204 -150.30 136.45 179.04
CA HIS A 204 -149.60 135.15 178.89
C HIS A 204 -149.70 134.65 177.45
N TYR A 205 -150.78 135.01 176.73
CA TYR A 205 -151.02 134.66 175.31
C TYR A 205 -150.29 135.64 174.38
N GLU A 206 -150.21 136.93 174.77
CA GLU A 206 -149.50 138.00 174.02
C GLU A 206 -147.98 137.83 174.19
N MET A 207 -147.52 137.45 175.38
CA MET A 207 -146.09 137.16 175.69
C MET A 207 -145.62 135.90 174.95
N LYS A 208 -146.54 134.96 174.68
CA LYS A 208 -146.27 133.68 173.97
C LYS A 208 -146.27 133.90 172.45
N PHE A 209 -147.19 134.71 171.93
CA PHE A 209 -147.31 135.07 170.48
C PHE A 209 -146.12 135.95 170.06
N ASN A 210 -145.67 136.85 170.93
CA ASN A 210 -144.51 137.78 170.69
C ASN A 210 -143.18 137.02 170.80
N GLU A 211 -143.08 136.05 171.73
CA GLU A 211 -141.93 135.13 171.88
C GLU A 211 -141.83 134.21 170.65
N TRP A 212 -142.99 133.80 170.10
CA TRP A 212 -143.12 133.05 168.82
C TRP A 212 -142.59 133.92 167.66
N ILE A 213 -142.80 135.24 167.73
CA ILE A 213 -142.32 136.25 166.73
C ILE A 213 -140.78 136.32 166.76
N ASN A 214 -140.17 136.31 167.96
CA ASN A 214 -138.69 136.36 168.15
C ASN A 214 -138.06 135.06 167.65
N LEU A 215 -138.74 133.92 167.82
CA LEU A 215 -138.30 132.58 167.34
C LEU A 215 -138.38 132.51 165.81
N ILE A 216 -139.47 133.04 165.23
CA ILE A 216 -139.72 133.09 163.75
C ILE A 216 -138.69 134.01 163.08
N SER A 217 -138.31 135.10 163.74
CA SER A 217 -137.31 136.10 163.27
C SER A 217 -135.91 135.48 163.21
N SER A 218 -135.60 134.53 164.10
CA SER A 218 -134.32 133.77 164.16
C SER A 218 -134.09 132.98 162.85
N GLN A 219 -135.15 132.40 162.29
CA GLN A 219 -135.13 131.59 161.04
C GLN A 219 -135.19 132.51 159.81
N LEU A 220 -136.07 133.52 159.84
CA LEU A 220 -136.32 134.48 158.72
C LEU A 220 -135.08 135.35 158.51
N ARG A 227 -129.01 137.43 160.42
CA ARG A 227 -128.45 137.54 159.04
C ARG A 227 -126.95 137.21 159.06
N LYS A 228 -126.57 136.04 158.51
CA LYS A 228 -125.17 135.56 158.38
C LYS A 228 -124.69 135.79 156.95
N ASP A 229 -123.45 136.26 156.77
CA ASP A 229 -122.81 136.51 155.46
C ASP A 229 -122.53 135.17 154.78
N GLU A 230 -122.55 135.14 153.44
CA GLU A 230 -122.34 133.92 152.62
C GLU A 230 -120.90 133.42 152.79
N LYS A 231 -119.91 134.32 152.63
CA LYS A 231 -118.46 134.06 152.83
C LYS A 231 -117.99 133.01 151.81
N ASP A 232 -117.28 131.96 152.25
CA ASP A 232 -116.82 130.82 151.41
C ASP A 232 -117.38 129.52 152.00
N ALA A 233 -118.35 128.90 151.32
CA ALA A 233 -119.04 127.66 151.75
C ALA A 233 -118.96 126.60 150.64
N GLY A 234 -119.14 125.32 151.02
CA GLY A 234 -119.11 124.16 150.11
C GLY A 234 -120.33 124.12 149.18
N PRO A 235 -120.30 123.28 148.13
CA PRO A 235 -121.44 123.15 147.20
C PRO A 235 -122.68 122.52 147.85
N ALA A 236 -122.49 121.64 148.84
CA ALA A 236 -123.56 120.99 149.64
C ALA A 236 -124.12 121.98 150.67
N THR A 237 -123.26 122.76 151.32
CA THR A 237 -123.58 123.66 152.47
C THR A 237 -124.64 124.70 152.07
N GLU A 238 -124.41 125.41 150.96
CA GLU A 238 -125.31 126.48 150.43
C GLU A 238 -126.64 125.86 149.97
N LEU A 239 -126.58 124.73 149.26
CA LEU A 239 -127.76 123.97 148.76
C LEU A 239 -128.52 123.31 149.92
N ILE A 240 -127.81 122.91 150.98
CA ILE A 240 -128.39 122.23 152.18
C ILE A 240 -129.13 123.25 153.03
N TYR A 241 -128.52 124.40 153.31
CA TYR A 241 -129.09 125.52 154.12
C TYR A 241 -130.26 126.16 153.37
N TRP A 242 -130.21 126.17 152.03
CA TRP A 242 -131.31 126.60 151.13
C TRP A 242 -132.49 125.62 151.25
N ARG A 243 -132.22 124.32 151.17
CA ARG A 243 -133.21 123.22 151.32
C ARG A 243 -133.67 123.13 152.78
N SER A 244 -132.78 123.42 153.73
CA SER A 244 -133.05 123.44 155.20
C SER A 244 -134.02 124.57 155.54
N ARG A 245 -133.84 125.74 154.91
CA ARG A 245 -134.74 126.93 155.05
C ARG A 245 -136.13 126.60 154.47
N MET A 246 -136.18 125.82 153.39
CA MET A 246 -137.44 125.39 152.71
C MET A 246 -138.27 124.52 153.65
N GLN A 247 -137.66 123.46 154.19
CA GLN A 247 -138.32 122.47 155.09
C GLN A 247 -138.60 123.08 156.47
N LYS A 248 -137.70 123.96 156.95
CA LYS A 248 -137.83 124.63 158.27
C LYS A 248 -138.97 125.66 158.24
N ILE A 249 -139.03 126.49 157.19
CA ILE A 249 -140.09 127.52 156.98
C ILE A 249 -141.39 126.84 156.54
N THR A 250 -141.32 125.62 155.98
CA THR A 250 -142.50 124.78 155.61
C THR A 250 -143.15 124.23 156.88
N ASN A 251 -142.35 123.67 157.79
CA ASN A 251 -142.80 123.11 159.11
C ASN A 251 -143.27 124.25 160.02
N TRP A 252 -142.64 125.43 159.94
CA TRP A 252 -143.04 126.67 160.66
C TRP A 252 -144.39 127.17 160.14
N SER A 253 -144.62 127.05 158.82
CA SER A 253 -145.89 127.43 158.12
C SER A 253 -146.99 126.41 158.44
N GLU A 254 -146.64 125.19 158.85
CA GLU A 254 -147.58 124.15 159.35
C GLU A 254 -147.93 124.44 160.82
N GLN A 255 -146.99 124.99 161.59
CA GLN A 255 -147.16 125.37 163.03
C GLN A 255 -148.09 126.58 163.17
N LEU A 256 -148.04 127.52 162.22
CA LEU A 256 -148.88 128.75 162.17
C LEU A 256 -150.21 128.47 161.43
N LYS A 257 -150.31 127.36 160.70
CA LYS A 257 -151.53 126.91 159.96
C LYS A 257 -152.42 126.03 160.87
N SER A 258 -151.95 125.68 162.07
CA SER A 258 -152.72 124.93 163.11
C SER A 258 -153.75 125.87 163.76
N LYS A 259 -155.01 125.43 163.86
CA LYS A 259 -156.19 126.26 164.23
C LYS A 259 -156.04 126.86 165.63
N ASP A 260 -155.36 126.15 166.56
CA ASP A 260 -155.09 126.63 167.95
C ASP A 260 -154.19 127.86 167.91
N PHE A 261 -153.08 127.77 167.17
CA PHE A 261 -152.06 128.84 167.01
C PHE A 261 -152.66 130.11 166.37
N GLN A 262 -153.80 129.99 165.67
CA GLN A 262 -154.54 131.13 165.07
C GLN A 262 -155.74 131.54 165.95
N ILE A 263 -156.43 130.60 166.64
CA ILE A 263 -157.60 130.90 167.53
C ILE A 263 -157.12 131.35 168.91
N VAL A 264 -155.80 131.50 169.09
CA VAL A 264 -155.11 132.31 170.13
C VAL A 264 -154.89 133.74 169.59
N LYS A 265 -154.55 133.88 168.31
CA LYS A 265 -154.42 135.17 167.58
C LYS A 265 -155.81 135.76 167.27
N ALA A 266 -156.88 134.97 167.43
CA ALA A 266 -158.30 135.41 167.38
C ALA A 266 -158.74 135.90 168.76
N SER A 267 -158.31 135.21 169.83
CA SER A 267 -158.58 135.57 171.26
C SER A 267 -157.89 136.89 171.62
N LEU A 268 -156.73 137.18 171.01
CA LEU A 268 -155.97 138.44 171.19
C LEU A 268 -156.67 139.59 170.45
N GLN A 269 -157.12 139.34 169.22
CA GLN A 269 -157.85 140.32 168.37
C GLN A 269 -159.27 140.55 168.92
N ARG A 270 -159.81 139.60 169.69
CA ARG A 270 -161.12 139.71 170.39
C ARG A 270 -160.97 140.54 171.68
N HIS A 271 -159.86 140.36 172.40
CA HIS A 271 -159.50 141.13 173.63
C HIS A 271 -158.98 142.53 173.28
N LYS A 272 -158.65 142.77 172.01
CA LYS A 272 -158.16 144.08 171.47
C LYS A 272 -156.72 144.32 171.93
N ASN A 273 -155.91 143.24 171.99
CA ASN A 273 -154.43 143.28 172.21
C ASN A 273 -153.75 143.17 170.85
N HIS A 274 -153.91 144.19 170.00
CA HIS A 274 -153.37 144.26 168.61
C HIS A 274 -151.93 144.82 168.62
N ASP A 275 -151.13 144.45 169.64
CA ASP A 275 -149.67 144.74 169.76
C ASP A 275 -148.87 143.44 169.79
N ASN A 276 -149.48 142.31 170.15
CA ASN A 276 -149.00 140.93 169.84
C ASN A 276 -150.06 140.26 168.95
N GLN A 277 -150.36 140.87 167.78
CA GLN A 277 -151.34 140.37 166.75
C GLN A 277 -150.90 140.80 165.33
N ARG A 278 -150.94 142.10 164.98
CA ARG A 278 -150.31 142.65 163.75
C ARG A 278 -148.81 142.76 164.00
N PRO A 279 -148.28 142.11 165.08
CA PRO A 279 -146.85 142.14 165.38
C PRO A 279 -146.18 140.75 165.43
N ARG A 280 -146.88 139.65 165.13
CA ARG A 280 -146.22 138.37 164.70
C ARG A 280 -146.75 137.89 163.33
N GLY A 281 -147.31 138.80 162.52
CA GLY A 281 -147.45 138.67 161.05
C GLY A 281 -146.44 139.58 160.34
N ASP A 282 -146.42 140.87 160.73
CA ASP A 282 -145.66 142.00 160.16
C ASP A 282 -144.18 141.75 160.38
N GLU A 283 -143.81 141.62 161.66
CA GLU A 283 -142.43 141.31 162.14
C GLU A 283 -142.06 139.89 161.72
N SER A 284 -143.03 138.96 161.74
CA SER A 284 -142.91 137.58 161.22
C SER A 284 -143.48 137.50 159.80
N LYS A 302 -140.00 137.67 159.09
CA LYS A 302 -140.74 137.96 157.84
C LYS A 302 -140.98 136.67 157.05
N LEU A 303 -141.80 135.76 157.59
CA LEU A 303 -142.12 134.41 157.02
C LEU A 303 -142.87 134.51 155.68
N ASN A 304 -143.41 135.69 155.32
CA ASN A 304 -144.06 135.95 154.00
C ASN A 304 -142.97 136.09 152.92
N GLU A 305 -141.94 136.89 153.19
CA GLU A 305 -140.80 137.18 152.26
C GLU A 305 -139.71 136.11 152.40
N ALA A 306 -139.48 135.59 153.62
CA ALA A 306 -138.43 134.60 153.95
C ALA A 306 -138.81 133.20 153.43
N LYS A 307 -140.10 132.82 153.55
CA LYS A 307 -140.64 131.55 152.96
C LYS A 307 -140.58 131.62 151.44
N ASP A 308 -140.70 132.83 150.86
CA ASP A 308 -140.55 133.11 149.40
C ASP A 308 -139.11 132.85 148.97
N ASN A 309 -138.14 133.38 149.71
CA ASN A 309 -136.68 133.15 149.51
C ASN A 309 -136.33 131.69 149.82
N VAL A 310 -137.04 131.08 150.78
CA VAL A 310 -136.90 129.64 151.18
C VAL A 310 -137.33 128.74 150.01
N LYS A 311 -138.47 129.05 149.39
CA LYS A 311 -139.04 128.31 148.22
C LYS A 311 -138.12 128.52 147.00
N TYR A 312 -137.58 129.73 146.82
CA TYR A 312 -136.63 130.10 145.74
C TYR A 312 -135.31 129.33 145.89
N LEU A 313 -134.86 129.15 147.14
CA LEU A 313 -133.64 128.35 147.49
C LEU A 313 -133.90 126.86 147.27
N THR A 314 -135.13 126.39 147.54
CA THR A 314 -135.60 125.00 147.31
C THR A 314 -135.64 124.70 145.80
N THR A 315 -136.05 125.68 144.99
CA THR A 315 -136.15 125.59 143.50
C THR A 315 -134.75 125.59 142.88
N LEU A 316 -133.78 126.26 143.50
CA LEU A 316 -132.36 126.34 143.03
C LEU A 316 -131.64 125.02 143.33
N GLU A 317 -131.99 124.35 144.44
CA GLU A 317 -131.43 123.03 144.85
C GLU A 317 -131.95 121.93 143.92
N LYS A 318 -133.23 122.00 143.53
CA LYS A 318 -133.91 121.05 142.59
C LYS A 318 -133.27 121.16 141.21
N PHE A 319 -132.95 122.38 140.76
CA PHE A 319 -132.29 122.68 139.46
C PHE A 319 -130.88 122.10 139.44
N ILE A 320 -130.10 122.34 140.50
CA ILE A 320 -128.70 121.85 140.69
C ILE A 320 -128.74 120.48 141.37
N PRO A 322 -118.73 118.68 140.41
CA PRO A 322 -117.39 119.29 140.52
C PRO A 322 -116.59 118.76 141.72
N LEU A 323 -117.22 118.69 142.90
CA LEU A 323 -116.60 118.23 144.17
C LEU A 323 -116.46 116.71 144.19
N TYR A 324 -117.20 115.99 143.34
CA TYR A 324 -117.12 114.50 143.15
C TYR A 324 -116.61 114.19 141.73
N ASN A 325 -115.69 115.01 141.21
CA ASN A 325 -115.07 114.88 139.86
C ASN A 325 -113.58 114.59 140.02
N GLY A 326 -113.08 113.54 139.35
CA GLY A 326 -111.67 113.09 139.38
C GLY A 326 -110.91 113.52 138.13
N THR A 327 -111.45 113.20 136.95
CA THR A 327 -110.84 113.46 135.62
C THR A 327 -111.11 114.90 135.20
N PRO A 328 -110.29 115.46 134.28
CA PRO A 328 -110.52 116.82 133.75
C PRO A 328 -111.76 116.92 132.85
N GLN A 329 -112.18 115.81 132.23
CA GLN A 329 -113.43 115.70 131.42
C GLN A 329 -114.65 115.90 132.34
N GLN A 330 -114.62 115.31 133.54
CA GLN A 330 -115.68 115.43 134.58
C GLN A 330 -115.72 116.86 135.14
N ILE A 331 -114.56 117.51 135.25
CA ILE A 331 -114.41 118.93 135.73
C ILE A 331 -115.10 119.88 134.75
N ILE A 332 -114.89 119.68 133.44
CA ILE A 332 -115.49 120.49 132.33
C ILE A 332 -116.99 120.17 132.25
N ASP A 333 -117.36 118.89 132.33
CA ASP A 333 -118.76 118.39 132.28
C ASP A 333 -119.57 118.93 133.46
N THR A 334 -118.95 119.03 134.64
CA THR A 334 -119.54 119.60 135.88
C THR A 334 -119.80 121.09 135.72
N LEU A 335 -118.87 121.82 135.09
CA LEU A 335 -118.95 123.29 134.82
C LEU A 335 -120.02 123.56 133.76
N PRO A 336 -120.20 122.64 132.77
CA PRO A 336 -121.22 122.82 131.73
C PRO A 336 -122.65 122.60 132.24
N ALA A 337 -122.85 121.57 133.09
CA ALA A 337 -124.15 121.22 133.73
C ALA A 337 -124.52 122.27 134.78
N LEU A 338 -123.53 122.89 135.44
CA LEU A 338 -123.71 123.93 136.49
C LEU A 338 -124.09 125.27 135.83
N MET A 339 -123.42 125.63 134.72
CA MET A 339 -123.64 126.90 133.98
C MET A 339 -124.99 126.85 133.23
N ASN A 340 -125.47 125.66 132.86
CA ASN A 340 -126.80 125.42 132.24
C ASN A 340 -127.90 125.50 133.30
N ALA A 341 -127.63 125.00 134.52
CA ALA A 341 -128.55 125.00 135.68
C ALA A 341 -128.69 126.40 136.29
N ILE A 342 -127.74 127.31 136.02
CA ILE A 342 -127.70 128.71 136.55
C ILE A 342 -128.39 129.68 135.58
N LYS A 343 -129.04 129.18 134.51
CA LYS A 343 -129.76 130.01 133.50
C LYS A 343 -131.10 130.50 134.08
N MET A 344 -131.71 129.73 134.99
CA MET A 344 -132.98 130.09 135.69
C MET A 344 -132.72 131.29 136.62
N ILE A 345 -132.67 132.49 136.05
CA ILE A 345 -132.29 133.77 136.73
C ILE A 345 -133.51 134.69 136.83
N HIS A 346 -134.12 135.02 135.69
CA HIS A 346 -135.30 135.94 135.55
C HIS A 346 -136.46 135.46 136.43
N THR A 347 -136.69 134.14 136.48
CA THR A 347 -137.72 133.48 137.34
C THR A 347 -137.35 133.65 138.82
N THR A 354 -133.47 139.10 143.91
CA THR A 354 -132.46 140.20 143.96
C THR A 354 -131.14 139.72 143.33
N THR A 355 -130.45 140.61 142.60
CA THR A 355 -129.19 140.34 141.85
C THR A 355 -128.06 139.93 142.82
N ASP A 356 -128.13 140.36 144.09
CA ASP A 356 -127.17 139.99 145.17
C ASP A 356 -127.31 138.51 145.52
N LYS A 357 -128.52 137.97 145.54
CA LYS A 357 -128.84 136.55 145.91
C LYS A 357 -128.30 135.59 144.84
N MET A 358 -128.31 136.00 143.56
CA MET A 358 -127.84 135.20 142.40
C MET A 358 -126.30 135.13 142.39
N THR A 359 -125.63 136.25 142.71
CA THR A 359 -124.14 136.39 142.74
C THR A 359 -123.53 135.53 143.85
N GLY A 360 -124.19 135.45 145.01
CA GLY A 360 -123.76 134.66 146.18
C GLY A 360 -123.73 133.17 145.92
N LEU A 361 -124.64 132.67 145.09
CA LEU A 361 -124.75 131.23 144.70
C LEU A 361 -123.69 130.87 143.66
N PHE A 362 -123.42 131.78 142.70
CA PHE A 362 -122.43 131.61 141.60
C PHE A 362 -120.99 131.60 142.16
N ILE A 363 -120.74 132.38 143.22
CA ILE A 363 -119.42 132.49 143.90
C ILE A 363 -119.09 131.17 144.62
N LYS A 364 -120.09 130.54 145.26
CA LYS A 364 -119.96 129.25 146.00
C LYS A 364 -119.71 128.10 145.01
N ILE A 365 -120.22 128.20 143.78
CA ILE A 365 -120.02 127.19 142.68
C ILE A 365 -118.61 127.32 142.09
N THR A 366 -118.04 128.54 142.09
CA THR A 366 -116.69 128.85 141.53
C THR A 366 -115.58 128.35 142.47
N ASN A 367 -115.75 128.52 143.78
CA ASN A 367 -114.77 128.13 144.84
C ASN A 367 -114.60 126.60 144.87
N GLN A 368 -115.69 125.85 144.67
CA GLN A 368 -115.71 124.36 144.66
C GLN A 368 -114.95 123.82 143.44
N MET A 369 -115.09 124.49 142.29
CA MET A 369 -114.42 124.11 141.01
C MET A 369 -112.92 124.42 141.06
N ILE A 370 -112.48 125.31 141.96
CA ILE A 370 -111.05 125.71 142.16
C ILE A 370 -110.33 124.65 143.01
N LYS A 371 -110.98 124.16 144.07
CA LYS A 371 -110.42 123.17 145.04
C LYS A 371 -110.30 121.77 144.39
N ASN A 372 -111.11 121.49 143.36
CA ASN A 372 -111.11 120.21 142.62
C ASN A 372 -109.94 120.17 141.62
N CYS A 373 -109.69 121.27 140.91
CA CYS A 373 -108.63 121.43 139.87
C CYS A 373 -107.24 121.24 140.49
N LYS A 374 -107.03 121.71 141.72
CA LYS A 374 -105.77 121.55 142.50
C LYS A 374 -105.56 120.06 142.83
N ASP A 375 -106.60 119.38 143.33
CA ASP A 375 -106.60 117.95 143.70
C ASP A 375 -106.31 117.07 142.48
N ARG A 376 -106.74 117.50 141.28
CA ARG A 376 -106.52 116.79 140.00
C ARG A 376 -105.06 116.88 139.57
N ILE A 377 -104.43 118.05 139.72
CA ILE A 377 -103.02 118.34 139.31
C ILE A 377 -102.04 117.58 140.24
N LEU A 378 -102.41 117.36 141.50
CA LEU A 378 -101.62 116.59 142.50
C LEU A 378 -101.61 115.10 142.13
N ASN A 379 -102.77 114.55 141.75
CA ASN A 379 -102.96 113.13 141.35
C ASN A 379 -102.13 112.81 140.10
N LYS A 380 -102.03 113.76 139.16
CA LYS A 380 -101.21 113.65 137.92
C LYS A 380 -99.73 113.69 138.28
N MET A 392 -95.68 114.41 142.37
CA MET A 392 -94.72 113.64 141.54
C MET A 392 -95.01 113.86 140.04
N ILE A 393 -95.01 115.13 139.60
CA ILE A 393 -95.15 115.54 138.17
C ILE A 393 -93.83 116.11 137.65
N TRP A 394 -92.76 116.11 138.46
CA TRP A 394 -91.36 116.30 138.04
C TRP A 394 -90.82 114.95 137.50
N GLU A 395 -91.16 113.85 138.17
CA GLU A 395 -90.85 112.46 137.75
C GLU A 395 -91.63 112.09 136.48
N GLN A 396 -92.91 112.50 136.41
CA GLN A 396 -93.81 112.29 135.24
C GLN A 396 -93.26 113.03 134.03
N ASP A 397 -93.38 112.44 132.84
CA ASP A 397 -92.89 113.01 131.55
C ASP A 397 -93.68 114.27 131.21
N PRO A 398 -93.04 115.27 130.56
CA PRO A 398 -93.73 116.51 130.19
C PRO A 398 -94.85 116.29 129.15
N ALA A 399 -94.60 115.43 128.16
CA ALA A 399 -95.55 115.05 127.08
C ALA A 399 -96.80 114.39 127.68
N GLU A 400 -96.62 113.48 128.64
CA GLU A 400 -97.72 112.76 129.35
C GLU A 400 -98.51 113.74 130.22
N LEU A 401 -97.83 114.65 130.92
CA LEU A 401 -98.44 115.70 131.79
C LEU A 401 -99.22 116.71 130.95
N ILE A 402 -98.78 116.98 129.71
CA ILE A 402 -99.39 117.96 128.78
C ILE A 402 -100.77 117.48 128.32
N GLU A 403 -100.90 116.18 128.00
CA GLU A 403 -102.15 115.55 127.51
C GLU A 403 -103.25 115.63 128.58
N VAL A 404 -102.91 115.35 129.85
CA VAL A 404 -103.83 115.41 131.02
C VAL A 404 -104.20 116.87 131.31
N LEU A 405 -103.24 117.80 131.16
CA LEU A 405 -103.40 119.24 131.48
C LEU A 405 -104.12 119.98 130.33
N GLY A 406 -104.10 119.43 129.12
CA GLY A 406 -104.84 119.95 127.95
C GLY A 406 -106.35 119.89 128.14
N SER A 407 -106.84 118.80 128.75
CA SER A 407 -108.28 118.58 129.10
C SER A 407 -108.74 119.61 130.14
N CYS A 408 -107.90 119.86 131.16
CA CYS A 408 -108.12 120.89 132.21
C CYS A 408 -108.04 122.30 131.62
N ILE A 409 -107.21 122.49 130.58
CA ILE A 409 -107.01 123.78 129.85
C ILE A 409 -108.31 124.18 129.12
N LYS A 410 -108.95 123.23 128.45
CA LYS A 410 -110.20 123.44 127.65
C LYS A 410 -111.35 123.89 128.56
N LEU A 411 -111.46 123.33 129.77
CA LEU A 411 -112.48 123.68 130.79
C LEU A 411 -112.25 125.11 131.28
N TYR A 412 -110.98 125.49 131.51
CA TYR A 412 -110.53 126.84 131.92
C TYR A 412 -110.92 127.88 130.86
N CYS A 413 -110.82 127.52 129.57
CA CYS A 413 -111.20 128.35 128.41
C CYS A 413 -112.71 128.61 128.38
N GLU A 414 -113.52 127.60 128.75
CA GLU A 414 -115.01 127.67 128.77
C GLU A 414 -115.50 128.60 129.88
N TYR A 415 -114.80 128.64 131.02
CA TYR A 415 -115.12 129.47 132.21
C TYR A 415 -114.88 130.95 131.92
N LYS A 416 -113.82 131.27 131.16
CA LYS A 416 -113.43 132.66 130.77
C LYS A 416 -114.49 133.27 129.83
N LYS A 417 -115.04 132.45 128.92
CA LYS A 417 -116.12 132.86 127.96
C LYS A 417 -117.40 133.20 128.71
N CYS A 418 -117.76 132.39 129.73
CA CYS A 418 -118.95 132.56 130.60
C CYS A 418 -118.81 133.83 131.48
N TYR A 419 -117.57 134.22 131.80
CA TYR A 419 -117.24 135.43 132.60
C TYR A 419 -117.47 136.71 131.77
N ASN A 420 -117.20 136.65 130.46
CA ASN A 420 -117.40 137.76 129.49
C ASN A 420 -118.90 138.03 129.29
N ASP A 421 -119.72 136.97 129.26
CA ASP A 421 -121.21 137.05 129.10
C ASP A 421 -121.87 137.62 130.36
N THR A 422 -121.26 137.41 131.54
CA THR A 422 -121.73 137.91 132.85
C THR A 422 -121.40 139.40 133.01
N LYS A 423 -120.29 139.86 132.43
CA LYS A 423 -119.83 141.28 132.45
C LYS A 423 -120.73 142.14 131.54
N GLU A 424 -121.16 141.59 130.40
CA GLU A 424 -122.08 142.26 129.43
C GLU A 424 -123.46 142.47 130.06
N LYS A 425 -123.94 141.52 130.88
CA LYS A 425 -125.22 141.58 131.63
C LYS A 425 -125.13 142.63 132.74
N VAL A 426 -123.94 142.82 133.33
CA VAL A 426 -123.66 143.84 134.40
C VAL A 426 -123.65 145.25 133.79
N ALA A 427 -123.15 145.39 132.56
CA ALA A 427 -123.10 146.66 131.79
C ALA A 427 -124.51 147.14 131.44
N ASP A 428 -125.42 146.22 131.12
CA ASP A 428 -126.84 146.49 130.77
C ASP A 428 -127.61 146.98 132.01
N MET A 429 -127.27 146.46 133.20
CA MET A 429 -127.89 146.83 134.50
C MET A 429 -127.33 148.17 134.99
N PRO A 430 -126.18 148.63 134.45
CA PRO A 430 -125.63 149.94 134.79
C PRO A 430 -126.13 151.10 133.90
N LYS A 431 -126.63 150.78 132.69
CA LYS A 431 -127.14 151.76 131.68
C LYS A 431 -128.58 152.18 132.03
N GLY A 432 -129.37 151.28 132.62
CA GLY A 432 -130.77 151.53 133.01
C GLY A 432 -130.88 152.55 134.15
N LYS A 433 -130.27 152.25 135.30
CA LYS A 433 -130.31 153.08 136.53
C LYS A 433 -129.09 154.00 136.56
N THR A 434 -129.31 155.30 136.80
CA THR A 434 -128.26 156.36 136.90
C THR A 434 -127.86 156.56 138.37
N SER A 438 -119.69 144.29 146.86
CA SER A 438 -120.52 143.07 147.11
C SER A 438 -120.69 142.28 145.81
N ASP A 439 -121.08 142.95 144.72
CA ASP A 439 -121.28 142.36 143.36
C ASP A 439 -120.00 142.50 142.52
N ALA A 440 -119.17 143.51 142.81
CA ALA A 440 -117.89 143.80 142.10
C ALA A 440 -116.75 142.92 142.62
N GLN A 441 -116.71 142.68 143.94
CA GLN A 441 -115.68 141.83 144.63
C GLN A 441 -115.84 140.36 144.22
N ILE A 442 -117.07 139.93 143.91
CA ILE A 442 -117.40 138.56 143.41
C ILE A 442 -116.92 138.44 141.95
N PHE A 443 -117.13 139.47 141.13
CA PHE A 443 -116.68 139.55 139.71
C PHE A 443 -115.14 139.55 139.63
N GLY A 444 -114.49 140.16 140.64
CA GLY A 444 -113.02 140.17 140.79
C GLY A 444 -112.48 138.81 141.21
N LYS A 445 -113.19 138.10 142.10
CA LYS A 445 -112.85 136.73 142.57
C LYS A 445 -113.09 135.71 141.44
N PHE A 446 -114.02 136.01 140.52
CA PHE A 446 -114.34 135.19 139.32
C PHE A 446 -113.26 135.40 138.25
N ASP A 447 -112.76 136.64 138.10
CA ASP A 447 -111.67 137.02 137.17
C ASP A 447 -110.35 136.40 137.63
N THR A 448 -110.11 136.35 138.95
CA THR A 448 -108.91 135.74 139.59
C THR A 448 -108.92 134.21 139.38
N PHE A 449 -110.10 133.58 139.50
CA PHE A 449 -110.33 132.13 139.28
C PHE A 449 -110.07 131.78 137.82
N VAL A 450 -110.53 132.62 136.88
CA VAL A 450 -110.33 132.46 135.41
C VAL A 450 -108.85 132.67 135.06
N ARG A 451 -108.16 133.55 135.78
CA ARG A 451 -106.71 133.88 135.59
C ARG A 451 -105.84 132.70 136.01
N ARG A 452 -106.16 132.05 137.14
CA ARG A 452 -105.42 130.89 137.71
C ARG A 452 -105.58 129.67 136.80
N LEU A 453 -106.78 129.46 136.22
CA LEU A 453 -107.12 128.32 135.32
C LEU A 453 -106.33 128.42 134.01
N GLN A 454 -106.09 129.64 133.51
CA GLN A 454 -105.33 129.93 132.26
C GLN A 454 -103.84 129.65 132.47
N LYS A 455 -103.30 129.95 133.67
CA LYS A 455 -101.88 129.75 134.04
C LYS A 455 -101.52 128.26 134.03
N LEU A 456 -102.43 127.40 134.51
CA LEU A 456 -102.28 125.92 134.50
C LEU A 456 -102.35 125.39 133.07
N ILE A 457 -103.22 125.99 132.23
CA ILE A 457 -103.40 125.64 130.78
C ILE A 457 -102.11 125.95 130.00
N GLU A 458 -101.43 127.04 130.34
CA GLU A 458 -100.21 127.54 129.64
C GLU A 458 -99.01 126.62 129.91
N ILE A 459 -98.82 126.22 131.18
CA ILE A 459 -97.74 125.28 131.64
C ILE A 459 -97.94 123.92 130.95
N PHE A 460 -99.21 123.52 130.73
CA PHE A 460 -99.62 122.30 129.98
C PHE A 460 -99.12 122.37 128.54
N SER A 461 -99.48 123.45 127.83
CA SER A 461 -99.18 123.70 126.40
C SER A 461 -97.67 123.79 126.16
N ASN A 462 -96.89 124.28 127.14
CA ASN A 462 -95.41 124.37 127.10
C ASN A 462 -94.79 122.97 127.07
N ILE A 463 -95.38 122.01 127.79
CA ILE A 463 -94.90 120.60 127.90
C ILE A 463 -95.17 119.84 126.59
N GLN A 464 -96.33 120.07 125.96
CA GLN A 464 -96.78 119.40 124.71
C GLN A 464 -95.93 119.86 123.52
N GLN A 465 -95.59 121.15 123.46
CA GLN A 465 -94.80 121.78 122.36
C GLN A 465 -93.38 121.20 122.31
N PHE A 466 -92.78 120.90 123.47
CA PHE A 466 -91.42 120.31 123.60
C PHE A 466 -91.43 118.84 123.16
N ASN A 467 -92.53 118.11 123.44
CA ASN A 467 -92.76 116.71 123.00
C ASN A 467 -92.74 116.64 121.46
N ALA A 468 -93.40 117.60 120.81
CA ALA A 468 -93.50 117.72 119.32
C ALA A 468 -92.11 117.98 118.71
N LEU A 469 -91.26 118.75 119.39
CA LEU A 469 -89.89 119.12 118.94
C LEU A 469 -89.00 117.86 118.86
N LEU A 474 -85.02 116.96 119.01
CA LEU A 474 -84.60 117.98 120.00
C LEU A 474 -84.60 117.37 121.42
N GLU A 475 -83.45 116.85 121.85
CA GLU A 475 -83.24 116.24 123.19
C GLU A 475 -83.18 117.35 124.26
N GLY A 476 -82.44 118.43 123.98
CA GLY A 476 -82.32 119.61 124.85
C GLY A 476 -83.64 120.35 125.03
N MET A 477 -84.49 120.36 124.00
CA MET A 477 -85.84 120.99 124.02
C MET A 477 -86.78 120.21 124.96
N ASP A 478 -86.67 118.87 124.98
CA ASP A 478 -87.50 117.96 125.82
C ASP A 478 -87.15 118.13 127.30
N VAL A 479 -85.86 118.27 127.63
CA VAL A 479 -85.33 118.41 129.02
C VAL A 479 -85.80 119.73 129.63
N LEU A 480 -85.90 120.79 128.82
CA LEU A 480 -86.35 122.15 129.23
C LEU A 480 -87.83 122.12 129.65
N THR A 481 -88.67 121.41 128.89
CA THR A 481 -90.13 121.24 129.14
C THR A 481 -90.36 120.47 130.45
N ASN A 482 -89.56 119.40 130.68
CA ASN A 482 -89.62 118.53 131.89
C ASN A 482 -89.37 119.35 133.15
N LYS A 483 -88.48 120.36 133.08
CA LYS A 483 -88.14 121.29 134.18
C LYS A 483 -89.32 122.22 134.47
N PHE A 484 -89.98 122.74 133.41
CA PHE A 484 -91.15 123.66 133.49
C PHE A 484 -92.37 122.93 134.07
N LYS A 485 -92.56 121.65 133.69
CA LYS A 485 -93.66 120.78 134.18
C LYS A 485 -93.44 120.43 135.67
N LYS A 486 -92.19 120.38 136.13
CA LYS A 486 -91.80 120.06 137.53
C LYS A 486 -92.21 121.21 138.47
N ILE A 487 -91.99 122.46 138.04
CA ILE A 487 -92.31 123.70 138.81
C ILE A 487 -93.83 123.89 138.91
N ILE A 488 -94.55 123.64 137.80
CA ILE A 488 -96.03 123.77 137.70
C ILE A 488 -96.72 122.75 138.62
N ASP A 489 -96.11 121.56 138.82
CA ASP A 489 -96.60 120.48 139.69
C ASP A 489 -96.54 120.91 141.17
N ASP A 490 -95.40 121.48 141.59
CA ASP A 490 -95.12 121.94 142.98
C ASP A 490 -96.13 123.02 143.40
N PHE A 491 -96.54 123.89 142.46
CA PHE A 491 -97.59 124.92 142.66
C PHE A 491 -98.97 124.27 142.77
N LYS A 492 -99.22 123.23 141.96
CA LYS A 492 -100.48 122.45 141.92
C LYS A 492 -100.69 121.69 143.23
N LYS A 493 -99.61 121.17 143.84
CA LYS A 493 -99.63 120.39 145.10
C LYS A 493 -99.93 121.31 146.31
N LYS A 494 -99.43 122.55 146.28
CA LYS A 494 -99.63 123.57 147.34
C LYS A 494 -101.10 123.98 147.42
N GLY A 495 -101.77 124.15 146.26
CA GLY A 495 -103.20 124.52 146.14
C GLY A 495 -104.12 123.44 146.67
N HIS A 496 -103.82 122.17 146.41
CA HIS A 496 -104.63 120.98 146.82
C HIS A 496 -104.54 120.74 148.33
N ASN A 497 -103.45 121.19 148.97
CA ASN A 497 -103.18 121.02 150.43
C ASN A 497 -104.32 121.64 151.25
N LEU A 498 -104.56 122.94 151.08
CA LEU A 498 -105.64 123.70 151.77
C LEU A 498 -106.26 124.71 150.79
N LEU A 499 -107.56 124.96 150.92
CA LEU A 499 -108.34 125.91 150.06
C LEU A 499 -108.00 127.36 150.44
N ASP A 500 -107.80 127.63 151.74
CA ASP A 500 -107.31 128.93 152.27
C ASP A 500 -105.85 129.13 151.85
N THR A 501 -105.05 128.05 151.87
CA THR A 501 -103.66 128.00 151.36
C THR A 501 -103.65 128.20 149.85
N ALA A 502 -104.66 127.69 149.14
CA ALA A 502 -104.86 127.83 147.67
C ALA A 502 -105.03 129.30 147.26
N ASN A 503 -105.63 130.13 148.13
CA ASN A 503 -105.84 131.59 147.91
C ASN A 503 -104.57 132.36 148.30
N ASN A 504 -103.91 131.97 149.39
CA ASN A 504 -102.70 132.65 149.96
C ASN A 504 -101.44 132.23 149.20
N LYS A 505 -101.30 130.94 148.88
CA LYS A 505 -100.11 130.36 148.20
C LYS A 505 -100.11 130.71 146.70
N PHE A 506 -101.30 130.88 146.09
CA PHE A 506 -101.48 131.26 144.66
C PHE A 506 -100.84 132.63 144.38
N ASP A 507 -100.95 133.57 145.33
CA ASP A 507 -100.35 134.92 145.26
C ASP A 507 -98.82 134.81 145.42
N ARG A 508 -98.34 133.93 146.31
CA ARG A 508 -96.89 133.70 146.59
C ARG A 508 -96.25 132.86 145.48
N ASP A 509 -97.03 132.08 144.73
CA ASP A 509 -96.57 131.19 143.63
C ASP A 509 -96.39 132.01 142.34
N TRP A 510 -97.24 133.01 142.10
CA TRP A 510 -97.21 133.91 140.91
C TRP A 510 -95.89 134.70 140.86
N VAL A 511 -95.38 135.12 142.02
CA VAL A 511 -94.07 135.84 142.17
C VAL A 511 -92.92 134.87 141.88
N GLU A 512 -92.99 133.65 142.42
CA GLU A 512 -91.95 132.58 142.29
C GLU A 512 -91.91 132.04 140.86
N PHE A 513 -93.07 131.96 140.19
CA PHE A 513 -93.23 131.44 138.80
C PHE A 513 -92.51 132.35 137.79
N ASN A 514 -92.52 133.66 138.04
CA ASN A 514 -91.88 134.69 137.18
C ASN A 514 -90.36 134.51 137.17
N VAL A 515 -89.76 134.26 138.36
CA VAL A 515 -88.30 134.01 138.55
C VAL A 515 -87.91 132.69 137.86
N GLU A 516 -88.78 131.68 137.91
CA GLU A 516 -88.58 130.35 137.28
C GLU A 516 -88.67 130.46 135.75
N ILE A 517 -89.56 131.31 135.23
CA ILE A 517 -89.82 131.51 133.76
C ILE A 517 -88.59 132.16 133.10
N SER A 518 -87.91 133.07 133.80
CA SER A 518 -86.69 133.79 133.32
C SER A 518 -85.53 132.81 133.13
N HIS A 519 -85.35 131.86 134.06
CA HIS A 519 -84.30 130.81 134.04
C HIS A 519 -84.55 129.83 132.87
N LEU A 520 -85.82 129.53 132.58
CA LEU A 520 -86.25 128.59 131.51
C LEU A 520 -86.02 129.23 130.12
N ASP A 521 -86.24 130.54 130.00
CA ASP A 521 -86.11 131.31 128.73
C ASP A 521 -84.64 131.30 128.26
N GLY A 522 -83.69 131.50 129.19
CA GLY A 522 -82.23 131.48 128.94
C GLY A 522 -81.76 130.15 128.40
N GLU A 523 -82.30 129.04 128.93
CA GLU A 523 -81.99 127.64 128.50
C GLU A 523 -82.55 127.38 127.10
N LEU A 524 -83.75 127.91 126.81
CA LEU A 524 -84.44 127.77 125.49
C LEU A 524 -83.69 128.54 124.41
N GLN A 525 -83.09 129.69 124.76
CA GLN A 525 -82.30 130.57 123.84
C GLN A 525 -81.04 129.84 123.36
N ASN A 526 -80.34 129.15 124.26
CA ASN A 526 -79.10 128.37 123.99
C ASN A 526 -79.42 127.20 123.03
N PHE A 527 -80.54 126.50 123.26
CA PHE A 527 -81.03 125.35 122.45
C PHE A 527 -81.39 125.82 121.03
N ILE A 528 -81.96 127.01 120.89
CA ILE A 528 -82.35 127.64 119.60
C ILE A 528 -81.10 127.96 118.77
N ASP A 529 -80.00 128.38 119.42
CA ASP A 529 -78.71 128.73 118.78
C ASP A 529 -78.05 127.47 118.18
N ASN A 530 -78.11 126.34 118.90
CA ASN A 530 -77.52 125.04 118.49
C ASN A 530 -78.28 124.47 117.29
N ASN A 531 -79.61 124.63 117.25
CA ASN A 531 -80.49 124.18 116.15
C ASN A 531 -80.20 124.98 114.86
N PHE A 532 -79.92 126.28 115.01
CA PHE A 532 -79.60 127.22 113.89
C PHE A 532 -78.25 126.86 113.24
N ASN A 533 -77.26 126.48 114.05
CA ASN A 533 -75.88 126.11 113.62
C ASN A 533 -75.91 124.81 112.79
N ARG A 534 -76.67 123.81 113.26
CA ARG A 534 -76.90 122.51 112.55
C ARG A 534 -77.59 122.75 111.20
N PHE A 535 -78.41 123.82 111.11
CA PHE A 535 -79.19 124.18 109.90
C PHE A 535 -78.26 124.67 108.78
N ARG A 536 -77.33 125.57 109.10
CA ARG A 536 -76.35 126.16 108.15
C ARG A 536 -75.31 125.10 107.77
N GLU A 539 -82.66 121.50 103.51
CA GLU A 539 -83.34 120.49 104.37
C GLU A 539 -83.69 121.11 105.73
N TYR A 540 -82.72 121.79 106.36
CA TYR A 540 -82.82 122.39 107.72
C TYR A 540 -83.82 123.55 107.74
N SER A 541 -83.89 124.31 106.64
CA SER A 541 -84.86 125.42 106.41
C SER A 541 -86.30 124.91 106.48
N LEU A 542 -86.54 123.65 106.08
CA LEU A 542 -87.85 122.95 106.20
C LEU A 542 -88.13 122.58 107.67
N LYS A 543 -87.11 122.09 108.39
CA LYS A 543 -87.19 121.66 109.81
C LYS A 543 -87.44 122.86 110.74
N LEU A 544 -86.99 124.06 110.34
CA LEU A 544 -87.12 125.32 111.12
C LEU A 544 -88.59 125.73 111.24
N LEU A 545 -89.38 125.53 110.18
CA LEU A 545 -90.83 125.89 110.10
C LEU A 545 -91.64 125.06 111.09
N HIS A 546 -91.27 123.78 111.30
CA HIS A 546 -91.89 122.84 112.27
C HIS A 546 -91.67 123.33 113.70
N LYS A 547 -90.47 123.85 114.00
CA LYS A 547 -90.10 124.46 115.31
C LYS A 547 -90.90 125.75 115.53
N PHE A 548 -91.10 126.55 114.47
CA PHE A 548 -91.73 127.90 114.50
C PHE A 548 -93.26 127.79 114.67
N GLN A 549 -93.85 126.61 114.45
CA GLN A 549 -95.30 126.33 114.67
C GLN A 549 -95.59 126.30 116.18
N SER A 550 -94.71 125.68 116.97
CA SER A 550 -94.79 125.59 118.46
C SER A 550 -94.49 126.96 119.10
N THR A 551 -93.55 127.71 118.51
CA THR A 551 -93.14 129.08 118.95
C THR A 551 -94.17 130.14 118.51
N ILE A 552 -95.01 129.82 117.51
CA ILE A 552 -96.05 130.73 116.93
C ILE A 552 -97.14 131.02 117.98
N LYS A 553 -97.40 130.08 118.90
CA LYS A 553 -98.44 130.18 119.96
C LYS A 553 -98.07 131.30 120.95
N ARG A 554 -96.83 131.29 121.45
CA ARG A 554 -96.32 132.27 122.47
C ARG A 554 -96.08 133.62 121.79
N HIS A 559 -89.59 139.89 120.88
CA HIS A 559 -88.97 139.70 119.54
C HIS A 559 -88.36 138.29 119.44
N ASN A 560 -89.17 137.25 119.63
CA ASN A 560 -88.79 135.82 119.49
C ASN A 560 -89.13 135.34 118.08
N LEU A 561 -90.21 135.86 117.47
CA LEU A 561 -90.66 135.53 116.09
C LEU A 561 -89.70 136.16 115.07
N THR A 562 -89.24 137.39 115.32
CA THR A 562 -88.32 138.17 114.44
C THR A 562 -86.95 137.46 114.37
N SER A 563 -86.42 137.05 115.53
CA SER A 563 -85.13 136.33 115.68
C SER A 563 -85.16 135.00 114.91
N ARG A 564 -86.31 134.30 114.92
CA ARG A 564 -86.52 133.02 114.19
C ARG A 564 -86.51 133.30 112.68
N TYR A 565 -87.27 134.31 112.22
CA TYR A 565 -87.28 134.78 110.81
C TYR A 565 -85.84 135.10 110.35
N ASN A 566 -85.07 135.78 111.20
CA ASN A 566 -83.65 136.18 110.93
C ASN A 566 -82.78 134.92 110.78
N ALA A 567 -82.96 133.92 111.67
CA ALA A 567 -82.21 132.64 111.68
C ALA A 567 -82.51 131.83 110.41
N ILE A 568 -83.77 131.82 109.97
CA ILE A 568 -84.23 131.14 108.71
C ILE A 568 -83.62 131.88 107.51
N LEU A 569 -83.63 133.22 107.52
CA LEU A 569 -83.07 134.08 106.44
C LEU A 569 -81.55 133.91 106.35
N HIS A 570 -80.86 133.73 107.50
CA HIS A 570 -79.41 133.47 107.57
C HIS A 570 -79.10 132.09 106.97
N ASN A 571 -79.91 131.07 107.25
CA ASN A 571 -79.82 129.70 106.68
C ASN A 571 -80.02 129.76 105.15
N TYR A 572 -80.89 130.66 104.68
CA TYR A 572 -81.13 130.92 103.23
C TYR A 572 -79.91 131.62 102.61
N ALA A 573 -79.30 132.58 103.34
CA ALA A 573 -78.12 133.36 102.91
C ALA A 573 -76.94 132.43 102.63
N THR A 574 -76.65 131.53 103.57
CA THR A 574 -75.55 130.52 103.49
C THR A 574 -75.75 129.65 102.24
N GLU A 575 -76.94 129.08 102.07
CA GLU A 575 -77.32 128.20 100.93
C GLU A 575 -77.16 128.97 99.62
N LEU A 576 -77.60 130.23 99.56
CA LEU A 576 -77.46 131.10 98.37
C LEU A 576 -75.97 131.37 98.11
N ASP A 577 -75.21 131.64 99.18
CA ASP A 577 -73.75 131.94 99.11
C ASP A 577 -73.00 130.69 98.62
N THR A 578 -73.36 129.49 99.11
CA THR A 578 -72.71 128.21 98.72
C THR A 578 -73.03 127.91 97.24
N ILE A 579 -74.25 128.19 96.79
CA ILE A 579 -74.67 128.07 95.36
C ILE A 579 -73.88 129.07 94.53
N GLN A 580 -73.83 130.33 94.96
CA GLN A 580 -73.16 131.46 94.25
C GLN A 580 -71.68 131.12 93.99
N ARG A 581 -70.96 130.62 94.99
CA ARG A 581 -69.52 130.22 94.88
C ARG A 581 -69.40 129.04 93.91
N VAL A 582 -70.29 128.05 94.03
CA VAL A 582 -70.32 126.81 93.18
C VAL A 582 -70.51 127.21 91.71
N PHE A 583 -71.56 127.99 91.41
CA PHE A 583 -71.97 128.43 90.04
C PHE A 583 -70.82 129.20 89.36
N GLN A 584 -69.92 129.84 90.12
CA GLN A 584 -68.77 130.59 89.58
C GLN A 584 -67.53 129.69 89.41
N ASP A 585 -67.52 128.50 90.03
CA ASP A 585 -66.42 127.50 89.90
C ASP A 585 -66.80 126.45 88.84
N GLN A 586 -68.04 125.96 88.85
CA GLN A 586 -68.50 124.81 88.02
C GLN A 586 -68.86 125.24 86.59
N LYS A 587 -69.56 126.37 86.42
CA LYS A 587 -70.03 126.94 85.12
C LYS A 587 -69.13 126.45 83.96
N SER A 588 -67.81 126.59 84.10
CA SER A 588 -66.77 126.15 83.13
C SER A 588 -66.93 124.65 82.83
N ASN A 589 -66.61 123.78 83.80
CA ASN A 589 -66.60 122.30 83.65
C ASN A 589 -67.51 121.68 84.72
N PRO A 590 -68.85 121.80 84.58
CA PRO A 590 -69.77 121.34 85.62
C PRO A 590 -69.83 119.82 85.77
N PRO A 591 -70.42 119.30 86.88
CA PRO A 591 -70.72 117.88 87.02
C PRO A 591 -72.14 117.56 86.52
N LEU A 592 -72.25 116.73 85.48
CA LEU A 592 -73.53 116.35 84.83
C LEU A 592 -74.18 115.21 85.62
N VAL A 593 -75.33 114.71 85.14
CA VAL A 593 -76.00 113.46 85.61
C VAL A 593 -75.32 112.28 84.89
N ARG A 594 -75.48 111.05 85.39
CA ARG A 594 -74.89 109.83 84.77
C ARG A 594 -75.43 109.64 83.34
N ASN A 595 -74.58 109.18 82.42
CA ASN A 595 -74.82 109.06 80.96
C ASN A 595 -75.66 110.26 80.50
N MET A 596 -75.04 111.44 80.46
CA MET A 596 -75.66 112.67 79.91
C MET A 596 -74.76 113.29 78.87
N PRO A 597 -75.32 113.68 77.70
CA PRO A 597 -74.59 114.45 76.68
C PRO A 597 -74.04 115.77 77.21
N PRO A 598 -73.04 116.38 76.52
CA PRO A 598 -72.39 117.58 77.04
C PRO A 598 -73.28 118.84 76.96
N GLU A 599 -74.17 118.92 75.96
CA GLU A 599 -75.00 120.14 75.70
C GLU A 599 -76.17 120.16 76.69
N ALA A 600 -77.11 119.22 76.58
CA ALA A 600 -78.38 119.16 77.35
C ALA A 600 -78.10 119.01 78.85
N GLY A 601 -77.04 118.29 79.21
CA GLY A 601 -76.56 118.15 80.60
C GLY A 601 -76.20 119.50 81.20
N LYS A 602 -75.47 120.33 80.44
CA LYS A 602 -75.01 121.67 80.91
C LYS A 602 -76.22 122.60 81.03
N ILE A 603 -77.30 122.35 80.28
CA ILE A 603 -78.60 123.08 80.37
C ILE A 603 -79.29 122.68 81.68
N ILE A 604 -79.64 121.39 81.80
CA ILE A 604 -80.39 120.80 82.95
C ILE A 604 -79.76 121.25 84.27
N TRP A 605 -78.44 121.11 84.42
CA TRP A 605 -77.68 121.50 85.63
C TRP A 605 -78.00 122.96 86.01
N ALA A 606 -77.84 123.88 85.04
CA ALA A 606 -78.03 125.33 85.22
C ALA A 606 -79.52 125.67 85.43
N ARG A 607 -80.42 124.71 85.15
CA ARG A 607 -81.87 124.81 85.46
C ARG A 607 -82.22 124.04 86.74
N HIS A 608 -81.41 123.04 87.12
CA HIS A 608 -81.45 122.42 88.48
C HIS A 608 -81.13 123.51 89.51
N LEU A 609 -80.07 124.28 89.27
CA LEU A 609 -79.61 125.37 90.19
C LEU A 609 -80.71 126.43 90.32
N PHE A 610 -81.34 126.81 89.20
CA PHE A 610 -82.47 127.78 89.12
C PHE A 610 -83.58 127.36 90.09
N GLN A 611 -83.94 126.07 90.07
CA GLN A 611 -85.03 125.48 90.91
C GLN A 611 -84.63 125.49 92.39
N LYS A 612 -83.32 125.46 92.69
CA LYS A 612 -82.80 125.44 94.09
C LYS A 612 -82.75 126.88 94.65
N ILE A 613 -82.43 127.87 93.81
CA ILE A 613 -82.31 129.31 94.21
C ILE A 613 -83.69 129.91 94.50
N THR A 614 -84.76 129.38 93.86
CA THR A 614 -86.16 129.92 93.96
C THR A 614 -86.95 129.23 95.08
N GLY A 615 -86.32 128.40 95.91
CA GLY A 615 -86.90 127.83 97.15
C GLY A 615 -86.84 128.81 98.31
N PRO A 616 -85.63 129.28 98.73
CA PRO A 616 -85.47 130.26 99.81
C PRO A 616 -86.25 131.60 99.72
N ILE A 617 -86.49 132.10 98.50
CA ILE A 617 -87.03 133.48 98.25
C ILE A 617 -88.50 133.57 98.71
N ASN A 618 -89.27 132.47 98.60
CA ASN A 618 -90.73 132.42 98.94
C ASN A 618 -90.90 132.45 100.46
N THR A 628 -82.62 145.46 104.14
CA THR A 628 -83.35 144.73 105.21
C THR A 628 -83.77 143.35 104.71
N GLU A 629 -85.02 143.18 104.29
CA GLU A 629 -85.59 141.91 103.75
C GLU A 629 -85.48 141.92 102.21
N ILE A 630 -85.14 143.06 101.60
CA ILE A 630 -85.01 143.27 100.12
C ILE A 630 -83.58 142.92 99.67
N ARG A 631 -82.57 143.19 100.50
CA ARG A 631 -81.12 142.95 100.20
C ARG A 631 -80.85 141.46 99.90
N ARG A 632 -81.52 140.56 100.62
CA ARG A 632 -81.36 139.08 100.48
C ARG A 632 -82.15 138.53 99.27
N TYR A 633 -82.87 139.39 98.54
CA TYR A 633 -83.53 139.07 97.25
C TYR A 633 -82.69 139.60 96.08
N TYR A 634 -82.09 140.80 96.21
CA TYR A 634 -81.22 141.43 95.17
C TYR A 634 -80.15 140.42 94.74
N GLY A 635 -79.28 140.02 95.68
CA GLY A 635 -78.15 139.08 95.48
C GLY A 635 -78.57 137.77 94.83
N SER A 636 -79.79 137.30 95.11
CA SER A 636 -80.37 136.06 94.51
C SER A 636 -80.81 136.35 93.08
N TYR A 637 -81.55 137.45 92.87
CA TYR A 637 -82.00 137.93 91.52
C TYR A 637 -80.80 138.35 90.68
N ASN A 638 -79.65 138.60 91.30
CA ASN A 638 -78.32 138.78 90.64
C ASN A 638 -77.83 137.44 90.08
N THR A 639 -78.39 136.29 90.51
CA THR A 639 -78.12 134.94 89.96
C THR A 639 -79.19 134.56 88.95
N LEU A 640 -80.47 134.66 89.34
CA LEU A 640 -81.65 134.27 88.51
C LEU A 640 -81.71 135.16 87.26
N GLY A 641 -81.30 136.42 87.39
CA GLY A 641 -81.06 137.37 86.28
C GLY A 641 -80.03 136.84 85.30
N LYS A 642 -79.01 136.12 85.79
CA LYS A 642 -77.91 135.55 84.96
C LYS A 642 -78.35 134.23 84.33
N GLN A 643 -78.56 133.18 85.14
CA GLN A 643 -78.73 131.79 84.64
C GLN A 643 -79.50 131.77 83.31
N LEU A 644 -80.74 132.26 83.33
CA LEU A 644 -81.66 132.28 82.16
C LEU A 644 -80.96 132.96 80.97
N THR A 645 -80.51 134.21 81.15
CA THR A 645 -79.95 135.08 80.07
C THR A 645 -78.74 134.40 79.41
N ILE A 646 -77.93 133.68 80.18
CA ILE A 646 -76.71 132.96 79.70
C ILE A 646 -77.11 131.58 79.16
N TYR A 647 -77.83 130.78 79.95
CA TYR A 647 -78.08 129.33 79.68
C TYR A 647 -79.32 129.12 78.81
N GLU A 648 -79.88 130.20 78.23
CA GLU A 648 -80.87 130.17 77.12
C GLU A 648 -80.17 130.57 75.80
N MET A 649 -79.29 131.58 75.84
CA MET A 649 -78.37 131.93 74.71
C MET A 649 -77.50 130.70 74.42
N TRP A 650 -77.13 129.96 75.47
CA TRP A 650 -76.47 128.62 75.43
C TRP A 650 -77.24 127.62 74.58
N PHE A 651 -78.53 127.44 74.87
CA PHE A 651 -79.48 126.46 74.26
C PHE A 651 -79.59 126.65 72.73
N TYR A 652 -80.08 127.83 72.31
CA TYR A 652 -80.19 128.25 70.88
C TYR A 652 -78.89 127.93 70.14
N GLN A 653 -77.78 128.56 70.56
CA GLN A 653 -76.41 128.36 70.01
C GLN A 653 -76.20 126.89 69.63
N ASP A 654 -76.46 125.99 70.58
CA ASP A 654 -76.13 124.54 70.48
C ASP A 654 -77.06 123.84 69.47
N TRP A 655 -78.33 124.23 69.40
CA TRP A 655 -79.43 123.35 68.90
C TRP A 655 -79.90 123.72 67.48
N VAL A 656 -79.66 124.95 67.04
CA VAL A 656 -79.65 125.28 65.58
C VAL A 656 -78.44 124.58 64.95
N ASN A 657 -77.32 124.49 65.68
CA ASN A 657 -76.01 124.02 65.14
C ASN A 657 -75.92 122.48 65.15
N LYS A 658 -76.53 121.80 66.13
CA LYS A 658 -76.44 120.31 66.24
C LYS A 658 -77.40 119.64 65.25
N ILE A 659 -78.59 120.20 65.04
CA ILE A 659 -79.71 119.59 64.25
C ILE A 659 -79.29 119.40 62.78
N GLU A 660 -78.84 120.46 62.10
CA GLU A 660 -78.34 120.43 60.70
C GLU A 660 -77.25 119.36 60.54
N GLN A 661 -76.42 119.16 61.57
CA GLN A 661 -75.31 118.16 61.57
C GLN A 661 -75.83 116.76 61.89
N SER A 662 -76.99 116.63 62.55
CA SER A 662 -77.63 115.33 62.89
C SER A 662 -78.37 114.75 61.68
N LYS A 663 -79.28 115.54 61.09
CA LYS A 663 -80.18 115.13 59.96
C LYS A 663 -79.35 114.62 58.78
N ALA A 664 -78.26 115.32 58.43
CA ALA A 664 -77.30 114.92 57.37
C ALA A 664 -76.67 113.57 57.74
N ALA A 665 -76.18 113.46 58.99
CA ALA A 665 -75.53 112.26 59.56
C ALA A 665 -76.53 111.08 59.62
N LEU A 666 -77.82 111.36 59.69
CA LEU A 666 -78.90 110.34 59.59
C LEU A 666 -78.91 109.79 58.15
N GLN A 667 -79.21 110.65 57.17
CA GLN A 667 -79.35 110.25 55.74
C GLN A 667 -77.93 110.00 55.20
N ALA A 668 -77.36 108.86 55.60
CA ALA A 668 -75.97 108.45 55.34
C ALA A 668 -75.91 106.93 55.27
N THR A 669 -76.34 106.37 54.13
CA THR A 669 -76.36 104.92 53.79
C THR A 669 -76.97 104.12 54.95
N LEU A 670 -76.53 102.88 55.15
CA LEU A 670 -77.03 101.94 56.20
C LEU A 670 -75.83 101.43 57.01
N ILE A 671 -74.85 100.82 56.33
CA ILE A 671 -73.58 100.30 56.93
C ILE A 671 -72.40 100.66 56.01
N VAL A 672 -71.18 100.71 56.57
CA VAL A 672 -69.91 100.95 55.84
C VAL A 672 -68.84 100.01 56.41
N ARG A 673 -68.14 99.27 55.54
CA ARG A 673 -66.94 98.47 55.90
C ARG A 673 -65.72 99.38 55.87
N HIS A 674 -64.86 99.30 56.89
CA HIS A 674 -63.56 100.03 56.96
C HIS A 674 -62.56 99.27 56.09
N ASP A 675 -62.02 99.93 55.06
CA ASP A 675 -61.13 99.32 54.02
C ASP A 675 -59.97 98.59 54.70
N GLU A 676 -59.44 99.14 55.81
CA GLU A 676 -58.35 98.54 56.63
C GLU A 676 -58.85 97.27 57.33
N ASN A 677 -60.06 97.29 57.90
CA ASN A 677 -60.67 96.14 58.63
C ASN A 677 -61.03 95.03 57.64
N LYS A 678 -61.64 95.40 56.50
CA LYS A 678 -62.16 94.47 55.46
C LYS A 678 -63.29 93.61 56.07
N LYS A 679 -64.10 94.23 56.94
CA LYS A 679 -65.19 93.55 57.71
C LYS A 679 -66.40 94.49 57.79
N LEU A 680 -67.61 93.94 57.79
CA LEU A 680 -68.89 94.71 57.85
C LEU A 680 -69.01 95.35 59.25
N TYR A 681 -69.57 96.56 59.29
CA TYR A 681 -69.62 97.46 60.48
C TYR A 681 -70.79 98.44 60.32
N VAL A 682 -71.52 98.72 61.39
CA VAL A 682 -72.76 99.56 61.34
C VAL A 682 -72.38 101.04 61.22
N ASN A 683 -73.00 101.77 60.29
CA ASN A 683 -72.76 103.22 60.03
C ASN A 683 -73.88 104.02 60.70
N PHE A 684 -73.91 103.98 62.04
CA PHE A 684 -74.79 104.82 62.89
C PHE A 684 -73.90 105.75 63.73
N ASP A 685 -73.79 107.01 63.32
CA ASP A 685 -72.95 108.03 64.01
C ASP A 685 -73.48 108.20 65.44
N LEU A 686 -72.58 108.51 66.37
CA LEU A 686 -72.86 108.61 67.82
C LEU A 686 -73.66 109.90 68.08
N GLU A 687 -73.58 110.86 67.16
CA GLU A 687 -74.19 112.22 67.27
C GLU A 687 -75.72 112.16 67.17
N ILE A 688 -76.29 111.09 66.61
CA ILE A 688 -77.77 110.91 66.45
C ILE A 688 -78.36 110.43 67.77
N MET A 689 -77.80 109.34 68.32
CA MET A 689 -78.15 108.80 69.67
C MET A 689 -77.96 109.90 70.72
N GLN A 690 -76.89 110.70 70.59
CA GLN A 690 -76.63 111.90 71.43
C GLN A 690 -77.87 112.81 71.35
N LEU A 691 -78.22 113.29 70.16
CA LEU A 691 -79.36 114.23 69.96
C LEU A 691 -80.62 113.62 70.59
N ILE A 692 -80.95 112.37 70.23
CA ILE A 692 -82.19 111.67 70.68
C ILE A 692 -82.26 111.67 72.21
N ARG A 693 -81.16 111.30 72.88
CA ARG A 693 -81.10 111.18 74.36
C ARG A 693 -81.26 112.57 74.98
N GLU A 694 -80.71 113.62 74.35
CA GLU A 694 -80.90 115.03 74.75
C GLU A 694 -82.39 115.41 74.63
N ALA A 695 -82.98 115.16 73.45
CA ALA A 695 -84.39 115.49 73.12
C ALA A 695 -85.35 114.81 74.09
N LYS A 696 -84.98 113.65 74.64
CA LYS A 696 -85.73 112.99 75.76
C LYS A 696 -85.58 113.82 77.03
N CYS A 697 -84.35 114.09 77.45
CA CYS A 697 -83.99 114.74 78.74
C CYS A 697 -84.63 116.13 78.85
N LEU A 698 -84.76 116.85 77.73
CA LEU A 698 -85.38 118.21 77.69
C LEU A 698 -86.90 118.10 77.85
N ASP A 699 -87.55 117.07 77.27
CA ASP A 699 -88.99 116.78 77.42
C ASP A 699 -89.33 116.43 78.88
N ARG A 700 -88.42 115.74 79.57
CA ARG A 700 -88.61 115.27 80.98
C ARG A 700 -88.63 116.48 81.92
N GLN A 701 -87.63 117.37 81.83
CA GLN A 701 -87.58 118.62 82.64
C GLN A 701 -88.66 119.59 82.13
N GLY A 702 -89.05 119.48 80.85
CA GLY A 702 -90.30 120.05 80.31
C GLY A 702 -90.10 121.23 79.36
N ILE A 703 -88.85 121.57 79.02
CA ILE A 703 -88.50 122.65 78.06
C ILE A 703 -89.09 122.30 76.68
N GLU A 704 -89.59 123.30 75.94
CA GLU A 704 -90.14 123.13 74.57
C GLU A 704 -88.97 122.99 73.57
N ILE A 705 -89.10 122.03 72.65
CA ILE A 705 -88.03 121.56 71.72
C ILE A 705 -88.43 121.97 70.30
N PRO A 706 -87.48 122.31 69.39
CA PRO A 706 -87.82 122.48 67.98
C PRO A 706 -88.49 121.22 67.42
N GLU A 707 -89.57 121.40 66.63
CA GLU A 707 -90.40 120.30 66.05
C GLU A 707 -89.52 119.33 65.24
N SER A 708 -88.50 119.85 64.55
CA SER A 708 -87.48 119.07 63.79
C SER A 708 -86.84 118.00 64.68
N ALA A 709 -86.36 118.40 65.86
CA ALA A 709 -85.68 117.53 66.85
C ALA A 709 -86.68 116.58 67.54
N ARG A 710 -87.98 116.88 67.47
CA ARG A 710 -89.07 116.06 68.06
C ARG A 710 -89.47 114.94 67.09
N ILE A 711 -89.55 115.22 65.79
CA ILE A 711 -89.86 114.23 64.71
C ILE A 711 -88.94 113.02 64.88
N ILE A 712 -87.63 113.26 65.04
CA ILE A 712 -86.58 112.21 65.23
C ILE A 712 -86.87 111.44 66.52
N LEU A 713 -87.24 112.15 67.59
CA LEU A 713 -87.53 111.58 68.94
C LEU A 713 -88.82 110.73 68.90
N LEU A 714 -89.81 111.10 68.09
CA LEU A 714 -91.08 110.33 67.95
C LEU A 714 -90.75 108.95 67.35
N GLN A 715 -89.99 108.94 66.25
CA GLN A 715 -89.60 107.73 65.47
C GLN A 715 -88.67 106.86 66.31
N GLU A 716 -87.80 107.48 67.13
CA GLU A 716 -86.75 106.85 67.99
C GLU A 716 -86.96 105.34 68.15
N ASP A 717 -88.09 104.93 68.72
CA ASP A 717 -88.44 103.52 69.05
C ASP A 717 -88.05 102.59 67.90
N LYS A 718 -88.26 103.01 66.65
CA LYS A 718 -87.89 102.26 65.42
C LYS A 718 -86.36 102.21 65.28
N PHE A 719 -85.70 103.38 65.21
CA PHE A 719 -84.25 103.51 64.88
C PHE A 719 -83.38 102.74 65.89
N LYS A 720 -83.92 102.39 67.06
CA LYS A 720 -83.25 101.51 68.06
C LYS A 720 -83.44 100.04 67.66
N THR A 721 -84.64 99.64 67.24
CA THR A 721 -85.02 98.24 66.90
C THR A 721 -84.27 97.77 65.65
N TYR A 722 -84.11 98.65 64.64
CA TYR A 722 -83.33 98.36 63.42
C TYR A 722 -81.85 98.19 63.81
N TYR A 723 -81.27 99.20 64.48
CA TYR A 723 -79.86 99.25 64.95
C TYR A 723 -79.50 98.00 65.75
N ASN A 724 -80.42 97.52 66.58
CA ASN A 724 -80.25 96.27 67.38
C ASN A 724 -80.26 95.07 66.42
N GLU A 725 -81.23 94.98 65.52
CA GLU A 725 -81.39 93.84 64.57
C GLU A 725 -80.16 93.72 63.66
N LEU A 726 -79.60 94.86 63.22
CA LEU A 726 -78.37 94.89 62.36
C LEU A 726 -77.18 94.34 63.13
N LEU A 727 -76.88 94.89 64.32
CA LEU A 727 -75.72 94.51 65.17
C LEU A 727 -75.78 93.01 65.50
N TYR A 728 -76.98 92.44 65.58
CA TYR A 728 -77.19 90.97 65.72
C TYR A 728 -76.79 90.27 64.42
N ALA A 729 -77.27 90.77 63.28
CA ALA A 729 -77.03 90.21 61.92
C ALA A 729 -75.52 90.07 61.66
N LEU A 730 -74.75 91.13 61.95
CA LEU A 730 -73.28 91.19 61.70
C LEU A 730 -72.53 90.27 62.68
N LYS A 731 -72.92 90.27 63.96
CA LYS A 731 -72.34 89.35 64.98
C LYS A 731 -72.68 87.90 64.62
N GLU A 732 -73.81 87.67 63.95
CA GLU A 732 -74.21 86.33 63.44
C GLU A 732 -73.38 85.99 62.19
N TYR A 733 -73.16 86.96 61.30
CA TYR A 733 -72.35 86.81 60.05
C TYR A 733 -70.91 86.45 60.39
N GLU A 734 -70.29 87.16 61.35
CA GLU A 734 -68.90 86.90 61.82
C GLU A 734 -68.81 85.49 62.43
N ARG A 735 -69.75 85.17 63.32
CA ARG A 735 -69.89 83.84 63.98
C ARG A 735 -69.96 82.74 62.91
N ILE A 736 -70.76 82.95 61.86
CA ILE A 736 -70.98 81.98 60.74
C ILE A 736 -69.65 81.74 60.00
N ASN A 737 -68.91 82.81 59.68
CA ASN A 737 -67.64 82.73 58.91
C ASN A 737 -66.49 82.18 59.78
N SER A 738 -66.72 82.02 61.09
CA SER A 738 -65.78 81.35 62.03
C SER A 738 -66.08 79.85 62.11
N LYS A 739 -67.36 79.45 62.01
CA LYS A 739 -67.80 78.01 62.01
C LYS A 739 -67.17 77.26 60.83
N ILE A 740 -67.06 77.91 59.68
CA ILE A 740 -66.52 77.31 58.41
C ILE A 740 -65.06 76.92 58.65
N LYS A 741 -64.68 75.70 58.29
CA LYS A 741 -63.30 75.17 58.46
C LYS A 741 -62.40 75.77 57.38
N PRO A 742 -61.10 76.00 57.67
CA PRO A 742 -60.23 76.77 56.78
C PRO A 742 -59.89 76.08 55.43
N ILE A 743 -60.17 74.79 55.31
CA ILE A 743 -59.93 73.97 54.09
C ILE A 743 -60.95 74.36 53.00
N CYS A 744 -62.16 74.78 53.40
CA CYS A 744 -63.34 74.95 52.52
C CYS A 744 -63.69 76.43 52.32
N LYS A 745 -62.86 77.37 52.81
CA LYS A 745 -63.11 78.84 52.70
C LYS A 745 -63.03 79.27 51.23
N ASN A 746 -62.10 78.69 50.46
CA ASN A 746 -61.98 78.87 48.99
C ASN A 746 -63.22 78.27 48.31
N LEU A 747 -63.56 77.03 48.67
CA LEU A 747 -64.73 76.26 48.13
C LEU A 747 -66.01 77.09 48.31
N LEU A 748 -66.25 77.56 49.54
CA LEU A 748 -67.53 78.18 49.97
C LEU A 748 -67.45 79.71 49.87
N LEU A 749 -66.38 80.24 49.24
CA LEU A 749 -66.21 81.69 48.93
C LEU A 749 -67.39 82.20 48.09
N PRO A 750 -67.77 81.55 46.97
CA PRO A 750 -68.88 82.04 46.14
C PRO A 750 -70.28 81.98 46.76
N HIS A 751 -70.45 81.28 47.89
CA HIS A 751 -71.68 81.27 48.73
C HIS A 751 -71.67 82.42 49.72
N ILE A 752 -70.50 82.75 50.27
CA ILE A 752 -70.28 83.96 51.14
C ILE A 752 -70.46 85.21 50.27
N GLU A 753 -70.02 85.17 49.00
CA GLU A 753 -70.18 86.28 48.01
C GLU A 753 -71.60 86.28 47.42
N ASP A 754 -72.42 85.26 47.71
CA ASP A 754 -73.88 85.26 47.42
C ASP A 754 -74.60 86.09 48.49
N LEU A 755 -74.37 85.78 49.77
CA LEU A 755 -74.97 86.48 50.93
C LEU A 755 -74.56 87.96 50.88
N ASP A 756 -73.25 88.22 50.75
CA ASP A 756 -72.64 89.57 50.61
C ASP A 756 -73.35 90.36 49.50
N LEU A 757 -73.61 89.72 48.35
CA LEU A 757 -74.27 90.35 47.17
C LEU A 757 -75.72 90.73 47.51
N LYS A 758 -76.40 89.91 48.33
CA LYS A 758 -77.79 90.18 48.80
C LYS A 758 -77.81 91.38 49.78
N LEU A 759 -76.70 91.59 50.49
CA LEU A 759 -76.51 92.70 51.47
C LEU A 759 -76.31 94.02 50.72
N ARG A 760 -75.51 94.04 49.64
CA ARG A 760 -75.04 95.24 48.91
C ARG A 760 -76.18 96.21 48.56
N PRO A 761 -77.32 95.78 47.96
CA PRO A 761 -78.43 96.69 47.72
C PRO A 761 -79.04 97.21 49.03
N GLY A 762 -79.07 96.37 50.06
CA GLY A 762 -79.42 96.74 51.45
C GLY A 762 -78.47 97.77 52.03
N MET A 763 -77.18 97.71 51.68
CA MET A 763 -76.14 98.67 52.13
C MET A 763 -76.45 100.06 51.57
N VAL A 764 -76.33 100.25 50.25
CA VAL A 764 -76.18 101.60 49.61
C VAL A 764 -77.55 102.19 49.26
N THR A 765 -78.46 101.40 48.68
CA THR A 765 -79.73 101.90 48.08
C THR A 765 -80.71 102.39 49.17
N LEU A 766 -80.61 101.88 50.40
CA LEU A 766 -81.66 102.07 51.45
C LEU A 766 -81.59 103.47 52.04
N THR A 767 -80.39 103.98 52.34
CA THR A 767 -80.14 105.36 52.88
C THR A 767 -80.88 105.52 54.22
N TRP A 768 -80.90 104.46 55.03
CA TRP A 768 -81.55 104.36 56.37
C TRP A 768 -83.07 104.57 56.29
N THR A 769 -83.53 105.79 56.04
CA THR A 769 -84.96 106.20 56.09
C THR A 769 -85.67 105.73 54.82
N SER A 770 -85.70 104.40 54.58
CA SER A 770 -86.42 103.76 53.45
C SER A 770 -87.88 103.53 53.85
N MET A 771 -88.74 103.26 52.88
CA MET A 771 -90.16 102.87 53.11
C MET A 771 -90.20 101.49 53.78
N ASN A 772 -89.41 100.55 53.27
CA ASN A 772 -89.41 99.12 53.69
C ASN A 772 -87.99 98.68 54.03
N ILE A 773 -87.44 99.20 55.14
CA ILE A 773 -86.19 98.71 55.78
C ILE A 773 -86.46 97.36 56.46
N GLU A 774 -87.62 97.23 57.13
CA GLU A 774 -88.00 96.02 57.92
C GLU A 774 -88.18 94.82 56.99
N SER A 775 -88.52 95.05 55.71
CA SER A 775 -88.58 94.02 54.64
C SER A 775 -87.17 93.48 54.34
N TYR A 776 -86.15 94.36 54.31
CA TYR A 776 -84.75 94.02 53.95
C TYR A 776 -84.12 93.15 55.06
N LEU A 777 -84.34 93.52 56.33
CA LEU A 777 -83.81 92.79 57.52
C LEU A 777 -84.36 91.35 57.54
N TYR A 778 -85.55 91.13 56.98
CA TYR A 778 -86.20 89.79 56.86
C TYR A 778 -85.41 88.92 55.87
N TYR A 779 -85.14 89.43 54.66
CA TYR A 779 -84.41 88.74 53.58
C TYR A 779 -82.99 88.38 54.05
N VAL A 780 -82.36 89.25 54.83
CA VAL A 780 -80.99 89.02 55.42
C VAL A 780 -81.05 87.76 56.29
N HIS A 781 -81.95 87.74 57.27
CA HIS A 781 -82.09 86.64 58.26
C HIS A 781 -82.47 85.33 57.55
N GLN A 782 -83.29 85.38 56.49
CA GLN A 782 -83.57 84.23 55.59
C GLN A 782 -82.24 83.74 55.01
N GLY A 783 -81.44 84.66 54.45
CA GLY A 783 -80.13 84.38 53.82
C GLY A 783 -79.18 83.67 54.78
N LEU A 784 -79.04 84.20 56.00
CA LEU A 784 -78.13 83.65 57.06
C LEU A 784 -78.58 82.24 57.42
N LYS A 785 -79.88 82.00 57.56
CA LYS A 785 -80.46 80.67 57.89
C LYS A 785 -80.15 79.69 56.75
N LYS A 786 -80.22 80.13 55.49
CA LYS A 786 -79.91 79.28 54.30
C LYS A 786 -78.41 78.94 54.28
N LEU A 787 -77.56 79.87 54.73
CA LEU A 787 -76.09 79.68 54.82
C LEU A 787 -75.75 78.80 56.04
N GLU A 788 -76.49 78.94 57.14
CA GLU A 788 -76.35 78.11 58.37
C GLU A 788 -76.59 76.63 58.01
N GLN A 789 -77.81 76.31 57.55
CA GLN A 789 -78.26 74.93 57.22
C GLN A 789 -77.32 74.28 56.18
N LEU A 790 -76.78 75.09 55.26
CA LEU A 790 -75.81 74.64 54.22
C LEU A 790 -74.47 74.33 54.88
N ILE A 791 -73.96 75.23 55.72
CA ILE A 791 -72.66 75.09 56.45
C ILE A 791 -72.76 73.90 57.42
N ILE A 792 -73.85 73.82 58.19
CA ILE A 792 -74.06 72.77 59.22
C ILE A 792 -74.06 71.39 58.55
N ASN A 793 -74.73 71.24 57.39
CA ASN A 793 -74.68 70.00 56.56
C ASN A 793 -73.22 69.66 56.25
N VAL A 794 -72.51 70.59 55.60
CA VAL A 794 -71.09 70.47 55.18
C VAL A 794 -70.23 70.13 56.40
N ASN A 795 -70.30 70.98 57.43
CA ASN A 795 -69.52 70.88 58.70
C ASN A 795 -69.83 69.56 59.40
N ASP A 796 -71.09 69.09 59.35
CA ASP A 796 -71.55 67.84 60.04
C ASP A 796 -70.86 66.62 59.41
N ILE A 797 -70.90 66.50 58.08
CA ILE A 797 -70.36 65.34 57.31
C ILE A 797 -68.83 65.29 57.47
N ILE A 798 -68.18 66.46 57.53
CA ILE A 798 -66.70 66.60 57.67
C ILE A 798 -66.30 66.30 59.13
N GLU A 799 -67.04 66.82 60.11
CA GLU A 799 -66.69 66.70 61.55
C GLU A 799 -67.04 65.28 62.05
N ASN A 800 -68.17 64.73 61.63
CA ASN A 800 -68.71 63.43 62.13
C ASN A 800 -68.32 62.30 61.17
N ARG A 801 -68.98 62.20 60.00
CA ARG A 801 -68.95 60.99 59.12
C ARG A 801 -67.54 60.71 58.62
N ILE A 802 -66.88 61.69 57.99
CA ILE A 802 -65.59 61.49 57.26
C ILE A 802 -64.44 61.37 58.27
N GLU A 803 -64.38 62.25 59.28
CA GLU A 803 -63.23 62.38 60.21
C GLU A 803 -63.18 61.19 61.17
N ASN A 804 -64.34 60.68 61.61
CA ASN A 804 -64.46 59.44 62.43
C ASN A 804 -63.92 58.25 61.63
N ASN A 805 -64.38 58.09 60.38
CA ASN A 805 -63.94 57.02 59.44
C ASN A 805 -62.42 57.12 59.22
N LEU A 806 -61.89 58.35 59.13
CA LEU A 806 -60.43 58.63 58.97
C LEU A 806 -59.69 58.27 60.26
N LYS A 807 -60.22 58.69 61.42
CA LYS A 807 -59.62 58.42 62.76
C LYS A 807 -59.56 56.91 63.00
N THR A 808 -60.65 56.18 62.76
CA THR A 808 -60.76 54.71 62.95
C THR A 808 -59.69 53.99 62.11
N VAL A 809 -59.47 54.45 60.87
CA VAL A 809 -58.42 53.92 59.95
C VAL A 809 -57.05 54.12 60.60
N SER A 810 -56.78 55.31 61.16
CA SER A 810 -55.48 55.67 61.79
C SER A 810 -55.21 54.83 63.04
N LYS A 811 -56.26 54.33 63.72
CA LYS A 811 -56.15 53.48 64.93
C LYS A 811 -56.62 52.04 64.62
N VAL A 812 -56.45 51.56 63.39
CA VAL A 812 -57.02 50.26 62.93
C VAL A 812 -56.01 49.12 63.20
N VAL A 813 -54.70 49.38 63.08
CA VAL A 813 -53.57 48.55 63.60
C VAL A 813 -53.27 47.34 62.69
N LEU A 814 -54.30 46.68 62.15
CA LEU A 814 -54.28 45.42 61.33
C LEU A 814 -53.10 44.49 61.67
N VAL A 815 -52.85 44.23 62.96
CA VAL A 815 -51.84 43.25 63.44
C VAL A 815 -52.34 42.63 64.77
N HIS A 816 -52.09 41.33 64.96
CA HIS A 816 -52.43 40.55 66.18
C HIS A 816 -51.15 40.25 66.97
N LEU A 817 -51.04 40.78 68.21
CA LEU A 817 -49.84 40.67 69.10
C LEU A 817 -50.06 39.58 70.15
N PRO A 818 -51.31 39.08 70.32
CA PRO A 818 -51.58 37.97 71.23
C PRO A 818 -52.88 37.24 70.87
N LEU A 826 -44.17 29.32 63.90
CA LEU A 826 -43.29 30.17 63.07
C LEU A 826 -43.88 30.33 61.66
N ASP A 827 -44.35 29.22 61.06
CA ASP A 827 -45.16 29.22 59.81
C ASP A 827 -46.64 29.35 60.18
N SER A 828 -47.06 28.71 61.27
CA SER A 828 -48.42 28.79 61.87
C SER A 828 -48.74 30.24 62.25
N PHE A 829 -47.86 30.87 63.03
CA PHE A 829 -47.92 32.28 63.49
C PHE A 829 -48.24 33.21 62.30
N VAL A 830 -47.49 33.06 61.20
CA VAL A 830 -47.55 33.95 60.00
C VAL A 830 -48.94 33.84 59.35
N GLN A 831 -49.38 32.61 59.03
CA GLN A 831 -50.66 32.34 58.32
C GLN A 831 -51.85 32.90 59.11
N LEU A 832 -51.84 32.75 60.44
CA LEU A 832 -52.88 33.29 61.36
C LEU A 832 -52.91 34.83 61.29
N GLN A 833 -51.74 35.46 61.13
CA GLN A 833 -51.60 36.94 61.05
C GLN A 833 -52.09 37.45 59.69
N GLU A 834 -51.91 36.68 58.61
CA GLU A 834 -52.28 37.05 57.22
C GLU A 834 -53.81 37.09 57.06
N GLU A 835 -54.51 36.11 57.62
CA GLU A 835 -56.00 36.01 57.56
C GLU A 835 -56.63 37.13 58.41
N TYR A 836 -56.05 37.38 59.59
CA TYR A 836 -56.40 38.50 60.51
C TYR A 836 -56.29 39.84 59.77
N ILE A 837 -55.31 39.97 58.87
CA ILE A 837 -55.13 41.15 57.96
C ILE A 837 -56.22 41.10 56.88
N ASN A 838 -56.39 39.94 56.22
CA ASN A 838 -57.37 39.73 55.11
C ASN A 838 -58.80 40.06 55.58
N SER A 839 -59.10 39.89 56.87
CA SER A 839 -60.38 40.30 57.50
C SER A 839 -60.45 41.83 57.61
N LYS A 840 -59.37 42.46 58.09
CA LYS A 840 -59.28 43.94 58.32
C LYS A 840 -59.35 44.69 56.98
N THR A 841 -58.80 44.11 55.90
CA THR A 841 -58.82 44.71 54.53
C THR A 841 -60.27 44.87 54.06
N ASP A 842 -61.09 43.82 54.22
CA ASP A 842 -62.53 43.79 53.84
C ASP A 842 -63.30 44.90 54.58
N PHE A 843 -62.88 45.21 55.82
CA PHE A 843 -63.44 46.32 56.65
C PHE A 843 -62.98 47.68 56.10
N LEU A 844 -61.74 47.79 55.64
CA LEU A 844 -61.16 49.05 55.11
C LEU A 844 -61.72 49.35 53.71
N THR A 845 -61.66 48.35 52.80
CA THR A 845 -62.19 48.43 51.41
C THR A 845 -63.56 49.09 51.39
N SER A 846 -64.46 48.60 52.25
CA SER A 846 -65.84 49.12 52.44
C SER A 846 -65.78 50.59 52.86
N LYS A 847 -64.93 50.92 53.84
CA LYS A 847 -64.84 52.28 54.45
C LYS A 847 -64.25 53.30 53.47
N ASN A 848 -63.59 52.86 52.39
CA ASN A 848 -63.10 53.78 51.31
C ASN A 848 -64.29 54.35 50.53
N VAL A 849 -65.16 53.48 49.99
CA VAL A 849 -66.31 53.88 49.13
C VAL A 849 -67.30 54.68 49.98
N GLU A 850 -67.46 54.33 51.26
CA GLU A 850 -68.29 55.07 52.25
C GLU A 850 -67.76 56.50 52.40
N VAL A 851 -66.44 56.67 52.45
CA VAL A 851 -65.78 58.01 52.51
C VAL A 851 -65.97 58.73 51.17
N GLU A 852 -65.89 58.01 50.04
CA GLU A 852 -66.09 58.59 48.68
C GLU A 852 -67.50 59.20 48.61
N ARG A 853 -68.53 58.42 48.93
CA ARG A 853 -69.95 58.86 48.98
C ARG A 853 -70.05 60.15 49.80
N ALA A 854 -69.38 60.19 50.97
CA ALA A 854 -69.35 61.35 51.89
C ALA A 854 -68.77 62.57 51.18
N VAL A 855 -67.62 62.42 50.53
CA VAL A 855 -66.92 63.51 49.79
C VAL A 855 -67.79 63.93 48.59
N ASP A 856 -68.38 62.96 47.88
CA ASP A 856 -69.21 63.20 46.68
C ASP A 856 -70.56 63.84 47.07
N ASP A 857 -71.00 63.67 48.33
CA ASP A 857 -72.20 64.33 48.89
C ASP A 857 -71.89 65.81 49.21
N LEU A 858 -70.72 66.10 49.79
CA LEU A 858 -70.27 67.48 50.10
C LEU A 858 -70.33 68.34 48.83
N LEU A 859 -69.87 67.79 47.70
CA LEU A 859 -69.86 68.47 46.38
C LEU A 859 -71.31 68.65 45.88
N GLN A 860 -72.14 67.60 46.00
CA GLN A 860 -73.57 67.62 45.57
C GLN A 860 -74.32 68.69 46.38
N THR A 861 -74.27 68.61 47.72
CA THR A 861 -74.96 69.55 48.67
C THR A 861 -74.66 71.00 48.26
N ILE A 862 -73.42 71.29 47.85
CA ILE A 862 -72.95 72.65 47.44
C ILE A 862 -73.60 73.02 46.11
N MET A 863 -73.55 72.13 45.10
CA MET A 863 -74.17 72.36 43.77
C MET A 863 -75.68 72.56 43.91
N LEU A 864 -76.34 71.75 44.75
CA LEU A 864 -77.81 71.77 45.01
C LEU A 864 -78.24 73.14 45.55
N TYR A 865 -77.40 73.81 46.35
CA TYR A 865 -77.68 75.16 46.92
C TYR A 865 -77.86 76.15 45.77
N PRO A 866 -78.97 76.95 45.72
CA PRO A 866 -79.27 77.76 44.53
C PRO A 866 -78.31 78.93 44.28
N LEU A 867 -77.82 79.58 45.35
CA LEU A 867 -77.17 80.92 45.41
C LEU A 867 -77.73 81.87 44.33
N ASP A 868 -77.00 82.93 43.95
CA ASP A 868 -77.49 83.99 43.03
C ASP A 868 -77.41 83.48 41.59
N PRO A 869 -78.47 83.65 40.76
CA PRO A 869 -78.40 83.34 39.33
C PRO A 869 -77.17 83.87 38.58
N HIS A 870 -76.84 85.16 38.71
CA HIS A 870 -75.86 85.87 37.85
C HIS A 870 -74.41 85.51 38.25
N VAL A 871 -74.15 85.18 39.52
CA VAL A 871 -72.79 84.80 40.02
C VAL A 871 -72.52 83.34 39.63
N ASP A 872 -71.24 82.98 39.45
CA ASP A 872 -70.77 81.65 38.98
C ASP A 872 -71.04 80.59 40.05
N PRO A 873 -71.65 79.43 39.71
CA PRO A 873 -72.11 78.46 40.72
C PRO A 873 -71.02 78.00 41.70
N VAL A 874 -69.87 77.60 41.16
CA VAL A 874 -68.64 77.19 41.91
C VAL A 874 -67.46 77.29 40.93
N LEU A 875 -66.27 76.85 41.31
CA LEU A 875 -65.07 76.77 40.43
C LEU A 875 -64.64 75.31 40.29
N PRO A 876 -64.65 74.73 39.07
CA PRO A 876 -64.21 73.34 38.87
C PRO A 876 -62.82 72.96 39.38
N GLU A 877 -61.90 73.92 39.54
CA GLU A 877 -60.53 73.69 40.10
C GLU A 877 -60.63 73.26 41.57
N GLU A 878 -61.42 74.00 42.36
CA GLU A 878 -61.58 73.79 43.83
C GLU A 878 -62.21 72.41 44.09
N THR A 879 -63.17 71.99 43.25
CA THR A 879 -63.90 70.70 43.37
C THR A 879 -62.92 69.53 43.28
N LYS A 880 -61.86 69.65 42.47
CA LYS A 880 -60.78 68.65 42.34
C LYS A 880 -59.89 68.68 43.59
N ARG A 881 -59.49 69.88 44.03
CA ARG A 881 -58.57 70.10 45.19
C ARG A 881 -59.09 69.34 46.42
N ILE A 882 -60.40 69.40 46.68
CA ILE A 882 -61.04 68.77 47.88
C ILE A 882 -60.80 67.26 47.78
N LYS A 883 -61.17 66.67 46.64
CA LYS A 883 -61.00 65.22 46.36
C LYS A 883 -59.53 64.83 46.57
N ARG A 884 -58.60 65.61 45.99
CA ARG A 884 -57.14 65.38 46.12
C ARG A 884 -56.70 65.55 47.57
N TYR A 885 -57.28 66.53 48.30
CA TYR A 885 -56.96 66.79 49.73
C TYR A 885 -57.41 65.60 50.57
N TYR A 886 -58.67 65.16 50.43
CA TYR A 886 -59.26 64.05 51.21
C TYR A 886 -58.82 62.69 50.64
N PHE A 887 -58.16 62.69 49.47
CA PHE A 887 -57.30 61.58 49.00
C PHE A 887 -56.01 61.59 49.83
N TRP A 888 -55.33 62.73 49.84
CA TRP A 888 -54.02 62.98 50.51
C TRP A 888 -54.15 62.81 52.03
N TYR A 889 -55.33 63.11 52.60
CA TYR A 889 -55.62 62.98 54.05
C TYR A 889 -55.79 61.50 54.41
N PHE A 890 -56.39 60.72 53.51
CA PHE A 890 -56.60 59.26 53.67
C PHE A 890 -55.25 58.56 53.54
N TYR A 891 -54.49 58.90 52.49
CA TYR A 891 -53.09 58.48 52.26
C TYR A 891 -52.28 58.63 53.56
N GLN A 892 -52.26 59.84 54.12
CA GLN A 892 -51.54 60.20 55.38
C GLN A 892 -52.03 59.33 56.53
N ALA A 893 -53.31 58.95 56.55
CA ALA A 893 -53.94 58.10 57.59
C ALA A 893 -53.51 56.63 57.42
N LEU A 894 -53.33 56.16 56.17
CA LEU A 894 -52.87 54.79 55.87
C LEU A 894 -51.39 54.62 56.26
N LEU A 895 -50.60 55.69 56.18
CA LEU A 895 -49.18 55.72 56.66
C LEU A 895 -49.19 55.58 58.19
N ASN A 896 -49.99 56.39 58.87
CA ASN A 896 -50.12 56.42 60.35
C ASN A 896 -50.61 55.04 60.83
N SER A 897 -51.49 54.38 60.06
CA SER A 897 -52.05 53.04 60.36
C SER A 897 -50.94 51.98 60.28
N THR A 898 -50.17 51.98 59.20
CA THR A 898 -49.05 51.02 58.94
C THR A 898 -47.92 51.27 59.95
N GLN A 899 -47.59 52.54 60.22
CA GLN A 899 -46.52 52.94 61.18
C GLN A 899 -46.85 52.42 62.59
N ASN A 900 -48.12 52.45 63.00
CA ASN A 900 -48.62 51.85 64.27
C ASN A 900 -48.31 50.35 64.27
N SER A 901 -48.55 49.67 63.14
CA SER A 901 -48.36 48.20 62.97
C SER A 901 -46.87 47.84 63.12
N LEU A 902 -46.00 48.57 62.44
CA LEU A 902 -44.55 48.27 62.32
C LEU A 902 -43.84 48.51 63.66
N ASN A 903 -44.29 49.49 64.44
CA ASN A 903 -43.72 49.83 65.79
C ASN A 903 -43.98 48.70 66.78
N ALA A 904 -45.09 47.96 66.62
CA ALA A 904 -45.47 46.80 67.46
C ALA A 904 -44.55 45.60 67.20
N MET A 905 -43.89 45.56 66.04
CA MET A 905 -43.01 44.43 65.60
C MET A 905 -41.60 44.59 66.19
N LYS A 906 -41.18 45.82 66.50
CA LYS A 906 -39.84 46.15 67.08
C LYS A 906 -39.74 45.61 68.52
N TYR A 907 -40.79 45.78 69.32
CA TYR A 907 -40.84 45.40 70.77
C TYR A 907 -40.75 43.88 70.91
N ARG A 908 -41.56 43.15 70.12
CA ARG A 908 -41.59 41.66 70.09
C ARG A 908 -40.26 41.13 69.53
N PHE A 926 -42.16 38.35 72.11
CA PHE A 926 -40.92 37.59 72.37
C PHE A 926 -40.79 36.45 71.36
N PHE A 927 -39.64 36.35 70.69
CA PHE A 927 -39.34 35.38 69.60
C PHE A 927 -38.61 34.16 70.17
N GLN A 928 -39.23 32.98 70.11
CA GLN A 928 -38.68 31.69 70.61
C GLN A 928 -37.90 30.99 69.50
N VAL A 929 -36.62 30.68 69.74
CA VAL A 929 -35.73 29.90 68.83
C VAL A 929 -35.25 28.65 69.59
N GLU A 930 -34.73 27.65 68.87
CA GLU A 930 -34.22 26.37 69.44
C GLU A 930 -32.73 26.20 69.08
N VAL A 931 -31.87 26.26 70.10
CA VAL A 931 -30.41 25.96 70.00
C VAL A 931 -30.24 24.43 69.86
N GLN A 932 -29.40 24.00 68.93
CA GLN A 932 -28.94 22.58 68.79
C GLN A 932 -27.69 22.53 67.92
N LEU A 933 -27.14 21.32 67.73
CA LEU A 933 -25.90 21.06 66.95
C LEU A 933 -26.28 20.46 65.59
N ASN A 934 -26.52 21.32 64.59
CA ASN A 934 -26.88 20.94 63.19
C ASN A 934 -25.61 20.56 62.44
N GLY A 935 -25.49 19.28 62.05
CA GLY A 935 -24.26 18.69 61.50
C GLY A 935 -23.11 18.73 62.51
N ASP A 936 -23.45 18.70 63.80
CA ASP A 936 -22.50 18.81 64.95
C ASP A 936 -21.79 20.18 64.90
N LYS A 937 -22.53 21.24 64.54
CA LYS A 937 -22.11 22.67 64.59
C LYS A 937 -23.25 23.49 65.22
N VAL A 938 -22.94 24.32 66.21
CA VAL A 938 -23.94 25.01 67.09
C VAL A 938 -24.60 26.15 66.30
N THR A 939 -25.86 25.95 65.85
CA THR A 939 -26.64 26.87 64.98
C THR A 939 -28.14 26.82 65.33
N LEU A 940 -28.99 27.58 64.61
CA LEU A 940 -30.43 27.81 64.99
C LEU A 940 -31.23 28.47 63.85
N ILE A 947 -35.49 33.34 60.60
CA ILE A 947 -36.64 34.11 61.19
C ILE A 947 -36.94 35.35 60.33
N GLN A 948 -35.90 36.01 59.80
CA GLN A 948 -35.98 37.27 59.01
C GLN A 948 -36.90 37.08 57.79
N LYS A 949 -36.93 35.88 57.20
CA LYS A 949 -37.82 35.53 56.05
C LYS A 949 -39.28 35.52 56.52
N SER A 950 -39.55 34.78 57.61
CA SER A 950 -40.91 34.55 58.16
C SER A 950 -41.56 35.87 58.60
N ILE A 951 -40.80 36.77 59.23
CA ILE A 951 -41.30 38.10 59.69
C ILE A 951 -41.51 39.02 58.47
N ASN A 952 -40.70 38.86 57.42
CA ASN A 952 -40.85 39.64 56.16
C ASN A 952 -42.16 39.24 55.46
N ARG A 953 -42.53 37.96 55.48
CA ARG A 953 -43.84 37.48 54.97
C ARG A 953 -44.99 38.15 55.73
N ALA A 954 -44.83 38.37 57.03
CA ALA A 954 -45.79 39.09 57.90
C ALA A 954 -45.90 40.55 57.46
N ALA A 955 -44.77 41.16 57.06
CA ALA A 955 -44.69 42.58 56.64
C ALA A 955 -45.35 42.76 55.27
N THR A 956 -44.97 41.95 54.27
CA THR A 956 -45.41 42.10 52.85
C THR A 956 -46.95 42.03 52.73
N ALA A 957 -47.64 41.36 53.65
CA ALA A 957 -49.12 41.36 53.77
C ALA A 957 -49.61 42.76 54.16
N VAL A 958 -48.90 43.44 55.07
CA VAL A 958 -49.22 44.82 55.55
C VAL A 958 -49.19 45.79 54.36
N LEU A 959 -48.36 45.51 53.35
CA LEU A 959 -48.25 46.31 52.10
C LEU A 959 -49.40 45.94 51.14
N ARG A 960 -49.81 44.66 51.09
CA ARG A 960 -50.97 44.19 50.29
C ARG A 960 -52.26 44.85 50.76
N CYS A 961 -52.34 45.24 52.04
CA CYS A 961 -53.48 45.98 52.66
C CYS A 961 -53.81 47.23 51.83
N SER A 962 -52.80 47.96 51.36
CA SER A 962 -52.94 49.19 50.54
C SER A 962 -53.47 48.85 49.14
N LYS A 963 -53.03 47.74 48.55
CA LYS A 963 -53.37 47.33 47.16
C LYS A 963 -54.88 47.08 47.02
N HIS A 964 -55.56 46.72 48.11
CA HIS A 964 -57.04 46.51 48.15
C HIS A 964 -57.78 47.84 48.36
N LEU A 965 -57.08 48.92 48.75
CA LEU A 965 -57.69 50.25 49.09
C LEU A 965 -58.45 50.81 47.89
N TYR A 966 -57.84 50.76 46.69
CA TYR A 966 -58.41 51.20 45.38
C TYR A 966 -58.59 52.72 45.33
N ASN A 967 -58.03 53.35 44.28
CA ASN A 967 -58.05 54.82 44.03
C ASN A 967 -59.50 55.30 43.87
N TRP A 968 -59.80 56.51 44.36
CA TRP A 968 -61.10 57.23 44.16
C TRP A 968 -61.45 57.23 42.67
N ASP A 969 -60.72 58.03 41.87
CA ASP A 969 -60.87 58.24 40.40
C ASP A 969 -62.18 57.63 39.87
N GLN A 970 -62.21 56.30 39.72
CA GLN A 970 -63.36 55.53 39.19
C GLN A 970 -64.25 55.08 40.35
N ALA A 979 -55.73 50.83 39.41
CA ALA A 979 -55.48 52.01 40.29
C ALA A 979 -55.41 51.54 41.75
N THR A 980 -54.32 51.87 42.45
CA THR A 980 -53.97 51.33 43.79
C THR A 980 -53.31 52.42 44.67
N PHE A 981 -53.03 52.08 45.93
CA PHE A 981 -52.26 52.89 46.91
C PHE A 981 -50.87 52.27 47.18
N TYR A 982 -50.63 51.04 46.74
CA TYR A 982 -49.34 50.32 46.91
C TYR A 982 -48.18 51.15 46.34
N ASP A 983 -48.41 51.79 45.17
CA ASP A 983 -47.45 52.71 44.50
C ASP A 983 -47.20 53.94 45.39
N MET A 984 -48.25 54.46 46.04
CA MET A 984 -48.19 55.64 46.94
C MET A 984 -47.34 55.33 48.18
N ILE A 985 -47.44 54.10 48.72
CA ILE A 985 -46.75 53.66 49.98
C ILE A 985 -45.29 53.29 49.68
N ALA A 986 -45.02 52.60 48.56
CA ALA A 986 -43.66 52.28 48.05
C ALA A 986 -42.83 53.56 47.89
N CYS A 987 -43.48 54.66 47.50
CA CYS A 987 -42.88 55.99 47.22
C CYS A 987 -42.49 56.70 48.54
N ASP A 988 -43.35 56.63 49.57
CA ASP A 988 -43.18 57.36 50.86
C ASP A 988 -41.93 56.84 51.57
N LYS A 989 -41.03 57.75 51.95
CA LYS A 989 -39.69 57.44 52.53
C LYS A 989 -39.88 56.79 53.90
N GLU A 990 -40.68 57.40 54.78
CA GLU A 990 -40.90 56.97 56.20
C GLU A 990 -41.17 55.46 56.26
N ILE A 991 -41.93 54.92 55.30
CA ILE A 991 -42.26 53.47 55.20
C ILE A 991 -40.98 52.68 54.89
N VAL A 992 -40.19 53.16 53.93
CA VAL A 992 -38.91 52.53 53.48
C VAL A 992 -37.90 52.57 54.65
N LYS A 993 -37.87 53.67 55.40
CA LYS A 993 -36.99 53.87 56.59
C LYS A 993 -37.32 52.83 57.68
N VAL A 994 -38.61 52.57 57.92
CA VAL A 994 -39.09 51.66 59.00
C VAL A 994 -38.71 50.22 58.65
N ILE A 995 -38.69 49.84 57.36
CA ILE A 995 -38.31 48.47 56.90
C ILE A 995 -36.84 48.21 57.25
N LEU A 996 -35.97 49.23 57.20
CA LEU A 996 -34.53 49.13 57.56
C LEU A 996 -34.38 48.85 59.06
N LEU A 997 -35.20 49.51 59.90
CA LEU A 997 -35.15 49.41 61.38
C LEU A 997 -35.65 48.04 61.85
N LEU A 998 -36.49 47.36 61.06
CA LEU A 998 -36.97 45.98 61.34
C LEU A 998 -35.83 44.97 61.15
N THR A 999 -35.19 44.98 59.98
CA THR A 999 -34.01 44.13 59.65
C THR A 999 -32.84 44.47 60.58
N GLY A 1000 -32.76 45.73 61.05
CA GLY A 1000 -31.77 46.21 62.04
C GLY A 1000 -32.06 45.71 63.45
N SER A 1001 -33.34 45.53 63.80
CA SER A 1001 -33.79 45.09 65.16
C SER A 1001 -33.62 43.57 65.35
N ILE A 1002 -33.60 42.79 64.25
CA ILE A 1002 -33.41 41.30 64.30
C ILE A 1002 -31.95 41.00 64.63
N GLN A 1003 -31.01 41.72 64.01
CA GLN A 1003 -29.54 41.59 64.26
C GLN A 1003 -29.24 41.79 65.75
N GLY A 1004 -29.84 42.80 66.37
CA GLY A 1004 -29.64 43.16 67.80
C GLY A 1004 -30.06 42.03 68.73
N THR A 1005 -31.21 41.42 68.46
CA THR A 1005 -31.77 40.26 69.23
C THR A 1005 -30.91 39.01 68.99
N LYS A 1006 -30.49 38.76 67.75
CA LYS A 1006 -29.60 37.62 67.35
C LYS A 1006 -28.28 37.67 68.13
N ASN A 1007 -27.72 38.88 68.35
CA ASN A 1007 -26.39 39.08 68.98
C ASN A 1007 -26.47 38.75 70.48
N LYS A 1008 -27.59 39.06 71.14
CA LYS A 1008 -27.86 38.67 72.56
C LYS A 1008 -28.06 37.15 72.64
N VAL A 1009 -28.64 36.55 71.58
CA VAL A 1009 -28.76 35.08 71.41
C VAL A 1009 -27.36 34.49 71.19
N ASN A 1010 -26.56 35.10 70.32
CA ASN A 1010 -25.16 34.68 70.00
C ASN A 1010 -24.32 34.60 71.28
N GLU A 1011 -24.53 35.52 72.23
CA GLU A 1011 -23.74 35.60 73.50
C GLU A 1011 -23.89 34.32 74.31
N PHE A 1012 -25.12 33.91 74.63
CA PHE A 1012 -25.42 32.73 75.48
C PHE A 1012 -25.43 31.48 74.60
N LEU A 1013 -25.39 31.64 73.27
CA LEU A 1013 -24.98 30.57 72.30
C LEU A 1013 -23.47 30.36 72.37
N SER A 1014 -22.70 31.42 72.10
CA SER A 1014 -21.20 31.42 72.15
C SER A 1014 -20.72 31.02 73.55
N GLY A 1015 -21.43 31.46 74.59
CA GLY A 1015 -21.26 30.99 75.98
C GLY A 1015 -21.52 29.50 76.10
N PHE A 1016 -22.53 28.98 75.39
CA PHE A 1016 -22.90 27.55 75.41
C PHE A 1016 -21.81 26.71 74.76
N THR A 1017 -21.32 27.12 73.59
CA THR A 1017 -20.34 26.35 72.77
C THR A 1017 -19.05 26.07 73.57
N LYS A 1018 -18.64 27.00 74.45
CA LYS A 1018 -17.31 27.00 75.13
C LYS A 1018 -17.20 25.81 76.10
N PHE A 1019 -18.22 25.52 76.91
CA PHE A 1019 -18.21 24.41 77.90
C PHE A 1019 -18.33 23.08 77.15
N GLU A 1020 -18.95 23.09 75.96
CA GLU A 1020 -19.17 21.90 75.08
C GLU A 1020 -17.99 21.71 74.12
N TRP A 1021 -17.06 22.67 74.03
CA TRP A 1021 -15.92 22.66 73.07
C TRP A 1021 -14.91 21.56 73.42
N LEU A 1022 -14.75 21.23 74.71
CA LEU A 1022 -13.80 20.20 75.21
C LEU A 1022 -14.09 18.87 74.51
N CYS A 1023 -15.35 18.44 74.50
CA CYS A 1023 -15.85 17.29 73.68
C CYS A 1023 -16.04 17.78 72.25
N LYS A 1024 -14.93 17.93 71.52
CA LYS A 1024 -14.91 18.23 70.06
C LYS A 1024 -15.33 16.97 69.31
N GLU A 1025 -15.88 17.13 68.11
CA GLU A 1025 -16.42 16.01 67.28
C GLU A 1025 -15.33 14.98 67.00
N SER A 1026 -15.67 13.69 67.12
CA SER A 1026 -14.85 12.48 66.82
C SER A 1026 -14.13 12.00 68.09
N ILE A 1027 -14.18 10.69 68.33
CA ILE A 1027 -13.53 9.97 69.48
C ILE A 1027 -12.06 9.66 69.11
N GLN A 1028 -11.68 9.85 67.85
CA GLN A 1028 -10.26 9.82 67.36
C GLN A 1028 -9.34 10.51 68.39
N GLU A 1029 -9.80 11.62 68.97
CA GLU A 1029 -9.15 12.35 70.09
C GLU A 1029 -8.88 11.40 71.26
N SER A 1030 -9.95 10.75 71.76
CA SER A 1030 -9.95 9.85 72.94
C SER A 1030 -9.06 8.61 72.70
N ILE A 1031 -8.92 8.16 71.45
CA ILE A 1031 -8.08 6.98 71.08
C ILE A 1031 -6.61 7.36 71.24
N LYS A 1032 -6.22 8.57 70.81
CA LYS A 1032 -4.85 9.13 70.96
C LYS A 1032 -4.57 9.40 72.45
N LYS A 1033 -5.52 10.04 73.14
CA LYS A 1033 -5.47 10.36 74.59
C LYS A 1033 -5.44 9.07 75.44
N PHE A 1034 -5.98 7.97 74.91
CA PHE A 1034 -6.00 6.62 75.55
C PHE A 1034 -4.57 6.09 75.80
N SER A 1035 -3.61 6.45 74.93
CA SER A 1035 -2.19 6.02 75.00
C SER A 1035 -1.35 7.01 75.82
N LYS A 1036 -1.77 8.28 75.91
CA LYS A 1036 -1.09 9.34 76.69
C LYS A 1036 -1.22 9.02 78.18
N ASN A 1037 -2.44 8.70 78.62
CA ASN A 1037 -2.77 8.24 79.99
C ASN A 1037 -1.88 7.04 80.34
N GLY A 1038 -1.89 6.01 79.49
CA GLY A 1038 -1.05 4.81 79.59
C GLY A 1038 -1.31 4.02 80.87
N PRO A 1039 -0.30 3.85 81.76
CA PRO A 1039 -0.46 3.02 82.95
C PRO A 1039 -1.22 3.65 84.11
N THR A 1040 -0.99 4.95 84.37
CA THR A 1040 -1.44 5.70 85.58
C THR A 1040 -2.94 5.49 85.83
N LEU A 1041 -3.29 4.83 86.94
CA LEU A 1041 -4.69 4.63 87.42
C LEU A 1041 -5.31 5.99 87.73
N GLN A 1042 -4.65 6.76 88.59
CA GLN A 1042 -5.06 8.13 89.03
C GLN A 1042 -5.39 9.00 87.80
N ASN A 1043 -4.67 8.82 86.69
CA ASN A 1043 -4.89 9.54 85.40
C ASN A 1043 -6.25 9.12 84.82
N TYR A 1044 -6.50 7.82 84.68
CA TYR A 1044 -7.81 7.26 84.22
C TYR A 1044 -8.93 7.79 85.13
N GLU A 1045 -8.79 7.57 86.45
CA GLU A 1045 -9.68 8.10 87.52
C GLU A 1045 -9.92 9.59 87.31
N ASP A 1046 -8.85 10.37 87.15
CA ASP A 1046 -8.89 11.85 86.98
C ASP A 1046 -9.74 12.19 85.75
N GLN A 1047 -9.48 11.56 84.61
CA GLN A 1047 -10.17 11.86 83.33
C GLN A 1047 -11.65 11.49 83.48
N LEU A 1048 -11.94 10.33 84.06
CA LEU A 1048 -13.33 9.90 84.39
C LEU A 1048 -13.98 10.89 85.36
N LYS A 1049 -13.22 11.36 86.37
CA LYS A 1049 -13.69 12.40 87.34
C LYS A 1049 -14.05 13.67 86.57
N LYS A 1050 -13.26 14.05 85.57
CA LYS A 1050 -13.55 15.21 84.67
C LYS A 1050 -14.91 15.00 83.98
N PHE A 1051 -15.22 13.77 83.56
CA PHE A 1051 -16.45 13.45 82.81
C PHE A 1051 -17.65 13.32 83.77
N SER A 1052 -17.42 12.98 85.04
CA SER A 1052 -18.43 13.13 86.11
C SER A 1052 -18.81 14.60 86.26
N GLN A 1053 -17.82 15.50 86.21
CA GLN A 1053 -18.00 16.98 86.32
C GLN A 1053 -18.75 17.50 85.09
N ILE A 1054 -18.34 17.10 83.89
CA ILE A 1054 -19.00 17.50 82.61
C ILE A 1054 -20.45 16.97 82.62
N GLU A 1055 -20.66 15.75 83.12
CA GLU A 1055 -22.01 15.18 83.39
C GLU A 1055 -22.77 16.10 84.36
N GLU A 1056 -22.08 16.64 85.38
CA GLU A 1056 -22.65 17.62 86.36
C GLU A 1056 -22.87 18.97 85.69
N GLU A 1057 -22.13 19.31 84.63
CA GLU A 1057 -22.38 20.53 83.81
C GLU A 1057 -23.69 20.36 83.02
N ILE A 1058 -23.98 19.14 82.53
CA ILE A 1058 -25.21 18.75 81.77
C ILE A 1058 -26.37 18.50 82.75
N GLU A 1059 -26.06 18.16 84.01
CA GLU A 1059 -27.03 18.07 85.13
C GLU A 1059 -27.56 19.47 85.44
N LYS A 1060 -26.66 20.43 85.67
CA LYS A 1060 -26.94 21.79 86.22
C LYS A 1060 -27.23 22.79 85.10
N ILE A 1061 -26.83 22.51 83.85
CA ILE A 1061 -27.14 23.34 82.64
C ILE A 1061 -28.60 23.82 82.74
N VAL A 1062 -28.80 25.13 82.54
CA VAL A 1062 -30.12 25.81 82.59
C VAL A 1062 -30.97 25.31 81.42
N PRO A 1063 -32.25 24.92 81.64
CA PRO A 1063 -33.09 24.38 80.56
C PRO A 1063 -33.62 25.42 79.56
N THR A 1064 -33.56 26.71 79.90
CA THR A 1064 -33.92 27.86 79.01
C THR A 1064 -33.34 29.16 79.56
N TYR A 1065 -32.65 29.94 78.72
CA TYR A 1065 -32.22 31.34 79.01
C TYR A 1065 -33.01 32.29 78.10
N LYS A 1066 -32.95 33.58 78.39
CA LYS A 1066 -33.76 34.64 77.72
C LYS A 1066 -32.94 35.93 77.60
N ILE A 1067 -33.33 36.78 76.65
CA ILE A 1067 -32.77 38.15 76.44
C ILE A 1067 -33.94 39.15 76.43
N GLY A 1068 -33.74 40.37 75.91
CA GLY A 1068 -34.74 41.46 75.90
C GLY A 1068 -36.06 41.06 75.23
N ALA A 1069 -35.99 40.40 74.07
CA ALA A 1069 -37.17 40.05 73.24
C ALA A 1069 -37.04 38.66 72.58
N MET A 1070 -36.31 37.72 73.19
CA MET A 1070 -36.17 36.32 72.70
C MET A 1070 -35.97 35.35 73.86
N GLU A 1071 -36.52 34.14 73.72
CA GLU A 1071 -36.24 32.93 74.56
C GLU A 1071 -35.55 31.88 73.67
N LEU A 1072 -34.56 31.16 74.20
CA LEU A 1072 -33.96 29.98 73.50
C LEU A 1072 -34.21 28.72 74.33
N MET A 1073 -34.58 27.62 73.65
CA MET A 1073 -34.76 26.27 74.24
C MET A 1073 -33.43 25.52 74.17
N THR A 1074 -32.85 25.20 75.33
CA THR A 1074 -31.51 24.57 75.49
C THR A 1074 -31.68 23.05 75.49
N HIS A 1075 -32.61 22.54 76.30
CA HIS A 1075 -33.04 21.12 76.39
C HIS A 1075 -32.84 20.42 75.04
N ASN A 1076 -33.41 21.00 73.98
CA ASN A 1076 -33.42 20.47 72.59
C ASN A 1076 -31.99 20.07 72.18
N ILE A 1077 -31.02 20.96 72.37
CA ILE A 1077 -29.56 20.71 72.16
C ILE A 1077 -29.01 19.93 73.35
N CYS A 1078 -29.13 20.52 74.54
CA CYS A 1078 -28.62 20.05 75.85
C CYS A 1078 -28.82 18.54 76.02
N THR A 1079 -30.00 18.03 75.69
CA THR A 1079 -30.40 16.59 75.78
C THR A 1079 -29.46 15.74 74.92
N SER A 1080 -29.14 16.21 73.70
CA SER A 1080 -28.26 15.51 72.71
C SER A 1080 -26.85 15.32 73.29
N LEU A 1081 -26.34 16.31 74.03
CA LEU A 1081 -24.94 16.37 74.53
C LEU A 1081 -24.72 15.35 75.66
N SER A 1082 -25.75 15.05 76.45
CA SER A 1082 -25.74 14.03 77.53
C SER A 1082 -25.34 12.65 76.95
N THR A 1083 -26.04 12.23 75.89
CA THR A 1083 -25.93 10.91 75.22
C THR A 1083 -24.65 10.81 74.36
N TRP A 1084 -23.86 11.90 74.26
CA TRP A 1084 -22.65 11.98 73.40
C TRP A 1084 -21.37 12.11 74.25
N ALA A 1085 -21.41 12.90 75.33
CA ALA A 1085 -20.39 12.93 76.39
C ALA A 1085 -20.49 11.69 77.30
N LYS A 1086 -21.64 10.98 77.33
CA LYS A 1086 -21.76 9.63 77.93
C LYS A 1086 -20.94 8.63 77.10
N GLU A 1087 -21.17 8.60 75.78
CA GLU A 1087 -20.42 7.81 74.76
C GLU A 1087 -18.91 8.01 74.93
N TRP A 1088 -18.48 9.22 75.29
CA TRP A 1088 -17.07 9.55 75.62
C TRP A 1088 -16.58 8.76 76.84
N LYS A 1089 -17.24 8.93 77.99
CA LYS A 1089 -16.82 8.24 79.24
C LYS A 1089 -16.88 6.73 78.99
N LEU A 1090 -17.94 6.24 78.31
CA LEU A 1090 -18.09 4.82 77.88
C LEU A 1090 -16.85 4.37 77.11
N GLN A 1091 -16.26 5.24 76.30
CA GLN A 1091 -15.01 4.92 75.54
C GLN A 1091 -13.83 4.80 76.51
N TYR A 1092 -13.61 5.78 77.39
CA TYR A 1092 -12.48 5.79 78.37
C TYR A 1092 -12.62 4.60 79.33
N SER A 1093 -13.84 4.27 79.72
CA SER A 1093 -14.18 3.10 80.56
C SER A 1093 -13.97 1.78 79.78
N GLN A 1094 -14.05 1.82 78.44
CA GLN A 1094 -13.78 0.68 77.52
C GLN A 1094 -12.36 0.74 76.93
N ASP A 1095 -11.57 1.76 77.31
CA ASP A 1095 -10.08 1.77 77.16
C ASP A 1095 -9.45 1.18 78.44
N LEU A 1096 -10.06 1.46 79.59
CA LEU A 1096 -9.75 0.85 80.92
C LEU A 1096 -10.16 -0.63 80.91
N HIS A 1097 -11.45 -0.91 80.65
CA HIS A 1097 -12.04 -2.28 80.72
C HIS A 1097 -11.08 -3.30 80.09
N LYS A 1098 -10.53 -2.99 78.92
CA LYS A 1098 -9.60 -3.90 78.18
C LYS A 1098 -8.26 -3.97 78.91
N ARG A 1099 -7.82 -2.87 79.54
CA ARG A 1099 -6.56 -2.83 80.34
C ARG A 1099 -6.74 -3.69 81.58
N ALA A 1100 -7.80 -3.43 82.36
CA ALA A 1100 -8.14 -4.14 83.62
C ALA A 1100 -8.23 -5.65 83.36
N ARG A 1101 -8.80 -6.05 82.22
CA ARG A 1101 -9.05 -7.48 81.92
C ARG A 1101 -7.72 -8.16 81.54
N GLN A 1102 -6.77 -7.42 80.96
CA GLN A 1102 -5.44 -7.97 80.56
C GLN A 1102 -4.54 -8.20 81.79
N LEU A 1103 -4.81 -7.53 82.92
CA LEU A 1103 -4.06 -7.75 84.19
C LEU A 1103 -4.54 -9.06 84.84
N LEU A 1104 -5.86 -9.18 85.09
CA LEU A 1104 -6.48 -10.42 85.66
C LEU A 1104 -5.94 -11.65 84.92
N ASP A 1105 -6.05 -11.64 83.59
CA ASP A 1105 -5.56 -12.73 82.70
C ASP A 1105 -4.10 -13.04 83.05
N SER A 1106 -3.27 -12.00 83.20
CA SER A 1106 -1.83 -12.11 83.58
C SER A 1106 -1.72 -12.65 85.01
N LEU A 1107 -2.66 -12.28 85.89
CA LEU A 1107 -2.67 -12.73 87.31
C LEU A 1107 -3.39 -14.09 87.45
N THR A 1108 -4.28 -14.47 86.54
CA THR A 1108 -4.90 -15.82 86.57
C THR A 1108 -3.88 -16.86 86.08
N GLU A 1109 -3.12 -16.52 85.04
CA GLU A 1109 -2.07 -17.40 84.42
C GLU A 1109 -0.91 -17.57 85.42
N GLN A 1110 -0.20 -16.48 85.73
CA GLN A 1110 0.90 -16.46 86.73
C GLN A 1110 0.59 -17.45 87.86
N THR A 1111 -0.62 -17.40 88.45
CA THR A 1111 -1.06 -18.30 89.56
C THR A 1111 -1.23 -19.73 89.04
N LYS A 1112 -1.75 -19.90 87.82
CA LYS A 1112 -1.85 -21.22 87.12
C LYS A 1112 -0.43 -21.76 86.86
N MET A 1113 0.44 -20.94 86.23
CA MET A 1113 1.83 -21.28 85.84
C MET A 1113 2.60 -21.88 87.02
N LEU A 1114 2.43 -21.32 88.23
CA LEU A 1114 3.11 -21.78 89.47
C LEU A 1114 2.46 -23.08 89.97
N SER A 1115 1.14 -23.23 89.85
CA SER A 1115 0.35 -24.42 90.28
C SER A 1115 0.71 -25.66 89.45
N THR A 1116 1.17 -25.50 88.21
CA THR A 1116 1.57 -26.61 87.30
C THR A 1116 2.87 -27.26 87.79
N LYS A 1117 3.86 -26.45 88.19
CA LYS A 1117 5.17 -26.90 88.75
C LYS A 1117 4.93 -27.77 90.00
N LEU A 1118 3.90 -27.43 90.79
CA LEU A 1118 3.47 -28.19 91.99
C LEU A 1118 2.76 -29.49 91.54
N SER A 1119 1.95 -29.42 90.48
CA SER A 1119 1.18 -30.56 89.93
C SER A 1119 2.11 -31.64 89.34
N LYS A 1120 3.30 -31.24 88.85
CA LYS A 1120 4.35 -32.17 88.33
C LYS A 1120 4.77 -33.10 89.47
N PRO A 1121 4.97 -34.42 89.23
CA PRO A 1121 5.44 -35.34 90.27
C PRO A 1121 6.80 -34.92 90.84
N VAL A 1122 7.76 -34.62 89.96
CA VAL A 1122 9.14 -34.17 90.31
C VAL A 1122 9.82 -35.30 91.11
N LYS A 1123 9.95 -36.47 90.47
CA LYS A 1123 10.62 -37.68 91.01
C LYS A 1123 12.12 -37.62 90.68
N ASP A 1124 12.46 -37.24 89.45
CA ASP A 1124 13.85 -37.12 88.92
C ASP A 1124 14.59 -35.99 89.64
N ILE A 1125 15.92 -36.09 89.73
CA ILE A 1125 16.83 -35.08 90.34
C ILE A 1125 16.67 -33.75 89.58
N ASP A 1126 16.90 -33.76 88.26
CA ASP A 1126 16.95 -32.57 87.39
C ASP A 1126 15.64 -31.76 87.49
N SER A 1127 14.52 -32.45 87.72
CA SER A 1127 13.16 -31.84 87.88
C SER A 1127 13.10 -30.98 89.15
N LEU A 1128 13.63 -31.45 90.28
CA LEU A 1128 13.65 -30.70 91.58
C LEU A 1128 14.33 -29.34 91.40
N GLY A 1129 15.49 -29.32 90.73
CA GLY A 1129 16.29 -28.11 90.44
C GLY A 1129 15.53 -27.06 89.65
N TYR A 1130 14.59 -27.48 88.80
CA TYR A 1130 13.69 -26.59 88.00
C TYR A 1130 12.68 -25.92 88.92
N VAL A 1131 11.86 -26.72 89.60
CA VAL A 1131 10.69 -26.27 90.43
C VAL A 1131 11.17 -25.75 91.79
N MET A 1132 12.44 -25.98 92.17
CA MET A 1132 13.04 -25.34 93.37
C MET A 1132 13.08 -23.81 93.18
N GLU A 1133 13.49 -23.36 91.99
CA GLU A 1133 13.60 -21.92 91.64
C GLU A 1133 12.23 -21.26 91.62
N THR A 1134 11.16 -22.05 91.44
CA THR A 1134 9.76 -21.55 91.33
C THR A 1134 9.17 -21.31 92.72
N LEU A 1135 9.49 -22.15 93.72
CA LEU A 1135 9.11 -21.90 95.14
C LEU A 1135 9.72 -20.57 95.59
N GLU A 1136 10.99 -20.31 95.22
CA GLU A 1136 11.67 -19.02 95.46
C GLU A 1136 10.98 -17.92 94.66
N GLN A 1137 10.52 -18.24 93.44
CA GLN A 1137 9.71 -17.31 92.61
C GLN A 1137 8.37 -17.06 93.31
N ILE A 1138 7.72 -18.10 93.84
CA ILE A 1138 6.42 -17.98 94.55
C ILE A 1138 6.54 -16.93 95.66
N ARG A 1139 7.60 -17.04 96.48
CA ARG A 1139 7.91 -16.12 97.61
C ARG A 1139 8.00 -14.68 97.10
N LYS A 1140 8.92 -14.44 96.16
CA LYS A 1140 9.12 -13.09 95.55
C LYS A 1140 7.76 -12.57 95.08
N GLU A 1141 7.03 -13.37 94.30
CA GLU A 1141 5.64 -13.04 93.89
C GLU A 1141 4.86 -12.64 95.15
N GLN A 1142 4.85 -13.49 96.18
CA GLN A 1142 4.12 -13.29 97.46
C GLN A 1142 4.34 -11.86 98.00
N ALA A 1143 5.58 -11.37 97.93
CA ALA A 1143 5.94 -10.00 98.36
C ALA A 1143 5.41 -8.98 97.35
N GLU A 1144 5.89 -9.06 96.09
CA GLU A 1144 5.57 -8.12 94.97
C GLU A 1144 4.06 -8.11 94.69
N ILE A 1145 3.41 -9.27 94.71
CA ILE A 1145 2.02 -9.47 94.24
C ILE A 1145 1.05 -8.74 95.17
N ASP A 1146 1.33 -8.71 96.48
CA ASP A 1146 0.45 -8.06 97.49
C ASP A 1146 0.46 -6.55 97.24
N MET A 1147 1.53 -6.02 96.65
CA MET A 1147 1.62 -4.63 96.13
C MET A 1147 0.86 -4.53 94.81
N LYS A 1148 1.18 -5.40 93.85
CA LYS A 1148 0.62 -5.43 92.45
C LYS A 1148 -0.90 -5.65 92.49
N PHE A 1149 -1.40 -6.41 93.47
CA PHE A 1149 -2.84 -6.71 93.66
C PHE A 1149 -3.64 -5.43 93.92
N ASN A 1150 -3.21 -4.61 94.87
CA ASN A 1150 -3.95 -3.43 95.40
C ASN A 1150 -4.45 -2.53 94.26
N PRO A 1151 -3.61 -2.18 93.25
CA PRO A 1151 -4.09 -1.52 92.03
C PRO A 1151 -5.21 -2.23 91.26
N VAL A 1152 -5.13 -3.56 91.11
CA VAL A 1152 -6.11 -4.36 90.28
C VAL A 1152 -7.48 -4.41 90.97
N GLN A 1153 -7.51 -4.51 92.30
CA GLN A 1153 -8.73 -4.58 93.14
C GLN A 1153 -9.54 -3.28 93.00
N GLU A 1154 -8.85 -2.13 93.02
CA GLU A 1154 -9.45 -0.78 92.87
C GLU A 1154 -9.83 -0.55 91.40
N MET A 1155 -8.96 -0.95 90.47
CA MET A 1155 -9.15 -0.80 88.99
C MET A 1155 -10.48 -1.42 88.57
N TYR A 1156 -10.72 -2.66 88.98
CA TYR A 1156 -11.96 -3.41 88.67
C TYR A 1156 -13.15 -2.79 89.43
N SER A 1157 -12.94 -2.30 90.65
CA SER A 1157 -14.00 -1.56 91.41
C SER A 1157 -14.35 -0.31 90.62
N LEU A 1158 -13.45 0.68 90.58
CA LEU A 1158 -13.64 1.99 89.91
C LEU A 1158 -14.48 1.79 88.65
N LEU A 1159 -14.11 0.80 87.84
CA LEU A 1159 -14.80 0.41 86.58
C LEU A 1159 -16.28 0.20 86.88
N ASP A 1160 -16.60 -0.75 87.78
CA ASP A 1160 -17.99 -1.19 88.08
C ASP A 1160 -18.91 0.02 88.27
N ASN A 1161 -18.42 1.03 89.00
CA ASN A 1161 -19.16 2.30 89.31
C ASN A 1161 -19.40 3.11 88.03
N TYR A 1162 -18.47 3.06 87.06
CA TYR A 1162 -18.44 3.95 85.86
C TYR A 1162 -18.91 3.24 84.58
N LEU A 1163 -19.15 1.92 84.59
CA LEU A 1163 -19.68 1.17 83.42
C LEU A 1163 -21.09 0.69 83.69
N PRO A 1164 -22.10 1.13 82.91
CA PRO A 1164 -23.43 0.50 82.96
C PRO A 1164 -23.45 -0.96 82.49
N GLY A 1165 -22.32 -1.47 81.97
CA GLY A 1165 -22.14 -2.92 81.75
C GLY A 1165 -21.89 -3.68 83.04
N GLY A 1166 -22.57 -4.82 83.22
CA GLY A 1166 -22.27 -5.81 84.28
C GLY A 1166 -21.21 -6.79 83.80
N ILE A 1167 -19.93 -6.43 84.00
CA ILE A 1167 -18.69 -7.09 83.47
C ILE A 1167 -18.86 -8.62 83.31
N THR A 1168 -18.61 -9.11 82.09
CA THR A 1168 -18.81 -10.50 81.61
C THR A 1168 -19.82 -11.26 82.50
N ASP A 1169 -21.07 -10.77 82.57
CA ASP A 1169 -22.20 -11.45 83.26
C ASP A 1169 -21.81 -11.73 84.72
N LYS A 1170 -21.60 -13.01 85.08
CA LYS A 1170 -21.03 -13.47 86.39
C LYS A 1170 -19.77 -14.32 86.16
N ASP A 1171 -19.43 -14.68 84.91
CA ASP A 1171 -18.30 -15.57 84.53
C ASP A 1171 -16.98 -15.00 85.03
N GLU A 1172 -16.78 -13.68 84.85
CA GLU A 1172 -15.56 -12.96 85.27
C GLU A 1172 -15.58 -12.70 86.79
N MET A 1173 -16.74 -12.38 87.36
CA MET A 1173 -16.91 -12.18 88.83
C MET A 1173 -16.49 -13.47 89.56
N ASP A 1174 -16.90 -14.63 89.03
CA ASP A 1174 -16.52 -15.99 89.53
C ASP A 1174 -15.01 -16.20 89.36
N ALA A 1175 -14.46 -15.85 88.19
CA ALA A 1175 -13.03 -16.01 87.83
C ALA A 1175 -12.13 -15.17 88.75
N ARG A 1176 -12.62 -14.01 89.21
CA ARG A 1176 -11.88 -13.08 90.12
C ARG A 1176 -11.89 -13.65 91.55
N SER A 1177 -13.02 -14.18 92.00
CA SER A 1177 -13.18 -14.81 93.35
C SER A 1177 -12.40 -16.14 93.40
N LEU A 1178 -12.39 -16.90 92.29
CA LEU A 1178 -11.61 -18.15 92.13
C LEU A 1178 -10.10 -17.84 92.20
N LEU A 1179 -9.66 -16.74 91.58
CA LEU A 1179 -8.24 -16.30 91.56
C LEU A 1179 -7.73 -16.09 92.99
N ARG A 1180 -8.48 -15.33 93.79
CA ARG A 1180 -8.09 -14.96 95.19
C ARG A 1180 -8.09 -16.21 96.07
N ARG A 1181 -9.04 -17.12 95.87
CA ARG A 1181 -9.11 -18.45 96.51
C ARG A 1181 -7.90 -19.30 96.07
N ASN A 1182 -7.63 -19.32 94.74
CA ASN A 1182 -6.51 -20.08 94.11
C ASN A 1182 -5.16 -19.59 94.66
N TRP A 1183 -5.02 -18.28 94.93
CA TRP A 1183 -3.80 -17.71 95.55
C TRP A 1183 -3.64 -18.23 97.00
N ASP A 1184 -4.72 -18.18 97.79
CA ASP A 1184 -4.72 -18.62 99.22
C ASP A 1184 -4.42 -20.12 99.29
N ILE A 1185 -5.00 -20.92 98.38
CA ILE A 1185 -4.74 -22.38 98.22
C ILE A 1185 -3.27 -22.61 97.87
N LEU A 1186 -2.70 -21.80 96.97
CA LEU A 1186 -1.29 -21.90 96.50
C LEU A 1186 -0.33 -21.72 97.67
N ILE A 1187 -0.56 -20.72 98.55
CA ILE A 1187 0.28 -20.45 99.75
C ILE A 1187 0.24 -21.68 100.66
N GLN A 1188 -0.97 -22.21 100.93
CA GLN A 1188 -1.18 -23.43 101.75
C GLN A 1188 -0.48 -24.63 101.09
N GLN A 1189 -0.62 -24.77 99.77
CA GLN A 1189 0.00 -25.85 98.96
C GLN A 1189 1.53 -25.75 99.02
N ALA A 1190 2.08 -24.53 99.00
CA ALA A 1190 3.53 -24.23 99.04
C ALA A 1190 4.13 -24.59 100.40
N GLU A 1191 3.37 -24.43 101.49
CA GLU A 1191 3.76 -24.84 102.87
C GLU A 1191 3.80 -26.37 102.95
N ILE A 1192 2.78 -27.05 102.40
CA ILE A 1192 2.67 -28.54 102.34
C ILE A 1192 3.81 -29.07 101.44
N LYS A 1193 4.07 -28.41 100.32
CA LYS A 1193 5.15 -28.77 99.35
C LYS A 1193 6.52 -28.64 100.04
N GLY A 1194 6.74 -27.55 100.79
CA GLY A 1194 7.97 -27.32 101.57
C GLY A 1194 8.29 -28.49 102.48
N LYS A 1195 7.28 -29.08 103.14
CA LYS A 1195 7.41 -30.27 104.02
C LYS A 1195 7.70 -31.51 103.16
N GLU A 1196 6.92 -31.72 102.09
CA GLU A 1196 7.11 -32.80 101.08
C GLU A 1196 8.52 -32.71 100.49
N TYR A 1197 9.00 -31.49 100.22
CA TYR A 1197 10.34 -31.20 99.65
C TYR A 1197 11.44 -31.68 100.60
N GLN A 1198 11.31 -31.46 101.91
CA GLN A 1198 12.30 -31.85 102.94
C GLN A 1198 12.42 -33.38 103.02
N HIS A 1199 11.31 -34.11 102.83
CA HIS A 1199 11.27 -35.60 102.75
C HIS A 1199 11.82 -36.06 101.40
N LYS A 1200 11.45 -35.37 100.31
CA LYS A 1200 12.02 -35.56 98.94
C LYS A 1200 13.52 -35.30 98.95
N GLN A 1201 14.00 -34.36 99.78
CA GLN A 1201 15.43 -33.93 99.83
C GLN A 1201 16.28 -34.95 100.59
N ALA A 1202 15.73 -35.64 101.59
CA ALA A 1202 16.36 -36.78 102.29
C ALA A 1202 16.53 -37.96 101.32
N ILE A 1203 15.60 -38.10 100.36
CA ILE A 1203 15.69 -39.06 99.21
C ILE A 1203 16.70 -38.48 98.21
N TYR A 1204 16.57 -37.19 97.87
CA TYR A 1204 17.44 -36.42 96.93
C TYR A 1204 18.89 -36.45 97.41
N LEU A 1205 19.13 -36.52 98.73
CA LEU A 1205 20.48 -36.67 99.35
C LEU A 1205 21.10 -37.99 98.87
N LYS A 1206 20.34 -39.09 98.97
CA LYS A 1206 20.76 -40.43 98.46
C LYS A 1206 20.93 -40.37 96.94
N GLU A 1207 20.03 -39.68 96.24
CA GLU A 1207 20.05 -39.45 94.77
C GLU A 1207 21.27 -38.60 94.39
N LEU A 1208 21.62 -37.61 95.23
CA LEU A 1208 22.78 -36.67 95.03
C LEU A 1208 24.09 -37.46 95.08
N LYS A 1209 24.25 -38.33 96.09
CA LYS A 1209 25.45 -39.20 96.28
C LYS A 1209 25.66 -40.08 95.04
N GLN A 1210 24.57 -40.58 94.45
CA GLN A 1210 24.58 -41.36 93.18
C GLN A 1210 24.93 -40.43 92.01
N SER A 1211 24.35 -39.23 91.98
CA SER A 1211 24.53 -38.20 90.91
C SER A 1211 25.99 -37.75 90.86
N ILE A 1212 26.58 -37.37 92.01
CA ILE A 1212 27.99 -36.90 92.16
C ILE A 1212 28.94 -37.98 91.62
N LYS A 1213 28.66 -39.27 91.88
CA LYS A 1213 29.52 -40.40 91.44
C LYS A 1213 29.35 -40.63 89.92
N ASP A 1214 28.10 -40.55 89.42
CA ASP A 1214 27.80 -40.55 87.96
C ASP A 1214 28.45 -39.34 87.30
N PHE A 1215 28.53 -38.21 88.02
CA PHE A 1215 29.05 -36.91 87.53
C PHE A 1215 30.57 -36.98 87.32
N THR A 1216 31.30 -37.50 88.32
CA THR A 1216 32.78 -37.68 88.29
C THR A 1216 33.18 -38.63 87.16
N ASN A 1217 32.31 -39.60 86.83
CA ASN A 1217 32.49 -40.55 85.70
C ASN A 1217 32.28 -39.83 84.36
N GLN A 1218 31.29 -38.94 84.28
CA GLN A 1218 30.95 -38.13 83.07
C GLN A 1218 32.10 -37.17 82.74
N VAL A 1219 32.73 -36.57 83.76
CA VAL A 1219 33.86 -35.61 83.62
C VAL A 1219 35.10 -36.35 83.08
N SER A 1220 35.34 -37.58 83.57
CA SER A 1220 36.48 -38.45 83.15
C SER A 1220 36.28 -38.94 81.71
N ILE A 1221 35.04 -39.24 81.31
CA ILE A 1221 34.65 -39.65 79.93
C ILE A 1221 34.78 -38.45 78.98
N PHE A 1222 34.45 -37.25 79.46
CA PHE A 1222 34.54 -35.96 78.71
C PHE A 1222 36.02 -35.60 78.44
N ARG A 1223 36.88 -35.80 79.44
CA ARG A 1223 38.35 -35.55 79.36
C ARG A 1223 38.99 -36.54 78.38
N ARG A 1224 38.51 -37.79 78.35
CA ARG A 1224 38.97 -38.87 77.44
C ARG A 1224 38.56 -38.56 75.99
N ASP A 1225 37.35 -38.00 75.80
CA ASP A 1225 36.78 -37.64 74.47
C ASP A 1225 37.57 -36.47 73.87
N TYR A 1226 37.90 -35.45 74.68
CA TYR A 1226 38.71 -34.27 74.29
C TYR A 1226 40.13 -34.70 73.90
N GLU A 1227 40.66 -35.73 74.58
CA GLU A 1227 41.97 -36.38 74.27
C GLU A 1227 41.88 -37.11 72.92
N LYS A 1228 40.77 -37.82 72.67
CA LYS A 1228 40.49 -38.59 71.42
C LYS A 1228 40.45 -37.64 70.22
N ASN A 1229 39.75 -36.50 70.36
CA ASN A 1229 39.62 -35.44 69.32
C ASN A 1229 41.00 -34.82 69.04
N GLY A 1230 41.76 -34.52 70.10
CA GLY A 1230 43.13 -33.97 70.02
C GLY A 1230 44.10 -34.95 69.35
N PRO A 1231 43.82 -36.27 69.41
CA PRO A 1231 44.68 -37.27 68.74
C PRO A 1231 44.49 -37.26 67.22
N MET A 1232 35.87 -29.68 61.30
CA MET A 1232 35.47 -31.03 60.79
C MET A 1232 34.27 -31.56 61.57
N GLU A 1243 33.79 -32.75 61.23
CA GLU A 1243 32.66 -33.46 61.90
C GLU A 1243 33.09 -33.89 63.31
N ARG A 1244 34.34 -34.35 63.46
CA ARG A 1244 34.93 -34.83 64.75
C ARG A 1244 35.05 -33.67 65.75
N LEU A 1245 35.47 -32.49 65.29
CA LEU A 1245 35.61 -31.25 66.11
C LEU A 1245 34.22 -30.73 66.50
N ARG A 1246 33.25 -30.78 65.58
CA ARG A 1246 31.83 -30.41 65.81
C ARG A 1246 31.19 -31.40 66.79
N ARG A 1247 31.44 -32.70 66.59
CA ARG A 1247 30.99 -33.80 67.49
C ARG A 1247 31.72 -33.71 68.83
N PHE A 1248 32.98 -33.27 68.83
CA PHE A 1248 33.82 -33.03 70.04
C PHE A 1248 33.23 -31.87 70.86
N GLU A 1249 32.88 -30.78 70.17
CA GLU A 1249 32.27 -29.56 70.79
C GLU A 1249 30.84 -29.86 71.27
N ASP A 1250 30.10 -30.68 70.52
CA ASP A 1250 28.69 -31.07 70.82
C ASP A 1250 28.66 -32.01 72.04
N GLU A 1251 29.57 -32.99 72.09
CA GLU A 1251 29.70 -33.96 73.20
C GLU A 1251 30.06 -33.25 74.51
N TYR A 1252 30.96 -32.24 74.43
CA TYR A 1252 31.39 -31.38 75.56
C TYR A 1252 30.26 -30.45 76.00
N ASP A 1253 29.48 -29.93 75.04
CA ASP A 1253 28.28 -29.08 75.27
C ASP A 1253 27.20 -29.89 76.00
N VAL A 1254 27.08 -31.19 75.70
CA VAL A 1254 26.10 -32.13 76.34
C VAL A 1254 26.50 -32.35 77.81
N LYS A 1255 27.80 -32.56 78.08
CA LYS A 1255 28.38 -32.73 79.44
C LYS A 1255 28.27 -31.42 80.24
N TYR A 1256 28.41 -30.27 79.56
CA TYR A 1256 28.34 -28.90 80.14
C TYR A 1256 26.92 -28.61 80.66
N GLN A 1257 25.88 -29.09 79.96
CA GLN A 1257 24.45 -28.88 80.34
C GLN A 1257 24.14 -29.70 81.60
N MET A 1258 24.59 -30.96 81.65
CA MET A 1258 24.49 -31.86 82.83
C MET A 1258 25.22 -31.25 84.04
N TYR A 1259 26.30 -30.49 83.79
CA TYR A 1259 27.10 -29.77 84.81
C TYR A 1259 26.25 -28.68 85.48
N LYS A 1260 25.54 -27.87 84.67
CA LYS A 1260 24.60 -26.83 85.16
C LYS A 1260 23.53 -27.47 86.05
N ILE A 1261 22.99 -28.63 85.64
CA ILE A 1261 21.96 -29.42 86.37
C ILE A 1261 22.49 -29.88 87.73
N ASN A 1262 23.76 -30.29 87.80
CA ASN A 1262 24.45 -30.77 89.03
C ASN A 1262 24.71 -29.60 89.98
N ALA A 1263 25.12 -28.44 89.43
CA ALA A 1263 25.45 -27.19 90.17
C ALA A 1263 24.20 -26.64 90.86
N ARG A 1264 23.04 -26.73 90.21
CA ARG A 1264 21.72 -26.29 90.75
C ARG A 1264 21.35 -27.11 92.00
N GLY A 1265 21.80 -28.38 92.08
CA GLY A 1265 21.58 -29.29 93.22
C GLY A 1265 22.64 -29.13 94.31
N GLU A 1266 23.86 -28.72 93.96
CA GLU A 1266 25.00 -28.51 94.89
C GLU A 1266 24.69 -27.32 95.82
N ASN A 1267 24.12 -26.24 95.27
CA ASN A 1267 23.75 -25.01 96.00
C ASN A 1267 22.62 -25.29 97.00
N LEU A 1268 21.74 -26.26 96.71
CA LEU A 1268 20.61 -26.65 97.60
C LEU A 1268 21.15 -27.25 98.90
N PHE A 1269 22.25 -28.01 98.84
CA PHE A 1269 22.85 -28.74 99.98
C PHE A 1269 23.97 -27.90 100.61
N GLY A 1270 24.28 -26.73 100.05
CA GLY A 1270 25.43 -25.89 100.45
C GLY A 1270 26.75 -26.42 99.92
N LEU A 1271 26.88 -27.75 99.78
CA LEU A 1271 28.14 -28.52 99.56
C LEU A 1271 29.09 -27.74 98.66
N GLN A 1272 30.33 -27.48 99.13
CA GLN A 1272 31.41 -26.82 98.35
C GLN A 1272 31.54 -27.51 96.99
N ASN A 1273 31.44 -26.75 95.90
CA ASN A 1273 31.34 -27.28 94.51
C ASN A 1273 32.77 -27.56 93.99
N GLN A 1274 33.39 -28.63 94.49
CA GLN A 1274 34.76 -29.09 94.11
C GLN A 1274 34.68 -30.02 92.90
N LYS A 1275 33.70 -30.93 92.89
CA LYS A 1275 33.38 -31.82 91.73
C LYS A 1275 32.94 -30.98 90.53
N TYR A 1276 32.22 -29.88 90.79
CA TYR A 1276 31.83 -28.87 89.77
C TYR A 1276 33.09 -28.13 89.29
N PRO A 1277 34.01 -27.77 90.20
CA PRO A 1277 35.26 -27.11 89.79
C PRO A 1277 36.16 -27.94 88.87
N GLU A 1278 36.11 -29.27 88.98
CA GLU A 1278 36.86 -30.23 88.11
C GLU A 1278 36.17 -30.37 86.75
N LEU A 1279 34.82 -30.32 86.73
CA LEU A 1279 33.99 -30.36 85.49
C LEU A 1279 34.15 -29.06 84.70
N GLU A 1280 34.18 -27.91 85.40
CA GLU A 1280 34.44 -26.57 84.83
C GLU A 1280 35.82 -26.55 84.15
N LYS A 1281 36.79 -27.31 84.70
CA LYS A 1281 38.15 -27.52 84.12
C LYS A 1281 38.03 -28.29 82.80
N THR A 1282 37.20 -29.34 82.77
CA THR A 1282 36.88 -30.14 81.55
C THR A 1282 36.08 -29.29 80.56
N ASP A 1283 35.19 -28.43 81.07
CA ASP A 1283 34.32 -27.52 80.26
C ASP A 1283 35.17 -26.39 79.65
N ALA A 1284 36.22 -25.93 80.36
CA ALA A 1284 37.17 -24.90 79.89
C ALA A 1284 37.99 -25.44 78.72
N GLU A 1285 38.45 -26.70 78.80
CA GLU A 1285 39.13 -27.45 77.71
C GLU A 1285 38.15 -27.62 76.53
N ILE A 1286 36.87 -27.83 76.82
CA ILE A 1286 35.75 -27.90 75.84
C ILE A 1286 35.59 -26.53 75.15
N LYS A 1287 35.56 -25.44 75.94
CA LYS A 1287 35.38 -24.04 75.46
C LYS A 1287 36.54 -23.63 74.55
N ASN A 1288 37.75 -24.14 74.81
CA ASN A 1288 38.96 -23.95 73.96
C ASN A 1288 38.75 -24.62 72.60
N LEU A 1289 38.17 -25.82 72.59
CA LEU A 1289 37.74 -26.56 71.36
C LEU A 1289 36.59 -25.81 70.69
N ASN A 1290 35.69 -25.21 71.47
CA ASN A 1290 34.51 -24.41 71.01
C ASN A 1290 34.97 -23.13 70.29
N LYS A 1291 36.10 -22.55 70.70
CA LYS A 1291 36.72 -21.36 70.06
C LYS A 1291 37.41 -21.77 68.75
N LEU A 1292 38.07 -22.94 68.74
CA LEU A 1292 38.72 -23.55 67.55
C LEU A 1292 37.65 -23.94 66.52
N TYR A 1293 36.44 -24.29 66.97
CA TYR A 1293 35.26 -24.63 66.13
C TYR A 1293 34.59 -23.35 65.60
N ASN A 1294 34.55 -22.29 66.43
CA ASN A 1294 34.01 -20.95 66.06
C ASN A 1294 34.91 -20.27 65.02
N LEU A 1295 36.21 -20.63 64.98
CA LEU A 1295 37.19 -20.19 63.95
C LEU A 1295 37.00 -21.01 62.66
N TYR A 1296 36.71 -22.31 62.79
CA TYR A 1296 36.41 -23.25 61.67
C TYR A 1296 35.02 -22.97 61.07
N ASP A 1297 34.12 -22.36 61.86
CA ASP A 1297 32.74 -21.96 61.45
C ASP A 1297 32.80 -20.66 60.62
N SER A 1298 33.69 -19.74 60.98
CA SER A 1298 33.94 -18.45 60.25
C SER A 1298 34.64 -18.74 58.91
N VAL A 1299 35.46 -19.80 58.84
CA VAL A 1299 36.17 -20.27 57.62
C VAL A 1299 35.16 -20.90 56.65
N ILE A 1300 34.16 -21.60 57.18
CA ILE A 1300 33.01 -22.18 56.41
C ILE A 1300 32.04 -21.06 56.00
N LYS A 1301 31.91 -20.02 56.83
CA LYS A 1301 31.05 -18.81 56.57
C LYS A 1301 31.68 -17.92 55.48
N ASN A 1302 32.99 -18.04 55.25
CA ASN A 1302 33.74 -17.34 54.17
C ASN A 1302 33.67 -18.17 52.87
N ILE A 1303 33.77 -19.50 52.97
CA ILE A 1303 33.64 -20.46 51.84
C ILE A 1303 32.23 -20.38 51.25
N GLN A 1304 31.22 -20.05 52.07
CA GLN A 1304 29.79 -19.88 51.66
C GLN A 1304 29.59 -18.54 50.96
N GLN A 1305 30.19 -17.46 51.49
CA GLN A 1305 30.17 -16.09 50.89
C GLN A 1305 30.87 -16.12 49.52
N PHE A 1306 31.86 -16.99 49.34
CA PHE A 1306 32.58 -17.25 48.05
C PHE A 1306 31.68 -18.02 47.09
N LYS A 1307 31.02 -19.08 47.56
CA LYS A 1307 30.03 -19.89 46.81
C LYS A 1307 28.84 -19.00 46.41
N GLU A 1308 28.43 -18.09 47.29
CA GLU A 1308 27.41 -17.04 47.04
C GLU A 1308 27.89 -16.09 45.94
N LYS A 1309 29.16 -15.65 46.02
CA LYS A 1309 29.82 -14.77 45.02
C LYS A 1309 29.97 -15.52 43.69
N SER A 1310 30.21 -16.84 43.75
CA SER A 1310 30.27 -17.75 42.57
C SER A 1310 28.90 -17.83 41.90
N TRP A 1311 27.85 -18.07 42.69
CA TRP A 1311 26.43 -18.15 42.25
C TRP A 1311 25.98 -16.81 41.63
N GLN A 1312 26.51 -15.68 42.11
CA GLN A 1312 26.19 -14.30 41.64
C GLN A 1312 26.52 -14.18 40.14
N ASP A 1313 27.78 -14.40 39.77
CA ASP A 1313 28.28 -14.43 38.37
C ASP A 1313 28.04 -13.07 37.68
N VAL A 1314 28.43 -11.98 38.37
CA VAL A 1314 28.21 -10.59 37.90
C VAL A 1314 29.30 -9.67 38.45
N SER A 1315 29.90 -8.85 37.59
CA SER A 1315 30.90 -7.79 37.93
C SER A 1315 30.21 -6.68 38.72
N LEU A 1319 31.13 -8.15 42.91
CA LEU A 1319 32.57 -8.51 43.10
C LEU A 1319 33.44 -7.24 43.16
N ALA A 1320 33.05 -6.17 42.48
CA ALA A 1320 33.79 -4.89 42.36
C ALA A 1320 34.17 -4.33 43.74
N LYS A 1321 33.25 -4.38 44.71
CA LYS A 1321 33.39 -3.74 46.06
C LYS A 1321 33.34 -4.79 47.18
N MET A 1322 32.29 -5.61 47.21
CA MET A 1322 31.93 -6.51 48.34
C MET A 1322 32.97 -7.62 48.53
N GLU A 1323 33.58 -8.12 47.44
CA GLU A 1323 34.50 -9.29 47.43
C GLU A 1323 35.79 -8.99 48.22
N GLU A 1324 36.41 -7.83 47.95
CA GLU A 1324 37.66 -7.36 48.63
C GLU A 1324 37.36 -6.94 50.07
N ASP A 1325 36.10 -6.62 50.40
CA ASP A 1325 35.64 -6.13 51.73
C ASP A 1325 35.40 -7.31 52.69
N ALA A 1326 34.63 -8.32 52.26
CA ALA A 1326 34.23 -9.51 53.05
C ALA A 1326 35.47 -10.34 53.45
N GLY A 1327 36.40 -10.54 52.50
CA GLY A 1327 37.65 -11.28 52.70
C GLY A 1327 38.68 -10.51 53.52
N LYS A 1328 38.65 -9.17 53.47
CA LYS A 1328 39.61 -8.27 54.15
C LYS A 1328 39.27 -8.15 55.64
N TYR A 1329 38.00 -7.85 55.96
CA TYR A 1329 37.48 -7.60 57.35
C TYR A 1329 37.72 -8.82 58.24
N GLY A 1330 37.47 -10.03 57.70
CA GLY A 1330 37.62 -11.32 58.42
C GLY A 1330 39.08 -11.72 58.57
N GLU A 1331 39.89 -11.56 57.52
CA GLU A 1331 41.34 -11.89 57.49
C GLU A 1331 42.11 -11.04 58.50
N GLN A 1332 41.63 -9.82 58.80
CA GLN A 1332 42.22 -8.87 59.79
C GLN A 1332 42.13 -9.46 61.21
N CYS A 1333 40.97 -10.00 61.58
CA CYS A 1333 40.68 -10.61 62.92
C CYS A 1333 41.04 -12.10 62.93
N SER A 1334 41.46 -12.67 61.78
CA SER A 1334 41.81 -14.11 61.60
C SER A 1334 43.33 -14.34 61.74
N ARG A 1335 44.16 -13.36 61.33
CA ARG A 1335 45.65 -13.47 61.26
C ARG A 1335 46.24 -13.74 62.66
N LEU A 1336 45.86 -12.92 63.65
CA LEU A 1336 46.29 -13.06 65.07
C LEU A 1336 45.63 -14.30 65.69
N PRO A 1337 44.40 -14.66 65.23
CA PRO A 1337 43.70 -15.82 65.78
C PRO A 1337 44.14 -17.18 65.22
N LYS A 1338 44.55 -17.23 63.94
CA LYS A 1338 44.86 -18.48 63.19
C LYS A 1338 46.18 -19.11 63.68
N ASP A 1339 47.09 -18.30 64.24
CA ASP A 1339 48.36 -18.79 64.86
C ASP A 1339 48.02 -19.58 66.12
N LEU A 1340 47.16 -19.04 66.99
CA LEU A 1340 46.64 -19.69 68.22
C LEU A 1340 45.65 -20.80 67.84
N LYS A 1341 44.75 -20.53 66.89
CA LYS A 1341 43.76 -21.51 66.35
C LYS A 1341 44.47 -22.68 65.67
N GLU A 1342 45.62 -22.41 65.03
CA GLU A 1342 46.41 -23.39 64.23
C GLU A 1342 45.52 -23.86 63.06
N TRP A 1343 44.94 -25.07 63.18
CA TRP A 1343 43.94 -25.67 62.26
C TRP A 1343 44.17 -25.17 60.82
N GLN A 1344 45.12 -25.79 60.11
CA GLN A 1344 45.66 -25.35 58.79
C GLN A 1344 44.53 -25.16 57.76
N ALA A 1345 43.44 -25.93 57.87
CA ALA A 1345 42.24 -25.86 56.99
C ALA A 1345 41.59 -24.46 57.04
N TYR A 1346 41.69 -23.75 58.17
CA TYR A 1346 41.18 -22.38 58.38
C TYR A 1346 42.09 -21.36 57.70
N ARG A 1347 43.42 -21.51 57.83
CA ARG A 1347 44.45 -20.64 57.21
C ARG A 1347 44.42 -20.77 55.68
N ASP A 1348 44.19 -21.99 55.17
CA ASP A 1348 44.07 -22.29 53.72
C ASP A 1348 42.81 -21.60 53.15
N LEU A 1349 41.70 -21.66 53.88
CA LEU A 1349 40.40 -21.01 53.53
C LEU A 1349 40.56 -19.48 53.56
N LYS A 1350 41.33 -18.96 54.52
CA LYS A 1350 41.68 -17.51 54.65
C LYS A 1350 42.60 -17.09 53.48
N ASN A 1351 43.48 -18.00 53.03
CA ASN A 1351 44.38 -17.80 51.86
C ASN A 1351 43.56 -17.80 50.57
N TYR A 1352 42.60 -18.73 50.44
CA TYR A 1352 41.65 -18.85 49.29
C TYR A 1352 40.74 -17.62 49.21
N ILE A 1353 40.35 -17.08 50.37
CA ILE A 1353 39.49 -15.84 50.50
C ILE A 1353 40.29 -14.61 50.08
N ASP A 1354 41.61 -14.58 50.37
CA ASP A 1354 42.53 -13.45 50.03
C ASP A 1354 42.78 -13.41 48.52
N SER A 1355 43.04 -14.58 47.91
CA SER A 1355 43.30 -14.75 46.45
C SER A 1355 42.09 -14.33 45.61
N LEU A 1356 40.87 -14.61 46.10
CA LEU A 1356 39.58 -14.18 45.48
C LEU A 1356 39.44 -12.66 45.56
N ARG A 1357 39.82 -12.06 46.69
CA ARG A 1357 39.81 -10.59 46.94
C ARG A 1357 40.76 -9.88 45.96
N GLU A 1358 41.90 -10.51 45.63
CA GLU A 1358 42.89 -10.01 44.63
C GLU A 1358 42.32 -10.17 43.21
N GLN A 1359 41.84 -11.37 42.88
CA GLN A 1359 41.30 -11.73 41.54
C GLN A 1359 40.02 -10.94 41.21
N LEU A 1360 39.25 -10.55 42.23
CA LEU A 1360 37.95 -9.82 42.09
C LEU A 1360 38.19 -8.42 41.54
N PRO A 1361 39.27 -7.73 41.97
CA PRO A 1361 39.59 -6.40 41.42
C PRO A 1361 40.02 -6.44 39.94
N LEU A 1362 40.78 -7.48 39.56
CA LEU A 1362 41.21 -7.77 38.17
C LEU A 1362 39.99 -8.11 37.31
N ILE A 1363 39.03 -8.87 37.86
CA ILE A 1363 37.79 -9.32 37.17
C ILE A 1363 36.93 -8.11 36.77
N ILE A 1364 36.73 -7.17 37.70
CA ILE A 1364 35.92 -5.93 37.50
C ILE A 1364 36.63 -5.00 36.51
N PRO A 1373 34.00 -6.81 24.86
CA PRO A 1373 33.88 -6.94 23.40
C PRO A 1373 35.03 -7.80 22.82
N ARG A 1374 35.61 -7.39 21.69
CA ARG A 1374 36.82 -8.00 21.07
C ARG A 1374 37.99 -7.97 22.08
N HIS A 1375 38.08 -6.92 22.90
CA HIS A 1375 39.08 -6.73 23.97
C HIS A 1375 38.83 -7.72 25.13
N TRP A 1376 37.56 -7.95 25.47
CA TRP A 1376 37.11 -8.91 26.51
C TRP A 1376 37.38 -10.35 26.07
N GLU A 1377 37.15 -10.65 24.78
CA GLU A 1377 37.45 -11.97 24.15
C GLU A 1377 38.97 -12.19 24.11
N LYS A 1378 39.74 -11.13 23.80
CA LYS A 1378 41.24 -11.13 23.82
C LYS A 1378 41.75 -11.28 25.26
N ILE A 1379 41.01 -10.74 26.23
CA ILE A 1379 41.26 -10.87 27.70
C ILE A 1379 41.14 -12.33 28.10
N LYS A 1380 40.00 -12.96 27.78
CA LYS A 1380 39.71 -14.40 28.03
C LYS A 1380 40.86 -15.26 27.46
N GLU A 1381 41.33 -14.94 26.26
CA GLU A 1381 42.36 -15.69 25.48
C GLU A 1381 43.66 -15.80 26.28
N ILE A 1382 44.15 -14.70 26.88
CA ILE A 1382 45.49 -14.62 27.54
C ILE A 1382 45.38 -14.93 29.04
N THR A 1383 44.30 -15.58 29.49
CA THR A 1383 44.07 -16.01 30.90
C THR A 1383 43.87 -17.53 31.01
N ASN A 1384 43.84 -18.25 29.90
CA ASN A 1384 43.36 -19.66 29.82
C ASN A 1384 41.82 -19.67 30.00
N THR A 1385 41.08 -19.31 28.94
CA THR A 1385 39.60 -19.28 28.86
C THR A 1385 39.17 -18.97 27.41
N LYS A 1386 37.99 -19.44 26.98
CA LYS A 1386 37.51 -19.35 25.57
C LYS A 1386 36.01 -19.00 25.53
N LEU A 1387 35.68 -17.78 25.08
CA LEU A 1387 34.32 -17.19 25.11
C LEU A 1387 33.76 -17.24 26.55
N ASN A 1388 34.65 -17.07 27.54
CA ASN A 1388 34.29 -16.95 28.98
C ASN A 1388 33.75 -15.53 29.20
N TYR A 1389 34.59 -14.51 29.01
CA TYR A 1389 34.23 -13.07 29.05
C TYR A 1389 32.95 -12.81 28.23
N GLU A 1390 32.63 -13.70 27.28
CA GLU A 1390 31.32 -13.79 26.59
C GLU A 1390 30.30 -14.56 27.48
N ASN A 1391 30.34 -15.90 27.47
CA ASN A 1391 29.33 -16.80 28.09
C ASN A 1391 29.37 -16.66 29.61
N PRO A 1392 30.52 -16.29 30.20
CA PRO A 1392 30.68 -16.20 31.65
C PRO A 1392 30.35 -14.82 32.23
N ASP A 1393 30.91 -13.73 31.69
CA ASP A 1393 30.55 -12.34 32.11
C ASP A 1393 29.02 -12.23 32.17
N GLN A 1394 28.35 -12.89 31.21
CA GLN A 1394 26.91 -13.25 31.27
C GLN A 1394 26.64 -14.06 32.53
N PHE A 1395 27.07 -15.33 32.56
CA PHE A 1395 26.83 -16.30 33.65
C PHE A 1395 28.08 -17.15 33.90
N TYR A 1396 29.07 -16.56 34.59
CA TYR A 1396 30.36 -17.19 35.01
C TYR A 1396 30.28 -17.57 36.49
N ILE A 1397 30.22 -18.87 36.79
CA ILE A 1397 30.22 -19.40 38.18
C ILE A 1397 31.52 -18.98 38.87
N GLU A 1398 32.64 -19.63 38.52
CA GLU A 1398 33.99 -19.35 39.10
C GLU A 1398 35.09 -19.73 38.09
N GLU A 1399 34.94 -19.28 36.84
CA GLU A 1399 35.95 -19.43 35.75
C GLU A 1399 36.84 -18.19 35.74
N ILE A 1400 36.24 -17.00 35.83
CA ILE A 1400 36.93 -15.67 35.88
C ILE A 1400 37.74 -15.56 37.19
N MET A 1401 37.17 -16.00 38.31
CA MET A 1401 37.78 -15.93 39.67
C MET A 1401 39.06 -16.78 39.73
N GLY A 1402 39.01 -18.01 39.19
CA GLY A 1402 40.13 -18.96 39.16
C GLY A 1402 41.32 -18.42 38.38
N ALA A 1403 41.10 -17.98 37.14
CA ALA A 1403 42.12 -17.39 36.24
C ALA A 1403 42.39 -15.93 36.67
N LEU A 1406 48.98 -13.23 38.79
CA LEU A 1406 50.36 -13.58 38.36
C LEU A 1406 50.90 -12.53 37.37
N ASP A 1407 52.17 -12.65 36.99
CA ASP A 1407 52.86 -11.78 36.00
C ASP A 1407 52.24 -12.02 34.61
N PHE A 1408 52.03 -13.28 34.23
CA PHE A 1408 51.37 -13.72 32.98
C PHE A 1408 49.91 -13.24 32.95
N ARG A 1409 49.30 -13.07 34.13
CA ARG A 1409 47.95 -12.47 34.33
C ARG A 1409 48.02 -10.95 34.11
N GLU A 1410 49.01 -10.27 34.74
CA GLU A 1410 49.20 -8.79 34.67
C GLU A 1410 49.61 -8.36 33.26
N ASP A 1411 50.40 -9.18 32.55
CA ASP A 1411 50.78 -8.95 31.13
C ASP A 1411 49.54 -9.06 30.24
N ILE A 1412 48.67 -10.05 30.50
CA ILE A 1412 47.35 -10.23 29.82
C ILE A 1412 46.50 -8.97 30.02
N GLU A 1413 46.37 -8.50 31.27
CA GLU A 1413 45.61 -7.28 31.66
C GLU A 1413 46.07 -6.06 30.85
N ASP A 1414 47.38 -5.92 30.63
CA ASP A 1414 48.01 -4.81 29.86
C ASP A 1414 47.65 -4.94 28.37
N ILE A 1415 47.51 -6.17 27.87
CA ILE A 1415 47.15 -6.47 26.44
C ILE A 1415 45.66 -6.18 26.21
N THR A 1416 44.82 -6.15 27.25
CA THR A 1416 43.36 -5.88 27.18
C THR A 1416 43.09 -4.38 27.28
N GLU A 1417 43.81 -3.68 28.16
CA GLU A 1417 43.78 -2.19 28.30
C GLU A 1417 44.20 -1.54 26.97
N SER A 1418 45.19 -2.12 26.29
CA SER A 1418 45.63 -1.74 24.92
C SER A 1418 44.49 -1.99 23.93
N ALA A 1419 43.92 -3.20 23.96
CA ALA A 1419 42.76 -3.62 23.12
C ALA A 1419 41.54 -2.72 23.42
N ASP A 1420 41.39 -2.24 24.67
CA ASP A 1420 40.32 -1.28 25.08
C ASP A 1420 40.61 0.09 24.46
N LYS A 1421 41.87 0.51 24.37
CA LYS A 1421 42.30 1.81 23.76
C LYS A 1421 42.12 1.75 22.24
N GLN A 1422 42.47 0.63 21.61
CA GLN A 1422 42.26 0.36 20.14
C GLN A 1422 40.80 0.64 19.78
N LEU A 1423 39.87 0.00 20.51
CA LEU A 1423 38.40 0.09 20.29
C LEU A 1423 37.92 1.55 20.47
N LYS A 1424 38.42 2.24 21.51
CA LYS A 1424 38.04 3.65 21.83
C LYS A 1424 38.45 4.60 20.69
N ILE A 1425 39.56 4.31 20.00
CA ILE A 1425 39.99 5.08 18.79
C ILE A 1425 39.09 4.68 17.61
N ARG A 1426 38.81 3.38 17.45
CA ARG A 1426 37.90 2.82 16.39
C ARG A 1426 36.52 3.47 16.50
N THR A 1427 35.99 3.66 17.73
CA THR A 1427 34.70 4.35 18.00
C THR A 1427 34.83 5.82 17.60
N GLY A 1428 35.97 6.46 17.89
CA GLY A 1428 36.32 7.83 17.49
C GLY A 1428 36.33 8.00 15.98
N LEU A 1429 36.79 6.99 15.23
CA LEU A 1429 36.80 6.97 13.73
C LEU A 1429 35.38 6.74 13.20
N ASP A 1430 34.59 5.88 13.87
CA ASP A 1430 33.18 5.60 13.52
C ASP A 1430 32.34 6.86 13.71
N GLU A 1431 32.65 7.67 14.74
CA GLU A 1431 32.03 9.00 15.00
C GLU A 1431 32.31 9.95 13.82
N ILE A 1432 33.54 9.97 13.31
CA ILE A 1432 33.97 10.79 12.13
C ILE A 1432 33.13 10.39 10.91
N ASN A 1433 33.06 9.08 10.62
CA ASN A 1433 32.39 8.49 9.42
C ASN A 1433 30.92 8.92 9.36
N LEU A 1434 30.24 9.04 10.52
CA LEU A 1434 28.81 9.45 10.62
C LEU A 1434 28.67 10.92 10.17
N TYR A 1435 29.49 11.82 10.69
CA TYR A 1435 29.36 13.29 10.50
C TYR A 1435 29.71 13.71 9.06
N TRP A 1436 30.57 12.96 8.37
CA TRP A 1436 30.87 13.15 6.92
C TRP A 1436 29.64 12.75 6.07
N ASN A 1437 28.97 11.65 6.43
CA ASN A 1437 27.72 11.17 5.79
C ASN A 1437 26.58 12.17 6.07
N ASP A 1438 26.40 12.55 7.34
CA ASP A 1438 25.27 13.39 7.84
C ASP A 1438 25.34 14.80 7.22
N MET A 1439 26.51 15.43 7.28
CA MET A 1439 26.83 16.74 6.63
C MET A 1439 26.48 16.64 5.13
N GLN A 1440 26.14 17.77 4.51
CA GLN A 1440 25.90 17.92 3.04
C GLN A 1440 26.37 19.31 2.62
N PHE A 1441 27.14 19.42 1.53
CA PHE A 1441 27.77 20.67 1.04
C PHE A 1441 26.73 21.81 1.12
N GLN A 1442 27.08 22.89 1.82
CA GLN A 1442 26.17 23.98 2.23
C GLN A 1442 25.86 24.85 1.00
N PHE A 1443 24.80 24.49 0.25
CA PHE A 1443 24.38 25.15 -1.01
C PHE A 1443 23.57 26.42 -0.68
N GLY A 1444 24.00 27.57 -1.23
CA GLY A 1444 23.43 28.91 -0.99
C GLY A 1444 22.93 29.57 -2.27
N ILE A 1445 21.96 30.47 -2.15
CA ILE A 1445 21.32 31.25 -3.26
C ILE A 1445 22.38 31.98 -4.09
N TRP A 1446 22.24 31.95 -5.43
CA TRP A 1446 22.92 32.86 -6.39
C TRP A 1446 21.94 33.53 -7.36
N GLY A 1447 20.62 33.27 -7.22
CA GLY A 1447 19.56 33.89 -8.04
C GLY A 1447 18.82 32.90 -8.92
N LYS A 1448 19.49 31.84 -9.39
CA LYS A 1448 18.97 30.88 -10.40
C LYS A 1448 18.61 31.64 -11.67
N ARG A 1449 19.60 32.35 -12.23
CA ARG A 1449 19.49 33.19 -13.46
C ARG A 1449 20.45 32.65 -14.53
N MET A 1454 21.68 28.82 -10.36
CA MET A 1454 22.23 27.62 -9.66
C MET A 1454 22.55 28.00 -8.21
N LEU A 1455 23.01 27.03 -7.42
CA LEU A 1455 23.43 27.22 -6.00
C LEU A 1455 24.94 26.96 -5.89
N ASN A 1456 25.57 27.46 -4.82
CA ASN A 1456 27.05 27.50 -4.63
C ASN A 1456 27.40 27.24 -3.17
N GLY A 1457 28.59 26.68 -2.93
CA GLY A 1457 29.14 26.41 -1.58
C GLY A 1457 29.32 27.70 -0.78
N LEU A 1458 28.45 27.95 0.20
CA LEU A 1458 28.43 29.17 1.05
C LEU A 1458 29.66 29.19 1.97
N ILE A 1459 30.03 28.05 2.56
CA ILE A 1459 31.20 27.92 3.50
C ILE A 1459 31.94 26.59 3.23
N VAL A 1460 33.09 26.69 2.57
CA VAL A 1460 34.04 25.56 2.32
C VAL A 1460 35.09 25.54 3.45
N GLY A 1461 35.44 26.71 3.99
CA GLY A 1461 36.45 26.90 5.07
C GLY A 1461 36.13 26.10 6.32
N THR A 1462 34.85 26.04 6.71
CA THR A 1462 34.36 25.26 7.89
C THR A 1462 34.62 23.77 7.67
N ILE A 1463 34.49 23.29 6.43
CA ILE A 1463 34.68 21.87 6.02
C ILE A 1463 36.20 21.60 5.92
N LEU A 1464 36.96 22.59 5.44
CA LEU A 1464 38.45 22.57 5.36
C LEU A 1464 39.06 22.44 6.76
N GLU A 1465 38.50 23.14 7.76
CA GLU A 1465 38.93 23.08 9.18
C GLU A 1465 38.79 21.64 9.70
N ARG A 1466 37.66 20.98 9.39
CA ARG A 1466 37.38 19.57 9.77
C ARG A 1466 38.38 18.64 9.07
N LEU A 1467 38.64 18.85 7.78
CA LEU A 1467 39.59 18.03 6.96
C LEU A 1467 40.95 17.94 7.66
N GLU A 1468 41.53 19.09 8.04
CA GLU A 1468 42.88 19.19 8.67
C GLU A 1468 42.81 18.63 10.09
N GLU A 1469 41.77 18.99 10.86
CA GLU A 1469 41.50 18.52 12.24
C GLU A 1469 41.47 16.98 12.26
N ASP A 1470 40.72 16.38 11.34
CA ASP A 1470 40.57 14.90 11.22
C ASP A 1470 41.89 14.29 10.72
N GLN A 1471 42.51 14.88 9.69
CA GLN A 1471 43.84 14.47 9.15
C GLN A 1471 44.90 14.50 10.27
N LEU A 1472 44.83 15.49 11.16
CA LEU A 1472 45.74 15.64 12.34
C LEU A 1472 45.41 14.56 13.38
N GLN A 1473 44.13 14.36 13.68
CA GLN A 1473 43.62 13.28 14.58
C GLN A 1473 44.08 11.91 14.06
N LEU A 1474 43.94 11.67 12.74
CA LEU A 1474 44.36 10.42 12.06
C LEU A 1474 45.89 10.27 12.12
N SER A 1475 46.63 11.36 11.93
CA SER A 1475 48.12 11.41 12.07
C SER A 1475 48.52 11.17 13.54
N THR A 1476 47.74 11.70 14.48
CA THR A 1476 47.93 11.49 15.96
C THR A 1476 47.62 10.03 16.31
N PHE A 1477 46.57 9.44 15.73
CA PHE A 1477 46.21 8.01 15.90
C PHE A 1477 47.31 7.14 15.29
N ASN A 1478 47.78 7.48 14.07
CA ASN A 1478 48.87 6.77 13.34
C ASN A 1478 50.15 6.67 14.19
N SER A 1479 50.42 7.67 15.03
CA SER A 1479 51.60 7.71 15.94
C SER A 1479 51.42 6.72 17.10
N GLN A 1480 50.18 6.49 17.56
CA GLN A 1480 49.84 5.49 18.61
C GLN A 1480 50.09 4.09 18.02
N ARG A 1481 50.64 3.17 18.83
CA ARG A 1481 50.91 1.75 18.43
C ARG A 1481 49.60 0.97 18.26
N HIS A 1482 48.51 1.46 18.87
CA HIS A 1482 47.18 0.79 18.94
C HIS A 1482 46.33 1.08 17.68
N VAL A 1483 46.87 1.81 16.70
CA VAL A 1483 46.17 2.16 15.43
C VAL A 1483 46.25 0.98 14.43
N THR A 1484 47.26 0.11 14.56
CA THR A 1484 47.73 -0.85 13.52
C THR A 1484 46.59 -1.69 12.95
N PRO A 1485 45.66 -2.26 13.76
CA PRO A 1485 44.54 -3.03 13.22
C PRO A 1485 43.59 -2.25 12.28
N PHE A 1486 43.26 -1.01 12.65
CA PHE A 1486 42.34 -0.10 11.90
C PHE A 1486 43.12 0.97 11.14
N LYS A 1487 44.43 0.77 10.96
CA LYS A 1487 45.37 1.74 10.31
C LYS A 1487 45.05 1.84 8.81
N ALA A 1488 44.57 0.75 8.19
CA ALA A 1488 44.17 0.67 6.76
C ALA A 1488 42.99 1.61 6.50
N GLU A 1489 41.98 1.61 7.39
CA GLU A 1489 40.81 2.54 7.36
C GLU A 1489 41.31 3.98 7.43
N VAL A 1490 42.20 4.26 8.39
CA VAL A 1490 42.79 5.62 8.65
C VAL A 1490 43.56 6.08 7.42
N GLU A 1491 44.43 5.22 6.85
CA GLU A 1491 45.25 5.51 5.64
C GLU A 1491 44.33 5.79 4.44
N ASN A 1492 43.21 5.06 4.32
CA ASN A 1492 42.17 5.27 3.26
C ASN A 1492 41.43 6.58 3.51
N LEU A 1493 41.10 6.89 4.77
CA LEU A 1493 40.43 8.16 5.18
C LEU A 1493 41.36 9.34 4.91
N ILE A 1494 42.66 9.23 5.23
CA ILE A 1494 43.69 10.26 4.94
C ILE A 1494 43.73 10.51 3.42
N ARG A 1495 43.84 9.43 2.63
CA ARG A 1495 43.81 9.47 1.15
C ARG A 1495 42.52 10.15 0.67
N THR A 1496 41.38 9.79 1.27
CA THR A 1496 40.04 10.37 0.97
C THR A 1496 40.11 11.89 1.21
N PHE A 1497 40.50 12.31 2.42
CA PHE A 1497 40.54 13.72 2.87
C PHE A 1497 41.58 14.52 2.07
N SER A 1498 42.65 13.87 1.59
CA SER A 1498 43.68 14.46 0.69
C SER A 1498 43.03 14.83 -0.66
N ASP A 1499 42.25 13.90 -1.23
CA ASP A 1499 41.52 14.08 -2.52
C ASP A 1499 40.34 15.05 -2.32
N VAL A 1500 39.69 15.04 -1.15
CA VAL A 1500 38.60 16.00 -0.78
C VAL A 1500 39.17 17.41 -0.79
N ASN A 1501 40.35 17.60 -0.18
CA ASN A 1501 41.05 18.91 -0.07
C ASN A 1501 41.35 19.42 -1.49
N ASP A 1502 41.99 18.59 -2.33
CA ASP A 1502 42.36 18.90 -3.73
C ASP A 1502 41.13 19.34 -4.53
N THR A 1503 39.99 18.68 -4.32
CA THR A 1503 38.68 19.01 -4.96
C THR A 1503 38.15 20.33 -4.39
N LEU A 1504 38.03 20.44 -3.07
CA LEU A 1504 37.38 21.60 -2.38
C LEU A 1504 38.23 22.86 -2.53
N ASP A 1505 39.57 22.74 -2.50
CA ASP A 1505 40.52 23.86 -2.76
C ASP A 1505 40.30 24.40 -4.16
N MET A 1506 40.15 23.51 -5.15
CA MET A 1506 39.87 23.86 -6.57
C MET A 1506 38.45 24.44 -6.71
N TRP A 1507 37.47 23.91 -5.98
CA TRP A 1507 36.03 24.27 -6.10
C TRP A 1507 35.82 25.75 -5.76
N VAL A 1508 36.15 26.15 -4.53
CA VAL A 1508 36.02 27.54 -3.99
C VAL A 1508 36.68 28.53 -4.96
N LYS A 1509 37.82 28.15 -5.56
CA LYS A 1509 38.56 28.98 -6.55
C LYS A 1509 37.70 29.11 -7.82
N VAL A 1510 37.31 27.99 -8.42
CA VAL A 1510 36.54 27.95 -9.71
C VAL A 1510 35.27 28.77 -9.54
N GLN A 1511 34.58 28.61 -8.40
CA GLN A 1511 33.41 29.42 -7.99
C GLN A 1511 33.76 30.91 -8.11
N LYS A 1512 34.76 31.36 -7.34
CA LYS A 1512 35.17 32.78 -7.23
C LYS A 1512 35.45 33.34 -8.62
N LEU A 1513 36.26 32.64 -9.42
CA LEU A 1513 36.52 32.96 -10.85
C LEU A 1513 35.18 33.11 -11.56
N TRP A 1514 34.33 32.09 -11.47
CA TRP A 1514 33.01 32.04 -12.15
C TRP A 1514 32.13 33.19 -11.67
N THR A 1515 32.12 33.44 -10.35
CA THR A 1515 31.34 34.52 -9.67
C THR A 1515 31.81 35.89 -10.19
N SER A 1516 33.11 36.06 -10.43
CA SER A 1516 33.72 37.30 -10.99
C SER A 1516 33.23 37.52 -12.42
N LEU A 1517 33.29 36.48 -13.27
CA LEU A 1517 33.07 36.59 -14.75
C LEU A 1517 31.60 36.38 -15.14
N GLU A 1518 30.74 35.91 -14.22
CA GLU A 1518 29.31 35.64 -14.53
C GLU A 1518 28.59 36.91 -14.97
N PRO A 1519 28.88 38.12 -14.42
CA PRO A 1519 28.16 39.34 -14.82
C PRO A 1519 28.56 39.92 -16.19
N VAL A 1520 29.85 39.79 -16.55
CA VAL A 1520 30.46 40.43 -17.77
C VAL A 1520 29.78 39.88 -19.03
N PHE A 1521 29.98 38.60 -19.32
CA PHE A 1521 29.67 37.95 -20.63
C PHE A 1521 28.18 37.63 -20.77
N THR A 1522 27.49 37.32 -19.66
CA THR A 1522 26.00 37.23 -19.61
C THR A 1522 25.44 38.62 -19.92
N GLY A 1523 26.07 39.66 -19.37
CA GLY A 1523 25.88 41.08 -19.76
C GLY A 1523 26.19 41.30 -21.24
N GLY A 1524 25.47 42.23 -21.88
CA GLY A 1524 25.38 42.34 -23.35
C GLY A 1524 26.59 42.99 -23.98
N ASP A 1525 27.11 44.08 -23.39
CA ASP A 1525 27.90 45.12 -24.10
C ASP A 1525 29.36 44.65 -24.31
N ILE A 1526 30.00 44.09 -23.28
CA ILE A 1526 31.36 43.47 -23.40
C ILE A 1526 31.24 42.22 -24.29
N ALA A 1527 30.17 41.45 -24.12
CA ALA A 1527 29.89 40.18 -24.84
C ALA A 1527 29.53 40.47 -26.31
N ARG A 1528 29.01 41.66 -26.62
CA ARG A 1528 28.80 42.16 -28.01
C ARG A 1528 30.14 42.10 -28.75
N GLN A 1529 31.20 42.59 -28.11
CA GLN A 1529 32.61 42.46 -28.54
C GLN A 1529 33.17 41.14 -27.97
N MET A 1530 34.41 40.80 -28.34
CA MET A 1530 35.05 39.51 -27.97
C MET A 1530 34.10 38.35 -28.28
N PRO A 1531 33.69 38.16 -29.55
CA PRO A 1531 32.92 36.98 -29.95
C PRO A 1531 33.61 35.65 -29.55
N LEU A 1532 34.94 35.59 -29.63
CA LEU A 1532 35.74 34.36 -29.34
C LEU A 1532 35.69 34.06 -27.84
N GLN A 1533 35.84 35.07 -26.99
CA GLN A 1533 35.85 34.93 -25.51
C GLN A 1533 34.41 34.78 -24.97
N ALA A 1534 33.39 35.14 -25.76
CA ALA A 1534 31.96 34.98 -25.44
C ALA A 1534 31.55 33.51 -25.60
N LYS A 1535 31.95 32.88 -26.71
CA LYS A 1535 31.66 31.45 -27.04
C LYS A 1535 32.24 30.53 -25.98
N GLN A 1536 33.44 30.84 -25.45
CA GLN A 1536 34.08 30.02 -24.38
C GLN A 1536 33.15 30.06 -23.17
N PHE A 1537 32.87 31.24 -22.62
CA PHE A 1537 32.10 31.39 -21.35
C PHE A 1537 30.61 31.07 -21.56
N GLN A 1538 30.10 31.11 -22.80
CA GLN A 1538 28.78 30.53 -23.16
C GLN A 1538 28.83 29.02 -22.88
N GLY A 1539 29.79 28.32 -23.51
CA GLY A 1539 29.99 26.87 -23.38
C GLY A 1539 30.46 26.49 -21.99
N ILE A 1540 31.51 27.15 -21.48
CA ILE A 1540 32.12 26.93 -20.14
C ILE A 1540 31.00 26.86 -19.09
N ASP A 1541 30.12 27.86 -19.08
CA ASP A 1541 29.03 28.03 -18.08
C ASP A 1541 28.07 26.83 -18.15
N LYS A 1542 27.86 26.25 -19.33
CA LYS A 1542 26.98 25.05 -19.51
C LYS A 1542 27.55 23.87 -18.71
N ASN A 1543 28.84 23.57 -18.89
CA ASN A 1543 29.57 22.49 -18.15
C ASN A 1543 29.47 22.73 -16.64
N TRP A 1544 29.44 24.01 -16.22
CA TRP A 1544 29.22 24.43 -14.80
C TRP A 1544 27.74 24.41 -14.45
N MET A 1545 26.85 24.72 -15.40
CA MET A 1545 25.38 24.62 -15.22
C MET A 1545 25.01 23.17 -14.90
N LYS A 1546 25.64 22.22 -15.61
CA LYS A 1546 25.38 20.76 -15.50
C LYS A 1546 25.95 20.20 -14.19
N ILE A 1547 27.11 20.69 -13.72
CA ILE A 1547 27.73 20.30 -12.42
C ILE A 1547 26.78 20.65 -11.26
N MET A 1548 26.11 21.81 -11.32
CA MET A 1548 25.17 22.28 -10.26
C MET A 1548 23.77 21.69 -10.49
N GLU A 1549 23.48 21.18 -11.70
CA GLU A 1549 22.29 20.31 -11.98
C GLU A 1549 22.52 18.91 -11.39
N LYS A 1550 23.78 18.45 -11.36
CA LYS A 1550 24.21 17.14 -10.76
C LYS A 1550 24.29 17.25 -9.23
N ALA A 1551 24.48 18.46 -8.68
CA ALA A 1551 24.64 18.74 -7.23
C ALA A 1551 23.30 18.56 -6.50
N VAL A 1552 22.19 18.88 -7.15
CA VAL A 1552 20.80 18.72 -6.62
C VAL A 1552 20.49 17.23 -6.47
N GLU A 1553 20.88 16.41 -7.47
CA GLU A 1553 20.58 14.95 -7.55
C GLU A 1553 21.18 14.22 -6.35
N THR A 1554 22.49 14.37 -6.15
CA THR A 1554 23.29 13.77 -5.04
C THR A 1554 23.98 14.91 -4.26
N LYS A 1555 23.54 15.16 -3.02
CA LYS A 1555 23.92 16.36 -2.22
C LYS A 1555 24.92 16.03 -1.10
N LYS A 1556 25.14 14.74 -0.79
CA LYS A 1556 25.99 14.30 0.35
C LYS A 1556 27.46 14.68 0.08
N VAL A 1557 28.26 14.82 1.14
CA VAL A 1557 29.63 15.41 1.10
C VAL A 1557 30.57 14.39 0.46
N ILE A 1558 30.60 13.17 1.00
CA ILE A 1558 31.56 12.09 0.60
C ILE A 1558 31.34 11.79 -0.89
N PRO A 1559 30.09 11.65 -1.39
CA PRO A 1559 29.83 11.58 -2.84
C PRO A 1559 30.42 12.74 -3.66
N CYS A 1560 30.11 13.99 -3.32
CA CYS A 1560 30.53 15.22 -4.06
C CYS A 1560 32.06 15.29 -4.16
N CYS A 1561 32.76 14.86 -3.11
CA CYS A 1561 34.25 14.74 -3.06
C CYS A 1561 34.73 13.67 -4.06
N GLN A 1562 34.09 12.49 -4.03
CA GLN A 1562 34.49 11.30 -4.85
C GLN A 1562 33.80 11.31 -6.22
N ASN A 1563 32.75 12.12 -6.42
CA ASN A 1563 31.92 12.17 -7.66
C ASN A 1563 32.85 12.30 -8.88
N ASP A 1564 32.61 11.48 -9.91
CA ASP A 1564 33.50 11.25 -11.07
C ASP A 1564 33.66 12.54 -11.88
N MET A 1565 32.55 13.08 -12.39
CA MET A 1565 32.50 14.22 -13.34
C MET A 1565 33.07 15.47 -12.68
N LEU A 1566 32.74 15.70 -11.41
CA LEU A 1566 32.98 16.98 -10.68
C LEU A 1566 34.45 17.06 -10.26
N LYS A 1567 35.08 15.94 -9.89
CA LYS A 1567 36.53 15.85 -9.58
C LYS A 1567 37.36 16.23 -10.81
N ASP A 1568 37.02 15.67 -11.98
CA ASP A 1568 37.82 15.76 -13.23
C ASP A 1568 37.69 17.16 -13.85
N PHE A 1569 36.52 17.81 -13.73
CA PHE A 1569 36.16 19.07 -14.45
C PHE A 1569 36.76 20.29 -13.75
N LEU A 1570 36.77 20.35 -12.42
CA LEU A 1570 37.20 21.57 -11.66
C LEU A 1570 38.62 21.99 -12.09
N PRO A 1571 39.62 21.08 -12.16
CA PRO A 1571 40.92 21.44 -12.75
C PRO A 1571 40.84 21.98 -14.18
N ASP A 1572 40.05 21.32 -15.05
CA ASP A 1572 39.92 21.67 -16.50
C ASP A 1572 39.19 23.01 -16.63
N LEU A 1573 38.01 23.15 -15.99
CA LEU A 1573 37.21 24.41 -15.98
C LEU A 1573 38.05 25.56 -15.44
N ASN A 1574 38.90 25.31 -14.43
CA ASN A 1574 39.74 26.36 -13.78
C ASN A 1574 40.67 26.98 -14.83
N ARG A 1575 41.41 26.15 -15.57
CA ARG A 1575 42.32 26.56 -16.66
C ARG A 1575 41.54 27.27 -17.77
N LYS A 1576 40.31 26.83 -18.04
CA LYS A 1576 39.40 27.40 -19.08
C LYS A 1576 38.89 28.78 -18.62
N LEU A 1577 38.53 28.91 -17.35
CA LEU A 1577 38.11 30.20 -16.71
C LEU A 1577 39.30 31.16 -16.64
N GLU A 1578 40.43 30.70 -16.09
CA GLU A 1578 41.68 31.51 -15.91
C GLU A 1578 42.13 32.11 -17.25
N ASP A 1579 42.01 31.34 -18.35
CA ASP A 1579 42.39 31.78 -19.71
C ASP A 1579 41.42 32.84 -20.23
N CYS A 1580 40.13 32.75 -19.90
CA CYS A 1580 39.10 33.77 -20.24
C CYS A 1580 39.18 34.97 -19.28
N GLN A 1581 39.61 34.74 -18.03
CA GLN A 1581 39.88 35.79 -17.00
C GLN A 1581 41.02 36.69 -17.49
N LYS A 1582 42.16 36.07 -17.82
CA LYS A 1582 43.39 36.77 -18.27
C LYS A 1582 43.11 37.50 -19.59
N MET A 1583 42.29 36.92 -20.48
CA MET A 1583 41.91 37.51 -21.78
C MET A 1583 40.99 38.73 -21.59
N LEU A 1584 40.07 38.69 -20.61
CA LEU A 1584 39.21 39.84 -20.23
C LEU A 1584 40.10 40.97 -19.71
N GLU A 1585 41.04 40.65 -18.81
CA GLU A 1585 41.95 41.61 -18.13
C GLU A 1585 42.79 42.36 -19.18
N ALA A 1586 43.24 41.67 -20.22
CA ALA A 1586 44.08 42.22 -21.33
C ALA A 1586 43.26 43.15 -22.23
N TYR A 1587 41.99 42.82 -22.46
CA TYR A 1587 41.00 43.68 -23.17
C TYR A 1587 40.73 44.95 -22.35
N LEU A 1588 40.64 44.82 -21.02
CA LEU A 1588 40.38 45.94 -20.09
C LEU A 1588 41.54 46.94 -20.19
N GLU A 1589 42.77 46.45 -20.01
CA GLU A 1589 44.05 47.22 -20.19
C GLU A 1589 44.09 47.85 -21.58
N GLY A 1590 43.48 47.22 -22.58
CA GLY A 1590 43.39 47.74 -23.96
C GLY A 1590 42.43 48.92 -24.08
N LYS A 1591 41.32 48.91 -23.34
CA LYS A 1591 40.37 50.06 -23.25
C LYS A 1591 41.01 51.15 -22.41
N ARG A 1592 41.55 50.76 -21.25
CA ARG A 1592 42.26 51.67 -20.32
C ARG A 1592 43.22 52.57 -21.12
N LYS A 1593 43.97 51.99 -22.05
CA LYS A 1593 45.00 52.72 -22.86
C LYS A 1593 44.37 53.69 -23.85
N LYS A 1594 43.07 53.54 -24.17
CA LYS A 1594 42.32 54.44 -25.11
C LYS A 1594 41.80 55.69 -24.39
N PHE A 1595 41.37 55.55 -23.13
CA PHE A 1595 40.92 56.66 -22.25
C PHE A 1595 41.65 56.58 -20.92
N PRO A 1596 42.89 57.13 -20.85
CA PRO A 1596 43.77 56.94 -19.69
C PRO A 1596 43.15 57.06 -18.29
N ARG A 1597 42.23 58.02 -18.09
CA ARG A 1597 41.64 58.37 -16.76
C ARG A 1597 41.05 57.13 -16.06
N PHE A 1598 40.67 56.11 -16.83
CA PHE A 1598 40.21 54.77 -16.34
C PHE A 1598 41.21 54.18 -15.33
N TYR A 1599 42.51 54.45 -15.49
CA TYR A 1599 43.60 53.99 -14.58
C TYR A 1599 43.29 54.40 -13.12
N PHE A 1600 42.54 55.49 -12.91
CA PHE A 1600 42.24 56.08 -11.58
C PHE A 1600 40.95 55.51 -10.98
N VAL A 1601 40.22 54.68 -11.72
CA VAL A 1601 38.99 53.97 -11.27
C VAL A 1601 39.40 52.54 -10.89
N SER A 1602 38.67 51.89 -9.98
CA SER A 1602 38.87 50.46 -9.60
C SER A 1602 38.24 49.55 -10.66
N ASN A 1603 38.71 48.29 -10.74
CA ASN A 1603 38.32 47.29 -11.77
C ASN A 1603 36.82 47.02 -11.74
N PRO A 1604 36.15 46.87 -10.56
CA PRO A 1604 34.71 46.67 -10.53
C PRO A 1604 33.95 47.79 -11.25
N THR A 1605 34.31 49.05 -10.99
CA THR A 1605 33.65 50.28 -11.48
C THR A 1605 33.88 50.44 -12.99
N LEU A 1606 35.08 50.11 -13.49
CA LEU A 1606 35.37 50.09 -14.94
C LEU A 1606 34.49 49.04 -15.62
N LEU A 1607 34.46 47.82 -15.07
CA LEU A 1607 33.64 46.69 -15.59
C LEU A 1607 32.16 47.08 -15.60
N LYS A 1608 31.70 47.78 -14.57
CA LYS A 1608 30.31 48.33 -14.49
C LYS A 1608 30.11 49.33 -15.64
N ILE A 1609 31.05 50.26 -15.86
CA ILE A 1609 30.94 51.33 -16.89
C ILE A 1609 30.99 50.72 -18.30
N LEU A 1610 31.91 49.80 -18.56
CA LEU A 1610 32.09 49.19 -19.91
C LEU A 1610 30.88 48.31 -20.25
N SER A 1611 30.34 47.59 -19.26
CA SER A 1611 29.13 46.74 -19.38
C SER A 1611 27.88 47.60 -19.64
N GLN A 1612 27.85 48.81 -19.08
CA GLN A 1612 26.74 49.80 -19.22
C GLN A 1612 27.09 50.88 -20.25
N GLY A 1613 28.03 50.61 -21.15
CA GLY A 1613 28.46 51.54 -22.22
C GLY A 1613 27.33 51.87 -23.19
N SER A 1614 26.39 50.95 -23.37
CA SER A 1614 25.23 51.06 -24.30
C SER A 1614 24.22 52.11 -23.81
N GLU A 1615 23.93 52.12 -22.50
CA GLU A 1615 22.94 53.03 -21.85
C GLU A 1615 23.70 54.13 -21.08
N PRO A 1616 23.96 55.30 -21.69
CA PRO A 1616 24.83 56.29 -21.07
C PRO A 1616 24.28 56.98 -19.81
N THR A 1617 22.97 56.85 -19.54
CA THR A 1617 22.32 57.34 -18.29
C THR A 1617 22.86 56.56 -17.09
N SER A 1618 23.15 55.27 -17.27
CA SER A 1618 23.65 54.35 -16.22
C SER A 1618 25.03 54.78 -15.71
N ILE A 1619 25.87 55.36 -16.58
CA ILE A 1619 27.28 55.78 -16.30
C ILE A 1619 27.29 57.00 -15.38
N GLN A 1620 26.18 57.75 -15.31
CA GLN A 1620 26.06 59.11 -14.71
C GLN A 1620 26.53 59.12 -13.24
N GLU A 1621 26.36 58.02 -12.51
CA GLU A 1621 26.79 57.89 -11.08
C GLU A 1621 28.31 58.00 -10.98
N ASP A 1622 29.05 57.44 -11.95
CA ASP A 1622 30.53 57.23 -11.88
C ASP A 1622 31.31 58.36 -12.59
N PHE A 1623 30.64 59.41 -13.08
CA PHE A 1623 31.28 60.58 -13.73
C PHE A 1623 32.27 61.24 -12.77
N GLU A 1624 31.97 61.26 -11.47
CA GLU A 1624 32.75 62.01 -10.45
C GLU A 1624 34.09 61.30 -10.17
N LYS A 1625 34.27 60.05 -10.59
CA LYS A 1625 35.56 59.30 -10.48
C LYS A 1625 36.44 59.55 -11.71
N LEU A 1626 35.85 59.53 -12.92
CA LEU A 1626 36.56 59.77 -14.21
C LEU A 1626 37.20 61.17 -14.23
N PHE A 1627 36.39 62.22 -14.13
CA PHE A 1627 36.84 63.63 -14.22
C PHE A 1627 36.67 64.33 -12.87
N ASP A 1628 37.19 65.57 -12.79
CA ASP A 1628 37.08 66.49 -11.62
C ASP A 1628 35.86 67.40 -11.80
N ALA A 1629 35.05 67.55 -10.76
CA ALA A 1629 33.97 68.57 -10.65
C ALA A 1629 33.01 68.50 -11.83
N ILE A 1630 32.63 67.29 -12.26
CA ILE A 1630 31.54 67.05 -13.25
C ILE A 1630 30.71 65.89 -12.67
N THR A 1631 29.93 66.21 -11.64
CA THR A 1631 29.19 65.24 -10.79
C THR A 1631 28.10 64.55 -11.61
N LYS A 1632 27.38 65.32 -12.43
CA LYS A 1632 26.19 64.87 -13.18
C LYS A 1632 26.22 65.47 -14.59
N VAL A 1633 25.65 64.77 -15.57
CA VAL A 1633 25.62 65.22 -16.98
C VAL A 1633 24.17 65.19 -17.48
N THR A 1634 23.76 66.25 -18.16
CA THR A 1634 22.48 66.34 -18.91
C THR A 1634 22.58 65.49 -20.19
N PHE A 1635 21.50 64.82 -20.54
CA PHE A 1635 21.38 63.91 -21.71
C PHE A 1635 20.17 64.34 -22.54
N GLU A 1636 20.42 64.96 -23.69
CA GLU A 1636 19.34 65.44 -24.60
C GLU A 1636 18.84 64.27 -25.45
N SER A 1637 17.64 64.42 -26.01
CA SER A 1637 17.20 63.69 -27.22
C SER A 1637 17.93 64.31 -28.43
N ALA A 1638 18.54 63.47 -29.26
CA ALA A 1638 19.26 63.89 -30.50
C ALA A 1638 19.00 62.88 -31.61
N LYS A 1639 19.09 63.35 -32.87
CA LYS A 1639 18.83 62.52 -34.08
C LYS A 1639 17.47 61.84 -33.92
N ASP A 1640 16.47 62.59 -33.42
CA ASP A 1640 15.10 62.09 -33.11
C ASP A 1640 14.36 61.75 -34.42
N LYS A 1641 14.87 62.19 -35.58
CA LYS A 1641 14.33 61.86 -36.92
C LYS A 1641 15.01 60.61 -37.48
N LYS A 1642 16.36 60.53 -37.46
CA LYS A 1642 17.15 59.47 -38.15
C LYS A 1642 18.13 58.79 -37.17
N ASN A 1643 18.08 57.45 -37.11
CA ASN A 1643 18.85 56.58 -36.18
C ASN A 1643 18.50 56.95 -34.74
N PRO A 1644 17.19 56.93 -34.36
CA PRO A 1644 16.74 57.41 -33.06
C PRO A 1644 17.08 56.52 -31.86
N ALA A 1645 16.75 57.02 -30.66
CA ALA A 1645 17.09 56.46 -29.33
C ALA A 1645 18.62 56.55 -29.08
N LEU A 1646 19.29 57.51 -29.73
CA LEU A 1646 20.73 57.84 -29.54
C LEU A 1646 20.84 59.20 -28.84
N LYS A 1647 21.22 59.20 -27.55
CA LYS A 1647 21.24 60.43 -26.72
C LYS A 1647 22.52 61.22 -27.00
N GLN A 1648 22.46 62.54 -26.78
CA GLN A 1648 23.56 63.52 -27.04
C GLN A 1648 23.73 64.38 -25.78
N ILE A 1649 24.97 64.52 -25.30
CA ILE A 1649 25.32 65.28 -24.06
C ILE A 1649 25.47 66.77 -24.39
N THR A 1650 24.73 67.64 -23.70
CA THR A 1650 24.59 69.09 -24.02
C THR A 1650 24.83 69.98 -22.80
N GLN A 1651 25.28 69.45 -21.65
CA GLN A 1651 25.83 70.32 -20.58
C GLN A 1651 26.45 69.51 -19.43
N ILE A 1652 27.52 70.08 -18.87
CA ILE A 1652 28.36 69.58 -17.75
C ILE A 1652 27.83 70.24 -16.48
N GLN A 1653 27.47 69.46 -15.45
CA GLN A 1653 27.01 70.01 -14.13
C GLN A 1653 28.00 69.62 -13.04
N GLN A 1654 28.33 70.55 -12.13
CA GLN A 1654 28.97 70.26 -10.82
C GLN A 1654 27.97 70.58 -9.71
N VAL A 1655 27.54 69.56 -8.95
CA VAL A 1655 26.49 69.70 -7.89
C VAL A 1655 27.18 69.73 -6.52
N ILE A 1656 26.98 70.82 -5.77
CA ILE A 1656 27.43 71.00 -4.35
C ILE A 1656 26.18 71.14 -3.48
N GLY A 1657 25.86 70.12 -2.67
CA GLY A 1657 24.64 70.07 -1.84
C GLY A 1657 23.39 69.99 -2.69
N ARG A 1658 22.67 71.12 -2.84
CA ARG A 1658 21.41 71.24 -3.62
C ARG A 1658 21.64 72.08 -4.89
N ASN A 1659 22.58 73.04 -4.87
CA ASN A 1659 22.87 73.98 -6.00
C ASN A 1659 23.93 73.38 -6.93
N GLU A 1660 23.98 73.85 -8.19
CA GLU A 1660 24.88 73.34 -9.26
C GLU A 1660 25.56 74.48 -10.00
N GLU A 1661 26.72 74.20 -10.60
CA GLU A 1661 27.40 75.05 -11.63
C GLU A 1661 27.30 74.35 -12.99
N ASN A 1662 26.68 75.01 -13.98
CA ASN A 1662 26.26 74.41 -15.27
C ASN A 1662 26.95 75.16 -16.42
N ILE A 1663 27.93 74.52 -17.08
CA ILE A 1663 28.61 75.05 -18.31
C ILE A 1663 28.07 74.30 -19.53
N SER A 1664 27.10 74.90 -20.23
CA SER A 1664 26.49 74.29 -21.45
C SER A 1664 27.49 74.39 -22.60
N LEU A 1665 27.47 73.40 -23.48
CA LEU A 1665 28.41 73.23 -24.63
C LEU A 1665 27.81 73.89 -25.86
N THR A 1666 27.78 75.23 -25.87
CA THR A 1666 27.32 76.11 -26.98
C THR A 1666 28.08 75.71 -28.26
N GLY A 1667 27.54 74.77 -29.03
CA GLY A 1667 28.30 74.00 -30.04
C GLY A 1667 29.29 73.07 -29.35
N TYR A 1668 29.85 72.09 -30.06
CA TYR A 1668 30.69 71.00 -29.49
C TYR A 1668 29.84 70.12 -28.56
N TYR A 1669 28.57 69.85 -28.93
CA TYR A 1669 27.69 68.82 -28.31
C TYR A 1669 28.41 67.46 -28.38
N VAL A 1670 28.24 66.60 -27.38
CA VAL A 1670 28.83 65.22 -27.40
C VAL A 1670 27.74 64.20 -27.76
N LYS A 1671 27.58 63.93 -29.05
CA LYS A 1671 26.74 62.82 -29.58
C LYS A 1671 27.36 61.51 -29.07
N CYS A 1672 26.60 60.74 -28.30
CA CYS A 1672 27.08 59.59 -27.47
C CYS A 1672 26.83 58.26 -28.20
N GLU A 1673 27.82 57.80 -28.96
CA GLU A 1673 27.78 56.56 -29.80
C GLU A 1673 27.73 55.32 -28.89
N GLY A 1674 27.72 54.12 -29.50
CA GLY A 1674 27.70 52.82 -28.78
C GLY A 1674 28.87 52.68 -27.81
N ASN A 1675 30.11 52.84 -28.30
CA ASN A 1675 31.35 52.43 -27.58
C ASN A 1675 31.71 53.53 -26.56
N ILE A 1676 31.63 53.21 -25.26
CA ILE A 1676 31.67 54.19 -24.12
C ILE A 1676 32.99 54.96 -24.11
N GLU A 1677 34.12 54.26 -24.28
CA GLU A 1677 35.48 54.87 -24.11
C GLU A 1677 35.81 55.82 -25.27
N ASP A 1678 35.04 55.79 -26.37
CA ASP A 1678 35.22 56.69 -27.54
C ASP A 1678 34.39 57.97 -27.34
N TRP A 1679 33.14 57.87 -26.86
CA TRP A 1679 32.29 59.06 -26.57
C TRP A 1679 32.76 59.75 -25.28
N LEU A 1680 33.42 59.04 -24.35
CA LEU A 1680 33.98 59.62 -23.10
C LEU A 1680 35.22 60.47 -23.40
N LYS A 1681 36.09 59.98 -24.28
CA LYS A 1681 37.22 60.76 -24.86
C LYS A 1681 36.63 62.01 -25.52
N LYS A 1682 35.58 61.85 -26.35
CA LYS A 1682 34.88 62.95 -27.08
C LYS A 1682 34.34 64.01 -26.10
N LEU A 1683 34.02 63.63 -24.86
CA LEU A 1683 33.41 64.52 -23.83
C LEU A 1683 34.51 65.32 -23.14
N GLU A 1684 35.63 64.67 -22.79
CA GLU A 1684 36.86 65.30 -22.22
C GLU A 1684 37.47 66.26 -23.24
N GLN A 1685 37.37 65.96 -24.53
CA GLN A 1685 37.86 66.84 -25.63
C GLN A 1685 36.99 68.08 -25.76
N ASN A 1686 35.65 67.92 -25.69
CA ASN A 1686 34.66 68.99 -25.94
C ASN A 1686 34.51 69.83 -24.67
N MET A 1687 34.76 69.23 -23.50
CA MET A 1687 34.85 69.95 -22.19
C MET A 1687 35.86 71.08 -22.35
N GLN A 1688 37.13 70.70 -22.58
CA GLN A 1688 38.30 71.61 -22.69
C GLN A 1688 38.03 72.63 -23.80
N GLN A 1689 37.61 72.18 -24.97
CA GLN A 1689 37.45 72.99 -26.20
C GLN A 1689 36.37 74.06 -25.96
N THR A 1690 35.37 73.79 -25.11
CA THR A 1690 34.33 74.77 -24.72
C THR A 1690 34.95 75.76 -23.73
N LEU A 1691 35.62 75.28 -22.69
CA LEU A 1691 36.27 76.16 -21.67
C LEU A 1691 37.24 77.10 -22.37
N LYS A 1692 38.08 76.59 -23.28
CA LYS A 1692 39.00 77.40 -24.11
C LYS A 1692 38.20 78.47 -24.84
N ASP A 1693 37.05 78.12 -25.44
CA ASP A 1693 36.17 79.06 -26.19
C ASP A 1693 35.61 80.10 -25.22
N ILE A 1694 35.07 79.64 -24.07
CA ILE A 1694 34.41 80.48 -23.04
C ILE A 1694 35.43 81.42 -22.39
N ALA A 1695 36.60 80.88 -22.02
CA ALA A 1695 37.71 81.59 -21.33
C ALA A 1695 38.31 82.65 -22.28
N SER A 1696 38.51 82.31 -23.54
CA SER A 1696 38.98 83.22 -24.63
C SER A 1696 38.09 84.45 -24.69
N ALA A 1697 36.77 84.25 -24.69
CA ALA A 1697 35.74 85.30 -24.88
C ALA A 1697 35.49 86.09 -23.59
N ALA A 1698 36.06 85.64 -22.45
CA ALA A 1698 35.95 86.27 -21.12
C ALA A 1698 37.20 87.13 -20.86
N ALA A 1699 38.40 86.59 -21.15
CA ALA A 1699 39.70 87.31 -21.10
C ALA A 1699 39.70 88.51 -22.06
N GLN A 1700 38.69 88.62 -22.93
CA GLN A 1700 38.43 89.80 -23.79
C GLN A 1700 37.39 90.70 -23.12
N GLN A 1701 36.32 90.10 -22.57
CA GLN A 1701 35.16 90.77 -21.91
C GLN A 1701 35.61 91.47 -20.62
N VAL A 1702 36.50 90.85 -19.82
CA VAL A 1702 36.90 91.33 -18.47
C VAL A 1702 37.50 92.74 -18.55
N PHE A 1703 38.05 93.11 -19.70
CA PHE A 1703 38.68 94.44 -19.91
C PHE A 1703 37.62 95.51 -20.15
N GLN A 1704 36.54 95.18 -20.87
CA GLN A 1704 35.50 96.15 -21.32
C GLN A 1704 34.16 95.86 -20.61
N VAL A 1705 34.20 95.32 -19.39
CA VAL A 1705 33.01 95.04 -18.53
C VAL A 1705 33.43 95.16 -17.06
N GLY A 1706 32.54 95.67 -16.20
CA GLY A 1706 32.75 95.80 -14.73
C GLY A 1706 33.01 94.47 -14.05
N LEU A 1707 33.59 94.48 -12.85
CA LEU A 1707 34.07 93.26 -12.15
C LEU A 1707 32.89 92.59 -11.42
N LYS A 1708 31.97 93.40 -10.88
CA LYS A 1708 30.67 92.97 -10.29
C LYS A 1708 29.82 92.34 -11.40
N GLU A 1709 29.78 92.98 -12.58
CA GLU A 1709 29.00 92.59 -13.78
C GLU A 1709 29.58 91.30 -14.39
N PHE A 1710 30.91 91.24 -14.54
CA PHE A 1710 31.66 90.11 -15.15
C PHE A 1710 31.48 88.84 -14.32
N VAL A 1711 31.89 88.89 -13.04
CA VAL A 1711 31.98 87.72 -12.13
C VAL A 1711 30.61 87.03 -12.00
N SER A 1712 29.51 87.79 -12.06
CA SER A 1712 28.12 87.26 -12.00
C SER A 1712 27.83 86.42 -13.25
N SER A 1713 28.22 86.92 -14.43
CA SER A 1713 27.98 86.28 -15.75
C SER A 1713 28.80 84.99 -15.88
N GLN A 1714 30.07 85.01 -15.50
CA GLN A 1714 31.05 83.93 -15.79
C GLN A 1714 30.99 82.82 -14.73
N ALA A 1715 31.34 81.59 -15.13
CA ALA A 1715 31.47 80.39 -14.28
C ALA A 1715 32.73 80.51 -13.42
N SER A 1716 32.67 80.01 -12.18
CA SER A 1716 33.70 80.18 -11.11
C SER A 1716 35.12 80.16 -11.68
N GLN A 1717 35.46 79.09 -12.40
CA GLN A 1717 36.82 78.76 -12.90
C GLN A 1717 37.33 79.84 -13.88
N ILE A 1718 36.44 80.54 -14.58
CA ILE A 1718 36.74 81.55 -15.65
C ILE A 1718 36.66 82.95 -15.07
N ALA A 1719 35.88 83.16 -13.99
CA ALA A 1719 35.88 84.41 -13.19
C ALA A 1719 37.25 84.55 -12.53
N LEU A 1720 37.70 83.48 -11.88
CA LEU A 1720 39.04 83.36 -11.22
C LEU A 1720 40.12 83.63 -12.27
N LEU A 1721 40.11 82.87 -13.38
CA LEU A 1721 41.07 82.97 -14.51
C LEU A 1721 40.99 84.36 -15.13
N GLY A 1722 39.80 84.96 -15.17
CA GLY A 1722 39.55 86.29 -15.76
C GLY A 1722 40.11 87.40 -14.88
N LEU A 1723 39.80 87.33 -13.59
CA LEU A 1723 40.32 88.25 -12.53
C LEU A 1723 41.86 88.23 -12.52
N GLN A 1724 42.46 87.04 -12.60
CA GLN A 1724 43.95 86.87 -12.61
C GLN A 1724 44.54 87.52 -13.87
N ILE A 1725 43.87 87.36 -15.02
CA ILE A 1725 44.29 87.92 -16.35
C ILE A 1725 44.26 89.45 -16.28
N LEU A 1726 43.23 89.99 -15.63
CA LEU A 1726 43.04 91.46 -15.45
C LEU A 1726 44.23 92.00 -14.69
N TRP A 1727 44.47 91.46 -13.49
CA TRP A 1727 45.49 91.95 -12.53
C TRP A 1727 46.88 91.96 -13.18
N THR A 1728 47.27 90.88 -13.85
CA THR A 1728 48.63 90.75 -14.46
C THR A 1728 48.78 91.67 -15.67
N SER A 1729 47.66 92.08 -16.28
CA SER A 1729 47.65 93.14 -17.32
C SER A 1729 47.85 94.50 -16.65
N LYS A 1730 47.19 94.74 -15.51
CA LYS A 1730 47.24 96.05 -14.81
C LYS A 1730 48.65 96.28 -14.27
N VAL A 1731 49.32 95.24 -13.78
CA VAL A 1731 50.70 95.36 -13.22
C VAL A 1731 51.66 95.57 -14.40
N ASN A 1732 51.75 94.60 -15.32
CA ASN A 1732 52.56 94.68 -16.58
C ASN A 1732 52.48 96.10 -17.10
N GLU A 1733 51.26 96.56 -17.46
CA GLU A 1733 51.00 97.91 -18.02
C GLU A 1733 51.50 98.98 -17.05
N GLY A 1734 51.36 98.75 -15.74
CA GLY A 1734 51.87 99.67 -14.70
C GLY A 1734 53.38 99.79 -14.78
N LEU A 1735 54.08 98.65 -14.72
CA LEU A 1735 55.57 98.55 -14.73
C LEU A 1735 56.10 99.04 -16.09
N GLU A 1736 55.45 98.67 -17.20
CA GLU A 1736 55.81 99.13 -18.58
C GLU A 1736 55.92 100.66 -18.58
N ARG A 1737 54.99 101.35 -17.90
CA ARG A 1737 54.91 102.83 -17.84
C ARG A 1737 55.93 103.39 -16.85
N LEU A 1738 56.37 102.61 -15.85
CA LEU A 1738 57.51 103.00 -14.96
C LEU A 1738 58.83 102.99 -15.75
N SER A 1739 59.04 102.00 -16.61
CA SER A 1739 60.27 101.81 -17.43
C SER A 1739 60.42 102.95 -18.46
N ARG A 1740 59.31 103.52 -18.93
CA ARG A 1740 59.26 104.66 -19.90
C ARG A 1740 59.35 105.99 -19.14
N ASN A 1741 59.25 105.96 -17.80
CA ASN A 1741 59.46 107.09 -16.86
C ASN A 1741 58.21 107.99 -16.84
N GLU A 1742 57.02 107.39 -16.75
CA GLU A 1742 55.73 108.06 -16.43
C GLU A 1742 55.50 107.87 -14.92
N ARG A 1743 55.64 108.95 -14.14
CA ARG A 1743 55.72 108.90 -12.66
C ARG A 1743 54.30 108.78 -12.09
N ASN A 1744 54.15 107.93 -11.07
CA ASN A 1744 52.85 107.55 -10.44
C ASN A 1744 51.94 106.91 -11.50
N ALA A 1745 52.51 106.00 -12.31
CA ALA A 1745 51.79 105.15 -13.30
C ALA A 1745 51.37 103.84 -12.62
N MET A 1746 52.16 103.38 -11.65
CA MET A 1746 51.89 102.16 -10.84
C MET A 1746 50.84 102.50 -9.77
N ASP A 1747 51.00 103.64 -9.07
CA ASP A 1747 50.06 104.14 -8.02
C ASP A 1747 48.63 104.23 -8.59
N ILE A 1748 48.49 104.61 -9.87
CA ILE A 1748 47.19 104.67 -10.61
C ILE A 1748 46.61 103.25 -10.72
N LYS A 1749 47.44 102.25 -11.03
CA LYS A 1749 46.99 100.83 -11.24
C LYS A 1749 46.65 100.18 -9.90
N ARG A 1750 47.45 100.43 -8.86
CA ARG A 1750 47.17 99.98 -7.48
C ARG A 1750 45.77 100.42 -7.06
N ASN A 1751 45.40 101.68 -7.38
CA ASN A 1751 44.09 102.29 -7.03
C ASN A 1751 42.96 101.50 -7.70
N GLU A 1752 43.11 101.14 -8.98
CA GLU A 1752 42.18 100.22 -9.70
C GLU A 1752 42.12 98.88 -8.95
N ILE A 1753 43.27 98.33 -8.55
CA ILE A 1753 43.39 96.98 -7.90
C ILE A 1753 42.65 97.01 -6.54
N LYS A 1754 42.53 98.18 -5.94
CA LYS A 1754 41.79 98.40 -4.65
C LYS A 1754 40.30 98.46 -4.96
N GLU A 1755 39.90 99.15 -6.05
CA GLU A 1755 38.48 99.21 -6.51
C GLU A 1755 38.00 97.78 -6.76
N HIS A 1756 38.75 97.02 -7.56
CA HIS A 1756 38.54 95.57 -7.86
C HIS A 1756 38.35 94.77 -6.57
N MET A 1757 38.96 95.17 -5.45
CA MET A 1757 38.94 94.42 -4.17
C MET A 1757 37.75 94.88 -3.32
N ASN A 1758 37.38 96.15 -3.39
CA ASN A 1758 36.19 96.74 -2.69
C ASN A 1758 34.91 96.17 -3.31
N ILE A 1759 34.92 96.00 -4.64
CA ILE A 1759 33.82 95.30 -5.39
C ILE A 1759 33.65 93.89 -4.80
N LEU A 1760 34.73 93.12 -4.71
CA LEU A 1760 34.68 91.68 -4.33
C LEU A 1760 34.28 91.53 -2.85
N SER A 1761 34.59 92.50 -2.00
CA SER A 1761 34.21 92.47 -0.56
C SER A 1761 32.75 92.89 -0.43
N SER A 1762 32.29 93.83 -1.28
CA SER A 1762 30.88 94.29 -1.33
C SER A 1762 30.01 93.34 -2.16
N MET A 1763 30.54 92.21 -2.64
CA MET A 1763 29.79 91.06 -3.20
C MET A 1763 29.66 89.94 -2.15
N CYS A 1764 30.51 89.93 -1.12
CA CYS A 1764 30.40 89.06 0.08
C CYS A 1764 29.28 89.55 1.02
N LEU A 1765 28.89 90.81 0.89
CA LEU A 1765 27.92 91.53 1.75
C LEU A 1765 26.49 91.36 1.21
N GLU A 1766 26.33 90.88 -0.03
CA GLU A 1766 25.03 90.76 -0.75
C GLU A 1766 24.36 89.41 -0.45
N ASP A 1767 25.07 88.46 0.17
CA ASP A 1767 24.63 87.08 0.51
C ASP A 1767 23.79 86.49 -0.63
N LEU A 1768 24.46 86.19 -1.76
CA LEU A 1768 23.86 85.49 -2.94
C LEU A 1768 23.56 84.03 -2.56
N ASN A 1769 22.47 83.48 -3.10
CA ASN A 1769 21.95 82.11 -2.77
C ASN A 1769 22.94 81.06 -3.27
N GLY A 1770 22.91 79.87 -2.64
CA GLY A 1770 23.64 78.68 -3.08
C GLY A 1770 25.04 78.59 -2.48
N ALA A 1771 25.55 77.37 -2.33
CA ALA A 1771 26.91 77.06 -1.83
C ALA A 1771 27.95 77.22 -2.94
N VAL A 1772 27.51 77.27 -4.21
CA VAL A 1772 28.39 77.38 -5.42
C VAL A 1772 28.84 78.83 -5.56
N GLU A 1773 27.89 79.78 -5.62
CA GLU A 1773 28.14 81.24 -5.78
C GLU A 1773 28.88 81.81 -4.57
N ARG A 1774 28.74 81.19 -3.39
CA ARG A 1774 29.47 81.59 -2.15
C ARG A 1774 30.92 81.14 -2.28
N THR A 1775 31.15 79.89 -2.68
CA THR A 1775 32.51 79.31 -2.91
C THR A 1775 33.16 79.96 -4.15
N LYS A 1776 32.37 80.52 -5.06
CA LYS A 1776 32.86 81.26 -6.26
C LYS A 1776 33.41 82.62 -5.83
N VAL A 1777 32.63 83.37 -5.04
CA VAL A 1777 32.99 84.76 -4.60
C VAL A 1777 34.11 84.68 -3.56
N GLU A 1778 34.12 83.67 -2.68
CA GLU A 1778 35.14 83.52 -1.62
C GLU A 1778 36.50 83.21 -2.24
N THR A 1779 36.57 82.33 -3.25
CA THR A 1779 37.84 81.98 -3.95
C THR A 1779 38.36 83.20 -4.71
N LEU A 1780 37.48 84.05 -5.27
CA LEU A 1780 37.87 85.32 -5.94
C LEU A 1780 38.54 86.27 -4.94
N VAL A 1781 38.03 86.32 -3.71
CA VAL A 1781 38.53 87.22 -2.63
C VAL A 1781 39.85 86.66 -2.08
N THR A 1782 40.02 85.33 -1.98
CA THR A 1782 41.28 84.72 -1.46
C THR A 1782 42.42 85.05 -2.43
N ILE A 1783 42.10 85.21 -3.71
CA ILE A 1783 43.05 85.63 -4.79
C ILE A 1783 43.31 87.13 -4.64
N GLN A 1784 42.26 87.96 -4.71
CA GLN A 1784 42.42 89.44 -4.86
C GLN A 1784 43.04 90.08 -3.62
N VAL A 1785 43.07 89.44 -2.44
CA VAL A 1785 43.89 89.97 -1.31
C VAL A 1785 45.37 89.74 -1.65
N HIS A 1786 45.71 88.56 -2.20
CA HIS A 1786 47.06 88.19 -2.65
C HIS A 1786 47.48 89.06 -3.84
N GLN A 1787 46.55 89.36 -4.75
CA GLN A 1787 46.81 90.25 -5.91
C GLN A 1787 47.16 91.65 -5.37
N LYS A 1788 46.35 92.16 -4.43
CA LYS A 1788 46.53 93.52 -3.84
C LYS A 1788 47.84 93.53 -3.02
N ASP A 1789 47.95 92.63 -2.05
CA ASP A 1789 49.12 92.50 -1.14
C ASP A 1789 50.43 92.61 -1.93
N ILE A 1790 50.56 91.80 -2.99
CA ILE A 1790 51.76 91.76 -3.88
C ILE A 1790 51.96 93.15 -4.49
N SER A 1791 51.01 93.61 -5.30
CA SER A 1791 51.11 94.86 -6.09
C SER A 1791 51.02 96.11 -5.21
N MET A 1792 50.78 95.97 -3.89
CA MET A 1792 50.82 97.09 -2.92
C MET A 1792 52.27 97.37 -2.49
N ASP A 1793 53.09 96.31 -2.35
CA ASP A 1793 54.53 96.41 -1.97
C ASP A 1793 55.38 95.72 -3.05
N LEU A 1794 55.16 96.03 -4.33
CA LEU A 1794 55.90 95.40 -5.45
C LEU A 1794 57.28 96.08 -5.56
N LYS A 1795 57.30 97.38 -5.89
CA LYS A 1795 58.54 98.19 -6.07
C LYS A 1795 59.43 97.52 -7.12
N CYS A 1796 59.07 97.66 -8.40
CA CYS A 1796 59.86 97.23 -9.60
C CYS A 1796 59.80 98.33 -10.65
N LYS A 1797 60.96 98.68 -11.23
CA LYS A 1797 61.11 99.81 -12.19
C LYS A 1797 61.11 99.28 -13.62
N ASP A 1798 60.82 97.97 -13.80
CA ASP A 1798 60.70 97.31 -15.13
C ASP A 1798 59.91 96.01 -14.97
N VAL A 1799 59.31 95.53 -16.06
CA VAL A 1799 58.52 94.27 -16.14
C VAL A 1799 59.44 93.06 -15.90
N ASN A 1800 60.69 93.13 -16.33
CA ASN A 1800 61.65 91.98 -16.32
C ASN A 1800 62.38 91.89 -14.96
N ASP A 1801 62.24 92.88 -14.08
CA ASP A 1801 62.80 92.85 -12.69
C ASP A 1801 62.23 91.63 -11.96
N PHE A 1802 63.07 90.95 -11.18
CA PHE A 1802 62.83 89.57 -10.68
C PHE A 1802 61.65 89.52 -9.71
N GLU A 1803 61.43 90.56 -8.91
CA GLU A 1803 60.38 90.56 -7.86
C GLU A 1803 58.99 90.42 -8.50
N TRP A 1804 58.84 90.84 -9.77
CA TRP A 1804 57.59 90.66 -10.57
C TRP A 1804 57.58 89.27 -11.23
N GLN A 1805 58.70 88.84 -11.80
CA GLN A 1805 58.83 87.52 -12.52
C GLN A 1805 58.47 86.38 -11.56
N LYS A 1806 58.93 86.44 -10.30
CA LYS A 1806 58.56 85.52 -9.20
C LYS A 1806 57.05 85.26 -9.22
N GLN A 1807 56.26 86.34 -9.29
CA GLN A 1807 54.78 86.30 -9.08
C GLN A 1807 54.14 85.42 -10.15
N THR A 1808 53.12 84.64 -9.76
CA THR A 1808 52.26 83.83 -10.65
C THR A 1808 51.48 84.79 -11.55
N ARG A 1809 51.74 84.73 -12.86
CA ARG A 1809 51.16 85.64 -13.88
C ARG A 1809 50.48 84.81 -14.95
N ILE A 1810 49.19 85.04 -15.14
CA ILE A 1810 48.33 84.46 -16.21
C ILE A 1810 48.04 85.58 -17.22
N ALA A 1811 48.30 85.34 -18.52
CA ALA A 1811 48.05 86.32 -19.61
C ALA A 1811 47.54 85.60 -20.86
N TRP A 1812 46.64 86.24 -21.61
CA TRP A 1812 46.03 85.70 -22.85
C TRP A 1812 46.82 86.20 -24.07
N LYS A 1813 47.74 85.36 -24.59
CA LYS A 1813 48.61 85.69 -25.76
C LYS A 1813 47.75 85.69 -27.02
N THR A 1814 47.60 86.84 -27.68
CA THR A 1814 46.80 87.02 -28.92
C THR A 1814 47.53 86.37 -30.11
N ASP A 1815 48.86 86.25 -30.04
CA ASP A 1815 49.76 85.78 -31.13
C ASP A 1815 49.62 84.26 -31.29
N ILE A 1816 49.63 83.51 -30.18
CA ILE A 1816 49.43 82.03 -30.15
C ILE A 1816 48.01 81.69 -29.67
N ASP A 1817 47.16 82.70 -29.45
CA ASP A 1817 45.70 82.60 -29.13
C ASP A 1817 45.47 81.54 -28.05
N GLU A 1818 46.34 81.49 -27.03
CA GLU A 1818 46.34 80.44 -25.98
C GLU A 1818 46.70 81.09 -24.64
N CYS A 1819 45.92 80.84 -23.58
CA CYS A 1819 46.25 81.28 -22.19
C CYS A 1819 47.54 80.60 -21.74
N ILE A 1820 48.53 81.38 -21.31
CA ILE A 1820 49.84 80.89 -20.79
C ILE A 1820 50.03 81.43 -19.37
N ILE A 1821 50.29 80.54 -18.41
CA ILE A 1821 50.51 80.87 -16.97
C ILE A 1821 52.01 80.79 -16.65
N SER A 1822 52.64 81.95 -16.47
CA SER A 1822 54.09 82.11 -16.16
C SER A 1822 54.29 82.17 -14.64
N ILE A 1823 55.27 81.41 -14.14
CA ILE A 1823 55.86 81.50 -12.77
C ILE A 1823 57.39 81.48 -12.94
N THR A 1824 58.08 82.58 -12.64
CA THR A 1824 59.55 82.77 -12.82
C THR A 1824 59.86 82.71 -14.33
N ASP A 1825 60.34 81.58 -14.84
CA ASP A 1825 60.73 81.37 -16.26
C ASP A 1825 59.89 80.26 -16.89
N TRP A 1826 58.95 79.66 -16.15
CA TRP A 1826 58.21 78.43 -16.56
C TRP A 1826 56.80 78.81 -17.03
N ASP A 1827 56.58 78.76 -18.34
CA ASP A 1827 55.34 79.24 -19.03
C ASP A 1827 54.52 78.03 -19.48
N SER A 1828 53.63 77.54 -18.60
CA SER A 1828 52.68 76.44 -18.88
C SER A 1828 51.44 77.00 -19.59
N PRO A 1829 50.82 76.26 -20.53
CA PRO A 1829 49.51 76.65 -21.04
C PRO A 1829 48.44 76.21 -20.03
N TYR A 1830 47.25 76.82 -20.08
CA TYR A 1830 46.06 76.42 -19.29
C TYR A 1830 45.57 75.07 -19.84
N SER A 1831 45.24 74.12 -18.96
CA SER A 1831 44.83 72.73 -19.32
C SER A 1831 43.35 72.67 -19.69
N TYR A 1832 42.53 73.59 -19.17
CA TYR A 1832 41.10 73.79 -19.50
C TYR A 1832 40.24 72.67 -18.90
N GLU A 1833 40.70 72.02 -17.83
CA GLU A 1833 39.86 71.06 -17.05
C GLU A 1833 38.75 71.87 -16.39
N PHE A 1834 37.50 71.40 -16.44
CA PHE A 1834 36.35 72.00 -15.73
C PHE A 1834 36.42 71.66 -14.24
N LEU A 1835 36.90 72.63 -13.45
CA LEU A 1835 37.13 72.50 -11.99
C LEU A 1835 35.85 72.86 -11.24
N GLY A 1836 34.92 73.58 -11.88
CA GLY A 1836 33.73 74.14 -11.22
C GLY A 1836 34.11 75.17 -10.17
N ALA A 1837 33.38 75.20 -9.05
CA ALA A 1837 33.57 76.14 -7.92
C ALA A 1837 34.19 75.37 -6.74
N LYS A 1838 35.50 75.56 -6.52
CA LYS A 1838 36.29 74.83 -5.49
C LYS A 1838 36.91 75.83 -4.51
N GLU A 1839 36.92 75.46 -3.23
CA GLU A 1839 37.53 76.25 -2.13
C GLU A 1839 39.04 76.38 -2.39
N ARG A 1840 39.55 77.61 -2.30
CA ARG A 1840 40.98 77.98 -2.50
C ARG A 1840 41.58 78.33 -1.12
N LEU A 1841 42.78 77.83 -0.81
CA LEU A 1841 43.50 78.22 0.44
C LEU A 1841 44.02 79.65 0.31
N CYS A 1842 43.97 80.40 1.42
CA CYS A 1842 44.64 81.72 1.60
C CYS A 1842 46.09 81.62 1.13
N ILE A 1843 46.50 82.53 0.23
CA ILE A 1843 47.85 82.49 -0.41
C ILE A 1843 48.81 83.32 0.46
N THR A 1844 49.69 82.63 1.20
CA THR A 1844 50.72 83.21 2.10
C THR A 1844 51.94 83.61 1.25
N PRO A 1845 52.89 84.41 1.78
CA PRO A 1845 54.16 84.64 1.10
C PRO A 1845 55.02 83.38 0.98
N LEU A 1846 54.82 82.41 1.89
CA LEU A 1846 55.41 81.04 1.84
C LEU A 1846 54.89 80.32 0.59
N THR A 1847 53.56 80.29 0.41
CA THR A 1847 52.83 79.58 -0.68
C THR A 1847 53.29 80.08 -2.05
N ASP A 1848 53.54 81.38 -2.20
CA ASP A 1848 54.07 81.99 -3.45
C ASP A 1848 55.47 81.43 -3.72
N ARG A 1849 56.31 81.32 -2.68
CA ARG A 1849 57.71 80.85 -2.79
C ARG A 1849 57.75 79.33 -2.98
N CYS A 1850 56.72 78.62 -2.47
CA CYS A 1850 56.49 77.16 -2.68
C CYS A 1850 56.10 76.90 -4.15
N TYR A 1851 55.18 77.70 -4.71
CA TYR A 1851 54.72 77.64 -6.13
C TYR A 1851 55.90 77.71 -7.10
N ILE A 1852 56.89 78.57 -6.82
CA ILE A 1852 58.10 78.77 -7.68
C ILE A 1852 58.90 77.46 -7.69
N THR A 1853 59.15 76.87 -6.52
CA THR A 1853 59.91 75.62 -6.37
C THR A 1853 59.23 74.51 -7.18
N LEU A 1854 57.93 74.30 -6.94
CA LEU A 1854 57.09 73.28 -7.63
C LEU A 1854 57.13 73.50 -9.14
N ALA A 1855 57.20 74.75 -9.59
CA ALA A 1855 57.27 75.13 -11.02
C ALA A 1855 58.68 74.81 -11.56
N GLN A 1856 59.72 75.19 -10.81
CA GLN A 1856 61.15 74.98 -11.18
C GLN A 1856 61.44 73.48 -11.30
N ALA A 1857 60.82 72.66 -10.44
CA ALA A 1857 60.87 71.18 -10.50
C ALA A 1857 60.30 70.71 -11.85
N MET A 1858 59.09 71.15 -12.20
CA MET A 1858 58.38 70.73 -13.43
C MET A 1858 59.16 71.13 -14.68
N SER A 1859 59.73 72.34 -14.70
CA SER A 1859 60.57 72.86 -15.81
C SER A 1859 61.82 71.97 -15.99
N MET A 1860 62.44 71.55 -14.89
CA MET A 1860 63.66 70.71 -14.86
C MET A 1860 63.29 69.22 -14.99
N TYR A 1861 62.01 68.87 -14.87
CA TYR A 1861 61.44 67.51 -15.09
C TYR A 1861 61.66 66.62 -13.86
N TYR A 1862 62.23 67.18 -12.79
CA TYR A 1862 62.25 66.55 -11.44
C TYR A 1862 60.80 66.56 -10.94
N GLY A 1863 60.42 65.59 -10.11
CA GLY A 1863 59.13 65.62 -9.38
C GLY A 1863 59.17 66.67 -8.27
N GLY A 1864 58.03 66.95 -7.66
CA GLY A 1864 57.92 67.83 -6.46
C GLY A 1864 57.48 67.02 -5.25
N ALA A 1865 57.94 67.35 -4.03
CA ALA A 1865 57.61 66.56 -2.82
C ALA A 1865 57.56 67.44 -1.57
N PRO A 1866 56.47 68.22 -1.37
CA PRO A 1866 56.37 69.13 -0.22
C PRO A 1866 56.22 68.37 1.10
N ALA A 1867 57.10 68.66 2.06
CA ALA A 1867 57.28 67.89 3.32
C ALA A 1867 57.18 68.85 4.52
N GLY A 1868 56.12 68.71 5.31
CA GLY A 1868 55.84 69.57 6.47
C GLY A 1868 55.01 68.85 7.53
N PRO A 1869 54.80 69.47 8.71
CA PRO A 1869 53.93 68.88 9.73
C PRO A 1869 52.47 68.84 9.27
N ALA A 1870 51.67 67.94 9.83
CA ALA A 1870 50.24 67.73 9.50
C ALA A 1870 49.44 69.00 9.81
N GLY A 1871 48.58 69.43 8.88
CA GLY A 1871 47.70 70.61 9.03
C GLY A 1871 48.21 71.83 8.28
N THR A 1872 49.37 71.74 7.61
CA THR A 1872 49.94 72.79 6.73
C THR A 1872 49.25 72.77 5.35
N GLY A 1873 48.55 71.66 5.03
CA GLY A 1873 47.84 71.48 3.75
C GLY A 1873 48.82 71.44 2.60
N LYS A 1874 49.72 70.45 2.62
CA LYS A 1874 50.68 70.16 1.51
C LYS A 1874 49.86 69.75 0.28
N THR A 1875 48.97 68.78 0.47
CA THR A 1875 48.02 68.24 -0.54
C THR A 1875 47.24 69.39 -1.18
N GLU A 1876 46.72 70.29 -0.34
CA GLU A 1876 45.77 71.37 -0.74
C GLU A 1876 46.51 72.42 -1.56
N THR A 1877 47.78 72.71 -1.23
CA THR A 1877 48.64 73.71 -1.93
C THR A 1877 49.05 73.20 -3.32
N VAL A 1878 49.34 71.90 -3.45
CA VAL A 1878 49.63 71.22 -4.75
C VAL A 1878 48.38 71.29 -5.61
N LYS A 1879 47.22 70.97 -5.03
CA LYS A 1879 45.90 71.00 -5.72
C LYS A 1879 45.61 72.44 -6.18
N ASP A 1880 45.86 73.42 -5.32
CA ASP A 1880 45.65 74.88 -5.59
C ASP A 1880 46.47 75.32 -6.80
N LEU A 1881 47.70 74.82 -6.96
CA LEU A 1881 48.57 75.12 -8.13
C LEU A 1881 47.94 74.51 -9.39
N GLY A 1882 47.46 73.27 -9.30
CA GLY A 1882 46.72 72.59 -10.39
C GLY A 1882 45.50 73.40 -10.82
N ARG A 1883 44.69 73.82 -9.85
CA ARG A 1883 43.44 74.60 -10.08
C ARG A 1883 43.78 75.99 -10.67
N THR A 1884 44.98 76.50 -10.37
CA THR A 1884 45.50 77.78 -10.92
C THR A 1884 45.83 77.60 -12.41
N LEU A 1885 46.31 76.42 -12.80
CA LEU A 1885 46.68 76.06 -14.21
C LEU A 1885 45.53 75.36 -14.92
N GLY A 1886 44.42 75.10 -14.24
CA GLY A 1886 43.22 74.47 -14.81
C GLY A 1886 43.46 73.03 -15.20
N VAL A 1887 44.20 72.27 -14.37
CA VAL A 1887 44.55 70.84 -14.63
C VAL A 1887 44.02 69.99 -13.47
N PHE A 1888 43.42 68.85 -13.79
CA PHE A 1888 42.90 67.85 -12.83
C PHE A 1888 44.08 67.23 -12.05
N VAL A 1889 43.98 67.22 -10.72
CA VAL A 1889 45.01 66.67 -9.78
C VAL A 1889 44.44 65.42 -9.12
N VAL A 1890 44.83 64.23 -9.57
CA VAL A 1890 44.35 62.93 -9.02
C VAL A 1890 45.02 62.72 -7.66
N VAL A 1891 44.28 62.88 -6.56
CA VAL A 1891 44.76 62.56 -5.18
C VAL A 1891 44.56 61.05 -4.96
N THR A 1892 45.56 60.39 -4.36
CA THR A 1892 45.56 58.93 -4.07
C THR A 1892 46.03 58.73 -2.63
N ASN A 1893 45.08 58.58 -1.69
CA ASN A 1893 45.32 58.45 -0.23
C ASN A 1893 46.16 57.20 0.03
N CYS A 1894 47.49 57.37 0.04
CA CYS A 1894 48.50 56.28 0.14
C CYS A 1894 48.48 55.67 1.55
N SER A 1895 48.71 54.36 1.64
CA SER A 1895 48.65 53.56 2.90
C SER A 1895 49.54 52.30 2.79
N ASP A 1896 49.62 51.52 3.86
CA ASP A 1896 50.40 50.25 3.94
C ASP A 1896 49.88 49.24 2.91
N GLN A 1897 48.57 49.25 2.63
CA GLN A 1897 47.87 48.27 1.76
C GLN A 1897 48.25 48.43 0.29
N HIS A 1898 48.69 49.63 -0.13
CA HIS A 1898 49.18 49.92 -1.51
C HIS A 1898 50.42 49.07 -1.82
N ARG A 1899 50.40 48.35 -2.94
CA ARG A 1899 51.54 47.55 -3.47
C ARG A 1899 52.17 48.30 -4.65
N TYR A 1900 53.28 47.77 -5.19
CA TYR A 1900 54.03 48.35 -6.34
C TYR A 1900 53.20 48.25 -7.64
N ARG A 1901 52.27 47.28 -7.71
CA ARG A 1901 51.35 47.09 -8.87
C ARG A 1901 50.27 48.17 -8.83
N ASP A 1902 49.68 48.39 -7.65
CA ASP A 1902 48.61 49.40 -7.39
C ASP A 1902 49.13 50.79 -7.76
N MET A 1903 50.39 51.08 -7.43
CA MET A 1903 51.06 52.39 -7.68
C MET A 1903 51.36 52.53 -9.18
N ALA A 1904 51.89 51.49 -9.81
CA ALA A 1904 52.26 51.44 -11.25
C ALA A 1904 51.05 51.73 -12.14
N LYS A 1905 49.85 51.31 -11.72
CA LYS A 1905 48.56 51.57 -12.42
C LYS A 1905 48.29 53.07 -12.48
N ILE A 1906 48.55 53.80 -11.38
CA ILE A 1906 48.29 55.26 -11.25
C ILE A 1906 49.25 56.02 -12.18
N PHE A 1907 50.54 55.68 -12.11
CA PHE A 1907 51.63 56.33 -12.89
C PHE A 1907 51.41 56.13 -14.40
N LYS A 1908 50.94 54.94 -14.81
CA LYS A 1908 50.58 54.63 -16.23
C LYS A 1908 49.34 55.42 -16.66
N GLY A 1909 48.54 55.89 -15.71
CA GLY A 1909 47.41 56.82 -15.94
C GLY A 1909 47.89 58.25 -16.13
N LEU A 1910 48.75 58.73 -15.25
CA LEU A 1910 49.26 60.13 -15.27
C LEU A 1910 49.99 60.39 -16.59
N VAL A 1911 50.92 59.50 -16.97
CA VAL A 1911 51.80 59.67 -18.17
C VAL A 1911 50.95 59.64 -19.44
N GLN A 1912 49.98 58.73 -19.54
CA GLN A 1912 49.14 58.54 -20.75
C GLN A 1912 48.08 59.63 -20.84
N SER A 1913 47.59 60.13 -19.70
CA SER A 1913 46.51 61.15 -19.58
C SER A 1913 47.09 62.55 -19.83
N GLY A 1914 48.18 62.86 -19.12
CA GLY A 1914 48.77 64.22 -19.06
C GLY A 1914 48.12 65.04 -17.97
N LEU A 1915 47.88 64.41 -16.82
CA LEU A 1915 47.29 65.02 -15.60
C LEU A 1915 48.33 64.92 -14.47
N TRP A 1916 48.31 65.89 -13.54
CA TRP A 1916 49.12 65.87 -12.30
C TRP A 1916 48.58 64.79 -11.37
N GLY A 1917 49.30 64.46 -10.30
CA GLY A 1917 48.91 63.35 -9.41
C GLY A 1917 49.64 63.37 -8.08
N CYS A 1918 49.15 64.17 -7.14
CA CYS A 1918 49.70 64.26 -5.76
C CYS A 1918 49.34 62.98 -4.99
N PHE A 1919 50.25 62.49 -4.14
CA PHE A 1919 50.12 61.25 -3.33
C PHE A 1919 50.09 61.64 -1.85
N ASP A 1920 48.88 61.82 -1.30
CA ASP A 1920 48.66 62.20 0.13
C ASP A 1920 49.23 61.11 1.05
N GLU A 1921 50.15 61.49 1.95
CA GLU A 1921 50.75 60.64 3.03
C GLU A 1921 51.52 59.47 2.40
N PHE A 1922 52.45 59.78 1.50
CA PHE A 1922 53.26 58.81 0.71
C PHE A 1922 54.32 58.10 1.57
N ASN A 1923 54.78 58.75 2.65
CA ASN A 1923 55.68 58.14 3.67
C ASN A 1923 55.07 56.85 4.20
N ARG A 1924 53.74 56.81 4.33
CA ARG A 1924 52.96 55.70 4.96
C ARG A 1924 53.02 54.43 4.09
N ILE A 1925 53.42 54.55 2.81
CA ILE A 1925 53.76 53.40 1.91
C ILE A 1925 54.92 52.63 2.55
N ASP A 1926 54.89 51.29 2.47
CA ASP A 1926 55.97 50.39 2.98
C ASP A 1926 57.24 50.60 2.14
N LEU A 1927 58.40 50.65 2.79
CA LEU A 1927 59.72 50.95 2.17
C LEU A 1927 60.02 49.96 1.03
N GLU A 1928 59.58 48.71 1.18
CA GLU A 1928 59.68 47.62 0.17
C GLU A 1928 59.18 48.11 -1.19
N VAL A 1929 58.00 48.74 -1.19
CA VAL A 1929 57.25 49.24 -2.40
C VAL A 1929 58.08 50.33 -3.09
N LEU A 1930 58.58 51.29 -2.30
CA LEU A 1930 59.18 52.57 -2.75
C LEU A 1930 60.44 52.32 -3.58
N SER A 1931 61.15 51.22 -3.33
CA SER A 1931 62.35 50.77 -4.11
C SER A 1931 61.94 50.42 -5.54
N VAL A 1932 60.72 49.90 -5.72
CA VAL A 1932 60.17 49.45 -7.04
C VAL A 1932 59.55 50.66 -7.73
N VAL A 1933 58.82 51.50 -6.98
CA VAL A 1933 58.20 52.78 -7.44
C VAL A 1933 59.31 53.71 -7.97
N ALA A 1934 60.46 53.74 -7.30
CA ALA A 1934 61.64 54.55 -7.69
C ALA A 1934 62.03 54.25 -9.13
N MET A 1935 62.06 52.97 -9.52
CA MET A 1935 62.41 52.53 -10.90
C MET A 1935 61.27 52.94 -11.86
N GLN A 1936 60.02 52.97 -11.40
CA GLN A 1936 58.85 53.45 -12.19
C GLN A 1936 59.02 54.95 -12.44
N VAL A 1937 59.30 55.75 -11.39
CA VAL A 1937 59.44 57.23 -11.47
C VAL A 1937 60.71 57.57 -12.27
N GLU A 1938 61.81 56.84 -12.05
CA GLU A 1938 63.10 57.01 -12.76
C GLU A 1938 62.90 56.79 -14.27
N SER A 1939 62.08 55.81 -14.63
CA SER A 1939 61.77 55.45 -16.05
C SER A 1939 60.91 56.53 -16.69
N ILE A 1940 60.02 57.16 -15.92
CA ILE A 1940 59.13 58.27 -16.38
C ILE A 1940 59.99 59.52 -16.58
N THR A 1941 60.82 59.85 -15.59
CA THR A 1941 61.73 61.03 -15.55
C THR A 1941 62.60 61.01 -16.80
N THR A 1942 63.37 59.93 -16.99
CA THR A 1942 64.33 59.73 -18.12
C THR A 1942 63.62 59.95 -19.46
N ALA A 1943 62.36 59.56 -19.58
CA ALA A 1943 61.54 59.75 -20.80
C ALA A 1943 61.20 61.24 -20.98
N ARG A 1944 60.87 61.96 -19.91
CA ARG A 1944 60.49 63.40 -19.94
C ARG A 1944 61.71 64.26 -20.29
N LYS A 1945 62.89 63.90 -19.76
CA LYS A 1945 64.17 64.66 -19.93
C LYS A 1945 64.60 64.61 -21.41
N GLN A 1946 64.50 63.45 -22.05
CA GLN A 1946 64.90 63.23 -23.47
C GLN A 1946 63.77 63.65 -24.43
N HIS A 1947 62.59 64.03 -23.90
CA HIS A 1947 61.38 64.43 -24.66
C HIS A 1947 60.81 63.25 -25.45
N MET A 1948 60.97 62.02 -24.93
CA MET A 1948 60.53 60.78 -25.63
C MET A 1948 59.00 60.81 -25.72
N LYS A 1949 58.46 60.66 -26.94
CA LYS A 1949 57.00 60.52 -27.20
C LYS A 1949 56.50 59.27 -26.47
N LYS A 1950 57.22 58.16 -26.58
CA LYS A 1950 56.93 56.87 -25.89
C LYS A 1950 58.19 56.34 -25.18
N PHE A 1951 58.01 55.62 -24.08
CA PHE A 1951 59.06 54.89 -23.32
C PHE A 1951 58.48 53.57 -22.81
N MET A 1952 59.32 52.57 -22.55
CA MET A 1952 58.88 51.30 -21.92
C MET A 1952 58.95 51.48 -20.39
N PHE A 1953 57.78 51.34 -19.74
CA PHE A 1953 57.60 51.33 -18.26
C PHE A 1953 58.22 50.04 -17.72
N PRO A 1954 58.70 49.98 -16.45
CA PRO A 1954 59.08 48.71 -15.85
C PRO A 1954 57.88 47.76 -15.63
N GLU A 1955 58.05 46.47 -15.95
CA GLU A 1955 57.00 45.43 -16.01
C GLU A 1955 55.90 45.87 -16.99
N GLU A 1956 56.30 46.29 -18.19
CA GLU A 1956 55.42 46.54 -19.36
C GLU A 1956 56.16 46.13 -20.64
N GLU A 1957 55.50 45.33 -21.49
CA GLU A 1957 56.10 44.69 -22.70
C GLU A 1957 56.19 45.71 -23.83
N ILE A 1958 55.24 46.67 -23.89
CA ILE A 1958 55.09 47.66 -24.99
C ILE A 1958 55.44 49.06 -24.47
N GLU A 1959 55.83 49.96 -25.38
CA GLU A 1959 56.13 51.39 -25.09
C GLU A 1959 54.81 52.17 -25.08
N ILE A 1960 54.59 52.99 -24.03
CA ILE A 1960 53.33 53.74 -23.77
C ILE A 1960 53.54 55.22 -24.08
N GLU A 1961 52.48 55.91 -24.50
CA GLU A 1961 52.52 57.35 -24.91
C GLU A 1961 52.68 58.22 -23.66
N LEU A 1962 53.67 59.12 -23.67
CA LEU A 1962 53.90 60.15 -22.64
C LEU A 1962 53.32 61.47 -23.14
N ILE A 1963 52.43 62.07 -22.36
CA ILE A 1963 51.97 63.48 -22.53
C ILE A 1963 53.00 64.38 -21.84
N PRO A 1964 53.51 65.44 -22.49
CA PRO A 1964 54.59 66.25 -21.89
C PRO A 1964 54.24 66.96 -20.57
N THR A 1965 52.95 67.27 -20.32
CA THR A 1965 52.48 68.10 -19.18
C THR A 1965 52.07 67.23 -17.98
N VAL A 1966 52.82 66.16 -17.73
CA VAL A 1966 52.68 65.28 -16.53
C VAL A 1966 53.28 66.02 -15.34
N SER A 1967 52.90 65.62 -14.13
CA SER A 1967 53.62 65.88 -12.87
C SER A 1967 53.20 64.85 -11.83
N TYR A 1968 53.99 64.69 -10.78
CA TYR A 1968 53.74 63.73 -9.69
C TYR A 1968 54.34 64.32 -8.42
N PHE A 1969 53.54 64.39 -7.34
CA PHE A 1969 53.94 65.04 -6.07
C PHE A 1969 53.68 64.09 -4.90
N ILE A 1970 54.52 64.21 -3.87
CA ILE A 1970 54.51 63.35 -2.66
C ILE A 1970 54.36 64.26 -1.44
N THR A 1971 53.18 64.26 -0.80
CA THR A 1971 52.96 64.94 0.49
C THR A 1971 53.41 63.98 1.58
N MET A 1972 54.60 64.20 2.12
CA MET A 1972 55.27 63.37 3.14
C MET A 1972 55.01 64.01 4.52
N ASN A 1973 55.68 63.51 5.57
CA ASN A 1973 55.70 64.15 6.92
C ASN A 1973 57.04 63.85 7.60
N PRO A 1974 57.97 64.82 7.73
CA PRO A 1974 59.19 64.63 8.51
C PRO A 1974 58.86 64.75 10.01
N GLY A 1975 59.58 63.99 10.85
CA GLY A 1975 59.11 63.60 12.20
C GLY A 1975 57.95 62.62 12.07
N TYR A 1976 58.05 61.72 11.08
CA TYR A 1976 57.02 60.77 10.59
C TYR A 1976 56.23 60.13 11.73
N ALA A 1977 54.91 60.07 11.56
CA ALA A 1977 53.98 59.18 12.31
C ALA A 1977 53.93 57.81 11.62
N GLY A 1978 54.29 57.76 10.32
CA GLY A 1978 54.32 56.53 9.50
C GLY A 1978 55.68 55.85 9.54
N ARG A 1979 56.29 55.62 8.36
CA ARG A 1979 57.50 54.79 8.17
C ARG A 1979 58.73 55.69 7.97
N GLN A 1980 59.93 55.08 7.98
CA GLN A 1980 61.27 55.72 7.82
C GLN A 1980 61.32 56.54 6.51
N GLU A 1981 62.30 57.45 6.41
CA GLU A 1981 62.56 58.35 5.24
C GLU A 1981 62.68 57.51 3.95
N LEU A 1982 62.45 58.16 2.79
CA LEU A 1982 62.34 57.51 1.47
C LEU A 1982 63.68 56.87 1.07
N PRO A 1983 63.70 55.92 0.12
CA PRO A 1983 64.96 55.36 -0.39
C PRO A 1983 65.91 56.39 -1.03
N GLU A 1984 67.14 55.96 -1.33
CA GLU A 1984 68.21 56.80 -1.92
C GLU A 1984 67.83 57.18 -3.36
N ASN A 1985 67.16 56.28 -4.08
CA ASN A 1985 66.75 56.48 -5.50
C ASN A 1985 65.68 57.57 -5.59
N LEU A 1986 64.68 57.57 -4.69
CA LEU A 1986 63.52 58.51 -4.71
C LEU A 1986 63.98 59.95 -4.44
N LYS A 1987 64.85 60.15 -3.45
CA LYS A 1987 65.40 61.49 -3.05
C LYS A 1987 65.82 62.30 -4.29
N VAL A 1988 66.52 61.66 -5.23
CA VAL A 1988 67.07 62.29 -6.47
C VAL A 1988 65.92 62.81 -7.35
N LEU A 1989 64.80 62.08 -7.41
CA LEU A 1989 63.72 62.28 -8.41
C LEU A 1989 62.81 63.46 -8.03
N PHE A 1990 62.70 63.78 -6.74
CA PHE A 1990 61.71 64.74 -6.16
C PHE A 1990 62.40 65.92 -5.47
N ARG A 1991 62.06 67.14 -5.88
CA ARG A 1991 62.54 68.42 -5.30
C ARG A 1991 61.59 68.83 -4.16
N GLY A 1992 62.09 68.85 -2.93
CA GLY A 1992 61.31 69.16 -1.72
C GLY A 1992 60.95 70.63 -1.60
N VAL A 1993 59.91 70.93 -0.83
CA VAL A 1993 59.55 72.28 -0.29
C VAL A 1993 59.18 72.09 1.17
N SER A 1994 60.01 72.57 2.10
CA SER A 1994 59.67 72.62 3.55
C SER A 1994 58.56 73.65 3.74
N MET A 1995 57.39 73.20 4.18
CA MET A 1995 56.16 74.03 4.37
C MET A 1995 55.90 74.21 5.87
N MET A 1996 56.13 75.41 6.39
CA MET A 1996 55.82 75.82 7.78
C MET A 1996 54.30 75.90 7.95
N VAL A 1997 53.83 76.09 9.19
CA VAL A 1997 52.40 76.29 9.55
C VAL A 1997 51.98 77.66 9.03
N PRO A 1998 50.88 77.78 8.26
CA PRO A 1998 50.52 79.02 7.58
C PRO A 1998 50.23 80.15 8.58
N ASP A 1999 50.92 81.29 8.44
CA ASP A 1999 50.80 82.48 9.33
C ASP A 1999 49.31 82.78 9.54
N ARG A 2000 48.87 82.79 10.80
CA ARG A 2000 47.43 82.87 11.22
C ARG A 2000 46.82 84.21 10.78
N GLU A 2001 47.60 85.29 10.87
CA GLU A 2001 47.17 86.68 10.53
C GLU A 2001 46.59 86.72 9.11
N ILE A 2002 47.29 86.12 8.14
CA ILE A 2002 46.89 86.09 6.70
C ILE A 2002 45.59 85.28 6.54
N ILE A 2003 45.43 84.18 7.27
CA ILE A 2003 44.19 83.35 7.22
C ILE A 2003 43.04 84.25 7.64
N ILE A 2004 43.16 84.93 8.78
CA ILE A 2004 42.14 85.85 9.38
C ILE A 2004 41.86 86.98 8.38
N LYS A 2005 42.91 87.62 7.84
CA LYS A 2005 42.83 88.76 6.91
C LYS A 2005 41.92 88.39 5.72
N VAL A 2006 42.20 87.25 5.08
CA VAL A 2006 41.36 86.69 3.97
C VAL A 2006 39.93 86.56 4.49
N LYS A 2007 39.75 85.86 5.62
CA LYS A 2007 38.42 85.49 6.18
C LYS A 2007 37.61 86.74 6.50
N LEU A 2008 38.26 87.83 6.96
CA LEU A 2008 37.63 89.16 7.23
C LEU A 2008 37.19 89.82 5.92
N ALA A 2009 37.97 89.66 4.85
CA ALA A 2009 37.66 90.18 3.50
C ALA A 2009 36.48 89.38 2.93
N SER A 2010 36.56 88.05 3.06
CA SER A 2010 35.55 87.06 2.61
C SER A 2010 34.16 87.37 3.20
N VAL A 2011 34.14 87.99 4.39
CA VAL A 2011 32.91 88.38 5.14
C VAL A 2011 32.34 89.66 4.53
N GLY A 2012 33.19 90.69 4.37
CA GLY A 2012 32.84 91.97 3.74
C GLY A 2012 33.42 93.19 4.46
N TYR A 2013 34.54 93.02 5.18
CA TYR A 2013 35.27 94.11 5.87
C TYR A 2013 36.32 94.71 4.93
N LEU A 2014 36.47 96.03 4.97
CA LEU A 2014 37.63 96.78 4.42
C LEU A 2014 38.60 96.98 5.59
N GLN A 2015 39.78 97.57 5.35
CA GLN A 2015 40.96 97.58 6.27
C GLN A 2015 41.02 96.25 7.02
N ILE A 2016 41.23 95.16 6.27
CA ILE A 2016 41.43 93.78 6.78
C ILE A 2016 42.79 93.67 7.45
N ASP A 2017 43.83 94.27 6.86
CA ASP A 2017 45.25 94.20 7.31
C ASP A 2017 45.36 94.65 8.77
N LEU A 2018 44.71 95.77 9.12
CA LEU A 2018 44.72 96.38 10.48
C LEU A 2018 44.04 95.44 11.47
N LEU A 2019 42.74 95.18 11.26
CA LEU A 2019 41.88 94.28 12.07
C LEU A 2019 42.61 92.95 12.32
N ALA A 2020 42.99 92.25 11.25
CA ALA A 2020 43.57 90.89 11.25
C ALA A 2020 44.82 90.83 12.13
N LYS A 2021 45.60 91.92 12.20
CA LYS A 2021 46.79 92.04 13.09
C LYS A 2021 46.29 92.11 14.54
N LYS A 2022 45.41 93.06 14.85
CA LYS A 2022 44.76 93.23 16.18
C LYS A 2022 44.17 91.88 16.63
N PHE A 2023 43.23 91.34 15.84
CA PHE A 2023 42.45 90.11 16.13
C PHE A 2023 43.40 88.94 16.43
N ASN A 2024 44.52 88.83 15.70
CA ASN A 2024 45.56 87.78 15.90
C ASN A 2024 46.25 88.02 17.24
N VAL A 2025 46.81 89.22 17.40
CA VAL A 2025 47.60 89.66 18.60
C VAL A 2025 46.82 89.29 19.86
N LEU A 2026 45.52 89.61 19.91
CA LEU A 2026 44.64 89.35 21.08
C LEU A 2026 44.66 87.85 21.39
N TYR A 2027 44.24 87.01 20.43
CA TYR A 2027 44.03 85.55 20.62
C TYR A 2027 45.36 84.83 20.86
N ARG A 2028 46.47 85.34 20.32
CA ARG A 2028 47.82 84.75 20.52
C ARG A 2028 48.29 85.08 21.93
N LEU A 2029 47.95 86.27 22.43
CA LEU A 2029 48.41 86.82 23.72
C LEU A 2029 47.51 86.32 24.85
N CYS A 2030 46.19 86.37 24.65
CA CYS A 2030 45.18 85.97 25.67
C CYS A 2030 45.34 84.48 25.99
N GLU A 2031 45.73 83.65 25.03
CA GLU A 2031 46.00 82.19 25.23
C GLU A 2031 47.12 82.01 26.28
N GLU A 2032 48.15 82.86 26.24
CA GLU A 2032 49.32 82.79 27.16
C GLU A 2032 48.96 83.38 28.53
N GLN A 2033 48.36 84.57 28.56
CA GLN A 2033 48.11 85.38 29.78
C GLN A 2033 46.99 84.75 30.62
N LEU A 2034 45.89 84.31 30.00
CA LEU A 2034 44.71 83.74 30.71
C LEU A 2034 45.07 82.34 31.25
N SER A 2035 44.32 81.88 32.24
CA SER A 2035 44.43 80.53 32.86
C SER A 2035 44.07 79.45 31.84
N LYS A 2036 44.91 78.42 31.69
CA LYS A 2036 44.74 77.32 30.71
C LYS A 2036 43.58 76.42 31.14
N GLN A 2037 42.34 76.85 30.91
CA GLN A 2037 41.11 76.06 31.17
C GLN A 2037 40.69 75.39 29.86
N ARG A 2038 39.97 74.27 29.95
CA ARG A 2038 39.70 73.33 28.83
C ARG A 2038 38.68 73.95 27.85
N HIS A 2039 37.68 74.65 28.37
CA HIS A 2039 36.59 75.27 27.56
C HIS A 2039 37.10 76.49 26.79
N TYR A 2040 38.26 77.05 27.13
CA TYR A 2040 38.92 78.14 26.35
C TYR A 2040 39.54 77.55 25.08
N ASP A 2041 39.08 78.02 23.92
CA ASP A 2041 39.66 77.73 22.58
C ASP A 2041 40.01 79.07 21.92
N PHE A 2042 41.30 79.33 21.71
CA PHE A 2042 41.83 80.53 21.03
C PHE A 2042 42.67 80.11 19.81
N GLY A 2043 42.36 78.93 19.26
CA GLY A 2043 42.87 78.45 17.96
C GLY A 2043 41.95 78.88 16.83
N LEU A 2044 42.14 78.36 15.63
CA LEU A 2044 41.39 78.77 14.41
C LEU A 2044 39.91 78.38 14.53
N ARG A 2045 39.58 77.29 15.25
CA ARG A 2045 38.19 76.80 15.42
C ARG A 2045 37.29 77.92 15.95
N ASN A 2046 37.71 78.62 17.01
CA ASN A 2046 36.94 79.73 17.64
C ASN A 2046 37.07 81.01 16.79
N ILE A 2047 38.21 81.19 16.13
CA ILE A 2047 38.51 82.38 15.28
C ILE A 2047 37.52 82.44 14.10
N LEU A 2048 37.37 81.34 13.37
CA LEU A 2048 36.42 81.22 12.23
C LEU A 2048 34.98 81.37 12.73
N SER A 2049 34.70 80.86 13.94
CA SER A 2049 33.38 80.99 14.62
C SER A 2049 33.08 82.46 14.93
N VAL A 2050 34.08 83.22 15.38
CA VAL A 2050 33.93 84.67 15.66
C VAL A 2050 33.62 85.40 14.36
N LEU A 2051 34.32 85.08 13.27
CA LEU A 2051 34.31 85.87 12.00
C LEU A 2051 32.97 85.71 11.27
N ARG A 2052 32.31 84.56 11.37
CA ARG A 2052 30.95 84.35 10.77
C ARG A 2052 29.92 85.17 11.57
N THR A 2053 30.07 85.26 12.90
CA THR A 2053 29.20 86.08 13.81
C THR A 2053 29.59 87.56 13.73
N ALA A 2054 30.88 87.86 13.53
CA ALA A 2054 31.41 89.22 13.28
C ALA A 2054 30.96 89.69 11.89
N GLY A 2055 30.68 88.74 10.98
CA GLY A 2055 30.20 89.01 9.62
C GLY A 2055 28.71 89.27 9.58
N ASN A 2056 27.91 88.39 10.19
CA ASN A 2056 26.43 88.53 10.29
C ASN A 2056 26.07 89.91 10.86
N THR A 2057 26.93 90.47 11.72
CA THR A 2057 26.79 91.81 12.36
C THR A 2057 27.18 92.93 11.39
N LYS A 2058 28.14 92.68 10.49
CA LYS A 2058 28.65 93.67 9.48
C LYS A 2058 27.63 93.87 8.34
N ARG A 2059 26.94 92.80 7.92
CA ARG A 2059 25.93 92.85 6.82
C ARG A 2059 24.77 93.75 7.25
N GLN A 2060 24.34 93.64 8.51
CA GLN A 2060 23.13 94.32 9.06
C GLN A 2060 23.43 95.80 9.33
N GLU A 2061 24.61 96.11 9.89
CA GLU A 2061 25.06 97.49 10.17
C GLU A 2061 26.36 97.77 9.41
N ILE A 2062 26.25 98.22 8.15
CA ILE A 2062 27.39 98.51 7.22
C ILE A 2062 28.03 99.84 7.65
N LYS A 2063 27.21 100.85 7.96
CA LYS A 2063 27.64 102.24 8.29
C LYS A 2063 28.51 102.25 9.55
N SER A 2064 28.28 101.31 10.48
CA SER A 2064 29.01 101.16 11.77
C SER A 2064 30.51 100.95 11.51
N ASP A 2065 31.36 101.48 12.40
CA ASP A 2065 32.84 101.36 12.36
C ASP A 2065 33.23 99.87 12.38
N GLU A 2066 34.23 99.49 11.57
CA GLU A 2066 34.65 98.08 11.34
C GLU A 2066 35.30 97.51 12.60
N GLU A 2067 36.10 98.31 13.32
CA GLU A 2067 36.86 97.88 14.53
C GLU A 2067 35.88 97.54 15.64
N MET A 2068 34.91 98.43 15.88
CA MET A 2068 33.87 98.33 16.95
C MET A 2068 32.99 97.08 16.76
N LEU A 2069 32.59 96.76 15.52
CA LEU A 2069 31.80 95.55 15.19
C LEU A 2069 32.59 94.29 15.56
N LEU A 2070 33.86 94.23 15.15
CA LEU A 2070 34.78 93.08 15.43
C LEU A 2070 35.01 93.01 16.94
N MET A 2071 35.46 94.12 17.54
CA MET A 2071 35.72 94.29 19.00
C MET A 2071 34.51 93.81 19.80
N ARG A 2072 33.30 94.16 19.37
CA ARG A 2072 32.00 93.77 19.99
C ARG A 2072 31.77 92.27 19.81
N SER A 2073 31.99 91.74 18.61
CA SER A 2073 31.74 90.32 18.26
C SER A 2073 32.80 89.40 18.90
N LEU A 2074 34.02 89.92 19.09
CA LEU A 2074 35.07 89.27 19.92
C LEU A 2074 34.57 89.17 21.36
N ARG A 2075 34.18 90.32 21.92
CA ARG A 2075 33.79 90.49 23.35
C ARG A 2075 32.63 89.53 23.67
N ASP A 2076 31.45 89.76 23.08
CA ASP A 2076 30.17 89.13 23.51
C ASP A 2076 30.29 87.60 23.53
N MET A 2077 31.08 87.00 22.62
CA MET A 2077 31.23 85.52 22.52
C MET A 2077 32.15 84.98 23.62
N ASN A 2078 33.30 85.63 23.86
CA ASN A 2078 34.35 85.16 24.80
C ASN A 2078 33.94 85.41 26.26
N LEU A 2079 33.37 86.58 26.57
CA LEU A 2079 33.01 87.01 27.95
C LEU A 2079 32.27 85.91 28.72
N SER A 2080 31.29 85.25 28.09
CA SER A 2080 30.51 84.14 28.72
C SER A 2080 31.48 83.04 29.19
N LYS A 2081 32.37 82.59 28.30
CA LYS A 2081 33.31 81.45 28.54
C LYS A 2081 34.19 81.72 29.76
N LEU A 2082 34.60 82.97 29.98
CA LEU A 2082 35.71 83.32 30.91
C LEU A 2082 35.33 83.07 32.37
N VAL A 2083 36.24 82.44 33.12
CA VAL A 2083 36.18 82.30 34.61
C VAL A 2083 36.34 83.70 35.23
N ALA A 2084 35.79 83.92 36.42
CA ALA A 2084 35.72 85.21 37.14
C ALA A 2084 37.10 85.87 37.27
N ASP A 2085 38.14 85.06 37.47
CA ASP A 2085 39.55 85.53 37.66
C ASP A 2085 40.09 86.14 36.36
N ASP A 2086 39.62 85.67 35.20
CA ASP A 2086 40.19 85.98 33.85
C ASP A 2086 39.42 87.09 33.14
N ILE A 2087 38.28 87.55 33.67
CA ILE A 2087 37.45 88.62 33.04
C ILE A 2087 38.20 89.95 33.10
N PRO A 2088 38.82 90.36 34.24
CA PRO A 2088 39.61 91.59 34.29
C PRO A 2088 40.87 91.53 33.41
N LEU A 2089 41.46 90.34 33.23
CA LEU A 2089 42.65 90.10 32.37
C LEU A 2089 42.27 90.33 30.90
N PHE A 2090 41.14 89.75 30.47
CA PHE A 2090 40.61 89.83 29.09
C PHE A 2090 40.26 91.29 28.77
N ASN A 2091 39.40 91.91 29.57
CA ASN A 2091 38.91 93.30 29.35
C ASN A 2091 40.11 94.26 29.29
N GLY A 2092 41.23 93.93 29.95
CA GLY A 2092 42.51 94.65 29.87
C GLY A 2092 43.15 94.52 28.50
N LEU A 2093 43.27 93.29 27.99
CA LEU A 2093 43.82 92.98 26.64
C LEU A 2093 42.96 93.66 25.56
N LEU A 2094 41.64 93.64 25.75
CA LEU A 2094 40.64 94.26 24.83
C LEU A 2094 40.81 95.78 24.84
N ALA A 2095 41.26 96.36 25.95
CA ALA A 2095 41.51 97.81 26.13
C ALA A 2095 42.99 98.15 25.90
N ASP A 2096 43.84 97.14 25.71
CA ASP A 2096 45.24 97.33 25.24
C ASP A 2096 45.21 97.46 23.72
N ILE A 2097 44.68 96.46 23.02
CA ILE A 2097 44.78 96.35 21.53
C ILE A 2097 43.75 97.27 20.85
N PHE A 2098 42.71 97.72 21.56
CA PHE A 2098 41.71 98.71 21.07
C PHE A 2098 41.64 99.87 22.06
N PRO A 2099 42.62 100.81 22.05
CA PRO A 2099 42.55 102.02 22.86
C PRO A 2099 41.75 103.17 22.23
N LYS A 2100 41.49 103.11 20.92
CA LYS A 2100 40.64 104.08 20.16
C LYS A 2100 39.20 103.98 20.67
N LEU A 2101 38.69 102.76 20.80
CA LEU A 2101 37.29 102.46 21.20
C LEU A 2101 37.18 102.61 22.72
N LYS A 2102 36.45 103.63 23.18
CA LYS A 2102 36.34 104.02 24.62
C LYS A 2102 35.44 103.01 25.34
N GLU A 2103 34.22 102.81 24.80
CA GLU A 2103 33.16 101.93 25.38
C GLU A 2103 32.23 101.46 24.25
N VAL A 2104 31.77 100.20 24.34
CA VAL A 2104 30.83 99.58 23.37
C VAL A 2104 29.54 99.21 24.11
N PRO A 2105 28.35 99.58 23.59
CA PRO A 2105 27.09 99.23 24.23
C PRO A 2105 26.68 97.77 23.98
N LYS A 2106 26.23 97.07 25.02
CA LYS A 2106 25.79 95.64 24.97
C LYS A 2106 24.38 95.56 24.38
N LYS A 2107 23.91 94.34 24.08
CA LYS A 2107 22.51 94.07 23.63
C LYS A 2107 21.62 94.15 24.87
N LEU A 2108 20.87 95.26 25.01
CA LEU A 2108 20.12 95.63 26.25
C LEU A 2108 19.24 94.46 26.74
N TYR A 2109 18.43 93.88 25.84
CA TYR A 2109 17.42 92.83 26.14
C TYR A 2109 16.49 93.31 27.24
N PRO A 2110 15.69 94.39 27.03
CA PRO A 2110 14.89 95.00 28.09
C PRO A 2110 13.61 94.24 28.52
N ASP A 2111 13.16 93.27 27.73
CA ASP A 2111 11.96 92.42 28.03
C ASP A 2111 12.31 91.45 29.17
N VAL A 2112 13.34 90.64 28.98
CA VAL A 2112 13.82 89.56 29.89
C VAL A 2112 14.39 90.16 31.18
N GLU A 2113 15.11 91.29 31.10
CA GLU A 2113 15.82 91.97 32.23
C GLU A 2113 14.81 92.48 33.28
N LYS A 2114 13.59 92.83 32.86
CA LYS A 2114 12.49 93.27 33.77
C LYS A 2114 11.83 92.06 34.45
N LYS A 2115 11.80 90.90 33.79
CA LYS A 2115 11.10 89.68 34.29
C LYS A 2115 11.92 89.01 35.40
N ILE A 2116 13.26 89.00 35.32
CA ILE A 2116 14.13 88.21 36.25
C ILE A 2116 13.91 88.66 37.69
N PRO A 2117 14.03 89.97 38.05
CA PRO A 2117 13.67 90.43 39.39
C PRO A 2117 12.25 89.99 39.81
N GLU A 2118 11.26 90.26 38.96
CA GLU A 2118 9.82 89.96 39.17
C GLU A 2118 9.65 88.46 39.45
N GLU A 2119 10.31 87.61 38.66
CA GLU A 2119 10.22 86.12 38.72
C GLU A 2119 10.92 85.60 39.98
N ILE A 2120 12.10 86.13 40.32
CA ILE A 2120 12.94 85.68 41.47
C ILE A 2120 12.16 85.86 42.78
N ASN A 2121 11.43 86.98 42.94
CA ASN A 2121 10.70 87.31 44.20
C ASN A 2121 9.41 86.49 44.33
N ALA A 2122 9.14 85.55 43.41
CA ALA A 2122 8.10 84.51 43.57
C ALA A 2122 8.58 83.48 44.61
N GLU A 2123 9.76 82.90 44.38
CA GLU A 2123 10.40 81.90 45.27
C GLU A 2123 11.01 82.62 46.48
N SER A 2124 10.77 82.09 47.67
CA SER A 2124 11.18 82.69 48.97
C SER A 2124 12.70 82.64 49.14
N TYR A 2125 13.39 81.70 48.49
CA TYR A 2125 14.80 81.33 48.80
C TYR A 2125 15.79 81.97 47.83
N LEU A 2126 15.33 82.62 46.75
CA LEU A 2126 16.20 83.17 45.69
C LEU A 2126 16.51 84.64 45.96
N ILE A 2127 17.80 84.98 46.01
CA ILE A 2127 18.35 86.36 46.12
C ILE A 2127 18.95 86.75 44.76
N ASN A 2128 18.67 87.96 44.29
CA ASN A 2128 19.11 88.47 42.97
C ASN A 2128 20.32 89.38 43.18
N THR A 2129 21.52 88.92 42.79
CA THR A 2129 22.78 89.71 42.76
C THR A 2129 22.95 90.25 41.34
N PRO A 2130 23.75 91.30 41.11
CA PRO A 2130 24.08 91.74 39.75
C PRO A 2130 24.84 90.65 38.97
N SER A 2131 25.84 90.03 39.61
CA SER A 2131 26.76 89.03 39.00
C SER A 2131 26.04 87.73 38.64
N PHE A 2132 24.82 87.52 39.18
CA PHE A 2132 23.92 86.37 38.91
C PHE A 2132 22.97 86.71 37.77
N GLN A 2133 22.32 87.89 37.85
CA GLN A 2133 21.41 88.40 36.79
C GLN A 2133 22.18 88.48 35.47
N LEU A 2134 23.44 88.92 35.53
CA LEU A 2134 24.36 89.03 34.37
C LEU A 2134 24.52 87.66 33.72
N LYS A 2135 24.65 86.58 34.49
CA LYS A 2135 24.91 85.21 33.97
C LYS A 2135 23.62 84.61 33.40
N ILE A 2136 22.44 85.05 33.84
CA ILE A 2136 21.13 84.61 33.28
C ILE A 2136 21.00 85.18 31.86
N ILE A 2137 21.25 86.50 31.73
CA ILE A 2137 21.27 87.22 30.42
C ILE A 2137 22.23 86.50 29.46
N GLN A 2138 23.45 86.18 29.91
CA GLN A 2138 24.50 85.56 29.07
C GLN A 2138 24.08 84.16 28.60
N LEU A 2139 23.28 83.44 29.39
CA LEU A 2139 22.72 82.12 28.99
C LEU A 2139 21.62 82.34 27.94
N TYR A 2140 20.87 83.45 28.04
CA TYR A 2140 19.78 83.81 27.09
C TYR A 2140 20.35 84.32 25.77
N GLU A 2141 21.43 85.11 25.83
CA GLU A 2141 22.19 85.58 24.64
C GLU A 2141 22.60 84.37 23.78
N THR A 2142 23.13 83.32 24.39
CA THR A 2142 23.63 82.10 23.72
C THR A 2142 22.46 81.19 23.31
N CYS A 2143 21.39 81.18 24.10
CA CYS A 2143 20.16 80.36 23.86
C CYS A 2143 19.49 80.76 22.54
N LEU A 2144 19.56 82.04 22.16
CA LEU A 2144 18.89 82.57 20.94
C LEU A 2144 19.65 82.11 19.68
N VAL A 2145 20.97 82.27 19.66
CA VAL A 2145 21.82 81.98 18.45
C VAL A 2145 22.07 80.47 18.34
N ARG A 2146 22.50 79.81 19.42
CA ARG A 2146 22.90 78.37 19.42
C ARG A 2146 21.69 77.49 19.78
N HIS A 2147 21.77 76.21 19.44
CA HIS A 2147 20.79 75.14 19.77
C HIS A 2147 21.40 74.10 20.73
N GLY A 2148 22.72 74.17 21.00
CA GLY A 2148 23.47 73.21 21.82
C GLY A 2148 24.27 73.88 22.93
N PHE A 2149 23.85 75.06 23.38
CA PHE A 2149 24.46 75.85 24.49
C PHE A 2149 24.61 74.97 25.74
N MET A 2150 25.75 75.07 26.43
CA MET A 2150 26.07 74.29 27.67
C MET A 2150 26.47 75.27 28.79
N LEU A 2151 26.32 74.83 30.04
CA LEU A 2151 26.42 75.68 31.26
C LEU A 2151 27.45 75.08 32.22
N VAL A 2152 28.72 75.51 32.07
CA VAL A 2152 29.90 75.03 32.84
C VAL A 2152 29.98 75.83 34.14
N GLY A 2153 30.63 75.27 35.16
CA GLY A 2153 30.85 75.95 36.46
C GLY A 2153 31.03 74.94 37.59
N PRO A 2154 31.71 75.28 38.71
CA PRO A 2154 31.84 74.37 39.84
C PRO A 2154 30.50 73.96 40.47
N THR A 2155 30.58 73.17 41.54
CA THR A 2155 29.39 72.64 42.27
C THR A 2155 28.82 73.77 43.14
N GLY A 2156 27.49 73.85 43.24
CA GLY A 2156 26.79 74.88 44.02
C GLY A 2156 27.01 76.28 43.50
N SER A 2157 27.28 76.41 42.19
CA SER A 2157 27.56 77.70 41.49
C SER A 2157 26.26 78.40 41.11
N GLY A 2158 25.14 77.67 41.12
CA GLY A 2158 23.80 78.18 40.77
C GLY A 2158 23.47 78.00 39.30
N LYS A 2159 23.95 76.91 38.70
CA LYS A 2159 23.74 76.59 37.25
C LYS A 2159 22.30 76.12 37.06
N SER A 2160 21.88 75.08 37.81
CA SER A 2160 20.51 74.49 37.76
C SER A 2160 19.44 75.57 38.01
N THR A 2161 19.74 76.56 38.86
CA THR A 2161 18.78 77.63 39.25
C THR A 2161 18.69 78.68 38.14
N ILE A 2162 19.81 78.99 37.46
CA ILE A 2162 19.85 79.92 36.29
C ILE A 2162 18.97 79.32 35.18
N MET A 2163 19.15 78.02 34.89
CA MET A 2163 18.30 77.24 33.94
C MET A 2163 16.83 77.47 34.31
N LYS A 2164 16.45 77.13 35.54
CA LYS A 2164 15.05 77.14 36.05
C LYS A 2164 14.48 78.57 35.95
N ILE A 2165 15.27 79.59 36.28
CA ILE A 2165 14.83 81.02 36.25
C ILE A 2165 14.55 81.41 34.80
N LEU A 2166 15.54 81.24 33.92
CA LEU A 2166 15.47 81.64 32.49
C LEU A 2166 14.19 81.04 31.88
N THR A 2167 13.95 79.75 32.07
CA THR A 2167 12.75 79.04 31.56
C THR A 2167 11.49 79.66 32.19
N GLU A 2168 11.47 79.90 33.50
CA GLU A 2168 10.33 80.53 34.22
C GLU A 2168 10.14 81.99 33.77
N VAL A 2169 11.17 82.65 33.22
CA VAL A 2169 11.04 84.00 32.59
C VAL A 2169 10.42 83.81 31.20
N LEU A 2170 11.07 83.03 30.34
CA LEU A 2170 10.65 82.79 28.93
C LEU A 2170 9.19 82.30 28.89
N THR A 2171 8.75 81.52 29.88
CA THR A 2171 7.33 81.06 30.03
C THR A 2171 6.40 82.26 30.09
N LYS A 2172 6.79 83.30 30.84
CA LYS A 2172 5.95 84.51 31.11
C LYS A 2172 6.06 85.51 29.96
N LEU A 2173 7.02 85.33 29.04
CA LEU A 2173 7.16 86.11 27.78
C LEU A 2173 6.82 85.20 26.59
N GLY A 2174 5.53 85.00 26.32
CA GLY A 2174 5.04 84.16 25.21
C GLY A 2174 5.22 82.68 25.51
N SER A 2175 6.03 81.98 24.69
CA SER A 2175 6.09 80.50 24.58
C SER A 2175 6.56 79.88 25.88
N PRO A 2176 5.90 78.81 26.40
CA PRO A 2176 6.40 78.09 27.57
C PRO A 2176 7.67 77.29 27.26
N HIS A 2177 8.49 77.05 28.28
CA HIS A 2177 9.83 76.40 28.21
C HIS A 2177 9.90 75.32 29.30
N LYS A 2178 10.06 74.06 28.88
CA LYS A 2178 10.20 72.87 29.77
C LYS A 2178 11.68 72.46 29.78
N ILE A 2179 12.15 71.90 30.90
CA ILE A 2179 13.51 71.27 31.01
C ILE A 2179 13.29 69.78 31.37
N VAL A 2180 14.04 68.89 30.71
CA VAL A 2180 14.03 67.43 30.96
C VAL A 2180 15.45 67.03 31.39
N ILE A 2181 15.69 66.98 32.70
CA ILE A 2181 17.00 66.62 33.32
C ILE A 2181 17.17 65.10 33.16
N MET A 2182 18.26 64.67 32.53
CA MET A 2182 18.73 63.26 32.54
C MET A 2182 20.22 63.24 32.85
N ASN A 2183 20.73 62.11 33.33
CA ASN A 2183 22.18 61.87 33.55
C ASN A 2183 22.64 60.86 32.51
N PRO A 2184 23.43 61.30 31.50
CA PRO A 2184 23.94 60.39 30.46
C PRO A 2184 24.96 59.36 30.97
N LYS A 2185 25.70 59.68 32.04
CA LYS A 2185 26.69 58.76 32.67
C LYS A 2185 25.96 57.68 33.48
N ALA A 2186 24.89 58.04 34.19
CA ALA A 2186 24.06 57.13 35.03
C ALA A 2186 23.64 55.87 34.26
N ILE A 2187 23.41 56.02 32.95
CA ILE A 2187 22.98 54.92 32.02
C ILE A 2187 24.12 54.60 31.06
N THR A 2188 24.23 53.34 30.63
CA THR A 2188 25.25 52.86 29.65
C THR A 2188 24.93 53.47 28.28
N ALA A 2189 25.97 53.81 27.50
CA ALA A 2189 25.86 54.44 26.16
C ALA A 2189 24.85 53.68 25.29
N GLU A 2190 24.98 52.36 25.24
CA GLU A 2190 24.09 51.41 24.50
C GLU A 2190 22.63 51.56 24.95
N GLN A 2191 22.41 51.79 26.25
CA GLN A 2191 21.06 51.84 26.89
C GLN A 2191 20.46 53.24 26.80
N MET A 2192 21.25 54.28 26.49
CA MET A 2192 20.77 55.68 26.38
C MET A 2192 20.19 55.91 24.98
N TYR A 2193 20.96 55.55 23.94
CA TYR A 2193 20.63 55.80 22.50
C TYR A 2193 19.83 54.64 21.90
N GLY A 2194 19.77 53.49 22.59
CA GLY A 2194 19.12 52.27 22.08
C GLY A 2194 20.04 51.53 21.11
N VAL A 2195 20.06 50.19 21.19
CA VAL A 2195 20.89 49.28 20.35
C VAL A 2195 20.07 48.04 19.98
N LYS A 2196 20.60 47.21 19.08
CA LYS A 2196 19.94 45.96 18.60
C LYS A 2196 20.12 44.87 19.67
N SER A 2197 19.02 44.27 20.12
CA SER A 2197 19.01 43.22 21.18
C SER A 2197 19.64 41.94 20.65
N GLU A 2198 20.51 41.30 21.46
CA GLU A 2198 21.23 40.05 21.11
C GLU A 2198 20.25 38.86 21.08
N ILE A 2199 19.14 38.93 21.83
CA ILE A 2199 18.08 37.87 21.91
C ILE A 2199 16.84 38.37 21.14
N SER A 2200 16.32 37.53 20.24
CA SER A 2200 15.05 37.71 19.47
C SER A 2200 15.21 38.73 18.32
N ASP A 2201 16.37 39.38 18.18
CA ASP A 2201 16.73 40.31 17.07
C ASP A 2201 15.62 41.36 16.87
N ASP A 2202 15.24 42.05 17.95
CA ASP A 2202 14.27 43.18 17.92
C ASP A 2202 14.95 44.43 18.49
N TRP A 2203 14.60 45.62 17.96
CA TRP A 2203 15.17 46.93 18.36
C TRP A 2203 14.49 47.41 19.66
N ILE A 2204 15.27 47.60 20.73
CA ILE A 2204 14.83 48.21 22.01
C ILE A 2204 14.97 49.73 21.87
N PRO A 2205 13.92 50.53 22.19
CA PRO A 2205 14.03 51.99 22.17
C PRO A 2205 15.13 52.51 23.09
N GLY A 2206 15.81 53.60 22.68
CA GLY A 2206 16.77 54.34 23.52
C GLY A 2206 16.06 55.29 24.48
N VAL A 2207 16.68 55.56 25.63
CA VAL A 2207 16.15 56.51 26.66
C VAL A 2207 16.15 57.92 26.07
N PHE A 2208 17.29 58.37 25.53
CA PHE A 2208 17.49 59.73 24.96
C PHE A 2208 16.66 59.89 23.68
N SER A 2209 16.71 58.89 22.78
CA SER A 2209 15.96 58.85 21.50
C SER A 2209 14.47 59.12 21.74
N THR A 2210 13.88 58.49 22.75
CA THR A 2210 12.43 58.57 23.10
C THR A 2210 12.11 59.90 23.79
N ILE A 2211 13.08 60.51 24.48
CA ILE A 2211 12.97 61.89 25.04
C ILE A 2211 13.07 62.88 23.88
N TRP A 2212 14.07 62.69 23.00
CA TRP A 2212 14.33 63.50 21.79
C TRP A 2212 13.11 63.48 20.85
N ALA A 2213 12.53 62.30 20.59
CA ALA A 2213 11.38 62.10 19.68
C ALA A 2213 10.13 62.76 20.25
N LYS A 2214 9.85 62.57 21.54
CA LYS A 2214 8.77 63.29 22.29
C LYS A 2214 9.01 64.80 22.23
N SER A 2215 10.26 65.23 22.42
CA SER A 2215 10.70 66.65 22.57
C SER A 2215 10.63 67.42 21.25
N ASN A 2216 10.83 66.75 20.10
CA ASN A 2216 10.92 67.37 18.75
C ASN A 2216 9.61 67.14 17.98
N ASN A 2217 8.54 67.84 18.38
CA ASN A 2217 7.23 67.90 17.69
C ASN A 2217 6.75 69.36 17.70
N ARG A 2218 6.31 69.88 16.56
CA ARG A 2218 5.77 71.25 16.40
C ARG A 2218 4.28 71.23 16.78
N ALA A 2219 4.00 71.14 18.09
CA ALA A 2219 2.65 71.06 18.69
C ALA A 2219 2.62 71.83 20.01
N LEU A 2220 1.87 72.94 20.06
CA LEU A 2220 1.59 73.77 21.26
C LEU A 2220 2.90 74.39 21.82
N LYS A 2221 3.75 74.89 20.91
CA LYS A 2221 4.95 75.74 21.16
C LYS A 2221 5.61 75.40 22.51
N HIS A 2222 5.95 74.12 22.72
CA HIS A 2222 6.42 73.58 24.02
C HIS A 2222 7.87 74.00 24.31
N THR A 2223 8.74 73.99 23.28
CA THR A 2223 10.18 74.40 23.30
C THR A 2223 10.91 73.81 24.50
N THR A 2224 11.06 72.49 24.54
CA THR A 2224 11.71 71.74 25.66
C THR A 2224 13.23 71.74 25.49
N TRP A 2225 13.96 71.71 26.62
CA TRP A 2225 15.44 71.77 26.72
C TRP A 2225 15.96 70.45 27.30
N ILE A 2226 16.60 69.61 26.49
CA ILE A 2226 17.03 68.25 26.91
C ILE A 2226 18.42 68.38 27.54
N THR A 2227 18.47 68.58 28.86
CA THR A 2227 19.72 68.85 29.62
C THR A 2227 20.37 67.50 29.98
N CYS A 2228 21.70 67.48 30.11
CA CYS A 2228 22.52 66.26 30.32
C CYS A 2228 23.48 66.49 31.50
N ASP A 2229 22.95 66.39 32.73
CA ASP A 2229 23.58 66.81 34.02
C ASP A 2229 24.96 66.19 34.20
N GLY A 2230 25.13 64.91 33.89
CA GLY A 2230 26.40 64.17 34.03
C GLY A 2230 27.55 64.80 33.25
N PRO A 2231 28.81 64.37 33.51
CA PRO A 2231 29.98 64.92 32.82
C PRO A 2231 30.12 64.43 31.38
N VAL A 2232 30.52 65.32 30.46
CA VAL A 2232 30.79 64.99 29.03
C VAL A 2232 32.05 64.12 28.96
N ASP A 2233 31.97 63.03 28.20
CA ASP A 2233 33.06 62.06 27.92
C ASP A 2233 33.04 61.73 26.43
N ALA A 2234 34.17 61.32 25.87
CA ALA A 2234 34.35 60.98 24.44
C ALA A 2234 33.34 59.92 23.99
N ILE A 2235 32.90 59.03 24.89
CA ILE A 2235 32.10 57.81 24.57
C ILE A 2235 30.69 58.21 24.12
N TRP A 2236 29.94 58.96 24.95
CA TRP A 2236 28.47 59.16 24.78
C TRP A 2236 28.14 60.35 23.87
N ILE A 2237 28.92 61.44 23.88
CA ILE A 2237 28.67 62.65 23.03
C ILE A 2237 28.92 62.34 21.56
N GLU A 2238 29.78 61.35 21.23
CA GLU A 2238 30.16 60.99 19.84
C GLU A 2238 28.90 60.64 19.03
N ASN A 2239 28.01 59.82 19.60
CA ASN A 2239 26.71 59.41 19.01
C ASN A 2239 25.81 60.64 18.81
N LEU A 2240 25.85 61.58 19.76
CA LEU A 2240 25.03 62.82 19.80
C LEU A 2240 25.72 63.97 19.06
N ASN A 2241 26.91 63.73 18.48
CA ASN A 2241 27.78 64.79 17.87
C ASN A 2241 27.10 65.41 16.64
N THR A 2242 26.30 64.63 15.89
CA THR A 2242 25.61 65.07 14.64
C THR A 2242 24.52 66.12 14.95
N VAL A 2243 23.89 66.03 16.13
CA VAL A 2243 22.84 66.98 16.62
C VAL A 2243 23.48 68.35 16.90
N LEU A 2244 24.64 68.35 17.59
CA LEU A 2244 25.35 69.57 18.06
C LEU A 2244 25.80 70.40 16.85
N ASP A 2245 26.20 69.73 15.76
CA ASP A 2245 26.64 70.32 14.48
C ASP A 2245 25.43 70.93 13.77
N ASP A 2246 25.66 71.69 12.69
CA ASP A 2246 24.63 72.49 11.97
C ASP A 2246 23.66 71.58 11.18
N ASN A 2247 23.94 70.27 11.07
CA ASN A 2247 23.04 69.27 10.43
C ASN A 2247 21.75 69.14 11.26
N LYS A 2248 21.89 68.97 12.58
CA LYS A 2248 20.80 68.94 13.59
C LYS A 2248 19.88 67.73 13.34
N ILE A 2249 20.45 66.53 13.17
CA ILE A 2249 19.70 65.26 12.97
C ILE A 2249 20.39 64.17 13.81
N LEU A 2250 19.60 63.47 14.65
CA LEU A 2250 20.07 62.45 15.62
C LEU A 2250 20.01 61.07 14.96
N THR A 2251 21.16 60.39 14.82
CA THR A 2251 21.30 59.05 14.18
C THR A 2251 21.39 57.97 15.26
N LEU A 2252 20.51 56.97 15.20
CA LEU A 2252 20.44 55.82 16.16
C LEU A 2252 21.28 54.64 15.64
N ALA A 2253 21.79 54.72 14.41
CA ALA A 2253 22.61 53.67 13.74
C ALA A 2253 21.78 52.40 13.49
N ASN A 2254 20.50 52.55 13.15
CA ASN A 2254 19.63 51.48 12.59
C ASN A 2254 19.01 51.95 11.26
N GLY A 2255 19.59 52.98 10.64
CA GLY A 2255 19.05 53.64 9.43
C GLY A 2255 17.89 54.56 9.73
N GLU A 2256 17.76 55.04 10.98
CA GLU A 2256 16.74 56.04 11.41
C GLU A 2256 17.45 57.34 11.82
N ARG A 2257 17.03 58.47 11.24
CA ARG A 2257 17.64 59.80 11.42
C ARG A 2257 16.52 60.79 11.76
N ILE A 2258 16.42 61.19 13.04
CA ILE A 2258 15.33 62.06 13.59
C ILE A 2258 15.78 63.52 13.45
N ALA A 2259 15.01 64.33 12.72
CA ALA A 2259 15.28 65.77 12.47
C ALA A 2259 14.99 66.57 13.75
N MET A 2260 15.81 67.59 14.04
CA MET A 2260 15.60 68.52 15.18
C MET A 2260 14.69 69.67 14.74
N THR A 2261 13.56 69.85 15.43
CA THR A 2261 12.62 70.98 15.23
C THR A 2261 13.25 72.25 15.81
N GLU A 2262 12.75 73.42 15.39
CA GLU A 2262 13.17 74.76 15.86
C GLU A 2262 13.00 74.85 17.39
N ASN A 2263 11.92 74.28 17.92
CA ASN A 2263 11.45 74.49 19.32
C ASN A 2263 12.41 73.82 20.32
N CYS A 2264 12.82 72.58 20.09
CA CYS A 2264 13.65 71.77 21.05
C CYS A 2264 15.12 72.22 21.01
N LYS A 2265 15.81 72.11 22.16
CA LYS A 2265 17.24 72.49 22.35
C LYS A 2265 17.94 71.50 23.29
N VAL A 2266 19.26 71.39 23.17
CA VAL A 2266 20.13 70.49 23.99
C VAL A 2266 20.98 71.37 24.92
N VAL A 2267 21.04 71.02 26.21
CA VAL A 2267 21.88 71.67 27.25
C VAL A 2267 22.76 70.62 27.92
N PHE A 2268 23.85 71.06 28.55
CA PHE A 2268 24.78 70.22 29.35
C PHE A 2268 25.17 70.99 30.61
N GLU A 2269 24.80 70.47 31.79
CA GLU A 2269 25.19 71.05 33.10
C GLU A 2269 26.48 70.34 33.55
N VAL A 2270 27.55 70.49 32.78
CA VAL A 2270 28.90 69.94 33.10
C VAL A 2270 29.52 70.86 34.16
N GLU A 2271 30.40 70.30 35.00
CA GLU A 2271 31.19 71.06 36.02
C GLU A 2271 32.52 71.51 35.38
N ASN A 2272 33.23 70.57 34.75
CA ASN A 2272 34.63 70.72 34.29
C ASN A 2272 34.64 71.02 32.78
N LEU A 2273 34.22 70.02 31.99
CA LEU A 2273 34.35 69.97 30.50
C LEU A 2273 35.80 69.56 30.15
N ASN A 2274 36.47 68.85 31.06
CA ASN A 2274 37.92 68.54 30.97
C ASN A 2274 38.15 67.43 29.95
N ASN A 2275 37.51 66.28 30.14
CA ASN A 2275 37.66 65.07 29.31
C ASN A 2275 36.62 65.11 28.18
N ALA A 2276 36.77 66.08 27.28
CA ALA A 2276 36.01 66.24 26.02
C ALA A 2276 36.96 66.76 24.93
N SER A 2277 36.82 66.27 23.69
CA SER A 2277 37.68 66.62 22.53
C SER A 2277 37.53 68.12 22.22
N PRO A 2278 38.58 68.79 21.71
CA PRO A 2278 38.50 70.23 21.41
C PRO A 2278 37.49 70.58 20.31
N ALA A 2279 37.13 69.61 19.46
CA ALA A 2279 36.16 69.75 18.34
C ALA A 2279 34.74 69.95 18.89
N THR A 2280 34.25 68.98 19.67
CA THR A 2280 32.86 68.91 20.21
C THR A 2280 32.56 70.11 21.14
N VAL A 2281 33.58 70.71 21.75
CA VAL A 2281 33.46 71.91 22.63
C VAL A 2281 33.15 73.14 21.77
N SER A 2282 33.85 73.30 20.63
CA SER A 2282 33.74 74.46 19.70
C SER A 2282 32.36 74.51 19.03
N ARG A 2283 31.65 73.39 18.94
CA ARG A 2283 30.28 73.28 18.37
C ARG A 2283 29.30 74.03 19.28
N CYS A 2284 29.33 73.72 20.57
CA CYS A 2284 28.41 74.23 21.63
C CYS A 2284 28.88 75.60 22.13
N GLY A 2285 27.94 76.44 22.59
CA GLY A 2285 28.19 77.81 23.08
C GLY A 2285 28.22 77.87 24.60
N GLN A 2286 29.39 77.65 25.20
CA GLN A 2286 29.56 77.43 26.67
C GLN A 2286 29.50 78.75 27.43
N VAL A 2287 28.57 78.84 28.39
CA VAL A 2287 28.46 79.91 29.42
C VAL A 2287 29.01 79.33 30.72
N TYR A 2288 30.06 79.94 31.28
CA TYR A 2288 30.68 79.53 32.56
C TYR A 2288 30.03 80.34 33.68
N VAL A 2289 29.67 79.67 34.78
CA VAL A 2289 29.12 80.28 36.03
C VAL A 2289 30.13 80.01 37.15
N SER A 2290 30.93 81.02 37.51
CA SER A 2290 32.01 80.93 38.52
C SER A 2290 31.42 80.93 39.93
N PRO A 2291 32.19 80.52 40.96
CA PRO A 2291 31.71 80.55 42.35
C PRO A 2291 31.21 81.91 42.86
N THR A 2292 31.82 83.01 42.39
CA THR A 2292 31.59 84.39 42.87
C THR A 2292 30.35 85.02 42.20
N ASP A 2293 29.79 84.40 41.15
CA ASP A 2293 28.56 84.88 40.45
C ASP A 2293 27.36 84.77 41.41
N LEU A 2294 27.15 83.58 41.98
CA LEU A 2294 26.31 83.33 43.18
C LEU A 2294 27.21 82.92 44.33
N GLY A 2295 27.66 83.89 45.14
CA GLY A 2295 28.49 83.64 46.33
C GLY A 2295 27.70 82.87 47.38
N TYR A 2296 28.39 82.23 48.34
CA TYR A 2296 27.75 81.61 49.52
C TYR A 2296 27.00 82.68 50.33
N GLU A 2297 27.49 83.93 50.31
CA GLU A 2297 26.86 85.11 50.97
C GLU A 2297 25.43 85.30 50.45
N ALA A 2298 25.22 85.06 49.15
CA ALA A 2298 23.92 85.12 48.45
C ALA A 2298 23.04 83.94 48.90
N VAL A 2299 23.63 82.75 48.98
CA VAL A 2299 22.95 81.50 49.46
C VAL A 2299 22.46 81.71 50.90
N ILE A 2300 23.33 82.18 51.80
CA ILE A 2300 23.03 82.52 53.22
C ILE A 2300 21.90 83.55 53.27
N GLU A 2301 22.03 84.62 52.47
CA GLU A 2301 21.07 85.76 52.45
C GLU A 2301 19.71 85.26 51.99
N GLY A 2302 19.69 84.25 51.11
CA GLY A 2302 18.47 83.61 50.59
C GLY A 2302 17.80 82.76 51.64
N TRP A 2303 18.58 81.87 52.26
CA TRP A 2303 18.12 80.96 53.36
C TRP A 2303 17.39 81.77 54.44
N ILE A 2304 17.87 82.98 54.74
CA ILE A 2304 17.32 83.91 55.78
C ILE A 2304 16.04 84.54 55.23
N ARG A 2305 16.01 84.85 53.94
CA ARG A 2305 14.81 85.34 53.22
C ARG A 2305 13.71 84.27 53.27
N ASN A 2306 14.10 82.99 53.20
CA ASN A 2306 13.18 81.82 53.16
C ASN A 2306 12.57 81.59 54.55
N ARG A 2307 13.34 81.87 55.61
CA ARG A 2307 12.85 81.82 57.02
C ARG A 2307 11.75 82.87 57.22
N LYS A 2308 11.92 84.10 56.72
CA LYS A 2308 10.95 85.22 56.91
C LYS A 2308 9.63 84.90 56.21
N ALA A 2309 9.67 84.16 55.09
CA ALA A 2309 8.48 83.72 54.32
C ALA A 2309 7.82 82.51 54.99
N SER A 2310 8.53 81.85 55.91
CA SER A 2310 8.04 80.68 56.70
C SER A 2310 7.20 81.15 57.90
N GLY A 2311 7.10 82.47 58.12
CA GLY A 2311 6.23 83.09 59.15
C GLY A 2311 6.97 83.44 60.43
N ARG A 2312 8.31 83.47 60.37
CA ARG A 2312 9.22 83.59 61.54
C ARG A 2312 10.29 84.62 61.23
N ALA A 2313 9.90 85.90 61.21
CA ALA A 2313 10.75 87.05 60.79
C ALA A 2313 11.74 87.41 61.91
N GLU A 2314 11.25 87.51 63.15
CA GLU A 2314 12.04 87.88 64.36
C GLU A 2314 13.26 86.95 64.48
N GLU A 2315 13.06 85.65 64.27
CA GLU A 2315 14.14 84.61 64.34
C GLU A 2315 15.20 84.90 63.28
N SER A 2316 14.78 85.07 62.01
CA SER A 2316 15.61 85.30 60.81
C SER A 2316 16.45 86.57 60.98
N ASP A 2317 15.81 87.66 61.42
CA ASP A 2317 16.45 88.98 61.73
C ASP A 2317 17.65 88.75 62.65
N LYS A 2318 17.49 87.89 63.69
CA LYS A 2318 18.50 87.59 64.74
C LYS A 2318 19.56 86.63 64.20
N LEU A 2319 19.17 85.59 63.45
CA LEU A 2319 20.09 84.62 62.82
C LEU A 2319 20.93 85.34 61.77
N GLY A 2320 20.38 86.36 61.10
CA GLY A 2320 21.14 87.26 60.20
C GLY A 2320 22.35 87.86 60.89
N ASN A 2321 22.10 88.75 61.86
CA ASN A 2321 23.13 89.47 62.67
C ASN A 2321 24.26 88.53 63.07
N ILE A 2322 23.96 87.25 63.37
CA ILE A 2322 24.95 86.26 63.89
C ILE A 2322 25.64 85.55 62.72
N LEU A 2323 24.89 85.17 61.67
CA LEU A 2323 25.45 84.44 60.49
C LEU A 2323 26.44 85.34 59.76
N ARG A 2324 26.06 86.61 59.54
CA ARG A 2324 26.92 87.65 58.90
C ARG A 2324 28.22 87.83 59.70
N LYS A 2325 28.13 87.80 61.04
CA LYS A 2325 29.26 88.12 61.98
C LYS A 2325 30.43 87.16 61.80
N TYR A 2326 30.17 85.86 61.57
CA TYR A 2326 31.21 84.80 61.47
C TYR A 2326 31.51 84.43 60.01
N LEU A 2327 30.58 84.62 59.06
CA LEU A 2327 30.70 84.03 57.70
C LEU A 2327 31.12 85.08 56.66
N ILE A 2328 30.55 86.30 56.69
CA ILE A 2328 30.85 87.36 55.67
C ILE A 2328 31.78 88.45 56.27
N ASN A 2329 31.55 88.90 57.51
CA ASN A 2329 32.28 90.03 58.14
C ASN A 2329 33.73 89.61 58.38
N MET A 2330 33.94 88.50 59.09
CA MET A 2330 35.21 87.73 59.06
C MET A 2330 35.01 86.53 58.14
N ARG A 2331 35.96 86.27 57.23
CA ARG A 2331 35.90 85.14 56.27
C ARG A 2331 36.37 83.88 57.00
N PHE A 2332 35.52 83.33 57.87
CA PHE A 2332 35.91 82.26 58.81
C PHE A 2332 36.33 81.01 58.05
N ILE A 2333 35.62 80.64 56.99
CA ILE A 2333 35.93 79.43 56.17
C ILE A 2333 37.31 79.64 55.52
N GLU A 2334 37.68 80.88 55.20
CA GLU A 2334 39.02 81.22 54.62
C GLU A 2334 40.08 81.14 55.73
N LEU A 2335 39.77 81.61 56.95
CA LEU A 2335 40.70 81.62 58.11
C LEU A 2335 40.93 80.19 58.63
N GLN A 2336 39.85 79.44 58.83
CA GLN A 2336 39.88 78.00 59.22
C GLN A 2336 40.78 77.24 58.23
N SER A 2337 40.51 77.35 56.93
CA SER A 2337 41.17 76.56 55.85
C SER A 2337 42.68 76.82 55.83
N LYS A 2338 43.12 78.00 56.28
CA LYS A 2338 44.55 78.37 56.41
C LYS A 2338 45.16 77.68 57.63
N GLU A 2339 44.56 77.88 58.82
CA GLU A 2339 45.10 77.46 60.15
C GLU A 2339 45.07 75.94 60.32
N CYS A 2340 44.03 75.27 59.81
CA CYS A 2340 43.84 73.79 59.85
C CYS A 2340 44.34 73.18 58.53
N LYS A 2341 45.27 72.22 58.61
CA LYS A 2341 45.89 71.55 57.44
C LYS A 2341 45.28 70.16 57.26
N GLU A 2342 45.46 69.57 56.09
CA GLU A 2342 45.05 68.18 55.74
C GLU A 2342 43.60 67.95 56.19
N PRO A 2343 42.60 68.54 55.48
CA PRO A 2343 41.21 68.13 55.63
C PRO A 2343 40.98 66.78 54.93
N MET A 2344 40.28 65.85 55.59
CA MET A 2344 40.20 64.43 55.15
C MET A 2344 39.42 64.31 53.83
N MET A 2345 38.44 65.19 53.60
CA MET A 2345 37.74 65.34 52.30
C MET A 2345 37.87 66.80 51.84
N ASP A 2346 38.21 67.01 50.57
CA ASP A 2346 38.46 68.36 49.98
C ASP A 2346 37.12 68.91 49.45
N THR A 2347 36.50 69.84 50.20
CA THR A 2347 35.19 70.46 49.88
C THR A 2347 35.38 71.95 49.58
N SER A 2348 34.54 72.50 48.69
CA SER A 2348 34.49 73.94 48.32
C SER A 2348 33.92 74.74 49.50
N PRO A 2349 34.12 76.08 49.56
CA PRO A 2349 33.55 76.90 50.62
C PRO A 2349 32.01 76.97 50.63
N VAL A 2350 31.36 76.85 49.48
CA VAL A 2350 29.86 76.92 49.34
C VAL A 2350 29.27 75.65 49.97
N ILE A 2351 29.84 74.49 49.68
CA ILE A 2351 29.41 73.16 50.22
C ILE A 2351 29.37 73.25 51.75
N SER A 2352 30.46 73.68 52.38
CA SER A 2352 30.59 73.88 53.85
C SER A 2352 29.45 74.76 54.37
N VAL A 2353 29.10 75.83 53.65
CA VAL A 2353 28.03 76.80 54.04
C VAL A 2353 26.65 76.15 53.87
N ILE A 2354 26.41 75.45 52.77
CA ILE A 2354 25.13 74.71 52.53
C ILE A 2354 24.88 73.75 53.71
N ASN A 2355 25.91 73.00 54.11
CA ASN A 2355 25.88 72.05 55.26
C ASN A 2355 25.60 72.81 56.57
N ILE A 2356 26.23 73.97 56.80
CA ILE A 2356 25.96 74.84 58.00
C ILE A 2356 24.45 75.10 58.05
N LEU A 2357 23.91 75.66 56.97
CA LEU A 2357 22.49 76.10 56.87
C LEU A 2357 21.56 74.91 57.07
N ASN A 2358 21.93 73.71 56.59
CA ASN A 2358 21.16 72.47 56.83
C ASN A 2358 21.15 72.18 58.33
N LEU A 2359 22.34 72.01 58.93
CA LEU A 2359 22.50 71.61 60.35
C LEU A 2359 21.90 72.69 61.26
N LEU A 2360 22.07 73.98 60.92
CA LEU A 2360 21.49 75.13 61.67
C LEU A 2360 19.96 75.06 61.60
N THR A 2361 19.40 74.61 60.46
CA THR A 2361 17.94 74.32 60.34
C THR A 2361 17.60 73.23 61.35
N GLY A 2362 18.24 72.07 61.18
CA GLY A 2362 17.99 70.82 61.91
C GLY A 2362 17.94 71.02 63.42
N CYS A 2363 18.78 71.90 63.94
CA CYS A 2363 18.83 72.25 65.39
C CYS A 2363 17.60 73.08 65.77
N LEU A 2364 17.24 74.08 64.97
CA LEU A 2364 16.15 75.06 65.27
C LEU A 2364 14.79 74.53 64.80
N GLN A 2365 14.73 73.33 64.22
CA GLN A 2365 13.49 72.66 63.73
C GLN A 2365 12.58 72.34 64.92
N TYR A 2366 13.14 72.14 66.12
CA TYR A 2366 12.38 71.91 67.38
C TYR A 2366 11.55 73.17 67.71
N PHE A 2367 12.17 74.34 67.62
CA PHE A 2367 11.60 75.64 68.10
C PHE A 2367 10.62 76.21 67.05
N VAL A 2368 10.61 75.69 65.81
CA VAL A 2368 9.59 76.01 64.78
C VAL A 2368 8.25 75.40 65.22
N GLN A 2369 8.28 74.15 65.69
CA GLN A 2369 7.09 73.33 66.05
C GLN A 2369 6.37 73.92 67.26
N THR A 2370 7.13 74.46 68.23
CA THR A 2370 6.64 75.01 69.51
C THR A 2370 6.44 76.54 69.43
N GLN A 2371 6.88 77.17 68.32
CA GLN A 2371 6.80 78.63 68.05
C GLN A 2371 7.53 79.39 69.17
N ARG A 2372 8.79 79.02 69.43
CA ARG A 2372 9.63 79.52 70.56
C ARG A 2372 10.82 80.31 69.99
N THR A 2373 10.71 81.65 69.93
CA THR A 2373 11.85 82.54 69.59
C THR A 2373 12.85 82.49 70.74
N LEU A 2374 14.15 82.50 70.43
CA LEU A 2374 15.26 82.47 71.41
C LEU A 2374 15.99 83.82 71.40
N SER A 2375 16.93 84.01 72.32
CA SER A 2375 17.81 85.22 72.40
C SER A 2375 18.97 85.08 71.42
N GLU A 2376 19.80 86.12 71.29
CA GLU A 2376 20.98 86.15 70.39
C GLU A 2376 22.12 85.30 70.99
N GLN A 2377 22.12 85.06 72.31
CA GLN A 2377 23.08 84.17 73.01
C GLN A 2377 22.77 82.71 72.65
N GLU A 2378 21.49 82.35 72.61
CA GLU A 2378 20.97 80.96 72.44
C GLU A 2378 21.13 80.49 70.98
N TYR A 2379 20.97 81.41 70.03
CA TYR A 2379 21.24 81.19 68.58
C TYR A 2379 22.76 81.14 68.34
N GLU A 2380 23.53 82.03 68.99
CA GLU A 2380 25.00 82.18 68.77
C GLU A 2380 25.75 80.94 69.23
N LYS A 2381 25.17 80.16 70.17
CA LYS A 2381 25.64 78.82 70.56
C LYS A 2381 25.29 77.81 69.46
N PHE A 2382 24.02 77.78 69.03
CA PHE A 2382 23.51 76.85 67.99
C PHE A 2382 24.30 76.99 66.68
N ILE A 2383 24.60 78.23 66.30
CA ILE A 2383 25.31 78.60 65.03
C ILE A 2383 26.76 78.11 65.09
N VAL A 2384 27.45 78.30 66.22
CA VAL A 2384 28.87 77.89 66.40
C VAL A 2384 28.97 76.37 66.55
N TYR A 2385 27.90 75.72 67.02
CA TYR A 2385 27.78 74.23 66.97
C TYR A 2385 27.67 73.81 65.50
N SER A 2386 26.67 74.36 64.79
CA SER A 2386 26.33 74.03 63.38
C SER A 2386 27.52 74.36 62.46
N MET A 2387 28.24 75.45 62.73
CA MET A 2387 29.51 75.84 62.05
C MET A 2387 30.57 74.76 62.29
N ALA A 2388 30.82 74.43 63.56
CA ALA A 2388 31.91 73.54 64.03
C ALA A 2388 31.88 72.21 63.28
N TRP A 2389 30.68 71.63 63.11
CA TRP A 2389 30.49 70.28 62.53
C TRP A 2389 30.44 70.36 60.99
N ALA A 2390 29.83 71.40 60.43
CA ALA A 2390 29.70 71.59 58.97
C ALA A 2390 31.07 71.94 58.38
N ILE A 2391 31.77 72.90 58.99
CA ILE A 2391 33.09 73.42 58.50
C ILE A 2391 34.21 72.46 58.93
N GLY A 2392 34.28 72.16 60.23
CA GLY A 2392 35.42 71.46 60.87
C GLY A 2392 35.14 69.99 61.18
N GLY A 2393 34.02 69.43 60.73
CA GLY A 2393 33.69 68.00 60.91
C GLY A 2393 34.66 67.11 60.16
N ILE A 2394 34.98 67.48 58.92
CA ILE A 2394 35.93 66.79 57.99
C ILE A 2394 37.34 66.67 58.61
N TYR A 2395 37.70 67.50 59.60
CA TYR A 2395 39.05 67.53 60.20
C TYR A 2395 39.24 66.38 61.20
N GLU A 2396 40.46 65.82 61.23
CA GLU A 2396 40.92 64.76 62.19
C GLU A 2396 41.28 65.40 63.53
N ALA A 2397 41.49 64.55 64.56
CA ALA A 2397 41.58 64.91 65.99
C ALA A 2397 42.56 66.06 66.23
N GLN A 2398 43.74 66.03 65.58
CA GLN A 2398 44.82 67.05 65.74
C GLN A 2398 44.30 68.42 65.29
N ASP A 2399 43.50 68.46 64.21
CA ASP A 2399 43.00 69.69 63.54
C ASP A 2399 41.72 70.19 64.23
N ARG A 2400 40.99 69.29 64.89
CA ARG A 2400 39.77 69.62 65.69
C ARG A 2400 40.17 70.60 66.81
N VAL A 2401 41.36 70.41 67.39
CA VAL A 2401 41.88 71.23 68.53
C VAL A 2401 42.25 72.61 67.99
N ARG A 2402 42.95 72.67 66.85
CA ARG A 2402 43.33 73.94 66.17
C ARG A 2402 42.06 74.71 65.80
N PHE A 2403 41.04 74.00 65.31
CA PHE A 2403 39.71 74.58 64.96
C PHE A 2403 39.05 75.16 66.21
N HIS A 2404 39.05 74.40 67.32
CA HIS A 2404 38.46 74.83 68.62
C HIS A 2404 39.26 76.00 69.20
N GLU A 2405 40.60 75.98 69.07
CA GLU A 2405 41.50 77.07 69.51
C GLU A 2405 41.22 78.36 68.71
N LEU A 2406 40.80 78.23 67.45
CA LEU A 2406 40.44 79.39 66.57
C LEU A 2406 39.11 80.01 67.03
N LEU A 2407 38.17 79.22 67.57
CA LEU A 2407 36.87 79.72 68.09
C LEU A 2407 37.11 80.54 69.37
N LEU A 2408 38.18 80.25 70.11
CA LEU A 2408 38.57 80.96 71.36
C LEU A 2408 39.17 82.33 71.00
N ALA A 2409 39.93 82.40 69.89
CA ALA A 2409 40.57 83.63 69.38
C ALA A 2409 39.52 84.67 68.96
N LYS A 2410 38.42 84.22 68.31
CA LYS A 2410 37.36 85.11 67.74
C LYS A 2410 36.16 85.23 68.69
N ASN A 2411 36.27 84.75 69.93
CA ASN A 2411 35.35 85.03 71.07
C ASN A 2411 33.94 84.53 70.73
N ALA A 2412 33.82 83.33 70.15
CA ALA A 2412 32.54 82.60 69.97
C ALA A 2412 32.11 82.06 71.34
N PRO A 2413 30.81 81.78 71.58
CA PRO A 2413 30.41 81.00 72.77
C PRO A 2413 30.90 79.55 72.64
N ILE A 2414 31.72 79.10 73.59
CA ILE A 2414 32.31 77.73 73.66
C ILE A 2414 32.10 77.22 75.08
N PRO A 2415 32.25 75.91 75.38
CA PRO A 2415 32.24 75.43 76.75
C PRO A 2415 33.48 75.96 77.49
N GLN A 2416 33.26 76.74 78.56
CA GLN A 2416 34.33 77.43 79.34
C GLN A 2416 35.19 76.39 80.06
N LYS A 2417 34.57 75.36 80.66
CA LYS A 2417 35.22 74.38 81.56
C LYS A 2417 35.11 72.97 80.97
N GLY A 2418 36.19 72.18 81.06
CA GLY A 2418 36.23 70.76 80.70
C GLY A 2418 37.48 70.09 81.23
N LYS A 2419 37.93 69.02 80.55
CA LYS A 2419 39.17 68.26 80.88
C LYS A 2419 40.28 68.68 79.89
N GLU A 2420 41.44 68.01 79.96
CA GLU A 2420 42.51 68.10 78.93
C GLU A 2420 42.02 67.46 77.63
N ASN A 2421 42.35 68.05 76.49
CA ASN A 2421 41.87 67.67 75.12
C ASN A 2421 40.34 67.68 75.12
N GLU A 2422 39.74 68.78 75.57
CA GLU A 2422 38.30 69.11 75.49
C GLU A 2422 38.10 70.04 74.27
N THR A 2423 37.15 69.72 73.41
CA THR A 2423 36.81 70.48 72.18
C THR A 2423 35.32 70.83 72.15
N VAL A 2424 34.92 71.67 71.21
CA VAL A 2424 33.49 72.04 70.92
C VAL A 2424 32.76 70.78 70.46
N PHE A 2425 33.47 69.85 69.81
CA PHE A 2425 32.93 68.68 69.08
C PHE A 2425 32.28 67.68 70.06
N ASP A 2426 32.83 67.55 71.27
CA ASP A 2426 32.27 66.72 72.36
C ASP A 2426 30.87 67.21 72.74
N TYR A 2427 30.71 68.53 72.92
CA TYR A 2427 29.51 69.18 73.52
C TYR A 2427 28.41 69.31 72.45
N TYR A 2428 27.22 69.72 72.89
CA TYR A 2428 26.09 70.17 72.03
C TYR A 2428 25.23 71.15 72.82
N VAL A 2429 24.29 71.79 72.11
CA VAL A 2429 23.33 72.79 72.68
C VAL A 2429 21.99 72.07 72.89
N SER A 2430 21.58 71.91 74.15
CA SER A 2430 20.37 71.16 74.56
C SER A 2430 19.10 71.92 74.20
N GLN A 2431 18.03 71.21 73.83
CA GLN A 2431 16.70 71.77 73.49
C GLN A 2431 15.98 72.20 74.78
N ASP A 2432 15.96 71.32 75.80
CA ASP A 2432 15.19 71.48 77.07
C ASP A 2432 15.62 72.79 77.76
N TYR A 2433 16.89 72.84 78.20
CA TYR A 2433 17.58 74.05 78.70
C TYR A 2433 18.75 74.32 77.74
N LEU A 2434 18.95 75.57 77.31
CA LEU A 2434 19.90 75.94 76.23
C LEU A 2434 21.22 76.41 76.83
N ASP A 2435 22.25 75.55 76.74
CA ASP A 2435 23.66 75.82 77.09
C ASP A 2435 24.51 74.68 76.53
N TRP A 2436 25.84 74.74 76.68
CA TRP A 2436 26.78 73.67 76.27
C TRP A 2436 26.73 72.53 77.29
N LYS A 2437 26.38 71.32 76.84
CA LYS A 2437 26.28 70.08 77.66
C LYS A 2437 27.22 69.02 77.06
N ILE A 2438 28.11 68.44 77.88
CA ILE A 2438 28.96 67.27 77.48
C ILE A 2438 28.00 66.16 77.06
N CYS A 2439 28.21 65.60 75.86
CA CYS A 2439 27.29 64.60 75.23
C CYS A 2439 27.73 63.19 75.65
N SER A 2440 27.38 62.79 76.89
CA SER A 2440 27.58 61.41 77.41
C SER A 2440 26.60 60.48 76.71
N PRO A 2441 27.02 59.27 76.26
CA PRO A 2441 26.11 58.32 75.61
C PRO A 2441 25.14 57.72 76.62
N GLU A 2442 23.93 57.35 76.16
CA GLU A 2442 22.90 56.66 76.98
C GLU A 2442 23.52 55.40 77.61
N GLU A 2443 23.15 55.11 78.87
CA GLU A 2443 23.69 53.95 79.63
C GLU A 2443 23.22 52.66 78.96
N TRP A 2444 24.11 51.67 78.84
CA TRP A 2444 23.87 50.37 78.15
C TRP A 2444 22.99 49.47 79.01
N VAL A 2445 22.02 48.79 78.37
CA VAL A 2445 21.16 47.74 79.00
C VAL A 2445 21.54 46.40 78.37
N PRO A 2446 22.15 45.45 79.11
CA PRO A 2446 22.55 44.16 78.54
C PRO A 2446 21.39 43.46 77.82
N PRO A 2447 21.55 43.03 76.55
CA PRO A 2447 20.45 42.47 75.78
C PRO A 2447 20.27 40.98 76.06
N GLN A 2448 19.89 40.65 77.30
CA GLN A 2448 19.61 39.27 77.82
C GLN A 2448 20.87 38.40 77.58
N SER A 2449 20.80 37.41 76.68
CA SER A 2449 21.94 36.55 76.28
C SER A 2449 22.84 37.31 75.29
N LEU A 2450 24.14 37.41 75.60
CA LEU A 2450 25.10 38.30 74.90
C LEU A 2450 26.16 37.45 74.18
N GLN A 2451 26.43 37.78 72.91
CA GLN A 2451 27.57 37.27 72.11
C GLN A 2451 28.42 38.48 71.69
N PHE A 2452 29.65 38.58 72.25
CA PHE A 2452 30.60 39.70 72.05
C PHE A 2452 30.69 40.10 70.57
N SER A 2453 30.48 39.14 69.67
CA SER A 2453 30.54 39.31 68.19
C SER A 2453 29.38 40.17 67.67
N GLN A 2454 28.16 40.06 68.23
CA GLN A 2454 26.95 40.79 67.76
C GLN A 2454 26.47 41.78 68.84
N LEU A 2455 27.41 42.32 69.62
CA LEU A 2455 27.11 43.24 70.76
C LEU A 2455 27.60 44.65 70.42
N LEU A 2456 26.68 45.51 69.97
CA LEU A 2456 26.91 46.96 69.69
C LEU A 2456 26.38 47.80 70.85
N LEU A 2457 27.25 48.59 71.49
CA LEU A 2457 26.90 49.40 72.69
C LEU A 2457 26.76 50.87 72.32
N PRO A 2458 26.09 51.69 73.17
CA PRO A 2458 26.11 53.14 73.02
C PRO A 2458 27.51 53.67 73.36
N THR A 2459 28.08 54.47 72.45
CA THR A 2459 29.44 55.05 72.55
C THR A 2459 29.37 56.54 72.20
N LEU A 2460 30.34 57.31 72.68
CA LEU A 2460 30.42 58.79 72.47
C LEU A 2460 30.34 59.10 70.98
N ASP A 2461 31.02 58.31 70.14
CA ASP A 2461 31.11 58.53 68.68
C ASP A 2461 29.75 58.20 68.03
N SER A 2462 29.07 57.15 68.48
CA SER A 2462 27.72 56.72 68.00
C SER A 2462 26.68 57.79 68.33
N PHE A 2463 26.69 58.31 69.56
CA PHE A 2463 25.80 59.39 70.04
C PHE A 2463 25.86 60.57 69.08
N ARG A 2464 27.05 61.17 68.94
CA ARG A 2464 27.31 62.35 68.07
C ARG A 2464 26.81 62.04 66.65
N ALA A 2465 26.98 60.80 66.18
CA ALA A 2465 26.56 60.37 64.82
C ALA A 2465 25.04 60.30 64.77
N GLU A 2466 24.42 59.61 65.73
CA GLU A 2466 22.95 59.54 65.96
C GLU A 2466 22.37 60.95 65.99
N MET A 2467 23.01 61.85 66.74
CA MET A 2467 22.57 63.27 66.97
C MET A 2467 22.60 64.05 65.65
N LEU A 2468 23.71 64.02 64.92
CA LEU A 2468 23.87 64.73 63.63
C LEU A 2468 22.92 64.13 62.59
N LEU A 2469 22.92 62.80 62.45
CA LEU A 2469 22.04 62.08 61.49
C LEU A 2469 20.59 62.49 61.74
N ASN A 2470 20.18 62.63 63.00
CA ASN A 2470 18.81 63.05 63.39
C ASN A 2470 18.50 64.44 62.83
N PHE A 2471 19.46 65.37 62.86
CA PHE A 2471 19.25 66.78 62.41
C PHE A 2471 19.05 66.85 60.89
N ILE A 2472 19.85 66.12 60.11
CA ILE A 2472 19.79 66.16 58.62
C ILE A 2472 18.58 65.36 58.14
N LEU A 2473 18.29 64.20 58.76
CA LEU A 2473 17.27 63.24 58.26
C LEU A 2473 15.85 63.61 58.75
N THR A 2474 15.69 64.25 59.91
CA THR A 2474 14.35 64.69 60.40
C THR A 2474 13.85 65.92 59.63
N GLN A 2475 14.75 66.72 59.03
CA GLN A 2475 14.41 67.98 58.30
C GLN A 2475 13.39 67.68 57.20
N PRO A 2476 12.47 68.61 56.88
CA PRO A 2476 11.71 68.52 55.63
C PRO A 2476 12.63 68.83 54.44
N LYS A 2477 12.50 68.08 53.34
CA LYS A 2477 13.23 68.34 52.07
C LYS A 2477 13.08 69.81 51.69
N SER A 2478 14.17 70.44 51.24
CA SER A 2478 14.24 71.87 50.85
C SER A 2478 15.15 72.05 49.63
N HIS A 2479 15.52 73.30 49.34
CA HIS A 2479 16.51 73.70 48.30
C HIS A 2479 17.94 73.36 48.77
N THR A 2480 18.23 73.58 50.06
CA THR A 2480 19.58 73.36 50.67
C THR A 2480 19.78 71.88 51.03
N CYS A 2481 18.80 71.26 51.69
CA CYS A 2481 18.85 69.87 52.22
C CYS A 2481 18.21 68.90 51.22
N SER A 2482 18.76 67.68 51.11
CA SER A 2482 18.19 66.56 50.30
C SER A 2482 17.81 65.38 51.22
N ASN A 2483 17.86 65.58 52.55
CA ASN A 2483 17.72 64.53 53.60
C ASN A 2483 18.67 63.38 53.27
N SER A 2484 19.96 63.59 53.49
CA SER A 2484 21.04 62.64 53.14
C SER A 2484 22.35 63.07 53.80
N ALA A 2485 23.04 62.12 54.47
CA ALA A 2485 24.18 62.41 55.37
C ALA A 2485 25.24 61.29 55.28
N LEU A 2486 26.25 61.50 54.43
CA LEU A 2486 27.45 60.64 54.25
C LEU A 2486 28.36 60.87 55.46
N LEU A 2487 28.94 59.82 56.03
CA LEU A 2487 30.00 59.99 57.07
C LEU A 2487 31.29 59.28 56.63
N ILE A 2488 32.31 60.08 56.34
CA ILE A 2488 33.70 59.63 56.02
C ILE A 2488 34.38 59.24 57.34
N GLY A 2489 35.54 58.59 57.26
CA GLY A 2489 36.29 58.12 58.44
C GLY A 2489 37.27 57.02 58.07
N GLY A 2490 38.29 56.80 58.91
CA GLY A 2490 39.34 55.78 58.70
C GLY A 2490 38.77 54.38 58.60
N SER A 2491 39.56 53.44 58.07
CA SER A 2491 39.25 51.98 58.08
C SER A 2491 38.98 51.55 59.52
N GLY A 2492 37.82 50.95 59.77
CA GLY A 2492 37.42 50.42 61.09
C GLY A 2492 37.44 51.48 62.18
N THR A 2493 36.70 52.58 61.98
CA THR A 2493 36.56 53.72 62.92
C THR A 2493 35.12 53.82 63.45
N ALA A 2494 34.30 52.78 63.20
CA ALA A 2494 32.89 52.64 63.67
C ALA A 2494 31.94 53.52 62.85
N LYS A 2495 32.13 53.59 61.53
CA LYS A 2495 31.15 54.18 60.57
C LYS A 2495 29.93 53.25 60.50
N THR A 2496 30.13 52.03 59.99
CA THR A 2496 29.09 51.01 59.70
C THR A 2496 28.29 50.68 60.96
N SER A 2497 28.96 50.56 62.11
CA SER A 2497 28.34 50.29 63.43
C SER A 2497 27.38 51.44 63.79
N SER A 2498 27.92 52.65 63.92
CA SER A 2498 27.20 53.85 64.41
C SER A 2498 25.94 54.13 63.55
N VAL A 2499 25.95 53.76 62.27
CA VAL A 2499 24.76 53.86 61.35
C VAL A 2499 23.75 52.78 61.74
N LEU A 2500 24.21 51.55 61.99
CA LEU A 2500 23.34 50.39 62.35
C LEU A 2500 22.74 50.59 63.75
N LEU A 2501 23.44 51.29 64.64
CA LEU A 2501 22.93 51.69 65.98
C LEU A 2501 21.79 52.71 65.82
N TYR A 2502 21.95 53.68 64.91
CA TYR A 2502 20.93 54.71 64.56
C TYR A 2502 19.74 54.06 63.84
N CYS A 2503 20.00 53.06 62.99
CA CYS A 2503 18.99 52.46 62.07
C CYS A 2503 18.10 51.45 62.82
N ASN A 2504 18.51 51.03 64.02
CA ASN A 2504 17.59 50.38 65.01
C ASN A 2504 16.81 51.49 65.72
N LYS A 2505 15.82 51.12 66.52
CA LYS A 2505 14.89 52.07 67.22
C LYS A 2505 14.02 52.81 66.20
N PHE A 2506 13.83 52.25 64.99
CA PHE A 2506 12.87 52.73 63.97
C PHE A 2506 11.59 51.91 64.10
N ASP A 2507 10.46 52.58 64.38
CA ASP A 2507 9.11 51.94 64.42
C ASP A 2507 8.90 51.31 63.05
N PRO A 2508 8.78 49.96 62.93
CA PRO A 2508 8.64 49.32 61.62
C PRO A 2508 7.52 49.91 60.75
N GLN A 2509 6.42 50.36 61.37
CA GLN A 2509 5.26 51.02 60.72
C GLN A 2509 5.65 52.42 60.21
N LYS A 2510 6.35 53.21 61.04
CA LYS A 2510 6.66 54.65 60.77
C LYS A 2510 7.86 54.82 59.83
N MET A 2511 8.88 53.95 59.92
CA MET A 2511 10.12 54.03 59.10
C MET A 2511 10.61 52.63 58.74
N LEU A 2512 11.29 52.51 57.59
CA LEU A 2512 11.90 51.26 57.08
C LEU A 2512 13.40 51.52 56.95
N PHE A 2513 14.18 50.52 56.55
CA PHE A 2513 15.66 50.60 56.44
C PHE A 2513 16.17 49.53 55.47
N LYS A 2514 17.00 49.93 54.51
CA LYS A 2514 17.59 49.00 53.50
C LYS A 2514 19.06 49.36 53.32
N ARG A 2515 19.94 48.36 53.42
CA ARG A 2515 21.42 48.50 53.32
C ARG A 2515 21.91 47.84 52.03
N THR A 2516 22.56 48.60 51.15
CA THR A 2516 23.10 48.13 49.84
C THR A 2516 24.61 48.41 49.77
N ASN A 2517 25.43 47.41 50.12
CA ASN A 2517 26.92 47.55 50.18
C ASN A 2517 27.48 47.68 48.75
N PHE A 2518 27.98 48.86 48.42
CA PHE A 2518 28.72 49.15 47.16
C PHE A 2518 30.07 48.45 47.16
N SER A 2519 30.60 48.22 45.96
CA SER A 2519 31.92 47.57 45.69
C SER A 2519 32.42 48.03 44.32
N SER A 2520 33.67 47.72 43.98
CA SER A 2520 34.31 48.04 42.67
C SER A 2520 33.48 47.46 41.52
N ALA A 2521 32.85 46.29 41.72
CA ALA A 2521 31.99 45.60 40.74
C ALA A 2521 30.70 46.40 40.48
N THR A 2522 30.06 46.93 41.53
CA THR A 2522 28.67 47.50 41.48
C THR A 2522 28.59 48.55 40.38
N SER A 2523 27.83 48.26 39.32
CA SER A 2523 27.50 49.15 38.19
C SER A 2523 26.19 49.87 38.51
N PRO A 2524 25.77 50.90 37.74
CA PRO A 2524 24.51 51.60 38.03
C PRO A 2524 23.26 50.72 37.89
N PHE A 2525 23.28 49.70 37.03
CA PHE A 2525 22.14 48.79 36.79
C PHE A 2525 21.97 47.85 38.01
N MET A 2526 23.07 47.51 38.68
CA MET A 2526 23.07 46.70 39.94
C MET A 2526 22.39 47.49 41.06
N PHE A 2527 22.79 48.76 41.24
CA PHE A 2527 22.21 49.69 42.25
C PHE A 2527 20.76 50.01 41.88
N GLN A 2528 20.50 50.36 40.63
CA GLN A 2528 19.14 50.76 40.14
C GLN A 2528 18.15 49.62 40.38
N SER A 2529 18.56 48.37 40.16
CA SER A 2529 17.70 47.17 40.27
C SER A 2529 17.27 46.93 41.73
N THR A 2530 18.13 47.23 42.70
CA THR A 2530 17.89 47.00 44.15
C THR A 2530 16.85 48.02 44.66
N ILE A 2531 17.12 49.32 44.50
CA ILE A 2531 16.21 50.43 44.93
C ILE A 2531 14.84 50.30 44.24
N GLU A 2532 14.81 49.92 42.96
CA GLU A 2532 13.56 49.77 42.16
C GLU A 2532 12.70 48.65 42.78
N ALA A 2533 13.35 47.56 43.20
CA ALA A 2533 12.70 46.36 43.82
C ALA A 2533 12.21 46.69 45.24
N GLU A 2534 12.95 47.52 45.99
CA GLU A 2534 12.74 47.79 47.44
C GLU A 2534 11.57 48.76 47.66
N CYS A 2535 11.22 49.58 46.67
CA CYS A 2535 10.05 50.51 46.68
C CYS A 2535 9.17 50.25 45.44
N ASP A 2536 8.12 49.42 45.60
CA ASP A 2536 7.20 49.00 44.50
C ASP A 2536 5.82 49.64 44.65
N PHE A 2537 5.36 49.87 45.90
CA PHE A 2537 4.15 50.68 46.22
C PHE A 2537 4.18 51.97 45.40
N LYS A 2538 3.03 52.39 44.85
CA LYS A 2538 2.93 53.59 43.99
C LYS A 2538 1.70 54.42 44.37
N VAL A 2539 1.89 55.75 44.49
CA VAL A 2539 0.84 56.78 44.66
C VAL A 2539 0.71 57.53 43.32
N GLY A 2540 -0.21 57.08 42.45
CA GLY A 2540 -0.40 57.61 41.08
C GLY A 2540 0.82 57.36 40.21
N LYS A 2541 1.51 58.43 39.80
CA LYS A 2541 2.76 58.38 38.99
C LYS A 2541 3.94 58.05 39.92
N GLU A 2542 3.96 58.65 41.11
CA GLU A 2542 5.07 58.56 42.11
C GLU A 2542 5.12 57.14 42.68
N PHE A 2543 6.33 56.67 43.02
CA PHE A 2543 6.60 55.38 43.72
C PHE A 2543 6.99 55.67 45.18
N ALA A 2544 6.99 54.64 46.03
CA ALA A 2544 7.21 54.75 47.50
C ALA A 2544 7.58 53.40 48.10
N PRO A 2545 8.23 53.34 49.30
CA PRO A 2545 8.45 52.09 50.01
C PRO A 2545 7.17 51.51 50.60
N PRO A 2546 7.14 50.20 50.96
CA PRO A 2546 5.92 49.51 51.39
C PRO A 2546 5.09 50.36 52.38
N GLY A 2547 3.78 50.43 52.17
CA GLY A 2547 2.90 51.42 52.83
C GLY A 2547 3.38 52.83 52.48
N ASN A 2548 3.68 53.63 53.51
CA ASN A 2548 4.37 54.94 53.35
C ASN A 2548 5.27 55.14 54.57
N LYS A 2549 6.46 54.53 54.53
CA LYS A 2549 7.33 54.32 55.71
C LYS A 2549 8.44 55.38 55.76
N MET A 2550 8.92 55.88 54.62
CA MET A 2550 10.06 56.85 54.56
C MET A 2550 11.36 56.09 54.88
N MET A 2551 11.60 55.02 54.11
CA MET A 2551 12.80 54.15 54.12
C MET A 2551 14.08 55.00 53.98
N THR A 2552 15.13 54.67 54.75
CA THR A 2552 16.46 55.33 54.72
C THR A 2552 17.51 54.36 54.15
N ILE A 2553 17.98 54.62 52.91
CA ILE A 2553 18.83 53.70 52.10
C ILE A 2553 20.31 53.92 52.47
N PHE A 2554 20.85 53.09 53.37
CA PHE A 2554 22.29 53.11 53.76
C PHE A 2554 23.12 52.48 52.65
N ILE A 2555 24.12 53.21 52.14
CA ILE A 2555 25.05 52.76 51.06
C ILE A 2555 26.46 52.67 51.66
N ASP A 2556 26.80 51.53 52.29
CA ASP A 2556 28.11 51.33 52.96
C ASP A 2556 29.18 51.17 51.86
N ASP A 2557 30.37 51.73 52.10
CA ASP A 2557 31.56 51.67 51.18
C ASP A 2557 31.22 52.39 49.87
N MET A 2558 30.74 53.64 49.99
CA MET A 2558 30.19 54.46 48.88
C MET A 2558 31.27 54.80 47.84
N SER A 2559 32.53 54.92 48.27
CA SER A 2559 33.68 55.32 47.41
C SER A 2559 34.07 54.20 46.42
N MET A 2560 33.84 52.94 46.77
CA MET A 2560 34.48 51.75 46.13
C MET A 2560 34.22 51.65 44.63
N PRO A 2561 33.01 51.91 44.08
CA PRO A 2561 32.77 51.75 42.64
C PRO A 2561 33.85 52.35 41.72
N PHE A 2562 34.10 51.65 40.61
CA PHE A 2562 35.26 51.84 39.71
C PHE A 2562 35.27 53.27 39.15
N VAL A 2563 36.38 53.98 39.33
CA VAL A 2563 36.70 55.28 38.65
C VAL A 2563 37.39 54.94 37.33
N ASN A 2564 36.81 55.39 36.20
CA ASN A 2564 37.33 55.14 34.82
C ASN A 2564 38.44 56.16 34.51
N LYS A 2565 39.07 56.02 33.34
CA LYS A 2565 40.16 56.90 32.82
C LYS A 2565 39.74 58.38 32.82
N TRP A 2566 38.46 58.68 32.61
CA TRP A 2566 37.92 60.07 32.56
C TRP A 2566 37.79 60.66 33.96
N GLY A 2567 37.82 59.82 35.01
CA GLY A 2567 37.76 60.25 36.42
C GLY A 2567 36.33 60.51 36.87
N ASP A 2568 35.39 59.68 36.41
CA ASP A 2568 33.92 59.82 36.65
C ASP A 2568 33.35 58.46 37.06
N GLN A 2569 32.83 58.36 38.29
CA GLN A 2569 32.23 57.11 38.85
C GLN A 2569 30.79 56.97 38.34
N ILE A 2570 30.57 55.99 37.46
CA ILE A 2570 29.31 55.80 36.67
C ILE A 2570 28.14 55.59 37.63
N THR A 2571 28.27 54.71 38.62
CA THR A 2571 27.17 54.31 39.55
C THR A 2571 26.84 55.45 40.53
N LEU A 2572 27.80 56.32 40.82
CA LEU A 2572 27.60 57.45 41.77
C LEU A 2572 26.89 58.61 41.05
N GLU A 2573 27.03 58.72 39.72
CA GLU A 2573 26.27 59.71 38.92
C GLU A 2573 24.78 59.32 38.90
N LEU A 2574 24.46 58.05 39.15
CA LEU A 2574 23.06 57.58 39.37
C LEU A 2574 22.63 57.92 40.80
N VAL A 2575 23.49 57.72 41.80
CA VAL A 2575 23.23 58.04 43.23
C VAL A 2575 22.89 59.54 43.33
N ARG A 2576 23.69 60.38 42.68
CA ARG A 2576 23.52 61.86 42.70
C ARG A 2576 22.19 62.23 42.06
N GLN A 2577 21.94 61.74 40.84
CA GLN A 2577 20.66 61.90 40.09
C GLN A 2577 19.48 61.55 41.02
N LEU A 2578 19.59 60.41 41.71
CA LEU A 2578 18.51 59.83 42.56
C LEU A 2578 18.27 60.68 43.81
N ILE A 2579 19.31 61.29 44.39
CA ILE A 2579 19.19 62.17 45.59
C ILE A 2579 18.65 63.54 45.15
N GLU A 2580 19.24 64.13 44.11
CA GLU A 2580 18.88 65.48 43.58
C GLU A 2580 17.44 65.45 43.03
N THR A 2581 17.20 64.75 41.92
CA THR A 2581 15.92 64.80 41.13
C THR A 2581 14.86 63.90 41.76
N GLY A 2582 15.24 63.00 42.66
CA GLY A 2582 14.31 62.08 43.35
C GLY A 2582 13.81 60.98 42.43
N GLY A 2583 14.63 60.56 41.46
CA GLY A 2583 14.25 59.56 40.45
C GLY A 2583 15.35 59.25 39.44
N PHE A 2584 15.09 58.29 38.55
CA PHE A 2584 15.92 57.88 37.39
C PHE A 2584 15.00 57.44 36.25
N TYR A 2585 15.57 57.01 35.11
CA TYR A 2585 14.82 56.54 33.92
C TYR A 2585 14.78 55.01 33.89
N MET A 2586 13.58 54.44 33.77
CA MET A 2586 13.33 52.96 33.75
C MET A 2586 14.06 52.34 32.55
N LEU A 2587 14.69 51.18 32.75
CA LEU A 2587 15.56 50.50 31.75
C LEU A 2587 14.94 49.16 31.29
N ASP A 2588 13.70 48.86 31.68
CA ASP A 2588 12.93 47.72 31.11
C ASP A 2588 12.62 48.06 29.65
N LYS A 2589 12.81 47.10 28.74
CA LYS A 2589 12.68 47.28 27.26
C LYS A 2589 11.39 48.05 26.94
N THR A 2590 10.26 47.59 27.49
CA THR A 2590 8.88 48.07 27.20
C THR A 2590 8.79 49.60 27.34
N GLN A 2591 9.12 50.12 28.53
CA GLN A 2591 8.95 51.55 28.92
C GLN A 2591 10.31 52.24 29.00
N ARG A 2592 10.61 53.14 28.06
CA ARG A 2592 11.88 53.93 28.01
C ARG A 2592 11.53 55.40 27.87
N GLY A 2593 12.44 56.29 28.32
CA GLY A 2593 12.29 57.75 28.26
C GLY A 2593 11.14 58.27 29.13
N ASN A 2594 10.78 57.52 30.18
CA ASN A 2594 9.78 57.92 31.21
C ASN A 2594 10.45 57.76 32.59
N GLN A 2595 10.34 58.78 33.44
CA GLN A 2595 10.98 58.83 34.79
C GLN A 2595 10.16 57.97 35.76
N ARG A 2596 10.87 57.31 36.69
CA ARG A 2596 10.33 56.73 37.94
C ARG A 2596 10.76 57.63 39.10
N LYS A 2597 9.83 58.15 39.90
CA LYS A 2597 10.14 59.14 40.97
C LYS A 2597 9.68 58.61 42.34
N MET A 2598 10.65 58.22 43.19
CA MET A 2598 10.44 57.71 44.57
C MET A 2598 10.16 58.90 45.50
N LYS A 2599 9.05 58.83 46.25
CA LYS A 2599 8.47 60.02 46.94
C LYS A 2599 9.24 60.31 48.23
N ASN A 2600 9.43 59.32 49.11
CA ASN A 2600 10.03 59.54 50.47
C ASN A 2600 11.15 58.52 50.71
N LEU A 2601 12.39 58.92 50.36
CA LEU A 2601 13.65 58.17 50.64
C LEU A 2601 14.65 59.13 51.31
N GLN A 2602 15.24 58.69 52.43
CA GLN A 2602 16.46 59.30 53.03
C GLN A 2602 17.65 58.46 52.56
N TYR A 2603 18.87 58.97 52.68
CA TYR A 2603 20.11 58.30 52.21
C TYR A 2603 21.24 58.55 53.20
N ILE A 2604 21.67 57.49 53.88
CA ILE A 2604 22.94 57.49 54.65
C ILE A 2604 24.00 56.91 53.71
N GLY A 2605 25.25 57.38 53.83
CA GLY A 2605 26.42 56.75 53.22
C GLY A 2605 27.51 56.58 54.27
N ALA A 2606 28.49 55.73 53.98
CA ALA A 2606 29.74 55.58 54.77
C ALA A 2606 30.86 55.16 53.82
N MET A 2607 31.94 55.93 53.76
CA MET A 2607 33.10 55.63 52.87
C MET A 2607 34.41 55.89 53.63
N ASN A 2608 35.45 55.10 53.33
CA ASN A 2608 36.82 55.32 53.82
C ASN A 2608 37.34 56.58 53.13
N HIS A 2609 37.88 57.54 53.90
CA HIS A 2609 38.20 58.92 53.42
C HIS A 2609 39.27 58.86 52.32
N PRO A 2610 39.20 59.74 51.31
CA PRO A 2610 40.03 59.62 50.11
C PRO A 2610 41.54 59.82 50.35
N GLY A 2611 42.35 59.46 49.36
CA GLY A 2611 43.82 59.48 49.40
C GLY A 2611 44.39 58.11 49.72
N GLY A 2612 45.58 57.80 49.20
CA GLY A 2612 46.25 56.50 49.37
C GLY A 2612 45.71 55.43 48.44
N GLY A 2613 45.34 55.83 47.21
CA GLY A 2613 44.84 54.92 46.15
C GLY A 2613 43.40 54.47 46.37
N ARG A 2614 42.63 55.21 47.18
CA ARG A 2614 41.17 55.00 47.39
C ARG A 2614 40.41 56.14 46.69
N ASN A 2615 39.24 55.83 46.15
CA ASN A 2615 38.45 56.72 45.25
C ASN A 2615 37.85 57.86 46.08
N ASP A 2616 38.02 59.10 45.63
CA ASP A 2616 37.26 60.27 46.14
C ASP A 2616 35.91 60.29 45.43
N ILE A 2617 34.86 60.68 46.17
CA ILE A 2617 33.47 60.80 45.63
C ILE A 2617 33.43 62.00 44.70
N PRO A 2618 32.58 62.05 43.65
CA PRO A 2618 32.48 63.24 42.80
C PRO A 2618 32.13 64.51 43.58
N ASN A 2619 32.75 65.64 43.23
CA ASN A 2619 32.50 66.98 43.84
C ASN A 2619 31.01 67.31 43.78
N ARG A 2620 30.36 67.01 42.65
CA ARG A 2620 28.92 67.32 42.38
C ARG A 2620 28.04 66.67 43.45
N LEU A 2621 28.35 65.40 43.76
CA LEU A 2621 27.60 64.56 44.71
C LEU A 2621 27.82 65.08 46.14
N LYS A 2622 29.06 65.45 46.50
CA LYS A 2622 29.43 65.94 47.86
C LYS A 2622 28.42 66.99 48.34
N ARG A 2623 27.94 67.84 47.44
CA ARG A 2623 27.05 69.00 47.75
C ARG A 2623 25.69 68.51 48.28
N GLN A 2624 25.22 67.35 47.81
CA GLN A 2624 23.91 66.76 48.21
C GLN A 2624 24.00 66.25 49.66
N PHE A 2625 25.11 65.59 50.01
CA PHE A 2625 25.33 64.95 51.33
C PHE A 2625 25.84 65.97 52.35
N PHE A 2626 25.42 65.83 53.61
CA PHE A 2626 26.11 66.40 54.80
C PHE A 2626 27.24 65.44 55.19
N ILE A 2627 28.45 65.95 55.39
CA ILE A 2627 29.70 65.12 55.55
C ILE A 2627 30.33 65.45 56.90
N PHE A 2628 30.61 64.42 57.71
CA PHE A 2628 31.39 64.52 58.97
C PHE A 2628 32.32 63.31 59.10
N ASN A 2629 33.47 63.53 59.74
CA ASN A 2629 34.57 62.55 59.91
C ASN A 2629 34.36 61.80 61.22
N MET A 2630 34.25 60.46 61.15
CA MET A 2630 34.28 59.56 62.33
C MET A 2630 35.75 59.32 62.72
N ILE A 2631 36.08 59.53 63.99
CA ILE A 2631 37.47 59.46 64.55
C ILE A 2631 37.52 58.30 65.55
N LEU A 2632 38.66 57.60 65.60
CA LEU A 2632 38.95 56.52 66.60
C LEU A 2632 38.87 57.11 68.00
N PRO A 2633 38.27 56.42 69.00
CA PRO A 2633 38.15 56.96 70.35
C PRO A 2633 39.53 57.13 71.03
N LEU A 2634 39.68 58.18 71.83
CA LEU A 2634 40.91 58.42 72.66
C LEU A 2634 40.96 57.38 73.78
N SER A 2635 39.81 57.11 74.43
CA SER A 2635 39.62 56.07 75.47
C SER A 2635 38.43 55.18 75.08
N ILE A 2636 38.70 53.89 74.81
CA ILE A 2636 37.68 52.82 74.56
C ILE A 2636 37.15 52.25 75.88
N GLU A 2637 37.60 52.78 77.04
CA GLU A 2637 37.10 52.42 78.39
C GLU A 2637 35.56 52.44 78.43
N GLY A 2638 34.94 53.53 77.94
CA GLY A 2638 33.48 53.71 77.90
C GLY A 2638 32.78 52.64 77.06
N ILE A 2639 33.47 52.12 76.03
CA ILE A 2639 32.91 51.16 75.02
C ILE A 2639 32.96 49.74 75.61
N TYR A 2640 34.16 49.28 76.00
CA TYR A 2640 34.46 47.86 76.36
C TYR A 2640 34.50 47.64 77.88
N GLY A 2641 34.38 48.70 78.68
CA GLY A 2641 34.38 48.62 80.16
C GLY A 2641 33.11 47.99 80.71
N PRO A 2642 31.90 48.36 80.22
CA PRO A 2642 30.67 47.69 80.64
C PRO A 2642 30.62 46.19 80.27
N ILE A 2643 31.25 45.80 79.16
CA ILE A 2643 31.24 44.41 78.61
C ILE A 2643 32.06 43.52 79.56
N ILE A 2644 33.32 43.88 79.79
CA ILE A 2644 34.28 43.14 80.68
C ILE A 2644 33.76 43.10 82.12
N LYS A 2645 33.16 44.19 82.60
CA LYS A 2645 32.61 44.32 83.98
C LYS A 2645 31.37 43.43 84.12
N HIS A 2646 30.63 43.21 83.03
CA HIS A 2646 29.42 42.35 82.99
C HIS A 2646 29.83 40.87 82.92
N MET A 2647 30.77 40.54 82.02
CA MET A 2647 31.21 39.15 81.68
C MET A 2647 31.98 38.54 82.86
N PHE A 2648 32.82 39.35 83.51
CA PHE A 2648 33.59 39.03 84.75
C PHE A 2648 33.03 39.87 85.91
N LYS A 2649 32.41 39.21 86.90
CA LYS A 2649 31.76 39.89 88.05
C LYS A 2649 32.67 39.83 89.28
N GLN A 2650 32.70 40.90 90.08
CA GLN A 2650 33.46 41.04 91.35
C GLN A 2650 33.21 39.82 92.25
N LYS A 2651 31.97 39.35 92.32
CA LYS A 2651 31.48 38.27 93.23
C LYS A 2651 32.35 37.00 93.10
N TYR A 2652 32.64 36.58 91.87
CA TYR A 2652 33.31 35.30 91.54
C TYR A 2652 34.82 35.38 91.79
N PHE A 2653 35.44 36.52 91.43
CA PHE A 2653 36.91 36.74 91.46
C PHE A 2653 37.37 37.17 92.85
N SER A 2654 38.68 37.02 93.10
CA SER A 2654 39.41 37.63 94.24
C SER A 2654 39.45 39.15 94.07
N ASP A 2655 39.83 39.87 95.12
CA ASP A 2655 40.01 41.35 95.10
C ASP A 2655 41.25 41.70 94.28
N SER A 2656 42.24 40.81 94.24
CA SER A 2656 43.55 40.98 93.54
C SER A 2656 43.40 40.68 92.04
N THR A 2657 42.68 39.61 91.68
CA THR A 2657 42.33 39.26 90.27
C THR A 2657 41.56 40.41 89.62
N TYR A 2658 40.52 40.91 90.32
CA TYR A 2658 39.57 41.91 89.78
C TYR A 2658 40.25 43.26 89.63
N LYS A 2659 41.33 43.53 90.36
CA LYS A 2659 42.13 44.78 90.21
C LYS A 2659 42.93 44.74 88.91
N VAL A 2660 43.19 43.53 88.36
CA VAL A 2660 43.84 43.33 87.03
C VAL A 2660 42.78 43.38 85.93
N ILE A 2661 41.55 42.88 86.18
CA ILE A 2661 40.43 42.91 85.21
C ILE A 2661 40.05 44.37 84.89
N GLU A 2662 40.05 45.24 85.91
CA GLU A 2662 39.84 46.71 85.76
C GLU A 2662 41.03 47.34 85.00
N SER A 2663 42.24 46.82 85.21
CA SER A 2663 43.50 47.29 84.55
C SER A 2663 43.49 46.91 83.06
N LEU A 2664 42.99 45.73 82.69
CA LEU A 2664 42.96 45.21 81.28
C LEU A 2664 42.44 46.31 80.34
N THR A 2665 41.30 46.90 80.67
CA THR A 2665 40.53 47.86 79.83
C THR A 2665 41.35 49.13 79.58
N SER A 2666 42.18 49.53 80.55
CA SER A 2666 43.06 50.73 80.48
C SER A 2666 44.42 50.38 79.85
N ALA A 2667 44.87 49.13 79.99
CA ALA A 2667 46.21 48.63 79.57
C ALA A 2667 46.27 48.51 78.05
N THR A 2668 45.32 47.80 77.43
CA THR A 2668 45.27 47.52 75.97
C THR A 2668 45.29 48.83 75.16
N ILE A 2669 44.75 49.93 75.71
CA ILE A 2669 44.64 51.24 75.00
C ILE A 2669 46.02 51.90 74.99
N ALA A 2670 46.69 51.93 76.16
CA ALA A 2670 48.08 52.42 76.34
C ALA A 2670 48.99 51.72 75.33
N LEU A 2671 48.90 50.39 75.26
CA LEU A 2671 49.63 49.53 74.28
C LEU A 2671 49.26 49.93 72.85
N TRP A 2672 47.95 49.95 72.55
CA TRP A 2672 47.39 50.22 71.20
C TRP A 2672 47.90 51.57 70.66
N ASN A 2673 47.97 52.60 71.52
CA ASN A 2673 48.48 53.94 71.15
C ASN A 2673 49.98 53.84 70.83
N LYS A 2674 50.76 53.10 71.63
CA LYS A 2674 52.22 52.92 71.43
C LYS A 2674 52.47 52.19 70.11
N VAL A 2675 51.75 51.10 69.86
CA VAL A 2675 51.91 50.22 68.66
C VAL A 2675 51.45 50.98 67.39
N LYS A 2676 50.39 51.77 67.47
CA LYS A 2676 49.83 52.52 66.30
C LYS A 2676 50.74 53.69 65.93
N SER A 2677 51.41 54.31 66.90
CA SER A 2677 52.31 55.48 66.71
C SER A 2677 53.63 55.07 66.08
N THR A 2678 54.07 53.81 66.27
CA THR A 2678 55.42 53.29 65.92
C THR A 2678 55.38 52.50 64.60
N MET A 2679 54.39 51.61 64.43
CA MET A 2679 54.19 50.80 63.20
C MET A 2679 53.24 51.57 62.26
N LEU A 2680 53.80 52.20 61.22
CA LEU A 2680 53.05 53.07 60.26
C LEU A 2680 52.76 52.29 58.98
N PRO A 2681 51.61 52.51 58.32
CA PRO A 2681 51.34 51.89 57.02
C PRO A 2681 52.19 52.51 55.90
N THR A 2682 52.62 51.68 54.94
CA THR A 2682 53.53 52.04 53.82
C THR A 2682 53.09 51.27 52.57
N PRO A 2683 53.65 51.55 51.37
CA PRO A 2683 53.34 50.75 50.16
C PRO A 2683 53.47 49.24 50.40
N ALA A 2684 54.64 48.80 50.90
CA ALA A 2684 54.84 47.47 51.53
C ALA A 2684 54.46 47.60 53.00
N LYS A 2685 53.94 46.53 53.61
CA LYS A 2685 53.44 46.52 55.01
C LYS A 2685 52.22 47.46 55.10
N PHE A 2686 51.29 47.34 54.14
CA PHE A 2686 50.11 48.23 53.98
C PHE A 2686 49.06 47.90 55.07
N HIS A 2687 48.88 46.61 55.37
CA HIS A 2687 47.89 46.08 56.35
C HIS A 2687 48.18 46.58 57.77
N TYR A 2688 49.43 46.99 58.08
CA TYR A 2688 49.92 47.39 59.43
C TYR A 2688 48.92 48.31 60.15
N VAL A 2689 48.25 49.21 59.43
CA VAL A 2689 47.25 50.18 60.00
C VAL A 2689 46.30 49.45 60.97
N PHE A 2690 46.28 49.90 62.23
CA PHE A 2690 45.47 49.35 63.35
C PHE A 2690 44.19 50.17 63.55
N ASN A 2691 43.04 49.50 63.44
CA ASN A 2691 41.68 50.11 63.53
C ASN A 2691 41.19 49.89 64.97
N MET A 2692 39.88 50.00 65.21
CA MET A 2692 39.24 49.62 66.49
C MET A 2692 38.52 48.26 66.33
N ARG A 2693 38.70 47.60 65.18
CA ARG A 2693 38.47 46.14 65.00
C ARG A 2693 39.55 45.41 65.81
N GLU A 2694 40.78 45.93 65.76
CA GLU A 2694 41.98 45.35 66.44
C GLU A 2694 41.91 45.57 67.96
N LEU A 2695 40.94 46.34 68.48
CA LEU A 2695 40.66 46.44 69.94
C LEU A 2695 39.60 45.39 70.28
N SER A 2696 38.49 45.41 69.54
CA SER A 2696 37.42 44.38 69.57
C SER A 2696 38.08 42.99 69.65
N ARG A 2697 39.00 42.71 68.75
CA ARG A 2697 39.58 41.35 68.52
C ARG A 2697 40.44 40.93 69.72
N ILE A 2698 41.13 41.88 70.37
CA ILE A 2698 41.91 41.60 71.62
C ILE A 2698 40.91 41.10 72.67
N PHE A 2699 39.90 41.91 72.99
CA PHE A 2699 38.90 41.63 74.04
C PHE A 2699 38.09 40.37 73.70
N LYS A 2700 37.70 40.18 72.44
CA LYS A 2700 36.99 38.95 71.98
C LYS A 2700 37.75 37.74 72.52
N GLY A 2701 39.07 37.71 72.34
CA GLY A 2701 39.99 36.65 72.81
C GLY A 2701 39.99 36.52 74.32
N ILE A 2702 40.08 37.64 75.04
CA ILE A 2702 40.16 37.70 76.53
C ILE A 2702 38.85 37.17 77.12
N LEU A 2703 37.70 37.56 76.56
CA LEU A 2703 36.36 37.19 77.05
C LEU A 2703 36.02 35.74 76.66
N THR A 2704 36.76 35.11 75.74
CA THR A 2704 36.59 33.68 75.37
C THR A 2704 37.30 32.76 76.37
N CYS A 2705 38.18 33.32 77.21
CA CYS A 2705 38.76 32.60 78.38
C CYS A 2705 37.80 32.77 79.56
N LYS A 2706 37.25 31.66 80.06
CA LYS A 2706 36.13 31.65 81.03
C LYS A 2706 36.63 32.02 82.42
N LYS A 2707 35.71 32.51 83.26
CA LYS A 2707 35.91 32.86 84.68
C LYS A 2707 36.46 31.65 85.45
N ASP A 2708 36.07 30.43 85.08
CA ASP A 2708 36.39 29.18 85.82
C ASP A 2708 37.84 28.74 85.55
N THR A 2709 38.41 29.00 84.35
CA THR A 2709 39.81 28.62 84.01
C THR A 2709 40.79 29.63 84.63
N ILE A 2710 40.38 30.89 84.82
CA ILE A 2710 41.21 31.93 85.49
C ILE A 2710 41.32 31.58 86.98
N ASN A 2711 40.20 31.18 87.60
CA ASN A 2711 40.12 30.81 89.04
C ASN A 2711 40.80 29.45 89.28
N ASP A 2712 41.05 28.66 88.22
CA ASP A 2712 41.70 27.33 88.28
C ASP A 2712 43.18 27.41 87.86
N ALA A 2713 43.74 28.61 87.71
CA ALA A 2713 45.16 28.84 87.35
C ALA A 2713 46.11 28.41 88.46
N PRO A 2714 45.82 28.62 89.77
CA PRO A 2714 46.70 28.14 90.84
C PRO A 2714 46.90 26.62 90.92
N LYS A 2715 45.89 25.83 90.52
CA LYS A 2715 45.92 24.33 90.50
C LYS A 2715 46.52 23.87 89.18
N SER A 2716 45.95 24.32 88.05
CA SER A 2716 46.33 23.88 86.68
C SER A 2716 47.66 24.51 86.25
N MET A 2717 47.71 25.83 86.04
CA MET A 2717 48.91 26.53 85.51
C MET A 2717 49.99 26.67 86.59
N LYS A 2718 49.62 26.52 87.88
CA LYS A 2718 50.52 26.62 89.06
C LYS A 2718 51.12 28.03 89.15
N ILE A 2719 50.28 29.04 88.92
CA ILE A 2719 50.56 30.50 89.05
C ILE A 2719 49.32 31.16 89.64
N LYS A 2720 49.50 32.24 90.41
CA LYS A 2720 48.39 33.09 90.93
C LYS A 2720 47.41 33.39 89.80
N PRO A 2721 46.09 33.50 90.10
CA PRO A 2721 45.10 33.71 89.04
C PRO A 2721 45.21 35.13 88.48
N GLU A 2722 45.59 36.12 89.32
CA GLU A 2722 45.82 37.53 88.92
C GLU A 2722 46.98 37.63 87.94
N LEU A 2723 48.01 36.78 88.13
CA LEU A 2723 49.20 36.67 87.25
C LEU A 2723 48.80 36.04 85.92
N PHE A 2724 48.10 34.91 85.99
CA PHE A 2724 47.54 34.19 84.81
C PHE A 2724 46.97 35.24 83.85
N LEU A 2725 46.02 36.03 84.37
CA LEU A 2725 45.14 36.98 83.64
C LEU A 2725 45.98 37.90 82.75
N VAL A 2726 47.17 38.30 83.22
CA VAL A 2726 48.13 39.16 82.47
C VAL A 2726 48.73 38.38 81.30
N GLY A 2727 49.02 37.10 81.50
CA GLY A 2727 49.48 36.19 80.44
C GLY A 2727 48.46 36.05 79.33
N LEU A 2728 47.18 35.89 79.69
CA LEU A 2728 46.04 35.82 78.73
C LEU A 2728 46.01 37.12 77.92
N TRP A 2729 46.01 38.25 78.63
CA TRP A 2729 46.05 39.61 78.02
C TRP A 2729 47.23 39.70 77.05
N ARG A 2730 48.43 39.38 77.52
CA ARG A 2730 49.70 39.43 76.73
C ARG A 2730 49.54 38.60 75.46
N HIS A 2731 48.98 37.40 75.59
CA HIS A 2731 48.77 36.44 74.47
C HIS A 2731 47.84 37.11 73.45
N GLU A 2732 46.64 37.49 73.86
CA GLU A 2732 45.58 38.02 72.94
C GLU A 2732 46.05 39.34 72.31
N ALA A 2733 46.79 40.16 73.07
CA ALA A 2733 47.44 41.41 72.60
C ALA A 2733 48.47 41.07 71.51
N GLU A 2734 49.22 39.98 71.69
CA GLU A 2734 50.26 39.51 70.74
C GLU A 2734 49.57 38.98 69.47
N ARG A 2735 48.57 38.10 69.62
CA ARG A 2735 47.88 37.39 68.50
C ARG A 2735 47.24 38.39 67.53
N VAL A 2736 46.70 39.49 68.05
CA VAL A 2736 46.04 40.55 67.23
C VAL A 2736 47.13 41.40 66.57
N LEU A 2737 48.04 41.96 67.37
CA LEU A 2737 48.97 43.04 66.94
C LEU A 2737 50.24 42.43 66.33
N ALA A 2738 50.89 41.50 67.02
CA ALA A 2738 52.24 40.99 66.67
C ALA A 2738 52.21 40.02 65.48
N ASP A 2739 51.12 39.30 65.28
CA ASP A 2739 51.01 38.26 64.20
C ASP A 2739 50.98 38.94 62.83
N LYS A 2740 50.22 40.04 62.70
CA LYS A 2740 50.13 40.86 61.45
C LYS A 2740 51.53 41.13 60.91
N LEU A 2741 52.45 41.51 61.80
CA LEU A 2741 53.78 42.13 61.50
C LEU A 2741 54.60 41.19 60.60
N VAL A 2742 55.16 41.74 59.52
CA VAL A 2742 55.65 40.98 58.34
C VAL A 2742 57.05 40.41 58.61
N ASN A 2743 57.92 41.17 59.29
CA ASN A 2743 59.33 40.77 59.55
C ASN A 2743 59.52 40.56 61.07
N ASN A 2744 60.61 39.89 61.44
CA ASN A 2744 60.88 39.40 62.82
C ASN A 2744 61.42 40.55 63.69
N LYS A 2745 61.93 41.63 63.07
CA LYS A 2745 62.46 42.84 63.78
C LYS A 2745 61.29 43.69 64.28
N ASP A 2746 60.25 43.88 63.45
CA ASP A 2746 59.01 44.63 63.79
C ASP A 2746 58.26 43.93 64.93
N LYS A 2747 58.31 42.60 64.99
CA LYS A 2747 57.72 41.79 66.10
C LYS A 2747 58.42 42.14 67.41
N ASP A 2748 59.75 42.04 67.45
CA ASP A 2748 60.59 42.25 68.66
C ASP A 2748 60.44 43.68 69.21
N THR A 2749 60.11 44.66 68.37
CA THR A 2749 59.76 46.05 68.81
C THR A 2749 58.44 46.00 69.59
N VAL A 2750 57.43 45.33 69.04
CA VAL A 2750 56.03 45.26 69.59
C VAL A 2750 56.03 44.41 70.87
N MET A 2751 56.84 43.35 70.95
CA MET A 2751 56.97 42.51 72.17
C MET A 2751 57.56 43.35 73.31
N GLY A 2752 58.35 44.39 72.98
CA GLY A 2752 58.81 45.44 73.91
C GLY A 2752 57.65 46.25 74.46
N TYR A 2753 56.74 46.72 73.60
CA TYR A 2753 55.59 47.58 73.97
C TYR A 2753 54.60 46.79 74.84
N ILE A 2754 54.44 45.49 74.58
CA ILE A 2754 53.50 44.58 75.32
C ILE A 2754 54.07 44.29 76.72
N GLN A 2755 55.40 44.32 76.88
CA GLN A 2755 56.08 44.16 78.19
C GLN A 2755 56.14 45.52 78.91
N GLU A 2756 56.52 46.59 78.21
CA GLU A 2756 56.61 47.99 78.73
C GLU A 2756 55.27 48.42 79.33
N VAL A 2757 54.15 48.00 78.74
CA VAL A 2757 52.76 48.34 79.18
C VAL A 2757 52.33 47.42 80.32
N SER A 2758 52.62 46.11 80.22
CA SER A 2758 52.21 45.08 81.22
C SER A 2758 52.83 45.35 82.59
N LEU A 2759 54.03 45.96 82.63
CA LEU A 2759 54.71 46.30 83.91
C LEU A 2759 54.02 47.50 84.57
N GLU A 2760 53.70 48.54 83.79
CA GLU A 2760 53.19 49.85 84.28
C GLU A 2760 51.68 49.75 84.57
N SER A 2761 50.92 49.04 83.75
CA SER A 2761 49.46 48.82 83.93
C SER A 2761 49.20 47.92 85.14
N PHE A 2762 50.01 46.86 85.30
CA PHE A 2762 49.89 45.83 86.37
C PHE A 2762 51.08 46.00 87.33
N SER A 2763 51.16 47.16 87.97
CA SER A 2763 52.22 47.55 88.94
C SER A 2763 52.23 46.61 90.15
N GLN A 2764 51.03 46.20 90.61
CA GLN A 2764 50.82 45.40 91.84
C GLN A 2764 51.49 44.02 91.73
N ILE A 2765 51.59 43.47 90.51
CA ILE A 2765 52.23 42.15 90.20
C ILE A 2765 53.34 42.39 89.17
N GLU A 2766 54.03 43.52 89.25
CA GLU A 2766 55.08 43.95 88.28
C GLU A 2766 56.29 43.00 88.38
N ASN A 2767 56.72 42.69 89.60
CA ASN A 2767 57.95 41.90 89.90
C ASN A 2767 57.72 40.42 89.56
N GLU A 2768 56.47 39.96 89.57
CA GLU A 2768 56.07 38.55 89.29
C GLU A 2768 55.66 38.37 87.82
N ILE A 2769 55.28 39.44 87.13
CA ILE A 2769 55.11 39.48 85.63
C ILE A 2769 56.50 39.42 85.01
N LEU A 2770 57.35 40.40 85.34
CA LEU A 2770 58.68 40.68 84.71
C LEU A 2770 59.52 39.41 84.63
N GLU A 2771 59.48 38.57 85.67
CA GLU A 2771 60.34 37.36 85.79
C GLU A 2771 59.78 36.20 84.93
N LYS A 2772 58.46 36.11 84.77
CA LYS A 2772 57.79 34.97 84.07
C LYS A 2772 57.68 35.25 82.56
N TYR A 2773 57.10 36.40 82.17
CA TYR A 2773 56.66 36.66 80.77
C TYR A 2773 57.76 37.34 79.96
N SER A 2774 58.33 36.58 79.01
CA SER A 2774 59.28 37.05 77.97
C SER A 2774 58.73 36.69 76.59
N SER A 2775 59.26 37.29 75.52
CA SER A 2775 58.98 36.93 74.11
C SER A 2775 59.54 35.53 73.80
N GLU A 2776 60.68 35.19 74.39
CA GLU A 2776 61.40 33.90 74.20
C GLU A 2776 60.63 32.75 74.88
N LYS A 2777 60.09 32.98 76.09
CA LYS A 2777 59.34 31.96 76.89
C LYS A 2777 57.89 31.90 76.40
N THR A 2778 57.33 30.69 76.24
CA THR A 2778 55.99 30.45 75.64
C THR A 2778 54.95 30.19 76.73
N PHE A 2779 53.76 30.78 76.56
CA PHE A 2779 52.57 30.63 77.42
C PHE A 2779 51.35 30.83 76.51
N LEU A 2780 51.07 29.81 75.69
CA LEU A 2780 50.11 29.89 74.55
C LEU A 2780 48.77 29.29 74.98
N PHE A 2781 47.69 29.64 74.27
CA PHE A 2781 46.28 29.30 74.60
C PHE A 2781 45.64 28.52 73.45
N CYS A 2782 44.85 27.49 73.77
CA CYS A 2782 44.15 26.60 72.81
C CYS A 2782 42.93 25.93 73.45
N ASP A 2783 41.87 25.76 72.67
CA ASP A 2783 40.58 25.13 73.11
C ASP A 2783 40.75 23.61 73.25
N PHE A 2784 41.70 23.01 72.51
CA PHE A 2784 41.80 21.54 72.28
C PHE A 2784 42.85 20.89 73.18
N LEU A 2785 43.46 21.65 74.11
CA LEU A 2785 44.49 21.17 75.05
C LEU A 2785 44.00 19.89 75.75
N ARG A 2786 42.72 19.86 76.15
CA ARG A 2786 42.11 18.78 76.97
C ARG A 2786 42.11 17.47 76.18
N PRO A 2787 42.76 16.40 76.69
CA PRO A 2787 42.84 15.11 75.99
C PRO A 2787 41.64 14.17 76.26
N ASP A 2788 40.48 14.73 76.59
CA ASP A 2788 39.27 13.99 77.05
C ASP A 2788 38.68 13.19 75.88
N VAL A 2789 38.99 13.56 74.63
CA VAL A 2789 38.66 12.76 73.42
C VAL A 2789 39.65 11.59 73.36
N ILE A 2790 39.21 10.40 73.80
CA ILE A 2790 40.04 9.16 73.85
C ILE A 2790 40.04 8.51 72.46
N ASN A 2791 38.90 8.57 71.76
CA ASN A 2791 38.70 8.06 70.37
C ASN A 2791 38.89 6.53 70.36
N GLU A 2792 38.00 5.81 71.03
CA GLU A 2792 37.91 4.33 71.03
C GLU A 2792 36.62 3.91 70.31
N ASP A 2793 36.74 3.51 69.04
CA ASP A 2793 35.60 3.13 68.14
C ASP A 2793 34.73 4.38 67.92
N GLY A 2794 35.34 5.45 67.40
CA GLY A 2794 34.72 6.78 67.27
C GLY A 2794 34.75 7.53 68.60
N ILE A 2795 33.87 8.53 68.76
CA ILE A 2795 33.84 9.44 69.95
C ILE A 2795 32.72 8.94 70.88
N ILE A 2796 33.01 7.87 71.63
CA ILE A 2796 32.03 7.13 72.49
C ILE A 2796 31.89 7.80 73.87
N GLU A 2797 32.90 8.57 74.29
CA GLU A 2797 33.06 9.09 75.68
C GLU A 2797 32.70 10.58 75.72
N GLU A 2798 31.45 10.90 75.34
CA GLU A 2798 30.93 12.29 75.22
C GLU A 2798 31.78 13.01 74.15
N GLU A 2799 32.24 14.24 74.44
CA GLU A 2799 33.36 14.91 73.71
C GLU A 2799 34.23 15.63 74.76
N ALA A 2800 35.34 16.23 74.33
CA ALA A 2800 36.18 17.11 75.18
C ALA A 2800 35.51 18.48 75.25
N PRO A 2801 35.22 19.01 76.46
CA PRO A 2801 34.82 20.41 76.58
C PRO A 2801 35.90 21.32 75.98
N LYS A 2802 35.53 22.13 75.00
CA LYS A 2802 36.47 22.99 74.22
C LYS A 2802 36.69 24.30 74.99
N ILE A 2803 37.31 24.20 76.18
CA ILE A 2803 37.59 25.34 77.10
C ILE A 2803 38.98 25.90 76.77
N TYR A 2804 39.13 27.22 76.87
CA TYR A 2804 40.29 28.01 76.37
C TYR A 2804 41.37 28.08 77.46
N GLU A 2805 42.32 27.13 77.45
CA GLU A 2805 43.31 26.91 78.54
C GLU A 2805 44.73 27.22 78.05
N ALA A 2806 45.61 27.59 78.98
CA ALA A 2806 47.02 27.96 78.72
C ALA A 2806 47.90 26.71 78.80
N ILE A 2807 48.89 26.60 77.89
CA ILE A 2807 49.92 25.51 77.89
C ILE A 2807 51.28 26.16 78.16
N ASP A 2808 52.04 25.58 79.10
CA ASP A 2808 53.28 26.17 79.67
C ASP A 2808 54.45 25.92 78.73
N SER A 2809 54.54 24.72 78.14
CA SER A 2809 55.68 24.25 77.30
C SER A 2809 55.17 23.78 75.93
N LEU A 2810 55.98 23.96 74.89
CA LEU A 2810 55.72 23.50 73.50
C LEU A 2810 55.85 21.97 73.41
N THR A 2811 56.69 21.35 74.25
CA THR A 2811 56.95 19.88 74.29
C THR A 2811 55.67 19.16 74.75
N GLU A 2812 55.03 19.64 75.82
CA GLU A 2812 53.75 19.10 76.36
C GLU A 2812 52.64 19.20 75.30
N LEU A 2813 52.63 20.30 74.54
CA LEU A 2813 51.67 20.58 73.43
C LEU A 2813 51.98 19.64 72.25
N ARG A 2814 53.25 19.44 71.91
CA ARG A 2814 53.67 18.65 70.71
C ARG A 2814 53.11 17.24 70.82
N LYS A 2815 53.16 16.60 71.99
CA LYS A 2815 52.58 15.25 72.24
C LYS A 2815 51.08 15.26 71.90
N ARG A 2816 50.36 16.32 72.28
CA ARG A 2816 48.90 16.47 72.01
C ARG A 2816 48.68 16.75 70.52
N CYS A 2817 49.47 17.65 69.92
CA CYS A 2817 49.30 18.11 68.52
C CYS A 2817 49.74 17.02 67.52
N ASN A 2818 50.76 16.21 67.87
CA ASN A 2818 51.22 15.05 67.07
C ASN A 2818 50.15 13.95 67.07
N PHE A 2819 49.48 13.74 68.21
CA PHE A 2819 48.36 12.77 68.38
C PHE A 2819 47.20 13.16 67.46
N LEU A 2820 46.84 14.45 67.42
CA LEU A 2820 45.69 14.97 66.62
C LEU A 2820 46.02 14.89 65.11
N LEU A 2821 47.29 14.99 64.73
CA LEU A 2821 47.77 14.88 63.33
C LEU A 2821 47.62 13.42 62.87
N SER A 2822 48.13 12.47 63.65
CA SER A 2822 48.07 11.01 63.38
C SER A 2822 46.61 10.56 63.23
N PHE A 2823 45.70 11.14 64.02
CA PHE A 2823 44.26 10.80 64.06
C PHE A 2823 43.52 11.36 62.84
N TYR A 2824 43.93 12.53 62.35
CA TYR A 2824 43.40 13.17 61.11
C TYR A 2824 43.67 12.25 59.91
N ASN A 2825 44.89 11.72 59.82
CA ASN A 2825 45.37 10.83 58.72
C ASN A 2825 44.58 9.52 58.73
N ASP A 2826 44.16 9.05 59.90
CA ASP A 2826 43.27 7.87 60.04
C ASP A 2826 41.89 8.21 59.46
N ARG A 2827 41.27 9.31 59.91
CA ARG A 2827 39.89 9.73 59.53
C ARG A 2827 39.83 10.17 58.06
N ASN A 2828 40.91 10.76 57.53
CA ASN A 2828 41.02 11.27 56.14
C ASN A 2828 42.12 10.50 55.42
N PRO A 2829 41.93 9.19 55.10
CA PRO A 2829 42.98 8.36 54.54
C PRO A 2829 43.27 8.60 53.05
N SER A 2830 42.26 9.02 52.27
CA SER A 2830 42.35 9.32 50.82
C SER A 2830 43.38 10.43 50.58
N LYS A 2831 43.28 11.54 51.33
CA LYS A 2831 44.21 12.69 51.31
C LYS A 2831 45.12 12.63 52.55
N LYS A 2832 46.28 11.99 52.41
CA LYS A 2832 47.33 11.91 53.47
C LYS A 2832 47.95 13.29 53.67
N MET A 2833 48.39 13.58 54.90
CA MET A 2833 48.98 14.88 55.32
C MET A 2833 50.27 14.61 56.08
N PRO A 2834 51.37 14.26 55.39
CA PRO A 2834 52.66 14.04 56.04
C PRO A 2834 53.28 15.39 56.43
N LEU A 2835 53.20 15.73 57.71
CA LEU A 2835 53.55 17.07 58.28
C LEU A 2835 54.34 16.85 59.58
N VAL A 2836 55.33 17.70 59.86
CA VAL A 2836 56.09 17.71 61.15
C VAL A 2836 55.84 19.05 61.85
N LEU A 2837 55.49 18.99 63.13
CA LEU A 2837 55.06 20.15 63.93
C LEU A 2837 56.25 20.67 64.75
N PHE A 2838 57.06 21.49 64.10
CA PHE A 2838 58.16 22.27 64.73
C PHE A 2838 57.55 23.42 65.52
N ASP A 2839 58.32 23.98 66.46
CA ASP A 2839 57.86 24.99 67.45
C ASP A 2839 57.07 26.09 66.74
N ASP A 2840 57.52 26.54 65.56
CA ASP A 2840 56.93 27.68 64.81
C ASP A 2840 55.64 27.25 64.09
N ALA A 2841 55.48 25.97 63.77
CA ALA A 2841 54.28 25.41 63.10
C ALA A 2841 53.16 25.21 64.12
N LEU A 2842 53.47 24.59 65.27
CA LEU A 2842 52.55 24.50 66.44
C LEU A 2842 51.94 25.87 66.71
N LYS A 2843 52.80 26.87 66.89
CA LYS A 2843 52.42 28.28 67.17
C LYS A 2843 51.44 28.75 66.09
N HIS A 2844 51.69 28.44 64.82
CA HIS A 2844 50.83 28.84 63.66
C HIS A 2844 49.50 28.07 63.69
N LEU A 2845 49.50 26.81 64.15
CA LEU A 2845 48.30 25.95 64.26
C LEU A 2845 47.34 26.54 65.30
N LEU A 2846 47.84 26.84 66.50
CA LEU A 2846 47.08 27.50 67.59
C LEU A 2846 46.46 28.79 67.03
N ARG A 2847 47.28 29.63 66.40
CA ARG A 2847 46.87 30.95 65.83
C ARG A 2847 45.67 30.74 64.88
N ILE A 2848 45.73 29.70 64.05
CA ILE A 2848 44.66 29.36 63.06
C ILE A 2848 43.46 28.79 63.83
N SER A 2849 43.68 27.84 64.74
CA SER A 2849 42.63 27.19 65.57
C SER A 2849 42.12 28.13 66.68
N ARG A 2850 42.62 29.36 66.76
CA ARG A 2850 41.99 30.48 67.52
C ARG A 2850 40.99 31.16 66.58
N ILE A 2851 41.47 31.59 65.41
CA ILE A 2851 40.72 32.39 64.38
C ILE A 2851 39.49 31.58 63.90
N ILE A 2852 39.60 30.26 63.76
CA ILE A 2852 38.46 29.37 63.37
C ILE A 2852 37.48 29.22 64.54
N ARG A 2853 37.97 29.31 65.78
CA ARG A 2853 37.18 29.01 67.01
C ARG A 2853 36.37 30.22 67.48
N GLN A 2854 36.87 31.46 67.30
CA GLN A 2854 36.14 32.70 67.68
C GLN A 2854 34.92 32.79 66.76
N PRO A 2855 33.73 33.19 67.26
CA PRO A 2855 32.61 33.52 66.38
C PRO A 2855 32.89 34.76 65.51
N ARG A 2856 32.30 34.79 64.30
CA ARG A 2856 32.36 35.90 63.30
C ARG A 2856 33.81 36.33 63.07
N SER A 2857 34.71 35.36 62.96
CA SER A 2857 36.18 35.55 62.81
C SER A 2857 36.67 34.76 61.60
N SER A 2858 36.86 35.45 60.48
CA SER A 2858 37.58 34.95 59.28
C SER A 2858 39.08 35.08 59.53
N GLY A 2859 39.91 34.50 58.64
CA GLY A 2859 41.38 34.62 58.67
C GLY A 2859 41.94 35.06 57.33
N LEU A 2860 43.26 35.16 57.25
CA LEU A 2860 44.02 35.45 56.00
C LEU A 2860 45.49 35.10 56.27
N LEU A 2861 45.91 33.92 55.81
CA LEU A 2861 47.26 33.37 56.07
C LEU A 2861 48.17 33.74 54.90
N VAL A 2862 49.03 34.73 55.09
CA VAL A 2862 49.94 35.29 54.04
C VAL A 2862 51.32 34.64 54.21
N GLY A 2863 51.72 33.80 53.25
CA GLY A 2863 53.03 33.13 53.20
C GLY A 2863 53.47 32.84 51.78
N VAL A 2864 54.79 32.85 51.56
CA VAL A 2864 55.46 32.77 50.21
C VAL A 2864 54.90 31.61 49.39
N GLY A 2865 54.52 30.50 50.03
CA GLY A 2865 54.00 29.29 49.37
C GLY A 2865 54.82 28.07 49.75
N GLY A 2866 54.16 27.00 50.19
CA GLY A 2866 54.79 25.85 50.87
C GLY A 2866 55.13 26.18 52.32
N SER A 2867 54.49 27.22 52.88
CA SER A 2867 54.82 27.84 54.18
C SER A 2867 54.18 27.05 55.34
N GLY A 2868 53.15 26.24 55.05
CA GLY A 2868 52.41 25.43 56.05
C GLY A 2868 50.94 25.82 56.16
N LYS A 2869 50.44 26.73 55.31
CA LYS A 2869 49.11 27.38 55.43
C LYS A 2869 48.00 26.33 55.35
N GLN A 2870 47.77 25.74 54.17
CA GLN A 2870 46.62 24.84 53.85
C GLN A 2870 46.61 23.63 54.80
N SER A 2871 47.76 22.97 54.99
CA SER A 2871 47.92 21.77 55.83
C SER A 2871 47.48 22.08 57.27
N LEU A 2872 48.03 23.15 57.86
CA LEU A 2872 47.72 23.56 59.26
C LEU A 2872 46.25 23.99 59.36
N THR A 2873 45.66 24.55 58.30
CA THR A 2873 44.24 25.00 58.26
C THR A 2873 43.33 23.77 58.38
N ARG A 2874 43.52 22.77 57.52
CA ARG A 2874 42.70 21.53 57.47
C ARG A 2874 42.80 20.75 58.78
N LEU A 2875 43.97 20.78 59.43
CA LEU A 2875 44.20 20.16 60.77
C LEU A 2875 43.40 20.94 61.82
N ALA A 2876 43.51 22.28 61.81
CA ALA A 2876 42.81 23.19 62.75
C ALA A 2876 41.29 23.01 62.60
N GLY A 2877 40.81 22.85 61.38
CA GLY A 2877 39.40 22.59 61.04
C GLY A 2877 38.95 21.21 61.51
N PHE A 2878 39.83 20.21 61.42
CA PHE A 2878 39.60 18.83 61.93
C PHE A 2878 39.52 18.85 63.46
N ILE A 2879 40.56 19.39 64.12
CA ILE A 2879 40.65 19.53 65.60
C ILE A 2879 39.41 20.28 66.10
N GLY A 2880 39.05 21.37 65.42
CA GLY A 2880 37.93 22.27 65.76
C GLY A 2880 36.55 21.66 65.49
N LYS A 2881 36.49 20.46 64.92
CA LYS A 2881 35.26 19.63 64.74
C LYS A 2881 34.24 20.42 63.91
N ASN A 2882 34.73 21.10 62.87
CA ASN A 2882 33.91 21.90 61.91
C ASN A 2882 34.22 21.40 60.50
N LEU A 2883 33.27 21.64 59.59
CA LEU A 2883 33.29 21.11 58.20
C LEU A 2883 34.14 22.04 57.34
N ILE A 2884 35.21 21.52 56.75
CA ILE A 2884 36.03 22.22 55.72
C ILE A 2884 35.19 22.31 54.43
N GLN A 2885 35.28 23.43 53.73
CA GLN A 2885 34.76 23.60 52.34
C GLN A 2885 35.87 24.20 51.49
N GLN A 2886 36.17 23.58 50.35
CA GLN A 2886 37.20 24.08 49.38
C GLN A 2886 36.57 24.13 47.98
N ILE A 2887 36.81 25.21 47.26
CA ILE A 2887 36.35 25.45 45.86
C ILE A 2887 37.09 24.48 44.93
N ILE A 2888 36.34 23.74 44.10
CA ILE A 2888 36.88 22.82 43.04
C ILE A 2888 36.97 23.62 41.73
N VAL A 2889 38.17 23.95 41.28
CA VAL A 2889 38.43 24.75 40.04
C VAL A 2889 38.43 23.80 38.84
N THR A 2890 37.43 23.94 37.97
CA THR A 2890 37.34 23.29 36.63
C THR A 2890 36.98 24.37 35.60
N LYS A 2891 37.30 24.13 34.31
CA LYS A 2891 37.04 25.09 33.20
C LYS A 2891 35.54 25.34 33.03
N THR A 2892 34.70 24.33 33.31
CA THR A 2892 33.21 24.41 33.30
C THR A 2892 32.74 25.32 34.46
N TYR A 2893 33.33 25.16 35.65
CA TYR A 2893 33.02 25.92 36.90
C TYR A 2893 33.33 27.41 36.66
N SER A 2894 32.35 28.27 36.97
CA SER A 2894 32.39 29.75 36.79
C SER A 2894 31.83 30.44 38.04
N ASP A 2895 31.64 31.77 37.96
CA ASP A 2895 31.18 32.64 39.09
C ASP A 2895 29.77 32.23 39.57
N LYS A 2896 28.97 31.59 38.70
CA LYS A 2896 27.64 31.02 39.06
C LYS A 2896 27.81 29.83 40.00
N ASP A 2897 28.77 28.94 39.72
CA ASP A 2897 29.02 27.69 40.46
C ASP A 2897 29.67 27.99 41.82
N LEU A 2898 30.52 29.03 41.90
CA LEU A 2898 31.04 29.59 43.18
C LEU A 2898 29.87 29.91 44.10
N LYS A 2899 28.92 30.69 43.60
CA LYS A 2899 27.73 31.21 44.33
C LYS A 2899 26.94 30.03 44.90
N GLU A 2900 26.86 28.91 44.17
CA GLU A 2900 26.22 27.65 44.61
C GLU A 2900 27.07 26.98 45.70
N ASP A 2901 28.40 27.01 45.57
CA ASP A 2901 29.35 26.43 46.57
C ASP A 2901 29.29 27.26 47.87
N ILE A 2902 29.16 28.59 47.78
CA ILE A 2902 28.93 29.50 48.94
C ILE A 2902 27.55 29.20 49.53
N LYS A 2903 26.53 29.00 48.68
CA LYS A 2903 25.12 28.75 49.09
C LYS A 2903 25.04 27.44 49.89
N LYS A 2904 25.79 26.41 49.48
CA LYS A 2904 25.94 25.13 50.22
C LYS A 2904 26.60 25.39 51.58
N GLY A 2905 27.50 26.39 51.65
CA GLY A 2905 28.14 26.88 52.88
C GLY A 2905 27.14 27.45 53.87
N PHE A 2906 26.25 28.35 53.41
CA PHE A 2906 25.18 28.98 54.23
C PHE A 2906 24.08 27.97 54.56
N ASP A 2907 23.81 27.03 53.64
CA ASP A 2907 22.89 25.88 53.87
C ASP A 2907 23.42 25.01 55.02
N ASP A 2908 24.75 24.93 55.18
CA ASP A 2908 25.43 24.18 56.26
C ASP A 2908 25.53 25.05 57.52
N ALA A 2909 25.87 26.34 57.38
CA ALA A 2909 26.24 27.25 58.49
C ALA A 2909 25.00 27.87 59.14
N GLY A 2910 24.29 28.75 58.42
CA GLY A 2910 23.11 29.49 58.89
C GLY A 2910 21.92 28.58 59.19
N HIS A 2911 21.71 27.57 58.33
CA HIS A 2911 20.66 26.52 58.44
C HIS A 2911 21.32 25.25 59.00
N LEU A 2912 20.66 24.57 59.95
CA LEU A 2912 21.10 23.32 60.65
C LEU A 2912 22.05 23.65 61.80
N GLY A 2913 22.96 24.63 61.63
CA GLY A 2913 23.78 25.22 62.72
C GLY A 2913 25.12 24.52 62.89
N LYS A 2914 25.78 24.19 61.76
CA LYS A 2914 27.13 23.57 61.73
C LYS A 2914 28.17 24.70 61.58
N GLN A 2915 29.25 24.66 62.36
CA GLN A 2915 30.45 25.51 62.13
C GLN A 2915 31.06 25.09 60.78
N VAL A 2916 31.41 26.05 59.92
CA VAL A 2916 31.91 25.81 58.53
C VAL A 2916 33.07 26.76 58.25
N THR A 2917 34.13 26.28 57.60
CA THR A 2917 35.43 27.00 57.48
C THR A 2917 35.90 27.05 56.02
N PHE A 2918 35.12 27.70 55.16
CA PHE A 2918 35.42 27.97 53.73
C PHE A 2918 36.90 28.33 53.55
N LEU A 2919 37.65 27.51 52.81
CA LEU A 2919 39.11 27.67 52.60
C LEU A 2919 39.35 28.16 51.17
N MET A 2920 40.21 29.17 51.01
CA MET A 2920 40.60 29.75 49.69
C MET A 2920 42.12 29.82 49.61
N THR A 2921 42.65 29.88 48.39
CA THR A 2921 44.11 30.03 48.07
C THR A 2921 44.25 30.91 46.83
N ASP A 2922 45.49 31.25 46.45
CA ASP A 2922 45.84 31.92 45.17
C ASP A 2922 45.35 31.08 43.99
N SER A 2923 45.48 29.74 44.09
CA SER A 2923 45.14 28.75 43.04
C SER A 2923 43.61 28.71 42.83
N GLU A 2924 42.83 28.75 43.90
CA GLU A 2924 41.34 28.59 43.87
C GLU A 2924 40.67 29.84 43.28
N VAL A 2925 41.29 31.01 43.46
CA VAL A 2925 40.89 32.29 42.80
C VAL A 2925 41.29 32.20 41.32
N LYS A 2926 40.39 31.73 40.46
CA LYS A 2926 40.60 31.58 38.99
C LYS A 2926 40.56 32.97 38.35
N LYS A 2927 39.59 33.80 38.74
CA LYS A 2927 39.42 35.22 38.32
C LYS A 2927 39.24 36.09 39.58
N GLU A 2928 39.39 37.41 39.43
CA GLU A 2928 39.29 38.40 40.54
C GLU A 2928 37.83 38.50 41.03
N GLU A 2929 36.85 38.19 40.18
CA GLU A 2929 35.39 38.29 40.48
C GLU A 2929 35.01 37.31 41.60
N PHE A 2930 35.68 36.16 41.69
CA PHE A 2930 35.47 35.12 42.73
C PHE A 2930 35.80 35.69 44.11
N LEU A 2931 36.85 36.53 44.16
CA LEU A 2931 37.40 37.13 45.40
C LEU A 2931 36.51 38.31 45.86
N GLU A 2932 35.58 38.76 45.02
CA GLU A 2932 34.63 39.87 45.33
C GLU A 2932 33.34 39.32 45.96
N TYR A 2933 33.00 38.05 45.72
CA TYR A 2933 31.84 37.36 46.34
C TYR A 2933 32.15 37.04 47.80
N ILE A 2934 33.36 36.54 48.10
CA ILE A 2934 33.77 36.17 49.48
C ILE A 2934 34.10 37.43 50.28
N ASN A 2935 34.47 38.54 49.61
CA ASN A 2935 34.55 39.89 50.23
C ASN A 2935 33.14 40.29 50.66
N MET A 2936 32.25 40.48 49.68
CA MET A 2936 30.81 40.78 49.86
C MET A 2936 30.25 39.97 51.04
N VAL A 2937 30.50 38.66 51.09
CA VAL A 2937 29.99 37.71 52.12
C VAL A 2937 30.54 38.11 53.50
N LEU A 2938 31.81 38.50 53.58
CA LEU A 2938 32.52 38.76 54.86
C LEU A 2938 32.04 40.06 55.50
N SER A 2939 31.74 41.10 54.69
CA SER A 2939 31.33 42.45 55.15
C SER A 2939 29.82 42.50 55.41
N THR A 2940 29.01 42.12 54.42
CA THR A 2940 27.52 42.17 54.49
C THR A 2940 27.02 41.07 55.45
N GLY A 2941 27.52 39.85 55.30
CA GLY A 2941 27.00 38.64 55.94
C GLY A 2941 26.02 37.87 55.05
N GLU A 2942 25.66 38.45 53.90
CA GLU A 2942 24.61 37.94 52.98
C GLU A 2942 24.97 38.32 51.54
N ILE A 2943 24.67 37.44 50.59
CA ILE A 2943 24.73 37.76 49.13
C ILE A 2943 23.32 38.17 48.70
N PRO A 2944 23.16 39.31 47.97
CA PRO A 2944 21.84 39.70 47.46
C PRO A 2944 21.38 38.78 46.31
N ASN A 2945 20.16 38.27 46.41
CA ASN A 2945 19.48 37.42 45.38
C ASN A 2945 20.22 36.09 45.22
N LEU A 2946 20.83 35.58 46.30
CA LEU A 2946 21.61 34.31 46.31
C LEU A 2946 20.65 33.14 46.07
N LEU A 2947 19.68 33.00 46.96
CA LEU A 2947 18.75 31.85 47.06
C LEU A 2947 17.34 32.31 46.66
N ALA A 2948 16.52 31.39 46.14
CA ALA A 2948 15.14 31.65 45.65
C ALA A 2948 14.26 32.14 46.81
N LYS A 2949 13.29 33.00 46.51
CA LYS A 2949 12.38 33.66 47.51
C LYS A 2949 11.50 32.60 48.21
N ASP A 2950 11.14 31.52 47.51
CA ASP A 2950 10.34 30.39 48.07
C ASP A 2950 11.21 29.55 49.02
N GLU A 2951 12.53 29.49 48.77
CA GLU A 2951 13.51 28.70 49.55
C GLU A 2951 13.85 29.41 50.88
N ARG A 2952 13.70 30.74 50.96
CA ARG A 2952 13.83 31.54 52.20
C ARG A 2952 12.93 30.95 53.30
N GLU A 2953 11.63 30.85 53.02
CA GLU A 2953 10.56 30.51 53.99
C GLU A 2953 10.77 29.10 54.56
N VAL A 2954 11.35 28.18 53.77
CA VAL A 2954 11.65 26.77 54.17
C VAL A 2954 12.78 26.79 55.20
N TRP A 2955 13.91 27.42 54.82
CA TRP A 2955 15.12 27.62 55.67
C TRP A 2955 14.72 28.32 56.98
N LEU A 2956 14.09 29.50 56.89
CA LEU A 2956 13.67 30.35 58.04
C LEU A 2956 12.68 29.61 58.95
N GLY A 2957 11.95 28.60 58.42
CA GLY A 2957 11.08 27.70 59.19
C GLY A 2957 11.86 26.89 60.23
N ASP A 2958 12.97 26.27 59.83
CA ASP A 2958 13.87 25.46 60.70
C ASP A 2958 14.58 26.36 61.71
N ILE A 2959 15.02 27.54 61.26
CA ILE A 2959 15.79 28.56 62.05
C ILE A 2959 14.97 29.01 63.26
N SER A 2960 13.65 29.14 63.11
CA SER A 2960 12.70 29.80 64.06
C SER A 2960 12.79 29.19 65.47
N GLN A 2961 12.88 27.87 65.59
CA GLN A 2961 12.77 27.12 66.87
C GLN A 2961 14.01 27.38 67.74
N ALA A 2962 15.19 27.54 67.13
CA ALA A 2962 16.45 27.96 67.80
C ALA A 2962 16.37 29.45 68.16
N TYR A 2963 15.86 30.28 67.24
CA TYR A 2963 15.76 31.76 67.35
C TYR A 2963 14.93 32.17 68.58
N CYS A 2964 13.71 31.64 68.67
CA CYS A 2964 12.76 31.88 69.79
C CYS A 2964 13.41 31.51 71.14
N LYS A 2965 14.13 30.37 71.16
CA LYS A 2965 14.82 29.83 72.36
C LYS A 2965 16.04 30.70 72.70
N GLU A 2966 16.85 31.08 71.70
CA GLU A 2966 18.11 31.86 71.88
C GLU A 2966 17.80 33.27 72.42
N LYS A 2967 16.75 33.92 71.90
CA LYS A 2967 16.34 35.29 72.30
C LYS A 2967 15.53 35.22 73.62
N ASN A 2968 16.21 34.88 74.71
CA ASN A 2968 15.70 34.82 76.12
C ASN A 2968 14.33 34.14 76.18
N LEU A 2969 14.16 33.04 75.44
CA LEU A 2969 12.94 32.18 75.45
C LEU A 2969 11.70 33.06 75.16
N GLY A 2970 11.69 33.75 74.02
CA GLY A 2970 10.58 34.59 73.55
C GLY A 2970 9.32 33.77 73.30
N ASN A 2971 9.46 32.65 72.59
CA ASN A 2971 8.45 31.59 72.32
C ASN A 2971 7.19 32.16 71.62
N ILE A 2972 7.36 33.20 70.78
CA ILE A 2972 6.30 33.77 69.89
C ILE A 2972 6.75 33.56 68.44
N ASP A 2973 5.80 33.37 67.51
CA ASP A 2973 6.06 33.08 66.07
C ASP A 2973 6.64 34.33 65.42
N PRO A 2974 7.92 34.32 64.96
CA PRO A 2974 8.55 35.52 64.40
C PRO A 2974 8.04 35.92 63.01
N PRO A 2975 8.12 37.22 62.64
CA PRO A 2975 7.97 37.64 61.24
C PRO A 2975 9.19 37.26 60.38
N GLN A 2976 9.00 37.17 59.06
CA GLN A 2976 10.00 36.62 58.10
C GLN A 2976 11.07 37.66 57.75
N SER A 2977 10.94 38.91 58.20
CA SER A 2977 11.96 39.98 58.07
C SER A 2977 12.87 40.02 59.32
N GLU A 2978 12.31 39.73 60.51
CA GLU A 2978 13.02 39.67 61.81
C GLU A 2978 13.73 38.32 62.00
N LEU A 2979 13.41 37.33 61.16
CA LEU A 2979 13.95 35.94 61.24
C LEU A 2979 15.25 35.87 60.42
N TRP A 2980 15.25 36.53 59.27
CA TRP A 2980 16.43 36.76 58.38
C TRP A 2980 17.59 37.36 59.15
N THR A 2981 17.37 38.48 59.86
CA THR A 2981 18.42 39.29 60.56
C THR A 2981 19.17 38.42 61.57
N TYR A 2982 18.47 37.47 62.21
CA TYR A 2982 19.06 36.43 63.10
C TYR A 2982 19.85 35.42 62.29
N PHE A 2983 19.23 34.87 61.23
CA PHE A 2983 19.84 33.88 60.30
C PHE A 2983 21.15 34.42 59.70
N VAL A 2984 21.18 35.69 59.30
CA VAL A 2984 22.40 36.35 58.75
C VAL A 2984 23.48 36.34 59.84
N ASP A 2985 23.15 36.82 61.04
CA ASP A 2985 24.08 36.87 62.20
C ASP A 2985 24.48 35.44 62.60
N ARG A 2986 23.61 34.47 62.40
CA ARG A 2986 23.85 33.02 62.64
C ARG A 2986 24.82 32.50 61.56
N VAL A 2987 24.69 32.95 60.31
CA VAL A 2987 25.62 32.60 59.19
C VAL A 2987 27.02 33.03 59.61
N ARG A 2988 27.19 34.33 59.92
CA ARG A 2988 28.51 34.98 60.15
C ARG A 2988 29.22 34.33 61.34
N ASP A 2989 28.52 34.17 62.47
CA ASP A 2989 29.03 33.48 63.69
C ASP A 2989 29.64 32.13 63.31
N ASN A 2990 28.98 31.37 62.44
CA ASN A 2990 29.32 29.95 62.11
C ASN A 2990 30.29 29.92 60.92
N PHE A 2991 29.96 30.64 59.84
CA PHE A 2991 30.74 30.63 58.57
C PHE A 2991 32.07 31.35 58.80
N HIS A 2992 33.17 30.62 58.66
CA HIS A 2992 34.56 31.16 58.68
C HIS A 2992 35.11 31.13 57.25
N ILE A 2993 35.86 32.17 56.85
CA ILE A 2993 36.57 32.24 55.54
C ILE A 2993 38.07 32.32 55.81
N MET A 2994 38.78 31.19 55.76
CA MET A 2994 40.26 31.15 55.72
C MET A 2994 40.70 31.46 54.28
N LEU A 2995 41.42 32.57 54.10
CA LEU A 2995 42.15 32.93 52.86
C LEU A 2995 43.62 32.54 53.03
N CYS A 2996 44.31 32.22 51.94
CA CYS A 2996 45.72 31.77 51.92
C CYS A 2996 46.43 32.35 50.71
N PHE A 2997 46.94 33.59 50.83
CA PHE A 2997 47.56 34.37 49.72
C PHE A 2997 49.09 34.36 49.87
N SER A 2998 49.78 34.77 48.80
CA SER A 2998 51.26 34.95 48.72
C SER A 2998 51.58 36.43 48.63
N PRO A 2999 52.47 36.98 49.50
CA PRO A 2999 52.71 38.42 49.51
C PRO A 2999 53.55 38.94 48.33
N VAL A 3000 54.26 38.07 47.63
CA VAL A 3000 55.22 38.42 46.54
C VAL A 3000 54.47 38.62 45.23
N GLY A 3001 53.41 37.84 44.98
CA GLY A 3001 52.48 38.04 43.85
C GLY A 3001 52.03 39.49 43.75
N GLN A 3002 52.04 40.08 42.55
CA GLN A 3002 51.70 41.50 42.30
C GLN A 3002 50.19 41.73 42.49
N LYS A 3003 49.38 40.69 42.31
CA LYS A 3003 47.89 40.72 42.44
C LYS A 3003 47.50 40.98 43.90
N PHE A 3004 48.23 40.38 44.86
CA PHE A 3004 48.01 40.47 46.33
C PHE A 3004 47.83 41.93 46.76
N ARG A 3005 48.76 42.80 46.36
CA ARG A 3005 48.74 44.26 46.69
C ARG A 3005 47.51 44.93 46.06
N GLU A 3006 47.14 44.53 44.85
CA GLU A 3006 45.97 45.09 44.10
C GLU A 3006 44.67 44.67 44.77
N ARG A 3007 44.58 43.42 45.24
CA ARG A 3007 43.35 42.83 45.86
C ARG A 3007 43.00 43.53 47.17
N ALA A 3008 44.01 43.98 47.93
CA ALA A 3008 43.82 44.72 49.21
C ALA A 3008 43.16 46.07 48.93
N ARG A 3009 43.69 46.81 47.95
CA ARG A 3009 43.16 48.11 47.47
C ARG A 3009 41.76 47.89 46.87
N LYS A 3010 41.60 46.84 46.06
CA LYS A 3010 40.38 46.59 45.23
C LYS A 3010 39.23 46.07 46.10
N PHE A 3011 39.52 45.24 47.11
CA PHE A 3011 38.53 44.64 48.04
C PHE A 3011 38.78 45.16 49.45
N PRO A 3012 37.99 46.15 49.96
CA PRO A 3012 38.08 46.55 51.35
C PRO A 3012 37.38 45.47 52.19
N ALA A 3013 37.77 45.32 53.45
CA ALA A 3013 37.18 44.35 54.41
C ALA A 3013 37.30 42.92 53.88
N LEU A 3014 38.38 42.65 53.15
CA LEU A 3014 38.92 41.28 52.88
C LEU A 3014 40.25 41.12 53.61
N PHE A 3015 40.99 42.22 53.82
CA PHE A 3015 42.24 42.32 54.60
C PHE A 3015 41.95 42.88 55.99
N ASN A 3016 41.15 43.94 56.07
CA ASN A 3016 40.83 44.68 57.32
C ASN A 3016 39.99 43.79 58.24
N GLU A 3017 39.00 43.07 57.70
CA GLU A 3017 37.90 42.43 58.48
C GLU A 3017 38.27 41.03 58.98
N CYS A 3018 39.29 40.37 58.39
CA CYS A 3018 39.78 39.04 58.81
C CYS A 3018 41.20 39.16 59.40
N THR A 3019 41.43 38.56 60.57
CA THR A 3019 42.74 38.50 61.28
C THR A 3019 43.82 37.96 60.33
N ILE A 3020 44.86 38.76 60.06
CA ILE A 3020 46.01 38.39 59.19
C ILE A 3020 47.11 37.81 60.09
N ASP A 3021 47.34 36.50 59.99
CA ASP A 3021 48.53 35.81 60.53
C ASP A 3021 49.55 35.69 59.39
N TRP A 3022 50.68 36.39 59.52
CA TRP A 3022 51.78 36.42 58.51
C TRP A 3022 52.73 35.25 58.77
N PHE A 3023 53.06 34.49 57.72
CA PHE A 3023 54.03 33.36 57.77
C PHE A 3023 55.44 33.89 57.43
N LEU A 3024 56.29 34.04 58.44
CA LEU A 3024 57.71 34.44 58.28
C LEU A 3024 58.49 33.30 57.63
N PRO A 3025 59.70 33.56 57.07
CA PRO A 3025 60.58 32.49 56.62
C PRO A 3025 61.10 31.66 57.79
N TRP A 3026 61.18 30.33 57.60
CA TRP A 3026 61.40 29.30 58.66
C TRP A 3026 62.69 29.59 59.43
N PRO A 3027 62.67 29.51 60.77
CA PRO A 3027 63.88 29.72 61.57
C PRO A 3027 64.81 28.49 61.57
N GLU A 3028 65.98 28.62 62.19
CA GLU A 3028 67.02 27.56 62.29
C GLU A 3028 66.40 26.31 62.92
N GLU A 3029 65.77 26.47 64.10
CA GLU A 3029 65.15 25.37 64.91
C GLU A 3029 64.08 24.61 64.10
N ALA A 3030 63.38 25.27 63.19
CA ALA A 3030 62.32 24.68 62.33
C ALA A 3030 62.97 23.74 61.30
N LEU A 3031 63.93 24.25 60.54
CA LEU A 3031 64.65 23.52 59.45
C LEU A 3031 65.36 22.30 60.03
N VAL A 3032 65.99 22.45 61.20
CA VAL A 3032 66.69 21.35 61.93
C VAL A 3032 65.67 20.32 62.42
N SER A 3033 64.48 20.75 62.85
CA SER A 3033 63.39 19.88 63.37
C SER A 3033 62.76 19.09 62.20
N VAL A 3034 62.69 19.70 61.02
CA VAL A 3034 62.23 19.04 59.75
C VAL A 3034 63.31 18.04 59.30
N ALA A 3035 64.59 18.43 59.42
CA ALA A 3035 65.77 17.60 59.05
C ALA A 3035 65.89 16.40 59.98
N GLU A 3036 65.45 16.52 61.24
CA GLU A 3036 65.48 15.44 62.27
C GLU A 3036 64.55 14.31 61.85
N THR A 3037 63.33 14.64 61.42
CA THR A 3037 62.27 13.68 61.01
C THR A 3037 62.66 12.97 59.72
N PHE A 3038 63.37 13.65 58.82
CA PHE A 3038 63.80 13.13 57.51
C PHE A 3038 64.92 12.08 57.67
N ILE A 3039 65.89 12.34 58.56
CA ILE A 3039 67.01 11.39 58.87
C ILE A 3039 66.46 10.13 59.55
N LYS A 3040 65.42 10.25 60.39
CA LYS A 3040 64.78 9.11 61.08
C LYS A 3040 64.05 8.22 60.05
N ASN A 3041 63.38 8.83 59.07
CA ASN A 3041 62.72 8.14 57.91
C ASN A 3041 63.78 7.43 57.05
N PHE A 3042 65.00 7.98 56.98
CA PHE A 3042 66.15 7.45 56.20
C PHE A 3042 66.78 6.27 56.94
N ASP A 3043 66.43 5.05 56.52
CA ASP A 3043 66.82 3.77 57.18
C ASP A 3043 68.14 3.25 56.61
N LYS A 3044 68.42 3.49 55.31
CA LYS A 3044 69.62 3.01 54.59
C LYS A 3044 70.83 3.91 54.86
N LEU A 3045 70.62 5.10 55.44
CA LEU A 3045 71.71 6.01 55.91
C LEU A 3045 72.40 5.37 57.11
N ASP A 3046 73.65 4.93 56.93
CA ASP A 3046 74.44 4.17 57.94
C ASP A 3046 75.64 5.03 58.35
N THR A 3047 75.59 5.58 59.57
CA THR A 3047 76.63 6.46 60.18
C THR A 3047 76.45 6.48 61.70
N LYS A 3048 77.33 7.18 62.42
CA LYS A 3048 77.28 7.37 63.90
C LYS A 3048 76.04 8.22 64.25
N GLU A 3049 75.43 7.95 65.40
CA GLU A 3049 74.23 8.69 65.89
C GLU A 3049 74.64 10.12 66.28
N GLU A 3050 75.88 10.32 66.74
CA GLU A 3050 76.47 11.66 66.99
C GLU A 3050 76.51 12.45 65.68
N THR A 3051 77.07 11.84 64.62
CA THR A 3051 77.27 12.45 63.27
C THR A 3051 75.93 12.84 62.65
N LYS A 3052 74.88 12.04 62.87
CA LYS A 3052 73.51 12.31 62.35
C LYS A 3052 72.97 13.61 62.97
N GLN A 3053 73.26 13.87 64.25
CA GLN A 3053 72.82 15.09 64.98
C GLN A 3053 73.61 16.31 64.48
N GLU A 3054 74.86 16.12 64.03
CA GLU A 3054 75.68 17.18 63.39
C GLU A 3054 75.15 17.46 61.99
N LEU A 3055 74.72 16.41 61.27
CA LEU A 3055 74.15 16.51 59.90
C LEU A 3055 72.83 17.28 59.93
N MET A 3056 71.90 16.90 60.82
CA MET A 3056 70.60 17.58 61.07
C MET A 3056 70.81 19.10 61.09
N LYS A 3057 71.73 19.57 61.94
CA LYS A 3057 72.06 21.01 62.14
C LYS A 3057 72.60 21.59 60.84
N HIS A 3058 73.47 20.84 60.13
CA HIS A 3058 74.13 21.27 58.86
C HIS A 3058 73.07 21.47 57.78
N MET A 3059 72.19 20.49 57.58
CA MET A 3059 71.09 20.53 56.58
C MET A 3059 70.34 21.86 56.73
N GLY A 3060 69.91 22.17 57.95
CA GLY A 3060 69.23 23.43 58.31
C GLY A 3060 70.12 24.64 58.09
N ASN A 3061 71.35 24.61 58.62
CA ASN A 3061 72.30 25.75 58.56
C ASN A 3061 72.65 26.07 57.09
N VAL A 3062 72.53 25.10 56.18
CA VAL A 3062 72.67 25.31 54.70
C VAL A 3062 71.55 26.22 54.21
N HIS A 3063 70.29 25.91 54.54
CA HIS A 3063 69.09 26.58 54.00
C HIS A 3063 69.02 28.05 54.48
N LEU A 3064 69.57 28.35 55.66
CA LEU A 3064 69.78 29.74 56.14
C LEU A 3064 70.89 30.41 55.31
N MET A 3065 72.04 29.73 55.16
CA MET A 3065 73.23 30.26 54.44
C MET A 3065 72.87 30.65 53.01
N VAL A 3066 71.89 29.98 52.39
CA VAL A 3066 71.46 30.27 50.99
C VAL A 3066 70.64 31.56 51.01
N ASN A 3067 69.75 31.72 51.99
CA ASN A 3067 68.91 32.94 52.17
C ASN A 3067 69.82 34.15 52.45
N GLU A 3068 70.86 33.95 53.25
CA GLU A 3068 71.87 35.00 53.59
C GLU A 3068 72.61 35.46 52.32
N ILE A 3069 72.91 34.52 51.41
CA ILE A 3069 73.61 34.80 50.12
C ILE A 3069 72.60 35.41 49.12
N CYS A 3070 71.35 34.93 49.11
CA CYS A 3070 70.25 35.46 48.25
C CYS A 3070 70.07 36.98 48.48
N ASP A 3071 70.19 37.42 49.73
CA ASP A 3071 70.10 38.86 50.13
C ASP A 3071 71.37 39.58 49.68
N GLU A 3072 72.54 38.96 49.87
CA GLU A 3072 73.88 39.51 49.49
C GLU A 3072 73.95 39.66 47.97
N TYR A 3073 73.44 38.68 47.23
CA TYR A 3073 73.46 38.61 45.74
C TYR A 3073 72.57 39.71 45.15
N TYR A 3074 71.51 40.13 45.85
CA TYR A 3074 70.60 41.23 45.42
C TYR A 3074 71.27 42.59 45.63
N GLN A 3075 72.05 42.76 46.70
CA GLN A 3075 72.74 44.04 47.01
C GLN A 3075 73.94 44.23 46.05
N LYS A 3076 74.67 43.16 45.74
CA LYS A 3076 75.94 43.22 44.96
C LYS A 3076 75.68 43.11 43.45
N MET A 3077 74.68 42.34 43.02
CA MET A 3077 74.45 42.02 41.58
C MET A 3077 73.03 42.39 41.11
N ARG A 3078 72.14 42.84 42.00
CA ARG A 3078 70.75 43.26 41.69
C ARG A 3078 70.01 42.13 40.97
N ARG A 3079 70.28 40.87 41.37
CA ARG A 3079 69.58 39.64 40.92
C ARG A 3079 68.87 39.02 42.13
N GLN A 3080 67.59 38.69 42.00
CA GLN A 3080 66.75 38.17 43.10
C GLN A 3080 66.53 36.65 42.92
N VAL A 3081 67.20 35.86 43.76
CA VAL A 3081 67.02 34.38 43.86
C VAL A 3081 66.15 34.12 45.09
N TYR A 3082 65.00 33.47 44.90
CA TYR A 3082 64.00 33.18 45.98
C TYR A 3082 64.14 31.71 46.39
N VAL A 3083 64.35 31.47 47.68
CA VAL A 3083 64.41 30.13 48.31
C VAL A 3083 63.29 30.03 49.35
N THR A 3084 62.44 29.00 49.23
CA THR A 3084 61.20 28.80 50.04
C THR A 3084 61.36 27.53 50.86
N PRO A 3085 60.47 27.28 51.85
CA PRO A 3085 60.49 26.01 52.59
C PRO A 3085 60.26 24.77 51.71
N LYS A 3086 59.60 24.94 50.56
CA LYS A 3086 59.41 23.89 49.53
C LYS A 3086 60.77 23.51 48.92
N SER A 3087 61.68 24.49 48.74
CA SER A 3087 63.05 24.31 48.18
C SER A 3087 63.98 23.61 49.17
N PHE A 3088 63.62 23.55 50.46
CA PHE A 3088 64.34 22.78 51.51
C PHE A 3088 63.87 21.32 51.49
N LEU A 3089 62.58 21.08 51.27
CA LEU A 3089 61.99 19.71 51.19
C LEU A 3089 62.54 19.03 49.92
N SER A 3090 62.82 19.81 48.88
CA SER A 3090 63.44 19.36 47.60
C SER A 3090 64.89 18.92 47.83
N TYR A 3091 65.66 19.72 48.57
CA TYR A 3091 67.07 19.44 48.95
C TYR A 3091 67.15 18.09 49.68
N LEU A 3092 66.34 17.93 50.73
CA LEU A 3092 66.35 16.71 51.61
C LEU A 3092 66.07 15.46 50.77
N ASN A 3093 65.04 15.50 49.93
CA ASN A 3093 64.71 14.41 48.96
C ASN A 3093 65.95 14.15 48.11
N SER A 3094 66.35 15.15 47.31
CA SER A 3094 67.52 15.10 46.39
C SER A 3094 68.73 14.50 47.11
N TYR A 3095 68.91 14.79 48.39
CA TYR A 3095 70.02 14.27 49.24
C TYR A 3095 69.94 12.74 49.34
N LYS A 3096 68.74 12.22 49.62
CA LYS A 3096 68.48 10.77 49.83
C LYS A 3096 68.67 10.03 48.50
N THR A 3097 68.10 10.54 47.40
CA THR A 3097 68.16 9.94 46.05
C THR A 3097 69.62 9.72 45.64
N LEU A 3098 70.46 10.76 45.76
CA LEU A 3098 71.90 10.69 45.41
C LEU A 3098 72.65 9.83 46.43
N TYR A 3099 72.27 9.83 47.72
CA TYR A 3099 72.95 9.01 48.74
C TYR A 3099 72.64 7.54 48.48
N ILE A 3100 71.36 7.17 48.53
CA ILE A 3100 70.85 5.78 48.33
C ILE A 3100 71.60 5.17 47.15
N GLU A 3101 71.58 5.85 46.00
CA GLU A 3101 72.20 5.42 44.71
C GLU A 3101 73.72 5.25 44.88
N LYS A 3102 74.40 6.28 45.43
CA LYS A 3102 75.87 6.31 45.62
C LYS A 3102 76.29 5.29 46.67
N TYR A 3103 75.43 4.99 47.66
CA TYR A 3103 75.71 3.98 48.72
C TYR A 3103 75.56 2.58 48.10
N ASP A 3104 74.59 2.40 47.20
CA ASP A 3104 74.30 1.10 46.53
C ASP A 3104 75.52 0.67 45.70
N GLU A 3105 76.13 1.60 44.94
CA GLU A 3105 77.38 1.40 44.17
C GLU A 3105 78.55 1.03 45.11
N LEU A 3106 78.77 1.85 46.14
CA LEU A 3106 79.87 1.67 47.14
C LEU A 3106 79.68 0.36 47.91
N ASP A 3107 78.46 0.07 48.37
CA ASP A 3107 78.17 -1.07 49.28
C ASP A 3107 78.36 -2.40 48.53
N GLN A 3108 78.03 -2.45 47.23
CA GLN A 3108 78.17 -3.68 46.41
C GLN A 3108 79.63 -3.87 45.99
N GLN A 3109 80.41 -2.80 45.84
CA GLN A 3109 81.89 -2.86 45.66
C GLN A 3109 82.53 -3.46 46.91
N GLU A 3110 82.32 -2.84 48.07
CA GLU A 3110 82.88 -3.24 49.39
C GLU A 3110 82.54 -4.70 49.70
N GLU A 3111 81.38 -5.18 49.26
CA GLU A 3111 80.94 -6.60 49.45
C GLU A 3111 81.68 -7.52 48.47
N SER A 3112 81.99 -7.06 47.25
CA SER A 3112 82.77 -7.80 46.23
C SER A 3112 84.27 -7.80 46.57
N PHE A 3113 84.75 -6.73 47.22
CA PHE A 3113 86.05 -6.66 47.93
C PHE A 3113 86.08 -7.68 49.08
N LYS A 3114 85.09 -7.62 49.97
CA LYS A 3114 85.10 -8.34 51.29
C LYS A 3114 85.01 -9.86 51.09
N ILE A 3115 84.31 -10.33 50.06
CA ILE A 3115 84.30 -11.77 49.65
C ILE A 3115 85.74 -12.19 49.30
N GLY A 3116 86.49 -11.31 48.64
CA GLY A 3116 87.92 -11.46 48.31
C GLY A 3116 88.77 -11.62 49.56
N LEU A 3117 88.71 -10.64 50.47
CA LEU A 3117 89.62 -10.50 51.63
C LEU A 3117 89.54 -11.71 52.57
N ASN A 3118 88.39 -12.39 52.63
CA ASN A 3118 88.18 -13.61 53.46
C ASN A 3118 88.89 -14.79 52.79
N LYS A 3119 88.51 -15.14 51.56
CA LYS A 3119 88.95 -16.35 50.82
C LYS A 3119 90.46 -16.33 50.57
N ILE A 3120 91.04 -15.15 50.33
CA ILE A 3120 92.49 -14.96 50.08
C ILE A 3120 93.25 -15.19 51.39
N GLN A 3121 92.79 -14.58 52.49
CA GLN A 3121 93.37 -14.75 53.86
C GLN A 3121 93.44 -16.24 54.21
N GLU A 3122 92.39 -17.00 53.91
CA GLU A 3122 92.32 -18.47 54.11
C GLU A 3122 93.38 -19.16 53.23
N ALA A 3123 93.51 -18.72 51.98
CA ALA A 3123 94.48 -19.25 50.99
C ALA A 3123 95.92 -18.99 51.47
N THR A 3124 96.18 -17.83 52.10
CA THR A 3124 97.53 -17.41 52.58
C THR A 3124 98.00 -18.36 53.68
N ILE A 3125 97.11 -18.73 54.60
CA ILE A 3125 97.39 -19.63 55.76
C ILE A 3125 97.70 -21.04 55.21
N THR A 3126 96.76 -21.62 54.46
CA THR A 3126 96.81 -23.00 53.92
C THR A 3126 98.16 -23.26 53.24
N ILE A 3127 98.60 -22.35 52.37
CA ILE A 3127 99.87 -22.46 51.60
C ILE A 3127 101.06 -22.30 52.56
N ASN A 3128 100.96 -21.45 53.58
CA ASN A 3128 102.03 -21.21 54.59
C ASN A 3128 102.25 -22.49 55.41
N GLN A 3129 101.19 -23.25 55.68
CA GLN A 3129 101.25 -24.58 56.36
C GLN A 3129 101.88 -25.63 55.42
N MET A 3130 101.52 -25.61 54.13
CA MET A 3130 102.04 -26.55 53.09
C MET A 3130 103.55 -26.36 52.91
N GLU A 3131 104.03 -25.11 52.95
CA GLU A 3131 105.47 -24.73 52.88
C GLU A 3131 106.25 -25.39 54.02
N ILE A 3132 105.83 -25.12 55.26
CA ILE A 3132 106.52 -25.51 56.53
C ILE A 3132 106.62 -27.04 56.59
N SER A 3133 105.52 -27.74 56.33
CA SER A 3133 105.40 -29.22 56.35
C SER A 3133 106.36 -29.85 55.34
N LEU A 3134 106.40 -29.32 54.10
CA LEU A 3134 107.27 -29.80 52.98
C LEU A 3134 108.74 -29.72 53.38
N LYS A 3135 109.19 -28.55 53.87
CA LYS A 3135 110.61 -28.26 54.23
C LYS A 3135 111.07 -29.18 55.36
N GLU A 3136 110.27 -29.31 56.42
CA GLU A 3136 110.54 -30.17 57.61
C GLU A 3136 110.76 -31.62 57.16
N GLU A 3137 109.90 -32.14 56.29
CA GLU A 3137 110.01 -33.49 55.67
C GLU A 3137 111.34 -33.60 54.92
N GLU A 3138 111.62 -32.63 54.03
CA GLU A 3138 112.87 -32.53 53.22
C GLU A 3138 114.10 -32.69 54.12
N ILE A 3139 114.12 -31.95 55.24
CA ILE A 3139 115.23 -31.96 56.24
C ILE A 3139 115.31 -33.35 56.88
N GLN A 3140 114.18 -33.91 57.31
CA GLN A 3140 114.06 -35.25 57.95
C GLN A 3140 114.58 -36.33 56.99
N LEU A 3141 114.29 -36.21 55.69
CA LEU A 3141 114.77 -37.14 54.62
C LEU A 3141 116.28 -36.99 54.46
N ASN A 3142 116.79 -35.75 54.38
CA ASN A 3142 118.23 -35.41 54.21
C ASN A 3142 119.05 -35.92 55.40
N GLU A 3143 118.47 -35.98 56.61
CA GLU A 3143 119.11 -36.54 57.82
C GLU A 3143 119.17 -38.06 57.74
N ALA A 3144 118.08 -38.69 57.26
CA ALA A 3144 117.95 -40.16 57.07
C ALA A 3144 118.96 -40.64 56.00
N THR A 3145 119.11 -39.90 54.90
CA THR A 3145 120.06 -40.20 53.79
C THR A 3145 121.49 -40.30 54.33
N GLU A 3146 121.95 -39.26 55.02
CA GLU A 3146 123.33 -39.14 55.59
C GLU A 3146 123.61 -40.34 56.50
N LYS A 3147 122.64 -40.73 57.34
CA LYS A 3147 122.74 -41.90 58.26
C LYS A 3147 122.88 -43.20 57.44
N THR A 3148 122.03 -43.39 56.42
CA THR A 3148 122.03 -44.59 55.53
C THR A 3148 123.34 -44.65 54.73
N ASN A 3149 123.88 -43.50 54.31
CA ASN A 3149 125.15 -43.39 53.53
C ASN A 3149 126.34 -43.76 54.44
N GLN A 3150 126.32 -43.36 55.71
CA GLN A 3150 127.37 -43.68 56.72
C GLN A 3150 127.36 -45.19 57.03
N LEU A 3151 126.18 -45.78 57.24
CA LEU A 3151 125.99 -47.23 57.49
C LEU A 3151 126.51 -48.03 56.29
N LEU A 3152 126.09 -47.64 55.08
CA LEU A 3152 126.44 -48.31 53.79
C LEU A 3152 127.96 -48.35 53.60
N ALA A 3153 128.66 -47.24 53.89
CA ALA A 3153 130.13 -47.09 53.79
C ALA A 3153 130.81 -48.08 54.75
N ASN A 3154 130.32 -48.18 55.99
CA ASN A 3154 130.80 -49.13 57.03
C ASN A 3154 130.59 -50.57 56.55
N LEU A 3155 129.43 -50.86 55.94
CA LEU A 3155 129.08 -52.20 55.39
C LEU A 3155 129.95 -52.51 54.16
N ASP A 3156 130.27 -51.50 53.35
CA ASP A 3156 131.14 -51.64 52.14
C ASP A 3156 132.59 -51.96 52.56
N LYS A 3157 133.05 -51.45 53.70
CA LYS A 3157 134.43 -51.68 54.23
C LYS A 3157 134.54 -53.10 54.78
N GLU A 3158 133.61 -53.49 55.66
CA GLU A 3158 133.51 -54.85 56.27
C GLU A 3158 133.41 -55.92 55.17
N SER A 3159 132.75 -55.60 54.05
CA SER A 3159 132.61 -56.49 52.86
C SER A 3159 133.98 -56.72 52.22
N LYS A 3160 134.68 -55.65 51.85
CA LYS A 3160 136.02 -55.69 51.21
C LYS A 3160 137.00 -56.48 52.09
N LYS A 3161 136.93 -56.30 53.41
CA LYS A 3161 137.73 -57.07 54.41
C LYS A 3161 137.38 -58.55 54.32
N ALA A 3162 136.08 -58.89 54.36
CA ALA A 3162 135.55 -60.26 54.27
C ALA A 3162 135.93 -60.89 52.91
N ASN A 3163 135.70 -60.16 51.80
CA ASN A 3163 136.00 -60.59 50.41
C ASN A 3163 137.46 -61.03 50.28
N GLN A 3164 138.38 -60.18 50.75
CA GLN A 3164 139.86 -60.39 50.71
C GLN A 3164 140.22 -61.69 51.44
N LYS A 3165 139.69 -61.89 52.66
CA LYS A 3165 139.89 -63.11 53.49
C LYS A 3165 139.48 -64.36 52.70
N GLY A 3166 138.43 -64.27 51.87
CA GLY A 3166 137.94 -65.38 51.02
C GLY A 3166 138.86 -65.65 49.84
N GLU A 3167 139.37 -64.60 49.20
CA GLU A 3167 140.36 -64.68 48.09
C GLU A 3167 141.64 -65.34 48.61
N GLU A 3168 142.00 -65.09 49.88
CA GLU A 3168 143.13 -65.73 50.59
C GLU A 3168 142.80 -67.19 50.89
N VAL A 3169 141.60 -67.47 51.41
CA VAL A 3169 141.13 -68.83 51.83
C VAL A 3169 140.98 -69.72 50.59
N ALA A 3170 140.42 -69.19 49.50
CA ALA A 3170 140.26 -69.88 48.20
C ALA A 3170 141.63 -70.23 47.60
N ALA A 3171 142.66 -69.43 47.89
CA ALA A 3171 144.05 -69.61 47.42
C ALA A 3171 144.77 -70.70 48.23
N THR A 3172 144.54 -70.77 49.55
CA THR A 3172 145.11 -71.80 50.47
C THR A 3172 144.63 -73.20 50.06
N ASN A 3173 143.42 -73.31 49.51
CA ASN A 3173 142.81 -74.57 48.98
C ASN A 3173 143.66 -75.10 47.82
N LYS A 3174 144.04 -74.23 46.88
CA LYS A 3174 144.81 -74.56 45.64
C LYS A 3174 146.20 -75.09 46.01
N GLN A 3175 146.80 -74.58 47.09
CA GLN A 3175 148.13 -75.00 47.62
C GLN A 3175 148.02 -76.44 48.13
N CYS A 3176 147.03 -76.70 48.99
CA CYS A 3176 146.75 -78.01 49.63
C CYS A 3176 146.40 -79.08 48.58
N GLU A 3177 145.76 -78.68 47.48
CA GLU A 3177 145.45 -79.53 46.31
C GLU A 3177 146.75 -80.05 45.68
N ILE A 3178 147.65 -79.12 45.33
CA ILE A 3178 148.97 -79.41 44.68
C ILE A 3178 149.77 -80.35 45.60
N GLN A 3179 149.78 -80.05 46.92
CA GLN A 3179 150.44 -80.88 47.97
C GLN A 3179 149.85 -82.31 47.93
N ALA A 3180 148.51 -82.43 47.91
CA ALA A 3180 147.78 -83.72 47.91
C ALA A 3180 148.10 -84.53 46.65
N GLU A 3181 148.21 -83.86 45.49
CA GLU A 3181 148.57 -84.49 44.18
C GLU A 3181 149.98 -85.07 44.27
N GLN A 3182 150.98 -84.23 44.60
CA GLN A 3182 152.41 -84.60 44.72
C GLN A 3182 152.57 -85.84 45.61
N ILE A 3183 151.91 -85.85 46.78
CA ILE A 3183 151.97 -86.96 47.76
C ILE A 3183 151.21 -88.17 47.18
N SER A 3184 150.10 -87.94 46.47
CA SER A 3184 149.30 -89.02 45.82
C SER A 3184 150.08 -89.67 44.66
N LYS A 3185 151.08 -88.97 44.09
CA LYS A 3185 152.05 -89.55 43.12
C LYS A 3185 153.04 -90.44 43.86
N GLU A 3186 153.52 -90.00 45.04
CA GLU A 3186 154.46 -90.75 45.91
C GLU A 3186 153.78 -92.02 46.45
N LYS A 3187 152.46 -91.97 46.69
CA LYS A 3187 151.63 -93.17 47.04
C LYS A 3187 151.80 -94.23 45.96
N GLU A 3188 151.52 -93.86 44.70
CA GLU A 3188 151.45 -94.77 43.52
C GLU A 3188 152.79 -95.47 43.31
N GLU A 3189 153.90 -94.72 43.42
CA GLU A 3189 155.29 -95.23 43.29
C GLU A 3189 155.56 -96.28 44.38
N ALA A 3190 155.18 -95.97 45.63
CA ALA A 3190 155.40 -96.81 46.83
C ALA A 3190 154.50 -98.05 46.79
N GLU A 3191 153.30 -97.94 46.22
CA GLU A 3191 152.36 -99.07 45.98
C GLU A 3191 152.99 -100.08 45.00
N ARG A 3192 153.57 -99.58 43.90
CA ARG A 3192 154.24 -100.40 42.84
C ARG A 3192 155.45 -101.14 43.41
N GLU A 3193 156.23 -100.48 44.29
CA GLU A 3193 157.37 -101.08 45.03
C GLU A 3193 156.87 -102.20 45.94
N LEU A 3194 155.81 -101.92 46.71
CA LEU A 3194 155.09 -102.89 47.57
C LEU A 3194 154.63 -104.08 46.71
N GLU A 3195 154.04 -103.80 45.55
CA GLU A 3195 153.48 -104.82 44.59
C GLU A 3195 154.60 -105.69 44.02
N ALA A 3196 155.77 -105.13 43.70
CA ALA A 3196 156.92 -105.88 43.15
C ALA A 3196 157.46 -106.88 44.18
N ALA A 3197 157.46 -106.49 45.47
CA ALA A 3197 158.05 -107.26 46.59
C ALA A 3197 157.17 -108.46 46.98
N LEU A 3198 155.84 -108.29 46.99
CA LEU A 3198 154.86 -109.34 47.42
C LEU A 3198 155.01 -110.56 46.52
N PRO A 3199 154.66 -110.53 45.20
CA PRO A 3199 155.14 -111.50 44.21
C PRO A 3199 156.53 -112.14 44.44
N ALA A 3200 157.58 -111.33 44.60
CA ALA A 3200 158.96 -111.79 44.80
C ALA A 3200 159.05 -112.61 46.10
N LEU A 3201 158.32 -112.19 47.14
CA LEU A 3201 158.17 -112.94 48.43
C LEU A 3201 157.40 -114.24 48.15
N ARG A 3202 156.21 -114.14 47.56
CA ARG A 3202 155.33 -115.28 47.19
C ARG A 3202 156.15 -116.30 46.41
N ARG A 3203 156.76 -115.88 45.29
CA ARG A 3203 157.60 -116.70 44.38
C ARG A 3203 158.52 -117.63 45.18
N ALA A 3204 159.19 -117.09 46.21
CA ALA A 3204 160.22 -117.79 47.02
C ALA A 3204 159.56 -118.76 48.02
N GLN A 3205 158.80 -118.22 48.98
CA GLN A 3205 158.13 -118.97 50.07
C GLN A 3205 157.33 -120.15 49.51
N GLU A 3206 156.66 -119.96 48.37
CA GLU A 3206 155.83 -120.99 47.68
C GLU A 3206 156.67 -122.23 47.38
N ALA A 3207 157.86 -122.05 46.77
CA ALA A 3207 158.82 -123.13 46.43
C ALA A 3207 159.18 -123.92 47.69
N VAL A 3208 159.50 -123.21 48.78
CA VAL A 3208 159.81 -123.78 50.14
C VAL A 3208 158.65 -124.66 50.59
N ASP A 3209 157.43 -124.12 50.56
CA ASP A 3209 156.20 -124.77 51.09
C ASP A 3209 155.75 -125.89 50.13
N SER A 3210 156.05 -125.78 48.84
CA SER A 3210 155.69 -126.79 47.79
C SER A 3210 156.57 -128.02 47.90
N ILE A 3211 157.82 -127.88 48.36
CA ILE A 3211 158.79 -128.99 48.59
C ILE A 3211 158.17 -129.98 49.58
N GLU A 3212 157.54 -129.49 50.66
CA GLU A 3212 156.87 -130.32 51.71
C GLU A 3212 157.95 -131.19 52.38
N SER A 3213 157.59 -132.38 52.88
CA SER A 3213 158.53 -133.37 53.47
C SER A 3213 159.23 -134.22 52.40
N LYS A 3214 158.90 -134.02 51.11
CA LYS A 3214 159.40 -134.83 49.97
C LYS A 3214 160.94 -134.88 50.00
N ASP A 3215 161.58 -133.71 50.04
CA ASP A 3215 163.06 -133.57 50.15
C ASP A 3215 163.50 -133.94 51.57
N ILE A 3216 162.73 -133.52 52.58
CA ILE A 3216 163.03 -133.76 54.02
C ILE A 3216 163.12 -135.27 54.27
N VAL A 3217 162.26 -136.05 53.62
CA VAL A 3217 162.25 -137.54 53.67
C VAL A 3217 163.55 -138.06 53.03
N GLU A 3218 163.95 -137.50 51.89
CA GLU A 3218 165.14 -137.94 51.10
C GLU A 3218 166.44 -137.53 51.81
N LEU A 3219 166.39 -136.63 52.81
CA LEU A 3219 167.52 -136.31 53.73
C LEU A 3219 167.58 -137.35 54.86
N LYS A 3220 166.44 -137.58 55.52
CA LYS A 3220 166.29 -138.59 56.60
C LYS A 3220 166.80 -139.95 56.12
N ALA A 3221 166.54 -140.29 54.86
CA ALA A 3221 167.05 -141.50 54.18
C ALA A 3221 168.57 -141.42 53.98
N ASN A 3222 169.09 -140.23 53.65
CA ASN A 3222 170.51 -139.97 53.28
C ASN A 3222 171.44 -140.47 54.39
N LYS A 3223 171.13 -140.14 55.66
CA LYS A 3223 171.80 -140.62 56.90
C LYS A 3223 173.27 -140.17 56.97
N LYS A 3224 174.12 -140.62 56.03
CA LYS A 3224 175.56 -140.26 55.94
C LYS A 3224 175.83 -139.39 54.70
N PRO A 3225 175.33 -138.13 54.66
CA PRO A 3225 175.44 -137.29 53.47
C PRO A 3225 176.87 -136.85 53.16
N LEU A 3226 177.09 -136.36 51.94
CA LEU A 3226 178.38 -135.84 51.43
C LEU A 3226 178.64 -134.43 51.99
N ASP A 3227 179.87 -133.95 51.83
CA ASP A 3227 180.37 -132.67 52.40
C ASP A 3227 179.84 -131.49 51.58
N ILE A 3228 179.19 -131.75 50.44
CA ILE A 3228 178.52 -130.72 49.58
C ILE A 3228 177.13 -130.45 50.16
N ILE A 3229 176.35 -131.51 50.40
CA ILE A 3229 174.93 -131.43 50.86
C ILE A 3229 174.89 -131.04 52.34
N LYS A 3230 175.94 -131.30 53.12
CA LYS A 3230 176.06 -130.88 54.54
C LYS A 3230 175.94 -129.35 54.65
N TYR A 3231 176.71 -128.62 53.84
CA TYR A 3231 176.67 -127.13 53.76
C TYR A 3231 175.25 -126.65 53.48
N ILE A 3232 174.52 -127.41 52.64
CA ILE A 3232 173.13 -127.08 52.23
C ILE A 3232 172.24 -127.18 53.47
N MET A 3233 172.52 -128.13 54.36
CA MET A 3233 171.83 -128.26 55.68
C MET A 3233 172.19 -127.07 56.56
N ASP A 3234 173.46 -126.65 56.57
CA ASP A 3234 173.94 -125.50 57.40
C ASP A 3234 173.09 -124.26 57.06
N ALA A 3235 173.03 -123.87 55.79
CA ALA A 3235 172.21 -122.75 55.27
C ALA A 3235 170.81 -122.79 55.88
N VAL A 3236 170.22 -123.98 56.02
CA VAL A 3236 168.90 -124.24 56.68
C VAL A 3236 169.05 -124.09 58.20
N LEU A 3237 170.08 -124.72 58.79
CA LEU A 3237 170.38 -124.68 60.25
C LEU A 3237 170.57 -123.22 60.73
N VAL A 3238 171.03 -122.33 59.84
CA VAL A 3238 171.17 -120.85 60.10
C VAL A 3238 169.81 -120.28 60.48
N PHE A 3239 168.75 -120.64 59.73
CA PHE A 3239 167.38 -120.11 59.90
C PHE A 3239 166.74 -120.67 61.19
N PHE A 3240 167.07 -121.90 61.57
CA PHE A 3240 166.64 -122.52 62.86
C PHE A 3240 167.29 -121.80 64.05
N LYS A 3241 168.56 -121.41 63.91
CA LYS A 3241 169.36 -120.67 64.93
C LYS A 3241 169.67 -121.62 66.10
N ALA A 3242 170.07 -122.86 65.80
CA ALA A 3242 170.21 -123.96 66.78
C ALA A 3242 171.57 -124.65 66.62
N ARG A 3243 172.38 -124.63 67.68
CA ARG A 3243 173.63 -125.44 67.86
C ARG A 3243 174.59 -125.26 66.67
N LEU A 3244 174.64 -124.06 66.07
CA LEU A 3244 175.47 -123.77 64.88
C LEU A 3244 176.94 -123.70 65.28
N ILE A 3245 177.80 -124.40 64.53
CA ILE A 3245 179.25 -124.55 64.85
C ILE A 3245 179.97 -123.28 64.44
N PRO A 3246 180.98 -122.83 65.22
CA PRO A 3246 181.77 -121.65 64.88
C PRO A 3246 183.20 -121.97 64.42
N ILE A 3247 183.91 -120.95 63.89
CA ILE A 3247 185.40 -120.89 63.77
C ILE A 3247 185.88 -121.89 62.70
N GLN A 3248 187.15 -121.78 62.30
CA GLN A 3248 187.86 -122.72 61.37
C GLN A 3248 188.38 -123.93 62.15
N ILE A 3249 187.51 -124.65 62.86
CA ILE A 3249 187.83 -125.90 63.62
C ILE A 3249 187.13 -127.08 62.92
N GLU A 3250 187.82 -128.23 62.84
CA GLU A 3250 187.41 -129.47 62.12
C GLU A 3250 187.18 -129.19 60.62
N GLU A 3251 187.65 -128.05 60.11
CA GLU A 3251 187.53 -127.65 58.68
C GLU A 3251 188.77 -128.14 57.93
N ARG A 3252 188.62 -128.42 56.64
CA ARG A 3252 189.72 -128.74 55.70
C ARG A 3252 189.40 -128.09 54.35
N VAL A 3253 189.48 -128.86 53.26
CA VAL A 3253 189.15 -128.42 51.87
C VAL A 3253 188.41 -129.59 51.18
N PHE A 3254 187.35 -129.28 50.41
CA PHE A 3254 186.46 -130.26 49.76
C PHE A 3254 186.42 -130.00 48.25
N ASN A 3255 186.69 -131.04 47.46
CA ASN A 3255 186.84 -130.94 45.99
C ASN A 3255 185.45 -130.73 45.37
N LYS A 3256 185.39 -129.94 44.30
CA LYS A 3256 184.16 -129.60 43.52
C LYS A 3256 184.24 -130.27 42.14
N LYS A 3257 183.34 -131.23 41.88
CA LYS A 3257 183.12 -131.81 40.53
C LYS A 3257 184.40 -132.55 40.11
N GLU A 3258 185.00 -132.22 38.97
CA GLU A 3258 186.27 -132.80 38.45
C GLU A 3258 187.43 -131.82 38.71
N GLY A 3259 187.20 -130.51 38.53
CA GLY A 3259 188.19 -129.44 38.75
C GLY A 3259 188.72 -129.45 40.17
N LYS A 3260 189.97 -129.86 40.36
CA LYS A 3260 190.67 -129.95 41.68
C LYS A 3260 190.89 -128.54 42.22
N ALA A 3261 189.83 -127.91 42.76
CA ALA A 3261 189.84 -126.55 43.36
C ALA A 3261 189.94 -126.67 44.88
N VAL A 3262 190.62 -125.72 45.52
CA VAL A 3262 190.90 -125.70 46.99
C VAL A 3262 190.33 -124.40 47.56
N LEU A 3263 189.35 -124.53 48.48
CA LEU A 3263 188.58 -123.40 49.08
C LEU A 3263 188.60 -123.54 50.61
N PHE A 3264 188.46 -122.41 51.30
CA PHE A 3264 188.54 -122.26 52.78
C PHE A 3264 187.14 -121.93 53.30
N LEU A 3265 186.55 -122.83 54.10
CA LEU A 3265 185.17 -122.66 54.64
C LEU A 3265 185.08 -123.23 56.07
N LYS A 3266 184.12 -122.73 56.84
CA LYS A 3266 183.89 -123.06 58.27
C LYS A 3266 183.51 -124.54 58.42
N GLU A 3267 183.10 -125.19 57.33
CA GLU A 3267 182.81 -126.65 57.25
C GLU A 3267 181.52 -126.94 58.01
N SER A 3268 180.88 -128.06 57.68
CA SER A 3268 179.62 -128.55 58.29
C SER A 3268 179.70 -128.59 59.82
N TYR A 3269 178.53 -128.65 60.46
CA TYR A 3269 178.32 -129.12 61.85
C TYR A 3269 179.09 -130.42 62.10
N ASP A 3270 179.36 -130.73 63.37
CA ASP A 3270 179.86 -132.06 63.81
C ASP A 3270 178.67 -132.92 64.20
N GLU A 3271 177.83 -132.41 65.12
CA GLU A 3271 176.71 -133.14 65.77
C GLU A 3271 175.44 -132.28 65.85
N SER A 3272 175.28 -131.24 65.02
CA SER A 3272 174.07 -130.38 64.97
C SER A 3272 172.96 -131.06 64.17
N GLY A 3273 173.33 -131.84 63.15
CA GLY A 3273 172.40 -132.52 62.22
C GLY A 3273 171.82 -133.79 62.80
N ILE A 3274 172.62 -134.55 63.57
CA ILE A 3274 172.20 -135.81 64.26
C ILE A 3274 171.05 -135.48 65.23
N GLN A 3275 171.01 -134.25 65.76
CA GLN A 3275 169.93 -133.77 66.67
C GLN A 3275 168.78 -133.13 65.88
N THR A 3276 169.06 -132.47 64.73
CA THR A 3276 168.02 -131.83 63.88
C THR A 3276 167.23 -132.92 63.13
N LEU A 3277 167.94 -133.86 62.50
CA LEU A 3277 167.39 -135.06 61.80
C LEU A 3277 166.36 -135.77 62.70
N GLY A 3278 166.84 -136.42 63.77
CA GLY A 3278 166.06 -137.31 64.65
C GLY A 3278 164.83 -136.65 65.24
N ASP A 3279 164.82 -135.32 65.35
CA ASP A 3279 163.61 -134.52 65.67
C ASP A 3279 162.61 -134.69 64.52
N MET A 3280 161.48 -135.32 64.81
CA MET A 3280 160.36 -135.55 63.84
C MET A 3280 159.79 -134.21 63.38
N ASN A 3281 159.87 -133.17 64.22
CA ASN A 3281 159.29 -131.82 63.96
C ASN A 3281 160.08 -131.10 62.84
N PHE A 3282 161.19 -131.66 62.36
CA PHE A 3282 162.01 -131.13 61.23
C PHE A 3282 161.10 -130.43 60.21
N MET A 3283 160.07 -131.12 59.72
CA MET A 3283 159.08 -130.58 58.74
C MET A 3283 158.37 -129.35 59.32
N LYS A 3284 157.85 -129.47 60.56
CA LYS A 3284 157.08 -128.40 61.27
C LYS A 3284 157.94 -127.14 61.39
N LYS A 3285 159.22 -127.30 61.74
CA LYS A 3285 160.19 -126.20 61.92
C LYS A 3285 160.42 -125.47 60.60
N LEU A 3286 160.55 -126.21 59.48
CA LEU A 3286 160.78 -125.63 58.14
C LEU A 3286 159.48 -124.99 57.62
N LYS A 3287 158.38 -125.75 57.61
CA LYS A 3287 157.10 -125.38 56.95
C LYS A 3287 156.57 -124.04 57.49
N GLU A 3288 156.76 -123.78 58.78
CA GLU A 3288 156.32 -122.53 59.47
C GLU A 3288 157.56 -121.65 59.73
N PHE A 3289 157.53 -120.39 59.29
CA PHE A 3289 158.51 -119.33 59.67
C PHE A 3289 157.78 -118.03 60.01
N GLU A 3290 158.34 -117.29 60.96
CA GLU A 3290 157.84 -115.97 61.42
C GLU A 3290 158.03 -114.97 60.28
N LYS A 3291 156.96 -114.24 59.92
CA LYS A 3291 156.95 -113.22 58.85
C LYS A 3291 157.52 -111.91 59.43
N ASP A 3292 158.14 -111.10 58.56
CA ASP A 3292 158.80 -109.82 58.92
C ASP A 3292 159.93 -110.10 59.91
N SER A 3293 160.70 -111.17 59.68
CA SER A 3293 161.87 -111.60 60.50
C SER A 3293 163.14 -110.94 59.95
N ILE A 3294 163.70 -109.97 60.67
CA ILE A 3294 164.82 -109.10 60.20
C ILE A 3294 166.10 -109.94 60.21
N ASN A 3295 166.29 -110.76 61.25
CA ASN A 3295 167.32 -111.84 61.30
C ASN A 3295 168.71 -111.26 60.97
N GLU A 3296 168.99 -110.01 61.39
CA GLU A 3296 170.29 -109.32 61.14
C GLU A 3296 171.43 -110.14 61.76
N GLU A 3297 171.14 -110.88 62.85
CA GLU A 3297 172.08 -111.79 63.54
C GLU A 3297 172.53 -112.89 62.57
N THR A 3298 171.59 -113.47 61.82
CA THR A 3298 171.79 -114.64 60.92
C THR A 3298 172.36 -114.18 59.57
N ILE A 3299 171.83 -113.09 59.01
CA ILE A 3299 172.25 -112.53 57.68
C ILE A 3299 173.73 -112.13 57.73
N GLU A 3300 174.20 -111.67 58.90
CA GLU A 3300 175.63 -111.36 59.16
C GLU A 3300 176.45 -112.66 59.15
N LEU A 3301 175.94 -113.72 59.78
CA LEU A 3301 176.57 -115.07 59.80
C LEU A 3301 176.49 -115.71 58.40
N LEU A 3302 175.46 -115.36 57.62
CA LEU A 3302 175.17 -115.94 56.28
C LEU A 3302 175.93 -115.16 55.18
N GLU A 3303 176.34 -113.92 55.46
CA GLU A 3303 177.09 -113.01 54.54
C GLU A 3303 178.27 -113.74 53.88
N PRO A 3304 179.13 -114.51 54.62
CA PRO A 3304 180.18 -115.32 54.00
C PRO A 3304 179.72 -116.20 52.83
N TYR A 3305 178.56 -116.85 53.00
CA TYR A 3305 177.99 -117.85 52.08
C TYR A 3305 177.35 -117.16 50.86
N LEU A 3306 177.04 -115.86 50.95
CA LEU A 3306 176.42 -115.06 49.86
C LEU A 3306 177.47 -114.65 48.83
N ASN A 3307 178.69 -114.28 49.26
CA ASN A 3307 179.80 -113.91 48.36
C ASN A 3307 180.29 -115.17 47.62
N GLN A 3308 180.26 -116.34 48.28
CA GLN A 3308 180.65 -117.65 47.72
C GLN A 3308 179.48 -118.30 46.97
N SER A 3309 178.25 -117.83 47.20
CA SER A 3309 176.97 -118.39 46.65
C SER A 3309 177.18 -119.04 45.28
N GLU A 3310 177.81 -118.32 44.34
CA GLU A 3310 177.98 -118.73 42.92
C GLU A 3310 178.86 -119.99 42.78
N ASP A 3311 179.78 -120.24 43.72
CA ASP A 3311 180.74 -121.37 43.67
C ASP A 3311 180.02 -122.69 43.98
N TRP A 3312 179.62 -122.89 45.24
CA TRP A 3312 178.96 -124.13 45.74
C TRP A 3312 177.44 -124.06 45.52
N PHE A 3313 176.81 -122.99 46.00
CA PHE A 3313 175.35 -122.90 46.26
C PHE A 3313 174.58 -122.58 44.98
N ASN A 3314 175.25 -122.55 43.82
CA ASN A 3314 174.61 -122.53 42.48
C ASN A 3314 173.73 -123.78 42.32
N ASP A 3315 172.60 -123.64 41.63
CA ASP A 3315 171.61 -124.73 41.38
C ASP A 3315 172.28 -125.88 40.61
N THR A 3316 173.13 -125.54 39.63
CA THR A 3316 173.78 -126.51 38.69
C THR A 3316 174.82 -127.38 39.42
N PHE A 3317 175.39 -126.91 40.54
CA PHE A 3317 176.27 -127.71 41.44
C PHE A 3317 175.44 -128.40 42.53
N ALA A 3318 174.22 -127.90 42.80
CA ALA A 3318 173.28 -128.39 43.83
C ALA A 3318 172.58 -129.67 43.33
N THR A 3319 171.87 -129.56 42.19
CA THR A 3319 171.12 -130.67 41.53
C THR A 3319 172.06 -131.85 41.25
N LYS A 3320 173.33 -131.56 40.93
CA LYS A 3320 174.38 -132.56 40.62
C LYS A 3320 174.71 -133.38 41.88
N ALA A 3321 174.81 -132.72 43.05
CA ALA A 3321 175.10 -133.36 44.36
C ALA A 3321 173.96 -134.30 44.74
N SER A 3322 172.71 -133.86 44.52
CA SER A 3322 171.45 -134.67 44.53
C SER A 3322 170.25 -133.75 44.21
N LYS A 3323 169.06 -134.31 43.98
CA LYS A 3323 167.83 -133.55 43.64
C LYS A 3323 167.28 -132.87 44.90
N ALA A 3324 167.14 -133.63 45.99
CA ALA A 3324 166.78 -133.11 47.34
C ALA A 3324 167.62 -131.87 47.64
N ALA A 3325 168.94 -132.05 47.79
CA ALA A 3325 169.96 -131.00 48.01
C ALA A 3325 169.55 -129.70 47.31
N ALA A 3326 169.26 -129.76 46.01
CA ALA A 3326 168.89 -128.60 45.17
C ALA A 3326 167.66 -127.90 45.75
N GLY A 3327 166.61 -128.67 46.05
CA GLY A 3327 165.40 -128.18 46.72
C GLY A 3327 165.73 -127.49 48.03
N ILE A 3328 166.61 -128.07 48.85
CA ILE A 3328 167.04 -127.50 50.16
C ILE A 3328 167.86 -126.23 49.87
N LEU A 3329 168.69 -126.23 48.81
CA LEU A 3329 169.44 -125.02 48.40
C LEU A 3329 168.51 -124.01 47.73
N LYS A 3330 167.41 -124.48 47.15
CA LYS A 3330 166.28 -123.61 46.72
C LYS A 3330 165.48 -123.18 47.96
N TRP A 3331 165.37 -124.06 48.95
CA TRP A 3331 164.70 -123.80 50.26
C TRP A 3331 165.42 -122.67 50.99
N ALA A 3332 166.74 -122.85 51.23
CA ALA A 3332 167.62 -121.92 51.98
C ALA A 3332 167.61 -120.54 51.32
N PHE A 3333 167.85 -120.50 50.01
CA PHE A 3333 167.88 -119.25 49.19
C PHE A 3333 166.50 -118.59 49.18
N ALA A 3334 165.44 -119.36 48.89
CA ALA A 3334 164.06 -118.84 48.82
C ALA A 3334 163.77 -117.97 50.05
N ILE A 3335 164.08 -118.46 51.24
CA ILE A 3335 163.87 -117.71 52.52
C ILE A 3335 164.72 -116.43 52.50
N TYR A 3336 165.97 -116.48 52.02
CA TYR A 3336 166.87 -115.31 51.91
C TYR A 3336 166.27 -114.24 50.99
N GLU A 3337 165.70 -114.66 49.86
CA GLU A 3337 165.00 -113.74 48.94
C GLU A 3337 163.83 -113.13 49.72
N TYR A 3338 162.86 -113.96 50.14
CA TYR A 3338 161.63 -113.55 50.88
C TYR A 3338 161.98 -112.48 51.92
N HIS A 3339 162.96 -112.79 52.78
CA HIS A 3339 163.45 -111.91 53.87
C HIS A 3339 163.86 -110.55 53.30
N GLN A 3340 164.65 -110.53 52.22
CA GLN A 3340 165.14 -109.30 51.53
C GLN A 3340 163.96 -108.49 51.00
N LYS A 3341 162.94 -109.18 50.48
CA LYS A 3341 161.72 -108.54 49.92
C LYS A 3341 160.91 -107.92 51.07
N SER A 3342 160.69 -108.68 52.15
CA SER A 3342 160.04 -108.20 53.40
C SER A 3342 160.83 -107.03 54.01
N LYS A 3343 162.16 -107.00 53.84
CA LYS A 3343 163.06 -105.92 54.31
C LYS A 3343 163.07 -104.74 53.32
N ILE A 3344 162.55 -104.92 52.10
CA ILE A 3344 162.26 -103.80 51.14
C ILE A 3344 160.79 -103.37 51.31
N VAL A 3345 159.89 -104.30 51.65
CA VAL A 3345 158.45 -104.01 51.92
C VAL A 3345 158.38 -102.96 53.04
N LYS A 3346 158.76 -103.33 54.27
CA LYS A 3346 158.58 -102.53 55.50
C LYS A 3346 159.02 -101.08 55.27
N PRO A 3347 160.31 -100.79 54.95
CA PRO A 3347 160.77 -99.41 54.75
C PRO A 3347 160.04 -98.62 53.66
N LYS A 3348 160.02 -99.14 52.42
CA LYS A 3348 159.42 -98.47 51.23
C LYS A 3348 157.89 -98.43 51.35
N ARG A 3349 157.29 -99.33 52.15
CA ARG A 3349 155.84 -99.36 52.45
C ARG A 3349 155.51 -98.46 53.66
N ILE A 3350 156.44 -98.28 54.59
CA ILE A 3350 156.30 -97.34 55.75
C ILE A 3350 156.35 -95.90 55.21
N GLN A 3351 157.36 -95.58 54.40
CA GLN A 3351 157.50 -94.27 53.70
C GLN A 3351 156.23 -93.98 52.89
N VAL A 3352 155.63 -95.02 52.29
CA VAL A 3352 154.30 -95.00 51.61
C VAL A 3352 153.23 -94.59 52.62
N ALA A 3353 153.09 -95.36 53.70
CA ALA A 3353 152.04 -95.22 54.75
C ALA A 3353 152.12 -93.85 55.43
N ILE A 3354 153.35 -93.32 55.60
CA ILE A 3354 153.60 -91.94 56.15
C ILE A 3354 153.06 -90.92 55.13
N ALA A 3355 153.55 -90.98 53.88
CA ALA A 3355 153.13 -90.11 52.75
C ALA A 3355 151.60 -90.13 52.67
N GLU A 3356 150.99 -91.33 52.60
CA GLU A 3356 149.53 -91.56 52.57
C GLU A 3356 148.83 -90.76 53.68
N GLY A 3357 149.38 -90.81 54.90
CA GLY A 3357 148.90 -90.04 56.08
C GLY A 3357 148.98 -88.54 55.86
N ARG A 3358 150.08 -88.06 55.27
CA ARG A 3358 150.33 -86.61 54.98
C ARG A 3358 149.35 -86.10 53.92
N GLN A 3359 149.06 -86.91 52.89
CA GLN A 3359 148.07 -86.61 51.82
C GLN A 3359 146.67 -86.46 52.44
N ALA A 3360 146.24 -87.46 53.21
CA ALA A 3360 144.92 -87.52 53.89
C ALA A 3360 144.71 -86.26 54.74
N ILE A 3361 145.73 -85.81 55.46
CA ILE A 3361 145.72 -84.56 56.28
C ILE A 3361 145.60 -83.35 55.34
N ALA A 3362 146.39 -83.30 54.26
CA ALA A 3362 146.43 -82.20 53.27
C ALA A 3362 145.07 -82.07 52.56
N LEU A 3363 144.38 -83.19 52.31
CA LEU A 3363 143.04 -83.23 51.67
C LEU A 3363 141.98 -82.65 52.63
N LYS A 3364 142.05 -83.01 53.91
CA LYS A 3364 141.16 -82.48 54.99
C LYS A 3364 141.32 -80.96 55.08
N GLU A 3365 142.57 -80.48 55.16
CA GLU A 3365 142.94 -79.04 55.16
C GLU A 3365 142.37 -78.36 53.91
N LEU A 3366 142.52 -78.99 52.74
CA LEU A 3366 141.97 -78.53 51.43
C LEU A 3366 140.44 -78.43 51.53
N GLU A 3367 139.80 -79.45 52.08
CA GLU A 3367 138.33 -79.52 52.32
C GLU A 3367 137.89 -78.31 53.15
N LYS A 3368 138.53 -78.10 54.30
CA LYS A 3368 138.22 -77.01 55.28
C LYS A 3368 138.36 -75.64 54.62
N ALA A 3369 139.39 -75.46 53.77
CA ALA A 3369 139.67 -74.20 53.04
C ALA A 3369 138.51 -73.90 52.07
N ARG A 3370 138.10 -74.88 51.27
CA ARG A 3370 137.01 -74.76 50.26
C ARG A 3370 135.69 -74.36 50.96
N GLU A 3371 135.39 -74.97 52.11
CA GLU A 3371 134.19 -74.66 52.95
C GLU A 3371 134.22 -73.18 53.35
N ASP A 3372 135.34 -72.72 53.92
CA ASP A 3372 135.56 -71.33 54.37
C ASP A 3372 135.53 -70.39 53.17
N LEU A 3373 136.08 -70.81 52.02
CA LEU A 3373 136.05 -70.07 50.72
C LEU A 3373 134.58 -69.89 50.28
N ALA A 3374 133.82 -70.99 50.28
CA ALA A 3374 132.37 -71.03 49.97
C ALA A 3374 131.59 -70.15 50.94
N GLN A 3375 131.92 -70.23 52.24
CA GLN A 3375 131.32 -69.39 53.32
C GLN A 3375 131.44 -67.91 52.95
N ILE A 3376 132.67 -67.42 52.74
CA ILE A 3376 132.98 -65.98 52.50
C ILE A 3376 132.27 -65.49 51.23
N GLN A 3377 132.27 -66.29 50.16
CA GLN A 3377 131.55 -65.98 48.89
C GLN A 3377 130.07 -65.66 49.20
N ALA A 3378 129.45 -66.42 50.12
CA ALA A 3378 128.06 -66.22 50.58
C ALA A 3378 127.97 -64.86 51.31
N TYR A 3379 128.85 -64.61 52.28
CA TYR A 3379 128.94 -63.34 53.07
C TYR A 3379 129.23 -62.18 52.12
N ILE A 3380 130.23 -62.35 51.26
CA ILE A 3380 130.65 -61.37 50.20
C ILE A 3380 129.43 -60.88 49.42
N LYS A 3381 128.64 -61.82 48.89
CA LYS A 3381 127.45 -61.56 48.04
C LYS A 3381 126.35 -60.87 48.88
N ASN A 3382 126.12 -61.34 50.11
CA ASN A 3382 125.11 -60.77 51.05
C ASN A 3382 125.39 -59.28 51.27
N LEU A 3383 126.66 -58.94 51.56
CA LEU A 3383 127.11 -57.57 51.90
C LEU A 3383 127.02 -56.65 50.68
N LYS A 3384 127.25 -57.18 49.47
CA LYS A 3384 127.02 -56.48 48.18
C LYS A 3384 125.53 -56.18 48.03
N ASP A 3385 124.67 -57.18 48.26
CA ASP A 3385 123.19 -57.08 48.14
C ASP A 3385 122.65 -56.05 49.14
N VAL A 3386 123.19 -56.01 50.36
CA VAL A 3386 122.83 -55.01 51.41
C VAL A 3386 123.28 -53.62 50.94
N TYR A 3387 124.48 -53.53 50.36
CA TYR A 3387 125.08 -52.29 49.79
C TYR A 3387 124.13 -51.71 48.72
N THR A 3388 123.73 -52.53 47.76
CA THR A 3388 122.82 -52.16 46.63
C THR A 3388 121.49 -51.65 47.18
N LYS A 3389 120.94 -52.34 48.20
CA LYS A 3389 119.67 -51.96 48.88
C LYS A 3389 119.82 -50.59 49.55
N GLN A 3390 120.94 -50.37 50.26
CA GLN A 3390 121.27 -49.11 50.98
C GLN A 3390 121.37 -47.94 49.98
N MET A 3391 121.93 -48.18 48.79
CA MET A 3391 122.08 -47.17 47.70
C MET A 3391 120.70 -46.81 47.13
N GLU A 3392 119.87 -47.82 46.84
CA GLU A 3392 118.49 -47.66 46.31
C GLU A 3392 117.65 -46.84 47.29
N GLU A 3393 117.72 -47.17 48.59
CA GLU A 3393 117.09 -46.41 49.70
C GLU A 3393 117.56 -44.96 49.65
N LYS A 3394 118.89 -44.76 49.57
CA LYS A 3394 119.56 -43.43 49.51
C LYS A 3394 118.97 -42.60 48.35
N ASN A 3395 118.82 -43.20 47.17
CA ASN A 3395 118.29 -42.54 45.94
C ASN A 3395 116.84 -42.12 46.15
N GLU A 3396 115.99 -43.03 46.67
CA GLU A 3396 114.55 -42.79 46.95
C GLU A 3396 114.38 -41.60 47.90
N LEU A 3397 115.17 -41.57 48.98
CA LEU A 3397 115.15 -40.49 50.01
C LEU A 3397 115.58 -39.16 49.38
N GLU A 3398 116.61 -39.18 48.51
CA GLU A 3398 117.12 -38.00 47.75
C GLU A 3398 116.02 -37.45 46.83
N MET A 3399 115.28 -38.33 46.16
CA MET A 3399 114.17 -37.96 45.23
C MET A 3399 113.02 -37.33 46.04
N LYS A 3400 112.66 -37.91 47.18
CA LYS A 3400 111.65 -37.36 48.13
C LYS A 3400 112.14 -35.99 48.65
N ALA A 3401 113.42 -35.90 49.03
CA ALA A 3401 114.08 -34.68 49.56
C ALA A 3401 114.06 -33.55 48.52
N ALA A 3402 114.14 -33.89 47.23
CA ALA A 3402 114.09 -32.94 46.10
C ALA A 3402 112.65 -32.42 45.90
N LYS A 3403 111.65 -33.32 45.93
CA LYS A 3403 110.21 -33.01 45.74
C LYS A 3403 109.72 -32.07 46.87
N THR A 3404 110.05 -32.41 48.12
CA THR A 3404 109.72 -31.64 49.34
C THR A 3404 110.28 -30.21 49.25
N LYS A 3405 111.51 -30.05 48.73
CA LYS A 3405 112.19 -28.74 48.53
C LYS A 3405 111.46 -27.91 47.46
N LYS A 3406 110.98 -28.56 46.39
CA LYS A 3406 110.20 -27.90 45.30
C LYS A 3406 108.85 -27.42 45.84
N LYS A 3407 108.19 -28.26 46.65
CA LYS A 3407 106.96 -27.91 47.42
C LYS A 3407 107.29 -26.74 48.36
N ILE A 3408 108.43 -26.83 49.06
CA ILE A 3408 109.00 -25.77 49.95
C ILE A 3408 109.05 -24.43 49.21
N ASN A 3409 109.75 -24.39 48.07
CA ASN A 3409 110.05 -23.17 47.28
C ASN A 3409 108.74 -22.59 46.70
N THR A 3410 107.91 -23.44 46.08
CA THR A 3410 106.61 -23.07 45.45
C THR A 3410 105.69 -22.40 46.48
N ALA A 3411 105.73 -22.82 47.75
CA ALA A 3411 104.89 -22.31 48.85
C ALA A 3411 105.37 -20.91 49.26
N ARG A 3412 106.68 -20.72 49.41
CA ARG A 3412 107.31 -19.42 49.76
C ARG A 3412 106.96 -18.37 48.71
N THR A 3413 107.00 -18.73 47.42
CA THR A 3413 106.67 -17.84 46.27
C THR A 3413 105.19 -17.42 46.32
N LEU A 3414 104.31 -18.29 46.81
CA LEU A 3414 102.86 -18.00 46.97
C LEU A 3414 102.64 -17.07 48.18
N ILE A 3415 103.30 -17.33 49.31
CA ILE A 3415 103.19 -16.55 50.59
C ILE A 3415 103.57 -15.08 50.32
N THR A 3416 104.64 -14.84 49.55
CA THR A 3416 105.09 -13.48 49.13
C THR A 3416 104.03 -12.86 48.21
N SER A 3417 103.49 -13.64 47.27
CA SER A 3417 102.52 -13.19 46.22
C SER A 3417 101.16 -12.87 46.83
N LEU A 3418 100.60 -13.80 47.62
CA LEU A 3418 99.23 -13.71 48.20
C LEU A 3418 99.13 -12.52 49.16
N SER A 3419 100.05 -12.43 50.14
CA SER A 3419 100.19 -11.29 51.09
C SER A 3419 100.24 -9.97 50.32
N GLY A 3420 100.90 -9.95 49.15
CA GLY A 3420 100.88 -8.84 48.18
C GLY A 3420 99.48 -8.57 47.64
N GLU A 3421 98.79 -9.63 47.19
CA GLU A 3421 97.40 -9.59 46.64
C GLU A 3421 96.39 -9.20 47.73
N LYS A 3422 96.57 -9.69 48.96
CA LYS A 3422 95.74 -9.31 50.14
C LYS A 3422 95.88 -7.80 50.38
N ASP A 3423 97.12 -7.29 50.40
CA ASP A 3423 97.48 -5.88 50.74
C ASP A 3423 96.99 -4.91 49.67
N ARG A 3424 96.75 -5.37 48.44
CA ARG A 3424 96.10 -4.58 47.36
C ARG A 3424 94.59 -4.55 47.61
N TRP A 3425 93.98 -5.71 47.91
CA TRP A 3425 92.55 -5.82 48.26
C TRP A 3425 92.29 -4.95 49.51
N GLY A 3426 92.94 -5.30 50.62
CA GLY A 3426 92.83 -4.58 51.90
C GLY A 3426 92.77 -3.08 51.67
N LYS A 3427 93.81 -2.54 51.03
CA LYS A 3427 94.03 -1.07 50.88
C LYS A 3427 92.87 -0.44 50.10
N GLY A 3428 92.29 -1.17 49.13
CA GLY A 3428 91.12 -0.71 48.36
C GLY A 3428 89.86 -0.71 49.19
N ALA A 3429 89.59 -1.80 49.93
CA ALA A 3429 88.45 -1.94 50.87
C ALA A 3429 88.51 -0.85 51.95
N GLN A 3430 89.72 -0.61 52.49
CA GLN A 3430 90.00 0.46 53.50
C GLN A 3430 89.69 1.84 52.91
N ASP A 3431 89.86 2.01 51.59
CA ASP A 3431 89.55 3.26 50.85
C ASP A 3431 88.05 3.33 50.56
N ILE A 3432 87.41 2.20 50.20
CA ILE A 3432 85.94 2.13 49.96
C ILE A 3432 85.19 2.32 51.28
N SER A 3433 85.67 1.69 52.37
CA SER A 3433 85.15 1.86 53.75
C SER A 3433 85.28 3.33 54.17
N ASP A 3434 86.47 3.92 53.98
CA ASP A 3434 86.76 5.36 54.23
C ASP A 3434 85.87 6.25 53.35
N GLN A 3435 85.59 5.84 52.10
CA GLN A 3435 84.72 6.60 51.16
C GLN A 3435 83.27 6.58 51.64
N LYS A 3436 82.82 5.49 52.26
CA LYS A 3436 81.45 5.36 52.83
C LYS A 3436 81.34 6.25 54.09
N ARG A 3437 82.37 6.26 54.94
CA ARG A 3437 82.43 7.14 56.15
C ARG A 3437 82.33 8.60 55.71
N LYS A 3438 83.00 8.98 54.63
CA LYS A 3438 83.08 10.37 54.12
C LYS A 3438 81.85 10.71 53.27
N LEU A 3439 81.01 9.72 52.93
CA LEU A 3439 79.87 9.87 51.98
C LEU A 3439 78.81 10.85 52.53
N VAL A 3440 78.55 10.81 53.83
CA VAL A 3440 77.48 11.60 54.54
C VAL A 3440 77.66 13.08 54.25
N GLY A 3441 78.90 13.59 54.40
CA GLY A 3441 79.29 14.97 54.06
C GLY A 3441 79.34 15.15 52.54
N ASN A 3442 80.07 14.27 51.85
CA ASN A 3442 80.29 14.31 50.38
C ASN A 3442 78.96 14.57 49.65
N VAL A 3443 77.92 13.80 49.98
CA VAL A 3443 76.57 13.90 49.36
C VAL A 3443 75.90 15.22 49.77
N SER A 3444 76.08 15.63 51.02
CA SER A 3444 75.50 16.88 51.59
C SER A 3444 76.06 18.09 50.84
N LEU A 3445 77.35 18.04 50.49
CA LEU A 3445 78.08 19.16 49.84
C LEU A 3445 77.77 19.17 48.35
N SER A 3446 77.45 18.01 47.77
CA SER A 3446 77.06 17.84 46.34
C SER A 3446 75.61 18.29 46.14
N THR A 3447 74.68 17.71 46.91
CA THR A 3447 73.21 17.86 46.72
C THR A 3447 72.75 19.27 47.09
N ALA A 3448 73.46 19.93 48.02
CA ALA A 3448 73.25 21.36 48.34
C ALA A 3448 73.54 22.19 47.09
N PHE A 3449 74.63 21.87 46.39
CA PHE A 3449 75.09 22.60 45.17
C PHE A 3449 74.03 22.46 44.05
N ILE A 3450 73.50 21.25 43.86
CA ILE A 3450 72.55 20.91 42.75
C ILE A 3450 71.26 21.73 42.90
N SER A 3451 70.70 21.76 44.12
CA SER A 3451 69.35 22.28 44.42
C SER A 3451 69.36 23.82 44.49
N TYR A 3452 70.37 24.43 45.12
CA TYR A 3452 70.39 25.87 45.52
C TYR A 3452 71.30 26.72 44.62
N CYS A 3453 72.50 26.25 44.26
CA CYS A 3453 73.58 27.07 43.66
C CYS A 3453 73.30 27.41 42.19
N GLY A 3454 72.33 26.73 41.55
CA GLY A 3454 71.99 26.90 40.13
C GLY A 3454 71.83 28.37 39.71
N PRO A 3455 70.91 29.13 40.33
CA PRO A 3455 70.55 30.47 39.83
C PRO A 3455 71.64 31.55 39.91
N PHE A 3456 72.74 31.28 40.65
CA PHE A 3456 73.86 32.22 40.90
C PHE A 3456 74.90 32.14 39.78
N ASN A 3457 75.76 33.17 39.69
CA ASN A 3457 76.92 33.25 38.77
C ASN A 3457 78.11 32.47 39.35
N ALA A 3458 79.17 32.29 38.58
CA ALA A 3458 80.35 31.43 38.87
C ALA A 3458 81.03 31.85 40.17
N GLU A 3459 81.15 33.17 40.40
CA GLU A 3459 81.79 33.77 41.60
C GLU A 3459 81.04 33.32 42.87
N TYR A 3460 79.71 33.39 42.84
CA TYR A 3460 78.83 33.20 44.04
C TYR A 3460 78.61 31.71 44.31
N ARG A 3461 78.68 30.84 43.29
CA ARG A 3461 78.58 29.37 43.47
C ARG A 3461 79.79 28.88 44.28
N ASN A 3462 80.96 29.46 44.05
CA ASN A 3462 82.18 29.22 44.87
C ASN A 3462 81.91 29.74 46.29
N LYS A 3463 81.42 30.97 46.42
CA LYS A 3463 81.13 31.62 47.72
C LYS A 3463 80.12 30.77 48.50
N LEU A 3464 79.06 30.32 47.83
CA LEU A 3464 77.91 29.60 48.43
C LEU A 3464 78.29 28.15 48.77
N ALA A 3465 79.35 27.59 48.15
CA ALA A 3465 79.76 26.18 48.31
C ALA A 3465 81.13 26.05 48.99
N GLN A 3466 82.18 26.63 48.39
CA GLN A 3466 83.60 26.44 48.82
C GLN A 3466 83.92 27.31 50.06
N GLN A 3467 83.27 28.47 50.21
CA GLN A 3467 83.51 29.43 51.33
C GLN A 3467 82.49 29.24 52.45
N ARG A 3468 81.23 28.87 52.13
CA ARG A 3468 80.12 28.83 53.12
C ARG A 3468 79.90 27.39 53.62
N PHE A 3469 79.55 26.45 52.75
CA PHE A 3469 79.17 25.06 53.13
C PHE A 3469 80.39 24.29 53.65
N VAL A 3470 81.53 24.31 52.94
CA VAL A 3470 82.79 23.61 53.32
C VAL A 3470 83.23 24.06 54.72
N VAL A 3471 83.10 25.34 55.02
CA VAL A 3471 83.44 25.95 56.36
C VAL A 3471 82.53 25.33 57.43
N ASP A 3472 81.24 25.17 57.11
CA ASP A 3472 80.20 24.64 58.03
C ASP A 3472 80.49 23.17 58.38
N MET A 3473 80.83 22.35 57.37
CA MET A 3473 81.14 20.90 57.51
C MET A 3473 82.23 20.68 58.57
N LYS A 3474 83.41 21.28 58.37
CA LYS A 3474 84.61 21.14 59.23
C LYS A 3474 84.26 21.46 60.68
N LYS A 3475 83.47 22.51 60.90
CA LYS A 3475 83.03 22.99 62.24
C LYS A 3475 82.08 21.96 62.88
N ARG A 3476 81.06 21.50 62.13
CA ARG A 3476 80.02 20.54 62.59
C ARG A 3476 80.63 19.17 62.91
N GLY A 3477 81.70 18.78 62.21
CA GLY A 3477 82.34 17.45 62.36
C GLY A 3477 81.63 16.40 61.53
N VAL A 3478 81.10 16.79 60.36
CA VAL A 3478 80.49 15.87 59.36
C VAL A 3478 81.64 15.32 58.51
N PRO A 3479 81.80 13.98 58.37
CA PRO A 3479 82.96 13.43 57.67
C PRO A 3479 82.82 13.71 56.16
N VAL A 3480 83.73 14.51 55.61
CA VAL A 3480 83.76 14.95 54.18
C VAL A 3480 85.21 14.88 53.68
N THR A 3481 85.41 14.54 52.40
CA THR A 3481 86.73 14.56 51.72
C THR A 3481 87.18 16.02 51.62
N PRO A 3482 88.45 16.36 51.99
CA PRO A 3482 88.86 17.75 52.15
C PRO A 3482 88.73 18.58 50.87
N GLY A 3483 89.24 18.05 49.74
CA GLY A 3483 89.18 18.70 48.41
C GLY A 3483 87.78 18.66 47.84
N LEU A 3484 87.20 17.47 47.71
CA LEU A 3484 85.87 17.16 47.11
C LEU A 3484 85.66 18.01 45.86
N GLU A 3485 86.29 17.62 44.75
CA GLU A 3485 86.02 18.19 43.40
C GLU A 3485 84.65 17.68 42.95
N LEU A 3486 83.66 18.58 42.85
CA LEU A 3486 82.24 18.27 42.53
C LEU A 3486 82.17 17.47 41.22
N THR A 3487 82.72 18.03 40.14
CA THR A 3487 82.67 17.49 38.75
C THR A 3487 83.10 16.02 38.73
N SER A 3488 84.15 15.65 39.48
CA SER A 3488 84.71 14.27 39.56
C SER A 3488 83.72 13.34 40.28
N PHE A 3489 83.17 13.77 41.41
CA PHE A 3489 82.33 12.96 42.33
C PHE A 3489 81.01 12.57 41.64
N LEU A 3490 80.27 13.56 41.15
CA LEU A 3490 78.86 13.40 40.68
C LEU A 3490 78.81 12.65 39.34
N ILE A 3491 79.72 12.98 38.42
CA ILE A 3491 79.67 12.46 37.01
C ILE A 3491 81.08 12.00 36.58
N ASP A 3492 81.14 10.99 35.70
CA ASP A 3492 82.40 10.40 35.15
C ASP A 3492 83.05 11.40 34.20
N ASP A 3493 84.34 11.23 33.92
CA ASP A 3493 85.15 12.14 33.06
C ASP A 3493 84.75 11.95 31.58
N ALA A 3494 84.24 10.75 31.22
CA ALA A 3494 83.78 10.40 29.86
C ALA A 3494 82.54 11.23 29.48
N THR A 3495 81.54 11.29 30.36
CA THR A 3495 80.22 11.96 30.16
C THR A 3495 80.39 13.48 30.03
N ILE A 3496 81.42 14.05 30.67
CA ILE A 3496 81.84 15.49 30.49
C ILE A 3496 82.29 15.66 29.04
N GLY A 3497 83.14 14.74 28.56
CA GLY A 3497 83.59 14.65 27.16
C GLY A 3497 82.43 14.62 26.18
N GLU A 3498 81.36 13.89 26.50
CA GLU A 3498 80.16 13.74 25.64
C GLU A 3498 79.41 15.08 25.53
N TRP A 3499 79.19 15.77 26.65
CA TRP A 3499 78.49 17.09 26.69
C TRP A 3499 79.27 18.14 25.87
N ASN A 3500 80.60 18.06 25.87
CA ASN A 3500 81.48 18.93 25.04
C ASN A 3500 81.16 18.70 23.55
N LEU A 3501 80.95 17.45 23.14
CA LEU A 3501 80.58 17.08 21.74
C LEU A 3501 79.15 17.57 21.45
N GLN A 3502 78.25 17.50 22.44
CA GLN A 3502 76.85 18.00 22.35
C GLN A 3502 76.86 19.52 22.17
N GLY A 3503 77.81 20.23 22.79
CA GLY A 3503 77.97 21.69 22.68
C GLY A 3503 77.75 22.42 24.00
N LEU A 3504 77.81 21.71 25.13
CA LEU A 3504 78.01 22.29 26.49
C LEU A 3504 79.47 22.73 26.59
N PRO A 3505 79.78 24.04 26.71
CA PRO A 3505 81.16 24.50 26.69
C PRO A 3505 82.04 23.88 27.79
N LYS A 3506 83.36 23.95 27.61
CA LYS A 3506 84.39 23.30 28.46
C LYS A 3506 84.49 24.00 29.82
N ASP A 3507 84.02 25.25 29.96
CA ASP A 3507 84.16 26.06 31.19
C ASP A 3507 83.44 25.39 32.37
N ASP A 3508 83.95 25.63 33.58
CA ASP A 3508 83.53 24.95 34.84
C ASP A 3508 82.03 25.18 35.10
N LEU A 3509 81.54 26.40 34.88
CA LEU A 3509 80.13 26.80 35.17
C LEU A 3509 79.14 25.94 34.38
N SER A 3510 79.38 25.78 33.06
CA SER A 3510 78.46 25.07 32.14
C SER A 3510 78.44 23.58 32.46
N ILE A 3511 79.60 22.98 32.78
CA ILE A 3511 79.73 21.57 33.25
C ILE A 3511 78.78 21.37 34.44
N GLN A 3512 78.92 22.21 35.48
CA GLN A 3512 78.05 22.22 36.69
C GLN A 3512 76.59 22.37 36.25
N ASN A 3513 76.28 23.30 35.34
CA ASN A 3513 74.92 23.50 34.79
C ASN A 3513 74.43 22.21 34.13
N GLY A 3514 75.33 21.50 33.43
CA GLY A 3514 75.07 20.17 32.85
C GLY A 3514 74.69 19.15 33.91
N ILE A 3515 75.44 19.11 35.02
CA ILE A 3515 75.22 18.16 36.15
C ILE A 3515 73.85 18.44 36.78
N MET A 3516 73.50 19.71 36.98
CA MET A 3516 72.23 20.15 37.60
C MET A 3516 71.03 19.67 36.78
N VAL A 3517 71.13 19.69 35.44
CA VAL A 3517 70.02 19.28 34.53
C VAL A 3517 69.77 17.78 34.65
N THR A 3518 70.83 16.97 34.75
CA THR A 3518 70.76 15.48 34.80
C THR A 3518 70.22 15.02 36.16
N ASN A 3519 70.63 15.68 37.26
CA ASN A 3519 70.46 15.18 38.66
C ASN A 3519 69.23 15.79 39.34
N SER A 3520 68.74 16.96 38.90
CA SER A 3520 67.58 17.67 39.52
C SER A 3520 66.30 16.87 39.28
N ALA A 3521 65.53 16.62 40.36
CA ALA A 3521 64.20 15.97 40.34
C ALA A 3521 63.16 16.96 39.79
N ARG A 3522 63.31 18.25 40.11
CA ARG A 3522 62.45 19.36 39.60
C ARG A 3522 62.85 19.64 38.15
N TYR A 3523 61.91 20.06 37.30
CA TYR A 3523 62.15 20.35 35.86
C TYR A 3523 63.08 21.54 35.74
N PRO A 3524 64.19 21.42 34.98
CA PRO A 3524 65.17 22.51 34.87
C PRO A 3524 64.60 23.70 34.09
N LEU A 3525 64.82 24.91 34.61
CA LEU A 3525 64.61 26.20 33.93
C LEU A 3525 65.98 26.80 33.57
N PHE A 3526 66.11 27.40 32.38
CA PHE A 3526 67.34 28.07 31.89
C PHE A 3526 67.09 29.58 31.78
N ILE A 3527 68.08 30.39 32.19
CA ILE A 3527 68.04 31.88 32.17
C ILE A 3527 68.62 32.40 30.85
N ASP A 3528 69.42 31.59 30.15
CA ASP A 3528 70.29 31.96 28.99
C ASP A 3528 69.65 33.02 28.07
N PRO A 3529 70.17 34.28 28.01
CA PRO A 3529 69.68 35.26 27.04
C PRO A 3529 70.05 34.89 25.59
N GLN A 3530 71.22 34.27 25.40
CA GLN A 3530 71.66 33.63 24.13
C GLN A 3530 71.60 32.11 24.34
N GLY A 3531 70.84 31.41 23.50
CA GLY A 3531 70.52 29.98 23.68
C GLY A 3531 71.75 29.10 23.58
N GLN A 3532 72.63 29.16 24.58
CA GLN A 3532 73.81 28.27 24.74
C GLN A 3532 73.36 27.01 25.49
N GLY A 3533 72.60 27.21 26.58
CA GLY A 3533 71.94 26.14 27.35
C GLY A 3533 70.87 25.43 26.54
N GLN A 3534 70.15 26.15 25.67
CA GLN A 3534 69.12 25.59 24.76
C GLN A 3534 69.82 24.74 23.68
N ASN A 3535 70.81 25.31 22.98
CA ASN A 3535 71.53 24.64 21.86
C ASN A 3535 72.19 23.33 22.34
N TRP A 3536 72.50 23.21 23.64
CA TRP A 3536 73.04 21.96 24.24
C TRP A 3536 71.92 20.92 24.43
N ILE A 3537 70.76 21.34 24.95
CA ILE A 3537 69.61 20.44 25.26
C ILE A 3537 68.85 20.09 23.96
N ARG A 3538 69.18 20.75 22.84
CA ARG A 3538 68.66 20.42 21.49
C ARG A 3538 69.55 19.35 20.85
N ASN A 3539 70.88 19.54 20.90
CA ASN A 3539 71.90 18.61 20.36
C ASN A 3539 71.84 17.30 21.16
N LYS A 3540 71.86 17.39 22.49
CA LYS A 3540 71.54 16.26 23.42
C LYS A 3540 70.03 16.04 23.37
N LEU A 3541 69.57 14.82 23.63
CA LEU A 3541 68.14 14.40 23.56
C LEU A 3541 67.62 14.60 22.12
N SER A 3542 68.48 14.36 21.12
CA SER A 3542 68.17 14.47 19.67
C SER A 3542 67.17 13.38 19.25
N ALA A 3543 67.25 12.21 19.89
CA ALA A 3543 66.37 11.04 19.63
C ALA A 3543 64.94 11.34 20.11
N SER A 3544 64.80 11.82 21.35
CA SER A 3544 63.49 12.02 22.02
C SER A 3544 62.89 13.39 21.70
N ILE A 3545 63.62 14.25 20.98
CA ILE A 3545 63.10 15.55 20.44
C ILE A 3545 62.76 15.38 18.96
N ILE A 3546 61.69 16.04 18.50
CA ILE A 3546 61.29 16.14 17.06
C ILE A 3546 61.28 17.62 16.69
N PRO A 3547 61.64 18.02 15.46
CA PRO A 3547 61.72 19.43 15.09
C PRO A 3547 60.35 20.14 15.17
N GLU A 3548 59.32 19.55 14.54
CA GLU A 3548 57.96 20.13 14.42
C GLU A 3548 57.03 19.50 15.45
N ARG A 3549 56.25 20.33 16.16
CA ARG A 3549 55.22 19.94 17.16
C ARG A 3549 55.90 19.26 18.37
N CYS A 3550 56.86 19.95 18.98
CA CYS A 3550 57.54 19.58 20.26
C CYS A 3550 58.01 20.84 20.98
N ILE A 3551 58.74 21.73 20.28
CA ILE A 3551 59.10 23.10 20.75
C ILE A 3551 57.91 24.03 20.48
N THR A 3552 57.46 24.76 21.51
CA THR A 3552 56.43 25.83 21.43
C THR A 3552 56.85 26.99 22.33
N THR A 3553 56.23 28.15 22.15
CA THR A 3553 56.27 29.30 23.09
C THR A 3553 55.27 29.04 24.21
N LEU A 3554 55.35 29.82 25.29
CA LEU A 3554 54.42 29.79 26.45
C LEU A 3554 52.99 30.04 25.95
N SER A 3555 52.82 31.11 25.15
CA SER A 3555 51.53 31.57 24.56
C SER A 3555 51.39 31.04 23.12
N HIS A 3556 50.42 30.15 22.90
CA HIS A 3556 50.03 29.59 21.58
C HIS A 3556 48.51 29.38 21.59
N PRO A 3557 47.79 29.54 20.44
CA PRO A 3557 46.33 29.36 20.42
C PRO A 3557 45.85 28.11 21.17
N LYS A 3558 46.38 26.94 20.80
CA LYS A 3558 46.12 25.63 21.46
C LYS A 3558 47.44 25.02 21.92
N PHE A 3559 48.16 25.72 22.80
CA PHE A 3559 49.40 25.26 23.50
C PHE A 3559 49.15 23.90 24.16
N LYS A 3560 48.05 23.80 24.91
CA LYS A 3560 47.68 22.65 25.76
C LYS A 3560 47.43 21.40 24.90
N ASP A 3561 46.50 21.49 23.95
CA ASP A 3561 45.95 20.32 23.20
C ASP A 3561 46.94 19.86 22.12
N MET A 3562 47.70 20.77 21.50
CA MET A 3562 48.59 20.48 20.36
C MET A 3562 49.93 19.91 20.87
N PHE A 3563 50.65 20.66 21.70
CA PHE A 3563 52.06 20.40 22.11
C PHE A 3563 52.12 19.59 23.41
N LEU A 3564 51.63 20.19 24.51
CA LEU A 3564 51.74 19.65 25.90
C LEU A 3564 51.09 18.26 25.96
N LYS A 3565 49.81 18.17 25.60
CA LYS A 3565 48.97 16.94 25.64
C LYS A 3565 49.66 15.82 24.84
N TYR A 3566 50.18 16.12 23.64
CA TYR A 3566 50.84 15.16 22.71
C TYR A 3566 52.15 14.65 23.34
N CYS A 3567 52.98 15.56 23.84
CA CYS A 3567 54.37 15.28 24.32
C CYS A 3567 54.35 14.43 25.59
N MET A 3568 53.35 14.62 26.46
CA MET A 3568 53.10 13.78 27.65
C MET A 3568 52.67 12.37 27.19
N GLU A 3569 51.55 12.27 26.47
CA GLU A 3569 50.97 11.00 25.94
C GLU A 3569 52.08 10.14 25.34
N SER A 3570 52.83 10.70 24.38
CA SER A 3570 53.92 10.03 23.63
C SER A 3570 55.13 9.79 24.54
N GLY A 3571 55.52 10.81 25.31
CA GLY A 3571 56.73 10.81 26.15
C GLY A 3571 57.90 11.44 25.43
N LEU A 3572 57.66 12.56 24.74
CA LEU A 3572 58.68 13.33 23.98
C LEU A 3572 59.05 14.57 24.80
N THR A 3573 60.30 15.05 24.64
CA THR A 3573 60.96 16.06 25.51
C THR A 3573 60.66 17.47 25.02
N LEU A 3574 59.52 18.05 25.42
CA LEU A 3574 59.09 19.39 24.93
C LEU A 3574 59.93 20.47 25.61
N ILE A 3575 60.30 21.51 24.87
CA ILE A 3575 61.16 22.64 25.33
C ILE A 3575 60.35 23.94 25.16
N VAL A 3576 59.85 24.48 26.28
CA VAL A 3576 59.06 25.76 26.31
C VAL A 3576 60.02 26.92 26.00
N GLU A 3577 59.71 27.69 24.95
CA GLU A 3577 60.51 28.84 24.45
C GLU A 3577 59.95 30.15 25.02
N ASN A 3578 60.79 31.18 25.16
CA ASN A 3578 60.39 32.58 25.45
C ASN A 3578 59.44 32.63 26.66
N ILE A 3579 59.83 32.01 27.78
CA ILE A 3579 59.02 31.97 29.05
C ILE A 3579 58.69 33.41 29.49
N GLU A 3580 59.62 34.36 29.28
CA GLU A 3580 59.43 35.82 29.50
C GLU A 3580 58.99 36.06 30.95
N ASN A 3581 59.80 35.63 31.92
CA ASN A 3581 59.61 35.87 33.37
C ASN A 3581 58.36 35.12 33.86
N GLU A 3582 57.17 35.68 33.63
CA GLU A 3582 55.88 35.20 34.20
C GLU A 3582 55.48 33.88 33.53
N VAL A 3583 55.30 32.81 34.32
CA VAL A 3583 54.80 31.48 33.85
C VAL A 3583 53.28 31.44 33.98
N ASP A 3584 52.60 30.68 33.12
CA ASP A 3584 51.12 30.50 33.13
C ASP A 3584 50.74 29.60 34.32
N PRO A 3585 49.57 29.82 34.96
CA PRO A 3585 49.16 29.02 36.12
C PRO A 3585 48.62 27.63 35.77
N MET A 3586 48.23 27.39 34.51
CA MET A 3586 47.74 26.08 34.02
C MET A 3586 48.88 25.05 34.00
N MET A 3587 50.14 25.50 33.83
CA MET A 3587 51.35 24.64 33.79
C MET A 3587 51.69 24.11 35.20
N ASP A 3588 51.32 24.85 36.26
CA ASP A 3588 51.66 24.57 37.69
C ASP A 3588 51.58 23.09 38.02
N PRO A 3589 50.43 22.40 37.81
CA PRO A 3589 50.30 20.98 38.18
C PRO A 3589 51.19 19.97 37.44
N VAL A 3590 51.86 20.37 36.36
CA VAL A 3590 52.93 19.59 35.66
C VAL A 3590 54.22 19.72 36.47
N LEU A 3591 54.57 20.97 36.82
CA LEU A 3591 55.82 21.35 37.54
C LEU A 3591 55.83 20.71 38.93
N GLU A 3592 54.69 20.74 39.63
CA GLU A 3592 54.48 20.15 40.98
C GLU A 3592 54.70 18.63 40.94
N ARG A 3593 54.41 18.00 39.80
CA ARG A 3593 54.52 16.52 39.56
C ARG A 3593 53.55 15.77 40.48
N GLN A 3594 52.41 16.38 40.83
CA GLN A 3594 51.32 15.73 41.59
C GLN A 3594 50.56 14.83 40.60
N ILE A 3595 50.46 13.53 40.88
CA ILE A 3595 49.94 12.49 39.93
C ILE A 3595 48.84 11.69 40.64
N ILE A 3596 47.64 11.69 40.06
CA ILE A 3596 46.50 10.79 40.45
C ILE A 3596 46.67 9.48 39.68
N VAL A 3597 47.34 8.49 40.30
CA VAL A 3597 47.73 7.20 39.67
C VAL A 3597 46.51 6.28 39.57
N LYS A 3598 46.16 5.87 38.34
CA LYS A 3598 45.20 4.77 38.03
C LYS A 3598 45.96 3.70 37.24
N GLY A 3599 46.37 2.62 37.90
CA GLY A 3599 47.19 1.54 37.31
C GLY A 3599 48.64 1.99 37.14
N LYS A 3600 49.04 2.30 35.90
CA LYS A 3600 50.38 2.86 35.56
C LYS A 3600 50.27 4.05 34.58
N THR A 3601 49.06 4.58 34.34
CA THR A 3601 48.79 5.66 33.36
C THR A 3601 49.43 6.96 33.84
N GLN A 3602 49.31 7.26 35.14
CA GLN A 3602 49.83 8.50 35.80
C GLN A 3602 49.14 9.72 35.18
N PHE A 3603 47.80 9.77 35.22
CA PHE A 3603 46.98 10.89 34.70
C PHE A 3603 47.21 12.14 35.57
N VAL A 3604 47.59 13.25 34.95
CA VAL A 3604 47.87 14.56 35.62
C VAL A 3604 46.85 15.60 35.12
N ASN A 3605 46.08 16.20 36.02
CA ASN A 3605 45.06 17.23 35.68
C ASN A 3605 45.76 18.55 35.33
N VAL A 3606 45.40 19.16 34.20
CA VAL A 3606 45.97 20.43 33.67
C VAL A 3606 44.79 21.36 33.30
N ALA A 3607 44.50 22.34 34.16
CA ALA A 3607 43.34 23.27 34.07
C ALA A 3607 42.02 22.47 34.09
N GLY A 3608 41.96 21.42 34.90
CA GLY A 3608 40.76 20.58 35.12
C GLY A 3608 40.53 19.56 34.02
N THR A 3609 41.58 19.10 33.34
CA THR A 3609 41.54 18.04 32.29
C THR A 3609 42.69 17.06 32.50
N GLU A 3610 42.38 15.80 32.84
CA GLU A 3610 43.37 14.72 33.09
C GLU A 3610 44.08 14.35 31.77
N MET A 3611 45.40 14.21 31.82
CA MET A 3611 46.28 13.93 30.65
C MET A 3611 47.24 12.78 30.98
N GLU A 3612 47.31 11.78 30.11
CA GLU A 3612 48.22 10.60 30.25
C GLU A 3612 49.68 11.10 30.18
N LEU A 3613 50.37 11.09 31.32
CA LEU A 3613 51.82 11.44 31.45
C LEU A 3613 52.64 10.15 31.53
N SER A 3614 53.50 9.90 30.54
CA SER A 3614 54.50 8.81 30.58
C SER A 3614 55.66 9.22 31.49
N LYS A 3615 56.43 8.25 31.98
CA LYS A 3615 57.64 8.47 32.81
C LYS A 3615 58.78 9.06 31.96
N GLU A 3616 58.78 8.81 30.64
CA GLU A 3616 59.84 9.25 29.68
C GLU A 3616 59.61 10.69 29.19
N PHE A 3617 58.53 11.35 29.61
CA PHE A 3617 58.26 12.79 29.35
C PHE A 3617 59.31 13.64 30.05
N LYS A 3618 59.78 14.70 29.37
CA LYS A 3618 60.69 15.72 29.94
C LYS A 3618 60.20 17.12 29.54
N LEU A 3619 60.45 18.10 30.39
CA LEU A 3619 60.12 19.53 30.18
C LEU A 3619 61.38 20.34 30.45
N PHE A 3620 61.70 21.28 29.56
CA PHE A 3620 62.76 22.30 29.72
C PHE A 3620 62.14 23.66 29.42
N MET A 3621 62.46 24.67 30.23
CA MET A 3621 61.84 26.03 30.18
C MET A 3621 62.96 27.07 30.03
N THR A 3622 63.14 27.60 28.82
CA THR A 3622 64.26 28.50 28.44
C THR A 3622 63.79 29.96 28.52
N CYS A 3623 64.17 30.68 29.58
CA CYS A 3623 64.08 32.15 29.66
C CYS A 3623 65.14 32.76 28.76
N ARG A 3624 64.80 33.83 28.04
CA ARG A 3624 65.69 34.52 27.07
C ARG A 3624 65.99 35.94 27.56
N LEU A 3625 65.91 36.17 28.88
CA LEU A 3625 66.15 37.48 29.55
C LEU A 3625 67.40 37.36 30.44
N ALA A 3626 68.18 38.44 30.53
CA ALA A 3626 69.45 38.52 31.30
C ALA A 3626 69.16 38.36 32.80
N ASN A 3627 68.21 39.17 33.32
CA ASN A 3627 67.86 39.24 34.77
C ASN A 3627 66.34 39.12 34.93
N PRO A 3628 65.77 37.89 34.84
CA PRO A 3628 64.35 37.67 35.09
C PRO A 3628 64.05 37.54 36.59
N SER A 3629 63.03 38.25 37.07
CA SER A 3629 62.54 38.23 38.48
C SER A 3629 61.38 37.24 38.60
N PHE A 3630 61.70 35.96 38.90
CA PHE A 3630 60.71 34.88 39.10
C PHE A 3630 60.09 34.99 40.49
N SER A 3631 58.91 34.39 40.67
CA SER A 3631 58.15 34.34 41.95
C SER A 3631 58.65 33.17 42.80
N PRO A 3632 58.73 33.30 44.14
CA PRO A 3632 59.14 32.20 45.01
C PRO A 3632 58.44 30.86 44.73
N GLU A 3633 57.15 30.89 44.41
CA GLU A 3633 56.34 29.69 44.07
C GLU A 3633 56.95 29.02 42.82
N LEU A 3634 57.35 29.82 41.83
CA LEU A 3634 57.98 29.37 40.56
C LEU A 3634 59.37 28.80 40.83
N SER A 3635 60.21 29.51 41.60
CA SER A 3635 61.61 29.14 41.92
C SER A 3635 61.66 27.83 42.71
N ALA A 3636 60.60 27.51 43.45
CA ALA A 3636 60.47 26.29 44.29
C ALA A 3636 59.98 25.09 43.46
N LYS A 3637 59.19 25.34 42.41
CA LYS A 3637 58.60 24.29 41.52
C LYS A 3637 59.67 23.75 40.57
N THR A 3638 60.61 24.59 40.13
CA THR A 3638 61.59 24.32 39.03
C THR A 3638 63.00 24.75 39.44
N THR A 3639 64.02 23.92 39.16
CA THR A 3639 65.46 24.23 39.43
C THR A 3639 65.96 25.25 38.41
N ILE A 3640 66.14 26.50 38.84
CA ILE A 3640 66.65 27.62 38.01
C ILE A 3640 68.17 27.45 37.86
N ILE A 3641 68.67 27.54 36.61
CA ILE A 3641 70.10 27.38 36.24
C ILE A 3641 70.50 28.56 35.35
N ASP A 3642 71.47 29.37 35.80
CA ASP A 3642 72.01 30.54 35.04
C ASP A 3642 72.97 30.00 33.97
N PHE A 3643 72.54 30.00 32.70
CA PHE A 3643 73.31 29.50 31.53
C PHE A 3643 73.93 30.67 30.75
N THR A 3644 73.90 31.90 31.31
CA THR A 3644 74.40 33.14 30.67
C THR A 3644 75.92 33.04 30.48
N VAL A 3645 76.40 33.35 29.27
CA VAL A 3645 77.86 33.44 28.93
C VAL A 3645 78.42 34.66 29.64
N THR A 3646 79.39 34.45 30.55
CA THR A 3646 80.09 35.51 31.31
C THR A 3646 81.50 35.66 30.72
N GLN A 3647 82.17 36.78 31.02
CA GLN A 3647 83.58 37.06 30.62
C GLN A 3647 84.50 36.00 31.28
N SER A 3648 84.25 35.69 32.56
CA SER A 3648 84.99 34.67 33.35
C SER A 3648 84.82 33.28 32.73
N GLY A 3649 83.65 33.00 32.15
CA GLY A 3649 83.30 31.69 31.56
C GLY A 3649 83.92 31.51 30.18
N LEU A 3650 83.81 32.53 29.33
CA LEU A 3650 84.43 32.58 27.98
C LEU A 3650 85.95 32.51 28.10
N GLU A 3651 86.53 33.14 29.12
CA GLU A 3651 87.97 33.05 29.46
C GLU A 3651 88.36 31.58 29.61
N GLN A 3652 87.55 30.78 30.32
CA GLN A 3652 87.83 29.35 30.60
C GLN A 3652 87.62 28.52 29.33
N GLN A 3653 86.62 28.86 28.50
CA GLN A 3653 86.38 28.22 27.18
C GLN A 3653 87.57 28.48 26.25
N LEU A 3654 87.92 29.76 26.05
CA LEU A 3654 89.02 30.20 25.16
C LEU A 3654 90.34 29.55 25.63
N LEU A 3655 90.59 29.48 26.93
CA LEU A 3655 91.84 28.89 27.51
C LEU A 3655 91.92 27.40 27.14
N GLY A 3656 90.78 26.71 27.09
CA GLY A 3656 90.65 25.35 26.53
C GLY A 3656 91.03 25.31 25.06
N LYS A 3657 90.51 26.25 24.26
CA LYS A 3657 90.72 26.34 22.79
C LYS A 3657 92.18 26.64 22.48
N VAL A 3658 92.86 27.47 23.28
CA VAL A 3658 94.30 27.83 23.05
C VAL A 3658 95.14 26.60 23.35
N ILE A 3659 94.84 25.89 24.44
CA ILE A 3659 95.62 24.70 24.94
C ILE A 3659 95.45 23.53 23.96
N SER A 3660 94.31 23.44 23.26
CA SER A 3660 94.07 22.46 22.17
C SER A 3660 94.94 22.78 20.95
N LYS A 3661 95.19 24.07 20.68
CA LYS A 3661 96.02 24.58 19.55
C LYS A 3661 97.51 24.56 19.96
N GLU A 3662 97.86 25.34 20.98
CA GLU A 3662 99.25 25.53 21.46
C GLU A 3662 99.58 24.48 22.52
N GLN A 3663 100.75 23.86 22.42
CA GLN A 3663 101.19 22.71 23.25
C GLN A 3663 100.09 21.64 23.19
N LYS A 3664 99.83 21.19 21.97
CA LYS A 3664 98.82 20.17 21.57
C LYS A 3664 99.38 18.78 21.86
N ALA A 3665 100.65 18.53 21.48
CA ALA A 3665 101.38 17.25 21.63
C ALA A 3665 101.38 16.81 23.10
N LEU A 3666 101.64 17.73 24.03
CA LEU A 3666 101.68 17.48 25.50
C LEU A 3666 100.26 17.15 25.99
N GLU A 3667 99.28 18.00 25.65
CA GLU A 3667 97.86 17.90 26.10
C GLU A 3667 97.23 16.61 25.58
N ASP A 3668 97.55 16.20 24.34
CA ASP A 3668 96.98 15.00 23.68
C ASP A 3668 97.55 13.72 24.33
N SER A 3669 98.85 13.71 24.61
CA SER A 3669 99.58 12.56 25.23
C SER A 3669 99.03 12.26 26.64
N LEU A 3670 98.51 13.28 27.34
CA LEU A 3670 97.82 13.14 28.66
C LEU A 3670 96.46 12.46 28.44
N ASN A 3671 95.66 12.94 27.48
CA ASN A 3671 94.31 12.41 27.15
C ASN A 3671 94.43 10.93 26.71
N GLN A 3672 95.49 10.59 25.97
CA GLN A 3672 95.82 9.20 25.55
C GLN A 3672 96.18 8.35 26.78
N LEU A 3673 96.96 8.92 27.70
CA LEU A 3673 97.46 8.23 28.92
C LEU A 3673 96.30 7.97 29.90
N LEU A 3674 95.53 9.01 30.24
CA LEU A 3674 94.35 8.92 31.14
C LEU A 3674 93.36 7.87 30.62
N ALA A 3675 93.12 7.83 29.31
CA ALA A 3675 92.21 6.88 28.62
C ALA A 3675 92.76 5.44 28.68
N ASP A 3676 94.09 5.29 28.63
CA ASP A 3676 94.79 3.97 28.76
C ASP A 3676 94.94 3.59 30.24
N VAL A 3677 94.85 4.56 31.16
CA VAL A 3677 94.93 4.36 32.64
C VAL A 3677 93.58 3.83 33.13
N ASN A 3678 92.48 4.46 32.70
CA ASN A 3678 91.08 4.06 33.04
C ASN A 3678 90.78 2.66 32.49
N GLN A 3679 91.39 2.30 31.35
CA GLN A 3679 91.41 0.93 30.77
C GLN A 3679 92.11 -0.04 31.73
N ASN A 3680 93.33 0.29 32.18
CA ASN A 3680 94.19 -0.62 32.99
C ASN A 3680 93.65 -0.75 34.43
N GLN A 3681 92.90 0.24 34.92
CA GLN A 3681 92.13 0.14 36.21
C GLN A 3681 91.06 -0.95 36.04
N LYS A 3682 90.32 -0.90 34.93
CA LYS A 3682 89.27 -1.89 34.54
C LYS A 3682 89.92 -3.24 34.26
N ASP A 3683 91.07 -3.27 33.58
CA ASP A 3683 91.79 -4.50 33.19
C ASP A 3683 92.30 -5.24 34.44
N LEU A 3684 92.77 -4.51 35.45
CA LEU A 3684 93.24 -5.07 36.75
C LEU A 3684 92.03 -5.54 37.56
N GLN A 3685 90.86 -4.89 37.42
CA GLN A 3685 89.57 -5.26 38.08
C GLN A 3685 89.04 -6.61 37.54
N ARG A 3686 89.48 -7.04 36.35
CA ARG A 3686 89.14 -8.38 35.77
C ARG A 3686 90.04 -9.45 36.39
N LEU A 3687 91.36 -9.23 36.38
CA LEU A 3687 92.38 -10.25 36.79
C LEU A 3687 92.25 -10.59 38.27
N ASP A 3688 92.03 -9.58 39.13
CA ASP A 3688 91.85 -9.78 40.60
C ASP A 3688 90.48 -10.41 40.87
N LYS A 3689 89.46 -10.06 40.08
CA LYS A 3689 88.13 -10.72 40.05
C LYS A 3689 88.29 -12.17 39.58
N ASN A 3690 88.99 -12.38 38.46
CA ASN A 3690 89.24 -13.71 37.84
C ASN A 3690 89.87 -14.65 38.88
N LEU A 3691 90.84 -14.15 39.66
CA LEU A 3691 91.51 -14.91 40.76
C LEU A 3691 90.46 -15.33 41.81
N LEU A 3692 89.70 -14.37 42.35
CA LEU A 3692 88.67 -14.60 43.39
C LEU A 3692 87.71 -15.69 42.93
N GLU A 3693 87.15 -15.55 41.72
CA GLU A 3693 86.24 -16.55 41.07
C GLU A 3693 86.93 -17.92 41.03
N ARG A 3694 88.20 -17.97 40.62
CA ARG A 3694 88.92 -19.22 40.24
C ARG A 3694 89.62 -19.85 41.46
N LEU A 3695 89.89 -19.09 42.53
CA LEU A 3695 90.58 -19.59 43.75
C LEU A 3695 89.58 -20.32 44.66
N ILE A 3696 88.29 -20.01 44.56
CA ILE A 3696 87.17 -20.72 45.27
C ILE A 3696 86.84 -22.02 44.50
N ASN A 3697 86.70 -21.92 43.16
CA ASN A 3697 86.35 -23.03 42.23
C ASN A 3697 87.41 -24.14 42.26
N SER A 3698 88.69 -23.78 42.44
CA SER A 3698 89.86 -24.69 42.38
C SER A 3698 89.89 -25.62 43.61
N GLN A 3699 89.84 -25.03 44.80
CA GLN A 3699 89.84 -25.72 46.13
C GLN A 3699 91.25 -26.29 46.40
N GLY A 3700 91.40 -27.62 46.49
CA GLY A 3700 92.56 -28.28 47.13
C GLY A 3700 93.79 -28.33 46.24
N ASN A 3701 94.95 -28.57 46.86
CA ASN A 3701 96.29 -28.67 46.22
C ASN A 3701 96.61 -27.33 45.54
N LEU A 3702 96.70 -26.26 46.34
CA LEU A 3702 96.99 -24.87 45.89
C LEU A 3702 98.39 -24.76 45.28
N LEU A 3703 99.29 -25.69 45.62
CA LEU A 3703 100.72 -25.66 45.24
C LEU A 3703 100.91 -26.09 43.78
N ASP A 3704 100.09 -27.03 43.29
CA ASP A 3704 100.16 -27.59 41.91
C ASP A 3704 99.32 -26.73 40.94
N ASP A 3705 98.37 -25.93 41.44
CA ASP A 3705 97.33 -25.25 40.62
C ASP A 3705 97.98 -24.16 39.74
N THR A 3706 98.62 -24.58 38.65
CA THR A 3706 99.49 -23.73 37.77
C THR A 3706 98.67 -22.62 37.09
N GLU A 3707 97.42 -22.92 36.70
CA GLU A 3707 96.52 -21.98 35.95
C GLU A 3707 96.07 -20.82 36.85
N LEU A 3708 96.04 -21.02 38.18
CA LEU A 3708 95.76 -19.96 39.20
C LEU A 3708 97.06 -19.21 39.51
N MET A 3709 98.09 -19.97 39.92
CA MET A 3709 99.46 -19.50 40.23
C MET A 3709 99.89 -18.42 39.24
N ASP A 3710 99.64 -18.64 37.94
CA ASP A 3710 100.08 -17.74 36.84
C ASP A 3710 99.46 -16.35 37.01
N VAL A 3711 98.17 -16.26 37.32
CA VAL A 3711 97.40 -14.98 37.36
C VAL A 3711 97.78 -14.19 38.62
N LEU A 3712 98.05 -14.85 39.74
CA LEU A 3712 98.43 -14.18 41.03
C LEU A 3712 99.72 -13.36 40.83
N ASN A 3713 100.67 -13.86 40.01
CA ASN A 3713 101.94 -13.16 39.66
C ASN A 3713 101.67 -12.17 38.50
N ASN A 3714 100.67 -12.44 37.65
CA ASN A 3714 100.25 -11.60 36.49
C ASN A 3714 99.45 -10.37 36.96
N THR A 3715 98.60 -10.50 37.98
CA THR A 3715 97.91 -9.36 38.66
C THR A 3715 98.94 -8.36 39.19
N LYS A 3716 100.07 -8.84 39.72
CA LYS A 3716 101.11 -8.01 40.38
C LYS A 3716 101.78 -7.12 39.33
N THR A 3717 102.10 -7.64 38.14
CA THR A 3717 102.75 -6.87 37.03
C THR A 3717 101.79 -5.80 36.51
N GLN A 3718 100.49 -6.11 36.43
CA GLN A 3718 99.40 -5.18 36.04
C GLN A 3718 99.21 -4.11 37.13
N ALA A 3719 99.26 -4.51 38.40
CA ALA A 3719 99.11 -3.62 39.58
C ALA A 3719 100.33 -2.70 39.73
N LYS A 3720 101.50 -3.17 39.29
CA LYS A 3720 102.77 -2.39 39.27
C LYS A 3720 102.73 -1.38 38.11
N GLU A 3721 102.20 -1.81 36.95
CA GLU A 3721 102.09 -1.01 35.69
C GLU A 3721 101.15 0.19 35.90
N VAL A 3722 99.94 -0.07 36.42
CA VAL A 3722 98.87 0.94 36.70
C VAL A 3722 99.44 2.03 37.63
N ALA A 3723 100.04 1.60 38.74
CA ALA A 3723 100.64 2.47 39.79
C ALA A 3723 101.64 3.46 39.17
N ALA A 3724 102.44 3.01 38.19
CA ALA A 3724 103.53 3.79 37.54
C ALA A 3724 102.96 4.76 36.49
N LYS A 3725 101.74 4.52 36.01
CA LYS A 3725 101.03 5.45 35.07
C LYS A 3725 100.33 6.53 35.89
N LEU A 3726 99.81 6.19 37.07
CA LEU A 3726 99.07 7.12 37.97
C LEU A 3726 100.04 8.08 38.68
N ILE A 3727 101.34 7.77 38.70
CA ILE A 3727 102.43 8.71 39.13
C ILE A 3727 102.74 9.66 37.96
N ASP A 3728 102.93 9.12 36.76
CA ASP A 3728 103.21 9.87 35.50
C ASP A 3728 102.00 10.73 35.09
N ALA A 3729 100.78 10.26 35.35
CA ALA A 3729 99.52 11.01 35.11
C ALA A 3729 99.50 12.28 35.96
N GLU A 3730 99.90 12.16 37.23
CA GLU A 3730 99.90 13.25 38.24
C GLU A 3730 100.95 14.29 37.87
N ILE A 3731 102.07 13.86 37.29
CA ILE A 3731 103.19 14.74 36.81
C ILE A 3731 102.73 15.56 35.62
N LYS A 3732 102.00 14.96 34.67
CA LYS A 3732 101.51 15.63 33.43
C LYS A 3732 100.37 16.62 33.75
N THR A 3733 99.62 16.41 34.83
CA THR A 3733 98.56 17.35 35.29
C THR A 3733 99.22 18.60 35.90
N LYS A 3734 100.37 18.45 36.56
CA LYS A 3734 101.20 19.60 37.05
C LYS A 3734 101.77 20.35 35.84
N GLU A 3735 102.35 19.62 34.88
CA GLU A 3735 103.02 20.17 33.66
C GLU A 3735 102.02 20.97 32.83
N ILE A 3736 100.81 20.47 32.62
CA ILE A 3736 99.77 21.14 31.77
C ILE A 3736 99.15 22.33 32.53
N ASN A 3737 99.02 22.24 33.85
CA ASN A 3737 98.45 23.33 34.70
C ASN A 3737 99.42 24.52 34.77
N GLU A 3738 100.74 24.28 34.68
CA GLU A 3738 101.77 25.35 34.55
C GLU A 3738 101.55 26.11 33.23
N LYS A 3739 101.32 25.39 32.13
CA LYS A 3739 101.04 25.97 30.78
C LYS A 3739 99.69 26.69 30.80
N ARG A 3740 98.71 26.15 31.52
CA ARG A 3740 97.35 26.74 31.68
C ARG A 3740 97.47 28.14 32.31
N GLU A 3741 98.44 28.35 33.22
CA GLU A 3741 98.71 29.67 33.86
C GLU A 3741 99.46 30.59 32.89
N GLN A 3742 100.40 30.04 32.11
CA GLN A 3742 101.26 30.80 31.15
C GLN A 3742 100.42 31.30 29.97
N TYR A 3743 99.42 30.54 29.52
CA TYR A 3743 98.53 30.87 28.37
C TYR A 3743 97.20 31.47 28.84
N ARG A 3744 97.00 31.62 30.16
CA ARG A 3744 95.83 32.34 30.76
C ARG A 3744 95.75 33.72 30.12
N PRO A 3745 96.84 34.54 30.10
CA PRO A 3745 96.79 35.90 29.55
C PRO A 3745 96.19 36.07 28.14
N VAL A 3746 96.32 35.05 27.27
CA VAL A 3746 95.75 35.04 25.89
C VAL A 3746 94.23 34.94 25.98
N ALA A 3747 93.72 34.06 26.85
CA ALA A 3747 92.27 33.76 27.01
C ALA A 3747 91.57 34.93 27.71
N ILE A 3748 92.15 35.45 28.79
CA ILE A 3748 91.57 36.59 29.57
C ILE A 3748 91.65 37.88 28.74
N ARG A 3749 92.64 38.01 27.84
CA ARG A 3749 92.68 39.09 26.83
C ARG A 3749 91.57 38.85 25.81
N GLY A 3750 91.53 37.66 25.20
CA GLY A 3750 90.50 37.28 24.22
C GLY A 3750 89.10 37.56 24.74
N SER A 3751 88.81 37.12 25.96
CA SER A 3751 87.46 37.20 26.58
C SER A 3751 87.04 38.66 26.70
N ALA A 3752 87.99 39.52 27.13
CA ALA A 3752 87.82 40.98 27.26
C ALA A 3752 87.30 41.54 25.94
N ILE A 3753 88.07 41.31 24.87
CA ILE A 3753 87.83 41.86 23.50
C ILE A 3753 86.40 41.49 23.06
N TYR A 3754 86.00 40.23 23.17
CA TYR A 3754 84.65 39.76 22.75
C TYR A 3754 83.57 40.53 23.54
N PHE A 3755 83.81 40.78 24.82
CA PHE A 3755 82.83 41.48 25.70
C PHE A 3755 82.88 42.99 25.43
N THR A 3756 83.90 43.49 24.72
CA THR A 3756 83.89 44.83 24.09
C THR A 3756 82.96 44.78 22.87
N MET A 3757 83.06 43.74 22.02
CA MET A 3757 82.22 43.57 20.81
C MET A 3757 80.73 43.49 21.19
N ILE A 3758 80.41 43.01 22.40
CA ILE A 3758 79.02 42.99 22.95
C ILE A 3758 78.63 44.41 23.42
N GLU A 3759 79.58 45.19 23.93
CA GLU A 3759 79.34 46.61 24.32
C GLU A 3759 79.06 47.43 23.06
N VAL A 3760 79.70 47.10 21.93
CA VAL A 3760 79.57 47.84 20.64
C VAL A 3760 78.20 47.53 20.02
N SER A 3761 77.68 46.31 20.18
CA SER A 3761 76.33 45.88 19.72
C SER A 3761 75.25 46.86 20.22
N LEU A 3762 75.43 47.42 21.43
CA LEU A 3762 74.46 48.32 22.10
C LEU A 3762 74.44 49.69 21.41
N VAL A 3763 75.60 50.16 20.93
CA VAL A 3763 75.77 51.44 20.17
C VAL A 3763 74.87 51.41 18.93
N ASN A 3764 75.10 50.45 18.03
CA ASN A 3764 74.40 50.32 16.72
C ASN A 3764 74.10 48.84 16.46
N TRP A 3765 72.89 48.54 15.96
CA TRP A 3765 72.41 47.15 15.70
C TRP A 3765 73.31 46.47 14.67
N MET A 3766 73.72 47.21 13.63
CA MET A 3766 74.51 46.68 12.48
C MET A 3766 75.88 46.19 12.95
N TYR A 3767 76.38 46.68 14.09
CA TYR A 3767 77.75 46.39 14.58
C TYR A 3767 77.85 44.97 15.16
N ASN A 3768 76.74 44.34 15.57
CA ASN A 3768 76.80 43.11 16.40
C ASN A 3768 77.33 41.95 15.56
N SER A 3769 78.43 41.33 16.02
CA SER A 3769 79.10 40.15 15.42
C SER A 3769 78.93 38.96 16.37
N SER A 3770 78.86 37.75 15.81
CA SER A 3770 78.65 36.48 16.55
C SER A 3770 79.89 36.16 17.38
N LEU A 3771 79.70 35.34 18.43
CA LEU A 3771 80.78 34.63 19.14
C LEU A 3771 81.51 33.70 18.16
N GLU A 3772 80.76 33.09 17.23
CA GLU A 3772 81.28 32.12 16.22
C GLU A 3772 82.19 32.84 15.21
N GLN A 3773 81.95 34.13 14.93
CA GLN A 3773 82.82 34.97 14.05
C GLN A 3773 84.11 35.32 14.80
N PHE A 3774 84.01 35.60 16.11
CA PHE A 3774 85.16 35.96 16.97
C PHE A 3774 86.15 34.78 17.06
N LEU A 3775 85.63 33.56 17.23
CA LEU A 3775 86.45 32.33 17.43
C LEU A 3775 87.33 32.08 16.20
N LYS A 3776 86.85 32.42 15.01
CA LYS A 3776 87.64 32.37 13.74
C LYS A 3776 88.84 33.31 13.86
N LEU A 3777 88.61 34.55 14.32
CA LEU A 3777 89.66 35.59 14.51
C LEU A 3777 90.66 35.14 15.58
N PHE A 3778 90.14 34.62 16.69
CA PHE A 3778 90.92 34.15 17.87
C PHE A 3778 91.82 32.98 17.48
N ILE A 3779 91.26 31.99 16.78
CA ILE A 3779 91.98 30.77 16.30
C ILE A 3779 93.05 31.21 15.27
N GLU A 3780 92.67 32.05 14.30
CA GLU A 3780 93.58 32.60 13.26
C GLU A 3780 94.74 33.34 13.92
N SER A 3781 94.45 34.13 14.98
CA SER A 3781 95.43 34.94 15.74
C SER A 3781 96.50 34.05 16.42
N ILE A 3782 96.19 32.79 16.73
CA ILE A 3782 97.16 31.82 17.32
C ILE A 3782 98.09 31.33 16.21
N ASP A 3783 97.54 30.93 15.06
CA ASP A 3783 98.28 30.31 13.93
C ASP A 3783 99.19 31.34 13.25
N LEU A 3784 98.67 32.53 12.95
CA LEU A 3784 99.37 33.58 12.14
C LEU A 3784 100.48 34.24 12.95
N SER A 3785 100.37 34.28 14.29
CA SER A 3785 101.31 34.97 15.22
C SER A 3785 102.74 34.45 15.06
N GLU A 3786 103.72 35.26 15.49
CA GLU A 3786 105.17 34.91 15.49
C GLU A 3786 105.41 33.82 16.54
N LYS A 3787 106.13 32.75 16.16
CA LYS A 3787 106.47 31.58 17.02
C LYS A 3787 107.74 31.90 17.80
N ALA A 3788 107.66 32.00 19.12
CA ALA A 3788 108.82 32.23 20.03
C ALA A 3788 109.16 30.92 20.75
N GLN A 3789 110.45 30.72 21.04
CA GLN A 3789 110.98 29.53 21.77
C GLN A 3789 110.58 29.65 23.25
N LEU A 3790 110.83 30.82 23.86
CA LEU A 3790 110.47 31.12 25.28
C LEU A 3790 108.95 31.13 25.40
N PRO A 3791 108.34 30.48 26.43
CA PRO A 3791 106.88 30.40 26.53
C PRO A 3791 106.16 31.74 26.78
N SER A 3792 106.78 32.65 27.54
CA SER A 3792 106.25 33.99 27.89
C SER A 3792 106.26 34.90 26.65
N ASN A 3793 107.32 34.83 25.84
CA ASN A 3793 107.46 35.60 24.57
C ASN A 3793 106.39 35.15 23.57
N ARG A 3794 106.12 33.84 23.50
CA ARG A 3794 105.09 33.25 22.62
C ARG A 3794 103.71 33.79 22.98
N VAL A 3795 103.39 33.82 24.28
CA VAL A 3795 102.12 34.36 24.87
C VAL A 3795 102.03 35.86 24.54
N LYS A 3796 103.12 36.59 24.76
CA LYS A 3796 103.24 38.05 24.48
C LYS A 3796 102.96 38.30 22.98
N ASN A 3797 103.46 37.42 22.10
CA ASN A 3797 103.33 37.52 20.63
C ASN A 3797 101.87 37.28 20.17
N ILE A 3798 101.12 36.41 20.85
CA ILE A 3798 99.70 36.10 20.52
C ILE A 3798 98.82 37.30 20.91
N ILE A 3799 99.02 37.83 22.13
CA ILE A 3799 98.20 38.92 22.75
C ILE A 3799 98.26 40.16 21.85
N SER A 3800 99.46 40.56 21.42
CA SER A 3800 99.71 41.73 20.56
C SER A 3800 98.96 41.58 19.23
N PHE A 3801 99.09 40.40 18.61
CA PHE A 3801 98.52 40.04 17.28
C PHE A 3801 97.00 39.91 17.38
N LEU A 3802 96.48 39.25 18.42
CA LEU A 3802 95.03 39.07 18.68
C LEU A 3802 94.33 40.43 18.74
N THR A 3803 94.75 41.30 19.67
CA THR A 3803 94.15 42.63 19.92
C THR A 3803 93.93 43.36 18.61
N PHE A 3804 94.99 43.51 17.83
CA PHE A 3804 94.99 44.25 16.54
C PHE A 3804 94.06 43.54 15.56
N HIS A 3805 94.37 42.28 15.26
CA HIS A 3805 93.69 41.44 14.24
C HIS A 3805 92.16 41.46 14.44
N VAL A 3806 91.68 41.55 15.69
CA VAL A 3806 90.23 41.65 16.00
C VAL A 3806 89.80 43.12 15.87
N TYR A 3807 90.57 44.06 16.42
CA TYR A 3807 90.31 45.52 16.31
C TYR A 3807 90.17 45.90 14.84
N ARG A 3808 91.11 45.45 14.00
CA ARG A 3808 91.11 45.63 12.53
C ARG A 3808 89.76 45.17 11.95
N TYR A 3809 89.34 43.94 12.30
CA TYR A 3809 88.08 43.30 11.82
C TYR A 3809 86.87 44.11 12.27
N VAL A 3810 86.78 44.44 13.56
CA VAL A 3810 85.62 45.18 14.16
C VAL A 3810 85.60 46.60 13.57
N ASN A 3811 86.74 47.29 13.60
CA ASN A 3811 86.90 48.71 13.18
C ASN A 3811 86.40 48.91 11.75
N ARG A 3812 86.52 47.88 10.90
CA ARG A 3812 86.04 47.88 9.49
C ARG A 3812 84.51 48.07 9.43
N GLY A 3813 83.77 47.37 10.28
CA GLY A 3813 82.29 47.41 10.32
C GLY A 3813 81.76 48.48 11.25
N LEU A 3814 82.53 49.54 11.51
CA LEU A 3814 82.19 50.66 12.42
C LEU A 3814 82.20 51.97 11.63
N PHE A 3815 81.20 52.83 11.84
CA PHE A 3815 81.12 54.20 11.27
C PHE A 3815 82.15 55.10 11.97
N GLU A 3816 82.63 56.13 11.27
CA GLU A 3816 83.78 56.99 11.66
C GLU A 3816 83.56 57.60 13.04
N LYS A 3817 82.31 57.93 13.40
CA LYS A 3817 81.97 58.56 14.72
C LYS A 3817 82.19 57.56 15.86
N ASP A 3818 81.89 56.28 15.64
CA ASP A 3818 81.98 55.19 16.67
C ASP A 3818 83.25 54.36 16.48
N LYS A 3819 84.23 54.83 15.69
CA LYS A 3819 85.53 54.13 15.50
C LYS A 3819 86.39 54.35 16.76
N ILE A 3820 86.52 55.62 17.18
CA ILE A 3820 87.34 56.03 18.36
C ILE A 3820 86.65 55.63 19.67
N THR A 3821 85.32 55.48 19.66
CA THR A 3821 84.52 55.12 20.88
C THR A 3821 84.82 53.66 21.24
N PHE A 3822 84.94 52.79 20.24
CA PHE A 3822 85.18 51.33 20.39
C PHE A 3822 86.57 51.07 20.97
N ILE A 3823 87.60 51.69 20.39
CA ILE A 3823 89.02 51.46 20.80
C ILE A 3823 89.26 52.02 22.21
N LEU A 3824 88.41 52.95 22.67
CA LEU A 3824 88.41 53.46 24.07
C LEU A 3824 87.71 52.45 24.98
N MET A 3825 86.58 51.87 24.56
CA MET A 3825 85.86 50.79 25.30
C MET A 3825 86.82 49.59 25.48
N MET A 3826 87.49 49.19 24.40
CA MET A 3826 88.47 48.06 24.37
C MET A 3826 89.62 48.33 25.35
N ALA A 3827 90.08 49.59 25.43
CA ALA A 3827 91.20 50.02 26.30
C ALA A 3827 90.78 49.98 27.77
N PHE A 3828 89.54 50.36 28.08
CA PHE A 3828 88.97 50.27 29.46
C PHE A 3828 88.77 48.80 29.82
N LYS A 3829 88.14 48.02 28.93
CA LYS A 3829 87.80 46.59 29.14
C LYS A 3829 89.06 45.75 29.42
N ILE A 3830 90.21 46.16 28.87
CA ILE A 3830 91.54 45.53 29.13
C ILE A 3830 92.03 45.95 30.52
N LEU A 3831 91.88 47.23 30.87
CA LEU A 3831 92.40 47.77 32.17
C LEU A 3831 91.44 47.43 33.32
N THR A 3832 90.12 47.28 33.06
CA THR A 3832 89.10 46.96 34.10
C THR A 3832 89.27 45.52 34.60
N THR A 3833 89.90 44.63 33.82
CA THR A 3833 90.15 43.20 34.18
C THR A 3833 91.29 43.11 35.20
N ALA A 3834 92.39 43.81 34.95
CA ALA A 3834 93.48 44.05 35.93
C ALA A 3834 92.97 45.03 37.00
N GLY A 3835 93.77 45.26 38.05
CA GLY A 3835 93.42 46.15 39.18
C GLY A 3835 93.82 47.60 38.92
N THR A 3836 94.10 47.97 37.67
CA THR A 3836 94.62 49.29 37.25
C THR A 3836 93.48 50.31 37.20
N ILE A 3837 92.35 49.90 36.62
CA ILE A 3837 91.10 50.71 36.49
C ILE A 3837 89.95 49.92 37.13
N SER A 3838 89.13 50.58 37.93
CA SER A 3838 87.83 50.06 38.46
C SER A 3838 86.69 50.58 37.56
N SER A 3839 85.44 50.24 37.89
CA SER A 3839 84.23 50.79 37.24
C SER A 3839 84.04 52.25 37.65
N GLY A 3840 84.43 52.59 38.89
CA GLY A 3840 84.37 53.97 39.44
C GLY A 3840 85.33 54.90 38.73
N ASP A 3841 86.50 54.38 38.34
CA ASP A 3841 87.53 55.09 37.55
C ASP A 3841 86.95 55.43 36.17
N VAL A 3842 86.45 54.43 35.45
CA VAL A 3842 85.79 54.59 34.12
C VAL A 3842 84.62 55.56 34.26
N SER A 3843 83.84 55.43 35.34
CA SER A 3843 82.66 56.27 35.67
C SER A 3843 83.09 57.73 35.84
N LEU A 3844 84.19 58.00 36.55
CA LEU A 3844 84.74 59.37 36.74
C LEU A 3844 84.98 60.01 35.38
N PHE A 3845 85.89 59.45 34.59
CA PHE A 3845 86.30 59.97 33.26
C PHE A 3845 85.08 60.43 32.44
N LEU A 3846 83.98 59.65 32.47
CA LEU A 3846 82.75 59.94 31.68
C LEU A 3846 82.01 61.14 32.29
N LYS A 3847 81.98 61.23 33.62
CA LYS A 3847 81.18 62.23 34.39
C LYS A 3847 82.09 63.40 34.80
N SER A 3848 83.05 63.16 35.70
CA SER A 3848 84.08 64.15 36.10
C SER A 3848 83.39 65.39 36.66
N GLY A 3849 82.61 65.20 37.74
CA GLY A 3849 81.99 66.29 38.52
C GLY A 3849 81.00 67.10 37.72
N ASP A 3850 80.20 66.44 36.88
CA ASP A 3850 78.98 67.01 36.26
C ASP A 3850 77.76 66.66 37.14
N ALA A 3851 77.96 65.84 38.18
CA ALA A 3851 76.97 65.54 39.24
C ALA A 3851 76.99 66.65 40.31
N LEU A 3852 78.16 67.18 40.64
CA LEU A 3852 78.35 68.20 41.71
C LEU A 3852 77.62 69.49 41.32
N ASP A 3853 77.02 70.18 42.30
CA ASP A 3853 76.35 71.51 42.14
C ASP A 3853 77.10 72.53 43.02
N ILE A 3854 77.35 73.72 42.48
CA ILE A 3854 78.29 74.76 43.02
C ILE A 3854 77.81 75.23 44.41
N LYS A 3855 76.49 75.25 44.64
CA LYS A 3855 75.85 75.67 45.92
C LYS A 3855 76.36 74.81 47.08
N SER A 3856 76.33 73.48 46.93
CA SER A 3856 76.73 72.48 47.96
C SER A 3856 78.26 72.44 48.15
N GLU A 3857 79.01 72.54 47.05
CA GLU A 3857 80.50 72.40 47.04
C GLU A 3857 81.16 73.74 47.38
N ARG A 3858 82.49 73.81 47.27
CA ARG A 3858 83.31 75.03 47.49
C ARG A 3858 82.96 76.11 46.47
N GLN A 3859 83.26 77.38 46.79
CA GLN A 3859 83.25 78.52 45.83
C GLN A 3859 84.44 78.34 44.87
N LYS A 3860 84.32 78.87 43.65
CA LYS A 3860 85.34 78.75 42.58
C LYS A 3860 86.64 79.41 43.06
N GLN A 3861 86.61 80.72 43.34
CA GLN A 3861 87.72 81.55 43.89
C GLN A 3861 88.68 82.01 42.78
N ILE A 3862 88.70 81.33 41.62
CA ILE A 3862 89.65 81.58 40.50
C ILE A 3862 88.87 82.11 39.29
N SER A 3863 89.40 83.17 38.67
CA SER A 3863 88.76 83.95 37.57
C SER A 3863 88.82 83.17 36.25
N TYR A 3864 89.96 82.55 35.94
CA TYR A 3864 90.29 82.03 34.57
C TYR A 3864 89.59 80.71 34.29
N LEU A 3865 89.41 79.85 35.32
CA LEU A 3865 88.60 78.60 35.22
C LEU A 3865 87.13 78.96 35.00
N GLU A 3866 86.41 78.18 34.19
CA GLU A 3866 84.94 78.23 34.06
C GLU A 3866 84.34 77.50 35.27
N ASP A 3867 83.04 77.71 35.54
CA ASP A 3867 82.33 77.12 36.71
C ASP A 3867 82.27 75.60 36.57
N ASN A 3868 82.19 75.07 35.33
CA ASN A 3868 82.17 73.61 35.04
C ASN A 3868 83.58 73.04 35.22
N GLN A 3869 84.61 73.72 34.71
CA GLN A 3869 86.04 73.31 34.81
C GLN A 3869 86.45 73.11 36.28
N TRP A 3870 85.85 73.88 37.19
CA TRP A 3870 86.13 73.89 38.65
C TRP A 3870 85.43 72.69 39.33
N LEU A 3871 84.16 72.44 39.02
CA LEU A 3871 83.43 71.24 39.52
C LEU A 3871 84.10 69.96 38.98
N ASN A 3872 84.72 70.02 37.80
CA ASN A 3872 85.48 68.89 37.22
C ASN A 3872 86.74 68.64 38.07
N ILE A 3873 87.48 69.70 38.41
CA ILE A 3873 88.61 69.70 39.39
C ILE A 3873 88.14 69.01 40.67
N LEU A 3874 87.01 69.45 41.22
CA LEU A 3874 86.53 69.00 42.56
C LEU A 3874 86.32 67.49 42.55
N ALA A 3875 85.80 66.92 41.45
CA ALA A 3875 85.56 65.47 41.29
C ALA A 3875 86.87 64.69 41.38
N LEU A 3876 87.95 65.19 40.76
CA LEU A 3876 89.31 64.57 40.83
C LEU A 3876 89.84 64.60 42.28
N SER A 3877 89.55 65.68 43.01
CA SER A 3877 90.02 65.94 44.40
C SER A 3877 89.41 64.93 45.38
N LYS A 3878 88.28 64.31 45.03
CA LYS A 3878 87.50 63.41 45.91
C LYS A 3878 87.61 61.94 45.47
N HIS A 3879 88.35 61.65 44.38
CA HIS A 3879 88.45 60.30 43.77
C HIS A 3879 89.78 59.63 44.12
N THR A 3880 89.73 58.40 44.64
CA THR A 3880 90.89 57.63 45.18
C THR A 3880 91.51 56.73 44.10
N PHE A 3881 90.88 56.61 42.93
CA PHE A 3881 91.30 55.73 41.80
C PHE A 3881 91.32 54.27 42.31
N SER A 3882 92.31 53.46 41.91
CA SER A 3882 92.42 52.01 42.22
C SER A 3882 93.85 51.68 42.70
N GLY A 3883 93.96 50.95 43.82
CA GLY A 3883 95.24 50.56 44.43
C GLY A 3883 96.01 51.75 44.97
N GLN A 3884 95.31 52.71 45.58
CA GLN A 3884 95.87 53.92 46.23
C GLN A 3884 95.09 54.20 47.52
N THR A 3885 95.79 54.62 48.58
CA THR A 3885 95.22 54.86 49.94
C THR A 3885 94.31 56.08 49.90
N LEU A 3886 94.87 57.26 49.58
CA LEU A 3886 94.17 58.57 49.57
C LEU A 3886 94.02 59.06 48.12
N PRO A 3887 93.13 60.04 47.84
CA PRO A 3887 92.98 60.57 46.49
C PRO A 3887 94.32 61.10 45.94
N PHE A 3888 94.65 60.72 44.71
CA PHE A 3888 95.88 61.16 43.99
C PHE A 3888 95.88 62.69 43.91
N PHE A 3889 94.74 63.24 43.45
CA PHE A 3889 94.55 64.67 43.06
C PHE A 3889 94.04 65.52 44.24
N LYS A 3890 93.92 64.97 45.45
CA LYS A 3890 93.67 65.78 46.67
C LYS A 3890 94.75 66.87 46.74
N GLU A 3891 94.34 68.10 47.07
CA GLU A 3891 95.18 69.33 47.09
C GLU A 3891 95.54 69.79 45.66
N LEU A 3892 94.94 69.24 44.60
CA LEU A 3892 94.99 69.87 43.24
C LEU A 3892 94.31 71.24 43.30
N PRO A 3893 93.05 71.37 43.77
CA PRO A 3893 92.41 72.68 43.88
C PRO A 3893 93.16 73.68 44.78
N ASP A 3894 94.04 73.19 45.68
CA ASP A 3894 94.98 74.04 46.46
C ASP A 3894 96.13 74.49 45.54
N LEU A 3895 96.67 73.57 44.74
CA LEU A 3895 97.85 73.77 43.84
C LEU A 3895 97.49 74.76 42.72
N ILE A 3896 96.31 74.63 42.12
CA ILE A 3896 95.80 75.49 41.01
C ILE A 3896 95.41 76.87 41.57
N SER A 3897 94.89 76.92 42.80
CA SER A 3897 94.49 78.19 43.50
C SER A 3897 95.74 79.01 43.83
N ARG A 3898 96.89 78.35 44.00
CA ARG A 3898 98.22 78.98 44.26
C ARG A 3898 98.56 79.89 43.07
N SER A 3899 99.13 81.08 43.36
CA SER A 3899 99.52 82.10 42.35
C SER A 3899 100.71 81.60 41.53
N GLU A 3900 100.48 80.57 40.70
CA GLU A 3900 101.46 79.94 39.79
C GLU A 3900 100.90 80.06 38.36
N ASN A 3901 101.64 80.74 37.47
CA ASN A 3901 101.24 80.96 36.04
C ASN A 3901 101.38 79.66 35.25
N GLN A 3902 102.16 78.69 35.77
CA GLN A 3902 102.39 77.35 35.16
C GLN A 3902 101.06 76.63 34.89
N TRP A 3903 100.05 76.81 35.76
CA TRP A 3903 98.71 76.18 35.63
C TRP A 3903 97.84 76.97 34.65
N ARG A 3904 97.89 78.30 34.68
CA ARG A 3904 97.18 79.19 33.72
C ARG A 3904 97.71 78.91 32.31
N ASN A 3905 99.04 78.81 32.16
CA ASN A 3905 99.74 78.55 30.86
C ASN A 3905 99.27 77.20 30.27
N TRP A 3906 99.23 76.14 31.09
CA TRP A 3906 98.93 74.75 30.65
C TRP A 3906 97.51 74.65 30.09
N ILE A 3907 96.53 75.32 30.71
CA ILE A 3907 95.11 75.32 30.23
C ILE A 3907 95.05 76.15 28.93
N ASP A 3908 95.79 77.26 28.88
CA ASP A 3908 95.77 78.22 27.74
C ASP A 3908 96.52 77.65 26.53
N LYS A 3909 97.34 76.60 26.69
CA LYS A 3909 98.09 75.93 25.57
C LYS A 3909 97.12 75.37 24.53
N ASN A 3910 97.56 75.30 23.26
CA ASN A 3910 96.77 74.74 22.13
C ASN A 3910 96.72 73.21 22.26
N ASP A 3911 97.86 72.57 22.51
CA ASP A 3911 98.03 71.12 22.77
C ASP A 3911 98.34 70.88 24.24
N PRO A 3912 97.33 70.86 25.14
CA PRO A 3912 97.58 70.64 26.57
C PRO A 3912 97.99 69.18 26.85
N GLU A 3913 97.34 68.22 26.17
CA GLU A 3913 97.52 66.75 26.36
C GLU A 3913 98.95 66.32 25.94
N ASN A 3914 99.62 67.09 25.08
CA ASN A 3914 101.00 66.79 24.59
C ASN A 3914 102.04 67.34 25.57
N PHE A 3915 101.72 68.40 26.33
CA PHE A 3915 102.65 69.05 27.32
C PHE A 3915 102.47 68.44 28.70
N PRO A 3916 103.52 68.43 29.55
CA PRO A 3916 103.45 67.82 30.89
C PRO A 3916 102.72 68.70 31.90
N ILE A 3917 102.04 68.06 32.87
CA ILE A 3917 101.10 68.70 33.84
C ILE A 3917 101.94 69.53 34.80
N PRO A 3918 101.63 70.83 34.99
CA PRO A 3918 102.60 71.79 35.53
C PRO A 3918 103.20 71.46 36.91
N ASP A 3919 102.38 70.93 37.84
CA ASP A 3919 102.78 70.67 39.25
C ASP A 3919 102.67 69.18 39.64
N PHE A 3920 102.03 68.34 38.82
CA PHE A 3920 101.70 66.92 39.13
C PHE A 3920 102.44 65.93 38.23
N ALA A 3921 103.27 66.39 37.27
CA ALA A 3921 103.90 65.57 36.22
C ALA A 3921 104.77 64.45 36.83
N GLU A 3922 105.54 64.80 37.88
CA GLU A 3922 106.62 63.95 38.46
C GLU A 3922 106.05 62.66 39.05
N SER A 3923 104.88 62.71 39.69
CA SER A 3923 104.20 61.55 40.33
C SER A 3923 103.35 60.76 39.31
N ILE A 3924 103.00 61.34 38.16
CA ILE A 3924 102.24 60.67 37.07
C ILE A 3924 103.16 59.69 36.33
N ASN A 3925 104.45 60.04 36.18
CA ASN A 3925 105.46 59.24 35.44
C ASN A 3925 105.83 57.97 36.23
N GLN A 3926 105.68 57.98 37.56
CA GLN A 3926 106.09 56.87 38.48
C GLN A 3926 105.15 55.66 38.30
N GLU A 3927 103.84 55.89 38.23
CA GLU A 3927 102.84 54.84 37.91
C GLU A 3927 102.74 54.71 36.38
N LYS A 3928 103.01 53.53 35.83
CA LYS A 3928 103.05 53.29 34.36
C LYS A 3928 101.66 52.88 33.86
N GLU A 3929 100.99 51.98 34.57
CA GLU A 3929 99.74 51.29 34.12
C GLU A 3929 98.55 52.24 34.28
N ILE A 3930 98.41 52.89 35.45
CA ILE A 3930 97.28 53.82 35.79
C ILE A 3930 97.66 55.25 35.40
N GLY A 3931 98.93 55.63 35.50
CA GLY A 3931 99.44 56.99 35.23
C GLY A 3931 98.94 57.58 33.92
N SER A 3932 98.78 56.75 32.89
CA SER A 3932 98.29 57.16 31.55
C SER A 3932 96.80 57.52 31.62
N PHE A 3933 96.04 56.89 32.52
CA PHE A 3933 94.57 57.08 32.69
C PHE A 3933 94.27 58.31 33.56
N ILE A 3934 95.06 58.57 34.61
CA ILE A 3934 94.88 59.77 35.48
C ILE A 3934 95.35 61.03 34.73
N SER A 3935 96.33 60.89 33.83
CA SER A 3935 96.82 61.97 32.93
C SER A 3935 95.78 62.27 31.84
N LEU A 3936 94.89 61.32 31.55
CA LEU A 3936 93.72 61.52 30.65
C LEU A 3936 92.58 62.20 31.41
N CYS A 3937 92.29 61.76 32.65
CA CYS A 3937 91.20 62.27 33.51
C CYS A 3937 91.39 63.77 33.79
N LEU A 3938 92.64 64.22 33.94
CA LEU A 3938 93.00 65.65 34.14
C LEU A 3938 92.58 66.45 32.90
N VAL A 3939 92.91 65.96 31.70
CA VAL A 3939 92.64 66.65 30.41
C VAL A 3939 91.14 66.60 30.08
N ARG A 3940 90.40 65.58 30.49
CA ARG A 3940 88.93 65.54 30.37
C ARG A 3940 88.33 66.60 31.28
N SER A 3941 88.86 66.73 32.50
CA SER A 3941 88.37 67.69 33.52
C SER A 3941 88.62 69.13 33.05
N LEU A 3942 89.89 69.54 32.98
CA LEU A 3942 90.34 70.85 32.45
C LEU A 3942 90.68 70.69 30.97
N ARG A 3943 90.11 71.51 30.11
CA ARG A 3943 90.27 71.44 28.63
C ARG A 3943 89.59 70.15 28.13
N ASN A 3944 88.27 70.05 28.34
CA ASN A 3944 87.42 68.91 27.89
C ASN A 3944 87.57 68.71 26.37
N ASP A 3945 87.51 69.81 25.61
CA ASP A 3945 87.53 69.84 24.12
C ASP A 3945 88.64 68.96 23.53
N ARG A 3946 89.80 68.88 24.19
CA ARG A 3946 90.95 68.03 23.79
C ARG A 3946 90.87 66.66 24.48
N THR A 3947 89.77 65.93 24.32
CA THR A 3947 89.60 64.57 24.90
C THR A 3947 89.86 63.50 23.82
N LEU A 3948 89.31 63.67 22.62
CA LEU A 3948 89.54 62.73 21.48
C LEU A 3948 91.04 62.64 21.16
N ILE A 3949 91.78 63.74 21.31
CA ILE A 3949 93.25 63.79 21.04
C ILE A 3949 93.98 63.24 22.27
N ALA A 3950 93.46 63.49 23.48
CA ALA A 3950 94.05 63.00 24.74
C ALA A 3950 93.88 61.48 24.86
N THR A 3951 92.81 60.90 24.29
CA THR A 3951 92.51 59.45 24.35
C THR A 3951 93.50 58.69 23.47
N GLN A 3952 93.80 59.22 22.27
CA GLN A 3952 94.80 58.64 21.35
C GLN A 3952 96.14 58.48 22.09
N ASN A 3953 96.58 59.53 22.79
CA ASN A 3953 97.82 59.52 23.63
C ASN A 3953 97.73 58.37 24.64
N PHE A 3954 96.54 58.13 25.21
CA PHE A 3954 96.27 57.13 26.27
C PHE A 3954 96.25 55.72 25.66
N ILE A 3955 95.46 55.52 24.60
CA ILE A 3955 95.35 54.24 23.82
C ILE A 3955 96.75 53.78 23.39
N SER A 3956 97.58 54.68 22.87
CA SER A 3956 98.96 54.40 22.41
C SER A 3956 99.85 53.92 23.57
N ASN A 3957 99.56 54.30 24.82
CA ASN A 3957 100.35 53.91 26.03
C ASN A 3957 99.75 52.65 26.68
N VAL A 3958 98.55 52.22 26.26
CA VAL A 3958 97.84 51.00 26.76
C VAL A 3958 97.95 49.86 25.74
N LEU A 3959 97.66 50.14 24.47
CA LEU A 3959 97.49 49.12 23.39
C LEU A 3959 98.64 49.15 22.37
N GLY A 3960 99.29 50.29 22.17
CA GLY A 3960 100.40 50.45 21.22
C GLY A 3960 100.05 51.44 20.12
N LYS A 3961 101.08 51.97 19.44
CA LYS A 3961 100.98 53.03 18.40
C LYS A 3961 100.02 52.57 17.30
N GLU A 3962 100.17 51.33 16.83
CA GLU A 3962 99.44 50.70 15.69
C GLU A 3962 97.92 50.96 15.76
N PHE A 3963 97.35 51.23 16.94
CA PHE A 3963 95.89 51.41 17.15
C PHE A 3963 95.44 52.83 16.82
N THR A 3964 96.30 53.83 17.05
CA THR A 3964 96.01 55.27 16.77
C THR A 3964 96.05 55.52 15.26
N ASP A 3965 96.98 54.88 14.54
CA ASP A 3965 97.18 55.02 13.06
C ASP A 3965 95.92 54.59 12.33
N PRO A 3966 95.55 55.23 11.20
CA PRO A 3966 94.41 54.80 10.39
C PRO A 3966 94.76 53.58 9.53
N ILE A 3967 93.85 52.60 9.44
CA ILE A 3967 94.05 51.35 8.65
C ILE A 3967 93.69 51.66 7.19
N SER A 3968 92.47 52.16 6.94
CA SER A 3968 91.90 52.45 5.60
C SER A 3968 92.05 51.22 4.69
N TYR A 3969 91.11 50.27 4.82
CA TYR A 3969 91.11 48.94 4.16
C TYR A 3969 90.77 49.14 2.68
N PRO A 3970 91.58 48.61 1.73
CA PRO A 3970 91.23 48.64 0.31
C PRO A 3970 90.24 47.50 0.02
N ILE A 3971 89.53 47.58 -1.11
CA ILE A 3971 88.47 46.60 -1.49
C ILE A 3971 89.08 45.26 -1.91
N GLU A 3972 90.32 45.25 -2.39
CA GLU A 3972 91.06 43.99 -2.73
C GLU A 3972 91.19 43.15 -1.45
N GLY A 3973 91.57 43.77 -0.32
CA GLY A 3973 91.65 43.15 1.01
C GLY A 3973 90.32 42.58 1.47
N ILE A 3974 89.22 43.32 1.25
CA ILE A 3974 87.83 42.94 1.65
C ILE A 3974 87.40 41.69 0.86
N TRP A 3975 87.81 41.58 -0.40
CA TRP A 3975 87.54 40.40 -1.27
C TRP A 3975 88.42 39.20 -0.86
N GLN A 3976 89.68 39.45 -0.52
CA GLN A 3976 90.67 38.41 -0.13
C GLN A 3976 90.26 37.78 1.22
N GLU A 3977 89.80 38.61 2.17
CA GLU A 3977 89.24 38.19 3.48
C GLU A 3977 88.01 37.31 3.27
N SER A 3978 87.14 37.66 2.30
CA SER A 3978 85.84 37.02 2.01
C SER A 3978 86.04 35.67 1.33
N SER A 3979 85.09 34.74 1.55
CA SER A 3979 84.96 33.42 0.86
C SER A 3979 83.63 33.40 0.09
N ASN A 3980 83.32 32.28 -0.56
CA ASN A 3980 82.07 32.11 -1.37
C ASN A 3980 80.84 31.99 -0.45
N MET A 3981 80.97 31.26 0.67
CA MET A 3981 79.85 30.98 1.61
C MET A 3981 79.52 32.21 2.46
N ASP A 3982 80.54 33.01 2.85
CA ASP A 3982 80.39 34.25 3.68
C ASP A 3982 80.30 35.47 2.78
N PRO A 3983 79.13 36.16 2.69
CA PRO A 3983 79.00 37.35 1.83
C PRO A 3983 79.81 38.56 2.33
N VAL A 3984 79.69 39.70 1.64
CA VAL A 3984 80.38 40.99 1.98
C VAL A 3984 79.32 42.07 2.16
N LEU A 3985 78.84 42.27 3.39
CA LEU A 3985 77.84 43.32 3.74
C LEU A 3985 78.55 44.67 3.76
N PHE A 3986 77.94 45.69 3.13
CA PHE A 3986 78.38 47.10 3.12
C PHE A 3986 77.35 47.93 3.88
N LEU A 3987 77.77 48.59 4.96
CA LEU A 3987 76.94 49.57 5.73
C LEU A 3987 77.11 50.93 5.05
N LEU A 3988 76.03 51.51 4.55
CA LEU A 3988 76.03 52.77 3.76
C LEU A 3988 75.48 53.91 4.62
N SER A 3989 76.32 54.90 4.95
CA SER A 3989 75.88 56.22 5.43
C SER A 3989 75.28 56.99 4.26
N ALA A 3990 74.26 57.81 4.50
CA ALA A 3990 73.51 58.59 3.48
C ALA A 3990 74.50 59.39 2.61
N GLY A 3991 74.40 59.23 1.29
CA GLY A 3991 75.27 59.89 0.29
C GLY A 3991 76.54 59.10 0.03
N ALA A 3992 76.44 57.76 -0.01
CA ALA A 3992 77.54 56.82 -0.31
C ALA A 3992 77.00 55.70 -1.22
N ASP A 3993 77.84 55.23 -2.15
CA ASP A 3993 77.50 54.12 -3.09
C ASP A 3993 78.78 53.36 -3.43
N PRO A 3994 78.99 52.13 -2.88
CA PRO A 3994 80.20 51.34 -3.16
C PRO A 3994 80.12 50.48 -4.43
N THR A 3995 78.97 50.44 -5.11
CA THR A 3995 78.67 49.54 -6.27
C THR A 3995 79.72 49.75 -7.38
N SER A 3996 80.15 51.00 -7.58
CA SER A 3996 81.22 51.39 -8.53
C SER A 3996 82.55 50.73 -8.15
N SER A 3997 82.93 50.80 -6.87
CA SER A 3997 84.24 50.31 -6.34
C SER A 3997 84.32 48.78 -6.43
N ILE A 3998 83.19 48.07 -6.41
CA ILE A 3998 83.14 46.58 -6.60
C ILE A 3998 83.57 46.31 -8.04
N ASP A 3999 82.90 46.97 -9.00
CA ASP A 3999 83.09 46.81 -10.46
C ASP A 3999 84.54 47.12 -10.84
N GLU A 4000 85.14 48.15 -10.22
CA GLU A 4000 86.58 48.52 -10.38
C GLU A 4000 87.47 47.30 -10.07
N LEU A 4001 87.19 46.59 -8.96
CA LEU A 4001 87.93 45.37 -8.56
C LEU A 4001 87.56 44.22 -9.49
N ALA A 4002 86.28 44.16 -9.91
CA ALA A 4002 85.72 43.10 -10.79
C ALA A 4002 86.43 43.09 -12.15
N LYS A 4003 86.87 44.26 -12.65
CA LYS A 4003 87.61 44.40 -13.93
C LYS A 4003 88.96 43.67 -13.86
N LYS A 4004 89.67 43.80 -12.74
CA LYS A 4004 91.00 43.16 -12.49
C LYS A 4004 90.83 41.65 -12.27
N LYS A 4005 89.66 41.21 -11.78
CA LYS A 4005 89.33 39.79 -11.47
C LYS A 4005 88.55 39.14 -12.63
N LYS A 4006 88.27 39.88 -13.71
CA LYS A 4006 87.50 39.45 -14.91
C LYS A 4006 86.11 38.98 -14.48
N LYS A 4007 85.35 39.89 -13.83
CA LYS A 4007 83.93 39.71 -13.44
C LYS A 4007 83.12 40.98 -13.77
N PHE A 4008 83.71 41.97 -14.45
CA PHE A 4008 83.17 43.35 -14.64
C PHE A 4008 81.70 43.33 -15.07
N PRO A 4009 81.29 42.55 -16.10
CA PRO A 4009 79.88 42.48 -16.49
C PRO A 4009 79.11 41.55 -15.52
N CYS A 4010 78.93 42.01 -14.28
CA CYS A 4010 78.35 41.25 -13.14
C CYS A 4010 76.86 41.58 -13.00
N GLU A 4011 76.11 40.65 -12.41
CA GLU A 4011 74.65 40.83 -12.11
C GLU A 4011 74.52 41.84 -10.97
N LYS A 4012 73.61 42.81 -11.12
CA LYS A 4012 73.19 43.77 -10.07
C LYS A 4012 71.68 43.67 -9.89
N VAL A 4013 71.18 43.79 -8.65
CA VAL A 4013 69.75 43.62 -8.29
C VAL A 4013 69.37 44.60 -7.18
N SER A 4014 68.76 45.74 -7.54
CA SER A 4014 68.13 46.69 -6.58
C SER A 4014 67.01 45.97 -5.83
N MET A 4015 67.24 45.62 -4.57
CA MET A 4015 66.25 44.91 -3.71
C MET A 4015 65.03 45.80 -3.51
N GLY A 4016 63.85 45.17 -3.48
CA GLY A 4016 62.54 45.81 -3.27
C GLY A 4016 61.45 44.76 -3.12
N GLU A 4017 60.18 45.16 -3.28
CA GLU A 4017 59.02 44.23 -3.33
C GLU A 4017 58.98 43.54 -4.69
N GLY A 4018 58.81 42.21 -4.71
CA GLY A 4018 58.78 41.39 -5.93
C GLY A 4018 60.10 41.41 -6.69
N GLN A 4019 61.22 41.63 -6.00
CA GLN A 4019 62.60 41.45 -6.52
C GLN A 4019 63.23 40.17 -5.93
N GLU A 4020 62.52 39.49 -5.03
CA GLU A 4020 62.97 38.21 -4.40
C GLU A 4020 63.09 37.14 -5.49
N ARG A 4021 62.06 37.01 -6.33
CA ARG A 4021 61.99 36.06 -7.48
C ARG A 4021 63.09 36.36 -8.50
N VAL A 4022 63.51 37.62 -8.65
CA VAL A 4022 64.59 38.06 -9.58
C VAL A 4022 65.94 37.65 -8.98
N ALA A 4023 66.16 37.98 -7.70
CA ALA A 4023 67.42 37.74 -6.95
C ALA A 4023 67.74 36.24 -6.94
N ARG A 4024 66.74 35.38 -6.67
CA ARG A 4024 66.90 33.90 -6.65
C ARG A 4024 67.48 33.44 -7.99
N GLN A 4025 66.79 33.76 -9.10
CA GLN A 4025 67.19 33.42 -10.49
C GLN A 4025 68.64 33.88 -10.76
N VAL A 4026 68.99 35.09 -10.31
CA VAL A 4026 70.34 35.72 -10.49
C VAL A 4026 71.38 34.94 -9.67
N ILE A 4027 71.10 34.67 -8.40
CA ILE A 4027 72.06 34.03 -7.44
C ILE A 4027 72.28 32.55 -7.83
N MET A 4028 71.27 31.85 -8.37
CA MET A 4028 71.40 30.44 -8.82
C MET A 4028 72.33 30.33 -10.03
N LYS A 4029 72.34 31.34 -10.91
CA LYS A 4029 73.34 31.45 -12.02
C LYS A 4029 74.74 31.62 -11.41
N GLY A 4030 74.91 32.64 -10.56
CA GLY A 4030 76.15 32.95 -9.84
C GLY A 4030 76.70 31.75 -9.09
N PHE A 4031 75.82 30.97 -8.44
CA PHE A 4031 76.15 29.78 -7.62
C PHE A 4031 76.91 28.73 -8.45
N VAL A 4032 76.42 28.41 -9.66
CA VAL A 4032 76.98 27.31 -10.50
C VAL A 4032 78.00 27.89 -11.50
N GLU A 4033 77.58 28.85 -12.32
CA GLU A 4033 78.40 29.46 -13.41
C GLU A 4033 79.62 30.16 -12.82
N GLY A 4034 79.45 30.81 -11.66
CA GLY A 4034 80.43 31.76 -11.10
C GLY A 4034 80.14 33.17 -11.59
N GLY A 4035 80.40 34.17 -10.76
CA GLY A 4035 80.10 35.58 -11.04
C GLY A 4035 79.71 36.32 -9.78
N TRP A 4036 79.94 37.63 -9.74
CA TRP A 4036 79.63 38.49 -8.57
C TRP A 4036 78.17 38.95 -8.68
N VAL A 4037 77.52 39.14 -7.52
CA VAL A 4037 76.10 39.55 -7.41
C VAL A 4037 76.01 40.69 -6.40
N ILE A 4038 75.88 41.93 -6.89
CA ILE A 4038 75.75 43.15 -6.04
C ILE A 4038 74.26 43.36 -5.78
N LEU A 4039 73.81 43.19 -4.53
CA LEU A 4039 72.44 43.51 -4.07
C LEU A 4039 72.45 44.93 -3.46
N GLN A 4040 71.69 45.85 -4.05
CA GLN A 4040 71.60 47.27 -3.59
C GLN A 4040 70.39 47.39 -2.65
N ASN A 4041 70.32 48.50 -1.90
CA ASN A 4041 69.19 48.90 -1.01
C ASN A 4041 68.55 47.65 -0.39
N CYS A 4042 69.35 46.79 0.24
CA CYS A 4042 68.95 45.46 0.80
C CYS A 4042 68.05 45.65 2.04
N HIS A 4043 68.28 46.72 2.81
CA HIS A 4043 67.54 47.10 4.04
C HIS A 4043 66.04 47.23 3.78
N LEU A 4044 65.64 47.56 2.54
CA LEU A 4044 64.23 47.73 2.11
C LEU A 4044 63.56 46.36 2.00
N GLY A 4045 64.16 45.45 1.23
CA GLY A 4045 63.69 44.06 1.05
C GLY A 4045 64.19 43.14 2.16
N LEU A 4046 63.64 43.29 3.37
CA LEU A 4046 64.08 42.57 4.60
C LEU A 4046 63.77 41.07 4.52
N LYS A 4047 62.65 40.70 3.90
CA LYS A 4047 62.15 39.29 3.85
C LYS A 4047 63.18 38.39 3.15
N PHE A 4048 63.82 38.87 2.09
CA PHE A 4048 64.86 38.14 1.31
C PHE A 4048 66.15 37.97 2.13
N MET A 4049 66.44 38.90 3.04
CA MET A 4049 67.68 38.93 3.84
C MET A 4049 67.70 37.77 4.85
N GLU A 4050 66.53 37.31 5.29
CA GLU A 4050 66.35 36.10 6.14
C GLU A 4050 66.53 34.85 5.26
N GLU A 4051 66.03 34.90 4.03
CA GLU A 4051 66.05 33.78 3.04
C GLU A 4051 67.45 33.59 2.48
N ILE A 4052 68.18 34.68 2.21
CA ILE A 4052 69.53 34.68 1.55
C ILE A 4052 70.58 34.05 2.47
N GLU A 4053 70.44 34.23 3.79
CA GLU A 4053 71.27 33.58 4.84
C GLU A 4053 71.28 32.07 4.62
N THR A 4054 70.10 31.46 4.43
CA THR A 4054 69.88 29.99 4.30
C THR A 4054 70.12 29.54 2.85
N LEU A 4055 69.97 30.44 1.86
CA LEU A 4055 70.20 30.19 0.42
C LEU A 4055 71.71 30.11 0.14
N VAL A 4056 72.49 31.03 0.71
CA VAL A 4056 73.97 31.15 0.50
C VAL A 4056 74.72 30.26 1.50
N SER A 4057 74.01 29.43 2.28
CA SER A 4057 74.60 28.42 3.21
C SER A 4057 75.40 27.39 2.43
N PRO A 4058 76.36 26.67 3.06
CA PRO A 4058 77.12 25.62 2.37
C PRO A 4058 76.32 24.41 1.88
N ILE A 4059 75.09 24.20 2.37
CA ILE A 4059 74.17 23.09 1.97
C ILE A 4059 73.83 23.17 0.48
N ASN A 4060 73.66 24.37 -0.06
CA ASN A 4060 73.51 24.63 -1.53
C ASN A 4060 74.91 24.65 -2.15
N GLN A 4061 75.07 24.06 -3.34
CA GLN A 4061 76.37 23.98 -4.07
C GLN A 4061 76.70 25.36 -4.63
N ILE A 4062 77.81 25.96 -4.18
CA ILE A 4062 78.31 27.31 -4.58
C ILE A 4062 79.69 27.14 -5.23
N HIS A 4063 79.94 27.82 -6.35
CA HIS A 4063 81.26 27.88 -7.04
C HIS A 4063 82.23 28.71 -6.19
N GLU A 4064 83.52 28.39 -6.23
CA GLU A 4064 84.58 29.08 -5.44
C GLU A 4064 84.71 30.55 -5.90
N ASP A 4065 84.55 30.81 -7.20
CA ASP A 4065 84.60 32.17 -7.82
C ASP A 4065 83.53 33.08 -7.22
N PHE A 4066 82.30 32.56 -7.10
CA PHE A 4066 81.08 33.32 -6.69
C PHE A 4066 81.32 34.04 -5.35
N ARG A 4067 81.24 35.36 -5.38
CA ARG A 4067 81.21 36.23 -4.16
C ARG A 4067 79.93 37.05 -4.22
N LEU A 4068 79.20 37.09 -3.10
CA LEU A 4068 77.96 37.90 -2.91
C LEU A 4068 78.36 39.24 -2.30
N TRP A 4069 77.76 40.34 -2.79
CA TRP A 4069 78.01 41.72 -2.30
C TRP A 4069 76.68 42.37 -1.94
N ILE A 4070 76.37 42.50 -0.66
CA ILE A 4070 75.20 43.27 -0.16
C ILE A 4070 75.65 44.70 0.13
N THR A 4071 74.81 45.68 -0.18
CA THR A 4071 74.99 47.12 0.15
C THR A 4071 73.65 47.60 0.71
N CYS A 4072 73.65 48.12 1.93
CA CYS A 4072 72.43 48.58 2.65
C CYS A 4072 72.78 49.62 3.71
N GLU A 4073 71.97 50.68 3.83
CA GLU A 4073 72.08 51.66 4.95
C GLU A 4073 71.61 50.97 6.23
N GLN A 4074 72.16 51.39 7.38
CA GLN A 4074 71.84 50.83 8.72
C GLN A 4074 70.32 50.81 8.91
N HIS A 4075 69.79 49.73 9.49
CA HIS A 4075 68.34 49.51 9.70
C HIS A 4075 68.10 48.74 10.99
N PRO A 4076 67.25 49.25 11.92
CA PRO A 4076 66.85 48.48 13.09
C PRO A 4076 65.91 47.35 12.66
N LYS A 4077 65.99 46.20 13.33
CA LYS A 4077 65.28 44.93 12.99
C LYS A 4077 65.74 44.46 11.60
N PHE A 4078 67.05 44.55 11.35
CA PHE A 4078 67.79 43.80 10.29
C PHE A 4078 67.94 42.36 10.79
N PRO A 4079 67.94 41.33 9.91
CA PRO A 4079 68.04 39.94 10.39
C PRO A 4079 69.44 39.65 10.96
N LEU A 4080 69.51 39.41 12.26
CA LEU A 4080 70.76 39.14 13.03
C LEU A 4080 71.56 38.03 12.35
N GLY A 4081 70.89 36.93 12.01
CA GLY A 4081 71.47 35.73 11.39
C GLY A 4081 72.45 36.07 10.28
N LEU A 4082 72.11 37.05 9.43
CA LEU A 4082 72.93 37.48 8.26
C LEU A 4082 74.17 38.22 8.75
N LEU A 4083 74.01 39.18 9.68
CA LEU A 4083 75.14 39.95 10.29
C LEU A 4083 76.20 38.98 10.84
N GLN A 4084 75.75 37.89 11.46
CA GLN A 4084 76.62 36.86 12.08
C GLN A 4084 77.32 35.98 11.03
N LYS A 4085 76.88 36.01 9.76
CA LYS A 4085 77.51 35.26 8.64
C LYS A 4085 78.38 36.21 7.79
N THR A 4086 77.91 37.44 7.53
CA THR A 4086 78.51 38.38 6.54
C THR A 4086 79.84 38.95 7.04
N LEU A 4087 80.58 39.57 6.12
CA LEU A 4087 81.80 40.39 6.38
C LEU A 4087 81.40 41.87 6.28
N LYS A 4088 81.24 42.52 7.43
CA LYS A 4088 80.65 43.89 7.55
C LYS A 4088 81.75 44.93 7.29
N VAL A 4089 81.52 45.79 6.30
CA VAL A 4089 82.37 46.97 5.94
C VAL A 4089 81.47 48.22 5.95
N THR A 4090 82.04 49.39 6.23
CA THR A 4090 81.34 50.71 6.16
C THR A 4090 82.02 51.57 5.10
N ASN A 4091 81.26 52.01 4.09
CA ASN A 4091 81.70 53.01 3.07
C ASN A 4091 81.01 54.34 3.40
N GLU A 4092 81.76 55.23 4.04
CA GLU A 4092 81.33 56.57 4.52
C GLU A 4092 82.10 57.63 3.74
N PRO A 4093 81.49 58.79 3.37
CA PRO A 4093 82.24 59.88 2.74
C PRO A 4093 83.38 60.41 3.63
N PRO A 4094 84.57 60.75 3.09
CA PRO A 4094 85.68 61.24 3.92
C PRO A 4094 85.46 62.60 4.61
N LYS A 4095 84.44 63.37 4.18
CA LYS A 4095 83.80 64.50 4.90
C LYS A 4095 84.80 65.63 5.25
N GLY A 4096 85.87 65.79 4.46
CA GLY A 4096 86.68 67.03 4.42
C GLY A 4096 86.11 67.99 3.39
N LEU A 4097 86.75 69.15 3.20
CA LEU A 4097 86.37 70.14 2.16
C LEU A 4097 87.03 69.75 0.84
N LYS A 4098 88.34 69.41 0.88
CA LYS A 4098 89.10 68.86 -0.28
C LYS A 4098 88.42 67.57 -0.73
N ALA A 4099 88.30 66.60 0.17
CA ALA A 4099 87.69 65.27 -0.06
C ALA A 4099 86.25 65.41 -0.57
N GLY A 4100 85.54 66.45 -0.12
CA GLY A 4100 84.20 66.82 -0.60
C GLY A 4100 84.25 67.34 -2.03
N LEU A 4101 85.07 68.35 -2.28
CA LEU A 4101 85.29 68.96 -3.62
C LEU A 4101 85.72 67.88 -4.62
N TYR A 4102 86.65 67.02 -4.22
CA TYR A 4102 87.22 65.91 -5.03
C TYR A 4102 86.08 64.98 -5.49
N LYS A 4103 85.23 64.58 -4.55
CA LYS A 4103 84.09 63.64 -4.79
C LYS A 4103 83.12 64.22 -5.84
N THR A 4104 82.93 65.55 -5.90
CA THR A 4104 81.95 66.17 -6.84
C THR A 4104 82.57 66.27 -8.24
N PHE A 4105 83.86 66.59 -8.35
CA PHE A 4105 84.56 66.79 -9.64
C PHE A 4105 84.96 65.44 -10.24
N THR A 4106 85.25 64.42 -9.43
CA THR A 4106 85.49 63.03 -9.91
C THR A 4106 84.17 62.42 -10.41
N THR A 4107 83.06 62.64 -9.68
CA THR A 4107 81.74 61.98 -9.93
C THR A 4107 80.85 62.90 -10.79
N ILE A 4108 79.96 63.70 -10.17
CA ILE A 4108 78.72 64.25 -10.81
C ILE A 4108 79.08 65.27 -11.89
N ILE A 4109 80.14 66.07 -11.69
CA ILE A 4109 80.78 66.86 -12.78
C ILE A 4109 81.61 65.88 -13.62
N THR A 4110 81.41 65.90 -14.94
CA THR A 4110 82.19 65.16 -15.96
C THR A 4110 82.66 66.16 -17.02
N GLN A 4111 83.44 65.71 -18.00
CA GLN A 4111 83.93 66.56 -19.12
C GLN A 4111 82.75 66.95 -20.02
N GLU A 4112 81.78 66.03 -20.19
CA GLU A 4112 80.47 66.27 -20.88
C GLU A 4112 79.76 67.46 -20.22
N PHE A 4113 79.73 67.49 -18.89
CA PHE A 4113 78.94 68.45 -18.04
C PHE A 4113 79.50 69.87 -18.20
N ILE A 4114 80.81 70.06 -18.07
CA ILE A 4114 81.47 71.39 -18.09
C ILE A 4114 81.54 71.95 -19.53
N ASP A 4115 81.01 71.21 -20.52
CA ASP A 4115 80.95 71.61 -21.96
C ASP A 4115 79.50 71.78 -22.43
N LYS A 4116 78.53 71.84 -21.51
CA LYS A 4116 77.08 71.84 -21.85
C LYS A 4116 76.64 73.24 -22.32
N VAL A 4117 77.16 74.31 -21.71
CA VAL A 4117 76.78 75.72 -22.03
C VAL A 4117 77.80 76.33 -23.00
N ASP A 4118 79.09 76.04 -22.81
CA ASP A 4118 80.21 76.45 -23.73
C ASP A 4118 80.44 77.97 -23.60
N HIS A 4119 80.58 78.44 -22.36
CA HIS A 4119 80.96 79.84 -21.99
C HIS A 4119 81.89 79.75 -20.75
N SER A 4120 82.85 80.67 -20.61
CA SER A 4120 83.73 80.78 -19.42
C SER A 4120 82.87 80.84 -18.15
N ASN A 4121 81.93 81.79 -18.11
CA ASN A 4121 81.03 82.15 -16.97
C ASN A 4121 80.15 80.98 -16.52
N TRP A 4122 80.08 79.86 -17.26
CA TRP A 4122 79.38 78.61 -16.84
C TRP A 4122 80.33 77.76 -16.00
N ARG A 4123 81.59 77.67 -16.42
CA ARG A 4123 82.64 76.86 -15.75
C ARG A 4123 82.98 77.56 -14.44
N SER A 4124 83.14 78.90 -14.48
CA SER A 4124 83.31 79.79 -13.31
C SER A 4124 82.19 79.54 -12.30
N LEU A 4125 80.93 79.53 -12.75
CA LEU A 4125 79.74 79.31 -11.89
C LEU A 4125 79.68 77.84 -11.43
N ILE A 4126 80.11 76.89 -12.26
CA ILE A 4126 80.09 75.43 -11.91
C ILE A 4126 80.92 75.22 -10.65
N PHE A 4127 82.05 75.92 -10.53
CA PHE A 4127 82.99 75.79 -9.39
C PHE A 4127 82.36 76.42 -8.14
N THR A 4128 81.85 77.65 -8.28
CA THR A 4128 81.26 78.45 -7.18
C THR A 4128 80.09 77.71 -6.53
N ILE A 4129 79.23 77.04 -7.30
CA ILE A 4129 78.07 76.26 -6.76
C ILE A 4129 78.60 74.98 -6.10
N CYS A 4130 79.62 74.36 -6.68
CA CYS A 4130 80.22 73.09 -6.17
C CYS A 4130 81.11 73.37 -4.95
N PHE A 4131 81.74 74.55 -4.90
CA PHE A 4131 82.58 75.01 -3.77
C PHE A 4131 81.67 75.38 -2.59
N LEU A 4132 80.62 76.15 -2.87
CA LEU A 4132 79.53 76.48 -1.91
C LEU A 4132 78.92 75.19 -1.37
N HIS A 4133 78.73 74.18 -2.22
CA HIS A 4133 78.03 72.92 -1.83
C HIS A 4133 78.79 72.30 -0.67
N SER A 4134 80.09 72.07 -0.84
CA SER A 4134 80.98 71.40 0.14
C SER A 4134 81.02 72.20 1.44
N ILE A 4135 81.22 73.53 1.33
CA ILE A 4135 81.32 74.49 2.49
C ILE A 4135 80.04 74.46 3.33
N VAL A 4136 78.89 74.29 2.70
CA VAL A 4136 77.56 74.16 3.38
C VAL A 4136 77.47 72.79 4.06
N ILE A 4137 78.04 71.73 3.48
CA ILE A 4137 78.06 70.37 4.12
C ILE A 4137 78.98 70.41 5.35
N GLU A 4138 80.21 70.93 5.20
CA GLU A 4138 81.25 70.88 6.25
C GLU A 4138 80.92 71.86 7.39
N ARG A 4139 79.94 72.75 7.20
CA ARG A 4139 79.36 73.56 8.30
C ARG A 4139 78.70 72.64 9.34
N LYS A 4140 78.05 71.55 8.91
CA LYS A 4140 77.26 70.65 9.81
C LYS A 4140 78.15 70.04 10.91
N LYS A 4141 79.45 69.94 10.68
CA LYS A 4141 80.47 69.44 11.65
C LYS A 4141 80.39 70.24 12.95
N PHE A 4142 80.18 71.55 12.86
CA PHE A 4142 80.27 72.52 14.00
C PHE A 4142 78.96 72.54 14.79
N GLY A 4143 77.94 71.83 14.32
CA GLY A 4143 76.71 71.57 15.10
C GLY A 4143 75.80 72.79 15.10
N PRO A 4144 75.21 73.18 16.26
CA PRO A 4144 74.13 74.15 16.28
C PRO A 4144 74.61 75.55 15.85
N LEU A 4145 75.89 75.86 16.06
CA LEU A 4145 76.58 77.05 15.50
C LEU A 4145 76.53 76.98 13.97
N GLY A 4146 76.94 75.83 13.42
CA GLY A 4146 76.88 75.49 11.99
C GLY A 4146 75.50 75.72 11.38
N TRP A 4147 74.56 74.81 11.67
CA TRP A 4147 73.13 74.87 11.27
C TRP A 4147 72.26 74.49 12.47
N CYS A 4148 71.36 75.39 12.88
CA CYS A 4148 70.34 75.15 13.95
C CYS A 4148 69.81 73.72 13.84
N VAL A 4149 69.42 73.31 12.62
CA VAL A 4149 68.96 71.93 12.27
C VAL A 4149 69.83 71.40 11.14
N PRO A 4150 70.41 70.17 11.25
CA PRO A 4150 71.27 69.63 10.19
C PRO A 4150 70.49 68.90 9.10
N TYR A 4151 70.43 69.47 7.89
CA TYR A 4151 69.74 68.88 6.71
C TYR A 4151 70.79 68.25 5.80
N GLU A 4152 70.72 66.93 5.60
CA GLU A 4152 71.64 66.19 4.70
C GLU A 4152 71.38 66.71 3.27
N TYR A 4153 72.19 67.66 2.82
CA TYR A 4153 72.15 68.24 1.44
C TYR A 4153 72.77 67.25 0.46
N ASN A 4154 71.92 66.41 -0.16
CA ASN A 4154 72.31 65.43 -1.21
C ASN A 4154 72.89 66.16 -2.43
N TYR A 4155 73.44 65.39 -3.37
CA TYR A 4155 74.01 65.88 -4.65
C TYR A 4155 72.89 66.29 -5.62
N SER A 4156 71.65 65.81 -5.39
CA SER A 4156 70.42 66.23 -6.10
C SER A 4156 70.27 67.76 -6.04
N ASP A 4157 70.51 68.35 -4.87
CA ASP A 4157 70.48 69.82 -4.62
C ASP A 4157 71.52 70.53 -5.48
N LEU A 4158 72.68 69.89 -5.68
CA LEU A 4158 73.80 70.42 -6.51
C LEU A 4158 73.43 70.27 -7.99
N GLU A 4159 72.98 69.08 -8.39
CA GLU A 4159 72.58 68.74 -9.78
C GLU A 4159 71.50 69.72 -10.26
N ALA A 4160 70.42 69.86 -9.47
CA ALA A 4160 69.28 70.75 -9.74
C ALA A 4160 69.76 72.19 -9.93
N SER A 4161 70.45 72.75 -8.93
CA SER A 4161 70.99 74.13 -8.93
C SER A 4161 71.87 74.37 -10.17
N LEU A 4162 72.58 73.34 -10.65
CA LEU A 4162 73.43 73.41 -11.86
C LEU A 4162 72.54 73.31 -13.11
N LEU A 4163 71.65 72.31 -13.17
CA LEU A 4163 70.68 72.10 -14.27
C LEU A 4163 69.89 73.41 -14.52
N TYR A 4164 69.55 74.14 -13.46
CA TYR A 4164 68.88 75.47 -13.54
C TYR A 4164 69.74 76.45 -14.34
N ILE A 4165 71.03 76.53 -13.99
CA ILE A 4165 71.96 77.54 -14.56
C ILE A 4165 72.14 77.26 -16.07
N GLU A 4166 72.05 76.00 -16.52
CA GLU A 4166 71.99 75.66 -17.96
C GLU A 4166 70.81 76.38 -18.61
N LYS A 4167 69.59 76.13 -18.11
CA LYS A 4167 68.32 76.74 -18.60
C LYS A 4167 68.48 78.26 -18.66
N TYR A 4168 69.01 78.85 -17.58
CA TYR A 4168 69.18 80.32 -17.41
C TYR A 4168 70.18 80.84 -18.43
N LEU A 4169 71.36 80.23 -18.53
CA LEU A 4169 72.47 80.71 -19.38
C LEU A 4169 72.17 80.47 -20.87
N THR A 4170 71.53 79.35 -21.22
CA THR A 4170 71.14 79.02 -22.62
C THR A 4170 70.27 80.14 -23.20
N ASN A 4171 69.40 80.77 -22.39
CA ASN A 4171 68.49 81.86 -22.82
C ASN A 4171 69.27 83.16 -23.01
N LEU A 4172 70.44 83.30 -22.36
CA LEU A 4172 71.36 84.46 -22.53
C LEU A 4172 72.41 84.14 -23.62
N MET A 4173 72.70 82.85 -23.84
CA MET A 4173 73.60 82.36 -24.92
C MET A 4173 72.92 82.54 -26.29
N SER A 4174 71.59 82.39 -26.35
CA SER A 4174 70.77 82.52 -27.59
C SER A 4174 70.87 83.96 -28.16
N THR A 4175 70.83 84.97 -27.29
CA THR A 4175 70.91 86.42 -27.62
C THR A 4175 72.25 86.71 -28.31
N PRO A 4176 72.30 87.66 -29.29
CA PRO A 4176 73.56 88.13 -29.86
C PRO A 4176 74.67 88.43 -28.83
N HIS A 4181 83.53 92.51 -23.01
CA HIS A 4181 84.42 91.51 -22.34
C HIS A 4181 83.93 90.07 -22.56
N ASN A 4182 82.90 89.86 -23.39
CA ASN A 4182 82.26 88.54 -23.66
C ASN A 4182 81.83 87.89 -22.34
N LEU A 4183 81.03 88.62 -21.55
CA LEU A 4183 80.32 88.14 -20.34
C LEU A 4183 78.82 88.19 -20.61
N PRO A 4184 78.02 87.13 -20.31
CA PRO A 4184 76.56 87.23 -20.35
C PRO A 4184 76.07 88.19 -19.26
N ILE A 4185 74.75 88.39 -19.16
CA ILE A 4185 74.12 89.32 -18.18
C ILE A 4185 74.25 88.72 -16.78
N SER A 4186 74.02 87.40 -16.64
CA SER A 4186 74.09 86.60 -15.39
C SER A 4186 73.62 87.45 -14.20
N MET A 4187 72.32 87.75 -14.16
CA MET A 4187 71.68 88.57 -13.09
C MET A 4187 71.69 87.77 -11.78
N ASN A 4188 72.65 88.06 -10.88
CA ASN A 4188 72.95 87.24 -9.68
C ASN A 4188 71.82 87.37 -8.65
N VAL A 4189 71.03 88.45 -8.69
CA VAL A 4189 69.78 88.62 -7.89
C VAL A 4189 68.91 87.37 -8.05
N VAL A 4190 68.65 86.96 -9.30
CA VAL A 4190 67.89 85.72 -9.65
C VAL A 4190 68.65 84.51 -9.12
N ARG A 4191 69.93 84.41 -9.47
CA ARG A 4191 70.81 83.25 -9.16
C ARG A 4191 70.79 82.96 -7.65
N TYR A 4192 71.07 83.96 -6.81
CA TYR A 4192 70.89 83.88 -5.34
C TYR A 4192 69.60 83.10 -5.10
N MET A 4193 68.44 83.68 -5.46
CA MET A 4193 67.09 83.21 -5.05
C MET A 4193 66.90 81.73 -5.43
N ILE A 4194 67.33 81.33 -6.61
CA ILE A 4194 66.96 79.99 -7.17
C ILE A 4194 67.85 78.91 -6.53
N CYS A 4195 69.14 79.19 -6.29
CA CYS A 4195 70.07 78.30 -5.53
C CYS A 4195 69.73 78.32 -4.02
N GLU A 4196 68.98 79.32 -3.55
CA GLU A 4196 68.36 79.42 -2.20
C GLU A 4196 66.85 79.13 -2.30
N VAL A 4197 66.46 78.30 -3.28
CA VAL A 4197 65.11 77.68 -3.50
C VAL A 4197 65.30 76.17 -3.76
N GLN A 4198 66.33 75.76 -4.52
CA GLN A 4198 66.72 74.33 -4.70
C GLN A 4198 67.21 73.75 -3.37
N TYR A 4199 68.12 74.45 -2.67
CA TYR A 4199 68.63 74.07 -1.33
C TYR A 4199 67.62 74.44 -0.24
N GLY A 4200 66.89 75.55 -0.43
CA GLY A 4200 65.83 76.04 0.47
C GLY A 4200 64.70 75.04 0.66
N GLY A 4201 64.56 74.06 -0.24
CA GLY A 4201 63.60 72.95 -0.11
C GLY A 4201 63.77 72.17 1.19
N ARG A 4202 65.00 71.81 1.52
CA ARG A 4202 65.37 71.07 2.76
C ARG A 4202 65.09 71.95 3.99
N ILE A 4203 65.48 73.23 3.91
CA ILE A 4203 65.60 74.18 5.06
C ILE A 4203 64.22 74.42 5.66
N THR A 4204 64.04 74.06 6.93
CA THR A 4204 62.80 74.22 7.75
C THR A 4204 62.90 75.51 8.57
N ASP A 4205 64.04 75.73 9.25
CA ASP A 4205 64.29 76.87 10.16
C ASP A 4205 64.42 78.18 9.37
N ASP A 4206 63.93 79.28 9.94
CA ASP A 4206 63.91 80.63 9.33
C ASP A 4206 65.28 81.31 9.49
N LEU A 4207 66.03 80.98 10.54
CA LEU A 4207 67.35 81.58 10.87
C LEU A 4207 68.49 80.78 10.21
N ASP A 4208 68.24 79.51 9.87
CA ASP A 4208 69.13 78.69 9.00
C ASP A 4208 68.96 79.16 7.56
N ARG A 4209 67.72 79.41 7.12
CA ARG A 4209 67.44 80.03 5.80
C ARG A 4209 68.30 81.29 5.67
N GLU A 4210 68.08 82.28 6.53
CA GLU A 4210 68.78 83.60 6.53
C GLU A 4210 70.31 83.41 6.46
N LEU A 4211 70.83 82.29 6.96
CA LEU A 4211 72.28 81.96 6.96
C LEU A 4211 72.68 81.58 5.54
N PHE A 4212 71.94 80.67 4.90
CA PHE A 4212 72.19 80.20 3.52
C PHE A 4212 72.12 81.41 2.58
N ILE A 4213 71.00 82.13 2.63
CA ILE A 4213 70.75 83.41 1.91
C ILE A 4213 72.02 84.27 2.00
N THR A 4214 72.65 84.34 3.19
CA THR A 4214 73.87 85.14 3.48
C THR A 4214 75.08 84.51 2.78
N TYR A 4215 75.16 83.18 2.73
CA TYR A 4215 76.25 82.46 2.01
C TYR A 4215 76.16 82.78 0.52
N GLY A 4216 74.96 82.68 -0.05
CA GLY A 4216 74.64 83.14 -1.42
C GLY A 4216 75.30 84.47 -1.73
N GLU A 4217 75.09 85.47 -0.88
CA GLU A 4217 75.50 86.87 -1.11
C GLU A 4217 77.04 87.01 -1.03
N THR A 4218 77.75 86.05 -0.41
CA THR A 4218 79.22 86.09 -0.23
C THR A 4218 79.93 85.31 -1.35
N TYR A 4219 79.32 84.24 -1.85
CA TYR A 4219 79.92 83.34 -2.87
C TYR A 4219 79.48 83.74 -4.27
N LEU A 4220 78.18 84.00 -4.49
CA LEU A 4220 77.61 84.28 -5.83
C LEU A 4220 77.47 85.79 -6.06
N LYS A 4221 78.55 86.56 -5.83
CA LYS A 4221 78.60 88.02 -6.13
C LYS A 4221 79.09 88.20 -7.58
N ASP A 4222 78.99 89.43 -8.10
CA ASP A 4222 79.19 89.75 -9.54
C ASP A 4222 80.68 89.63 -9.91
N GLY A 4223 81.58 89.72 -8.93
CA GLY A 4223 83.05 89.74 -9.13
C GLY A 4223 83.70 88.37 -8.97
N ILE A 4224 82.98 87.27 -9.23
CA ILE A 4224 83.55 85.90 -9.26
C ILE A 4224 84.13 85.61 -10.65
N PHE A 4225 83.58 86.25 -11.70
CA PHE A 4225 83.93 85.99 -13.12
C PHE A 4225 85.34 86.54 -13.42
N GLY A 4226 85.69 87.70 -12.85
CA GLY A 4226 87.06 88.25 -12.86
C GLY A 4226 88.05 87.29 -12.22
N ASN A 4227 89.29 87.23 -12.73
CA ASN A 4227 90.34 86.27 -12.30
C ASN A 4227 90.81 86.58 -10.87
N ASP A 4228 91.10 87.84 -10.57
CA ASP A 4228 91.68 88.29 -9.27
C ASP A 4228 90.57 88.39 -8.22
N TYR A 4229 89.89 87.28 -7.95
CA TYR A 4229 88.94 87.08 -6.82
C TYR A 4229 89.18 85.69 -6.23
N PHE A 4230 89.21 85.59 -4.88
CA PHE A 4230 89.78 84.43 -4.15
C PHE A 4230 88.97 84.07 -2.89
N PHE A 4231 87.66 84.25 -2.89
CA PHE A 4231 86.72 83.83 -1.80
C PHE A 4231 87.30 84.15 -0.41
N TYR A 4232 88.24 83.33 0.06
CA TYR A 4232 88.88 83.37 1.39
C TYR A 4232 90.35 82.99 1.24
N ASP A 4233 91.28 83.94 1.28
CA ASP A 4233 92.75 83.67 1.26
C ASP A 4233 93.25 83.45 2.70
N ILE A 4234 93.22 82.20 3.18
CA ILE A 4234 93.40 81.83 4.62
C ILE A 4234 94.86 81.44 4.87
N MET A 4235 95.39 81.82 6.03
CA MET A 4235 96.70 81.32 6.56
C MET A 4235 96.47 79.95 7.20
N VAL A 4236 96.41 78.92 6.36
CA VAL A 4236 96.20 77.48 6.75
C VAL A 4236 97.58 76.85 7.04
N ASP A 4237 98.54 77.02 6.14
CA ASP A 4237 99.92 76.44 6.25
C ASP A 4237 100.95 77.47 5.79
N GLN A 4241 102.76 79.41 3.44
CA GLN A 4241 102.30 80.58 4.24
C GLN A 4241 100.77 80.61 4.30
N LYS A 4242 100.11 80.70 3.15
CA LYS A 4242 98.62 80.83 3.03
C LYS A 4242 98.14 80.27 1.69
N PHE A 4243 97.01 79.55 1.70
CA PHE A 4243 96.31 79.01 0.51
C PHE A 4243 95.23 80.00 0.05
N LYS A 4244 94.96 80.08 -1.27
CA LYS A 4244 94.20 81.20 -1.89
C LYS A 4244 92.70 80.89 -2.01
N TYR A 4245 92.27 79.63 -2.18
CA TYR A 4245 90.84 79.22 -2.30
C TYR A 4245 90.15 80.02 -3.42
N ARG A 4246 90.68 79.91 -4.64
CA ARG A 4246 90.32 80.71 -5.85
C ARG A 4246 89.12 80.07 -6.54
N ILE A 4247 88.79 80.56 -7.74
CA ILE A 4247 88.19 79.78 -8.87
C ILE A 4247 89.32 79.47 -9.85
N PRO A 4248 89.72 78.19 -10.03
CA PRO A 4248 90.79 77.86 -10.97
C PRO A 4248 90.40 78.32 -12.38
N GLN A 4249 91.35 78.92 -13.10
CA GLN A 4249 91.12 79.50 -14.46
C GLN A 4249 91.54 78.46 -15.50
N ASN A 4250 90.63 78.11 -16.42
CA ASN A 4250 90.87 77.19 -17.57
C ASN A 4250 90.66 77.97 -18.86
N PRO A 4251 91.71 78.16 -19.71
CA PRO A 4251 91.51 78.69 -21.06
C PRO A 4251 90.57 77.74 -21.84
N SER A 4252 90.97 76.47 -21.95
CA SER A 4252 90.18 75.35 -22.55
C SER A 4252 89.63 74.47 -21.42
N ALA A 4253 88.32 74.25 -21.41
CA ALA A 4253 87.57 73.52 -20.36
C ALA A 4253 88.14 72.10 -20.22
N GLU A 4254 88.84 71.83 -19.12
CA GLU A 4254 89.43 70.50 -18.80
C GLU A 4254 89.03 70.13 -17.37
N LEU A 4255 88.38 68.97 -17.20
CA LEU A 4255 88.04 68.37 -15.89
C LEU A 4255 89.33 68.10 -15.10
N ILE A 4256 90.43 67.79 -15.80
CA ILE A 4256 91.75 67.44 -15.20
C ILE A 4256 92.28 68.66 -14.42
N LYS A 4257 92.17 69.87 -14.98
CA LYS A 4257 92.76 71.10 -14.37
C LYS A 4257 91.99 71.52 -13.11
N TYR A 4258 90.72 71.15 -12.99
CA TYR A 4258 89.90 71.37 -11.77
C TYR A 4258 90.33 70.34 -10.71
N GLN A 4259 90.44 69.07 -11.09
CA GLN A 4259 90.89 67.95 -10.21
C GLN A 4259 92.34 68.18 -9.77
N GLU A 4260 93.12 68.87 -10.62
CA GLU A 4260 94.56 69.19 -10.38
C GLU A 4260 94.65 70.20 -9.23
N TYR A 4261 93.82 71.24 -9.27
CA TYR A 4261 93.74 72.32 -8.23
C TYR A 4261 93.22 71.75 -6.91
N ILE A 4262 92.24 70.84 -6.95
CA ILE A 4262 91.63 70.21 -5.74
C ILE A 4262 92.69 69.36 -5.02
N ALA A 4263 93.78 68.96 -5.69
CA ALA A 4263 94.96 68.35 -5.03
C ALA A 4263 95.63 69.38 -4.12
N LYS A 4264 95.85 70.61 -4.62
CA LYS A 4264 96.60 71.68 -3.92
C LYS A 4264 95.84 72.18 -2.69
N VAL A 4265 94.52 71.93 -2.59
CA VAL A 4265 93.66 72.35 -1.44
C VAL A 4265 94.10 71.60 -0.18
N PRO A 4266 94.21 72.28 0.99
CA PRO A 4266 94.60 71.60 2.23
C PRO A 4266 93.56 70.60 2.76
N THR A 4267 94.05 69.55 3.42
CA THR A 4267 93.26 68.45 4.04
C THR A 4267 92.58 68.97 5.32
N VAL A 4268 93.33 69.69 6.16
CA VAL A 4268 92.83 70.30 7.43
C VAL A 4268 92.17 71.64 7.10
N ASP A 4269 90.83 71.68 7.15
CA ASP A 4269 89.99 72.87 6.82
C ASP A 4269 90.03 73.85 7.99
N ASN A 4270 90.60 75.05 7.77
CA ASN A 4270 90.58 76.15 8.77
C ASN A 4270 89.11 76.52 8.97
N PRO A 4271 88.67 76.97 10.17
CA PRO A 4271 87.28 77.40 10.35
C PRO A 4271 86.96 78.71 9.59
N GLU A 4272 87.99 79.52 9.29
CA GLU A 4272 87.85 80.82 8.58
C GLU A 4272 87.18 80.64 7.21
N VAL A 4273 87.31 79.46 6.58
CA VAL A 4273 86.74 79.14 5.23
C VAL A 4273 85.20 79.20 5.26
N PHE A 4274 84.58 78.90 6.40
CA PHE A 4274 83.09 78.90 6.58
C PHE A 4274 82.63 80.25 7.17
N GLY A 4275 83.55 81.22 7.29
CA GLY A 4275 83.28 82.54 7.92
C GLY A 4275 83.27 82.49 9.44
N LEU A 4276 83.61 81.33 10.02
CA LEU A 4276 83.63 81.12 11.50
C LEU A 4276 84.93 81.70 12.07
N HIS A 4277 85.02 81.79 13.40
CA HIS A 4277 86.25 82.19 14.14
C HIS A 4277 87.09 80.95 14.43
N SER A 4278 88.40 81.14 14.64
CA SER A 4278 89.37 80.07 15.04
C SER A 4278 88.83 79.22 16.20
N ASN A 4279 88.04 79.82 17.11
CA ASN A 4279 87.41 79.14 18.29
C ASN A 4279 86.25 78.25 17.87
N ALA A 4280 85.87 78.21 16.58
CA ALA A 4280 84.78 77.34 16.08
C ALA A 4280 85.20 75.88 16.20
N ASP A 4281 86.49 75.59 15.98
CA ASP A 4281 87.05 74.21 16.07
C ASP A 4281 86.98 73.72 17.53
N LEU A 4282 87.18 74.60 18.52
CA LEU A 4282 87.06 74.26 19.97
C LEU A 4282 85.61 73.92 20.32
N THR A 4283 84.63 74.44 19.58
CA THR A 4283 83.17 74.14 19.75
C THR A 4283 82.84 72.83 19.02
N PHE A 4284 83.48 72.60 17.88
CA PHE A 4284 83.37 71.35 17.08
C PHE A 4284 84.00 70.20 17.88
N ARG A 4285 85.26 70.36 18.26
CA ARG A 4285 86.05 69.33 19.02
C ARG A 4285 85.28 68.92 20.28
N LEU A 4286 84.71 69.89 21.00
CA LEU A 4286 83.90 69.67 22.23
C LEU A 4286 82.69 68.79 21.90
N LYS A 4287 82.01 69.05 20.77
CA LYS A 4287 80.76 68.34 20.38
C LYS A 4287 81.05 66.88 20.05
N GLU A 4288 82.12 66.61 19.29
CA GLU A 4288 82.49 65.23 18.84
C GLU A 4288 83.08 64.44 20.01
N SER A 4289 83.51 65.12 21.08
CA SER A 4289 84.07 64.50 22.32
C SER A 4289 82.97 64.25 23.35
N LYS A 4290 81.97 65.13 23.43
CA LYS A 4290 80.75 64.92 24.24
C LYS A 4290 79.94 63.77 23.62
N GLU A 4291 79.93 63.67 22.29
CA GLU A 4291 79.25 62.60 21.51
C GLU A 4291 79.91 61.25 21.79
N MET A 4292 81.26 61.21 21.84
CA MET A 4292 82.06 60.00 22.18
C MET A 4292 81.69 59.52 23.58
N ILE A 4293 81.73 60.43 24.56
CA ILE A 4293 81.47 60.15 26.00
C ILE A 4293 80.02 59.68 26.18
N ASN A 4294 79.08 60.27 25.46
CA ASN A 4294 77.62 59.95 25.54
C ASN A 4294 77.36 58.54 24.98
N THR A 4295 78.06 58.14 23.91
CA THR A 4295 77.91 56.81 23.25
C THR A 4295 78.50 55.71 24.15
N VAL A 4296 79.63 55.97 24.80
CA VAL A 4296 80.33 54.98 25.69
C VAL A 4296 79.60 54.89 27.04
N MET A 4297 78.81 55.91 27.42
CA MET A 4297 77.98 55.91 28.66
C MET A 4297 76.82 54.89 28.53
N GLU A 4298 76.20 54.81 27.34
CA GLU A 4298 75.08 53.88 27.05
C GLU A 4298 75.55 52.42 27.15
N THR A 4299 76.79 52.14 26.73
CA THR A 4299 77.39 50.78 26.67
C THR A 4299 77.67 50.24 28.08
N ARG A 4300 77.94 51.14 29.05
CA ARG A 4300 78.42 50.77 30.42
C ARG A 4300 77.47 49.75 31.05
N PRO A 4301 78.01 48.73 31.76
CA PRO A 4301 77.18 47.74 32.43
C PRO A 4301 76.48 48.33 33.66
N LYS A 4302 75.31 47.78 34.02
CA LYS A 4302 74.46 48.22 35.15
C LYS A 4302 74.75 47.35 36.38
N ASP A 4303 76.01 47.02 36.61
CA ASP A 4303 76.48 46.12 37.71
C ASP A 4303 76.73 46.99 38.96
N SER A 4304 76.15 46.59 40.10
CA SER A 4304 76.17 47.34 41.38
C SER A 4304 77.59 47.34 41.96
N SER A 4305 78.34 46.24 41.84
CA SER A 4305 79.74 46.09 42.31
C SER A 4305 80.66 46.99 41.47
N VAL A 4306 80.79 48.25 41.87
CA VAL A 4306 81.64 49.29 41.19
C VAL A 4306 83.08 49.16 41.71
N GLY A 4307 83.25 49.02 43.04
CA GLY A 4307 84.56 48.97 43.71
C GLY A 4307 84.79 50.21 44.56
N GLY A 4308 85.75 50.15 45.48
CA GLY A 4308 86.04 51.22 46.46
C GLY A 4308 85.05 51.23 47.62
N GLY A 4309 84.44 50.07 47.93
CA GLY A 4309 83.53 49.86 49.08
C GLY A 4309 82.26 50.69 48.99
N LYS A 4310 81.72 50.88 47.79
CA LYS A 4310 80.44 51.62 47.53
C LYS A 4310 79.77 51.06 46.28
N THR A 4311 78.53 50.60 46.40
CA THR A 4311 77.71 50.04 45.29
C THR A 4311 77.17 51.18 44.42
N ARG A 4312 76.57 50.83 43.28
CA ARG A 4312 75.96 51.78 42.31
C ARG A 4312 74.73 52.44 42.94
N GLU A 4313 73.86 51.65 43.57
CA GLU A 4313 72.61 52.12 44.24
C GLU A 4313 72.94 53.01 45.43
N GLU A 4314 74.02 52.72 46.18
CA GLU A 4314 74.46 53.50 47.37
C GLU A 4314 74.98 54.87 46.95
N ILE A 4315 75.62 54.98 45.78
CA ILE A 4315 76.08 56.27 45.18
C ILE A 4315 74.86 57.12 44.80
N VAL A 4316 73.82 56.48 44.23
CA VAL A 4316 72.53 57.13 43.84
C VAL A 4316 71.81 57.61 45.10
N GLN A 4317 71.72 56.75 46.12
CA GLN A 4317 71.08 57.06 47.43
C GLN A 4317 71.69 58.34 48.01
N ASP A 4318 73.01 58.37 48.15
CA ASP A 4318 73.79 59.49 48.76
C ASP A 4318 73.53 60.79 48.00
N LYS A 4319 73.35 60.72 46.67
CA LYS A 4319 73.07 61.89 45.79
C LYS A 4319 71.61 62.33 45.97
N ALA A 4320 70.67 61.38 45.90
CA ALA A 4320 69.21 61.62 46.03
C ALA A 4320 68.88 62.25 47.40
N LYS A 4321 69.60 61.85 48.46
CA LYS A 4321 69.48 62.42 49.83
C LYS A 4321 70.12 63.81 49.87
N ASP A 4322 71.26 63.99 49.18
CA ASP A 4322 72.03 65.27 49.12
C ASP A 4322 71.27 66.30 48.28
N MET A 4323 70.44 65.86 47.32
CA MET A 4323 69.58 66.75 46.50
C MET A 4323 68.38 67.23 47.33
N LEU A 4324 67.68 66.32 48.01
CA LEU A 4324 66.40 66.58 48.74
C LEU A 4324 66.58 67.69 49.78
N LYS A 4325 67.74 67.78 50.44
CA LYS A 4325 68.01 68.81 51.47
C LYS A 4325 68.27 70.18 50.83
N ASN A 4326 68.71 70.20 49.55
CA ASN A 4326 69.03 71.43 48.79
C ASN A 4326 67.79 71.96 48.05
N LEU A 4327 66.76 71.12 47.83
CA LEU A 4327 65.46 71.52 47.21
C LEU A 4327 64.83 72.65 48.04
N PRO A 4328 64.12 73.61 47.42
CA PRO A 4328 63.46 74.67 48.17
C PRO A 4328 62.11 74.18 48.70
N PRO A 4329 61.54 74.83 49.74
CA PRO A 4329 60.25 74.39 50.31
C PRO A 4329 59.13 74.54 49.28
N ASP A 4330 58.15 73.63 49.31
CA ASP A 4330 56.99 73.60 48.36
C ASP A 4330 56.12 74.84 48.62
N TYR A 4331 55.80 75.59 47.56
CA TYR A 4331 54.93 76.80 47.57
C TYR A 4331 53.48 76.40 47.87
N ASN A 4332 52.84 77.07 48.83
CA ASN A 4332 51.39 76.88 49.16
C ASN A 4332 50.60 77.82 48.25
N ASP A 4333 49.67 77.29 47.44
CA ASP A 4333 48.96 78.04 46.37
C ASP A 4333 48.17 79.19 47.00
N VAL A 4334 47.44 78.92 48.09
CA VAL A 4334 46.60 79.91 48.84
C VAL A 4334 47.48 81.00 49.46
N GLU A 4335 48.71 80.67 49.88
CA GLU A 4335 49.71 81.64 50.43
C GLU A 4335 50.24 82.50 49.28
N VAL A 4336 50.70 81.88 48.20
CA VAL A 4336 51.28 82.55 46.99
C VAL A 4336 50.32 83.64 46.50
N ARG A 4337 49.03 83.31 46.36
CA ARG A 4337 47.98 84.24 45.87
C ARG A 4337 47.88 85.47 46.80
N GLU A 4338 48.08 85.27 48.12
CA GLU A 4338 48.09 86.37 49.12
C GLU A 4338 49.35 87.24 48.97
N LEU A 4339 50.50 86.63 48.64
CA LEU A 4339 51.78 87.34 48.36
C LEU A 4339 51.69 88.08 47.01
N VAL A 4340 50.97 87.49 46.04
CA VAL A 4340 50.83 88.05 44.66
C VAL A 4340 49.93 89.29 44.73
N SER A 4341 48.85 89.24 45.52
CA SER A 4341 47.87 90.35 45.70
C SER A 4341 48.57 91.61 46.26
N LYS A 4342 49.70 91.45 46.95
CA LYS A 4342 50.48 92.54 47.58
C LYS A 4342 51.48 93.17 46.59
N LEU A 4343 51.80 92.50 45.48
CA LEU A 4343 52.81 92.96 44.47
C LEU A 4343 52.33 94.25 43.81
N GLY A 4344 53.23 95.24 43.68
CA GLY A 4344 52.95 96.51 42.98
C GLY A 4344 52.99 96.37 41.47
N GLY A 4345 53.09 97.48 40.76
CA GLY A 4345 53.24 97.53 39.29
C GLY A 4345 54.56 98.18 38.89
N PRO A 4346 54.85 98.30 37.56
CA PRO A 4346 56.01 99.04 37.09
C PRO A 4346 55.79 100.55 37.30
N ASN A 4347 56.85 101.26 37.67
CA ASN A 4347 56.79 102.69 38.13
C ASN A 4347 55.96 102.72 39.40
N PRO A 4348 56.32 101.93 40.44
CA PRO A 4348 55.43 101.67 41.58
C PRO A 4348 55.14 102.83 42.53
N LYS A 4349 55.78 103.99 42.35
CA LYS A 4349 55.56 105.21 43.17
C LYS A 4349 54.23 105.87 42.77
N THR A 4350 54.01 106.10 41.47
CA THR A 4350 52.86 106.86 40.91
C THR A 4350 51.77 105.93 40.35
N SER A 4351 52.07 104.64 40.13
CA SER A 4351 51.18 103.68 39.43
C SER A 4351 49.91 103.41 40.26
N THR A 4352 50.06 103.11 41.55
CA THR A 4352 48.96 102.88 42.54
C THR A 4352 48.07 101.71 42.08
N GLU A 4353 48.64 100.71 41.40
CA GLU A 4353 47.97 99.48 40.92
C GLU A 4353 48.68 98.28 41.54
N ARG A 4354 47.96 97.21 41.88
CA ARG A 4354 48.51 96.02 42.57
C ARG A 4354 47.86 94.74 42.02
N GLY A 4355 48.39 93.59 42.41
CA GLY A 4355 47.75 92.27 42.29
C GLY A 4355 47.77 91.70 40.89
N MET A 4356 47.02 90.61 40.67
CA MET A 4356 47.02 89.76 39.45
C MET A 4356 46.65 90.56 38.18
N THR A 4357 46.01 91.73 38.31
CA THR A 4357 45.59 92.59 37.18
C THR A 4357 46.80 93.16 36.42
N VAL A 4358 47.98 93.23 37.05
CA VAL A 4358 49.22 93.81 36.46
C VAL A 4358 49.91 92.74 35.61
N PRO A 4359 50.22 93.03 34.31
CA PRO A 4359 50.71 92.02 33.36
C PRO A 4359 51.88 91.12 33.77
N LEU A 4360 52.80 91.62 34.61
CA LEU A 4360 53.99 90.85 35.06
C LEU A 4360 53.65 90.08 36.34
N ASN A 4361 52.70 90.54 37.14
CA ASN A 4361 52.26 89.90 38.40
C ASN A 4361 51.42 88.66 38.07
N ILE A 4362 50.60 88.71 37.01
CA ILE A 4362 49.91 87.49 36.46
C ILE A 4362 50.99 86.52 35.97
N PHE A 4363 52.04 87.04 35.31
CA PHE A 4363 53.11 86.23 34.71
C PHE A 4363 53.91 85.52 35.82
N LEU A 4364 54.28 86.28 36.85
CA LEU A 4364 54.99 85.75 38.06
C LEU A 4364 54.18 84.60 38.65
N TYR A 4365 52.89 84.83 38.92
CA TYR A 4365 51.97 83.82 39.49
C TYR A 4365 52.00 82.55 38.63
N GLN A 4366 52.01 82.70 37.30
CA GLN A 4366 51.96 81.57 36.34
C GLN A 4366 53.25 80.76 36.43
N GLU A 4367 54.41 81.41 36.60
CA GLU A 4367 55.74 80.73 36.58
C GLU A 4367 56.09 80.20 37.97
N VAL A 4368 55.56 80.81 39.04
CA VAL A 4368 55.69 80.28 40.44
C VAL A 4368 54.86 79.00 40.55
N THR A 4369 53.67 78.95 39.96
CA THR A 4369 52.80 77.74 39.94
C THR A 4369 53.45 76.66 39.06
N ARG A 4370 54.17 77.05 38.00
CA ARG A 4370 54.90 76.12 37.08
C ARG A 4370 56.17 75.61 37.76
N MET A 4371 56.77 76.42 38.65
CA MET A 4371 57.99 76.06 39.41
C MET A 4371 57.63 75.05 40.50
N GLN A 4372 56.53 75.28 41.22
CA GLN A 4372 56.02 74.37 42.27
C GLN A 4372 55.70 73.02 41.63
N ARG A 4373 55.11 73.03 40.44
CA ARG A 4373 54.76 71.82 39.67
C ARG A 4373 56.03 70.99 39.42
N VAL A 4374 57.15 71.66 39.13
CA VAL A 4374 58.48 71.01 38.90
C VAL A 4374 59.01 70.52 40.25
N ILE A 4375 59.16 71.41 41.24
CA ILE A 4375 59.69 71.07 42.60
C ILE A 4375 58.98 69.81 43.10
N GLY A 4376 57.64 69.77 43.01
CA GLY A 4376 56.80 68.66 43.47
C GLY A 4376 57.14 67.35 42.77
N LEU A 4377 57.39 67.40 41.46
CA LEU A 4377 57.73 66.22 40.62
C LEU A 4377 59.09 65.65 41.03
N VAL A 4378 60.07 66.53 41.27
CA VAL A 4378 61.46 66.17 41.70
C VAL A 4378 61.37 65.56 43.10
N ARG A 4379 60.80 66.32 44.05
CA ARG A 4379 60.53 65.92 45.45
C ARG A 4379 59.95 64.50 45.49
N LYS A 4380 58.87 64.28 44.73
CA LYS A 4380 58.14 62.98 44.65
C LYS A 4380 59.12 61.87 44.26
N THR A 4381 59.82 62.06 43.13
CA THR A 4381 60.71 61.05 42.48
C THR A 4381 61.88 60.71 43.41
N LEU A 4382 62.62 61.72 43.89
CA LEU A 4382 63.79 61.56 44.79
C LEU A 4382 63.44 60.70 46.01
N GLN A 4383 62.30 60.97 46.65
CA GLN A 4383 61.83 60.23 47.86
C GLN A 4383 61.62 58.76 47.48
N ASP A 4384 60.92 58.50 46.37
CA ASP A 4384 60.61 57.13 45.86
C ASP A 4384 61.91 56.39 45.51
N THR A 4385 62.92 57.07 44.95
CA THR A 4385 64.22 56.45 44.56
C THR A 4385 64.98 55.98 45.80
N ILE A 4386 64.86 56.70 46.93
CA ILE A 4386 65.50 56.33 48.23
C ILE A 4386 64.75 55.12 48.83
N LEU A 4387 63.42 55.06 48.66
CA LEU A 4387 62.57 53.96 49.15
C LEU A 4387 62.79 52.70 48.28
N ALA A 4388 62.85 52.87 46.96
CA ALA A 4388 62.88 51.77 45.96
C ALA A 4388 64.14 50.91 46.11
N ILE A 4389 65.30 51.55 46.32
CA ILE A 4389 66.62 50.88 46.54
C ILE A 4389 66.61 50.10 47.87
N ASP A 4390 65.98 50.67 48.91
CA ASP A 4390 65.89 50.06 50.27
C ASP A 4390 64.88 48.91 50.28
N GLY A 4391 63.94 48.87 49.33
CA GLY A 4391 62.93 47.81 49.16
C GLY A 4391 61.63 48.09 49.90
N GLN A 4392 61.35 49.36 50.22
CA GLN A 4392 60.09 49.81 50.88
C GLN A 4392 58.96 49.82 49.84
N ILE A 4393 59.26 50.15 48.58
CA ILE A 4393 58.26 50.20 47.46
C ILE A 4393 58.83 49.44 46.24
N ILE A 4394 57.93 48.86 45.44
CA ILE A 4394 58.24 48.24 44.11
C ILE A 4394 58.81 49.32 43.18
N MET A 4395 59.78 48.95 42.34
CA MET A 4395 60.40 49.86 41.34
C MET A 4395 59.43 50.05 40.17
N THR A 4396 58.91 51.27 40.00
CA THR A 4396 58.03 51.70 38.89
C THR A 4396 58.92 51.80 37.63
N PRO A 4397 58.35 51.91 36.41
CA PRO A 4397 59.18 52.13 35.22
C PRO A 4397 59.89 53.49 35.20
N GLU A 4398 59.24 54.54 35.74
CA GLU A 4398 59.78 55.93 35.82
C GLU A 4398 60.92 56.00 36.85
N ILE A 4399 60.79 55.29 37.98
CA ILE A 4399 61.77 55.33 39.12
C ILE A 4399 63.07 54.61 38.73
N LEU A 4400 62.99 53.48 38.01
CA LEU A 4400 64.17 52.75 37.49
C LEU A 4400 64.99 53.67 36.58
N GLU A 4401 64.31 54.37 35.65
CA GLU A 4401 64.90 55.34 34.69
C GLU A 4401 65.58 56.48 35.45
N ALA A 4402 64.93 57.00 36.50
CA ALA A 4402 65.43 58.10 37.35
C ALA A 4402 66.69 57.67 38.10
N ILE A 4403 66.73 56.44 38.63
CA ILE A 4403 67.88 55.87 39.39
C ILE A 4403 69.08 55.72 38.43
N ASN A 4404 68.84 55.22 37.21
CA ASN A 4404 69.88 55.05 36.16
C ASN A 4404 70.50 56.41 35.84
N ALA A 4405 69.65 57.41 35.55
CA ALA A 4405 70.04 58.79 35.18
C ALA A 4405 70.89 59.44 36.28
N ILE A 4406 70.44 59.37 37.55
CA ILE A 4406 71.09 60.03 38.71
C ILE A 4406 72.50 59.48 38.91
N TYR A 4407 72.74 58.19 38.64
CA TYR A 4407 74.08 57.55 38.75
C TYR A 4407 75.05 58.24 37.77
N ASP A 4408 74.62 58.39 36.52
CA ASP A 4408 75.46 58.93 35.41
C ASP A 4408 75.19 60.43 35.22
N ALA A 4409 74.77 61.14 36.27
CA ALA A 4409 74.71 62.61 36.37
C ALA A 4409 73.94 63.22 35.18
N LYS A 4410 72.95 62.51 34.64
CA LYS A 4410 72.00 63.03 33.63
C LYS A 4410 70.67 63.31 34.33
N VAL A 4411 69.87 64.23 33.78
CA VAL A 4411 68.55 64.62 34.35
C VAL A 4411 67.55 63.52 33.96
N PRO A 4412 66.81 62.92 34.93
CA PRO A 4412 65.74 61.99 34.63
C PRO A 4412 64.75 62.56 33.61
N ASN A 4413 64.43 61.80 32.56
CA ASN A 4413 63.59 62.27 31.41
C ASN A 4413 62.19 62.66 31.92
N SER A 4414 61.74 62.04 33.03
CA SER A 4414 60.51 62.42 33.78
C SER A 4414 60.49 63.92 34.07
N TRP A 4415 61.62 64.51 34.46
CA TRP A 4415 61.73 65.93 34.90
C TRP A 4415 61.87 66.87 33.69
N LEU A 4416 62.51 66.42 32.60
CA LEU A 4416 62.77 67.25 31.39
C LEU A 4416 61.48 67.37 30.58
N TYR A 4417 60.75 66.27 30.41
CA TYR A 4417 59.51 66.17 29.60
C TYR A 4417 58.45 65.34 30.35
N ASP A 4418 57.18 65.68 30.18
CA ASP A 4418 56.00 64.99 30.77
C ASP A 4418 55.62 63.83 29.85
N PRO A 4419 54.71 62.91 30.26
CA PRO A 4419 54.25 61.84 29.36
C PRO A 4419 53.77 62.33 27.99
N SER A 4420 53.06 63.46 27.93
CA SER A 4420 52.48 64.06 26.70
C SER A 4420 53.59 64.42 25.70
N GLY A 4421 54.71 64.98 26.18
CA GLY A 4421 55.88 65.37 25.36
C GLY A 4421 56.24 66.85 25.50
N ALA A 4422 55.36 67.66 26.10
CA ALA A 4422 55.59 69.09 26.40
C ALA A 4422 56.76 69.24 27.38
N GLU A 4423 57.50 70.36 27.27
CA GLU A 4423 58.65 70.70 28.15
C GLU A 4423 58.12 71.30 29.45
N ILE A 4424 58.50 70.71 30.59
CA ILE A 4424 57.97 71.08 31.94
C ILE A 4424 59.03 71.85 32.74
N SER A 4425 60.32 71.51 32.58
CA SER A 4425 61.48 72.22 33.19
C SER A 4425 62.57 72.39 32.14
N TRP A 4426 63.29 73.52 32.21
CA TRP A 4426 64.56 73.84 31.50
C TRP A 4426 65.38 72.60 31.14
N LEU A 4427 65.93 72.58 29.92
CA LEU A 4427 66.71 71.45 29.34
C LEU A 4427 68.20 71.74 29.49
N LEU A 4428 68.80 71.23 30.57
CA LEU A 4428 70.27 71.12 30.75
C LEU A 4428 70.64 69.65 30.68
N PRO A 4429 71.82 69.30 30.10
CA PRO A 4429 72.23 67.89 29.99
C PRO A 4429 72.61 67.27 31.34
N ASN A 4430 73.49 67.93 32.10
CA ASN A 4430 74.06 67.41 33.37
C ASN A 4430 73.02 67.59 34.48
N LEU A 4431 73.08 66.75 35.52
CA LEU A 4431 72.20 66.83 36.71
C LEU A 4431 72.67 67.97 37.61
N GLY A 4432 73.98 68.04 37.88
CA GLY A 4432 74.60 69.05 38.75
C GLY A 4432 74.26 70.47 38.34
N SER A 4433 74.37 70.78 37.04
CA SER A 4433 74.06 72.12 36.47
C SER A 4433 72.55 72.37 36.49
N TRP A 4434 71.74 71.34 36.20
CA TRP A 4434 70.26 71.36 36.25
C TRP A 4434 69.81 71.70 37.69
N SER A 4435 70.52 71.20 38.69
CA SER A 4435 70.19 71.36 40.13
C SER A 4435 70.58 72.76 40.63
N THR A 4436 71.66 73.36 40.10
CA THR A 4436 72.06 74.75 40.44
C THR A 4436 70.99 75.71 39.90
N SER A 4437 70.50 75.48 38.68
CA SER A 4437 69.47 76.33 38.02
C SER A 4437 68.18 76.26 38.84
N LEU A 4438 67.75 75.06 39.24
CA LEU A 4438 66.52 74.83 40.07
C LEU A 4438 66.57 75.72 41.32
N SER A 4439 67.73 75.81 41.95
CA SER A 4439 67.99 76.67 43.15
C SER A 4439 68.00 78.15 42.73
N ASP A 4440 68.69 78.49 41.64
CA ASP A 4440 68.89 79.88 41.15
C ASP A 4440 67.58 80.43 40.58
N ARG A 4441 66.88 79.65 39.75
CA ARG A 4441 65.56 79.99 39.15
C ARG A 4441 64.57 80.30 40.26
N ASN A 4442 64.39 79.35 41.18
CA ASN A 4442 63.48 79.42 42.35
C ASN A 4442 63.82 80.64 43.23
N LYS A 4443 65.12 80.94 43.41
CA LYS A 4443 65.59 82.09 44.23
C LYS A 4443 65.05 83.40 43.64
N GLN A 4444 65.15 83.59 42.33
CA GLN A 4444 64.76 84.85 41.64
C GLN A 4444 63.24 85.02 41.71
N LEU A 4445 62.48 83.93 41.58
CA LEU A 4445 61.00 83.92 41.73
C LEU A 4445 60.65 84.22 43.19
N ASN A 4446 61.27 83.51 44.13
CA ASN A 4446 60.98 83.59 45.59
C ASN A 4446 61.35 84.98 46.12
N ASP A 4447 62.50 85.53 45.72
CA ASP A 4447 62.98 86.86 46.19
C ASP A 4447 62.10 87.98 45.59
N TRP A 4448 61.44 87.72 44.46
CA TRP A 4448 60.43 88.63 43.83
C TRP A 4448 59.09 88.50 44.55
N LEU A 4449 58.63 87.27 44.80
CA LEU A 4449 57.32 86.97 45.43
C LEU A 4449 57.30 87.49 46.88
N ARG A 4450 58.25 87.05 47.71
CA ARG A 4450 58.29 87.34 49.17
C ARG A 4450 58.46 88.85 49.40
N SER A 4451 59.48 89.46 48.78
CA SER A 4451 59.70 90.94 48.80
C SER A 4451 58.65 91.60 47.91
N GLY A 4452 58.27 92.84 48.22
CA GLY A 4452 57.37 93.65 47.38
C GLY A 4452 58.01 93.92 46.03
N GLN A 4453 59.20 94.55 46.06
CA GLN A 4453 59.88 95.13 44.87
C GLN A 4453 60.35 93.99 43.96
N ARG A 4454 60.38 94.26 42.65
CA ARG A 4454 60.80 93.31 41.59
C ARG A 4454 62.30 93.47 41.35
N PRO A 4455 63.00 92.45 40.82
CA PRO A 4455 64.44 92.56 40.57
C PRO A 4455 64.77 93.74 39.65
N ILE A 4456 65.88 94.43 39.95
CA ILE A 4456 66.39 95.56 39.13
C ILE A 4456 66.92 94.99 37.81
N LEU A 4457 67.73 93.92 37.93
CA LEU A 4457 68.27 93.11 36.80
C LEU A 4457 67.55 91.77 36.77
N PHE A 4458 66.63 91.59 35.82
CA PHE A 4458 65.93 90.31 35.58
C PHE A 4458 66.90 89.30 34.98
N TRP A 4459 66.78 88.04 35.37
CA TRP A 4459 67.51 86.87 34.82
C TRP A 4459 66.56 86.14 33.86
N LEU A 4460 66.57 86.53 32.59
CA LEU A 4460 65.58 86.09 31.55
C LEU A 4460 65.62 84.57 31.40
N THR A 4461 66.82 83.97 31.47
CA THR A 4461 67.03 82.49 31.44
C THR A 4461 66.03 81.85 32.42
N GLY A 4462 65.96 82.42 33.64
CA GLY A 4462 65.33 81.83 34.83
C GLY A 4462 63.85 81.57 34.69
N PHE A 4463 63.17 82.20 33.72
CA PHE A 4463 61.72 82.02 33.46
C PHE A 4463 61.50 80.84 32.52
N PHE A 4464 60.35 80.19 32.67
CA PHE A 4464 59.95 78.99 31.88
C PHE A 4464 59.45 79.43 30.50
N ASN A 4465 58.75 80.57 30.47
CA ASN A 4465 58.22 81.24 29.25
C ASN A 4465 58.81 82.64 29.19
N PRO A 4466 60.08 82.80 28.70
CA PRO A 4466 60.69 84.12 28.59
C PRO A 4466 60.02 84.97 27.51
N GLN A 4467 59.45 84.31 26.49
CA GLN A 4467 58.63 84.92 25.42
C GLN A 4467 57.39 85.55 26.06
N GLY A 4468 56.81 84.90 27.06
CA GLY A 4468 55.65 85.37 27.83
C GLY A 4468 55.97 86.55 28.73
N PHE A 4469 57.18 86.55 29.31
CA PHE A 4469 57.71 87.64 30.17
C PHE A 4469 57.85 88.93 29.36
N LEU A 4470 58.46 88.82 28.17
CA LEU A 4470 58.74 89.97 27.27
C LEU A 4470 57.42 90.58 26.79
N THR A 4471 56.42 89.75 26.45
CA THR A 4471 55.06 90.20 26.08
C THR A 4471 54.40 90.86 27.30
N GLY A 4472 54.68 90.33 28.50
CA GLY A 4472 54.30 90.94 29.79
C GLY A 4472 54.78 92.38 29.88
N MET A 4473 56.09 92.60 29.79
CA MET A 4473 56.75 93.93 29.75
C MET A 4473 56.12 94.79 28.63
N LYS A 4474 55.82 94.18 27.48
CA LYS A 4474 55.33 94.88 26.26
C LYS A 4474 53.97 95.53 26.55
N GLN A 4475 53.17 94.90 27.42
CA GLN A 4475 51.86 95.41 27.89
C GLN A 4475 52.11 96.60 28.82
N GLU A 4476 52.88 96.40 29.89
CA GLU A 4476 53.24 97.40 30.94
C GLU A 4476 53.58 98.76 30.32
N VAL A 4477 54.37 98.77 29.24
CA VAL A 4477 54.87 100.02 28.58
C VAL A 4477 53.74 100.66 27.76
N THR A 4478 52.92 99.86 27.09
CA THR A 4478 51.82 100.37 26.20
C THR A 4478 50.67 100.92 27.04
N ARG A 4479 50.48 100.40 28.26
CA ARG A 4479 49.48 100.89 29.24
C ARG A 4479 49.92 102.24 29.80
N ASN A 4480 51.23 102.45 29.99
CA ASN A 4480 51.81 103.75 30.41
C ASN A 4480 51.62 104.78 29.28
N HIS A 4481 51.71 104.34 28.00
CA HIS A 4481 51.75 105.20 26.79
C HIS A 4481 50.38 105.26 26.10
N LYS A 4482 49.27 105.23 26.86
CA LYS A 4482 47.89 105.41 26.32
C LYS A 4482 47.52 106.89 26.35
N GLY A 4486 47.90 107.60 27.41
CA GLY A 4486 47.73 109.06 27.55
C GLY A 4486 48.68 109.84 26.65
N LYS A 4487 49.91 109.33 26.46
CA LYS A 4487 51.02 110.01 25.72
C LYS A 4487 50.64 110.22 24.26
N GLY A 4488 51.11 111.33 23.67
CA GLY A 4488 50.98 111.65 22.23
C GLY A 4488 51.95 112.74 21.80
N GLY A 4489 48.18 112.95 19.77
CA GLY A 4489 49.20 112.20 19.00
C GLY A 4489 48.73 110.81 18.62
N GLU A 4490 49.48 109.77 19.04
CA GLU A 4490 49.18 108.33 18.78
C GLU A 4490 48.97 107.62 20.12
N ALA A 4491 47.94 106.78 20.22
CA ALA A 4491 47.69 105.83 21.33
C ALA A 4491 48.26 104.46 20.95
N TRP A 4492 49.12 103.89 21.81
CA TRP A 4492 49.86 102.64 21.54
C TRP A 4492 48.94 101.44 21.78
N SER A 4493 48.87 100.52 20.81
CA SER A 4493 48.19 99.20 20.93
C SER A 4493 49.25 98.10 20.93
N LEU A 4494 48.90 96.87 21.35
CA LEU A 4494 49.82 95.70 21.25
C LEU A 4494 49.93 95.29 19.78
N ASP A 4495 48.85 95.45 19.03
CA ASP A 4495 48.89 95.66 17.57
C ASP A 4495 49.78 96.88 17.33
N ASP A 4496 50.88 96.71 16.60
CA ASP A 4496 51.75 97.83 16.13
C ASP A 4496 52.60 98.37 17.29
N VAL A 4497 53.14 97.50 18.14
CA VAL A 4497 54.36 97.76 18.97
C VAL A 4497 55.34 96.60 18.80
N VAL A 4498 56.64 96.91 18.81
CA VAL A 4498 57.77 95.93 18.74
C VAL A 4498 58.81 96.36 19.77
N TYR A 4499 59.77 95.47 20.07
CA TYR A 4499 60.80 95.64 21.14
C TYR A 4499 61.86 96.65 20.69
N SER A 4500 62.27 97.52 21.63
CA SER A 4500 63.47 98.39 21.52
C SER A 4500 64.50 97.87 22.53
N THR A 4501 65.73 97.64 22.06
CA THR A 4501 66.79 96.87 22.76
C THR A 4501 68.11 97.66 22.64
N THR A 4502 68.69 98.09 23.76
CA THR A 4502 70.07 98.68 23.82
C THR A 4502 70.87 98.00 24.92
N VAL A 4503 72.20 98.02 24.77
CA VAL A 4503 73.20 97.35 25.65
C VAL A 4503 73.87 98.42 26.50
N LYS A 4504 73.89 98.23 27.82
CA LYS A 4504 74.19 99.29 28.82
C LYS A 4504 75.64 99.77 28.70
N GLU A 4505 76.58 98.89 28.32
CA GLU A 4505 78.01 99.22 28.06
C GLU A 4505 78.62 99.86 29.32
N ARG A 4506 78.30 99.32 30.50
CA ARG A 4506 78.76 99.85 31.81
C ARG A 4506 79.91 98.96 32.32
N GLU A 4507 80.90 99.59 32.98
CA GLU A 4507 82.11 98.94 33.52
C GLU A 4507 81.72 97.93 34.61
N LYS A 4508 80.73 98.28 35.45
CA LYS A 4508 80.15 97.41 36.51
C LYS A 4508 78.65 97.19 36.25
N GLU A 4509 78.12 96.08 36.77
CA GLU A 4509 76.66 95.75 36.77
C GLU A 4509 75.99 96.37 38.01
N LYS A 4510 76.77 96.75 39.03
CA LYS A 4510 76.29 97.32 40.32
C LYS A 4510 76.22 98.85 40.27
N ASP A 4511 76.65 99.47 39.16
CA ASP A 4511 76.39 100.91 38.86
C ASP A 4511 74.89 101.15 38.63
N ILE A 4512 74.17 100.11 38.19
CA ILE A 4512 72.67 100.08 38.09
C ILE A 4512 72.13 99.95 39.52
N GLU A 4513 71.59 101.05 40.06
CA GLU A 4513 71.05 101.16 41.45
C GLU A 4513 69.52 101.16 41.44
N GLN A 4514 68.89 101.77 40.43
CA GLN A 4514 67.41 101.84 40.24
C GLN A 4514 67.04 101.12 38.94
N PRO A 4515 65.79 100.60 38.81
CA PRO A 4515 65.33 100.05 37.53
C PRO A 4515 65.18 101.15 36.48
N PRO A 4516 64.90 100.80 35.19
CA PRO A 4516 64.63 101.81 34.18
C PRO A 4516 63.21 102.38 34.38
N ALA A 4517 62.89 103.44 33.64
CA ALA A 4517 61.53 104.05 33.60
C ALA A 4517 60.57 103.07 32.89
N GLU A 4518 60.89 102.67 31.65
CA GLU A 4518 60.00 101.92 30.74
C GLU A 4518 60.55 100.50 30.46
N GLY A 4519 61.56 100.06 31.20
CA GLY A 4519 62.44 98.97 30.74
C GLY A 4519 62.19 97.65 31.44
N VAL A 4520 63.19 96.76 31.36
CA VAL A 4520 63.31 95.53 32.18
C VAL A 4520 64.75 95.44 32.74
N TYR A 4521 65.79 95.74 31.94
CA TYR A 4521 67.22 95.43 32.21
C TYR A 4521 67.39 93.91 32.41
N ILE A 4522 67.45 93.15 31.31
CA ILE A 4522 67.76 91.69 31.31
C ILE A 4522 69.27 91.53 31.60
N LYS A 4523 69.67 90.44 32.25
CA LYS A 4523 71.10 90.12 32.52
C LYS A 4523 71.37 88.64 32.26
N GLY A 4524 72.65 88.29 32.04
CA GLY A 4524 73.14 86.91 31.89
C GLY A 4524 72.77 86.29 30.55
N LEU A 4525 72.96 87.04 29.46
CA LEU A 4525 72.95 86.53 28.06
C LEU A 4525 74.41 86.35 27.63
N TYR A 4526 74.71 85.31 26.83
CA TYR A 4526 76.08 84.96 26.39
C TYR A 4526 76.16 84.93 24.85
N LEU A 4527 76.97 85.84 24.27
CA LEU A 4527 77.32 85.86 22.83
C LEU A 4527 78.09 84.60 22.46
N GLU A 4528 77.53 83.74 21.60
CA GLU A 4528 78.25 82.63 20.93
C GLU A 4528 78.90 83.19 19.65
N GLY A 4529 80.17 82.83 19.39
CA GLY A 4529 80.88 83.13 18.13
C GLY A 4529 81.56 84.49 18.13
N CYS A 4530 81.27 85.35 19.12
CA CYS A 4530 81.62 86.80 19.11
C CYS A 4530 81.80 87.29 20.56
N LYS A 4531 82.36 88.50 20.72
CA LYS A 4531 82.40 89.24 22.02
C LYS A 4531 81.81 90.64 21.83
N TRP A 4532 81.43 91.27 22.94
CA TRP A 4532 81.04 92.70 23.03
C TRP A 4532 82.24 93.50 23.55
N SER A 4533 82.74 94.46 22.78
CA SER A 4533 83.94 95.28 23.10
C SER A 4533 83.59 96.77 23.26
N LYS A 4534 82.30 97.08 23.47
CA LYS A 4534 81.75 98.43 23.80
C LYS A 4534 81.75 99.34 22.56
N ASN A 4535 82.35 98.92 21.43
CA ASN A 4535 82.26 99.59 20.11
C ASN A 4535 81.40 98.71 19.19
N GLY A 4536 80.35 98.11 19.74
CA GLY A 4536 79.53 97.07 19.08
C GLY A 4536 80.18 95.70 19.14
N LEU A 4537 79.80 94.81 18.22
CA LEU A 4537 80.30 93.42 18.16
C LEU A 4537 81.75 93.41 17.67
N ASP A 4538 82.58 92.54 18.26
CA ASP A 4538 84.04 92.41 17.99
C ASP A 4538 84.38 90.91 17.95
N ASP A 4539 85.49 90.54 17.30
CA ASP A 4539 85.93 89.13 17.11
C ASP A 4539 86.31 88.54 18.47
N SER A 4540 85.87 87.31 18.75
CA SER A 4540 86.04 86.62 20.06
C SER A 4540 87.53 86.48 20.38
N ASP A 4541 87.87 86.43 21.68
CA ASP A 4541 89.26 86.23 22.18
C ASP A 4541 89.62 84.76 22.01
N PRO A 4542 90.89 84.41 21.68
CA PRO A 4542 91.28 83.00 21.48
C PRO A 4542 91.05 82.15 22.74
N LYS A 4543 90.45 80.97 22.56
CA LYS A 4543 90.14 79.95 23.61
C LYS A 4543 89.20 80.54 24.69
N LYS A 4544 88.30 81.47 24.30
CA LYS A 4544 87.29 82.07 25.22
C LYS A 4544 85.91 82.07 24.53
N ILE A 4545 85.34 80.87 24.34
CA ILE A 4545 83.95 80.66 23.81
C ILE A 4545 82.92 81.15 24.83
N PHE A 4546 81.78 81.66 24.36
CA PHE A 4546 80.65 82.20 25.17
C PHE A 4546 81.16 83.35 26.05
N ALA A 4547 81.36 84.51 25.45
CA ALA A 4547 81.70 85.78 26.13
C ALA A 4547 80.40 86.44 26.61
N ASP A 4548 80.36 86.84 27.88
CA ASP A 4548 79.15 87.38 28.56
C ASP A 4548 78.88 88.81 28.06
N LEU A 4549 77.60 89.11 27.82
CA LEU A 4549 77.09 90.42 27.34
C LEU A 4549 76.72 91.29 28.54
N PRO A 4550 76.79 92.64 28.47
CA PRO A 4550 76.36 93.49 29.58
C PRO A 4550 74.82 93.51 29.72
N ILE A 4551 74.30 94.39 30.56
CA ILE A 4551 72.84 94.50 30.89
C ILE A 4551 72.10 95.01 29.64
N LEU A 4552 71.19 94.21 29.09
CA LEU A 4552 70.33 94.56 27.93
C LEU A 4552 69.08 95.27 28.43
N HIS A 4553 68.81 96.50 27.97
CA HIS A 4553 67.63 97.33 28.36
C HIS A 4553 66.52 97.22 27.28
N VAL A 4554 65.47 96.43 27.54
CA VAL A 4554 64.40 96.12 26.54
C VAL A 4554 63.13 96.89 26.89
N SER A 4555 62.48 97.49 25.89
CA SER A 4555 61.27 98.35 26.03
C SER A 4555 60.29 98.06 24.89
N ALA A 4556 59.45 99.04 24.53
CA ALA A 4556 58.68 99.08 23.26
C ALA A 4556 59.01 100.38 22.53
N ILE A 4557 59.12 100.32 21.21
CA ILE A 4557 59.45 101.47 20.32
C ILE A 4557 58.15 102.07 19.77
N ASN A 4558 57.15 101.22 19.47
CA ASN A 4558 55.85 101.56 18.82
C ASN A 4558 56.08 101.74 17.30
N LYS A 4559 56.65 100.70 16.66
CA LYS A 4559 56.99 100.63 15.22
C LYS A 4559 57.57 101.98 14.74
N LYS A 4560 56.73 102.89 14.23
CA LYS A 4560 57.13 104.20 13.65
C LYS A 4560 55.90 105.11 13.55
N MET A 4568 67.39 97.98 7.76
CA MET A 4568 68.51 98.95 7.88
C MET A 4568 69.86 98.22 7.77
N SER A 4569 70.85 98.85 7.14
CA SER A 4569 72.25 98.36 7.00
C SER A 4569 73.10 98.84 8.19
N ASN A 4570 74.13 98.06 8.55
CA ASN A 4570 75.03 98.28 9.70
C ASN A 4570 74.23 98.25 11.02
N THR A 4571 73.49 97.16 11.25
CA THR A 4571 72.82 96.81 12.53
C THR A 4571 72.42 95.33 12.48
N TYR A 4572 73.04 94.48 13.30
CA TYR A 4572 72.93 93.01 13.23
C TYR A 4572 71.73 92.52 14.07
N LEU A 4573 70.67 92.05 13.40
CA LEU A 4573 69.41 91.62 14.06
C LEU A 4573 69.61 90.22 14.64
N CYS A 4574 70.33 90.15 15.76
CA CYS A 4574 70.80 88.91 16.44
C CYS A 4574 69.64 88.18 17.10
N PRO A 4575 69.56 86.82 17.04
CA PRO A 4575 68.52 86.06 17.73
C PRO A 4575 68.92 85.60 19.13
N VAL A 4576 68.15 86.01 20.15
CA VAL A 4576 68.27 85.53 21.56
C VAL A 4576 67.60 84.16 21.65
N TYR A 4577 68.40 83.13 21.90
CA TYR A 4577 67.95 81.71 22.03
C TYR A 4577 67.88 81.33 23.52
N LYS A 4578 66.91 80.47 23.86
CA LYS A 4578 66.68 79.93 25.23
C LYS A 4578 67.81 78.98 25.62
N TYR A 4579 68.37 78.24 24.64
CA TYR A 4579 69.41 77.19 24.83
C TYR A 4579 70.48 77.32 23.73
N PRO A 4580 71.62 76.61 23.82
CA PRO A 4580 72.61 76.62 22.74
C PRO A 4580 72.23 75.77 21.52
N LYS A 4581 71.11 75.03 21.60
CA LYS A 4581 70.63 74.11 20.54
C LYS A 4581 70.17 74.96 19.33
N ARG A 4582 69.46 76.07 19.61
CA ARG A 4582 69.16 77.19 18.66
C ARG A 4582 67.99 76.91 17.70
N THR A 4583 67.28 75.79 17.81
CA THR A 4583 66.13 75.49 16.91
C THR A 4583 65.09 76.62 17.04
N ASP A 4584 64.10 76.67 16.17
CA ASP A 4584 63.10 77.77 16.09
C ASP A 4584 62.17 77.77 17.33
N LYS A 4585 62.01 76.62 18.00
CA LYS A 4585 61.25 76.48 19.27
C LYS A 4585 61.85 77.37 20.35
N TYR A 4586 63.18 77.36 20.46
CA TYR A 4586 63.96 78.03 21.53
C TYR A 4586 64.45 79.41 21.06
N LEU A 4587 63.78 80.01 20.08
CA LEU A 4587 63.95 81.44 19.72
C LEU A 4587 62.98 82.26 20.58
N ILE A 4588 63.51 83.20 21.36
CA ILE A 4588 62.75 84.10 22.27
C ILE A 4588 62.40 85.37 21.49
N PHE A 4589 63.42 86.06 20.96
CA PHE A 4589 63.27 87.31 20.18
C PHE A 4589 64.60 87.70 19.51
N ARG A 4590 64.54 88.71 18.64
CA ARG A 4590 65.66 89.26 17.85
C ARG A 4590 66.08 90.60 18.48
N VAL A 4591 67.39 90.85 18.58
CA VAL A 4591 67.98 92.06 19.23
C VAL A 4591 68.90 92.77 18.22
N GLY A 4592 68.63 94.04 17.92
CA GLY A 4592 69.49 94.88 17.07
C GLY A 4592 70.78 95.24 17.79
N LEU A 4593 71.92 94.70 17.33
CA LEU A 4593 73.27 94.95 17.89
C LEU A 4593 74.04 95.84 16.90
N PRO A 4594 74.40 97.09 17.28
CA PRO A 4594 74.93 98.09 16.34
C PRO A 4594 75.90 97.61 15.25
N CYS A 4595 76.99 96.94 15.63
CA CYS A 4595 78.14 96.55 14.75
C CYS A 4595 78.40 97.67 13.73
N GLU A 4596 79.10 98.73 14.17
CA GLU A 4596 79.26 100.03 13.45
C GLU A 4596 80.57 100.04 12.65
N GLY A 4597 81.68 99.56 13.23
CA GLY A 4597 83.05 99.82 12.75
C GLY A 4597 83.72 98.60 12.12
N SER A 4598 83.93 98.63 10.81
CA SER A 4598 84.88 97.80 10.03
C SER A 4598 84.49 96.31 9.98
N ASN A 4599 83.21 95.99 10.24
CA ASN A 4599 82.66 94.61 10.17
C ASN A 4599 81.18 94.69 9.79
N ASN A 4600 80.81 94.06 8.68
CA ASN A 4600 79.43 94.06 8.12
C ASN A 4600 78.55 93.22 9.04
N PRO A 4601 77.21 93.44 9.06
CA PRO A 4601 76.30 92.58 9.82
C PRO A 4601 76.23 91.14 9.26
N SER A 4602 76.41 90.99 7.93
CA SER A 4602 76.42 89.71 7.17
C SER A 4602 77.61 88.86 7.58
N HIS A 4603 78.73 89.48 7.98
CA HIS A 4603 79.97 88.83 8.47
C HIS A 4603 79.73 88.20 9.86
N TRP A 4604 78.81 88.74 10.65
CA TRP A 4604 78.42 88.17 11.97
C TRP A 4604 77.49 86.97 11.77
N LYS A 4605 76.58 87.03 10.81
CA LYS A 4605 75.62 85.93 10.52
C LYS A 4605 76.40 84.67 10.12
N LEU A 4606 77.49 84.84 9.37
CA LEU A 4606 78.39 83.74 8.92
C LEU A 4606 79.22 83.23 10.10
N ARG A 4607 79.59 84.11 11.02
CA ARG A 4607 80.36 83.77 12.24
C ARG A 4607 79.45 83.04 13.23
N GLY A 4608 78.14 83.03 12.98
CA GLY A 4608 77.12 82.31 13.77
C GLY A 4608 76.81 83.01 15.08
N VAL A 4609 76.81 84.35 15.11
CA VAL A 4609 76.61 85.16 16.35
C VAL A 4609 75.16 85.02 16.80
N ALA A 4610 74.93 84.76 18.08
CA ALA A 4610 73.58 84.58 18.69
C ALA A 4610 73.69 84.61 20.21
N LEU A 4611 72.70 85.22 20.88
CA LEU A 4611 72.68 85.42 22.35
C LEU A 4611 72.00 84.23 23.02
N LEU A 4612 72.77 83.49 23.82
CA LEU A 4612 72.31 82.27 24.54
C LEU A 4612 72.01 82.66 25.99
N CYS A 4613 70.80 82.35 26.45
CA CYS A 4613 70.41 82.35 27.87
C CYS A 4613 71.24 81.29 28.62
N SER A 4614 71.10 80.03 28.22
CA SER A 4614 71.47 78.82 29.03
C SER A 4614 72.97 78.78 29.29
N THR A 4615 73.80 78.69 28.25
CA THR A 4615 75.28 78.48 28.36
C THR A 4615 76.03 79.46 27.45
N PRO B 1 -44.14 -17.05 3.59
CA PRO B 1 -44.46 -17.53 4.94
C PRO B 1 -45.41 -16.58 5.70
N LEU B 2 -46.50 -17.13 6.25
CA LEU B 2 -47.55 -16.37 6.98
C LEU B 2 -47.08 -16.13 8.42
N VAL B 3 -47.05 -14.86 8.85
CA VAL B 3 -46.72 -14.43 10.24
C VAL B 3 -47.10 -12.94 10.41
N TRP B 4 -47.57 -12.56 11.60
CA TRP B 4 -47.87 -11.15 11.98
C TRP B 4 -46.56 -10.41 12.30
N THR B 5 -46.35 -9.25 11.66
CA THR B 5 -45.12 -8.43 11.76
C THR B 5 -45.50 -6.95 11.89
N GLN B 6 -45.11 -6.30 12.98
CA GLN B 6 -45.33 -4.85 13.20
C GLN B 6 -44.56 -4.05 12.16
N LEU B 7 -45.13 -2.95 11.69
CA LEU B 7 -44.55 -2.04 10.67
C LEU B 7 -44.38 -0.66 11.30
N LYS B 8 -43.15 -0.12 11.29
CA LYS B 8 -42.81 1.21 11.86
C LYS B 8 -43.26 2.31 10.89
N GLN B 9 -44.03 3.28 11.38
CA GLN B 9 -44.57 4.43 10.61
C GLN B 9 -43.56 5.57 10.72
N THR B 10 -43.13 6.13 9.58
CA THR B 10 -42.12 7.22 9.47
C THR B 10 -42.65 8.29 8.51
N GLY B 11 -43.29 9.32 9.05
CA GLY B 11 -43.87 10.44 8.27
C GLY B 11 -43.58 11.78 8.90
N THR B 12 -43.84 12.86 8.16
CA THR B 12 -43.75 14.29 8.61
C THR B 12 -44.81 14.53 9.69
N THR B 13 -46.01 13.99 9.50
CA THR B 13 -47.15 14.04 10.46
C THR B 13 -47.85 12.69 10.51
N GLN B 14 -47.42 11.81 11.40
CA GLN B 14 -48.03 10.46 11.62
C GLN B 14 -49.43 10.66 12.18
N PRO B 15 -50.41 9.78 11.89
CA PRO B 15 -51.74 9.87 12.46
C PRO B 15 -51.77 9.43 13.93
N THR B 16 -52.50 10.18 14.78
CA THR B 16 -52.84 9.81 16.17
C THR B 16 -53.76 8.59 16.16
N ALA B 17 -53.74 7.79 17.22
CA ALA B 17 -54.57 6.57 17.38
C ALA B 17 -56.06 6.93 17.33
N ARG B 18 -56.89 6.03 16.80
CA ARG B 18 -58.33 6.26 16.48
C ARG B 18 -59.14 4.97 16.70
N SER B 19 -60.47 5.09 16.71
CA SER B 19 -61.45 3.97 16.72
C SER B 19 -62.42 4.11 15.55
N GLY B 20 -63.15 5.23 15.50
CA GLY B 20 -64.03 5.61 14.38
C GLY B 20 -63.21 6.07 13.19
N HIS B 21 -62.61 5.11 12.47
CA HIS B 21 -61.78 5.33 11.26
C HIS B 21 -62.04 4.22 10.25
N THR B 22 -62.01 4.54 8.96
CA THR B 22 -62.24 3.60 7.84
C THR B 22 -61.17 3.83 6.76
N ILE B 23 -60.62 2.74 6.23
CA ILE B 23 -59.59 2.73 5.15
C ILE B 23 -60.19 1.97 3.96
N ILE B 24 -60.11 2.53 2.75
CA ILE B 24 -60.64 1.87 1.51
C ILE B 24 -59.70 2.13 0.33
N THR B 25 -59.10 1.05 -0.19
CA THR B 25 -58.26 1.06 -1.42
C THR B 25 -59.13 1.55 -2.59
N VAL B 26 -58.58 2.42 -3.44
CA VAL B 26 -59.25 2.91 -4.68
C VAL B 26 -58.17 3.14 -5.75
N GLY B 27 -58.23 2.36 -6.84
CA GLY B 27 -57.16 2.26 -7.85
C GLY B 27 -55.93 1.62 -7.26
N LYS B 28 -54.80 2.34 -7.27
CA LYS B 28 -53.49 1.88 -6.74
C LYS B 28 -53.16 2.60 -5.42
N THR B 29 -54.05 3.49 -4.93
CA THR B 29 -53.83 4.35 -3.73
C THR B 29 -54.84 3.99 -2.63
N HIS B 30 -54.34 3.82 -1.40
CA HIS B 30 -55.14 3.56 -0.16
C HIS B 30 -55.27 4.88 0.59
N ILE B 31 -56.48 5.31 0.93
CA ILE B 31 -56.75 6.60 1.64
C ILE B 31 -57.56 6.31 2.91
N MET B 32 -57.04 6.80 4.06
CA MET B 32 -57.67 6.72 5.41
C MET B 32 -58.06 8.11 5.87
N PHE B 33 -59.33 8.30 6.24
CA PHE B 33 -59.79 9.42 7.10
C PHE B 33 -60.66 8.83 8.22
N GLY B 34 -60.51 9.38 9.43
CA GLY B 34 -61.13 8.84 10.66
C GLY B 34 -61.05 9.83 11.81
N GLY B 35 -61.94 9.66 12.78
CA GLY B 35 -62.06 10.54 13.96
C GLY B 35 -61.93 9.79 15.26
N LEU B 36 -62.14 10.52 16.37
CA LEU B 36 -62.04 10.05 17.78
C LEU B 36 -60.57 9.91 18.14
N ASP B 37 -59.88 11.05 18.20
CA ASP B 37 -58.45 11.16 18.61
C ASP B 37 -58.42 11.49 20.11
N ASN B 38 -57.94 10.55 20.92
CA ASN B 38 -57.68 10.67 22.39
C ASN B 38 -57.31 12.13 22.72
N ASP B 39 -56.27 12.65 22.06
CA ASP B 39 -55.70 14.00 22.24
C ASP B 39 -56.77 15.05 21.94
N LYS B 40 -57.11 15.87 22.95
CA LYS B 40 -57.99 17.06 22.80
C LYS B 40 -57.17 18.20 22.19
N ASN B 41 -56.97 18.13 20.87
CA ASN B 41 -56.51 19.26 20.02
C ASN B 41 -57.66 19.69 19.09
N ASN B 42 -58.81 19.02 19.16
CA ASN B 42 -60.02 19.29 18.31
C ASN B 42 -61.21 19.59 19.23
N TYR B 43 -61.93 20.68 18.93
CA TYR B 43 -63.09 21.23 19.67
C TYR B 43 -62.64 21.72 21.05
N LYS B 44 -62.15 20.81 21.91
CA LYS B 44 -61.72 21.10 23.31
C LYS B 44 -62.97 21.49 24.11
N ASP B 45 -62.87 22.46 25.04
CA ASP B 45 -64.00 23.03 25.83
C ASP B 45 -64.86 21.89 26.40
N GLY B 46 -64.23 20.87 26.95
CA GLY B 46 -64.89 19.65 27.47
C GLY B 46 -65.37 18.75 26.34
N LYS B 47 -65.22 17.44 26.52
CA LYS B 47 -65.67 16.35 25.60
C LYS B 47 -64.67 16.19 24.44
N ILE B 48 -64.65 14.98 23.88
CA ILE B 48 -63.82 14.56 22.71
C ILE B 48 -64.71 14.59 21.47
N ALA B 49 -64.23 15.18 20.37
CA ALA B 49 -64.94 15.29 19.08
C ALA B 49 -64.18 14.49 18.03
N PRO B 50 -64.78 14.17 16.86
CA PRO B 50 -64.04 13.57 15.75
C PRO B 50 -63.16 14.59 15.01
N ASN B 51 -62.14 14.10 14.30
CA ASN B 51 -61.28 14.86 13.35
C ASN B 51 -61.65 14.42 11.93
N ASN B 52 -61.79 15.39 11.00
CA ASN B 52 -62.16 15.16 9.57
C ASN B 52 -60.87 15.11 8.71
N GLN B 53 -59.77 14.61 9.28
CA GLN B 53 -58.41 14.64 8.66
C GLN B 53 -58.23 13.42 7.76
N VAL B 54 -58.01 13.65 6.45
CA VAL B 54 -57.67 12.59 5.44
C VAL B 54 -56.17 12.30 5.54
N PHE B 55 -55.78 11.05 5.28
CA PHE B 55 -54.38 10.59 5.20
C PHE B 55 -54.24 9.56 4.07
N THR B 56 -53.21 9.69 3.24
CA THR B 56 -52.84 8.70 2.20
C THR B 56 -51.92 7.65 2.83
N LEU B 57 -51.95 6.42 2.30
CA LEU B 57 -51.15 5.27 2.76
C LEU B 57 -50.28 4.77 1.61
N LYS B 58 -48.96 4.83 1.78
CA LYS B 58 -47.96 4.26 0.84
C LYS B 58 -47.05 3.33 1.64
N LEU B 59 -46.69 2.17 1.06
CA LEU B 59 -45.85 1.13 1.71
C LEU B 59 -44.91 0.51 0.67
N THR B 60 -43.60 0.46 0.98
CA THR B 60 -42.52 -0.02 0.09
C THR B 60 -41.42 -0.67 0.93
N GLN B 61 -41.15 -1.96 0.72
CA GLN B 61 -40.12 -2.77 1.42
C GLN B 61 -40.38 -2.77 2.93
N ASN B 62 -41.66 -2.86 3.34
CA ASN B 62 -42.11 -2.84 4.76
C ASN B 62 -41.65 -1.53 5.42
N ASN B 63 -41.98 -0.39 4.79
CA ASN B 63 -41.75 0.98 5.32
C ASN B 63 -42.86 1.90 4.80
N CYS B 64 -43.69 2.42 5.69
CA CYS B 64 -44.87 3.28 5.37
C CYS B 64 -44.56 4.74 5.65
N GLU B 65 -45.02 5.63 4.77
CA GLU B 65 -45.03 7.11 4.95
C GLU B 65 -46.47 7.60 4.90
N TRP B 66 -46.88 8.43 5.87
CA TRP B 66 -48.22 9.07 5.93
C TRP B 66 -48.13 10.50 5.38
N ARG B 67 -49.15 10.90 4.61
CA ARG B 67 -49.24 12.21 3.93
C ARG B 67 -50.72 12.66 3.90
N GLN B 68 -51.08 13.65 4.72
CA GLN B 68 -52.46 14.21 4.83
C GLN B 68 -52.63 15.36 3.84
N ILE B 69 -53.86 15.53 3.33
CA ILE B 69 -54.23 16.57 2.32
C ILE B 69 -55.27 17.49 2.95
N ALA B 70 -54.84 18.69 3.36
CA ALA B 70 -55.71 19.77 3.90
C ALA B 70 -56.49 20.44 2.76
N CYS B 71 -55.82 20.71 1.64
CA CYS B 71 -56.35 21.46 0.46
C CYS B 71 -57.42 20.63 -0.25
N GLN B 72 -58.67 21.10 -0.24
CA GLN B 72 -59.85 20.50 -0.92
C GLN B 72 -60.62 21.59 -1.64
N GLY B 73 -61.87 21.33 -2.02
CA GLY B 73 -62.90 22.34 -2.31
C GLY B 73 -63.79 22.52 -1.09
N ASP B 74 -64.90 21.78 -1.04
CA ASP B 74 -65.79 21.69 0.15
C ASP B 74 -65.10 20.84 1.22
N VAL B 75 -65.64 20.90 2.44
CA VAL B 75 -65.25 20.04 3.59
C VAL B 75 -66.52 19.35 4.08
N PRO B 76 -66.49 18.03 4.39
CA PRO B 76 -67.54 17.40 5.20
C PRO B 76 -67.28 17.70 6.69
N LEU B 77 -68.19 17.30 7.57
CA LEU B 77 -68.08 17.53 9.05
C LEU B 77 -67.45 16.30 9.69
N PRO B 78 -66.88 16.42 10.92
CA PRO B 78 -66.10 15.35 11.54
C PRO B 78 -66.95 14.14 11.95
N ARG B 79 -66.61 12.96 11.42
CA ARG B 79 -67.35 11.69 11.59
C ARG B 79 -66.64 10.83 12.63
N CYS B 80 -67.41 10.03 13.36
CA CYS B 80 -66.90 8.86 14.12
C CYS B 80 -67.85 7.67 13.90
N TYR B 81 -67.32 6.51 13.52
CA TYR B 81 -68.06 5.30 13.11
C TYR B 81 -68.95 5.66 11.91
N HIS B 82 -68.43 5.41 10.71
CA HIS B 82 -68.90 6.00 9.43
C HIS B 82 -68.46 5.10 8.27
N ALA B 83 -69.37 4.27 7.74
CA ALA B 83 -69.10 3.36 6.60
C ALA B 83 -68.62 4.18 5.41
N SER B 84 -67.54 3.74 4.76
CA SER B 84 -67.03 4.28 3.47
C SER B 84 -66.90 3.12 2.47
N CYS B 85 -66.98 3.44 1.18
CA CYS B 85 -66.80 2.51 0.04
C CYS B 85 -66.26 3.29 -1.16
N ALA B 86 -65.82 2.58 -2.20
CA ALA B 86 -65.20 3.15 -3.42
C ALA B 86 -66.13 2.94 -4.61
N ILE B 87 -66.42 4.01 -5.37
CA ILE B 87 -67.06 3.94 -6.73
C ILE B 87 -65.94 4.02 -7.76
N SER B 88 -65.86 3.04 -8.66
CA SER B 88 -64.83 2.94 -9.73
C SER B 88 -63.43 2.95 -9.08
N ALA B 89 -62.48 3.73 -9.62
CA ALA B 89 -61.12 3.89 -9.07
C ALA B 89 -60.81 5.38 -8.82
N ASP B 90 -61.84 6.21 -8.67
CA ASP B 90 -61.72 7.69 -8.53
C ASP B 90 -62.57 8.19 -7.35
N LYS B 91 -63.84 7.75 -7.26
CA LYS B 91 -64.92 8.39 -6.45
C LYS B 91 -65.16 7.62 -5.14
N MET B 92 -64.53 8.07 -4.05
CA MET B 92 -64.76 7.56 -2.67
C MET B 92 -65.79 8.46 -1.98
N LEU B 93 -66.96 7.92 -1.63
CA LEU B 93 -67.93 8.60 -0.74
C LEU B 93 -67.78 8.03 0.67
N VAL B 94 -68.28 8.79 1.66
CA VAL B 94 -68.53 8.32 3.05
C VAL B 94 -69.93 8.80 3.44
N PHE B 95 -70.67 7.97 4.17
CA PHE B 95 -72.05 8.24 4.63
C PHE B 95 -72.19 7.92 6.11
N GLY B 96 -73.02 8.70 6.81
CA GLY B 96 -73.46 8.44 8.19
C GLY B 96 -72.34 8.59 9.19
N GLY B 97 -72.62 9.18 10.35
CA GLY B 97 -71.61 9.35 11.41
C GLY B 97 -72.25 9.63 12.76
N SER B 98 -71.52 10.35 13.62
CA SER B 98 -71.94 10.75 14.98
C SER B 98 -71.14 11.98 15.43
N TYR B 99 -71.73 12.76 16.34
CA TYR B 99 -71.24 14.09 16.80
C TYR B 99 -71.86 14.36 18.18
N THR B 100 -71.07 14.20 19.24
CA THR B 100 -71.51 14.35 20.67
C THR B 100 -72.63 13.36 21.00
N SER B 101 -72.52 12.12 20.51
CA SER B 101 -73.40 10.96 20.86
C SER B 101 -74.82 11.14 20.33
N ASN B 102 -75.53 12.18 20.78
CA ASN B 102 -77.00 12.39 20.55
C ASN B 102 -77.26 12.79 19.09
N LEU B 103 -76.34 13.53 18.47
CA LEU B 103 -76.45 13.94 17.05
C LEU B 103 -75.84 12.83 16.19
N ARG B 104 -76.51 12.48 15.08
CA ARG B 104 -76.05 11.46 14.11
C ARG B 104 -76.31 11.97 12.70
N PHE B 105 -75.28 11.98 11.84
CA PHE B 105 -75.37 12.47 10.44
C PHE B 105 -76.04 11.40 9.57
N ASN B 106 -76.73 11.86 8.51
CA ASN B 106 -77.32 11.01 7.46
C ASN B 106 -77.12 11.70 6.11
N ASP B 107 -75.88 12.10 5.82
CA ASP B 107 -75.52 12.88 4.60
C ASP B 107 -74.32 12.22 3.93
N THR B 108 -74.45 11.91 2.64
CA THR B 108 -73.34 11.42 1.77
C THR B 108 -72.44 12.60 1.42
N TYR B 109 -71.13 12.33 1.26
CA TYR B 109 -70.10 13.32 0.88
C TYR B 109 -69.02 12.62 0.06
N ILE B 110 -69.00 12.92 -1.24
CA ILE B 110 -68.09 12.27 -2.23
C ILE B 110 -66.70 12.90 -2.06
N LEU B 111 -65.65 12.17 -2.44
CA LEU B 111 -64.25 12.64 -2.56
C LEU B 111 -63.69 12.09 -3.89
N LYS B 112 -63.12 12.97 -4.72
CA LYS B 112 -62.41 12.61 -5.99
C LYS B 112 -60.90 12.50 -5.70
N THR B 113 -60.37 11.28 -5.62
CA THR B 113 -58.97 10.99 -5.22
C THR B 113 -57.99 11.85 -6.02
N THR B 114 -58.20 11.95 -7.33
CA THR B 114 -57.28 12.64 -8.27
C THR B 114 -57.24 14.14 -7.97
N SER B 115 -58.35 14.73 -7.52
CA SER B 115 -58.45 16.16 -7.15
C SER B 115 -58.45 16.34 -5.62
N TYR B 116 -58.51 15.25 -4.83
CA TYR B 116 -58.72 15.26 -3.36
C TYR B 116 -59.72 16.37 -3.02
N GLN B 117 -60.80 16.50 -3.79
CA GLN B 117 -61.87 17.50 -3.51
C GLN B 117 -63.11 16.73 -3.06
N TRP B 118 -63.64 17.04 -1.89
CA TRP B 118 -64.97 16.57 -1.43
C TRP B 118 -66.04 17.33 -2.22
N SER B 119 -67.31 16.94 -2.05
CA SER B 119 -68.51 17.66 -2.56
C SER B 119 -69.78 17.09 -1.93
N LYS B 120 -70.84 17.91 -1.86
CA LYS B 120 -72.25 17.50 -1.53
C LYS B 120 -72.95 17.02 -2.80
N PRO B 121 -73.71 15.90 -2.76
CA PRO B 121 -74.06 15.19 -3.98
C PRO B 121 -75.39 15.69 -4.55
N ALA B 122 -75.32 16.50 -5.62
CA ALA B 122 -76.48 17.10 -6.34
C ALA B 122 -77.26 17.99 -5.37
N ASN B 123 -78.60 17.87 -5.31
CA ASN B 123 -79.49 18.60 -4.36
C ASN B 123 -80.01 17.65 -3.27
N GLN B 124 -79.37 16.50 -3.11
CA GLN B 124 -79.79 15.44 -2.17
C GLN B 124 -79.51 15.90 -0.74
N ILE B 125 -78.32 16.47 -0.50
CA ILE B 125 -77.92 17.14 0.78
C ILE B 125 -77.72 18.63 0.46
N SER B 126 -78.82 19.40 0.47
CA SER B 126 -78.86 20.87 0.29
C SER B 126 -78.26 21.54 1.52
N GLY B 127 -78.87 21.28 2.68
CA GLY B 127 -78.43 21.77 4.00
C GLY B 127 -78.08 20.62 4.92
N GLY B 128 -76.79 20.48 5.25
CA GLY B 128 -76.28 19.53 6.27
C GLY B 128 -76.38 20.14 7.65
N GLU B 129 -75.23 20.41 8.29
CA GLU B 129 -75.07 20.96 9.66
C GLU B 129 -75.58 19.96 10.71
N PRO B 130 -75.09 20.04 11.97
CA PRO B 130 -75.34 18.99 12.95
C PRO B 130 -76.73 19.17 13.56
N LYS B 131 -77.47 18.06 13.71
CA LYS B 131 -78.89 18.06 14.16
C LYS B 131 -79.30 16.66 14.63
N ASN B 132 -79.97 16.58 15.79
CA ASN B 132 -80.38 15.31 16.45
C ASN B 132 -81.18 14.46 15.46
N ALA B 133 -82.15 15.08 14.77
CA ALA B 133 -83.13 14.42 13.90
C ALA B 133 -82.99 14.97 12.47
N GLU B 134 -82.78 14.08 11.50
CA GLU B 134 -82.68 14.41 10.05
C GLU B 134 -83.38 13.29 9.27
N SER B 135 -84.58 13.54 8.75
CA SER B 135 -85.43 12.53 8.08
C SER B 135 -86.21 13.17 6.93
N LYS B 136 -85.56 13.35 5.78
CA LYS B 136 -86.12 14.07 4.61
C LYS B 136 -85.22 13.85 3.40
N ILE B 137 -85.76 13.98 2.18
CA ILE B 137 -85.09 13.65 0.89
C ILE B 137 -84.58 12.20 1.02
N GLY B 138 -83.37 12.06 1.56
CA GLY B 138 -82.74 10.77 1.88
C GLY B 138 -83.69 9.87 2.64
N ALA B 139 -83.90 8.66 2.10
CA ALA B 139 -84.58 7.54 2.77
C ALA B 139 -83.91 7.28 4.13
N PRO B 140 -82.60 6.92 4.19
CA PRO B 140 -82.06 6.29 5.40
C PRO B 140 -82.14 7.20 6.64
N GLN B 141 -82.43 6.60 7.79
CA GLN B 141 -82.49 7.29 9.11
C GLN B 141 -81.09 7.36 9.69
N PRO B 142 -80.67 8.50 10.29
CA PRO B 142 -79.30 8.67 10.77
C PRO B 142 -78.88 7.55 11.73
N ARG B 143 -77.63 7.11 11.59
CA ARG B 143 -77.05 5.94 12.27
C ARG B 143 -75.54 6.09 12.32
N TYR B 144 -74.92 5.55 13.36
CA TYR B 144 -73.45 5.33 13.44
C TYR B 144 -73.22 3.82 13.44
N GLY B 145 -71.96 3.39 13.35
CA GLY B 145 -71.55 1.97 13.42
C GLY B 145 -72.38 1.11 12.49
N HIS B 146 -72.46 1.52 11.22
CA HIS B 146 -73.24 0.85 10.14
C HIS B 146 -72.26 0.27 9.11
N SER B 147 -72.74 -0.20 7.96
CA SER B 147 -71.93 -0.86 6.90
C SER B 147 -72.45 -0.46 5.52
N ALA B 148 -71.54 -0.33 4.55
CA ALA B 148 -71.80 0.10 3.15
C ALA B 148 -71.02 -0.80 2.19
N THR B 149 -71.74 -1.64 1.44
CA THR B 149 -71.19 -2.52 0.38
C THR B 149 -71.41 -1.82 -0.97
N PHE B 150 -70.36 -1.73 -1.80
CA PHE B 150 -70.44 -1.19 -3.18
C PHE B 150 -70.60 -2.33 -4.19
N PHE B 151 -71.47 -2.12 -5.17
CA PHE B 151 -71.64 -2.98 -6.37
C PHE B 151 -71.69 -2.11 -7.62
N GLU B 152 -71.51 -2.72 -8.80
CA GLU B 152 -71.59 -2.08 -10.14
C GLU B 152 -72.77 -1.09 -10.17
N GLY B 153 -72.48 0.19 -9.97
CA GLY B 153 -73.40 1.32 -10.18
C GLY B 153 -74.43 1.50 -9.08
N LYS B 154 -74.24 0.87 -7.92
CA LYS B 154 -75.21 0.90 -6.77
C LYS B 154 -74.50 0.65 -5.44
N VAL B 155 -74.75 1.49 -4.43
CA VAL B 155 -74.25 1.36 -3.02
C VAL B 155 -75.43 0.90 -2.15
N TYR B 156 -75.16 -0.07 -1.27
CA TYR B 156 -76.16 -0.75 -0.39
C TYR B 156 -75.68 -0.61 1.08
N ILE B 157 -76.53 -0.08 1.96
CA ILE B 157 -76.25 0.08 3.42
C ILE B 157 -77.29 -0.68 4.25
N PHE B 158 -76.84 -1.62 5.09
CA PHE B 158 -77.68 -2.51 5.93
C PHE B 158 -77.57 -2.14 7.42
N GLY B 159 -76.58 -1.33 7.78
CA GLY B 159 -76.06 -1.24 9.16
C GLY B 159 -77.01 -0.56 10.15
N GLY B 160 -76.71 -0.68 11.45
CA GLY B 160 -77.63 -0.45 12.58
C GLY B 160 -77.16 0.66 13.51
N HIS B 161 -77.48 0.52 14.81
CA HIS B 161 -77.22 1.48 15.93
C HIS B 161 -77.57 2.92 15.51
N GLY B 162 -78.87 3.23 15.42
CA GLY B 162 -79.36 4.54 14.97
C GLY B 162 -80.87 4.62 14.93
N GLY B 163 -81.39 5.81 14.61
CA GLY B 163 -82.85 6.07 14.48
C GLY B 163 -83.16 7.56 14.34
N ILE B 164 -84.42 7.85 13.97
CA ILE B 164 -84.98 9.23 13.85
C ILE B 164 -85.21 9.82 15.25
N ASN B 165 -85.06 11.15 15.38
CA ASN B 165 -85.29 11.94 16.61
C ASN B 165 -84.26 11.53 17.67
N TYR B 166 -84.72 10.90 18.76
CA TYR B 166 -83.93 10.49 19.95
C TYR B 166 -83.79 8.95 20.00
N GLN B 167 -84.68 8.21 19.33
CA GLN B 167 -84.77 6.73 19.41
C GLN B 167 -83.43 6.11 18.98
N ARG B 168 -83.04 5.00 19.63
CA ARG B 168 -81.79 4.26 19.35
C ARG B 168 -82.12 2.76 19.27
N LEU B 169 -81.69 2.11 18.18
CA LEU B 169 -81.95 0.67 17.90
C LEU B 169 -81.09 0.19 16.72
N ALA B 170 -81.14 -1.11 16.41
CA ALA B 170 -80.46 -1.73 15.25
C ALA B 170 -81.45 -1.81 14.07
N PHE B 171 -80.93 -1.83 12.84
CA PHE B 171 -81.72 -1.76 11.59
C PHE B 171 -81.90 -3.17 11.01
N ASN B 172 -83.15 -3.53 10.72
CA ASN B 172 -83.56 -4.73 9.96
C ASN B 172 -83.41 -4.47 8.46
N ASP B 173 -83.40 -3.18 8.05
CA ASP B 173 -83.69 -2.73 6.65
C ASP B 173 -82.39 -2.43 5.89
N LEU B 174 -82.44 -2.64 4.57
CA LEU B 174 -81.35 -2.39 3.58
C LEU B 174 -81.79 -1.25 2.66
N TYR B 175 -81.04 -0.15 2.64
CA TYR B 175 -81.30 1.06 1.81
C TYR B 175 -80.30 1.11 0.65
N VAL B 176 -80.82 1.07 -0.58
CA VAL B 176 -80.01 1.12 -1.85
C VAL B 176 -79.94 2.57 -2.32
N LEU B 177 -78.85 2.94 -3.01
CA LEU B 177 -78.73 4.24 -3.74
C LEU B 177 -78.04 3.99 -5.09
N GLU B 178 -78.45 4.72 -6.13
CA GLU B 178 -77.88 4.65 -7.50
C GLU B 178 -76.93 5.83 -7.70
N THR B 179 -75.62 5.56 -7.69
CA THR B 179 -74.51 6.56 -7.66
C THR B 179 -74.56 7.49 -8.88
N GLU B 180 -75.13 7.03 -10.00
CA GLU B 180 -75.21 7.80 -11.27
C GLU B 180 -75.97 9.12 -11.04
N ASN B 181 -77.08 9.08 -10.27
CA ASN B 181 -77.91 10.26 -9.93
C ASN B 181 -77.84 10.60 -8.43
N PHE B 182 -77.53 9.62 -7.57
CA PHE B 182 -77.54 9.69 -6.07
C PHE B 182 -78.98 9.72 -5.56
N GLU B 183 -79.83 8.83 -6.07
CA GLU B 183 -81.26 8.67 -5.69
C GLU B 183 -81.34 7.58 -4.61
N TRP B 184 -82.06 7.81 -3.50
CA TRP B 184 -82.17 6.87 -2.33
C TRP B 184 -83.46 6.07 -2.39
N THR B 185 -83.35 4.76 -2.66
CA THR B 185 -84.49 3.81 -2.77
C THR B 185 -84.31 2.72 -1.70
N ARG B 186 -85.27 2.59 -0.78
CA ARG B 186 -85.36 1.49 0.21
C ARG B 186 -85.89 0.24 -0.48
N LEU B 187 -85.17 -0.88 -0.37
CA LEU B 187 -85.49 -2.15 -1.05
C LEU B 187 -85.77 -3.22 0.00
N GLU B 188 -87.00 -3.75 0.01
CA GLU B 188 -87.55 -4.74 0.98
C GLU B 188 -87.54 -6.13 0.35
N PRO B 189 -86.65 -7.07 0.79
CA PRO B 189 -86.65 -8.42 0.24
C PRO B 189 -87.93 -9.22 0.57
N LYS B 190 -88.32 -10.13 -0.33
CA LYS B 190 -89.46 -11.07 -0.16
C LYS B 190 -89.11 -12.11 0.91
N GLY B 191 -87.83 -12.43 1.08
CA GLY B 191 -87.32 -13.40 2.08
C GLY B 191 -87.47 -12.88 3.51
N ASN B 192 -87.42 -13.79 4.49
CA ASN B 192 -87.65 -13.52 5.94
C ASN B 192 -86.39 -12.90 6.55
N PRO B 193 -86.42 -11.63 7.03
CA PRO B 193 -85.19 -10.90 7.36
C PRO B 193 -84.32 -11.49 8.47
N PRO B 194 -83.01 -11.14 8.50
CA PRO B 194 -82.15 -11.44 9.65
C PRO B 194 -82.35 -10.40 10.75
N ASP B 195 -82.14 -10.79 12.01
CA ASP B 195 -82.39 -9.95 13.21
C ASP B 195 -81.60 -8.64 13.12
N PRO B 196 -82.15 -7.49 13.59
CA PRO B 196 -81.47 -6.20 13.47
C PRO B 196 -80.18 -6.08 14.31
N ARG B 197 -79.08 -5.70 13.65
CA ARG B 197 -77.70 -5.69 14.19
C ARG B 197 -76.98 -4.41 13.74
N GLY B 198 -76.03 -3.92 14.54
CA GLY B 198 -75.15 -2.77 14.25
C GLY B 198 -73.75 -2.99 14.80
N GLY B 199 -72.71 -2.55 14.08
CA GLY B 199 -71.30 -2.78 14.45
C GLY B 199 -70.81 -4.12 13.92
N HIS B 200 -70.73 -4.24 12.60
CA HIS B 200 -70.42 -5.48 11.84
C HIS B 200 -69.50 -5.13 10.67
N SER B 201 -69.31 -6.06 9.74
CA SER B 201 -68.73 -5.82 8.40
C SER B 201 -69.58 -6.55 7.35
N ALA B 202 -69.63 -6.02 6.13
CA ALA B 202 -70.26 -6.66 4.95
C ALA B 202 -69.44 -6.33 3.70
N ALA B 203 -69.44 -7.24 2.73
CA ALA B 203 -68.70 -7.09 1.45
C ALA B 203 -69.24 -8.05 0.39
N MET B 204 -69.08 -7.69 -0.88
CA MET B 204 -69.50 -8.51 -2.05
C MET B 204 -68.64 -9.78 -2.08
N MET B 205 -69.25 -10.95 -2.31
CA MET B 205 -68.55 -12.26 -2.35
C MET B 205 -68.28 -12.65 -3.82
N ALA B 206 -67.00 -12.84 -4.16
CA ALA B 206 -66.52 -13.44 -5.44
C ALA B 206 -66.96 -12.61 -6.65
N ASN B 207 -67.18 -11.29 -6.48
CA ASN B 207 -67.65 -10.35 -7.54
C ASN B 207 -69.00 -10.84 -8.09
N LYS B 208 -69.92 -11.22 -7.20
CA LYS B 208 -71.27 -11.77 -7.52
C LYS B 208 -72.33 -10.81 -7.01
N PRO B 209 -73.62 -10.95 -7.42
CA PRO B 209 -74.71 -10.18 -6.82
C PRO B 209 -74.93 -10.43 -5.32
N GLN B 210 -74.49 -11.58 -4.81
CA GLN B 210 -74.56 -11.95 -3.36
C GLN B 210 -73.51 -11.16 -2.58
N LEU B 211 -73.89 -10.62 -1.41
CA LEU B 211 -72.96 -10.01 -0.40
C LEU B 211 -73.29 -10.58 0.98
N MET B 212 -72.25 -10.83 1.79
CA MET B 212 -72.33 -11.58 3.08
C MET B 212 -72.10 -10.62 4.25
N ILE B 213 -72.91 -10.75 5.32
CA ILE B 213 -72.96 -9.84 6.50
C ILE B 213 -72.70 -10.66 7.78
N PHE B 214 -71.44 -10.80 8.18
CA PHE B 214 -71.00 -11.61 9.34
C PHE B 214 -70.92 -10.73 10.60
N GLY B 215 -71.18 -11.35 11.76
CA GLY B 215 -71.06 -10.72 13.09
C GLY B 215 -72.17 -9.70 13.34
N GLY B 216 -71.92 -8.76 14.25
CA GLY B 216 -72.80 -7.61 14.55
C GLY B 216 -73.25 -7.59 16.01
N TRP B 217 -74.01 -6.56 16.36
CA TRP B 217 -74.42 -6.22 17.76
C TRP B 217 -75.80 -5.57 17.78
N SER B 218 -76.51 -5.68 18.90
CA SER B 218 -77.88 -5.13 19.07
C SER B 218 -78.25 -5.11 20.55
N PHE B 219 -79.06 -4.13 20.97
CA PHE B 219 -79.50 -3.89 22.38
C PHE B 219 -80.09 -5.17 23.00
N THR B 220 -80.87 -5.94 22.23
CA THR B 220 -81.42 -7.27 22.66
C THR B 220 -80.23 -8.19 22.98
N SER B 221 -79.62 -8.79 21.95
CA SER B 221 -78.51 -9.77 22.06
C SER B 221 -77.65 -9.73 20.80
N GLN B 222 -76.33 -9.73 20.97
CA GLN B 222 -75.31 -9.92 19.90
C GLN B 222 -75.73 -11.05 18.95
N TYR B 223 -75.28 -10.97 17.70
CA TYR B 223 -75.48 -12.01 16.66
C TYR B 223 -74.12 -12.39 16.07
N SER B 224 -74.06 -13.49 15.30
CA SER B 224 -72.80 -14.07 14.75
C SER B 224 -73.08 -15.06 13.61
N ASN B 225 -73.97 -14.68 12.68
CA ASN B 225 -74.48 -15.55 11.59
C ASN B 225 -74.33 -14.84 10.25
N ILE B 226 -73.75 -15.52 9.25
CA ILE B 226 -73.57 -15.02 7.86
C ILE B 226 -74.97 -14.89 7.25
N MET B 227 -75.19 -13.89 6.39
CA MET B 227 -76.47 -13.72 5.64
C MET B 227 -76.18 -13.05 4.29
N ILE B 228 -76.32 -13.80 3.20
CA ILE B 228 -76.06 -13.31 1.81
C ILE B 228 -77.36 -12.68 1.29
N TYR B 229 -77.26 -11.95 0.17
CA TYR B 229 -78.40 -11.24 -0.49
C TYR B 229 -78.04 -10.96 -1.96
N ASP B 230 -78.63 -11.74 -2.88
CA ASP B 230 -78.52 -11.51 -4.34
C ASP B 230 -79.52 -10.42 -4.74
N ILE B 231 -79.05 -9.41 -5.49
CA ILE B 231 -79.90 -8.30 -6.04
C ILE B 231 -80.91 -8.88 -7.05
N GLU B 232 -80.54 -9.97 -7.73
CA GLU B 232 -81.41 -10.72 -8.67
C GLU B 232 -82.38 -11.60 -7.87
N LYS B 233 -83.68 -11.53 -8.21
CA LYS B 233 -84.81 -12.24 -7.55
C LYS B 233 -85.06 -11.67 -6.13
N ASP B 234 -84.49 -10.51 -5.80
CA ASP B 234 -84.67 -9.78 -4.50
C ASP B 234 -84.29 -10.67 -3.31
N GLU B 235 -85.16 -11.62 -2.94
CA GLU B 235 -85.12 -12.39 -1.66
C GLU B 235 -83.71 -12.93 -1.39
N TRP B 236 -83.22 -12.72 -0.16
CA TRP B 236 -81.93 -13.27 0.35
C TRP B 236 -82.07 -14.77 0.64
N VAL B 237 -81.05 -15.55 0.24
CA VAL B 237 -80.83 -16.96 0.67
C VAL B 237 -80.12 -16.90 2.03
N ASP B 238 -80.37 -17.90 2.89
CA ASP B 238 -79.78 -18.02 4.25
C ASP B 238 -78.87 -19.25 4.27
N PRO B 239 -77.52 -19.10 4.27
CA PRO B 239 -76.61 -20.24 4.40
C PRO B 239 -76.81 -20.98 5.75
N GLU B 240 -77.04 -20.21 6.82
CA GLU B 240 -77.23 -20.68 8.22
C GLU B 240 -75.90 -21.19 8.79
N ILE B 241 -74.76 -20.82 8.19
CA ILE B 241 -73.39 -21.13 8.71
C ILE B 241 -73.05 -20.06 9.76
N ALA B 242 -72.97 -20.45 11.03
CA ALA B 242 -72.64 -19.58 12.17
C ALA B 242 -71.16 -19.74 12.55
N HIS B 243 -70.66 -18.87 13.43
CA HIS B 243 -69.32 -18.97 14.07
C HIS B 243 -69.43 -19.87 15.31
N GLU B 244 -68.29 -20.25 15.89
CA GLU B 244 -68.21 -21.02 17.16
C GLU B 244 -68.71 -20.14 18.30
N ILE B 245 -68.06 -18.99 18.52
CA ILE B 245 -68.37 -18.01 19.59
C ILE B 245 -69.03 -16.77 18.96
N PRO B 246 -70.02 -16.13 19.61
CA PRO B 246 -70.60 -14.88 19.10
C PRO B 246 -69.60 -13.71 19.16
N LYS B 247 -69.57 -12.90 18.10
CA LYS B 247 -68.55 -11.85 17.80
C LYS B 247 -69.29 -10.55 17.46
N TRP B 248 -68.70 -9.39 17.75
CA TRP B 248 -69.30 -8.06 17.43
C TRP B 248 -68.22 -6.96 17.37
N ASN B 249 -68.47 -5.96 16.53
CA ASN B 249 -67.59 -4.77 16.29
C ASN B 249 -66.27 -5.22 15.66
N LEU B 250 -66.29 -6.30 14.85
CA LEU B 250 -65.12 -6.85 14.10
C LEU B 250 -64.83 -5.97 12.88
N SER B 251 -63.82 -6.34 12.09
CA SER B 251 -63.43 -5.67 10.82
C SER B 251 -62.90 -6.70 9.83
N GLY B 252 -63.61 -6.90 8.70
CA GLY B 252 -63.34 -7.93 7.69
C GLY B 252 -63.12 -7.34 6.30
N ILE B 253 -62.09 -7.81 5.59
CA ILE B 253 -61.70 -7.37 4.22
C ILE B 253 -61.77 -8.58 3.29
N MET B 254 -62.28 -8.37 2.07
CA MET B 254 -62.32 -9.37 0.98
C MET B 254 -60.94 -9.44 0.33
N ALA B 255 -60.49 -10.65 -0.03
CA ALA B 255 -59.19 -10.92 -0.68
C ALA B 255 -59.43 -11.71 -1.97
N PRO B 256 -58.83 -11.28 -3.10
CA PRO B 256 -58.94 -12.03 -4.36
C PRO B 256 -58.02 -13.26 -4.33
N SER B 257 -58.60 -14.44 -4.60
CA SER B 257 -57.88 -15.71 -4.86
C SER B 257 -58.62 -16.48 -5.96
N ILE B 258 -57.94 -16.73 -7.09
CA ILE B 258 -58.49 -17.34 -8.33
C ILE B 258 -59.24 -18.64 -8.01
N PRO B 259 -58.61 -19.65 -7.33
CA PRO B 259 -59.30 -20.91 -7.05
C PRO B 259 -60.62 -20.73 -6.29
N SER B 260 -60.60 -19.96 -5.20
CA SER B 260 -61.78 -19.64 -4.35
C SER B 260 -61.51 -18.36 -3.55
N TRP B 261 -62.27 -17.28 -3.82
CA TRP B 261 -62.17 -15.97 -3.13
C TRP B 261 -62.26 -16.16 -1.61
N LYS B 262 -61.37 -15.50 -0.87
CA LYS B 262 -61.18 -15.68 0.60
C LYS B 262 -61.51 -14.38 1.33
N TYR B 263 -62.16 -14.47 2.50
CA TYR B 263 -62.59 -13.34 3.36
C TYR B 263 -61.95 -13.47 4.74
N PHE B 264 -61.37 -12.38 5.26
CA PHE B 264 -60.53 -12.35 6.49
C PHE B 264 -61.10 -11.33 7.48
N ILE B 265 -61.63 -11.82 8.59
CA ILE B 265 -62.15 -11.03 9.75
C ILE B 265 -61.07 -11.00 10.84
N PHE B 266 -60.75 -9.82 11.36
CA PHE B 266 -59.73 -9.60 12.42
C PHE B 266 -60.31 -8.74 13.55
N GLY B 267 -59.82 -8.97 14.77
CA GLY B 267 -60.15 -8.18 15.98
C GLY B 267 -61.57 -8.45 16.45
N GLY B 268 -62.29 -7.40 16.83
CA GLY B 268 -63.68 -7.46 17.34
C GLY B 268 -63.72 -7.92 18.79
N SER B 269 -64.91 -7.88 19.39
CA SER B 269 -65.22 -8.39 20.75
C SER B 269 -66.13 -9.61 20.64
N VAL B 270 -65.86 -10.65 21.43
CA VAL B 270 -66.70 -11.90 21.51
C VAL B 270 -67.30 -12.02 22.91
N GLY B 271 -68.29 -12.90 23.05
CA GLY B 271 -69.03 -13.15 24.31
C GLY B 271 -70.33 -13.89 24.04
N SER B 272 -70.63 -14.91 24.86
CA SER B 272 -71.86 -15.74 24.81
C SER B 272 -72.74 -15.43 26.03
N PHE B 273 -73.93 -14.85 25.79
CA PHE B 273 -74.90 -14.46 26.85
C PHE B 273 -76.28 -15.03 26.49
N GLU B 274 -77.09 -15.34 27.51
CA GLU B 274 -78.44 -15.96 27.37
C GLU B 274 -79.51 -14.87 27.46
N GLU B 275 -80.03 -14.44 26.30
CA GLU B 275 -81.09 -13.41 26.13
C GLU B 275 -80.66 -12.13 26.86
N GLY B 276 -81.47 -11.61 27.80
CA GLY B 276 -81.17 -10.38 28.55
C GLY B 276 -80.23 -10.63 29.72
N GLY B 277 -79.80 -9.55 30.38
CA GLY B 277 -78.99 -9.60 31.61
C GLY B 277 -77.51 -9.81 31.33
N ASN B 278 -76.65 -9.31 32.22
CA ASN B 278 -75.16 -9.40 32.20
C ASN B 278 -74.63 -8.68 30.95
N ARG B 279 -74.08 -9.41 29.96
CA ARG B 279 -73.55 -8.89 28.66
C ARG B 279 -72.28 -8.05 28.88
N THR B 280 -71.86 -7.90 30.13
CA THR B 280 -70.91 -6.86 30.61
C THR B 280 -69.49 -7.30 30.28
N ASN B 281 -69.17 -8.57 30.54
CA ASN B 281 -67.87 -9.20 30.20
C ASN B 281 -67.71 -9.17 28.67
N SER B 282 -66.60 -8.61 28.19
CA SER B 282 -66.25 -8.46 26.75
C SER B 282 -64.81 -8.90 26.51
N ARG B 283 -64.64 -10.12 25.99
CA ARG B 283 -63.34 -10.69 25.57
C ARG B 283 -63.08 -10.26 24.12
N PHE B 284 -61.83 -9.90 23.80
CA PHE B 284 -61.35 -9.50 22.45
C PHE B 284 -60.39 -10.57 21.92
N VAL B 285 -60.59 -11.03 20.68
CA VAL B 285 -59.78 -12.12 20.04
C VAL B 285 -58.79 -11.49 19.03
N ASP B 286 -57.51 -11.80 19.19
CA ASP B 286 -56.40 -11.40 18.26
C ASP B 286 -56.44 -12.29 17.01
N ASP B 287 -56.74 -13.59 17.18
CA ASP B 287 -56.77 -14.61 16.10
C ASP B 287 -57.82 -14.22 15.04
N SER B 288 -57.34 -13.83 13.85
CA SER B 288 -58.16 -13.62 12.63
C SER B 288 -58.48 -14.98 12.01
N PHE B 289 -59.76 -15.31 11.86
CA PHE B 289 -60.25 -16.55 11.18
C PHE B 289 -60.29 -16.28 9.67
N VAL B 290 -60.47 -17.34 8.87
CA VAL B 290 -60.42 -17.31 7.38
C VAL B 290 -61.65 -18.06 6.83
N LEU B 291 -62.37 -17.44 5.89
CA LEU B 291 -63.51 -18.05 5.14
C LEU B 291 -63.13 -18.15 3.65
N ASP B 292 -63.39 -19.32 3.05
CA ASP B 292 -63.47 -19.52 1.58
C ASP B 292 -64.95 -19.54 1.19
N ILE B 293 -65.31 -18.82 0.13
CA ILE B 293 -66.73 -18.58 -0.30
C ILE B 293 -67.26 -19.82 -1.01
N ASP B 294 -66.42 -20.54 -1.76
CA ASP B 294 -66.78 -21.80 -2.46
C ASP B 294 -67.07 -22.90 -1.43
N THR B 295 -66.42 -22.86 -0.26
CA THR B 295 -66.60 -23.81 0.87
C THR B 295 -67.77 -23.36 1.76
N LEU B 296 -67.91 -22.05 2.00
CA LEU B 296 -68.82 -21.44 3.02
C LEU B 296 -68.57 -22.10 4.38
N SER B 297 -67.39 -21.85 4.95
CA SER B 297 -66.91 -22.48 6.21
C SER B 297 -65.82 -21.62 6.86
N TRP B 298 -65.85 -21.49 8.19
CA TRP B 298 -64.88 -20.73 9.01
C TRP B 298 -63.78 -21.67 9.54
N SER B 299 -62.57 -21.57 8.96
CA SER B 299 -61.35 -22.29 9.39
C SER B 299 -60.38 -21.28 10.01
N SER B 300 -59.98 -21.52 11.27
CA SER B 300 -58.97 -20.72 12.02
C SER B 300 -57.58 -20.94 11.37
N ILE B 301 -56.75 -19.89 11.37
CA ILE B 301 -55.41 -19.89 10.70
C ILE B 301 -54.31 -19.68 11.75
N ASN B 302 -53.20 -20.42 11.61
CA ASN B 302 -52.02 -20.39 12.53
C ASN B 302 -50.77 -20.13 11.69
N LEU B 303 -49.39 -18.82 14.26
CA LEU B 303 -48.33 -18.31 13.34
C LEU B 303 -47.34 -19.43 13.03
N GLU B 304 -46.90 -19.54 11.77
CA GLU B 304 -45.92 -20.56 11.31
C GLU B 304 -44.58 -20.32 12.02
N ALA B 305 -44.04 -19.09 11.89
CA ALA B 305 -42.79 -18.62 12.53
C ALA B 305 -43.12 -17.78 13.76
N ASP B 306 -42.32 -17.91 14.82
CA ASP B 306 -42.37 -17.06 16.05
C ASP B 306 -41.21 -16.06 16.03
N GLU B 307 -40.36 -16.10 15.00
CA GLU B 307 -39.16 -15.22 14.80
C GLU B 307 -38.20 -15.37 15.99
N THR B 308 -37.95 -16.62 16.40
CA THR B 308 -37.01 -17.03 17.48
C THR B 308 -37.46 -16.51 18.86
N SER B 309 -38.74 -16.13 19.01
CA SER B 309 -39.37 -15.74 20.31
C SER B 309 -39.77 -17.01 21.07
N LYS B 310 -40.07 -18.10 20.35
CA LYS B 310 -40.55 -19.41 20.87
C LYS B 310 -41.93 -19.25 21.51
N ALA B 311 -42.71 -18.26 21.06
CA ALA B 311 -44.10 -17.97 21.49
C ALA B 311 -44.74 -17.01 20.48
N VAL B 312 -46.03 -17.21 20.18
CA VAL B 312 -46.79 -16.43 19.16
C VAL B 312 -46.76 -14.93 19.55
N CYS B 313 -46.11 -14.10 18.72
CA CYS B 313 -46.00 -12.63 18.87
C CYS B 313 -47.05 -11.96 17.98
N LYS B 314 -48.32 -12.12 18.32
CA LYS B 314 -49.49 -11.59 17.55
C LYS B 314 -49.81 -10.18 18.06
N PRO B 315 -50.51 -9.33 17.25
CA PRO B 315 -50.97 -8.02 17.73
C PRO B 315 -52.10 -8.14 18.76
N ARG B 316 -52.49 -7.02 19.37
CA ARG B 316 -53.67 -6.94 20.27
C ARG B 316 -54.94 -7.05 19.43
N PRO B 317 -56.10 -7.43 20.03
CA PRO B 317 -57.35 -7.57 19.28
C PRO B 317 -57.90 -6.25 18.68
N ARG B 318 -58.03 -5.20 19.50
CA ARG B 318 -58.32 -3.79 19.10
C ARG B 318 -59.80 -3.58 18.71
N GLU B 319 -60.71 -4.48 19.10
CA GLU B 319 -62.17 -4.41 18.88
C GLU B 319 -62.49 -3.75 17.53
N SER B 320 -62.75 -2.43 17.49
CA SER B 320 -63.17 -1.67 16.29
C SER B 320 -61.95 -1.07 15.59
N ALA B 321 -61.45 -1.74 14.55
CA ALA B 321 -60.21 -1.39 13.81
C ALA B 321 -60.55 -0.96 12.38
N SER B 322 -59.54 -0.86 11.52
CA SER B 322 -59.67 -0.63 10.05
C SER B 322 -58.62 -1.45 9.31
N ILE B 323 -59.03 -2.43 8.51
CA ILE B 323 -58.13 -3.34 7.75
C ILE B 323 -58.35 -3.11 6.25
N PHE B 324 -57.25 -3.02 5.48
CA PHE B 324 -57.22 -2.88 4.00
C PHE B 324 -56.15 -3.82 3.44
N TYR B 325 -56.38 -4.36 2.24
CA TYR B 325 -55.56 -5.41 1.59
C TYR B 325 -54.98 -4.86 0.27
N ASP B 326 -53.71 -5.17 0.00
CA ASP B 326 -53.02 -4.86 -1.29
C ASP B 326 -53.02 -6.11 -2.17
N SER B 327 -53.54 -6.01 -3.39
CA SER B 327 -53.54 -7.08 -4.42
C SER B 327 -52.13 -7.23 -5.02
N GLY B 328 -51.30 -6.17 -4.95
CA GLY B 328 -49.92 -6.16 -5.46
C GLY B 328 -48.99 -7.02 -4.63
N GLU B 329 -48.99 -6.83 -3.29
CA GLU B 329 -48.03 -7.46 -2.35
C GLU B 329 -48.64 -8.69 -1.65
N SER B 330 -49.96 -8.90 -1.76
CA SER B 330 -50.72 -10.05 -1.18
C SER B 330 -50.58 -10.07 0.35
N ARG B 331 -50.93 -8.97 1.00
CA ARG B 331 -50.87 -8.79 2.47
C ARG B 331 -52.09 -7.98 2.94
N ALA B 332 -52.58 -8.25 4.15
CA ALA B 332 -53.65 -7.49 4.84
C ALA B 332 -53.04 -6.67 5.98
N ILE B 333 -53.44 -5.40 6.12
CA ILE B 333 -52.79 -4.39 7.02
C ILE B 333 -53.89 -3.66 7.80
N VAL B 334 -53.79 -3.67 9.14
CA VAL B 334 -54.78 -3.06 10.08
C VAL B 334 -54.08 -1.97 10.90
N PHE B 335 -54.63 -0.75 10.90
CA PHE B 335 -54.01 0.48 11.45
C PHE B 335 -53.95 0.43 12.98
N GLY B 336 -55.08 0.12 13.59
CA GLY B 336 -55.30 0.23 15.05
C GLY B 336 -56.79 0.35 15.33
N GLY B 337 -57.15 0.64 16.59
CA GLY B 337 -58.55 0.71 17.03
C GLY B 337 -58.64 1.09 18.49
N TRP B 338 -59.56 0.45 19.23
CA TRP B 338 -59.87 0.78 20.64
C TRP B 338 -60.05 -0.52 21.45
N ALA B 339 -58.95 -1.11 21.89
CA ALA B 339 -58.89 -2.15 22.95
C ALA B 339 -58.75 -1.45 24.29
N ASN B 340 -59.81 -0.74 24.70
CA ASN B 340 -59.92 0.00 25.98
C ASN B 340 -59.06 1.27 25.90
N ASN B 341 -57.74 1.14 25.67
CA ASN B 341 -56.81 2.26 25.37
C ASN B 341 -56.90 2.59 23.87
N TRP B 342 -56.20 3.64 23.43
CA TRP B 342 -55.90 3.95 22.00
C TRP B 342 -54.43 3.64 21.72
N LEU B 343 -54.14 3.09 20.53
CA LEU B 343 -52.77 2.66 20.11
C LEU B 343 -52.56 2.96 18.62
N ASN B 344 -51.35 3.41 18.28
CA ASN B 344 -50.91 3.80 16.91
C ASN B 344 -49.80 2.84 16.47
N ASP B 345 -50.18 1.60 16.14
CA ASP B 345 -49.26 0.50 15.74
C ASP B 345 -49.84 -0.21 14.52
N LEU B 346 -49.28 0.04 13.34
CA LEU B 346 -49.68 -0.57 12.04
C LEU B 346 -49.07 -1.98 11.97
N TRP B 347 -49.91 -3.02 12.05
CA TRP B 347 -49.50 -4.44 11.93
C TRP B 347 -50.05 -5.02 10.61
N ALA B 348 -49.18 -5.63 9.80
CA ALA B 348 -49.51 -6.34 8.55
C ALA B 348 -49.31 -7.84 8.73
N LEU B 349 -49.78 -8.64 7.76
CA LEU B 349 -49.37 -10.05 7.57
C LEU B 349 -49.60 -10.45 6.10
N ASN B 350 -48.66 -11.21 5.54
CA ASN B 350 -48.72 -11.75 4.15
C ASN B 350 -49.46 -13.09 4.19
N VAL B 351 -50.47 -13.26 3.34
CA VAL B 351 -51.36 -14.47 3.31
C VAL B 351 -50.66 -15.54 2.49
N SER B 352 -50.28 -16.65 3.13
CA SER B 352 -49.70 -17.87 2.49
C SER B 352 -50.74 -18.52 1.56
N THR B 353 -52.01 -18.54 2.01
CA THR B 353 -53.13 -19.23 1.31
C THR B 353 -53.44 -18.55 -0.03
N ILE B 354 -53.20 -17.24 -0.13
CA ILE B 354 -53.41 -16.44 -1.38
C ILE B 354 -52.06 -16.23 -2.05
N THR B 355 -52.01 -16.45 -3.37
CA THR B 355 -50.80 -16.37 -4.22
C THR B 355 -51.15 -15.74 -5.56
N GLY B 356 -50.25 -14.91 -6.10
CA GLY B 356 -50.35 -14.31 -7.44
C GLY B 356 -50.75 -15.35 -8.47
N PRO B 357 -51.84 -15.13 -9.25
CA PRO B 357 -52.44 -16.20 -10.03
C PRO B 357 -51.60 -16.67 -11.24
N ILE B 358 -53.45 -23.29 -9.91
CA ILE B 358 -53.77 -24.39 -10.87
C ILE B 358 -55.15 -24.96 -10.55
N PHE B 359 -56.03 -25.07 -11.55
CA PHE B 359 -57.43 -25.55 -11.45
C PHE B 359 -57.47 -27.08 -11.66
N SER B 360 -56.94 -27.56 -12.80
CA SER B 360 -56.96 -28.98 -13.21
C SER B 360 -55.85 -29.28 -14.23
N ILE B 361 -55.33 -30.52 -14.21
CA ILE B 361 -54.26 -31.04 -15.13
C ILE B 361 -54.81 -32.28 -15.85
N LYS B 362 -54.31 -32.56 -17.07
CA LYS B 362 -54.73 -33.71 -17.92
C LYS B 362 -53.70 -33.96 -19.02
N PRO B 363 -52.97 -35.11 -19.05
CA PRO B 363 -53.14 -36.22 -18.09
C PRO B 363 -52.43 -36.00 -16.74
N ALA B 364 -53.05 -36.45 -15.65
CA ALA B 364 -52.48 -36.47 -14.27
C ALA B 364 -51.74 -37.79 -14.02
N LEU B 365 -51.83 -38.75 -14.95
CA LEU B 365 -51.16 -40.08 -14.87
C LEU B 365 -50.19 -40.23 -16.05
N GLY B 366 -49.02 -40.83 -15.82
CA GLY B 366 -47.96 -41.01 -16.82
C GLY B 366 -47.01 -42.16 -16.50
N PRO B 367 -46.40 -42.77 -17.54
CA PRO B 367 -45.28 -43.70 -17.34
C PRO B 367 -43.94 -42.93 -17.25
N LEU B 368 -42.99 -43.47 -16.48
CA LEU B 368 -41.67 -42.83 -16.20
C LEU B 368 -40.79 -42.81 -17.45
N THR B 369 -40.69 -43.94 -18.15
CA THR B 369 -39.84 -44.17 -19.35
C THR B 369 -40.30 -43.27 -20.51
N GLY B 370 -41.61 -43.06 -20.64
CA GLY B 370 -42.23 -42.21 -21.69
C GLY B 370 -41.93 -40.73 -21.49
N LYS B 371 -42.24 -39.92 -22.50
CA LYS B 371 -42.06 -38.43 -22.50
C LYS B 371 -43.26 -37.77 -23.19
N THR B 372 -44.35 -37.55 -22.44
CA THR B 372 -45.61 -36.93 -22.92
C THR B 372 -45.67 -35.46 -22.50
N LYS B 373 -46.49 -34.67 -23.20
CA LYS B 373 -46.75 -33.22 -22.93
C LYS B 373 -48.15 -33.07 -22.35
N VAL B 374 -48.25 -32.50 -21.13
CA VAL B 374 -49.52 -32.35 -20.35
C VAL B 374 -50.16 -30.99 -20.65
N LEU B 375 -51.27 -30.68 -19.99
CA LEU B 375 -52.02 -29.40 -20.12
C LEU B 375 -52.56 -28.97 -18.74
N ILE B 376 -51.84 -28.07 -18.06
CA ILE B 376 -52.25 -27.46 -16.75
C ILE B 376 -53.09 -26.20 -17.03
N GLU B 377 -54.28 -26.11 -16.42
CA GLU B 377 -55.25 -24.98 -16.58
C GLU B 377 -55.51 -24.32 -15.22
N GLY B 378 -55.97 -23.07 -15.23
CA GLY B 378 -56.27 -22.26 -14.03
C GLY B 378 -56.71 -20.86 -14.41
N ASP B 379 -56.00 -19.83 -13.91
CA ASP B 379 -56.19 -18.41 -14.31
C ASP B 379 -54.99 -17.57 -13.85
N GLY B 380 -54.83 -16.38 -14.47
CA GLY B 380 -53.70 -15.46 -14.27
C GLY B 380 -52.39 -16.04 -14.76
N PHE B 381 -52.43 -17.00 -15.69
CA PHE B 381 -51.23 -17.64 -16.29
C PHE B 381 -50.67 -16.68 -17.35
N LYS B 382 -49.40 -16.27 -17.19
CA LYS B 382 -48.68 -15.36 -18.10
C LYS B 382 -48.43 -16.07 -19.44
N ASP B 383 -48.36 -15.29 -20.53
CA ASP B 383 -48.17 -15.79 -21.92
C ASP B 383 -46.67 -15.78 -22.27
N THR B 384 -46.15 -16.93 -22.71
CA THR B 384 -44.76 -17.12 -23.22
C THR B 384 -43.74 -16.76 -22.13
N GLN B 385 -43.37 -15.48 -22.03
CA GLN B 385 -42.28 -14.97 -21.13
C GLN B 385 -42.82 -14.90 -19.70
N ASN B 386 -41.96 -15.21 -18.72
CA ASN B 386 -42.24 -15.22 -17.25
C ASN B 386 -42.79 -16.58 -16.80
N ILE B 387 -43.52 -17.29 -17.68
CA ILE B 387 -44.19 -18.60 -17.38
C ILE B 387 -43.13 -19.64 -17.01
N SER B 388 -43.23 -20.20 -15.80
CA SER B 388 -42.32 -21.23 -15.23
C SER B 388 -43.10 -22.17 -14.30
N VAL B 389 -42.96 -23.49 -14.51
CA VAL B 389 -43.74 -24.56 -13.79
C VAL B 389 -42.76 -25.50 -13.06
N LYS B 390 -43.20 -26.09 -11.94
CA LYS B 390 -42.43 -27.03 -11.09
C LYS B 390 -42.84 -28.47 -11.43
N PHE B 391 -41.87 -29.39 -11.43
CA PHE B 391 -42.03 -30.83 -11.76
C PHE B 391 -41.63 -31.69 -10.55
N SER B 392 -41.97 -32.98 -10.61
CA SER B 392 -41.67 -34.03 -9.59
C SER B 392 -42.22 -33.62 -8.22
N GLY B 393 -41.37 -33.20 -7.29
CA GLY B 393 -41.73 -32.94 -5.88
C GLY B 393 -41.42 -34.12 -4.97
N GLY B 394 -41.62 -35.36 -5.46
CA GLY B 394 -41.39 -36.62 -4.72
C GLY B 394 -39.95 -36.78 -4.30
N LYS B 395 -39.55 -36.09 -3.23
CA LYS B 395 -38.17 -36.06 -2.67
C LYS B 395 -37.18 -35.54 -3.72
N LEU B 396 -37.59 -34.54 -4.51
CA LEU B 396 -36.81 -33.99 -5.65
C LEU B 396 -37.36 -32.61 -6.06
N GLU B 397 -36.50 -31.76 -6.64
CA GLU B 397 -36.85 -30.44 -7.23
C GLU B 397 -36.55 -30.48 -8.72
N LYS B 398 -37.53 -30.16 -9.56
CA LYS B 398 -37.44 -30.17 -11.05
C LYS B 398 -38.16 -28.95 -11.63
N GLU B 399 -37.56 -28.34 -12.67
CA GLU B 399 -38.14 -27.20 -13.44
C GLU B 399 -38.27 -27.62 -14.91
N VAL B 400 -39.49 -27.61 -15.46
CA VAL B 400 -39.84 -28.05 -16.85
C VAL B 400 -40.16 -26.81 -17.69
N ASN B 401 -39.78 -26.83 -18.98
CA ASN B 401 -40.03 -25.74 -19.97
C ASN B 401 -41.54 -25.60 -20.18
N GLY B 402 -42.10 -24.42 -19.89
CA GLY B 402 -43.54 -24.11 -19.98
C GLY B 402 -43.85 -23.23 -21.18
N THR B 403 -45.02 -23.45 -21.81
CA THR B 403 -45.56 -22.65 -22.94
C THR B 403 -47.07 -22.43 -22.73
N PHE B 404 -47.52 -21.17 -22.77
CA PHE B 404 -48.93 -20.77 -22.52
C PHE B 404 -49.73 -20.87 -23.83
N VAL B 405 -50.59 -21.89 -23.93
CA VAL B 405 -51.55 -22.08 -25.06
C VAL B 405 -52.56 -20.94 -25.03
N ASN B 406 -53.12 -20.65 -23.85
CA ASN B 406 -53.98 -19.48 -23.55
C ASN B 406 -53.41 -18.76 -22.32
N GLU B 407 -54.16 -17.78 -21.77
CA GLU B 407 -53.92 -17.21 -20.42
C GLU B 407 -54.51 -18.13 -19.35
N LYS B 408 -55.39 -19.06 -19.77
CA LYS B 408 -55.94 -20.17 -18.95
C LYS B 408 -55.59 -21.51 -19.61
N GLU B 409 -54.30 -21.75 -19.85
CA GLU B 409 -53.74 -23.02 -20.42
C GLU B 409 -52.21 -22.91 -20.52
N ILE B 410 -51.47 -23.86 -19.92
CA ILE B 410 -49.98 -23.90 -19.86
C ILE B 410 -49.49 -25.33 -20.16
N SER B 411 -48.85 -25.52 -21.32
CA SER B 411 -48.31 -26.83 -21.80
C SER B 411 -46.88 -27.01 -21.30
N CYS B 412 -46.53 -28.24 -20.86
CA CYS B 412 -45.18 -28.64 -20.39
C CYS B 412 -45.02 -30.17 -20.46
N GLU B 413 -43.84 -30.63 -20.87
CA GLU B 413 -43.50 -32.08 -21.02
C GLU B 413 -43.15 -32.66 -19.65
N THR B 414 -43.55 -33.92 -19.41
CA THR B 414 -43.34 -34.65 -18.13
C THR B 414 -41.87 -35.03 -17.99
N PRO B 415 -41.25 -34.77 -16.82
CA PRO B 415 -39.86 -35.15 -16.58
C PRO B 415 -39.69 -36.65 -16.25
N THR B 416 -38.59 -37.25 -16.72
CA THR B 416 -38.21 -38.68 -16.49
C THR B 416 -37.95 -38.91 -14.99
N PHE B 417 -38.83 -39.67 -14.33
CA PHE B 417 -38.81 -39.94 -12.87
C PHE B 417 -38.26 -41.36 -12.62
N ASP B 418 -37.27 -41.46 -11.72
CA ASP B 418 -36.62 -42.74 -11.32
C ASP B 418 -37.62 -43.62 -10.57
N TYR B 419 -38.27 -43.07 -9.53
CA TYR B 419 -39.16 -43.79 -8.59
C TYR B 419 -40.62 -43.45 -8.89
N PRO B 420 -41.52 -44.47 -8.98
CA PRO B 420 -42.95 -44.23 -9.12
C PRO B 420 -43.62 -43.99 -7.76
N ARG B 421 -43.58 -42.75 -7.28
CA ARG B 421 -44.10 -42.30 -5.96
C ARG B 421 -45.20 -41.24 -6.18
N SER B 422 -45.26 -40.20 -5.34
CA SER B 422 -46.22 -39.06 -5.45
C SER B 422 -45.54 -37.88 -6.15
N VAL B 423 -46.25 -37.24 -7.09
CA VAL B 423 -45.78 -36.06 -7.87
C VAL B 423 -46.69 -34.86 -7.57
N GLU B 424 -46.11 -33.66 -7.42
CA GLU B 424 -46.81 -32.38 -7.16
C GLU B 424 -46.36 -31.34 -8.19
N VAL B 425 -47.31 -30.58 -8.75
CA VAL B 425 -47.06 -29.51 -9.77
C VAL B 425 -47.43 -28.16 -9.15
N THR B 426 -46.50 -27.20 -9.19
CA THR B 426 -46.66 -25.79 -8.71
C THR B 426 -46.48 -24.83 -9.90
N VAL B 427 -46.34 -23.54 -9.63
CA VAL B 427 -45.97 -22.49 -10.62
C VAL B 427 -45.07 -21.45 -9.93
N CYS B 428 -44.02 -20.98 -10.62
CA CYS B 428 -42.97 -20.06 -10.10
C CYS B 428 -43.03 -18.71 -10.82
N MET B 429 -42.89 -17.62 -10.05
CA MET B 429 -43.14 -16.20 -10.43
C MET B 429 -43.75 -15.49 -9.22
N ASN B 430 -43.98 -14.17 -9.32
CA ASN B 430 -44.45 -13.31 -8.20
C ASN B 430 -43.36 -13.29 -7.12
N LYS B 431 -43.73 -13.42 -5.84
CA LYS B 431 -42.79 -13.41 -4.69
C LYS B 431 -41.84 -14.62 -4.76
N GLY B 432 -42.38 -15.82 -5.04
CA GLY B 432 -41.61 -17.07 -5.17
C GLY B 432 -42.30 -18.08 -6.06
N ASP B 433 -43.21 -18.88 -5.49
CA ASP B 433 -43.99 -19.94 -6.20
C ASP B 433 -45.48 -19.78 -5.86
N TYR B 434 -46.12 -18.76 -6.45
CA TYR B 434 -47.53 -18.38 -6.20
C TYR B 434 -48.45 -19.38 -6.93
N THR B 435 -49.11 -20.26 -6.16
CA THR B 435 -49.99 -21.35 -6.66
C THR B 435 -51.20 -21.51 -5.71
N ILE B 436 -52.01 -22.56 -5.96
CA ILE B 436 -53.22 -22.91 -5.15
C ILE B 436 -53.00 -24.31 -4.56
N THR B 437 -54.07 -25.12 -4.45
CA THR B 437 -54.00 -26.59 -4.27
C THR B 437 -53.23 -27.18 -5.44
N LYS B 438 -52.04 -27.74 -5.17
CA LYS B 438 -51.06 -28.20 -6.19
C LYS B 438 -51.67 -29.28 -7.07
N SER B 439 -51.41 -29.22 -8.39
CA SER B 439 -51.82 -30.22 -9.40
C SER B 439 -51.07 -31.54 -9.15
N ALA B 440 -51.80 -32.59 -8.75
CA ALA B 440 -51.24 -33.88 -8.27
C ALA B 440 -51.05 -34.83 -9.47
N PHE B 441 -49.79 -35.19 -9.76
CA PHE B 441 -49.38 -36.16 -10.81
C PHE B 441 -49.06 -37.51 -10.17
N THR B 442 -49.24 -38.60 -10.93
CA THR B 442 -48.93 -40.00 -10.53
C THR B 442 -48.09 -40.67 -11.61
N TYR B 443 -46.82 -40.94 -11.34
CA TYR B 443 -45.83 -41.54 -12.28
C TYR B 443 -45.75 -43.06 -12.04
N THR B 444 -44.92 -53.41 -9.91
CA THR B 444 -45.30 -52.28 -10.80
C THR B 444 -46.43 -52.70 -11.75
N LYS B 445 -47.52 -51.92 -11.80
CA LYS B 445 -48.70 -52.13 -12.68
C LYS B 445 -49.02 -50.82 -13.43
N ALA B 446 -48.92 -50.84 -14.77
CA ALA B 446 -49.15 -49.68 -15.67
C ALA B 446 -50.48 -49.87 -16.41
N ASP B 447 -51.44 -48.96 -16.18
CA ASP B 447 -52.77 -48.94 -16.85
C ASP B 447 -52.65 -48.38 -18.28
N LYS B 448 -51.53 -47.69 -18.59
CA LYS B 448 -51.21 -47.12 -19.93
C LYS B 448 -50.70 -48.23 -20.86
N THR B 449 -51.30 -48.39 -22.04
CA THR B 449 -50.93 -49.39 -23.09
C THR B 449 -51.43 -48.91 -24.46
N ILE B 450 -50.54 -48.31 -25.26
CA ILE B 450 -50.84 -47.72 -26.60
C ILE B 450 -50.40 -48.72 -27.70
N ALA B 451 -51.32 -49.06 -28.61
CA ALA B 451 -51.10 -50.00 -29.75
C ALA B 451 -51.86 -49.52 -30.98
N TYR B 452 -51.27 -49.72 -32.17
CA TYR B 452 -51.86 -49.42 -33.51
C TYR B 452 -51.03 -50.10 -34.61
N GLY B 453 -51.70 -50.74 -35.56
CA GLY B 453 -51.06 -51.44 -36.71
C GLY B 453 -52.05 -52.28 -37.51
N PRO B 454 -51.69 -52.63 -38.78
CA PRO B 454 -52.59 -53.42 -39.63
C PRO B 454 -52.68 -54.92 -39.32
N GLY B 455 -51.99 -55.37 -38.27
CA GLY B 455 -52.15 -56.71 -37.67
C GLY B 455 -53.30 -56.77 -36.66
N LEU B 456 -53.94 -55.63 -36.35
CA LEU B 456 -55.16 -55.52 -35.50
C LEU B 456 -56.33 -55.04 -36.36
N LEU B 457 -57.51 -54.88 -35.74
CA LEU B 457 -58.81 -54.62 -36.41
C LEU B 457 -59.14 -55.75 -37.41
N THR B 458 -59.86 -55.42 -38.49
CA THR B 458 -60.47 -56.38 -39.47
C THR B 458 -59.42 -57.30 -40.12
N GLU B 459 -58.22 -56.77 -40.43
CA GLU B 459 -57.17 -57.39 -41.29
C GLU B 459 -57.18 -58.92 -41.20
N ASN B 460 -57.22 -59.59 -42.36
CA ASN B 460 -57.03 -61.06 -42.52
C ASN B 460 -55.53 -61.36 -42.50
N LEU B 461 -55.06 -62.14 -41.51
CA LEU B 461 -53.62 -62.48 -41.30
C LEU B 461 -53.23 -63.64 -42.21
N ILE B 462 -52.34 -63.39 -43.19
CA ILE B 462 -51.90 -64.35 -44.24
C ILE B 462 -50.51 -64.89 -43.88
N GLY B 463 -49.89 -65.64 -44.80
CA GLY B 463 -48.45 -65.98 -44.78
C GLY B 463 -47.60 -64.73 -44.66
N VAL B 464 -48.05 -63.62 -45.27
CA VAL B 464 -47.45 -62.25 -45.19
C VAL B 464 -47.40 -61.80 -43.73
N GLN B 465 -46.37 -61.02 -43.37
CA GLN B 465 -46.08 -60.58 -41.97
C GLN B 465 -46.96 -59.38 -41.61
N THR B 466 -48.07 -59.64 -40.90
CA THR B 466 -49.03 -58.62 -40.40
C THR B 466 -48.48 -58.04 -39.09
N THR B 467 -48.18 -56.73 -39.08
CA THR B 467 -47.37 -56.05 -38.03
C THR B 467 -48.24 -55.18 -37.12
N ILE B 468 -47.76 -54.93 -35.91
CA ILE B 468 -48.24 -53.87 -34.96
C ILE B 468 -47.02 -53.26 -34.25
N VAL B 469 -47.24 -52.38 -33.27
CA VAL B 469 -46.15 -51.82 -32.42
C VAL B 469 -46.74 -51.21 -31.14
N ILE B 470 -46.32 -51.71 -29.98
CA ILE B 470 -46.89 -51.37 -28.64
C ILE B 470 -46.16 -50.18 -28.04
N GLN B 471 -46.48 -49.83 -26.79
CA GLN B 471 -45.77 -48.85 -25.93
C GLN B 471 -45.30 -49.57 -24.67
N ALA B 472 -43.99 -49.45 -24.34
CA ALA B 472 -43.32 -50.16 -23.22
C ALA B 472 -43.80 -49.63 -21.86
N ARG B 473 -43.94 -48.30 -21.73
CA ARG B 473 -44.46 -47.60 -20.52
C ARG B 473 -43.70 -48.06 -19.27
N ASN B 474 -42.37 -48.05 -19.32
CA ASN B 474 -41.46 -48.53 -18.24
C ASN B 474 -41.27 -47.40 -17.21
N GLY B 475 -39.22 -50.81 -12.24
CA GLY B 475 -38.78 -51.11 -13.62
C GLY B 475 -38.93 -52.59 -13.96
N SER B 476 -40.09 -53.17 -13.62
CA SER B 476 -40.45 -54.59 -13.87
C SER B 476 -41.90 -54.68 -14.38
N ASP B 477 -42.08 -54.91 -15.69
CA ASP B 477 -43.39 -55.01 -16.38
C ASP B 477 -43.42 -56.27 -17.26
N GLU B 478 -44.63 -56.75 -17.57
CA GLU B 478 -44.89 -57.90 -18.49
C GLU B 478 -45.77 -57.43 -19.64
N PHE B 479 -45.55 -57.99 -20.84
CA PHE B 479 -46.27 -57.66 -22.10
C PHE B 479 -46.48 -58.94 -22.91
N VAL B 480 -47.67 -59.54 -22.81
CA VAL B 480 -48.00 -60.90 -23.35
C VAL B 480 -48.87 -60.77 -24.60
N VAL B 481 -48.31 -61.10 -25.77
CA VAL B 481 -49.04 -61.24 -27.06
C VAL B 481 -49.72 -62.60 -27.08
N THR B 482 -50.85 -62.72 -27.79
CA THR B 482 -51.65 -63.97 -27.95
C THR B 482 -52.40 -63.94 -29.29
N ILE B 483 -52.01 -64.83 -30.23
CA ILE B 483 -52.62 -64.98 -31.59
C ILE B 483 -53.13 -66.41 -31.76
N ARG B 484 -54.41 -66.65 -31.45
CA ARG B 484 -55.10 -67.96 -31.60
C ARG B 484 -55.67 -68.07 -33.03
N ASN B 485 -55.34 -69.15 -33.74
CA ASN B 485 -55.70 -69.38 -35.17
C ASN B 485 -56.05 -70.85 -35.39
N PRO B 486 -56.38 -71.25 -36.64
CA PRO B 486 -56.63 -72.66 -36.96
C PRO B 486 -55.34 -73.48 -37.12
N ALA B 487 -54.29 -72.87 -37.70
CA ALA B 487 -52.95 -73.48 -37.94
C ALA B 487 -51.92 -72.90 -36.95
N LYS B 488 -50.63 -73.15 -37.17
CA LYS B 488 -49.50 -72.74 -36.28
C LYS B 488 -48.94 -71.38 -36.71
N ILE B 489 -49.27 -70.32 -35.95
CA ILE B 489 -48.83 -68.93 -36.22
C ILE B 489 -47.36 -68.78 -35.82
N LYS B 490 -46.58 -68.08 -36.64
CA LYS B 490 -45.26 -67.51 -36.26
C LYS B 490 -45.50 -66.23 -35.46
N LYS B 491 -44.63 -65.93 -34.49
CA LYS B 491 -44.73 -64.71 -33.64
C LYS B 491 -43.32 -64.28 -33.20
N GLU B 492 -42.87 -63.12 -33.71
CA GLU B 492 -41.60 -62.43 -33.36
C GLU B 492 -41.88 -61.37 -32.28
N GLU B 493 -40.83 -60.73 -31.77
CA GLU B 493 -40.90 -59.67 -30.71
C GLU B 493 -39.56 -58.92 -30.62
N GLU B 494 -39.52 -57.68 -31.15
CA GLU B 494 -38.33 -56.80 -31.22
C GLU B 494 -38.55 -55.55 -30.35
N VAL B 495 -37.82 -55.45 -29.23
CA VAL B 495 -37.81 -54.25 -28.32
C VAL B 495 -36.85 -53.21 -28.93
N LYS B 496 -37.39 -52.06 -29.37
CA LYS B 496 -36.64 -51.01 -30.11
C LYS B 496 -36.11 -49.95 -29.13
N GLU B 497 -35.32 -49.00 -29.64
CA GLU B 497 -34.67 -47.88 -28.89
C GLU B 497 -35.49 -46.59 -29.01
N GLY B 498 -36.62 -46.62 -29.71
CA GLY B 498 -37.64 -45.53 -29.74
C GLY B 498 -38.59 -45.61 -28.55
N ASP B 499 -38.45 -46.64 -27.69
CA ASP B 499 -39.30 -46.92 -26.49
C ASP B 499 -40.65 -47.45 -26.98
N LYS B 500 -40.63 -48.53 -27.76
CA LYS B 500 -41.84 -49.21 -28.32
C LYS B 500 -41.50 -50.67 -28.67
N ALA B 501 -42.53 -51.52 -28.80
CA ALA B 501 -42.43 -52.94 -29.21
C ALA B 501 -42.79 -53.07 -30.70
N ASN B 502 -42.30 -54.12 -31.36
CA ASN B 502 -42.57 -54.43 -32.80
C ASN B 502 -42.92 -55.92 -32.92
N THR B 503 -44.17 -56.28 -32.62
CA THR B 503 -44.70 -57.67 -32.63
C THR B 503 -45.52 -57.91 -33.92
N LYS B 504 -44.90 -58.56 -34.92
CA LYS B 504 -45.57 -59.11 -36.12
C LYS B 504 -46.21 -60.46 -35.76
N ASN B 505 -46.85 -61.12 -36.73
CA ASN B 505 -47.42 -62.49 -36.56
C ASN B 505 -47.82 -63.06 -37.93
N THR B 506 -47.52 -64.34 -38.16
CA THR B 506 -47.77 -65.07 -39.44
C THR B 506 -48.60 -66.33 -39.16
N ILE B 507 -49.93 -66.18 -39.07
CA ILE B 507 -50.93 -67.29 -38.99
C ILE B 507 -50.95 -68.03 -40.34
N LYS B 508 -51.10 -69.35 -40.31
CA LYS B 508 -51.03 -70.25 -41.51
C LYS B 508 -52.43 -70.49 -42.10
N GLU B 509 -53.48 -70.53 -41.25
CA GLU B 509 -54.91 -70.63 -41.65
C GLU B 509 -55.57 -69.26 -41.48
N ASP B 510 -56.72 -69.05 -42.14
CA ASP B 510 -57.53 -67.80 -42.10
C ASP B 510 -59.01 -68.15 -41.80
N GLU B 511 -59.41 -68.17 -40.53
CA GLU B 511 -60.85 -68.12 -40.11
C GLU B 511 -60.93 -67.34 -38.78
N GLU B 512 -62.06 -66.60 -38.60
CA GLU B 512 -62.31 -65.24 -37.97
C GLU B 512 -61.39 -64.83 -36.80
N GLU B 513 -60.15 -64.42 -37.07
CA GLU B 513 -59.05 -64.28 -36.06
C GLU B 513 -59.29 -63.04 -35.17
N GLU B 514 -58.75 -63.08 -33.94
CA GLU B 514 -58.84 -62.02 -32.88
C GLU B 514 -57.64 -62.11 -31.92
N GLY B 515 -56.83 -61.04 -31.82
CA GLY B 515 -55.57 -60.99 -31.05
C GLY B 515 -55.65 -60.12 -29.80
N GLU B 516 -55.44 -60.73 -28.63
CA GLU B 516 -55.48 -60.05 -27.30
C GLU B 516 -54.06 -59.69 -26.85
N ASP B 517 -53.86 -58.48 -26.31
CA ASP B 517 -52.55 -57.93 -25.83
C ASP B 517 -52.68 -57.51 -24.36
N GLU B 518 -52.11 -58.28 -23.44
CA GLU B 518 -52.20 -58.07 -21.96
C GLU B 518 -50.91 -57.39 -21.46
N GLU B 519 -51.05 -56.46 -20.51
CA GLU B 519 -49.94 -55.76 -19.81
C GLU B 519 -50.13 -55.91 -18.30
N GLU B 520 -49.38 -56.83 -17.67
CA GLU B 520 -49.44 -57.17 -16.22
C GLU B 520 -50.74 -57.95 -15.91
N ASN B 521 -51.06 -58.96 -16.74
CA ASN B 521 -52.23 -59.86 -16.59
C ASN B 521 -53.54 -59.08 -16.69
N LYS B 522 -53.59 -58.06 -17.58
CA LYS B 522 -54.76 -57.16 -17.78
C LYS B 522 -54.79 -56.68 -19.23
N LYS B 523 -55.94 -56.84 -19.90
CA LYS B 523 -56.14 -56.50 -21.34
C LYS B 523 -55.96 -55.00 -21.57
N LYS B 524 -55.19 -54.62 -22.59
CA LYS B 524 -55.05 -53.21 -23.09
C LYS B 524 -56.39 -52.78 -23.69
N LYS B 525 -56.56 -51.46 -23.88
CA LYS B 525 -57.84 -50.80 -24.28
C LYS B 525 -58.51 -51.54 -25.44
N GLU B 526 -57.74 -51.96 -26.46
CA GLU B 526 -58.23 -52.63 -27.69
C GLU B 526 -58.34 -54.15 -27.45
N ALA B 527 -59.39 -54.79 -28.01
CA ALA B 527 -59.70 -56.24 -27.87
C ALA B 527 -59.90 -56.88 -29.24
N GLU B 528 -59.62 -58.19 -29.34
CA GLU B 528 -59.94 -59.08 -30.49
C GLU B 528 -59.12 -58.66 -31.73
N LYS B 529 -59.65 -58.89 -32.94
CA LYS B 529 -59.16 -58.36 -34.25
C LYS B 529 -58.55 -59.48 -35.10
N ASN B 530 -62.70 -66.83 -34.17
CA ASN B 530 -63.78 -67.53 -33.42
C ASN B 530 -63.46 -67.49 -31.92
N ASP B 531 -64.47 -67.19 -31.09
CA ASP B 531 -64.45 -67.39 -29.61
C ASP B 531 -64.86 -68.84 -29.28
N LEU B 532 -65.07 -69.71 -30.29
CA LEU B 532 -65.29 -71.18 -30.13
C LEU B 532 -63.95 -71.90 -29.96
N THR B 533 -63.18 -72.06 -31.06
CA THR B 533 -61.94 -72.90 -31.15
C THR B 533 -60.71 -72.18 -30.59
N GLY B 534 -60.89 -71.14 -29.75
CA GLY B 534 -59.86 -70.53 -28.88
C GLY B 534 -60.00 -70.95 -27.41
N SER B 535 -61.24 -71.07 -26.91
CA SER B 535 -61.58 -71.59 -25.55
C SER B 535 -61.34 -73.10 -25.49
N ALA B 536 -61.57 -73.82 -26.60
CA ALA B 536 -61.29 -75.26 -26.78
C ALA B 536 -59.77 -75.50 -26.81
N VAL B 537 -59.01 -74.58 -27.43
CA VAL B 537 -57.52 -74.61 -27.53
C VAL B 537 -56.90 -74.42 -26.14
N MET B 538 -57.54 -73.60 -25.28
CA MET B 538 -57.12 -73.34 -23.87
C MET B 538 -57.35 -74.59 -23.01
N ASN B 539 -58.43 -75.34 -23.27
CA ASN B 539 -58.79 -76.59 -22.56
C ASN B 539 -57.78 -77.70 -22.90
N TYR B 540 -57.39 -77.81 -24.19
CA TYR B 540 -56.38 -78.77 -24.71
C TYR B 540 -54.99 -78.45 -24.14
N ILE B 541 -54.69 -77.17 -23.93
CA ILE B 541 -53.42 -76.67 -23.33
C ILE B 541 -53.33 -77.11 -21.86
N SER B 542 -54.43 -77.02 -21.11
CA SER B 542 -54.55 -77.43 -19.69
C SER B 542 -54.33 -78.94 -19.54
N LYS B 543 -54.83 -79.74 -20.49
CA LYS B 543 -54.67 -81.22 -20.53
C LYS B 543 -53.21 -81.59 -20.84
N GLN B 544 -52.54 -80.80 -21.71
CA GLN B 544 -51.11 -80.97 -22.09
C GLN B 544 -50.20 -80.63 -20.90
N LEU B 545 -50.62 -79.71 -20.02
CA LEU B 545 -49.90 -79.29 -18.78
C LEU B 545 -49.92 -80.43 -17.75
N LYS B 546 -51.06 -81.11 -17.60
CA LYS B 546 -51.25 -82.28 -16.69
C LYS B 546 -50.40 -83.46 -17.17
N ASP B 547 -50.27 -83.65 -18.48
CA ASP B 547 -49.48 -84.75 -19.13
C ASP B 547 -47.97 -84.52 -18.92
N ILE B 548 -47.53 -83.25 -18.96
CA ILE B 548 -46.09 -82.85 -18.78
C ILE B 548 -45.66 -83.05 -17.31
N GLN B 549 -46.58 -82.84 -16.35
CA GLN B 549 -46.34 -83.03 -14.90
C GLN B 549 -46.09 -84.51 -14.58
N GLU B 550 -46.86 -85.41 -15.20
CA GLU B 550 -46.70 -86.89 -15.09
C GLU B 550 -45.44 -87.33 -15.84
N PHE B 551 -45.16 -86.74 -17.01
CA PHE B 551 -43.96 -86.98 -17.85
C PHE B 551 -42.69 -86.54 -17.09
N ILE B 552 -42.80 -85.49 -16.27
CA ILE B 552 -41.70 -84.97 -15.40
C ILE B 552 -41.43 -85.97 -14.26
N GLU B 553 -42.48 -86.51 -13.64
CA GLU B 553 -42.43 -87.54 -12.56
C GLU B 553 -41.76 -88.82 -13.09
N ASN B 554 -42.08 -89.21 -14.34
CA ASN B 554 -41.49 -90.39 -15.03
C ASN B 554 -40.01 -90.14 -15.34
N THR B 555 -39.66 -88.91 -15.76
CA THR B 555 -38.27 -88.47 -16.07
C THR B 555 -37.40 -88.48 -14.81
N LYS B 556 -37.99 -88.21 -13.64
CA LYS B 556 -37.31 -88.22 -12.31
C LYS B 556 -36.99 -89.66 -11.90
N GLU B 557 -37.94 -90.60 -12.07
CA GLU B 557 -37.78 -92.05 -11.79
C GLU B 557 -36.73 -92.66 -12.73
N ASN B 558 -36.71 -92.22 -13.99
CA ASN B 558 -35.72 -92.64 -15.03
C ASN B 558 -34.33 -92.13 -14.67
N ILE B 559 -34.23 -90.97 -14.03
CA ILE B 559 -32.95 -90.33 -13.58
C ILE B 559 -32.36 -91.11 -12.40
N GLU B 560 -33.20 -91.54 -11.45
CA GLU B 560 -32.81 -92.30 -10.23
C GLU B 560 -32.31 -93.71 -10.62
N ILE B 561 -32.96 -94.33 -11.61
CA ILE B 561 -32.61 -95.69 -12.14
C ILE B 561 -31.23 -95.65 -12.80
N ARG B 562 -30.95 -94.61 -13.61
CA ARG B 562 -29.64 -94.35 -14.25
C ARG B 562 -28.58 -94.07 -13.17
N ASN B 563 -28.97 -93.38 -12.10
CA ASN B 563 -28.13 -93.12 -10.89
C ASN B 563 -27.77 -94.45 -10.20
N LYS B 564 -28.72 -95.39 -10.13
CA LYS B 564 -28.55 -96.74 -9.52
C LYS B 564 -27.68 -97.63 -10.43
N ASN B 565 -27.77 -97.45 -11.76
CA ASN B 565 -27.01 -98.24 -12.77
C ASN B 565 -25.52 -97.87 -12.71
N ILE B 566 -25.21 -96.57 -12.80
CA ILE B 566 -23.82 -96.02 -12.73
C ILE B 566 -23.87 -94.56 -12.30
N SER B 567 -20.83 -101.59 -20.76
CA SER B 567 -21.74 -102.70 -20.36
C SER B 567 -23.00 -102.14 -19.69
N GLU B 568 -22.98 -101.98 -18.37
CA GLU B 568 -24.12 -101.45 -17.55
C GLU B 568 -24.03 -99.92 -17.45
N LEU B 569 -22.81 -99.38 -17.33
CA LEU B 569 -22.51 -97.92 -17.28
C LEU B 569 -22.81 -97.27 -18.64
N ILE B 570 -22.55 -98.00 -19.75
CA ILE B 570 -22.78 -97.53 -21.15
C ILE B 570 -24.28 -97.43 -21.43
N ASN B 571 -25.07 -98.42 -20.96
CA ASN B 571 -26.55 -98.46 -21.08
C ASN B 571 -27.17 -97.32 -20.28
N VAL B 572 -26.60 -97.00 -19.11
CA VAL B 572 -27.04 -95.89 -18.20
C VAL B 572 -26.76 -94.54 -18.89
N MET B 573 -25.61 -94.40 -19.56
CA MET B 573 -25.20 -93.19 -20.33
C MET B 573 -26.16 -92.96 -21.50
N ILE B 574 -26.61 -94.03 -22.16
CA ILE B 574 -27.57 -94.00 -23.30
C ILE B 574 -28.95 -93.51 -22.81
N ASN B 575 -29.40 -94.00 -21.65
CA ASN B 575 -30.67 -93.59 -20.99
C ASN B 575 -30.55 -92.15 -20.47
N LEU B 576 -29.36 -91.74 -20.04
CA LEU B 576 -29.04 -90.36 -19.57
C LEU B 576 -29.11 -89.37 -20.73
N GLU B 577 -28.64 -89.77 -21.92
CA GLU B 577 -28.65 -88.94 -23.18
C GLU B 577 -30.10 -88.73 -23.64
N LYS B 578 -30.94 -89.77 -23.57
CA LYS B 578 -32.38 -89.73 -23.93
C LYS B 578 -33.14 -88.84 -22.94
N VAL B 579 -32.77 -88.88 -21.66
CA VAL B 579 -33.36 -88.06 -20.56
C VAL B 579 -32.96 -86.58 -20.75
N ARG B 580 -31.69 -86.33 -21.13
CA ARG B 580 -31.15 -84.97 -21.44
C ARG B 580 -31.86 -84.40 -22.67
N VAL B 581 -32.25 -85.24 -23.64
CA VAL B 581 -33.06 -84.88 -24.83
C VAL B 581 -34.51 -84.58 -24.40
N LYS B 582 -35.04 -85.37 -23.46
CA LYS B 582 -36.38 -85.18 -22.85
C LYS B 582 -36.41 -83.92 -21.99
N ASN B 583 -35.27 -83.56 -21.36
CA ASN B 583 -35.13 -82.40 -20.43
C ASN B 583 -35.22 -81.08 -21.20
N ASP B 584 -34.57 -81.00 -22.37
CA ASP B 584 -34.58 -79.81 -23.28
C ASP B 584 -35.98 -79.59 -23.84
N ASP B 585 -36.69 -80.68 -24.18
CA ASP B 585 -38.10 -80.68 -24.65
C ASP B 585 -39.03 -80.23 -23.52
N ASP B 586 -38.73 -80.62 -22.27
CA ASP B 586 -39.47 -80.23 -21.04
C ASP B 586 -39.25 -78.74 -20.74
N VAL B 587 -38.02 -78.25 -20.92
CA VAL B 587 -37.61 -76.82 -20.73
C VAL B 587 -38.38 -75.95 -21.74
N LEU B 588 -38.59 -76.45 -22.96
CA LEU B 588 -39.39 -75.77 -24.02
C LEU B 588 -40.89 -75.86 -23.69
N THR B 589 -41.35 -76.99 -23.13
CA THR B 589 -42.75 -77.25 -22.73
C THR B 589 -43.14 -76.36 -21.54
N LEU B 590 -42.19 -76.09 -20.62
CA LEU B 590 -42.38 -75.21 -19.42
C LEU B 590 -42.62 -73.77 -19.87
N ASP B 591 -41.88 -73.30 -20.88
CA ASP B 591 -42.02 -71.95 -21.49
C ASP B 591 -43.36 -71.84 -22.22
N THR B 592 -43.76 -72.90 -22.93
CA THR B 592 -45.06 -73.02 -23.65
C THR B 592 -46.22 -73.06 -22.65
N VAL B 593 -46.01 -73.71 -21.49
CA VAL B 593 -46.98 -73.76 -20.34
C VAL B 593 -47.23 -72.34 -19.84
N GLU B 594 -46.15 -71.59 -19.55
CA GLU B 594 -46.19 -70.19 -19.03
C GLU B 594 -46.88 -69.26 -20.03
N GLU B 595 -46.75 -69.53 -21.34
CA GLU B 595 -47.40 -68.75 -22.44
C GLU B 595 -48.89 -69.10 -22.53
N MET B 596 -49.22 -70.40 -22.43
CA MET B 596 -50.61 -70.93 -22.37
C MET B 596 -51.30 -70.42 -21.10
N LEU B 597 -50.53 -70.17 -20.03
CA LEU B 597 -50.99 -69.51 -18.78
C LEU B 597 -51.44 -68.08 -19.10
N ASN B 598 -50.52 -67.22 -19.54
CA ASN B 598 -50.74 -65.77 -19.82
C ASN B 598 -51.87 -65.58 -20.82
N PHE B 599 -52.02 -66.51 -21.78
CA PHE B 599 -53.11 -66.56 -22.79
C PHE B 599 -54.47 -66.74 -22.09
N LEU B 600 -54.53 -67.66 -21.11
CA LEU B 600 -55.74 -67.96 -20.30
C LEU B 600 -56.16 -66.71 -19.51
N LYS B 601 -55.21 -66.08 -18.80
CA LYS B 601 -55.42 -64.89 -17.93
C LYS B 601 -56.15 -63.77 -18.70
N LYS B 602 -55.72 -63.49 -19.93
CA LYS B 602 -56.24 -62.42 -20.81
C LYS B 602 -57.55 -62.86 -21.48
N LYS B 603 -57.68 -64.15 -21.83
CA LYS B 603 -58.85 -64.74 -22.53
C LYS B 603 -60.10 -64.64 -21.65
N LYS B 604 -59.79 -66.03 -18.35
CA LYS B 604 -59.53 -67.22 -17.48
C LYS B 604 -58.33 -66.96 -16.57
N ASP B 605 -58.49 -66.02 -15.61
CA ASP B 605 -57.46 -65.58 -14.64
C ASP B 605 -56.89 -66.79 -13.85
N SER B 606 -57.74 -67.78 -13.56
CA SER B 606 -57.39 -69.00 -12.77
C SER B 606 -56.47 -69.94 -13.57
N ASP B 607 -56.70 -70.09 -14.88
CA ASP B 607 -55.91 -70.97 -15.79
C ASP B 607 -54.50 -70.39 -16.00
N ILE B 608 -54.32 -69.08 -15.80
CA ILE B 608 -53.00 -68.38 -15.83
C ILE B 608 -52.19 -68.73 -14.58
N LYS B 609 -52.86 -68.86 -13.43
CA LYS B 609 -52.24 -69.24 -12.13
C LYS B 609 -51.85 -70.73 -12.13
N LYS B 610 -52.51 -71.55 -12.97
CA LYS B 610 -52.31 -73.04 -13.02
C LYS B 610 -51.05 -73.38 -13.82
N CYS B 611 -50.85 -72.76 -14.99
CA CYS B 611 -49.73 -73.00 -15.93
C CYS B 611 -48.48 -72.21 -15.51
N LYS B 612 -48.64 -71.14 -14.73
CA LYS B 612 -47.54 -70.42 -14.04
C LYS B 612 -46.97 -71.31 -12.93
N LYS B 613 -47.86 -72.04 -12.21
CA LYS B 613 -47.50 -73.06 -11.19
C LYS B 613 -46.81 -74.26 -11.88
N LEU B 614 -47.25 -74.60 -13.09
CA LEU B 614 -46.67 -75.70 -13.93
C LEU B 614 -45.22 -75.36 -14.30
N GLN B 615 -44.96 -74.11 -14.72
CA GLN B 615 -43.60 -73.59 -15.04
C GLN B 615 -42.71 -73.62 -13.78
N GLU B 616 -43.29 -73.36 -12.60
CA GLU B 616 -42.61 -73.40 -11.27
C GLU B 616 -42.21 -74.84 -10.94
N GLU B 617 -43.07 -75.81 -11.24
CA GLU B 617 -42.82 -77.26 -11.06
C GLU B 617 -41.75 -77.76 -12.05
N TRP B 618 -41.72 -77.17 -13.26
CA TRP B 618 -40.76 -77.51 -14.35
C TRP B 618 -39.34 -77.05 -14.01
N LYS B 619 -39.21 -75.89 -13.35
CA LYS B 619 -37.91 -75.30 -12.90
C LYS B 619 -37.31 -76.15 -11.78
N ASN B 620 -38.13 -76.64 -10.85
CA ASN B 620 -37.74 -77.52 -9.72
C ASN B 620 -37.25 -78.88 -10.25
N LEU B 621 -37.87 -79.38 -11.33
CA LEU B 621 -37.50 -80.64 -12.03
C LEU B 621 -36.18 -80.44 -12.80
N ALA B 622 -36.00 -79.26 -13.41
CA ALA B 622 -34.78 -78.86 -14.17
C ALA B 622 -33.58 -78.75 -13.23
N LYS B 623 -33.80 -78.37 -11.96
CA LYS B 623 -32.75 -78.25 -10.91
C LYS B 623 -32.24 -79.64 -10.50
N MET B 624 -33.16 -80.59 -10.25
CA MET B 624 -32.86 -82.01 -9.90
C MET B 624 -32.21 -82.73 -11.09
N ALA B 625 -32.55 -82.33 -12.32
CA ALA B 625 -32.02 -82.88 -13.59
C ALA B 625 -30.55 -82.46 -13.79
N GLN B 626 -30.21 -81.22 -13.47
CA GLN B 626 -28.83 -80.65 -13.57
C GLN B 626 -27.88 -81.40 -12.64
N ALA B 627 -28.34 -81.79 -11.44
CA ALA B 627 -27.61 -82.61 -10.45
C ALA B 627 -27.36 -84.01 -11.00
N VAL B 628 -28.37 -84.62 -11.61
CA VAL B 628 -28.30 -85.96 -12.28
C VAL B 628 -27.44 -85.84 -13.55
N LYS B 629 -27.53 -84.71 -14.27
CA LYS B 629 -26.76 -84.41 -15.51
C LYS B 629 -25.26 -84.31 -15.22
N LYS B 630 -24.89 -83.87 -14.01
CA LYS B 630 -23.48 -83.76 -13.53
C LYS B 630 -22.90 -85.17 -13.34
N ASP B 631 -23.63 -86.05 -12.65
CA ASP B 631 -23.26 -87.48 -12.42
C ASP B 631 -23.24 -88.22 -13.76
N ILE B 632 -24.18 -87.88 -14.66
CA ILE B 632 -24.29 -88.44 -16.05
C ILE B 632 -23.09 -87.99 -16.90
N GLN B 633 -22.64 -86.75 -16.71
CA GLN B 633 -21.47 -86.15 -17.43
C GLN B 633 -20.19 -86.91 -17.06
N ASN B 634 -20.06 -87.36 -15.80
CA ASN B 634 -18.92 -88.17 -15.29
C ASN B 634 -18.96 -89.55 -15.95
N PRO B 635 -20.14 -90.18 -16.08
CA PRO B 635 -20.26 -91.46 -16.77
C PRO B 635 -20.14 -91.35 -18.31
N VAL B 636 -20.61 -90.24 -18.88
CA VAL B 636 -20.57 -89.94 -20.35
C VAL B 636 -19.13 -89.80 -20.82
N LYS B 637 -18.24 -89.26 -19.97
CA LYS B 637 -16.78 -89.11 -20.24
C LYS B 637 -16.14 -90.50 -20.36
N THR B 638 -16.49 -91.43 -19.45
CA THR B 638 -16.03 -92.84 -19.44
C THR B 638 -16.59 -93.58 -20.66
N GLU B 639 -17.81 -93.25 -21.09
CA GLU B 639 -18.50 -93.84 -22.27
C GLU B 639 -17.81 -93.38 -23.57
N SER B 640 -17.43 -92.10 -23.66
CA SER B 640 -16.77 -91.46 -24.84
C SER B 640 -15.43 -92.14 -25.15
N ASP B 641 -14.69 -92.55 -24.11
CA ASP B 641 -13.39 -93.28 -24.21
C ASP B 641 -13.63 -94.67 -24.82
N LYS B 642 -14.68 -95.37 -24.37
CA LYS B 642 -15.09 -96.72 -24.86
C LYS B 642 -15.56 -96.64 -26.32
N THR B 643 -16.09 -95.48 -26.75
CA THR B 643 -16.55 -95.20 -28.14
C THR B 643 -15.40 -95.32 -29.14
N LYS B 644 -14.18 -94.92 -28.75
CA LYS B 644 -12.94 -94.99 -29.57
C LYS B 644 -12.56 -96.45 -29.83
N GLU B 645 -12.78 -97.34 -28.86
CA GLU B 645 -12.56 -98.81 -28.97
C GLU B 645 -13.56 -99.41 -29.97
N ASN B 646 -14.81 -98.90 -29.99
CA ASN B 646 -15.89 -99.31 -30.92
C ASN B 646 -15.54 -98.87 -32.36
N ILE B 647 -14.91 -97.70 -32.52
CA ILE B 647 -14.48 -97.13 -33.83
C ILE B 647 -13.29 -97.91 -34.38
N LYS B 648 -12.36 -98.34 -33.50
CA LYS B 648 -11.15 -99.14 -33.86
C LYS B 648 -11.57 -100.55 -34.31
N LYS B 649 -12.55 -101.15 -33.64
CA LYS B 649 -13.13 -102.48 -33.97
C LYS B 649 -13.83 -102.41 -35.34
N PHE B 650 -14.48 -101.28 -35.66
CA PHE B 650 -15.14 -100.98 -36.96
C PHE B 650 -14.09 -100.93 -38.08
N GLU B 651 -12.92 -100.34 -37.80
CA GLU B 651 -11.77 -100.23 -38.75
C GLU B 651 -11.18 -101.62 -39.03
N GLU B 652 -11.09 -102.48 -37.99
CA GLU B 652 -10.62 -103.88 -38.09
C GLU B 652 -11.66 -104.73 -38.84
N ILE B 653 -12.96 -104.46 -38.64
CA ILE B 653 -14.10 -105.11 -39.34
C ILE B 653 -14.09 -104.76 -40.84
N THR B 654 -13.63 -103.55 -41.19
CA THR B 654 -13.57 -103.02 -42.58
C THR B 654 -12.38 -103.64 -43.35
N LEU B 655 -11.23 -103.78 -42.69
CA LEU B 655 -9.97 -104.34 -43.27
C LEU B 655 -10.18 -105.83 -43.61
N LYS B 656 -10.84 -106.58 -42.73
CA LYS B 656 -11.15 -108.03 -42.90
C LYS B 656 -12.05 -108.25 -44.12
N GLU B 657 -13.06 -107.39 -44.29
CA GLU B 657 -14.02 -107.42 -45.44
C GLU B 657 -13.28 -107.11 -46.76
N TYR B 658 -12.22 -106.29 -46.72
CA TYR B 658 -11.36 -105.93 -47.88
C TYR B 658 -10.55 -107.15 -48.33
N ALA B 659 -10.01 -107.93 -47.39
CA ALA B 659 -9.21 -109.14 -47.62
C ALA B 659 -10.09 -110.29 -48.15
N ASN B 660 -11.26 -110.49 -47.53
CA ASN B 660 -12.25 -111.57 -47.86
C ASN B 660 -12.75 -111.39 -49.31
N SER B 661 -12.90 -110.14 -49.77
CA SER B 661 -13.29 -109.77 -51.16
C SER B 661 -12.26 -110.30 -52.16
N LEU B 662 -10.96 -110.24 -51.81
CA LEU B 662 -9.83 -110.76 -52.62
C LEU B 662 -9.90 -112.29 -52.73
N LYS B 663 -10.43 -112.98 -51.71
CA LYS B 663 -10.59 -114.46 -51.65
C LYS B 663 -11.89 -114.91 -52.32
N LYS B 664 -12.89 -114.03 -52.43
CA LYS B 664 -14.24 -114.32 -53.00
C LYS B 664 -14.18 -114.33 -54.54
N GLU B 665 -13.50 -113.35 -55.14
CA GLU B 665 -13.37 -113.15 -56.61
C GLU B 665 -12.65 -114.35 -57.25
N SER B 666 -11.64 -114.91 -56.56
CA SER B 666 -10.85 -116.09 -57.00
C SER B 666 -11.74 -117.33 -57.04
N PHE B 667 -12.44 -117.62 -55.93
CA PHE B 667 -13.32 -118.81 -55.73
C PHE B 667 -14.45 -118.80 -56.77
N TYR B 668 -12.15 -119.26 -60.49
CA TYR B 668 -11.49 -120.58 -60.51
C TYR B 668 -12.48 -121.66 -60.99
N LYS B 669 -13.60 -121.80 -60.29
CA LYS B 669 -14.65 -122.84 -60.53
C LYS B 669 -15.92 -122.16 -61.06
N THR B 670 -17.03 -122.92 -61.14
CA THR B 670 -18.35 -122.48 -61.67
C THR B 670 -19.31 -122.18 -60.51
N GLY B 671 -18.79 -121.85 -59.31
CA GLY B 671 -19.57 -121.30 -58.18
C GLY B 671 -19.63 -119.79 -58.22
N VAL B 672 -19.84 -119.22 -59.42
CA VAL B 672 -19.86 -117.75 -59.69
C VAL B 672 -21.20 -117.19 -59.21
N SER B 673 -22.29 -117.91 -59.47
CA SER B 673 -23.65 -117.64 -58.95
C SER B 673 -23.67 -117.79 -57.42
N GLU B 674 -22.99 -118.81 -56.90
CA GLU B 674 -22.93 -119.16 -55.44
C GLU B 674 -22.08 -118.12 -54.68
N SER B 675 -20.98 -117.65 -55.28
CA SER B 675 -20.07 -116.62 -54.72
C SER B 675 -20.80 -115.28 -54.53
N PHE B 676 -21.81 -115.01 -55.35
CA PHE B 676 -22.75 -113.86 -55.22
C PHE B 676 -23.49 -113.94 -53.88
N LYS B 677 -23.91 -115.15 -53.48
CA LYS B 677 -24.57 -115.45 -52.19
C LYS B 677 -23.57 -115.26 -51.04
N ARG B 678 -22.33 -115.74 -51.21
CA ARG B 678 -21.21 -115.57 -50.24
C ARG B 678 -20.80 -114.09 -50.15
N ILE B 679 -20.90 -113.36 -51.26
CA ILE B 679 -20.63 -111.88 -51.34
C ILE B 679 -21.74 -111.13 -50.61
N GLY B 680 -23.01 -111.44 -50.92
CA GLY B 680 -24.21 -110.83 -50.31
C GLY B 680 -24.26 -111.05 -48.80
N GLU B 681 -23.93 -112.26 -48.34
CA GLU B 681 -23.80 -112.63 -46.91
C GLU B 681 -22.71 -111.77 -46.25
N VAL B 682 -21.61 -111.51 -46.97
CA VAL B 682 -20.50 -110.61 -46.55
C VAL B 682 -21.01 -109.15 -46.49
N LYS B 683 -21.81 -108.74 -47.49
CA LYS B 683 -22.43 -107.38 -47.58
C LYS B 683 -23.40 -107.17 -46.42
N GLN B 684 -24.14 -108.21 -46.01
CA GLN B 684 -25.07 -108.20 -44.85
C GLN B 684 -24.28 -108.10 -43.54
N LYS B 685 -23.17 -108.82 -43.43
CA LYS B 685 -22.24 -108.81 -42.25
C LYS B 685 -21.55 -107.44 -42.14
N VAL B 686 -21.25 -106.80 -43.26
CA VAL B 686 -20.70 -105.42 -43.34
C VAL B 686 -21.80 -104.41 -42.98
N ASP B 687 -23.02 -104.61 -43.51
CA ASP B 687 -24.21 -103.74 -43.26
C ASP B 687 -24.64 -103.83 -41.78
N GLU B 688 -24.45 -104.99 -41.15
CA GLU B 688 -24.70 -105.21 -39.69
C GLU B 688 -23.63 -104.47 -38.88
N PHE B 689 -22.37 -104.50 -39.34
CA PHE B 689 -21.22 -103.77 -38.75
C PHE B 689 -21.42 -102.26 -38.88
N GLU B 690 -22.05 -101.81 -39.97
CA GLU B 690 -22.35 -100.38 -40.26
C GLU B 690 -23.42 -99.84 -39.30
N VAL B 691 -24.51 -100.61 -39.11
CA VAL B 691 -25.65 -100.29 -38.19
C VAL B 691 -25.14 -100.26 -36.74
N GLN B 692 -24.19 -101.14 -36.40
CA GLN B 692 -23.52 -101.21 -35.06
C GLN B 692 -22.63 -99.97 -34.86
N LEU B 693 -21.92 -99.52 -35.91
CA LEU B 693 -21.05 -98.32 -35.91
C LEU B 693 -21.90 -97.05 -35.88
N ASN B 694 -23.04 -97.04 -36.59
CA ASN B 694 -24.03 -95.92 -36.63
C ASN B 694 -24.71 -95.77 -35.26
N GLN B 695 -24.87 -96.88 -34.52
CA GLN B 695 -25.44 -96.90 -33.14
C GLN B 695 -24.39 -96.41 -32.14
N TYR B 696 -23.12 -96.78 -32.31
CA TYR B 696 -21.97 -96.39 -31.46
C TYR B 696 -21.71 -94.88 -31.60
N GLU B 697 -21.86 -94.32 -32.81
CA GLU B 697 -21.66 -92.88 -33.12
C GLU B 697 -22.74 -92.03 -32.43
N ASP B 698 -23.98 -92.54 -32.37
CA ASP B 698 -25.14 -91.87 -31.72
C ASP B 698 -24.94 -91.80 -30.20
N PHE B 699 -24.29 -92.81 -29.61
CA PHE B 699 -23.96 -92.91 -28.15
C PHE B 699 -22.94 -91.84 -27.76
N ALA B 700 -21.93 -91.61 -28.61
CA ALA B 700 -20.81 -90.66 -28.39
C ALA B 700 -21.31 -89.20 -28.43
N ARG B 701 -22.27 -88.89 -29.32
CA ARG B 701 -22.87 -87.54 -29.51
C ARG B 701 -23.66 -87.15 -28.26
N ILE B 702 -16.93 -90.22 -40.43
CA ILE B 702 -15.68 -89.54 -40.89
C ILE B 702 -14.80 -90.56 -41.63
N GLY B 703 -14.04 -91.38 -40.88
CA GLY B 703 -13.10 -92.40 -41.41
C GLY B 703 -13.75 -93.76 -41.45
N SER B 704 -14.46 -94.14 -40.38
CA SER B 704 -15.31 -95.36 -40.28
C SER B 704 -16.41 -95.34 -41.34
N LYS B 705 -16.91 -94.15 -41.70
CA LYS B 705 -17.97 -93.94 -42.73
C LYS B 705 -17.38 -94.14 -44.13
N LYS B 706 -16.17 -93.62 -44.39
CA LYS B 706 -15.46 -93.73 -45.70
C LYS B 706 -15.19 -95.20 -46.01
N LEU B 707 -14.71 -95.98 -45.04
CA LEU B 707 -14.42 -97.44 -45.18
C LEU B 707 -15.69 -98.19 -45.58
N MET B 708 -16.83 -97.86 -44.97
CA MET B 708 -18.16 -98.45 -45.29
C MET B 708 -18.53 -98.16 -46.75
N GLU B 709 -18.36 -96.90 -47.20
CA GLU B 709 -18.61 -96.46 -48.61
C GLU B 709 -17.73 -97.27 -49.57
N GLN B 710 -16.44 -97.42 -49.23
CA GLN B 710 -15.40 -98.12 -50.05
C GLN B 710 -15.76 -99.60 -50.22
N ILE B 711 -16.24 -100.26 -49.16
CA ILE B 711 -16.69 -101.69 -49.18
C ILE B 711 -17.93 -101.80 -50.08
N ARG B 712 -18.92 -100.91 -49.91
CA ARG B 712 -20.19 -100.88 -50.68
C ARG B 712 -19.89 -100.72 -52.18
N THR B 713 -18.94 -99.86 -52.54
CA THR B 713 -18.50 -99.60 -53.94
C THR B 713 -17.75 -100.83 -54.48
N ASP B 714 -16.98 -101.52 -53.62
CA ASP B 714 -16.26 -102.78 -53.97
C ASP B 714 -17.27 -103.89 -54.23
N VAL B 715 -18.30 -104.03 -53.38
CA VAL B 715 -19.38 -105.06 -53.48
C VAL B 715 -20.16 -104.84 -54.79
N SER B 716 -20.54 -103.59 -55.09
CA SER B 716 -21.30 -103.19 -56.31
C SER B 716 -20.51 -103.56 -57.56
N SER B 717 -19.21 -103.24 -57.59
CA SER B 717 -18.28 -103.51 -58.71
C SER B 717 -18.10 -105.02 -58.90
N VAL B 718 -17.90 -105.76 -57.79
CA VAL B 718 -17.77 -107.26 -57.77
C VAL B 718 -19.03 -107.88 -58.42
N GLU B 719 -20.22 -107.43 -58.00
CA GLU B 719 -21.53 -107.96 -58.48
C GLU B 719 -21.68 -107.70 -59.99
N LYS B 720 -21.26 -106.53 -60.48
CA LYS B 720 -21.29 -106.15 -61.91
C LYS B 720 -20.41 -107.11 -62.74
N LEU B 721 -19.25 -107.48 -62.20
CA LEU B 721 -18.28 -108.44 -62.85
C LEU B 721 -18.89 -109.84 -62.92
N TRP B 722 -19.57 -110.29 -61.86
CA TRP B 722 -20.26 -111.60 -61.78
C TRP B 722 -21.44 -111.66 -62.77
N VAL B 723 -22.15 -110.54 -62.97
CA VAL B 723 -23.33 -110.46 -63.90
C VAL B 723 -22.81 -110.53 -65.34
N ARG B 724 -21.74 -109.78 -65.66
CA ARG B 724 -21.15 -109.71 -67.03
C ARG B 724 -20.59 -111.09 -67.41
N ILE B 725 -19.74 -111.69 -66.56
CA ILE B 725 -19.12 -113.03 -66.80
C ILE B 725 -20.22 -114.07 -67.04
N GLU B 726 -21.35 -113.98 -66.32
CA GLU B 726 -22.49 -114.94 -66.43
C GLU B 726 -23.18 -114.77 -67.80
N ILE B 727 -23.34 -113.52 -68.28
CA ILE B 727 -23.92 -113.21 -69.62
C ILE B 727 -22.97 -113.74 -70.71
N SER B 728 -21.67 -113.45 -70.61
CA SER B 728 -20.62 -113.90 -71.57
C SER B 728 -20.55 -115.43 -71.61
N GLU B 729 -20.67 -116.08 -70.45
CA GLU B 729 -20.70 -117.57 -70.31
C GLU B 729 -21.93 -118.14 -71.02
N LYS B 730 -23.10 -117.48 -70.87
CA LYS B 730 -24.38 -117.87 -71.52
C LYS B 730 -24.23 -117.78 -73.05
N THR B 731 -23.63 -116.70 -73.58
CA THR B 731 -23.42 -116.47 -75.03
C THR B 731 -22.47 -117.54 -75.59
N MET B 732 -21.39 -117.88 -74.86
CA MET B 732 -20.42 -118.95 -75.22
C MET B 732 -21.13 -120.31 -75.27
N ASP B 733 -22.03 -120.58 -74.32
CA ASP B 733 -22.83 -121.84 -74.25
C ASP B 733 -23.81 -121.91 -75.43
N GLU B 734 -24.45 -120.79 -75.78
CA GLU B 734 -25.43 -120.68 -76.91
C GLU B 734 -24.73 -120.96 -78.25
N TYR B 735 -23.57 -120.33 -78.47
CA TYR B 735 -22.70 -120.52 -79.67
C TYR B 735 -22.24 -121.98 -79.79
N LYS B 736 -21.92 -122.59 -78.64
CA LYS B 736 -21.34 -123.96 -78.53
C LYS B 736 -22.29 -125.02 -79.10
N LYS B 737 -23.61 -124.72 -79.18
CA LYS B 737 -24.67 -125.65 -79.64
C LYS B 737 -25.11 -125.36 -81.08
N MET B 738 -24.36 -124.53 -81.84
CA MET B 738 -24.72 -124.12 -83.22
C MET B 738 -24.54 -125.28 -84.20
N LYS B 739 -24.92 -125.09 -85.47
CA LYS B 739 -24.57 -125.98 -86.61
C LYS B 739 -23.12 -125.72 -87.02
N TRP B 740 -22.59 -126.53 -87.94
CA TRP B 740 -21.22 -126.42 -88.51
C TRP B 740 -21.01 -125.00 -89.05
N GLY B 741 -22.04 -124.41 -89.66
CA GLY B 741 -21.99 -123.09 -90.32
C GLY B 741 -22.98 -122.07 -89.78
N SER B 742 -23.86 -122.43 -88.83
CA SER B 742 -24.88 -121.53 -88.26
C SER B 742 -24.22 -120.36 -87.53
N ILE B 743 -23.06 -120.61 -86.92
CA ILE B 743 -22.18 -119.59 -86.25
C ILE B 743 -21.75 -118.55 -87.28
N ASN B 744 -21.22 -118.98 -88.43
CA ASN B 744 -20.84 -118.15 -89.61
C ASN B 744 -19.66 -117.22 -89.26
N SER B 745 -18.85 -117.58 -88.25
CA SER B 745 -17.59 -116.90 -87.83
C SER B 745 -17.81 -115.41 -87.53
N MET B 746 -18.01 -114.58 -88.56
CA MET B 746 -18.09 -113.11 -88.47
C MET B 746 -19.19 -112.68 -87.50
N ASP B 747 -20.32 -113.41 -87.49
CA ASP B 747 -21.50 -113.13 -86.60
C ASP B 747 -21.12 -113.42 -85.15
N MET B 748 -20.33 -114.47 -84.90
CA MET B 748 -19.83 -114.85 -83.56
C MET B 748 -18.88 -113.76 -83.05
N GLU B 749 -17.94 -113.33 -83.91
CA GLU B 749 -16.85 -112.35 -83.60
C GLU B 749 -17.46 -111.03 -83.12
N ASP B 750 -18.46 -110.54 -83.84
CA ASP B 750 -19.11 -109.21 -83.61
C ASP B 750 -19.64 -109.13 -82.17
N GLU B 751 -20.36 -110.16 -81.71
CA GLU B 751 -20.95 -110.21 -80.35
C GLU B 751 -19.84 -110.22 -79.29
N ILE B 752 -18.77 -111.01 -79.51
CA ILE B 752 -17.59 -111.11 -78.60
C ILE B 752 -16.85 -109.77 -78.60
N LYS B 753 -16.56 -109.23 -79.79
CA LYS B 753 -15.87 -107.94 -80.00
C LYS B 753 -16.63 -106.83 -79.24
N LYS B 754 -17.96 -106.80 -79.38
CA LYS B 754 -18.87 -105.88 -78.62
C LYS B 754 -18.78 -106.20 -77.12
N LEU B 755 -18.82 -107.48 -76.75
CA LEU B 755 -18.75 -107.99 -75.35
C LEU B 755 -17.37 -107.66 -74.75
N ARG B 756 -16.30 -107.82 -75.53
CA ARG B 756 -14.88 -107.63 -75.10
C ARG B 756 -14.61 -106.15 -74.82
N LYS B 757 -15.10 -105.25 -75.68
CA LYS B 757 -15.03 -103.77 -75.50
C LYS B 757 -15.86 -103.38 -74.27
N ALA B 758 -17.09 -103.89 -74.18
CA ALA B 758 -18.06 -103.58 -73.11
C ALA B 758 -17.62 -104.23 -71.78
N LEU B 759 -16.71 -105.21 -71.82
CA LEU B 759 -16.01 -105.76 -70.63
C LEU B 759 -15.05 -104.71 -70.06
N THR B 760 -14.22 -104.10 -70.92
CA THR B 760 -13.19 -103.09 -70.56
C THR B 760 -13.85 -101.79 -70.07
N ASP B 761 -15.08 -101.53 -70.48
CA ASP B 761 -15.90 -100.35 -70.05
C ASP B 761 -16.10 -100.37 -68.54
N LEU B 762 -16.43 -101.54 -67.97
CA LEU B 762 -16.59 -101.72 -66.50
C LEU B 762 -15.22 -101.58 -65.83
N ARG B 763 -15.16 -100.89 -64.68
CA ARG B 763 -13.91 -100.58 -63.94
C ARG B 763 -14.11 -100.96 -62.46
N GLY B 764 -14.12 -102.27 -62.20
CA GLY B 764 -14.25 -102.87 -60.86
C GLY B 764 -12.99 -103.61 -60.45
N ILE B 765 -12.40 -103.24 -59.30
CA ILE B 765 -11.20 -103.87 -58.67
C ILE B 765 -9.96 -103.66 -59.58
N ASP B 766 -10.04 -102.76 -60.57
CA ASP B 766 -8.96 -102.46 -61.56
C ASP B 766 -8.48 -103.76 -62.22
N LYS B 767 -9.44 -104.62 -62.63
CA LYS B 767 -9.18 -105.95 -63.25
C LYS B 767 -8.23 -106.75 -62.33
N ARG B 768 -7.14 -107.30 -62.87
CA ARG B 768 -6.18 -108.19 -62.17
C ARG B 768 -6.97 -109.32 -61.48
N SER B 769 -6.66 -109.65 -60.23
CA SER B 769 -7.16 -110.86 -59.50
C SER B 769 -6.68 -112.11 -60.25
N ASN B 770 -7.51 -113.16 -60.38
CA ASN B 770 -7.22 -114.40 -61.13
C ASN B 770 -8.39 -114.73 -62.06
N ALA B 771 -9.57 -114.97 -61.48
CA ALA B 771 -10.81 -115.38 -62.19
C ALA B 771 -11.11 -114.43 -63.36
N PHE B 772 -10.85 -113.13 -63.20
CA PHE B 772 -11.06 -112.09 -64.26
C PHE B 772 -10.05 -112.27 -65.39
N ILE B 773 -8.75 -112.34 -65.08
CA ILE B 773 -7.65 -112.41 -66.09
C ILE B 773 -7.84 -113.67 -66.93
N GLY B 774 -8.22 -114.79 -66.29
CA GLY B 774 -8.44 -116.10 -66.92
C GLY B 774 -9.50 -116.07 -68.01
N ILE B 775 -10.62 -115.39 -67.78
CA ILE B 775 -11.79 -115.33 -68.70
C ILE B 775 -11.51 -114.35 -69.85
N THR B 776 -10.71 -113.30 -69.62
CA THR B 776 -10.28 -112.33 -70.67
C THR B 776 -9.35 -113.04 -71.65
N GLU B 777 -8.52 -113.98 -71.16
CA GLU B 777 -7.65 -114.86 -71.98
C GLU B 777 -8.51 -115.93 -72.69
N GLU B 778 -9.53 -116.46 -72.00
CA GLU B 778 -10.53 -117.44 -72.55
C GLU B 778 -11.33 -116.78 -73.69
N LEU B 779 -11.80 -115.55 -73.46
CA LEU B 779 -12.48 -114.71 -74.48
C LEU B 779 -11.52 -114.46 -75.65
N LYS B 780 -10.27 -114.09 -75.35
CA LYS B 780 -9.22 -113.78 -76.36
C LYS B 780 -8.93 -115.04 -77.18
N LYS B 781 -8.81 -116.21 -76.53
CA LYS B 781 -8.68 -117.53 -77.20
C LYS B 781 -9.89 -117.74 -78.11
N TRP B 782 -11.09 -117.56 -77.55
CA TRP B 782 -12.40 -117.62 -78.25
C TRP B 782 -12.40 -116.62 -79.42
N ALA B 783 -11.94 -115.38 -79.20
CA ALA B 783 -11.84 -114.30 -80.22
C ALA B 783 -10.92 -114.72 -81.37
N THR B 784 -9.72 -115.24 -81.05
CA THR B 784 -8.69 -115.69 -82.03
C THR B 784 -9.15 -116.98 -82.74
N PHE B 785 -10.07 -117.74 -82.13
CA PHE B 785 -10.55 -119.07 -82.60
C PHE B 785 -11.45 -118.92 -83.83
N LEU B 786 -12.23 -117.83 -83.94
CA LEU B 786 -13.32 -117.67 -84.94
C LEU B 786 -12.78 -117.45 -86.35
N PRO B 787 -11.81 -116.53 -86.58
CA PRO B 787 -11.21 -116.38 -87.91
C PRO B 787 -10.70 -117.69 -88.52
N LEU B 788 -10.10 -118.55 -87.67
CA LEU B 788 -9.61 -119.90 -88.05
C LEU B 788 -10.81 -120.80 -88.36
N LEU B 789 -11.87 -120.73 -87.55
CA LEU B 789 -13.15 -121.48 -87.72
C LEU B 789 -13.87 -121.01 -88.99
N GLY B 790 -13.80 -119.71 -89.30
CA GLY B 790 -14.37 -119.10 -90.52
C GLY B 790 -13.76 -119.69 -91.78
N GLU B 791 -12.46 -119.97 -91.76
CA GLU B 791 -11.72 -120.62 -92.87
C GLU B 791 -12.18 -122.08 -93.02
N LEU B 792 -12.45 -122.77 -91.90
CA LEU B 792 -12.94 -124.18 -91.89
C LEU B 792 -14.40 -124.24 -92.38
N LYS B 793 -15.15 -123.14 -92.31
CA LYS B 793 -16.56 -123.04 -92.77
C LYS B 793 -16.64 -122.34 -94.13
N ASP B 794 -15.52 -121.87 -94.70
CA ASP B 794 -15.48 -121.21 -96.03
C ASP B 794 -15.91 -122.21 -97.10
N PRO B 795 -16.53 -121.75 -98.23
CA PRO B 795 -17.15 -122.63 -99.20
C PRO B 795 -16.20 -123.65 -99.86
N SER B 796 -14.90 -123.33 -99.96
CA SER B 796 -13.83 -124.15 -100.56
C SER B 796 -13.68 -125.50 -99.82
N MET B 797 -13.96 -125.53 -98.53
CA MET B 797 -13.95 -126.76 -97.68
C MET B 797 -15.36 -127.35 -97.65
N ASN B 798 -16.40 -126.50 -97.60
CA ASN B 798 -17.84 -126.87 -97.64
C ASN B 798 -18.13 -127.75 -98.86
N SER B 799 -17.42 -127.52 -99.97
CA SER B 799 -17.48 -128.34 -101.22
C SER B 799 -17.21 -129.81 -100.90
N GLU B 800 -16.18 -130.09 -100.07
CA GLU B 800 -15.77 -131.44 -99.61
C GLU B 800 -15.40 -132.30 -100.84
N ASP B 801 -16.01 -133.48 -101.00
CA ASP B 801 -15.81 -134.42 -102.15
C ASP B 801 -14.37 -134.94 -102.16
N GLY B 802 -13.39 -134.10 -102.49
CA GLY B 802 -11.95 -134.43 -102.56
C GLY B 802 -11.38 -134.76 -101.19
N ARG B 803 -10.13 -135.23 -101.17
CA ARG B 803 -9.39 -135.64 -99.94
C ARG B 803 -8.64 -134.46 -99.31
N HIS B 804 -8.83 -133.24 -99.83
CA HIS B 804 -8.13 -131.99 -99.39
C HIS B 804 -8.59 -131.60 -97.98
N TRP B 805 -9.83 -131.94 -97.62
CA TRP B 805 -10.43 -131.73 -96.28
C TRP B 805 -9.87 -132.74 -95.28
N LYS B 806 -9.66 -133.99 -95.70
CA LYS B 806 -9.11 -135.10 -94.86
C LYS B 806 -7.65 -134.80 -94.49
N LYS B 807 -6.89 -134.17 -95.40
CA LYS B 807 -5.48 -133.74 -95.17
C LYS B 807 -5.42 -132.70 -94.04
N LEU B 808 -6.44 -131.84 -93.91
CA LEU B 808 -6.57 -130.82 -92.84
C LEU B 808 -6.65 -131.51 -91.47
N LYS B 809 -7.38 -132.63 -91.38
CA LYS B 809 -7.58 -133.41 -90.14
C LYS B 809 -6.30 -134.17 -89.76
N ASP B 810 -5.45 -134.51 -90.75
CA ASP B 810 -4.21 -135.31 -90.56
C ASP B 810 -3.14 -134.48 -89.81
N LEU B 811 -3.18 -133.15 -89.91
CA LEU B 811 -2.28 -132.23 -89.15
C LEU B 811 -2.63 -132.30 -87.65
N VAL B 812 -3.92 -132.25 -87.32
CA VAL B 812 -4.45 -132.35 -85.92
C VAL B 812 -4.05 -133.70 -85.31
N LYS B 813 -3.97 -134.76 -86.13
CA LYS B 813 -3.56 -136.14 -85.75
C LYS B 813 -4.50 -136.71 -84.68
N LYS B 814 -5.74 -136.19 -84.60
CA LYS B 814 -6.75 -136.55 -83.57
C LYS B 814 -7.97 -137.17 -84.27
N GLU B 815 -8.89 -137.74 -83.49
CA GLU B 815 -10.19 -138.27 -83.98
C GLU B 815 -11.09 -137.09 -84.36
N PHE B 816 -11.57 -137.05 -85.61
CA PHE B 816 -12.41 -135.95 -86.19
C PHE B 816 -13.64 -136.53 -86.86
N ASP B 817 -14.72 -135.72 -86.92
CA ASP B 817 -16.01 -136.07 -87.58
C ASP B 817 -16.38 -134.94 -88.55
N VAL B 818 -17.07 -135.29 -89.64
CA VAL B 818 -17.57 -134.36 -90.69
C VAL B 818 -19.10 -134.35 -90.65
N SER B 819 -19.70 -133.26 -90.17
CA SER B 819 -21.17 -133.05 -90.06
C SER B 819 -21.55 -131.72 -90.72
N GLN B 820 -22.39 -131.77 -91.77
CA GLN B 820 -23.08 -130.62 -92.40
C GLN B 820 -23.78 -129.75 -91.34
N GLU B 821 -24.31 -130.37 -90.28
CA GLU B 821 -25.03 -129.70 -89.16
C GLU B 821 -24.70 -130.41 -87.84
N LEU B 822 -23.93 -129.77 -86.95
CA LEU B 822 -23.50 -130.33 -85.65
C LEU B 822 -22.89 -129.23 -84.75
N MET B 823 -22.80 -129.52 -83.44
CA MET B 823 -22.35 -128.59 -82.36
C MET B 823 -20.91 -128.12 -82.61
N LEU B 824 -20.66 -126.81 -82.43
CA LEU B 824 -19.32 -126.16 -82.56
C LEU B 824 -18.46 -126.44 -81.31
N GLU B 825 -19.07 -126.99 -80.25
CA GLU B 825 -18.40 -127.50 -79.01
C GLU B 825 -17.20 -128.38 -79.37
N ILE B 826 -17.40 -129.29 -80.32
CA ILE B 826 -16.38 -130.30 -80.75
C ILE B 826 -15.23 -129.56 -81.44
N ILE B 827 -15.56 -128.53 -82.24
CA ILE B 827 -14.58 -127.62 -82.94
C ILE B 827 -13.65 -126.98 -81.91
N TRP B 828 -14.18 -126.52 -80.77
CA TRP B 828 -13.39 -125.80 -79.72
C TRP B 828 -12.51 -126.79 -78.93
N ASP B 829 -12.95 -128.04 -78.77
CA ASP B 829 -12.18 -129.13 -78.10
C ASP B 829 -11.35 -129.92 -79.13
N LEU B 830 -11.45 -129.58 -80.43
CA LEU B 830 -10.68 -130.22 -81.53
C LEU B 830 -9.24 -129.67 -81.58
N LYS B 831 -8.96 -128.58 -80.86
CA LYS B 831 -7.62 -127.93 -80.75
C LYS B 831 -7.23 -127.37 -82.13
N LEU B 832 -7.99 -126.40 -82.63
CA LEU B 832 -7.73 -125.70 -83.93
C LEU B 832 -6.63 -124.66 -83.75
N PHE B 833 -6.45 -124.13 -82.53
CA PHE B 833 -5.31 -123.25 -82.16
C PHE B 833 -3.99 -123.98 -82.38
N ASP B 834 -3.94 -125.27 -82.03
CA ASP B 834 -2.80 -126.18 -82.32
C ASP B 834 -2.78 -126.43 -83.84
N TYR B 835 -1.58 -126.51 -84.43
CA TYR B 835 -1.34 -126.69 -85.89
C TYR B 835 -1.97 -125.52 -86.66
N LYS B 836 -1.97 -124.33 -86.07
CA LYS B 836 -2.62 -123.09 -86.60
C LYS B 836 -2.13 -122.80 -88.02
N ASP B 837 -0.82 -122.63 -88.17
CA ASP B 837 -0.15 -122.21 -89.43
C ASP B 837 -0.32 -123.32 -90.49
N GLY B 838 -0.23 -124.58 -90.07
CA GLY B 838 -0.48 -125.77 -90.91
C GLY B 838 -1.89 -125.75 -91.51
N ILE B 839 -2.90 -125.47 -90.68
CA ILE B 839 -4.33 -125.31 -91.11
C ILE B 839 -4.41 -124.15 -92.10
N GLU B 840 -3.92 -122.96 -91.70
CA GLU B 840 -3.96 -121.70 -92.49
C GLU B 840 -3.41 -121.91 -93.91
N GLU B 841 -2.39 -122.75 -94.08
CA GLU B 841 -1.81 -123.11 -95.40
C GLU B 841 -2.81 -123.92 -96.21
N ILE B 842 -3.42 -124.95 -95.59
CA ILE B 842 -4.40 -125.88 -96.23
C ILE B 842 -5.67 -125.11 -96.64
N THR B 843 -6.04 -124.06 -95.89
CA THR B 843 -7.23 -123.21 -96.16
C THR B 843 -6.99 -122.41 -97.44
N ASP B 844 -5.81 -121.78 -97.56
CA ASP B 844 -5.38 -120.97 -98.74
C ASP B 844 -5.28 -121.85 -99.99
N GLN B 845 -4.71 -123.04 -99.86
CA GLN B 845 -4.59 -124.04 -100.96
C GLN B 845 -6.01 -124.43 -101.42
N ALA B 846 -6.87 -124.85 -100.48
CA ALA B 846 -8.27 -125.28 -100.73
C ALA B 846 -9.04 -124.19 -101.49
N LYS B 847 -8.85 -122.92 -101.13
CA LYS B 847 -9.52 -121.75 -101.77
C LYS B 847 -9.04 -121.61 -103.22
N GLN B 848 -7.72 -121.48 -103.43
CA GLN B 848 -7.08 -121.42 -104.77
C GLN B 848 -7.60 -122.58 -105.63
N GLU B 849 -7.70 -123.78 -105.05
CA GLU B 849 -8.14 -125.02 -105.73
C GLU B 849 -9.60 -124.86 -106.19
N LEU B 850 -10.47 -124.32 -105.35
CA LEU B 850 -11.92 -124.10 -105.67
C LEU B 850 -12.06 -123.08 -106.82
N LYS B 851 -11.34 -121.95 -106.72
CA LYS B 851 -11.40 -120.82 -107.68
C LYS B 851 -11.13 -121.32 -109.11
N MET B 852 -10.08 -122.14 -109.27
CA MET B 852 -9.69 -122.76 -110.57
C MET B 852 -10.76 -123.78 -110.98
N GLU B 853 -11.12 -124.69 -110.07
CA GLU B 853 -12.19 -125.72 -110.25
C GLU B 853 -13.47 -125.05 -110.78
N LYS B 854 -13.87 -123.93 -110.17
CA LYS B 854 -15.04 -123.10 -110.61
C LYS B 854 -14.76 -122.55 -112.01
N ALA B 855 -13.68 -121.78 -112.16
CA ALA B 855 -13.24 -121.12 -113.42
C ALA B 855 -13.28 -122.08 -114.61
N LEU B 856 -12.94 -123.36 -114.39
CA LEU B 856 -12.92 -124.43 -115.44
C LEU B 856 -14.35 -124.90 -115.74
N LYS B 857 -15.12 -125.26 -114.72
CA LYS B 857 -16.53 -125.70 -114.86
C LYS B 857 -17.41 -124.49 -115.24
N LYS B 858 -16.94 -123.28 -114.92
CA LYS B 858 -17.53 -121.98 -115.33
C LYS B 858 -17.44 -121.84 -116.85
N ILE B 859 -16.22 -121.93 -117.41
CA ILE B 859 -15.93 -121.71 -118.86
C ILE B 859 -16.59 -122.80 -119.73
N ILE B 860 -16.83 -124.00 -119.18
CA ILE B 860 -17.51 -125.13 -119.89
C ILE B 860 -18.86 -124.65 -120.45
N ASP B 861 -19.65 -123.95 -119.64
CA ASP B 861 -21.00 -123.44 -120.00
C ASP B 861 -20.90 -122.42 -121.15
N PHE B 862 -19.82 -121.62 -121.21
CA PHE B 862 -19.57 -120.63 -122.28
C PHE B 862 -19.38 -121.38 -123.60
N TRP B 863 -18.39 -122.27 -123.69
CA TRP B 863 -18.00 -123.00 -124.94
C TRP B 863 -19.12 -123.91 -125.45
N ARG B 864 -19.98 -124.41 -124.56
CA ARG B 864 -21.19 -125.19 -124.95
C ARG B 864 -22.21 -124.25 -125.60
N ASP B 865 -22.36 -123.03 -125.07
CA ASP B 865 -23.30 -121.99 -125.58
C ASP B 865 -22.75 -121.32 -126.85
N ILE B 866 -21.44 -121.40 -127.12
CA ILE B 866 -20.79 -120.78 -128.33
C ILE B 866 -21.28 -121.52 -129.58
N GLU B 867 -22.05 -120.84 -130.42
CA GLU B 867 -22.62 -121.35 -131.70
C GLU B 867 -22.04 -120.56 -132.87
N PHE B 868 -21.61 -121.24 -133.92
CA PHE B 868 -20.96 -120.65 -135.13
C PHE B 868 -22.01 -119.91 -135.96
N GLU B 869 -21.71 -118.65 -136.32
CA GLU B 869 -22.58 -117.78 -137.16
C GLU B 869 -22.37 -118.14 -138.63
N LEU B 870 -23.45 -118.15 -139.42
CA LEU B 870 -23.44 -118.45 -140.88
C LEU B 870 -24.01 -117.26 -141.66
N VAL B 871 -23.25 -116.76 -142.63
CA VAL B 871 -23.63 -115.63 -143.55
C VAL B 871 -23.75 -116.19 -144.97
N GLN B 872 -24.78 -115.77 -145.71
CA GLN B 872 -25.06 -116.22 -147.09
C GLN B 872 -24.08 -115.53 -148.05
N HIS B 873 -23.36 -116.33 -148.85
CA HIS B 873 -22.36 -115.89 -149.86
C HIS B 873 -22.93 -116.10 -151.26
N LYS B 874 -23.16 -115.01 -152.01
CA LYS B 874 -23.65 -114.96 -153.42
C LYS B 874 -25.15 -115.30 -153.52
N ASN B 875 -25.83 -115.62 -152.41
CA ASN B 875 -27.30 -115.89 -152.33
C ASN B 875 -27.63 -117.16 -153.15
N THR B 876 -26.90 -118.25 -152.91
CA THR B 876 -27.02 -119.55 -153.65
C THR B 876 -26.75 -120.74 -152.73
N ASP B 877 -27.40 -120.77 -151.55
CA ASP B 877 -27.34 -121.88 -150.56
C ASP B 877 -25.88 -122.16 -150.17
N ILE B 878 -25.15 -121.11 -149.76
CA ILE B 878 -23.76 -121.17 -149.23
C ILE B 878 -23.75 -120.49 -147.85
N HIS B 879 -22.98 -121.02 -146.91
CA HIS B 879 -22.95 -120.59 -145.48
C HIS B 879 -21.51 -120.64 -144.96
N THR B 880 -20.98 -119.49 -144.50
CA THR B 880 -19.57 -119.30 -144.08
C THR B 880 -19.50 -119.21 -142.55
N LEU B 881 -18.78 -120.12 -141.89
CA LEU B 881 -18.54 -120.12 -140.41
C LEU B 881 -17.85 -118.81 -140.00
N LYS B 882 -18.44 -118.07 -139.07
CA LYS B 882 -17.89 -116.81 -138.50
C LYS B 882 -17.90 -116.89 -136.97
N MET B 883 -16.77 -116.55 -136.35
CA MET B 883 -16.62 -116.47 -134.87
C MET B 883 -16.97 -115.05 -134.43
N SER B 884 -17.72 -114.92 -133.33
CA SER B 884 -18.17 -113.63 -132.73
C SER B 884 -16.94 -112.81 -132.30
N GLU B 885 -16.97 -111.50 -132.53
CA GLU B 885 -15.94 -110.52 -132.11
C GLU B 885 -15.62 -110.72 -130.61
N GLU B 886 -16.67 -110.77 -129.79
CA GLU B 886 -16.60 -110.93 -128.32
C GLU B 886 -15.85 -112.22 -127.96
N ASN B 887 -16.17 -113.31 -128.68
CA ASN B 887 -15.63 -114.67 -128.42
C ASN B 887 -14.12 -114.71 -128.70
N PHE B 888 -13.64 -113.97 -129.73
CA PHE B 888 -12.20 -113.80 -130.05
C PHE B 888 -11.48 -113.10 -128.88
N GLU B 889 -12.09 -112.05 -128.33
CA GLU B 889 -11.52 -111.25 -127.19
C GLU B 889 -11.43 -112.13 -125.94
N THR B 890 -12.46 -112.96 -125.68
CA THR B 890 -12.50 -113.92 -124.54
C THR B 890 -11.49 -115.05 -124.78
N LEU B 891 -11.44 -115.58 -126.01
CA LEU B 891 -10.53 -116.68 -126.43
C LEU B 891 -9.08 -116.34 -126.09
N GLU B 892 -8.66 -115.08 -126.30
CA GLU B 892 -7.32 -114.55 -125.93
C GLU B 892 -7.12 -114.70 -124.42
N ASP B 893 -8.11 -114.26 -123.62
CA ASP B 893 -8.10 -114.30 -122.14
C ASP B 893 -8.06 -115.76 -121.64
N HIS B 894 -8.73 -116.67 -122.36
CA HIS B 894 -8.81 -118.12 -122.03
C HIS B 894 -7.43 -118.76 -122.17
N GLN B 895 -6.68 -118.42 -123.22
CA GLN B 895 -5.28 -118.88 -123.46
C GLN B 895 -4.37 -118.39 -122.32
N LEU B 896 -4.59 -117.17 -121.81
CA LEU B 896 -3.85 -116.59 -120.65
C LEU B 896 -4.26 -117.32 -119.37
N GLN B 897 -5.56 -117.56 -119.19
CA GLN B 897 -6.14 -118.34 -118.05
C GLN B 897 -5.55 -119.75 -118.04
N ILE B 898 -5.40 -120.38 -119.21
CA ILE B 898 -4.79 -121.72 -119.40
C ILE B 898 -3.32 -121.68 -118.99
N ASN B 899 -2.58 -120.63 -119.38
CA ASN B 899 -1.15 -120.42 -119.00
C ASN B 899 -1.05 -120.38 -117.47
N ASN B 900 -1.95 -119.63 -116.82
CA ASN B 900 -2.00 -119.46 -115.33
C ASN B 900 -2.28 -120.81 -114.65
N MET B 901 -3.00 -121.72 -115.30
CA MET B 901 -3.32 -123.08 -114.79
C MET B 901 -2.08 -123.98 -114.81
N LEU B 902 -1.22 -123.83 -115.82
CA LEU B 902 0.10 -124.52 -115.88
C LEU B 902 1.08 -123.84 -114.93
N LEU B 903 0.94 -122.52 -114.75
CA LEU B 903 1.73 -121.70 -113.78
C LEU B 903 1.17 -121.85 -112.36
N SER B 904 -0.02 -122.44 -112.19
CA SER B 904 -0.63 -122.76 -110.86
C SER B 904 0.32 -123.62 -110.04
N LYS B 905 0.37 -123.38 -108.73
CA LYS B 905 1.28 -124.06 -107.77
C LYS B 905 0.92 -125.55 -107.68
N TYR B 906 -0.38 -125.87 -107.64
CA TYR B 906 -0.93 -127.23 -107.48
C TYR B 906 -1.68 -127.62 -108.76
N VAL B 907 -1.13 -128.58 -109.50
CA VAL B 907 -1.64 -129.07 -110.81
C VAL B 907 -2.21 -130.48 -110.62
N ALA B 908 -2.28 -130.98 -109.38
CA ALA B 908 -2.69 -132.36 -109.02
C ALA B 908 -4.10 -132.66 -109.56
N TYR B 909 -5.03 -131.70 -109.42
CA TYR B 909 -6.42 -131.79 -109.93
C TYR B 909 -6.49 -131.21 -111.35
N PHE B 910 -5.70 -130.18 -111.65
CA PHE B 910 -5.83 -129.34 -112.88
C PHE B 910 -5.07 -129.96 -114.07
N GLU B 911 -4.01 -130.75 -113.83
CA GLU B 911 -3.11 -131.30 -114.89
C GLU B 911 -3.93 -131.94 -116.02
N LYS B 912 -4.88 -132.80 -115.66
CA LYS B 912 -5.65 -133.62 -116.63
C LYS B 912 -6.73 -132.76 -117.31
N GLU B 913 -7.19 -131.70 -116.64
CA GLU B 913 -8.19 -130.74 -117.18
C GLU B 913 -7.50 -129.69 -118.05
N VAL B 914 -6.35 -129.16 -117.59
CA VAL B 914 -5.58 -128.08 -118.29
C VAL B 914 -5.01 -128.63 -119.61
N GLU B 915 -4.39 -129.82 -119.60
CA GLU B 915 -3.68 -130.40 -120.76
C GLU B 915 -4.69 -130.71 -121.88
N LYS B 916 -5.85 -131.27 -121.52
CA LYS B 916 -7.01 -131.52 -122.43
C LYS B 916 -7.41 -130.21 -123.10
N TRP B 917 -7.68 -129.17 -122.30
CA TRP B 917 -8.31 -127.90 -122.75
C TRP B 917 -7.28 -126.94 -123.33
N LYS B 918 -6.03 -126.95 -122.86
CA LYS B 918 -4.91 -126.21 -123.52
C LYS B 918 -4.73 -126.75 -124.94
N TYR B 919 -4.63 -128.08 -125.06
CA TYR B 919 -4.43 -128.81 -126.34
C TYR B 919 -5.59 -128.49 -127.31
N ASP B 920 -6.83 -128.49 -126.81
CA ASP B 920 -8.05 -128.29 -127.63
C ASP B 920 -8.24 -126.79 -127.95
N LEU B 921 -8.44 -125.94 -126.94
CA LEU B 921 -8.72 -124.48 -127.12
C LEU B 921 -7.62 -123.84 -127.98
N GLY B 922 -6.37 -124.29 -127.82
CA GLY B 922 -5.23 -123.90 -128.68
C GLY B 922 -5.40 -124.36 -130.11
N SER B 923 -5.76 -125.64 -130.32
CA SER B 923 -6.00 -126.25 -131.65
C SER B 923 -7.23 -125.62 -132.32
N VAL B 924 -8.29 -125.35 -131.54
CA VAL B 924 -9.56 -124.73 -132.02
C VAL B 924 -9.27 -123.33 -132.57
N TYR B 925 -8.58 -122.51 -131.79
CA TYR B 925 -8.13 -121.14 -132.15
C TYR B 925 -7.39 -121.16 -133.49
N ASP B 926 -6.48 -122.12 -133.67
CA ASP B 926 -5.66 -122.30 -134.90
C ASP B 926 -6.56 -122.71 -136.08
N VAL B 927 -7.56 -123.56 -135.83
CA VAL B 927 -8.56 -124.03 -136.85
C VAL B 927 -9.43 -122.84 -137.28
N VAL B 928 -9.93 -122.06 -136.32
CA VAL B 928 -10.85 -120.90 -136.53
C VAL B 928 -10.22 -119.89 -137.51
N GLN B 929 -9.04 -119.35 -137.15
CA GLN B 929 -8.34 -118.28 -137.91
C GLN B 929 -8.08 -118.75 -139.35
N LEU B 930 -7.58 -119.98 -139.52
CA LEU B 930 -7.27 -120.57 -140.86
C LEU B 930 -8.58 -120.78 -141.64
N LEU B 931 -9.62 -121.35 -141.00
CA LEU B 931 -10.96 -121.52 -141.63
C LEU B 931 -11.39 -120.19 -142.24
N LEU B 932 -11.56 -119.16 -141.42
CA LEU B 932 -12.00 -117.79 -141.83
C LEU B 932 -11.20 -117.33 -143.06
N GLU B 933 -9.87 -117.51 -143.04
CA GLU B 933 -8.94 -117.02 -144.10
C GLU B 933 -9.20 -117.76 -145.42
N VAL B 934 -9.37 -119.09 -145.38
CA VAL B 934 -9.59 -119.94 -146.60
C VAL B 934 -10.98 -119.65 -147.19
N GLN B 935 -11.96 -119.28 -146.35
CA GLN B 935 -13.34 -118.91 -146.77
C GLN B 935 -13.29 -117.63 -147.62
N LYS B 936 -12.58 -116.62 -147.13
CA LYS B 936 -12.42 -115.28 -147.76
C LYS B 936 -11.74 -115.42 -149.13
N THR B 937 -10.68 -116.24 -149.21
CA THR B 937 -9.95 -116.54 -150.48
C THR B 937 -10.86 -117.34 -151.42
N TRP B 938 -11.60 -118.32 -150.88
CA TRP B 938 -12.55 -119.18 -151.65
C TRP B 938 -13.69 -118.34 -152.22
N SER B 939 -14.22 -117.40 -151.44
CA SER B 939 -15.29 -116.45 -151.85
C SER B 939 -14.77 -115.53 -152.96
N PHE B 940 -13.54 -115.03 -152.81
CA PHE B 940 -12.85 -114.12 -153.77
C PHE B 940 -12.61 -114.85 -155.10
N LEU B 941 -12.18 -116.11 -155.08
CA LEU B 941 -11.90 -116.92 -156.29
C LEU B 941 -13.22 -117.28 -157.00
N GLU B 942 -14.28 -117.61 -156.27
CA GLU B 942 -15.61 -117.95 -156.86
C GLU B 942 -16.23 -116.69 -157.48
N ASN B 943 -16.00 -115.50 -156.89
CA ASN B 943 -16.43 -114.19 -157.45
C ASN B 943 -15.82 -114.02 -158.85
N LEU B 944 -14.55 -114.40 -159.04
CA LEU B 944 -13.85 -114.37 -160.36
C LEU B 944 -14.45 -115.42 -161.30
N PHE B 945 -14.84 -116.59 -160.76
CA PHE B 945 -15.40 -117.75 -161.51
C PHE B 945 -16.94 -117.72 -161.44
N GLU B 946 -16.70 -115.11 -167.23
CA GLU B 946 -16.15 -116.45 -167.57
C GLU B 946 -14.68 -116.30 -168.01
N VAL B 947 -13.79 -116.01 -167.06
CA VAL B 947 -12.32 -115.92 -167.25
C VAL B 947 -11.72 -117.34 -167.26
N LYS B 948 -12.49 -118.34 -166.79
CA LYS B 948 -12.13 -119.79 -166.81
C LYS B 948 -11.59 -120.20 -168.19
N ARG B 949 -12.17 -119.68 -169.28
CA ARG B 949 -11.73 -119.90 -170.68
C ARG B 949 -10.27 -119.45 -170.82
N GLU B 950 -9.95 -118.23 -170.37
CA GLU B 950 -8.63 -117.57 -170.53
C GLU B 950 -7.57 -118.32 -169.72
N LEU B 951 -7.91 -118.76 -168.50
CA LEU B 951 -7.01 -119.50 -167.57
C LEU B 951 -7.72 -120.77 -167.08
N PRO B 952 -7.74 -121.87 -167.88
CA PRO B 952 -8.39 -123.13 -167.49
C PRO B 952 -7.49 -124.21 -166.86
N ASN B 953 -6.18 -123.99 -166.77
CA ASN B 953 -5.22 -124.95 -166.16
C ASN B 953 -5.50 -125.08 -164.66
N GLU B 954 -5.70 -123.94 -163.97
CA GLU B 954 -5.94 -123.86 -162.51
C GLU B 954 -7.44 -123.92 -162.19
N SER B 955 -8.31 -123.94 -163.22
CA SER B 955 -9.78 -124.14 -163.08
C SER B 955 -10.06 -125.56 -162.58
N ALA B 956 -9.32 -126.55 -163.08
CA ALA B 956 -9.40 -127.98 -162.68
C ALA B 956 -9.09 -128.12 -161.18
N GLN B 957 -8.07 -127.41 -160.69
CA GLN B 957 -7.68 -127.35 -159.26
C GLN B 957 -8.81 -126.70 -158.45
N PHE B 958 -9.37 -125.58 -158.95
CA PHE B 958 -10.46 -124.81 -158.30
C PHE B 958 -11.70 -125.69 -158.12
N VAL B 959 -12.05 -126.47 -159.16
CA VAL B 959 -13.21 -127.42 -159.17
C VAL B 959 -12.94 -128.54 -158.15
N GLY B 960 -11.68 -128.97 -158.00
CA GLY B 960 -11.26 -130.03 -157.07
C GLY B 960 -11.63 -129.72 -155.62
N ILE B 961 -11.35 -128.49 -155.17
CA ILE B 961 -11.58 -128.02 -153.77
C ILE B 961 -13.08 -127.79 -153.54
N ASP B 962 -13.80 -127.29 -154.56
CA ASP B 962 -15.24 -126.95 -154.53
C ASP B 962 -16.01 -127.83 -153.54
N LYS B 963 -15.74 -129.14 -153.54
CA LYS B 963 -16.42 -130.16 -152.70
C LYS B 963 -15.94 -130.05 -151.25
N ASP B 964 -14.61 -129.99 -151.05
CA ASP B 964 -13.94 -129.98 -149.71
C ASP B 964 -14.49 -128.83 -148.86
N MET B 965 -14.47 -127.60 -149.37
CA MET B 965 -14.91 -126.38 -148.65
C MET B 965 -16.39 -126.50 -148.28
N LYS B 966 -17.25 -126.74 -149.27
CA LYS B 966 -18.73 -126.88 -149.12
C LYS B 966 -19.05 -127.92 -148.02
N GLU B 967 -18.32 -129.04 -147.99
CA GLU B 967 -18.50 -130.13 -146.98
C GLU B 967 -18.13 -129.62 -145.58
N ILE B 968 -16.96 -128.98 -145.45
CA ILE B 968 -16.45 -128.40 -144.16
C ILE B 968 -17.46 -127.36 -143.65
N MET B 969 -17.98 -126.52 -144.56
CA MET B 969 -18.99 -125.48 -144.26
C MET B 969 -20.27 -126.14 -143.76
N GLN B 970 -20.83 -127.07 -144.55
CA GLN B 970 -22.06 -127.84 -144.24
C GLN B 970 -21.88 -128.60 -142.91
N LYS B 971 -20.74 -129.27 -142.73
CA LYS B 971 -20.35 -129.98 -141.48
C LYS B 971 -20.39 -128.98 -140.31
N GLY B 972 -19.80 -127.79 -140.51
CA GLY B 972 -19.76 -126.69 -139.52
C GLY B 972 -21.14 -126.27 -139.04
N CYS B 973 -22.11 -126.19 -139.96
CA CYS B 973 -23.52 -125.80 -139.70
C CYS B 973 -24.19 -126.81 -138.74
N ASP B 974 -24.04 -128.10 -139.05
CA ASP B 974 -24.77 -129.21 -138.38
C ASP B 974 -24.27 -129.38 -136.94
N ILE B 975 -22.96 -129.28 -136.74
CA ILE B 975 -22.27 -129.55 -135.44
C ILE B 975 -22.54 -128.37 -134.47
N LYS B 976 -22.36 -127.12 -134.93
CA LYS B 976 -22.64 -125.86 -134.18
C LYS B 976 -21.74 -125.74 -132.92
N ASN B 977 -20.58 -126.39 -132.91
CA ASN B 977 -19.62 -126.42 -131.77
C ASN B 977 -18.20 -126.33 -132.32
N CYS B 978 -17.52 -125.21 -132.08
CA CYS B 978 -16.15 -124.88 -132.58
C CYS B 978 -15.15 -125.96 -132.16
N LEU B 979 -15.33 -126.55 -130.97
CA LEU B 979 -14.50 -127.68 -130.44
C LEU B 979 -14.65 -128.88 -131.38
N LYS B 980 -15.89 -129.32 -131.59
CA LYS B 980 -16.26 -130.59 -132.26
C LYS B 980 -15.74 -130.63 -133.71
N PHE B 981 -15.76 -129.50 -134.44
CA PHE B 981 -15.20 -129.41 -135.82
C PHE B 981 -13.74 -129.87 -135.78
N CYS B 982 -12.97 -129.24 -134.89
CA CYS B 982 -11.49 -129.30 -134.78
C CYS B 982 -11.01 -130.70 -134.39
N THR B 983 -11.81 -131.47 -133.65
CA THR B 983 -11.44 -132.79 -133.07
C THR B 983 -11.16 -133.81 -134.19
N ILE B 984 -12.10 -133.99 -135.12
CA ILE B 984 -12.12 -135.11 -136.10
C ILE B 984 -11.91 -134.58 -137.52
N GLU B 985 -11.40 -135.45 -138.42
CA GLU B 985 -11.22 -135.26 -139.89
C GLU B 985 -9.95 -134.43 -140.17
N GLY B 986 -9.08 -134.23 -139.17
CA GLY B 986 -7.85 -133.42 -139.27
C GLY B 986 -8.10 -132.12 -140.01
N MET B 987 -8.85 -131.20 -139.38
CA MET B 987 -9.30 -129.92 -139.99
C MET B 987 -8.08 -129.15 -140.51
N LEU B 988 -7.08 -128.93 -139.64
CA LEU B 988 -5.80 -128.24 -139.97
C LEU B 988 -5.12 -128.92 -141.17
N LYS B 989 -5.13 -130.25 -141.22
CA LYS B 989 -4.54 -131.06 -142.32
C LYS B 989 -5.29 -130.79 -143.65
N ARG B 990 -6.63 -130.67 -143.60
CA ARG B 990 -7.47 -130.39 -144.78
C ARG B 990 -7.31 -128.93 -145.20
N LEU B 991 -7.29 -127.99 -144.23
CA LEU B 991 -7.20 -126.53 -144.46
C LEU B 991 -5.85 -126.16 -145.08
N GLU B 992 -4.74 -126.64 -144.51
CA GLU B 992 -3.36 -126.35 -144.99
C GLU B 992 -3.18 -126.90 -146.42
N ASN B 993 -3.84 -128.02 -146.74
CA ASN B 993 -3.90 -128.60 -148.10
C ASN B 993 -4.77 -127.71 -149.01
N ILE B 994 -5.93 -127.26 -148.53
CA ILE B 994 -6.82 -126.29 -149.24
C ILE B 994 -6.06 -124.97 -149.44
N GLN B 995 -5.36 -124.49 -148.41
CA GLN B 995 -4.58 -123.22 -148.40
C GLN B 995 -3.47 -123.28 -149.46
N ALA B 996 -2.73 -124.41 -149.52
CA ALA B 996 -1.66 -124.68 -150.50
C ALA B 996 -2.19 -124.57 -151.92
N GLN B 997 -3.41 -125.07 -152.16
CA GLN B 997 -4.09 -125.06 -153.50
C GLN B 997 -4.55 -123.64 -153.83
N LEU B 998 -5.07 -122.91 -152.85
CA LEU B 998 -5.44 -121.46 -152.98
C LEU B 998 -4.19 -120.62 -153.28
N LYS B 999 -3.05 -120.99 -152.69
CA LYS B 999 -1.76 -120.23 -152.77
C LYS B 999 -1.10 -120.40 -154.14
N VAL B 1000 -1.24 -121.58 -154.78
CA VAL B 1000 -0.72 -121.85 -156.16
C VAL B 1000 -1.67 -121.21 -157.18
N CYS B 1001 -2.99 -121.23 -156.92
CA CYS B 1001 -4.04 -120.62 -157.77
C CYS B 1001 -3.93 -119.08 -157.73
N GLU B 1002 -3.65 -118.50 -156.56
CA GLU B 1002 -3.42 -117.04 -156.36
C GLU B 1002 -2.17 -116.61 -157.14
N LYS B 1003 -1.08 -117.40 -157.08
CA LYS B 1003 0.18 -117.17 -157.84
C LYS B 1003 -0.09 -117.26 -159.34
N ALA B 1004 -0.84 -118.28 -159.77
CA ALA B 1004 -1.29 -118.49 -161.17
C ALA B 1004 -2.21 -117.35 -161.62
N LEU B 1005 -3.05 -116.84 -160.71
CA LEU B 1005 -3.94 -115.67 -160.97
C LEU B 1005 -3.08 -114.39 -161.04
N ASN B 1006 -2.04 -114.27 -160.22
CA ASN B 1006 -1.12 -113.09 -160.20
C ASN B 1006 -0.30 -113.03 -161.50
N GLU B 1007 0.19 -114.17 -162.00
CA GLU B 1007 1.03 -114.24 -163.23
C GLU B 1007 0.17 -113.92 -164.47
N PHE B 1008 -1.16 -114.11 -164.36
CA PHE B 1008 -2.17 -113.82 -165.40
C PHE B 1008 -2.49 -112.31 -165.42
N LEU B 1009 -2.56 -111.67 -164.26
CA LEU B 1009 -2.72 -110.19 -164.12
C LEU B 1009 -1.49 -109.48 -164.72
N ASP B 1010 -0.30 -110.05 -164.51
CA ASP B 1010 0.99 -109.56 -165.07
C ASP B 1010 0.95 -109.59 -166.60
N SER B 1011 0.44 -110.69 -167.18
CA SER B 1011 0.41 -110.95 -168.65
C SER B 1011 -0.61 -110.04 -169.36
N LYS B 1012 -1.60 -109.51 -168.64
CA LYS B 1012 -2.61 -108.54 -169.17
C LYS B 1012 -2.07 -107.11 -169.04
N ARG B 1013 -1.45 -106.78 -167.91
CA ARG B 1013 -0.81 -105.46 -167.64
C ARG B 1013 0.25 -105.15 -168.70
N ARG B 1014 1.06 -106.15 -169.08
CA ARG B 1014 2.13 -106.03 -170.10
C ARG B 1014 1.53 -105.60 -171.44
N ALA B 1015 0.41 -106.24 -171.83
CA ALA B 1015 -0.26 -106.07 -173.14
C ALA B 1015 -0.92 -104.68 -173.21
N PHE B 1016 -1.81 -104.35 -172.27
CA PHE B 1016 -2.47 -103.02 -172.14
C PHE B 1016 -1.81 -102.25 -171.00
N PRO B 1017 -0.90 -101.29 -171.28
CA PRO B 1017 -0.08 -100.66 -170.24
C PRO B 1017 -0.83 -99.85 -169.17
N ARG B 1018 -2.06 -99.44 -169.43
CA ARG B 1018 -2.85 -98.53 -168.55
C ARG B 1018 -3.19 -99.24 -167.23
N PHE B 1019 -3.56 -100.54 -167.30
CA PHE B 1019 -4.08 -101.36 -166.18
C PHE B 1019 -3.17 -101.28 -164.94
N TYR B 1020 -1.85 -101.09 -165.11
CA TYR B 1020 -0.87 -100.90 -164.01
C TYR B 1020 -1.38 -99.87 -162.99
N PHE B 1021 -1.97 -98.76 -163.46
CA PHE B 1021 -2.45 -97.62 -162.63
C PHE B 1021 -3.76 -98.00 -161.92
N VAL B 1022 -4.57 -98.86 -162.55
CA VAL B 1022 -5.88 -99.35 -162.02
C VAL B 1022 -5.62 -100.33 -160.88
N SER B 1023 -6.48 -100.31 -159.85
CA SER B 1023 -6.41 -101.18 -158.64
C SER B 1023 -6.52 -102.66 -159.05
N VAL B 1024 -5.91 -103.55 -158.26
CA VAL B 1024 -5.88 -105.03 -158.50
C VAL B 1024 -7.31 -105.56 -158.46
N ASN B 1025 -8.04 -105.22 -157.38
CA ASN B 1025 -9.44 -105.67 -157.11
C ASN B 1025 -10.37 -105.24 -158.25
N ASP B 1026 -10.12 -104.08 -158.86
CA ASP B 1026 -10.90 -103.55 -160.01
C ASP B 1026 -10.43 -104.18 -161.32
N LEU B 1027 -9.11 -104.33 -161.51
CA LEU B 1027 -8.48 -104.90 -162.74
C LEU B 1027 -9.05 -106.28 -163.03
N LEU B 1028 -9.04 -107.18 -162.02
CA LEU B 1028 -9.59 -108.56 -162.12
C LEU B 1028 -11.10 -108.52 -162.38
N ASP B 1029 -11.81 -107.50 -161.88
CA ASP B 1029 -13.28 -107.32 -162.06
C ASP B 1029 -13.60 -106.89 -163.50
N ILE B 1030 -12.73 -106.06 -164.11
CA ILE B 1030 -12.84 -105.63 -165.55
C ILE B 1030 -12.62 -106.86 -166.45
N LEU B 1031 -11.65 -107.71 -166.10
CA LEU B 1031 -11.30 -108.96 -166.85
C LEU B 1031 -12.38 -110.02 -166.60
N SER B 1032 -12.88 -110.12 -165.35
CA SER B 1032 -14.00 -111.01 -164.94
C SER B 1032 -15.20 -110.82 -165.88
N ASN B 1033 -15.76 -109.61 -165.89
CA ASN B 1033 -16.96 -109.21 -166.68
C ASN B 1033 -16.51 -108.54 -167.98
N GLY B 1034 -15.68 -109.23 -168.76
CA GLY B 1034 -15.02 -108.72 -169.98
C GLY B 1034 -15.76 -109.09 -171.25
N ASN B 1035 -16.53 -110.18 -171.24
CA ASN B 1035 -17.34 -110.61 -172.41
C ASN B 1035 -18.64 -109.79 -172.49
N SER B 1036 -19.01 -109.07 -171.42
CA SER B 1036 -20.19 -108.17 -171.32
C SER B 1036 -19.72 -106.71 -171.24
N PRO B 1037 -19.64 -105.97 -172.36
CA PRO B 1037 -19.07 -104.61 -172.36
C PRO B 1037 -19.69 -103.62 -171.35
N ALA B 1038 -21.01 -103.69 -171.14
CA ALA B 1038 -21.81 -102.73 -170.33
C ALA B 1038 -21.20 -102.51 -168.93
N LYS B 1039 -20.63 -103.57 -168.34
CA LYS B 1039 -20.00 -103.53 -166.98
C LYS B 1039 -18.63 -102.84 -167.04
N ILE B 1040 -17.92 -102.89 -168.18
CA ILE B 1040 -16.61 -102.21 -168.37
C ILE B 1040 -16.84 -100.69 -168.27
N ASN B 1041 -17.92 -100.20 -168.88
CA ASN B 1041 -18.29 -98.75 -168.99
C ASN B 1041 -18.25 -98.08 -167.61
N ARG B 1042 -18.76 -98.75 -166.57
CA ARG B 1042 -18.72 -98.30 -165.15
C ARG B 1042 -17.27 -98.03 -164.70
N HIS B 1043 -16.33 -98.89 -165.12
CA HIS B 1043 -14.91 -98.89 -164.67
C HIS B 1043 -13.99 -98.13 -165.64
N MET B 1044 -14.54 -97.51 -166.71
CA MET B 1044 -13.76 -96.73 -167.71
C MET B 1044 -13.11 -95.50 -167.03
N SER B 1045 -13.75 -94.97 -165.98
CA SER B 1045 -13.25 -93.85 -165.13
C SER B 1045 -11.85 -94.16 -164.54
N LYS B 1046 -11.52 -95.44 -164.34
CA LYS B 1046 -10.21 -95.89 -163.80
C LYS B 1046 -9.16 -95.96 -164.92
N ILE B 1047 -9.54 -96.37 -166.13
CA ILE B 1047 -8.61 -96.48 -167.29
C ILE B 1047 -8.27 -95.05 -167.74
N PHE B 1048 -9.29 -94.24 -168.00
CA PHE B 1048 -9.21 -92.81 -168.39
C PHE B 1048 -9.97 -91.97 -167.35
N GLN B 1049 -9.24 -91.14 -166.59
CA GLN B 1049 -9.83 -90.10 -165.71
C GLN B 1049 -10.63 -89.12 -166.59
N ALA B 1050 -10.20 -88.97 -167.84
CA ALA B 1050 -10.93 -88.28 -168.93
C ALA B 1050 -12.33 -88.87 -169.10
N ILE B 1051 -12.47 -89.99 -169.83
CA ILE B 1051 -13.78 -90.60 -170.24
C ILE B 1051 -14.35 -91.33 -169.03
N ASP B 1052 -15.13 -90.62 -168.20
CA ASP B 1052 -15.74 -91.13 -166.94
C ASP B 1052 -16.65 -92.32 -167.27
N ASN B 1053 -17.57 -92.14 -168.24
CA ASN B 1053 -18.52 -93.18 -168.72
C ASN B 1053 -18.35 -93.34 -170.24
N LEU B 1054 -18.63 -94.55 -170.75
CA LEU B 1054 -18.74 -94.86 -172.20
C LEU B 1054 -20.17 -95.36 -172.47
N GLN B 1055 -20.72 -95.02 -173.63
CA GLN B 1055 -22.06 -95.48 -174.11
C GLN B 1055 -21.82 -96.58 -175.16
N LEU B 1056 -22.67 -97.62 -175.17
CA LEU B 1056 -22.63 -98.73 -176.17
C LEU B 1056 -24.05 -99.07 -176.61
N LYS B 1057 -24.20 -99.51 -177.87
CA LYS B 1057 -25.48 -99.89 -178.52
C LYS B 1057 -25.42 -101.38 -178.86
N GLU B 1058 -26.15 -102.22 -178.11
CA GLU B 1058 -26.12 -103.70 -178.22
C GLU B 1058 -27.10 -104.14 -179.32
N ASP B 1059 -26.56 -104.60 -180.46
CA ASP B 1059 -27.33 -104.94 -181.69
C ASP B 1059 -27.48 -106.48 -181.76
N SER B 1060 -28.69 -106.97 -181.46
CA SER B 1060 -29.15 -108.38 -181.65
C SER B 1060 -28.21 -109.36 -180.92
N SER B 1061 -28.05 -110.58 -181.43
CA SER B 1061 -27.15 -111.64 -180.89
C SER B 1061 -26.34 -112.27 -182.04
N GLY B 1062 -25.19 -112.86 -181.70
CA GLY B 1062 -24.22 -113.46 -182.65
C GLY B 1062 -22.94 -112.66 -182.71
N GLY B 1063 -23.06 -111.33 -182.90
CA GLY B 1063 -21.94 -110.37 -182.91
C GLY B 1063 -21.64 -109.85 -181.52
N ARG B 1064 -20.89 -108.74 -181.44
CA ARG B 1064 -20.51 -108.04 -180.19
C ARG B 1064 -21.02 -106.59 -180.26
N PRO B 1065 -21.39 -105.94 -179.12
CA PRO B 1065 -21.87 -104.56 -179.14
C PRO B 1065 -21.07 -103.54 -179.97
N THR B 1066 -21.77 -102.70 -180.74
CA THR B 1066 -21.19 -101.57 -181.52
C THR B 1066 -21.02 -100.36 -180.59
N LEU B 1067 -20.05 -97.85 -179.27
CA LEU B 1067 -19.28 -96.60 -179.09
C LEU B 1067 -19.83 -95.54 -180.04
N LYS B 1068 -20.98 -94.98 -179.66
CA LYS B 1068 -21.64 -93.88 -180.39
C LYS B 1068 -21.18 -92.55 -179.78
N MET B 1069 -21.15 -92.43 -178.46
CA MET B 1069 -20.79 -91.19 -177.73
C MET B 1069 -19.95 -91.54 -176.50
N ILE B 1070 -19.35 -90.53 -175.84
CA ILE B 1070 -18.63 -90.66 -174.52
C ILE B 1070 -19.00 -89.49 -173.62
N SER B 1071 -19.37 -89.76 -172.37
CA SER B 1071 -19.84 -88.77 -171.37
C SER B 1071 -18.91 -88.78 -170.16
N CYS B 1072 -18.36 -87.62 -169.79
CA CYS B 1072 -17.18 -87.50 -168.89
C CYS B 1072 -17.48 -86.60 -167.69
N VAL B 1073 -16.50 -86.45 -166.78
CA VAL B 1073 -16.52 -85.50 -165.64
C VAL B 1073 -16.47 -84.06 -166.17
N GLY B 1074 -17.46 -83.23 -165.82
CA GLY B 1074 -17.62 -81.83 -166.26
C GLY B 1074 -18.84 -81.61 -167.14
N THR B 1075 -19.63 -82.65 -167.42
CA THR B 1075 -20.86 -82.63 -168.27
C THR B 1075 -20.48 -82.20 -169.69
N GLU B 1076 -19.94 -83.14 -170.47
CA GLU B 1076 -19.51 -82.93 -171.89
C GLU B 1076 -19.64 -84.26 -172.66
N GLU B 1077 -20.26 -84.21 -173.84
CA GLU B 1077 -20.54 -85.38 -174.70
C GLU B 1077 -19.91 -85.17 -176.08
N VAL B 1078 -19.01 -86.07 -176.49
CA VAL B 1078 -18.27 -85.98 -177.80
C VAL B 1078 -18.50 -87.28 -178.58
N ASP B 1079 -19.37 -87.24 -179.59
CA ASP B 1079 -19.69 -88.37 -180.50
C ASP B 1079 -18.40 -88.81 -181.20
N PHE B 1080 -18.33 -90.09 -181.60
CA PHE B 1080 -17.16 -90.68 -182.30
C PHE B 1080 -17.30 -90.45 -183.82
N SER B 1081 -16.24 -89.91 -184.45
CA SER B 1081 -16.10 -89.74 -185.92
C SER B 1081 -16.51 -91.03 -186.65
N SER B 1082 -16.02 -92.17 -186.17
CA SER B 1082 -16.38 -93.55 -186.62
C SER B 1082 -16.85 -94.36 -185.42
N PRO B 1083 -18.09 -94.93 -185.43
CA PRO B 1083 -18.49 -95.90 -184.40
C PRO B 1083 -17.69 -97.21 -184.52
N ARG B 1084 -16.88 -97.54 -183.50
CA ARG B 1084 -15.95 -98.70 -183.52
C ARG B 1084 -16.73 -99.98 -183.17
N LEU B 1085 -16.73 -100.96 -184.08
CA LEU B 1085 -17.22 -102.34 -183.82
C LEU B 1085 -16.24 -103.04 -182.87
N LEU B 1086 -16.67 -103.34 -181.64
CA LEU B 1086 -15.82 -104.00 -180.61
C LEU B 1086 -15.68 -105.49 -180.96
N GLN B 1087 -14.46 -106.03 -180.91
CA GLN B 1087 -14.13 -107.41 -181.34
C GLN B 1087 -12.89 -107.89 -180.60
N GLY B 1088 -12.90 -109.15 -180.14
CA GLY B 1088 -11.81 -109.80 -179.40
C GLY B 1088 -11.98 -109.69 -177.90
N LYS B 1089 -10.87 -109.52 -177.17
CA LYS B 1089 -10.79 -109.55 -175.68
C LYS B 1089 -10.55 -108.13 -175.17
N VAL B 1090 -10.76 -107.91 -173.87
CA VAL B 1090 -10.76 -106.58 -173.17
C VAL B 1090 -9.37 -105.93 -173.20
N GLU B 1091 -8.32 -106.67 -173.57
CA GLU B 1091 -6.98 -106.09 -173.85
C GLU B 1091 -7.05 -105.22 -175.11
N SER B 1092 -7.38 -105.81 -176.26
CA SER B 1092 -7.41 -105.15 -177.60
C SER B 1092 -8.58 -104.18 -177.69
N TYR B 1093 -9.80 -104.67 -177.45
CA TYR B 1093 -11.06 -103.90 -177.21
C TYR B 1093 -10.72 -102.46 -176.80
N LEU B 1094 -10.12 -102.28 -175.62
CA LEU B 1094 -9.91 -100.97 -174.94
C LEU B 1094 -8.90 -100.11 -175.70
N LYS B 1095 -7.91 -100.74 -176.38
CA LYS B 1095 -6.89 -100.04 -177.19
C LYS B 1095 -7.54 -99.49 -178.48
N ASP B 1096 -8.50 -100.20 -179.05
CA ASP B 1096 -9.25 -99.77 -180.26
C ASP B 1096 -10.20 -98.61 -179.93
N VAL B 1097 -10.55 -98.39 -178.65
CA VAL B 1097 -11.33 -97.21 -178.17
C VAL B 1097 -10.42 -95.97 -178.21
N ILE B 1098 -9.14 -96.10 -177.80
CA ILE B 1098 -8.14 -94.99 -177.84
C ILE B 1098 -7.91 -94.59 -179.30
N ASP B 1099 -7.66 -95.55 -180.19
CA ASP B 1099 -7.35 -95.30 -181.63
C ASP B 1099 -8.61 -94.79 -182.37
N THR B 1100 -9.79 -94.84 -181.74
CA THR B 1100 -11.01 -94.11 -182.20
C THR B 1100 -11.03 -92.72 -181.54
N MET B 1101 -10.98 -92.65 -180.20
CA MET B 1101 -10.97 -91.39 -179.40
C MET B 1101 -10.02 -90.37 -180.04
N ILE B 1102 -8.71 -90.66 -180.04
CA ILE B 1102 -7.66 -89.88 -180.77
C ILE B 1102 -8.15 -89.61 -182.19
N GLY B 1103 -8.54 -90.66 -182.92
CA GLY B 1103 -9.00 -90.61 -184.32
C GLY B 1103 -10.13 -89.61 -184.54
N THR B 1104 -10.94 -89.31 -183.52
CA THR B 1104 -12.04 -88.31 -183.59
C THR B 1104 -11.45 -86.90 -183.45
N LEU B 1105 -10.74 -86.66 -182.34
CA LEU B 1105 -10.27 -85.30 -181.95
C LEU B 1105 -9.38 -84.70 -183.05
N LYS B 1106 -8.61 -85.53 -183.75
CA LYS B 1106 -7.79 -85.10 -184.92
C LYS B 1106 -8.74 -84.77 -186.09
N SER B 1107 -9.83 -85.52 -186.26
CA SER B 1107 -10.87 -85.26 -187.29
C SER B 1107 -11.67 -84.00 -186.94
N VAL B 1108 -11.88 -83.74 -185.63
CA VAL B 1108 -12.54 -82.51 -185.11
C VAL B 1108 -11.63 -81.30 -185.40
N ALA B 1109 -10.37 -81.37 -184.93
CA ALA B 1109 -9.36 -80.29 -185.01
C ALA B 1109 -9.15 -79.82 -186.45
N ASN B 1110 -9.20 -80.73 -187.44
CA ASN B 1110 -9.19 -80.40 -188.89
C ASN B 1110 -10.46 -79.61 -189.22
N SER B 1111 -11.63 -80.14 -188.88
CA SER B 1111 -12.96 -79.56 -189.21
C SER B 1111 -13.17 -78.24 -188.46
N SER B 1112 -12.55 -78.08 -187.29
CA SER B 1112 -12.68 -76.89 -186.40
C SER B 1112 -12.25 -75.62 -187.13
N PHE B 1113 -11.09 -75.67 -187.82
CA PHE B 1113 -10.48 -74.55 -188.58
C PHE B 1113 -11.42 -74.08 -189.70
N LYS B 1114 -11.92 -75.02 -190.52
CA LYS B 1114 -12.79 -74.73 -191.70
C LYS B 1114 -14.07 -74.01 -191.24
N ASN B 1115 -14.55 -74.32 -190.03
CA ASN B 1115 -15.73 -73.68 -189.40
C ASN B 1115 -15.35 -72.28 -188.89
N PHE B 1116 -14.18 -72.13 -188.25
CA PHE B 1116 -13.70 -70.90 -187.57
C PHE B 1116 -13.55 -69.73 -188.57
N GLN B 1117 -12.85 -69.98 -189.69
CA GLN B 1117 -12.54 -68.97 -190.73
C GLN B 1117 -13.82 -68.32 -191.27
N SER B 1118 -14.90 -69.10 -191.40
CA SER B 1118 -16.20 -68.67 -191.99
C SER B 1118 -17.09 -68.03 -190.93
N MET B 1119 -17.45 -68.78 -189.88
CA MET B 1119 -18.46 -68.40 -188.85
C MET B 1119 -17.88 -67.36 -187.88
N THR B 1120 -18.76 -66.62 -187.20
CA THR B 1120 -18.41 -65.59 -186.16
C THR B 1120 -17.85 -66.30 -184.92
N ARG B 1121 -16.96 -65.64 -184.19
CA ARG B 1121 -16.18 -66.24 -183.06
C ARG B 1121 -17.12 -66.80 -182.00
N LYS B 1122 -18.23 -66.12 -181.69
CA LYS B 1122 -19.17 -66.53 -180.60
C LYS B 1122 -19.91 -67.81 -181.01
N GLU B 1123 -20.36 -67.90 -182.26
CA GLU B 1123 -21.12 -69.07 -182.80
C GLU B 1123 -20.23 -70.31 -182.79
N TRP B 1124 -18.92 -70.14 -183.02
CA TRP B 1124 -17.92 -71.23 -183.18
C TRP B 1124 -17.63 -71.93 -181.85
N LEU B 1125 -17.76 -71.24 -180.71
CA LEU B 1125 -17.43 -71.79 -179.36
C LEU B 1125 -18.42 -72.87 -178.94
N LYS B 1126 -19.66 -72.82 -179.45
CA LYS B 1126 -20.77 -73.74 -179.06
C LYS B 1126 -20.59 -75.09 -179.74
N SER B 1127 -20.09 -75.11 -180.99
CA SER B 1127 -20.03 -76.29 -181.90
C SER B 1127 -19.05 -77.35 -181.38
N ASP B 1128 -17.82 -76.95 -181.06
CA ASP B 1128 -16.68 -77.87 -180.80
C ASP B 1128 -16.75 -78.45 -179.39
N PRO B 1129 -15.96 -79.51 -179.07
CA PRO B 1129 -15.75 -79.95 -177.67
C PRO B 1129 -14.89 -78.94 -176.88
N SER B 1130 -14.82 -79.10 -175.56
CA SER B 1130 -14.23 -78.09 -174.63
C SER B 1130 -12.70 -78.10 -174.72
N GLN B 1131 -12.09 -79.27 -174.93
CA GLN B 1131 -10.63 -79.45 -175.11
C GLN B 1131 -10.16 -78.73 -176.39
N ILE B 1132 -10.76 -79.06 -177.54
CA ILE B 1132 -10.30 -78.63 -178.90
C ILE B 1132 -10.42 -77.11 -179.05
N THR B 1133 -11.50 -76.49 -178.54
CA THR B 1133 -11.75 -75.03 -178.66
C THR B 1133 -10.60 -74.25 -178.02
N LEU B 1134 -9.94 -74.78 -176.98
CA LEU B 1134 -8.73 -74.15 -176.39
C LEU B 1134 -7.53 -74.35 -177.32
N LEU B 1135 -7.30 -75.59 -177.81
CA LEU B 1135 -6.18 -75.92 -178.73
C LEU B 1135 -6.25 -74.99 -179.95
N VAL B 1136 -7.41 -74.93 -180.60
CA VAL B 1136 -7.63 -74.16 -181.86
C VAL B 1136 -7.57 -72.67 -181.55
N ASN B 1137 -7.81 -72.26 -180.30
CA ASN B 1137 -7.64 -70.84 -179.87
C ASN B 1137 -6.15 -70.52 -179.79
N ASN B 1138 -5.35 -71.38 -179.15
CA ASN B 1138 -3.91 -71.16 -178.91
C ASN B 1138 -3.09 -71.30 -180.20
N ILE B 1139 -3.66 -71.87 -181.28
CA ILE B 1139 -3.02 -71.91 -182.62
C ILE B 1139 -3.34 -70.60 -183.34
N ILE B 1140 -4.61 -70.20 -183.39
CA ILE B 1140 -5.04 -68.94 -184.09
C ILE B 1140 -4.35 -67.76 -183.41
N TRP B 1141 -4.13 -67.81 -182.10
CA TRP B 1141 -3.43 -66.75 -181.32
C TRP B 1141 -1.94 -66.72 -181.68
N SER B 1142 -1.28 -67.89 -181.67
CA SER B 1142 0.17 -68.04 -181.96
C SER B 1142 0.49 -67.53 -183.37
N LYS B 1143 -0.31 -67.90 -184.36
CA LYS B 1143 -0.11 -67.51 -185.78
C LYS B 1143 -0.34 -66.01 -185.96
N ALA B 1144 -1.29 -65.43 -185.23
CA ALA B 1144 -1.64 -63.98 -185.29
C ALA B 1144 -0.52 -63.15 -184.67
N VAL B 1145 0.16 -63.68 -183.63
CA VAL B 1145 1.33 -63.02 -182.96
C VAL B 1145 2.55 -63.14 -183.88
N GLU B 1146 2.79 -64.31 -184.46
CA GLU B 1146 3.97 -64.59 -185.34
C GLU B 1146 3.89 -63.73 -186.61
N ASP B 1147 2.71 -63.24 -186.99
CA ASP B 1147 2.48 -62.35 -188.16
C ASP B 1147 2.67 -60.89 -187.74
N CYS B 1148 2.35 -60.52 -186.49
CA CYS B 1148 2.65 -59.17 -185.90
C CYS B 1148 4.17 -58.92 -185.95
N PHE B 1149 4.97 -59.94 -185.58
CA PHE B 1149 6.45 -59.91 -185.60
C PHE B 1149 6.98 -59.64 -187.01
N LEU B 1150 6.30 -60.10 -188.06
CA LEU B 1150 6.69 -59.84 -189.47
C LEU B 1150 6.22 -58.44 -189.88
N LYS B 1151 5.10 -57.95 -189.32
CA LYS B 1151 4.54 -56.61 -189.62
C LYS B 1151 5.49 -55.52 -189.06
N LEU B 1152 5.96 -55.67 -187.81
CA LEU B 1152 6.86 -54.67 -187.17
C LEU B 1152 8.28 -54.78 -187.77
N GLN B 1153 8.74 -55.98 -188.13
CA GLN B 1153 10.04 -56.20 -188.82
C GLN B 1153 10.06 -55.44 -190.16
N SER B 1154 8.94 -55.46 -190.89
CA SER B 1154 8.75 -54.73 -192.18
C SER B 1154 8.90 -53.21 -191.96
N GLY B 1155 8.51 -52.71 -190.77
CA GLY B 1155 8.64 -51.29 -190.37
C GLY B 1155 7.35 -50.72 -189.81
N ASP B 1156 6.20 -51.36 -190.08
CA ASP B 1156 4.84 -50.91 -189.64
C ASP B 1156 4.77 -50.94 -188.10
N ILE B 1157 5.07 -49.80 -187.47
CA ILE B 1157 4.99 -49.59 -185.99
C ILE B 1157 3.52 -49.63 -185.55
N ASN B 1158 3.27 -50.04 -184.30
CA ASN B 1158 1.93 -50.15 -183.64
C ASN B 1158 1.19 -51.42 -184.11
N ALA B 1159 1.79 -52.24 -184.98
CA ALA B 1159 1.15 -53.41 -185.62
C ALA B 1159 0.93 -54.53 -184.60
N MET B 1160 1.55 -54.45 -183.43
CA MET B 1160 1.31 -55.37 -182.28
C MET B 1160 0.32 -54.73 -181.29
N LYS B 1161 0.29 -53.40 -181.17
CA LYS B 1161 -0.69 -52.67 -180.32
C LYS B 1161 -2.10 -52.83 -180.89
N LEU B 1162 -2.25 -52.75 -182.22
CA LEU B 1162 -3.56 -52.94 -182.92
C LEU B 1162 -4.10 -54.34 -182.65
N PHE B 1163 -3.22 -55.35 -182.58
CA PHE B 1163 -3.57 -56.76 -182.24
C PHE B 1163 -3.93 -56.86 -180.75
N LEU B 1164 -3.22 -56.15 -179.86
CA LEU B 1164 -3.56 -56.11 -178.42
C LEU B 1164 -4.94 -55.47 -178.23
N ASP B 1165 -5.21 -54.38 -178.95
CA ASP B 1165 -6.51 -53.65 -178.91
C ASP B 1165 -7.64 -54.60 -179.35
N GLU B 1166 -7.39 -55.43 -180.37
CA GLU B 1166 -8.33 -56.46 -180.87
C GLU B 1166 -8.43 -57.61 -179.86
N SER B 1167 -7.29 -58.05 -179.30
CA SER B 1167 -7.20 -59.14 -178.28
C SER B 1167 -7.99 -58.76 -177.02
N ILE B 1168 -8.05 -57.46 -176.67
CA ILE B 1168 -8.87 -56.93 -175.55
C ILE B 1168 -10.35 -56.95 -175.96
N LYS B 1169 -10.68 -56.50 -177.18
CA LYS B 1169 -12.09 -56.45 -177.68
C LYS B 1169 -12.69 -57.85 -177.65
N GLN B 1170 -11.94 -58.85 -178.10
CA GLN B 1170 -12.36 -60.29 -178.05
C GLN B 1170 -12.59 -60.71 -176.59
N LEU B 1171 -11.72 -60.28 -175.67
CA LEU B 1171 -11.80 -60.65 -174.22
C LEU B 1171 -13.04 -60.00 -173.57
N THR B 1172 -13.38 -58.76 -173.94
CA THR B 1172 -14.59 -58.06 -173.42
C THR B 1172 -15.85 -58.68 -174.02
N GLU B 1173 -15.82 -59.04 -175.31
CA GLU B 1173 -16.93 -59.75 -176.01
C GLU B 1173 -17.15 -61.12 -175.34
N LEU B 1174 -16.08 -61.81 -174.94
CA LEU B 1174 -16.10 -63.09 -174.19
C LEU B 1174 -16.85 -62.90 -172.87
N ILE B 1175 -16.55 -61.83 -172.11
CA ILE B 1175 -17.20 -61.50 -170.81
C ILE B 1175 -18.68 -61.19 -171.06
N GLY B 1176 -18.99 -60.49 -172.16
CA GLY B 1176 -20.36 -60.24 -172.64
C GLY B 1176 -21.21 -61.51 -172.69
N MET B 1177 -20.56 -62.65 -172.97
CA MET B 1177 -21.16 -64.02 -172.89
C MET B 1177 -20.72 -64.70 -171.58
N VAL B 1178 -20.70 -63.98 -170.45
CA VAL B 1178 -20.56 -64.58 -169.08
C VAL B 1178 -21.67 -63.96 -168.21
N GLN B 1179 -22.91 -64.14 -168.66
CA GLN B 1179 -24.16 -63.91 -167.89
C GLN B 1179 -24.84 -65.27 -167.75
N GLY B 1180 -25.65 -65.46 -166.69
CA GLY B 1180 -26.23 -66.77 -166.29
C GLY B 1180 -27.17 -67.38 -167.31
N ASP B 1181 -27.59 -66.61 -168.33
CA ASP B 1181 -28.49 -67.05 -169.44
C ASP B 1181 -27.92 -68.30 -170.13
N LEU B 1182 -26.59 -68.37 -170.31
CA LEU B 1182 -25.89 -69.46 -171.05
C LEU B 1182 -25.80 -70.72 -170.16
N SER B 1183 -25.93 -71.90 -170.79
CA SER B 1183 -25.98 -73.24 -170.14
C SER B 1183 -24.60 -73.59 -169.53
N LYS B 1184 -24.60 -74.52 -168.57
CA LYS B 1184 -23.43 -74.84 -167.69
C LYS B 1184 -22.29 -75.52 -168.46
N PRO B 1185 -22.55 -76.41 -169.45
CA PRO B 1185 -21.45 -76.99 -170.25
C PRO B 1185 -20.68 -75.92 -171.06
N LEU B 1186 -21.41 -75.01 -171.69
CA LEU B 1186 -20.89 -73.85 -172.46
C LEU B 1186 -20.19 -72.88 -171.51
N ARG B 1187 -20.88 -72.47 -170.43
CA ARG B 1187 -20.43 -71.52 -169.39
C ARG B 1187 -18.98 -71.82 -168.98
N GLN B 1188 -18.69 -73.06 -168.58
CA GLN B 1188 -17.36 -73.47 -168.08
C GLN B 1188 -16.34 -73.39 -169.20
N LYS B 1189 -16.73 -73.70 -170.45
CA LYS B 1189 -15.84 -73.58 -171.63
C LYS B 1189 -15.44 -72.11 -171.81
N ILE B 1190 -16.40 -71.19 -171.68
CA ILE B 1190 -16.19 -69.72 -171.84
C ILE B 1190 -15.28 -69.22 -170.71
N MET B 1191 -15.46 -69.68 -169.47
CA MET B 1191 -14.63 -69.25 -168.31
C MET B 1191 -13.20 -69.73 -168.49
N CYS B 1192 -13.01 -70.99 -168.93
CA CYS B 1192 -11.67 -71.59 -169.12
C CYS B 1192 -10.97 -70.96 -170.33
N LEU B 1193 -11.74 -70.53 -171.34
CA LEU B 1193 -11.23 -69.82 -172.55
C LEU B 1193 -10.82 -68.38 -172.17
N ILE B 1194 -11.46 -67.78 -171.17
CA ILE B 1194 -11.12 -66.42 -170.65
C ILE B 1194 -9.80 -66.50 -169.87
N THR B 1195 -9.59 -67.54 -169.06
CA THR B 1195 -8.37 -67.72 -168.23
C THR B 1195 -7.14 -67.98 -169.12
N ILE B 1196 -7.34 -68.34 -170.40
CA ILE B 1196 -6.25 -68.57 -171.38
C ILE B 1196 -6.03 -67.29 -172.21
N ASP B 1197 -7.10 -66.62 -172.64
CA ASP B 1197 -7.01 -65.32 -173.38
C ASP B 1197 -6.49 -64.22 -172.45
N THR B 1198 -6.95 -64.19 -171.19
CA THR B 1198 -6.48 -63.22 -170.15
C THR B 1198 -4.96 -63.31 -170.02
N HIS B 1199 -4.40 -64.52 -170.01
CA HIS B 1199 -2.93 -64.77 -169.95
C HIS B 1199 -2.29 -64.36 -171.27
N SER B 1200 -2.82 -64.89 -172.39
CA SER B 1200 -2.32 -64.62 -173.76
C SER B 1200 -2.24 -63.10 -173.99
N ARG B 1201 -3.24 -62.36 -173.51
CA ARG B 1201 -3.31 -60.87 -173.57
C ARG B 1201 -2.14 -60.31 -172.74
N ASP B 1202 -2.08 -60.69 -171.45
CA ASP B 1202 -1.08 -60.21 -170.46
C ASP B 1202 0.34 -60.41 -170.98
N VAL B 1203 0.58 -61.47 -171.75
CA VAL B 1203 1.85 -61.74 -172.49
C VAL B 1203 2.07 -60.63 -173.53
N VAL B 1204 1.16 -60.49 -174.49
CA VAL B 1204 1.28 -59.54 -175.64
C VAL B 1204 1.54 -58.12 -175.10
N HIS B 1205 0.86 -57.75 -174.00
CA HIS B 1205 1.03 -56.45 -173.28
C HIS B 1205 2.44 -56.37 -172.67
N ARG B 1206 2.98 -57.50 -172.17
CA ARG B 1206 4.38 -57.62 -171.68
C ARG B 1206 5.35 -57.50 -172.88
N LEU B 1207 5.01 -58.11 -174.01
CA LEU B 1207 5.84 -58.11 -175.25
C LEU B 1207 5.94 -56.70 -175.85
N ILE B 1208 4.98 -55.80 -175.58
CA ILE B 1208 5.04 -54.37 -176.02
C ILE B 1208 5.93 -53.57 -175.05
N ASN B 1209 5.96 -53.94 -173.76
CA ASN B 1209 6.76 -53.25 -172.73
C ASN B 1209 8.27 -53.50 -172.95
N GLU B 1210 8.66 -54.75 -173.25
CA GLU B 1210 10.08 -55.15 -173.47
C GLU B 1210 10.49 -54.98 -174.94
N HIS B 1211 9.62 -54.42 -175.80
CA HIS B 1211 9.91 -54.10 -177.23
C HIS B 1211 10.43 -55.35 -177.96
N VAL B 1212 9.65 -56.43 -177.97
CA VAL B 1212 10.04 -57.70 -178.67
C VAL B 1212 9.91 -57.48 -180.18
N ARG B 1213 10.87 -57.98 -180.94
CA ARG B 1213 10.92 -57.90 -182.42
C ARG B 1213 11.58 -59.20 -182.92
N LYS B 1214 11.22 -59.67 -184.11
CA LYS B 1214 11.89 -60.79 -184.84
C LYS B 1214 11.40 -62.17 -184.35
N ALA B 1215 10.88 -62.29 -183.12
CA ALA B 1215 10.22 -63.49 -182.58
C ALA B 1215 11.24 -64.58 -182.21
N GLU B 1216 12.49 -64.21 -181.93
CA GLU B 1216 13.55 -65.11 -181.40
C GLU B 1216 13.82 -64.80 -179.93
N GLU B 1217 13.28 -63.69 -179.41
CA GLU B 1217 13.56 -63.14 -178.06
C GLU B 1217 13.21 -64.20 -177.00
N PHE B 1218 13.92 -64.19 -175.87
CA PHE B 1218 13.81 -65.22 -174.79
C PHE B 1218 12.40 -65.21 -174.19
N GLN B 1219 11.73 -64.06 -174.19
CA GLN B 1219 10.38 -63.88 -173.56
C GLN B 1219 9.32 -64.56 -174.43
N TRP B 1220 9.41 -64.47 -175.75
CA TRP B 1220 8.47 -65.16 -176.69
C TRP B 1220 8.78 -66.67 -176.72
N GLN B 1221 10.04 -67.04 -176.60
CA GLN B 1221 10.49 -68.46 -176.69
C GLN B 1221 10.06 -69.23 -175.44
N SER B 1222 9.97 -68.56 -174.29
CA SER B 1222 9.61 -69.18 -172.98
C SER B 1222 8.13 -69.59 -172.95
N GLN B 1223 7.25 -68.80 -173.57
CA GLN B 1223 5.78 -69.02 -173.56
C GLN B 1223 5.43 -70.27 -174.39
N LEU B 1224 4.35 -70.95 -173.99
CA LEU B 1224 3.84 -72.21 -174.60
C LEU B 1224 3.09 -71.87 -175.90
N LYS B 1225 3.72 -72.09 -177.05
CA LYS B 1225 3.18 -71.79 -178.40
C LYS B 1225 2.65 -73.08 -179.02
N PHE B 1226 1.56 -72.98 -179.80
CA PHE B 1226 0.96 -74.09 -180.58
C PHE B 1226 1.07 -73.76 -182.07
N TYR B 1227 1.46 -74.75 -182.89
CA TYR B 1227 1.55 -74.64 -184.37
C TYR B 1227 0.84 -75.84 -185.01
N TRP B 1228 0.30 -75.63 -186.21
CA TRP B 1228 -0.52 -76.61 -186.98
C TRP B 1228 0.30 -77.12 -188.17
N VAL B 1229 1.01 -78.23 -187.99
CA VAL B 1229 2.02 -78.78 -188.94
C VAL B 1229 1.54 -80.15 -189.46
N ASP B 1230 1.07 -80.20 -190.71
CA ASP B 1230 0.65 -81.44 -191.42
C ASP B 1230 -0.47 -82.14 -190.63
N ASN B 1231 -1.50 -81.38 -190.24
CA ASN B 1231 -2.80 -81.88 -189.74
C ASN B 1231 -2.67 -82.50 -188.34
N ASP B 1232 -1.61 -82.17 -187.59
CA ASP B 1232 -1.40 -82.58 -186.17
C ASP B 1232 -0.80 -81.39 -185.40
N ALA B 1233 -1.34 -81.10 -184.21
CA ALA B 1233 -0.89 -79.96 -183.37
C ALA B 1233 0.48 -80.28 -182.78
N LYS B 1234 1.43 -79.34 -182.92
CA LYS B 1234 2.83 -79.46 -182.44
C LYS B 1234 3.11 -78.27 -181.50
N ILE B 1235 3.47 -78.56 -180.24
CA ILE B 1235 3.76 -77.55 -179.19
C ILE B 1235 5.27 -77.35 -179.17
N LYS B 1236 5.75 -76.10 -179.17
CA LYS B 1236 7.21 -75.77 -179.01
C LYS B 1236 7.36 -74.67 -177.96
N ILE B 1237 8.16 -74.96 -176.93
CA ILE B 1237 8.37 -74.09 -175.72
C ILE B 1237 9.83 -74.20 -175.29
N ALA B 1238 10.66 -73.25 -175.74
CA ALA B 1238 12.10 -73.09 -175.39
C ALA B 1238 12.87 -74.36 -175.77
N ASP B 1239 12.77 -74.77 -177.04
CA ASP B 1239 13.44 -75.97 -177.61
C ASP B 1239 13.00 -77.21 -176.82
N ALA B 1240 11.69 -77.48 -176.82
CA ALA B 1240 11.07 -78.74 -176.33
C ALA B 1240 10.53 -79.51 -177.53
N ARG B 1241 9.69 -78.85 -178.34
CA ARG B 1241 9.13 -79.36 -179.63
C ARG B 1241 8.46 -80.71 -179.38
N PHE B 1242 7.29 -80.68 -178.72
CA PHE B 1242 6.40 -81.84 -178.45
C PHE B 1242 5.35 -81.99 -179.56
N VAL B 1243 4.62 -83.11 -179.52
CA VAL B 1243 3.40 -83.39 -180.33
C VAL B 1243 2.21 -83.39 -179.38
N TYR B 1244 1.03 -82.99 -179.88
CA TYR B 1244 -0.27 -83.00 -179.15
C TYR B 1244 -0.82 -84.44 -179.16
N ASN B 1245 -0.91 -85.05 -177.98
CA ASN B 1245 -1.12 -86.51 -177.81
C ASN B 1245 -2.61 -86.87 -177.95
N TYR B 1246 -3.49 -85.86 -178.02
CA TYR B 1246 -4.94 -85.99 -178.36
C TYR B 1246 -5.65 -86.87 -177.32
N GLU B 1247 -5.22 -86.82 -176.06
CA GLU B 1247 -5.93 -87.48 -174.92
C GLU B 1247 -7.11 -86.59 -174.54
N TYR B 1248 -8.27 -87.19 -174.28
CA TYR B 1248 -9.51 -86.47 -173.87
C TYR B 1248 -9.29 -85.90 -172.47
N LEU B 1249 -9.94 -84.77 -172.16
CA LEU B 1249 -9.85 -84.09 -170.84
C LEU B 1249 -11.24 -83.69 -170.32
N GLY B 1250 -12.32 -83.92 -171.08
CA GLY B 1250 -13.68 -83.50 -170.73
C GLY B 1250 -13.87 -82.00 -170.82
N ASN B 1251 -14.31 -81.36 -169.73
CA ASN B 1251 -14.65 -79.91 -169.67
C ASN B 1251 -14.37 -79.40 -168.24
N GLY B 1252 -13.13 -79.60 -167.78
CA GLY B 1252 -12.70 -79.26 -166.40
C GLY B 1252 -12.37 -77.78 -166.26
N PRO B 1253 -12.23 -77.26 -165.02
CA PRO B 1253 -11.71 -75.92 -164.79
C PRO B 1253 -10.20 -75.85 -165.03
N ARG B 1254 -9.70 -74.75 -165.62
CA ARG B 1254 -8.26 -74.49 -165.86
C ARG B 1254 -7.77 -73.45 -164.86
N LEU B 1255 -6.70 -73.78 -164.12
CA LEU B 1255 -6.06 -72.91 -163.10
C LEU B 1255 -5.46 -71.68 -163.80
N VAL B 1256 -5.48 -70.52 -163.14
CA VAL B 1256 -5.01 -69.21 -163.70
C VAL B 1256 -3.52 -69.33 -164.04
N ILE B 1257 -3.08 -68.69 -165.13
CA ILE B 1257 -1.68 -68.75 -165.64
C ILE B 1257 -0.95 -67.48 -165.19
N THR B 1258 -0.11 -67.61 -164.15
CA THR B 1258 0.70 -66.51 -163.55
C THR B 1258 2.09 -66.51 -164.21
N PRO B 1259 2.98 -65.56 -163.88
CA PRO B 1259 4.41 -65.67 -164.21
C PRO B 1259 5.05 -66.97 -163.69
N LEU B 1260 4.68 -67.37 -162.47
CA LEU B 1260 5.14 -68.65 -161.83
C LEU B 1260 4.68 -69.84 -162.67
N THR B 1261 3.41 -69.86 -163.09
CA THR B 1261 2.80 -70.97 -163.88
C THR B 1261 3.38 -70.99 -165.29
N ASP B 1262 3.86 -69.85 -165.80
CA ASP B 1262 4.55 -69.76 -167.11
C ASP B 1262 5.97 -70.34 -166.97
N ARG B 1263 6.60 -70.18 -165.81
CA ARG B 1263 8.00 -70.63 -165.54
C ARG B 1263 8.03 -72.12 -165.20
N ILE B 1264 7.06 -72.60 -164.41
CA ILE B 1264 6.93 -74.05 -164.02
C ILE B 1264 6.59 -74.87 -165.27
N TYR B 1265 5.99 -74.26 -166.29
CA TYR B 1265 5.74 -74.86 -167.63
C TYR B 1265 7.08 -75.11 -168.34
N VAL B 1266 7.99 -74.12 -168.33
CA VAL B 1266 9.27 -74.19 -169.09
C VAL B 1266 10.22 -75.17 -168.39
N THR B 1267 10.31 -75.14 -167.06
CA THR B 1267 11.17 -76.03 -166.24
C THR B 1267 10.69 -77.48 -166.36
N ALA B 1268 9.38 -77.68 -166.53
CA ALA B 1268 8.74 -79.01 -166.72
C ALA B 1268 9.10 -79.55 -168.10
N THR B 1269 8.84 -78.76 -169.14
CA THR B 1269 9.06 -79.12 -170.56
C THR B 1269 10.56 -79.28 -170.84
N GLN B 1270 11.42 -78.57 -170.10
CA GLN B 1270 12.90 -78.69 -170.20
C GLN B 1270 13.36 -80.00 -169.54
N ALA B 1271 12.73 -80.40 -168.44
CA ALA B 1271 13.02 -81.67 -167.73
C ALA B 1271 12.78 -82.86 -168.67
N LEU B 1272 11.65 -82.87 -169.38
CA LEU B 1272 11.23 -83.98 -170.28
C LEU B 1272 12.10 -84.02 -171.54
N HIS B 1273 12.68 -82.89 -171.94
CA HIS B 1273 13.58 -82.78 -173.12
C HIS B 1273 15.00 -83.26 -172.78
N LEU B 1274 15.38 -83.21 -171.50
CA LEU B 1274 16.72 -83.65 -170.99
C LEU B 1274 16.61 -85.02 -170.32
N LYS B 1275 15.47 -85.70 -170.45
CA LYS B 1275 15.21 -87.08 -169.97
C LYS B 1275 15.40 -87.14 -168.45
N MET B 1276 14.84 -86.15 -167.75
CA MET B 1276 14.78 -86.05 -166.27
C MET B 1276 13.33 -85.81 -165.85
N GLY B 1277 13.05 -85.85 -164.55
CA GLY B 1277 11.72 -85.56 -163.98
C GLY B 1277 11.69 -84.17 -163.36
N CYS B 1278 10.61 -83.42 -163.59
CA CYS B 1278 10.35 -82.12 -162.89
C CYS B 1278 10.05 -82.43 -161.41
N ALA B 1279 10.17 -81.43 -160.53
CA ALA B 1279 9.87 -81.57 -159.08
C ALA B 1279 9.34 -80.26 -158.52
N PRO B 1280 8.04 -79.94 -158.72
CA PRO B 1280 7.40 -78.78 -158.10
C PRO B 1280 7.39 -78.83 -156.56
N ALA B 1281 8.52 -78.48 -155.94
CA ALA B 1281 8.67 -78.35 -154.46
C ALA B 1281 8.04 -77.02 -154.01
N GLY B 1282 7.60 -76.93 -152.76
CA GLY B 1282 7.08 -75.70 -152.14
C GLY B 1282 6.00 -75.97 -151.10
N PRO B 1283 5.48 -74.91 -150.43
CA PRO B 1283 4.55 -75.07 -149.30
C PRO B 1283 3.13 -75.47 -149.73
N ALA B 1284 2.24 -75.63 -148.75
CA ALA B 1284 0.83 -76.04 -148.95
C ALA B 1284 0.00 -74.87 -149.49
N GLY B 1285 -1.06 -75.17 -150.24
CA GLY B 1285 -2.00 -74.19 -150.82
C GLY B 1285 -1.42 -73.45 -152.02
N THR B 1286 -0.40 -74.03 -152.67
CA THR B 1286 0.24 -73.50 -153.91
C THR B 1286 -0.48 -74.06 -155.14
N GLY B 1287 -0.98 -75.30 -155.05
CA GLY B 1287 -1.58 -76.03 -156.18
C GLY B 1287 -0.49 -76.59 -157.09
N LYS B 1288 0.49 -77.27 -156.49
CA LYS B 1288 1.70 -77.79 -157.19
C LYS B 1288 1.36 -79.08 -157.96
N THR B 1289 0.32 -79.82 -157.54
CA THR B 1289 -0.28 -80.95 -158.30
C THR B 1289 -1.25 -80.42 -159.36
N GLU B 1290 -1.96 -79.33 -159.05
CA GLU B 1290 -3.01 -78.72 -159.93
C GLU B 1290 -2.35 -78.03 -161.13
N THR B 1291 -1.08 -77.61 -161.03
CA THR B 1291 -0.30 -76.95 -162.11
C THR B 1291 0.23 -78.00 -163.09
N THR B 1292 0.74 -79.13 -162.60
CA THR B 1292 1.25 -80.27 -163.42
C THR B 1292 0.10 -80.82 -164.26
N LYS B 1293 -1.07 -81.01 -163.66
CA LYS B 1293 -2.33 -81.44 -164.33
C LYS B 1293 -2.67 -80.44 -165.44
N ASP B 1294 -2.54 -79.14 -165.16
CA ASP B 1294 -2.88 -78.04 -166.10
C ASP B 1294 -1.93 -78.07 -167.32
N LEU B 1295 -0.65 -78.42 -167.11
CA LEU B 1295 0.35 -78.56 -168.21
C LEU B 1295 0.03 -79.81 -169.04
N ALA B 1296 -0.41 -80.90 -168.39
CA ALA B 1296 -0.86 -82.14 -169.03
C ALA B 1296 -2.17 -81.91 -169.81
N ASN B 1297 -3.00 -80.97 -169.35
CA ASN B 1297 -4.26 -80.54 -170.03
C ASN B 1297 -3.94 -79.62 -171.22
N ALA B 1298 -2.82 -78.88 -171.17
CA ALA B 1298 -2.36 -77.99 -172.26
C ALA B 1298 -1.86 -78.83 -173.45
N LEU B 1299 -0.99 -79.81 -173.19
CA LEU B 1299 -0.41 -80.73 -174.21
C LEU B 1299 -1.40 -81.86 -174.51
N ALA B 1300 -2.36 -82.10 -173.60
CA ALA B 1300 -3.41 -83.15 -173.69
C ALA B 1300 -2.76 -84.54 -173.62
N LYS B 1301 -1.99 -84.79 -172.56
CA LYS B 1301 -1.44 -86.11 -172.18
C LYS B 1301 -2.09 -86.53 -170.87
N ALA B 1302 -2.34 -87.83 -170.69
CA ALA B 1302 -2.94 -88.40 -169.46
C ALA B 1302 -1.95 -88.25 -168.31
N CYS B 1303 -2.40 -87.70 -167.17
CA CYS B 1303 -1.61 -87.57 -165.92
C CYS B 1303 -2.38 -88.25 -164.78
N TYR B 1304 -1.80 -89.31 -164.21
CA TYR B 1304 -2.35 -90.10 -163.07
C TYR B 1304 -1.72 -89.61 -161.77
N VAL B 1305 -2.53 -89.04 -160.88
CA VAL B 1305 -2.10 -88.46 -159.58
C VAL B 1305 -2.16 -89.56 -158.50
N PHE B 1306 -1.00 -90.02 -158.03
CA PHE B 1306 -0.86 -91.04 -156.96
C PHE B 1306 -0.55 -90.34 -155.63
N ASN B 1307 -1.41 -90.53 -154.63
CA ASN B 1307 -1.19 -90.04 -153.23
C ASN B 1307 -0.35 -91.10 -152.51
N CYS B 1308 0.89 -90.75 -152.14
CA CYS B 1308 1.91 -91.68 -151.58
C CYS B 1308 1.48 -92.18 -150.19
N SER B 1309 1.18 -91.25 -149.28
CA SER B 1309 0.49 -91.47 -147.98
C SER B 1309 1.33 -92.30 -146.99
N SER B 1310 2.65 -92.40 -147.19
CA SER B 1310 3.63 -93.04 -146.26
C SER B 1310 3.35 -94.53 -146.05
N GLU B 1311 2.62 -95.18 -146.96
CA GLU B 1311 2.14 -96.58 -146.82
C GLU B 1311 2.65 -97.46 -147.98
N MET B 1312 2.73 -96.92 -149.20
CA MET B 1312 3.24 -97.60 -150.42
C MET B 1312 4.61 -98.21 -150.13
N ASN B 1313 4.80 -99.49 -150.50
CA ASN B 1313 6.11 -100.19 -150.49
C ASN B 1313 6.78 -99.99 -151.85
N TYR B 1314 8.03 -100.44 -152.00
CA TYR B 1314 8.87 -100.30 -153.22
C TYR B 1314 8.24 -101.04 -154.41
N GLU B 1315 7.49 -102.12 -154.16
CA GLU B 1315 6.86 -102.98 -155.19
C GLU B 1315 5.74 -102.20 -155.90
N SER B 1316 4.89 -101.50 -155.12
CA SER B 1316 3.78 -100.64 -155.62
C SER B 1316 4.35 -99.50 -156.47
N MET B 1317 5.42 -98.85 -156.00
CA MET B 1317 6.14 -97.75 -156.71
C MET B 1317 6.73 -98.30 -158.01
N GLY B 1318 7.38 -99.47 -157.95
CA GLY B 1318 7.85 -100.22 -159.13
C GLY B 1318 6.73 -100.41 -160.14
N ASN B 1319 5.58 -100.91 -159.68
CA ASN B 1319 4.37 -101.20 -160.49
C ASN B 1319 3.90 -99.93 -161.22
N ILE B 1320 4.03 -98.76 -160.58
CA ILE B 1320 3.65 -97.44 -161.19
C ILE B 1320 4.66 -97.09 -162.28
N TYR B 1321 5.96 -97.01 -161.93
CA TYR B 1321 7.08 -96.69 -162.86
C TYR B 1321 6.99 -97.58 -164.11
N LYS B 1322 6.69 -98.87 -163.93
CA LYS B 1322 6.50 -99.88 -165.00
C LYS B 1322 5.41 -99.40 -165.97
N GLY B 1323 4.24 -99.03 -165.45
CA GLY B 1323 3.06 -98.61 -166.23
C GLY B 1323 3.31 -97.34 -167.03
N LEU B 1324 3.90 -96.32 -166.38
CA LEU B 1324 4.24 -95.01 -167.00
C LEU B 1324 5.20 -95.23 -168.17
N ALA B 1325 6.28 -95.96 -167.93
CA ALA B 1325 7.31 -96.32 -168.93
C ALA B 1325 6.68 -97.10 -170.09
N SER B 1326 5.77 -98.03 -169.79
CA SER B 1326 5.13 -98.94 -170.77
C SER B 1326 4.15 -98.17 -171.68
N SER B 1327 3.36 -97.26 -171.10
CA SER B 1327 2.30 -96.49 -171.81
C SER B 1327 2.92 -95.30 -172.56
N GLY B 1328 3.66 -94.46 -171.84
CA GLY B 1328 4.14 -93.15 -172.31
C GLY B 1328 3.39 -92.00 -171.64
N CYS B 1329 2.35 -92.30 -170.88
CA CYS B 1329 1.53 -91.33 -170.10
C CYS B 1329 2.34 -90.82 -168.90
N TRP B 1330 2.19 -89.52 -168.57
CA TRP B 1330 2.85 -88.84 -167.42
C TRP B 1330 2.24 -89.35 -166.11
N GLY B 1331 2.82 -88.95 -164.98
CA GLY B 1331 2.33 -89.32 -163.64
C GLY B 1331 3.00 -88.51 -162.55
N CYS B 1332 2.25 -87.60 -161.90
CA CYS B 1332 2.73 -86.72 -160.81
C CYS B 1332 2.49 -87.42 -159.46
N PHE B 1333 3.53 -87.56 -158.64
CA PHE B 1333 3.47 -88.13 -157.27
C PHE B 1333 3.16 -87.01 -156.28
N ASP B 1334 1.92 -86.96 -155.78
CA ASP B 1334 1.47 -85.97 -154.76
C ASP B 1334 2.14 -86.30 -153.42
N GLU B 1335 2.86 -85.33 -152.85
CA GLU B 1335 3.48 -85.40 -151.49
C GLU B 1335 4.43 -86.61 -151.44
N PHE B 1336 5.44 -86.60 -152.32
CA PHE B 1336 6.49 -87.64 -152.47
C PHE B 1336 7.38 -87.66 -151.21
N ASN B 1337 7.45 -86.54 -150.49
CA ASN B 1337 8.20 -86.39 -149.21
C ASN B 1337 7.59 -87.32 -148.15
N ARG B 1338 6.26 -87.49 -148.15
CA ARG B 1338 5.51 -88.35 -147.18
C ARG B 1338 6.00 -89.80 -147.26
N LEU B 1339 6.32 -90.29 -148.46
CA LEU B 1339 6.83 -91.68 -148.71
C LEU B 1339 8.08 -91.92 -147.84
N LEU B 1340 8.16 -93.08 -147.20
CA LEU B 1340 9.20 -93.44 -146.19
C LEU B 1340 10.59 -93.25 -146.80
N PRO B 1341 11.60 -92.83 -146.00
CA PRO B 1341 12.92 -92.43 -146.54
C PRO B 1341 13.65 -93.58 -147.26
N GLU B 1342 13.34 -94.82 -146.90
CA GLU B 1342 14.03 -96.06 -147.37
C GLU B 1342 13.38 -96.56 -148.66
N VAL B 1343 12.12 -96.19 -148.94
CA VAL B 1343 11.42 -96.50 -150.23
C VAL B 1343 12.13 -95.73 -151.34
N LEU B 1344 12.44 -94.45 -151.05
CA LEU B 1344 12.98 -93.43 -151.99
C LEU B 1344 14.24 -93.96 -152.68
N SER B 1345 15.10 -94.67 -151.94
CA SER B 1345 16.39 -95.23 -152.42
C SER B 1345 16.17 -96.31 -153.49
N VAL B 1346 15.03 -97.01 -153.47
CA VAL B 1346 14.66 -98.01 -154.51
C VAL B 1346 14.06 -97.29 -155.72
N CYS B 1347 13.23 -96.26 -155.47
CA CYS B 1347 12.65 -95.35 -156.51
C CYS B 1347 13.78 -94.66 -157.29
N SER B 1348 14.94 -94.42 -156.65
CA SER B 1348 16.18 -93.90 -157.29
C SER B 1348 16.66 -94.92 -158.33
N VAL B 1349 16.96 -96.14 -157.87
CA VAL B 1349 17.55 -97.25 -158.70
C VAL B 1349 16.58 -97.56 -159.85
N GLN B 1350 15.27 -97.56 -159.58
CA GLN B 1350 14.20 -97.79 -160.58
C GLN B 1350 14.22 -96.67 -161.63
N PHE B 1351 13.96 -95.43 -161.22
CA PHE B 1351 13.81 -94.25 -162.11
C PHE B 1351 15.13 -93.99 -162.86
N LYS B 1352 16.29 -94.22 -162.22
CA LYS B 1352 17.63 -94.15 -162.86
C LYS B 1352 17.65 -95.07 -164.08
N ALA B 1353 17.12 -96.29 -163.95
CA ALA B 1353 17.02 -97.30 -165.02
C ALA B 1353 16.07 -96.78 -166.13
N VAL B 1354 14.98 -96.09 -165.76
CA VAL B 1354 13.98 -95.54 -166.73
C VAL B 1354 14.65 -94.42 -167.53
N THR B 1355 15.22 -93.42 -166.84
CA THR B 1355 15.83 -92.20 -167.45
C THR B 1355 17.04 -92.61 -168.31
N ASP B 1356 17.94 -93.45 -167.78
CA ASP B 1356 19.15 -93.94 -168.49
C ASP B 1356 18.76 -94.74 -169.75
N ALA B 1357 17.61 -95.41 -169.72
CA ALA B 1357 17.06 -96.19 -170.85
C ALA B 1357 16.43 -95.27 -171.91
N ILE B 1358 15.71 -94.23 -171.47
CA ILE B 1358 15.07 -93.21 -172.35
C ILE B 1358 16.16 -92.47 -173.14
N LYS B 1359 17.26 -92.08 -172.47
CA LYS B 1359 18.43 -91.39 -173.08
C LYS B 1359 19.02 -92.28 -174.19
N GLN B 1360 19.33 -93.53 -173.87
CA GLN B 1360 19.92 -94.55 -174.80
C GLN B 1360 18.91 -94.91 -175.89
N ASN B 1361 17.60 -94.82 -175.59
CA ASN B 1361 16.47 -95.07 -176.53
C ASN B 1361 16.43 -96.58 -176.85
N VAL B 1362 16.52 -97.42 -175.82
CA VAL B 1362 16.36 -98.91 -175.92
C VAL B 1362 14.88 -99.23 -176.13
N GLU B 1363 14.59 -100.36 -176.77
CA GLU B 1363 13.20 -100.86 -177.00
C GLU B 1363 12.62 -101.36 -175.67
N ARG B 1364 13.40 -102.13 -174.90
CA ARG B 1364 13.01 -102.66 -173.57
C ARG B 1364 14.18 -102.53 -172.58
N PHE B 1365 13.88 -102.65 -171.28
CA PHE B 1365 14.81 -102.45 -170.14
C PHE B 1365 14.19 -103.11 -168.89
N ILE B 1366 14.94 -103.17 -167.78
CA ILE B 1366 14.61 -104.00 -166.58
C ILE B 1366 14.33 -103.08 -165.38
N ILE B 1367 13.09 -103.10 -164.87
CA ILE B 1367 12.67 -102.52 -163.56
C ILE B 1367 12.38 -103.68 -162.59
N GLU B 1368 13.10 -103.73 -161.46
CA GLU B 1368 12.83 -104.63 -160.31
C GLU B 1368 12.77 -106.09 -160.78
N GLY B 1369 13.72 -106.49 -161.62
CA GLY B 1369 13.87 -107.87 -162.15
C GLY B 1369 12.72 -108.28 -163.05
N ASP B 1370 12.29 -107.40 -163.96
CA ASP B 1370 11.24 -107.67 -164.97
C ASP B 1370 11.43 -106.73 -166.17
N GLU B 1371 11.50 -107.28 -167.39
CA GLU B 1371 11.79 -106.51 -168.64
C GLU B 1371 10.47 -106.08 -169.30
N ILE B 1372 10.33 -104.77 -169.58
CA ILE B 1372 9.11 -104.11 -170.09
C ILE B 1372 9.49 -103.18 -171.26
N SER B 1373 8.62 -103.10 -172.28
CA SER B 1373 8.77 -102.21 -173.46
C SER B 1373 8.71 -100.75 -173.01
N LEU B 1374 9.70 -99.94 -173.41
CA LEU B 1374 9.85 -98.51 -173.01
C LEU B 1374 9.19 -97.62 -174.06
N ASP B 1375 8.60 -96.50 -173.63
CA ASP B 1375 8.12 -95.39 -174.48
C ASP B 1375 8.82 -94.11 -173.99
N PRO B 1376 9.61 -93.40 -174.84
CA PRO B 1376 10.37 -92.23 -174.39
C PRO B 1376 9.52 -91.01 -174.01
N THR B 1377 8.26 -90.96 -174.48
CA THR B 1377 7.31 -89.82 -174.29
C THR B 1377 6.75 -89.78 -172.86
N CYS B 1378 7.11 -90.74 -171.99
CA CYS B 1378 6.75 -90.73 -170.54
C CYS B 1378 7.51 -89.60 -169.83
N GLY B 1379 7.00 -89.16 -168.68
CA GLY B 1379 7.57 -88.07 -167.88
C GLY B 1379 7.03 -88.05 -166.47
N VAL B 1380 7.88 -88.35 -165.48
CA VAL B 1380 7.51 -88.40 -164.03
C VAL B 1380 7.65 -86.99 -163.44
N PHE B 1381 6.69 -86.60 -162.59
CA PHE B 1381 6.69 -85.34 -161.80
C PHE B 1381 6.61 -85.71 -160.31
N ILE B 1382 7.06 -84.81 -159.44
CA ILE B 1382 7.25 -85.08 -157.98
C ILE B 1382 6.97 -83.80 -157.20
N THR B 1383 5.78 -83.70 -156.59
CA THR B 1383 5.37 -82.55 -155.74
C THR B 1383 5.65 -82.90 -154.27
N MET B 1384 6.48 -82.10 -153.61
CA MET B 1384 6.92 -82.31 -152.20
C MET B 1384 6.85 -80.98 -151.43
N ASN B 1385 6.94 -81.05 -150.10
CA ASN B 1385 6.86 -79.88 -149.18
C ASN B 1385 8.12 -79.85 -148.31
N PRO B 1386 9.06 -78.90 -148.53
CA PRO B 1386 10.34 -78.89 -147.81
C PRO B 1386 10.23 -78.38 -146.37
N GLY B 1387 10.90 -79.07 -145.44
CA GLY B 1387 11.01 -78.69 -144.00
C GLY B 1387 9.64 -78.53 -143.35
N TYR B 1388 8.73 -79.47 -143.60
CA TYR B 1388 7.31 -79.46 -143.15
C TYR B 1388 7.08 -80.65 -142.21
N LEU B 1389 6.99 -80.39 -140.90
CA LEU B 1389 6.81 -81.41 -139.81
C LEU B 1389 7.94 -82.43 -139.86
N GLY B 1390 9.17 -82.00 -140.15
CA GLY B 1390 10.40 -82.82 -140.20
C GLY B 1390 10.26 -84.00 -141.16
N ARG B 1391 9.83 -83.74 -142.40
CA ARG B 1391 9.78 -84.76 -143.49
C ARG B 1391 11.20 -85.16 -143.85
N ALA B 1392 11.41 -86.44 -144.18
CA ALA B 1392 12.71 -87.04 -144.55
C ALA B 1392 13.20 -86.41 -145.86
N GLU B 1393 14.38 -85.78 -145.82
CA GLU B 1393 15.05 -85.14 -147.00
C GLU B 1393 15.30 -86.21 -148.06
N LEU B 1394 15.08 -85.88 -149.33
CA LEU B 1394 15.29 -86.81 -150.49
C LEU B 1394 16.78 -87.19 -150.55
N PRO B 1395 17.13 -88.45 -150.85
CA PRO B 1395 18.52 -88.85 -151.01
C PRO B 1395 19.17 -88.22 -152.26
N GLU B 1396 20.50 -88.16 -152.26
CA GLU B 1396 21.33 -87.50 -153.32
C GLU B 1396 21.10 -88.17 -154.68
N GLY B 1397 20.84 -89.49 -154.68
CA GLY B 1397 20.58 -90.30 -155.90
C GLY B 1397 19.39 -89.78 -156.69
N LEU B 1398 18.22 -89.64 -156.04
CA LEU B 1398 16.97 -89.12 -156.63
C LEU B 1398 17.18 -87.67 -157.08
N LYS B 1399 17.64 -86.83 -156.15
CA LYS B 1399 17.69 -85.34 -156.28
C LYS B 1399 18.53 -84.94 -157.50
N ALA B 1400 19.45 -85.80 -157.95
CA ALA B 1400 20.25 -85.63 -159.19
C ALA B 1400 19.38 -85.90 -160.43
N LEU B 1401 18.48 -86.88 -160.37
CA LEU B 1401 17.62 -87.31 -161.51
C LEU B 1401 16.42 -86.38 -161.70
N PHE B 1402 16.00 -85.63 -160.67
CA PHE B 1402 14.83 -84.71 -160.72
C PHE B 1402 15.31 -83.25 -160.77
N ARG B 1403 14.63 -82.45 -161.59
CA ARG B 1403 14.78 -80.96 -161.68
C ARG B 1403 14.00 -80.32 -160.54
N PRO B 1404 14.65 -79.63 -159.58
CA PRO B 1404 13.92 -78.89 -158.54
C PRO B 1404 13.37 -77.57 -159.12
N ILE B 1405 12.16 -77.19 -158.72
CA ILE B 1405 11.52 -75.87 -159.01
C ILE B 1405 10.59 -75.53 -157.84
N THR B 1406 10.85 -74.43 -157.15
CA THR B 1406 10.15 -74.06 -155.89
C THR B 1406 9.01 -73.09 -156.20
N VAL B 1407 7.77 -73.58 -156.14
CA VAL B 1407 6.53 -72.76 -156.26
C VAL B 1407 6.37 -71.92 -154.99
N VAL B 1408 5.67 -70.79 -155.12
CA VAL B 1408 5.32 -69.85 -154.01
C VAL B 1408 3.79 -69.72 -153.98
N VAL B 1409 3.25 -68.93 -153.05
CA VAL B 1409 1.79 -68.63 -152.97
C VAL B 1409 1.41 -67.84 -154.21
N PRO B 1410 0.40 -68.26 -155.02
CA PRO B 1410 0.07 -67.58 -156.27
C PRO B 1410 -0.49 -66.17 -156.01
N ASP B 1411 -0.14 -65.21 -156.90
CA ASP B 1411 -0.52 -63.78 -156.79
C ASP B 1411 -2.04 -63.67 -156.67
N LEU B 1412 -2.53 -62.99 -155.62
CA LEU B 1412 -3.98 -62.81 -155.35
C LEU B 1412 -4.62 -62.04 -156.52
N GLU B 1413 -3.91 -61.06 -157.08
CA GLU B 1413 -4.37 -60.19 -158.19
C GLU B 1413 -4.82 -61.05 -159.38
N LEU B 1414 -3.98 -62.00 -159.80
CA LEU B 1414 -4.18 -62.81 -161.03
C LEU B 1414 -5.32 -63.81 -160.82
N ILE B 1415 -5.47 -64.37 -159.62
CA ILE B 1415 -6.62 -65.26 -159.25
C ILE B 1415 -7.89 -64.40 -159.16
N CYS B 1416 -7.82 -63.25 -158.48
CA CYS B 1416 -8.96 -62.31 -158.27
C CYS B 1416 -9.44 -61.74 -159.62
N GLU B 1417 -8.56 -61.62 -160.61
CA GLU B 1417 -8.91 -61.19 -161.99
C GLU B 1417 -9.85 -62.21 -162.61
N ASN B 1418 -9.46 -63.50 -162.63
CA ASN B 1418 -10.28 -64.64 -163.12
C ASN B 1418 -11.61 -64.68 -162.37
N MET B 1419 -11.57 -64.61 -161.03
CA MET B 1419 -12.77 -64.67 -160.14
C MET B 1419 -13.73 -63.52 -160.47
N LEU B 1420 -13.22 -62.39 -160.96
CA LEU B 1420 -14.01 -61.18 -161.28
C LEU B 1420 -14.46 -61.20 -162.75
N MET B 1421 -13.75 -61.92 -163.63
CA MET B 1421 -14.18 -62.21 -165.02
C MET B 1421 -15.40 -63.13 -165.00
N ALA B 1422 -15.43 -64.09 -164.07
CA ALA B 1422 -16.51 -65.08 -163.88
C ALA B 1422 -17.86 -64.40 -163.63
N GLU B 1423 -17.88 -63.34 -162.82
CA GLU B 1423 -19.13 -62.66 -162.38
C GLU B 1423 -19.57 -61.59 -163.40
N GLY B 1424 -18.77 -61.35 -164.44
CA GLY B 1424 -19.15 -60.52 -165.59
C GLY B 1424 -18.84 -59.06 -165.37
N PHE B 1425 -17.60 -58.75 -164.97
CA PHE B 1425 -17.01 -57.38 -164.88
C PHE B 1425 -16.01 -57.20 -166.02
N ILE B 1426 -16.30 -56.29 -166.96
CA ILE B 1426 -15.44 -56.02 -168.16
C ILE B 1426 -14.21 -55.21 -167.72
N GLU B 1427 -14.31 -54.51 -166.59
CA GLU B 1427 -13.22 -53.67 -166.00
C GLU B 1427 -12.51 -54.48 -164.89
N ALA B 1428 -12.30 -55.78 -165.12
CA ALA B 1428 -11.87 -56.75 -164.08
C ALA B 1428 -10.42 -56.48 -163.66
N LYS B 1429 -9.52 -56.33 -164.64
CA LYS B 1429 -8.06 -56.17 -164.44
C LYS B 1429 -7.76 -55.08 -163.41
N ILE B 1430 -8.33 -53.88 -163.59
CA ILE B 1430 -8.14 -52.68 -162.73
C ILE B 1430 -8.73 -52.98 -161.34
N LEU B 1431 -9.97 -53.47 -161.28
CA LEU B 1431 -10.73 -53.75 -160.02
C LEU B 1431 -10.00 -54.81 -159.20
N ALA B 1432 -9.46 -55.84 -159.85
CA ALA B 1432 -8.72 -56.96 -159.23
C ALA B 1432 -7.55 -56.42 -158.40
N LYS B 1433 -6.79 -55.48 -158.95
CA LYS B 1433 -5.70 -54.77 -158.24
C LYS B 1433 -6.27 -54.10 -156.98
N LYS B 1434 -7.28 -53.24 -157.16
CA LYS B 1434 -7.93 -52.48 -156.06
C LYS B 1434 -8.43 -53.45 -154.98
N PHE B 1435 -9.11 -54.53 -155.38
CA PHE B 1435 -9.74 -55.51 -154.44
C PHE B 1435 -8.68 -56.15 -153.55
N VAL B 1436 -7.57 -56.59 -154.14
CA VAL B 1436 -6.48 -57.34 -153.44
C VAL B 1436 -5.75 -56.39 -152.49
N THR B 1437 -5.36 -55.20 -152.97
CA THR B 1437 -4.62 -54.17 -152.19
C THR B 1437 -5.36 -53.89 -150.88
N LEU B 1438 -6.70 -53.89 -150.88
CA LEU B 1438 -7.52 -53.73 -149.65
C LEU B 1438 -7.19 -54.84 -148.65
N TYR B 1439 -7.24 -56.10 -149.09
CA TYR B 1439 -7.10 -57.31 -148.25
C TYR B 1439 -5.66 -57.43 -147.70
N MET B 1440 -4.66 -57.09 -148.51
CA MET B 1440 -3.24 -57.04 -148.08
C MET B 1440 -3.07 -55.93 -147.05
N LEU B 1441 -3.72 -54.78 -147.25
CA LEU B 1441 -3.69 -53.61 -146.32
C LEU B 1441 -4.53 -53.93 -145.07
N CYS B 1442 -5.73 -54.50 -145.24
CA CYS B 1442 -6.70 -54.79 -144.14
C CYS B 1442 -6.06 -55.66 -143.06
N ARG B 1443 -5.27 -56.67 -143.45
CA ARG B 1443 -4.66 -57.65 -142.52
C ARG B 1443 -3.70 -56.96 -141.55
N ASP B 1444 -2.81 -56.10 -142.05
CA ASP B 1444 -1.66 -55.53 -141.28
C ASP B 1444 -2.01 -54.17 -140.64
N LEU B 1445 -3.09 -53.50 -141.07
CA LEU B 1445 -3.54 -52.20 -140.50
C LEU B 1445 -4.59 -52.43 -139.39
N LEU B 1446 -5.55 -53.33 -139.62
CA LEU B 1446 -6.58 -53.72 -138.61
C LEU B 1446 -5.94 -54.70 -137.61
N SER B 1447 -6.47 -54.76 -136.39
CA SER B 1447 -6.01 -55.65 -135.29
C SER B 1447 -6.18 -57.11 -135.71
N LYS B 1448 -5.14 -57.93 -135.48
CA LYS B 1448 -5.10 -59.37 -135.87
C LYS B 1448 -6.07 -60.15 -134.96
N GLN B 1449 -7.25 -60.50 -135.49
CA GLN B 1449 -8.29 -61.31 -134.79
C GLN B 1449 -8.57 -62.56 -135.63
N LEU B 1450 -8.68 -63.72 -134.97
CA LEU B 1450 -8.74 -65.05 -135.65
C LEU B 1450 -10.00 -65.18 -136.51
N HIS B 1451 -11.07 -64.43 -136.20
CA HIS B 1451 -12.36 -64.47 -136.93
C HIS B 1451 -12.29 -63.63 -138.22
N TYR B 1452 -11.24 -62.82 -138.42
CA TYR B 1452 -10.96 -62.17 -139.73
C TYR B 1452 -10.36 -63.21 -140.68
N ASP B 1453 -10.84 -63.23 -141.92
CA ASP B 1453 -10.45 -64.19 -142.98
C ASP B 1453 -10.21 -63.41 -144.28
N TRP B 1454 -8.95 -63.31 -144.70
CA TRP B 1454 -8.50 -62.53 -145.89
C TRP B 1454 -8.01 -63.48 -147.01
N GLY B 1455 -8.40 -64.75 -146.95
CA GLY B 1455 -8.00 -65.79 -147.92
C GLY B 1455 -8.83 -65.75 -149.19
N LEU B 1456 -8.44 -66.54 -150.20
CA LEU B 1456 -9.05 -66.55 -151.56
C LEU B 1456 -10.52 -67.00 -151.49
N ARG B 1457 -10.88 -67.85 -150.52
CA ARG B 1457 -12.26 -68.38 -150.35
C ARG B 1457 -13.18 -67.27 -149.82
N ALA B 1458 -12.68 -66.43 -148.92
CA ALA B 1458 -13.36 -65.22 -148.40
C ALA B 1458 -13.48 -64.18 -149.53
N ILE B 1459 -12.44 -64.03 -150.35
CA ILE B 1459 -12.41 -63.14 -151.55
C ILE B 1459 -13.49 -63.64 -152.54
N LYS B 1460 -13.44 -64.91 -152.92
CA LYS B 1460 -14.38 -65.57 -153.87
C LYS B 1460 -15.83 -65.29 -153.44
N SER B 1461 -16.13 -65.49 -152.15
CA SER B 1461 -17.48 -65.33 -151.55
C SER B 1461 -18.01 -63.91 -151.78
N VAL B 1462 -17.18 -62.89 -151.55
CA VAL B 1462 -17.54 -61.44 -151.70
C VAL B 1462 -17.85 -61.14 -153.17
N LEU B 1463 -17.12 -61.75 -154.10
CA LEU B 1463 -17.30 -61.55 -155.57
C LEU B 1463 -18.61 -62.20 -156.03
N VAL B 1464 -19.03 -63.31 -155.41
CA VAL B 1464 -20.34 -63.98 -155.68
C VAL B 1464 -21.48 -63.01 -155.31
N VAL B 1465 -21.28 -62.16 -154.29
CA VAL B 1465 -22.28 -61.13 -153.85
C VAL B 1465 -22.28 -59.99 -154.87
N ALA B 1466 -21.09 -59.57 -155.32
CA ALA B 1466 -20.89 -58.51 -156.33
C ALA B 1466 -21.51 -58.93 -157.67
N GLY B 1467 -21.32 -60.19 -158.07
CA GLY B 1467 -21.93 -60.81 -159.27
C GLY B 1467 -23.44 -60.83 -159.20
N GLY B 1468 -24.00 -61.07 -158.00
CA GLY B 1468 -25.44 -60.99 -157.71
C GLY B 1468 -25.97 -59.57 -157.91
N PHE B 1469 -25.24 -58.56 -157.42
CA PHE B 1469 -25.59 -57.13 -157.55
C PHE B 1469 -25.49 -56.68 -159.02
N LYS B 1470 -24.46 -57.12 -159.74
CA LYS B 1470 -24.18 -56.74 -161.15
C LYS B 1470 -25.31 -57.25 -162.06
N ARG B 1471 -25.78 -58.48 -161.85
CA ARG B 1471 -26.84 -59.13 -162.67
C ARG B 1471 -28.17 -58.38 -162.48
N SER B 1472 -28.53 -58.05 -161.23
CA SER B 1472 -29.79 -57.38 -160.85
C SER B 1472 -29.84 -55.97 -161.45
N GLU B 1473 -28.76 -55.19 -161.29
CA GLU B 1473 -28.63 -53.80 -161.81
C GLU B 1473 -27.35 -53.69 -162.64
N PRO B 1474 -27.42 -53.67 -164.00
CA PRO B 1474 -26.27 -53.33 -164.83
C PRO B 1474 -26.09 -51.82 -165.04
N GLU B 1475 -27.03 -51.01 -164.51
CA GLU B 1475 -27.07 -49.53 -164.67
C GLU B 1475 -25.94 -48.91 -163.83
N ILE B 1476 -25.68 -49.45 -162.64
CA ILE B 1476 -24.68 -48.92 -161.66
C ILE B 1476 -23.28 -49.22 -162.21
N ALA B 1477 -22.33 -48.30 -161.99
CA ALA B 1477 -20.92 -48.43 -162.41
C ALA B 1477 -20.26 -49.61 -161.70
N GLU B 1478 -19.29 -50.25 -162.34
CA GLU B 1478 -18.71 -51.56 -161.92
C GLU B 1478 -17.81 -51.38 -160.67
N GLN B 1479 -17.15 -50.24 -160.52
CA GLN B 1479 -16.37 -49.87 -159.30
C GLN B 1479 -17.29 -49.83 -158.09
N ALA B 1480 -18.48 -49.22 -158.23
CA ALA B 1480 -19.48 -49.01 -157.16
C ALA B 1480 -20.05 -50.36 -156.70
N LEU B 1481 -20.53 -51.16 -157.66
CA LEU B 1481 -21.16 -52.50 -157.40
C LEU B 1481 -20.23 -53.36 -156.55
N LEU B 1482 -18.92 -53.28 -156.80
CA LEU B 1482 -17.88 -53.98 -156.01
C LEU B 1482 -17.83 -53.40 -154.59
N MET B 1483 -17.77 -52.06 -154.47
CA MET B 1483 -17.65 -51.33 -153.19
C MET B 1483 -18.83 -51.69 -152.28
N ARG B 1484 -20.06 -51.59 -152.78
CA ARG B 1484 -21.30 -51.89 -152.01
C ARG B 1484 -21.24 -53.33 -151.50
N ALA B 1485 -20.96 -54.28 -152.41
CA ALA B 1485 -20.82 -55.73 -152.14
C ALA B 1485 -19.73 -55.97 -151.09
N LEU B 1486 -18.59 -55.29 -151.25
CA LEU B 1486 -17.38 -55.45 -150.40
C LEU B 1486 -17.59 -54.78 -149.04
N ARG B 1487 -18.30 -53.64 -149.00
CA ARG B 1487 -18.65 -52.91 -147.75
C ARG B 1487 -19.72 -53.70 -146.99
N ASP B 1488 -20.88 -53.94 -147.63
CA ASP B 1488 -22.04 -54.68 -147.06
C ASP B 1488 -21.57 -55.96 -146.37
N PHE B 1489 -20.79 -56.79 -147.06
CA PHE B 1489 -20.44 -58.18 -146.67
C PHE B 1489 -19.41 -58.20 -145.53
N ASN B 1490 -18.53 -57.19 -145.43
CA ASN B 1490 -17.42 -57.16 -144.44
C ASN B 1490 -17.81 -56.39 -143.17
N ILE B 1491 -18.87 -55.56 -143.20
CA ILE B 1491 -19.41 -54.84 -142.01
C ILE B 1491 -19.71 -55.84 -140.88
N PRO B 1492 -20.46 -56.96 -141.13
CA PRO B 1492 -20.74 -57.91 -140.05
C PRO B 1492 -19.50 -58.58 -139.44
N LYS B 1493 -18.44 -58.80 -140.23
CA LYS B 1493 -17.15 -59.36 -139.75
C LYS B 1493 -16.41 -58.32 -138.90
N ILE B 1494 -16.28 -57.09 -139.40
CA ILE B 1494 -15.38 -56.02 -138.85
C ILE B 1494 -15.81 -55.67 -137.43
N ALA B 1495 -14.85 -55.57 -136.51
CA ALA B 1495 -15.05 -55.24 -135.07
C ALA B 1495 -15.21 -53.73 -134.92
N PHE B 1496 -16.11 -53.30 -134.02
CA PHE B 1496 -16.51 -51.89 -133.81
C PHE B 1496 -15.27 -51.01 -133.58
N GLN B 1497 -14.29 -51.52 -132.85
CA GLN B 1497 -12.98 -50.85 -132.59
C GLN B 1497 -12.28 -50.53 -133.92
N ASP B 1498 -12.36 -51.45 -134.89
CA ASP B 1498 -11.61 -51.39 -136.19
C ASP B 1498 -12.55 -50.94 -137.33
N LEU B 1499 -13.82 -50.65 -137.06
CA LEU B 1499 -14.85 -50.30 -138.07
C LEU B 1499 -14.46 -49.01 -138.80
N TYR B 1500 -14.00 -47.99 -138.06
CA TYR B 1500 -13.58 -46.67 -138.60
C TYR B 1500 -12.42 -46.85 -139.61
N VAL B 1501 -11.39 -47.60 -139.22
CA VAL B 1501 -10.13 -47.79 -139.99
C VAL B 1501 -10.49 -48.36 -141.37
N PHE B 1502 -11.32 -49.41 -141.40
CA PHE B 1502 -11.83 -50.09 -142.62
C PHE B 1502 -12.50 -49.08 -143.55
N HIS B 1503 -13.42 -48.26 -143.02
CA HIS B 1503 -14.15 -47.20 -143.76
C HIS B 1503 -13.17 -46.13 -144.29
N GLY B 1504 -12.02 -45.95 -143.63
CA GLY B 1504 -10.91 -45.13 -144.14
C GLY B 1504 -10.26 -45.75 -145.36
N LEU B 1505 -9.83 -47.01 -145.25
CA LEU B 1505 -9.14 -47.79 -146.32
C LEU B 1505 -10.03 -47.90 -147.56
N LEU B 1506 -11.28 -48.33 -147.35
CA LEU B 1506 -12.33 -48.49 -148.41
C LEU B 1506 -12.54 -47.16 -149.12
N GLY B 1507 -12.84 -46.10 -148.36
CA GLY B 1507 -13.09 -44.73 -148.87
C GLY B 1507 -11.89 -44.14 -149.61
N ASP B 1508 -10.68 -44.64 -149.36
CA ASP B 1508 -9.41 -44.17 -149.98
C ASP B 1508 -9.15 -44.90 -151.31
N LEU B 1509 -9.47 -46.21 -151.39
CA LEU B 1509 -9.23 -47.05 -152.60
C LEU B 1509 -10.12 -46.60 -153.75
N PHE B 1510 -11.39 -46.35 -153.47
CA PHE B 1510 -12.40 -45.83 -154.43
C PHE B 1510 -12.52 -44.33 -154.20
N PRO B 1511 -11.99 -43.47 -155.09
CA PRO B 1511 -12.15 -42.02 -154.98
C PRO B 1511 -13.41 -41.49 -155.69
N GLY B 1512 -14.15 -40.59 -155.02
CA GLY B 1512 -15.32 -39.87 -155.58
C GLY B 1512 -16.44 -40.80 -156.00
N ILE B 1513 -16.60 -41.95 -155.34
CA ILE B 1513 -17.77 -42.88 -155.50
C ILE B 1513 -18.29 -43.23 -154.11
N ASN B 1514 -19.58 -42.99 -153.88
CA ASN B 1514 -20.30 -43.21 -152.59
C ASN B 1514 -21.65 -43.85 -152.92
N ILE B 1515 -21.89 -45.06 -152.42
CA ILE B 1515 -23.09 -45.90 -152.73
C ILE B 1515 -23.90 -46.10 -151.45
N LYS B 1516 -25.23 -45.99 -151.55
CA LYS B 1516 -26.18 -46.06 -150.40
C LYS B 1516 -26.36 -47.52 -149.98
N PRO B 1517 -26.51 -47.83 -148.68
CA PRO B 1517 -26.64 -49.20 -148.21
C PRO B 1517 -27.99 -49.80 -148.62
N LYS B 1518 -27.98 -50.98 -149.24
CA LYS B 1518 -29.21 -51.67 -149.73
C LYS B 1518 -29.97 -52.23 -148.52
N LYS B 1519 -31.06 -51.57 -148.13
CA LYS B 1519 -31.97 -51.96 -147.02
C LYS B 1519 -33.37 -52.22 -147.61
N ASP B 1520 -33.84 -53.48 -147.53
CA ASP B 1520 -35.21 -53.87 -147.97
C ASP B 1520 -36.21 -53.41 -146.89
N LEU B 1521 -37.00 -52.38 -147.20
CA LEU B 1521 -37.98 -51.74 -146.26
C LEU B 1521 -39.03 -52.79 -145.86
N ASP B 1522 -39.57 -53.51 -146.83
CA ASP B 1522 -40.67 -54.51 -146.66
C ASP B 1522 -40.21 -55.63 -145.71
N PHE B 1523 -38.98 -56.11 -145.86
CA PHE B 1523 -38.36 -57.15 -144.99
C PHE B 1523 -38.11 -56.58 -143.59
N GLU B 1524 -37.65 -55.33 -143.50
CA GLU B 1524 -37.28 -54.65 -142.22
C GLU B 1524 -38.55 -54.44 -141.37
N LYS B 1525 -39.65 -54.00 -141.99
CA LYS B 1525 -40.98 -53.83 -141.32
C LYS B 1525 -41.40 -55.13 -140.65
N ILE B 1526 -41.35 -56.25 -141.40
CA ILE B 1526 -41.72 -57.61 -140.91
C ILE B 1526 -40.82 -57.93 -139.70
N ILE B 1527 -39.51 -57.63 -139.79
CA ILE B 1527 -38.54 -57.91 -138.69
C ILE B 1527 -38.96 -57.11 -137.45
N THR B 1528 -39.47 -55.89 -137.63
CA THR B 1528 -39.98 -55.02 -136.54
C THR B 1528 -41.26 -55.65 -135.96
N ASP B 1529 -42.24 -55.99 -136.82
CA ASP B 1529 -43.54 -56.58 -136.41
C ASP B 1529 -43.33 -57.87 -135.62
N VAL B 1530 -42.37 -58.71 -136.03
CA VAL B 1530 -42.04 -60.01 -135.37
C VAL B 1530 -41.47 -59.73 -133.99
N CYS B 1531 -40.82 -58.58 -133.80
CA CYS B 1531 -40.14 -58.20 -132.54
C CYS B 1531 -41.13 -57.52 -131.58
N ILE B 1532 -41.97 -56.58 -132.04
CA ILE B 1532 -42.97 -55.86 -131.19
C ILE B 1532 -44.01 -56.86 -130.66
N GLU B 1533 -44.26 -57.96 -131.37
CA GLU B 1533 -45.11 -59.09 -130.92
C GLU B 1533 -44.47 -59.73 -129.67
N ASN B 1534 -43.19 -60.10 -129.76
CA ASN B 1534 -42.42 -60.72 -128.65
C ASN B 1534 -42.10 -59.64 -127.60
N LYS B 1535 -41.55 -60.06 -126.46
CA LYS B 1535 -41.28 -59.18 -125.28
C LYS B 1535 -40.26 -58.11 -125.68
N LEU B 1536 -39.19 -58.51 -126.38
CA LEU B 1536 -38.02 -57.66 -126.77
C LEU B 1536 -38.44 -56.50 -127.67
N ASP B 1537 -37.53 -55.52 -127.81
CA ASP B 1537 -37.75 -54.22 -128.49
C ASP B 1537 -36.81 -54.12 -129.69
N PRO B 1538 -37.33 -53.89 -130.92
CA PRO B 1538 -36.48 -53.78 -132.11
C PRO B 1538 -35.73 -52.43 -132.24
N ASP B 1539 -34.43 -52.43 -131.90
CA ASP B 1539 -33.51 -51.29 -132.16
C ASP B 1539 -33.20 -51.23 -133.65
N PRO B 1540 -32.71 -50.08 -134.18
CA PRO B 1540 -32.16 -50.04 -135.53
C PRO B 1540 -30.78 -50.73 -135.62
N GLU B 1541 -30.01 -50.73 -134.53
CA GLU B 1541 -28.67 -51.40 -134.44
C GLU B 1541 -28.82 -52.92 -134.27
N PHE B 1542 -30.03 -53.42 -133.97
CA PHE B 1542 -30.34 -54.85 -133.78
C PHE B 1542 -30.85 -55.44 -135.09
N VAL B 1543 -31.89 -54.85 -135.69
CA VAL B 1543 -32.52 -55.30 -136.97
C VAL B 1543 -31.48 -55.32 -138.08
N LEU B 1544 -30.53 -54.37 -138.08
CA LEU B 1544 -29.40 -54.32 -139.03
C LEU B 1544 -28.67 -55.67 -138.99
N LYS B 1545 -28.28 -56.13 -137.79
CA LYS B 1545 -27.52 -57.39 -137.59
C LYS B 1545 -28.39 -58.62 -137.87
N VAL B 1546 -29.72 -58.48 -137.92
CA VAL B 1546 -30.65 -59.58 -138.32
C VAL B 1546 -30.69 -59.65 -139.85
N VAL B 1547 -30.82 -58.51 -140.53
CA VAL B 1547 -30.87 -58.43 -142.02
C VAL B 1547 -29.53 -58.92 -142.58
N GLN B 1548 -28.42 -58.60 -141.90
CA GLN B 1548 -27.05 -59.03 -142.28
C GLN B 1548 -26.94 -60.56 -142.22
N LEU B 1549 -27.56 -61.19 -141.23
CA LEU B 1549 -27.62 -62.68 -141.11
C LEU B 1549 -28.42 -63.25 -142.29
N SER B 1550 -29.56 -62.66 -142.61
CA SER B 1550 -30.48 -63.12 -143.69
C SER B 1550 -29.76 -63.10 -145.04
N GLU B 1551 -28.83 -62.17 -145.23
CA GLU B 1551 -28.00 -62.09 -146.47
C GLU B 1551 -26.90 -63.16 -146.38
N LEU B 1552 -26.23 -63.27 -145.24
CA LEU B 1552 -25.02 -64.12 -145.04
C LEU B 1552 -25.36 -65.61 -145.15
N LEU B 1553 -26.60 -66.03 -144.82
CA LEU B 1553 -27.03 -67.45 -144.85
C LEU B 1553 -27.28 -67.91 -146.29
N ALA B 1554 -27.98 -67.10 -147.09
CA ALA B 1554 -28.30 -67.37 -148.51
C ALA B 1554 -27.02 -67.41 -149.35
N ILE B 1555 -25.99 -66.65 -148.97
CA ILE B 1555 -24.70 -66.50 -149.73
C ILE B 1555 -23.80 -67.72 -149.47
N ARG B 1556 -23.57 -68.08 -148.20
CA ARG B 1556 -22.53 -69.09 -147.80
C ARG B 1556 -23.17 -70.22 -146.96
N HIS B 1557 -22.59 -71.42 -147.08
CA HIS B 1557 -23.13 -72.73 -146.60
C HIS B 1557 -23.17 -72.81 -145.06
N CYS B 1558 -22.22 -72.17 -144.38
CA CYS B 1558 -22.00 -72.28 -142.91
C CYS B 1558 -21.73 -70.90 -142.31
N VAL B 1559 -22.61 -70.46 -141.38
CA VAL B 1559 -22.60 -69.10 -140.77
C VAL B 1559 -22.27 -69.23 -139.28
N PHE B 1560 -21.05 -68.87 -138.88
CA PHE B 1560 -20.66 -68.65 -137.47
C PHE B 1560 -21.35 -67.38 -136.96
N VAL B 1561 -21.80 -67.40 -135.70
CA VAL B 1561 -22.42 -66.24 -134.99
C VAL B 1561 -21.62 -65.99 -133.71
N MET B 1562 -20.60 -65.13 -133.79
CA MET B 1562 -19.62 -64.88 -132.71
C MET B 1562 -19.96 -63.56 -132.01
N GLY B 1563 -19.22 -63.23 -130.94
CA GLY B 1563 -19.37 -61.99 -130.15
C GLY B 1563 -19.19 -62.26 -128.66
N PRO B 1564 -19.45 -61.26 -127.79
CA PRO B 1564 -19.30 -61.45 -126.34
C PRO B 1564 -20.47 -62.25 -125.77
N PRO B 1565 -20.44 -62.58 -124.46
CA PRO B 1565 -21.61 -63.15 -123.78
C PRO B 1565 -22.82 -62.20 -123.88
N GLY B 1566 -24.00 -62.75 -124.09
CA GLY B 1566 -25.23 -61.96 -124.36
C GLY B 1566 -25.13 -61.27 -125.70
N ALA B 1567 -25.73 -60.09 -125.83
CA ALA B 1567 -25.82 -59.28 -127.07
C ALA B 1567 -26.66 -60.01 -128.14
N GLY B 1568 -27.60 -60.84 -127.71
CA GLY B 1568 -28.69 -61.40 -128.55
C GLY B 1568 -28.20 -62.27 -129.69
N LYS B 1569 -27.06 -62.95 -129.53
CA LYS B 1569 -26.47 -63.83 -130.58
C LYS B 1569 -27.46 -64.93 -130.93
N SER B 1570 -27.99 -65.61 -129.91
CA SER B 1570 -29.03 -66.67 -130.03
C SER B 1570 -30.35 -66.04 -130.48
N THR B 1571 -30.70 -64.86 -129.95
CA THR B 1571 -31.96 -64.14 -130.25
C THR B 1571 -32.02 -63.78 -131.74
N THR B 1572 -30.93 -63.26 -132.31
CA THR B 1572 -30.86 -62.78 -133.71
C THR B 1572 -31.37 -63.86 -134.65
N TRP B 1573 -30.86 -65.10 -134.55
CA TRP B 1573 -31.21 -66.21 -135.47
C TRP B 1573 -32.61 -66.75 -135.16
N LYS B 1574 -33.04 -66.72 -133.89
CA LYS B 1574 -34.41 -67.13 -133.49
C LYS B 1574 -35.43 -66.19 -134.11
N ILE B 1575 -35.20 -64.87 -134.04
CA ILE B 1575 -36.06 -63.85 -134.70
C ILE B 1575 -36.07 -64.14 -136.21
N LEU B 1576 -34.89 -64.33 -136.83
CA LEU B 1576 -34.75 -64.51 -138.30
C LEU B 1576 -35.60 -65.68 -138.75
N ALA B 1577 -35.64 -66.75 -137.96
CA ALA B 1577 -36.50 -67.93 -138.19
C ALA B 1577 -37.97 -67.46 -138.21
N LYS B 1578 -38.37 -66.65 -137.23
CA LYS B 1578 -39.78 -66.19 -137.07
C LYS B 1578 -40.15 -65.12 -138.12
N ALA B 1579 -39.18 -64.57 -138.85
CA ALA B 1579 -39.40 -63.70 -140.03
C ALA B 1579 -39.38 -64.56 -141.31
N GLN B 1580 -38.48 -65.55 -141.38
CA GLN B 1580 -38.40 -66.56 -142.47
C GLN B 1580 -39.62 -67.50 -142.42
N ASP B 1581 -40.35 -67.54 -141.30
CA ASP B 1581 -41.59 -68.35 -141.12
C ASP B 1581 -42.80 -67.55 -141.60
N LYS B 1582 -42.80 -66.22 -141.43
CA LYS B 1582 -43.93 -65.33 -141.79
C LYS B 1582 -44.20 -65.41 -143.31
N THR B 1583 -43.19 -65.12 -144.12
CA THR B 1583 -43.27 -65.01 -145.61
C THR B 1583 -43.30 -66.41 -146.24
N ASN B 1584 -42.20 -67.18 -146.10
CA ASN B 1584 -42.06 -68.56 -146.64
C ASN B 1584 -42.92 -69.53 -145.80
N LYS B 1585 -42.83 -70.83 -146.09
CA LYS B 1585 -43.34 -71.92 -145.22
C LYS B 1585 -42.51 -71.94 -143.92
N LYS B 1586 -43.06 -72.53 -142.85
CA LYS B 1586 -42.46 -72.57 -141.49
C LYS B 1586 -41.10 -73.28 -141.55
N THR B 1587 -40.04 -72.63 -141.06
CA THR B 1587 -38.64 -73.12 -141.11
C THR B 1587 -38.30 -73.90 -139.83
N THR B 1588 -38.18 -75.23 -139.95
CA THR B 1588 -37.78 -76.14 -138.84
C THR B 1588 -36.33 -75.84 -138.44
N LEU B 1589 -36.10 -75.59 -137.15
CA LEU B 1589 -34.74 -75.40 -136.57
C LEU B 1589 -34.57 -76.34 -135.37
N ILE B 1590 -33.36 -76.89 -135.22
CA ILE B 1590 -32.97 -77.87 -134.16
C ILE B 1590 -31.73 -77.32 -133.47
N ASP B 1591 -31.67 -77.41 -132.13
CA ASP B 1591 -30.54 -76.91 -131.30
C ASP B 1591 -29.87 -78.08 -130.57
N ILE B 1592 -28.63 -78.38 -130.94
CA ILE B 1592 -27.79 -79.49 -130.39
C ILE B 1592 -26.42 -78.91 -130.02
N ASP B 1593 -25.85 -79.33 -128.90
CA ASP B 1593 -24.52 -78.90 -128.41
C ASP B 1593 -23.51 -80.00 -128.72
N PRO B 1594 -22.51 -79.77 -129.61
CA PRO B 1594 -21.48 -80.77 -129.89
C PRO B 1594 -20.64 -81.18 -128.68
N LYS B 1595 -20.35 -80.23 -127.79
CA LYS B 1595 -19.47 -80.43 -126.61
C LYS B 1595 -20.19 -81.25 -125.52
N VAL B 1596 -21.48 -80.98 -125.29
CA VAL B 1596 -22.32 -81.61 -124.22
C VAL B 1596 -22.24 -83.13 -124.37
N VAL B 1597 -22.86 -83.67 -125.42
CA VAL B 1597 -22.85 -85.12 -125.78
C VAL B 1597 -21.42 -85.55 -126.12
N SER B 1598 -21.18 -86.86 -126.23
CA SER B 1598 -19.86 -87.45 -126.57
C SER B 1598 -19.63 -87.37 -128.08
N THR B 1599 -18.36 -87.29 -128.50
CA THR B 1599 -17.92 -87.25 -129.92
C THR B 1599 -18.44 -88.49 -130.64
N LYS B 1600 -18.30 -89.68 -130.03
CA LYS B 1600 -18.85 -90.97 -130.52
C LYS B 1600 -20.37 -90.87 -130.68
N ASP B 1601 -21.07 -90.35 -129.66
CA ASP B 1601 -22.55 -90.17 -129.65
C ASP B 1601 -22.95 -89.20 -130.79
N PHE B 1602 -22.16 -88.14 -131.00
CA PHE B 1602 -22.46 -87.02 -131.94
C PHE B 1602 -22.62 -87.58 -133.36
N TYR B 1603 -21.63 -88.35 -133.83
CA TYR B 1603 -21.57 -88.92 -135.20
C TYR B 1603 -22.05 -90.37 -135.22
N GLY B 1604 -22.18 -90.94 -136.43
CA GLY B 1604 -22.58 -92.34 -136.66
C GLY B 1604 -21.40 -93.30 -136.54
N TYR B 1605 -21.60 -94.57 -136.92
CA TYR B 1605 -20.62 -95.68 -136.81
C TYR B 1605 -20.23 -95.84 -135.33
N ASN B 1606 -21.22 -96.25 -134.51
CA ASN B 1606 -21.03 -96.70 -133.11
C ASN B 1606 -21.34 -98.20 -133.07
N LEU B 1607 -20.36 -99.02 -133.49
CA LEU B 1607 -20.48 -100.51 -133.55
C LEU B 1607 -19.28 -101.14 -132.82
N PRO B 1608 -19.22 -101.04 -131.46
CA PRO B 1608 -18.23 -101.79 -130.68
C PRO B 1608 -18.50 -103.31 -130.67
N SER B 1609 -19.74 -103.73 -130.94
CA SER B 1609 -20.17 -105.15 -131.09
C SER B 1609 -20.66 -105.40 -132.54
N LYS B 1610 -20.09 -104.68 -133.52
CA LYS B 1610 -20.38 -104.79 -134.98
C LYS B 1610 -21.89 -104.65 -135.23
N GLU B 1611 -22.53 -103.66 -134.57
CA GLU B 1611 -23.97 -103.30 -134.71
C GLU B 1611 -24.07 -101.78 -134.86
N TRP B 1612 -24.45 -101.30 -136.06
CA TRP B 1612 -24.51 -99.85 -136.42
C TRP B 1612 -25.54 -99.13 -135.55
N LYS B 1613 -25.11 -98.11 -134.81
CA LYS B 1613 -25.95 -97.23 -133.96
C LYS B 1613 -26.06 -95.86 -134.62
N ASP B 1614 -27.28 -95.32 -134.70
CA ASP B 1614 -27.60 -94.01 -135.35
C ASP B 1614 -26.99 -92.88 -134.51
N GLY B 1615 -26.03 -92.15 -135.09
CA GLY B 1615 -25.46 -90.92 -134.51
C GLY B 1615 -26.49 -89.80 -134.45
N LEU B 1616 -26.50 -89.02 -133.37
CA LEU B 1616 -27.54 -87.99 -133.12
C LEU B 1616 -27.51 -86.91 -134.20
N PHE B 1617 -26.33 -86.52 -134.69
CA PHE B 1617 -26.17 -85.48 -135.75
C PHE B 1617 -26.62 -86.06 -137.10
N SER B 1618 -26.34 -87.36 -137.35
CA SER B 1618 -26.72 -88.09 -138.59
C SER B 1618 -28.25 -88.18 -138.70
N LYS B 1619 -28.93 -88.50 -137.59
CA LYS B 1619 -30.42 -88.66 -137.50
C LYS B 1619 -31.14 -87.39 -138.00
N MET B 1620 -30.57 -86.20 -137.75
CA MET B 1620 -31.19 -84.90 -138.09
C MET B 1620 -31.11 -84.68 -139.60
N LEU B 1621 -29.94 -84.89 -140.20
CA LEU B 1621 -29.69 -84.76 -141.67
C LEU B 1621 -30.58 -85.74 -142.45
N ARG B 1622 -30.88 -86.91 -141.87
CA ARG B 1622 -31.85 -87.89 -142.43
C ARG B 1622 -33.26 -87.25 -142.42
N SER B 1623 -33.64 -86.66 -141.29
CA SER B 1623 -34.95 -85.97 -141.06
C SER B 1623 -35.10 -84.78 -142.03
N LEU B 1624 -34.00 -84.08 -142.33
CA LEU B 1624 -33.96 -82.94 -143.28
C LEU B 1624 -34.14 -83.44 -144.72
N ALA B 1625 -33.51 -84.56 -145.08
CA ALA B 1625 -33.54 -85.18 -146.43
C ALA B 1625 -34.96 -85.68 -146.77
N GLU B 1626 -35.72 -86.11 -145.75
CA GLU B 1626 -37.14 -86.57 -145.89
C GLU B 1626 -38.05 -85.41 -146.31
N GLN B 1627 -37.93 -84.27 -145.63
CA GLN B 1627 -38.83 -83.10 -145.72
C GLN B 1627 -38.59 -82.38 -147.05
N PRO B 1628 -39.54 -81.56 -147.58
CA PRO B 1628 -39.41 -80.97 -148.91
C PRO B 1628 -38.23 -80.00 -149.08
N ASP B 1629 -37.70 -79.92 -150.31
CA ASP B 1629 -36.55 -79.05 -150.71
C ASP B 1629 -36.96 -77.57 -150.65
N THR B 1630 -38.24 -77.28 -150.90
CA THR B 1630 -38.80 -75.90 -151.03
C THR B 1630 -38.69 -75.13 -149.70
N ASN B 1631 -38.81 -75.82 -148.55
CA ASN B 1631 -38.85 -75.21 -147.20
C ASN B 1631 -37.45 -75.18 -146.60
N PRO B 1632 -36.85 -73.98 -146.32
CA PRO B 1632 -35.49 -73.91 -145.77
C PRO B 1632 -35.40 -74.30 -144.30
N LYS B 1633 -34.30 -74.95 -143.90
CA LYS B 1633 -34.11 -75.64 -142.60
C LYS B 1633 -32.68 -75.41 -142.07
N TRP B 1634 -32.54 -75.28 -140.74
CA TRP B 1634 -31.28 -74.88 -140.06
C TRP B 1634 -30.95 -75.86 -138.94
N ILE B 1635 -29.65 -76.12 -138.73
CA ILE B 1635 -29.08 -76.84 -137.56
C ILE B 1635 -28.32 -75.81 -136.72
N CYS B 1636 -28.77 -75.56 -135.49
CA CYS B 1636 -28.13 -74.61 -134.54
C CYS B 1636 -27.16 -75.39 -133.65
N LEU B 1637 -25.92 -74.91 -133.52
CA LEU B 1637 -24.85 -75.60 -132.74
C LEU B 1637 -24.33 -74.65 -131.66
N ASP B 1638 -25.13 -74.51 -130.59
CA ASP B 1638 -24.91 -73.57 -129.45
C ASP B 1638 -23.88 -74.18 -128.50
N GLY B 1639 -22.61 -74.23 -128.92
CA GLY B 1639 -21.50 -74.82 -128.15
C GLY B 1639 -20.14 -74.45 -128.72
N ASP B 1640 -19.12 -74.33 -127.85
CA ASP B 1640 -17.75 -73.89 -128.22
C ASP B 1640 -17.15 -74.88 -129.22
N LEU B 1641 -16.38 -74.38 -130.21
CA LEU B 1641 -15.73 -75.21 -131.25
C LEU B 1641 -14.56 -75.99 -130.64
N ASP B 1642 -14.62 -77.32 -130.70
CA ASP B 1642 -13.50 -78.24 -130.37
C ASP B 1642 -12.80 -78.59 -131.68
N ALA B 1643 -11.46 -78.61 -131.69
CA ALA B 1643 -10.61 -78.92 -132.86
C ALA B 1643 -10.70 -80.41 -133.24
N ASN B 1644 -11.43 -81.23 -132.46
CA ASN B 1644 -11.61 -82.68 -132.68
C ASN B 1644 -12.70 -82.91 -133.73
N TRP B 1645 -13.90 -82.35 -133.54
CA TRP B 1645 -15.10 -82.64 -134.37
C TRP B 1645 -15.22 -81.69 -135.58
N ILE B 1646 -14.33 -80.71 -135.75
CA ILE B 1646 -14.25 -79.90 -137.01
C ILE B 1646 -13.84 -80.79 -138.18
N GLU B 1647 -12.97 -81.79 -137.94
CA GLU B 1647 -12.42 -82.70 -138.97
C GLU B 1647 -13.54 -83.47 -139.68
N SER B 1648 -14.56 -83.93 -138.94
CA SER B 1648 -15.72 -84.70 -139.46
C SER B 1648 -16.76 -83.77 -140.11
N MET B 1649 -16.63 -82.45 -139.91
CA MET B 1649 -17.49 -81.40 -140.53
C MET B 1649 -16.79 -80.76 -141.74
N ASN B 1650 -15.49 -81.01 -141.95
CA ASN B 1650 -14.69 -80.41 -143.06
C ASN B 1650 -15.31 -80.76 -144.42
N SER B 1651 -16.02 -81.88 -144.52
CA SER B 1651 -16.79 -82.28 -145.74
C SER B 1651 -18.00 -81.35 -145.94
N VAL B 1652 -18.64 -80.90 -144.85
CA VAL B 1652 -19.78 -79.94 -144.87
C VAL B 1652 -19.23 -78.53 -145.19
N MET B 1653 -18.18 -78.11 -144.47
CA MET B 1653 -17.45 -76.82 -144.69
C MET B 1653 -16.52 -76.98 -145.90
N ASP B 1654 -17.11 -76.95 -147.11
CA ASP B 1654 -16.41 -77.14 -148.41
C ASP B 1654 -17.34 -76.68 -149.55
N ASP B 1655 -16.78 -76.35 -150.71
CA ASP B 1655 -17.51 -75.92 -151.94
C ASP B 1655 -18.56 -76.98 -152.31
N ASN B 1656 -18.19 -78.27 -152.22
CA ASN B 1656 -19.10 -79.43 -152.40
C ASN B 1656 -19.60 -79.87 -151.01
N LYS B 1657 -20.85 -79.55 -150.66
CA LYS B 1657 -21.47 -79.92 -149.37
C LYS B 1657 -21.85 -81.41 -149.41
N ILE B 1658 -21.34 -82.19 -148.44
CA ILE B 1658 -21.62 -83.65 -148.26
C ILE B 1658 -21.13 -84.06 -146.87
N LEU B 1659 -21.77 -85.06 -146.25
CA LEU B 1659 -21.33 -85.68 -144.97
C LEU B 1659 -20.87 -87.11 -145.24
N THR B 1660 -19.60 -87.42 -144.94
CA THR B 1660 -19.00 -88.78 -145.02
C THR B 1660 -18.96 -89.38 -143.60
N LEU B 1661 -19.71 -90.45 -143.36
CA LEU B 1661 -19.68 -91.22 -142.09
C LEU B 1661 -18.47 -92.15 -142.10
N ALA B 1662 -18.16 -92.79 -140.97
CA ALA B 1662 -17.02 -93.73 -140.79
C ALA B 1662 -17.41 -95.15 -141.26
N ASN B 1663 -18.65 -95.35 -141.74
CA ASN B 1663 -19.14 -96.61 -142.37
C ASN B 1663 -19.05 -96.50 -143.90
N ASN B 1664 -18.40 -95.44 -144.43
CA ASN B 1664 -18.33 -95.12 -145.89
C ASN B 1664 -19.75 -94.98 -146.44
N GLU B 1665 -20.64 -94.32 -145.70
CA GLU B 1665 -22.05 -94.02 -146.06
C GLU B 1665 -22.19 -92.50 -146.13
N ARG B 1666 -22.52 -91.96 -147.32
CA ARG B 1666 -22.50 -90.50 -147.61
C ARG B 1666 -23.94 -89.97 -147.69
N ILE B 1667 -24.25 -88.92 -146.90
CA ILE B 1667 -25.57 -88.22 -146.85
C ILE B 1667 -25.45 -86.93 -147.65
N PRO B 1668 -26.23 -86.73 -148.74
CA PRO B 1668 -26.19 -85.50 -149.51
C PRO B 1668 -26.95 -84.35 -148.82
N LEU B 1669 -26.27 -83.22 -148.59
CA LEU B 1669 -26.90 -81.94 -148.13
C LEU B 1669 -27.45 -81.21 -149.36
N LYS B 1670 -28.68 -80.71 -149.28
CA LYS B 1670 -29.37 -79.92 -150.33
C LYS B 1670 -28.94 -78.46 -150.17
N PRO B 1671 -29.05 -77.61 -151.24
CA PRO B 1671 -28.61 -76.23 -151.15
C PRO B 1671 -29.32 -75.38 -150.09
N HIS B 1672 -30.64 -75.59 -149.90
CA HIS B 1672 -31.50 -74.85 -148.94
C HIS B 1672 -31.13 -75.16 -147.48
N MET B 1673 -30.46 -76.30 -147.22
CA MET B 1673 -29.90 -76.64 -145.89
C MET B 1673 -28.76 -75.66 -145.56
N ARG B 1674 -28.59 -75.31 -144.29
CA ARG B 1674 -27.52 -74.41 -143.81
C ARG B 1674 -27.22 -74.69 -142.33
N ALA B 1675 -25.97 -74.51 -141.91
CA ALA B 1675 -25.49 -74.75 -140.54
C ALA B 1675 -25.26 -73.41 -139.83
N LEU B 1676 -25.85 -73.24 -138.64
CA LEU B 1676 -25.59 -72.10 -137.72
C LEU B 1676 -24.76 -72.60 -136.54
N PHE B 1677 -23.63 -71.95 -136.28
CA PHE B 1677 -22.74 -72.20 -135.11
C PHE B 1677 -22.75 -70.95 -134.22
N GLU B 1678 -22.82 -71.13 -132.90
CA GLU B 1678 -22.53 -70.08 -131.89
C GLU B 1678 -21.24 -70.45 -131.17
N ILE B 1679 -20.31 -69.50 -131.06
CA ILE B 1679 -18.91 -69.75 -130.59
C ILE B 1679 -18.56 -68.75 -129.49
N ARG B 1680 -17.80 -69.20 -128.49
CA ARG B 1680 -17.31 -68.41 -127.34
C ARG B 1680 -15.83 -68.11 -127.58
N ASP B 1681 -15.54 -67.01 -128.29
CA ASP B 1681 -14.19 -66.38 -128.46
C ASP B 1681 -13.30 -67.17 -129.44
N LEU B 1682 -13.76 -68.32 -129.96
CA LEU B 1682 -13.12 -69.11 -131.05
C LEU B 1682 -11.79 -69.71 -130.53
N ARG B 1683 -10.64 -69.48 -131.18
CA ARG B 1683 -9.27 -69.79 -130.69
C ARG B 1683 -8.96 -71.29 -130.86
N PHE B 1684 -9.93 -72.19 -130.65
CA PHE B 1684 -9.79 -73.66 -130.83
C PHE B 1684 -10.48 -74.11 -132.12
N ALA B 1685 -10.27 -73.36 -133.20
CA ALA B 1685 -10.62 -73.71 -134.60
C ALA B 1685 -9.40 -73.42 -135.47
N THR B 1686 -9.12 -74.29 -136.44
CA THR B 1686 -7.96 -74.18 -137.38
C THR B 1686 -8.25 -73.06 -138.38
N PRO B 1687 -7.27 -72.21 -138.75
CA PRO B 1687 -7.52 -71.07 -139.65
C PRO B 1687 -8.19 -71.41 -140.99
N ALA B 1688 -8.01 -72.64 -141.50
CA ALA B 1688 -8.59 -73.15 -142.77
C ALA B 1688 -10.12 -73.32 -142.64
N THR B 1689 -10.60 -73.83 -141.51
CA THR B 1689 -12.04 -74.06 -141.22
C THR B 1689 -12.75 -72.74 -140.90
N VAL B 1690 -12.04 -71.81 -140.23
CA VAL B 1690 -12.51 -70.44 -139.89
C VAL B 1690 -12.69 -69.65 -141.19
N SER B 1691 -11.67 -69.71 -142.07
CA SER B 1691 -11.64 -69.01 -143.39
C SER B 1691 -12.79 -69.46 -144.28
N ARG B 1692 -13.22 -70.72 -144.16
CA ARG B 1692 -14.34 -71.32 -144.94
C ARG B 1692 -15.67 -70.68 -144.51
N ALA B 1693 -16.08 -70.89 -143.25
CA ALA B 1693 -17.39 -70.47 -142.72
C ALA B 1693 -17.48 -68.94 -142.66
N GLY B 1694 -18.65 -68.38 -143.02
CA GLY B 1694 -18.91 -66.93 -143.13
C GLY B 1694 -19.38 -66.36 -141.79
N ILE B 1695 -18.60 -65.43 -141.23
CA ILE B 1695 -18.68 -65.03 -139.80
C ILE B 1695 -19.56 -63.77 -139.66
N LEU B 1696 -20.38 -63.75 -138.60
CA LEU B 1696 -21.25 -62.61 -138.20
C LEU B 1696 -20.95 -62.24 -136.74
N TYR B 1697 -20.20 -61.16 -136.52
CA TYR B 1697 -19.86 -60.64 -135.17
C TYR B 1697 -20.99 -59.73 -134.69
N ILE B 1698 -21.19 -59.65 -133.37
CA ILE B 1698 -22.06 -58.65 -132.70
C ILE B 1698 -21.23 -57.94 -131.63
N SER B 1699 -21.41 -56.62 -131.47
CA SER B 1699 -20.63 -55.75 -130.55
C SER B 1699 -21.54 -55.30 -129.40
N ASP B 1700 -21.04 -55.42 -128.15
CA ASP B 1700 -21.70 -54.90 -126.92
C ASP B 1700 -21.14 -53.52 -126.55
N GLU B 1701 -20.04 -53.08 -127.21
CA GLU B 1701 -19.29 -51.84 -126.88
C GLU B 1701 -20.21 -50.62 -126.99
N VAL B 1702 -21.10 -50.59 -127.99
CA VAL B 1702 -22.13 -49.52 -128.16
C VAL B 1702 -23.00 -49.50 -126.90
N GLY B 1703 -23.46 -50.68 -126.47
CA GLY B 1703 -24.38 -50.87 -125.33
C GLY B 1703 -25.81 -50.54 -125.70
N TYR B 1704 -26.28 -51.05 -126.86
CA TYR B 1704 -27.68 -50.91 -127.34
C TYR B 1704 -28.51 -52.12 -126.89
N GLN B 1705 -27.87 -53.21 -126.47
CA GLN B 1705 -28.56 -54.49 -126.13
C GLN B 1705 -29.19 -54.38 -124.75
N TRP B 1706 -28.47 -53.82 -123.77
CA TRP B 1706 -28.97 -53.69 -122.37
C TRP B 1706 -30.02 -52.57 -122.30
N ARG B 1707 -29.80 -51.43 -122.97
CA ARG B 1707 -30.78 -50.32 -123.04
C ARG B 1707 -32.07 -50.82 -123.69
N SER B 1708 -31.98 -51.77 -124.63
CA SER B 1708 -33.16 -52.38 -125.31
C SER B 1708 -33.88 -53.34 -124.35
N TYR B 1709 -33.12 -54.14 -123.58
CA TYR B 1709 -33.67 -55.11 -122.60
C TYR B 1709 -34.48 -54.37 -121.52
N VAL B 1710 -34.00 -53.20 -121.10
CA VAL B 1710 -34.72 -52.31 -120.13
C VAL B 1710 -36.02 -51.88 -120.81
N LYS B 1711 -35.93 -51.19 -121.95
CA LYS B 1711 -37.10 -50.65 -122.70
C LYS B 1711 -38.16 -51.73 -122.91
N SER B 1712 -37.74 -52.98 -123.14
CA SER B 1712 -38.63 -54.16 -123.34
C SER B 1712 -39.24 -54.58 -121.99
N TRP B 1713 -38.41 -54.68 -120.96
CA TRP B 1713 -38.81 -55.14 -119.59
C TRP B 1713 -39.79 -54.13 -118.98
N ILE B 1714 -39.46 -52.84 -118.94
CA ILE B 1714 -40.33 -51.74 -118.44
C ILE B 1714 -41.70 -51.84 -119.10
N LYS B 1715 -41.73 -52.09 -120.43
CA LYS B 1715 -42.97 -52.16 -121.24
C LYS B 1715 -43.88 -53.27 -120.68
N GLN B 1716 -43.37 -54.50 -120.52
CA GLN B 1716 -44.20 -55.70 -120.27
C GLN B 1716 -44.84 -55.63 -118.87
N GLU B 1717 -44.06 -55.29 -117.85
CA GLU B 1717 -44.44 -55.47 -116.42
C GLU B 1717 -45.29 -54.29 -115.92
N PHE B 1718 -45.24 -53.13 -116.59
CA PHE B 1718 -46.00 -51.89 -116.23
C PHE B 1718 -46.74 -51.36 -117.47
N SER B 1719 -47.30 -52.26 -118.29
CA SER B 1719 -48.10 -51.96 -119.50
C SER B 1719 -49.43 -51.30 -119.11
N GLN B 1720 -49.94 -51.62 -117.91
CA GLN B 1720 -51.20 -51.09 -117.34
C GLN B 1720 -51.02 -49.62 -116.94
N ASP B 1721 -49.94 -49.32 -116.23
CA ASP B 1721 -49.66 -47.99 -115.59
C ASP B 1721 -48.56 -47.27 -116.38
N GLN B 1722 -48.95 -46.26 -117.17
CA GLN B 1722 -48.05 -45.35 -117.94
C GLN B 1722 -47.13 -44.61 -116.97
N GLU B 1723 -47.68 -44.09 -115.87
CA GLU B 1723 -47.00 -43.31 -114.80
C GLU B 1723 -45.60 -43.89 -114.49
N MET B 1724 -45.51 -45.20 -114.28
CA MET B 1724 -44.27 -45.90 -113.82
C MET B 1724 -43.33 -46.20 -115.00
N SER B 1725 -43.80 -46.09 -116.25
CA SER B 1725 -43.02 -46.42 -117.48
C SER B 1725 -42.10 -45.26 -117.86
N LYS B 1726 -42.60 -44.01 -117.81
CA LYS B 1726 -41.83 -42.77 -118.08
C LYS B 1726 -40.83 -42.53 -116.93
N ASN B 1727 -41.33 -42.47 -115.69
CA ASN B 1727 -40.57 -42.23 -114.44
C ASN B 1727 -39.31 -43.10 -114.45
N LEU B 1728 -39.48 -44.41 -114.54
CA LEU B 1728 -38.42 -45.43 -114.32
C LEU B 1728 -37.38 -45.37 -115.44
N ASP B 1729 -37.75 -44.91 -116.63
CA ASP B 1729 -36.80 -44.72 -117.77
C ASP B 1729 -35.73 -43.72 -117.35
N THR B 1730 -36.13 -42.52 -116.91
CA THR B 1730 -35.22 -41.38 -116.59
C THR B 1730 -34.09 -41.87 -115.67
N LEU B 1731 -34.41 -42.75 -114.73
CA LEU B 1731 -33.43 -43.31 -113.76
C LEU B 1731 -32.47 -44.24 -114.51
N PHE B 1732 -32.97 -45.35 -115.07
CA PHE B 1732 -32.20 -46.29 -115.94
C PHE B 1732 -31.42 -45.50 -117.00
N GLY B 1733 -32.03 -44.45 -117.56
CA GLY B 1733 -31.49 -43.61 -118.63
C GLY B 1733 -30.22 -42.88 -118.26
N LYS B 1734 -30.11 -42.40 -117.01
CA LYS B 1734 -28.99 -41.52 -116.55
C LYS B 1734 -28.10 -42.23 -115.50
N TYR B 1735 -28.61 -43.22 -114.76
CA TYR B 1735 -27.86 -43.87 -113.66
C TYR B 1735 -26.93 -44.97 -114.18
N VAL B 1736 -27.45 -45.85 -115.05
CA VAL B 1736 -26.74 -47.08 -115.51
C VAL B 1736 -25.49 -46.69 -116.30
N PRO B 1737 -25.54 -45.75 -117.28
CA PRO B 1737 -24.38 -45.47 -118.14
C PRO B 1737 -23.11 -45.04 -117.40
N ASP B 1738 -23.21 -44.01 -116.54
CA ASP B 1738 -22.07 -43.48 -115.73
C ASP B 1738 -21.45 -44.62 -114.93
N THR B 1739 -22.26 -45.35 -114.16
CA THR B 1739 -21.84 -46.50 -113.31
C THR B 1739 -21.17 -47.57 -114.19
N LEU B 1740 -21.80 -47.92 -115.31
CA LEU B 1740 -21.29 -48.96 -116.25
C LEU B 1740 -20.00 -48.46 -116.92
N ASP B 1741 -19.91 -47.15 -117.20
CA ASP B 1741 -18.69 -46.50 -117.76
C ASP B 1741 -17.55 -46.63 -116.74
N HIS B 1742 -17.84 -46.33 -115.47
CA HIS B 1742 -16.87 -46.40 -114.32
C HIS B 1742 -16.38 -47.84 -114.12
N ILE B 1743 -17.26 -48.84 -114.31
CA ILE B 1743 -16.92 -50.30 -114.15
C ILE B 1743 -15.81 -50.66 -115.14
N LYS B 1744 -16.00 -50.38 -116.44
CA LYS B 1744 -15.03 -50.70 -117.52
C LYS B 1744 -13.77 -49.82 -117.39
N LYS B 1745 -13.87 -48.66 -116.75
CA LYS B 1745 -12.78 -47.64 -116.67
C LYS B 1745 -11.69 -48.13 -115.72
N HIS B 1746 -11.93 -48.10 -114.40
CA HIS B 1746 -10.92 -48.36 -113.33
C HIS B 1746 -11.53 -49.15 -112.17
N CYS B 1747 -12.40 -50.12 -112.48
CA CYS B 1747 -12.91 -51.15 -111.54
C CYS B 1747 -12.64 -52.54 -112.15
N ARG B 1748 -12.26 -53.51 -111.32
CA ARG B 1748 -11.90 -54.90 -111.75
C ARG B 1748 -12.60 -55.91 -110.84
N PHE B 1749 -12.83 -57.12 -111.36
CA PHE B 1749 -13.54 -58.23 -110.68
C PHE B 1749 -12.64 -59.47 -110.63
N LEU B 1750 -12.83 -60.31 -109.60
CA LEU B 1750 -12.16 -61.63 -109.45
C LEU B 1750 -12.55 -62.53 -110.62
N VAL B 1751 -13.82 -62.51 -111.01
CA VAL B 1751 -14.41 -63.29 -112.14
C VAL B 1751 -14.97 -62.29 -113.15
N PRO B 1752 -14.74 -62.47 -114.48
CA PRO B 1752 -15.24 -61.52 -115.48
C PRO B 1752 -16.77 -61.46 -115.51
N VAL B 1753 -17.33 -60.28 -115.20
CA VAL B 1753 -18.79 -59.99 -115.18
C VAL B 1753 -19.15 -59.32 -116.51
N SER B 1754 -20.26 -59.74 -117.12
CA SER B 1754 -20.82 -59.15 -118.37
C SER B 1754 -21.58 -57.87 -118.03
N PRO B 1755 -21.47 -56.79 -118.82
CA PRO B 1755 -22.25 -55.57 -118.56
C PRO B 1755 -23.77 -55.83 -118.54
N ILE B 1756 -24.28 -56.53 -119.55
CA ILE B 1756 -25.73 -56.87 -119.69
C ILE B 1756 -26.20 -57.68 -118.48
N SER B 1757 -25.37 -58.62 -117.98
CA SER B 1757 -25.68 -59.51 -116.83
C SER B 1757 -26.08 -58.68 -115.60
N GLN B 1758 -25.36 -57.59 -115.35
CA GLN B 1758 -25.63 -56.64 -114.23
C GLN B 1758 -26.96 -55.95 -114.47
N VAL B 1759 -27.23 -55.48 -115.70
CA VAL B 1759 -28.47 -54.72 -116.07
C VAL B 1759 -29.70 -55.61 -115.90
N ILE B 1760 -29.59 -56.91 -116.22
CA ILE B 1760 -30.71 -57.88 -116.05
C ILE B 1760 -31.00 -58.00 -114.54
N SER B 1761 -29.97 -58.24 -113.73
CA SER B 1761 -30.05 -58.35 -112.25
C SER B 1761 -30.76 -57.11 -111.67
N ILE B 1762 -30.40 -55.92 -112.14
CA ILE B 1762 -30.92 -54.61 -111.65
C ILE B 1762 -32.45 -54.61 -111.76
N CYS B 1763 -32.99 -54.90 -112.94
CA CYS B 1763 -34.45 -54.81 -113.22
C CYS B 1763 -35.20 -55.93 -112.47
N LYS B 1764 -34.55 -57.08 -112.23
CA LYS B 1764 -35.16 -58.22 -111.47
C LYS B 1764 -35.28 -57.85 -109.99
N SER B 1765 -34.22 -57.29 -109.39
CA SER B 1765 -34.21 -56.74 -108.01
C SER B 1765 -35.41 -55.80 -107.85
N LEU B 1766 -35.60 -54.87 -108.79
CA LEU B 1766 -36.72 -53.90 -108.83
C LEU B 1766 -38.07 -54.62 -108.81
N GLN B 1767 -38.22 -55.63 -109.67
CA GLN B 1767 -39.51 -56.35 -109.94
C GLN B 1767 -40.14 -56.83 -108.63
N THR B 1768 -39.34 -57.29 -107.67
CA THR B 1768 -39.81 -57.73 -106.33
C THR B 1768 -40.19 -56.51 -105.49
N LEU B 1769 -39.30 -55.51 -105.46
CA LEU B 1769 -39.34 -54.31 -104.58
C LEU B 1769 -40.56 -53.44 -104.89
N LEU B 1770 -40.71 -52.99 -106.15
CA LEU B 1770 -41.81 -52.09 -106.55
C LEU B 1770 -43.17 -52.81 -106.58
N LYS B 1771 -43.19 -54.15 -106.76
CA LYS B 1771 -44.42 -54.98 -106.76
C LYS B 1771 -44.98 -55.08 -105.33
N GLY B 1772 -44.10 -55.38 -104.36
CA GLY B 1772 -44.43 -55.52 -102.92
C GLY B 1772 -45.20 -54.32 -102.39
N ASP B 1773 -44.59 -53.13 -102.45
CA ASP B 1773 -45.20 -51.84 -102.00
C ASP B 1773 -45.10 -50.81 -103.12
N VAL B 1774 -46.23 -50.17 -103.46
CA VAL B 1774 -46.34 -49.12 -104.52
C VAL B 1774 -45.84 -47.79 -103.94
N LYS B 1775 -46.06 -47.54 -102.64
CA LYS B 1775 -45.62 -46.32 -101.92
C LYS B 1775 -44.11 -46.39 -101.65
N ASN B 1776 -43.40 -45.27 -101.85
CA ASN B 1776 -41.92 -45.18 -101.88
C ASN B 1776 -41.51 -43.75 -102.28
N LEU B 1777 -40.24 -43.53 -102.62
CA LEU B 1777 -39.72 -42.32 -103.32
C LEU B 1777 -39.24 -42.70 -104.72
N GLU B 1778 -39.38 -43.98 -105.11
CA GLU B 1778 -39.09 -44.57 -106.45
C GLU B 1778 -37.58 -44.72 -106.67
N TYR B 1779 -36.74 -43.96 -105.96
CA TYR B 1779 -35.27 -44.10 -105.99
C TYR B 1779 -34.84 -45.41 -105.30
N LEU B 1780 -35.70 -46.04 -104.49
CA LEU B 1780 -35.60 -47.48 -104.07
C LEU B 1780 -34.80 -48.29 -105.11
N PHE B 1781 -34.99 -47.98 -106.40
CA PHE B 1781 -34.16 -48.39 -107.57
C PHE B 1781 -32.67 -48.26 -107.26
N VAL B 1782 -32.24 -47.02 -107.00
CA VAL B 1782 -30.81 -46.61 -106.78
C VAL B 1782 -30.12 -47.58 -105.82
N TYR B 1783 -30.82 -48.02 -104.77
CA TYR B 1783 -30.36 -49.06 -103.82
C TYR B 1783 -30.11 -50.37 -104.57
N ALA B 1784 -31.14 -50.89 -105.24
CA ALA B 1784 -31.10 -52.16 -106.00
C ALA B 1784 -29.96 -52.13 -107.02
N LEU B 1785 -29.82 -51.00 -107.71
CA LEU B 1785 -28.75 -50.73 -108.72
C LEU B 1785 -27.38 -50.96 -108.07
N ILE B 1786 -27.12 -50.32 -106.93
CA ILE B 1786 -25.81 -50.32 -106.22
C ILE B 1786 -25.43 -51.74 -105.80
N TRP B 1787 -26.41 -52.60 -105.46
CA TRP B 1787 -26.18 -54.03 -105.10
C TRP B 1787 -25.89 -54.85 -106.35
N ALA B 1788 -26.74 -54.72 -107.38
CA ALA B 1788 -26.73 -55.52 -108.63
C ALA B 1788 -25.41 -55.31 -109.40
N ILE B 1789 -24.81 -54.12 -109.30
CA ILE B 1789 -23.44 -53.81 -109.81
C ILE B 1789 -22.42 -54.15 -108.71
N GLY B 1790 -22.72 -53.79 -107.46
CA GLY B 1790 -21.81 -53.90 -106.30
C GLY B 1790 -21.33 -55.31 -106.03
N GLY B 1791 -22.08 -56.33 -106.49
CA GLY B 1791 -21.67 -57.75 -106.42
C GLY B 1791 -20.40 -58.03 -107.21
N ALA B 1792 -19.58 -58.97 -106.72
CA ALA B 1792 -18.34 -59.50 -107.33
C ALA B 1792 -17.14 -58.57 -107.06
N LEU B 1793 -17.36 -57.44 -106.38
CA LEU B 1793 -16.39 -56.32 -106.28
C LEU B 1793 -15.78 -56.30 -104.88
N ALA B 1794 -14.82 -57.20 -104.61
CA ALA B 1794 -14.19 -57.38 -103.28
C ALA B 1794 -12.84 -58.08 -103.38
N GLU B 1795 -11.82 -57.53 -102.69
CA GLU B 1795 -10.46 -58.11 -102.49
C GLU B 1795 -9.91 -58.68 -103.82
N LYS B 1796 -9.82 -57.84 -104.84
CA LYS B 1796 -9.23 -58.16 -106.17
C LYS B 1796 -7.83 -57.53 -106.22
N ASP B 1797 -6.79 -58.35 -106.43
CA ASP B 1797 -5.36 -57.93 -106.50
C ASP B 1797 -4.95 -57.25 -105.19
N SER B 1798 -5.45 -57.77 -104.05
CA SER B 1798 -5.18 -57.28 -102.68
C SER B 1798 -5.59 -55.81 -102.52
N ILE B 1799 -6.68 -55.40 -103.20
CA ILE B 1799 -7.31 -54.04 -103.11
C ILE B 1799 -8.83 -54.22 -103.00
N ASP B 1800 -9.46 -53.58 -102.01
CA ASP B 1800 -10.93 -53.61 -101.81
C ASP B 1800 -11.56 -52.51 -102.67
N TYR B 1801 -11.95 -52.85 -103.90
CA TYR B 1801 -12.67 -51.96 -104.87
C TYR B 1801 -14.05 -51.59 -104.31
N ARG B 1802 -14.65 -52.48 -103.51
CA ARG B 1802 -15.91 -52.26 -102.76
C ARG B 1802 -15.95 -50.80 -102.24
N LYS B 1803 -15.00 -50.43 -101.39
CA LYS B 1803 -14.89 -49.09 -100.75
C LYS B 1803 -14.65 -48.01 -101.82
N ASP B 1804 -13.74 -48.27 -102.77
CA ASP B 1804 -13.33 -47.30 -103.83
C ASP B 1804 -14.54 -46.93 -104.70
N PHE B 1805 -15.31 -47.94 -105.12
CA PHE B 1805 -16.60 -47.78 -105.86
C PHE B 1805 -17.58 -46.96 -105.03
N SER B 1806 -17.64 -47.23 -103.72
CA SER B 1806 -18.59 -46.60 -102.76
C SER B 1806 -18.24 -45.13 -102.52
N THR B 1807 -16.95 -44.85 -102.29
CA THR B 1807 -16.40 -43.47 -102.15
C THR B 1807 -16.64 -42.71 -103.47
N TRP B 1808 -16.43 -43.37 -104.61
CA TRP B 1808 -16.72 -42.81 -105.96
C TRP B 1808 -18.22 -42.52 -106.10
N TRP B 1809 -19.08 -43.40 -105.55
CA TRP B 1809 -20.56 -43.32 -105.72
C TRP B 1809 -21.09 -42.03 -105.08
N LYS B 1810 -20.74 -41.76 -103.83
CA LYS B 1810 -21.30 -40.63 -103.04
C LYS B 1810 -21.13 -39.30 -103.80
N GLY B 1811 -19.99 -39.12 -104.48
CA GLY B 1811 -19.65 -37.89 -105.21
C GLY B 1811 -20.24 -37.85 -106.61
N ALA B 1812 -19.88 -36.81 -107.37
CA ALA B 1812 -20.22 -36.58 -108.79
C ALA B 1812 -21.56 -37.23 -109.13
N TRP B 1813 -22.61 -36.81 -108.41
CA TRP B 1813 -24.01 -37.29 -108.56
C TRP B 1813 -24.99 -36.16 -108.19
N LYS B 1814 -26.25 -36.33 -108.56
CA LYS B 1814 -27.35 -35.37 -108.29
C LYS B 1814 -27.88 -35.64 -106.86
N THR B 1815 -28.78 -34.79 -106.37
CA THR B 1815 -29.47 -34.92 -105.06
C THR B 1815 -30.36 -36.17 -105.04
N ALA B 1816 -29.86 -37.27 -104.45
CA ALA B 1816 -30.53 -38.59 -104.40
C ALA B 1816 -31.33 -38.72 -103.10
N VAL B 1817 -31.95 -39.90 -102.89
CA VAL B 1817 -32.56 -40.31 -101.58
C VAL B 1817 -31.45 -40.27 -100.52
N LYS B 1818 -31.74 -39.68 -99.34
CA LYS B 1818 -30.75 -39.25 -98.31
C LYS B 1818 -29.79 -40.41 -97.98
N PHE B 1819 -28.53 -40.32 -98.43
CA PHE B 1819 -27.51 -41.38 -98.27
C PHE B 1819 -26.57 -40.99 -97.14
N PRO B 1820 -26.56 -41.72 -95.99
CA PRO B 1820 -25.75 -41.31 -94.83
C PRO B 1820 -24.26 -41.60 -95.04
N SER B 1821 -23.45 -40.53 -95.18
CA SER B 1821 -21.99 -40.57 -95.45
C SER B 1821 -21.28 -41.31 -94.32
N LYS B 1822 -21.54 -40.88 -93.08
CA LYS B 1822 -21.07 -41.56 -91.83
C LYS B 1822 -21.51 -43.02 -91.84
N GLY B 1823 -20.70 -43.90 -91.26
CA GLY B 1823 -20.90 -45.36 -91.27
C GLY B 1823 -20.45 -45.98 -92.58
N THR B 1824 -20.29 -47.32 -92.60
CA THR B 1824 -19.81 -48.10 -93.77
C THR B 1824 -20.92 -48.17 -94.82
N ILE B 1825 -20.53 -48.27 -96.10
CA ILE B 1825 -21.43 -48.43 -97.29
C ILE B 1825 -22.06 -49.84 -97.28
N PHE B 1826 -23.23 -50.00 -97.92
CA PHE B 1826 -23.99 -51.27 -98.12
C PHE B 1826 -24.62 -51.73 -96.79
N ASP B 1827 -24.31 -51.05 -95.67
CA ASP B 1827 -24.84 -51.34 -94.32
C ASP B 1827 -26.19 -50.63 -94.14
N TYR B 1828 -26.64 -49.86 -95.14
CA TYR B 1828 -27.97 -49.21 -95.19
C TYR B 1828 -28.90 -50.02 -96.10
N TYR B 1829 -30.21 -49.95 -95.81
CA TYR B 1829 -31.34 -50.40 -96.67
C TYR B 1829 -32.48 -49.38 -96.52
N VAL B 1830 -33.08 -48.95 -97.63
CA VAL B 1830 -34.11 -47.87 -97.65
C VAL B 1830 -35.49 -48.52 -97.47
N ASP B 1831 -36.26 -48.04 -96.48
CA ASP B 1831 -37.63 -48.49 -96.13
C ASP B 1831 -38.61 -47.32 -96.23
N GLN B 1832 -39.90 -47.64 -96.36
CA GLN B 1832 -41.02 -46.65 -96.53
C GLN B 1832 -41.96 -46.77 -95.32
N SER B 1833 -41.58 -46.14 -94.20
CA SER B 1833 -42.37 -46.05 -92.94
C SER B 1833 -42.44 -44.57 -92.49
N GLY B 1834 -43.63 -43.96 -92.64
CA GLY B 1834 -43.89 -42.53 -92.37
C GLY B 1834 -44.02 -41.70 -93.64
N ASP B 1835 -44.19 -42.33 -94.81
CA ASP B 1835 -44.42 -41.69 -96.13
C ASP B 1835 -43.24 -40.75 -96.48
N SER B 1836 -42.02 -41.12 -96.07
CA SER B 1836 -40.77 -40.34 -96.25
C SER B 1836 -39.57 -41.28 -96.17
N SER B 1837 -39.11 -41.78 -97.32
CA SER B 1837 -38.08 -42.85 -97.43
C SER B 1837 -36.76 -42.41 -96.76
N LYS B 1838 -36.08 -43.35 -96.12
CA LYS B 1838 -34.88 -43.14 -95.27
C LYS B 1838 -34.05 -44.43 -95.24
N PHE B 1839 -32.74 -44.34 -95.05
CA PHE B 1839 -31.79 -45.47 -94.95
C PHE B 1839 -31.62 -45.87 -93.48
N VAL B 1840 -31.82 -47.17 -93.16
CA VAL B 1840 -31.64 -47.77 -91.80
C VAL B 1840 -30.33 -48.58 -91.81
N GLU B 1841 -29.52 -48.47 -90.75
CA GLU B 1841 -28.11 -48.96 -90.67
C GLU B 1841 -28.07 -50.46 -90.29
N TRP B 1842 -29.00 -51.27 -90.82
CA TRP B 1842 -29.19 -52.72 -90.54
C TRP B 1842 -29.08 -53.03 -89.04
N SER B 1843 -29.51 -52.10 -88.17
CA SER B 1843 -29.53 -52.23 -86.69
C SER B 1843 -30.50 -53.34 -86.28
N LYS B 1844 -31.56 -53.54 -87.07
CA LYS B 1844 -32.58 -54.60 -86.84
C LYS B 1844 -32.02 -55.95 -87.31
N ARG B 1845 -31.07 -56.48 -86.54
CA ARG B 1845 -30.50 -57.85 -86.65
C ARG B 1845 -30.56 -58.49 -85.25
N LEU B 1846 -31.19 -59.65 -85.11
CA LEU B 1846 -31.30 -60.38 -83.82
C LEU B 1846 -31.08 -61.88 -84.06
N GLU B 1847 -30.31 -62.52 -83.18
CA GLU B 1847 -30.04 -63.98 -83.18
C GLU B 1847 -31.27 -64.68 -82.59
N ASN B 1848 -31.66 -65.83 -83.16
CA ASN B 1848 -32.86 -66.61 -82.74
C ASN B 1848 -32.76 -66.91 -81.23
N LYS B 1849 -31.62 -67.45 -80.81
CA LYS B 1849 -31.26 -67.68 -79.38
C LYS B 1849 -29.73 -67.85 -79.30
N GLU B 1850 -29.17 -67.70 -78.10
CA GLU B 1850 -27.77 -68.09 -77.78
C GLU B 1850 -27.62 -69.59 -78.08
N PHE B 1851 -26.75 -69.95 -79.02
CA PHE B 1851 -26.47 -71.32 -79.49
C PHE B 1851 -26.10 -72.22 -78.29
N ASP B 1852 -26.81 -73.35 -78.11
CA ASP B 1852 -26.49 -74.42 -77.14
C ASP B 1852 -25.78 -75.56 -77.87
N PRO B 1853 -24.64 -76.10 -77.35
CA PRO B 1853 -24.06 -77.32 -77.90
C PRO B 1853 -24.93 -78.57 -77.68
N GLN B 1854 -25.66 -78.60 -76.55
CA GLN B 1854 -26.55 -79.73 -76.13
C GLN B 1854 -27.75 -79.82 -77.08
N VAL B 1855 -28.29 -78.68 -77.52
CA VAL B 1855 -29.50 -78.59 -78.40
C VAL B 1855 -29.10 -79.03 -79.82
N GLU B 1856 -28.07 -78.41 -80.40
CA GLU B 1856 -27.60 -78.67 -81.79
C GLU B 1856 -26.08 -78.48 -81.93
N THR B 1857 -25.51 -78.95 -83.04
CA THR B 1857 -24.08 -78.82 -83.41
C THR B 1857 -23.82 -77.41 -83.96
N MET B 1858 -22.56 -76.96 -83.94
CA MET B 1858 -22.14 -75.62 -84.44
C MET B 1858 -22.37 -75.55 -85.96
N GLY B 1859 -22.08 -76.63 -86.69
CA GLY B 1859 -22.14 -76.72 -88.16
C GLY B 1859 -23.47 -76.28 -88.74
N ASN B 1860 -24.58 -76.65 -88.10
CA ASN B 1860 -25.98 -76.37 -88.57
C ASN B 1860 -26.30 -74.88 -88.37
N ILE B 1861 -26.15 -74.38 -87.14
CA ILE B 1861 -26.58 -73.03 -86.69
C ILE B 1861 -25.79 -71.96 -87.48
N THR B 1862 -26.46 -70.86 -87.84
CA THR B 1862 -25.91 -69.76 -88.67
C THR B 1862 -26.23 -68.41 -88.00
N VAL B 1863 -25.19 -67.65 -87.64
CA VAL B 1863 -25.30 -66.32 -86.99
C VAL B 1863 -25.49 -65.26 -88.09
N ASN B 1864 -26.44 -64.35 -87.88
CA ASN B 1864 -26.80 -63.27 -88.85
C ASN B 1864 -25.90 -62.06 -88.57
N THR B 1865 -25.35 -61.46 -89.62
CA THR B 1865 -24.56 -60.19 -89.59
C THR B 1865 -25.14 -59.21 -90.62
N ILE B 1866 -24.65 -57.96 -90.62
CA ILE B 1866 -25.14 -56.85 -91.49
C ILE B 1866 -24.94 -57.23 -92.96
N GLU B 1867 -23.83 -57.89 -93.29
CA GLU B 1867 -23.44 -58.26 -94.67
C GLU B 1867 -24.32 -59.42 -95.15
N THR B 1868 -24.59 -60.38 -94.26
CA THR B 1868 -25.39 -61.61 -94.52
C THR B 1868 -26.86 -61.24 -94.76
N LEU B 1869 -27.50 -60.55 -93.82
CA LEU B 1869 -28.94 -60.18 -93.85
C LEU B 1869 -29.29 -59.48 -95.16
N ALA B 1870 -28.42 -58.56 -95.61
CA ALA B 1870 -28.56 -57.84 -96.90
C ALA B 1870 -28.55 -58.83 -98.06
N THR B 1871 -27.48 -59.62 -98.18
CA THR B 1871 -27.25 -60.57 -99.31
C THR B 1871 -28.33 -61.66 -99.33
N THR B 1872 -28.68 -62.22 -98.17
CA THR B 1872 -29.70 -63.29 -97.99
C THR B 1872 -31.05 -62.82 -98.56
N GLU B 1873 -31.48 -61.61 -98.18
CA GLU B 1873 -32.76 -60.98 -98.58
C GLU B 1873 -32.87 -60.96 -100.11
N PHE B 1874 -31.78 -60.65 -100.81
CA PHE B 1874 -31.72 -60.54 -102.29
C PHE B 1874 -31.91 -61.91 -102.94
N ILE B 1875 -31.08 -62.90 -102.54
CA ILE B 1875 -31.05 -64.27 -103.13
C ILE B 1875 -32.47 -64.86 -103.05
N LYS B 1876 -33.12 -64.74 -101.88
CA LYS B 1876 -34.53 -65.15 -101.65
C LYS B 1876 -35.43 -64.53 -102.73
N SER B 1877 -35.49 -63.19 -102.76
CA SER B 1877 -36.33 -62.38 -103.70
C SER B 1877 -36.01 -62.73 -105.15
N TYR B 1878 -34.76 -63.14 -105.43
CA TYR B 1878 -34.29 -63.58 -106.78
C TYR B 1878 -34.89 -64.94 -107.13
N LEU B 1879 -34.91 -65.90 -106.19
CA LEU B 1879 -35.45 -67.28 -106.40
C LEU B 1879 -36.98 -67.26 -106.54
N MET B 1880 -37.67 -66.23 -106.02
CA MET B 1880 -39.15 -66.06 -106.15
C MET B 1880 -39.49 -65.43 -107.52
N VAL B 1881 -38.49 -64.93 -108.25
CA VAL B 1881 -38.62 -64.41 -109.65
C VAL B 1881 -37.89 -65.35 -110.63
N LYS B 1882 -37.45 -66.53 -110.14
CA LYS B 1882 -36.79 -67.61 -110.93
C LYS B 1882 -35.51 -67.08 -111.61
N HIS B 1883 -34.88 -66.05 -111.06
CA HIS B 1883 -33.61 -65.44 -111.55
C HIS B 1883 -32.46 -66.06 -110.78
N PRO B 1884 -31.58 -66.86 -111.42
CA PRO B 1884 -30.44 -67.46 -110.72
C PRO B 1884 -29.49 -66.43 -110.09
N SER B 1885 -28.72 -66.87 -109.08
CA SER B 1885 -27.63 -66.11 -108.43
C SER B 1885 -26.33 -66.90 -108.52
N LEU B 1886 -25.22 -66.36 -107.98
CA LEU B 1886 -23.88 -67.01 -107.97
C LEU B 1886 -23.01 -66.38 -106.88
N LEU B 1887 -22.46 -67.21 -105.98
CA LEU B 1887 -21.80 -66.81 -104.71
C LEU B 1887 -20.27 -67.03 -104.84
N ILE B 1888 -19.49 -65.94 -104.89
CA ILE B 1888 -18.01 -65.95 -104.98
C ILE B 1888 -17.42 -65.71 -103.59
N GLY B 1889 -16.35 -66.44 -103.24
CA GLY B 1889 -15.63 -66.31 -101.94
C GLY B 1889 -14.26 -66.97 -101.98
N ASN B 1890 -13.33 -66.50 -101.15
CA ASN B 1890 -11.94 -67.03 -101.02
C ASN B 1890 -11.92 -68.19 -100.02
N SER B 1891 -12.82 -69.16 -100.18
CA SER B 1891 -13.01 -70.36 -99.34
C SER B 1891 -13.39 -70.00 -97.89
N GLY B 1892 -13.88 -68.78 -97.65
CA GLY B 1892 -14.20 -68.22 -96.32
C GLY B 1892 -15.56 -67.54 -96.32
N CYS B 1893 -16.04 -67.17 -95.13
CA CYS B 1893 -17.32 -66.44 -94.88
C CYS B 1893 -18.54 -67.31 -95.24
N GLY B 1894 -18.37 -68.63 -95.31
CA GLY B 1894 -19.46 -69.63 -95.27
C GLY B 1894 -20.42 -69.52 -96.45
N LYS B 1895 -19.89 -69.44 -97.68
CA LYS B 1895 -20.73 -69.30 -98.91
C LYS B 1895 -21.79 -70.40 -98.92
N THR B 1896 -21.36 -71.67 -98.80
CA THR B 1896 -22.21 -72.87 -98.83
C THR B 1896 -23.29 -72.80 -97.73
N GLN B 1897 -22.89 -72.46 -96.51
CA GLN B 1897 -23.76 -72.49 -95.30
C GLN B 1897 -24.77 -71.34 -95.34
N LEU B 1898 -24.37 -70.15 -95.81
CA LEU B 1898 -25.29 -69.01 -96.05
C LEU B 1898 -26.36 -69.44 -97.07
N ALA B 1899 -25.92 -70.00 -98.20
CA ALA B 1899 -26.78 -70.50 -99.31
C ALA B 1899 -27.68 -71.63 -98.80
N LYS B 1900 -27.10 -72.63 -98.11
CA LYS B 1900 -27.81 -73.79 -97.53
C LYS B 1900 -28.85 -73.29 -96.51
N GLY B 1901 -28.47 -72.33 -95.67
CA GLY B 1901 -29.34 -71.67 -94.68
C GLY B 1901 -30.55 -71.00 -95.33
N ILE B 1902 -30.32 -70.25 -96.42
CA ILE B 1902 -31.37 -69.54 -97.21
C ILE B 1902 -32.36 -70.57 -97.75
N LEU B 1903 -31.87 -71.66 -98.36
CA LEU B 1903 -32.70 -72.70 -99.03
C LEU B 1903 -33.58 -73.41 -98.00
N LYS B 1904 -33.12 -73.57 -96.76
CA LYS B 1904 -33.91 -74.14 -95.63
C LYS B 1904 -35.02 -73.15 -95.24
N GLU B 1905 -34.70 -71.86 -95.09
CA GLU B 1905 -35.64 -70.77 -94.71
C GLU B 1905 -36.80 -70.69 -95.72
N ILE B 1906 -36.51 -70.85 -97.02
CA ILE B 1906 -37.53 -70.82 -98.11
C ILE B 1906 -38.41 -72.08 -98.02
N VAL B 1907 -37.79 -73.24 -97.77
CA VAL B 1907 -38.48 -74.57 -97.69
C VAL B 1907 -39.33 -74.64 -96.41
N GLN B 1908 -38.86 -74.07 -95.31
CA GLN B 1908 -39.61 -73.97 -94.01
C GLN B 1908 -40.93 -73.22 -94.21
N ALA B 1909 -40.91 -72.14 -95.00
CA ALA B 1909 -42.07 -71.25 -95.28
C ALA B 1909 -43.11 -71.98 -96.13
N LYS B 1910 -42.68 -72.58 -97.25
CA LYS B 1910 -43.57 -73.19 -98.28
C LYS B 1910 -43.03 -74.58 -98.64
N PRO B 1911 -43.24 -75.61 -97.80
CA PRO B 1911 -42.69 -76.95 -98.05
C PRO B 1911 -43.34 -77.69 -99.23
N GLU B 1912 -44.56 -77.29 -99.62
CA GLU B 1912 -45.28 -77.80 -100.83
C GLU B 1912 -44.60 -77.24 -102.08
N ASN B 1913 -44.56 -75.91 -102.21
CA ASN B 1913 -44.19 -75.17 -103.46
C ASN B 1913 -42.73 -75.43 -103.84
N TYR B 1914 -41.79 -75.25 -102.91
CA TYR B 1914 -40.32 -75.28 -103.17
C TYR B 1914 -39.63 -76.38 -102.36
N ALA B 1915 -38.90 -77.27 -103.03
CA ALA B 1915 -37.96 -78.27 -102.46
C ALA B 1915 -36.54 -77.95 -102.94
N TYR B 1916 -35.51 -78.46 -102.23
CA TYR B 1916 -34.08 -78.17 -102.52
C TYR B 1916 -33.25 -79.47 -102.47
N GLN B 1917 -32.19 -79.54 -103.28
CA GLN B 1917 -31.22 -80.68 -103.36
C GLN B 1917 -29.82 -80.17 -103.71
N LEU B 1918 -28.86 -80.32 -102.80
CA LEU B 1918 -27.48 -79.78 -102.91
C LEU B 1918 -26.59 -80.81 -103.62
N ILE B 1919 -26.08 -80.47 -104.81
CA ILE B 1919 -25.20 -81.34 -105.65
C ILE B 1919 -23.80 -80.72 -105.69
N ASN B 1920 -22.87 -81.27 -104.93
CA ASN B 1920 -21.43 -80.89 -104.95
C ASN B 1920 -20.81 -81.39 -106.26
N PHE B 1921 -19.92 -80.59 -106.86
CA PHE B 1921 -19.21 -80.90 -108.13
C PHE B 1921 -17.81 -81.41 -107.80
N ASN B 1922 -17.59 -82.70 -108.09
CA ASN B 1922 -16.26 -83.38 -108.03
C ASN B 1922 -15.47 -82.98 -109.28
N TYR B 1923 -14.19 -83.35 -109.33
CA TYR B 1923 -13.28 -83.14 -110.49
C TYR B 1923 -13.71 -84.05 -111.67
N TYR B 1924 -14.32 -85.19 -111.38
CA TYR B 1924 -14.74 -86.23 -112.36
C TYR B 1924 -16.27 -86.26 -112.47
N THR B 1925 -16.92 -85.09 -112.58
CA THR B 1925 -18.37 -84.94 -112.85
C THR B 1925 -18.54 -84.45 -114.30
N ASP B 1926 -19.10 -85.30 -115.16
CA ASP B 1926 -19.32 -85.07 -116.61
C ASP B 1926 -20.77 -84.61 -116.82
N SER B 1927 -21.22 -84.57 -118.08
CA SER B 1927 -22.64 -84.33 -118.48
C SER B 1927 -23.49 -85.55 -118.13
N THR B 1928 -23.00 -86.76 -118.45
CA THR B 1928 -23.69 -88.06 -118.25
C THR B 1928 -23.99 -88.29 -116.76
N TYR B 1929 -23.05 -87.94 -115.89
CA TYR B 1929 -23.19 -88.01 -114.40
C TYR B 1929 -24.29 -87.04 -113.94
N LEU B 1930 -24.25 -85.78 -114.40
CA LEU B 1930 -25.23 -84.71 -114.06
C LEU B 1930 -26.65 -85.16 -114.45
N GLN B 1931 -26.81 -85.70 -115.67
CA GLN B 1931 -28.10 -86.25 -116.17
C GLN B 1931 -28.66 -87.26 -115.16
N GLY B 1932 -27.78 -88.06 -114.53
CA GLY B 1932 -28.11 -89.02 -113.46
C GLY B 1932 -28.84 -88.35 -112.29
N GLN B 1933 -28.31 -87.24 -111.78
CA GLN B 1933 -28.89 -86.49 -110.62
C GLN B 1933 -30.21 -85.84 -111.02
N ILE B 1934 -30.34 -85.40 -112.28
CA ILE B 1934 -31.59 -84.76 -112.81
C ILE B 1934 -32.66 -85.86 -112.97
N GLU B 1935 -32.29 -86.98 -113.61
CA GLU B 1935 -33.17 -88.17 -113.83
C GLU B 1935 -33.57 -88.80 -112.48
N GLN B 1936 -32.73 -88.68 -111.44
CA GLN B 1936 -32.99 -89.25 -110.08
C GLN B 1936 -34.23 -88.61 -109.44
N THR B 1937 -34.51 -87.33 -109.73
CA THR B 1937 -35.66 -86.56 -109.16
C THR B 1937 -36.45 -85.89 -110.30
N LEU B 1938 -37.25 -86.68 -111.02
CA LEU B 1938 -38.08 -86.21 -112.16
C LEU B 1938 -39.29 -87.14 -112.35
N GLU B 1939 -40.11 -86.84 -113.36
CA GLU B 1939 -41.33 -87.60 -113.74
C GLU B 1939 -41.56 -87.41 -115.25
N LYS B 1940 -42.52 -88.15 -115.83
CA LYS B 1940 -43.04 -87.91 -117.20
C LYS B 1940 -43.98 -86.70 -117.14
N LYS B 1941 -44.77 -86.56 -116.07
CA LYS B 1941 -45.66 -85.42 -115.76
C LYS B 1941 -46.67 -85.21 -116.91
N ALA B 1942 -47.31 -86.30 -117.36
CA ALA B 1942 -48.42 -86.34 -118.35
C ALA B 1942 -48.22 -85.26 -119.44
N GLY B 1943 -47.25 -85.48 -120.34
CA GLY B 1943 -46.84 -84.53 -121.40
C GLY B 1943 -45.80 -83.54 -120.91
N ARG B 1944 -45.42 -82.58 -121.76
CA ARG B 1944 -44.43 -81.50 -121.48
C ARG B 1944 -43.02 -82.07 -121.25
N GLN B 1945 -42.82 -83.37 -121.55
CA GLN B 1945 -41.61 -84.17 -121.18
C GLN B 1945 -41.28 -83.96 -119.70
N TYR B 1946 -40.03 -84.24 -119.29
CA TYR B 1946 -39.61 -84.39 -117.87
C TYR B 1946 -40.18 -83.26 -117.01
N GLY B 1947 -40.79 -83.61 -115.88
CA GLY B 1947 -41.35 -82.66 -114.89
C GLY B 1947 -40.90 -83.01 -113.47
N PRO B 1948 -40.78 -82.04 -112.54
CA PRO B 1948 -40.35 -82.33 -111.17
C PRO B 1948 -41.48 -82.99 -110.37
N PRO B 1949 -41.14 -83.88 -109.41
CA PRO B 1949 -42.16 -84.66 -108.69
C PRO B 1949 -43.01 -83.81 -107.73
N GLY B 1950 -44.32 -84.09 -107.68
CA GLY B 1950 -45.31 -83.40 -106.84
C GLY B 1950 -46.04 -82.28 -107.57
N LYS B 1951 -45.63 -81.96 -108.81
CA LYS B 1951 -46.11 -80.79 -109.60
C LYS B 1951 -45.83 -79.51 -108.79
N VAL B 1952 -44.56 -79.31 -108.41
CA VAL B 1952 -44.03 -78.19 -107.56
C VAL B 1952 -42.61 -77.86 -108.02
N GLN B 1953 -42.15 -76.61 -107.80
CA GLN B 1953 -40.90 -76.07 -108.41
C GLN B 1953 -39.67 -76.47 -107.60
N LEU B 1954 -38.91 -77.46 -108.10
CA LEU B 1954 -37.68 -77.98 -107.46
C LEU B 1954 -36.56 -76.96 -107.63
N ILE B 1955 -35.97 -76.49 -106.52
CA ILE B 1955 -34.70 -75.72 -106.52
C ILE B 1955 -33.56 -76.73 -106.63
N TYR B 1956 -32.62 -76.48 -107.54
CA TYR B 1956 -31.27 -77.12 -107.57
C TYR B 1956 -30.29 -76.16 -106.91
N PHE B 1957 -29.17 -76.70 -106.43
CA PHE B 1957 -28.01 -75.94 -105.93
C PHE B 1957 -26.75 -76.56 -106.53
N ILE B 1958 -25.71 -75.75 -106.72
CA ILE B 1958 -24.41 -76.18 -107.31
C ILE B 1958 -23.28 -75.57 -106.46
N ASP B 1959 -22.40 -76.41 -105.93
CA ASP B 1959 -21.18 -76.01 -105.17
C ASP B 1959 -19.94 -76.39 -105.99
N ASP B 1960 -18.88 -75.58 -105.88
CA ASP B 1960 -17.57 -75.78 -106.57
C ASP B 1960 -17.81 -75.85 -108.09
N LEU B 1961 -18.56 -74.88 -108.62
CA LEU B 1961 -18.86 -74.71 -110.06
C LEU B 1961 -17.57 -74.38 -110.83
N ASN B 1962 -16.58 -73.78 -110.14
CA ASN B 1962 -15.25 -73.39 -110.70
C ASN B 1962 -14.51 -74.62 -111.26
N MET B 1963 -14.68 -75.79 -110.63
CA MET B 1963 -13.89 -77.02 -110.91
C MET B 1963 -14.84 -78.19 -111.14
N PRO B 1964 -15.72 -78.11 -112.17
CA PRO B 1964 -16.70 -79.16 -112.41
C PRO B 1964 -16.07 -80.37 -113.12
N GLN B 1965 -15.07 -80.13 -113.98
CA GLN B 1965 -14.47 -81.16 -114.86
C GLN B 1965 -13.08 -80.69 -115.32
N LEU B 1966 -12.23 -81.64 -115.70
CA LEU B 1966 -10.91 -81.40 -116.35
C LEU B 1966 -11.13 -80.59 -117.64
N ASP B 1967 -10.43 -79.47 -117.79
CA ASP B 1967 -10.51 -78.58 -118.98
C ASP B 1967 -9.62 -79.14 -120.10
N ALA B 1968 -10.23 -79.68 -121.16
CA ALA B 1968 -9.60 -80.03 -122.45
C ALA B 1968 -9.83 -78.88 -123.43
N TYR B 1969 -8.76 -78.19 -123.85
CA TYR B 1969 -8.74 -76.93 -124.65
C TYR B 1969 -9.87 -75.99 -124.20
N ASP B 1970 -9.90 -75.68 -122.90
CA ASP B 1970 -10.78 -74.69 -122.22
C ASP B 1970 -12.26 -74.94 -122.58
N THR B 1971 -12.74 -76.16 -122.34
CA THR B 1971 -14.17 -76.57 -122.45
C THR B 1971 -14.47 -77.61 -121.37
N GLN B 1972 -15.64 -77.53 -120.73
CA GLN B 1972 -16.10 -78.45 -119.65
C GLN B 1972 -17.42 -79.10 -120.10
N THR B 1973 -17.48 -80.44 -120.10
CA THR B 1973 -18.65 -81.23 -120.57
C THR B 1973 -19.85 -80.96 -119.67
N ALA B 1974 -19.62 -80.80 -118.37
CA ALA B 1974 -20.64 -80.63 -117.31
C ALA B 1974 -21.39 -79.30 -117.47
N ILE B 1975 -20.64 -78.19 -117.50
CA ILE B 1975 -21.21 -76.80 -117.52
C ILE B 1975 -22.08 -76.62 -118.77
N ALA B 1976 -21.66 -77.17 -119.91
CA ALA B 1976 -22.31 -77.00 -121.23
C ALA B 1976 -23.73 -77.60 -121.21
N LEU B 1977 -23.98 -78.62 -120.37
CA LEU B 1977 -25.33 -79.21 -120.16
C LEU B 1977 -26.21 -78.24 -119.37
N LEU B 1978 -25.64 -77.57 -118.36
CA LEU B 1978 -26.36 -76.59 -117.50
C LEU B 1978 -26.77 -75.38 -118.34
N ARG B 1979 -25.95 -75.01 -119.33
CA ARG B 1979 -26.27 -73.97 -120.36
C ARG B 1979 -27.55 -74.38 -121.09
N GLN B 1980 -27.56 -75.56 -121.75
CA GLN B 1980 -28.72 -76.10 -122.50
C GLN B 1980 -30.01 -75.94 -121.67
N LEU B 1981 -29.92 -76.24 -120.37
CA LEU B 1981 -31.05 -76.13 -119.40
C LEU B 1981 -31.39 -74.65 -119.18
N ALA B 1982 -30.39 -73.82 -118.92
CA ALA B 1982 -30.54 -72.38 -118.57
C ALA B 1982 -31.06 -71.60 -119.78
N ASP B 1983 -30.49 -71.82 -120.97
CA ASP B 1983 -30.79 -71.08 -122.22
C ASP B 1983 -32.23 -71.34 -122.67
N TYR B 1984 -32.53 -72.60 -123.04
CA TYR B 1984 -33.78 -73.00 -123.75
C TYR B 1984 -34.79 -73.64 -122.79
N GLY B 1985 -34.32 -74.43 -121.81
CA GLY B 1985 -35.18 -75.15 -120.84
C GLY B 1985 -35.25 -76.64 -121.13
N HIS B 1986 -34.61 -77.11 -122.20
CA HIS B 1986 -34.60 -78.54 -122.63
C HIS B 1986 -33.17 -79.02 -122.84
N PHE B 1987 -32.88 -80.27 -122.44
CA PHE B 1987 -31.61 -80.99 -122.70
C PHE B 1987 -31.92 -82.28 -123.48
N TYR B 1988 -30.90 -82.82 -124.13
CA TYR B 1988 -30.96 -83.89 -125.16
C TYR B 1988 -30.56 -85.22 -124.51
N ASP B 1989 -31.47 -86.20 -124.43
CA ASP B 1989 -31.27 -87.48 -123.70
C ASP B 1989 -30.33 -88.38 -124.52
N VAL B 1990 -29.27 -88.89 -123.89
CA VAL B 1990 -28.24 -89.78 -124.51
C VAL B 1990 -28.86 -91.16 -124.78
N SER B 1991 -28.55 -91.75 -125.94
CA SER B 1991 -28.88 -93.15 -126.35
C SER B 1991 -30.31 -93.23 -126.93
N LYS B 1992 -31.29 -92.57 -126.29
CA LYS B 1992 -32.72 -92.59 -126.69
C LYS B 1992 -32.98 -91.62 -127.86
N LEU B 1993 -32.15 -90.57 -128.01
CA LEU B 1993 -32.25 -89.53 -129.07
C LEU B 1993 -33.64 -88.88 -129.03
N ALA B 1994 -34.04 -88.39 -127.86
CA ALA B 1994 -35.30 -87.65 -127.63
C ALA B 1994 -35.02 -86.39 -126.82
N LEU B 1995 -35.50 -85.23 -127.29
CA LEU B 1995 -35.49 -83.95 -126.52
C LEU B 1995 -36.27 -84.16 -125.21
N LYS B 1996 -35.79 -83.53 -124.14
CA LYS B 1996 -36.40 -83.61 -122.77
C LYS B 1996 -36.50 -82.20 -122.19
N ASP B 1997 -37.66 -81.56 -122.35
CA ASP B 1997 -37.97 -80.24 -121.74
C ASP B 1997 -38.22 -80.45 -120.24
N ILE B 1998 -37.46 -79.73 -119.39
CA ILE B 1998 -37.76 -79.57 -117.94
C ILE B 1998 -38.58 -78.30 -117.76
N ILE B 1999 -39.68 -78.35 -117.01
CA ILE B 1999 -40.60 -77.19 -116.80
C ILE B 1999 -40.04 -76.36 -115.64
N ASN B 2000 -39.96 -76.92 -114.43
CA ASN B 2000 -39.62 -76.17 -113.19
C ASN B 2000 -38.21 -76.57 -112.72
N THR B 2001 -37.23 -75.71 -112.99
CA THR B 2001 -35.82 -75.82 -112.50
C THR B 2001 -35.27 -74.42 -112.24
N GLN B 2002 -34.55 -74.25 -111.13
CA GLN B 2002 -33.92 -72.96 -110.72
C GLN B 2002 -32.56 -73.28 -110.09
N VAL B 2003 -31.48 -72.75 -110.65
CA VAL B 2003 -30.08 -73.08 -110.24
C VAL B 2003 -29.56 -71.97 -109.33
N LEU B 2004 -28.87 -72.35 -108.25
CA LEU B 2004 -28.16 -71.44 -107.31
C LEU B 2004 -26.71 -71.94 -107.17
N ALA B 2005 -25.74 -71.18 -107.67
CA ALA B 2005 -24.32 -71.58 -107.76
C ALA B 2005 -23.52 -70.95 -106.62
N ALA B 2006 -22.37 -71.57 -106.30
CA ALA B 2006 -21.35 -71.05 -105.36
C ALA B 2006 -19.98 -71.61 -105.76
N MET B 2007 -18.99 -70.74 -106.02
CA MET B 2007 -17.65 -71.14 -106.54
C MET B 2007 -16.54 -70.32 -105.84
N ASN B 2008 -15.33 -70.88 -105.78
CA ASN B 2008 -14.08 -70.15 -105.44
C ASN B 2008 -13.41 -69.71 -106.74
N PRO B 2009 -13.00 -68.44 -106.88
CA PRO B 2009 -12.25 -67.99 -108.06
C PRO B 2009 -10.78 -68.40 -108.01
N SER B 2010 -10.20 -68.52 -106.81
CA SER B 2010 -8.77 -68.90 -106.59
C SER B 2010 -8.55 -70.38 -106.89
N ALA B 2011 -9.50 -71.24 -106.50
CA ALA B 2011 -9.46 -72.71 -106.72
C ALA B 2011 -9.92 -73.04 -108.15
N GLY B 2012 -9.40 -74.14 -108.71
CA GLY B 2012 -9.82 -74.73 -110.00
C GLY B 2012 -9.69 -73.75 -111.16
N SER B 2013 -10.59 -73.85 -112.15
CA SER B 2013 -10.73 -72.90 -113.27
C SER B 2013 -11.48 -71.66 -112.79
N PHE B 2014 -10.84 -70.50 -112.87
CA PHE B 2014 -11.20 -69.25 -112.12
C PHE B 2014 -12.54 -68.74 -112.62
N PHE B 2015 -12.78 -68.86 -113.93
CA PHE B 2015 -14.07 -68.63 -114.63
C PHE B 2015 -14.52 -69.98 -115.20
N VAL B 2016 -15.83 -70.22 -115.25
CA VAL B 2016 -16.43 -71.53 -115.63
C VAL B 2016 -16.76 -71.46 -117.12
N ASN B 2017 -17.56 -70.47 -117.50
CA ASN B 2017 -17.90 -70.13 -118.90
C ASN B 2017 -18.58 -68.76 -118.90
N PRO B 2018 -18.03 -67.76 -119.63
CA PRO B 2018 -18.57 -66.39 -119.56
C PRO B 2018 -20.02 -66.32 -120.06
N ARG B 2019 -20.43 -67.23 -120.96
CA ARG B 2019 -21.81 -67.32 -121.49
C ARG B 2019 -22.79 -67.80 -120.40
N TYR B 2020 -22.35 -68.69 -119.50
CA TYR B 2020 -23.18 -69.26 -118.42
C TYR B 2020 -23.26 -68.29 -117.23
N GLN B 2021 -22.11 -67.75 -116.81
CA GLN B 2021 -21.98 -66.80 -115.67
C GLN B 2021 -22.86 -65.57 -115.91
N ARG B 2022 -23.12 -65.21 -117.18
CA ARG B 2022 -24.08 -64.15 -117.58
C ARG B 2022 -25.42 -64.35 -116.86
N HIS B 2023 -26.06 -65.50 -117.07
CA HIS B 2023 -27.41 -65.86 -116.54
C HIS B 2023 -27.50 -65.53 -115.04
N PHE B 2024 -26.45 -65.87 -114.29
CA PHE B 2024 -26.39 -65.72 -112.82
C PHE B 2024 -26.01 -64.28 -112.46
N TRP B 2025 -26.54 -63.77 -111.34
CA TRP B 2025 -26.08 -62.53 -110.68
C TRP B 2025 -24.87 -62.84 -109.80
N THR B 2026 -23.74 -62.21 -110.08
CA THR B 2026 -22.44 -62.44 -109.37
C THR B 2026 -22.41 -61.58 -108.09
N ILE B 2027 -22.40 -62.22 -106.92
CA ILE B 2027 -22.21 -61.57 -105.58
C ILE B 2027 -20.94 -62.11 -104.94
N SER B 2028 -20.17 -61.22 -104.31
CA SER B 2028 -18.88 -61.53 -103.62
C SER B 2028 -19.14 -61.52 -102.12
N ILE B 2029 -18.84 -62.64 -101.46
CA ILE B 2029 -18.93 -62.79 -99.98
C ILE B 2029 -17.52 -62.56 -99.44
N PRO B 2030 -17.18 -61.33 -98.97
CA PRO B 2030 -15.83 -61.06 -98.48
C PRO B 2030 -15.62 -61.74 -97.12
N PHE B 2031 -14.37 -62.05 -96.79
CA PHE B 2031 -13.96 -62.54 -95.44
C PHE B 2031 -14.55 -61.58 -94.40
N PRO B 2032 -15.32 -62.06 -93.40
CA PRO B 2032 -16.11 -61.15 -92.57
C PRO B 2032 -15.21 -60.20 -91.77
N ASP B 2033 -15.64 -58.95 -91.60
CA ASP B 2033 -14.87 -57.87 -90.92
C ASP B 2033 -14.81 -58.14 -89.41
N ASN B 2034 -14.03 -57.33 -88.69
CA ASN B 2034 -13.73 -57.50 -87.23
C ASN B 2034 -15.00 -57.31 -86.39
N GLU B 2035 -15.98 -56.54 -86.89
CA GLU B 2035 -17.27 -56.25 -86.20
C GLU B 2035 -18.25 -57.43 -86.39
N SER B 2036 -18.21 -58.09 -87.55
CA SER B 2036 -19.06 -59.26 -87.89
C SER B 2036 -18.54 -60.51 -87.18
N LEU B 2037 -17.26 -60.88 -87.40
CA LEU B 2037 -16.58 -62.04 -86.77
C LEU B 2037 -16.84 -62.02 -85.26
N SER B 2038 -16.57 -60.88 -84.61
CA SER B 2038 -16.77 -60.68 -83.15
C SER B 2038 -18.20 -61.10 -82.77
N LEU B 2039 -19.20 -60.71 -83.56
CA LEU B 2039 -20.64 -61.04 -83.33
C LEU B 2039 -20.89 -62.54 -83.59
N ILE B 2040 -20.28 -63.10 -84.64
CA ILE B 2040 -20.48 -64.53 -85.06
C ILE B 2040 -20.06 -65.47 -83.92
N TYR B 2041 -18.87 -65.26 -83.34
CA TYR B 2041 -18.24 -66.22 -82.40
C TYR B 2041 -18.63 -65.93 -80.95
N ILE B 2042 -18.89 -64.68 -80.58
CA ILE B 2042 -19.32 -64.30 -79.20
C ILE B 2042 -20.70 -64.90 -78.92
N THR B 2043 -21.53 -65.14 -79.95
CA THR B 2043 -22.88 -65.78 -79.83
C THR B 2043 -22.74 -67.28 -79.59
N PHE B 2044 -21.85 -67.96 -80.34
CA PHE B 2044 -21.51 -69.39 -80.14
C PHE B 2044 -20.99 -69.60 -78.72
N LEU B 2045 -19.98 -68.80 -78.35
CA LEU B 2045 -19.28 -68.92 -77.04
C LEU B 2045 -20.31 -68.66 -75.92
N ASN B 2046 -20.95 -67.48 -75.90
CA ASN B 2046 -21.80 -67.01 -74.77
C ASN B 2046 -22.85 -68.07 -74.42
N GLY B 2047 -23.42 -68.74 -75.42
CA GLY B 2047 -24.43 -69.81 -75.20
C GLY B 2047 -23.83 -71.00 -74.48
N HIS B 2048 -22.60 -71.38 -74.82
CA HIS B 2048 -21.82 -72.46 -74.16
C HIS B 2048 -21.30 -71.99 -72.79
N LEU B 2049 -20.96 -70.71 -72.64
CA LEU B 2049 -20.43 -70.09 -71.39
C LEU B 2049 -21.59 -69.54 -70.53
N LYS B 2050 -22.83 -69.95 -70.80
CA LYS B 2050 -24.04 -69.50 -70.06
C LYS B 2050 -24.14 -70.28 -68.74
N ARG B 2051 -24.05 -71.61 -68.82
CA ARG B 2051 -24.16 -72.54 -67.66
C ARG B 2051 -22.81 -72.67 -66.93
N PHE B 2052 -21.77 -71.95 -67.38
CA PHE B 2052 -20.44 -71.84 -66.72
C PHE B 2052 -20.52 -70.78 -65.62
N LYS B 2053 -19.49 -70.74 -64.76
CA LYS B 2053 -19.28 -69.71 -63.70
C LYS B 2053 -19.34 -68.31 -64.33
N SER B 2054 -19.70 -67.30 -63.53
CA SER B 2054 -19.96 -65.90 -64.00
C SER B 2054 -18.65 -65.14 -64.27
N THR B 2055 -17.48 -65.59 -63.77
CA THR B 2055 -16.18 -64.90 -63.91
C THR B 2055 -15.51 -65.29 -65.24
N ILE B 2056 -15.48 -66.58 -65.58
CA ILE B 2056 -15.02 -67.13 -66.90
C ILE B 2056 -15.91 -66.59 -68.03
N GLN B 2057 -17.18 -66.34 -67.74
CA GLN B 2057 -18.19 -65.76 -68.66
C GLN B 2057 -17.82 -64.31 -69.03
N GLU B 2058 -17.14 -63.58 -68.13
CA GLU B 2058 -16.67 -62.18 -68.36
C GLU B 2058 -15.55 -62.18 -69.40
N TYR B 2059 -14.62 -63.14 -69.33
CA TYR B 2059 -13.47 -63.30 -70.26
C TYR B 2059 -13.94 -63.85 -71.62
N SER B 2060 -15.23 -64.13 -71.80
CA SER B 2060 -15.85 -64.57 -73.08
C SER B 2060 -15.44 -63.66 -74.23
N ASN B 2061 -15.82 -62.38 -74.16
CA ASN B 2061 -15.64 -61.40 -75.28
C ASN B 2061 -14.15 -61.20 -75.56
N ILE B 2062 -13.29 -61.28 -74.54
CA ILE B 2062 -11.81 -61.04 -74.63
C ILE B 2062 -11.18 -62.12 -75.54
N ILE B 2063 -11.59 -63.39 -75.35
CA ILE B 2063 -11.18 -64.55 -76.19
C ILE B 2063 -11.46 -64.22 -77.67
N VAL B 2064 -12.64 -63.65 -77.96
CA VAL B 2064 -13.11 -63.41 -79.35
C VAL B 2064 -12.26 -62.29 -79.97
N ARG B 2065 -11.90 -61.27 -79.18
CA ARG B 2065 -10.93 -60.21 -79.59
C ARG B 2065 -9.56 -60.88 -79.81
N ALA B 2066 -9.17 -61.79 -78.91
CA ALA B 2066 -7.86 -62.48 -78.93
C ALA B 2066 -7.73 -63.35 -80.18
N SER B 2067 -8.74 -64.17 -80.47
CA SER B 2067 -8.77 -65.13 -81.61
C SER B 2067 -8.78 -64.38 -82.95
N LEU B 2068 -9.42 -63.21 -82.99
CA LEU B 2068 -9.44 -62.31 -84.18
C LEU B 2068 -8.04 -61.74 -84.42
N MET B 2069 -7.42 -61.16 -83.37
CA MET B 2069 -6.04 -60.59 -83.41
C MET B 2069 -5.06 -61.64 -83.90
N LEU B 2070 -5.21 -62.89 -83.47
CA LEU B 2070 -4.34 -64.04 -83.87
C LEU B 2070 -4.49 -64.30 -85.37
N HIS B 2071 -5.73 -64.34 -85.87
CA HIS B 2071 -6.05 -64.56 -87.31
C HIS B 2071 -5.38 -63.48 -88.17
N GLN B 2072 -5.40 -62.23 -87.71
CA GLN B 2072 -4.87 -61.05 -88.45
C GLN B 2072 -3.33 -61.12 -88.52
N ALA B 2073 -2.69 -61.69 -87.49
CA ALA B 2073 -1.22 -61.83 -87.40
C ALA B 2073 -0.73 -62.92 -88.36
N VAL B 2074 -1.34 -64.12 -88.29
CA VAL B 2074 -0.89 -65.34 -89.04
C VAL B 2074 -1.11 -65.15 -90.55
N THR B 2075 -2.25 -64.58 -90.95
CA THR B 2075 -2.62 -64.35 -92.38
C THR B 2075 -1.64 -63.35 -93.01
N GLN B 2076 -1.12 -62.39 -92.23
CA GLN B 2076 -0.07 -61.42 -92.64
C GLN B 2076 1.29 -62.12 -92.68
N ASN B 2077 1.62 -62.89 -91.62
CA ASN B 2077 2.95 -63.53 -91.42
C ASN B 2077 3.15 -64.72 -92.39
N PHE B 2078 2.07 -65.44 -92.74
CA PHE B 2078 2.09 -66.63 -93.63
C PHE B 2078 1.16 -66.40 -94.84
N ARG B 2079 1.74 -66.18 -96.01
CA ARG B 2079 1.01 -65.99 -97.30
C ARG B 2079 1.01 -67.32 -98.06
N LYS B 2080 -0.10 -67.63 -98.74
CA LYS B 2080 -0.27 -68.88 -99.52
C LYS B 2080 0.61 -68.81 -100.77
N THR B 2081 1.08 -69.97 -101.23
CA THR B 2081 1.88 -70.16 -102.48
C THR B 2081 1.56 -71.55 -103.06
N ALA B 2082 2.04 -71.83 -104.28
CA ALA B 2082 1.86 -73.13 -104.98
C ALA B 2082 2.42 -74.27 -104.11
N ILE B 2083 3.57 -74.02 -103.46
CA ILE B 2083 4.11 -74.83 -102.34
C ILE B 2083 3.56 -74.21 -101.05
N ASN B 2084 3.16 -75.03 -100.07
CA ASN B 2084 2.50 -74.60 -98.81
C ASN B 2084 1.11 -74.02 -99.15
N PHE B 2085 0.41 -74.65 -100.10
CA PHE B 2085 -1.01 -74.40 -100.50
C PHE B 2085 -1.93 -74.26 -99.27
N HIS B 2086 -1.70 -75.08 -98.24
CA HIS B 2086 -2.56 -75.21 -97.03
C HIS B 2086 -2.49 -73.96 -96.15
N TYR B 2087 -1.39 -73.19 -96.22
CA TYR B 2087 -1.11 -72.00 -95.36
C TYR B 2087 -2.27 -70.98 -95.39
N GLU B 2088 -3.07 -70.97 -96.46
CA GLU B 2088 -4.31 -70.14 -96.56
C GLU B 2088 -5.23 -70.41 -95.36
N PHE B 2089 -5.41 -69.42 -94.48
CA PHE B 2089 -6.22 -69.49 -93.23
C PHE B 2089 -7.61 -68.92 -93.48
N ASN B 2090 -8.53 -69.76 -93.96
CA ASN B 2090 -9.97 -69.43 -94.13
C ASN B 2090 -10.62 -69.25 -92.75
N LEU B 2091 -11.90 -68.85 -92.77
CA LEU B 2091 -12.77 -68.70 -91.58
C LEU B 2091 -12.83 -70.03 -90.82
N ARG B 2092 -13.11 -71.14 -91.52
CA ARG B 2092 -13.46 -72.46 -90.92
C ARG B 2092 -12.33 -72.99 -90.00
N HIS B 2093 -11.10 -72.49 -90.16
CA HIS B 2093 -9.96 -72.78 -89.25
C HIS B 2093 -10.24 -72.13 -87.89
N MET B 2094 -10.59 -70.83 -87.90
CA MET B 2094 -11.03 -70.06 -86.70
C MET B 2094 -12.19 -70.80 -86.02
N SER B 2095 -13.16 -71.30 -86.80
CA SER B 2095 -14.37 -72.02 -86.34
C SER B 2095 -13.99 -73.29 -85.55
N ASN B 2096 -12.88 -73.93 -85.91
CA ASN B 2096 -12.40 -75.19 -85.27
C ASN B 2096 -11.80 -74.89 -83.90
N VAL B 2097 -11.25 -73.69 -83.68
CA VAL B 2097 -10.68 -73.24 -82.37
C VAL B 2097 -11.83 -73.19 -81.35
N PHE B 2098 -12.93 -72.54 -81.71
CA PHE B 2098 -14.12 -72.35 -80.85
C PHE B 2098 -14.89 -73.67 -80.70
N GLN B 2099 -14.73 -74.63 -81.61
CA GLN B 2099 -15.28 -76.01 -81.46
C GLN B 2099 -14.59 -76.71 -80.30
N GLY B 2100 -13.32 -76.39 -80.02
CA GLY B 2100 -12.53 -76.98 -78.93
C GLY B 2100 -12.93 -76.46 -77.56
N LEU B 2101 -13.41 -75.21 -77.47
CA LEU B 2101 -13.89 -74.59 -76.21
C LEU B 2101 -15.27 -75.17 -75.83
N LEU B 2102 -16.03 -75.71 -76.79
CA LEU B 2102 -17.37 -76.33 -76.59
C LEU B 2102 -17.19 -77.75 -76.02
N LEU B 2103 -16.17 -78.48 -76.50
CA LEU B 2103 -15.76 -79.81 -75.98
C LEU B 2103 -15.54 -79.72 -74.47
N SER B 2104 -15.01 -78.59 -74.00
CA SER B 2104 -14.82 -78.25 -72.56
C SER B 2104 -16.17 -78.36 -71.83
N ASP B 2105 -16.34 -79.41 -71.02
CA ASP B 2105 -17.56 -79.64 -70.18
C ASP B 2105 -17.51 -78.69 -68.99
N PRO B 2106 -18.67 -78.15 -68.52
CA PRO B 2106 -18.68 -77.25 -67.36
C PRO B 2106 -18.30 -77.99 -66.06
N ASN B 2107 -18.08 -77.24 -64.98
CA ASN B 2107 -17.76 -77.76 -63.61
C ASN B 2107 -16.30 -78.24 -63.54
N LYS B 2108 -15.74 -78.74 -64.65
CA LYS B 2108 -14.33 -79.18 -64.77
C LYS B 2108 -13.38 -77.98 -64.94
N PHE B 2109 -13.91 -76.76 -65.18
CA PHE B 2109 -13.14 -75.49 -65.29
C PHE B 2109 -13.67 -74.44 -64.29
N THR B 2110 -13.19 -74.49 -63.05
CA THR B 2110 -13.52 -73.51 -61.97
C THR B 2110 -12.69 -72.24 -62.18
N GLU B 2111 -11.39 -72.37 -62.44
CA GLU B 2111 -10.42 -71.24 -62.50
C GLU B 2111 -10.60 -70.50 -63.83
N PRO B 2112 -10.72 -69.15 -63.82
CA PRO B 2112 -10.76 -68.36 -65.07
C PRO B 2112 -9.49 -68.43 -65.91
N ASP B 2113 -8.34 -68.20 -65.27
CA ASP B 2113 -6.97 -68.26 -65.86
C ASP B 2113 -6.85 -69.50 -66.76
N LYS B 2114 -7.35 -70.65 -66.27
CA LYS B 2114 -7.25 -71.99 -66.91
C LYS B 2114 -7.96 -72.01 -68.28
N LEU B 2115 -9.15 -71.42 -68.40
CA LEU B 2115 -9.95 -71.44 -69.67
C LEU B 2115 -9.13 -70.84 -70.82
N ILE B 2116 -8.23 -69.89 -70.50
CA ILE B 2116 -7.30 -69.28 -71.50
C ILE B 2116 -6.27 -70.34 -71.92
N LYS B 2117 -5.68 -71.06 -70.95
CA LYS B 2117 -4.66 -72.14 -71.19
C LYS B 2117 -5.24 -73.20 -72.14
N LEU B 2118 -6.54 -73.46 -72.05
CA LEU B 2118 -7.26 -74.41 -72.95
C LEU B 2118 -7.35 -73.82 -74.36
N TRP B 2119 -7.70 -72.53 -74.47
CA TRP B 2119 -7.81 -71.82 -75.77
C TRP B 2119 -6.44 -71.80 -76.46
N ILE B 2120 -5.37 -71.60 -75.69
CA ILE B 2120 -3.97 -71.51 -76.21
C ILE B 2120 -3.58 -72.87 -76.81
N HIS B 2121 -3.75 -73.96 -76.05
CA HIS B 2121 -3.61 -75.36 -76.53
C HIS B 2121 -4.33 -75.53 -77.87
N GLU B 2122 -5.61 -75.13 -77.90
CA GLU B 2122 -6.54 -75.43 -79.00
C GLU B 2122 -6.08 -74.73 -80.29
N CYS B 2123 -5.60 -73.49 -80.18
CA CYS B 2123 -5.08 -72.69 -81.32
C CYS B 2123 -3.95 -73.45 -82.03
N GLU B 2124 -3.00 -74.00 -81.27
CA GLU B 2124 -1.83 -74.74 -81.80
C GLU B 2124 -2.31 -76.00 -82.53
N ARG B 2125 -3.25 -76.73 -81.95
CA ARG B 2125 -3.75 -78.03 -82.50
C ARG B 2125 -4.62 -77.74 -83.74
N THR B 2126 -5.35 -76.61 -83.73
CA THR B 2126 -6.29 -76.20 -84.80
C THR B 2126 -5.48 -75.74 -86.02
N TYR B 2127 -5.09 -74.46 -86.10
CA TYR B 2127 -4.40 -73.89 -87.28
C TYR B 2127 -2.98 -73.41 -86.93
N GLY B 2128 -2.44 -73.86 -85.80
CA GLY B 2128 -0.99 -74.02 -85.60
C GLY B 2128 -0.56 -75.40 -86.09
N ASP B 2129 0.74 -75.71 -85.98
CA ASP B 2129 1.30 -77.06 -86.28
C ASP B 2129 0.71 -77.57 -87.60
N ARG B 2130 0.78 -76.74 -88.64
CA ARG B 2130 0.58 -77.13 -90.06
C ARG B 2130 1.64 -76.39 -90.89
N LEU B 2131 2.85 -76.30 -90.37
CA LEU B 2131 3.97 -75.49 -90.92
C LEU B 2131 5.09 -76.44 -91.35
N VAL B 2132 5.62 -76.25 -92.56
CA VAL B 2132 6.66 -77.11 -93.19
C VAL B 2132 7.90 -77.19 -92.28
N SER B 2133 8.30 -76.07 -91.65
CA SER B 2133 9.56 -75.91 -90.88
C SER B 2133 9.30 -75.82 -89.38
N THR B 2134 10.37 -75.86 -88.59
CA THR B 2134 10.41 -75.53 -87.13
C THR B 2134 10.61 -74.02 -86.95
N ASP B 2135 11.22 -73.35 -87.93
CA ASP B 2135 11.52 -71.89 -87.89
C ASP B 2135 10.22 -71.09 -88.03
N ASN B 2136 9.26 -71.59 -88.82
CA ASN B 2136 7.90 -70.98 -88.96
C ASN B 2136 7.12 -71.15 -87.64
N LEU B 2137 7.20 -72.33 -87.02
CA LEU B 2137 6.54 -72.65 -85.72
C LEU B 2137 7.06 -71.71 -84.61
N LYS B 2138 8.35 -71.36 -84.65
CA LYS B 2138 9.02 -70.44 -83.68
C LYS B 2138 8.42 -69.03 -83.81
N THR B 2139 8.21 -68.55 -85.05
CA THR B 2139 7.61 -67.22 -85.34
C THR B 2139 6.13 -67.22 -84.92
N TYR B 2140 5.41 -68.31 -85.22
CA TYR B 2140 3.97 -68.49 -84.90
C TYR B 2140 3.76 -68.47 -83.38
N LYS B 2141 4.59 -69.20 -82.63
CA LYS B 2141 4.53 -69.25 -81.13
C LYS B 2141 4.77 -67.85 -80.55
N GLU B 2142 5.75 -67.11 -81.07
CA GLU B 2142 6.08 -65.71 -80.66
C GLU B 2142 4.87 -64.80 -80.89
N ASN B 2143 4.20 -64.94 -82.05
CA ASN B 2143 3.04 -64.11 -82.47
C ASN B 2143 1.89 -64.25 -81.46
N ILE B 2144 1.62 -65.48 -80.98
CA ILE B 2144 0.56 -65.76 -79.98
C ILE B 2144 0.95 -65.07 -78.67
N PHE B 2145 2.11 -65.41 -78.12
CA PHE B 2145 2.58 -64.97 -76.77
C PHE B 2145 2.31 -63.47 -76.59
N ASP B 2146 2.70 -62.65 -77.57
CA ASP B 2146 2.57 -61.17 -77.51
C ASP B 2146 1.09 -60.78 -77.57
N ILE B 2147 0.27 -61.48 -78.38
CA ILE B 2147 -1.20 -61.27 -78.46
C ILE B 2147 -1.84 -61.73 -77.13
N VAL B 2148 -1.35 -62.83 -76.56
CA VAL B 2148 -1.80 -63.38 -75.24
C VAL B 2148 -1.40 -62.38 -74.12
N LYS B 2149 -0.24 -61.72 -74.26
CA LYS B 2149 0.27 -60.73 -73.27
C LYS B 2149 -0.67 -59.52 -73.20
N LYS B 2150 -0.99 -58.92 -74.34
CA LYS B 2150 -1.81 -57.68 -74.48
C LYS B 2150 -3.25 -57.92 -74.04
N SER B 2151 -3.87 -59.00 -74.52
CA SER B 2151 -5.30 -59.35 -74.30
C SER B 2151 -5.54 -59.71 -72.82
N PHE B 2152 -4.72 -60.62 -72.28
CA PHE B 2152 -4.86 -61.16 -70.89
C PHE B 2152 -3.73 -60.61 -70.01
N SER B 2153 -4.11 -59.85 -68.97
CA SER B 2153 -3.23 -59.37 -67.88
C SER B 2153 -3.65 -60.05 -66.57
N LYS B 2154 -2.89 -59.81 -65.49
CA LYS B 2154 -3.05 -60.44 -64.15
C LYS B 2154 -3.04 -61.98 -64.26
N PHE B 2155 -2.67 -62.52 -65.43
CA PHE B 2155 -2.58 -63.97 -65.75
C PHE B 2155 -1.25 -64.22 -66.45
N ASN B 2156 -0.30 -64.88 -65.79
CA ASN B 2156 1.04 -65.19 -66.34
C ASN B 2156 0.94 -66.40 -67.28
N PHE B 2157 1.59 -66.32 -68.44
CA PHE B 2157 1.76 -67.43 -69.43
C PHE B 2157 3.24 -67.53 -69.85
N SER B 2158 4.15 -67.12 -68.98
CA SER B 2158 5.60 -67.42 -69.08
C SER B 2158 5.80 -68.91 -68.79
N ARG B 2159 6.73 -69.55 -69.50
CA ARG B 2159 7.15 -70.98 -69.34
C ARG B 2159 6.26 -71.91 -70.18
N TYR B 2160 5.19 -71.42 -70.82
CA TYR B 2160 4.39 -72.15 -71.83
C TYR B 2160 4.64 -71.61 -73.25
N PHE B 2161 5.42 -70.53 -73.39
CA PHE B 2161 5.84 -69.95 -74.71
C PHE B 2161 7.34 -69.66 -74.77
N GLY B 2162 8.10 -69.93 -73.70
CA GLY B 2162 9.56 -69.73 -73.68
C GLY B 2162 10.28 -70.80 -74.49
N ASN B 2163 11.58 -70.57 -74.76
CA ASN B 2163 12.54 -71.58 -75.29
C ASN B 2163 12.60 -72.76 -74.32
N ASN B 2164 12.43 -73.99 -74.84
CA ASN B 2164 12.31 -75.25 -74.06
C ASN B 2164 11.16 -75.12 -73.06
N PRO B 2165 9.89 -75.05 -73.55
CA PRO B 2165 8.74 -74.90 -72.67
C PRO B 2165 8.30 -76.24 -72.07
N GLU B 2166 7.35 -76.19 -71.12
CA GLU B 2166 6.63 -77.38 -70.60
C GLU B 2166 5.53 -77.73 -71.61
N ASN B 2167 5.55 -78.96 -72.14
CA ASN B 2167 4.48 -79.51 -73.02
C ASN B 2167 3.14 -79.38 -72.28
N LEU B 2168 2.13 -78.81 -72.95
CA LEU B 2168 0.72 -78.76 -72.48
C LEU B 2168 -0.15 -79.48 -73.50
N ILE B 2169 -1.07 -80.34 -73.03
CA ILE B 2169 -1.98 -81.16 -73.88
C ILE B 2169 -3.35 -81.28 -73.18
N TYR B 2170 -4.42 -81.28 -73.97
CA TYR B 2170 -5.83 -81.46 -73.53
C TYR B 2170 -6.46 -82.58 -74.36
N CYS B 2171 -6.68 -83.75 -73.73
CA CYS B 2171 -7.36 -84.94 -74.29
C CYS B 2171 -8.61 -85.25 -73.48
N ASN B 2172 -9.48 -86.13 -73.99
CA ASN B 2172 -10.67 -86.63 -73.26
C ASN B 2172 -10.21 -87.49 -72.08
N PHE B 2173 -9.07 -88.18 -72.23
CA PHE B 2173 -8.48 -89.10 -71.22
C PHE B 2173 -7.39 -88.36 -70.42
N ILE B 2174 -7.49 -88.40 -69.09
CA ILE B 2174 -6.48 -87.85 -68.12
C ILE B 2174 -6.15 -88.96 -67.11
N ALA B 2175 -7.14 -89.42 -66.36
CA ALA B 2175 -7.04 -90.46 -65.31
C ALA B 2175 -6.72 -91.83 -65.94
N GLY B 2176 -6.96 -91.99 -67.24
CA GLY B 2176 -6.55 -93.16 -68.04
C GLY B 2176 -7.62 -93.56 -69.04
N ILE B 2177 -7.29 -94.53 -69.91
CA ILE B 2177 -8.25 -95.19 -70.85
C ILE B 2177 -9.49 -95.66 -70.09
N ASN B 2178 -9.32 -96.23 -68.90
CA ASN B 2178 -10.36 -97.00 -68.16
C ASN B 2178 -11.39 -96.05 -67.55
N SER B 2179 -10.95 -94.98 -66.89
CA SER B 2179 -11.80 -94.02 -66.13
C SER B 2179 -12.61 -93.12 -67.09
N ASP B 2180 -13.48 -92.27 -66.54
CA ASP B 2180 -14.43 -91.40 -67.29
C ASP B 2180 -13.64 -90.32 -68.04
N ARG B 2181 -14.16 -89.89 -69.19
CA ARG B 2181 -13.47 -89.00 -70.15
C ARG B 2181 -14.02 -87.57 -70.06
N PHE B 2182 -13.31 -86.70 -69.34
CA PHE B 2182 -13.55 -85.23 -69.26
C PHE B 2182 -12.37 -84.51 -69.93
N TYR B 2183 -12.67 -83.61 -70.88
CA TYR B 2183 -11.68 -82.85 -71.69
C TYR B 2183 -11.03 -81.78 -70.79
N ASP B 2184 -9.76 -81.96 -70.41
CA ASP B 2184 -9.02 -81.07 -69.47
C ASP B 2184 -7.50 -81.30 -69.61
N GLN B 2185 -6.69 -80.39 -69.03
CA GLN B 2185 -5.20 -80.42 -69.07
C GLN B 2185 -4.68 -81.73 -68.48
N MET B 2186 -3.86 -82.45 -69.24
CA MET B 2186 -3.13 -83.66 -68.79
C MET B 2186 -1.74 -83.25 -68.29
N PRO B 2187 -1.29 -83.72 -67.11
CA PRO B 2187 0.08 -83.48 -66.68
C PRO B 2187 1.06 -84.29 -67.55
N ASN B 2188 2.23 -83.72 -67.85
CA ASN B 2188 3.27 -84.32 -68.73
C ASN B 2188 3.76 -85.66 -68.17
N ASN B 2189 3.70 -85.86 -66.85
CA ASN B 2189 4.18 -87.09 -66.14
C ASN B 2189 3.33 -88.30 -66.56
N GLU B 2190 2.01 -88.21 -66.39
CA GLU B 2190 1.04 -89.32 -66.65
C GLU B 2190 0.97 -89.65 -68.15
N MET B 2191 1.40 -88.73 -69.02
CA MET B 2191 1.42 -88.88 -70.51
C MET B 2191 2.14 -90.18 -70.88
N GLU B 2192 3.41 -90.32 -70.45
CA GLU B 2192 4.28 -91.50 -70.72
C GLU B 2192 3.58 -92.77 -70.22
N LYS B 2193 3.00 -92.71 -69.00
CA LYS B 2193 2.36 -93.87 -68.34
C LYS B 2193 1.11 -94.29 -69.12
N HIS B 2194 0.24 -93.35 -69.49
CA HIS B 2194 -1.13 -93.63 -69.99
C HIS B 2194 -1.10 -94.11 -71.45
N ILE B 2195 -0.25 -93.52 -72.30
CA ILE B 2195 -0.07 -93.95 -73.72
C ILE B 2195 0.50 -95.37 -73.71
N SER B 2196 1.45 -95.66 -72.81
CA SER B 2196 2.06 -97.00 -72.60
C SER B 2196 0.96 -97.99 -72.22
N GLU B 2197 0.20 -97.68 -71.15
CA GLU B 2197 -0.95 -98.50 -70.67
C GLU B 2197 -1.91 -98.75 -71.83
N ALA B 2198 -2.30 -97.69 -72.56
CA ALA B 2198 -3.29 -97.71 -73.67
C ALA B 2198 -2.82 -98.66 -74.78
N LEU B 2199 -1.50 -98.80 -74.97
CA LEU B 2199 -0.89 -99.72 -75.96
C LEU B 2199 -1.15 -101.18 -75.52
N LYS B 2200 -0.99 -101.48 -74.22
CA LYS B 2200 -1.11 -102.85 -73.65
C LYS B 2200 -2.53 -103.39 -73.89
N GLU B 2201 -3.56 -102.53 -73.80
CA GLU B 2201 -4.98 -102.89 -74.08
C GLU B 2201 -5.16 -103.12 -75.59
N TYR B 2202 -4.40 -102.41 -76.44
CA TYR B 2202 -4.36 -102.61 -77.92
C TYR B 2202 -3.59 -103.90 -78.25
N ASN B 2203 -2.49 -104.17 -77.53
CA ASN B 2203 -1.63 -105.37 -77.69
C ASN B 2203 -2.36 -106.63 -77.18
N ASP B 2204 -3.46 -106.48 -76.44
CA ASP B 2204 -4.41 -107.58 -76.10
C ASP B 2204 -5.25 -107.91 -77.35
N ASN B 2205 -6.29 -107.12 -77.63
CA ASN B 2205 -7.39 -107.51 -78.56
C ASN B 2205 -6.98 -107.36 -80.02
N ASN B 2206 -5.95 -106.57 -80.34
CA ASN B 2206 -5.51 -106.29 -81.74
C ASN B 2206 -4.18 -106.99 -82.04
N ALA B 2207 -3.72 -106.89 -83.29
CA ALA B 2207 -2.39 -107.33 -83.76
C ALA B 2207 -1.32 -106.41 -83.15
N PHE B 2208 -0.16 -106.97 -82.77
CA PHE B 2208 0.92 -106.26 -82.05
C PHE B 2208 1.44 -105.09 -82.88
N MET B 2209 1.40 -103.89 -82.32
CA MET B 2209 1.63 -102.61 -83.03
C MET B 2209 3.13 -102.39 -83.24
N GLY B 2210 3.95 -102.73 -82.24
CA GLY B 2210 5.42 -102.71 -82.31
C GLY B 2210 5.97 -101.32 -82.59
N LEU B 2211 5.45 -100.30 -81.89
CA LEU B 2211 5.91 -98.89 -81.98
C LEU B 2211 6.73 -98.55 -80.74
N VAL B 2212 7.73 -97.67 -80.90
CA VAL B 2212 8.53 -97.06 -79.79
C VAL B 2212 7.94 -95.70 -79.47
N LEU B 2213 7.73 -95.41 -78.18
CA LEU B 2213 7.05 -94.18 -77.68
C LEU B 2213 8.12 -93.15 -77.26
N PHE B 2214 8.13 -92.01 -77.96
CA PHE B 2214 8.99 -90.82 -77.66
C PHE B 2214 8.08 -89.60 -77.53
N GLU B 2215 8.50 -88.61 -76.72
CA GLU B 2215 7.69 -87.42 -76.34
C GLU B 2215 6.85 -86.95 -77.53
N ASP B 2216 7.49 -86.71 -78.69
CA ASP B 2216 6.85 -86.15 -79.92
C ASP B 2216 5.75 -87.08 -80.43
N ALA B 2217 5.90 -88.41 -80.33
CA ALA B 2217 4.91 -89.40 -80.80
C ALA B 2217 3.66 -89.35 -79.91
N MET B 2218 3.84 -89.29 -78.60
CA MET B 2218 2.74 -89.15 -77.60
C MET B 2218 1.95 -87.87 -77.90
N LYS B 2219 2.63 -86.78 -78.26
CA LYS B 2219 1.99 -85.50 -78.69
C LYS B 2219 1.08 -85.81 -79.88
N HIS B 2220 1.61 -86.52 -80.89
CA HIS B 2220 0.91 -86.83 -82.17
C HIS B 2220 -0.34 -87.68 -81.91
N VAL B 2221 -0.31 -88.58 -80.91
CA VAL B 2221 -1.48 -89.43 -80.53
C VAL B 2221 -2.60 -88.50 -80.05
N CYS B 2222 -2.32 -87.72 -79.01
CA CYS B 2222 -3.26 -86.76 -78.36
C CYS B 2222 -3.83 -85.79 -79.40
N ARG B 2223 -2.97 -85.26 -80.27
CA ARG B 2223 -3.31 -84.31 -81.36
C ARG B 2223 -4.37 -84.91 -82.28
N ILE B 2224 -4.23 -86.19 -82.64
CA ILE B 2224 -5.20 -86.91 -83.53
C ILE B 2224 -6.49 -87.16 -82.73
N CYS B 2225 -6.38 -87.55 -81.46
CA CYS B 2225 -7.53 -87.85 -80.55
C CYS B 2225 -8.42 -86.62 -80.35
N ARG B 2226 -7.85 -85.41 -80.37
CA ARG B 2226 -8.63 -84.14 -80.43
C ARG B 2226 -9.33 -84.08 -81.79
N ILE B 2227 -8.57 -84.16 -82.89
CA ILE B 2227 -9.07 -83.90 -84.28
C ILE B 2227 -10.28 -84.80 -84.58
N VAL B 2228 -10.39 -85.97 -83.95
CA VAL B 2228 -11.50 -86.95 -84.21
C VAL B 2228 -12.52 -86.96 -83.05
N LEU B 2229 -12.49 -85.99 -82.12
CA LEU B 2229 -13.47 -85.87 -81.01
C LEU B 2229 -14.77 -85.22 -81.49
N PRO B 2230 -14.78 -84.03 -82.14
CA PRO B 2230 -16.03 -83.41 -82.59
C PRO B 2230 -16.69 -84.21 -83.73
N SER B 2231 -17.98 -83.96 -83.96
CA SER B 2231 -18.85 -84.72 -84.89
C SER B 2231 -18.28 -84.68 -86.32
N SER B 2232 -18.40 -83.53 -87.00
CA SER B 2232 -18.01 -83.32 -88.42
C SER B 2232 -16.50 -83.48 -88.62
N GLY B 2233 -15.69 -83.25 -87.58
CA GLY B 2233 -14.21 -83.23 -87.61
C GLY B 2233 -13.60 -84.46 -88.29
N HIS B 2234 -12.65 -84.22 -89.20
CA HIS B 2234 -11.88 -85.24 -89.96
C HIS B 2234 -10.39 -84.94 -89.85
N ALA B 2235 -9.54 -85.98 -89.92
CA ALA B 2235 -8.07 -85.89 -89.80
C ALA B 2235 -7.42 -86.00 -91.18
N LEU B 2236 -6.28 -85.33 -91.37
CA LEU B 2236 -5.38 -85.47 -92.54
C LEU B 2236 -3.95 -85.43 -92.02
N LEU B 2237 -3.21 -86.53 -92.20
CA LEU B 2237 -1.86 -86.74 -91.61
C LEU B 2237 -0.82 -86.67 -92.75
N VAL B 2238 0.15 -85.76 -92.64
CA VAL B 2238 1.21 -85.53 -93.67
C VAL B 2238 2.56 -85.93 -93.07
N GLY B 2239 3.10 -87.08 -93.50
CA GLY B 2239 4.36 -87.68 -93.00
C GLY B 2239 5.22 -88.17 -94.15
N VAL B 2240 6.55 -88.06 -93.98
CA VAL B 2240 7.54 -88.18 -95.09
C VAL B 2240 7.53 -89.62 -95.62
N GLY B 2241 7.81 -90.60 -94.75
CA GLY B 2241 7.94 -92.03 -95.11
C GLY B 2241 7.45 -92.95 -94.01
N GLY B 2242 8.28 -93.13 -92.96
CA GLY B 2242 7.97 -93.93 -91.76
C GLY B 2242 7.71 -93.04 -90.56
N SER B 2243 7.00 -91.92 -90.76
CA SER B 2243 6.78 -90.83 -89.77
C SER B 2243 6.09 -91.38 -88.52
N GLY B 2244 5.03 -92.17 -88.70
CA GLY B 2244 4.25 -92.74 -87.59
C GLY B 2244 2.76 -92.81 -87.88
N LYS B 2245 2.25 -91.81 -88.60
CA LYS B 2245 0.80 -91.43 -88.71
C LYS B 2245 -0.11 -92.65 -88.93
N GLN B 2246 0.27 -93.62 -89.77
CA GLN B 2246 -0.61 -94.76 -90.15
C GLN B 2246 -0.94 -95.61 -88.93
N SER B 2247 0.05 -95.94 -88.08
CA SER B 2247 -0.15 -96.77 -86.87
C SER B 2247 -0.57 -95.90 -85.69
N LEU B 2248 -0.02 -94.69 -85.56
CA LEU B 2248 -0.43 -93.68 -84.54
C LEU B 2248 -1.95 -93.46 -84.62
N SER B 2249 -2.52 -93.45 -85.84
CA SER B 2249 -3.98 -93.28 -86.07
C SER B 2249 -4.74 -94.52 -85.57
N LYS B 2250 -4.18 -95.72 -85.77
CA LYS B 2250 -4.77 -97.01 -85.27
C LYS B 2250 -4.79 -97.02 -83.74
N LEU B 2251 -3.77 -96.42 -83.09
CA LEU B 2251 -3.71 -96.26 -81.62
C LEU B 2251 -4.77 -95.24 -81.20
N ALA B 2252 -4.71 -94.04 -81.78
CA ALA B 2252 -5.64 -92.91 -81.53
C ALA B 2252 -7.07 -93.42 -81.54
N SER B 2253 -7.44 -94.14 -82.61
CA SER B 2253 -8.78 -94.77 -82.80
C SER B 2253 -9.16 -95.52 -81.52
N PHE B 2254 -8.29 -96.43 -81.06
CA PHE B 2254 -8.59 -97.37 -79.94
C PHE B 2254 -8.74 -96.61 -78.63
N ILE B 2255 -7.97 -95.53 -78.42
CA ILE B 2255 -8.05 -94.69 -77.18
C ILE B 2255 -9.43 -94.00 -77.14
N MET B 2256 -9.90 -93.51 -78.29
CA MET B 2256 -11.23 -92.86 -78.44
C MET B 2256 -12.37 -93.89 -78.30
N GLY B 2257 -12.09 -95.17 -78.55
CA GLY B 2257 -13.07 -96.26 -78.49
C GLY B 2257 -13.54 -96.67 -79.88
N TYR B 2258 -13.22 -95.87 -80.90
CA TYR B 2258 -13.57 -96.15 -82.32
C TYR B 2258 -12.75 -97.32 -82.84
N THR B 2259 -13.40 -98.31 -83.46
CA THR B 2259 -12.73 -99.42 -84.18
C THR B 2259 -12.24 -98.91 -85.54
N THR B 2260 -10.95 -99.10 -85.83
CA THR B 2260 -10.31 -98.71 -87.12
C THR B 2260 -10.89 -99.57 -88.25
N PHE B 2261 -11.07 -98.96 -89.42
CA PHE B 2261 -11.40 -99.63 -90.71
C PHE B 2261 -10.40 -99.14 -91.76
N SER B 2262 -9.89 -100.07 -92.58
CA SER B 2262 -9.00 -99.80 -93.73
C SER B 2262 -9.42 -100.67 -94.91
N ILE B 2263 -9.55 -100.08 -96.10
CA ILE B 2263 -9.93 -100.79 -97.37
C ILE B 2263 -8.76 -101.72 -97.75
N THR B 2264 -9.09 -102.96 -98.13
CA THR B 2264 -8.11 -103.98 -98.57
C THR B 2264 -7.77 -103.74 -100.05
N ILE B 2265 -6.48 -103.54 -100.35
CA ILE B 2265 -5.98 -103.18 -101.71
C ILE B 2265 -5.92 -104.47 -102.53
N SER B 2266 -6.44 -104.45 -103.77
CA SER B 2266 -6.45 -105.60 -104.71
C SER B 2266 -6.17 -105.10 -106.14
N ALA B 2267 -5.72 -106.00 -107.00
CA ALA B 2267 -5.49 -105.75 -108.45
C ALA B 2267 -6.84 -105.61 -109.17
N THR B 2268 -7.85 -106.38 -108.74
CA THR B 2268 -9.22 -106.44 -109.33
C THR B 2268 -10.20 -105.63 -108.46
N TYR B 2269 -9.80 -104.46 -107.96
CA TYR B 2269 -10.64 -103.58 -107.09
C TYR B 2269 -11.29 -102.51 -107.97
N SER B 2270 -12.64 -102.53 -108.02
CA SER B 2270 -13.48 -101.66 -108.90
C SER B 2270 -14.15 -100.56 -108.07
N MET B 2271 -14.82 -99.64 -108.75
CA MET B 2271 -15.63 -98.54 -108.15
C MET B 2271 -16.75 -99.14 -107.30
N VAL B 2272 -17.39 -100.20 -107.80
CA VAL B 2272 -18.60 -100.84 -107.17
C VAL B 2272 -18.21 -101.48 -105.84
N ASP B 2273 -16.97 -102.00 -105.73
CA ASP B 2273 -16.47 -102.69 -104.51
C ASP B 2273 -16.22 -101.67 -103.39
N LEU B 2274 -15.63 -100.51 -103.72
CA LEU B 2274 -15.47 -99.35 -102.80
C LEU B 2274 -16.85 -98.89 -102.31
N ARG B 2275 -17.73 -98.58 -103.25
CA ARG B 2275 -19.12 -98.10 -103.01
C ARG B 2275 -19.86 -99.08 -102.09
N ASN B 2276 -19.62 -100.39 -102.25
CA ASN B 2276 -20.21 -101.46 -101.41
C ASN B 2276 -19.68 -101.34 -99.98
N ASP B 2277 -18.38 -101.10 -99.80
CA ASP B 2277 -17.73 -100.97 -98.47
C ASP B 2277 -18.24 -99.70 -97.77
N LEU B 2278 -18.37 -98.60 -98.50
CA LEU B 2278 -18.88 -97.30 -97.97
C LEU B 2278 -20.30 -97.46 -97.40
N GLN B 2279 -21.15 -98.26 -98.05
CA GLN B 2279 -22.54 -98.54 -97.56
C GLN B 2279 -22.46 -99.27 -96.22
N GLN B 2280 -21.69 -100.36 -96.14
CA GLN B 2280 -21.49 -101.17 -94.91
C GLN B 2280 -20.90 -100.29 -93.80
N LEU B 2281 -19.98 -99.39 -94.17
CA LEU B 2281 -19.30 -98.45 -93.24
C LEU B 2281 -20.31 -97.43 -92.69
N TYR B 2282 -21.23 -96.95 -93.53
CA TYR B 2282 -22.36 -96.07 -93.14
C TYR B 2282 -23.26 -96.82 -92.15
N PHE B 2283 -23.58 -98.08 -92.45
CA PHE B 2283 -24.51 -98.95 -91.67
C PHE B 2283 -23.98 -99.17 -90.25
N LYS B 2284 -22.65 -99.20 -90.08
CA LYS B 2284 -22.00 -99.41 -88.76
C LYS B 2284 -22.16 -98.16 -87.89
N CYS B 2285 -22.04 -96.96 -88.47
CA CYS B 2285 -22.07 -95.66 -87.76
C CYS B 2285 -23.48 -95.03 -87.81
N GLY B 2286 -24.35 -95.48 -88.72
CA GLY B 2286 -25.73 -94.99 -88.85
C GLY B 2286 -26.64 -95.56 -87.77
N PRO B 2287 -27.44 -96.64 -88.06
CA PRO B 2287 -28.41 -97.16 -87.08
C PRO B 2287 -27.74 -97.87 -85.89
N LYS B 2288 -26.77 -98.75 -86.17
CA LYS B 2288 -25.98 -99.49 -85.14
C LYS B 2288 -25.28 -98.47 -84.21
N GLU B 2289 -24.91 -97.30 -84.76
CA GLU B 2289 -24.52 -96.09 -84.00
C GLU B 2289 -23.19 -96.33 -83.26
N GLU B 2290 -22.32 -97.15 -83.85
CA GLU B 2290 -20.95 -97.45 -83.33
C GLU B 2290 -19.96 -96.47 -83.97
N GLY B 2291 -18.99 -95.99 -83.19
CA GLY B 2291 -17.92 -95.09 -83.69
C GLY B 2291 -16.90 -95.85 -84.51
N ILE B 2292 -16.72 -95.48 -85.79
CA ILE B 2292 -15.82 -96.17 -86.76
C ILE B 2292 -14.85 -95.16 -87.36
N LEU B 2293 -13.55 -95.30 -87.06
CA LEU B 2293 -12.45 -94.53 -87.67
C LEU B 2293 -12.14 -95.13 -89.05
N PHE B 2294 -11.83 -94.29 -90.04
CA PHE B 2294 -11.58 -94.69 -91.45
C PHE B 2294 -10.17 -94.25 -91.87
N LEU B 2295 -9.26 -95.21 -92.02
CA LEU B 2295 -7.83 -94.99 -92.37
C LEU B 2295 -7.65 -95.22 -93.87
N PHE B 2296 -7.08 -94.23 -94.56
CA PHE B 2296 -6.97 -94.15 -96.05
C PHE B 2296 -5.57 -93.62 -96.40
N THR B 2297 -4.77 -94.42 -97.12
CA THR B 2297 -3.36 -94.09 -97.49
C THR B 2297 -3.27 -93.88 -99.01
N GLU B 2298 -2.12 -93.40 -99.49
CA GLU B 2298 -1.83 -93.17 -100.93
C GLU B 2298 -1.75 -94.52 -101.64
N GLY B 2299 -1.15 -95.53 -100.99
CA GLY B 2299 -1.07 -96.92 -101.47
C GLY B 2299 -2.46 -97.50 -101.75
N GLN B 2300 -3.46 -97.15 -100.94
CA GLN B 2300 -4.85 -97.66 -101.04
C GLN B 2300 -5.58 -97.06 -102.24
N ILE B 2301 -5.11 -95.93 -102.79
CA ILE B 2301 -5.72 -95.26 -103.98
C ILE B 2301 -5.05 -95.81 -105.25
N THR B 2302 -5.77 -96.63 -106.01
CA THR B 2302 -5.35 -97.16 -107.34
C THR B 2302 -5.92 -96.27 -108.45
N ASN B 2303 -7.18 -95.81 -108.30
CA ASN B 2303 -7.90 -94.95 -109.27
C ASN B 2303 -8.21 -93.59 -108.63
N GLU B 2304 -8.16 -92.52 -109.44
CA GLU B 2304 -8.40 -91.12 -109.01
C GLU B 2304 -9.86 -90.95 -108.57
N ARG B 2305 -10.79 -91.66 -109.24
CA ARG B 2305 -12.26 -91.55 -109.01
C ARG B 2305 -12.65 -92.17 -107.67
N PHE B 2306 -11.81 -93.01 -107.05
CA PHE B 2306 -12.01 -93.50 -105.66
C PHE B 2306 -11.94 -92.30 -104.70
N LEU B 2307 -11.00 -91.38 -104.95
CA LEU B 2307 -10.73 -90.17 -104.12
C LEU B 2307 -11.87 -89.15 -104.26
N VAL B 2308 -12.71 -89.28 -105.29
CA VAL B 2308 -13.95 -88.47 -105.49
C VAL B 2308 -14.93 -88.74 -104.35
N TYR B 2309 -15.39 -90.00 -104.23
CA TYR B 2309 -16.32 -90.49 -103.18
C TYR B 2309 -15.86 -89.99 -101.80
N ILE B 2310 -14.55 -90.03 -101.54
CA ILE B 2310 -13.90 -89.59 -100.27
C ILE B 2310 -14.18 -88.09 -100.07
N ASN B 2311 -13.95 -87.25 -101.09
CA ASN B 2311 -14.01 -85.78 -100.97
C ASN B 2311 -15.45 -85.35 -100.66
N ASP B 2312 -16.45 -86.10 -101.15
CA ASP B 2312 -17.89 -85.89 -100.85
C ASP B 2312 -18.16 -86.16 -99.37
N LEU B 2313 -17.56 -87.22 -98.80
CA LEU B 2313 -17.73 -87.64 -97.39
C LEU B 2313 -17.18 -86.57 -96.44
N LEU B 2314 -16.09 -85.91 -96.81
CA LEU B 2314 -15.44 -84.84 -96.01
C LEU B 2314 -16.30 -83.56 -96.06
N SER B 2315 -16.81 -83.20 -97.25
CA SER B 2315 -17.63 -81.98 -97.51
C SER B 2315 -18.89 -82.01 -96.63
N SER B 2316 -19.66 -83.10 -96.75
CA SER B 2316 -20.94 -83.31 -96.01
C SER B 2316 -21.16 -84.81 -95.78
N GLY B 2317 -22.07 -85.16 -94.86
CA GLY B 2317 -22.48 -86.55 -94.56
C GLY B 2317 -23.14 -87.23 -95.75
N GLU B 2318 -23.79 -86.46 -96.63
CA GLU B 2318 -24.48 -86.95 -97.85
C GLU B 2318 -23.44 -87.21 -98.95
N ILE B 2319 -23.51 -88.38 -99.59
CA ILE B 2319 -22.68 -88.75 -100.78
C ILE B 2319 -23.62 -89.04 -101.96
N ALA B 2320 -23.25 -88.56 -103.15
CA ALA B 2320 -24.02 -88.72 -104.41
C ALA B 2320 -23.70 -90.09 -105.02
N GLU B 2321 -24.76 -90.82 -105.41
CA GLU B 2321 -24.71 -92.18 -106.04
C GLU B 2321 -24.09 -93.21 -105.08
N LEU B 2322 -24.20 -93.01 -103.77
CA LEU B 2322 -23.81 -94.02 -102.75
C LEU B 2322 -24.99 -94.98 -102.56
N TYR B 2323 -26.10 -94.45 -102.05
CA TYR B 2323 -27.36 -95.20 -101.77
C TYR B 2323 -28.29 -95.10 -102.98
N THR B 2324 -28.97 -96.20 -103.29
CA THR B 2324 -30.07 -96.28 -104.29
C THR B 2324 -31.36 -95.78 -103.63
N LEU B 2325 -32.49 -95.81 -104.35
CA LEU B 2325 -33.80 -95.27 -103.89
C LEU B 2325 -34.39 -96.21 -102.84
N ASP B 2326 -34.34 -97.52 -103.10
CA ASP B 2326 -34.89 -98.58 -102.21
C ASP B 2326 -34.14 -98.60 -100.87
N GLU B 2327 -32.81 -98.70 -100.94
CA GLU B 2327 -31.89 -98.82 -99.76
C GLU B 2327 -32.08 -97.61 -98.83
N LYS B 2328 -32.20 -96.41 -99.40
CA LYS B 2328 -32.47 -95.14 -98.69
C LYS B 2328 -33.77 -95.26 -97.88
N GLU B 2329 -34.85 -95.71 -98.53
CA GLU B 2329 -36.20 -95.89 -97.91
C GLU B 2329 -36.11 -96.98 -96.82
N ALA B 2330 -35.41 -98.08 -97.11
CA ALA B 2330 -35.19 -99.21 -96.18
C ALA B 2330 -34.41 -98.74 -94.94
N MET B 2331 -33.49 -97.78 -95.11
CA MET B 2331 -32.67 -97.18 -94.02
C MET B 2331 -33.52 -96.22 -93.19
N ILE B 2332 -34.38 -95.42 -93.84
CA ILE B 2332 -35.31 -94.44 -93.19
C ILE B 2332 -36.26 -95.21 -92.25
N ASN B 2333 -36.70 -96.41 -92.64
CA ASN B 2333 -37.56 -97.30 -91.82
C ASN B 2333 -36.87 -97.66 -90.50
N GLN B 2334 -35.56 -97.94 -90.54
CA GLN B 2334 -34.73 -98.35 -89.37
C GLN B 2334 -34.53 -97.15 -88.44
N VAL B 2335 -34.24 -95.99 -89.04
CA VAL B 2335 -34.04 -94.68 -88.34
C VAL B 2335 -35.36 -94.24 -87.67
N ARG B 2336 -36.50 -94.51 -88.30
CA ARG B 2336 -37.85 -94.13 -87.79
C ARG B 2336 -38.04 -94.59 -86.34
N ALA B 2337 -37.50 -95.77 -86.00
CA ALA B 2337 -37.48 -96.33 -84.62
C ALA B 2337 -36.68 -95.44 -83.68
N LYS B 2338 -35.57 -94.85 -84.16
CA LYS B 2338 -34.62 -94.04 -83.35
C LYS B 2338 -35.22 -92.67 -83.03
N VAL B 2339 -35.73 -91.95 -84.04
CA VAL B 2339 -36.25 -90.56 -83.88
C VAL B 2339 -37.46 -90.55 -82.92
N LYS B 2340 -38.27 -91.61 -82.91
CA LYS B 2340 -39.35 -91.81 -81.89
C LYS B 2340 -38.73 -91.97 -80.50
N GLY B 2341 -37.60 -92.67 -80.38
CA GLY B 2341 -36.80 -92.80 -79.15
C GLY B 2341 -36.21 -91.47 -78.71
N GLU B 2342 -35.66 -90.69 -79.65
CA GLU B 2342 -35.08 -89.34 -79.41
C GLU B 2342 -36.18 -88.36 -78.96
N GLY B 2343 -37.42 -88.55 -79.44
CA GLY B 2343 -38.60 -87.74 -79.06
C GLY B 2343 -38.79 -86.56 -80.00
N LYS B 2344 -38.44 -86.71 -81.28
CA LYS B 2344 -38.73 -85.75 -82.38
C LYS B 2344 -39.68 -86.41 -83.37
N PRO B 2345 -41.01 -86.20 -83.25
CA PRO B 2345 -42.00 -87.00 -83.99
C PRO B 2345 -42.06 -86.56 -85.46
N ASP B 2346 -41.09 -87.03 -86.25
CA ASP B 2346 -40.97 -86.78 -87.71
C ASP B 2346 -40.92 -88.12 -88.43
N THR B 2347 -41.83 -88.32 -89.40
CA THR B 2347 -41.91 -89.51 -90.29
C THR B 2347 -41.79 -89.01 -91.75
N ARG B 2348 -40.69 -88.32 -92.05
CA ARG B 2348 -40.41 -87.68 -93.37
C ARG B 2348 -38.90 -87.70 -93.63
N GLU B 2349 -38.44 -87.00 -94.67
CA GLU B 2349 -37.02 -86.98 -95.11
C GLU B 2349 -36.15 -86.17 -94.13
N ASN B 2350 -36.77 -85.57 -93.10
CA ASN B 2350 -36.08 -85.00 -91.90
C ASN B 2350 -35.35 -86.12 -91.13
N CYS B 2351 -35.93 -87.32 -91.09
CA CYS B 2351 -35.35 -88.55 -90.47
C CYS B 2351 -34.01 -88.90 -91.14
N TRP B 2352 -33.96 -88.81 -92.47
CA TRP B 2352 -32.75 -89.02 -93.30
C TRP B 2352 -31.71 -87.93 -93.02
N ASN B 2353 -32.14 -86.69 -92.79
CA ASN B 2353 -31.27 -85.52 -92.48
C ASN B 2353 -30.73 -85.64 -91.05
N TRP B 2354 -31.36 -86.46 -90.20
CA TRP B 2354 -30.86 -86.87 -88.86
C TRP B 2354 -29.81 -87.98 -89.02
N PHE B 2355 -30.06 -88.95 -89.91
CA PHE B 2355 -29.19 -90.14 -90.17
C PHE B 2355 -27.78 -89.67 -90.56
N ILE B 2356 -27.66 -88.79 -91.54
CA ILE B 2356 -26.36 -88.31 -92.10
C ILE B 2356 -25.63 -87.49 -91.02
N ASP B 2357 -26.36 -86.79 -90.16
CA ASP B 2357 -25.80 -86.04 -88.99
C ASP B 2357 -25.24 -87.04 -87.97
N GLN B 2358 -25.93 -88.17 -87.75
CA GLN B 2358 -25.51 -89.26 -86.83
C GLN B 2358 -24.32 -90.01 -87.44
N VAL B 2359 -24.33 -90.22 -88.77
CA VAL B 2359 -23.25 -90.92 -89.53
C VAL B 2359 -21.97 -90.07 -89.45
N LYS B 2360 -22.06 -88.79 -89.77
CA LYS B 2360 -20.90 -87.86 -89.84
C LYS B 2360 -20.33 -87.64 -88.43
N LYS B 2361 -21.12 -87.90 -87.37
CA LYS B 2361 -20.65 -87.90 -85.96
C LYS B 2361 -19.82 -89.17 -85.68
N ASN B 2362 -20.28 -90.34 -86.14
CA ASN B 2362 -19.68 -91.67 -85.82
C ASN B 2362 -18.84 -92.20 -86.99
N LEU B 2363 -18.48 -91.34 -87.96
CA LEU B 2363 -17.51 -91.68 -89.05
C LEU B 2363 -16.51 -90.55 -89.23
N HIS B 2364 -15.29 -90.74 -88.71
CA HIS B 2364 -14.14 -89.83 -88.88
C HIS B 2364 -13.21 -90.43 -89.95
N MET B 2365 -12.40 -89.57 -90.59
CA MET B 2365 -11.48 -89.93 -91.70
C MET B 2365 -10.06 -89.55 -91.31
N ALA B 2366 -9.11 -90.49 -91.44
CA ALA B 2366 -7.67 -90.30 -91.21
C ALA B 2366 -6.93 -90.60 -92.51
N ILE B 2367 -6.68 -89.55 -93.32
CA ILE B 2367 -6.04 -89.67 -94.67
C ILE B 2367 -4.53 -89.45 -94.49
N CYS B 2368 -3.72 -90.26 -95.18
CA CYS B 2368 -2.26 -90.41 -94.97
C CYS B 2368 -1.50 -90.13 -96.26
N PHE B 2369 -1.14 -88.85 -96.48
CA PHE B 2369 -0.48 -88.33 -97.70
C PHE B 2369 1.01 -88.12 -97.43
N SER B 2370 1.86 -88.46 -98.40
CA SER B 2370 3.29 -88.08 -98.44
C SER B 2370 3.38 -86.63 -98.91
N PRO B 2371 4.32 -85.81 -98.37
CA PRO B 2371 4.47 -84.42 -98.81
C PRO B 2371 4.95 -84.28 -100.27
N VAL B 2372 6.03 -84.97 -100.62
CA VAL B 2372 6.84 -84.75 -101.86
C VAL B 2372 5.96 -84.92 -103.11
N GLY B 2373 5.34 -86.10 -103.28
CA GLY B 2373 4.62 -86.47 -104.52
C GLY B 2373 3.13 -86.68 -104.29
N ASP B 2374 2.31 -86.23 -105.26
CA ASP B 2374 0.87 -86.57 -105.39
C ASP B 2374 0.07 -85.98 -104.21
N MET B 2375 0.27 -84.69 -103.92
CA MET B 2375 -0.48 -83.95 -102.87
C MET B 2375 -0.94 -82.60 -103.42
N ARG B 2376 0.02 -81.76 -103.85
CA ARG B 2376 -0.22 -80.41 -104.46
C ARG B 2376 -1.27 -80.54 -105.58
N ARG B 2377 -1.15 -81.59 -106.39
CA ARG B 2377 -2.05 -81.89 -107.54
C ARG B 2377 -3.44 -82.28 -106.99
N ARG B 2378 -3.51 -83.25 -106.07
CA ARG B 2378 -4.80 -83.78 -105.53
C ARG B 2378 -5.50 -82.69 -104.70
N ALA B 2379 -4.74 -81.88 -103.96
CA ALA B 2379 -5.24 -80.73 -103.16
C ALA B 2379 -5.91 -79.70 -104.09
N ARG B 2380 -5.30 -79.44 -105.25
CA ARG B 2380 -5.84 -78.54 -106.30
C ARG B 2380 -7.07 -79.20 -106.95
N GLN B 2381 -7.03 -80.53 -107.15
CA GLN B 2381 -8.09 -81.30 -107.87
C GLN B 2381 -9.31 -81.52 -106.97
N PHE B 2382 -9.15 -81.60 -105.64
CA PHE B 2382 -10.26 -81.72 -104.66
C PHE B 2382 -10.04 -80.73 -103.51
N PRO B 2383 -10.96 -79.77 -103.27
CA PRO B 2383 -10.77 -78.78 -102.21
C PRO B 2383 -11.00 -79.36 -100.82
N ALA B 2384 -11.91 -80.35 -100.70
CA ALA B 2384 -12.38 -80.96 -99.43
C ALA B 2384 -11.22 -81.57 -98.66
N LEU B 2385 -10.32 -82.31 -99.34
CA LEU B 2385 -9.19 -83.07 -98.74
C LEU B 2385 -8.35 -82.18 -97.82
N VAL B 2386 -8.19 -80.89 -98.15
CA VAL B 2386 -7.31 -79.94 -97.41
C VAL B 2386 -8.15 -78.89 -96.66
N ASN B 2387 -9.31 -78.48 -97.21
CA ASN B 2387 -10.19 -77.47 -96.57
C ASN B 2387 -10.87 -78.09 -95.35
N CYS B 2388 -11.80 -79.02 -95.56
CA CYS B 2388 -12.69 -79.61 -94.51
C CYS B 2388 -11.88 -80.20 -93.36
N THR B 2389 -10.81 -80.94 -93.67
CA THR B 2389 -9.99 -81.69 -92.68
C THR B 2389 -9.02 -80.74 -91.98
N VAL B 2390 -8.69 -81.04 -90.72
CA VAL B 2390 -7.63 -80.35 -89.91
C VAL B 2390 -6.32 -81.10 -90.14
N ILE B 2391 -5.35 -80.50 -90.82
CA ILE B 2391 -4.06 -81.13 -91.17
C ILE B 2391 -3.07 -80.92 -90.02
N ASP B 2392 -2.21 -81.90 -89.75
CA ASP B 2392 -1.09 -81.82 -88.76
C ASP B 2392 0.19 -82.33 -89.43
N TRP B 2393 1.01 -81.41 -89.93
CA TRP B 2393 2.31 -81.68 -90.58
C TRP B 2393 3.20 -82.44 -89.60
N PHE B 2394 3.86 -83.51 -90.04
CA PHE B 2394 4.88 -84.25 -89.26
C PHE B 2394 6.28 -83.76 -89.66
N GLN B 2395 6.97 -83.10 -88.74
CA GLN B 2395 8.39 -82.67 -88.88
C GLN B 2395 9.26 -83.91 -88.81
N PRO B 2396 10.58 -83.84 -89.14
CA PRO B 2396 11.49 -84.94 -88.89
C PRO B 2396 11.63 -85.24 -87.39
N TRP B 2397 12.04 -86.47 -87.03
CA TRP B 2397 12.21 -86.92 -85.63
C TRP B 2397 13.27 -86.06 -84.94
N PRO B 2398 12.98 -85.45 -83.77
CA PRO B 2398 13.98 -84.70 -83.02
C PRO B 2398 15.09 -85.61 -82.46
N TYR B 2399 16.19 -85.02 -82.02
CA TYR B 2399 17.36 -85.73 -81.42
C TYR B 2399 16.91 -86.55 -80.20
N GLU B 2400 16.00 -85.98 -79.39
CA GLU B 2400 15.45 -86.62 -78.14
C GLU B 2400 14.65 -87.88 -78.50
N ALA B 2401 14.00 -87.91 -79.67
CA ALA B 2401 13.19 -89.04 -80.16
C ALA B 2401 14.09 -90.18 -80.64
N LEU B 2402 15.09 -89.85 -81.48
CA LEU B 2402 16.02 -90.82 -82.11
C LEU B 2402 16.80 -91.58 -81.03
N PHE B 2403 17.26 -90.88 -79.98
CA PHE B 2403 18.04 -91.44 -78.85
C PHE B 2403 17.20 -92.49 -78.11
N ASN B 2404 15.93 -92.19 -77.85
CA ASN B 2404 14.96 -93.11 -77.16
C ASN B 2404 14.72 -94.33 -78.05
N VAL B 2405 14.64 -94.15 -79.37
CA VAL B 2405 14.37 -95.23 -80.36
C VAL B 2405 15.58 -96.17 -80.43
N ALA B 2406 16.77 -95.60 -80.68
CA ALA B 2406 18.06 -96.34 -80.80
C ALA B 2406 18.27 -97.24 -79.59
N LYS B 2407 18.03 -96.73 -78.38
CA LYS B 2407 18.29 -97.41 -77.09
C LYS B 2407 17.37 -98.64 -76.93
N SER B 2408 16.12 -98.57 -77.41
CA SER B 2408 15.11 -99.66 -77.31
C SER B 2408 15.49 -100.82 -78.24
N PHE B 2409 15.84 -100.51 -79.49
CA PHE B 2409 16.20 -101.49 -80.55
C PHE B 2409 17.53 -102.19 -80.22
N LEU B 2410 18.50 -101.45 -79.65
CA LEU B 2410 19.86 -101.96 -79.34
C LEU B 2410 19.91 -102.61 -77.95
N GLU B 2411 18.83 -102.50 -77.16
CA GLU B 2411 18.72 -103.04 -75.77
C GLU B 2411 19.04 -104.54 -75.73
N PRO B 2412 18.47 -105.39 -76.62
CA PRO B 2412 18.82 -106.82 -76.64
C PRO B 2412 20.29 -107.14 -77.00
N VAL B 2413 20.93 -106.33 -77.85
CA VAL B 2413 22.32 -106.52 -78.34
C VAL B 2413 23.29 -106.27 -77.18
N ASP B 2414 24.44 -106.95 -77.18
CA ASP B 2414 25.47 -106.82 -76.11
C ASP B 2414 26.14 -105.45 -76.18
N LEU B 2415 26.71 -105.11 -77.34
CA LEU B 2415 27.54 -103.89 -77.59
C LEU B 2415 28.70 -103.85 -76.58
N GLY B 2416 29.35 -105.00 -76.36
CA GLY B 2416 30.60 -105.12 -75.57
C GLY B 2416 30.46 -104.61 -74.15
N ASP B 2417 30.92 -103.38 -73.90
CA ASP B 2417 31.09 -102.78 -72.55
C ASP B 2417 29.82 -101.98 -72.19
N ASP B 2418 29.84 -101.26 -71.05
CA ASP B 2418 28.73 -100.39 -70.58
C ASP B 2418 28.98 -98.92 -70.98
N LYS B 2419 30.25 -98.50 -71.10
CA LYS B 2419 30.66 -97.17 -71.66
C LYS B 2419 30.40 -97.19 -73.18
N VAL B 2420 30.89 -98.24 -73.86
CA VAL B 2420 30.68 -98.50 -75.32
C VAL B 2420 29.17 -98.40 -75.60
N ARG B 2421 28.38 -99.22 -74.89
CA ARG B 2421 26.89 -99.25 -74.92
C ARG B 2421 26.33 -97.82 -74.95
N GLU B 2422 26.85 -96.96 -74.08
CA GLU B 2422 26.37 -95.56 -73.91
C GLU B 2422 26.75 -94.74 -75.14
N ALA B 2423 27.95 -94.96 -75.69
CA ALA B 2423 28.48 -94.22 -76.87
C ALA B 2423 27.75 -94.67 -78.14
N VAL B 2424 27.44 -95.97 -78.27
CA VAL B 2424 26.84 -96.57 -79.50
C VAL B 2424 25.38 -96.11 -79.65
N VAL B 2425 24.64 -95.99 -78.55
CA VAL B 2425 23.24 -95.42 -78.57
C VAL B 2425 23.33 -93.91 -78.85
N LYS B 2426 24.41 -93.25 -78.42
CA LYS B 2426 24.67 -91.81 -78.69
C LYS B 2426 24.93 -91.59 -80.18
N PHE B 2427 25.63 -92.52 -80.83
CA PHE B 2427 26.13 -92.41 -82.23
C PHE B 2427 24.94 -92.36 -83.20
N MET B 2428 24.02 -93.32 -83.08
CA MET B 2428 22.89 -93.53 -84.02
C MET B 2428 22.25 -92.19 -84.38
N PRO B 2429 21.77 -91.36 -83.42
CA PRO B 2429 21.15 -90.08 -83.76
C PRO B 2429 22.12 -89.03 -84.31
N PHE B 2430 23.35 -88.97 -83.78
CA PHE B 2430 24.44 -88.06 -84.22
C PHE B 2430 24.79 -88.33 -85.68
N SER B 2431 24.79 -89.60 -86.09
CA SER B 2431 25.09 -90.06 -87.47
C SER B 2431 23.92 -89.70 -88.40
N PHE B 2432 22.68 -89.83 -87.93
CA PHE B 2432 21.45 -89.55 -88.73
C PHE B 2432 21.32 -88.04 -88.95
N THR B 2433 21.59 -87.23 -87.92
CA THR B 2433 21.36 -85.76 -87.96
C THR B 2433 22.40 -85.09 -88.87
N LEU B 2434 23.68 -85.52 -88.82
CA LEU B 2434 24.76 -84.90 -89.65
C LEU B 2434 24.69 -85.38 -91.09
N VAL B 2435 24.13 -86.57 -91.35
CA VAL B 2435 23.84 -87.07 -92.73
C VAL B 2435 22.68 -86.24 -93.30
N ASN B 2436 21.66 -85.95 -92.49
CA ASN B 2436 20.50 -85.10 -92.87
C ASN B 2436 20.99 -83.68 -93.19
N ASP B 2437 21.97 -83.17 -92.44
CA ASP B 2437 22.61 -81.83 -92.67
C ASP B 2437 23.40 -81.87 -93.99
N LEU B 2438 24.29 -82.87 -94.15
CA LEU B 2438 25.11 -83.07 -95.37
C LEU B 2438 24.19 -83.24 -96.59
N GLY B 2439 23.03 -83.88 -96.42
CA GLY B 2439 22.00 -84.07 -97.46
C GLY B 2439 21.48 -82.74 -97.98
N LEU B 2440 21.34 -81.75 -97.10
CA LEU B 2440 20.90 -80.36 -97.45
C LEU B 2440 22.09 -79.56 -97.99
N LYS B 2441 23.30 -79.79 -97.47
CA LYS B 2441 24.57 -79.18 -97.95
C LYS B 2441 24.87 -79.68 -99.36
N LEU B 2442 24.67 -80.99 -99.62
CA LEU B 2442 24.84 -81.63 -100.95
C LEU B 2442 23.80 -81.06 -101.93
N LEU B 2443 22.52 -81.07 -101.53
CA LEU B 2443 21.37 -80.56 -102.32
C LEU B 2443 21.68 -79.16 -102.85
N GLU B 2444 22.17 -78.27 -101.97
CA GLU B 2444 22.54 -76.86 -102.29
C GLU B 2444 23.56 -76.84 -103.43
N GLN B 2445 24.59 -77.69 -103.38
CA GLN B 2445 25.71 -77.71 -104.35
C GLN B 2445 25.26 -78.35 -105.67
N GLU B 2446 25.13 -79.67 -105.72
CA GLU B 2446 25.06 -80.48 -106.98
C GLU B 2446 23.61 -80.76 -107.39
N ARG B 2447 22.62 -80.50 -106.52
CA ARG B 2447 21.17 -80.81 -106.74
C ARG B 2447 20.99 -82.34 -106.82
N ARG B 2448 21.45 -83.06 -105.79
CA ARG B 2448 21.51 -84.55 -105.79
C ARG B 2448 20.17 -85.16 -105.32
N TYR B 2449 19.46 -84.49 -104.41
CA TYR B 2449 18.20 -84.97 -103.78
C TYR B 2449 18.48 -86.31 -103.08
N ALA B 2450 19.27 -86.27 -101.99
CA ALA B 2450 19.60 -87.43 -101.14
C ALA B 2450 18.80 -87.33 -99.83
N TYR B 2451 17.48 -87.53 -99.93
CA TYR B 2451 16.52 -87.49 -98.79
C TYR B 2451 16.78 -88.69 -97.86
N THR B 2452 16.38 -88.56 -96.59
CA THR B 2452 16.47 -89.59 -95.53
C THR B 2452 15.21 -89.51 -94.66
N THR B 2453 14.64 -90.67 -94.30
CA THR B 2453 13.36 -90.79 -93.54
C THR B 2453 13.55 -91.73 -92.36
N PRO B 2454 12.65 -91.72 -91.36
CA PRO B 2454 12.80 -92.57 -90.18
C PRO B 2454 13.08 -94.03 -90.55
N LYS B 2455 12.27 -94.59 -91.46
CA LYS B 2455 12.38 -96.01 -91.90
C LYS B 2455 13.85 -96.32 -92.21
N SER B 2456 14.55 -95.42 -92.90
CA SER B 2456 15.98 -95.57 -93.27
C SER B 2456 16.84 -95.70 -92.01
N PHE B 2457 16.56 -94.89 -90.99
CA PHE B 2457 17.28 -94.86 -89.69
C PHE B 2457 17.03 -96.17 -88.93
N LEU B 2458 15.84 -96.76 -89.06
CA LEU B 2458 15.47 -98.06 -88.44
C LEU B 2458 16.15 -99.20 -89.21
N GLU B 2459 16.18 -99.11 -90.55
CA GLU B 2459 16.85 -100.08 -91.46
C GLU B 2459 18.36 -100.12 -91.16
N LEU B 2460 18.95 -99.00 -90.75
CA LEU B 2460 20.37 -98.90 -90.32
C LEU B 2460 20.59 -99.76 -89.07
N ILE B 2461 19.73 -99.59 -88.06
CA ILE B 2461 19.85 -100.30 -86.74
C ILE B 2461 19.68 -101.81 -87.00
N SER B 2462 18.69 -102.19 -87.81
CA SER B 2462 18.44 -103.59 -88.24
C SER B 2462 19.68 -104.12 -88.98
N LEU B 2463 20.25 -103.32 -89.90
CA LEU B 2463 21.46 -103.67 -90.68
C LEU B 2463 22.65 -103.87 -89.74
N PHE B 2464 22.84 -102.95 -88.78
CA PHE B 2464 23.94 -102.96 -87.79
C PHE B 2464 23.88 -104.23 -86.92
N THR B 2465 22.69 -104.54 -86.37
CA THR B 2465 22.44 -105.73 -85.51
C THR B 2465 22.73 -107.02 -86.31
N ASN B 2466 22.38 -107.03 -87.60
CA ASN B 2466 22.68 -108.15 -88.53
C ASN B 2466 24.18 -108.18 -88.86
N MET B 2467 24.76 -107.01 -89.17
CA MET B 2467 26.20 -106.83 -89.53
C MET B 2467 27.08 -107.27 -88.36
N LEU B 2468 26.67 -106.97 -87.12
CA LEU B 2468 27.38 -107.39 -85.89
C LEU B 2468 27.19 -108.90 -85.69
N ALA B 2469 25.95 -109.39 -85.80
CA ALA B 2469 25.56 -110.80 -85.60
C ALA B 2469 26.36 -111.73 -86.52
N GLN B 2470 26.41 -111.42 -87.82
CA GLN B 2470 27.12 -112.22 -88.86
C GLN B 2470 28.61 -112.39 -88.47
N LYS B 2471 29.28 -111.27 -88.20
CA LYS B 2471 30.74 -111.23 -87.91
C LYS B 2471 31.03 -111.85 -86.54
N ARG B 2472 30.24 -111.50 -85.52
CA ARG B 2472 30.33 -112.03 -84.13
C ARG B 2472 30.35 -113.56 -84.17
N GLU B 2473 29.45 -114.16 -84.94
CA GLU B 2473 29.33 -115.64 -85.13
C GLU B 2473 30.58 -116.18 -85.82
N SER B 2474 30.96 -115.60 -86.97
CA SER B 2474 32.09 -116.05 -87.84
C SER B 2474 33.39 -116.09 -87.01
N LEU B 2475 33.64 -115.06 -86.21
CA LEU B 2475 34.81 -114.97 -85.30
C LEU B 2475 34.71 -116.04 -84.20
N GLU B 2476 33.58 -116.09 -83.49
CA GLU B 2476 33.33 -117.03 -82.35
C GLU B 2476 33.46 -118.48 -82.85
N ARG B 2477 32.84 -118.81 -83.98
CA ARG B 2477 32.89 -120.16 -84.62
C ARG B 2477 34.34 -120.48 -85.01
N ASN B 2478 35.03 -119.54 -85.68
CA ASN B 2478 36.46 -119.66 -86.07
C ASN B 2478 37.30 -119.87 -84.80
N LYS B 2479 37.10 -119.02 -83.78
CA LYS B 2479 37.84 -119.04 -82.49
C LYS B 2479 37.68 -120.43 -81.83
N GLU B 2480 36.46 -120.94 -81.76
CA GLU B 2480 36.10 -122.25 -81.12
C GLU B 2480 36.94 -123.39 -81.69
N ARG B 2481 37.19 -123.40 -83.01
CA ARG B 2481 38.01 -124.42 -83.71
C ARG B 2481 39.45 -124.35 -83.20
N TYR B 2482 40.00 -123.14 -83.06
CA TYR B 2482 41.38 -122.87 -82.57
C TYR B 2482 41.49 -123.20 -81.08
N GLU B 2483 40.53 -122.71 -80.27
CA GLU B 2483 40.46 -122.90 -78.80
C GLU B 2483 40.57 -124.39 -78.46
N THR B 2484 39.66 -125.20 -78.99
CA THR B 2484 39.60 -126.68 -78.83
C THR B 2484 40.97 -127.27 -79.14
N GLY B 2485 41.51 -126.94 -80.32
CA GLY B 2485 42.80 -127.45 -80.83
C GLY B 2485 43.96 -127.09 -79.91
N LEU B 2486 44.04 -125.81 -79.50
CA LEU B 2486 45.09 -125.30 -78.57
C LEU B 2486 45.22 -126.25 -77.37
N VAL B 2487 44.09 -126.62 -76.76
CA VAL B 2487 44.03 -127.50 -75.56
C VAL B 2487 44.65 -128.87 -75.90
N LYS B 2488 44.28 -129.44 -77.05
CA LYS B 2488 44.77 -130.76 -77.53
C LYS B 2488 46.29 -130.73 -77.75
N LEU B 2489 46.80 -129.62 -78.32
CA LEU B 2489 48.24 -129.42 -78.65
C LEU B 2489 49.06 -129.32 -77.36
N LYS B 2490 48.54 -128.63 -76.35
CA LYS B 2490 49.17 -128.50 -75.00
C LYS B 2490 49.33 -129.88 -74.38
N GLU B 2491 48.24 -130.66 -74.34
CA GLU B 2491 48.20 -132.04 -73.79
C GLU B 2491 49.30 -132.90 -74.43
N THR B 2492 49.38 -132.88 -75.78
CA THR B 2492 50.36 -133.66 -76.58
C THR B 2492 51.77 -133.21 -76.18
N ALA B 2493 52.10 -131.93 -76.42
CA ALA B 2493 53.40 -131.30 -76.11
C ALA B 2493 53.90 -131.72 -74.72
N GLU B 2494 53.00 -131.75 -73.72
CA GLU B 2494 53.29 -132.18 -72.34
C GLU B 2494 53.57 -133.69 -72.30
N GLN B 2495 52.63 -134.50 -72.82
CA GLN B 2495 52.75 -135.98 -72.94
C GLN B 2495 54.05 -136.33 -73.67
N VAL B 2496 54.34 -135.59 -74.74
CA VAL B 2496 55.57 -135.70 -75.58
C VAL B 2496 56.80 -135.40 -74.70
N ALA B 2497 56.78 -134.26 -73.99
CA ALA B 2497 57.89 -133.72 -73.16
C ALA B 2497 58.29 -134.73 -72.08
N ILE B 2498 57.33 -135.53 -71.59
CA ILE B 2498 57.57 -136.64 -70.60
C ILE B 2498 58.33 -137.77 -71.32
N ILE B 2499 57.92 -138.14 -72.54
CA ILE B 2499 58.54 -139.24 -73.34
C ILE B 2499 59.99 -138.85 -73.68
N GLU B 2500 60.20 -137.61 -74.14
CA GLU B 2500 61.54 -137.01 -74.44
C GLU B 2500 62.55 -137.38 -73.34
N VAL B 2501 62.21 -137.06 -72.09
CA VAL B 2501 63.12 -137.16 -70.90
C VAL B 2501 63.53 -138.63 -70.72
N GLU B 2502 62.59 -139.57 -70.88
CA GLU B 2502 62.82 -141.04 -70.72
C GLU B 2502 63.86 -141.52 -71.74
N VAL B 2503 63.68 -141.16 -73.01
CA VAL B 2503 64.54 -141.62 -74.15
C VAL B 2503 65.88 -140.86 -74.07
N LYS B 2504 65.85 -139.56 -73.75
CA LYS B 2504 67.05 -138.72 -73.48
C LYS B 2504 67.88 -139.37 -72.38
N GLU B 2505 67.23 -139.88 -71.32
CA GLU B 2505 67.89 -140.60 -70.20
C GLU B 2505 68.44 -141.94 -70.71
N LYS B 2506 67.69 -142.64 -71.58
CA LYS B 2506 68.11 -143.93 -72.20
C LYS B 2506 69.28 -143.73 -73.17
N GLN B 2507 69.42 -142.53 -73.76
CA GLN B 2507 70.53 -142.18 -74.68
C GLN B 2507 71.86 -142.16 -73.93
N VAL B 2508 71.89 -141.59 -72.71
CA VAL B 2508 73.10 -141.47 -71.85
C VAL B 2508 73.55 -142.87 -71.41
N GLU B 2509 72.60 -143.72 -71.02
CA GLU B 2509 72.82 -145.14 -70.58
C GLU B 2509 73.58 -145.90 -71.68
N ALA B 2510 73.06 -145.85 -72.90
CA ALA B 2510 73.59 -146.51 -74.12
C ALA B 2510 75.07 -146.17 -74.31
N GLU B 2511 75.41 -144.88 -74.30
CA GLU B 2511 76.76 -144.34 -74.62
C GLU B 2511 77.84 -145.00 -73.75
N ALA B 2512 77.61 -145.07 -72.44
CA ALA B 2512 78.50 -145.71 -71.44
C ALA B 2512 78.77 -147.16 -71.84
N LYS B 2513 77.72 -147.88 -72.25
CA LYS B 2513 77.79 -149.32 -72.66
C LYS B 2513 78.59 -149.44 -73.96
N LYS B 2514 78.46 -148.49 -74.90
CA LYS B 2514 79.17 -148.46 -76.21
C LYS B 2514 80.68 -148.35 -75.97
N LYS B 2515 81.10 -147.37 -75.16
CA LYS B 2515 82.52 -147.06 -74.85
C LYS B 2515 83.19 -148.26 -74.18
N GLU B 2516 82.52 -148.86 -73.19
CA GLU B 2516 82.96 -150.09 -72.47
C GLU B 2516 83.22 -151.19 -73.50
N ALA B 2517 82.21 -151.47 -74.36
CA ALA B 2517 82.26 -152.46 -75.45
C ALA B 2517 83.42 -152.16 -76.41
N ASP B 2518 83.70 -150.88 -76.68
CA ASP B 2518 84.86 -150.43 -77.51
C ASP B 2518 86.17 -150.79 -76.82
N ALA B 2519 86.23 -150.72 -75.48
CA ALA B 2519 87.44 -150.98 -74.65
C ALA B 2519 87.72 -152.48 -74.56
N PHE B 2520 86.69 -153.33 -74.50
CA PHE B 2520 86.82 -154.81 -74.41
C PHE B 2520 87.34 -155.38 -75.74
N ALA B 2521 86.72 -155.01 -76.86
CA ALA B 2521 87.03 -155.48 -78.22
C ALA B 2521 88.49 -155.17 -78.58
N GLU B 2522 89.01 -154.04 -78.10
CA GLU B 2522 90.44 -153.63 -78.22
C GLU B 2522 91.33 -154.63 -77.47
N VAL B 2523 91.02 -154.91 -76.20
CA VAL B 2523 91.78 -155.85 -75.31
C VAL B 2523 91.73 -157.26 -75.90
N VAL B 2524 90.62 -157.60 -76.57
CA VAL B 2524 90.40 -158.88 -77.32
C VAL B 2524 91.41 -158.96 -78.48
N GLY B 2525 91.34 -158.01 -79.41
CA GLY B 2525 92.19 -157.92 -80.62
C GLY B 2525 93.68 -157.99 -80.28
N ARG B 2526 94.11 -157.30 -79.21
CA ARG B 2526 95.54 -157.19 -78.77
C ARG B 2526 96.02 -158.55 -78.24
N GLU B 2527 95.37 -159.07 -77.19
CA GLU B 2527 95.62 -160.43 -76.63
C GLU B 2527 95.63 -161.45 -77.78
N LYS B 2528 94.70 -161.30 -78.73
CA LYS B 2528 94.59 -162.11 -79.98
C LYS B 2528 95.87 -162.02 -80.81
N ASP B 2529 96.42 -160.81 -80.97
CA ASP B 2529 97.64 -160.55 -81.79
C ASP B 2529 98.88 -161.11 -81.07
N LYS B 2530 98.92 -161.05 -79.73
CA LYS B 2530 100.00 -161.65 -78.90
C LYS B 2530 100.02 -163.17 -79.08
N VAL B 2531 98.84 -163.79 -79.11
CA VAL B 2531 98.63 -165.26 -79.21
C VAL B 2531 99.17 -165.78 -80.54
N GLU B 2532 98.69 -165.22 -81.66
CA GLU B 2532 99.05 -165.62 -83.05
C GLU B 2532 100.57 -165.68 -83.22
N LYS B 2533 101.29 -164.72 -82.64
CA LYS B 2533 102.77 -164.62 -82.63
C LYS B 2533 103.36 -165.80 -81.84
N GLU B 2534 102.86 -166.02 -80.61
CA GLU B 2534 103.32 -167.11 -79.70
C GLU B 2534 103.09 -168.47 -80.34
N ASN B 2535 101.94 -168.65 -81.01
CA ASN B 2535 101.58 -169.87 -81.79
C ASN B 2535 102.57 -170.03 -82.96
N SER B 2536 102.87 -168.94 -83.68
CA SER B 2536 103.75 -168.94 -84.88
C SER B 2536 105.20 -169.26 -84.47
N LYS B 2537 105.69 -168.67 -83.37
CA LYS B 2537 107.02 -168.99 -82.76
C LYS B 2537 107.05 -170.47 -82.35
N ALA B 2538 105.96 -170.91 -81.70
CA ALA B 2538 105.74 -172.31 -81.22
C ALA B 2538 105.89 -173.29 -82.38
N THR B 2539 105.20 -173.06 -83.50
CA THR B 2539 105.15 -173.97 -84.70
C THR B 2539 106.54 -174.09 -85.33
N ILE B 2540 107.29 -172.99 -85.43
CA ILE B 2540 108.68 -172.94 -85.97
C ILE B 2540 109.57 -173.87 -85.14
N GLU B 2541 109.52 -173.72 -83.81
CA GLU B 2541 110.37 -174.46 -82.83
C GLU B 2541 110.03 -175.97 -82.88
N ALA B 2542 108.79 -176.35 -83.21
CA ALA B 2542 108.32 -177.75 -83.32
C ALA B 2542 108.89 -178.43 -84.57
N ASP B 2543 108.97 -177.69 -85.68
CA ASP B 2543 109.52 -178.19 -86.98
C ASP B 2543 111.02 -178.40 -86.84
N LYS B 2544 111.74 -177.37 -86.35
CA LYS B 2544 113.21 -177.40 -86.06
C LYS B 2544 113.53 -178.65 -85.22
N CYS B 2545 112.79 -178.86 -84.14
CA CYS B 2545 112.89 -180.04 -83.22
C CYS B 2545 112.66 -181.32 -84.01
N GLY B 2546 111.60 -181.35 -84.83
CA GLY B 2546 111.28 -182.46 -85.75
C GLY B 2546 112.47 -182.81 -86.64
N LEU B 2547 113.08 -181.81 -87.26
CA LEU B 2547 114.23 -181.96 -88.20
C LEU B 2547 115.47 -182.49 -87.46
N ILE B 2548 115.74 -181.97 -86.26
CA ILE B 2548 116.91 -182.38 -85.40
C ILE B 2548 116.77 -183.87 -85.09
N LYS B 2549 115.63 -184.29 -84.53
CA LYS B 2549 115.32 -185.69 -84.14
C LYS B 2549 115.59 -186.64 -85.31
N GLN B 2550 115.12 -186.28 -86.51
CA GLN B 2550 115.28 -187.09 -87.76
C GLN B 2550 116.77 -187.29 -88.05
N ASN B 2551 117.54 -186.19 -88.08
CA ASN B 2551 119.02 -186.21 -88.28
C ASN B 2551 119.65 -187.09 -87.21
N VAL B 2552 119.26 -186.88 -85.96
CA VAL B 2552 119.72 -187.69 -84.77
C VAL B 2552 119.45 -189.17 -85.06
N GLU B 2553 118.24 -189.51 -85.49
CA GLU B 2553 117.81 -190.91 -85.78
C GLU B 2553 118.63 -191.49 -86.92
N ALA B 2554 119.05 -190.66 -87.90
CA ALA B 2554 119.89 -191.06 -89.05
C ALA B 2554 121.33 -191.33 -88.59
N GLN B 2555 121.83 -190.55 -87.62
CA GLN B 2555 123.18 -190.73 -87.01
C GLN B 2555 123.21 -192.00 -86.16
N LYS B 2556 122.17 -192.24 -85.36
CA LYS B 2556 122.05 -193.39 -84.42
C LYS B 2556 122.09 -194.71 -85.20
N SER B 2557 121.36 -194.81 -86.31
CA SER B 2557 121.26 -196.01 -87.18
C SER B 2557 122.64 -196.39 -87.71
N SER B 2558 123.40 -195.41 -88.23
CA SER B 2558 124.75 -195.59 -88.84
C SER B 2558 125.75 -196.08 -87.78
N THR B 2559 125.75 -195.46 -86.59
CA THR B 2559 126.62 -195.86 -85.45
C THR B 2559 126.28 -197.30 -85.05
N GLN B 2560 125.00 -197.59 -84.84
CA GLN B 2560 124.48 -198.96 -84.52
C GLN B 2560 125.07 -199.97 -85.51
N GLN B 2561 124.95 -199.68 -86.82
CA GLN B 2561 125.51 -200.51 -87.92
C GLN B 2561 127.02 -200.69 -87.71
N ASP B 2562 127.74 -199.60 -87.43
CA ASP B 2562 129.21 -199.61 -87.18
C ASP B 2562 129.49 -200.55 -86.00
N LEU B 2563 128.80 -200.35 -84.87
CA LEU B 2563 128.93 -201.19 -83.65
C LEU B 2563 128.65 -202.66 -84.01
N ASP B 2564 127.65 -202.90 -84.86
CA ASP B 2564 127.22 -204.26 -85.28
C ASP B 2564 128.15 -204.84 -86.36
N ALA B 2565 128.97 -204.01 -87.02
CA ALA B 2565 130.07 -204.43 -87.92
C ALA B 2565 131.38 -204.51 -87.14
N ALA B 2566 131.41 -203.90 -85.95
CA ALA B 2566 132.54 -203.89 -85.00
C ALA B 2566 132.46 -205.13 -84.09
N GLN B 2567 131.25 -205.49 -83.64
CA GLN B 2567 130.95 -206.63 -82.73
C GLN B 2567 131.27 -208.00 -83.36
N PRO B 2568 131.07 -208.24 -84.69
CA PRO B 2568 131.19 -209.59 -85.25
C PRO B 2568 132.67 -209.97 -85.43
N LEU B 2569 133.52 -208.98 -85.70
CA LEU B 2569 134.99 -209.08 -85.81
C LEU B 2569 135.61 -209.43 -84.44
N VAL B 2570 135.03 -208.94 -83.34
CA VAL B 2570 135.50 -209.19 -81.93
C VAL B 2570 135.25 -210.67 -81.60
N GLU B 2571 134.00 -211.11 -81.79
CA GLU B 2571 133.53 -212.51 -81.56
C GLU B 2571 134.45 -213.50 -82.31
N GLN B 2572 134.78 -213.19 -83.56
CA GLN B 2572 135.72 -213.97 -84.41
C GLN B 2572 137.08 -214.05 -83.70
N ALA B 2573 137.72 -212.90 -83.47
CA ALA B 2573 139.08 -212.76 -82.88
C ALA B 2573 139.18 -213.55 -81.57
N LYS B 2574 138.07 -213.62 -80.81
CA LYS B 2574 137.95 -214.44 -79.56
C LYS B 2574 138.11 -215.93 -79.87
N SER B 2575 137.53 -216.41 -80.97
CA SER B 2575 137.60 -217.83 -81.40
C SER B 2575 139.04 -218.22 -81.81
N ALA B 2576 139.88 -217.23 -82.13
CA ALA B 2576 141.28 -217.39 -82.60
C ALA B 2576 142.29 -216.96 -81.52
N LEU B 2577 141.92 -216.04 -80.62
CA LEU B 2577 142.54 -215.86 -79.28
C LEU B 2577 142.67 -217.22 -78.57
N ASN B 2578 141.62 -218.03 -78.66
CA ASN B 2578 141.48 -219.37 -78.00
C ASN B 2578 142.71 -220.24 -78.30
N SER B 2579 143.11 -220.98 -77.27
CA SER B 2579 144.42 -221.67 -77.09
C SER B 2579 144.16 -222.94 -76.30
N ILE B 2580 144.43 -224.13 -76.86
CA ILE B 2580 144.16 -225.43 -76.18
C ILE B 2580 145.10 -225.54 -74.96
N SER B 2581 144.51 -225.63 -73.78
CA SER B 2581 145.21 -225.90 -72.50
C SER B 2581 146.18 -227.08 -72.65
N LYS B 2582 145.81 -228.16 -73.37
CA LYS B 2582 146.62 -229.40 -73.52
C LYS B 2582 148.07 -229.02 -73.84
N LYS B 2583 148.28 -228.32 -74.94
CA LYS B 2583 149.57 -227.70 -75.30
C LYS B 2583 150.02 -226.82 -74.13
N ASP B 2584 149.14 -225.93 -73.67
CA ASP B 2584 149.45 -224.95 -72.60
C ASP B 2584 150.15 -225.73 -71.50
N PHE B 2585 149.59 -226.87 -71.12
CA PHE B 2585 150.07 -227.64 -69.95
C PHE B 2585 151.60 -227.58 -69.98
N GLN B 2586 152.16 -227.98 -71.12
CA GLN B 2586 153.63 -228.03 -71.40
C GLN B 2586 154.23 -226.62 -71.26
N GLN B 2587 153.56 -225.60 -71.78
CA GLN B 2587 154.05 -224.20 -71.75
C GLN B 2587 154.28 -223.78 -70.29
N ALA B 2588 153.46 -224.27 -69.35
CA ALA B 2588 153.49 -223.89 -67.92
C ALA B 2588 154.74 -224.42 -67.22
N LYS B 2589 155.04 -225.71 -67.39
CA LYS B 2589 156.25 -226.36 -66.83
C LYS B 2589 157.48 -225.60 -67.32
N SER B 2590 157.52 -225.33 -68.64
CA SER B 2590 158.37 -224.28 -69.25
C SER B 2590 159.86 -224.67 -69.20
N PHE B 2591 160.18 -225.96 -69.07
CA PHE B 2591 161.50 -226.51 -69.46
C PHE B 2591 162.62 -225.75 -68.73
N ALA B 2592 163.85 -225.84 -69.25
CA ALA B 2592 165.07 -225.20 -68.71
C ALA B 2592 165.43 -223.96 -69.54
N SER B 2593 165.80 -224.16 -70.81
CA SER B 2593 166.28 -223.11 -71.77
C SER B 2593 165.67 -223.37 -73.15
N PRO B 2594 164.64 -222.58 -73.55
CA PRO B 2594 163.98 -222.71 -74.85
C PRO B 2594 164.28 -221.61 -75.85
N PRO B 2595 163.88 -221.73 -77.14
CA PRO B 2595 164.38 -220.82 -78.20
C PRO B 2595 163.54 -219.62 -78.73
N ALA B 2596 162.21 -219.75 -78.76
CA ALA B 2596 161.28 -218.86 -79.51
C ALA B 2596 159.90 -218.77 -78.78
N GLY B 2597 159.47 -219.86 -78.16
CA GLY B 2597 158.82 -219.81 -76.86
C GLY B 2597 159.25 -218.55 -76.13
N VAL B 2598 160.50 -218.45 -75.62
CA VAL B 2598 160.91 -217.52 -74.52
C VAL B 2598 160.80 -216.03 -74.91
N PRO B 2599 160.99 -215.61 -76.18
CA PRO B 2599 160.56 -214.27 -76.59
C PRO B 2599 159.03 -214.13 -76.77
N GLU B 2600 158.34 -215.22 -77.14
CA GLU B 2600 156.89 -215.21 -77.49
C GLU B 2600 156.04 -215.05 -76.23
N VAL B 2601 156.07 -215.99 -75.28
CA VAL B 2601 155.26 -215.91 -74.02
C VAL B 2601 155.68 -214.66 -73.23
N PHE B 2602 156.94 -214.21 -73.36
CA PHE B 2602 157.44 -212.90 -72.85
C PHE B 2602 156.62 -211.77 -73.48
N ALA B 2603 156.45 -211.82 -74.81
CA ALA B 2603 155.67 -210.85 -75.63
C ALA B 2603 154.19 -210.84 -75.19
N ALA B 2604 153.71 -211.93 -74.59
CA ALA B 2604 152.42 -211.98 -73.88
C ALA B 2604 152.62 -211.30 -72.52
N THR B 2605 153.62 -211.74 -71.77
CA THR B 2605 153.93 -211.27 -70.39
C THR B 2605 153.75 -209.76 -70.29
N ILE B 2606 154.18 -209.02 -71.32
CA ILE B 2606 154.26 -207.53 -71.33
C ILE B 2606 152.85 -206.92 -71.41
N TYR B 2607 151.82 -207.69 -71.77
CA TYR B 2607 150.40 -207.21 -71.82
C TYR B 2607 149.55 -208.15 -70.97
N LEU B 2608 150.06 -208.59 -69.81
CA LEU B 2608 149.30 -209.42 -68.83
C LEU B 2608 149.17 -208.64 -67.52
N LEU B 2609 149.23 -207.32 -67.59
CA LEU B 2609 149.41 -206.43 -66.40
C LEU B 2609 148.08 -206.31 -65.63
N ALA B 2610 146.94 -206.63 -66.26
CA ALA B 2610 145.55 -206.44 -65.76
C ALA B 2610 144.97 -207.75 -65.20
N GLY B 2611 145.56 -208.20 -64.09
CA GLY B 2611 145.15 -209.39 -63.31
C GLY B 2611 146.27 -209.86 -62.38
N TYR B 2612 147.03 -208.91 -61.80
CA TYR B 2612 148.35 -209.11 -61.10
C TYR B 2612 148.50 -210.58 -60.71
N PHE B 2613 149.06 -211.35 -61.63
CA PHE B 2613 149.22 -212.83 -61.56
C PHE B 2613 150.49 -213.19 -60.78
N ASN B 2614 151.34 -212.21 -60.52
CA ASN B 2614 152.82 -212.42 -60.36
C ASN B 2614 153.47 -211.24 -59.65
N GLU B 2615 153.96 -210.26 -60.40
CA GLU B 2615 154.75 -209.10 -59.93
C GLU B 2615 154.01 -207.82 -60.31
N ALA B 2616 153.61 -207.04 -59.30
CA ALA B 2616 152.86 -205.77 -59.42
C ALA B 2616 153.65 -204.80 -60.30
N ILE B 2617 152.93 -204.01 -61.10
CA ILE B 2617 153.48 -203.22 -62.23
C ILE B 2617 153.22 -201.72 -61.95
N GLU B 2618 154.28 -200.89 -61.95
CA GLU B 2618 154.30 -199.49 -61.41
C GLU B 2618 153.86 -198.48 -62.48
N ILE B 2619 153.54 -198.95 -63.69
CA ILE B 2619 152.93 -198.18 -64.81
C ILE B 2619 151.46 -198.63 -64.92
N ASP B 2620 150.69 -198.09 -65.86
CA ASP B 2620 149.24 -198.40 -66.05
C ASP B 2620 149.08 -199.51 -67.09
N LYS B 2621 149.51 -199.25 -68.33
CA LYS B 2621 149.37 -200.15 -69.51
C LYS B 2621 150.68 -200.17 -70.30
N ASN B 2622 151.10 -201.33 -70.81
CA ASN B 2622 152.19 -201.46 -71.81
C ASN B 2622 153.54 -200.99 -71.23
N LYS B 2623 153.93 -201.57 -70.10
CA LYS B 2623 155.18 -201.28 -69.33
C LYS B 2623 155.16 -202.11 -68.03
N LYS B 2624 155.60 -203.37 -68.14
CA LYS B 2624 156.07 -204.26 -67.04
C LYS B 2624 156.95 -203.45 -66.09
N PRO B 2625 157.18 -203.92 -64.86
CA PRO B 2625 158.05 -203.21 -63.92
C PRO B 2625 159.51 -203.69 -63.84
N LYS B 2626 159.69 -204.99 -63.64
CA LYS B 2626 160.83 -205.63 -62.94
C LYS B 2626 160.48 -207.11 -62.77
N ASP B 2627 161.48 -207.97 -62.55
CA ASP B 2627 161.32 -209.43 -62.37
C ASP B 2627 160.68 -210.01 -63.65
N VAL B 2628 161.19 -209.61 -64.82
CA VAL B 2628 160.72 -210.09 -66.15
C VAL B 2628 161.93 -210.66 -66.91
N SER B 2629 161.84 -211.96 -67.24
CA SER B 2629 162.91 -212.79 -67.84
C SER B 2629 162.28 -214.09 -68.38
N TRP B 2630 162.85 -215.24 -68.03
CA TRP B 2630 162.18 -216.56 -68.14
C TRP B 2630 161.91 -217.12 -66.74
N LYS B 2631 162.85 -216.92 -65.82
CA LYS B 2631 162.86 -217.58 -64.47
C LYS B 2631 161.64 -217.12 -63.68
N SER B 2632 161.30 -215.83 -63.78
CA SER B 2632 160.00 -215.28 -63.31
C SER B 2632 158.88 -215.82 -64.21
N SER B 2633 159.11 -215.96 -65.53
CA SER B 2633 158.11 -216.38 -66.54
C SER B 2633 157.32 -217.61 -66.07
N LEU B 2634 157.97 -218.55 -65.40
CA LEU B 2634 157.32 -219.71 -64.72
C LEU B 2634 156.24 -219.20 -63.76
N LYS B 2635 156.67 -218.40 -62.75
CA LYS B 2635 155.89 -217.76 -61.64
C LYS B 2635 154.82 -216.81 -62.20
N LEU B 2636 154.62 -216.83 -63.53
CA LEU B 2636 153.50 -216.19 -64.25
C LEU B 2636 152.77 -217.27 -65.06
N MET B 2637 152.94 -218.56 -64.72
CA MET B 2637 152.14 -219.64 -65.37
C MET B 2637 151.61 -220.69 -64.38
N LYS B 2638 152.12 -220.76 -63.15
CA LYS B 2638 151.41 -221.37 -61.99
C LYS B 2638 150.50 -222.47 -62.50
N SER B 2639 149.22 -222.17 -62.70
CA SER B 2639 148.13 -223.18 -62.92
C SER B 2639 147.50 -223.07 -64.30
N PRO B 2640 147.84 -223.96 -65.29
CA PRO B 2640 147.41 -223.77 -66.67
C PRO B 2640 145.90 -223.61 -66.80
N GLU B 2641 145.13 -224.42 -66.07
CA GLU B 2641 143.65 -224.32 -66.01
C GLU B 2641 143.26 -222.89 -65.61
N GLU B 2642 144.00 -222.27 -64.68
CA GLU B 2642 143.79 -220.85 -64.27
C GLU B 2642 144.18 -219.94 -65.45
N PHE B 2643 145.28 -220.25 -66.13
CA PHE B 2643 145.79 -219.52 -67.32
C PHE B 2643 144.80 -219.60 -68.50
N MET B 2644 143.99 -220.66 -68.61
CA MET B 2644 142.99 -220.82 -69.71
C MET B 2644 141.83 -219.84 -69.48
N GLU B 2645 141.32 -219.73 -68.24
CA GLU B 2645 140.27 -218.74 -67.88
C GLU B 2645 140.75 -217.36 -68.33
N LYS B 2646 141.79 -216.87 -67.69
CA LYS B 2646 142.15 -215.43 -67.75
C LYS B 2646 142.17 -214.98 -69.21
N LEU B 2647 142.58 -215.85 -70.12
CA LEU B 2647 142.50 -215.53 -71.57
C LEU B 2647 141.05 -215.24 -71.93
N LEU B 2648 140.10 -215.99 -71.39
CA LEU B 2648 138.66 -215.71 -71.62
C LEU B 2648 138.30 -214.35 -71.00
N ASN B 2649 138.78 -214.06 -69.78
CA ASN B 2649 138.55 -212.77 -69.07
C ASN B 2649 139.08 -211.63 -69.94
N PHE B 2650 140.39 -211.37 -69.89
CA PHE B 2650 141.12 -210.34 -70.68
C PHE B 2650 140.25 -209.90 -71.85
N LYS B 2651 140.01 -210.78 -72.83
CA LYS B 2651 139.21 -210.47 -74.06
C LYS B 2651 138.01 -209.59 -73.73
N ASP B 2652 137.34 -209.87 -72.61
CA ASP B 2652 136.19 -209.10 -72.07
C ASP B 2652 136.71 -207.80 -71.44
N VAL B 2653 137.75 -207.89 -70.59
CA VAL B 2653 138.46 -206.72 -69.97
C VAL B 2653 138.88 -205.77 -71.10
N VAL B 2654 139.38 -206.32 -72.19
CA VAL B 2654 139.72 -205.58 -73.45
C VAL B 2654 138.47 -204.84 -73.89
N ASP B 2655 137.36 -205.57 -74.10
CA ASP B 2655 136.11 -205.03 -74.69
C ASP B 2655 135.67 -203.78 -73.92
N ALA B 2656 135.17 -202.78 -74.65
CA ALA B 2656 134.84 -201.41 -74.20
C ALA B 2656 136.12 -200.64 -73.82
N ASN B 2657 137.28 -201.12 -74.26
CA ASN B 2657 138.60 -200.58 -73.85
C ASN B 2657 138.70 -200.71 -72.31
N GLN B 2658 139.14 -199.66 -71.62
CA GLN B 2658 139.43 -199.63 -70.16
C GLN B 2658 140.61 -200.58 -69.84
N VAL B 2659 141.65 -200.57 -70.69
CA VAL B 2659 142.89 -201.39 -70.53
C VAL B 2659 144.08 -200.58 -71.05
N ALA B 2660 144.43 -201.39 -74.44
CA ALA B 2660 143.23 -201.00 -75.23
C ALA B 2660 143.62 -200.81 -76.71
N ASN B 2661 143.72 -199.57 -77.19
CA ASN B 2661 144.20 -199.26 -78.57
C ASN B 2661 145.72 -198.99 -78.51
N VAL B 2662 146.35 -199.05 -77.32
CA VAL B 2662 147.82 -198.97 -77.08
C VAL B 2662 148.40 -200.38 -76.98
N ASN B 2663 147.69 -201.29 -76.29
CA ASN B 2663 147.97 -202.76 -76.29
C ASN B 2663 148.03 -203.27 -77.73
N ILE B 2664 147.28 -202.62 -78.64
CA ILE B 2664 147.21 -202.92 -80.09
C ILE B 2664 148.33 -202.21 -80.88
N VAL B 2665 149.32 -201.62 -80.21
CA VAL B 2665 150.54 -201.02 -80.83
C VAL B 2665 151.79 -201.80 -80.38
N LYS B 2666 151.86 -202.22 -79.10
CA LYS B 2666 152.99 -203.03 -78.55
C LYS B 2666 152.95 -204.45 -79.13
N ASN B 2667 151.77 -205.06 -79.18
CA ASN B 2667 151.57 -206.43 -79.73
C ASN B 2667 151.93 -206.44 -81.23
N GLN B 2668 151.64 -205.35 -81.96
CA GLN B 2668 152.14 -205.09 -83.34
C GLN B 2668 153.68 -205.05 -83.31
N TYR B 2669 154.25 -204.28 -82.37
CA TYR B 2669 155.73 -204.15 -82.15
C TYR B 2669 156.34 -205.51 -81.80
N LEU B 2670 155.55 -206.48 -81.33
CA LEU B 2670 156.01 -207.84 -80.91
C LEU B 2670 155.73 -208.88 -81.99
N ASN B 2671 155.05 -208.50 -83.07
CA ASN B 2671 154.80 -209.37 -84.25
C ASN B 2671 155.80 -209.03 -85.38
N MET B 2672 156.19 -207.76 -85.50
CA MET B 2672 157.15 -207.26 -86.53
C MET B 2672 158.59 -207.69 -86.25
N PRO B 2673 159.08 -207.79 -84.98
CA PRO B 2673 160.50 -208.07 -84.73
C PRO B 2673 160.77 -209.59 -84.63
N SER B 2674 161.93 -210.03 -85.14
CA SER B 2674 162.45 -211.42 -85.03
C SER B 2674 161.34 -212.43 -85.40
N PHE B 2675 160.85 -213.20 -84.42
CA PHE B 2675 159.79 -214.24 -84.60
C PHE B 2675 158.48 -213.58 -84.99
N THR B 2676 157.52 -214.41 -85.44
CA THR B 2676 156.13 -214.05 -85.81
C THR B 2676 155.24 -215.19 -85.33
N PRO B 2677 153.94 -215.30 -85.71
CA PRO B 2677 153.10 -216.38 -85.22
C PRO B 2677 152.90 -217.62 -86.10
N GLU B 2678 153.21 -217.53 -87.39
CA GLU B 2678 153.04 -218.61 -88.40
C GLU B 2678 154.25 -219.53 -88.36
N GLN B 2679 155.47 -218.92 -88.38
CA GLN B 2679 156.79 -219.56 -88.23
C GLN B 2679 156.80 -220.36 -86.92
N MET B 2680 156.73 -219.66 -85.78
CA MET B 2680 156.66 -220.24 -84.41
C MET B 2680 155.79 -221.52 -84.41
N ALA B 2681 154.69 -221.51 -85.19
CA ALA B 2681 153.79 -222.69 -85.41
C ALA B 2681 154.63 -223.95 -85.65
N SER B 2682 155.74 -223.81 -86.37
CA SER B 2682 156.83 -224.82 -86.36
C SER B 2682 157.35 -224.90 -84.93
N LYS B 2683 158.21 -223.98 -84.50
CA LYS B 2683 159.27 -224.17 -83.44
C LYS B 2683 158.85 -225.27 -82.44
N SER B 2684 157.64 -225.12 -81.87
CA SER B 2684 156.95 -226.13 -81.02
C SER B 2684 155.45 -226.14 -81.33
N ALA B 2685 154.73 -227.16 -80.85
CA ALA B 2685 153.26 -227.22 -80.81
C ALA B 2685 152.77 -226.05 -79.94
N ALA B 2686 153.28 -226.01 -78.71
CA ALA B 2686 153.01 -224.96 -77.69
C ALA B 2686 152.86 -223.59 -78.38
N ALA B 2687 153.94 -223.11 -78.98
CA ALA B 2687 154.02 -221.87 -79.79
C ALA B 2687 152.72 -221.66 -80.57
N LYS B 2688 152.30 -222.65 -81.38
CA LYS B 2688 151.28 -222.48 -82.45
C LYS B 2688 150.03 -221.78 -81.90
N GLY B 2689 149.60 -222.16 -80.70
CA GLY B 2689 148.54 -221.42 -79.95
C GLY B 2689 149.00 -220.02 -79.54
N ILE B 2690 149.75 -219.93 -78.44
CA ILE B 2690 150.19 -218.65 -77.78
C ILE B 2690 150.35 -217.60 -78.88
N CYS B 2691 151.21 -217.90 -79.85
CA CYS B 2691 151.47 -217.08 -81.05
C CYS B 2691 150.15 -216.65 -81.66
N SER B 2692 149.23 -217.60 -81.85
CA SER B 2692 147.84 -217.32 -82.24
C SER B 2692 147.27 -216.35 -81.22
N TRP B 2693 147.40 -216.68 -79.93
CA TRP B 2693 146.70 -216.03 -78.79
C TRP B 2693 147.21 -214.63 -78.45
N VAL B 2694 148.23 -214.11 -79.16
CA VAL B 2694 148.67 -212.70 -79.08
C VAL B 2694 148.18 -211.96 -80.34
N VAL B 2695 148.29 -212.56 -81.51
CA VAL B 2695 147.85 -211.97 -82.80
C VAL B 2695 146.36 -211.65 -82.68
N ASN B 2696 145.57 -212.67 -82.35
CA ASN B 2696 144.09 -212.57 -82.36
C ASN B 2696 143.62 -211.64 -81.23
N ILE B 2697 144.53 -211.30 -80.30
CA ILE B 2697 144.37 -210.15 -79.37
C ILE B 2697 144.45 -208.87 -80.20
N VAL B 2698 145.64 -208.53 -80.73
CA VAL B 2698 145.91 -207.30 -81.54
C VAL B 2698 144.67 -207.03 -82.40
N LYS B 2699 144.26 -208.03 -83.18
CA LYS B 2699 143.15 -207.94 -84.17
C LYS B 2699 141.82 -207.72 -83.44
N TYR B 2700 141.60 -208.33 -82.27
CA TYR B 2700 140.51 -207.92 -81.33
C TYR B 2700 140.76 -206.47 -80.89
N TYR B 2701 141.98 -206.10 -80.44
CA TYR B 2701 142.34 -204.75 -79.92
C TYR B 2701 142.52 -203.70 -81.02
N ASP B 2702 142.58 -204.13 -82.29
CA ASP B 2702 142.49 -203.25 -83.49
C ASP B 2702 141.05 -203.22 -84.00
N VAL B 2703 140.32 -204.36 -83.91
CA VAL B 2703 138.84 -204.39 -84.12
C VAL B 2703 138.24 -203.51 -83.01
N ILE B 2704 138.25 -203.98 -81.76
CA ILE B 2704 137.61 -203.23 -80.64
C ILE B 2704 138.07 -201.75 -80.74
N GLN B 2705 139.19 -201.49 -81.43
CA GLN B 2705 139.63 -200.15 -81.91
C GLN B 2705 138.78 -199.64 -83.09
N ASP B 2706 138.12 -200.53 -83.85
CA ASP B 2706 136.94 -200.20 -84.70
C ASP B 2706 135.75 -199.88 -83.79
N VAL B 2707 135.65 -200.55 -82.63
CA VAL B 2707 134.49 -200.42 -81.69
C VAL B 2707 134.62 -199.10 -80.93
N GLU B 2708 135.83 -198.78 -80.43
CA GLU B 2708 136.16 -197.56 -79.63
C GLU B 2708 135.59 -196.30 -80.27
N PRO B 2709 135.87 -196.04 -81.57
CA PRO B 2709 135.48 -194.77 -82.21
C PRO B 2709 133.99 -194.70 -82.57
N LYS B 2710 133.36 -195.82 -82.93
CA LYS B 2710 131.91 -195.93 -83.20
C LYS B 2710 131.10 -195.93 -81.89
N ARG B 2711 131.73 -196.28 -80.76
CA ARG B 2711 131.13 -196.20 -79.39
C ARG B 2711 131.25 -194.75 -78.86
N LYS B 2712 132.39 -194.09 -79.10
CA LYS B 2712 132.62 -192.66 -78.78
C LYS B 2712 131.66 -191.78 -79.59
N ALA B 2713 131.59 -192.01 -80.91
CA ALA B 2713 130.74 -191.28 -81.88
C ALA B 2713 129.26 -191.47 -81.55
N LEU B 2714 128.86 -192.68 -81.16
CA LEU B 2714 127.48 -193.02 -80.70
C LEU B 2714 127.17 -192.21 -79.43
N LYS B 2715 127.98 -192.37 -78.38
CA LYS B 2715 127.85 -191.70 -77.06
C LYS B 2715 127.67 -190.19 -77.23
N GLU B 2716 128.42 -189.57 -78.15
CA GLU B 2716 128.31 -188.12 -78.50
C GLU B 2716 126.94 -187.85 -79.13
N ALA B 2717 126.56 -188.63 -80.15
CA ALA B 2717 125.29 -188.50 -80.91
C ALA B 2717 124.09 -188.72 -79.98
N THR B 2718 124.18 -189.66 -79.03
CA THR B 2718 123.11 -190.00 -78.04
C THR B 2718 122.93 -188.83 -77.06
N GLU B 2719 124.02 -188.27 -76.54
CA GLU B 2719 124.02 -187.11 -75.61
C GLU B 2719 123.36 -185.91 -76.31
N GLN B 2720 123.81 -185.59 -77.54
CA GLN B 2720 123.20 -184.56 -78.44
C GLN B 2720 121.71 -184.84 -78.62
N LEU B 2721 121.35 -186.11 -78.84
CA LEU B 2721 119.95 -186.61 -78.95
C LEU B 2721 119.17 -186.23 -77.69
N GLU B 2722 119.59 -186.75 -76.53
CA GLU B 2722 118.89 -186.67 -75.23
C GLU B 2722 118.59 -185.21 -74.85
N GLU B 2723 119.52 -184.29 -75.12
CA GLU B 2723 119.35 -182.83 -74.88
C GLU B 2723 118.24 -182.29 -75.80
N ALA B 2724 118.37 -182.51 -77.12
CA ALA B 2724 117.45 -182.03 -78.17
C ALA B 2724 116.03 -182.54 -77.91
N THR B 2725 115.88 -183.81 -77.52
CA THR B 2725 114.58 -184.48 -77.23
C THR B 2725 113.89 -183.78 -76.05
N VAL B 2726 114.61 -183.56 -74.95
CA VAL B 2726 114.10 -182.91 -73.71
C VAL B 2726 113.61 -181.50 -74.05
N LYS B 2727 114.46 -180.70 -74.71
CA LYS B 2727 114.12 -179.34 -75.22
C LYS B 2727 112.84 -179.40 -76.06
N LEU B 2728 112.81 -180.30 -77.04
CA LEU B 2728 111.68 -180.50 -77.99
C LEU B 2728 110.39 -180.79 -77.21
N ASN B 2729 110.44 -181.77 -76.28
CA ASN B 2729 109.29 -182.18 -75.44
C ASN B 2729 108.79 -180.97 -74.61
N GLU B 2730 109.72 -180.24 -73.97
CA GLU B 2730 109.43 -179.04 -73.14
C GLU B 2730 108.71 -177.99 -73.99
N VAL B 2731 109.23 -177.72 -75.20
CA VAL B 2731 108.64 -176.76 -76.18
C VAL B 2731 107.21 -177.22 -76.51
N GLU B 2732 107.06 -178.45 -77.01
CA GLU B 2732 105.77 -179.04 -77.48
C GLU B 2732 104.67 -178.85 -76.44
N GLU B 2733 104.94 -179.20 -75.19
CA GLU B 2733 104.00 -179.04 -74.05
C GLU B 2733 103.59 -177.57 -73.92
N VAL B 2734 104.57 -176.67 -73.88
CA VAL B 2734 104.37 -175.19 -73.78
C VAL B 2734 103.50 -174.76 -74.96
N VAL B 2735 103.94 -175.05 -76.19
CA VAL B 2735 103.23 -174.77 -77.46
C VAL B 2735 101.75 -175.14 -77.27
N ARG B 2736 101.48 -176.40 -76.98
CA ARG B 2736 100.11 -176.98 -76.84
C ARG B 2736 99.29 -176.13 -75.87
N LYS B 2737 99.86 -175.84 -74.68
CA LYS B 2737 99.19 -175.03 -73.62
C LYS B 2737 98.87 -173.63 -74.17
N LEU B 2738 99.84 -172.99 -74.83
CA LEU B 2738 99.68 -171.64 -75.45
C LEU B 2738 98.53 -171.68 -76.46
N ASN B 2739 98.56 -172.67 -77.37
CA ASN B 2739 97.60 -172.83 -78.50
C ASN B 2739 96.17 -173.05 -77.97
N GLU B 2740 96.02 -173.79 -76.87
CA GLU B 2740 94.70 -174.05 -76.22
C GLU B 2740 94.14 -172.73 -75.67
N GLU B 2741 94.85 -172.13 -74.71
CA GLU B 2741 94.58 -170.78 -74.15
C GLU B 2741 94.24 -169.84 -75.31
N LEU B 2742 95.13 -169.82 -76.31
CA LEU B 2742 95.00 -169.09 -77.60
C LEU B 2742 93.54 -169.13 -78.09
N ASN B 2743 93.10 -170.33 -78.48
CA ASN B 2743 91.81 -170.56 -79.19
C ASN B 2743 90.66 -170.11 -78.28
N LYS B 2744 90.75 -170.41 -76.99
CA LYS B 2744 89.76 -170.02 -75.95
C LYS B 2744 89.60 -168.50 -75.96
N LEU B 2745 90.71 -167.77 -75.81
CA LEU B 2745 90.74 -166.29 -75.81
C LEU B 2745 90.15 -165.76 -77.13
N LYS B 2746 90.59 -166.33 -78.27
CA LYS B 2746 90.18 -165.92 -79.63
C LYS B 2746 88.65 -166.03 -79.78
N ALA B 2747 88.09 -167.18 -79.39
CA ALA B 2747 86.64 -167.48 -79.43
C ALA B 2747 85.88 -166.46 -78.58
N GLU B 2748 86.29 -166.28 -77.33
CA GLU B 2748 85.68 -165.33 -76.35
C GLU B 2748 85.68 -163.91 -76.93
N ASN B 2749 86.81 -163.49 -77.51
CA ASN B 2749 87.06 -162.14 -78.09
C ASN B 2749 86.09 -161.87 -79.25
N ASP B 2750 85.94 -162.83 -80.15
CA ASP B 2750 85.06 -162.75 -81.36
C ASP B 2750 83.60 -162.56 -80.91
N LYS B 2751 83.16 -163.36 -79.94
CA LYS B 2751 81.78 -163.37 -79.39
C LYS B 2751 81.46 -162.00 -78.77
N ALA B 2752 82.32 -161.53 -77.85
CA ALA B 2752 82.20 -160.23 -77.15
C ALA B 2752 82.14 -159.09 -78.18
N ILE B 2753 83.12 -159.04 -79.09
CA ILE B 2753 83.26 -158.01 -80.16
C ILE B 2753 81.96 -157.95 -80.99
N ALA B 2754 81.49 -159.11 -81.43
CA ALA B 2754 80.25 -159.28 -82.24
C ALA B 2754 79.04 -158.73 -81.48
N GLU B 2755 78.73 -159.31 -80.31
CA GLU B 2755 77.59 -158.93 -79.43
C GLU B 2755 77.70 -157.45 -79.03
N ARG B 2756 78.93 -156.97 -78.83
CA ARG B 2756 79.27 -155.54 -78.58
C ARG B 2756 78.82 -154.71 -79.79
N ASN B 2757 79.42 -154.95 -80.96
CA ASN B 2757 79.19 -154.20 -82.24
C ASN B 2757 77.68 -154.10 -82.52
N ALA B 2758 76.94 -155.19 -82.28
CA ALA B 2758 75.47 -155.28 -82.42
C ALA B 2758 74.79 -154.31 -81.45
N ALA B 2759 75.09 -154.46 -80.16
CA ALA B 2759 74.55 -153.63 -79.05
C ALA B 2759 74.82 -152.14 -79.31
N ILE B 2760 75.95 -151.81 -79.94
CA ILE B 2760 76.34 -150.42 -80.34
C ILE B 2760 75.38 -149.94 -81.44
N SER B 2761 75.40 -150.62 -82.61
CA SER B 2761 74.61 -150.28 -83.82
C SER B 2761 73.11 -150.20 -83.49
N GLU B 2762 72.63 -151.00 -82.53
CA GLU B 2762 71.26 -150.91 -81.95
C GLU B 2762 71.08 -149.55 -81.26
N ALA B 2763 71.95 -149.27 -80.27
CA ALA B 2763 71.89 -148.08 -79.40
C ALA B 2763 72.13 -146.80 -80.21
N GLU B 2764 72.85 -146.90 -81.34
CA GLU B 2764 73.01 -145.82 -82.35
C GLU B 2764 71.64 -145.46 -82.95
N ARG B 2765 70.90 -146.48 -83.42
CA ARG B 2765 69.54 -146.33 -84.03
C ARG B 2765 68.58 -145.69 -83.02
N CYS B 2766 68.62 -146.17 -81.76
CA CYS B 2766 67.81 -145.64 -80.62
C CYS B 2766 68.07 -144.13 -80.45
N ALA B 2767 69.35 -143.73 -80.49
CA ALA B 2767 69.80 -142.32 -80.36
C ALA B 2767 69.27 -141.48 -81.53
N ARG B 2768 69.21 -142.05 -82.74
CA ARG B 2768 68.66 -141.39 -83.96
C ARG B 2768 67.14 -141.21 -83.80
N ARG B 2769 66.43 -142.26 -83.39
CA ARG B 2769 64.96 -142.25 -83.12
C ARG B 2769 64.61 -141.21 -82.05
N LEU B 2770 65.46 -141.09 -81.02
CA LEU B 2770 65.33 -140.12 -79.90
C LEU B 2770 65.45 -138.68 -80.43
N ASN B 2771 66.44 -138.43 -81.29
CA ASN B 2771 66.71 -137.10 -81.90
C ASN B 2771 65.56 -136.71 -82.84
N LEU B 2772 65.13 -137.65 -83.70
CA LEU B 2772 63.97 -137.46 -84.63
C LEU B 2772 62.72 -137.11 -83.85
N ALA B 2773 62.50 -137.75 -82.69
CA ALA B 2773 61.42 -137.43 -81.73
C ALA B 2773 61.59 -135.98 -81.24
N GLN B 2774 62.76 -135.65 -80.67
CA GLN B 2774 63.10 -134.33 -80.07
C GLN B 2774 62.82 -133.18 -81.06
N ARG B 2775 63.06 -133.41 -82.36
CA ARG B 2775 62.78 -132.43 -83.44
C ARG B 2775 61.27 -132.28 -83.64
N LEU B 2776 60.54 -133.41 -83.67
CA LEU B 2776 59.05 -133.46 -83.78
C LEU B 2776 58.41 -132.73 -82.59
N VAL B 2777 59.04 -132.79 -81.40
CA VAL B 2777 58.57 -132.14 -80.14
C VAL B 2777 58.68 -130.62 -80.31
N THR B 2778 59.88 -130.14 -80.64
CA THR B 2778 60.23 -128.70 -80.79
C THR B 2778 59.32 -128.06 -81.84
N ALA B 2779 58.94 -128.84 -82.86
CA ALA B 2779 57.96 -128.47 -83.92
C ALA B 2779 56.54 -128.43 -83.33
N LEU B 2780 56.15 -129.43 -82.52
CA LEU B 2780 54.84 -129.47 -81.79
C LEU B 2780 54.74 -128.24 -80.88
N SER B 2781 55.85 -127.87 -80.22
CA SER B 2781 55.96 -126.68 -79.33
C SER B 2781 55.79 -125.40 -80.14
N SER B 2782 56.47 -125.31 -81.30
CA SER B 2782 56.47 -124.15 -82.23
C SER B 2782 55.06 -123.86 -82.75
N GLU B 2783 54.36 -124.90 -83.23
CA GLU B 2783 53.00 -124.82 -83.84
C GLU B 2783 51.97 -124.42 -82.78
N ASN B 2784 52.02 -125.07 -81.61
CA ASN B 2784 51.16 -124.75 -80.42
C ASN B 2784 51.21 -123.25 -80.14
N GLU B 2785 52.42 -122.69 -80.08
CA GLU B 2785 52.68 -121.26 -79.80
C GLU B 2785 52.01 -120.40 -80.88
N ARG B 2786 52.18 -120.77 -82.17
CA ARG B 2786 51.60 -120.07 -83.34
C ARG B 2786 50.07 -120.06 -83.23
N TRP B 2787 49.48 -121.21 -82.88
CA TRP B 2787 48.03 -121.33 -82.57
C TRP B 2787 47.66 -120.40 -81.42
N GLY B 2788 48.49 -120.38 -80.36
CA GLY B 2788 48.35 -119.46 -79.21
C GLY B 2788 48.31 -118.01 -79.65
N LYS B 2789 49.24 -117.60 -80.52
CA LYS B 2789 49.34 -116.24 -81.10
C LYS B 2789 48.09 -115.94 -81.95
N SER B 2790 47.61 -116.91 -82.73
CA SER B 2790 46.45 -116.78 -83.63
C SER B 2790 45.16 -116.54 -82.83
N ILE B 2791 45.03 -117.18 -81.65
CA ILE B 2791 43.85 -117.06 -80.74
C ILE B 2791 43.84 -115.67 -80.09
N ILE B 2792 45.01 -115.16 -79.68
CA ILE B 2792 45.16 -113.80 -79.07
C ILE B 2792 44.77 -112.75 -80.11
N GLN B 2793 45.20 -112.92 -81.37
CA GLN B 2793 44.85 -112.05 -82.52
C GLN B 2793 43.32 -112.02 -82.70
N LEU B 2794 42.68 -113.18 -82.71
CA LEU B 2794 41.20 -113.33 -82.90
C LEU B 2794 40.45 -112.68 -81.72
N GLU B 2795 41.02 -112.71 -80.51
CA GLU B 2795 40.43 -112.06 -79.31
C GLU B 2795 40.52 -110.53 -79.46
N ASP B 2796 41.65 -110.03 -79.96
CA ASP B 2796 41.90 -108.58 -80.17
C ASP B 2796 40.98 -108.02 -81.27
N GLN B 2797 40.74 -108.80 -82.33
CA GLN B 2797 39.81 -108.44 -83.44
C GLN B 2797 38.36 -108.44 -82.93
N LEU B 2798 38.04 -109.32 -81.97
CA LEU B 2798 36.68 -109.45 -81.37
C LEU B 2798 36.39 -108.23 -80.48
N LYS B 2799 37.36 -107.82 -79.66
CA LYS B 2799 37.30 -106.59 -78.82
C LYS B 2799 37.00 -105.37 -79.71
N LEU B 2800 37.82 -105.17 -80.74
CA LEU B 2800 37.72 -104.06 -81.73
C LEU B 2800 36.77 -104.50 -82.85
N MET B 2801 35.48 -104.63 -82.54
CA MET B 2801 34.41 -105.01 -83.51
C MET B 2801 33.33 -103.92 -83.51
N VAL B 2802 32.70 -103.69 -82.36
CA VAL B 2802 31.49 -102.80 -82.19
C VAL B 2802 31.78 -101.41 -82.78
N GLY B 2803 33.05 -100.98 -82.74
CA GLY B 2803 33.51 -99.74 -83.41
C GLY B 2803 33.56 -99.90 -84.92
N ASP B 2804 34.25 -100.94 -85.41
CA ASP B 2804 34.39 -101.26 -86.86
C ASP B 2804 33.01 -101.34 -87.49
N VAL B 2805 32.18 -102.24 -86.96
CA VAL B 2805 30.83 -102.60 -87.50
C VAL B 2805 29.93 -101.36 -87.51
N LEU B 2806 30.08 -100.46 -86.52
CA LEU B 2806 29.28 -99.21 -86.40
C LEU B 2806 29.66 -98.24 -87.53
N VAL B 2807 30.94 -98.12 -87.86
CA VAL B 2807 31.44 -97.29 -89.00
C VAL B 2807 31.07 -97.98 -90.31
N ALA B 2808 31.23 -99.30 -90.39
CA ALA B 2808 30.92 -100.15 -91.57
C ALA B 2808 29.43 -100.02 -91.92
N SER B 2809 28.54 -100.29 -90.95
CA SER B 2809 27.07 -100.27 -91.10
C SER B 2809 26.58 -98.89 -91.55
N SER B 2810 27.07 -97.83 -90.88
CA SER B 2810 26.74 -96.40 -91.18
C SER B 2810 27.09 -96.10 -92.64
N PHE B 2811 28.33 -96.38 -93.02
CA PHE B 2811 28.88 -96.22 -94.40
C PHE B 2811 27.96 -96.91 -95.42
N VAL B 2812 27.60 -98.18 -95.17
CA VAL B 2812 26.79 -99.02 -96.11
C VAL B 2812 25.40 -98.39 -96.30
N SER B 2813 24.82 -97.82 -95.25
CA SER B 2813 23.45 -97.25 -95.24
C SER B 2813 23.44 -95.82 -95.84
N TYR B 2814 24.45 -95.00 -95.54
CA TYR B 2814 24.44 -93.53 -95.76
C TYR B 2814 25.31 -93.12 -96.96
N SER B 2815 26.50 -93.69 -97.14
CA SER B 2815 27.57 -93.17 -98.05
C SER B 2815 27.19 -93.38 -99.52
N GLY B 2816 26.28 -94.32 -99.82
CA GLY B 2816 25.86 -94.69 -101.18
C GLY B 2816 25.54 -93.47 -102.05
N PRO B 2817 24.47 -92.70 -101.75
CA PRO B 2817 24.03 -91.60 -102.60
C PRO B 2817 24.77 -90.29 -102.26
N PHE B 2818 26.07 -90.25 -102.53
CA PHE B 2818 26.97 -89.09 -102.24
C PHE B 2818 28.16 -89.08 -103.22
N ASN B 2819 28.74 -87.90 -103.43
CA ASN B 2819 29.96 -87.69 -104.26
C ASN B 2819 31.18 -88.20 -103.50
N LYS B 2820 32.26 -88.49 -104.24
CA LYS B 2820 33.60 -88.95 -103.76
C LYS B 2820 34.11 -88.08 -102.60
N LYS B 2821 33.84 -86.77 -102.63
CA LYS B 2821 34.32 -85.79 -101.62
C LYS B 2821 33.52 -85.94 -100.31
N PHE B 2822 32.19 -86.07 -100.41
CA PHE B 2822 31.26 -86.10 -99.26
C PHE B 2822 31.45 -87.39 -98.45
N ARG B 2823 31.56 -88.55 -99.13
CA ARG B 2823 31.71 -89.88 -98.46
C ARG B 2823 33.12 -90.06 -97.90
N ASN B 2824 34.06 -89.15 -98.20
CA ASN B 2824 35.38 -89.02 -97.50
C ASN B 2824 35.19 -88.19 -96.24
N ILE B 2825 34.54 -87.02 -96.38
CA ILE B 2825 34.28 -86.04 -95.28
C ILE B 2825 33.33 -86.66 -94.24
N MET B 2826 32.24 -87.27 -94.69
CA MET B 2826 31.21 -87.92 -93.83
C MET B 2826 31.84 -88.98 -92.93
N ILE B 2827 32.77 -89.79 -93.47
CA ILE B 2827 33.41 -90.93 -92.76
C ILE B 2827 34.60 -90.42 -91.93
N ASN B 2828 35.63 -89.87 -92.58
CA ASN B 2828 36.98 -89.61 -91.99
C ASN B 2828 37.03 -88.31 -91.18
N GLN B 2829 36.11 -87.36 -91.39
CA GLN B 2829 36.13 -86.04 -90.72
C GLN B 2829 35.15 -86.03 -89.52
N ASN B 2830 33.92 -86.51 -89.71
CA ASN B 2830 32.85 -86.50 -88.66
C ASN B 2830 32.96 -87.77 -87.80
N PHE B 2831 32.60 -88.93 -88.36
CA PHE B 2831 32.46 -90.21 -87.63
C PHE B 2831 33.79 -90.61 -86.96
N MET B 2832 34.86 -90.81 -87.74
CA MET B 2832 36.18 -91.30 -87.23
C MET B 2832 36.65 -90.43 -86.06
N LYS B 2833 36.38 -89.11 -86.11
CA LYS B 2833 36.68 -88.14 -85.02
C LYS B 2833 35.81 -88.43 -83.80
N PHE B 2834 34.52 -88.79 -84.01
CA PHE B 2834 33.55 -89.19 -82.96
C PHE B 2834 34.00 -90.48 -82.28
N MET B 2835 34.51 -91.45 -83.05
CA MET B 2835 34.96 -92.78 -82.55
C MET B 2835 36.23 -92.63 -81.72
N LYS B 2836 37.07 -91.62 -82.04
CA LYS B 2836 38.28 -91.24 -81.28
C LYS B 2836 37.89 -90.43 -80.03
N GLU B 2837 36.83 -89.61 -80.12
CA GLU B 2837 36.30 -88.75 -79.02
C GLU B 2837 35.84 -89.64 -77.85
N HIS B 2838 34.95 -90.60 -78.13
CA HIS B 2838 34.33 -91.52 -77.13
C HIS B 2838 35.23 -92.75 -76.87
N THR B 2839 36.33 -92.89 -77.64
CA THR B 2839 37.35 -93.97 -77.50
C THR B 2839 36.68 -95.34 -77.60
N ILE B 2840 35.85 -95.54 -78.64
CA ILE B 2840 35.25 -96.86 -79.00
C ILE B 2840 36.34 -97.66 -79.73
N PRO B 2841 36.72 -98.86 -79.23
CA PRO B 2841 37.77 -99.65 -79.87
C PRO B 2841 37.43 -99.98 -81.34
N MET B 2842 38.31 -99.59 -82.27
CA MET B 2842 38.20 -99.95 -83.71
C MET B 2842 39.59 -100.15 -84.32
N SER B 2843 39.65 -100.84 -85.46
CA SER B 2843 40.89 -101.28 -86.14
C SER B 2843 41.71 -100.07 -86.63
N PRO B 2844 43.03 -100.21 -86.87
CA PRO B 2844 43.85 -99.08 -87.33
C PRO B 2844 43.42 -98.51 -88.69
N ASP B 2845 42.98 -99.37 -89.61
CA ASP B 2845 42.55 -99.01 -90.99
C ASP B 2845 41.35 -98.09 -90.91
N PRO B 2846 41.42 -96.84 -91.45
CA PRO B 2846 40.30 -95.90 -91.38
C PRO B 2846 39.13 -96.29 -92.30
N ASN B 2847 39.43 -96.69 -93.54
CA ASN B 2847 38.42 -97.04 -94.58
C ASN B 2847 37.64 -98.27 -94.14
N PRO B 2848 36.31 -98.33 -94.34
CA PRO B 2848 35.51 -99.50 -93.98
C PRO B 2848 35.69 -100.71 -94.91
N ILE B 2849 35.92 -100.46 -96.21
CA ILE B 2849 36.00 -101.48 -97.31
C ILE B 2849 37.00 -102.59 -96.96
N LYS B 2850 38.10 -102.28 -96.25
CA LYS B 2850 39.13 -103.28 -95.83
C LYS B 2850 38.54 -104.25 -94.78
N ILE B 2851 37.61 -103.77 -93.95
CA ILE B 2851 36.94 -104.56 -92.87
C ILE B 2851 35.79 -105.38 -93.47
N LEU B 2852 34.98 -104.77 -94.34
CA LEU B 2852 33.76 -105.40 -94.93
C LEU B 2852 34.14 -106.56 -95.86
N THR B 2853 35.08 -106.35 -96.78
CA THR B 2853 35.43 -107.28 -97.90
C THR B 2853 36.95 -107.49 -97.98
N ASP B 2854 37.36 -108.70 -98.34
CA ASP B 2854 38.78 -109.15 -98.40
C ASP B 2854 39.39 -108.72 -99.74
N GLU B 2855 40.71 -108.93 -99.90
CA GLU B 2855 41.48 -108.62 -101.13
C GLU B 2855 41.18 -109.67 -102.22
N SER B 2856 40.72 -110.87 -101.82
CA SER B 2856 40.31 -111.98 -102.72
C SER B 2856 39.07 -111.58 -103.53
N THR B 2857 38.11 -110.92 -102.90
CA THR B 2857 36.83 -110.46 -103.51
C THR B 2857 37.10 -109.27 -104.45
N ILE B 2858 38.12 -108.45 -104.14
CA ILE B 2858 38.56 -107.28 -104.97
C ILE B 2858 39.14 -107.80 -106.30
N ALA B 2859 39.88 -108.92 -106.27
CA ALA B 2859 40.45 -109.59 -107.45
C ALA B 2859 39.34 -110.14 -108.36
N LEU B 2860 38.29 -110.71 -107.76
CA LEU B 2860 37.06 -111.19 -108.47
C LEU B 2860 36.29 -109.98 -109.03
N TRP B 2861 36.28 -108.87 -108.30
CA TRP B 2861 35.64 -107.59 -108.70
C TRP B 2861 36.47 -106.84 -109.74
N ASN B 2862 37.79 -107.06 -109.80
CA ASN B 2862 38.68 -106.49 -110.86
C ASN B 2862 38.28 -107.11 -112.21
N LYS B 2863 37.87 -108.38 -112.22
CA LYS B 2863 37.18 -109.05 -113.35
C LYS B 2863 35.70 -108.64 -113.34
N GLN B 2864 34.94 -109.08 -114.35
CA GLN B 2864 33.49 -108.79 -114.54
C GLN B 2864 33.30 -107.30 -114.82
N LYS B 2865 34.21 -106.69 -115.59
CA LYS B 2865 34.08 -105.32 -116.17
C LYS B 2865 33.65 -104.31 -115.09
N LEU B 2866 34.26 -104.37 -113.90
CA LEU B 2866 34.11 -103.36 -112.81
C LEU B 2866 35.48 -102.72 -112.55
N PRO B 2867 35.58 -101.37 -112.50
CA PRO B 2867 36.89 -100.72 -112.31
C PRO B 2867 37.54 -101.02 -110.95
N SER B 2868 38.82 -100.63 -110.81
CA SER B 2868 39.66 -100.80 -109.60
C SER B 2868 39.84 -99.46 -108.87
N ASP B 2869 39.01 -98.45 -109.19
CA ASP B 2869 38.97 -97.13 -108.52
C ASP B 2869 38.40 -97.29 -107.11
N SER B 2870 38.81 -96.43 -106.18
CA SER B 2870 38.42 -96.45 -104.74
C SER B 2870 36.90 -96.29 -104.60
N VAL B 2871 36.30 -95.34 -105.33
CA VAL B 2871 34.85 -94.98 -105.21
C VAL B 2871 33.98 -96.09 -105.83
N SER B 2872 34.42 -96.71 -106.93
CA SER B 2872 33.68 -97.79 -107.65
C SER B 2872 33.75 -99.10 -106.84
N ILE B 2873 34.88 -99.38 -106.18
CA ILE B 2873 35.06 -100.55 -105.25
C ILE B 2873 34.14 -100.34 -104.04
N GLU B 2874 34.08 -99.12 -103.50
CA GLU B 2874 33.19 -98.74 -102.37
C GLU B 2874 31.73 -99.05 -102.76
N ASN B 2875 31.30 -98.57 -103.93
CA ASN B 2875 29.92 -98.76 -104.47
C ASN B 2875 29.58 -100.26 -104.55
N GLY B 2876 30.53 -101.06 -105.02
CA GLY B 2876 30.43 -102.54 -105.05
C GLY B 2876 30.26 -103.11 -103.66
N THR B 2877 31.06 -102.63 -102.70
CA THR B 2877 31.03 -103.04 -101.27
C THR B 2877 29.67 -102.72 -100.65
N ILE B 2878 29.13 -101.54 -100.93
CA ILE B 2878 27.80 -101.07 -100.45
C ILE B 2878 26.71 -102.00 -101.03
N LEU B 2879 26.75 -102.27 -102.34
CA LEU B 2879 25.71 -103.06 -103.06
C LEU B 2879 25.51 -104.43 -102.41
N THR B 2880 26.60 -105.15 -102.15
CA THR B 2880 26.59 -106.55 -101.63
C THR B 2880 26.16 -106.56 -100.15
N ASN B 2881 26.81 -105.74 -99.32
CA ASN B 2881 26.62 -105.72 -97.84
C ASN B 2881 25.20 -105.26 -97.47
N SER B 2882 24.66 -104.29 -98.22
CA SER B 2882 23.28 -103.74 -98.04
C SER B 2882 22.27 -104.89 -98.13
N ALA B 2883 21.47 -105.07 -97.08
CA ALA B 2883 20.31 -106.00 -97.05
C ALA B 2883 19.14 -105.40 -97.85
N ARG B 2884 19.10 -104.07 -97.97
CA ARG B 2884 18.10 -103.32 -98.78
C ARG B 2884 18.42 -103.48 -100.27
N TYR B 2885 17.40 -103.72 -101.10
CA TYR B 2885 17.53 -103.93 -102.57
C TYR B 2885 18.06 -102.64 -103.20
N PRO B 2886 19.28 -102.64 -103.77
CA PRO B 2886 19.95 -101.40 -104.15
C PRO B 2886 19.44 -100.79 -105.47
N LEU B 2887 19.24 -99.47 -105.47
CA LEU B 2887 18.99 -98.64 -106.67
C LEU B 2887 20.31 -97.99 -107.09
N MET B 2888 20.80 -98.33 -108.29
CA MET B 2888 22.05 -97.78 -108.87
C MET B 2888 21.70 -96.67 -109.87
N ILE B 2889 22.55 -95.64 -109.95
CA ILE B 2889 22.40 -94.49 -110.89
C ILE B 2889 23.74 -94.27 -111.58
N ASP B 2890 23.74 -94.13 -112.91
CA ASP B 2890 24.97 -94.10 -113.74
C ASP B 2890 24.64 -93.68 -115.17
N PRO B 2891 25.16 -92.53 -115.66
CA PRO B 2891 25.13 -92.23 -117.09
C PRO B 2891 26.17 -93.05 -117.87
N GLN B 2892 27.26 -93.43 -117.21
CA GLN B 2892 28.41 -94.19 -117.80
C GLN B 2892 28.01 -95.65 -118.03
N LEU B 2893 27.04 -96.16 -117.26
CA LEU B 2893 26.55 -97.57 -117.27
C LEU B 2893 27.69 -98.52 -116.87
N GLN B 2894 28.53 -98.11 -115.91
CA GLN B 2894 29.67 -98.92 -115.37
C GLN B 2894 29.12 -100.04 -114.50
N GLY B 2895 28.22 -99.70 -113.56
CA GLY B 2895 27.68 -100.62 -112.53
C GLY B 2895 26.83 -101.73 -113.12
N ILE B 2896 25.92 -101.39 -114.05
CA ILE B 2896 24.96 -102.35 -114.68
C ILE B 2896 25.75 -103.42 -115.44
N THR B 2897 26.79 -103.03 -116.18
CA THR B 2897 27.67 -103.93 -116.98
C THR B 2897 28.32 -104.96 -116.04
N TRP B 2898 28.75 -104.53 -114.85
CA TRP B 2898 29.33 -105.39 -113.80
C TRP B 2898 28.29 -106.41 -113.33
N ILE B 2899 27.11 -105.92 -112.90
CA ILE B 2899 26.02 -106.76 -112.31
C ILE B 2899 25.60 -107.85 -113.30
N ARG B 2900 25.52 -107.52 -114.60
CA ARG B 2900 25.17 -108.49 -115.67
C ARG B 2900 26.21 -109.61 -115.73
N GLU B 2901 27.49 -109.29 -115.54
CA GLU B 2901 28.63 -110.24 -115.53
C GLU B 2901 28.72 -110.97 -114.18
N LYS B 2902 28.31 -110.29 -113.09
CA LYS B 2902 28.29 -110.86 -111.71
C LYS B 2902 27.20 -111.93 -111.60
N GLU B 2903 25.98 -111.62 -112.05
CA GLU B 2903 24.79 -112.51 -111.98
C GLU B 2903 24.75 -113.47 -113.18
N LYS B 2904 25.68 -113.34 -114.14
CA LYS B 2904 25.79 -114.19 -115.37
C LYS B 2904 25.75 -115.67 -115.00
N ALA B 2905 26.45 -116.06 -113.93
CA ALA B 2905 26.51 -117.44 -113.38
C ALA B 2905 25.10 -117.93 -113.02
N ASN B 2906 24.29 -117.07 -112.40
CA ASN B 2906 22.86 -117.34 -112.03
C ASN B 2906 21.96 -117.03 -113.23
N ASN B 2907 20.63 -117.24 -113.08
CA ASN B 2907 19.62 -117.03 -114.15
C ASN B 2907 19.28 -115.54 -114.21
N LEU B 2908 20.02 -114.77 -115.02
CA LEU B 2908 19.82 -113.31 -115.24
C LEU B 2908 18.50 -113.10 -115.98
N LYS B 2909 17.82 -111.98 -115.72
CA LYS B 2909 16.54 -111.62 -116.39
C LYS B 2909 16.41 -110.09 -116.45
N ILE B 2910 16.55 -109.52 -117.66
CA ILE B 2910 16.50 -108.05 -117.92
C ILE B 2910 15.06 -107.69 -118.29
N LEU B 2911 14.45 -106.77 -117.54
CA LEU B 2911 13.01 -106.39 -117.66
C LEU B 2911 12.90 -104.89 -118.00
N ARG B 2912 12.35 -104.55 -119.17
CA ARG B 2912 12.12 -103.15 -119.58
C ARG B 2912 10.85 -102.64 -118.89
N LEU B 2913 10.98 -101.59 -118.06
CA LEU B 2913 9.89 -101.05 -117.19
C LEU B 2913 8.76 -100.49 -118.05
N GLY B 2914 7.53 -100.54 -117.53
CA GLY B 2914 6.31 -100.03 -118.19
C GLY B 2914 5.88 -100.92 -119.34
N SER B 2915 5.97 -102.25 -119.18
CA SER B 2915 5.50 -103.27 -120.16
C SER B 2915 4.52 -104.23 -119.46
N LYS B 2916 4.01 -105.22 -120.20
CA LYS B 2916 3.09 -106.27 -119.68
C LYS B 2916 3.88 -107.52 -119.26
N ASN B 2917 5.16 -107.61 -119.64
CA ASN B 2917 6.04 -108.80 -119.41
C ASN B 2917 6.68 -108.72 -118.02
N ILE B 2918 6.92 -107.51 -117.48
CA ILE B 2918 7.60 -107.29 -116.17
C ILE B 2918 6.80 -107.95 -115.05
N ASN B 2919 5.47 -107.84 -115.07
CA ASN B 2919 4.55 -108.35 -114.02
C ASN B 2919 4.73 -109.88 -113.89
N ARG B 2920 4.55 -110.62 -114.99
CA ARG B 2920 4.63 -112.10 -115.04
C ARG B 2920 6.07 -112.56 -114.75
N ASP B 2921 7.09 -111.86 -115.27
CA ASP B 2921 8.52 -112.24 -115.17
C ASP B 2921 9.01 -112.08 -113.72
N LEU B 2922 8.60 -111.01 -113.05
CA LEU B 2922 8.88 -110.77 -111.59
C LEU B 2922 8.22 -111.87 -110.76
N GLU B 2923 6.96 -112.20 -111.07
CA GLU B 2923 6.17 -113.27 -110.41
C GLU B 2923 6.86 -114.63 -110.60
N LEU B 2924 7.24 -114.95 -111.84
CA LEU B 2924 7.96 -116.20 -112.21
C LEU B 2924 9.29 -116.29 -111.47
N SER B 2925 9.98 -115.16 -111.28
CA SER B 2925 11.35 -115.06 -110.72
C SER B 2925 11.34 -115.35 -109.20
N ILE B 2926 10.34 -114.84 -108.48
CA ILE B 2926 10.17 -115.05 -107.01
C ILE B 2926 9.73 -116.49 -106.78
N GLU B 2927 8.72 -116.95 -107.54
CA GLU B 2927 8.10 -118.31 -107.45
C GLU B 2927 9.17 -119.38 -107.67
N ASN B 2928 9.84 -119.35 -108.83
CA ASN B 2928 10.80 -120.39 -109.29
C ASN B 2928 12.18 -120.17 -108.65
N GLY B 2929 12.50 -118.93 -108.24
CA GLY B 2929 13.79 -118.56 -107.65
C GLY B 2929 14.85 -118.39 -108.73
N TYR B 2930 14.58 -117.53 -109.72
CA TYR B 2930 15.50 -117.19 -110.85
C TYR B 2930 16.78 -116.53 -110.33
N SER B 2931 16.69 -115.79 -109.22
CA SER B 2931 17.78 -115.04 -108.55
C SER B 2931 17.68 -113.55 -108.95
N ALA B 2932 18.67 -113.04 -109.70
CA ALA B 2932 18.88 -111.59 -109.94
C ALA B 2932 17.92 -111.08 -111.02
N ILE B 2933 17.52 -109.81 -110.91
CA ILE B 2933 16.68 -109.07 -111.89
C ILE B 2933 17.17 -107.61 -111.97
N ILE B 2934 17.16 -107.03 -113.18
CA ILE B 2934 17.60 -105.62 -113.46
C ILE B 2934 16.58 -104.95 -114.40
N GLU B 2935 16.40 -103.63 -114.27
CA GLU B 2935 15.50 -102.80 -115.13
C GLU B 2935 16.06 -101.38 -115.27
N ASN B 2936 15.77 -100.73 -116.41
CA ASN B 2936 16.16 -99.33 -116.73
C ASN B 2936 14.96 -98.41 -116.44
N MET B 2937 15.04 -97.59 -115.38
CA MET B 2937 13.90 -96.81 -114.82
C MET B 2937 13.93 -95.38 -115.33
N ASN B 2938 12.78 -94.69 -115.25
CA ASN B 2938 12.55 -93.31 -115.74
C ASN B 2938 12.27 -92.36 -114.57
N GLU B 2939 12.70 -92.73 -113.35
CA GLU B 2939 12.51 -92.01 -112.06
C GLU B 2939 11.04 -92.12 -111.58
N ARG B 2940 10.17 -92.85 -112.30
CA ARG B 2940 8.75 -93.08 -111.96
C ARG B 2940 8.56 -94.56 -111.61
N ILE B 2941 8.12 -94.86 -110.39
CA ILE B 2941 7.98 -96.24 -109.85
C ILE B 2941 6.49 -96.64 -109.89
N ASP B 2942 6.20 -97.86 -110.32
CA ASP B 2942 4.83 -98.45 -110.33
C ASP B 2942 4.45 -98.82 -108.89
N ALA B 2943 3.17 -98.68 -108.54
CA ALA B 2943 2.60 -99.01 -107.20
C ALA B 2943 2.81 -100.50 -106.91
N ILE B 2944 2.64 -101.36 -107.93
CA ILE B 2944 2.80 -102.85 -107.84
C ILE B 2944 4.22 -103.23 -107.41
N LEU B 2945 5.24 -102.48 -107.83
CA LEU B 2945 6.67 -102.76 -107.50
C LEU B 2945 6.94 -102.50 -106.01
N MET B 2946 6.30 -101.48 -105.41
CA MET B 2946 6.66 -100.90 -104.08
C MET B 2946 6.69 -101.98 -102.99
N PRO B 2947 5.69 -102.91 -102.89
CA PRO B 2947 5.78 -104.04 -101.96
C PRO B 2947 7.04 -104.91 -102.06
N ILE B 2948 7.56 -105.13 -103.27
CA ILE B 2948 8.82 -105.90 -103.50
C ILE B 2948 10.01 -105.04 -103.07
N ILE B 2949 10.01 -103.75 -103.43
CA ILE B 2949 11.06 -102.74 -103.08
C ILE B 2949 11.14 -102.61 -101.56
N ALA B 2950 9.98 -102.58 -100.88
CA ALA B 2950 9.83 -102.48 -99.41
C ALA B 2950 10.42 -103.71 -98.71
N ARG B 2951 10.57 -104.84 -99.43
CA ARG B 2951 11.18 -106.12 -98.99
C ARG B 2951 10.50 -106.60 -97.70
N SER B 2952 9.20 -106.32 -97.57
CA SER B 2952 8.36 -106.60 -96.38
C SER B 2952 7.52 -107.86 -96.62
N PHE B 2953 7.81 -108.94 -95.88
CA PHE B 2953 7.13 -110.26 -95.97
C PHE B 2953 6.52 -110.62 -94.60
N ILE B 2954 5.59 -111.58 -94.62
CA ILE B 2954 4.90 -112.15 -93.43
C ILE B 2954 5.30 -113.63 -93.30
N LYS B 2955 5.64 -114.07 -92.09
CA LYS B 2955 6.10 -115.46 -91.79
C LYS B 2955 4.91 -116.29 -91.31
N ARG B 2956 4.59 -117.37 -92.04
CA ARG B 2956 3.45 -118.29 -91.77
C ARG B 2956 3.95 -119.74 -91.80
N GLY B 2957 4.00 -120.39 -90.63
CA GLY B 2957 4.41 -121.80 -90.45
C GLY B 2957 5.87 -122.01 -90.82
N LYS B 2958 6.74 -121.05 -90.45
CA LYS B 2958 8.19 -121.06 -90.74
C LYS B 2958 8.40 -121.06 -92.27
N ASN B 2959 7.67 -120.19 -92.98
CA ASN B 2959 7.77 -120.01 -94.45
C ASN B 2959 7.51 -118.53 -94.79
N LYS B 2960 8.47 -117.88 -95.45
CA LYS B 2960 8.37 -116.46 -95.91
C LYS B 2960 7.47 -116.41 -97.15
N ILE B 2961 6.47 -115.52 -97.16
CA ILE B 2961 5.57 -115.28 -98.32
C ILE B 2961 5.46 -113.77 -98.57
N ILE B 2962 5.69 -113.35 -99.82
CA ILE B 2962 5.44 -111.96 -100.33
C ILE B 2962 4.10 -111.99 -101.09
N LYS B 2963 3.39 -110.86 -101.13
CA LYS B 2963 2.15 -110.65 -101.93
C LYS B 2963 2.43 -109.58 -103.00
N PHE B 2964 2.13 -109.89 -104.27
CA PHE B 2964 2.36 -109.02 -105.46
C PHE B 2964 1.15 -109.12 -106.40
N ALA B 2965 0.44 -108.01 -106.60
CA ALA B 2965 -0.71 -107.87 -107.52
C ALA B 2965 -1.81 -108.88 -107.17
N GLY B 2966 -2.03 -109.14 -105.87
CA GLY B 2966 -3.03 -110.09 -105.35
C GLY B 2966 -2.68 -111.54 -105.65
N LYS B 2967 -1.40 -111.92 -105.46
CA LYS B 2967 -0.88 -113.30 -105.64
C LYS B 2967 0.33 -113.52 -104.73
N ASP B 2968 0.17 -114.35 -103.69
CA ASP B 2968 1.22 -114.63 -102.68
C ASP B 2968 2.23 -115.64 -103.27
N LEU B 2969 3.53 -115.34 -103.15
CA LEU B 2969 4.66 -116.16 -103.69
C LEU B 2969 5.73 -116.30 -102.59
N ILE B 2970 6.34 -117.49 -102.48
CA ILE B 2970 7.42 -117.80 -101.48
C ILE B 2970 8.73 -117.18 -101.97
N LEU B 2971 9.47 -116.52 -101.05
CA LEU B 2971 10.81 -115.93 -101.31
C LEU B 2971 11.84 -117.05 -101.45
N HIS B 2972 12.95 -116.75 -102.14
CA HIS B 2972 14.19 -117.56 -102.18
C HIS B 2972 15.33 -116.74 -101.58
N PRO B 2973 16.34 -117.38 -100.93
CA PRO B 2973 17.55 -116.67 -100.52
C PRO B 2973 18.42 -116.28 -101.72
N ASN B 2974 18.27 -116.99 -102.85
CA ASN B 2974 18.94 -116.72 -104.15
C ASN B 2974 18.36 -115.43 -104.77
N PHE B 2975 17.07 -115.14 -104.56
CA PHE B 2975 16.34 -113.99 -105.16
C PHE B 2975 16.97 -112.66 -104.70
N LYS B 2976 17.60 -111.96 -105.65
CA LYS B 2976 18.04 -110.54 -105.53
C LYS B 2976 17.13 -109.68 -106.42
N LEU B 2977 17.17 -108.36 -106.22
CA LEU B 2977 16.51 -107.35 -107.10
C LEU B 2977 17.44 -106.14 -107.21
N PHE B 2978 17.78 -105.73 -108.43
CA PHE B 2978 18.75 -104.65 -108.73
C PHE B 2978 18.09 -103.58 -109.62
N LEU B 2979 17.76 -102.43 -109.05
CA LEU B 2979 17.21 -101.26 -109.78
C LEU B 2979 18.37 -100.47 -110.40
N HIS B 2980 18.23 -100.08 -111.67
CA HIS B 2980 19.24 -99.32 -112.47
C HIS B 2980 18.55 -98.14 -113.16
N THR B 2981 19.27 -97.02 -113.33
CA THR B 2981 18.76 -95.77 -113.95
C THR B 2981 19.90 -95.08 -114.72
N LYS B 2982 19.66 -94.75 -115.99
CA LYS B 2982 20.69 -94.20 -116.92
C LYS B 2982 20.71 -92.66 -116.86
N LEU B 2983 19.88 -92.04 -116.01
CA LEU B 2983 19.88 -90.56 -115.77
C LEU B 2983 21.17 -90.17 -115.03
N SER B 2984 21.69 -88.98 -115.32
CA SER B 2984 22.94 -88.43 -114.73
C SER B 2984 22.71 -88.01 -113.28
N ASN B 2985 21.65 -87.21 -113.05
CA ASN B 2985 21.30 -86.60 -111.74
C ASN B 2985 19.78 -86.70 -111.53
N PRO B 2986 19.23 -87.91 -111.34
CA PRO B 2986 17.78 -88.09 -111.17
C PRO B 2986 17.29 -87.68 -109.77
N HIS B 2987 15.99 -87.42 -109.66
CA HIS B 2987 15.26 -87.01 -108.43
C HIS B 2987 14.22 -88.07 -108.08
N TYR B 2988 14.39 -88.75 -106.93
CA TYR B 2988 13.48 -89.81 -106.43
C TYR B 2988 12.72 -89.31 -105.22
N PRO B 2989 11.52 -89.87 -104.90
CA PRO B 2989 10.86 -89.61 -103.63
C PRO B 2989 11.69 -90.08 -102.43
N PRO B 2990 11.41 -89.59 -101.21
CA PRO B 2990 12.15 -90.01 -100.02
C PRO B 2990 11.87 -91.46 -99.58
N GLU B 2991 10.60 -91.90 -99.63
CA GLU B 2991 10.17 -93.24 -99.11
C GLU B 2991 10.95 -94.36 -99.81
N ILE B 2992 11.21 -94.25 -101.12
CA ILE B 2992 11.98 -95.26 -101.90
C ILE B 2992 13.47 -95.19 -101.50
N GLN B 2993 14.00 -93.98 -101.26
CA GLN B 2993 15.42 -93.76 -100.85
C GLN B 2993 15.65 -94.32 -99.44
N ALA B 2994 14.59 -94.63 -98.69
CA ALA B 2994 14.62 -95.38 -97.42
C ALA B 2994 14.47 -96.89 -97.68
N GLU B 2995 13.44 -97.27 -98.46
CA GLU B 2995 13.10 -98.70 -98.77
C GLU B 2995 14.24 -99.36 -99.56
N ALA B 2996 14.77 -98.65 -100.56
CA ALA B 2996 15.88 -99.10 -101.44
C ALA B 2996 17.13 -98.25 -101.19
N ALA B 2997 18.27 -98.89 -100.93
CA ALA B 2997 19.59 -98.24 -100.67
C ALA B 2997 20.13 -97.64 -101.97
N LEU B 2998 20.03 -96.31 -102.12
CA LEU B 2998 20.43 -95.57 -103.33
C LEU B 2998 21.97 -95.53 -103.41
N ILE B 2999 22.53 -95.78 -104.59
CA ILE B 2999 23.99 -95.72 -104.90
C ILE B 2999 24.14 -94.95 -106.22
N ASN B 3000 25.22 -94.17 -106.38
CA ASN B 3000 25.57 -93.49 -107.66
C ASN B 3000 26.97 -93.93 -108.10
N PHE B 3001 27.04 -94.58 -109.27
CA PHE B 3001 28.29 -95.03 -109.95
C PHE B 3001 28.79 -93.95 -110.92
N THR B 3002 28.19 -92.75 -110.88
CA THR B 3002 28.55 -91.58 -111.73
C THR B 3002 30.05 -91.30 -111.59
N VAL B 3003 30.80 -91.47 -112.69
CA VAL B 3003 32.29 -91.33 -112.70
C VAL B 3003 32.63 -89.85 -112.92
N THR B 3004 33.36 -89.24 -111.98
CA THR B 3004 33.83 -87.83 -112.03
C THR B 3004 35.17 -87.76 -112.78
N GLU B 3005 35.65 -86.54 -113.08
CA GLU B 3005 36.91 -86.27 -113.82
C GLU B 3005 38.09 -86.88 -113.05
N ALA B 3006 38.09 -86.79 -111.72
CA ALA B 3006 39.09 -87.40 -110.82
C ALA B 3006 38.89 -88.93 -110.79
N GLY B 3007 37.62 -89.38 -110.78
CA GLY B 3007 37.22 -90.80 -110.82
C GLY B 3007 37.82 -91.52 -112.02
N LEU B 3008 37.52 -91.06 -113.24
CA LEU B 3008 38.11 -91.56 -114.52
C LEU B 3008 39.63 -91.54 -114.42
N GLY B 3009 40.19 -90.45 -113.90
CA GLY B 3009 41.64 -90.29 -113.63
C GLY B 3009 42.21 -91.50 -112.91
N ASP B 3010 41.55 -91.96 -111.85
CA ASP B 3010 42.03 -93.08 -111.00
C ASP B 3010 41.86 -94.41 -111.74
N GLN B 3011 40.80 -94.56 -112.56
CA GLN B 3011 40.54 -95.77 -113.39
C GLN B 3011 41.63 -95.90 -114.46
N LEU B 3012 41.89 -94.82 -115.21
CA LEU B 3012 42.89 -94.78 -116.31
C LEU B 3012 44.31 -94.90 -115.73
N LEU B 3013 44.54 -94.40 -114.52
CA LEU B 3013 45.86 -94.46 -113.83
C LEU B 3013 46.25 -95.93 -113.63
N SER B 3014 45.32 -96.75 -113.12
CA SER B 3014 45.52 -98.20 -112.85
C SER B 3014 45.89 -98.93 -114.15
N LEU B 3015 45.30 -98.54 -115.28
CA LEU B 3015 45.63 -99.06 -116.63
C LEU B 3015 47.02 -98.58 -117.05
N VAL B 3016 47.27 -97.26 -116.97
CA VAL B 3016 48.54 -96.61 -117.42
C VAL B 3016 49.71 -97.19 -116.63
N VAL B 3017 49.57 -97.34 -115.31
CA VAL B 3017 50.61 -97.93 -114.40
C VAL B 3017 50.92 -99.37 -114.85
N ALA B 3018 49.89 -100.16 -115.13
CA ALA B 3018 49.98 -101.60 -115.46
C ALA B 3018 50.64 -101.83 -116.83
N ARG B 3019 50.53 -100.86 -117.74
CA ARG B 3019 51.12 -100.91 -119.11
C ARG B 3019 52.56 -100.38 -119.07
N GLU B 3020 52.82 -99.36 -118.24
CA GLU B 3020 54.14 -98.66 -118.15
C GLU B 3020 55.09 -99.44 -117.24
N ARG B 3021 54.55 -100.25 -116.31
CA ARG B 3021 55.33 -101.11 -115.39
C ARG B 3021 54.65 -102.48 -115.30
N PRO B 3022 54.77 -103.36 -116.33
CA PRO B 3022 54.10 -104.66 -116.34
C PRO B 3022 54.60 -105.64 -115.27
N ASP B 3023 55.92 -105.72 -115.07
CA ASP B 3023 56.60 -106.62 -114.09
C ASP B 3023 55.99 -106.43 -112.70
N LEU B 3024 55.68 -105.18 -112.31
CA LEU B 3024 55.15 -104.81 -110.98
C LEU B 3024 53.66 -105.18 -110.92
N ALA B 3025 52.87 -104.80 -111.93
CA ALA B 3025 51.42 -105.07 -112.07
C ALA B 3025 51.12 -106.56 -111.87
N LYS B 3026 52.00 -107.43 -112.41
CA LYS B 3026 51.91 -108.91 -112.32
C LYS B 3026 52.10 -109.37 -110.87
N MET B 3027 53.07 -108.77 -110.16
CA MET B 3027 53.54 -109.22 -108.82
C MET B 3027 52.40 -109.14 -107.80
N LYS B 3028 51.66 -108.02 -107.75
CA LYS B 3028 50.57 -107.80 -106.75
C LYS B 3028 49.46 -108.84 -106.95
N ILE B 3029 49.08 -109.10 -108.21
CA ILE B 3029 48.03 -110.08 -108.59
C ILE B 3029 48.51 -111.51 -108.25
N GLU B 3030 49.82 -111.78 -108.42
CA GLU B 3030 50.45 -113.08 -108.05
C GLU B 3030 50.42 -113.25 -106.52
N LEU B 3031 51.00 -112.31 -105.78
CA LEU B 3031 51.20 -112.39 -104.31
C LEU B 3031 49.85 -112.49 -103.59
N ILE B 3032 48.86 -111.66 -103.97
CA ILE B 3032 47.49 -111.65 -103.40
C ILE B 3032 46.81 -113.01 -103.67
N THR B 3033 46.94 -113.55 -104.89
CA THR B 3033 46.37 -114.86 -105.31
C THR B 3033 47.10 -115.99 -104.58
N GLN B 3034 48.42 -115.91 -104.45
CA GLN B 3034 49.26 -116.90 -103.70
C GLN B 3034 48.93 -116.82 -102.21
N GLN B 3035 48.76 -115.62 -101.66
CA GLN B 3035 48.42 -115.36 -100.22
C GLN B 3035 47.14 -116.12 -99.85
N ASN B 3036 46.09 -116.01 -100.67
CA ASN B 3036 44.78 -116.68 -100.47
C ASN B 3036 44.93 -118.20 -100.54
N ASP B 3037 45.68 -118.69 -101.54
CA ASP B 3037 45.91 -120.14 -101.79
C ASP B 3037 46.68 -120.76 -100.62
N PHE B 3038 47.76 -120.12 -100.18
CA PHE B 3038 48.62 -120.59 -99.04
C PHE B 3038 47.87 -120.47 -97.72
N LYS B 3039 46.95 -119.51 -97.58
CA LYS B 3039 46.07 -119.36 -96.39
C LYS B 3039 45.09 -120.55 -96.33
N ILE B 3040 44.48 -120.91 -97.47
CA ILE B 3040 43.57 -122.09 -97.61
C ILE B 3040 44.37 -123.37 -97.35
N LYS B 3041 45.62 -123.44 -97.82
CA LYS B 3041 46.54 -124.59 -97.60
C LYS B 3041 46.86 -124.75 -96.11
N LEU B 3042 46.98 -123.62 -95.38
CA LEU B 3042 47.28 -123.61 -93.92
C LEU B 3042 46.07 -124.13 -93.12
N LYS B 3043 44.84 -123.82 -93.54
CA LYS B 3043 43.58 -124.34 -92.94
C LYS B 3043 43.52 -125.87 -93.11
N ASP B 3044 43.85 -126.37 -94.31
CA ASP B 3044 43.92 -127.81 -94.64
C ASP B 3044 45.01 -128.49 -93.79
N LEU B 3045 46.16 -127.84 -93.65
CA LEU B 3045 47.31 -128.31 -92.82
C LEU B 3045 46.93 -128.23 -91.33
N GLU B 3046 46.14 -127.23 -90.93
CA GLU B 3046 45.61 -127.07 -89.54
C GLU B 3046 44.65 -128.23 -89.23
N ASP B 3047 43.81 -128.62 -90.19
CA ASP B 3047 42.78 -129.68 -90.03
C ASP B 3047 43.44 -131.07 -89.91
N GLU B 3048 44.60 -131.27 -90.58
CA GLU B 3048 45.44 -132.48 -90.43
C GLU B 3048 45.95 -132.59 -88.99
N LEU B 3049 46.47 -131.49 -88.43
CA LEU B 3049 47.11 -131.42 -87.08
C LEU B 3049 46.09 -131.74 -85.98
N LEU B 3050 44.81 -131.38 -86.17
CA LEU B 3050 43.69 -131.73 -85.24
C LEU B 3050 43.36 -133.23 -85.38
N TYR B 3051 43.35 -133.73 -86.61
CA TYR B 3051 43.03 -135.14 -86.98
C TYR B 3051 44.14 -136.07 -86.49
N LYS B 3052 45.41 -135.69 -86.69
CA LYS B 3052 46.63 -136.51 -86.40
C LYS B 3052 46.73 -136.84 -84.90
N LEU B 3053 46.17 -136.01 -84.02
CA LEU B 3053 46.13 -136.25 -82.56
C LEU B 3053 45.13 -137.38 -82.24
N ALA B 3054 43.98 -137.39 -82.92
CA ALA B 3054 42.88 -138.36 -82.76
C ALA B 3054 42.85 -139.37 -83.92
N ASN B 3055 43.93 -139.45 -84.72
CA ASN B 3055 44.06 -140.39 -85.88
C ASN B 3055 44.26 -141.81 -85.34
N ALA B 3056 45.27 -141.99 -84.49
CA ALA B 3056 45.64 -143.27 -83.85
C ALA B 3056 46.28 -143.03 -82.49
N LYS B 3057 46.33 -144.08 -81.66
CA LYS B 3057 47.04 -144.10 -80.34
C LYS B 3057 48.46 -144.63 -80.54
N GLY B 3058 48.91 -144.81 -81.80
CA GLY B 3058 50.33 -145.03 -82.17
C GLY B 3058 51.22 -143.95 -81.59
N ASP B 3059 52.37 -144.33 -81.04
CA ASP B 3059 53.22 -143.48 -80.17
C ASP B 3059 53.83 -142.34 -81.00
N ILE B 3060 54.16 -141.22 -80.34
CA ILE B 3060 54.58 -139.93 -80.97
C ILE B 3060 55.95 -140.10 -81.64
N LEU B 3061 56.79 -141.01 -81.14
CA LEU B 3061 58.15 -141.32 -81.70
C LEU B 3061 57.97 -142.07 -83.03
N ASP B 3062 57.03 -143.03 -83.07
CA ASP B 3062 56.69 -143.87 -84.25
C ASP B 3062 56.03 -143.00 -85.33
N ASP B 3063 55.12 -142.10 -84.94
CA ASP B 3063 54.37 -141.18 -85.85
C ASP B 3063 55.35 -140.27 -86.59
N ILE B 3064 55.29 -140.28 -87.92
CA ILE B 3064 56.17 -139.50 -88.84
C ILE B 3064 55.37 -138.34 -89.47
N GLU B 3065 54.12 -138.60 -89.89
CA GLU B 3065 53.25 -137.64 -90.64
C GLU B 3065 53.00 -136.36 -89.83
N LEU B 3066 52.72 -136.46 -88.53
CA LEU B 3066 52.47 -135.28 -87.66
C LEU B 3066 53.78 -134.49 -87.51
N ILE B 3067 54.91 -135.20 -87.39
CA ILE B 3067 56.29 -134.62 -87.32
C ILE B 3067 56.58 -133.84 -88.61
N GLU B 3068 56.13 -134.36 -89.76
CA GLU B 3068 56.31 -133.74 -91.10
C GLU B 3068 55.42 -132.50 -91.24
N ASN B 3069 54.17 -132.56 -90.77
CA ASN B 3069 53.17 -131.46 -90.90
C ASN B 3069 53.63 -130.21 -90.15
N LEU B 3070 54.23 -130.38 -88.97
CA LEU B 3070 54.69 -129.26 -88.08
C LEU B 3070 55.90 -128.57 -88.69
N GLU B 3071 56.94 -129.35 -89.01
CA GLU B 3071 58.20 -128.89 -89.64
C GLU B 3071 57.87 -128.18 -90.96
N TYR B 3072 56.80 -128.60 -91.64
CA TYR B 3072 56.25 -127.95 -92.87
C TYR B 3072 55.48 -126.69 -92.50
N SER B 3073 54.63 -126.72 -91.46
CA SER B 3073 53.75 -125.61 -91.03
C SER B 3073 54.57 -124.36 -90.69
N LYS B 3074 55.63 -124.51 -89.89
CA LYS B 3074 56.46 -123.39 -89.37
C LYS B 3074 57.23 -122.74 -90.54
N LYS B 3075 57.63 -123.51 -91.56
CA LYS B 3075 58.23 -122.99 -92.83
C LYS B 3075 57.21 -122.11 -93.56
N LEU B 3076 55.98 -122.62 -93.74
CA LEU B 3076 54.87 -121.92 -94.46
C LEU B 3076 54.40 -120.72 -93.64
N SER B 3077 54.37 -120.84 -92.30
CA SER B 3077 54.00 -119.76 -91.35
C SER B 3077 55.00 -118.60 -91.42
N VAL B 3078 56.29 -118.91 -91.66
CA VAL B 3078 57.39 -117.91 -91.85
C VAL B 3078 57.24 -117.23 -93.22
N GLU B 3079 56.88 -117.98 -94.27
CA GLU B 3079 56.76 -117.45 -95.66
C GLU B 3079 55.50 -116.58 -95.78
N ILE B 3080 54.42 -116.95 -95.08
CA ILE B 3080 53.14 -116.16 -95.01
C ILE B 3080 53.45 -114.77 -94.45
N ALA B 3081 54.21 -114.70 -93.35
CA ALA B 3081 54.67 -113.45 -92.69
C ALA B 3081 55.57 -112.64 -93.64
N GLU B 3082 56.42 -113.33 -94.41
CA GLU B 3082 57.32 -112.74 -95.44
C GLU B 3082 56.49 -112.22 -96.63
N LYS B 3083 55.46 -112.97 -97.05
CA LYS B 3083 54.62 -112.66 -98.23
C LYS B 3083 53.78 -111.39 -97.98
N VAL B 3084 53.26 -111.22 -96.76
CA VAL B 3084 52.47 -110.02 -96.32
C VAL B 3084 53.42 -108.81 -96.24
N ALA B 3085 54.61 -109.00 -95.66
CA ALA B 3085 55.66 -107.95 -95.50
C ALA B 3085 56.18 -107.50 -96.87
N ALA B 3086 56.23 -108.40 -97.85
CA ALA B 3086 56.63 -108.12 -99.26
C ALA B 3086 55.49 -107.40 -99.99
N ALA B 3087 54.23 -107.80 -99.74
CA ALA B 3087 53.01 -107.33 -100.42
C ALA B 3087 52.77 -105.84 -100.13
N LYS B 3088 53.06 -105.36 -98.92
CA LYS B 3088 52.84 -103.95 -98.50
C LYS B 3088 53.92 -103.04 -99.11
N ILE B 3089 55.14 -103.55 -99.30
CA ILE B 3089 56.28 -102.79 -99.92
C ILE B 3089 56.00 -102.60 -101.42
N THR B 3090 55.47 -103.62 -102.10
CA THR B 3090 55.06 -103.56 -103.54
C THR B 3090 53.88 -102.60 -103.69
N GLU B 3091 52.95 -102.60 -102.73
CA GLU B 3091 51.78 -101.67 -102.69
C GLU B 3091 52.26 -100.23 -102.50
N ALA B 3092 53.29 -100.02 -101.66
CA ALA B 3092 53.94 -98.71 -101.42
C ALA B 3092 54.69 -98.23 -102.68
N LYS B 3093 55.17 -99.15 -103.51
CA LYS B 3093 55.86 -98.87 -104.79
C LYS B 3093 54.85 -98.44 -105.87
N ILE B 3094 53.58 -98.82 -105.75
CA ILE B 3094 52.48 -98.29 -106.63
C ILE B 3094 52.23 -96.83 -106.25
N ASN B 3095 52.06 -96.55 -104.95
CA ASN B 3095 51.66 -95.22 -104.41
C ASN B 3095 52.74 -94.16 -104.68
N GLU B 3096 53.97 -94.57 -105.02
CA GLU B 3096 55.03 -93.69 -105.61
C GLU B 3096 54.83 -93.63 -107.14
N THR B 3097 54.77 -94.79 -107.80
CA THR B 3097 54.66 -94.96 -109.27
C THR B 3097 53.40 -94.25 -109.78
N SER B 3098 52.26 -94.48 -109.13
CA SER B 3098 50.93 -93.89 -109.47
C SER B 3098 50.95 -92.36 -109.30
N GLU B 3099 51.76 -91.84 -108.37
CA GLU B 3099 51.89 -90.38 -108.11
C GLU B 3099 52.66 -89.72 -109.25
N ASN B 3100 53.66 -90.40 -109.82
CA ASN B 3100 54.47 -89.92 -110.97
C ASN B 3100 53.61 -89.84 -112.24
N TYR B 3101 52.76 -90.85 -112.49
CA TYR B 3101 51.89 -90.94 -113.70
C TYR B 3101 50.50 -90.34 -113.44
N ARG B 3102 50.28 -89.68 -112.30
CA ARG B 3102 48.98 -89.05 -111.95
C ARG B 3102 48.66 -87.93 -112.95
N PRO B 3103 49.63 -87.05 -113.33
CA PRO B 3103 49.39 -86.03 -114.35
C PRO B 3103 48.96 -86.62 -115.70
N ALA B 3104 49.50 -87.80 -116.05
CA ALA B 3104 49.26 -88.49 -117.34
C ALA B 3104 47.84 -89.08 -117.38
N ALA B 3105 47.33 -89.53 -116.24
CA ALA B 3105 45.97 -90.10 -116.10
C ALA B 3105 44.93 -88.98 -116.18
N SER B 3106 45.08 -87.93 -115.37
CA SER B 3106 44.16 -86.78 -115.25
C SER B 3106 44.00 -86.06 -116.60
N ARG B 3107 45.07 -86.02 -117.41
CA ARG B 3107 45.05 -85.42 -118.78
C ARG B 3107 44.19 -86.27 -119.72
N GLY B 3108 44.28 -87.60 -119.60
CA GLY B 3108 43.43 -88.55 -120.33
C GLY B 3108 41.97 -88.39 -119.95
N ALA B 3109 41.68 -88.36 -118.64
CA ALA B 3109 40.32 -88.23 -118.08
C ALA B 3109 39.69 -86.90 -118.51
N LEU B 3110 40.46 -85.80 -118.42
CA LEU B 3110 40.06 -84.44 -118.89
C LEU B 3110 39.56 -84.54 -120.34
N PHE B 3111 40.35 -85.18 -121.21
CA PHE B 3111 40.07 -85.29 -122.66
C PHE B 3111 38.79 -86.11 -122.88
N TYR B 3112 38.54 -87.16 -122.09
CA TYR B 3112 37.32 -87.99 -122.22
C TYR B 3112 36.07 -87.14 -121.94
N PHE B 3113 36.13 -86.27 -120.93
CA PHE B 3113 35.00 -85.40 -120.53
C PHE B 3113 34.69 -84.38 -121.64
N LEU B 3114 35.72 -83.94 -122.39
CA LEU B 3114 35.53 -83.13 -123.62
C LEU B 3114 34.71 -83.95 -124.64
N LEU B 3115 35.09 -85.21 -124.90
CA LEU B 3115 34.44 -86.08 -125.91
C LEU B 3115 32.96 -86.28 -125.57
N SER B 3116 32.63 -86.51 -124.29
CA SER B 3116 31.25 -86.72 -123.80
C SER B 3116 30.39 -85.47 -124.02
N ASP B 3117 31.00 -84.28 -123.98
CA ASP B 3117 30.32 -82.97 -124.17
C ASP B 3117 30.11 -82.68 -125.66
N LEU B 3118 30.97 -83.19 -126.55
CA LEU B 3118 30.85 -83.01 -128.02
C LEU B 3118 29.56 -83.67 -128.54
N SER B 3119 29.09 -84.74 -127.88
CA SER B 3119 27.80 -85.41 -128.16
C SER B 3119 26.63 -84.42 -128.04
N LYS B 3120 26.79 -83.39 -127.20
CA LYS B 3120 25.73 -82.38 -126.89
C LYS B 3120 25.56 -81.37 -128.02
N VAL B 3121 26.60 -81.12 -128.84
CA VAL B 3121 26.57 -80.06 -129.90
C VAL B 3121 26.08 -80.65 -131.24
N HIS B 3122 26.48 -81.88 -131.56
CA HIS B 3122 26.08 -82.59 -132.81
C HIS B 3122 26.19 -84.10 -132.58
N SER B 3123 25.27 -84.89 -133.15
CA SER B 3123 25.28 -86.37 -133.11
C SER B 3123 26.50 -86.91 -133.89
N PHE B 3124 26.82 -88.18 -133.71
CA PHE B 3124 28.07 -88.85 -134.20
C PHE B 3124 29.30 -88.28 -133.48
N TYR B 3125 29.15 -87.69 -132.29
CA TYR B 3125 30.28 -87.25 -131.43
C TYR B 3125 30.15 -87.88 -130.04
N LYS B 3126 29.52 -89.06 -129.95
CA LYS B 3126 29.41 -89.84 -128.69
C LYS B 3126 30.36 -91.04 -128.80
N TYR B 3127 31.36 -91.08 -127.92
CA TYR B 3127 32.46 -92.08 -127.88
C TYR B 3127 32.31 -92.90 -126.59
N SER B 3128 32.41 -94.23 -126.70
CA SER B 3128 32.42 -95.16 -125.55
C SER B 3128 33.73 -95.02 -124.77
N LEU B 3129 33.72 -95.38 -123.48
CA LEU B 3129 34.91 -95.41 -122.61
C LEU B 3129 35.86 -96.53 -123.08
N GLU B 3130 35.31 -97.63 -123.62
CA GLU B 3130 36.09 -98.77 -124.17
C GLU B 3130 36.89 -98.30 -125.40
N SER B 3131 36.25 -97.58 -126.32
CA SER B 3131 36.87 -96.98 -127.53
C SER B 3131 38.06 -96.08 -127.12
N PHE B 3132 37.92 -95.35 -126.01
CA PHE B 3132 38.94 -94.41 -125.49
C PHE B 3132 40.12 -95.19 -124.87
N ILE B 3133 39.85 -96.32 -124.21
CA ILE B 3133 40.90 -97.18 -123.58
C ILE B 3133 41.80 -97.78 -124.67
N VAL B 3134 41.22 -98.14 -125.83
CA VAL B 3134 41.98 -98.60 -127.04
C VAL B 3134 42.93 -97.47 -127.49
N VAL B 3135 42.42 -96.23 -127.52
CA VAL B 3135 43.19 -95.01 -127.95
C VAL B 3135 44.39 -94.79 -127.03
N ILE B 3136 44.22 -94.95 -125.72
CA ILE B 3136 45.31 -94.79 -124.70
C ILE B 3136 46.39 -95.86 -124.98
N ASN B 3137 45.98 -97.08 -125.33
CA ASN B 3137 46.90 -98.20 -125.65
C ASN B 3137 47.72 -97.87 -126.91
N ARG B 3138 47.17 -97.09 -127.85
CA ARG B 3138 47.87 -96.66 -129.09
C ARG B 3138 48.93 -95.61 -128.75
N ALA B 3139 48.70 -94.79 -127.71
CA ALA B 3139 49.63 -93.74 -127.24
C ALA B 3139 50.91 -94.36 -126.67
N ILE B 3140 50.85 -95.61 -126.20
CA ILE B 3140 52.01 -96.38 -125.66
C ILE B 3140 52.71 -97.12 -126.81
N ASP B 3141 52.06 -97.26 -127.98
CA ASP B 3141 52.70 -97.78 -129.22
C ASP B 3141 53.75 -96.79 -129.73
N ALA B 3142 53.61 -95.50 -129.38
CA ALA B 3142 54.51 -94.38 -129.79
C ALA B 3142 55.94 -94.63 -129.29
N ILE B 3143 56.12 -95.11 -128.06
CA ILE B 3143 57.47 -95.32 -127.42
C ILE B 3143 58.20 -96.51 -128.07
N SER B 3144 57.46 -97.44 -128.69
CA SER B 3144 57.97 -98.61 -129.47
C SER B 3144 58.78 -99.56 -128.58
N GLU B 3145 58.24 -99.90 -127.41
CA GLU B 3145 58.80 -100.91 -126.47
C GLU B 3145 57.62 -101.64 -125.79
N ASN B 3146 57.47 -102.94 -126.08
CA ASN B 3146 56.31 -103.79 -125.69
C ASN B 3146 55.02 -103.17 -126.28
N LYS B 3147 55.05 -102.88 -127.58
CA LYS B 3147 53.92 -102.25 -128.34
C LYS B 3147 52.82 -103.30 -128.53
N ILE B 3148 51.55 -102.87 -128.42
CA ILE B 3148 50.34 -103.74 -128.60
C ILE B 3148 49.41 -103.07 -129.63
N TYR B 3149 48.47 -103.84 -130.19
CA TYR B 3149 47.58 -103.47 -131.33
C TYR B 3149 48.43 -103.03 -132.52
N GLY B 3150 49.45 -103.83 -132.86
CA GLY B 3150 50.39 -103.56 -133.97
C GLY B 3150 49.87 -104.12 -135.28
N LYS B 3151 50.39 -105.28 -135.71
CA LYS B 3151 49.94 -106.02 -136.92
C LYS B 3151 48.54 -106.60 -136.66
N THR B 3152 47.58 -106.29 -137.54
CA THR B 3152 46.17 -106.75 -137.48
C THR B 3152 45.81 -107.43 -138.80
N THR B 3153 44.67 -108.14 -138.84
CA THR B 3153 44.10 -108.78 -140.07
C THR B 3153 45.00 -109.96 -140.46
N MET B 3154 45.45 -110.03 -141.72
CA MET B 3154 46.37 -111.07 -142.30
C MET B 3154 46.15 -112.43 -141.63
N MET B 3155 69.54 -89.03 -115.20
CA MET B 3155 68.95 -89.31 -113.86
C MET B 3155 67.63 -90.08 -114.03
N SER B 3156 67.41 -91.13 -113.22
CA SER B 3156 66.25 -92.06 -113.28
C SER B 3156 64.96 -91.44 -112.75
N PRO B 3157 64.94 -90.51 -111.75
CA PRO B 3157 63.72 -89.76 -111.43
C PRO B 3157 63.38 -88.64 -112.43
N ARG B 3158 64.40 -88.00 -113.04
CA ARG B 3158 64.23 -86.96 -114.09
C ARG B 3158 63.77 -87.61 -115.39
N SER B 3159 64.48 -88.65 -115.85
CA SER B 3159 64.16 -89.45 -117.07
C SER B 3159 62.72 -89.98 -117.00
N LEU B 3160 62.24 -90.33 -115.79
CA LEU B 3160 60.84 -90.75 -115.53
C LEU B 3160 59.91 -89.54 -115.70
N LYS B 3161 60.25 -88.39 -115.11
CA LYS B 3161 59.44 -87.15 -115.17
C LYS B 3161 59.35 -86.65 -116.62
N LYS B 3162 60.42 -86.83 -117.41
CA LYS B 3162 60.43 -86.59 -118.88
C LYS B 3162 59.46 -87.58 -119.55
N ARG B 3163 59.50 -88.86 -119.14
CA ARG B 3163 58.68 -89.97 -119.68
C ARG B 3163 57.19 -89.81 -119.30
N VAL B 3164 56.86 -88.92 -118.36
CA VAL B 3164 55.46 -88.49 -118.08
C VAL B 3164 55.07 -87.42 -119.12
N ASP B 3165 55.92 -86.42 -119.34
CA ASP B 3165 55.69 -85.31 -120.30
C ASP B 3165 55.62 -85.88 -121.73
N GLU B 3166 56.47 -86.86 -122.05
CA GLU B 3166 56.48 -87.57 -123.36
C GLU B 3166 55.14 -88.28 -123.59
N LEU B 3167 54.52 -88.77 -122.51
CA LEU B 3167 53.27 -89.57 -122.56
C LEU B 3167 52.06 -88.64 -122.77
N ILE B 3168 51.97 -87.53 -122.03
CA ILE B 3168 50.81 -86.60 -122.07
C ILE B 3168 50.73 -85.93 -123.45
N GLU B 3169 51.87 -85.63 -124.08
CA GLU B 3169 51.93 -85.02 -125.45
C GLU B 3169 51.53 -86.08 -126.48
N SER B 3170 52.02 -87.31 -126.32
CA SER B 3170 51.72 -88.47 -127.21
C SER B 3170 50.24 -88.87 -127.07
N LEU B 3171 49.70 -88.87 -125.85
CA LEU B 3171 48.30 -89.26 -125.55
C LEU B 3171 47.34 -88.26 -126.21
N THR B 3172 47.40 -86.99 -125.81
CA THR B 3172 46.48 -85.90 -126.25
C THR B 3172 46.33 -85.94 -127.77
N TYR B 3173 47.45 -85.92 -128.51
CA TYR B 3173 47.44 -85.86 -129.99
C TYR B 3173 46.71 -87.10 -130.55
N THR B 3174 47.10 -88.29 -130.08
CA THR B 3174 46.53 -89.59 -130.53
C THR B 3174 45.02 -89.62 -130.25
N ALA B 3175 44.59 -89.09 -129.10
CA ALA B 3175 43.18 -88.96 -128.70
C ALA B 3175 42.49 -87.94 -129.62
N TYR B 3176 43.10 -86.77 -129.79
CA TYR B 3176 42.57 -85.65 -130.60
C TYR B 3176 42.53 -86.05 -132.09
N GLN B 3177 43.57 -86.71 -132.58
CA GLN B 3177 43.70 -87.13 -134.01
C GLN B 3177 42.55 -88.07 -134.36
N THR B 3178 42.24 -89.04 -133.49
CA THR B 3178 41.10 -90.00 -133.63
C THR B 3178 39.79 -89.22 -133.67
N THR B 3179 39.65 -88.19 -132.82
CA THR B 3179 38.45 -87.32 -132.73
C THR B 3179 38.33 -86.47 -134.00
N ARG B 3180 39.41 -85.77 -134.39
CA ARG B 3180 39.47 -84.91 -135.60
C ARG B 3180 38.86 -85.66 -136.79
N ARG B 3181 39.35 -86.89 -137.05
CA ARG B 3181 38.94 -87.71 -138.22
C ARG B 3181 37.42 -87.72 -138.35
N GLY B 3182 36.71 -88.03 -137.25
CA GLY B 3182 35.23 -88.03 -137.18
C GLY B 3182 34.65 -86.62 -137.19
N LEU B 3183 35.36 -85.66 -136.60
CA LEU B 3183 34.96 -84.23 -136.47
C LEU B 3183 34.78 -83.62 -137.86
N PHE B 3184 33.74 -82.78 -138.05
CA PHE B 3184 33.44 -82.04 -139.30
C PHE B 3184 34.34 -80.80 -139.42
N GLU B 3185 34.56 -80.33 -140.65
CA GLU B 3185 35.44 -79.18 -140.99
C GLU B 3185 34.97 -77.92 -140.25
N SER B 3186 33.67 -77.73 -140.11
CA SER B 3186 33.01 -76.57 -139.42
C SER B 3186 33.38 -76.53 -137.94
N HIS B 3187 33.59 -77.69 -137.31
CA HIS B 3187 33.83 -77.85 -135.84
C HIS B 3187 35.30 -78.14 -135.53
N LYS B 3188 36.17 -78.29 -136.54
CA LYS B 3188 37.60 -78.72 -136.38
C LYS B 3188 38.36 -77.73 -135.48
N LEU B 3189 38.17 -76.42 -135.70
CA LEU B 3189 38.77 -75.34 -134.87
C LEU B 3189 38.17 -75.36 -133.46
N ILE B 3190 36.86 -75.59 -133.35
CA ILE B 3190 36.08 -75.47 -132.07
C ILE B 3190 36.73 -76.37 -131.01
N VAL B 3191 36.90 -77.66 -131.32
CA VAL B 3191 37.46 -78.71 -130.40
C VAL B 3191 38.92 -78.37 -130.08
N ALA B 3192 39.72 -78.00 -131.11
CA ALA B 3192 41.15 -77.64 -130.99
C ALA B 3192 41.32 -76.54 -129.94
N ALA B 3193 40.51 -75.49 -130.02
CA ALA B 3193 40.46 -74.35 -129.07
C ALA B 3193 39.96 -74.85 -127.71
N MET B 3194 38.82 -75.56 -127.72
CA MET B 3194 38.08 -76.02 -126.51
C MET B 3194 38.92 -77.03 -125.71
N LEU B 3195 39.88 -77.71 -126.36
CA LEU B 3195 40.86 -78.62 -125.71
C LEU B 3195 41.91 -77.80 -124.96
N CYS B 3196 42.49 -76.78 -125.60
CA CYS B 3196 43.45 -75.82 -124.97
C CYS B 3196 42.82 -75.20 -123.73
N LEU B 3197 41.64 -74.61 -123.91
CA LEU B 3197 40.92 -73.84 -122.85
C LEU B 3197 40.76 -74.70 -121.60
N ARG B 3198 40.43 -75.98 -121.75
CA ARG B 3198 40.27 -76.92 -120.60
C ARG B 3198 41.66 -77.32 -120.06
N VAL B 3199 42.57 -77.73 -120.93
CA VAL B 3199 43.96 -78.18 -120.56
C VAL B 3199 44.66 -77.06 -119.80
N LEU B 3200 44.58 -75.83 -120.29
CA LEU B 3200 45.23 -74.65 -119.66
C LEU B 3200 44.49 -74.23 -118.39
N LEU B 3201 43.21 -74.58 -118.25
CA LEU B 3201 42.41 -74.28 -117.02
C LEU B 3201 42.96 -75.10 -115.85
N ARG B 3202 43.07 -76.43 -116.01
CA ARG B 3202 43.59 -77.37 -114.97
C ARG B 3202 45.03 -77.00 -114.59
N SER B 3203 45.85 -76.58 -115.56
CA SER B 3203 47.27 -76.20 -115.39
C SER B 3203 47.40 -74.93 -114.54
N GLU B 3204 46.32 -74.14 -114.40
CA GLU B 3204 46.25 -72.84 -113.68
C GLU B 3204 47.20 -71.84 -114.37
N GLU B 3205 47.25 -71.88 -115.70
CA GLU B 3205 47.92 -70.89 -116.58
C GLU B 3205 46.92 -69.78 -116.92
N LEU B 3206 45.65 -70.15 -117.12
CA LEU B 3206 44.53 -69.22 -117.41
C LEU B 3206 43.48 -69.36 -116.30
N ASN B 3207 43.08 -68.23 -115.69
CA ASN B 3207 42.05 -68.15 -114.60
C ASN B 3207 40.73 -68.69 -115.15
N SER B 3208 40.00 -69.44 -114.32
CA SER B 3208 38.72 -70.13 -114.66
C SER B 3208 37.65 -69.11 -115.11
N ASP B 3209 37.68 -67.89 -114.57
CA ASP B 3209 36.70 -66.80 -114.87
C ASP B 3209 36.93 -66.27 -116.29
N GLU B 3210 38.19 -66.00 -116.65
CA GLU B 3210 38.61 -65.28 -117.89
C GLU B 3210 38.07 -66.00 -119.13
N VAL B 3211 38.27 -67.32 -119.23
CA VAL B 3211 37.85 -68.15 -120.40
C VAL B 3211 36.32 -68.11 -120.51
N ASP B 3212 35.62 -68.17 -119.38
CA ASP B 3212 34.13 -68.10 -119.32
C ASP B 3212 33.69 -66.66 -119.64
N HIS B 3213 34.52 -65.67 -119.35
CA HIS B 3213 34.30 -64.25 -119.74
C HIS B 3213 34.34 -64.13 -121.27
N LEU B 3214 35.29 -64.82 -121.92
CA LEU B 3214 35.51 -64.75 -123.40
C LEU B 3214 34.26 -65.25 -124.14
N ILE B 3215 33.85 -66.50 -123.87
CA ILE B 3215 32.80 -67.24 -124.63
C ILE B 3215 31.45 -66.51 -124.52
N ILE B 3216 31.13 -65.96 -123.35
CA ILE B 3216 29.90 -65.14 -123.12
C ILE B 3216 30.14 -63.77 -123.74
N GLY B 3217 31.26 -63.14 -123.40
CA GLY B 3217 31.61 -61.75 -123.80
C GLY B 3217 31.12 -60.75 -122.78
N LYS B 3218 31.18 -61.10 -121.48
CA LYS B 3218 30.59 -60.37 -120.32
C LYS B 3218 30.31 -58.91 -120.72
N VAL B 3219 29.18 -58.68 -121.36
CA VAL B 3219 28.68 -57.34 -121.78
C VAL B 3219 28.29 -56.56 -120.52
N ASP B 3220 28.83 -55.35 -120.34
CA ASP B 3220 28.60 -54.47 -119.17
C ASP B 3220 27.15 -53.97 -119.23
N VAL B 3221 26.33 -54.34 -118.23
CA VAL B 3221 24.90 -53.95 -118.11
C VAL B 3221 24.79 -52.43 -118.09
N ASN B 3222 25.72 -51.76 -117.38
CA ASN B 3222 25.80 -50.28 -117.24
C ASN B 3222 26.04 -49.65 -118.62
N PRO B 3223 25.51 -48.43 -118.87
CA PRO B 3223 25.69 -47.78 -120.16
C PRO B 3223 27.16 -47.39 -120.36
N THR B 3224 27.73 -46.63 -119.42
CA THR B 3224 29.17 -46.24 -119.37
C THR B 3224 29.51 -45.49 -120.66
N PRO B 3225 28.84 -44.34 -120.95
CA PRO B 3225 28.96 -43.67 -122.25
C PRO B 3225 30.37 -43.13 -122.50
N MET B 3226 30.94 -43.43 -123.69
CA MET B 3226 32.37 -43.17 -124.03
C MET B 3226 32.62 -41.66 -123.96
N PRO B 3227 33.49 -41.19 -123.03
CA PRO B 3227 33.67 -39.74 -122.79
C PRO B 3227 34.04 -38.97 -124.06
N ASP B 3228 35.11 -39.39 -124.75
CA ASP B 3228 35.60 -38.76 -126.00
C ASP B 3228 34.75 -39.26 -127.17
N ALA B 3229 34.17 -38.34 -127.94
CA ALA B 3229 33.51 -38.60 -129.23
C ALA B 3229 34.55 -39.09 -130.25
N LEU B 3230 35.74 -38.45 -130.24
CA LEU B 3230 36.90 -38.77 -131.13
C LEU B 3230 37.19 -40.27 -131.07
N LYS B 3231 37.24 -40.83 -129.86
CA LYS B 3231 37.37 -42.29 -129.59
C LYS B 3231 36.21 -43.04 -130.23
N SER B 3232 34.96 -42.57 -130.01
CA SER B 3232 33.70 -43.22 -130.46
C SER B 3232 33.67 -43.36 -131.99
N PHE B 3233 34.27 -42.42 -132.73
CA PHE B 3233 34.29 -42.40 -134.21
C PHE B 3233 35.23 -43.48 -134.78
N LEU B 3234 36.36 -43.73 -134.11
CA LEU B 3234 37.31 -44.82 -134.48
C LEU B 3234 36.67 -46.19 -134.19
N ASN B 3235 35.88 -46.28 -133.12
CA ASN B 3235 35.27 -47.54 -132.61
C ASN B 3235 33.78 -47.57 -132.95
N ASP B 3236 33.29 -46.62 -133.77
CA ASP B 3236 31.93 -46.59 -134.37
C ASP B 3236 30.84 -46.52 -133.28
N ASN B 3237 31.19 -46.09 -132.05
CA ASN B 3237 30.29 -45.96 -130.87
C ASN B 3237 29.42 -47.21 -130.71
N ILE B 3238 29.95 -48.39 -131.05
CA ILE B 3238 29.20 -49.69 -131.04
C ILE B 3238 29.02 -50.11 -129.58
N TRP B 3239 27.95 -50.85 -129.28
CA TRP B 3239 27.68 -51.44 -127.95
C TRP B 3239 28.90 -52.27 -127.52
N ALA B 3240 29.31 -53.21 -128.38
CA ALA B 3240 30.56 -54.00 -128.27
C ALA B 3240 31.75 -53.08 -128.00
N ALA B 3241 31.91 -52.03 -128.82
CA ALA B 3241 33.00 -51.02 -128.73
C ALA B 3241 32.92 -50.29 -127.39
N CYS B 3242 31.72 -50.02 -126.88
CA CYS B 3242 31.47 -49.31 -125.60
C CYS B 3242 31.81 -50.24 -124.42
N LYS B 3243 31.42 -51.51 -124.51
CA LYS B 3243 31.66 -52.55 -123.46
C LYS B 3243 33.10 -53.08 -123.54
N ALA B 3244 33.95 -52.48 -124.37
CA ALA B 3244 35.42 -52.68 -124.42
C ALA B 3244 36.02 -52.73 -123.01
N LEU B 3245 35.42 -51.99 -122.07
CA LEU B 3245 35.84 -51.98 -120.63
C LEU B 3245 35.60 -53.37 -120.03
N GLU B 3246 36.68 -54.15 -119.94
CA GLU B 3246 36.77 -55.44 -119.20
C GLU B 3246 36.81 -55.13 -117.70
N THR B 3247 36.30 -56.04 -116.86
CA THR B 3247 36.25 -55.89 -115.37
C THR B 3247 37.55 -56.40 -114.73
N ILE B 3248 38.34 -57.23 -115.43
CA ILE B 3248 39.56 -57.88 -114.91
C ILE B 3248 40.63 -56.81 -114.65
N HIS B 3249 40.87 -55.94 -115.64
CA HIS B 3249 41.82 -54.79 -115.56
C HIS B 3249 43.21 -55.28 -115.11
N GLN B 3250 43.63 -56.47 -115.55
CA GLN B 3250 44.87 -57.14 -115.06
C GLN B 3250 46.09 -56.33 -115.47
N PHE B 3251 46.03 -55.62 -116.60
CA PHE B 3251 47.10 -54.74 -117.13
C PHE B 3251 46.99 -53.36 -116.47
N GLN B 3252 45.86 -52.66 -116.66
CA GLN B 3252 45.62 -51.24 -116.26
C GLN B 3252 44.12 -51.00 -116.10
N GLY B 3253 43.73 -49.78 -115.73
CA GLY B 3253 42.33 -49.30 -115.77
C GLY B 3253 41.92 -48.86 -117.17
N PHE B 3254 42.85 -48.25 -117.92
CA PHE B 3254 42.79 -47.85 -119.36
C PHE B 3254 41.52 -47.04 -119.69
N CYS B 3255 40.96 -46.30 -118.74
CA CYS B 3255 39.97 -45.23 -118.99
C CYS B 3255 40.72 -43.96 -119.38
N GLN B 3256 41.79 -43.65 -118.63
CA GLN B 3256 42.74 -42.53 -118.88
C GLN B 3256 43.62 -42.85 -120.10
N SER B 3257 44.02 -44.11 -120.27
CA SER B 3257 44.99 -44.57 -121.31
C SER B 3257 44.32 -44.57 -122.69
N LEU B 3258 43.15 -45.21 -122.81
CA LEU B 3258 42.43 -45.42 -124.09
C LEU B 3258 42.17 -44.07 -124.79
N GLU B 3259 41.72 -43.06 -124.04
CA GLU B 3259 41.35 -41.71 -124.56
C GLU B 3259 42.59 -40.92 -124.98
N THR B 3260 43.74 -41.15 -124.34
CA THR B 3260 45.03 -40.47 -124.63
C THR B 3260 45.75 -41.15 -125.79
N ASP B 3261 45.53 -42.47 -125.98
CA ASP B 3261 46.23 -43.29 -127.01
C ASP B 3261 45.29 -43.56 -128.20
N VAL B 3262 44.33 -42.66 -128.46
CA VAL B 3262 43.39 -42.73 -129.61
C VAL B 3262 44.19 -42.63 -130.92
N LEU B 3263 45.19 -41.75 -130.94
CA LEU B 3263 46.06 -41.48 -132.11
C LEU B 3263 47.01 -42.66 -132.34
N GLN B 3264 47.29 -43.42 -131.28
CA GLN B 3264 48.15 -44.65 -131.30
C GLN B 3264 47.28 -45.84 -131.73
N TRP B 3265 46.20 -46.09 -130.99
CA TRP B 3265 45.25 -47.23 -131.17
C TRP B 3265 44.80 -47.34 -132.64
N LYS B 3266 44.46 -46.19 -133.26
CA LYS B 3266 44.03 -46.12 -134.69
C LYS B 3266 45.01 -46.90 -135.57
N LYS B 3267 46.33 -46.75 -135.32
CA LYS B 3267 47.42 -47.30 -136.18
C LYS B 3267 47.38 -48.82 -136.14
N TRP B 3268 47.00 -49.42 -135.00
CA TRP B 3268 46.72 -50.87 -134.82
C TRP B 3268 45.47 -51.23 -135.62
N TYR B 3269 44.35 -50.61 -135.24
CA TYR B 3269 42.97 -50.82 -135.78
C TYR B 3269 42.97 -50.82 -137.32
N SER B 3270 43.75 -49.93 -137.93
CA SER B 3270 43.90 -49.76 -139.40
C SER B 3270 44.49 -51.03 -140.03
N GLU B 3271 45.60 -51.53 -139.50
CA GLU B 3271 46.30 -52.75 -140.03
C GLU B 3271 45.38 -53.96 -139.82
N GLU B 3272 44.39 -54.11 -140.70
CA GLU B 3272 43.38 -55.20 -140.68
C GLU B 3272 44.11 -56.52 -140.98
N LYS B 3273 44.81 -56.56 -142.11
CA LYS B 3273 45.59 -57.74 -142.61
C LYS B 3273 46.32 -58.40 -141.43
N ALA B 3274 47.07 -57.61 -140.66
CA ALA B 3274 47.88 -58.07 -139.51
C ALA B 3274 46.96 -58.33 -138.30
N GLU B 3275 46.68 -59.60 -138.02
CA GLU B 3275 46.01 -60.06 -136.78
C GLU B 3275 46.99 -59.90 -135.61
N THR B 3276 46.83 -58.85 -134.81
CA THR B 3276 47.56 -58.61 -133.53
C THR B 3276 49.07 -58.39 -133.71
N ALA B 3277 49.60 -58.46 -134.94
CA ALA B 3277 51.05 -58.48 -135.23
C ALA B 3277 51.68 -57.12 -134.89
N ASP B 3278 50.90 -56.03 -135.00
CA ASP B 3278 51.33 -54.66 -134.63
C ASP B 3278 51.22 -54.49 -133.11
N LEU B 3279 52.05 -53.62 -132.54
CA LEU B 3279 52.17 -53.35 -131.09
C LEU B 3279 51.37 -52.10 -130.72
N PRO B 3280 50.46 -52.16 -129.72
CA PRO B 3280 49.82 -50.96 -129.16
C PRO B 3280 50.75 -49.83 -128.67
N LYS B 3281 51.94 -50.17 -128.16
CA LYS B 3281 53.02 -49.26 -127.64
C LYS B 3281 52.69 -48.75 -126.23
N ALA B 3282 51.66 -49.29 -125.59
CA ALA B 3282 51.33 -49.08 -124.15
C ALA B 3282 50.76 -50.38 -123.58
N PHE B 3283 51.22 -50.76 -122.38
CA PHE B 3283 50.96 -52.08 -121.73
C PHE B 3283 51.08 -53.22 -122.75
N LYS B 3284 52.19 -53.23 -123.51
CA LYS B 3284 52.54 -54.26 -124.54
C LYS B 3284 52.71 -55.65 -123.89
N GLU B 3285 53.02 -55.69 -122.59
CA GLU B 3285 53.40 -56.91 -121.83
C GLU B 3285 52.30 -58.00 -121.86
N LEU B 3286 51.08 -57.67 -122.31
CA LEU B 3286 49.93 -58.62 -122.35
C LEU B 3286 50.27 -59.89 -123.13
N SER B 3287 49.69 -61.01 -122.72
CA SER B 3287 49.96 -62.39 -123.22
C SER B 3287 49.25 -62.62 -124.56
N LYS B 3288 49.36 -63.83 -125.11
CA LYS B 3288 48.69 -64.25 -126.37
C LYS B 3288 47.18 -64.34 -126.09
N PHE B 3289 46.80 -65.03 -125.02
CA PHE B 3289 45.40 -65.29 -124.62
C PHE B 3289 44.67 -63.98 -124.27
N HIS B 3290 45.35 -63.06 -123.61
CA HIS B 3290 44.76 -61.76 -123.16
C HIS B 3290 44.43 -60.88 -124.37
N ARG B 3291 45.13 -61.05 -125.50
CA ARG B 3291 44.82 -60.31 -126.77
C ARG B 3291 43.47 -60.79 -127.31
N LEU B 3292 43.23 -62.11 -127.33
CA LEU B 3292 41.93 -62.70 -127.79
C LEU B 3292 40.76 -61.98 -127.12
N LEU B 3293 40.84 -61.73 -125.82
CA LEU B 3293 39.82 -60.93 -125.07
C LEU B 3293 39.73 -59.54 -125.69
N LEU B 3294 40.89 -58.87 -125.87
CA LEU B 3294 40.97 -57.53 -126.51
C LEU B 3294 40.35 -57.58 -127.90
N LEU B 3295 40.57 -58.67 -128.65
CA LEU B 3295 39.95 -58.89 -129.98
C LEU B 3295 38.44 -59.05 -129.82
N ARG B 3296 38.00 -59.92 -128.90
CA ARG B 3296 36.55 -60.22 -128.66
C ARG B 3296 35.78 -58.91 -128.43
N ALA B 3297 36.46 -57.90 -127.85
CA ALA B 3297 35.94 -56.52 -127.70
C ALA B 3297 36.00 -55.81 -129.05
N LEU B 3298 37.21 -55.58 -129.57
CA LEU B 3298 37.50 -54.68 -130.72
C LEU B 3298 38.15 -55.48 -131.85
N ARG B 3299 37.61 -55.34 -133.06
CA ARG B 3299 37.97 -56.17 -134.25
C ARG B 3299 37.82 -57.64 -133.88
N PRO B 3300 36.58 -58.14 -133.66
CA PRO B 3300 36.36 -59.57 -133.46
C PRO B 3300 36.65 -60.33 -134.76
N ASP B 3301 36.51 -59.65 -135.89
CA ASP B 3301 36.79 -60.18 -137.25
C ASP B 3301 38.04 -61.07 -137.25
N ARG B 3302 39.11 -60.67 -136.55
CA ARG B 3302 40.41 -61.37 -136.64
C ARG B 3302 40.58 -62.36 -135.47
N LEU B 3303 39.53 -62.62 -134.70
CA LEU B 3303 39.58 -63.62 -133.59
C LEU B 3303 39.78 -65.03 -134.13
N PRO B 3304 39.07 -65.48 -135.20
CA PRO B 3304 39.16 -66.86 -135.66
C PRO B 3304 40.56 -67.19 -136.21
N SER B 3305 41.17 -66.24 -136.90
CA SER B 3305 42.55 -66.36 -137.42
C SER B 3305 43.55 -66.35 -136.25
N ALA B 3306 43.24 -65.60 -135.18
CA ALA B 3306 44.09 -65.45 -133.97
C ALA B 3306 43.90 -66.62 -133.01
N LEU B 3307 42.71 -67.23 -132.98
CA LEU B 3307 42.36 -68.34 -132.06
C LEU B 3307 43.09 -69.61 -132.48
N SER B 3308 43.17 -69.87 -133.79
CA SER B 3308 43.91 -71.01 -134.37
C SER B 3308 45.42 -70.86 -134.07
N GLN B 3309 45.93 -69.64 -134.14
CA GLN B 3309 47.36 -69.30 -133.89
C GLN B 3309 47.66 -69.40 -132.39
N PHE B 3310 46.65 -69.25 -131.54
CA PHE B 3310 46.76 -69.39 -130.06
C PHE B 3310 46.91 -70.85 -129.66
N VAL B 3311 46.17 -71.75 -130.33
CA VAL B 3311 46.28 -73.23 -130.17
C VAL B 3311 47.69 -73.68 -130.60
N HIS B 3312 48.15 -73.18 -131.75
CA HIS B 3312 49.49 -73.48 -132.34
C HIS B 3312 50.63 -73.02 -131.41
N ASP B 3313 50.45 -71.91 -130.70
CA ASP B 3313 51.52 -71.30 -129.85
C ASP B 3313 51.64 -72.07 -128.53
N LYS B 3314 50.51 -72.45 -127.91
CA LYS B 3314 50.46 -73.09 -126.56
C LYS B 3314 50.64 -74.60 -126.70
N MET B 3315 49.62 -75.31 -127.22
CA MET B 3315 49.55 -76.80 -127.22
C MET B 3315 50.56 -77.42 -128.19
N GLY B 3316 50.99 -76.67 -129.21
CA GLY B 3316 52.00 -77.10 -130.19
C GLY B 3316 51.43 -77.12 -131.60
N GLU B 3317 52.31 -77.04 -132.60
CA GLU B 3317 51.98 -77.18 -134.05
C GLU B 3317 51.38 -78.57 -134.30
N ARG B 3318 50.62 -78.74 -135.39
CA ARG B 3318 50.02 -80.03 -135.84
C ARG B 3318 48.75 -80.33 -135.04
N TYR B 3319 48.15 -79.32 -134.38
CA TYR B 3319 46.75 -79.33 -133.89
C TYR B 3319 45.88 -78.54 -134.86
N ILE B 3320 46.36 -77.38 -135.31
CA ILE B 3320 45.76 -76.59 -136.43
C ILE B 3320 45.85 -77.40 -137.74
N GLU B 3321 47.03 -77.94 -138.08
CA GLU B 3321 47.30 -78.60 -139.38
C GLU B 3321 46.62 -79.98 -139.41
N GLN B 3322 45.69 -80.18 -140.34
CA GLN B 3322 45.02 -81.48 -140.62
C GLN B 3322 45.94 -82.33 -141.49
N PRO B 3323 46.38 -83.53 -141.06
CA PRO B 3323 47.09 -84.45 -141.94
C PRO B 3323 46.17 -84.98 -143.05
N PRO B 3324 46.67 -85.24 -144.28
CA PRO B 3324 45.84 -85.83 -145.32
C PRO B 3324 45.38 -87.25 -144.94
N PHE B 3325 44.09 -87.54 -145.15
CA PHE B 3325 43.43 -88.82 -144.76
C PHE B 3325 44.07 -89.99 -145.52
N ASN B 3326 44.84 -90.83 -144.80
CA ASN B 3326 45.41 -92.11 -145.31
C ASN B 3326 44.53 -93.27 -144.87
N ILE B 3327 43.90 -93.97 -145.81
CA ILE B 3327 43.03 -95.16 -145.56
C ILE B 3327 43.88 -96.30 -144.95
N PHE B 3328 45.14 -96.42 -145.35
CA PHE B 3328 46.07 -97.51 -144.93
C PHE B 3328 46.43 -97.37 -143.44
N GLU B 3329 46.56 -96.14 -142.95
CA GLU B 3329 46.89 -95.81 -141.54
C GLU B 3329 45.70 -96.16 -140.63
N THR B 3330 44.49 -95.72 -141.00
CA THR B 3330 43.24 -95.88 -140.21
C THR B 3330 42.79 -97.34 -140.15
N PHE B 3331 43.13 -98.14 -141.17
CA PHE B 3331 42.79 -99.59 -141.24
C PHE B 3331 43.65 -100.37 -140.24
N GLN B 3332 44.90 -99.97 -140.03
CA GLN B 3332 45.86 -100.61 -139.08
C GLN B 3332 45.29 -100.51 -137.65
N GLU B 3333 44.67 -99.37 -137.30
CA GLU B 3333 43.94 -99.15 -136.02
C GLU B 3333 42.72 -100.08 -135.95
N THR B 3334 42.03 -100.27 -137.08
CA THR B 3334 40.82 -101.11 -137.22
C THR B 3334 41.13 -102.57 -136.88
N SER B 3335 40.24 -103.21 -136.11
CA SER B 3335 40.20 -104.67 -135.81
C SER B 3335 38.86 -105.23 -136.26
N LYS B 3336 38.65 -106.55 -136.13
CA LYS B 3336 37.42 -107.25 -136.57
C LYS B 3336 36.23 -106.85 -135.69
N THR B 3337 36.48 -106.57 -134.41
CA THR B 3337 35.46 -106.23 -133.39
C THR B 3337 34.83 -104.85 -133.68
N VAL B 3338 35.64 -103.86 -134.11
CA VAL B 3338 35.22 -102.44 -134.28
C VAL B 3338 35.06 -102.13 -135.78
N PRO B 3339 33.87 -101.70 -136.25
CA PRO B 3339 33.68 -101.29 -137.65
C PRO B 3339 34.31 -99.93 -137.98
N ILE B 3340 34.62 -99.70 -139.26
CA ILE B 3340 34.99 -98.37 -139.83
C ILE B 3340 33.69 -97.69 -140.28
N PHE B 3341 33.32 -96.59 -139.63
CA PHE B 3341 32.10 -95.79 -139.90
C PHE B 3341 32.46 -94.58 -140.76
N PHE B 3342 32.02 -94.57 -142.02
CA PHE B 3342 32.19 -93.43 -142.97
C PHE B 3342 31.01 -92.47 -142.84
N VAL B 3343 31.24 -91.18 -143.09
CA VAL B 3343 30.19 -90.11 -143.17
C VAL B 3343 30.16 -89.61 -144.61
N LEU B 3344 29.09 -89.95 -145.35
CA LEU B 3344 28.91 -89.60 -146.79
C LEU B 3344 28.67 -88.10 -146.93
N PHE B 3345 29.35 -87.45 -147.88
CA PHE B 3345 29.18 -86.03 -148.25
C PHE B 3345 28.82 -85.95 -149.74
N PRO B 3346 28.26 -84.80 -150.22
CA PRO B 3346 28.01 -84.62 -151.65
C PRO B 3346 29.31 -84.60 -152.49
N GLY B 3347 29.39 -85.45 -153.51
CA GLY B 3347 30.53 -85.56 -154.44
C GLY B 3347 31.51 -86.65 -154.05
N VAL B 3348 31.68 -86.89 -152.74
CA VAL B 3348 32.70 -87.82 -152.16
C VAL B 3348 32.08 -89.22 -152.01
N ASP B 3349 32.85 -90.26 -152.37
CA ASP B 3349 32.49 -91.69 -152.19
C ASP B 3349 33.63 -92.37 -151.43
N PRO B 3350 33.37 -93.10 -150.33
CA PRO B 3350 34.42 -93.79 -149.57
C PRO B 3350 34.81 -95.18 -150.11
N THR B 3351 34.05 -95.71 -151.08
CA THR B 3351 34.20 -97.10 -151.63
C THR B 3351 35.54 -97.24 -152.34
N PRO B 3352 35.95 -96.33 -153.25
CA PRO B 3352 37.27 -96.44 -153.90
C PRO B 3352 38.47 -96.54 -152.95
N ASP B 3353 38.37 -95.98 -151.74
CA ASP B 3353 39.45 -96.03 -150.70
C ASP B 3353 39.57 -97.45 -150.12
N VAL B 3354 38.44 -98.15 -149.88
CA VAL B 3354 38.44 -99.50 -149.24
C VAL B 3354 38.90 -100.54 -150.27
N GLU B 3355 38.67 -100.30 -151.56
CA GLU B 3355 39.11 -101.17 -152.68
C GLU B 3355 40.64 -101.19 -152.76
N ARG B 3356 41.29 -100.03 -152.58
CA ARG B 3356 42.77 -99.86 -152.57
C ARG B 3356 43.37 -100.70 -151.42
N VAL B 3357 42.72 -100.71 -150.25
CA VAL B 3357 43.10 -101.57 -149.09
C VAL B 3357 42.87 -103.03 -149.47
N ALA B 3358 41.65 -103.37 -149.91
CA ALA B 3358 41.20 -104.74 -150.25
C ALA B 3358 42.14 -105.40 -151.27
N ALA B 3359 42.73 -104.61 -152.18
CA ALA B 3359 43.68 -105.06 -153.23
C ALA B 3359 45.01 -105.53 -152.60
N THR B 3360 45.46 -104.87 -151.52
CA THR B 3360 46.72 -105.18 -150.79
C THR B 3360 46.61 -106.55 -150.10
N PHE B 3361 45.42 -106.92 -149.61
CA PHE B 3361 45.15 -108.14 -148.80
C PHE B 3361 44.61 -109.28 -149.69
N ASP B 3362 44.27 -108.98 -150.96
CA ASP B 3362 43.58 -109.91 -151.91
C ASP B 3362 42.18 -110.21 -151.38
N VAL B 3363 41.39 -109.15 -151.14
CA VAL B 3363 40.00 -109.22 -150.60
C VAL B 3363 39.01 -108.62 -151.62
N SER B 3364 39.49 -107.90 -152.65
CA SER B 3364 38.68 -107.03 -153.55
C SER B 3364 37.57 -107.81 -154.27
N ALA B 3365 36.58 -107.09 -154.79
CA ALA B 3365 35.34 -107.63 -155.41
C ALA B 3365 35.69 -108.50 -156.63
N ASN B 3366 34.82 -109.49 -156.91
CA ASN B 3366 34.93 -110.50 -158.00
C ASN B 3366 35.87 -111.65 -157.60
N ASN B 3367 36.46 -111.59 -156.39
CA ASN B 3367 37.07 -112.76 -155.69
C ASN B 3367 35.96 -113.54 -154.99
N GLY B 3368 34.87 -112.86 -154.63
CA GLY B 3368 33.83 -113.35 -153.71
C GLY B 3368 33.98 -112.72 -152.33
N ARG B 3369 35.23 -112.55 -151.88
CA ARG B 3369 35.61 -112.15 -150.48
C ARG B 3369 35.21 -110.69 -150.17
N PHE B 3370 34.57 -109.97 -151.09
CA PHE B 3370 33.99 -108.62 -150.86
C PHE B 3370 32.52 -108.59 -151.30
N ILE B 3371 31.66 -107.94 -150.52
CA ILE B 3371 30.23 -107.67 -150.85
C ILE B 3371 29.96 -106.17 -150.59
N ASN B 3372 29.32 -105.51 -151.56
CA ASN B 3372 28.97 -104.06 -151.53
C ASN B 3372 27.46 -103.92 -151.69
N ILE B 3373 26.73 -103.96 -150.57
CA ILE B 3373 25.23 -103.94 -150.53
C ILE B 3373 24.77 -102.49 -150.28
N SER B 3374 24.34 -101.80 -151.35
CA SER B 3374 23.70 -100.45 -151.27
C SER B 3374 22.30 -100.61 -150.68
N MET B 3375 22.08 -100.07 -149.47
CA MET B 3375 20.89 -100.37 -148.63
C MET B 3375 19.65 -99.64 -149.16
N GLY B 3376 18.56 -100.40 -149.35
CA GLY B 3376 17.21 -99.90 -149.72
C GLY B 3376 16.11 -100.73 -149.08
N GLN B 3377 14.86 -100.29 -149.21
CA GLN B 3377 13.66 -100.97 -148.63
C GLN B 3377 13.48 -102.35 -149.26
N GLY B 3378 12.99 -103.31 -148.47
CA GLY B 3378 12.76 -104.71 -148.87
C GLY B 3378 14.01 -105.41 -149.36
N GLN B 3379 15.19 -104.84 -149.08
CA GLN B 3379 16.53 -105.44 -149.31
C GLN B 3379 17.21 -105.62 -147.95
N GLU B 3380 16.42 -105.58 -146.87
CA GLU B 3380 16.89 -105.77 -145.46
C GLU B 3380 17.24 -107.25 -145.26
N ASP B 3381 16.33 -108.14 -145.68
CA ASP B 3381 16.44 -109.63 -145.59
C ASP B 3381 17.78 -110.10 -146.17
N ARG B 3382 18.16 -109.58 -147.34
CA ARG B 3382 19.43 -109.91 -148.05
C ARG B 3382 20.63 -109.62 -147.15
N ALA B 3383 20.71 -108.40 -146.60
CA ALA B 3383 21.82 -107.90 -145.77
C ALA B 3383 21.97 -108.74 -144.49
N LYS B 3384 20.86 -109.23 -143.92
CA LYS B 3384 20.84 -110.11 -142.72
C LYS B 3384 21.63 -111.39 -143.02
N LYS B 3385 21.31 -112.05 -144.14
CA LYS B 3385 21.90 -113.34 -144.59
C LYS B 3385 23.38 -113.13 -144.95
N ALA B 3386 23.68 -112.02 -145.62
CA ALA B 3386 25.04 -111.65 -146.11
C ALA B 3386 26.00 -111.46 -144.93
N LEU B 3387 25.58 -110.73 -143.90
CA LEU B 3387 26.43 -110.32 -142.74
C LEU B 3387 26.93 -111.56 -141.99
N PHE B 3388 26.02 -112.50 -141.65
CA PHE B 3388 26.34 -113.77 -140.95
C PHE B 3388 27.22 -114.66 -141.83
N ASP B 3389 26.94 -114.72 -143.13
CA ASP B 3389 27.73 -115.49 -144.13
C ASP B 3389 29.12 -114.86 -144.28
N CYS B 3390 29.20 -113.53 -144.26
CA CYS B 3390 30.47 -112.75 -144.35
C CYS B 3390 31.34 -113.00 -143.10
N ALA B 3391 30.72 -113.08 -141.92
CA ALA B 3391 31.37 -113.52 -140.66
C ALA B 3391 31.79 -114.99 -140.79
N GLN B 3392 32.84 -115.39 -140.07
CA GLN B 3392 33.60 -116.65 -140.26
C GLN B 3392 34.38 -116.55 -141.59
N LYS B 3393 35.20 -115.51 -141.70
CA LYS B 3393 36.11 -115.18 -142.84
C LYS B 3393 35.24 -114.79 -144.05
N GLY B 3394 34.49 -115.75 -144.61
CA GLY B 3394 33.52 -115.57 -145.71
C GLY B 3394 33.94 -114.44 -146.65
N HIS B 3395 33.54 -113.21 -146.30
CA HIS B 3395 33.68 -111.99 -147.15
C HIS B 3395 33.97 -110.75 -146.27
N TRP B 3396 33.96 -109.57 -146.90
CA TRP B 3396 34.01 -108.21 -146.29
C TRP B 3396 32.71 -107.46 -146.59
N ILE B 3397 31.88 -107.21 -145.58
CA ILE B 3397 30.59 -106.47 -145.74
C ILE B 3397 30.90 -104.97 -145.86
N MET B 3398 30.12 -104.27 -146.71
CA MET B 3398 30.15 -102.79 -146.91
C MET B 3398 28.70 -102.32 -147.08
N LEU B 3399 28.20 -101.50 -146.15
CA LEU B 3399 26.80 -100.99 -146.14
C LEU B 3399 26.81 -99.49 -146.50
N GLN B 3400 25.97 -99.09 -147.46
CA GLN B 3400 25.90 -97.71 -148.02
C GLN B 3400 24.49 -97.14 -147.80
N ASN B 3401 24.41 -95.88 -147.39
CA ASN B 3401 23.13 -95.12 -147.17
C ASN B 3401 22.31 -95.80 -146.07
N VAL B 3402 22.99 -96.16 -144.96
CA VAL B 3402 22.45 -96.99 -143.84
C VAL B 3402 21.38 -96.20 -143.07
N HIS B 3403 21.54 -94.88 -142.97
CA HIS B 3403 20.62 -93.93 -142.27
C HIS B 3403 19.16 -94.12 -142.72
N LEU B 3404 18.93 -94.36 -144.02
CA LEU B 3404 17.60 -94.31 -144.68
C LEU B 3404 16.61 -95.25 -143.97
N MET B 3405 17.03 -96.47 -143.62
CA MET B 3405 16.15 -97.53 -143.05
C MET B 3405 16.11 -97.38 -141.52
N GLN B 3406 15.41 -96.36 -141.02
CA GLN B 3406 15.30 -96.04 -139.58
C GLN B 3406 14.64 -97.19 -138.80
N SER B 3407 13.68 -97.88 -139.42
CA SER B 3407 12.90 -98.99 -138.81
C SER B 3407 13.78 -100.22 -138.54
N TRP B 3408 14.78 -100.48 -139.39
CA TRP B 3408 15.58 -101.73 -139.44
C TRP B 3408 16.73 -101.72 -138.43
N LEU B 3409 17.37 -100.57 -138.21
CA LEU B 3409 18.63 -100.44 -137.43
C LEU B 3409 18.40 -100.84 -135.96
N TYR B 3410 17.28 -100.41 -135.37
CA TYR B 3410 16.98 -100.54 -133.93
C TYR B 3410 16.33 -101.91 -133.64
N GLY B 3411 16.57 -102.44 -132.45
CA GLY B 3411 16.01 -103.72 -131.96
C GLY B 3411 17.08 -104.79 -131.80
N LEU B 3412 16.71 -105.91 -131.18
CA LEU B 3412 17.57 -107.12 -131.02
C LEU B 3412 17.77 -107.80 -132.38
N ASN B 3413 16.77 -107.72 -133.27
CA ASN B 3413 16.79 -108.26 -134.65
C ASN B 3413 17.28 -107.20 -135.66
N GLY B 3414 17.64 -106.00 -135.18
CA GLY B 3414 18.14 -104.89 -136.02
C GLY B 3414 19.64 -104.98 -136.25
N LEU B 3415 20.20 -104.01 -136.98
CA LEU B 3415 21.65 -103.94 -137.32
C LEU B 3415 22.47 -103.80 -136.04
N GLU B 3416 21.98 -103.01 -135.06
CA GLU B 3416 22.63 -102.81 -133.73
C GLU B 3416 22.82 -104.18 -133.05
N GLY B 3417 21.72 -104.92 -132.87
CA GLY B 3417 21.71 -106.26 -132.25
C GLY B 3417 22.54 -107.26 -133.03
N PHE B 3418 22.55 -107.14 -134.37
CA PHE B 3418 23.27 -108.04 -135.31
C PHE B 3418 24.78 -107.87 -135.16
N LEU B 3419 25.28 -106.63 -135.19
CA LEU B 3419 26.73 -106.30 -135.01
C LEU B 3419 27.16 -106.71 -133.59
N GLU B 3420 26.37 -106.37 -132.58
CA GLU B 3420 26.59 -106.72 -131.15
C GLU B 3420 26.74 -108.24 -130.99
N SER B 3421 25.88 -109.02 -131.67
CA SER B 3421 25.85 -110.50 -131.58
C SER B 3421 27.06 -111.12 -132.30
N VAL B 3422 27.56 -110.49 -133.37
CA VAL B 3422 28.70 -111.00 -134.19
C VAL B 3422 30.00 -110.87 -133.38
N PHE B 3423 30.26 -109.71 -132.79
CA PHE B 3423 31.50 -109.40 -132.03
C PHE B 3423 31.57 -110.26 -130.75
N ALA B 3424 30.42 -110.40 -130.08
CA ALA B 3424 30.25 -111.19 -128.83
C ALA B 3424 30.42 -112.69 -129.12
N SER B 3425 29.81 -113.19 -130.20
CA SER B 3425 29.77 -114.64 -130.57
C SER B 3425 31.18 -115.15 -130.87
N PRO B 3426 31.46 -116.45 -130.62
CA PRO B 3426 32.74 -117.05 -130.98
C PRO B 3426 32.78 -117.47 -132.46
N LYS B 3427 33.91 -118.06 -132.88
CA LYS B 3427 34.13 -118.70 -134.21
C LYS B 3427 34.22 -117.65 -135.33
N THR B 3428 34.08 -116.35 -135.03
CA THR B 3428 34.15 -115.25 -136.02
C THR B 3428 35.62 -115.00 -136.37
N HIS B 3429 36.03 -115.45 -137.56
CA HIS B 3429 37.44 -115.51 -138.05
C HIS B 3429 38.03 -114.11 -138.06
N PRO B 3430 39.38 -113.96 -137.91
CA PRO B 3430 40.04 -112.70 -138.27
C PRO B 3430 39.91 -112.40 -139.77
N ASN B 3431 40.59 -111.35 -140.23
CA ASN B 3431 40.46 -110.72 -141.57
C ASN B 3431 38.98 -110.71 -142.01
N PHE B 3432 38.10 -110.26 -141.12
CA PHE B 3432 36.69 -109.87 -141.38
C PHE B 3432 36.49 -108.44 -140.86
N ARG B 3433 36.05 -107.53 -141.73
CA ARG B 3433 35.93 -106.08 -141.42
C ARG B 3433 34.58 -105.57 -141.94
N VAL B 3434 33.80 -104.92 -141.06
CA VAL B 3434 32.50 -104.28 -141.35
C VAL B 3434 32.74 -102.81 -141.68
N PHE B 3435 32.14 -102.31 -142.75
CA PHE B 3435 32.18 -100.89 -143.20
C PHE B 3435 30.74 -100.37 -143.32
N ILE B 3436 30.43 -99.31 -142.57
CA ILE B 3436 29.09 -98.64 -142.53
C ILE B 3436 29.29 -97.21 -143.01
N SER B 3437 28.42 -96.72 -143.91
CA SER B 3437 28.42 -95.32 -144.39
C SER B 3437 27.00 -94.75 -144.28
N SER B 3438 26.87 -93.49 -143.86
CA SER B 3438 25.59 -92.78 -143.65
C SER B 3438 25.78 -91.27 -143.89
N GLU B 3439 24.76 -90.59 -144.39
CA GLU B 3439 24.76 -89.11 -144.58
C GLU B 3439 24.61 -88.45 -143.22
N PRO B 3440 25.04 -87.17 -143.05
CA PRO B 3440 24.76 -86.41 -141.83
C PRO B 3440 23.27 -86.15 -141.68
N PRO B 3441 22.77 -85.95 -140.44
CA PRO B 3441 21.32 -85.93 -140.19
C PRO B 3441 20.63 -84.75 -140.88
N ASN B 3442 21.16 -83.54 -140.70
CA ASN B 3442 20.70 -82.27 -141.32
C ASN B 3442 21.64 -81.15 -140.90
N VAL B 3443 21.89 -80.20 -141.81
CA VAL B 3443 22.78 -79.02 -141.58
C VAL B 3443 22.11 -78.06 -140.60
N LEU B 3444 20.77 -78.02 -140.58
CA LEU B 3444 19.96 -77.07 -139.75
C LEU B 3444 19.45 -77.76 -138.47
N LEU B 3445 19.52 -79.09 -138.37
CA LEU B 3445 19.01 -79.87 -137.21
C LEU B 3445 20.09 -80.85 -136.73
N PRO B 3446 21.16 -80.34 -136.06
CA PRO B 3446 22.27 -81.19 -135.62
C PRO B 3446 21.91 -82.21 -134.53
N LEU B 3447 21.26 -81.77 -133.44
CA LEU B 3447 20.91 -82.62 -132.26
C LEU B 3447 19.72 -83.53 -132.65
N MET B 3448 19.98 -84.54 -133.48
CA MET B 3448 18.98 -85.52 -133.95
C MET B 3448 19.64 -86.90 -134.06
N GLN B 3449 18.99 -87.93 -133.54
CA GLN B 3449 19.47 -89.34 -133.62
C GLN B 3449 18.94 -89.98 -134.90
N ILE B 3450 19.82 -90.19 -135.87
CA ILE B 3450 19.56 -90.89 -137.17
C ILE B 3450 20.16 -92.30 -137.10
N ILE B 3451 21.34 -92.44 -136.47
CA ILE B 3451 22.10 -93.72 -136.30
C ILE B 3451 21.98 -94.16 -134.85
N PRO B 3452 21.92 -95.48 -134.52
CA PRO B 3452 21.89 -95.93 -133.13
C PRO B 3452 23.17 -95.59 -132.36
N GLU B 3453 23.03 -95.07 -131.15
CA GLU B 3453 24.15 -94.59 -130.27
C GLU B 3453 25.19 -95.71 -130.06
N SER B 3454 24.75 -96.97 -129.97
CA SER B 3454 25.60 -98.15 -129.64
C SER B 3454 26.66 -98.40 -130.73
N ILE B 3455 26.28 -98.38 -132.01
CA ILE B 3455 27.18 -98.74 -133.15
C ILE B 3455 28.16 -97.60 -133.43
N LEU B 3456 27.76 -96.35 -133.19
CA LEU B 3456 28.66 -95.15 -133.25
C LEU B 3456 29.74 -95.29 -132.18
N GLN B 3457 29.32 -95.39 -130.91
CA GLN B 3457 30.18 -95.48 -129.69
C GLN B 3457 31.29 -96.53 -129.90
N GLY B 3458 30.89 -97.76 -130.24
CA GLY B 3458 31.80 -98.91 -130.44
C GLY B 3458 32.77 -98.69 -131.60
N SER B 3459 32.27 -98.15 -132.73
CA SER B 3459 33.03 -97.94 -133.98
C SER B 3459 33.99 -96.74 -133.83
N LEU B 3460 34.99 -96.67 -134.72
CA LEU B 3460 35.76 -95.43 -135.03
C LEU B 3460 35.05 -94.70 -136.19
N LYS B 3461 35.04 -93.37 -136.17
CA LYS B 3461 34.32 -92.51 -137.16
C LYS B 3461 35.35 -91.78 -138.03
N ILE B 3462 35.10 -91.75 -139.35
CA ILE B 3462 35.93 -91.03 -140.36
C ILE B 3462 35.00 -90.10 -141.15
N ALA B 3463 35.33 -88.81 -141.20
CA ALA B 3463 34.59 -87.75 -141.92
C ALA B 3463 35.56 -86.99 -142.84
N ASN B 3464 35.60 -87.38 -144.11
CA ASN B 3464 36.47 -86.77 -145.16
C ASN B 3464 35.61 -85.81 -146.00
N GLU B 3465 35.77 -84.50 -145.76
CA GLU B 3465 35.03 -83.41 -146.44
C GLU B 3465 35.93 -82.79 -147.51
N ALA B 3466 35.41 -82.58 -148.72
CA ALA B 3466 36.13 -81.98 -149.87
C ALA B 3466 36.40 -80.51 -149.58
N PRO B 3467 37.56 -79.95 -150.02
CA PRO B 3467 37.91 -78.56 -149.70
C PRO B 3467 36.97 -77.55 -150.39
N GLN B 3468 36.64 -76.45 -149.70
CA GLN B 3468 35.55 -75.51 -150.07
C GLN B 3468 36.10 -74.18 -150.62
N TYR B 3469 37.42 -74.01 -150.72
CA TYR B 3469 38.05 -72.84 -151.40
C TYR B 3469 37.76 -72.94 -152.91
N LEU B 3470 37.67 -71.78 -153.58
CA LEU B 3470 37.11 -71.61 -154.96
C LEU B 3470 37.92 -72.42 -155.98
N LYS B 3471 39.25 -72.46 -155.83
CA LYS B 3471 40.19 -73.19 -156.74
C LYS B 3471 39.74 -74.65 -156.89
N ALA B 3472 39.31 -75.29 -155.81
CA ALA B 3472 38.86 -76.70 -155.76
C ALA B 3472 37.49 -76.85 -156.42
N ASN B 3473 36.53 -75.96 -156.10
CA ASN B 3473 35.15 -75.99 -156.64
C ASN B 3473 35.17 -75.85 -158.16
N LEU B 3474 36.08 -75.03 -158.71
CA LEU B 3474 36.25 -74.82 -160.17
C LEU B 3474 36.89 -76.06 -160.80
N ARG B 3475 37.92 -76.62 -160.19
CA ARG B 3475 38.60 -77.87 -160.62
C ARG B 3475 37.57 -79.01 -160.68
N ARG B 3476 36.81 -79.20 -159.60
CA ARG B 3476 35.78 -80.26 -159.43
C ARG B 3476 34.69 -80.10 -160.48
N ALA B 3477 34.25 -78.86 -160.72
CA ALA B 3477 33.23 -78.49 -161.75
C ALA B 3477 33.71 -78.91 -163.14
N TYR B 3478 35.00 -78.68 -163.46
CA TYR B 3478 35.60 -78.91 -164.78
C TYR B 3478 36.18 -80.33 -164.90
N ASN B 3479 36.17 -81.13 -163.83
CA ASN B 3479 36.53 -82.58 -163.86
C ASN B 3479 35.30 -83.41 -164.25
N LYS B 3480 34.10 -82.82 -164.23
CA LYS B 3480 32.84 -83.47 -164.68
C LYS B 3480 32.85 -83.62 -166.21
N PHE B 3481 33.60 -82.78 -166.91
CA PHE B 3481 33.72 -82.79 -168.40
C PHE B 3481 35.06 -83.40 -168.82
N ASP B 3482 35.14 -83.85 -170.07
CA ASP B 3482 36.32 -84.49 -170.71
C ASP B 3482 36.58 -83.82 -172.07
N GLN B 3483 37.66 -84.20 -172.74
CA GLN B 3483 38.05 -83.69 -174.09
C GLN B 3483 37.02 -84.16 -175.12
N GLU B 3484 36.52 -85.40 -174.99
CA GLU B 3484 35.49 -86.00 -175.88
C GLU B 3484 34.17 -85.20 -175.79
N PHE B 3485 33.85 -84.63 -174.63
CA PHE B 3485 32.60 -83.84 -174.40
C PHE B 3485 32.69 -82.47 -175.10
N LEU B 3486 33.87 -81.85 -175.12
CA LEU B 3486 34.09 -80.52 -175.75
C LEU B 3486 34.02 -80.64 -177.28
N ASP B 3487 34.52 -81.74 -177.85
CA ASP B 3487 34.54 -82.00 -179.32
C ASP B 3487 33.25 -82.71 -179.74
N LYS B 3488 32.41 -83.15 -178.79
CA LYS B 3488 31.08 -83.77 -179.01
C LYS B 3488 30.19 -82.85 -179.86
N CYS B 3489 30.28 -81.53 -179.64
CA CYS B 3489 29.48 -80.47 -180.30
C CYS B 3489 29.66 -80.53 -181.83
N ASP B 3490 30.89 -80.33 -182.31
CA ASP B 3490 31.29 -80.38 -183.74
C ASP B 3490 30.61 -79.25 -184.54
N LYS B 3491 30.17 -78.18 -183.85
CA LYS B 3491 29.42 -77.04 -184.45
C LYS B 3491 29.59 -75.81 -183.55
N LYS B 3492 30.51 -74.91 -183.92
CA LYS B 3492 30.96 -73.76 -183.09
C LYS B 3492 31.69 -74.30 -181.86
N PRO B 3493 32.74 -75.13 -182.02
CA PRO B 3493 33.41 -75.76 -180.88
C PRO B 3493 34.19 -74.75 -180.02
N THR B 3494 34.71 -73.69 -180.64
CA THR B 3494 35.35 -72.52 -179.98
C THR B 3494 34.33 -71.80 -179.08
N GLU B 3495 33.09 -71.63 -179.57
CA GLU B 3495 32.01 -70.90 -178.87
C GLU B 3495 31.41 -71.77 -177.75
N PHE B 3496 31.68 -73.09 -177.75
CA PHE B 3496 31.22 -74.08 -176.75
C PHE B 3496 32.26 -74.27 -175.65
N LYS B 3497 33.56 -74.21 -176.00
CA LYS B 3497 34.70 -74.36 -175.04
C LYS B 3497 34.69 -73.21 -174.04
N SER B 3498 34.56 -71.98 -174.53
CA SER B 3498 34.48 -70.73 -173.73
C SER B 3498 33.27 -70.79 -172.79
N CYS B 3499 32.07 -70.98 -173.37
CA CYS B 3499 30.75 -70.92 -172.68
C CYS B 3499 30.63 -72.04 -171.63
N LEU B 3500 31.30 -73.18 -171.83
CA LEU B 3500 31.32 -74.31 -170.85
C LEU B 3500 32.24 -73.95 -169.67
N PHE B 3501 33.41 -73.35 -169.95
CA PHE B 3501 34.40 -72.93 -168.93
C PHE B 3501 33.80 -71.82 -168.07
N ALA B 3502 33.10 -70.86 -168.69
CA ALA B 3502 32.36 -69.77 -168.01
C ALA B 3502 31.28 -70.37 -167.09
N LEU B 3503 30.50 -71.31 -167.61
CA LEU B 3503 29.40 -72.00 -166.88
C LEU B 3503 29.98 -72.81 -165.71
N CYS B 3504 31.21 -73.31 -165.84
CA CYS B 3504 31.95 -74.01 -164.74
C CYS B 3504 32.33 -72.98 -163.67
N PHE B 3505 32.86 -71.84 -164.09
CA PHE B 3505 33.22 -70.68 -163.22
C PHE B 3505 31.95 -70.22 -162.49
N PHE B 3506 30.84 -70.09 -163.22
CA PHE B 3506 29.53 -69.61 -162.73
C PHE B 3506 29.09 -70.44 -161.51
N HIS B 3507 29.13 -71.77 -161.66
CA HIS B 3507 28.75 -72.74 -160.61
C HIS B 3507 29.67 -72.55 -159.40
N SER B 3508 30.98 -72.55 -159.63
CA SER B 3508 32.03 -72.36 -158.59
C SER B 3508 31.85 -71.00 -157.91
N LEU B 3509 31.35 -70.00 -158.64
CA LEU B 3509 31.12 -68.62 -158.13
C LEU B 3509 29.92 -68.66 -157.15
N MET B 3510 28.80 -69.24 -157.56
CA MET B 3510 27.56 -69.32 -156.73
C MET B 3510 27.79 -70.24 -155.53
N LEU B 3511 28.47 -71.38 -155.75
CA LEU B 3511 28.79 -72.37 -154.68
C LEU B 3511 29.73 -71.73 -153.64
N GLY B 3512 30.63 -70.84 -154.08
CA GLY B 3512 31.59 -70.11 -153.24
C GLY B 3512 30.93 -69.02 -152.41
N ARG B 3513 29.85 -68.40 -152.93
CA ARG B 3513 29.13 -67.29 -152.28
C ARG B 3513 28.35 -67.79 -151.04
N LYS B 3514 28.05 -69.09 -150.97
CA LYS B 3514 27.35 -69.72 -149.82
C LYS B 3514 28.04 -69.39 -148.49
N LYS B 3515 29.39 -69.33 -148.49
CA LYS B 3515 30.22 -69.22 -147.26
C LYS B 3515 29.92 -67.91 -146.50
N PHE B 3516 29.53 -66.85 -147.22
CA PHE B 3516 29.20 -65.51 -146.65
C PHE B 3516 27.90 -65.54 -145.85
N GLY B 3517 27.09 -66.60 -145.97
CA GLY B 3517 25.90 -66.83 -145.12
C GLY B 3517 24.79 -65.83 -145.42
N THR B 3518 24.44 -64.99 -144.45
CA THR B 3518 23.34 -63.99 -144.54
C THR B 3518 23.70 -62.97 -145.63
N GLN B 3519 24.96 -62.54 -145.69
CA GLN B 3519 25.54 -61.78 -146.83
C GLN B 3519 25.50 -62.69 -148.07
N GLY B 3520 25.14 -62.14 -149.23
CA GLY B 3520 25.04 -62.89 -150.49
C GLY B 3520 23.69 -63.55 -150.65
N TRP B 3521 23.55 -64.82 -150.24
CA TRP B 3521 22.29 -65.61 -150.33
C TRP B 3521 21.48 -65.47 -149.04
N SER B 3522 20.28 -64.90 -149.12
CA SER B 3522 19.31 -64.72 -148.00
C SER B 3522 19.12 -66.05 -147.25
N ARG B 3523 18.90 -67.13 -147.98
CA ARG B 3523 18.73 -68.51 -147.45
C ARG B 3523 19.75 -69.44 -148.11
N VAL B 3524 20.25 -70.44 -147.38
CA VAL B 3524 21.27 -71.42 -147.86
C VAL B 3524 20.64 -72.34 -148.91
N TYR B 3525 21.07 -72.21 -150.16
CA TYR B 3525 20.59 -73.00 -151.33
C TYR B 3525 21.59 -74.12 -151.61
N ASN B 3526 21.09 -75.34 -151.83
CA ASN B 3526 21.90 -76.53 -152.18
C ASN B 3526 21.98 -76.64 -153.70
N PHE B 3527 23.16 -76.35 -154.28
CA PHE B 3527 23.45 -76.47 -155.74
C PHE B 3527 24.19 -77.79 -155.99
N ASN B 3528 23.47 -78.78 -156.54
CA ASN B 3528 24.00 -80.12 -156.90
C ASN B 3528 25.02 -79.97 -158.03
N ASP B 3529 26.00 -80.87 -158.09
CA ASP B 3529 26.98 -80.98 -159.21
C ASP B 3529 26.21 -81.38 -160.48
N GLY B 3530 25.16 -82.20 -160.34
CA GLY B 3530 24.23 -82.58 -161.41
C GLY B 3530 23.56 -81.39 -162.06
N ASP B 3531 23.29 -80.32 -161.29
CA ASP B 3531 22.65 -79.06 -161.74
C ASP B 3531 23.58 -78.32 -162.72
N LEU B 3532 24.90 -78.53 -162.62
CA LEU B 3532 25.93 -78.00 -163.57
C LEU B 3532 25.90 -78.84 -164.85
N THR B 3533 26.09 -80.16 -164.71
CA THR B 3533 26.30 -81.14 -165.82
C THR B 3533 25.15 -81.06 -166.83
N ILE B 3534 23.93 -80.86 -166.36
CA ILE B 3534 22.68 -80.80 -167.19
C ILE B 3534 22.56 -79.44 -167.89
N CYS B 3535 22.81 -78.33 -167.18
CA CYS B 3535 22.73 -76.96 -167.76
C CYS B 3535 23.83 -76.78 -168.82
N ALA B 3536 24.91 -77.58 -168.75
CA ALA B 3536 25.92 -77.70 -169.82
C ALA B 3536 25.35 -78.47 -171.01
N ASP B 3537 24.58 -79.54 -170.75
CA ASP B 3537 23.88 -80.33 -171.80
C ASP B 3537 22.79 -79.46 -172.47
N VAL B 3538 22.16 -78.55 -171.70
CA VAL B 3538 21.23 -77.51 -172.23
C VAL B 3538 21.99 -76.60 -173.21
N LEU B 3539 23.20 -76.18 -172.82
CA LEU B 3539 24.07 -75.27 -173.61
C LEU B 3539 24.42 -75.93 -174.95
N TYR B 3540 24.88 -77.18 -174.90
CA TYR B 3540 25.15 -78.05 -176.07
C TYR B 3540 23.91 -78.10 -176.98
N ASN B 3541 22.73 -78.23 -176.38
CA ASN B 3541 21.43 -78.43 -177.07
C ASN B 3541 20.98 -77.14 -177.78
N TYR B 3542 21.42 -75.97 -177.32
CA TYR B 3542 21.06 -74.63 -177.87
C TYR B 3542 22.06 -74.20 -178.96
N LEU B 3543 23.35 -74.47 -178.78
CA LEU B 3543 24.41 -74.13 -179.77
C LEU B 3543 24.28 -75.02 -181.01
N SER B 3544 23.84 -76.28 -180.84
CA SER B 3544 23.72 -77.29 -181.92
C SER B 3544 22.48 -77.02 -182.78
N LYS B 3545 21.34 -76.72 -182.15
CA LYS B 3545 20.02 -76.55 -182.82
C LYS B 3545 19.96 -75.20 -183.54
N TYR B 3546 20.13 -74.10 -182.80
CA TYR B 3546 19.99 -72.70 -183.29
C TYR B 3546 21.28 -72.27 -184.01
N ASP B 3547 21.23 -71.08 -184.64
CA ASP B 3547 22.35 -70.43 -185.36
C ASP B 3547 22.58 -69.04 -184.75
N GLN B 3548 23.85 -68.62 -184.62
CA GLN B 3548 24.34 -67.30 -184.10
C GLN B 3548 24.67 -67.39 -182.61
N VAL B 3549 24.15 -68.40 -181.89
CA VAL B 3549 24.24 -68.58 -180.41
C VAL B 3549 23.50 -67.41 -179.74
N PRO B 3550 22.15 -67.46 -179.68
CA PRO B 3550 21.38 -66.48 -178.90
C PRO B 3550 21.75 -66.57 -177.42
N TRP B 3551 22.11 -65.42 -176.83
CA TRP B 3551 22.60 -65.29 -175.44
C TRP B 3551 21.41 -65.20 -174.48
N ASP B 3552 20.54 -64.21 -174.73
CA ASP B 3552 19.28 -63.98 -173.98
C ASP B 3552 18.65 -65.32 -173.58
N ASP B 3553 18.46 -66.21 -174.56
CA ASP B 3553 17.90 -67.58 -174.37
C ASP B 3553 18.74 -68.32 -173.32
N LEU B 3554 20.02 -68.58 -173.62
CA LEU B 3554 20.96 -69.35 -172.76
C LEU B 3554 20.97 -68.77 -171.34
N ARG B 3555 20.95 -67.43 -171.22
CA ARG B 3555 20.96 -66.69 -169.94
C ARG B 3555 19.65 -66.96 -169.18
N TYR B 3556 18.50 -66.77 -169.83
CA TYR B 3556 17.16 -66.98 -169.21
C TYR B 3556 17.05 -68.39 -168.64
N ILE B 3557 17.57 -69.39 -169.36
CA ILE B 3557 17.38 -70.84 -169.03
C ILE B 3557 18.21 -71.23 -167.79
N PHE B 3558 19.45 -70.74 -167.66
CA PHE B 3558 20.32 -71.04 -166.48
C PHE B 3558 19.84 -70.25 -165.26
N GLY B 3559 19.59 -68.94 -165.44
CA GLY B 3559 19.20 -68.02 -164.35
C GLY B 3559 17.86 -68.38 -163.75
N GLU B 3560 16.80 -68.37 -164.56
CA GLU B 3560 15.39 -68.37 -164.10
C GLU B 3560 14.89 -69.80 -163.83
N ILE B 3561 15.39 -70.81 -164.56
CA ILE B 3561 14.80 -72.18 -164.59
C ILE B 3561 15.71 -73.19 -163.90
N MET B 3562 16.96 -73.32 -164.34
CA MET B 3562 17.88 -74.42 -163.93
C MET B 3562 18.36 -74.18 -162.49
N TYR B 3563 18.84 -72.97 -162.19
CA TYR B 3563 19.28 -72.54 -160.84
C TYR B 3563 18.10 -71.88 -160.12
N GLY B 3564 17.40 -70.96 -160.80
CA GLY B 3564 16.20 -70.27 -160.30
C GLY B 3564 15.17 -71.21 -159.69
N GLY B 3565 15.17 -72.49 -160.11
CA GLY B 3565 14.40 -73.57 -159.47
C GLY B 3565 14.66 -73.66 -157.98
N HIS B 3566 15.93 -73.61 -157.57
CA HIS B 3566 16.36 -73.66 -156.15
C HIS B 3566 15.94 -72.38 -155.40
N ILE B 3567 15.96 -71.22 -156.08
CA ILE B 3567 15.84 -69.86 -155.47
C ILE B 3567 14.38 -69.37 -155.56
N THR B 3568 13.69 -69.30 -154.41
CA THR B 3568 12.27 -68.89 -154.30
C THR B 3568 12.18 -67.37 -154.16
N ASP B 3569 13.06 -66.79 -153.31
CA ASP B 3569 13.16 -65.34 -152.97
C ASP B 3569 13.31 -64.51 -154.25
N ASP B 3570 12.80 -63.28 -154.23
CA ASP B 3570 12.71 -62.37 -155.42
C ASP B 3570 14.00 -61.55 -155.56
N TRP B 3571 14.79 -61.38 -154.48
CA TRP B 3571 16.06 -60.60 -154.47
C TRP B 3571 17.27 -61.50 -154.71
N ASP B 3572 17.21 -62.76 -154.28
CA ASP B 3572 18.27 -63.78 -154.58
C ASP B 3572 18.17 -64.14 -156.06
N ARG B 3573 16.97 -64.32 -156.59
CA ARG B 3573 16.73 -64.52 -158.06
C ARG B 3573 17.43 -63.39 -158.84
N ARG B 3574 17.46 -62.17 -158.30
CA ARG B 3574 18.11 -60.99 -158.95
C ARG B 3574 19.63 -61.19 -158.98
N THR B 3575 20.26 -61.50 -157.84
CA THR B 3575 21.75 -61.64 -157.74
C THR B 3575 22.19 -62.79 -158.65
N ASN B 3576 21.42 -63.88 -158.67
CA ASN B 3576 21.60 -65.05 -159.56
C ASN B 3576 21.57 -64.61 -161.02
N ARG B 3577 20.52 -63.86 -161.39
CA ARG B 3577 20.27 -63.35 -162.77
C ARG B 3577 21.40 -62.39 -163.17
N THR B 3578 21.91 -61.58 -162.24
CA THR B 3578 22.92 -60.53 -162.52
C THR B 3578 24.31 -61.16 -162.67
N TYR B 3579 24.63 -62.16 -161.86
CA TYR B 3579 25.91 -62.93 -161.98
C TYR B 3579 26.08 -63.36 -163.42
N LEU B 3580 24.97 -63.87 -163.98
CA LEU B 3580 24.87 -64.42 -165.36
C LEU B 3580 24.97 -63.27 -166.36
N LYS B 3581 24.11 -62.24 -166.26
CA LYS B 3581 24.13 -61.03 -167.13
C LYS B 3581 25.57 -60.50 -167.33
N VAL B 3582 26.38 -60.51 -166.27
CA VAL B 3582 27.76 -59.93 -166.25
C VAL B 3582 28.74 -60.95 -166.85
N LEU B 3583 28.65 -62.22 -166.42
CA LEU B 3583 29.63 -63.29 -166.71
C LEU B 3583 29.56 -63.72 -168.18
N ILE B 3584 28.40 -64.20 -168.64
CA ILE B 3584 28.25 -64.85 -169.99
C ILE B 3584 28.26 -63.76 -171.08
N ARG B 3585 27.29 -62.83 -171.10
CA ARG B 3585 27.25 -61.67 -172.05
C ARG B 3585 27.36 -62.18 -173.50
N SER B 3586 27.65 -61.27 -174.45
CA SER B 3586 28.07 -61.57 -175.85
C SER B 3586 29.59 -61.34 -176.01
N GLU B 3587 30.27 -60.85 -174.98
CA GLU B 3587 31.71 -60.44 -175.00
C GLU B 3587 32.58 -61.58 -174.45
N LEU B 3588 32.03 -62.80 -174.31
CA LEU B 3588 32.76 -64.01 -173.86
C LEU B 3588 33.62 -64.55 -175.02
N LEU B 3589 33.06 -64.53 -176.23
CA LEU B 3589 33.77 -64.94 -177.49
C LEU B 3589 34.90 -63.95 -177.76
N GLN B 3590 34.63 -62.65 -177.55
CA GLN B 3590 35.57 -61.51 -177.80
C GLN B 3590 36.82 -61.67 -176.92
N GLN B 3591 37.99 -61.34 -177.46
CA GLN B 3591 39.30 -61.51 -176.78
C GLN B 3591 39.49 -60.37 -175.76
N ASN B 3592 40.28 -60.62 -174.71
CA ASN B 3592 40.69 -59.64 -173.67
C ASN B 3592 39.49 -59.28 -172.78
N PHE B 3593 38.67 -60.28 -172.42
CA PHE B 3593 37.45 -60.13 -171.58
C PHE B 3593 37.72 -60.68 -170.18
N ASN B 3594 37.57 -59.84 -169.14
CA ASN B 3594 37.83 -60.19 -167.73
C ASN B 3594 36.62 -60.94 -167.15
N LEU B 3595 36.75 -62.26 -166.97
CA LEU B 3595 35.70 -63.17 -166.42
C LEU B 3595 35.40 -62.78 -164.97
N ALA B 3596 36.46 -62.50 -164.21
CA ALA B 3596 36.44 -61.89 -162.85
C ALA B 3596 37.59 -60.89 -162.74
N PRO B 3597 37.58 -59.94 -161.78
CA PRO B 3597 38.68 -59.00 -161.64
C PRO B 3597 40.04 -59.70 -161.49
N GLN B 3598 41.01 -59.31 -162.31
CA GLN B 3598 42.39 -59.87 -162.38
C GLN B 3598 42.33 -61.34 -162.83
N PHE B 3599 41.47 -61.64 -163.82
CA PHE B 3599 41.25 -62.99 -164.39
C PHE B 3599 40.66 -62.86 -165.80
N LYS B 3600 41.49 -63.11 -166.82
CA LYS B 3600 41.16 -62.94 -168.27
C LYS B 3600 40.85 -64.32 -168.85
N SER B 3601 39.59 -64.60 -169.19
CA SER B 3601 39.12 -65.86 -169.82
C SER B 3601 39.95 -66.16 -171.06
N PRO B 3602 40.39 -67.42 -171.27
CA PRO B 3602 41.30 -67.74 -172.38
C PRO B 3602 40.59 -67.79 -173.74
N ASP B 3603 41.35 -67.54 -174.82
CA ASP B 3603 40.85 -67.57 -176.23
C ASP B 3603 40.78 -69.03 -176.69
N PRO B 3604 39.60 -69.55 -177.11
CA PRO B 3604 39.38 -70.99 -177.25
C PRO B 3604 40.12 -71.68 -178.41
N SER B 3605 40.53 -70.92 -179.43
CA SER B 3605 41.16 -71.44 -180.69
C SER B 3605 42.50 -72.11 -180.39
N LYS B 3606 43.32 -71.52 -179.50
CA LYS B 3606 44.69 -72.01 -179.17
C LYS B 3606 44.69 -72.82 -177.86
N PHE B 3607 43.52 -73.12 -177.28
CA PHE B 3607 43.37 -73.86 -175.99
C PHE B 3607 42.58 -75.16 -176.22
N ASP B 3608 42.71 -76.07 -175.24
CA ASP B 3608 42.23 -77.47 -175.27
C ASP B 3608 41.93 -77.91 -173.82
N TYR B 3609 41.06 -78.91 -173.63
CA TYR B 3609 40.58 -79.37 -172.30
C TYR B 3609 41.73 -79.47 -171.30
N GLU B 3610 42.81 -80.15 -171.70
CA GLU B 3610 43.99 -80.44 -170.82
C GLU B 3610 44.68 -79.13 -170.45
N ALA B 3611 44.83 -78.20 -171.40
CA ALA B 3611 45.45 -76.87 -171.20
C ALA B 3611 44.54 -75.98 -170.34
N TYR B 3612 43.21 -76.16 -170.42
CA TYR B 3612 42.19 -75.42 -169.62
C TYR B 3612 42.31 -75.77 -168.13
N ARG B 3613 42.57 -77.05 -167.81
CA ARG B 3613 42.79 -77.53 -166.41
C ARG B 3613 44.11 -76.95 -165.88
N LYS B 3614 45.20 -77.13 -166.63
CA LYS B 3614 46.56 -76.60 -166.34
C LYS B 3614 46.49 -75.09 -166.11
N TYR B 3615 45.59 -74.41 -166.82
CA TYR B 3615 45.33 -72.94 -166.75
C TYR B 3615 44.65 -72.60 -165.41
N ILE B 3616 43.70 -73.43 -164.94
CA ILE B 3616 42.91 -73.17 -163.69
C ILE B 3616 43.87 -73.03 -162.50
N GLU B 3617 44.88 -73.91 -162.39
CA GLU B 3617 45.87 -73.90 -161.27
C GLU B 3617 46.88 -72.77 -161.47
N GLU B 3618 47.27 -72.48 -162.71
CA GLU B 3618 48.29 -71.46 -163.09
C GLU B 3618 47.72 -70.05 -162.84
N LYS B 3619 46.60 -69.70 -163.50
CA LYS B 3619 46.20 -68.29 -163.77
C LYS B 3619 45.25 -67.77 -162.68
N LEU B 3620 44.41 -68.61 -162.06
CA LEU B 3620 43.42 -68.22 -161.03
C LEU B 3620 44.13 -67.42 -159.94
N PRO B 3621 43.57 -66.25 -159.51
CA PRO B 3621 44.19 -65.46 -158.45
C PRO B 3621 43.81 -66.02 -157.06
N ILE B 3622 44.49 -65.53 -156.01
CA ILE B 3622 44.25 -65.91 -154.59
C ILE B 3622 42.75 -65.67 -154.28
N GLU B 3623 42.09 -66.64 -153.64
CA GLU B 3623 40.64 -66.56 -153.29
C GLU B 3623 40.42 -65.32 -152.42
N SER B 3624 39.57 -64.41 -152.88
CA SER B 3624 39.23 -63.14 -152.18
C SER B 3624 37.82 -62.71 -152.57
N PRO B 3625 37.13 -61.86 -151.76
CA PRO B 3625 35.77 -61.43 -152.08
C PRO B 3625 35.61 -60.68 -153.41
N GLN B 3626 36.66 -60.00 -153.88
CA GLN B 3626 36.63 -59.14 -155.10
C GLN B 3626 36.01 -59.90 -156.28
N MET B 3627 36.42 -61.15 -156.50
CA MET B 3627 36.07 -61.94 -157.71
C MET B 3627 34.63 -62.48 -157.63
N PHE B 3628 34.03 -62.54 -156.44
CA PHE B 3628 32.58 -62.81 -156.25
C PHE B 3628 31.76 -61.55 -156.57
N GLY B 3629 32.38 -60.37 -156.52
CA GLY B 3629 31.71 -59.06 -156.70
C GLY B 3629 31.43 -58.39 -155.37
N MET B 3630 31.64 -59.10 -154.25
CA MET B 3630 31.50 -58.59 -152.86
C MET B 3630 32.67 -57.64 -152.58
N HIS B 3631 32.57 -56.80 -151.54
CA HIS B 3631 33.63 -55.86 -151.11
C HIS B 3631 34.55 -56.57 -150.13
N PRO B 3632 35.87 -56.26 -150.08
CA PRO B 3632 36.78 -56.91 -149.11
C PRO B 3632 36.31 -56.80 -147.64
N ASN B 3633 35.56 -55.74 -147.34
CA ASN B 3633 34.84 -55.53 -146.05
C ASN B 3633 33.94 -56.73 -145.75
N ALA B 3634 33.19 -57.22 -146.75
CA ALA B 3634 32.15 -58.27 -146.59
C ALA B 3634 32.74 -59.53 -145.92
N GLU B 3635 34.02 -59.81 -146.13
CA GLU B 3635 34.77 -60.91 -145.45
C GLU B 3635 34.86 -60.64 -143.95
N ILE B 3636 35.20 -59.41 -143.55
CA ILE B 3636 35.31 -58.97 -142.12
C ILE B 3636 33.98 -59.34 -141.43
N GLY B 3637 32.85 -58.92 -142.01
CA GLY B 3637 31.49 -59.23 -141.52
C GLY B 3637 31.23 -60.73 -141.43
N TYR B 3638 31.74 -61.50 -142.40
CA TYR B 3638 31.65 -62.99 -142.45
C TYR B 3638 32.47 -63.60 -141.30
N LEU B 3639 33.70 -63.11 -141.11
CA LEU B 3639 34.62 -63.55 -140.01
C LEU B 3639 34.03 -63.15 -138.65
N THR B 3640 33.30 -62.04 -138.58
CA THR B 3640 32.55 -61.60 -137.36
C THR B 3640 31.45 -62.61 -137.04
N GLN B 3641 30.80 -63.16 -138.07
CA GLN B 3641 29.67 -64.14 -137.93
C GLN B 3641 30.22 -65.50 -137.47
N THR B 3642 31.44 -65.88 -137.85
CA THR B 3642 32.09 -67.17 -137.47
C THR B 3642 32.45 -67.15 -135.98
N CYS B 3643 32.94 -66.01 -135.46
CA CYS B 3643 33.17 -65.79 -134.00
C CYS B 3643 31.92 -66.17 -133.21
N ASP B 3644 30.80 -65.50 -133.50
CA ASP B 3644 29.48 -65.73 -132.85
C ASP B 3644 29.15 -67.23 -132.91
N GLN B 3645 29.20 -67.83 -134.10
CA GLN B 3645 28.84 -69.27 -134.36
C GLN B 3645 29.80 -70.19 -133.60
N VAL B 3646 31.10 -69.90 -133.60
CA VAL B 3646 32.15 -70.70 -132.89
C VAL B 3646 31.93 -70.57 -131.38
N PHE B 3647 31.79 -69.35 -130.86
CA PHE B 3647 31.74 -69.06 -129.40
C PHE B 3647 30.36 -69.40 -128.83
N ASN B 3648 29.28 -69.35 -129.61
CA ASN B 3648 27.94 -69.79 -129.16
C ASN B 3648 27.93 -71.32 -129.02
N THR B 3649 28.64 -72.05 -129.87
CA THR B 3649 28.82 -73.52 -129.75
C THR B 3649 29.69 -73.82 -128.53
N ILE B 3650 30.84 -73.15 -128.40
CA ILE B 3650 31.79 -73.35 -127.26
C ILE B 3650 31.02 -73.13 -125.95
N LEU B 3651 30.13 -72.13 -125.92
CA LEU B 3651 29.26 -71.80 -124.76
C LEU B 3651 28.28 -72.95 -124.50
N GLU B 3652 27.62 -73.43 -125.54
CA GLU B 3652 26.58 -74.49 -125.46
C GLU B 3652 27.21 -75.83 -125.05
N VAL B 3653 28.41 -76.14 -125.55
CA VAL B 3653 29.16 -77.40 -125.25
C VAL B 3653 29.55 -77.40 -123.78
N GLN B 3654 30.25 -76.34 -123.34
CA GLN B 3654 30.82 -76.19 -121.98
C GLN B 3654 29.68 -76.16 -120.95
N GLY B 3655 28.59 -75.47 -121.28
CA GLY B 3655 27.41 -75.29 -120.41
C GLY B 3655 27.44 -73.97 -119.67
N GLY B 3656 28.56 -73.22 -119.74
CA GLY B 3656 28.76 -71.95 -119.04
C GLY B 3656 29.31 -72.14 -117.63
N SER B 3657 28.78 -73.14 -116.91
CA SER B 3657 29.19 -73.54 -115.53
C SER B 3657 30.70 -73.77 -115.46
N SER B 3658 31.38 -73.05 -114.55
CA SER B 3658 32.82 -73.18 -114.23
C SER B 3658 32.99 -73.65 -112.78
N GLY B 3659 32.29 -73.00 -111.84
CA GLY B 3659 32.28 -73.36 -110.40
C GLY B 3659 31.59 -74.70 -110.13
N GLY B 3660 31.82 -75.27 -108.95
CA GLY B 3660 31.31 -76.58 -108.53
C GLY B 3660 29.81 -76.59 -108.34
N GLY B 3661 29.29 -75.64 -107.53
CA GLY B 3661 27.85 -75.51 -107.21
C GLY B 3661 27.09 -74.83 -108.33
N ALA B 3662 25.95 -75.40 -108.73
CA ALA B 3662 25.04 -74.86 -109.78
C ALA B 3662 24.16 -73.75 -109.20
N SER B 3663 24.00 -73.69 -107.87
CA SER B 3663 23.21 -72.65 -107.15
C SER B 3663 23.92 -71.29 -107.19
N LYS B 3664 25.26 -71.28 -107.26
CA LYS B 3664 26.11 -70.06 -107.23
C LYS B 3664 26.04 -69.34 -108.59
N LYS B 3665 26.07 -70.11 -109.69
CA LYS B 3665 25.81 -69.62 -111.09
C LYS B 3665 24.43 -68.97 -111.15
N ASP B 3666 23.42 -69.59 -110.53
CA ASP B 3666 21.99 -69.17 -110.56
C ASP B 3666 21.81 -67.83 -109.83
N ASP B 3667 22.68 -67.50 -108.88
CA ASP B 3667 22.66 -66.21 -108.11
C ASP B 3667 22.92 -65.03 -109.05
N GLY B 3668 23.83 -65.19 -110.03
CA GLY B 3668 24.15 -64.19 -111.06
C GLY B 3668 22.95 -63.84 -111.94
N VAL B 3669 22.04 -64.80 -112.15
CA VAL B 3669 20.81 -64.65 -112.99
C VAL B 3669 19.77 -63.81 -112.22
N MET B 3670 19.63 -64.03 -110.91
CA MET B 3670 18.66 -63.34 -110.02
C MET B 3670 18.95 -61.83 -109.97
N VAL B 3671 20.22 -61.44 -110.08
CA VAL B 3671 20.68 -60.02 -110.03
C VAL B 3671 20.20 -59.28 -111.28
N THR B 3672 20.23 -59.93 -112.46
CA THR B 3672 19.84 -59.33 -113.76
C THR B 3672 18.32 -59.11 -113.79
N LEU B 3673 17.53 -60.04 -113.26
CA LEU B 3673 16.04 -59.97 -113.21
C LEU B 3673 15.59 -58.65 -112.59
N THR B 3674 16.21 -58.25 -111.48
CA THR B 3674 15.90 -57.00 -110.72
C THR B 3674 16.28 -55.77 -111.56
N ASP B 3675 17.37 -55.84 -112.33
CA ASP B 3675 17.85 -54.74 -113.21
C ASP B 3675 16.88 -54.56 -114.38
N PHE B 3676 16.50 -55.65 -115.05
CA PHE B 3676 15.53 -55.66 -116.18
C PHE B 3676 14.17 -55.13 -115.69
N LYS B 3677 13.72 -55.55 -114.51
CA LYS B 3677 12.41 -55.17 -113.89
C LYS B 3677 12.36 -53.66 -113.67
N THR B 3678 13.43 -53.09 -113.09
CA THR B 3678 13.56 -51.64 -112.78
C THR B 3678 13.67 -50.84 -114.08
N ARG B 3679 14.57 -51.25 -114.98
CA ARG B 3679 14.87 -50.55 -116.27
C ARG B 3679 13.70 -50.71 -117.26
N CYS B 3680 12.87 -51.74 -117.12
CA CYS B 3680 11.66 -52.00 -117.96
C CYS B 3680 10.82 -50.73 -118.05
N PRO B 3681 10.48 -50.22 -119.26
CA PRO B 3681 9.67 -49.01 -119.38
C PRO B 3681 8.24 -49.15 -118.83
N HIS B 3682 7.63 -48.02 -118.47
CA HIS B 3682 6.25 -47.94 -117.91
C HIS B 3682 5.24 -48.27 -119.02
N ASP B 3683 4.28 -49.15 -118.71
CA ASP B 3683 3.22 -49.62 -119.65
C ASP B 3683 2.41 -48.40 -120.11
N PHE B 3684 2.14 -48.30 -121.42
CA PHE B 3684 1.47 -47.14 -122.07
C PHE B 3684 0.01 -47.07 -121.61
N ASN B 3685 -0.52 -45.86 -121.45
CA ASN B 3685 -1.90 -45.58 -120.99
C ASN B 3685 -2.89 -45.97 -122.10
N MET B 3686 -3.82 -46.87 -121.80
CA MET B 3686 -4.78 -47.47 -122.77
C MET B 3686 -5.92 -46.47 -123.01
N LEU B 3687 -6.09 -46.05 -124.28
CA LEU B 3687 -7.18 -45.17 -124.79
C LEU B 3687 -6.95 -43.69 -124.45
N LEU B 3688 -6.22 -43.37 -123.37
CA LEU B 3688 -5.88 -41.98 -122.95
C LEU B 3688 -5.34 -41.22 -124.16
N ILE B 3689 -4.32 -41.79 -124.83
CA ILE B 3689 -3.71 -41.29 -126.10
C ILE B 3689 -4.80 -40.86 -127.09
N GLU B 3690 -5.77 -41.74 -127.39
CA GLU B 3690 -6.80 -41.54 -128.46
C GLU B 3690 -7.68 -40.33 -128.13
N GLU B 3691 -7.97 -40.11 -126.85
CA GLU B 3691 -8.93 -39.10 -126.34
C GLU B 3691 -8.34 -37.68 -126.39
N LYS B 3692 -7.02 -37.54 -126.56
CA LYS B 3692 -6.33 -36.22 -126.51
C LYS B 3692 -6.58 -35.43 -127.80
N VAL B 3693 -6.43 -36.07 -128.96
CA VAL B 3693 -6.36 -35.38 -130.30
C VAL B 3693 -7.76 -35.33 -130.94
N LYS B 3694 -8.56 -36.40 -130.83
CA LYS B 3694 -9.98 -36.47 -131.27
C LYS B 3694 -10.12 -36.17 -132.78
N GLU B 3695 -9.14 -36.58 -133.60
CA GLU B 3695 -9.08 -36.30 -135.06
C GLU B 3695 -9.22 -37.61 -135.86
N LYS B 3696 -8.57 -38.69 -135.40
CA LYS B 3696 -8.50 -40.02 -136.07
C LYS B 3696 -7.66 -39.87 -137.35
N THR B 3697 -6.45 -39.30 -137.22
CA THR B 3697 -5.45 -39.04 -138.30
C THR B 3697 -5.00 -40.38 -138.89
N PRO B 3698 -4.74 -40.47 -140.22
CA PRO B 3698 -4.28 -41.73 -140.83
C PRO B 3698 -2.93 -42.24 -140.31
N TYR B 3699 -2.00 -41.33 -139.98
CA TYR B 3699 -0.69 -41.63 -139.33
C TYR B 3699 -0.89 -42.31 -137.97
N ILE B 3700 -1.65 -41.67 -137.07
CA ILE B 3700 -1.72 -42.02 -135.62
C ILE B 3700 -2.46 -43.35 -135.43
N VAL B 3701 -3.51 -43.60 -136.24
CA VAL B 3701 -4.29 -44.87 -136.24
C VAL B 3701 -3.35 -46.07 -136.45
N VAL B 3702 -2.33 -45.91 -137.30
CA VAL B 3702 -1.28 -46.93 -137.55
C VAL B 3702 -0.37 -47.05 -136.31
N CYS B 3703 0.09 -45.91 -135.77
CA CYS B 3703 1.02 -45.84 -134.61
C CYS B 3703 0.34 -46.35 -133.33
N LEU B 3704 -0.98 -46.14 -133.20
CA LEU B 3704 -1.82 -46.63 -132.08
C LEU B 3704 -1.80 -48.17 -132.02
N GLN B 3705 -1.84 -48.83 -133.17
CA GLN B 3705 -1.76 -50.33 -133.28
C GLN B 3705 -0.41 -50.79 -132.71
N GLU B 3706 0.68 -50.14 -133.15
CA GLU B 3706 2.07 -50.43 -132.69
C GLU B 3706 2.22 -50.09 -131.20
N CYS B 3707 1.59 -49.00 -130.75
CA CYS B 3707 1.52 -48.58 -129.33
C CYS B 3707 0.86 -49.70 -128.49
N GLU B 3708 -0.27 -50.22 -128.97
CA GLU B 3708 -1.07 -51.30 -128.30
C GLU B 3708 -0.28 -52.62 -128.33
N ARG B 3709 0.35 -52.96 -129.47
CA ARG B 3709 1.24 -54.13 -129.62
C ARG B 3709 2.39 -54.04 -128.60
N MET B 3710 3.03 -52.87 -128.51
CA MET B 3710 4.15 -52.56 -127.58
C MET B 3710 3.62 -52.64 -126.14
N ASN B 3711 2.42 -52.11 -125.87
CA ASN B 3711 1.74 -52.19 -124.55
C ASN B 3711 1.54 -53.68 -124.20
N GLY B 3712 1.24 -54.52 -125.20
CA GLY B 3712 1.20 -55.99 -125.08
C GLY B 3712 2.58 -56.58 -124.84
N LEU B 3713 3.59 -56.11 -125.58
CA LEU B 3713 5.01 -56.59 -125.50
C LEU B 3713 5.49 -56.53 -124.05
N LEU B 3714 5.42 -55.36 -123.41
CA LEU B 3714 5.96 -55.11 -122.04
C LEU B 3714 5.27 -56.02 -121.02
N LYS B 3715 3.93 -56.12 -121.07
CA LYS B 3715 3.12 -56.98 -120.18
C LYS B 3715 3.62 -58.44 -120.25
N GLU B 3716 3.91 -58.92 -121.47
CA GLU B 3716 4.42 -60.30 -121.72
C GLU B 3716 5.86 -60.45 -121.21
N ILE B 3717 6.66 -59.37 -121.26
CA ILE B 3717 8.04 -59.31 -120.66
C ILE B 3717 7.90 -59.27 -119.13
N LYS B 3718 7.10 -58.32 -118.62
CA LYS B 3718 6.95 -57.98 -117.18
C LYS B 3718 6.47 -59.20 -116.39
N THR B 3719 5.46 -59.92 -116.91
CA THR B 3719 4.85 -61.12 -116.28
C THR B 3719 5.86 -62.29 -116.25
N SER B 3720 6.49 -62.59 -117.39
CA SER B 3720 7.48 -63.68 -117.56
C SER B 3720 8.71 -63.44 -116.68
N LEU B 3721 9.05 -62.18 -116.42
CA LEU B 3721 10.20 -61.77 -115.55
C LEU B 3721 9.85 -62.03 -114.08
N GLU B 3722 8.64 -61.66 -113.65
CA GLU B 3722 8.12 -61.89 -112.27
C GLU B 3722 8.11 -63.41 -111.98
N ASP B 3723 7.48 -64.19 -112.86
CA ASP B 3723 7.29 -65.66 -112.72
C ASP B 3723 8.64 -66.34 -112.45
N LEU B 3724 9.71 -65.90 -113.12
CA LEU B 3724 11.08 -66.47 -112.97
C LEU B 3724 11.65 -66.12 -111.58
N ARG B 3725 11.49 -64.87 -111.14
CA ARG B 3725 11.93 -64.38 -109.81
C ARG B 3725 11.26 -65.21 -108.69
N LEU B 3726 9.95 -65.49 -108.82
CA LEU B 3726 9.15 -66.28 -107.85
C LEU B 3726 9.64 -67.75 -107.83
N GLY B 3727 10.18 -68.24 -108.95
CA GLY B 3727 10.75 -69.60 -109.07
C GLY B 3727 12.09 -69.72 -108.36
N LEU B 3728 12.97 -68.73 -108.54
CA LEU B 3728 14.36 -68.73 -107.99
C LEU B 3728 14.31 -68.35 -106.50
N THR B 3729 13.70 -67.21 -106.16
CA THR B 3729 13.49 -66.72 -104.77
C THR B 3729 12.04 -67.04 -104.33
N GLY B 3730 11.88 -67.56 -103.12
CA GLY B 3730 10.57 -67.93 -102.54
C GLY B 3730 10.13 -69.30 -103.02
N ALA B 3731 8.80 -69.53 -103.02
CA ALA B 3731 8.16 -70.83 -103.32
C ALA B 3731 7.14 -70.65 -104.47
N LEU B 3732 7.36 -71.34 -105.59
CA LEU B 3732 6.41 -71.46 -106.73
C LEU B 3732 6.85 -72.63 -107.64
N ASN B 3733 5.90 -73.23 -108.35
CA ASN B 3733 6.12 -74.37 -109.29
C ASN B 3733 7.03 -73.90 -110.43
N MET B 3734 8.13 -74.63 -110.67
CA MET B 3734 9.13 -74.35 -111.74
C MET B 3734 8.64 -74.94 -113.06
N THR B 3735 8.13 -74.08 -113.97
CA THR B 3735 7.67 -74.46 -115.33
C THR B 3735 8.90 -74.64 -116.24
N ASP B 3736 8.75 -75.41 -117.32
CA ASP B 3736 9.81 -75.68 -118.34
C ASP B 3736 10.14 -74.37 -119.08
N ALA B 3737 9.15 -73.48 -119.26
CA ALA B 3737 9.31 -72.14 -119.86
C ALA B 3737 10.22 -71.27 -119.00
N MET B 3738 9.97 -71.23 -117.68
CA MET B 3738 10.76 -70.45 -116.69
C MET B 3738 12.22 -70.93 -116.63
N GLU B 3739 12.45 -72.23 -116.84
CA GLU B 3739 13.81 -72.84 -116.88
C GLU B 3739 14.57 -72.35 -118.12
N SER B 3740 13.88 -72.18 -119.25
CA SER B 3740 14.46 -71.69 -120.53
C SER B 3740 14.73 -70.17 -120.45
N LEU B 3741 13.83 -69.41 -119.80
CA LEU B 3741 14.01 -67.96 -119.51
C LEU B 3741 15.29 -67.75 -118.68
N GLN B 3742 15.54 -68.64 -117.71
CA GLN B 3742 16.75 -68.59 -116.82
C GLN B 3742 18.01 -68.71 -117.67
N GLN B 3743 18.10 -69.76 -118.50
CA GLN B 3743 19.28 -70.08 -119.36
C GLN B 3743 19.55 -68.92 -120.33
N SER B 3744 18.52 -68.39 -120.98
CA SER B 3744 18.59 -67.30 -121.98
C SER B 3744 19.18 -66.04 -121.36
N LEU B 3745 18.70 -65.66 -120.16
CA LEU B 3745 19.15 -64.44 -119.43
C LEU B 3745 20.59 -64.61 -118.92
N SER B 3746 21.02 -65.84 -118.63
CA SER B 3746 22.38 -66.17 -118.12
C SER B 3746 23.41 -66.06 -119.25
N PHE B 3747 23.08 -66.57 -120.44
CA PHE B 3747 23.97 -66.62 -121.64
C PHE B 3747 23.88 -65.33 -122.47
N ASN B 3748 22.99 -64.40 -122.10
CA ASN B 3748 22.79 -63.10 -122.80
C ASN B 3748 22.27 -63.38 -124.22
N LYS B 3749 21.14 -64.08 -124.30
CA LYS B 3749 20.40 -64.39 -125.55
C LYS B 3749 18.93 -64.00 -125.36
N VAL B 3750 18.26 -63.56 -126.43
CA VAL B 3750 16.81 -63.19 -126.40
C VAL B 3750 16.03 -64.48 -126.15
N PRO B 3751 15.15 -64.54 -125.13
CA PRO B 3751 14.35 -65.75 -124.86
C PRO B 3751 13.39 -66.15 -125.99
N ASP B 3752 12.97 -67.42 -125.99
CA ASP B 3752 12.12 -68.04 -127.05
C ASP B 3752 10.73 -67.37 -127.05
N THR B 3753 10.13 -67.18 -125.87
CA THR B 3753 8.82 -66.50 -125.67
C THR B 3753 8.91 -65.05 -126.15
N TRP B 3754 10.07 -64.40 -125.98
CA TRP B 3754 10.28 -62.96 -126.33
C TRP B 3754 10.37 -62.79 -127.85
N GLU B 3755 10.91 -63.78 -128.57
CA GLU B 3755 10.98 -63.81 -130.05
C GLU B 3755 9.55 -63.83 -130.64
N LYS B 3756 8.63 -64.56 -130.02
CA LYS B 3756 7.21 -64.70 -130.46
C LYS B 3756 6.51 -63.32 -130.43
N LYS B 3757 6.94 -62.43 -129.53
CA LYS B 3757 6.48 -61.01 -129.50
C LYS B 3757 7.06 -60.29 -130.71
N ALA B 3758 6.20 -59.64 -131.51
CA ALA B 3758 6.51 -59.09 -132.85
C ALA B 3758 7.59 -57.99 -132.73
N TYR B 3759 8.87 -58.38 -132.76
CA TYR B 3759 10.03 -57.48 -132.95
C TYR B 3759 11.23 -58.30 -133.47
N PHE B 3760 11.53 -58.14 -134.76
CA PHE B 3760 12.71 -58.75 -135.43
C PHE B 3760 13.99 -58.04 -134.97
N SER B 3761 14.99 -58.81 -134.52
CA SER B 3761 16.35 -58.29 -134.17
C SER B 3761 17.36 -59.43 -134.08
N LYS B 3762 18.58 -59.17 -134.55
CA LYS B 3762 19.76 -60.07 -134.51
C LYS B 3762 20.60 -59.77 -133.27
N LYS B 3763 20.26 -58.70 -132.53
CA LYS B 3763 21.07 -58.14 -131.41
C LYS B 3763 21.12 -59.13 -130.24
N PRO B 3764 22.19 -59.11 -129.40
CA PRO B 3764 22.20 -59.86 -128.14
C PRO B 3764 21.24 -59.23 -127.12
N LEU B 3765 20.91 -59.97 -126.05
CA LEU B 3765 19.83 -59.64 -125.08
C LEU B 3765 20.11 -58.30 -124.39
N SER B 3766 21.35 -58.06 -123.96
CA SER B 3766 21.80 -56.81 -123.28
C SER B 3766 21.44 -55.60 -124.16
N SER B 3767 21.90 -55.61 -125.41
CA SER B 3767 21.66 -54.56 -126.43
C SER B 3767 20.19 -54.53 -126.83
N TRP B 3768 19.58 -55.71 -127.04
CA TRP B 3768 18.14 -55.87 -127.43
C TRP B 3768 17.27 -55.06 -126.48
N PHE B 3769 17.58 -55.10 -125.18
CA PHE B 3769 16.79 -54.40 -124.12
C PHE B 3769 17.08 -52.89 -124.17
N ALA B 3770 18.31 -52.48 -124.50
CA ALA B 3770 18.71 -51.06 -124.66
C ALA B 3770 17.96 -50.44 -125.85
N ASP B 3771 17.72 -51.21 -126.91
CA ASP B 3771 16.93 -50.79 -128.10
C ASP B 3771 15.45 -50.69 -127.70
N LEU B 3772 14.97 -51.61 -126.85
CA LEU B 3772 13.58 -51.64 -126.30
C LEU B 3772 13.31 -50.35 -125.52
N ILE B 3773 14.30 -49.82 -124.79
CA ILE B 3773 14.20 -48.52 -124.06
C ILE B 3773 14.15 -47.39 -125.10
N GLU B 3774 15.04 -47.43 -126.09
CA GLU B 3774 15.22 -46.35 -127.11
C GLU B 3774 13.95 -46.17 -127.94
N ARG B 3775 13.30 -47.27 -128.35
CA ARG B 3775 12.00 -47.26 -129.08
C ARG B 3775 10.93 -46.62 -128.19
N ASN B 3776 10.82 -47.06 -126.94
CA ASN B 3776 9.76 -46.64 -125.99
C ASN B 3776 9.91 -45.15 -125.65
N ILE B 3777 11.10 -44.57 -125.85
CA ILE B 3777 11.33 -43.10 -125.78
C ILE B 3777 10.73 -42.43 -127.02
N GLN B 3778 10.88 -43.04 -128.21
CA GLN B 3778 10.31 -42.53 -129.49
C GLN B 3778 8.79 -42.56 -129.45
N LEU B 3779 8.19 -43.64 -128.93
CA LEU B 3779 6.71 -43.83 -128.87
C LEU B 3779 6.09 -42.91 -127.81
N GLN B 3780 6.78 -42.60 -126.71
CA GLN B 3780 6.28 -41.69 -125.66
C GLN B 3780 6.32 -40.24 -126.16
N GLU B 3781 7.36 -39.87 -126.93
CA GLU B 3781 7.48 -38.53 -127.58
C GLU B 3781 6.43 -38.39 -128.68
N TRP B 3782 5.94 -39.51 -129.22
CA TRP B 3782 4.79 -39.59 -130.17
C TRP B 3782 3.47 -39.53 -129.39
N CYS B 3783 3.32 -40.40 -128.38
CA CYS B 3783 2.05 -40.68 -127.65
C CYS B 3783 1.48 -39.43 -126.98
N LYS B 3784 2.35 -38.53 -126.47
CA LYS B 3784 1.95 -37.36 -125.65
C LYS B 3784 1.02 -36.44 -126.45
N GLU B 3785 1.49 -35.92 -127.60
CA GLU B 3785 0.77 -34.92 -128.43
C GLU B 3785 0.22 -35.54 -129.73
N LEU B 3786 0.57 -36.81 -130.03
CA LEU B 3786 0.17 -37.54 -131.27
C LEU B 3786 0.56 -36.73 -132.52
N VAL B 3787 1.72 -36.07 -132.47
CA VAL B 3787 2.28 -35.26 -133.59
C VAL B 3787 3.41 -36.07 -134.25
N THR B 3788 3.48 -36.06 -135.58
CA THR B 3788 4.54 -36.71 -136.38
C THR B 3788 5.87 -35.99 -136.13
N PRO B 3789 6.88 -36.64 -135.48
CA PRO B 3789 8.16 -35.98 -135.22
C PRO B 3789 8.92 -35.62 -136.49
N THR B 3790 9.85 -34.67 -136.37
CA THR B 3790 10.67 -34.10 -137.49
C THR B 3790 11.30 -35.22 -138.30
N SER B 3791 11.82 -36.26 -137.64
CA SER B 3791 12.44 -37.46 -138.27
C SER B 3791 12.14 -38.69 -137.41
N LEU B 3792 11.38 -39.67 -137.94
CA LEU B 3792 10.98 -40.90 -137.22
C LEU B 3792 11.93 -42.05 -137.60
N CYS B 3793 12.52 -42.71 -136.61
CA CYS B 3793 13.31 -43.96 -136.75
C CYS B 3793 12.39 -45.10 -137.21
N ILE B 3794 12.45 -45.45 -138.50
CA ILE B 3794 11.78 -46.65 -139.09
C ILE B 3794 12.22 -47.87 -138.28
N SER B 3795 13.51 -47.94 -137.93
CA SER B 3795 14.16 -49.08 -137.23
C SER B 3795 13.39 -49.49 -135.97
N TYR B 3796 12.79 -48.53 -135.25
CA TYR B 3796 12.19 -48.74 -133.91
C TYR B 3796 10.74 -49.25 -134.02
N LEU B 3797 9.99 -48.82 -135.05
CA LEU B 3797 8.57 -49.24 -135.28
C LEU B 3797 8.51 -50.76 -135.50
N PHE B 3798 7.44 -51.41 -135.02
CA PHE B 3798 7.19 -52.87 -135.09
C PHE B 3798 7.07 -53.32 -136.55
N ASN B 3799 6.09 -52.76 -137.25
CA ASN B 3799 5.80 -53.00 -138.70
C ASN B 3799 6.15 -51.71 -139.45
N PRO B 3800 7.40 -51.55 -139.94
CA PRO B 3800 7.81 -50.31 -140.60
C PRO B 3800 7.06 -50.01 -141.92
N MET B 3801 6.57 -51.04 -142.61
CA MET B 3801 5.73 -50.92 -143.83
C MET B 3801 4.42 -50.22 -143.45
N SER B 3802 3.82 -50.59 -142.31
CA SER B 3802 2.57 -50.00 -141.77
C SER B 3802 2.68 -48.47 -141.81
N TYR B 3803 3.81 -47.91 -141.37
CA TYR B 3803 4.08 -46.45 -141.34
C TYR B 3803 4.17 -45.90 -142.78
N LEU B 3804 4.77 -46.65 -143.71
CA LEU B 3804 4.96 -46.21 -145.11
C LEU B 3804 3.60 -46.22 -145.84
N THR B 3805 2.79 -47.26 -145.64
CA THR B 3805 1.39 -47.36 -146.18
C THR B 3805 0.55 -46.20 -145.63
N ALA B 3806 0.85 -45.73 -144.42
CA ALA B 3806 0.21 -44.56 -143.78
C ALA B 3806 0.63 -43.27 -144.52
N ILE B 3807 1.91 -43.13 -144.89
CA ILE B 3807 2.43 -41.96 -145.65
C ILE B 3807 1.71 -41.89 -147.00
N MET B 3808 1.43 -43.04 -147.61
CA MET B 3808 0.66 -43.14 -148.89
C MET B 3808 -0.78 -42.65 -148.65
N GLN B 3809 -1.46 -43.20 -147.63
CA GLN B 3809 -2.88 -42.87 -147.30
C GLN B 3809 -3.04 -41.35 -147.09
N PHE B 3810 -2.14 -40.71 -146.35
CA PHE B 3810 -2.20 -39.26 -146.03
C PHE B 3810 -2.06 -38.44 -147.32
N THR B 3811 -1.14 -38.84 -148.21
CA THR B 3811 -0.89 -38.17 -149.52
C THR B 3811 -2.03 -38.50 -150.50
N ALA B 3812 -2.65 -39.68 -150.38
CA ALA B 3812 -3.78 -40.15 -151.23
C ALA B 3812 -5.01 -39.27 -151.00
N ARG B 3813 -5.41 -39.07 -149.74
CA ARG B 3813 -6.61 -38.30 -149.33
C ARG B 3813 -6.42 -36.80 -149.64
N ALA B 3814 -5.19 -36.28 -149.47
CA ALA B 3814 -4.85 -34.85 -149.69
C ALA B 3814 -4.83 -34.51 -151.19
N GLN B 3815 -4.24 -35.38 -152.02
CA GLN B 3815 -4.14 -35.22 -153.50
C GLN B 3815 -5.46 -35.64 -154.17
N GLY B 3816 -6.07 -36.73 -153.70
CA GLY B 3816 -7.33 -37.30 -154.23
C GLY B 3816 -7.08 -38.36 -155.29
N LEU B 3817 -5.98 -39.09 -155.18
CA LEU B 3817 -5.58 -40.18 -156.12
C LEU B 3817 -6.00 -41.53 -155.51
N PRO B 3818 -6.18 -42.60 -156.32
CA PRO B 3818 -6.38 -43.94 -155.79
C PRO B 3818 -5.13 -44.45 -155.06
N LEU B 3819 -5.31 -45.23 -154.00
CA LEU B 3819 -4.22 -45.68 -153.08
C LEU B 3819 -3.37 -46.76 -153.75
N ASP B 3820 -3.95 -47.59 -154.62
CA ASP B 3820 -3.24 -48.65 -155.39
C ASP B 3820 -2.31 -48.01 -156.44
N GLY B 3821 -2.66 -46.81 -156.94
CA GLY B 3821 -1.91 -46.08 -157.98
C GLY B 3821 -0.58 -45.56 -157.48
N ILE B 3822 -0.56 -44.91 -156.31
CA ILE B 3822 0.67 -44.31 -155.69
C ILE B 3822 1.56 -45.44 -155.15
N THR B 3823 2.88 -45.18 -155.13
CA THR B 3823 3.93 -46.10 -154.61
C THR B 3823 5.05 -45.28 -153.96
N ILE B 3824 5.61 -45.77 -152.85
CA ILE B 3824 6.63 -45.08 -152.01
C ILE B 3824 7.92 -44.88 -152.80
N GLN B 3825 8.54 -43.71 -152.67
CA GLN B 3825 9.82 -43.32 -153.33
C GLN B 3825 10.70 -42.58 -152.31
N THR B 3826 12.00 -42.90 -152.28
CA THR B 3826 12.97 -42.40 -151.27
C THR B 3826 13.94 -41.42 -151.93
N ASN B 3827 13.78 -40.14 -151.65
CA ASN B 3827 14.78 -39.07 -151.94
C ASN B 3827 15.65 -38.90 -150.69
N VAL B 3828 16.96 -39.12 -150.79
CA VAL B 3828 17.92 -38.93 -149.67
C VAL B 3828 18.26 -37.44 -149.61
N THR B 3829 18.19 -36.84 -148.42
CA THR B 3829 18.41 -35.39 -148.18
C THR B 3829 19.91 -35.12 -148.04
N ALA B 3830 20.27 -33.86 -147.80
CA ALA B 3830 21.62 -33.41 -147.41
C ALA B 3830 21.82 -33.56 -145.90
N MET B 3831 20.74 -33.73 -145.12
CA MET B 3831 20.77 -33.76 -143.63
C MET B 3831 21.39 -35.07 -143.15
N LYS B 3832 22.42 -34.99 -142.31
CA LYS B 3832 23.30 -36.13 -141.91
C LYS B 3832 22.67 -36.95 -140.78
N GLY B 3833 21.88 -36.31 -139.92
CA GLY B 3833 21.20 -36.97 -138.77
C GLY B 3833 19.94 -36.23 -138.34
N PRO B 3834 19.17 -36.80 -137.38
CA PRO B 3834 17.88 -36.23 -136.97
C PRO B 3834 17.98 -34.83 -136.33
N GLU B 3835 19.04 -34.58 -135.56
CA GLU B 3835 19.30 -33.28 -134.87
C GLU B 3835 19.43 -32.13 -135.89
N ASP B 3836 19.91 -32.43 -137.11
CA ASP B 3836 20.08 -31.42 -138.19
C ASP B 3836 18.71 -30.98 -138.71
N VAL B 3837 17.71 -31.87 -138.69
CA VAL B 3837 16.35 -31.62 -139.27
C VAL B 3837 15.62 -30.56 -138.43
N VAL B 3838 15.05 -29.55 -139.10
CA VAL B 3838 14.33 -28.39 -138.48
C VAL B 3838 12.85 -28.76 -138.33
N ASN B 3839 12.10 -28.75 -139.44
CA ASN B 3839 10.62 -28.95 -139.52
C ASN B 3839 10.33 -30.12 -140.44
N PRO B 3840 9.19 -30.83 -140.29
CA PRO B 3840 8.86 -31.96 -141.17
C PRO B 3840 8.71 -31.52 -142.63
N ALA B 3841 9.02 -32.43 -143.56
CA ALA B 3841 8.95 -32.19 -145.03
C ALA B 3841 7.49 -32.01 -145.46
N GLU B 3842 7.24 -31.01 -146.32
CA GLU B 3842 5.93 -30.72 -146.95
C GLU B 3842 5.33 -31.98 -147.60
N ASN B 3843 6.17 -32.80 -148.27
CA ASN B 3843 5.76 -34.03 -148.99
C ASN B 3843 6.16 -35.25 -148.17
N GLY B 3844 5.19 -36.13 -147.85
CA GLY B 3844 5.41 -37.36 -147.06
C GLY B 3844 6.01 -37.04 -145.70
N ALA B 3845 7.04 -37.78 -145.30
CA ALA B 3845 7.75 -37.61 -144.01
C ALA B 3845 9.26 -37.86 -144.19
N TYR B 3846 10.04 -37.51 -143.17
CA TYR B 3846 11.50 -37.80 -143.06
C TYR B 3846 11.68 -39.09 -142.25
N ILE B 3847 12.32 -40.09 -142.85
CA ILE B 3847 12.79 -41.34 -142.19
C ILE B 3847 14.29 -41.18 -141.91
N HIS B 3848 14.75 -41.66 -140.75
CA HIS B 3848 16.18 -41.77 -140.37
C HIS B 3848 16.42 -43.09 -139.62
N GLY B 3849 17.68 -43.37 -139.30
CA GLY B 3849 18.10 -44.61 -138.61
C GLY B 3849 18.04 -45.82 -139.52
N LEU B 3850 18.50 -45.67 -140.77
CA LEU B 3850 18.75 -46.78 -141.72
C LEU B 3850 20.26 -46.89 -141.93
N PHE B 3851 20.78 -48.13 -141.98
CA PHE B 3851 22.22 -48.46 -142.22
C PHE B 3851 22.34 -49.22 -143.54
N LEU B 3852 23.28 -48.84 -144.41
CA LEU B 3852 23.61 -49.60 -145.64
C LEU B 3852 24.54 -50.77 -145.29
N GLU B 3853 24.57 -51.78 -146.16
CA GLU B 3853 25.53 -52.91 -146.12
C GLU B 3853 26.13 -53.08 -147.52
N GLY B 3854 27.47 -53.06 -147.62
CA GLY B 3854 28.21 -53.28 -148.87
C GLY B 3854 28.24 -52.05 -149.76
N ALA B 3855 27.96 -50.86 -149.20
CA ALA B 3855 27.99 -49.57 -149.93
C ALA B 3855 27.91 -48.40 -148.94
N ALA B 3856 28.76 -47.39 -149.13
CA ALA B 3856 28.74 -46.10 -148.40
C ALA B 3856 27.64 -45.21 -148.98
N TRP B 3857 27.66 -43.92 -148.64
CA TRP B 3857 26.81 -42.88 -149.25
C TRP B 3857 27.56 -41.54 -149.25
N GLU B 3858 27.75 -40.94 -150.42
CA GLU B 3858 28.25 -39.55 -150.57
C GLU B 3858 27.06 -38.59 -150.44
N ILE B 3859 27.29 -37.41 -149.84
CA ILE B 3859 26.29 -36.31 -149.71
C ILE B 3859 26.87 -35.08 -150.43
N GLY B 3860 26.08 -34.01 -150.59
CA GLY B 3860 26.56 -32.68 -150.98
C GLY B 3860 25.44 -31.65 -150.94
N GLY B 3861 25.78 -30.38 -150.70
CA GLY B 3861 24.86 -29.24 -150.88
C GLY B 3861 24.61 -29.00 -152.36
N GLN B 3862 25.70 -28.91 -153.13
CA GLN B 3862 25.71 -29.01 -154.63
C GLN B 3862 25.66 -30.49 -155.00
N GLY B 3863 25.18 -30.81 -156.21
CA GLY B 3863 24.97 -32.20 -156.67
C GLY B 3863 24.29 -33.03 -155.58
N GLN B 3864 23.28 -32.43 -154.93
CA GLN B 3864 22.47 -33.03 -153.82
C GLN B 3864 22.43 -34.55 -153.97
N ASP B 3865 22.03 -34.99 -155.16
CA ASP B 3865 22.09 -36.40 -155.64
C ASP B 3865 23.29 -37.09 -154.98
N GLY B 3866 23.02 -37.97 -154.01
CA GLY B 3866 24.05 -38.71 -153.25
C GLY B 3866 24.53 -39.95 -153.97
N TYR B 3867 25.46 -39.76 -154.90
CA TYR B 3867 26.43 -40.79 -155.40
C TYR B 3867 26.51 -41.96 -154.40
N LEU B 3868 26.21 -43.19 -154.85
CA LEU B 3868 26.54 -44.44 -154.11
C LEU B 3868 28.04 -44.76 -154.29
N ILE B 3869 28.79 -44.79 -153.19
CA ILE B 3869 30.22 -45.20 -153.12
C ILE B 3869 30.28 -46.56 -152.37
N GLU B 3870 31.20 -47.45 -152.76
CA GLU B 3870 31.46 -48.74 -152.07
C GLU B 3870 32.61 -48.58 -151.07
N GLN B 3871 33.65 -47.83 -151.48
CA GLN B 3871 34.97 -47.75 -150.80
C GLN B 3871 34.81 -47.16 -149.39
N LYS B 3872 34.70 -48.05 -148.39
CA LYS B 3872 34.76 -47.71 -146.95
C LYS B 3872 35.42 -48.88 -146.21
N PRO B 3873 36.77 -48.96 -146.17
CA PRO B 3873 37.47 -50.07 -145.53
C PRO B 3873 37.22 -50.12 -144.01
N LYS B 3874 36.69 -51.25 -143.52
CA LYS B 3874 36.40 -51.59 -142.10
C LYS B 3874 35.03 -51.05 -141.65
N GLU B 3875 34.52 -49.95 -142.25
CA GLU B 3875 33.16 -49.41 -141.99
C GLU B 3875 32.12 -50.37 -142.57
N LEU B 3876 31.83 -51.46 -141.84
CA LEU B 3876 30.92 -52.56 -142.25
C LEU B 3876 29.50 -52.00 -142.46
N HIS B 3877 28.98 -51.27 -141.48
CA HIS B 3877 27.62 -50.66 -141.44
C HIS B 3877 27.73 -49.14 -141.37
N PRO B 3878 27.91 -48.43 -142.52
CA PRO B 3878 27.75 -46.98 -142.55
C PRO B 3878 26.26 -46.64 -142.51
N LYS B 3879 25.87 -45.69 -141.65
CA LYS B 3879 24.45 -45.26 -141.49
C LYS B 3879 24.11 -44.28 -142.62
N MET B 3880 22.90 -44.39 -143.18
CA MET B 3880 22.38 -43.44 -144.19
C MET B 3880 22.24 -42.07 -143.55
N PRO B 3881 22.14 -41.00 -144.37
CA PRO B 3881 21.60 -39.71 -143.89
C PRO B 3881 20.09 -39.85 -143.65
N VAL B 3882 19.27 -38.89 -144.08
CA VAL B 3882 17.82 -38.81 -143.75
C VAL B 3882 17.02 -38.94 -145.04
N ILE B 3883 16.27 -40.05 -145.17
CA ILE B 3883 15.46 -40.41 -146.38
C ILE B 3883 14.10 -39.71 -146.28
N ASN B 3884 13.76 -38.87 -147.27
CA ASN B 3884 12.50 -38.09 -147.36
C ASN B 3884 11.46 -38.90 -148.15
N ALA B 3885 10.94 -39.98 -147.55
CA ALA B 3885 10.00 -40.95 -148.18
C ALA B 3885 8.76 -40.20 -148.71
N VAL B 3886 8.67 -40.04 -150.04
CA VAL B 3886 7.54 -39.38 -150.76
C VAL B 3886 6.65 -40.47 -151.38
N ALA B 3887 5.34 -40.23 -151.44
CA ALA B 3887 4.35 -41.04 -152.17
C ALA B 3887 4.10 -40.38 -153.54
N VAL B 3888 4.29 -41.13 -154.63
CA VAL B 3888 4.17 -40.65 -156.05
C VAL B 3888 3.49 -41.77 -156.85
N PRO B 3889 2.75 -41.46 -157.95
CA PRO B 3889 2.25 -42.52 -158.85
C PRO B 3889 3.35 -43.37 -159.47
N LEU B 3890 2.98 -44.52 -160.06
CA LEU B 3890 3.90 -45.48 -160.73
C LEU B 3890 4.72 -44.74 -161.80
N ASP B 3891 4.04 -43.94 -162.63
CA ASP B 3891 4.67 -43.01 -163.61
C ASP B 3891 5.31 -41.85 -162.83
N LYS B 3892 6.47 -41.37 -163.31
CA LYS B 3892 7.20 -40.19 -162.76
C LYS B 3892 7.77 -40.54 -161.37
N LYS B 3893 8.36 -41.74 -161.22
CA LYS B 3893 9.01 -42.24 -159.98
C LYS B 3893 10.52 -41.97 -160.02
N LYS B 3894 11.09 -41.74 -161.22
CA LYS B 3894 12.56 -41.72 -161.50
C LYS B 3894 13.10 -43.14 -161.36
N LYS B 3895 12.89 -43.98 -162.38
CA LYS B 3895 13.39 -45.38 -162.45
C LYS B 3895 14.76 -45.42 -163.14
N ASN B 3896 15.05 -44.45 -164.03
CA ASN B 3896 16.23 -44.49 -164.92
C ASN B 3896 17.50 -44.12 -164.14
N GLY B 3897 17.51 -42.99 -163.43
CA GLY B 3897 18.69 -42.49 -162.70
C GLY B 3897 19.06 -43.40 -161.54
N GLN B 3898 18.05 -43.81 -160.76
CA GLN B 3898 18.19 -44.48 -159.44
C GLN B 3898 18.60 -45.95 -159.64
N TYR B 3899 18.66 -46.69 -158.54
CA TYR B 3899 18.97 -48.15 -158.48
C TYR B 3899 18.00 -48.83 -157.50
N ASP B 3900 17.32 -49.90 -157.94
CA ASP B 3900 16.37 -50.69 -157.11
C ASP B 3900 17.13 -51.42 -156.01
N CYS B 3901 17.03 -50.93 -154.76
CA CYS B 3901 17.67 -51.49 -153.54
C CYS B 3901 16.60 -52.04 -152.61
N PRO B 3902 16.76 -53.25 -152.04
CA PRO B 3902 15.83 -53.76 -151.04
C PRO B 3902 16.11 -53.17 -149.65
N THR B 3903 15.27 -53.47 -148.67
CA THR B 3903 15.41 -53.01 -147.26
C THR B 3903 14.86 -54.06 -146.28
N TYR B 3904 15.74 -54.76 -145.59
CA TYR B 3904 15.42 -55.83 -144.61
C TYR B 3904 15.52 -55.25 -143.20
N VAL B 3905 14.71 -55.74 -142.25
CA VAL B 3905 14.66 -55.20 -140.85
C VAL B 3905 15.91 -55.67 -140.09
N THR B 3906 16.35 -56.92 -140.28
CA THR B 3906 17.62 -57.48 -139.74
C THR B 3906 18.64 -57.62 -140.87
N SER B 3907 19.83 -58.14 -140.56
CA SER B 3907 20.90 -58.47 -141.53
C SER B 3907 20.74 -59.88 -142.10
N ALA B 3908 19.74 -60.64 -141.62
CA ALA B 3908 19.43 -62.01 -142.10
C ALA B 3908 18.90 -61.96 -143.54
N ARG B 3909 17.93 -61.08 -143.79
CA ARG B 3909 17.30 -60.76 -145.11
C ARG B 3909 16.27 -61.84 -145.53
N GLY B 3910 16.11 -62.91 -144.75
CA GLY B 3910 15.23 -64.06 -145.07
C GLY B 3910 13.84 -63.87 -144.49
N GLN B 3911 12.88 -63.42 -145.32
CA GLN B 3911 11.48 -63.12 -144.93
C GLN B 3911 11.45 -61.97 -143.92
N THR B 3912 12.46 -61.10 -143.94
CA THR B 3912 12.56 -59.86 -143.13
C THR B 3912 12.51 -58.64 -144.06
N PHE B 3913 12.05 -58.86 -145.29
CA PHE B 3913 11.91 -57.82 -146.35
C PHE B 3913 10.57 -57.12 -146.16
N VAL B 3914 10.54 -56.09 -145.31
CA VAL B 3914 9.29 -55.40 -144.90
C VAL B 3914 9.06 -54.23 -145.85
N PHE B 3915 10.08 -53.40 -146.04
CA PHE B 3915 10.05 -52.21 -146.94
C PHE B 3915 10.63 -52.61 -148.31
N THR B 3916 9.94 -52.23 -149.38
CA THR B 3916 10.23 -52.66 -150.78
C THR B 3916 10.94 -51.53 -151.55
N ALA B 3917 11.37 -51.85 -152.78
CA ALA B 3917 11.65 -50.95 -153.92
C ALA B 3917 12.12 -49.57 -153.45
N ASN B 3918 13.13 -49.53 -152.57
CA ASN B 3918 13.83 -48.27 -152.18
C ASN B 3918 14.70 -47.82 -153.37
N LEU B 3919 14.71 -46.52 -153.66
CA LEU B 3919 15.57 -45.89 -154.69
C LEU B 3919 16.77 -45.20 -154.03
N ASN B 3920 17.98 -45.74 -154.24
CA ASN B 3920 19.27 -45.10 -153.87
C ASN B 3920 19.92 -44.60 -155.14
N MET B 3921 20.20 -43.29 -155.21
CA MET B 3921 20.75 -42.57 -156.40
C MET B 3921 22.13 -43.14 -156.79
N GLU B 3922 22.58 -42.89 -158.02
CA GLU B 3922 23.98 -43.12 -158.48
C GLU B 3922 24.22 -42.33 -159.77
N SER B 3923 24.89 -41.17 -159.65
CA SER B 3923 24.90 -40.06 -160.65
C SER B 3923 25.40 -40.54 -162.03
N ASP B 3924 26.32 -41.51 -162.06
CA ASP B 3924 26.94 -42.05 -163.30
C ASP B 3924 25.87 -42.42 -164.33
N ASP B 3925 24.77 -43.03 -163.89
CA ASP B 3925 23.67 -43.55 -164.76
C ASP B 3925 24.23 -44.68 -165.63
N SER B 3926 24.79 -45.70 -164.98
CA SER B 3926 25.42 -46.92 -165.57
C SER B 3926 25.92 -47.84 -164.46
N ASP B 3927 26.13 -49.12 -164.79
CA ASP B 3927 26.61 -50.19 -163.86
C ASP B 3927 25.64 -50.34 -162.70
N PRO B 3928 24.37 -50.75 -162.95
CA PRO B 3928 23.48 -51.19 -161.88
C PRO B 3928 23.89 -52.57 -161.33
N ASN B 3929 24.49 -53.42 -162.19
CA ASN B 3929 24.92 -54.81 -161.89
C ASN B 3929 25.90 -54.81 -160.71
N LYS B 3930 26.93 -53.97 -160.77
CA LYS B 3930 28.03 -53.86 -159.76
C LYS B 3930 27.46 -53.98 -158.34
N TRP B 3931 26.42 -53.21 -158.04
CA TRP B 3931 25.82 -53.09 -156.69
C TRP B 3931 25.06 -54.37 -156.34
N ILE B 3932 24.32 -54.93 -157.30
CA ILE B 3932 23.48 -56.15 -157.09
C ILE B 3932 24.41 -57.31 -156.72
N LEU B 3933 25.59 -57.38 -157.34
CA LEU B 3933 26.62 -58.42 -157.07
C LEU B 3933 27.18 -58.25 -155.64
N SER B 3934 27.50 -57.00 -155.25
CA SER B 3934 28.00 -56.64 -153.89
C SER B 3934 26.91 -56.87 -152.83
N GLY B 3935 25.65 -56.98 -153.25
CA GLY B 3935 24.49 -57.22 -152.37
C GLY B 3935 24.14 -55.98 -151.57
N THR B 3936 24.10 -54.83 -152.24
CA THR B 3936 23.86 -53.51 -151.60
C THR B 3936 22.40 -53.46 -151.16
N CYS B 3937 22.19 -53.49 -149.85
CA CYS B 3937 20.88 -53.44 -149.16
C CYS B 3937 20.92 -52.31 -148.12
N MET B 3938 19.75 -51.83 -147.72
CA MET B 3938 19.57 -51.00 -146.50
C MET B 3938 18.98 -51.91 -145.42
N LEU B 3939 19.62 -52.00 -144.25
CA LEU B 3939 19.07 -52.79 -143.12
C LEU B 3939 18.84 -51.86 -141.92
N MET B 3940 17.64 -51.96 -141.34
CA MET B 3940 17.09 -51.00 -140.35
C MET B 3940 17.80 -51.18 -139.00
N SER B 3941 18.08 -52.43 -138.61
CA SER B 3941 18.92 -52.80 -137.44
C SER B 3941 20.34 -52.24 -137.65
N ASP B 3942 21.08 -52.03 -136.57
CA ASP B 3942 22.51 -51.59 -136.59
C ASP B 3942 23.36 -52.78 -137.09
N ASP B 3943 23.15 -53.95 -136.47
CA ASP B 3943 23.87 -55.22 -136.78
C ASP B 3943 23.07 -56.00 -137.83
N ALA C 1 197.22 -116.17 65.37
CA ALA C 1 198.50 -116.96 65.33
C ALA C 1 199.19 -116.75 63.97
N LYS C 2 199.38 -115.50 63.57
CA LYS C 2 199.90 -115.09 62.23
C LYS C 2 198.94 -115.63 61.15
N GLY C 3 197.65 -115.28 61.28
CA GLY C 3 196.53 -115.81 60.47
C GLY C 3 195.90 -114.76 59.57
N THR C 4 195.58 -113.58 60.12
CA THR C 4 194.96 -112.44 59.39
C THR C 4 195.33 -111.10 60.06
N THR C 5 196.12 -110.27 59.39
CA THR C 5 196.46 -108.88 59.80
C THR C 5 195.27 -107.98 59.46
N CYS C 6 194.84 -107.13 60.40
CA CYS C 6 193.71 -106.17 60.25
C CYS C 6 194.00 -105.22 59.07
N GLN C 7 195.24 -104.77 58.93
CA GLN C 7 195.73 -103.94 57.79
C GLN C 7 195.71 -104.78 56.50
N LYS C 8 196.19 -106.02 56.57
CA LYS C 8 196.19 -107.00 55.44
C LYS C 8 194.76 -107.28 54.98
N ALA C 9 193.85 -107.50 55.94
CA ALA C 9 192.41 -107.76 55.71
C ALA C 9 191.71 -106.48 55.21
N ILE C 10 191.97 -105.34 55.86
CA ILE C 10 191.45 -104.00 55.48
C ILE C 10 191.92 -103.65 54.06
N VAL C 11 193.16 -104.02 53.72
CA VAL C 11 193.79 -103.80 52.38
C VAL C 11 192.92 -104.48 51.31
N ASN C 12 192.59 -105.75 51.51
CA ASN C 12 191.69 -106.56 50.65
C ASN C 12 190.27 -106.00 50.74
N TRP C 13 189.83 -105.64 51.95
CA TRP C 13 188.47 -105.10 52.26
C TRP C 13 188.23 -103.78 51.52
N GLU C 14 189.22 -102.88 51.56
CA GLU C 14 189.18 -101.54 50.88
C GLU C 14 189.27 -101.75 49.36
N ALA C 15 190.13 -102.67 48.91
CA ALA C 15 190.34 -103.03 47.49
C ALA C 15 189.07 -103.67 46.90
N ALA C 16 188.45 -104.59 47.65
CA ALA C 16 187.23 -105.35 47.26
C ALA C 16 186.04 -104.40 47.12
N ASN C 17 185.87 -103.48 48.08
CA ASN C 17 184.84 -102.40 48.04
C ASN C 17 185.15 -101.44 46.91
N PRO C 18 186.45 -101.33 46.50
CA PRO C 18 186.90 -100.36 45.50
C PRO C 18 186.55 -98.90 45.83
N GLY C 19 186.42 -98.58 47.12
CA GLY C 19 186.10 -97.22 47.63
C GLY C 19 187.37 -96.43 47.84
N LYS C 20 187.45 -95.23 47.25
CA LYS C 20 188.64 -94.34 47.25
C LYS C 20 189.11 -94.10 48.70
N ASN C 21 188.18 -93.78 49.60
CA ASN C 21 188.47 -93.44 51.03
C ASN C 21 188.50 -94.72 51.86
N PRO C 22 189.53 -94.89 52.72
CA PRO C 22 189.57 -95.98 53.69
C PRO C 22 188.72 -95.72 54.95
N SER C 23 188.17 -94.51 55.10
CA SER C 23 187.31 -94.09 56.24
C SER C 23 186.20 -93.12 55.79
N GLU C 24 185.63 -93.34 54.60
CA GLU C 24 184.42 -92.63 54.10
C GLU C 24 183.17 -93.49 54.37
N ALA C 25 183.31 -94.82 54.36
CA ALA C 25 182.21 -95.82 54.35
C ALA C 25 181.46 -95.82 55.68
N GLU C 26 180.11 -95.83 55.61
CA GLU C 26 179.19 -95.98 56.75
C GLU C 26 179.09 -97.46 57.15
N GLU C 27 179.10 -98.36 56.16
CA GLU C 27 179.07 -99.85 56.33
C GLU C 27 180.44 -100.42 55.92
N ILE C 28 181.30 -100.73 56.90
CA ILE C 28 182.68 -101.27 56.71
C ILE C 28 182.64 -102.79 56.88
N LYS C 29 182.22 -103.51 55.83
CA LYS C 29 182.02 -104.99 55.83
C LYS C 29 183.38 -105.70 55.82
N LEU C 30 183.90 -106.05 57.01
CA LEU C 30 185.14 -106.84 57.21
C LEU C 30 184.78 -108.29 57.57
N ILE C 31 183.60 -108.75 57.17
CA ILE C 31 182.99 -110.04 57.62
C ILE C 31 183.61 -111.20 56.86
N PHE C 32 183.77 -112.34 57.55
CA PHE C 32 184.04 -113.68 56.95
C PHE C 32 185.38 -113.71 56.21
N GLN C 33 186.36 -112.92 56.66
CA GLN C 33 187.76 -112.91 56.12
C GLN C 33 188.36 -114.30 56.28
N ILE C 34 189.37 -114.63 55.47
CA ILE C 34 189.82 -116.04 55.25
C ILE C 34 191.30 -116.07 54.86
N PRO C 35 192.23 -116.49 55.74
CA PRO C 35 191.91 -116.95 57.10
C PRO C 35 191.24 -115.89 57.97
N PRO C 36 190.48 -116.31 59.00
CA PRO C 36 189.65 -115.38 59.78
C PRO C 36 190.46 -114.30 60.51
N ILE C 37 189.91 -113.08 60.57
CA ILE C 37 190.45 -111.94 61.38
C ILE C 37 190.43 -112.37 62.85
N GLU C 38 191.59 -112.71 63.42
CA GLU C 38 191.74 -113.12 64.85
C GLU C 38 191.52 -111.86 65.72
N LYS C 39 192.58 -111.25 66.26
CA LYS C 39 192.47 -110.10 67.22
C LYS C 39 192.50 -108.78 66.45
N MET C 40 191.53 -107.88 66.72
CA MET C 40 191.36 -106.58 66.02
C MET C 40 192.37 -105.57 66.58
N ASP C 41 193.11 -104.89 65.70
CA ASP C 41 194.09 -103.82 66.03
C ASP C 41 193.35 -102.47 66.07
N GLY C 42 193.46 -101.75 67.19
CA GLY C 42 192.72 -100.50 67.45
C GLY C 42 193.24 -99.33 66.60
N PRO C 43 194.57 -99.23 66.41
CA PRO C 43 195.15 -98.18 65.56
C PRO C 43 194.59 -98.22 64.13
N VAL C 44 194.47 -99.42 63.55
CA VAL C 44 193.90 -99.68 62.19
C VAL C 44 192.42 -99.25 62.17
N LEU C 45 191.62 -99.82 63.08
CA LEU C 45 190.16 -99.60 63.20
C LEU C 45 189.85 -98.12 63.42
N ASN C 46 190.67 -97.42 64.20
CA ASN C 46 190.57 -95.97 64.51
C ASN C 46 190.24 -95.17 63.24
N THR C 47 190.90 -95.51 62.11
CA THR C 47 190.71 -94.92 60.77
C THR C 47 189.21 -94.70 60.48
N LEU C 48 188.41 -95.76 60.60
CA LEU C 48 186.94 -95.77 60.37
C LEU C 48 186.29 -94.63 61.18
N THR C 49 186.15 -93.45 60.55
CA THR C 49 185.62 -92.21 61.15
C THR C 49 184.11 -92.08 60.86
N LYS C 50 183.68 -92.38 59.64
CA LYS C 50 182.27 -92.21 59.15
C LYS C 50 181.46 -93.51 59.32
N CYS C 51 182.08 -94.60 59.80
CA CYS C 51 181.47 -95.96 59.91
C CYS C 51 180.39 -95.97 60.99
N LYS C 52 179.11 -96.10 60.59
CA LYS C 52 177.95 -96.31 61.48
C LYS C 52 177.83 -97.82 61.79
N LYS C 53 177.98 -98.67 60.77
CA LYS C 53 177.94 -100.16 60.89
C LYS C 53 179.35 -100.73 60.67
N LEU C 54 179.83 -101.55 61.61
CA LEU C 54 181.16 -102.23 61.56
C LEU C 54 180.95 -103.75 61.70
N SER C 55 180.74 -104.43 60.58
CA SER C 55 180.49 -105.90 60.51
C SER C 55 181.83 -106.65 60.46
N LEU C 56 182.24 -107.21 61.61
CA LEU C 56 183.42 -108.11 61.74
C LEU C 56 182.93 -109.50 62.16
N SER C 57 181.83 -109.98 61.55
CA SER C 57 181.11 -111.23 61.92
C SER C 57 181.85 -112.46 61.37
N SER C 58 181.73 -113.58 62.09
CA SER C 58 182.03 -114.96 61.62
C SER C 58 183.54 -115.28 61.61
N ASN C 59 184.39 -114.37 62.10
CA ASN C 59 185.87 -114.52 62.21
C ASN C 59 186.22 -115.21 63.53
N SER C 60 187.51 -115.25 63.92
CA SER C 60 188.02 -115.92 65.14
C SER C 60 188.46 -114.88 66.18
N ILE C 61 187.61 -113.87 66.44
CA ILE C 61 187.88 -112.75 67.39
C ILE C 61 187.75 -113.27 68.83
N ASP C 62 188.79 -113.09 69.65
CA ASP C 62 188.87 -113.60 71.05
C ASP C 62 188.51 -112.49 72.05
N LYS C 63 188.88 -111.24 71.79
CA LYS C 63 188.69 -110.07 72.71
C LYS C 63 188.16 -108.85 71.94
N MET C 64 187.49 -107.93 72.65
CA MET C 64 186.99 -106.64 72.13
C MET C 64 187.84 -105.50 72.71
N ILE C 65 188.59 -104.79 71.86
CA ILE C 65 189.56 -103.72 72.27
C ILE C 65 189.39 -102.50 71.35
N SER C 66 189.84 -101.34 71.83
CA SER C 66 189.94 -100.06 71.08
C SER C 66 188.57 -99.58 70.60
N LEU C 67 187.68 -99.30 71.54
CA LEU C 67 186.43 -98.50 71.32
C LEU C 67 186.83 -97.06 70.98
N ASN C 68 187.92 -96.57 71.60
CA ASN C 68 188.48 -95.20 71.42
C ASN C 68 188.81 -94.94 69.95
N MET C 69 188.65 -93.69 69.51
CA MET C 69 188.83 -93.22 68.11
C MET C 69 187.69 -93.73 67.22
N LEU C 70 186.50 -93.96 67.80
CA LEU C 70 185.24 -94.30 67.08
C LEU C 70 184.17 -93.25 67.43
N ARG C 71 183.61 -92.58 66.43
CA ARG C 71 182.76 -91.37 66.58
C ARG C 71 181.28 -91.71 66.37
N ASN C 72 180.92 -92.31 65.23
CA ASN C 72 179.52 -92.42 64.73
C ASN C 72 179.02 -93.88 64.73
N LEU C 73 179.73 -94.80 65.39
CA LEU C 73 179.43 -96.27 65.38
C LEU C 73 178.06 -96.53 66.03
N GLU C 74 177.09 -97.01 65.25
CA GLU C 74 175.65 -97.17 65.64
C GLU C 74 175.27 -98.66 65.77
N ILE C 75 175.81 -99.55 64.93
CA ILE C 75 175.48 -101.01 64.90
C ILE C 75 176.77 -101.85 64.81
N LEU C 76 177.42 -102.12 65.97
CA LEU C 76 178.58 -103.04 66.10
C LEU C 76 178.07 -104.48 66.11
N SER C 77 178.54 -105.33 65.20
CA SER C 77 178.05 -106.73 65.00
C SER C 77 179.23 -107.71 64.93
N LEU C 78 179.59 -108.31 66.07
CA LEU C 78 180.72 -109.29 66.21
C LEU C 78 180.15 -110.66 66.58
N SER C 79 179.42 -111.29 65.65
CA SER C 79 178.76 -112.61 65.81
C SER C 79 179.70 -113.72 65.32
N ARG C 80 179.55 -114.93 65.90
CA ARG C 80 180.29 -116.20 65.60
C ARG C 80 181.81 -116.00 65.75
N ASN C 81 182.26 -115.14 66.68
CA ASN C 81 183.68 -115.02 67.09
C ASN C 81 183.96 -116.09 68.15
N VAL C 82 185.03 -115.94 68.95
CA VAL C 82 185.30 -116.77 70.17
C VAL C 82 185.34 -115.86 71.40
N ILE C 83 184.54 -114.78 71.40
CA ILE C 83 184.58 -113.68 72.41
C ILE C 83 183.92 -114.17 73.71
N LYS C 84 184.53 -113.86 74.87
CA LYS C 84 184.14 -114.36 76.21
C LYS C 84 183.61 -113.22 77.10
N LYS C 85 184.15 -111.99 76.98
CA LYS C 85 183.86 -110.84 77.89
C LYS C 85 183.49 -109.60 77.07
N ILE C 86 182.33 -109.01 77.36
CA ILE C 86 181.85 -107.72 76.77
C ILE C 86 182.54 -106.57 77.53
N SER C 87 183.72 -106.13 77.05
CA SER C 87 184.58 -105.10 77.67
C SER C 87 185.14 -104.17 76.59
N GLY C 88 185.78 -103.07 77.02
CA GLY C 88 186.41 -102.05 76.14
C GLY C 88 185.42 -101.45 75.17
N LEU C 89 184.24 -101.03 75.68
CA LEU C 89 183.11 -100.46 74.89
C LEU C 89 182.69 -99.11 75.48
N GLU C 90 183.57 -98.44 76.22
CA GLU C 90 183.29 -97.15 76.93
C GLU C 90 183.31 -95.98 75.95
N ASP C 91 184.19 -96.03 74.94
CA ASP C 91 184.43 -94.93 73.97
C ASP C 91 183.46 -95.01 72.79
N ILE C 92 182.77 -96.15 72.62
CA ILE C 92 181.63 -96.33 71.66
C ILE C 92 180.29 -96.25 72.43
N GLY C 93 180.34 -96.14 73.76
CA GLY C 93 179.16 -96.17 74.65
C GLY C 93 178.20 -95.01 74.41
N GLY C 94 178.71 -93.87 73.96
CA GLY C 94 177.92 -92.66 73.64
C GLY C 94 176.99 -92.90 72.46
N THR C 95 177.43 -93.65 71.45
CA THR C 95 176.75 -93.81 70.13
C THR C 95 176.08 -95.19 69.99
N LEU C 96 176.72 -96.26 70.47
CA LEU C 96 176.37 -97.69 70.19
C LEU C 96 174.89 -97.97 70.43
N ARG C 97 174.14 -98.31 69.37
CA ARG C 97 172.67 -98.54 69.38
C ARG C 97 172.34 -100.04 69.37
N GLN C 98 173.13 -100.88 68.68
CA GLN C 98 172.87 -102.35 68.53
C GLN C 98 174.17 -103.16 68.63
N LEU C 99 174.29 -104.06 69.62
CA LEU C 99 175.45 -104.97 69.85
C LEU C 99 175.07 -106.41 69.48
N TRP C 100 174.96 -106.68 68.17
CA TRP C 100 174.77 -108.04 67.57
C TRP C 100 175.99 -108.90 67.89
N LEU C 101 175.90 -109.78 68.89
CA LEU C 101 177.03 -110.64 69.36
C LEU C 101 176.54 -112.05 69.66
N SER C 102 175.91 -112.70 68.66
CA SER C 102 175.43 -114.11 68.72
C SER C 102 176.61 -115.07 68.54
N TYR C 103 176.47 -116.30 69.06
CA TYR C 103 177.36 -117.47 68.80
C TYR C 103 178.80 -117.21 69.28
N ASN C 104 178.97 -116.37 70.30
CA ASN C 104 180.27 -116.13 70.99
C ASN C 104 180.39 -117.18 72.11
N PHE C 105 181.10 -116.85 73.20
CA PHE C 105 181.17 -117.67 74.44
C PHE C 105 180.94 -116.75 75.65
N ILE C 106 180.01 -115.80 75.51
CA ILE C 106 179.71 -114.72 76.52
C ILE C 106 178.93 -115.35 77.68
N GLU C 107 179.63 -115.74 78.75
CA GLU C 107 179.05 -116.41 79.94
C GLU C 107 178.41 -115.37 80.87
N LYS C 108 179.11 -114.25 81.12
CA LYS C 108 178.68 -113.15 82.02
C LYS C 108 178.33 -111.91 81.19
N LEU C 109 177.36 -111.11 81.67
CA LEU C 109 176.97 -109.81 81.08
C LEU C 109 177.59 -108.66 81.88
N ASP C 110 178.74 -108.90 82.54
CA ASP C 110 179.47 -107.90 83.36
C ASP C 110 180.24 -106.95 82.42
N GLY C 111 179.86 -105.67 82.40
CA GLY C 111 180.44 -104.63 81.53
C GLY C 111 179.46 -104.09 80.49
N LEU C 112 178.26 -104.69 80.39
CA LEU C 112 177.18 -104.28 79.44
C LEU C 112 176.52 -102.98 79.91
N ASN C 113 176.63 -102.64 81.21
CA ASN C 113 175.98 -101.45 81.84
C ASN C 113 176.57 -100.14 81.30
N ASN C 114 177.83 -100.14 80.87
CA ASN C 114 178.52 -98.99 80.22
C ASN C 114 177.72 -98.53 78.98
N CYS C 115 177.18 -99.49 78.22
CA CYS C 115 176.22 -99.28 77.10
C CYS C 115 174.95 -98.64 77.66
N SER C 116 174.84 -97.31 77.55
CA SER C 116 173.73 -96.48 78.10
C SER C 116 172.62 -96.31 77.06
N VAL C 117 172.98 -96.13 75.78
CA VAL C 117 172.03 -95.88 74.65
C VAL C 117 171.92 -97.13 73.76
N LEU C 118 171.97 -98.33 74.34
CA LEU C 118 171.91 -99.64 73.63
C LEU C 118 170.44 -100.06 73.46
N GLN C 119 169.98 -100.17 72.21
CA GLN C 119 168.56 -100.39 71.83
C GLN C 119 168.30 -101.87 71.53
N THR C 120 169.22 -102.56 70.83
CA THR C 120 169.05 -103.96 70.32
C THR C 120 170.28 -104.82 70.65
N LEU C 121 170.18 -105.73 71.63
CA LEU C 121 171.29 -106.62 72.08
C LEU C 121 170.94 -108.08 71.77
N TYR C 122 171.38 -108.59 70.62
CA TYR C 122 171.25 -110.00 70.17
C TYR C 122 172.53 -110.76 70.55
N ILE C 123 172.43 -111.66 71.54
CA ILE C 123 173.52 -112.60 71.97
C ILE C 123 172.94 -114.01 72.11
N GLY C 124 172.58 -114.63 70.98
CA GLY C 124 171.96 -115.97 70.90
C GLY C 124 172.99 -117.08 70.73
N ASN C 125 172.66 -118.29 71.18
CA ASN C 125 173.54 -119.50 71.25
C ASN C 125 174.84 -119.15 71.99
N ASN C 126 174.74 -118.36 73.06
CA ASN C 126 175.86 -117.93 73.94
C ASN C 126 175.91 -118.85 75.16
N ARG C 127 176.63 -118.45 76.22
CA ARG C 127 176.92 -119.30 77.41
C ARG C 127 176.25 -118.72 78.68
N ILE C 128 175.23 -117.86 78.53
CA ILE C 128 174.50 -117.24 79.67
C ILE C 128 173.61 -118.31 80.32
N LYS C 129 173.93 -118.71 81.57
CA LYS C 129 173.35 -119.89 82.28
C LYS C 129 172.40 -119.47 83.41
N ASN C 130 172.63 -118.32 84.07
CA ASN C 130 171.80 -117.79 85.19
C ASN C 130 171.16 -116.46 84.77
N TRP C 131 169.99 -116.14 85.34
CA TRP C 131 169.22 -114.90 85.07
C TRP C 131 169.79 -113.73 85.91
N GLU C 132 170.87 -113.98 86.66
CA GLU C 132 171.65 -112.96 87.44
C GLU C 132 172.14 -111.85 86.50
N GLU C 133 172.59 -112.19 85.29
CA GLU C 133 173.11 -111.24 84.27
C GLU C 133 172.00 -110.28 83.82
N LEU C 134 170.74 -110.75 83.77
CA LEU C 134 169.54 -109.97 83.34
C LEU C 134 169.33 -108.74 84.22
N ASP C 135 169.57 -108.89 85.53
CA ASP C 135 169.49 -107.79 86.54
C ASP C 135 170.53 -106.71 86.21
N LYS C 136 171.76 -107.12 85.86
CA LYS C 136 172.87 -106.24 85.41
C LYS C 136 172.48 -105.56 84.09
N LEU C 137 171.79 -106.28 83.20
CA LEU C 137 171.32 -105.78 81.87
C LEU C 137 170.15 -104.80 82.04
N LYS C 138 169.42 -104.87 83.16
CA LYS C 138 168.19 -104.06 83.45
C LYS C 138 168.53 -102.57 83.59
N ASP C 139 169.79 -102.22 83.88
CA ASP C 139 170.31 -100.82 83.95
C ASP C 139 170.04 -100.08 82.63
N LEU C 140 170.16 -100.79 81.49
CA LEU C 140 169.90 -100.26 80.13
C LEU C 140 168.51 -99.65 80.06
N PRO C 141 168.40 -98.30 79.96
CA PRO C 141 167.11 -97.63 79.95
C PRO C 141 166.38 -97.64 78.59
N GLU C 142 167.12 -97.80 77.48
CA GLU C 142 166.60 -97.71 76.09
C GLU C 142 166.54 -99.08 75.41
N LEU C 143 166.84 -100.18 76.12
CA LEU C 143 166.92 -101.57 75.58
C LEU C 143 165.51 -102.06 75.20
N GLU C 144 165.25 -102.21 73.90
CA GLU C 144 163.91 -102.58 73.34
C GLU C 144 163.94 -104.04 72.84
N ASN C 145 164.89 -104.38 71.96
CA ASN C 145 164.97 -105.69 71.26
C ASN C 145 166.07 -106.57 71.89
N VAL C 146 165.71 -107.74 72.40
CA VAL C 146 166.65 -108.76 72.99
C VAL C 146 166.49 -110.08 72.22
N LEU C 147 167.55 -110.89 72.18
CA LEU C 147 167.58 -112.24 71.54
C LEU C 147 168.40 -113.20 72.39
N PHE C 148 167.73 -114.07 73.16
CA PHE C 148 168.34 -115.01 74.14
C PHE C 148 167.83 -116.45 73.91
N TYR C 149 167.63 -116.84 72.65
CA TYR C 149 167.32 -118.24 72.22
C TYR C 149 168.63 -118.97 71.93
N GLY C 150 168.81 -120.16 72.51
CA GLY C 150 170.01 -121.01 72.31
C GLY C 150 170.99 -120.93 73.48
N ASN C 151 170.85 -119.96 74.38
CA ASN C 151 171.71 -119.78 75.58
C ASN C 151 171.49 -120.94 76.55
N PRO C 152 172.49 -121.28 77.40
CA PRO C 152 172.36 -122.42 78.30
C PRO C 152 171.36 -122.24 79.45
N ILE C 153 170.93 -121.01 79.74
CA ILE C 153 169.92 -120.67 80.78
C ILE C 153 168.52 -121.08 80.30
N TYR C 154 168.14 -120.67 79.09
CA TYR C 154 166.81 -120.92 78.46
C TYR C 154 166.57 -122.42 78.27
N GLU C 155 167.63 -123.24 78.28
CA GLU C 155 167.55 -124.73 78.26
C GLU C 155 167.09 -125.26 79.63
N GLN C 156 167.64 -124.71 80.72
CA GLN C 156 167.38 -125.15 82.13
C GLN C 156 166.05 -124.59 82.65
N VAL C 157 165.53 -123.52 82.02
CA VAL C 157 164.30 -122.77 82.45
C VAL C 157 163.12 -123.72 82.61
N LYS C 158 162.91 -124.62 81.63
CA LYS C 158 161.83 -125.65 81.61
C LYS C 158 160.45 -124.95 81.58
N GLU C 159 160.31 -123.97 80.68
CA GLU C 159 159.04 -123.23 80.40
C GLU C 159 159.19 -122.45 79.10
N ASP C 160 158.11 -121.80 78.64
CA ASP C 160 158.09 -120.97 77.40
C ASP C 160 159.06 -119.80 77.58
N PRO C 161 160.12 -119.72 76.74
CA PRO C 161 161.07 -118.60 76.85
C PRO C 161 160.45 -117.24 76.48
N LYS C 162 159.59 -117.22 75.45
CA LYS C 162 158.85 -116.01 74.97
C LYS C 162 158.12 -115.35 76.14
N LEU C 163 157.42 -116.14 76.97
CA LEU C 163 156.65 -115.68 78.16
C LEU C 163 157.63 -115.28 79.28
N ILE C 164 158.57 -116.16 79.62
CA ILE C 164 159.53 -116.01 80.76
C ILE C 164 160.49 -114.84 80.51
N VAL C 165 160.76 -114.51 79.24
CA VAL C 165 161.63 -113.36 78.82
C VAL C 165 160.92 -112.05 79.14
N LEU C 166 159.69 -111.89 78.62
CA LEU C 166 158.85 -110.65 78.75
C LEU C 166 158.63 -110.31 80.23
N LYS C 167 158.44 -111.31 81.09
CA LYS C 167 158.22 -111.16 82.55
C LYS C 167 159.52 -110.72 83.25
N LYS C 168 160.68 -111.12 82.73
CA LYS C 168 162.03 -110.87 83.32
C LYS C 168 162.37 -109.38 83.24
N LEU C 169 162.21 -108.76 82.06
CA LEU C 169 162.50 -107.33 81.79
C LEU C 169 161.23 -106.65 81.28
N PRO C 170 160.68 -105.66 82.03
CA PRO C 170 159.52 -104.90 81.58
C PRO C 170 159.81 -103.94 80.42
N THR C 171 161.06 -103.45 80.33
CA THR C 171 161.55 -102.49 79.29
C THR C 171 161.47 -103.12 77.89
N LEU C 172 161.83 -104.40 77.77
CA LEU C 172 161.96 -105.14 76.48
C LEU C 172 160.62 -105.15 75.73
N LYS C 173 160.61 -104.66 74.49
CA LYS C 173 159.44 -104.62 73.56
C LYS C 173 159.39 -105.92 72.75
N ASN C 174 160.53 -106.31 72.15
CA ASN C 174 160.70 -107.55 71.35
C ASN C 174 161.67 -108.50 72.08
N VAL C 175 161.32 -109.79 72.15
CA VAL C 175 162.10 -110.87 72.85
C VAL C 175 162.07 -112.14 72.00
N ASP C 176 163.22 -112.52 71.42
CA ASP C 176 163.41 -113.75 70.60
C ASP C 176 162.50 -113.69 69.37
N GLY C 177 162.52 -112.57 68.65
CA GLY C 177 161.76 -112.35 67.41
C GLY C 177 160.26 -112.42 67.60
N TYR C 178 159.77 -111.99 68.77
CA TYR C 178 158.33 -111.77 69.06
C TYR C 178 158.09 -110.25 69.19
N ILE C 179 156.81 -109.86 69.20
CA ILE C 179 156.35 -108.46 69.43
C ILE C 179 155.58 -108.43 70.76
N ILE C 180 155.59 -107.29 71.45
CA ILE C 180 154.93 -107.07 72.77
C ILE C 180 153.42 -107.26 72.60
N ASP C 181 152.86 -108.34 73.17
CA ASP C 181 151.44 -108.76 73.02
C ASP C 181 150.68 -108.48 74.31
N ASP C 182 149.35 -108.28 74.18
CA ASP C 182 148.40 -108.15 75.32
C ASP C 182 148.21 -109.53 75.97
N SER C 183 148.07 -110.58 75.14
CA SER C 183 147.93 -112.00 75.55
C SER C 183 149.21 -112.49 76.24
N VAL C 184 150.38 -112.08 75.75
CA VAL C 184 151.73 -112.45 76.29
C VAL C 184 151.92 -111.79 77.67
N LEU C 185 151.60 -110.50 77.78
CA LEU C 185 151.70 -109.71 79.05
C LEU C 185 150.79 -110.32 80.12
N GLU C 186 149.57 -110.71 79.73
CA GLU C 186 148.57 -111.40 80.61
C GLU C 186 149.12 -112.77 81.06
N LYS C 187 149.75 -113.50 80.14
CA LYS C 187 150.43 -114.81 80.40
C LYS C 187 151.62 -114.58 81.36
N VAL C 188 152.33 -113.46 81.21
CA VAL C 188 153.45 -113.03 82.11
C VAL C 188 152.89 -112.71 83.50
N LYS C 189 151.70 -112.09 83.57
CA LYS C 189 150.98 -111.76 84.83
C LYS C 189 150.51 -113.06 85.52
N GLN C 190 150.08 -114.05 84.73
CA GLN C 190 149.64 -115.39 85.22
C GLN C 190 150.85 -116.19 85.72
N ILE C 191 152.03 -116.01 85.10
CA ILE C 191 153.31 -116.68 85.47
C ILE C 191 153.80 -116.14 86.81
N ALA C 192 153.90 -114.81 86.94
CA ALA C 192 154.34 -114.09 88.16
C ALA C 192 153.14 -113.83 89.07
N MET D 1 -159.77 96.43 176.79
CA MET D 1 -158.59 95.62 176.37
C MET D 1 -158.59 95.48 174.84
N GLY D 2 -159.63 94.83 174.29
CA GLY D 2 -159.70 94.41 172.88
C GLY D 2 -158.55 93.47 172.56
N ASP D 3 -157.46 94.03 172.01
CA ASP D 3 -156.14 93.37 171.82
C ASP D 3 -155.13 94.41 171.34
N HIS D 4 -153.89 93.98 171.03
CA HIS D 4 -152.78 94.84 170.53
C HIS D 4 -152.21 94.22 169.26
N SER D 5 -150.94 93.79 169.26
CA SER D 5 -150.28 93.06 168.14
C SER D 5 -150.95 91.68 167.98
N GLN D 6 -152.19 91.68 167.49
CA GLN D 6 -153.16 90.55 167.56
C GLN D 6 -154.58 91.09 167.30
N LYS D 7 -154.93 92.23 167.90
CA LYS D 7 -156.21 92.97 167.69
C LYS D 7 -156.44 93.23 166.20
N ASP D 8 -155.42 93.78 165.52
CA ASP D 8 -155.42 94.07 164.07
C ASP D 8 -155.68 92.78 163.29
N SER D 9 -154.96 91.71 163.61
CA SER D 9 -155.09 90.35 163.01
C SER D 9 -156.44 89.73 163.37
N PRO D 10 -157.03 90.10 164.54
CA PRO D 10 -158.30 89.50 164.98
C PRO D 10 -159.52 90.03 164.21
N GLU D 11 -159.65 91.35 164.09
CA GLU D 11 -160.70 92.04 163.31
C GLU D 11 -160.39 91.96 161.80
N ASP D 12 -159.15 91.59 161.43
CA ASP D 12 -158.70 91.41 160.02
C ASP D 12 -159.19 90.06 159.46
N PHE D 13 -159.27 89.03 160.31
CA PHE D 13 -159.76 87.67 159.95
C PHE D 13 -161.26 87.71 159.65
N ILE D 14 -162.03 88.45 160.46
CA ILE D 14 -163.52 88.54 160.39
C ILE D 14 -163.95 89.39 159.18
N ILE D 15 -163.45 90.62 159.10
CA ILE D 15 -163.88 91.68 158.14
C ILE D 15 -163.59 91.24 156.70
N ASN D 16 -162.35 90.76 156.43
CA ASN D 16 -161.87 90.31 155.10
C ASN D 16 -162.84 89.26 154.54
N ARG D 17 -162.94 88.10 155.21
CA ARG D 17 -163.98 87.05 155.00
C ARG D 17 -163.80 86.39 153.63
N LEU D 18 -164.07 87.12 152.54
CA LEU D 18 -164.19 86.65 151.13
C LEU D 18 -165.64 86.27 150.83
N SER D 19 -166.60 87.08 151.33
CA SER D 19 -168.07 87.00 151.07
C SER D 19 -168.81 86.37 152.26
N GLN D 20 -168.25 85.30 152.87
CA GLN D 20 -168.87 84.56 153.99
C GLN D 20 -167.79 83.91 154.87
N ALA D 21 -167.52 84.48 156.05
CA ALA D 21 -166.68 83.88 157.11
C ALA D 21 -167.03 84.48 158.49
N LEU D 22 -166.64 85.74 158.73
CA LEU D 22 -166.75 86.44 160.04
C LEU D 22 -166.05 85.61 161.13
N GLY D 23 -164.77 85.27 160.90
CA GLY D 23 -163.91 84.46 161.81
C GLY D 23 -163.80 85.06 163.21
N ILE D 24 -163.18 86.24 163.32
CA ILE D 24 -162.91 86.99 164.60
C ILE D 24 -161.65 86.42 165.27
N GLN D 25 -160.58 86.26 164.49
CA GLN D 25 -159.31 85.55 164.84
C GLN D 25 -159.12 84.36 163.89
N LYS D 26 -156.00 84.23 166.02
CA LYS D 26 -156.20 82.77 165.82
C LYS D 26 -155.79 82.34 164.40
N GLU D 27 -155.89 83.26 163.42
CA GLU D 27 -155.47 83.03 162.01
C GLU D 27 -154.10 82.34 162.00
N LYS D 28 -154.10 81.01 161.89
CA LYS D 28 -152.90 80.13 161.89
C LYS D 28 -152.02 80.45 160.67
N ILE D 29 -152.64 80.77 159.53
CA ILE D 29 -151.96 81.19 158.26
C ILE D 29 -151.23 82.54 158.47
N LYS D 30 -151.79 83.42 159.31
CA LYS D 30 -151.27 84.80 159.57
C LYS D 30 -150.07 84.76 160.54
N LYS D 31 -150.13 83.91 161.58
CA LYS D 31 -149.06 83.74 162.60
C LYS D 31 -147.81 83.11 161.97
N SER D 32 -147.98 82.27 160.94
CA SER D 32 -146.89 81.59 160.18
C SER D 32 -146.20 82.57 159.22
N LEU D 33 -146.95 83.50 158.63
CA LEU D 33 -146.45 84.57 157.72
C LEU D 33 -145.89 85.76 158.53
N GLU D 34 -146.15 85.80 159.84
CA GLU D 34 -145.67 86.86 160.78
C GLU D 34 -144.14 86.96 160.75
N THR D 35 -143.42 85.84 160.60
CA THR D 35 -141.94 85.74 160.69
C THR D 35 -141.28 86.05 159.34
N GLN D 36 -141.56 87.22 158.77
CA GLN D 36 -140.79 87.85 157.66
C GLN D 36 -139.72 88.79 158.24
N GLN D 37 -139.88 89.22 159.50
CA GLN D 37 -138.96 90.08 160.29
C GLN D 37 -139.45 91.54 160.21
N ASP D 38 -139.53 92.09 158.99
CA ASP D 38 -140.00 93.47 158.71
C ASP D 38 -141.53 93.54 158.91
N ASP D 39 -142.27 92.53 158.46
CA ASP D 39 -143.76 92.46 158.46
C ASP D 39 -144.30 92.42 159.90
N LYS D 40 -143.64 91.69 160.80
CA LYS D 40 -144.05 91.49 162.22
C LYS D 40 -143.91 92.82 162.99
N GLY D 41 -142.72 93.42 162.97
CA GLY D 41 -142.41 94.74 163.56
C GLY D 41 -143.27 95.85 162.96
N GLU D 42 -143.64 95.69 161.69
CA GLU D 42 -144.59 96.56 160.94
C GLU D 42 -146.00 96.43 161.55
N VAL D 43 -146.50 95.18 161.66
CA VAL D 43 -147.84 94.83 162.20
C VAL D 43 -147.94 95.22 163.68
N THR D 44 -146.82 95.17 164.41
CA THR D 44 -146.70 95.59 165.84
C THR D 44 -146.72 97.12 165.95
N ASN D 45 -146.13 97.82 164.98
CA ASN D 45 -146.08 99.31 164.90
C ASN D 45 -147.42 99.88 164.41
N LYS D 46 -148.32 99.04 163.91
CA LYS D 46 -149.70 99.41 163.48
C LYS D 46 -150.68 99.18 164.63
N ASP D 47 -150.57 98.04 165.32
CA ASP D 47 -151.55 97.53 166.33
C ASP D 47 -151.69 98.51 167.50
N GLU D 48 -150.62 98.67 168.31
CA GLU D 48 -150.64 99.40 169.61
C GLU D 48 -149.79 100.69 169.54
N PHE D 49 -149.29 101.07 168.35
CA PHE D 49 -148.47 102.29 168.13
C PHE D 49 -149.30 103.35 167.39
N ILE D 53 -150.41 104.95 162.43
CA ILE D 53 -151.76 104.42 162.04
C ILE D 53 -151.74 104.04 160.55
N GLN D 54 -151.06 102.93 160.21
CA GLN D 54 -150.96 102.41 158.81
C GLN D 54 -150.40 100.99 158.83
N GLN D 55 -151.14 100.03 158.24
CA GLN D 55 -150.76 98.58 158.19
C GLN D 55 -151.48 97.86 157.04
N ASP D 56 -150.76 97.57 155.96
CA ASP D 56 -151.25 96.81 154.77
C ASP D 56 -151.21 95.29 155.09
N ASN D 57 -152.07 94.51 154.43
CA ASN D 57 -152.18 93.03 154.58
C ASN D 57 -152.53 92.42 153.22
N SER D 58 -151.50 92.12 152.42
CA SER D 58 -151.58 91.87 150.96
C SER D 58 -151.94 90.41 150.67
N THR D 59 -152.64 90.16 149.55
CA THR D 59 -153.06 88.82 149.07
C THR D 59 -152.95 88.76 147.54
N ASN D 60 -151.74 88.52 147.03
CA ASN D 60 -151.41 88.45 145.58
C ASN D 60 -151.67 87.01 145.09
N ILE D 61 -152.56 86.86 144.10
CA ILE D 61 -153.02 85.56 143.54
C ILE D 61 -152.43 85.38 142.13
N LEU D 62 -151.72 84.26 141.91
CA LEU D 62 -151.16 83.84 140.59
C LEU D 62 -150.15 84.90 140.11
N TRP D 63 -150.24 85.31 138.83
CA TRP D 63 -149.34 86.32 138.19
C TRP D 63 -147.92 85.73 138.08
N VAL D 64 -146.88 86.56 138.30
CA VAL D 64 -145.44 86.14 138.26
C VAL D 64 -144.75 86.63 139.54
N SER D 65 -144.28 85.69 140.37
CA SER D 65 -143.61 85.95 141.68
C SER D 65 -144.58 86.65 142.63
N GLY D 66 -145.75 86.05 142.86
CA GLY D 66 -146.83 86.59 143.71
C GLY D 66 -146.41 86.70 145.17
N GLN D 67 -146.76 87.82 145.81
CA GLN D 67 -146.45 88.13 147.23
C GLN D 67 -147.13 87.10 148.15
N SER D 68 -148.35 86.66 147.82
CA SER D 68 -149.19 85.72 148.60
C SER D 68 -149.58 86.38 149.93
N GLU D 69 -149.48 85.66 151.05
CA GLU D 69 -149.73 86.21 152.42
C GLU D 69 -148.55 87.10 152.82
N LYS D 70 -148.45 88.29 152.21
CA LYS D 70 -147.27 89.20 152.26
C LYS D 70 -147.63 90.49 153.00
N CYS D 71 -147.26 91.66 152.44
CA CYS D 71 -147.52 93.03 152.96
C CYS D 71 -146.46 93.43 153.99
N THR D 72 -146.54 94.70 154.44
CA THR D 72 -145.77 95.28 155.57
C THR D 72 -146.60 96.43 156.18
N PHE D 73 -145.97 97.32 156.96
CA PHE D 73 -146.57 98.56 157.51
C PHE D 73 -146.08 99.73 156.64
N TYR D 74 -146.87 100.07 155.61
CA TYR D 74 -146.48 100.89 154.43
C TYR D 74 -145.83 99.96 153.38
N TYR D 75 -144.51 100.09 153.16
CA TYR D 75 -143.71 99.27 152.21
C TYR D 75 -144.25 99.45 150.78
N GLY D 76 -144.97 98.46 150.23
CA GLY D 76 -145.53 98.50 148.86
C GLY D 76 -146.14 97.18 148.43
N GLN D 77 -147.32 97.22 147.79
CA GLN D 77 -148.06 96.05 147.26
C GLN D 77 -148.03 96.10 145.73
N LEU D 78 -147.65 94.99 145.07
CA LEU D 78 -147.51 94.88 143.59
C LEU D 78 -148.78 94.25 143.01
N ILE D 81 -152.70 92.00 143.77
CA ILE D 81 -152.40 92.04 145.24
C ILE D 81 -153.56 92.71 145.98
N ASP D 82 -154.51 91.91 146.48
CA ASP D 82 -155.71 92.37 147.24
C ASP D 82 -155.32 92.58 148.71
N LYS D 83 -155.11 93.84 149.12
CA LYS D 83 -154.58 94.24 150.46
C LYS D 83 -155.66 95.00 151.25
N PHE D 84 -155.29 95.55 152.40
CA PHE D 84 -156.18 96.34 153.29
C PHE D 84 -155.35 97.04 154.39
N LYS D 85 -155.51 98.36 154.53
CA LYS D 85 -154.78 99.21 155.50
C LYS D 85 -155.73 99.68 156.60
N LYS D 86 -155.45 99.32 157.86
CA LYS D 86 -156.17 99.79 159.07
C LYS D 86 -155.37 100.92 159.73
N LYS D 87 -156.03 101.76 160.52
CA LYS D 87 -155.38 102.70 161.48
C LYS D 87 -155.40 102.06 162.87
N GLY D 88 -154.54 102.54 163.78
CA GLY D 88 -154.38 102.01 165.15
C GLY D 88 -153.52 102.92 166.00
N ILE D 89 -154.15 103.88 166.68
CA ILE D 89 -153.48 104.96 167.47
C ILE D 89 -152.97 106.02 166.49
N ALA D 90 -153.88 106.74 165.84
CA ALA D 90 -153.62 107.77 164.80
C ALA D 90 -153.38 109.13 165.45
N ILE D 92 -150.23 111.49 166.52
CA ILE D 92 -149.22 110.48 166.07
C ILE D 92 -149.40 109.18 166.87
N LYS D 93 -149.54 109.28 168.20
CA LYS D 93 -149.66 108.14 169.15
C LYS D 93 -150.88 108.31 170.05
N LEU D 94 -151.86 107.41 169.91
CA LEU D 94 -153.02 107.22 170.85
C LEU D 94 -153.00 105.78 171.39
N GLY D 95 -151.81 105.20 171.56
CA GLY D 95 -151.60 103.84 172.10
C GLY D 95 -151.36 103.86 173.60
N LEU D 96 -151.47 102.69 174.25
CA LEU D 96 -151.32 102.50 175.72
C LEU D 96 -152.43 103.26 176.48
N HIS D 97 -153.64 103.31 175.90
CA HIS D 97 -154.87 103.91 176.49
C HIS D 97 -156.10 103.14 175.97
N LYS D 98 -157.10 103.83 175.40
CA LYS D 98 -158.23 103.20 174.66
C LYS D 98 -157.68 102.53 173.40
N LEU D 99 -157.97 101.24 173.20
CA LEU D 99 -157.31 100.36 172.19
C LEU D 99 -157.61 100.85 170.76
N THR D 100 -156.94 101.93 170.34
CA THR D 100 -156.99 102.52 168.98
C THR D 100 -158.44 102.74 168.56
N ASN D 101 -159.14 103.67 169.22
CA ASN D 101 -160.59 103.95 169.05
C ASN D 101 -160.85 104.67 167.72
N GLU D 102 -159.84 105.37 167.18
CA GLU D 102 -159.91 106.10 165.88
C GLU D 102 -159.51 105.19 164.71
N ASN D 103 -159.25 103.90 164.97
CA ASN D 103 -158.88 102.86 163.95
C ASN D 103 -159.83 102.91 162.75
N VAL D 104 -159.29 103.22 161.57
CA VAL D 104 -160.03 103.33 160.27
C VAL D 104 -159.54 102.22 159.34
N ALA D 105 -160.45 101.36 158.87
CA ALA D 105 -160.21 100.22 157.97
C ALA D 105 -160.74 100.55 156.56
N LYS D 106 -160.13 99.98 155.52
CA LYS D 106 -160.54 100.15 154.09
C LYS D 106 -160.02 98.96 153.26
N ASP D 107 -160.87 98.39 152.39
CA ASP D 107 -160.57 97.20 151.55
C ASP D 107 -160.03 97.66 150.20
N VAL D 108 -158.87 97.13 149.78
CA VAL D 108 -158.13 97.50 148.54
C VAL D 108 -157.84 96.23 147.73
N VAL D 109 -158.70 95.91 146.73
CA VAL D 109 -158.64 94.66 145.92
C VAL D 109 -157.44 94.70 144.96
N VAL D 110 -157.18 93.58 144.28
CA VAL D 110 -155.98 93.32 143.42
C VAL D 110 -155.96 94.34 142.27
N VAL D 111 -157.00 94.34 141.43
CA VAL D 111 -157.16 95.27 140.27
C VAL D 111 -158.57 95.12 139.70
N LEU D 117 -157.47 102.53 136.10
CA LEU D 117 -157.29 101.23 136.79
C LEU D 117 -158.21 101.16 138.02
N LEU D 118 -158.10 100.08 138.80
CA LEU D 118 -158.80 99.90 140.10
C LEU D 118 -158.17 100.83 141.15
N GLU D 119 -156.85 101.04 141.07
CA GLU D 119 -156.10 102.04 141.87
C GLU D 119 -156.60 103.45 141.58
N HIS D 120 -157.00 103.72 140.32
CA HIS D 120 -157.61 104.99 139.86
C HIS D 120 -159.07 105.08 140.34
N LEU D 121 -159.86 104.03 140.14
CA LEU D 121 -161.30 103.94 140.51
C LEU D 121 -161.48 104.13 142.02
N ASN D 122 -160.56 103.56 142.82
CA ASN D 122 -160.47 103.73 144.29
C ASN D 122 -160.25 105.21 144.62
N SER D 123 -159.32 105.87 143.91
CA SER D 123 -159.00 107.32 144.04
C SER D 123 -160.23 108.18 143.69
N VAL D 124 -161.06 107.73 142.75
CA VAL D 124 -162.32 108.40 142.31
C VAL D 124 -163.37 108.31 143.43
N PHE D 125 -163.40 107.21 144.18
CA PHE D 125 -164.34 106.95 145.31
C PHE D 125 -163.88 107.69 146.56
N ASN D 126 -162.56 107.84 146.75
CA ASN D 126 -161.93 108.59 147.89
C ASN D 126 -162.27 110.08 147.77
N GLU D 127 -162.17 110.64 146.57
CA GLU D 127 -162.53 112.05 146.25
C GLU D 127 -164.05 112.26 146.39
N ILE D 128 -164.85 111.28 145.97
CA ILE D 128 -166.35 111.30 146.07
C ILE D 128 -166.79 111.18 147.55
N MET D 129 -165.94 110.61 148.41
CA MET D 129 -166.13 110.52 149.88
C MET D 129 -165.77 111.86 150.54
N SER D 130 -164.62 112.44 150.17
CA SER D 130 -164.07 113.72 150.71
C SER D 130 -164.95 114.89 150.30
N PRO D 131 -165.56 114.86 149.09
CA PRO D 131 -166.57 115.85 148.71
C PRO D 131 -167.87 115.69 149.50
N VAL D 132 -168.25 114.44 149.84
CA VAL D 132 -169.40 114.08 150.72
C VAL D 132 -169.13 114.62 152.13
N MET D 133 -167.86 114.64 152.57
CA MET D 133 -167.42 115.17 153.90
C MET D 133 -167.54 116.71 153.91
N GLN D 134 -167.09 117.38 152.85
CA GLN D 134 -167.07 118.87 152.71
C GLN D 134 -168.51 119.41 152.66
N ASN D 135 -169.43 118.69 151.99
CA ASN D 135 -170.86 119.05 151.85
C ASN D 135 -171.58 118.93 153.20
N PRO D 136 -170.97 118.21 154.18
CA PRO D 136 -171.69 117.76 155.36
C PRO D 136 -171.48 118.61 156.63
N LEU D 137 -170.21 118.82 157.02
CA LEU D 137 -169.80 119.40 158.33
C LEU D 137 -169.25 120.81 158.14
N ASN D 138 -168.12 120.93 157.41
CA ASN D 138 -167.24 122.13 157.33
C ASN D 138 -165.90 121.81 158.01
N GLN D 139 -165.88 120.81 158.91
CA GLN D 139 -164.72 120.36 159.71
C GLN D 139 -164.56 121.26 160.95
N GLN D 140 -163.55 120.98 161.79
CA GLN D 140 -163.26 121.72 163.05
C GLN D 140 -161.95 122.51 162.90
N GLY D 141 -161.69 123.07 161.71
CA GLY D 141 -160.52 123.91 161.43
C GLY D 141 -159.30 123.12 160.97
N TRP D 142 -159.33 121.78 161.05
CA TRP D 142 -158.27 120.87 160.54
C TRP D 142 -158.27 120.89 159.01
N THR D 143 -159.46 121.08 158.39
CA THR D 143 -159.65 121.34 156.94
C THR D 143 -159.52 122.84 156.66
N ASP D 144 -160.21 123.67 157.45
CA ASP D 144 -160.21 125.17 157.34
C ASP D 144 -160.86 125.56 156.00
N LEU D 145 -160.33 126.59 155.32
CA LEU D 145 -160.77 127.03 153.97
C LEU D 145 -160.15 126.14 152.89
N VAL D 146 -159.10 125.37 153.23
CA VAL D 146 -158.39 124.42 152.31
C VAL D 146 -159.28 123.22 151.99
N ALA D 147 -160.43 123.06 152.67
CA ALA D 147 -161.47 122.04 152.41
C ALA D 147 -161.94 122.12 150.95
N LYS D 148 -162.34 123.31 150.50
CA LYS D 148 -162.81 123.57 149.11
C LYS D 148 -161.63 123.49 148.13
N ASP D 149 -160.43 123.90 148.56
CA ASP D 149 -159.17 123.87 147.76
C ASP D 149 -158.73 122.42 147.53
N LEU D 150 -158.84 121.56 148.56
CA LEU D 150 -158.54 120.11 148.51
C LEU D 150 -159.55 119.40 147.59
N MET D 151 -160.82 119.80 147.65
CA MET D 151 -161.93 119.31 146.78
C MET D 151 -161.62 119.65 145.31
N GLU D 152 -161.01 120.82 145.06
CA GLU D 152 -160.53 121.27 143.72
C GLU D 152 -159.30 120.47 143.31
N LYS D 153 -158.39 120.19 144.25
CA LYS D 153 -157.17 119.35 144.06
C LYS D 153 -157.58 117.91 143.73
N PHE D 154 -158.66 117.42 144.35
CA PHE D 154 -159.24 116.06 144.14
C PHE D 154 -159.85 115.96 142.73
N ASN D 155 -160.62 116.98 142.33
CA ASN D 155 -161.33 117.06 141.02
C ASN D 155 -160.30 117.03 139.87
N ASN D 156 -159.21 117.80 139.99
CA ASN D 156 -158.09 117.87 139.01
C ASN D 156 -157.37 116.52 138.94
N TYR D 157 -157.29 115.80 140.07
CA TYR D 157 -156.75 114.42 140.17
C TYR D 157 -157.67 113.45 139.40
N VAL D 158 -158.99 113.61 139.55
CA VAL D 158 -160.04 112.79 138.88
C VAL D 158 -160.03 113.06 137.37
N ALA D 159 -159.70 114.30 136.96
CA ALA D 159 -159.52 114.72 135.55
C ALA D 159 -158.26 114.05 134.98
N GLN D 160 -157.14 114.12 135.70
CA GLN D 160 -155.83 113.53 135.31
C GLN D 160 -155.96 112.00 135.19
N VAL D 161 -156.75 111.38 136.07
CA VAL D 161 -157.08 109.92 136.04
C VAL D 161 -157.91 109.60 134.78
N TYR D 162 -158.84 110.48 134.44
CA TYR D 162 -159.70 110.41 133.22
C TYR D 162 -158.86 110.63 131.95
N VAL D 163 -157.84 111.50 132.03
CA VAL D 163 -156.82 111.73 130.96
C VAL D 163 -155.98 110.46 130.79
N LEU D 164 -155.60 109.82 131.90
CA LEU D 164 -154.86 108.52 131.95
C LEU D 164 -155.76 107.40 131.39
N LEU D 165 -157.06 107.44 131.69
CA LEU D 165 -158.10 106.52 131.13
C LEU D 165 -158.12 106.64 129.61
N GLY D 166 -158.19 107.88 129.09
CA GLY D 166 -158.20 108.19 127.64
C GLY D 166 -156.89 107.80 126.95
N GLN D 167 -155.77 107.82 127.67
CA GLN D 167 -154.42 107.42 127.18
C GLN D 167 -154.42 105.92 126.87
N ILE D 168 -154.81 105.10 127.85
CA ILE D 168 -154.97 103.62 127.70
C ILE D 168 -156.17 103.34 126.79
N LYS D 169 -157.34 103.92 127.11
CA LYS D 169 -158.60 103.78 126.33
C LYS D 169 -158.58 104.80 125.18
N GLY D 170 -159.64 105.61 125.00
CA GLY D 170 -159.82 106.49 123.82
C GLY D 170 -160.35 107.87 124.19
N LYS D 171 -159.47 108.76 124.66
CA LYS D 171 -159.72 110.20 124.94
C LYS D 171 -160.93 110.34 125.89
N THR D 172 -161.87 111.25 125.59
CA THR D 172 -163.09 111.56 126.41
C THR D 172 -162.68 112.22 127.72
N MET D 173 -161.65 113.08 127.68
CA MET D 173 -161.13 113.86 128.84
C MET D 173 -162.13 114.96 129.21
N LEU D 174 -162.72 115.62 128.21
CA LEU D 174 -163.67 116.76 128.34
C LEU D 174 -164.85 116.38 129.22
N PRO D 175 -165.38 115.14 129.06
CA PRO D 175 -166.48 114.67 129.91
C PRO D 175 -166.11 114.61 131.41
N LEU D 176 -164.88 114.15 131.72
CA LEU D 176 -164.34 114.03 133.10
C LEU D 176 -163.87 115.39 133.60
N PRO D 177 -163.48 116.30 132.68
CA PRO D 177 -163.17 117.68 133.06
C PRO D 177 -164.40 118.47 133.55
N SER D 178 -165.58 118.11 133.04
CA SER D 178 -166.91 118.70 133.41
C SER D 178 -167.19 118.46 134.89
N HIS D 179 -167.44 119.53 135.66
CA HIS D 179 -167.80 119.49 137.10
C HIS D 179 -169.14 118.76 137.27
N LYS D 180 -169.26 117.93 138.32
CA LYS D 180 -170.45 117.08 138.60
C LYS D 180 -171.18 117.63 139.83
N LEU D 181 -172.50 117.88 139.70
CA LEU D 181 -173.40 118.34 140.78
C LEU D 181 -172.94 119.70 141.31
N THR D 182 -172.74 120.67 140.42
CA THR D 182 -172.28 122.06 140.73
C THR D 182 -173.47 122.89 141.20
N SER D 183 -173.28 123.70 142.25
CA SER D 183 -174.31 124.60 142.86
C SER D 183 -174.39 125.91 142.06
N LYS D 190 -167.55 128.96 143.21
CA LYS D 190 -168.85 129.65 142.94
C LYS D 190 -168.94 129.99 141.45
N ASP D 191 -168.37 131.12 141.03
CA ASP D 191 -168.14 131.50 139.60
C ASP D 191 -166.73 131.07 139.18
N LYS D 192 -165.79 131.00 140.14
CA LYS D 192 -164.39 130.54 139.93
C LYS D 192 -164.36 129.04 139.61
N ALA D 193 -165.33 128.27 140.09
CA ALA D 193 -165.45 126.80 139.90
C ALA D 193 -165.86 126.49 138.45
N HIS D 194 -166.87 127.19 137.92
CA HIS D 194 -167.37 127.08 136.52
C HIS D 194 -166.26 127.50 135.53
N VAL D 195 -165.37 128.41 135.94
CA VAL D 195 -164.19 128.87 135.16
C VAL D 195 -163.15 127.74 135.08
N PHE D 196 -162.93 127.02 136.19
CA PHE D 196 -162.00 125.85 136.30
C PHE D 196 -162.44 124.73 135.35
N GLU D 197 -163.76 124.51 135.23
CA GLU D 197 -164.40 123.54 134.32
C GLU D 197 -164.02 123.87 132.86
N GLY D 198 -164.10 125.15 132.48
CA GLY D 198 -163.74 125.66 131.14
C GLY D 198 -162.26 125.47 130.82
N SER D 199 -161.38 125.67 131.81
CA SER D 199 -159.90 125.59 131.69
C SER D 199 -159.46 124.15 131.36
N ILE D 200 -160.18 123.15 131.87
CA ILE D 200 -159.94 121.69 131.59
C ILE D 200 -160.49 121.36 130.19
N ILE D 201 -161.62 121.97 129.82
CA ILE D 201 -162.21 121.91 128.45
C ILE D 201 -161.20 122.45 127.43
N THR D 202 -160.40 123.45 127.81
CA THR D 202 -159.33 124.10 126.99
C THR D 202 -158.25 123.08 126.58
N TRP D 203 -157.74 122.31 127.54
CA TRP D 203 -156.67 121.29 127.32
C TRP D 203 -157.20 120.10 126.51
N THR D 204 -158.53 119.91 126.43
CA THR D 204 -159.22 118.89 125.60
C THR D 204 -159.07 119.24 124.11
N LYS D 205 -159.43 120.47 123.73
CA LYS D 205 -159.28 121.02 122.34
C LYS D 205 -157.82 120.94 121.91
N GLN D 206 -156.88 121.18 122.83
CA GLN D 206 -155.40 121.13 122.60
C GLN D 206 -154.96 119.72 122.21
N ILE D 207 -155.53 118.69 122.83
CA ILE D 207 -155.20 117.24 122.61
C ILE D 207 -155.58 116.84 121.17
N LYS D 208 -156.68 117.39 120.64
CA LYS D 208 -157.19 117.12 119.26
C LYS D 208 -156.23 117.69 118.21
N ASN D 209 -155.80 118.95 118.40
CA ASN D 209 -154.85 119.67 117.51
C ASN D 209 -153.43 119.09 117.67
N VAL D 210 -153.07 118.66 118.88
CA VAL D 210 -151.75 118.02 119.22
C VAL D 210 -151.54 116.79 118.33
N LEU D 211 -152.56 115.94 118.20
CA LEU D 211 -152.54 114.71 117.36
C LEU D 211 -152.45 115.11 115.88
N LYS D 212 -151.51 114.50 115.14
CA LYS D 212 -151.26 114.75 113.69
C LYS D 212 -150.92 113.43 112.98
N LEU D 213 -151.01 113.42 111.65
CA LEU D 213 -150.61 112.29 110.77
C LEU D 213 -149.08 112.28 110.59
N GLU D 214 -148.42 113.42 110.78
CA GLU D 214 -146.96 113.63 110.54
C GLU D 214 -146.14 113.13 111.73
N PRO D 215 -146.64 113.30 112.97
CA PRO D 215 -145.88 112.89 114.17
C PRO D 215 -145.69 111.37 114.29
N GLU D 216 -146.69 110.59 113.87
CA GLU D 216 -146.63 109.09 113.77
C GLU D 216 -145.60 108.69 112.70
N GLN D 217 -145.55 109.44 111.59
CA GLN D 217 -144.60 109.23 110.46
C GLN D 217 -143.15 109.48 110.92
N LEU D 218 -142.96 110.43 111.86
CA LEU D 218 -141.63 110.84 112.40
C LEU D 218 -140.98 109.67 113.17
N LEU D 219 -141.74 109.01 114.05
CA LEU D 219 -141.26 107.97 114.99
C LEU D 219 -141.42 106.58 114.35
N LYS D 220 -140.75 106.33 113.21
CA LYS D 220 -140.77 105.05 112.46
C LYS D 220 -142.20 104.75 112.01
N TYR D 221 -142.58 103.46 111.94
CA TYR D 221 -143.96 102.97 111.64
C TYR D 221 -144.32 103.34 110.19
N GLY D 222 -145.35 104.18 110.01
CA GLY D 222 -145.84 104.64 108.69
C GLY D 222 -146.32 103.49 107.81
N ASN D 223 -146.95 102.48 108.41
CA ASN D 223 -147.51 101.29 107.69
C ASN D 223 -148.85 101.69 107.05
N ASP D 224 -149.17 101.11 105.88
CA ASP D 224 -150.42 101.36 105.12
C ASP D 224 -151.62 101.02 105.98
N PRO D 225 -151.52 99.94 106.80
CA PRO D 225 -152.58 99.63 107.76
C PRO D 225 -152.60 100.60 108.95
N GLY D 226 -151.42 100.97 109.46
CA GLY D 226 -151.24 101.86 110.62
C GLY D 226 -151.78 103.26 110.39
N PRO D 227 -151.49 103.89 109.23
CA PRO D 227 -151.97 105.24 108.95
C PRO D 227 -153.49 105.33 108.76
N LEU D 228 -154.09 104.32 108.11
CA LEU D 228 -155.56 104.16 107.94
C LEU D 228 -156.23 104.10 109.33
N ALA D 229 -155.68 103.26 110.22
CA ALA D 229 -156.16 103.05 111.61
C ALA D 229 -156.00 104.33 112.44
N GLU D 230 -154.96 105.13 112.16
CA GLU D 230 -154.64 106.41 112.85
C GLU D 230 -155.72 107.46 112.53
N ILE D 231 -156.24 107.47 111.31
CA ILE D 231 -157.37 108.35 110.86
C ILE D 231 -158.69 107.78 111.41
N GLU D 232 -158.86 106.45 111.40
CA GLU D 232 -160.03 105.71 111.95
C GLU D 232 -160.13 105.91 113.47
N PHE D 233 -159.00 106.02 114.16
CA PHE D 233 -158.90 106.32 115.62
C PHE D 233 -159.12 107.81 115.87
N TRP D 234 -158.60 108.68 115.00
CA TRP D 234 -158.75 110.16 115.06
C TRP D 234 -160.21 110.55 114.80
N GLN D 235 -160.84 109.97 113.77
CA GLN D 235 -162.25 110.21 113.37
C GLN D 235 -163.21 109.69 114.45
N ASN D 236 -162.82 108.64 115.18
CA ASN D 236 -163.58 108.06 116.33
C ASN D 236 -163.45 108.97 117.55
N LYS D 237 -162.26 109.56 117.77
CA LYS D 237 -161.95 110.46 118.92
C LYS D 237 -162.72 111.79 118.79
N ARG D 238 -162.77 112.35 117.57
CA ARG D 238 -163.49 113.61 117.26
C ARG D 238 -165.00 113.37 117.28
N ASP D 239 -165.47 112.22 116.77
CA ASP D 239 -166.90 111.79 116.77
C ASP D 239 -167.40 111.66 118.22
N ASN D 240 -166.58 111.09 119.10
CA ASN D 240 -166.82 111.00 120.57
C ASN D 240 -166.79 112.40 121.18
N LEU D 241 -165.81 113.22 120.79
CA LEU D 241 -165.62 114.62 121.25
C LEU D 241 -166.81 115.49 120.82
N ASN D 242 -167.39 115.22 119.63
CA ASN D 242 -168.59 115.91 119.09
C ASN D 242 -169.83 115.50 119.90
N LEU D 243 -169.96 114.20 120.19
CA LEU D 243 -171.03 113.62 121.06
C LEU D 243 -170.85 114.16 122.50
N ILE D 244 -169.62 114.23 122.98
CA ILE D 244 -169.25 114.78 124.33
C ILE D 244 -169.50 116.29 124.35
N ASP D 245 -169.26 116.98 123.23
CA ASP D 245 -169.51 118.44 123.05
C ASP D 245 -171.01 118.75 123.23
N SER D 246 -171.88 117.86 122.73
CA SER D 246 -173.36 117.94 122.85
C SER D 246 -173.81 117.81 124.31
N GLN D 247 -173.09 117.02 125.12
CA GLN D 247 -173.31 116.86 126.58
C GLN D 247 -172.61 117.99 127.34
N LEU D 248 -171.39 118.35 126.91
CA LEU D 248 -170.57 119.47 127.45
C LEU D 248 -171.39 120.77 127.36
N LYS D 249 -171.97 121.06 126.19
CA LYS D 249 -172.80 122.27 125.91
C LYS D 249 -174.14 122.13 126.63
N SER D 250 -174.11 122.11 127.97
CA SER D 250 -175.31 122.10 128.86
C SER D 250 -175.87 123.52 128.96
N VAL D 251 -177.18 123.65 129.22
CA VAL D 251 -177.88 124.94 129.43
C VAL D 251 -177.17 125.74 130.53
N GLU D 252 -176.66 125.04 131.55
CA GLU D 252 -175.87 125.62 132.68
C GLU D 252 -174.51 126.11 132.18
N VAL D 253 -173.82 125.33 131.34
CA VAL D 253 -172.46 125.64 130.79
C VAL D 253 -172.53 126.86 129.85
N GLN D 254 -173.70 127.11 129.24
CA GLN D 254 -173.98 128.29 128.37
C GLN D 254 -174.08 129.57 129.20
N ASN D 255 -174.75 129.51 130.36
CA ASN D 255 -174.95 130.65 131.31
C ASN D 255 -173.62 131.06 131.93
N ILE D 256 -172.71 130.10 132.17
CA ILE D 256 -171.34 130.33 132.74
C ILE D 256 -170.52 131.19 131.77
N LEU D 257 -170.60 130.91 130.46
CA LEU D 257 -169.86 131.65 129.39
C LEU D 257 -170.38 133.08 129.26
N HIS D 258 -171.68 133.30 129.49
CA HIS D 258 -172.38 134.62 129.39
C HIS D 258 -171.82 135.58 130.46
N PHE D 259 -171.72 135.11 131.70
CA PHE D 259 -171.22 135.87 132.89
C PHE D 259 -169.69 135.86 132.91
N LEU D 260 -169.07 136.50 131.90
CA LEU D 260 -167.61 136.64 131.72
C LEU D 260 -166.95 135.26 131.64
N LYS D 264 -165.87 136.51 128.67
CA LYS D 264 -166.55 135.60 127.70
C LYS D 264 -165.61 135.15 126.57
N SER D 265 -164.51 135.86 126.32
CA SER D 265 -163.47 135.52 125.30
C SER D 265 -162.78 134.18 125.63
N THR D 266 -162.80 133.75 126.89
CA THR D 266 -162.38 132.40 127.34
C THR D 266 -163.36 131.35 126.78
N TYR D 267 -164.66 131.64 126.81
CA TYR D 267 -165.77 130.75 126.34
C TYR D 267 -165.74 130.59 124.81
N THR D 268 -165.75 131.71 124.09
CA THR D 268 -165.86 131.78 122.60
C THR D 268 -164.63 131.14 121.94
N THR D 269 -163.45 131.21 122.57
CA THR D 269 -162.21 130.53 122.12
C THR D 269 -162.36 129.02 122.29
N PRO D 270 -163.03 128.57 123.38
CA PRO D 270 -163.37 127.15 123.53
C PRO D 270 -164.52 126.72 122.60
N PHE D 271 -165.46 127.62 122.30
CA PHE D 271 -166.59 127.42 121.35
C PHE D 271 -166.07 127.43 119.90
N THR D 272 -165.13 128.33 119.59
CA THR D 272 -164.48 128.50 118.26
C THR D 272 -163.66 127.25 117.90
N LYS D 273 -162.87 126.75 118.86
CA LYS D 273 -162.06 125.50 118.72
C LYS D 273 -162.97 124.29 118.51
N LEU D 274 -164.18 124.30 119.11
CA LEU D 274 -165.21 123.24 118.99
C LEU D 274 -165.75 123.20 117.55
N GLN D 275 -166.11 124.36 116.99
CA GLN D 275 -166.63 124.50 115.60
C GLN D 275 -165.53 124.14 114.59
N ALA D 276 -164.27 124.43 114.90
CA ALA D 276 -163.07 124.05 114.12
C ALA D 276 -162.89 122.52 114.16
N GLU D 277 -163.06 121.92 115.34
CA GLU D 277 -163.03 120.45 115.58
C GLU D 277 -164.17 119.79 114.79
N VAL D 278 -165.38 120.35 114.85
CA VAL D 278 -166.61 119.84 114.16
C VAL D 278 -166.41 119.84 112.64
N LYS D 279 -165.71 120.84 112.09
CA LYS D 279 -165.38 120.96 110.64
C LYS D 279 -164.27 119.96 110.30
N LYS D 280 -163.18 119.96 111.08
CA LYS D 280 -162.02 119.04 110.95
C LYS D 280 -162.48 117.58 111.09
N ALA D 281 -163.51 117.33 111.92
CA ALA D 281 -164.16 116.01 112.11
C ALA D 281 -164.87 115.58 110.83
N ARG D 282 -165.59 116.50 110.18
CA ARG D 282 -166.24 116.31 108.85
C ARG D 282 -165.16 115.95 107.82
N LEU D 283 -164.01 116.64 107.88
CA LEU D 283 -162.79 116.35 107.06
C LEU D 283 -162.21 114.98 107.44
N GLU D 284 -162.14 114.68 108.74
CA GLU D 284 -161.63 113.41 109.31
C GLU D 284 -162.51 112.23 108.87
N ALA D 285 -163.83 112.43 108.81
CA ALA D 285 -164.83 111.41 108.42
C ALA D 285 -164.66 110.99 106.96
N ASN D 286 -164.34 111.95 106.08
CA ASN D 286 -163.99 111.70 104.65
C ASN D 286 -162.63 111.00 104.56
N GLU D 287 -161.67 111.42 105.41
CA GLU D 287 -160.34 110.78 105.58
C GLU D 287 -160.51 109.33 106.07
N ASN D 288 -161.51 109.07 106.92
CA ASN D 288 -161.85 107.74 107.48
C ASN D 288 -162.45 106.83 106.39
N TYR D 289 -163.31 107.38 105.52
CA TYR D 289 -163.90 106.70 104.34
C TYR D 289 -162.77 106.31 103.36
N ARG D 290 -161.79 107.20 103.18
CA ARG D 290 -160.55 106.97 102.37
C ARG D 290 -159.65 105.95 103.08
N TYR D 291 -159.48 106.09 104.39
CA TYR D 291 -158.66 105.19 105.26
C TYR D 291 -159.23 103.76 105.24
N LEU D 292 -160.57 103.63 105.20
CA LEU D 292 -161.29 102.33 105.21
C LEU D 292 -160.97 101.52 103.94
N PHE D 293 -160.77 102.19 102.79
CA PHE D 293 -160.41 101.58 101.49
C PHE D 293 -158.93 101.15 101.50
N THR D 294 -158.06 101.96 102.10
CA THR D 294 -156.61 101.69 102.28
C THR D 294 -156.39 100.55 103.29
N LEU D 295 -157.26 100.44 104.30
CA LEU D 295 -157.24 99.36 105.33
C LEU D 295 -157.51 97.99 104.68
N LYS D 296 -158.29 97.97 103.59
CA LYS D 296 -158.53 96.76 102.74
C LYS D 296 -157.28 96.48 101.89
N ASP D 297 -156.66 97.54 101.33
CA ASP D 297 -155.39 97.48 100.54
C ASP D 297 -154.24 96.99 101.43
N LEU D 298 -154.15 97.53 102.66
CA LEU D 298 -153.15 97.14 103.69
C LEU D 298 -153.41 95.70 104.16
N PHE D 299 -154.68 95.30 104.23
CA PHE D 299 -155.13 93.91 104.56
C PHE D 299 -154.57 92.92 103.54
N SER D 300 -154.50 93.31 102.26
CA SER D 300 -153.88 92.55 101.14
C SER D 300 -152.38 92.36 101.39
N LYS D 301 -151.72 93.35 102.00
CA LYS D 301 -150.24 93.37 102.26
C LYS D 301 -149.92 92.79 103.65
N LEU D 302 -150.67 93.19 104.69
CA LEU D 302 -150.48 92.77 106.10
C LEU D 302 -150.68 91.25 106.23
N GLN D 303 -151.67 90.71 105.51
CA GLN D 303 -152.00 89.26 105.45
C GLN D 303 -150.78 88.44 105.00
N GLU D 304 -149.96 88.97 104.09
CA GLU D 304 -148.78 88.30 103.49
C GLU D 304 -147.91 87.67 104.59
N SER D 305 -147.58 86.38 104.44
CA SER D 305 -146.75 85.57 105.37
C SER D 305 -145.28 85.57 104.91
N GLN D 306 -144.87 86.56 104.11
CA GLN D 306 -143.47 86.77 103.63
C GLN D 306 -143.05 85.64 102.70
N PRO D 307 -144.02 84.99 102.00
CA PRO D 307 -143.70 83.92 101.04
C PRO D 307 -144.22 84.28 99.64
N SER D 308 -143.31 84.37 98.67
CA SER D 308 -143.57 84.85 97.27
C SER D 308 -144.04 86.31 97.31
N ASP D 309 -145.35 86.55 97.15
CA ASP D 309 -146.01 87.88 97.27
C ASP D 309 -145.51 88.81 96.17
N PHE D 310 -144.26 89.28 96.26
CA PHE D 310 -143.59 90.26 95.35
C PHE D 310 -143.82 89.88 93.89
N PRO D 311 -143.97 88.58 93.56
CA PRO D 311 -144.29 88.17 92.20
C PRO D 311 -145.69 88.64 91.74
N THR D 312 -146.69 88.53 92.61
CA THR D 312 -148.11 88.89 92.37
C THR D 312 -148.41 90.31 92.88
N LEU D 313 -147.74 90.75 93.95
CA LEU D 313 -147.94 92.08 94.62
C LEU D 313 -147.45 93.21 93.70
N TYR D 314 -146.42 92.94 92.89
CA TYR D 314 -145.93 93.83 91.79
C TYR D 314 -147.06 94.01 90.76
N GLU D 315 -147.81 92.94 90.49
CA GLU D 315 -149.03 92.96 89.62
C GLU D 315 -150.19 93.65 90.36
N LEU D 316 -150.36 93.37 91.65
CA LEU D 316 -151.48 93.87 92.50
C LEU D 316 -151.27 95.35 92.89
N PHE D 317 -150.05 95.88 92.79
CA PHE D 317 -149.67 97.26 93.20
C PHE D 317 -150.34 98.30 92.29
N ILE D 318 -150.30 98.08 90.96
CA ILE D 318 -150.81 99.02 89.91
C ILE D 318 -152.28 99.32 90.17
N PRO D 319 -153.10 98.30 90.46
CA PRO D 319 -154.52 98.52 90.78
C PRO D 319 -154.74 99.19 92.14
N ILE D 320 -153.92 98.84 93.14
CA ILE D 320 -153.89 99.47 94.50
C ILE D 320 -153.63 100.98 94.36
N MET D 321 -152.80 101.37 93.38
CA MET D 321 -152.52 102.79 93.02
C MET D 321 -153.75 103.39 92.33
N HIS D 322 -154.35 102.67 91.37
CA HIS D 322 -155.53 103.09 90.56
C HIS D 322 -156.74 103.38 91.46
N THR D 323 -156.86 102.65 92.58
CA THR D 323 -157.90 102.87 93.64
C THR D 323 -157.64 104.19 94.36
N ILE D 324 -156.38 104.46 94.74
CA ILE D 324 -155.92 105.68 95.47
C ILE D 324 -156.26 106.93 94.65
N LEU D 325 -156.03 106.89 93.34
CA LEU D 325 -156.29 108.01 92.38
C LEU D 325 -157.79 108.34 92.38
N LEU D 326 -158.64 107.31 92.23
CA LEU D 326 -160.13 107.43 92.23
C LEU D 326 -160.63 107.96 93.58
N ILE D 327 -159.92 107.65 94.68
CA ILE D 327 -160.22 108.13 96.06
C ILE D 327 -160.12 109.66 96.12
N TYR D 328 -159.17 110.26 95.38
CA TYR D 328 -158.94 111.73 95.28
C TYR D 328 -160.16 112.41 94.68
N ASN D 329 -160.72 111.85 93.61
CA ASN D 329 -161.85 112.43 92.83
C ASN D 329 -163.17 112.31 93.60
N LYS D 330 -163.39 111.19 94.30
CA LYS D 330 -164.70 110.81 94.92
C LYS D 330 -165.03 111.72 96.11
N SER D 331 -164.07 111.91 97.03
CA SER D 331 -164.24 112.73 98.27
C SER D 331 -164.39 114.21 97.90
N LYS D 332 -163.51 114.73 97.04
CA LYS D 332 -163.53 116.11 96.47
C LYS D 332 -163.10 117.13 97.53
N THR D 333 -163.89 117.28 98.60
CA THR D 333 -163.61 118.18 99.75
C THR D 333 -162.63 117.51 100.73
N TYR D 334 -161.87 116.50 100.29
CA TYR D 334 -160.84 115.76 101.08
C TYR D 334 -159.81 116.74 101.63
N ASN D 335 -159.97 117.12 102.91
CA ASN D 335 -159.05 118.03 103.65
C ASN D 335 -157.69 117.35 103.82
N GLN D 336 -156.60 118.11 103.63
CA GLN D 336 -155.19 117.63 103.65
C GLN D 336 -154.97 116.68 102.48
N PRO D 337 -155.29 117.09 101.23
CA PRO D 337 -155.06 116.26 100.05
C PRO D 337 -153.59 116.23 99.64
N PRO D 338 -152.79 117.25 100.03
CA PRO D 338 -151.34 117.22 99.84
C PRO D 338 -150.55 116.59 100.99
N ARG D 339 -151.12 116.56 102.20
CA ARG D 339 -150.55 115.92 103.42
C ARG D 339 -150.83 114.40 103.39
N LEU D 340 -152.05 114.01 102.99
CA LEU D 340 -152.49 112.59 102.88
C LEU D 340 -151.65 111.82 101.85
N VAL D 341 -151.11 112.52 100.84
CA VAL D 341 -150.21 111.98 99.78
C VAL D 341 -148.88 111.53 100.41
N VAL D 342 -148.35 112.29 101.38
CA VAL D 342 -147.10 111.97 102.14
C VAL D 342 -147.30 110.70 102.99
N LEU D 343 -148.53 110.46 103.45
CA LEU D 343 -148.93 109.27 104.25
C LEU D 343 -149.00 108.02 103.36
N ILE D 344 -149.69 108.13 102.22
CA ILE D 344 -149.90 107.03 101.22
C ILE D 344 -148.55 106.52 100.70
N ARG D 345 -147.60 107.44 100.45
CA ARG D 345 -146.25 107.15 99.91
C ARG D 345 -145.40 106.48 101.01
N GLU D 346 -145.43 107.03 102.23
CA GLU D 346 -144.81 106.42 103.45
C GLU D 346 -145.45 105.04 103.70
N ILE D 347 -146.75 104.90 103.42
CA ILE D 347 -147.56 103.65 103.57
C ILE D 347 -146.97 102.53 102.71
N CYS D 348 -146.90 102.74 101.39
CA CYS D 348 -146.26 101.83 100.40
C CYS D 348 -144.79 101.62 100.76
N ASN D 349 -144.15 102.65 101.33
CA ASN D 349 -142.71 102.67 101.72
C ASN D 349 -142.45 101.61 102.80
N ALA D 350 -143.10 101.74 103.96
CA ALA D 350 -142.99 100.83 105.12
C ALA D 350 -143.31 99.39 104.70
N ILE D 351 -144.32 99.19 103.84
CA ILE D 351 -144.80 97.88 103.32
C ILE D 351 -143.66 97.17 102.58
N ILE D 352 -143.04 97.87 101.61
CA ILE D 352 -141.93 97.35 100.78
C ILE D 352 -140.76 96.92 101.68
N SER D 353 -140.39 97.76 102.65
CA SER D 353 -139.30 97.53 103.64
C SER D 353 -139.53 96.21 104.39
N ASN D 354 -140.77 95.92 104.78
CA ASN D 354 -141.17 94.69 105.51
C ASN D 354 -141.00 93.45 104.61
N ALA D 355 -141.57 93.50 103.40
CA ALA D 355 -141.47 92.45 102.36
C ALA D 355 -140.01 92.15 102.04
N GLN D 356 -139.19 93.21 101.94
CA GLN D 356 -137.74 93.14 101.55
C GLN D 356 -136.93 92.48 102.67
N ALA D 357 -137.17 92.88 103.93
CA ALA D 357 -136.50 92.34 105.15
C ALA D 357 -136.68 90.82 105.23
N PHE D 358 -137.82 90.30 104.76
CA PHE D 358 -138.17 88.85 104.76
C PHE D 358 -137.30 88.08 103.75
N VAL D 359 -137.28 88.53 102.49
CA VAL D 359 -136.68 87.80 101.32
C VAL D 359 -135.15 87.70 101.48
N ASP D 360 -134.52 88.59 102.27
CA ASP D 360 -133.08 88.55 102.62
C ASP D 360 -132.95 88.27 104.14
N LYS D 361 -132.16 89.07 104.86
CA LYS D 361 -131.89 88.96 106.32
C LYS D 361 -130.88 87.82 106.55
N ASP D 362 -131.14 86.93 107.53
CA ASP D 362 -130.26 85.77 107.88
C ASP D 362 -130.24 84.76 106.73
N THR D 363 -131.31 84.69 105.93
CA THR D 363 -131.46 83.80 104.75
C THR D 363 -130.41 84.16 103.69
N ILE D 364 -130.23 85.45 103.40
CA ILE D 364 -129.24 85.99 102.41
C ILE D 364 -127.81 85.71 102.91
N PHE D 365 -127.57 85.95 104.20
CA PHE D 365 -126.29 85.66 104.91
C PHE D 365 -125.98 84.15 104.83
N SER D 366 -126.99 83.31 105.06
CA SER D 366 -126.91 81.82 105.06
C SER D 366 -126.61 81.30 103.65
N LEU D 367 -127.25 81.88 102.62
CA LEU D 367 -127.06 81.50 101.19
C LEU D 367 -125.64 81.85 100.74
N ILE D 368 -125.18 83.07 101.08
CA ILE D 368 -123.80 83.58 100.80
C ILE D 368 -122.76 82.66 101.45
N ASP D 369 -123.03 82.21 102.68
CA ASP D 369 -122.18 81.31 103.50
C ASP D 369 -121.89 80.01 102.72
N SER D 370 -122.96 79.27 102.39
CA SER D 370 -122.91 77.98 101.64
C SER D 370 -122.26 78.18 100.27
N LYS D 371 -122.56 79.30 99.61
CA LYS D 371 -122.02 79.69 98.27
C LYS D 371 -122.42 78.63 97.24
N GLU D 372 -123.62 78.04 97.40
CA GLU D 372 -124.21 77.03 96.49
C GLU D 372 -125.57 77.55 95.99
N THR D 373 -125.77 78.87 95.99
CA THR D 373 -127.03 79.57 95.62
C THR D 373 -126.71 80.70 94.63
N THR D 374 -127.12 80.54 93.37
CA THR D 374 -127.04 81.56 92.29
C THR D 374 -128.45 82.11 92.01
N GLU D 375 -129.45 81.23 91.87
CA GLU D 375 -130.87 81.56 91.60
C GLU D 375 -131.43 82.47 92.70
N ALA D 376 -131.08 82.20 93.96
CA ALA D 376 -131.49 82.98 95.16
C ALA D 376 -131.02 84.44 95.03
N CYS D 377 -129.82 84.65 94.49
CA CYS D 377 -129.26 85.98 94.14
C CYS D 377 -130.18 86.67 93.12
N ASP D 378 -130.58 85.95 92.06
CA ASP D 378 -131.52 86.43 91.01
C ASP D 378 -132.88 86.78 91.63
N LYS D 379 -133.33 85.98 92.61
CA LYS D 379 -134.60 86.20 93.38
C LYS D 379 -134.57 87.57 94.06
N LEU D 380 -133.42 87.94 94.65
CA LEU D 380 -133.17 89.26 95.31
C LEU D 380 -133.39 90.39 94.30
N GLN D 381 -132.87 90.24 93.08
CA GLN D 381 -133.02 91.20 91.95
C GLN D 381 -134.51 91.32 91.57
N VAL D 382 -135.24 90.21 91.59
CA VAL D 382 -136.71 90.13 91.33
C VAL D 382 -137.46 90.96 92.38
N THR D 383 -137.06 90.84 93.65
CA THR D 383 -137.60 91.62 94.81
C THR D 383 -137.43 93.12 94.55
N LEU D 384 -136.25 93.54 94.09
CA LEU D 384 -135.93 94.94 93.72
C LEU D 384 -136.79 95.38 92.53
N ASP D 385 -137.01 94.48 91.56
CA ASP D 385 -137.86 94.70 90.35
C ASP D 385 -139.30 95.01 90.78
N VAL D 386 -139.82 94.31 91.79
CA VAL D 386 -141.18 94.51 92.38
C VAL D 386 -141.29 95.95 92.90
N CYS D 387 -140.25 96.45 93.57
CA CYS D 387 -140.13 97.84 94.07
C CYS D 387 -140.16 98.83 92.90
N SER D 388 -139.36 98.57 91.86
CA SER D 388 -139.29 99.35 90.60
C SER D 388 -140.67 99.43 89.94
N LYS D 389 -141.43 98.32 89.97
CA LYS D 389 -142.81 98.21 89.44
C LYS D 389 -143.75 99.17 90.21
N PHE D 390 -143.55 99.29 91.53
CA PHE D 390 -144.34 100.17 92.44
C PHE D 390 -144.07 101.65 92.11
N LYS D 391 -142.80 102.00 91.86
CA LYS D 391 -142.37 103.38 91.47
C LYS D 391 -142.83 103.67 90.03
N ASP D 392 -142.81 102.67 89.15
CA ASP D 392 -143.28 102.76 87.74
C ASP D 392 -144.81 102.96 87.70
N ALA D 393 -145.54 102.21 88.53
CA ALA D 393 -147.01 102.32 88.72
C ALA D 393 -147.36 103.68 89.34
N TYR D 394 -146.52 104.19 90.24
CA TYR D 394 -146.66 105.52 90.91
C TYR D 394 -146.56 106.64 89.87
N PHE D 395 -145.65 106.49 88.90
CA PHE D 395 -145.50 107.39 87.71
C PHE D 395 -146.65 107.13 86.73
N GLU D 396 -147.06 105.86 86.56
CA GLU D 396 -148.17 105.42 85.69
C GLU D 396 -149.52 105.93 86.21
N TYR D 397 -149.64 106.17 87.53
CA TYR D 397 -150.82 106.77 88.19
C TYR D 397 -150.75 108.30 88.09
N LYS D 398 -149.55 108.88 88.15
CA LYS D 398 -149.29 110.35 88.05
C LYS D 398 -149.74 110.88 86.68
N ALA D 399 -149.54 110.10 85.61
CA ALA D 399 -150.04 110.38 84.24
C ALA D 399 -151.56 110.20 84.20
N LYS D 400 -152.06 109.10 84.80
CA LYS D 400 -153.51 108.76 84.90
C LYS D 400 -154.27 109.85 85.67
N ALA D 401 -153.65 110.41 86.72
CA ALA D 401 -154.17 111.54 87.54
C ALA D 401 -154.34 112.78 86.64
N GLY D 402 -153.27 113.16 85.93
CA GLY D 402 -153.25 114.32 85.02
C GLY D 402 -153.32 115.63 85.79
N GLY D 403 -152.23 116.00 86.46
CA GLY D 403 -152.13 117.21 87.30
C GLY D 403 -152.42 116.90 88.77
N ASN D 404 -151.89 117.72 89.68
CA ASN D 404 -151.94 117.51 91.15
C ASN D 404 -151.22 116.19 91.49
N TRP D 405 -150.06 115.95 90.88
CA TRP D 405 -149.21 114.75 91.11
C TRP D 405 -148.71 114.75 92.56
N LYS D 406 -148.20 115.89 93.01
CA LYS D 406 -147.74 116.15 94.41
C LYS D 406 -146.63 115.14 94.75
N LEU D 407 -146.93 114.15 95.62
CA LEU D 407 -146.03 113.02 96.00
C LEU D 407 -144.75 113.54 96.66
N THR D 408 -143.89 114.21 95.87
CA THR D 408 -142.54 114.70 96.29
C THR D 408 -141.67 113.48 96.59
N SER D 409 -141.65 112.51 95.68
CA SER D 409 -140.90 111.22 95.77
C SER D 409 -139.39 111.49 95.91
N ASN D 410 -138.90 112.56 95.28
CA ASN D 410 -137.46 112.94 95.20
C ASN D 410 -136.89 113.16 96.62
N ALA D 411 -137.73 113.47 97.61
CA ALA D 411 -137.38 113.57 99.05
C ALA D 411 -138.07 112.46 99.87
N LEU D 412 -139.34 112.15 99.58
CA LEU D 412 -140.16 111.13 100.32
C LEU D 412 -139.60 109.73 100.05
N PHE D 413 -139.55 109.31 98.78
CA PHE D 413 -139.11 107.95 98.33
C PHE D 413 -137.60 107.76 98.58
N VAL D 414 -136.86 108.78 99.02
CA VAL D 414 -135.40 108.67 99.36
C VAL D 414 -135.21 107.47 100.30
N ARG D 415 -136.07 107.33 101.32
CA ARG D 415 -136.10 106.16 102.25
C ARG D 415 -136.16 104.87 101.44
N LEU D 416 -137.02 104.80 100.42
CA LEU D 416 -137.16 103.62 99.52
C LEU D 416 -135.94 103.51 98.59
N ASP D 417 -135.58 104.60 97.92
CA ASP D 417 -134.44 104.68 96.98
C ASP D 417 -133.17 104.17 97.68
N SER D 418 -132.91 104.65 98.91
CA SER D 418 -131.72 104.32 99.74
C SER D 418 -131.70 102.82 100.09
N PHE D 419 -132.87 102.20 100.29
CA PHE D 419 -133.02 100.73 100.51
C PHE D 419 -132.58 99.99 99.24
N LEU D 420 -133.12 100.40 98.10
CA LEU D 420 -132.89 99.75 96.77
C LEU D 420 -131.42 99.91 96.36
N GLU D 421 -130.81 101.07 96.66
CA GLU D 421 -129.37 101.34 96.41
C GLU D 421 -128.52 100.30 97.14
N ARG D 422 -128.75 100.12 98.45
CA ARG D 422 -128.05 99.15 99.32
C ARG D 422 -128.29 97.72 98.81
N CYS D 423 -129.55 97.39 98.50
CA CYS D 423 -129.97 96.10 97.88
C CYS D 423 -129.16 95.86 96.60
N GLN D 424 -129.22 96.79 95.64
CA GLN D 424 -128.50 96.74 94.34
C GLN D 424 -127.00 96.54 94.57
N ASP D 425 -126.42 97.29 95.52
CA ASP D 425 -124.97 97.24 95.89
C ASP D 425 -124.62 95.81 96.32
N ILE D 426 -125.47 95.13 97.09
CA ILE D 426 -125.30 93.70 97.48
C ILE D 426 -125.34 92.85 96.21
N LEU D 427 -126.42 93.00 95.42
CA LEU D 427 -126.67 92.26 94.15
C LEU D 427 -125.45 92.35 93.23
N HIS D 428 -124.87 93.54 93.08
CA HIS D 428 -123.63 93.79 92.29
C HIS D 428 -122.49 92.93 92.84
N LEU D 429 -122.32 92.88 94.17
CA LEU D 429 -121.24 92.13 94.86
C LEU D 429 -121.55 90.62 94.90
N THR D 430 -122.82 90.22 94.98
CA THR D 430 -123.23 88.79 95.03
C THR D 430 -122.92 88.10 93.70
N ASN D 431 -123.18 88.78 92.58
CA ASN D 431 -122.95 88.27 91.19
C ASN D 431 -121.46 87.96 91.00
N THR D 432 -120.58 88.86 91.45
CA THR D 432 -119.10 88.73 91.39
C THR D 432 -118.65 87.50 92.20
N ILE D 433 -119.28 87.22 93.34
CA ILE D 433 -118.96 86.06 94.22
C ILE D 433 -119.24 84.75 93.46
N VAL D 434 -120.33 84.72 92.67
CA VAL D 434 -120.72 83.55 91.82
C VAL D 434 -119.65 83.34 90.74
N GLN D 435 -119.14 84.45 90.17
CA GLN D 435 -118.05 84.44 89.15
C GLN D 435 -116.84 83.69 89.71
N PHE D 436 -116.26 84.18 90.83
CA PHE D 436 -114.99 83.68 91.42
C PHE D 436 -115.08 82.17 91.69
N ASN D 437 -116.26 81.64 92.07
CA ASN D 437 -116.50 80.20 92.30
C ASN D 437 -116.16 79.40 91.03
N LYS D 438 -116.50 79.93 89.85
CA LYS D 438 -116.21 79.30 88.53
C LYS D 438 -114.70 79.27 88.30
N LEU D 439 -113.98 80.32 88.71
CA LEU D 439 -112.52 80.52 88.50
C LEU D 439 -111.72 79.33 89.05
N GLU D 440 -112.05 78.87 90.27
CA GLU D 440 -111.40 77.68 90.92
C GLU D 440 -111.45 76.49 89.96
N LYS D 441 -112.66 76.16 89.47
CA LYS D 441 -112.95 74.99 88.61
C LYS D 441 -112.07 75.02 87.35
N ILE D 442 -111.72 76.21 86.83
CA ILE D 442 -110.95 76.40 85.55
C ILE D 442 -109.56 75.79 85.72
N GLU D 443 -109.18 74.90 84.79
CA GLU D 443 -107.85 74.24 84.68
C GLU D 443 -107.38 74.31 83.23
N LEU D 444 -106.85 75.47 82.81
CA LEU D 444 -106.51 75.79 81.39
C LEU D 444 -105.47 74.80 80.85
N GLY D 445 -104.48 74.43 81.67
CA GLY D 445 -103.51 73.38 81.35
C GLY D 445 -102.47 73.80 80.31
N GLY D 446 -102.45 75.08 79.91
CA GLY D 446 -101.73 75.55 78.71
C GLY D 446 -100.30 75.94 79.02
N THR D 447 -99.33 75.35 78.29
CA THR D 447 -97.92 75.81 78.15
C THR D 447 -97.18 75.69 79.50
N LYS D 448 -96.68 76.80 80.05
CA LYS D 448 -96.16 76.87 81.45
C LYS D 448 -97.32 76.58 82.40
N GLY D 449 -97.09 75.68 83.37
CA GLY D 449 -98.14 75.04 84.19
C GLY D 449 -97.90 75.17 85.67
N LYS D 450 -98.90 74.81 86.47
CA LYS D 450 -98.87 74.75 87.96
C LYS D 450 -98.66 76.17 88.52
N THR D 451 -97.51 76.79 88.23
CA THR D 451 -97.15 78.19 88.59
C THR D 451 -98.33 79.14 88.34
N LEU D 452 -99.03 79.01 87.22
CA LEU D 452 -100.23 79.82 86.88
C LEU D 452 -101.42 79.37 87.75
N THR D 453 -101.67 78.06 87.87
CA THR D 453 -102.81 77.49 88.64
C THR D 453 -102.62 77.77 90.14
N GLU D 454 -101.37 77.71 90.62
CA GLU D 454 -100.96 78.11 92.00
C GLU D 454 -101.33 79.57 92.24
N SER D 455 -101.00 80.46 91.29
CA SER D 455 -101.33 81.91 91.31
C SER D 455 -102.85 82.10 91.32
N ILE D 456 -103.59 81.29 90.54
CA ILE D 456 -105.09 81.28 90.51
C ILE D 456 -105.62 80.78 91.86
N ALA D 457 -104.97 79.78 92.48
CA ALA D 457 -105.37 79.18 93.77
C ALA D 457 -105.25 80.22 94.89
N GLN D 458 -104.10 80.89 95.00
CA GLN D 458 -103.83 81.99 95.98
C GLN D 458 -104.89 83.09 95.82
N ILE D 459 -105.24 83.42 94.57
CA ILE D 459 -106.31 84.40 94.20
C ILE D 459 -107.65 83.92 94.77
N PHE D 460 -107.97 82.63 94.61
CA PHE D 460 -109.24 82.01 95.09
C PHE D 460 -109.30 82.04 96.62
N LYS D 461 -108.15 81.81 97.30
CA LYS D 461 -108.05 81.80 98.78
C LYS D 461 -108.34 83.21 99.33
N GLU D 462 -107.76 84.25 98.73
CA GLU D 462 -107.99 85.68 99.08
C GLU D 462 -109.48 85.99 99.01
N PHE D 463 -110.14 85.58 97.92
CA PHE D 463 -111.61 85.69 97.70
C PHE D 463 -112.35 84.99 98.84
N GLU D 464 -111.94 83.75 99.17
CA GLU D 464 -112.58 82.89 100.20
C GLU D 464 -112.49 83.57 101.59
N GLU D 465 -111.42 84.33 101.85
CA GLU D 465 -111.25 85.13 103.09
C GLU D 465 -112.25 86.28 103.10
N ALA D 466 -112.41 86.97 101.96
CA ALA D 466 -113.30 88.15 101.79
C ALA D 466 -114.76 87.74 101.98
N VAL D 467 -115.20 86.68 101.31
CA VAL D 467 -116.62 86.18 101.35
C VAL D 467 -116.93 85.64 102.75
N GLN D 468 -115.94 85.08 103.46
CA GLN D 468 -116.07 84.59 104.86
C GLN D 468 -116.28 85.79 105.80
N ALA D 469 -115.59 86.90 105.57
CA ALA D 469 -115.71 88.18 106.32
C ALA D 469 -117.06 88.85 106.03
N PHE D 470 -117.57 88.73 104.80
CA PHE D 470 -118.90 89.24 104.37
C PHE D 470 -120.02 88.44 105.04
N THR D 471 -119.85 87.11 105.15
CA THR D 471 -120.83 86.15 105.74
C THR D 471 -121.10 86.48 107.22
N SER D 472 -120.14 87.12 107.90
CA SER D 472 -120.22 87.57 109.32
C SER D 472 -121.52 88.38 109.58
N VAL D 473 -121.96 89.16 108.59
CA VAL D 473 -123.25 89.94 108.54
C VAL D 473 -123.49 90.64 109.90
N SER D 474 -122.45 91.26 110.46
CA SER D 474 -122.50 92.04 111.72
C SER D 474 -123.36 93.29 111.49
N TYR D 475 -124.48 93.40 112.22
CA TYR D 475 -125.60 94.35 111.97
C TYR D 475 -126.17 94.04 110.58
N ASP D 476 -126.23 95.01 109.66
CA ASP D 476 -126.62 94.81 108.24
C ASP D 476 -128.09 94.37 108.18
N ILE D 477 -128.39 93.17 107.68
CA ILE D 477 -129.77 92.62 107.52
C ILE D 477 -130.60 93.62 106.70
N MET D 478 -130.08 94.02 105.53
CA MET D 478 -130.70 94.98 104.57
C MET D 478 -131.53 96.04 105.30
N ASN D 479 -130.94 96.71 106.29
CA ASN D 479 -131.59 97.83 107.03
C ASN D 479 -131.18 99.15 106.38
N ILE D 480 -132.12 99.79 105.67
CA ILE D 480 -131.92 101.11 104.99
C ILE D 480 -131.45 102.15 106.02
N ALA D 481 -132.12 102.20 107.18
CA ALA D 481 -131.88 103.19 108.26
C ALA D 481 -130.43 103.07 108.76
N GLU D 482 -129.91 101.84 108.82
CA GLU D 482 -128.48 101.55 109.14
C GLU D 482 -127.61 101.98 107.95
N LYS D 483 -126.55 102.76 108.22
CA LYS D 483 -125.55 103.22 107.22
C LYS D 483 -124.24 102.44 107.39
N LYS D 484 -124.32 101.18 107.82
CA LYS D 484 -123.16 100.29 108.10
C LYS D 484 -122.88 99.38 106.90
N PHE D 485 -123.93 98.87 106.24
CA PHE D 485 -123.84 97.98 105.05
C PHE D 485 -123.14 98.72 103.90
N ASP D 486 -123.53 99.99 103.67
CA ASP D 486 -122.96 100.87 102.61
C ASP D 486 -121.44 100.95 102.77
N ASP D 487 -120.94 101.07 104.01
CA ASP D 487 -119.50 101.07 104.35
C ASP D 487 -118.89 99.70 104.06
N ASP D 488 -119.61 98.62 104.39
CA ASP D 488 -119.18 97.21 104.19
C ASP D 488 -119.13 96.88 102.68
N PHE D 489 -120.03 97.48 101.88
CA PHE D 489 -120.04 97.37 100.39
C PHE D 489 -118.75 97.98 99.81
N TYR D 490 -118.43 99.22 100.21
CA TYR D 490 -117.23 99.99 99.74
C TYR D 490 -115.94 99.21 100.02
N GLU D 491 -115.87 98.54 101.17
CA GLU D 491 -114.73 97.67 101.58
C GLU D 491 -114.65 96.46 100.65
N PHE D 492 -115.80 95.81 100.40
CA PHE D 492 -115.92 94.59 99.55
C PHE D 492 -115.67 94.96 98.08
N ARG D 493 -116.21 96.09 97.62
CA ARG D 493 -116.05 96.61 96.23
C ARG D 493 -114.57 96.85 95.92
N SER D 494 -113.81 97.40 96.89
CA SER D 494 -112.35 97.68 96.77
C SER D 494 -111.58 96.35 96.65
N LYS D 495 -111.92 95.35 97.47
CA LYS D 495 -111.32 93.99 97.45
C LYS D 495 -111.56 93.33 96.09
N ILE D 496 -112.77 93.49 95.54
CA ILE D 496 -113.19 92.94 94.21
C ILE D 496 -112.38 93.63 93.10
N LYS D 497 -112.24 94.95 93.14
CA LYS D 497 -111.48 95.76 92.14
C LYS D 497 -110.00 95.34 92.14
N GLU D 498 -109.46 94.98 93.31
CA GLU D 498 -108.08 94.42 93.47
C GLU D 498 -108.03 93.00 92.88
N LEU D 499 -109.10 92.21 93.09
CA LEU D 499 -109.23 90.81 92.62
C LEU D 499 -109.36 90.79 91.08
N GLU D 500 -110.21 91.67 90.52
CA GLU D 500 -110.47 91.78 89.05
C GLU D 500 -109.19 92.18 88.30
N ARG D 501 -108.30 92.94 88.94
CA ARG D 501 -106.99 93.36 88.34
C ARG D 501 -106.02 92.17 88.32
N ARG D 502 -106.05 91.30 89.34
CA ARG D 502 -105.23 90.06 89.39
C ARG D 502 -105.70 89.07 88.32
N LEU D 503 -107.02 88.95 88.10
CA LEU D 503 -107.62 88.07 87.07
C LEU D 503 -107.15 88.52 85.68
N ALA D 504 -107.28 89.83 85.40
CA ALA D 504 -106.89 90.47 84.11
C ALA D 504 -105.41 90.20 83.81
N SER D 505 -104.55 90.22 84.84
CA SER D 505 -103.09 89.96 84.74
C SER D 505 -102.83 88.47 84.43
N VAL D 506 -103.59 87.56 85.06
CA VAL D 506 -103.50 86.09 84.86
C VAL D 506 -103.95 85.73 83.44
N ILE D 507 -105.03 86.34 82.95
CA ILE D 507 -105.58 86.11 81.57
C ILE D 507 -104.53 86.54 80.53
N THR D 508 -103.86 87.69 80.74
CA THR D 508 -102.85 88.24 79.80
C THR D 508 -101.62 87.35 79.74
N GLN D 509 -101.18 86.80 80.87
CA GLN D 509 -100.07 85.80 80.94
C GLN D 509 -100.46 84.57 80.12
N GLY D 510 -101.62 83.98 80.44
CA GLY D 510 -102.16 82.75 79.81
C GLY D 510 -102.37 82.89 78.31
N PHE D 511 -102.66 84.11 77.82
CA PHE D 511 -102.86 84.43 76.39
C PHE D 511 -101.49 84.55 75.68
N ASP D 512 -100.47 85.05 76.39
CA ASP D 512 -99.09 85.24 75.87
C ASP D 512 -98.32 83.91 75.84
N ASP D 513 -99.01 82.78 75.98
CA ASP D 513 -98.43 81.44 76.23
C ASP D 513 -98.78 80.50 75.06
N TYR D 514 -100.07 80.15 74.93
CA TYR D 514 -100.61 79.17 73.94
C TYR D 514 -99.94 79.39 72.57
N ASP D 515 -99.98 80.64 72.07
CA ASP D 515 -99.36 81.09 70.78
C ASP D 515 -99.95 80.29 69.61
N THR D 516 -101.28 80.08 69.63
CA THR D 516 -102.08 79.46 68.54
C THR D 516 -103.51 80.04 68.60
N ILE D 517 -104.01 80.58 67.49
CA ILE D 517 -105.38 81.15 67.34
C ILE D 517 -106.42 80.21 67.97
N TYR D 518 -106.20 78.89 67.91
CA TYR D 518 -107.10 77.84 68.44
C TYR D 518 -106.98 77.78 69.96
N GLY D 519 -105.76 77.61 70.48
CA GLY D 519 -105.46 77.56 71.93
C GLY D 519 -105.96 78.80 72.66
N ARG D 520 -105.84 79.97 72.05
CA ARG D 520 -106.26 81.27 72.63
C ARG D 520 -107.79 81.38 72.63
N PHE D 521 -108.45 80.98 71.53
CA PHE D 521 -109.94 80.99 71.43
C PHE D 521 -110.54 80.01 72.46
N LYS D 522 -109.84 78.91 72.75
CA LYS D 522 -110.25 77.90 73.77
C LYS D 522 -110.18 78.53 75.17
N LEU D 523 -109.13 79.31 75.45
CA LEU D 523 -108.94 80.02 76.75
C LEU D 523 -110.16 80.92 77.01
N LEU D 524 -110.48 81.80 76.05
CA LEU D 524 -111.64 82.75 76.12
C LEU D 524 -112.91 81.98 76.55
N ASP D 525 -113.21 80.88 75.86
CA ASP D 525 -114.43 80.05 76.06
C ASP D 525 -114.53 79.62 77.54
N ASN D 526 -113.41 79.34 78.20
CA ASN D 526 -113.36 78.94 79.64
C ASN D 526 -113.86 80.09 80.52
N PHE D 527 -113.49 81.33 80.18
CA PHE D 527 -113.82 82.56 80.96
C PHE D 527 -115.00 83.31 80.31
N GLU D 528 -115.70 82.71 79.34
CA GLU D 528 -116.84 83.33 78.60
C GLU D 528 -117.98 83.67 79.58
N GLY D 529 -118.23 82.79 80.56
CA GLY D 529 -119.18 83.02 81.66
C GLY D 529 -118.56 83.78 82.83
N LEU D 530 -117.23 83.95 82.83
CA LEU D 530 -116.44 84.57 83.92
C LEU D 530 -115.89 85.95 83.48
N LEU D 531 -116.61 86.66 82.61
CA LEU D 531 -116.30 88.08 82.25
C LEU D 531 -116.95 88.99 83.30
N THR D 532 -116.16 89.83 83.96
CA THR D 532 -116.57 90.67 85.12
C THR D 532 -117.10 92.03 84.62
N ARG D 533 -117.95 92.01 83.59
CA ARG D 533 -118.62 93.20 83.00
C ARG D 533 -117.51 94.07 82.38
N PRO D 534 -117.35 95.40 82.64
CA PRO D 534 -116.49 96.23 81.80
C PRO D 534 -114.97 96.14 82.02
N ILE D 535 -114.49 95.74 83.21
CA ILE D 535 -113.04 95.74 83.56
C ILE D 535 -112.31 94.66 82.74
N ILE D 536 -112.91 93.47 82.59
CA ILE D 536 -112.38 92.39 81.69
C ILE D 536 -112.58 92.82 80.23
N ALA D 537 -113.70 93.47 79.90
CA ALA D 537 -114.07 93.92 78.54
C ALA D 537 -113.02 94.91 77.99
N ASP D 538 -112.43 95.76 78.85
CA ASP D 538 -111.36 96.72 78.48
C ASP D 538 -110.09 95.96 78.05
N GLU D 539 -109.79 94.84 78.72
CA GLU D 539 -108.66 93.93 78.35
C GLU D 539 -108.99 93.20 77.04
N LEU D 540 -110.23 92.70 76.89
CA LEU D 540 -110.69 91.92 75.70
C LEU D 540 -110.56 92.74 74.42
N GLU D 541 -110.84 94.06 74.48
CA GLU D 541 -110.74 95.00 73.33
C GLU D 541 -109.34 94.96 72.72
N LYS D 542 -108.30 94.96 73.57
CA LYS D 542 -106.87 94.86 73.15
C LYS D 542 -106.57 93.45 72.63
N LYS D 543 -107.07 92.42 73.33
CA LYS D 543 -106.93 90.99 72.99
C LYS D 543 -107.53 90.71 71.60
N HIS D 544 -108.71 91.28 71.29
CA HIS D 544 -109.44 91.10 70.01
C HIS D 544 -108.58 91.55 68.82
N ILE D 545 -107.82 92.65 68.96
CA ILE D 545 -106.95 93.23 67.89
C ILE D 545 -105.81 92.24 67.58
N VAL D 546 -105.28 91.56 68.60
CA VAL D 546 -104.12 90.62 68.48
C VAL D 546 -104.57 89.35 67.72
N LEU D 547 -105.78 88.84 68.02
CA LEU D 547 -106.37 87.66 67.34
C LEU D 547 -106.50 87.93 65.84
N LEU D 548 -107.05 89.10 65.46
CA LEU D 548 -107.25 89.51 64.04
C LEU D 548 -105.90 89.53 63.32
N GLU D 549 -104.83 89.98 63.98
CA GLU D 549 -103.45 90.05 63.43
C GLU D 549 -102.92 88.63 63.20
N MET D 550 -103.19 87.70 64.14
CA MET D 550 -102.72 86.29 64.08
C MET D 550 -103.37 85.57 62.89
N TYR D 551 -104.67 85.76 62.67
CA TYR D 551 -105.44 85.09 61.59
C TYR D 551 -104.97 85.59 60.22
N LYS D 552 -104.58 86.86 60.10
CA LYS D 552 -104.00 87.45 58.85
C LYS D 552 -102.74 86.68 58.46
N GLN D 553 -101.84 86.41 59.43
CA GLN D 553 -100.54 85.73 59.20
C GLN D 553 -100.75 84.31 58.67
N ASP D 554 -101.64 83.53 59.30
CA ASP D 554 -102.01 82.15 58.87
C ASP D 554 -102.64 82.22 57.47
N LEU D 555 -103.63 83.10 57.29
CA LEU D 555 -104.37 83.27 56.01
C LEU D 555 -103.39 83.61 54.88
N LYS D 556 -102.47 84.56 55.12
CA LYS D 556 -101.40 84.98 54.18
C LYS D 556 -100.47 83.79 53.88
N GLN D 557 -100.11 83.02 54.91
CA GLN D 557 -99.19 81.86 54.82
C GLN D 557 -99.84 80.75 53.97
N VAL D 558 -101.14 80.48 54.16
CA VAL D 558 -101.91 79.48 53.37
C VAL D 558 -101.87 79.93 51.90
N GLN D 559 -102.18 81.20 51.64
CA GLN D 559 -102.19 81.80 50.28
C GLN D 559 -100.85 81.50 49.59
N SER D 560 -99.73 81.73 50.29
CA SER D 560 -98.34 81.50 49.79
C SER D 560 -98.10 80.01 49.54
N ILE D 561 -98.66 79.12 50.37
CA ILE D 561 -98.57 77.63 50.20
C ILE D 561 -99.43 77.20 49.01
N PHE D 562 -100.61 77.80 48.85
CA PHE D 562 -101.58 77.48 47.76
C PHE D 562 -100.95 77.82 46.40
N LEU D 563 -100.32 79.00 46.27
CA LEU D 563 -99.72 79.50 45.00
C LEU D 563 -98.58 78.57 44.57
N GLU D 564 -97.67 78.24 45.50
CA GLU D 564 -96.55 77.28 45.28
C GLU D 564 -97.12 75.91 44.89
N GLY D 565 -98.08 75.42 45.66
CA GLY D 565 -98.73 74.11 45.46
C GLY D 565 -99.47 74.02 44.13
N LYS D 566 -100.35 74.99 43.85
CA LYS D 566 -101.20 75.06 42.63
C LYS D 566 -100.38 74.69 41.39
N GLN D 567 -99.16 75.24 41.28
CA GLN D 567 -98.19 74.99 40.19
C GLN D 567 -97.86 73.48 40.12
N PHE D 568 -97.48 72.90 41.25
CA PHE D 568 -97.04 71.49 41.38
C PHE D 568 -98.20 70.52 41.12
N VAL D 569 -99.41 70.83 41.62
CA VAL D 569 -100.64 69.99 41.48
C VAL D 569 -100.95 69.81 39.98
N ASP D 570 -101.03 70.93 39.24
CA ASP D 570 -101.32 70.97 37.79
C ASP D 570 -100.21 70.25 37.03
N SER D 571 -98.94 70.51 37.40
CA SER D 571 -97.72 69.87 36.84
C SER D 571 -97.74 68.35 37.08
N MET D 572 -98.17 67.93 38.27
CA MET D 572 -98.12 66.52 38.76
C MET D 572 -96.65 66.10 38.91
N HIS D 573 -95.89 66.88 39.69
CA HIS D 573 -94.46 66.67 40.00
C HIS D 573 -94.33 65.70 41.18
N GLU D 574 -93.15 65.10 41.37
CA GLU D 574 -92.80 64.35 42.60
C GLU D 574 -92.59 65.36 43.72
N ASN D 575 -93.01 65.03 44.95
CA ASN D 575 -93.07 65.98 46.10
C ASN D 575 -94.10 67.06 45.76
N ALA D 576 -95.37 66.65 45.65
CA ALA D 576 -96.52 67.54 45.34
C ALA D 576 -97.37 67.72 46.59
N PRO D 577 -98.27 68.73 46.63
CA PRO D 577 -99.24 68.86 47.71
C PRO D 577 -100.14 67.61 47.86
N LEU D 578 -100.51 66.97 46.74
CA LEU D 578 -101.30 65.71 46.70
C LEU D 578 -100.61 64.70 47.62
N PHE D 579 -101.35 64.10 48.56
CA PHE D 579 -100.76 63.24 49.62
C PHE D 579 -101.04 61.77 49.34
N LEU D 580 -99.96 60.99 49.22
CA LEU D 580 -99.95 59.52 49.00
C LEU D 580 -100.81 59.16 47.77
N ASN D 581 -101.34 57.93 47.71
CA ASN D 581 -102.15 57.45 46.55
C ASN D 581 -103.51 58.14 46.55
N MET D 582 -103.67 59.13 45.69
CA MET D 582 -104.97 59.68 45.25
C MET D 582 -104.93 59.83 43.74
N PRO D 583 -106.08 60.08 43.07
CA PRO D 583 -106.06 60.55 41.69
C PRO D 583 -105.36 61.90 41.54
N PRO D 584 -104.80 62.22 40.36
CA PRO D 584 -104.23 63.54 40.13
C PRO D 584 -105.26 64.68 40.05
N ILE D 585 -106.56 64.35 40.02
CA ILE D 585 -107.69 65.32 39.86
C ILE D 585 -108.42 65.43 41.19
N ALA D 586 -108.96 64.33 41.71
CA ALA D 586 -109.63 64.24 43.02
C ALA D 586 -108.68 64.71 44.13
N GLY D 587 -107.40 64.35 44.04
CA GLY D 587 -106.34 64.74 44.99
C GLY D 587 -106.24 66.25 45.17
N ALA D 588 -106.33 67.00 44.07
CA ALA D 588 -106.36 68.48 44.05
C ALA D 588 -107.57 68.98 44.85
N LEU D 589 -108.76 68.44 44.56
CA LEU D 589 -110.05 68.86 45.19
C LEU D 589 -110.00 68.63 46.70
N THR D 590 -109.46 67.47 47.12
CA THR D 590 -109.30 67.09 48.56
C THR D 590 -108.25 67.99 49.21
N TRP D 591 -107.16 68.25 48.51
CA TRP D 591 -106.10 69.20 48.93
C TRP D 591 -106.72 70.59 49.14
N CYS D 592 -107.37 71.13 48.11
CA CYS D 592 -108.06 72.45 48.11
C CYS D 592 -109.08 72.51 49.25
N LYS D 593 -109.87 71.43 49.43
CA LYS D 593 -110.87 71.29 50.51
C LYS D 593 -110.18 71.41 51.87
N SER D 594 -109.06 70.71 52.07
CA SER D 594 -108.31 70.68 53.36
C SER D 594 -107.83 72.10 53.72
N LEU D 595 -107.34 72.86 52.73
CA LEU D 595 -106.95 74.29 52.91
C LEU D 595 -108.20 75.11 53.24
N ARG D 596 -109.24 75.02 52.39
CA ARG D 596 -110.51 75.78 52.54
C ARG D 596 -111.11 75.53 53.92
N ASP D 597 -111.02 74.29 54.43
CA ASP D 597 -111.53 73.91 55.77
C ASP D 597 -110.70 74.57 56.88
N ARG D 598 -109.37 74.62 56.73
CA ARG D 598 -108.42 75.23 57.70
C ARG D 598 -108.76 76.71 57.92
N ILE D 599 -108.96 77.45 56.83
CA ILE D 599 -109.24 78.92 56.83
C ILE D 599 -110.63 79.17 57.45
N GLN D 600 -111.59 78.27 57.24
CA GLN D 600 -113.04 78.50 57.50
C GLN D 600 -113.37 78.30 58.99
N GLU D 601 -112.50 77.66 59.77
CA GLU D 601 -112.76 77.31 61.19
C GLU D 601 -112.71 78.57 62.07
N PRO D 602 -111.65 79.42 62.01
CA PRO D 602 -111.63 80.68 62.75
C PRO D 602 -112.76 81.67 62.47
N ILE D 603 -113.24 81.78 61.22
CA ILE D 603 -114.31 82.75 60.81
C ILE D 603 -115.61 82.42 61.57
N GLU D 604 -115.97 81.14 61.65
CA GLU D 604 -117.19 80.66 62.38
C GLU D 604 -117.05 80.94 63.88
N LYS D 605 -115.81 81.04 64.37
CA LYS D 605 -115.47 81.43 65.77
C LYS D 605 -115.51 82.97 65.92
N LEU D 606 -114.96 83.71 64.95
CA LEU D 606 -114.90 85.20 64.97
C LEU D 606 -116.30 85.81 65.01
N ALA D 607 -117.28 85.21 64.31
CA ALA D 607 -118.69 85.64 64.27
C ALA D 607 -119.32 85.61 65.68
N GLN D 608 -118.88 84.68 66.53
CA GLN D 608 -119.43 84.47 67.90
C GLN D 608 -118.99 85.59 68.84
N LEU D 609 -117.80 86.19 68.63
CA LEU D 609 -117.28 87.30 69.48
C LEU D 609 -118.23 88.50 69.40
N GLY D 610 -118.49 89.14 70.55
CA GLY D 610 -119.26 90.40 70.67
C GLY D 610 -118.35 91.61 70.62
N GLN D 611 -118.85 92.75 71.10
CA GLN D 611 -118.15 94.07 71.14
C GLN D 611 -117.88 94.56 69.72
N GLY D 612 -118.86 94.41 68.82
CA GLY D 612 -118.86 94.91 67.43
C GLY D 612 -117.54 94.68 66.71
N ILE D 613 -117.01 93.45 66.77
CA ILE D 613 -115.78 93.02 66.03
C ILE D 613 -115.96 93.27 64.53
N THR D 614 -117.17 93.05 64.00
CA THR D 614 -117.53 93.25 62.57
C THR D 614 -117.40 94.73 62.18
N GLU D 615 -117.72 95.64 63.11
CA GLU D 615 -117.68 97.12 62.90
C GLU D 615 -116.22 97.62 62.88
N ARG D 616 -115.28 96.87 63.47
CA ARG D 616 -113.84 97.24 63.52
C ARG D 616 -113.26 97.11 62.10
N GLU D 617 -112.51 98.12 61.65
CA GLU D 617 -111.94 98.21 60.27
C GLU D 617 -110.91 97.08 60.05
N GLU D 618 -110.22 96.64 61.10
CA GLU D 618 -109.15 95.60 61.03
C GLU D 618 -109.75 94.27 60.59
N TYR D 619 -110.87 93.85 61.21
CA TYR D 619 -111.65 92.63 60.88
C TYR D 619 -112.10 92.67 59.41
N LYS D 620 -112.58 93.82 58.95
CA LYS D 620 -113.12 94.04 57.57
C LYS D 620 -112.02 93.75 56.54
N ASP D 621 -110.78 94.15 56.84
CA ASP D 621 -109.59 93.93 55.97
C ASP D 621 -109.25 92.44 55.85
N VAL D 622 -109.51 91.65 56.91
CA VAL D 622 -109.25 90.18 56.96
C VAL D 622 -110.29 89.46 56.10
N GLN D 623 -111.57 89.83 56.27
CA GLN D 623 -112.74 89.26 55.54
C GLN D 623 -112.56 89.49 54.02
N LYS D 624 -112.15 90.70 53.63
CA LYS D 624 -111.90 91.09 52.21
C LYS D 624 -110.78 90.22 51.62
N LEU D 625 -109.72 89.96 52.39
CA LEU D 625 -108.58 89.08 52.01
C LEU D 625 -109.11 87.65 51.83
N TYR D 626 -109.80 87.13 52.86
CA TYR D 626 -110.40 85.77 52.92
C TYR D 626 -111.19 85.48 51.63
N THR D 627 -112.13 86.38 51.29
CA THR D 627 -113.06 86.27 50.13
C THR D 627 -112.25 86.06 48.84
N SER D 628 -111.17 86.82 48.64
CA SER D 628 -110.28 86.75 47.45
C SER D 628 -109.60 85.38 47.36
N ILE D 629 -109.25 84.79 48.51
CA ILE D 629 -108.56 83.45 48.58
C ILE D 629 -109.58 82.36 48.26
N THR D 630 -110.75 82.37 48.89
CA THR D 630 -111.83 81.37 48.68
C THR D 630 -112.22 81.34 47.19
N LYS D 631 -112.41 82.51 46.57
CA LYS D 631 -112.77 82.65 45.14
C LYS D 631 -111.69 82.00 44.25
N SER D 632 -110.42 82.29 44.52
CA SER D 632 -109.25 81.76 43.76
C SER D 632 -109.16 80.23 43.87
N ILE D 633 -109.50 79.69 45.06
CA ILE D 633 -109.54 78.21 45.32
C ILE D 633 -110.70 77.60 44.55
N LYS D 634 -111.91 78.18 44.66
CA LYS D 634 -113.14 77.73 43.97
C LYS D 634 -112.93 77.72 42.45
N ASP D 635 -112.25 78.74 41.92
CA ASP D 635 -111.92 78.86 40.46
C ASP D 635 -111.04 77.69 40.03
N TYR D 636 -110.07 77.28 40.86
CA TYR D 636 -109.13 76.16 40.60
C TYR D 636 -109.89 74.82 40.60
N GLU D 637 -110.84 74.65 41.51
CA GLU D 637 -111.72 73.45 41.60
C GLU D 637 -112.59 73.36 40.34
N ASP D 638 -113.15 74.50 39.89
CA ASP D 638 -114.04 74.62 38.71
C ASP D 638 -113.29 74.22 37.43
N GLN D 639 -112.00 74.58 37.32
CA GLN D 639 -111.13 74.20 36.17
C GLN D 639 -110.87 72.70 36.19
N LYS D 640 -110.72 72.09 37.38
CA LYS D 640 -110.37 70.66 37.56
C LYS D 640 -111.60 69.78 37.24
N ILE D 641 -112.77 70.11 37.82
CA ILE D 641 -114.05 69.38 37.59
C ILE D 641 -114.42 69.45 36.10
N LEU D 642 -114.35 70.64 35.48
CA LEU D 642 -114.74 70.86 34.06
C LEU D 642 -113.85 69.98 33.17
N SER D 643 -112.53 70.05 33.37
CA SER D 643 -111.50 69.24 32.64
C SER D 643 -111.74 67.75 32.89
N TRP D 644 -112.16 67.37 34.09
CA TRP D 644 -112.45 65.96 34.50
C TRP D 644 -113.65 65.42 33.72
N GLU D 645 -114.79 66.14 33.74
CA GLU D 645 -116.06 65.76 33.08
C GLU D 645 -115.83 65.40 31.61
N LYS D 646 -114.96 66.16 30.91
CA LYS D 646 -114.53 65.87 29.51
C LYS D 646 -113.82 64.53 29.44
N GLU D 647 -112.87 64.29 30.37
CA GLU D 647 -112.09 63.01 30.47
C GLU D 647 -113.02 61.84 30.81
N VAL D 648 -114.10 62.09 31.56
CA VAL D 648 -115.11 61.06 31.95
C VAL D 648 -115.84 60.57 30.69
N GLU D 649 -116.15 61.47 29.76
CA GLU D 649 -116.85 61.16 28.48
C GLU D 649 -115.94 60.34 27.55
N ASP D 650 -114.64 60.66 27.52
CA ASP D 650 -113.62 60.00 26.65
C ASP D 650 -113.33 58.58 27.17
N SER D 651 -113.31 58.40 28.49
CA SER D 651 -112.98 57.11 29.18
C SER D 651 -114.09 56.08 28.99
N SER D 652 -115.36 56.50 29.03
CA SER D 652 -116.56 55.64 28.86
C SER D 652 -116.56 54.97 27.49
N GLN D 653 -115.97 55.63 26.47
CA GLN D 653 -115.80 55.09 25.09
C GLN D 653 -114.78 53.94 25.11
N ASP D 654 -113.60 54.18 25.71
CA ASP D 654 -112.46 53.22 25.78
C ASP D 654 -112.95 51.86 26.28
N LYS D 655 -113.63 51.86 27.44
CA LYS D 655 -114.20 50.66 28.12
C LYS D 655 -114.93 49.77 27.10
N LEU D 656 -115.87 50.34 26.34
CA LEU D 656 -116.77 49.60 25.40
C LEU D 656 -115.94 48.90 24.32
N LYS D 657 -114.96 49.62 23.74
CA LYS D 657 -114.11 49.15 22.62
C LYS D 657 -112.77 48.59 23.14
N GLN D 658 -112.62 48.38 24.46
CA GLN D 658 -111.34 47.92 25.08
C GLN D 658 -111.07 46.48 24.59
N THR D 659 -112.04 45.59 24.78
CA THR D 659 -112.01 44.16 24.34
C THR D 659 -110.80 43.48 24.99
N LEU D 660 -110.11 42.56 24.29
CA LEU D 660 -108.85 41.90 24.74
C LEU D 660 -107.74 42.21 23.73
N LEU D 661 -106.54 42.55 24.24
CA LEU D 661 -105.31 42.77 23.43
C LEU D 661 -104.26 41.71 23.80
N CYS D 662 -103.65 41.10 22.78
CA CYS D 662 -102.59 40.06 22.89
C CYS D 662 -101.38 40.49 22.06
N LYS D 663 -100.25 40.74 22.71
CA LYS D 663 -99.04 41.39 22.11
C LYS D 663 -97.90 40.39 21.97
N ASP D 664 -96.83 40.79 21.27
CA ASP D 664 -95.57 40.03 21.03
C ASP D 664 -95.81 38.88 20.06
N GLU D 665 -94.73 38.31 19.52
CA GLU D 665 -94.74 37.15 18.57
C GLU D 665 -95.39 35.95 19.27
N ASN D 666 -94.99 35.70 20.53
CA ASN D 666 -95.65 34.71 21.43
C ASN D 666 -97.04 35.25 21.79
N ASP D 667 -98.07 34.40 21.67
CA ASP D 667 -99.47 34.72 22.04
C ASP D 667 -99.55 34.79 23.56
N LEU D 668 -99.48 36.01 24.12
CA LEU D 668 -99.53 36.29 25.58
C LEU D 668 -100.64 37.31 25.86
N ILE D 669 -101.90 36.89 25.69
CA ILE D 669 -103.13 37.69 25.93
C ILE D 669 -103.10 38.14 27.39
N LYS D 670 -103.59 39.34 27.67
CA LYS D 670 -103.58 39.95 29.02
C LYS D 670 -104.82 40.83 29.16
N VAL D 671 -105.07 41.36 30.37
CA VAL D 671 -106.17 42.34 30.65
C VAL D 671 -105.78 43.67 30.01
N ASN D 672 -106.64 44.20 29.14
CA ASN D 672 -106.39 45.45 28.36
C ASN D 672 -106.89 46.67 29.16
N PHE D 673 -107.61 46.46 30.27
CA PHE D 673 -108.28 47.51 31.10
C PHE D 673 -107.35 48.73 31.23
N ASP D 674 -107.81 49.88 30.71
CA ASP D 674 -107.05 51.16 30.63
C ASP D 674 -106.67 51.60 32.05
N PRO D 675 -105.44 52.10 32.28
CA PRO D 675 -105.10 52.71 33.57
C PRO D 675 -106.04 53.88 33.91
N SER D 676 -106.44 54.67 32.90
CA SER D 676 -107.35 55.84 33.04
C SER D 676 -108.75 55.40 33.52
N LEU D 677 -109.15 54.15 33.26
CA LEU D 677 -110.44 53.58 33.77
C LEU D 677 -110.30 53.19 35.23
N VAL D 678 -109.13 52.67 35.65
CA VAL D 678 -108.85 52.32 37.08
C VAL D 678 -108.80 53.62 37.90
N ARG D 679 -108.21 54.69 37.33
CA ARG D 679 -108.06 55.99 38.03
C ARG D 679 -109.43 56.67 38.13
N LEU D 680 -110.25 56.58 37.07
CA LEU D 680 -111.66 57.03 37.08
C LEU D 680 -112.44 56.31 38.19
N LEU D 681 -112.27 55.00 38.31
CA LEU D 681 -112.98 54.14 39.30
C LEU D 681 -112.64 54.61 40.72
N LYS D 682 -111.38 54.96 40.97
CA LYS D 682 -110.93 55.52 42.27
C LYS D 682 -111.45 56.97 42.40
N GLU D 683 -111.37 57.76 41.32
CA GLU D 683 -111.81 59.19 41.30
C GLU D 683 -113.25 59.32 41.79
N VAL D 684 -114.16 58.45 41.35
CA VAL D 684 -115.61 58.51 41.69
C VAL D 684 -115.79 58.34 43.21
N LYS D 685 -114.99 57.47 43.85
CA LYS D 685 -115.18 57.12 45.28
C LYS D 685 -114.83 58.33 46.15
N TYR D 686 -113.77 59.07 45.82
CA TYR D 686 -113.29 60.22 46.62
C TYR D 686 -114.24 61.42 46.47
N PHE D 687 -114.93 61.55 45.33
CA PHE D 687 -115.97 62.58 45.09
C PHE D 687 -117.14 62.35 46.06
N LEU D 688 -117.57 61.09 46.24
CA LEU D 688 -118.68 60.71 47.16
C LEU D 688 -118.26 61.00 48.60
N LEU D 689 -116.98 60.82 48.92
CA LEU D 689 -116.42 61.03 50.30
C LEU D 689 -116.47 62.52 50.67
N LEU D 690 -116.11 63.41 49.73
CA LEU D 690 -116.17 64.89 49.90
C LEU D 690 -117.58 65.42 49.57
N ARG D 691 -118.43 64.62 48.93
CA ARG D 691 -119.86 64.93 48.60
C ARG D 691 -119.94 65.99 47.50
N LEU D 692 -119.63 67.26 47.83
CA LEU D 692 -119.74 68.48 46.98
C LEU D 692 -120.63 68.22 45.75
N GLU D 693 -120.08 67.56 44.72
CA GLU D 693 -120.77 67.23 43.45
C GLU D 693 -120.36 65.83 42.99
N VAL D 694 -121.03 65.31 41.96
CA VAL D 694 -120.84 63.93 41.43
C VAL D 694 -120.98 63.95 39.91
N PRO D 695 -120.31 63.03 39.17
CA PRO D 695 -120.43 62.97 37.71
C PRO D 695 -121.79 62.42 37.23
N THR D 696 -122.15 62.74 35.98
CA THR D 696 -123.41 62.34 35.31
C THR D 696 -123.17 61.05 34.52
N THR D 697 -123.90 59.98 34.84
CA THR D 697 -123.90 58.65 34.17
C THR D 697 -122.59 57.88 34.42
N ALA D 698 -121.78 58.28 35.41
CA ALA D 698 -120.58 57.53 35.87
C ALA D 698 -120.93 56.68 37.10
N LYS D 699 -122.16 56.82 37.61
CA LYS D 699 -122.71 56.01 38.74
C LYS D 699 -122.78 54.55 38.33
N ASP D 700 -123.29 54.28 37.11
CA ASP D 700 -123.45 52.93 36.52
C ASP D 700 -122.11 52.20 36.47
N ILE D 701 -121.01 52.91 36.18
CA ILE D 701 -119.61 52.36 36.15
C ILE D 701 -119.16 52.03 37.58
N TYR D 702 -119.55 52.85 38.56
CA TYR D 702 -119.10 52.75 39.98
C TYR D 702 -119.87 51.65 40.74
N THR D 703 -121.16 51.43 40.45
CA THR D 703 -121.97 50.33 41.05
C THR D 703 -121.36 48.99 40.65
N LYS D 704 -121.21 48.77 39.33
CA LYS D 704 -120.59 47.55 38.75
C LYS D 704 -119.09 47.49 39.10
N ALA D 705 -118.46 48.64 39.40
CA ALA D 705 -117.01 48.75 39.71
C ALA D 705 -116.55 47.53 40.50
N GLU D 706 -117.21 47.24 41.61
CA GLU D 706 -116.90 46.08 42.50
C GLU D 706 -116.90 44.79 41.65
N THR D 707 -117.93 44.59 40.82
CA THR D 707 -118.10 43.38 39.97
C THR D 707 -116.92 43.26 38.99
N TYR D 708 -116.42 44.38 38.45
CA TYR D 708 -115.23 44.39 37.56
C TYR D 708 -114.00 43.90 38.35
N ARG D 709 -113.82 44.36 39.60
CA ARG D 709 -112.63 44.07 40.44
C ARG D 709 -112.62 42.62 40.94
N THR D 710 -113.76 41.94 40.95
CA THR D 710 -113.86 40.47 41.15
C THR D 710 -113.59 39.78 39.80
N GLN D 711 -114.19 40.28 38.72
CA GLN D 711 -114.13 39.70 37.35
C GLN D 711 -112.71 39.82 36.78
N ILE D 712 -112.02 40.95 36.98
CA ILE D 712 -110.61 41.19 36.54
C ILE D 712 -109.68 40.19 37.24
N VAL D 713 -109.81 40.04 38.56
CA VAL D 713 -109.03 39.05 39.36
C VAL D 713 -109.37 37.66 38.83
N ALA D 714 -110.66 37.32 38.85
CA ALA D 714 -111.19 36.04 38.32
C ALA D 714 -110.64 35.80 36.92
N LEU D 715 -110.95 36.69 35.96
CA LEU D 715 -110.32 36.67 34.63
C LEU D 715 -108.85 36.37 34.90
N ASP D 716 -108.10 37.32 35.43
CA ASP D 716 -106.65 37.09 35.58
C ASP D 716 -106.56 35.61 35.80
N MET D 717 -107.19 35.15 36.82
CA MET D 717 -106.78 33.81 37.22
C MET D 717 -106.36 33.09 35.92
N ILE D 718 -107.29 32.89 35.00
CA ILE D 718 -107.12 32.02 33.79
C ILE D 718 -105.95 32.58 33.00
N VAL D 719 -105.91 33.90 32.79
CA VAL D 719 -104.96 34.59 31.86
C VAL D 719 -103.55 34.10 32.18
N ASP D 720 -102.94 34.57 33.26
CA ASP D 720 -101.76 33.85 33.78
C ASP D 720 -101.78 32.44 33.16
N ASN D 721 -102.68 31.58 33.59
CA ASN D 721 -102.37 30.13 33.53
C ASN D 721 -101.96 29.88 32.09
N TYR D 722 -102.68 30.50 31.16
CA TYR D 722 -102.43 30.49 29.69
C TYR D 722 -100.97 30.81 29.33
N ASN D 723 -100.50 32.03 29.63
CA ASN D 723 -99.06 32.39 29.56
C ASN D 723 -98.29 31.14 29.96
N HIS D 724 -98.11 30.91 31.26
CA HIS D 724 -97.20 29.84 31.79
C HIS D 724 -97.56 28.51 31.14
N ILE D 725 -98.73 28.38 30.51
CA ILE D 725 -99.08 27.18 29.71
C ILE D 725 -98.38 27.26 28.36
N LYS D 726 -98.28 28.43 27.74
CA LYS D 726 -97.73 28.58 26.38
C LYS D 726 -96.24 28.21 26.40
N THR D 727 -95.49 28.73 27.37
CA THR D 727 -94.01 28.66 27.45
C THR D 727 -93.51 27.35 28.09
N CYS D 728 -94.41 26.53 28.66
CA CYS D 728 -94.04 25.28 29.39
C CYS D 728 -93.54 24.20 28.43
N LEU D 729 -93.99 24.22 27.17
CA LEU D 729 -93.70 23.16 26.17
C LEU D 729 -92.27 23.29 25.64
N LEU D 730 -91.81 22.30 24.86
CA LEU D 730 -90.40 22.14 24.37
C LEU D 730 -90.38 22.00 22.83
N GLU D 734 -95.15 19.55 23.25
CA GLU D 734 -95.84 20.50 22.33
C GLU D 734 -95.93 19.92 20.93
N PRO D 735 -94.80 19.56 20.27
CA PRO D 735 -94.84 18.77 19.03
C PRO D 735 -95.39 17.35 19.29
N LEU D 736 -95.37 16.91 20.54
CA LEU D 736 -96.15 15.75 21.07
C LEU D 736 -97.65 16.07 20.93
N VAL D 737 -98.18 16.98 21.77
CA VAL D 737 -99.64 17.11 22.07
C VAL D 737 -100.15 18.49 21.64
N LYS D 738 -100.03 18.77 20.33
CA LYS D 738 -100.43 20.03 19.65
C LYS D 738 -101.94 20.27 19.80
N LYS D 739 -102.74 19.26 19.47
CA LYS D 739 -104.23 19.32 19.41
C LYS D 739 -104.80 19.98 20.66
N LYS D 740 -104.48 19.44 21.84
CA LYS D 740 -104.97 19.97 23.14
C LYS D 740 -104.75 21.47 23.13
N ILE D 741 -103.46 21.87 23.08
CA ILE D 741 -102.95 23.27 23.20
C ILE D 741 -103.69 24.13 22.17
N GLN D 742 -103.62 23.71 20.91
CA GLN D 742 -104.40 24.29 19.79
C GLN D 742 -105.84 24.46 20.28
N ASP D 743 -106.50 23.37 20.68
CA ASP D 743 -107.94 23.40 21.07
C ASP D 743 -108.14 24.55 22.06
N MET D 744 -107.22 24.77 23.00
CA MET D 744 -107.26 25.89 23.99
C MET D 744 -107.14 27.24 23.26
N GLU D 745 -106.20 27.32 22.30
CA GLU D 745 -106.05 28.49 21.38
C GLU D 745 -107.36 28.69 20.60
N GLU D 746 -107.83 27.62 19.93
CA GLU D 746 -109.08 27.61 19.12
C GLU D 746 -110.30 27.92 20.00
N GLU D 747 -110.31 27.42 21.24
CA GLU D 747 -111.33 27.76 22.27
C GLU D 747 -111.14 29.22 22.67
N VAL D 748 -109.92 29.64 22.87
CA VAL D 748 -109.83 31.00 23.41
C VAL D 748 -110.13 31.93 22.25
N LYS D 749 -109.77 31.54 21.03
CA LYS D 749 -109.59 32.44 19.85
C LYS D 749 -110.77 33.38 19.65
N PRO D 750 -112.03 32.93 19.83
CA PRO D 750 -113.12 33.88 20.06
C PRO D 750 -112.85 34.50 21.45
N GLY D 751 -113.71 34.20 22.41
CA GLY D 751 -113.69 35.09 23.57
C GLY D 751 -113.05 36.30 23.00
N ILE D 752 -111.74 36.41 23.17
CA ILE D 752 -111.01 37.71 23.18
C ILE D 752 -111.89 38.64 22.35
N GLU D 753 -112.26 38.17 21.15
CA GLU D 753 -113.27 38.76 20.20
C GLU D 753 -114.54 39.16 20.97
N GLU D 754 -115.17 38.19 21.64
CA GLU D 754 -116.32 38.35 22.59
C GLU D 754 -116.12 39.56 23.52
N ILE D 755 -114.92 39.70 24.12
CA ILE D 755 -114.65 40.64 25.25
C ILE D 755 -115.19 42.03 24.88
N ARG D 756 -116.16 42.50 25.65
CA ARG D 756 -116.74 43.87 25.62
C ARG D 756 -117.30 44.14 27.01
N TRP D 757 -116.80 45.16 27.73
CA TRP D 757 -117.22 45.50 29.12
C TRP D 757 -118.68 45.97 29.15
N LYS D 758 -119.27 46.27 27.98
CA LYS D 758 -120.72 46.52 27.75
C LYS D 758 -121.56 45.41 28.41
N SER D 759 -121.25 44.14 28.12
CA SER D 759 -121.95 42.93 28.65
C SER D 759 -120.93 41.84 29.03
N THR D 760 -120.78 41.55 30.33
CA THR D 760 -119.84 40.54 30.88
C THR D 760 -120.61 39.27 31.25
N ASN D 761 -120.38 38.18 30.51
CA ASN D 761 -120.78 36.80 30.88
C ASN D 761 -119.50 36.01 31.18
N ILE D 762 -118.61 36.62 31.97
CA ILE D 762 -117.23 36.11 32.27
C ILE D 762 -117.35 34.87 33.18
N ASP D 763 -118.26 34.89 34.16
CA ASP D 763 -118.50 33.81 35.17
C ASP D 763 -118.32 32.43 34.52
N GLN D 764 -119.03 32.17 33.41
CA GLN D 764 -119.01 30.88 32.67
C GLN D 764 -117.73 30.83 31.84
N PHE D 765 -117.75 31.13 30.56
CA PHE D 765 -116.43 31.23 29.97
C PHE D 765 -115.55 30.87 31.17
N ILE D 766 -115.41 31.79 32.10
CA ILE D 766 -114.18 31.64 32.87
C ILE D 766 -114.07 30.15 33.05
N SER D 767 -115.08 29.59 33.72
CA SER D 767 -115.12 28.28 34.42
C SER D 767 -114.91 27.11 33.45
N LYS D 768 -115.52 27.18 32.26
CA LYS D 768 -115.37 26.15 31.19
C LYS D 768 -113.88 26.04 30.82
N SER D 769 -113.21 27.18 30.62
CA SER D 769 -111.73 27.30 30.50
C SER D 769 -111.06 26.55 31.65
N LYS D 770 -111.67 26.66 32.84
CA LYS D 770 -110.98 26.43 34.12
C LYS D 770 -111.01 24.93 34.31
N SER D 771 -112.15 24.33 33.98
CA SER D 771 -112.34 22.86 33.90
C SER D 771 -111.37 22.24 32.88
N ILE D 772 -110.97 22.99 31.83
CA ILE D 772 -110.06 22.51 30.75
C ILE D 772 -108.61 23.02 30.96
N VAL D 773 -108.39 24.14 31.66
CA VAL D 773 -107.03 24.69 31.94
C VAL D 773 -106.39 23.91 33.10
N ASP D 774 -107.17 23.67 34.15
CA ASP D 774 -106.81 22.70 35.20
C ASP D 774 -106.37 21.41 34.49
N GLN D 775 -107.32 20.61 33.98
CA GLN D 775 -107.10 19.28 33.35
C GLN D 775 -105.79 19.29 32.55
N LEU D 776 -105.63 20.27 31.66
CA LEU D 776 -104.39 20.45 30.85
C LEU D 776 -103.25 20.80 31.83
N PHE D 777 -103.38 21.89 32.57
CA PHE D 777 -102.34 22.38 33.52
C PHE D 777 -101.87 21.18 34.36
N GLU D 778 -102.77 20.27 34.74
CA GLU D 778 -102.49 19.02 35.50
C GLU D 778 -101.58 18.10 34.67
N THR D 779 -101.99 17.73 33.45
CA THR D 779 -101.27 16.78 32.55
C THR D 779 -99.84 17.27 32.32
N VAL D 780 -99.68 18.58 32.07
CA VAL D 780 -98.38 19.29 31.88
C VAL D 780 -97.47 18.97 33.07
N ASN D 781 -97.93 19.35 34.26
CA ASN D 781 -97.20 19.21 35.54
C ASN D 781 -96.90 17.73 35.81
N LYS D 782 -97.92 16.85 35.78
CA LYS D 782 -97.78 15.39 36.00
C LYS D 782 -96.58 14.85 35.20
N MET D 783 -96.48 15.26 33.93
CA MET D 783 -95.38 14.91 32.99
C MET D 783 -94.07 15.55 33.48
N LYS D 784 -94.03 16.88 33.60
CA LYS D 784 -92.86 17.66 34.08
C LYS D 784 -92.33 17.01 35.37
N ASP D 785 -93.23 16.82 36.35
CA ASP D 785 -92.97 16.19 37.67
C ASP D 785 -92.22 14.86 37.48
N SER D 786 -92.62 14.05 36.50
CA SER D 786 -91.98 12.74 36.19
C SER D 786 -90.54 12.98 35.73
N LEU D 787 -90.30 13.96 34.86
CA LEU D 787 -88.97 14.26 34.26
C LEU D 787 -87.99 14.71 35.35
N GLN D 788 -88.38 15.71 36.15
CA GLN D 788 -87.60 16.24 37.31
C GLN D 788 -87.26 15.09 38.26
N LYS D 789 -88.23 14.23 38.60
CA LYS D 789 -88.05 13.06 39.50
C LYS D 789 -87.05 12.08 38.89
N ILE D 790 -87.09 11.88 37.56
CA ILE D 790 -86.12 11.01 36.81
C ILE D 790 -84.72 11.61 37.01
N HIS D 791 -84.51 12.85 36.58
CA HIS D 791 -83.25 13.62 36.76
C HIS D 791 -82.73 13.46 38.20
N LYS D 792 -83.60 13.66 39.19
CA LYS D 792 -83.26 13.56 40.64
C LYS D 792 -82.85 12.12 40.97
N SER D 793 -83.60 11.13 40.48
CA SER D 793 -83.30 9.68 40.64
C SER D 793 -81.94 9.34 40.02
N LEU D 794 -81.64 9.91 38.85
CA LEU D 794 -80.39 9.65 38.07
C LEU D 794 -79.17 10.18 38.83
N ALA D 795 -79.27 11.37 39.41
CA ALA D 795 -78.23 11.99 40.27
C ALA D 795 -78.01 11.14 41.53
N ASN D 796 -79.08 10.64 42.14
CA ASN D 796 -79.07 9.98 43.48
C ASN D 796 -78.36 8.63 43.43
N PHE D 797 -78.43 7.90 42.31
CA PHE D 797 -77.93 6.49 42.20
C PHE D 797 -76.42 6.44 41.93
N ASN D 798 -75.83 7.48 41.32
CA ASN D 798 -74.42 7.46 40.84
C ASN D 798 -73.45 7.49 42.04
N VAL D 799 -73.73 8.32 43.06
CA VAL D 799 -72.95 8.50 44.32
C VAL D 799 -71.44 8.39 44.03
N LYS D 800 -70.77 7.30 44.44
CA LYS D 800 -69.31 7.06 44.31
C LYS D 800 -69.09 5.54 44.18
N ILE D 801 -69.22 5.03 42.96
CA ILE D 801 -69.05 3.60 42.54
C ILE D 801 -68.17 2.84 43.55
N ILE D 802 -66.91 3.26 43.75
CA ILE D 802 -65.91 2.64 44.66
C ILE D 802 -65.71 3.56 45.87
N GLU D 803 -65.45 2.99 47.05
CA GLU D 803 -64.86 3.70 48.20
C GLU D 803 -63.63 2.92 48.69
N ARG D 804 -62.66 3.65 49.24
CA ARG D 804 -61.32 3.18 49.66
C ARG D 804 -61.25 3.24 51.19
N LYS D 805 -60.76 2.18 51.85
CA LYS D 805 -60.87 2.00 53.32
C LYS D 805 -59.49 2.24 53.99
N ASN D 806 -59.14 3.52 54.16
CA ASN D 806 -58.04 4.02 55.02
C ASN D 806 -56.69 3.50 54.51
N ARG D 807 -56.28 2.31 54.94
CA ARG D 807 -54.94 1.70 54.67
C ARG D 807 -55.11 0.59 53.63
N PRO D 808 -54.01 0.04 53.06
CA PRO D 808 -54.11 -1.04 52.07
C PRO D 808 -54.62 -2.36 52.66
N MET D 809 -55.14 -3.25 51.79
CA MET D 809 -55.54 -4.64 52.15
C MET D 809 -54.89 -5.60 51.15
N SER D 810 -55.52 -5.86 49.99
CA SER D 810 -55.07 -6.86 49.00
C SER D 810 -55.98 -6.87 47.76
N PRO D 811 -55.56 -7.50 46.64
CA PRO D 811 -56.38 -7.56 45.43
C PRO D 811 -57.71 -8.29 45.60
N ASP D 812 -57.66 -9.50 46.17
CA ASP D 812 -58.83 -10.38 46.43
C ASP D 812 -59.65 -9.79 47.58
N ASP D 813 -58.97 -9.19 48.58
CA ASP D 813 -59.61 -8.58 49.78
C ASP D 813 -60.42 -7.35 49.37
N TYR D 814 -59.94 -6.54 48.41
CA TYR D 814 -60.67 -5.40 47.81
C TYR D 814 -61.85 -5.94 46.97
N ASP D 815 -61.64 -7.03 46.22
CA ASP D 815 -62.71 -7.74 45.47
C ASP D 815 -63.80 -8.20 46.45
N GLN D 816 -63.41 -8.79 47.59
CA GLN D 816 -64.33 -9.26 48.66
C GLN D 816 -65.08 -8.08 49.28
N PHE D 817 -64.36 -7.02 49.67
CA PHE D 817 -64.89 -5.78 50.31
C PHE D 817 -65.93 -5.12 49.39
N LEU D 818 -65.52 -4.85 48.14
CA LEU D 818 -66.30 -4.04 47.16
C LEU D 818 -67.50 -4.83 46.60
N LYS D 819 -67.45 -6.17 46.62
CA LYS D 819 -68.58 -7.05 46.22
C LYS D 819 -69.85 -6.70 47.02
N ALA D 820 -69.70 -6.49 48.34
CA ALA D 820 -70.78 -6.10 49.28
C ALA D 820 -71.34 -4.72 48.93
N ILE D 821 -70.48 -3.78 48.54
CA ILE D 821 -70.86 -2.37 48.18
C ILE D 821 -71.45 -2.34 46.78
N PHE D 822 -70.88 -3.08 45.82
CA PHE D 822 -71.38 -3.20 44.42
C PHE D 822 -72.81 -3.72 44.42
N SER D 823 -73.06 -4.81 45.17
CA SER D 823 -74.39 -5.45 45.35
C SER D 823 -75.42 -4.44 45.87
N ASN D 824 -75.04 -3.62 46.86
CA ASN D 824 -75.91 -2.56 47.46
C ASN D 824 -76.10 -1.41 46.47
N LYS D 825 -75.05 -0.97 45.78
CA LYS D 825 -75.08 0.16 44.81
C LYS D 825 -75.91 -0.23 43.58
N LEU D 826 -75.72 -1.46 43.06
CA LEU D 826 -76.44 -2.00 41.87
C LEU D 826 -77.96 -2.05 42.14
N THR D 827 -78.37 -2.47 43.33
CA THR D 827 -79.80 -2.62 43.76
C THR D 827 -80.44 -1.23 43.85
N ILE D 828 -79.75 -0.25 44.45
CA ILE D 828 -80.19 1.18 44.59
C ILE D 828 -80.46 1.75 43.19
N VAL D 829 -79.70 1.34 42.17
CA VAL D 829 -79.90 1.79 40.76
C VAL D 829 -81.19 1.20 40.20
N LYS D 830 -81.39 -0.11 40.43
CA LYS D 830 -82.58 -0.88 39.98
C LYS D 830 -83.84 -0.29 40.62
N ASP D 831 -83.83 -0.12 41.95
CA ASP D 831 -84.93 0.47 42.76
C ASP D 831 -85.29 1.86 42.18
N ASN D 832 -84.27 2.69 41.94
CA ASN D 832 -84.40 4.02 41.27
C ASN D 832 -84.93 3.82 39.85
N GLY D 833 -84.43 2.82 39.12
CA GLY D 833 -84.88 2.45 37.77
C GLY D 833 -86.32 2.00 37.74
N ASN D 834 -86.75 1.27 38.78
CA ASN D 834 -88.15 0.76 38.95
C ASN D 834 -89.10 1.94 39.13
N GLN D 835 -88.72 2.92 39.96
CA GLN D 835 -89.49 4.19 40.18
C GLN D 835 -89.65 4.90 38.84
N ILE D 836 -88.55 5.21 38.16
CA ILE D 836 -88.50 5.94 36.85
C ILE D 836 -89.46 5.27 35.85
N GLN D 837 -89.39 3.94 35.75
CA GLN D 837 -90.24 3.12 34.84
C GLN D 837 -91.71 3.29 35.22
N LYS D 838 -92.03 3.29 36.52
CA LYS D 838 -93.41 3.49 37.04
C LYS D 838 -93.86 4.94 36.75
N LEU D 839 -92.94 5.91 36.81
CA LEU D 839 -93.25 7.36 36.59
C LEU D 839 -93.61 7.62 35.12
N VAL D 840 -93.09 6.82 34.19
CA VAL D 840 -93.37 6.93 32.72
C VAL D 840 -94.84 6.57 32.45
N LYS D 841 -95.34 5.50 33.07
CA LYS D 841 -96.75 5.02 32.98
C LYS D 841 -97.71 6.11 33.48
N GLU D 842 -97.33 6.81 34.57
CA GLU D 842 -98.12 7.91 35.22
C GLU D 842 -98.18 9.15 34.31
N VAL D 843 -97.37 9.21 33.25
CA VAL D 843 -97.43 10.28 32.19
C VAL D 843 -98.49 9.94 31.16
N LEU D 844 -98.67 8.64 30.86
CA LEU D 844 -99.71 8.12 29.93
C LEU D 844 -101.08 8.29 30.58
N ASP D 845 -101.23 7.83 31.83
CA ASP D 845 -102.45 8.00 32.68
C ASP D 845 -102.76 9.49 32.84
N ALA D 846 -101.73 10.34 32.90
CA ALA D 846 -101.84 11.83 32.95
C ALA D 846 -102.39 12.35 31.63
N VAL D 847 -101.59 12.25 30.55
CA VAL D 847 -101.86 12.86 29.21
C VAL D 847 -103.14 12.25 28.61
N LYS D 848 -103.33 10.93 28.82
CA LYS D 848 -104.38 10.09 28.18
C LYS D 848 -104.23 10.19 26.66
N ALA D 849 -103.15 9.59 26.14
CA ALA D 849 -102.81 9.47 24.70
C ALA D 849 -102.40 8.01 24.41
N ASP D 850 -102.68 7.53 23.19
CA ASP D 850 -102.46 6.13 22.76
C ASP D 850 -100.96 5.87 22.55
N LYS D 851 -100.50 4.67 22.92
CA LYS D 851 -99.10 4.19 22.74
C LYS D 851 -98.79 4.09 21.24
N LYS D 852 -99.81 3.80 20.41
CA LYS D 852 -99.70 3.62 18.94
C LYS D 852 -99.39 4.95 18.24
N GLN D 853 -99.97 6.07 18.70
CA GLN D 853 -99.85 7.42 18.09
C GLN D 853 -98.38 7.87 18.08
N ASN D 854 -97.94 8.47 16.97
CA ASN D 854 -96.51 8.81 16.67
C ASN D 854 -95.94 9.79 17.69
N SER D 855 -96.78 10.67 18.22
CA SER D 855 -96.42 11.67 19.25
C SER D 855 -95.81 10.96 20.47
N TRP D 856 -96.57 10.10 21.15
CA TRP D 856 -96.17 9.51 22.46
C TRP D 856 -94.93 8.63 22.29
N LYS D 857 -94.79 7.96 21.14
CA LYS D 857 -93.56 7.21 20.75
C LYS D 857 -92.37 8.18 20.75
N ASN D 858 -92.51 9.32 20.06
CA ASN D 858 -91.47 10.37 19.95
C ASN D 858 -90.93 10.66 21.35
N TYR D 859 -91.82 11.01 22.28
CA TYR D 859 -91.50 11.36 23.69
C TYR D 859 -90.89 10.14 24.40
N ASN D 860 -91.50 8.95 24.24
CA ASN D 860 -91.06 7.67 24.88
C ASN D 860 -89.57 7.44 24.59
N ASP D 861 -89.09 7.86 23.42
CA ASP D 861 -87.66 7.80 23.01
C ASP D 861 -86.90 8.93 23.70
N TYR D 862 -87.47 10.13 23.74
CA TYR D 862 -86.86 11.34 24.37
C TYR D 862 -86.51 11.04 25.84
N VAL D 863 -87.43 10.39 26.58
CA VAL D 863 -87.26 10.06 28.03
C VAL D 863 -86.08 9.10 28.18
N ASN D 864 -86.01 8.04 27.37
CA ASN D 864 -84.96 6.99 27.46
C ASN D 864 -83.58 7.63 27.27
N VAL D 865 -83.50 8.62 26.37
CA VAL D 865 -82.23 9.32 26.01
C VAL D 865 -81.70 10.07 27.23
N ILE D 866 -82.59 10.75 27.97
CA ILE D 866 -82.24 11.43 29.25
C ILE D 866 -81.66 10.37 30.21
N VAL D 867 -82.32 9.19 30.31
CA VAL D 867 -81.87 8.05 31.18
C VAL D 867 -80.52 7.54 30.64
N ILE D 868 -80.35 7.49 29.31
CA ILE D 868 -79.08 7.08 28.65
C ILE D 868 -77.97 8.06 29.04
N GLU D 869 -78.19 9.36 28.76
CA GLU D 869 -77.21 10.45 29.05
C GLU D 869 -76.89 10.44 30.55
N GLY D 870 -77.92 10.43 31.40
CA GLY D 870 -77.80 10.33 32.86
C GLY D 870 -76.95 9.14 33.28
N ILE D 871 -77.21 7.97 32.68
CA ILE D 871 -76.41 6.73 32.89
C ILE D 871 -74.98 7.00 32.42
N SER D 872 -74.81 7.68 31.28
CA SER D 872 -73.46 8.00 30.73
C SER D 872 -72.67 8.79 31.78
N THR D 873 -73.28 9.85 32.34
CA THR D 873 -72.67 10.75 33.36
C THR D 873 -72.41 9.95 34.65
N ALA D 874 -73.42 9.22 35.14
CA ALA D 874 -73.37 8.37 36.35
C ALA D 874 -72.22 7.36 36.25
N ILE D 875 -72.04 6.77 35.07
CA ILE D 875 -70.94 5.80 34.79
C ILE D 875 -69.61 6.56 34.73
N GLN D 876 -69.58 7.72 34.07
CA GLN D 876 -68.35 8.55 33.91
C GLN D 876 -67.85 8.98 35.30
N THR D 877 -68.71 9.59 36.12
CA THR D 877 -68.38 10.19 37.45
C THR D 877 -67.52 9.23 38.29
N ALA D 878 -67.89 7.94 38.33
CA ALA D 878 -67.21 6.88 39.10
C ALA D 878 -65.92 6.44 38.40
N LEU D 879 -65.92 6.39 37.07
CA LEU D 879 -64.72 6.08 36.24
C LEU D 879 -63.66 7.18 36.43
N LEU D 880 -64.09 8.43 36.58
CA LEU D 880 -63.21 9.58 36.93
C LEU D 880 -62.71 9.42 38.38
N HIS D 881 -63.56 8.95 39.31
CA HIS D 881 -63.20 8.71 40.73
C HIS D 881 -62.11 7.63 40.82
N LEU D 882 -62.12 6.64 39.92
CA LEU D 882 -61.01 5.66 39.76
C LEU D 882 -59.78 6.38 39.18
N ASN D 883 -59.98 7.20 38.16
CA ASN D 883 -58.90 7.93 37.44
C ASN D 883 -58.08 8.78 38.41
N GLU D 884 -58.71 9.41 39.42
CA GLU D 884 -58.01 10.22 40.46
C GLU D 884 -57.16 9.32 41.36
N GLN D 885 -57.74 8.21 41.83
CA GLN D 885 -57.05 7.22 42.73
C GLN D 885 -55.95 6.47 41.95
N ILE D 886 -56.16 6.19 40.66
CA ILE D 886 -55.29 5.27 39.86
C ILE D 886 -54.13 6.01 39.17
N ASN D 887 -54.31 7.28 38.77
CA ASN D 887 -53.29 8.02 37.99
C ASN D 887 -52.15 8.44 38.92
N PRO D 888 -50.87 8.22 38.54
CA PRO D 888 -49.75 8.45 39.45
C PRO D 888 -49.47 9.92 39.83
N VAL D 889 -49.89 10.88 39.00
CA VAL D 889 -49.50 12.32 39.16
C VAL D 889 -50.38 12.99 40.23
N PHE D 890 -51.57 12.46 40.52
CA PHE D 890 -52.50 12.95 41.57
C PHE D 890 -52.09 12.37 42.93
N ILE D 891 -51.96 11.04 43.00
CA ILE D 891 -51.60 10.26 44.23
C ILE D 891 -50.23 10.69 44.76
N LYS D 892 -49.31 11.09 43.88
CA LYS D 892 -47.95 11.62 44.25
C LYS D 892 -48.09 12.98 44.93
N ARG D 893 -48.84 13.90 44.33
CA ARG D 893 -48.98 15.31 44.79
C ARG D 893 -49.65 15.34 46.17
N ASN D 894 -50.65 14.47 46.39
CA ASN D 894 -51.31 14.25 47.71
C ASN D 894 -50.51 13.21 48.51
N ASP D 895 -50.77 13.10 49.81
CA ASP D 895 -50.14 12.10 50.72
C ASP D 895 -51.01 10.84 50.76
N ILE D 896 -51.64 10.47 49.64
CA ILE D 896 -52.58 9.30 49.53
C ILE D 896 -51.72 8.04 49.47
N SER D 897 -52.08 7.03 50.28
CA SER D 897 -51.38 5.74 50.44
C SER D 897 -51.42 4.94 49.13
N PRO D 898 -50.74 3.77 49.03
CA PRO D 898 -51.10 2.76 48.02
C PRO D 898 -52.58 2.38 48.10
N LEU D 899 -53.01 1.34 47.37
CA LEU D 899 -54.40 0.82 47.44
C LEU D 899 -54.44 -0.71 47.25
N PHE D 900 -53.85 -1.26 46.18
CA PHE D 900 -53.71 -2.73 45.96
C PHE D 900 -52.52 -3.25 46.77
N ASP D 901 -52.48 -4.56 47.02
CA ASP D 901 -51.28 -5.29 47.52
C ASP D 901 -50.74 -6.16 46.37
N ILE D 902 -49.42 -6.39 46.35
CA ILE D 902 -48.74 -7.40 45.48
C ILE D 902 -47.92 -8.33 46.38
N ARG D 903 -48.18 -9.63 46.31
CA ARG D 903 -47.30 -10.69 46.86
C ARG D 903 -46.28 -11.05 45.78
N LEU D 904 -45.03 -11.26 46.17
CA LEU D 904 -43.91 -11.68 45.28
C LEU D 904 -43.31 -12.99 45.83
N GLU D 905 -43.44 -14.08 45.07
CA GLU D 905 -42.81 -15.41 45.31
C GLU D 905 -41.65 -15.59 44.32
N LEU D 906 -40.54 -16.19 44.76
CA LEU D 906 -39.37 -16.49 43.90
C LEU D 906 -39.69 -17.73 43.06
N GLY D 907 -39.56 -17.62 41.73
CA GLY D 907 -39.70 -18.73 40.77
C GLY D 907 -38.42 -18.95 39.97
N GLN D 908 -38.13 -20.20 39.62
CA GLN D 908 -36.89 -20.61 38.89
C GLN D 908 -36.98 -20.17 37.43
N SER D 909 -38.15 -20.38 36.81
CA SER D 909 -38.43 -20.09 35.37
C SER D 909 -38.77 -18.61 35.14
N GLY D 910 -39.02 -17.84 36.21
CA GLY D 910 -39.34 -16.40 36.15
C GLY D 910 -39.85 -15.88 37.48
N ILE D 911 -40.02 -14.55 37.59
CA ILE D 911 -40.47 -13.87 38.84
C ILE D 911 -41.99 -13.99 38.90
N GLN D 912 -42.52 -14.54 40.00
CA GLN D 912 -43.96 -14.87 40.18
C GLN D 912 -44.60 -13.85 41.14
N PHE D 913 -45.67 -13.17 40.68
CA PHE D 913 -46.55 -12.30 41.50
C PHE D 913 -47.97 -12.84 41.42
N ASP D 914 -48.73 -12.75 42.53
CA ASP D 914 -50.20 -13.04 42.56
C ASP D 914 -50.88 -12.28 41.42
N PRO D 915 -50.69 -10.94 41.30
CA PRO D 915 -51.20 -10.21 40.14
C PRO D 915 -50.42 -10.39 38.82
N GLU D 916 -49.24 -11.04 38.87
CA GLU D 916 -48.35 -11.32 37.71
C GLU D 916 -47.81 -10.02 37.07
N ILE D 917 -48.40 -8.87 37.40
CA ILE D 917 -48.10 -7.53 36.79
C ILE D 917 -48.30 -7.65 35.28
N GLY D 918 -49.52 -8.01 34.86
CA GLY D 918 -49.88 -8.22 33.45
C GLY D 918 -51.39 -8.42 33.26
N GLU D 919 -51.85 -8.39 32.02
CA GLU D 919 -53.27 -8.64 31.62
C GLU D 919 -53.64 -10.08 31.96
N SER D 920 -52.76 -11.03 31.62
CA SER D 920 -52.86 -12.49 31.92
C SER D 920 -54.06 -13.10 31.16
N SER D 921 -55.29 -12.78 31.59
CA SER D 921 -56.58 -13.40 31.20
C SER D 921 -56.78 -14.73 31.94
N ASN D 922 -55.85 -15.09 32.83
CA ASN D 922 -55.87 -16.32 33.68
C ASN D 922 -55.68 -15.91 35.14
N GLN D 923 -56.09 -16.77 36.07
CA GLN D 923 -56.04 -16.57 37.56
C GLN D 923 -56.52 -15.15 37.90
N LEU D 924 -55.90 -14.48 38.88
CA LEU D 924 -56.32 -13.16 39.41
C LEU D 924 -55.17 -12.16 39.22
N THR D 925 -55.41 -11.03 38.54
CA THR D 925 -54.41 -9.97 38.26
C THR D 925 -55.04 -8.58 38.43
N VAL D 926 -54.24 -7.59 38.85
CA VAL D 926 -54.64 -6.17 39.11
C VAL D 926 -55.46 -5.64 37.93
N ARG D 927 -55.08 -5.99 36.69
CA ARG D 927 -55.82 -5.60 35.46
C ARG D 927 -57.17 -6.34 35.43
N ASN D 928 -57.14 -7.67 35.58
CA ASN D 928 -58.33 -8.56 35.50
C ASN D 928 -59.34 -8.21 36.60
N THR D 929 -58.87 -7.73 37.76
CA THR D 929 -59.74 -7.22 38.86
C THR D 929 -60.32 -5.86 38.46
N ILE D 930 -59.47 -4.93 38.00
CA ILE D 930 -59.88 -3.57 37.52
C ILE D 930 -60.75 -3.73 36.26
N ARG D 931 -60.53 -4.77 35.46
CA ARG D 931 -61.42 -5.19 34.34
C ARG D 931 -62.81 -5.53 34.90
N ASN D 932 -62.86 -6.40 35.92
CA ASN D 932 -64.11 -6.84 36.60
C ASN D 932 -64.77 -5.64 37.30
N TRP D 933 -63.98 -4.71 37.83
CA TRP D 933 -64.48 -3.43 38.41
C TRP D 933 -65.14 -2.60 37.29
N ILE D 934 -64.36 -2.24 36.26
CA ILE D 934 -64.80 -1.45 35.07
C ILE D 934 -66.15 -1.99 34.60
N ASN D 935 -66.24 -3.30 34.39
CA ASN D 935 -67.47 -4.05 34.00
C ASN D 935 -68.65 -3.63 34.88
N ASP D 936 -68.50 -3.75 36.21
CA ASP D 936 -69.61 -3.56 37.20
C ASP D 936 -70.42 -2.27 36.95
N PHE D 937 -69.85 -1.28 36.24
CA PHE D 937 -70.48 0.04 35.95
C PHE D 937 -71.27 -0.06 34.63
N PHE D 938 -70.77 -0.85 33.68
CA PHE D 938 -71.47 -1.21 32.42
C PHE D 938 -72.66 -2.12 32.75
N ASN D 939 -72.51 -2.98 33.77
CA ASN D 939 -73.56 -3.89 34.28
C ASN D 939 -74.79 -3.08 34.73
N ILE D 940 -74.61 -1.78 35.05
CA ILE D 940 -75.68 -0.83 35.46
C ILE D 940 -76.70 -0.68 34.31
N ALA D 941 -76.28 -0.81 33.06
CA ALA D 941 -77.15 -0.81 31.86
C ALA D 941 -78.31 -1.81 32.02
N GLY D 942 -78.00 -3.04 32.43
CA GLY D 942 -78.95 -4.16 32.55
C GLY D 942 -80.10 -3.86 33.51
N THR D 943 -79.81 -3.26 34.68
CA THR D 943 -80.76 -3.05 35.81
C THR D 943 -81.98 -2.25 35.34
N ILE D 944 -81.83 -1.34 34.38
CA ILE D 944 -82.93 -0.47 33.85
C ILE D 944 -83.86 -1.30 32.95
N GLN D 945 -83.28 -2.12 32.07
CA GLN D 945 -84.02 -3.11 31.22
C GLN D 945 -84.90 -2.36 30.20
N ARG D 946 -84.44 -1.18 29.74
CA ARG D 946 -84.99 -0.39 28.59
C ARG D 946 -86.38 0.19 28.90
N LEU D 947 -86.71 1.29 28.22
CA LEU D 947 -87.91 2.14 28.46
C LEU D 947 -88.83 2.11 27.24
N ASP D 948 -88.55 1.30 26.22
CA ASP D 948 -89.34 1.27 24.95
C ASP D 948 -88.98 0.03 24.10
N THR D 949 -89.83 -0.27 23.11
CA THR D 949 -89.67 -1.35 22.09
C THR D 949 -89.82 -2.73 22.77
N THR D 950 -88.72 -3.47 22.97
CA THR D 950 -88.70 -4.83 23.57
C THR D 950 -88.37 -4.72 25.07
N MET D 951 -88.88 -5.65 25.87
CA MET D 951 -88.60 -5.78 27.32
C MET D 951 -87.15 -6.24 27.56
N PRO D 952 -86.64 -7.29 26.87
CA PRO D 952 -85.30 -7.84 27.19
C PRO D 952 -84.07 -7.03 26.71
N GLY D 953 -84.28 -5.84 26.13
CA GLY D 953 -83.20 -4.98 25.60
C GLY D 953 -82.25 -4.49 26.69
N ASP D 954 -81.00 -4.20 26.30
CA ASP D 954 -79.93 -3.62 27.16
C ASP D 954 -79.62 -2.20 26.67
N PHE D 955 -78.85 -1.45 27.46
CA PHE D 955 -78.30 -0.11 27.10
C PHE D 955 -76.78 -0.18 26.88
N LEU D 956 -76.13 -1.29 27.27
CA LEU D 956 -74.65 -1.46 27.29
C LEU D 956 -74.05 -1.02 25.94
N GLN D 957 -74.72 -1.35 24.83
CA GLN D 957 -74.29 -0.94 23.46
C GLN D 957 -74.16 0.58 23.37
N GLU D 958 -75.23 1.30 23.72
CA GLU D 958 -75.32 2.78 23.59
C GLU D 958 -74.26 3.45 24.47
N ILE D 959 -74.11 2.98 25.70
CA ILE D 959 -73.14 3.51 26.72
C ILE D 959 -71.71 3.42 26.16
N ARG D 960 -71.41 2.39 25.35
CA ARG D 960 -70.05 2.11 24.80
C ARG D 960 -69.81 2.83 23.46
N SER D 961 -70.82 3.50 22.90
CA SER D 961 -70.69 4.35 21.69
C SER D 961 -70.42 5.81 22.09
N PHE D 962 -70.97 6.26 23.23
CA PHE D 962 -70.71 7.58 23.86
C PHE D 962 -69.20 7.85 23.89
N PHE D 963 -68.79 8.98 23.32
CA PHE D 963 -67.37 9.39 23.16
C PHE D 963 -66.78 9.75 24.52
N GLU D 964 -67.56 10.44 25.36
CA GLU D 964 -67.13 10.94 26.69
C GLU D 964 -66.61 9.78 27.55
N ILE D 965 -67.28 8.62 27.51
CA ILE D 965 -66.95 7.41 28.33
C ILE D 965 -65.68 6.75 27.77
N LYS D 966 -65.60 6.58 26.45
CA LYS D 966 -64.40 6.02 25.75
C LYS D 966 -63.15 6.71 26.32
N GLN D 967 -63.11 8.04 26.23
CA GLN D 967 -61.97 8.89 26.67
C GLN D 967 -61.62 8.58 28.13
N CYS D 968 -62.63 8.52 29.01
CA CYS D 968 -62.47 8.20 30.46
C CYS D 968 -61.92 6.76 30.62
N LEU D 969 -62.40 5.82 29.79
CA LEU D 969 -61.96 4.40 29.81
C LEU D 969 -60.52 4.31 29.29
N ALA D 970 -60.22 5.01 28.20
CA ALA D 970 -58.88 5.06 27.55
C ALA D 970 -57.85 5.72 28.47
N MET D 971 -58.27 6.70 29.29
CA MET D 971 -57.39 7.39 30.27
C MET D 971 -56.96 6.43 31.37
N ILE D 972 -57.89 5.58 31.86
CA ILE D 972 -57.64 4.56 32.93
C ILE D 972 -56.56 3.59 32.45
N THR D 973 -56.67 3.10 31.21
CA THR D 973 -55.77 2.07 30.60
C THR D 973 -54.36 2.64 30.40
N GLN D 974 -54.26 3.91 29.98
CA GLN D 974 -52.98 4.63 29.82
C GLN D 974 -52.23 4.65 31.17
N ASN D 975 -52.93 4.99 32.26
CA ASN D 975 -52.36 5.07 33.63
C ASN D 975 -51.92 3.68 34.09
N LEU D 976 -52.61 2.61 33.67
CA LEU D 976 -52.28 1.20 34.02
C LEU D 976 -51.00 0.75 33.31
N GLU D 977 -50.71 1.28 32.12
CA GLU D 977 -49.51 0.93 31.32
C GLU D 977 -48.31 1.76 31.78
N TRP D 978 -48.52 2.91 32.43
CA TRP D 978 -47.45 3.76 33.02
C TRP D 978 -46.75 3.00 34.15
N ILE D 979 -47.53 2.64 35.18
CA ILE D 979 -47.10 1.92 36.42
C ILE D 979 -46.35 0.63 36.06
N GLU D 980 -46.86 -0.12 35.07
CA GLU D 980 -46.33 -1.45 34.67
C GLU D 980 -44.89 -1.31 34.19
N ASN D 981 -44.61 -0.27 33.41
CA ASN D 981 -43.27 0.01 32.81
C ASN D 981 -42.29 0.41 33.92
N GLU D 982 -42.67 1.33 34.81
CA GLU D 982 -41.83 1.78 35.96
C GLU D 982 -41.70 0.65 36.99
N CYS D 983 -42.72 -0.22 37.11
CA CYS D 983 -42.69 -1.45 37.96
C CYS D 983 -41.79 -2.52 37.32
N ASN D 984 -41.75 -2.58 35.98
CA ASN D 984 -40.84 -3.47 35.21
C ASN D 984 -39.39 -2.99 35.35
N GLN D 985 -39.17 -1.68 35.52
CA GLN D 985 -37.84 -1.07 35.81
C GLN D 985 -37.47 -1.31 37.28
N PHE D 986 -38.44 -1.17 38.20
CA PHE D 986 -38.27 -1.36 39.67
C PHE D 986 -37.86 -2.80 39.97
N ARG D 987 -38.60 -3.78 39.41
CA ARG D 987 -38.35 -5.23 39.63
C ARG D 987 -37.00 -5.60 38.99
N ALA D 988 -36.74 -5.16 37.75
CA ALA D 988 -35.49 -5.40 36.98
C ALA D 988 -34.25 -5.22 37.87
N ARG D 989 -34.21 -4.16 38.70
CA ARG D 989 -33.09 -3.81 39.61
C ARG D 989 -32.62 -5.04 40.38
N PHE D 990 -33.54 -5.77 40.99
CA PHE D 990 -33.27 -6.98 41.82
C PHE D 990 -32.94 -8.17 40.91
N ASP D 991 -33.61 -8.25 39.75
CA ASP D 991 -33.55 -9.38 38.78
C ASP D 991 -32.13 -9.53 38.22
N THR D 992 -31.50 -8.40 37.86
CA THR D 992 -30.16 -8.30 37.22
C THR D 992 -29.24 -9.43 37.72
N TYR D 993 -28.81 -9.34 38.98
CA TYR D 993 -27.80 -10.25 39.59
C TYR D 993 -28.52 -11.46 40.23
N SER D 994 -29.58 -11.21 41.01
CA SER D 994 -30.26 -12.21 41.86
C SER D 994 -30.73 -13.39 41.00
N TYR D 995 -33.02 -14.22 39.45
CA TYR D 995 -33.44 -14.99 38.25
C TYR D 995 -32.29 -15.84 37.72
N LEU D 996 -31.11 -15.25 37.47
CA LEU D 996 -29.95 -15.94 36.84
C LEU D 996 -29.46 -17.09 37.74
N TRP D 997 -29.33 -16.84 39.04
CA TRP D 997 -28.76 -17.82 40.02
C TRP D 997 -29.74 -18.98 40.25
N THR D 998 -31.05 -18.71 40.24
CA THR D 998 -32.12 -19.74 40.40
C THR D 998 -32.24 -20.57 39.10
N GLU D 999 -31.86 -20.01 37.96
CA GLU D 999 -31.80 -20.73 36.64
C GLU D 999 -30.63 -21.72 36.64
N ASP D 1000 -29.44 -21.26 37.05
CA ASP D 1000 -28.17 -22.06 37.04
C ASP D 1000 -28.30 -23.22 38.02
N GLU D 1001 -27.69 -24.36 37.69
CA GLU D 1001 -27.73 -25.63 38.48
C GLU D 1001 -26.46 -25.74 39.34
N GLN D 1002 -26.41 -26.76 40.21
CA GLN D 1002 -25.25 -27.06 41.10
C GLN D 1002 -24.09 -27.65 40.27
N ILE D 1003 -24.41 -28.49 39.28
CA ILE D 1003 -23.42 -29.17 38.38
C ILE D 1003 -22.71 -28.11 37.54
N SER D 1004 -23.45 -27.14 37.01
CA SER D 1004 -22.94 -25.98 36.24
C SER D 1004 -22.05 -25.12 37.14
N PHE D 1005 -22.43 -24.95 38.41
CA PHE D 1005 -21.63 -24.28 39.47
C PHE D 1005 -20.33 -25.05 39.70
N ASN D 1006 -20.39 -26.39 39.70
CA ASN D 1006 -19.22 -27.32 39.82
C ASN D 1006 -18.31 -27.17 38.59
N ARG D 1007 -18.90 -27.13 37.39
CA ARG D 1007 -18.19 -27.00 36.08
C ARG D 1007 -17.47 -25.65 36.00
N PHE D 1008 -18.10 -24.58 36.49
CA PHE D 1008 -17.56 -23.19 36.55
C PHE D 1008 -16.34 -23.14 37.47
N LEU D 1009 -16.42 -23.79 38.65
CA LEU D 1009 -15.34 -23.85 39.67
C LEU D 1009 -14.13 -24.59 39.09
N ASP D 1010 -14.31 -25.88 38.74
CA ASP D 1010 -13.26 -26.77 38.18
C ASP D 1010 -13.83 -27.56 37.00
N ASN D 1046 -8.26 -23.84 41.44
CA ASN D 1046 -7.25 -24.03 42.51
C ASN D 1046 -7.91 -23.76 43.88
N LEU D 1047 -7.21 -24.12 44.96
CA LEU D 1047 -7.76 -24.16 46.34
C LEU D 1047 -7.69 -22.79 47.01
N ASP D 1048 -6.96 -21.82 46.43
CA ASP D 1048 -6.94 -20.40 46.86
C ASP D 1048 -8.06 -19.64 46.16
N LEU D 1049 -8.37 -19.98 44.90
CA LEU D 1049 -9.47 -19.39 44.09
C LEU D 1049 -10.81 -19.69 44.77
N PHE D 1050 -11.05 -20.96 45.11
CA PHE D 1050 -12.22 -21.44 45.89
C PHE D 1050 -12.37 -20.58 47.15
N ASP D 1051 -11.30 -20.48 47.94
CA ASP D 1051 -11.24 -19.66 49.19
C ASP D 1051 -11.80 -18.27 48.89
N GLU D 1052 -11.22 -17.60 47.88
CA GLU D 1052 -11.63 -16.22 47.44
C GLU D 1052 -13.10 -16.21 47.05
N LYS D 1053 -13.57 -17.23 46.31
CA LYS D 1053 -14.98 -17.32 45.84
C LYS D 1053 -15.95 -17.44 47.04
N ILE D 1054 -15.58 -18.23 48.05
CA ILE D 1054 -16.38 -18.42 49.31
C ILE D 1054 -16.55 -17.07 50.01
N THR D 1055 -15.47 -16.29 50.13
CA THR D 1055 -15.47 -14.97 50.81
C THR D 1055 -16.34 -13.99 50.03
N HIS D 1056 -16.32 -14.04 48.69
CA HIS D 1056 -17.15 -13.21 47.77
C HIS D 1056 -18.63 -13.62 47.87
N LEU D 1057 -18.90 -14.94 47.87
CA LEU D 1057 -20.26 -15.53 47.97
C LEU D 1057 -20.96 -15.11 49.28
N LYS D 1058 -20.20 -14.86 50.34
CA LYS D 1058 -20.71 -14.57 51.71
C LYS D 1058 -20.85 -13.05 51.90
N ALA D 1059 -20.04 -12.26 51.20
CA ALA D 1059 -20.28 -10.82 50.95
C ALA D 1059 -21.58 -10.68 50.14
N ILE D 1060 -21.81 -11.60 49.19
CA ILE D 1060 -23.03 -11.65 48.33
C ILE D 1060 -24.28 -11.95 49.18
N GLN D 1061 -24.19 -12.88 50.14
CA GLN D 1061 -25.31 -13.20 51.10
C GLN D 1061 -25.74 -11.91 51.79
N GLN D 1062 -24.82 -11.32 52.57
CA GLN D 1062 -25.04 -10.13 53.44
C GLN D 1062 -25.59 -8.98 52.59
N GLU D 1063 -25.07 -8.82 51.37
CA GLU D 1063 -25.54 -7.81 50.37
C GLU D 1063 -26.99 -8.14 49.98
N ILE D 1064 -27.27 -9.40 49.59
CA ILE D 1064 -28.61 -9.87 49.12
C ILE D 1064 -29.66 -9.65 50.23
N SER D 1065 -29.31 -9.96 51.49
CA SER D 1065 -30.19 -9.84 52.68
C SER D 1065 -30.66 -8.39 52.87
N ARG D 1066 -29.71 -7.46 53.02
CA ARG D 1066 -29.94 -5.98 53.06
C ARG D 1066 -30.79 -5.58 51.86
N ILE D 1067 -30.41 -6.05 50.68
CA ILE D 1067 -30.82 -5.56 49.33
C ILE D 1067 -32.33 -5.67 49.13
N LYS D 1068 -32.98 -6.71 49.65
CA LYS D 1068 -34.42 -6.99 49.41
C LYS D 1068 -35.26 -5.76 49.78
N THR D 1069 -34.92 -5.11 50.91
CA THR D 1069 -35.44 -3.78 51.37
C THR D 1069 -36.94 -3.89 51.69
N PRO D 1070 -37.54 -2.92 52.42
CA PRO D 1070 -38.94 -3.05 52.85
C PRO D 1070 -39.95 -3.02 51.70
N GLU D 1071 -41.23 -3.17 52.02
CA GLU D 1071 -42.36 -3.12 51.05
C GLU D 1071 -42.34 -1.75 50.36
N ASP D 1072 -41.89 -1.69 49.10
CA ASP D 1072 -41.75 -0.43 48.32
C ASP D 1072 -43.04 -0.16 47.55
N ILE D 1073 -43.54 1.08 47.65
CA ILE D 1073 -44.85 1.52 47.13
C ILE D 1073 -44.62 2.25 45.80
N SER D 1074 -45.35 1.87 44.74
CA SER D 1074 -45.35 2.49 43.39
C SER D 1074 -46.77 2.46 42.82
N TRP D 1075 -47.63 3.40 43.24
CA TRP D 1075 -49.10 3.43 43.05
C TRP D 1075 -49.75 2.28 43.85
N LEU D 1076 -49.45 1.02 43.51
CA LEU D 1076 -49.88 -0.19 44.27
C LEU D 1076 -48.75 -0.65 45.20
N ARG D 1077 -49.11 -1.23 46.35
CA ARG D 1077 -48.15 -1.73 47.37
C ARG D 1077 -47.60 -3.08 46.89
N ILE D 1078 -46.29 -3.27 46.96
CA ILE D 1078 -45.58 -4.54 46.57
C ILE D 1078 -44.85 -5.09 47.78
N ASN D 1079 -45.09 -6.38 48.08
CA ASN D 1079 -44.51 -7.14 49.22
C ASN D 1079 -43.52 -8.17 48.66
N LEU D 1080 -42.24 -8.03 48.99
CA LEU D 1080 -41.12 -8.90 48.52
C LEU D 1080 -40.68 -9.85 49.64
N GLN D 1081 -41.47 -9.94 50.73
CA GLN D 1081 -41.16 -10.73 51.95
C GLN D 1081 -41.17 -12.22 51.63
N PRO D 1082 -42.18 -12.78 50.90
CA PRO D 1082 -42.18 -14.20 50.54
C PRO D 1082 -41.09 -14.59 49.54
N MET D 1083 -40.61 -13.63 48.74
CA MET D 1083 -39.52 -13.80 47.75
C MET D 1083 -38.16 -13.74 48.46
N LYS D 1084 -37.93 -12.68 49.25
CA LYS D 1084 -36.69 -12.43 50.03
C LYS D 1084 -36.22 -13.73 50.70
N THR D 1085 -37.15 -14.45 51.33
CA THR D 1085 -36.91 -15.76 52.01
C THR D 1085 -36.39 -16.79 51.00
N ALA D 1086 -37.07 -16.92 49.85
CA ALA D 1086 -36.82 -17.97 48.83
C ALA D 1086 -35.51 -17.69 48.07
N LEU D 1087 -35.09 -16.42 47.97
CA LEU D 1087 -33.72 -16.05 47.49
C LEU D 1087 -32.70 -16.61 48.50
N ASP D 1088 -32.85 -16.27 49.78
CA ASP D 1088 -31.95 -16.68 50.89
C ASP D 1088 -31.81 -18.22 50.90
N ALA D 1089 -32.91 -18.93 50.59
CA ALA D 1089 -32.94 -20.41 50.44
C ALA D 1089 -32.01 -20.85 49.30
N ARG D 1090 -32.14 -20.22 48.12
CA ARG D 1090 -31.28 -20.49 46.94
C ARG D 1090 -29.84 -20.08 47.24
N VAL D 1091 -29.65 -18.91 47.87
CA VAL D 1091 -28.32 -18.34 48.23
C VAL D 1091 -27.60 -19.33 49.15
N THR D 1092 -28.23 -19.77 50.24
CA THR D 1092 -27.65 -20.70 51.26
C THR D 1092 -27.19 -22.01 50.60
N ARG D 1093 -28.01 -22.58 49.70
CA ARG D 1093 -27.73 -23.84 48.97
C ARG D 1093 -26.44 -23.70 48.15
N TRP D 1094 -26.29 -22.57 47.45
CA TRP D 1094 -25.11 -22.27 46.59
C TRP D 1094 -23.85 -22.13 47.46
N ILE D 1095 -23.95 -21.37 48.56
CA ILE D 1095 -22.87 -21.20 49.59
C ILE D 1095 -22.54 -22.58 50.19
N ARG D 1096 -23.57 -23.36 50.56
CA ARG D 1096 -23.43 -24.70 51.20
C ARG D 1096 -22.49 -25.59 50.38
N VAL D 1097 -22.76 -25.77 49.08
CA VAL D 1097 -21.97 -26.62 48.14
C VAL D 1097 -20.48 -26.39 48.38
N TYR D 1098 -20.05 -25.13 48.25
CA TYR D 1098 -18.64 -24.67 48.42
C TYR D 1098 -18.16 -25.01 49.84
N THR D 1099 -18.96 -24.70 50.86
CA THR D 1099 -18.63 -24.95 52.29
C THR D 1099 -18.65 -26.46 52.55
N ASP D 1100 -19.50 -27.20 51.82
CA ASP D 1100 -19.67 -28.66 51.97
C ASP D 1100 -18.75 -29.40 50.98
N PHE D 1101 -17.94 -28.67 50.19
CA PHE D 1101 -17.07 -29.23 49.14
C PHE D 1101 -16.16 -30.31 49.72
N LEU D 1102 -15.52 -30.02 50.86
CA LEU D 1102 -14.56 -30.93 51.54
C LEU D 1102 -15.20 -31.55 52.78
N VAL D 1103 -16.33 -31.03 53.27
CA VAL D 1103 -17.13 -31.67 54.36
C VAL D 1103 -17.25 -33.16 54.05
N ASN D 1104 -17.70 -33.51 52.84
CA ASN D 1104 -17.75 -34.90 52.32
C ASN D 1104 -16.32 -35.42 52.14
N GLN D 1105 -15.45 -34.66 51.47
CA GLN D 1105 -14.06 -35.09 51.12
C GLN D 1105 -13.22 -35.31 52.38
N PHE D 1106 -13.44 -34.55 53.46
CA PHE D 1106 -12.69 -34.67 54.74
C PHE D 1106 -12.94 -36.05 55.34
N ARG D 1107 -14.20 -36.49 55.34
CA ARG D 1107 -14.63 -37.83 55.82
C ARG D 1107 -13.99 -38.89 54.92
N THR D 1108 -14.08 -38.74 53.59
CA THR D 1108 -13.58 -39.71 52.57
C THR D 1108 -12.04 -39.71 52.54
N THR D 1109 -11.39 -38.54 52.63
CA THR D 1109 -9.92 -38.41 52.79
C THR D 1109 -9.54 -39.16 54.07
N GLN D 1110 -9.95 -38.66 55.24
CA GLN D 1110 -9.71 -39.32 56.55
C GLN D 1110 -9.90 -40.84 56.40
N LYS D 1111 -11.10 -41.29 56.01
CA LYS D 1111 -11.44 -42.72 55.75
C LYS D 1111 -10.30 -43.42 54.99
N ASN D 1112 -9.76 -42.78 53.94
CA ASN D 1112 -8.57 -43.26 53.17
C ASN D 1112 -7.30 -43.09 54.01
N LEU D 1113 -7.17 -41.98 54.75
CA LEU D 1113 -6.00 -41.65 55.61
C LEU D 1113 -5.88 -42.64 56.77
N LEU D 1114 -6.99 -43.19 57.26
CA LEU D 1114 -7.06 -44.07 58.45
C LEU D 1114 -6.43 -45.44 58.14
N ASP D 1115 -6.70 -46.01 56.96
CA ASP D 1115 -6.22 -47.36 56.53
C ASP D 1115 -4.68 -47.40 56.55
N PHE D 1116 -4.08 -46.41 55.90
CA PHE D 1116 -2.63 -46.12 55.93
C PHE D 1116 -2.13 -46.27 57.39
N ILE D 1117 -2.90 -45.74 58.34
CA ILE D 1117 -2.63 -45.90 59.81
C ILE D 1117 -2.82 -47.38 60.15
N GLU D 1118 -3.99 -47.95 59.85
CA GLU D 1118 -4.32 -49.38 60.14
C GLU D 1118 -3.17 -50.25 59.62
N LYS D 1119 -2.68 -49.96 58.41
CA LYS D 1119 -1.54 -50.68 57.77
C LYS D 1119 -0.33 -50.64 58.72
N THR D 1120 -0.02 -49.47 59.27
CA THR D 1120 1.13 -49.24 60.19
C THR D 1120 0.92 -50.03 61.49
N LYS D 1121 -0.30 -50.01 62.03
CA LYS D 1121 -0.66 -50.63 63.34
C LYS D 1121 -0.34 -52.14 63.33
N ASP D 1122 -0.32 -52.77 62.16
CA ASP D 1122 0.05 -54.20 61.98
C ASP D 1122 1.49 -54.41 62.47
N GLY D 1123 2.47 -53.85 61.76
CA GLY D 1123 3.92 -53.94 62.07
C GLY D 1123 4.42 -55.37 62.18
N ILE D 1124 5.37 -55.59 63.11
CA ILE D 1124 6.16 -56.85 63.36
C ILE D 1124 7.46 -56.79 62.54
N LYS D 1125 8.58 -57.23 63.15
CA LYS D 1125 9.94 -57.32 62.55
C LYS D 1125 10.33 -58.80 62.40
N LYS D 1126 11.13 -59.12 61.37
CA LYS D 1126 11.59 -60.49 61.00
C LYS D 1126 10.36 -61.38 60.72
N ASN D 1127 10.45 -62.69 60.95
CA ASN D 1127 9.34 -63.68 60.81
C ASN D 1127 9.13 -63.90 59.31
N PRO D 1128 7.90 -64.01 58.73
CA PRO D 1128 7.76 -64.50 57.34
C PRO D 1128 8.11 -63.49 56.24
N ALA D 1129 8.80 -63.97 55.20
CA ALA D 1129 9.31 -63.19 54.04
C ALA D 1129 8.14 -62.58 53.25
N ASP D 1130 7.03 -63.31 53.16
CA ASP D 1130 5.87 -62.96 52.31
C ASP D 1130 5.19 -61.69 52.84
N HIS D 1131 5.06 -61.58 54.17
CA HIS D 1131 4.43 -60.45 54.88
C HIS D 1131 5.12 -59.13 54.54
N GLU D 1132 6.44 -59.19 54.37
CA GLU D 1132 7.29 -58.04 53.97
C GLU D 1132 6.80 -57.54 52.60
N ASN D 1133 6.80 -58.43 51.60
CA ASN D 1133 6.43 -58.15 50.18
C ASN D 1133 5.19 -57.26 50.14
N LEU D 1134 4.19 -57.58 50.97
CA LEU D 1134 2.92 -56.81 51.09
C LEU D 1134 3.19 -55.52 51.88
N HIS D 1135 3.86 -55.63 53.04
CA HIS D 1135 4.18 -54.50 53.95
C HIS D 1135 5.09 -53.46 53.26
N ASP D 1136 6.02 -53.94 52.41
CA ASP D 1136 7.04 -53.11 51.71
C ASP D 1136 6.35 -52.05 50.84
N LYS D 1137 5.29 -52.46 50.12
CA LYS D 1137 4.50 -51.58 49.21
C LYS D 1137 3.97 -50.35 49.96
N LYS D 1138 3.69 -50.50 51.25
CA LYS D 1138 3.10 -49.44 52.13
C LYS D 1138 4.12 -48.33 52.36
N LEU D 1139 5.40 -48.70 52.51
CA LEU D 1139 6.54 -47.74 52.56
C LEU D 1139 6.60 -46.97 51.24
N LEU D 1140 6.60 -47.68 50.10
CA LEU D 1140 6.72 -47.08 48.75
C LEU D 1140 5.56 -46.09 48.54
N MET D 1141 4.37 -46.40 49.04
CA MET D 1141 3.16 -45.52 48.96
C MET D 1141 3.27 -44.38 49.99
N SER D 1142 3.86 -44.64 51.16
CA SER D 1142 4.03 -43.63 52.25
C SER D 1142 4.94 -42.49 51.77
N VAL D 1143 6.10 -42.81 51.18
CA VAL D 1143 7.10 -41.81 50.68
C VAL D 1143 6.42 -40.86 49.70
N MET D 1144 5.86 -41.40 48.61
CA MET D 1144 5.14 -40.64 47.54
C MET D 1144 3.99 -39.83 48.15
N LYS D 1145 3.26 -40.42 49.10
CA LYS D 1145 2.20 -39.74 49.90
C LYS D 1145 2.84 -38.62 50.74
N VAL D 1146 3.76 -38.97 51.65
CA VAL D 1146 4.45 -38.05 52.60
C VAL D 1146 4.84 -36.76 51.88
N ILE D 1147 5.38 -36.86 50.66
CA ILE D 1147 5.81 -35.71 49.83
C ILE D 1147 4.56 -34.98 49.29
N SER D 1148 3.74 -35.68 48.49
CA SER D 1148 2.57 -35.13 47.75
C SER D 1148 1.47 -34.66 48.71
N ASP D 1149 1.31 -35.33 49.87
CA ASP D 1149 0.27 -35.02 50.88
C ASP D 1149 0.64 -33.72 51.62
N VAL D 1150 1.91 -33.57 52.02
CA VAL D 1150 2.45 -32.33 52.66
C VAL D 1150 2.17 -31.12 51.76
N LYS D 1151 2.39 -31.26 50.45
CA LYS D 1151 2.07 -30.22 49.42
C LYS D 1151 0.57 -29.94 49.45
N ASP D 1152 -0.25 -31.00 49.44
CA ASP D 1152 -1.74 -30.92 49.43
C ASP D 1152 -2.28 -30.62 50.85
N VAL D 1153 -1.46 -30.78 51.90
CA VAL D 1153 -1.82 -30.50 53.33
C VAL D 1153 -2.08 -28.99 53.50
N GLU D 1154 -1.21 -28.15 52.94
CA GLU D 1154 -1.23 -26.67 53.07
C GLU D 1154 -2.62 -26.12 52.68
N PRO D 1155 -3.10 -26.27 51.42
CA PRO D 1155 -4.35 -25.65 51.00
C PRO D 1155 -5.64 -26.27 51.58
N ARG D 1156 -5.56 -27.50 52.10
CA ARG D 1156 -6.68 -28.17 52.82
C ARG D 1156 -6.93 -27.45 54.16
N ARG D 1157 -5.85 -27.10 54.86
CA ARG D 1157 -5.88 -26.31 56.13
C ARG D 1157 -6.55 -24.95 55.85
N GLU D 1158 -6.10 -24.27 54.79
CA GLU D 1158 -6.67 -22.99 54.27
C GLU D 1158 -8.16 -23.17 53.98
N GLY D 1159 -8.51 -24.30 53.34
CA GLY D 1159 -9.89 -24.69 52.97
C GLY D 1159 -10.83 -24.69 54.17
N ILE D 1160 -10.36 -25.13 55.35
CA ILE D 1160 -11.13 -25.09 56.63
C ILE D 1160 -11.27 -23.63 57.09
N ILE D 1161 -10.15 -22.90 57.14
CA ILE D 1161 -10.04 -21.55 57.78
C ILE D 1161 -10.89 -20.54 57.01
N THR D 1162 -10.82 -20.55 55.67
CA THR D 1162 -11.47 -19.55 54.77
C THR D 1162 -13.00 -19.66 54.89
N ARG D 1163 -13.53 -20.84 55.18
CA ARG D 1163 -14.96 -21.06 55.52
C ARG D 1163 -15.27 -20.39 56.86
N MET D 1164 -14.49 -20.70 57.89
CA MET D 1164 -14.66 -20.17 59.27
C MET D 1164 -14.78 -18.64 59.26
N LYS D 1165 -13.91 -17.99 58.47
CA LYS D 1165 -13.90 -16.50 58.26
C LYS D 1165 -15.27 -16.05 57.74
N GLU D 1166 -15.67 -16.57 56.57
CA GLU D 1166 -16.95 -16.24 55.89
C GLU D 1166 -17.90 -17.45 56.02
N MET D 1167 -18.08 -17.92 57.26
CA MET D 1167 -19.25 -18.71 57.75
C MET D 1167 -19.36 -18.48 59.26
N VAL D 1168 -20.33 -17.67 59.69
CA VAL D 1168 -20.58 -17.32 61.13
C VAL D 1168 -20.93 -18.61 61.88
N THR D 1169 -21.70 -19.51 61.25
CA THR D 1169 -22.11 -20.82 61.81
C THR D 1169 -20.93 -21.80 61.80
N LYS D 1170 -20.74 -22.54 62.89
CA LYS D 1170 -19.68 -23.57 63.07
C LYS D 1170 -20.19 -24.89 62.48
N LEU D 1171 -19.34 -25.59 61.73
CA LEU D 1171 -19.69 -26.84 60.98
C LEU D 1171 -19.28 -28.05 61.82
N LYS D 1172 -20.25 -28.91 62.18
CA LYS D 1172 -20.10 -30.09 63.07
C LYS D 1172 -19.77 -29.67 64.51
N LYS D 1173 -19.93 -28.38 64.85
CA LYS D 1173 -19.64 -27.76 66.18
C LYS D 1173 -18.17 -28.03 66.57
N HIS D 1174 -17.93 -28.67 67.73
CA HIS D 1174 -16.58 -28.90 68.32
C HIS D 1174 -15.86 -30.02 67.57
N ASN D 1175 -16.58 -30.84 66.80
CA ASN D 1175 -16.05 -32.05 66.10
C ASN D 1175 -14.96 -31.63 65.09
N VAL D 1176 -15.18 -30.58 64.28
CA VAL D 1176 -14.26 -30.17 63.17
C VAL D 1176 -12.90 -29.73 63.73
N PRO D 1177 -12.81 -28.80 64.71
CA PRO D 1177 -11.53 -28.49 65.36
C PRO D 1177 -10.81 -29.68 65.99
N ILE D 1178 -11.55 -30.62 66.60
CA ILE D 1178 -11.02 -31.86 67.23
C ILE D 1178 -10.41 -32.77 66.14
N THR D 1179 -11.07 -32.89 64.98
CA THR D 1179 -10.63 -33.76 63.85
C THR D 1179 -9.27 -33.28 63.31
N GLU D 1180 -9.11 -31.97 63.11
CA GLU D 1180 -7.84 -31.32 62.68
C GLU D 1180 -6.71 -31.72 63.63
N LYS D 1181 -6.97 -31.60 64.94
CA LYS D 1181 -6.06 -32.04 66.03
C LYS D 1181 -5.91 -33.57 65.96
N GLY D 1182 -7.03 -34.27 65.74
CA GLY D 1182 -7.12 -35.74 65.65
C GLY D 1182 -6.38 -36.32 64.46
N THR D 1183 -6.22 -35.57 63.36
CA THR D 1183 -5.42 -35.95 62.17
C THR D 1183 -3.94 -35.69 62.44
N ASP D 1184 -3.60 -34.48 62.90
CA ASP D 1184 -2.21 -34.01 63.19
C ASP D 1184 -1.45 -35.07 63.99
N ASP D 1185 -2.09 -35.67 65.01
CA ASP D 1185 -1.45 -36.61 65.97
C ASP D 1185 -1.07 -37.91 65.22
N PRO D 1186 -2.01 -38.80 64.82
CA PRO D 1186 -1.75 -39.81 63.79
C PRO D 1186 -0.74 -39.49 62.66
N LEU D 1187 -0.80 -38.31 62.03
CA LEU D 1187 0.16 -37.90 60.97
C LEU D 1187 1.59 -37.93 61.54
N GLN D 1188 1.77 -37.36 62.74
CA GLN D 1188 3.05 -37.36 63.48
C GLN D 1188 3.41 -38.80 63.90
N GLN D 1189 2.43 -39.55 64.42
CA GLN D 1189 2.58 -40.96 64.87
C GLN D 1189 3.02 -41.85 63.69
N ILE D 1190 2.41 -41.65 62.52
CA ILE D 1190 2.77 -42.35 61.25
C ILE D 1190 4.24 -42.05 60.94
N ASP D 1191 4.62 -40.77 60.92
CA ASP D 1191 5.96 -40.29 60.49
C ASP D 1191 7.06 -40.84 61.41
N ASN D 1192 6.72 -41.20 62.65
CA ASN D 1192 7.65 -41.87 63.61
C ASN D 1192 7.68 -43.37 63.32
N ALA D 1193 6.51 -44.01 63.18
CA ALA D 1193 6.36 -45.47 62.95
C ALA D 1193 7.03 -45.83 61.62
N ASN D 1194 6.79 -45.04 60.57
CA ASN D 1194 7.33 -45.21 59.19
C ASN D 1194 8.87 -45.17 59.22
N SER D 1195 9.46 -44.22 59.94
CA SER D 1195 10.94 -44.07 60.08
C SER D 1195 11.53 -45.28 60.82
N ASN D 1196 10.78 -45.88 61.76
CA ASN D 1196 11.15 -47.15 62.44
C ASN D 1196 11.09 -48.30 61.42
N PHE D 1197 10.01 -48.33 60.62
CA PHE D 1197 9.75 -49.35 59.57
C PHE D 1197 10.85 -49.27 58.50
N ILE D 1198 11.13 -48.07 57.98
CA ILE D 1198 12.17 -47.81 56.93
C ILE D 1198 13.50 -48.43 57.34
N GLU D 1199 13.92 -48.23 58.59
CA GLU D 1199 15.20 -48.74 59.15
C GLU D 1199 15.21 -50.27 59.10
N ILE D 1200 14.12 -50.90 59.54
CA ILE D 1200 13.94 -52.39 59.53
C ILE D 1200 13.82 -52.84 58.07
N TYR D 1201 12.87 -52.24 57.33
CA TYR D 1201 12.62 -52.43 55.86
C TYR D 1201 13.96 -52.58 55.14
N GLY D 1202 14.85 -51.60 55.29
CA GLY D 1202 16.17 -51.53 54.64
C GLY D 1202 16.99 -52.80 54.86
N ARG D 1203 17.16 -53.21 56.11
CA ARG D 1203 18.01 -54.36 56.54
C ARG D 1203 17.61 -55.63 55.77
N VAL D 1204 16.30 -55.86 55.68
CA VAL D 1204 15.70 -57.09 55.10
C VAL D 1204 15.58 -56.91 53.58
N PHE D 1205 15.10 -55.75 53.11
CA PHE D 1205 14.95 -55.44 51.66
C PHE D 1205 16.32 -55.48 50.98
N LYS D 1206 17.40 -55.21 51.72
CA LYS D 1206 18.81 -55.42 51.26
C LYS D 1206 19.03 -56.91 50.96
N VAL D 1207 18.52 -57.80 51.83
CA VAL D 1207 18.58 -59.28 51.64
C VAL D 1207 17.70 -59.67 50.43
N LYS D 1208 16.57 -58.97 50.24
CA LYS D 1208 15.63 -59.17 49.10
C LYS D 1208 16.25 -58.62 47.81
N ALA D 1209 16.76 -57.38 47.85
CA ALA D 1209 17.47 -56.69 46.74
C ALA D 1209 18.63 -57.55 46.22
N ASP D 1210 19.14 -58.50 47.02
CA ASP D 1210 20.09 -59.54 46.55
C ASP D 1210 19.32 -60.61 45.76
N ILE D 1211 18.21 -61.13 46.30
CA ILE D 1211 17.37 -62.19 45.66
C ILE D 1211 16.67 -61.61 44.42
N ILE D 1212 16.46 -60.28 44.35
CA ILE D 1212 15.78 -59.59 43.21
C ILE D 1212 16.69 -59.69 41.98
N PRO D 1213 17.78 -58.90 41.79
CA PRO D 1213 18.85 -59.24 40.85
C PRO D 1213 19.10 -60.70 40.43
N LEU D 1214 19.32 -61.62 41.37
CA LEU D 1214 19.59 -63.07 41.06
C LEU D 1214 18.42 -63.63 40.24
N GLN D 1215 17.20 -63.44 40.72
CA GLN D 1215 15.93 -63.80 40.03
C GLN D 1215 15.78 -62.97 38.75
N ALA D 1216 16.10 -61.68 38.80
CA ALA D 1216 15.95 -60.70 37.70
C ALA D 1216 16.84 -61.09 36.52
N GLU D 1217 18.12 -61.37 36.78
CA GLU D 1217 19.11 -61.86 35.78
C GLU D 1217 18.53 -63.06 35.04
N GLU D 1218 17.94 -64.01 35.78
CA GLU D 1218 17.31 -65.25 35.24
C GLU D 1218 16.18 -64.86 34.27
N THR D 1219 15.27 -63.99 34.71
CA THR D 1219 14.07 -63.55 33.95
C THR D 1219 14.51 -62.75 32.72
N GLN D 1220 15.39 -61.77 32.90
CA GLN D 1220 15.95 -60.91 31.82
C GLN D 1220 16.53 -61.78 30.70
N ASN D 1221 17.34 -62.78 31.06
CA ASN D 1221 17.96 -63.76 30.12
C ASN D 1221 16.86 -64.48 29.34
N ILE D 1222 15.79 -64.91 30.02
CA ILE D 1222 14.60 -65.57 29.41
C ILE D 1222 13.90 -64.54 28.51
N LYS D 1223 13.74 -63.30 28.99
CA LYS D 1223 13.06 -62.19 28.26
C LYS D 1223 13.78 -61.89 26.94
N ARG D 1224 15.11 -61.74 26.98
CA ARG D 1224 15.96 -61.48 25.79
C ARG D 1224 15.78 -62.59 24.75
N ASP D 1225 15.85 -63.85 25.18
CA ASP D 1225 15.63 -65.05 24.32
C ASP D 1225 14.25 -64.93 23.65
N LEU D 1226 13.21 -64.62 24.44
CA LEU D 1226 11.82 -64.44 23.94
C LEU D 1226 11.77 -63.24 22.98
N ASP D 1227 12.47 -62.14 23.29
CA ASP D 1227 12.56 -60.93 22.43
C ASP D 1227 13.07 -61.33 21.04
N ILE D 1228 14.12 -62.17 21.00
CA ILE D 1228 14.80 -62.64 19.75
C ILE D 1228 13.82 -63.49 18.93
N PHE D 1229 13.26 -64.55 19.54
CA PHE D 1229 12.30 -65.50 18.91
C PHE D 1229 11.13 -64.75 18.26
N MET D 1230 10.59 -63.74 18.95
CA MET D 1230 9.48 -62.88 18.46
C MET D 1230 9.94 -62.10 17.24
N LYS D 1231 11.15 -61.52 17.28
CA LYS D 1231 11.76 -60.76 16.15
C LYS D 1231 12.04 -61.68 14.96
N GLU D 1232 12.31 -62.97 15.21
CA GLU D 1232 12.47 -64.01 14.15
C GLU D 1232 11.10 -64.27 13.49
N VAL D 1233 10.06 -64.44 14.30
CA VAL D 1233 8.67 -64.77 13.84
C VAL D 1233 8.09 -63.60 13.05
N GLU D 1234 8.34 -62.35 13.48
CA GLU D 1234 7.82 -61.12 12.81
C GLU D 1234 8.53 -60.95 11.47
N SER D 1235 9.83 -61.26 11.40
CA SER D 1235 10.66 -61.20 10.16
C SER D 1235 10.17 -62.27 9.17
N PHE D 1236 9.88 -63.49 9.66
CA PHE D 1236 9.44 -64.65 8.83
C PHE D 1236 8.17 -64.30 8.03
N ARG D 1237 7.19 -63.66 8.67
CA ARG D 1237 5.88 -63.29 8.05
C ARG D 1237 6.08 -62.17 7.02
N LYS D 1238 7.10 -61.33 7.19
CA LYS D 1238 7.44 -60.20 6.27
C LYS D 1238 8.24 -60.72 5.07
N GLU D 1239 9.21 -61.61 5.30
CA GLU D 1239 10.05 -62.26 4.26
C GLU D 1239 9.15 -63.01 3.25
N PHE D 1240 8.18 -63.78 3.76
CA PHE D 1240 7.25 -64.63 2.97
C PHE D 1240 6.31 -63.73 2.14
N MET D 1241 6.51 -63.71 0.82
CA MET D 1241 5.65 -63.02 -0.17
C MET D 1241 4.70 -64.05 -0.79
N GLN D 1242 3.40 -63.73 -0.83
CA GLN D 1242 2.38 -64.51 -1.59
C GLN D 1242 2.80 -64.55 -3.06
N LYS D 1243 3.16 -63.39 -3.63
CA LYS D 1243 3.70 -63.23 -5.01
C LYS D 1243 5.07 -62.54 -4.94
N SER D 1251 -2.83 -62.46 -6.45
CA SER D 1251 -3.08 -63.85 -6.95
C SER D 1251 -3.53 -64.75 -5.79
N MET D 1252 -2.66 -64.92 -4.79
CA MET D 1252 -2.94 -65.71 -3.55
C MET D 1252 -3.85 -64.90 -2.63
N GLY D 1253 -4.94 -65.50 -2.15
CA GLY D 1253 -5.94 -64.88 -1.25
C GLY D 1253 -6.32 -65.81 -0.12
N TYR D 1254 -6.94 -65.26 0.93
CA TYR D 1254 -7.45 -65.99 2.13
C TYR D 1254 -6.28 -66.45 3.02
N GLU D 1255 -5.44 -67.36 2.54
CA GLU D 1255 -4.29 -67.97 3.26
C GLU D 1255 -3.35 -66.89 3.82
N ASN D 1256 -3.20 -65.78 3.09
CA ASN D 1256 -2.44 -64.57 3.54
C ASN D 1256 -3.23 -63.86 4.65
N ILE D 1257 -4.54 -63.67 4.44
CA ILE D 1257 -5.48 -63.01 5.40
C ILE D 1257 -5.54 -63.82 6.71
N ASN D 1258 -5.48 -65.15 6.62
CA ASN D 1258 -5.45 -66.09 7.77
C ASN D 1258 -4.15 -65.90 8.55
N ASN D 1259 -3.01 -65.86 7.85
CA ASN D 1259 -1.65 -65.64 8.42
C ASN D 1259 -1.61 -64.35 9.24
N ALA D 1260 -2.32 -63.31 8.79
CA ALA D 1260 -2.39 -61.97 9.44
C ALA D 1260 -3.12 -62.06 10.78
N TYR D 1261 -4.31 -62.67 10.80
CA TYR D 1261 -5.13 -62.89 12.01
C TYR D 1261 -4.43 -63.86 12.96
N ASP D 1262 -3.66 -64.82 12.41
CA ASP D 1262 -2.81 -65.79 13.16
C ASP D 1262 -1.71 -65.02 13.90
N THR D 1263 -1.01 -64.14 13.19
CA THR D 1263 0.01 -63.20 13.75
C THR D 1263 -0.64 -62.34 14.85
N ILE D 1264 -1.89 -61.91 14.63
CA ILE D 1264 -2.72 -61.11 15.59
C ILE D 1264 -2.80 -61.84 16.95
N MET D 1265 -2.90 -63.17 16.94
CA MET D 1265 -2.98 -64.03 18.16
C MET D 1265 -1.62 -64.07 18.86
N VAL D 1266 -0.53 -64.26 18.11
CA VAL D 1266 0.88 -64.36 18.62
C VAL D 1266 1.26 -63.05 19.34
N TYR D 1267 0.81 -61.90 18.82
CA TYR D 1267 1.08 -60.54 19.36
C TYR D 1267 0.33 -60.33 20.68
N TYR D 1268 -0.96 -60.72 20.72
CA TYR D 1268 -1.82 -60.68 21.92
C TYR D 1268 -1.21 -61.54 23.03
N HIS D 1269 -0.65 -62.70 22.68
CA HIS D 1269 0.11 -63.61 23.58
C HIS D 1269 1.36 -62.92 24.12
N LYS D 1270 2.08 -62.18 23.26
CA LYS D 1270 3.32 -61.42 23.59
C LYS D 1270 2.98 -60.26 24.54
N LEU D 1271 1.90 -59.52 24.24
CA LEU D 1271 1.39 -58.37 25.05
C LEU D 1271 1.07 -58.84 26.49
N THR D 1272 0.54 -60.06 26.63
CA THR D 1272 0.20 -60.71 27.92
C THR D 1272 1.48 -60.96 28.72
N ALA D 1273 2.42 -61.71 28.15
CA ALA D 1273 3.77 -61.96 28.68
C ALA D 1273 4.44 -60.62 29.01
N ILE D 1274 4.31 -59.65 28.09
CA ILE D 1274 4.77 -58.23 28.22
C ILE D 1274 4.25 -57.65 29.55
N GLU D 1275 2.96 -57.84 29.83
CA GLU D 1275 2.29 -57.39 31.08
C GLU D 1275 2.88 -58.10 32.29
N GLY D 1276 2.97 -59.45 32.24
CA GLY D 1276 3.49 -60.32 33.31
C GLY D 1276 4.89 -59.94 33.76
N ARG D 1277 5.68 -59.36 32.85
CA ARG D 1277 7.00 -58.73 33.15
C ARG D 1277 6.78 -57.41 33.89
N ALA D 1278 6.06 -56.45 33.28
CA ALA D 1278 5.82 -55.08 33.77
C ALA D 1278 5.25 -55.10 35.20
N LEU D 1279 4.48 -56.13 35.52
CA LEU D 1279 3.99 -56.45 36.90
C LEU D 1279 5.19 -56.79 37.79
N GLU D 1280 5.99 -57.78 37.39
CA GLU D 1280 7.15 -58.33 38.15
C GLU D 1280 8.14 -57.21 38.51
N TYR D 1281 8.34 -56.24 37.61
CA TYR D 1281 9.27 -55.09 37.76
C TYR D 1281 8.78 -54.14 38.87
N ASN D 1282 7.54 -53.68 38.77
CA ASN D 1282 6.90 -52.74 39.74
C ASN D 1282 6.82 -53.40 41.13
N ASN D 1283 6.50 -54.70 41.16
CA ASN D 1283 6.50 -55.57 42.38
C ASN D 1283 7.88 -55.51 43.04
N LEU D 1284 8.93 -55.70 42.25
CA LEU D 1284 10.35 -55.54 42.67
C LEU D 1284 10.56 -54.10 43.16
N GLU D 1285 10.26 -53.10 42.32
CA GLU D 1285 10.43 -51.66 42.59
C GLU D 1285 11.93 -51.35 42.77
N LYS D 1286 12.30 -50.41 43.65
CA LYS D 1286 13.69 -50.07 44.06
C LYS D 1286 14.35 -49.11 43.05
N LEU D 1287 13.60 -48.58 42.08
CA LEU D 1287 14.06 -47.60 41.06
C LEU D 1287 15.22 -48.17 40.24
N PHE D 1288 15.03 -49.35 39.65
CA PHE D 1288 15.97 -50.03 38.73
C PHE D 1288 15.65 -49.61 37.29
N GLU D 1289 16.61 -48.98 36.60
CA GLU D 1289 16.49 -48.51 35.19
C GLU D 1289 16.34 -49.70 34.24
N LEU D 1290 16.95 -50.85 34.58
CA LEU D 1290 16.96 -52.10 33.76
C LEU D 1290 15.54 -52.66 33.59
N GLN D 1291 14.66 -52.45 34.58
CA GLN D 1291 13.23 -52.88 34.55
C GLN D 1291 12.47 -52.09 33.47
N LYS D 1292 12.67 -50.77 33.43
CA LYS D 1292 11.96 -49.83 32.51
C LYS D 1292 12.46 -49.98 31.07
N SER D 1293 13.72 -50.39 30.87
CA SER D 1293 14.40 -50.51 29.55
C SER D 1293 13.95 -51.79 28.83
N ASN D 1294 13.84 -52.91 29.56
CA ASN D 1294 13.27 -54.20 29.07
C ASN D 1294 11.85 -53.94 28.53
N TYR D 1295 11.11 -53.03 29.18
CA TYR D 1295 9.79 -52.52 28.74
C TYR D 1295 9.94 -51.72 27.43
N LYS D 1296 10.91 -50.80 27.37
CA LYS D 1296 11.26 -50.00 26.16
C LYS D 1296 11.65 -50.92 25.00
N GLN D 1297 12.25 -52.08 25.29
CA GLN D 1297 12.57 -53.15 24.32
C GLN D 1297 11.27 -53.77 23.78
N LEU D 1298 10.32 -54.07 24.67
CA LEU D 1298 9.04 -54.77 24.35
C LEU D 1298 8.13 -53.87 23.49
N LYS D 1299 7.97 -52.61 23.90
CA LYS D 1299 7.14 -51.58 23.21
C LYS D 1299 7.60 -51.43 21.75
N ASP D 1300 8.91 -51.55 21.51
CA ASP D 1300 9.55 -51.54 20.16
C ASP D 1300 8.95 -52.67 19.30
N CYS D 1301 8.98 -53.91 19.82
CA CYS D 1301 8.45 -55.13 19.15
C CYS D 1301 6.95 -54.99 18.87
N MET D 1302 6.20 -54.34 19.78
CA MET D 1302 4.74 -54.09 19.66
C MET D 1302 4.45 -53.15 18.48
N ASN D 1303 5.22 -52.07 18.37
CA ASN D 1303 5.12 -51.05 17.28
C ASN D 1303 5.46 -51.71 15.94
N ASP D 1304 6.51 -52.54 15.90
CA ASP D 1304 6.95 -53.33 14.72
C ASP D 1304 5.81 -54.24 14.26
N LEU D 1305 5.16 -54.93 15.20
CA LEU D 1305 3.95 -55.77 14.99
C LEU D 1305 2.85 -54.92 14.34
N LYS D 1306 2.61 -53.71 14.86
CA LYS D 1306 1.60 -52.74 14.37
C LYS D 1306 1.94 -52.30 12.94
N ASN D 1307 3.24 -52.12 12.62
CA ASN D 1307 3.75 -51.82 11.25
C ASN D 1307 3.37 -52.96 10.31
N LEU D 1308 3.73 -54.20 10.69
CA LEU D 1308 3.40 -55.46 9.97
C LEU D 1308 1.89 -55.54 9.72
N LYS D 1309 1.09 -55.10 10.70
CA LYS D 1309 -0.40 -55.03 10.62
C LYS D 1309 -0.83 -54.19 9.41
N THR D 1310 -0.39 -52.92 9.38
CA THR D 1310 -0.68 -51.95 8.29
C THR D 1310 -0.15 -52.46 6.95
N MET D 1311 0.95 -53.23 6.97
CA MET D 1311 1.61 -53.84 5.79
C MET D 1311 0.70 -54.90 5.16
N TRP D 1312 0.29 -55.90 5.95
CA TRP D 1312 -0.63 -56.99 5.54
C TRP D 1312 -1.94 -56.40 5.01
N ASP D 1313 -2.40 -55.29 5.62
CA ASP D 1313 -3.61 -54.52 5.23
C ASP D 1313 -3.48 -54.00 3.79
N ALA D 1314 -2.32 -53.42 3.45
CA ALA D 1314 -1.99 -52.90 2.12
C ALA D 1314 -2.00 -54.04 1.08
N ILE D 1315 -1.45 -55.20 1.45
CA ILE D 1315 -1.37 -56.44 0.60
C ILE D 1315 -2.78 -56.88 0.20
N ALA D 1316 -3.75 -56.82 1.13
CA ALA D 1316 -5.16 -57.25 0.95
C ALA D 1316 -5.87 -56.35 -0.06
N LEU D 1317 -5.70 -55.03 0.08
CA LEU D 1317 -6.20 -54.00 -0.87
C LEU D 1317 -5.57 -54.23 -2.25
N ILE D 1318 -4.29 -54.63 -2.28
CA ILE D 1318 -3.49 -54.91 -3.52
C ILE D 1318 -4.09 -56.11 -4.26
N HIS D 1319 -4.38 -57.21 -3.54
CA HIS D 1319 -5.00 -58.45 -4.06
C HIS D 1319 -6.39 -58.17 -4.62
N PHE D 1320 -7.12 -57.19 -4.04
CA PHE D 1320 -8.48 -56.77 -4.44
C PHE D 1320 -8.45 -56.10 -5.83
N GLN D 1321 -7.42 -55.28 -6.10
CA GLN D 1321 -7.18 -54.64 -7.42
C GLN D 1321 -6.67 -55.67 -8.43
N TYR D 1322 -5.83 -56.61 -7.96
CA TYR D 1322 -5.32 -57.78 -8.74
C TYR D 1322 -6.49 -58.71 -9.10
N ASN D 1323 -7.48 -58.84 -8.21
CA ASN D 1323 -8.70 -59.69 -8.39
C ASN D 1323 -9.64 -59.03 -9.42
N ASP D 1324 -9.79 -57.70 -9.38
CA ASP D 1324 -10.58 -56.90 -10.34
C ASP D 1324 -9.98 -56.99 -11.74
N TRP D 1325 -8.65 -57.14 -11.84
CA TRP D 1325 -7.87 -57.22 -13.11
C TRP D 1325 -8.17 -58.52 -13.86
N LYS D 1326 -8.11 -59.66 -13.16
CA LYS D 1326 -8.35 -61.03 -13.73
C LYS D 1326 -9.79 -61.14 -14.25
N THR D 1327 -10.76 -60.54 -13.54
CA THR D 1327 -12.19 -60.44 -13.92
C THR D 1327 -12.34 -59.65 -15.23
N LYS D 1328 -11.50 -58.62 -15.44
CA LYS D 1328 -11.51 -57.74 -16.65
C LYS D 1328 -10.75 -58.42 -17.79
N PRO D 1329 -9.86 -59.40 -17.51
CA PRO D 1329 -9.26 -60.21 -18.56
C PRO D 1329 -10.31 -61.13 -19.22
N TRP D 1330 -11.09 -61.83 -18.38
CA TRP D 1330 -12.24 -62.69 -18.77
C TRP D 1330 -13.30 -61.86 -19.50
N ARG D 1331 -13.61 -60.66 -18.98
CA ARG D 1331 -14.52 -59.67 -19.62
C ARG D 1331 -13.90 -59.17 -20.93
N GLN D 1332 -12.58 -58.92 -20.93
CA GLN D 1332 -11.78 -58.45 -22.09
C GLN D 1332 -12.33 -57.10 -22.57
N ILE D 1333 -12.85 -57.04 -23.81
CA ILE D 1333 -13.50 -55.84 -24.42
C ILE D 1333 -12.42 -54.79 -24.72
N LYS D 1334 -12.27 -54.40 -25.99
CA LYS D 1334 -11.24 -53.42 -26.46
C LYS D 1334 -11.52 -52.05 -25.83
N ALA D 1335 -12.76 -51.56 -25.91
CA ALA D 1335 -13.21 -50.26 -25.36
C ALA D 1335 -13.18 -50.29 -23.83
N ASP D 1336 -13.49 -51.43 -23.20
CA ASP D 1336 -13.55 -51.60 -21.72
C ASP D 1336 -12.13 -51.67 -21.13
N ILE D 1337 -11.22 -52.40 -21.78
CA ILE D 1337 -9.82 -52.64 -21.33
C ILE D 1337 -9.05 -51.32 -21.29
N LEU D 1338 -9.22 -50.44 -22.29
CA LEU D 1338 -8.53 -49.13 -22.42
C LEU D 1338 -8.93 -48.22 -21.24
N LEU D 1339 -10.23 -48.11 -20.96
CA LEU D 1339 -10.80 -47.33 -19.82
C LEU D 1339 -10.34 -47.95 -18.50
N ASP D 1340 -10.43 -49.29 -18.40
CA ASP D 1340 -9.98 -50.09 -17.21
C ASP D 1340 -8.48 -49.83 -16.96
N THR D 1341 -7.67 -49.86 -18.03
CA THR D 1341 -6.19 -49.68 -18.00
C THR D 1341 -5.82 -48.28 -17.46
N ASN D 1342 -6.63 -47.26 -17.77
CA ASN D 1342 -6.41 -45.84 -17.37
C ASN D 1342 -6.63 -45.69 -15.86
N LYS D 1343 -7.80 -46.10 -15.36
CA LYS D 1343 -8.25 -45.92 -13.95
C LYS D 1343 -7.35 -46.74 -13.00
N THR D 1344 -7.08 -48.00 -13.36
CA THR D 1344 -6.24 -48.97 -12.59
C THR D 1344 -4.82 -48.41 -12.44
N LEU D 1345 -4.24 -47.89 -13.53
CA LEU D 1345 -2.93 -47.19 -13.55
C LEU D 1345 -2.93 -46.03 -12.54
N GLY D 1346 -4.03 -45.27 -12.49
CA GLY D 1346 -4.23 -44.13 -11.57
C GLY D 1346 -4.34 -44.57 -10.13
N THR D 1347 -5.11 -45.63 -9.86
CA THR D 1347 -5.33 -46.22 -8.52
C THR D 1347 -4.03 -46.86 -8.00
N GLN D 1348 -3.32 -47.59 -8.87
CA GLN D 1348 -2.04 -48.29 -8.56
C GLN D 1348 -0.98 -47.27 -8.14
N ILE D 1349 -0.83 -46.20 -8.92
CA ILE D 1349 0.09 -45.05 -8.65
C ILE D 1349 -0.25 -44.42 -7.30
N LYS D 1350 -1.55 -44.32 -6.98
CA LYS D 1350 -2.09 -43.74 -5.72
C LYS D 1350 -1.65 -44.57 -4.50
N ASN D 1351 -1.67 -45.89 -4.63
CA ASN D 1351 -1.34 -46.85 -3.53
C ASN D 1351 0.15 -46.78 -3.18
N LEU D 1352 1.02 -46.81 -4.20
CA LEU D 1352 2.50 -46.86 -4.06
C LEU D 1352 3.01 -45.61 -3.35
N PRO D 1353 2.53 -44.41 -3.75
CA PRO D 1353 2.91 -43.17 -3.06
C PRO D 1353 2.41 -43.10 -1.61
N LYS D 1354 1.28 -43.75 -1.32
CA LYS D 1354 0.70 -43.89 0.04
C LYS D 1354 1.63 -44.71 0.94
N GLU D 1355 2.29 -45.75 0.40
CA GLU D 1355 3.26 -46.62 1.11
C GLU D 1355 4.50 -45.81 1.48
N ILE D 1356 4.97 -45.92 2.73
CA ILE D 1356 6.16 -45.16 3.26
C ILE D 1356 6.57 -45.68 4.65
N ARG D 1357 7.88 -45.67 4.93
CA ARG D 1357 8.49 -45.98 6.26
C ARG D 1357 8.31 -47.48 6.57
N ASN D 1358 7.58 -47.80 7.65
CA ASN D 1358 7.26 -49.19 8.08
C ASN D 1358 8.57 -49.94 8.33
N PHE D 1359 8.64 -51.23 8.00
CA PHE D 1359 9.85 -52.10 8.17
C PHE D 1359 10.56 -52.24 6.83
N LYS D 1360 11.47 -53.22 6.74
CA LYS D 1360 12.26 -53.57 5.53
C LYS D 1360 11.61 -54.79 4.84
N GLY D 1361 11.88 -54.98 3.55
CA GLY D 1361 11.27 -56.00 2.68
C GLY D 1361 10.04 -55.47 1.93
N TYR D 1362 9.66 -54.21 2.18
CA TYR D 1362 8.49 -53.51 1.59
C TYR D 1362 8.74 -53.22 0.11
N ASN D 1363 10.00 -52.94 -0.25
CA ASN D 1363 10.49 -52.74 -1.65
C ASN D 1363 10.08 -53.94 -2.51
N VAL D 1364 10.19 -55.16 -1.95
CA VAL D 1364 9.78 -56.45 -2.59
C VAL D 1364 8.32 -56.36 -3.04
N ILE D 1365 7.44 -55.79 -2.19
CA ILE D 1365 5.98 -55.64 -2.44
C ILE D 1365 5.74 -54.54 -3.50
N VAL D 1366 6.45 -53.41 -3.39
CA VAL D 1366 6.29 -52.20 -4.25
C VAL D 1366 6.63 -52.54 -5.71
N GLU D 1367 7.64 -53.39 -5.94
CA GLU D 1367 8.09 -53.84 -7.29
C GLU D 1367 6.98 -54.69 -7.95
N LYS D 1368 6.30 -55.53 -7.17
CA LYS D 1368 5.13 -56.35 -7.60
C LYS D 1368 4.02 -55.44 -8.14
N VAL D 1369 3.77 -54.31 -7.46
CA VAL D 1369 2.79 -53.26 -7.88
C VAL D 1369 3.31 -52.55 -9.14
N LYS D 1370 4.62 -52.31 -9.24
CA LYS D 1370 5.30 -51.68 -10.40
C LYS D 1370 5.13 -52.56 -11.64
N ASN D 1371 5.27 -53.89 -11.48
CA ASN D 1371 5.03 -54.90 -12.54
C ASN D 1371 3.56 -54.86 -12.99
N MET D 1372 2.64 -54.63 -12.06
CA MET D 1372 1.16 -54.56 -12.28
C MET D 1372 0.82 -53.40 -13.23
N GLY D 1373 1.48 -52.24 -13.06
CA GLY D 1373 1.26 -51.03 -13.88
C GLY D 1373 1.70 -51.20 -15.32
N THR D 1374 2.81 -51.92 -15.55
CA THR D 1374 3.42 -52.19 -16.89
C THR D 1374 2.44 -53.00 -17.75
N VAL D 1375 1.83 -54.04 -17.17
CA VAL D 1375 0.79 -54.90 -17.82
C VAL D 1375 -0.45 -54.04 -18.16
N LEU D 1376 -0.79 -53.06 -17.31
CA LEU D 1376 -1.91 -52.10 -17.52
C LEU D 1376 -1.65 -51.25 -18.76
N PRO D 1377 -0.38 -50.87 -19.02
CA PRO D 1377 -0.04 -50.17 -20.26
C PRO D 1377 -0.20 -51.04 -21.52
N LEU D 1378 0.10 -52.34 -21.41
CA LEU D 1378 0.01 -53.34 -22.51
C LEU D 1378 -1.46 -53.62 -22.86
N VAL D 1379 -2.34 -53.70 -21.85
CA VAL D 1379 -3.81 -53.97 -22.00
C VAL D 1379 -4.45 -52.86 -22.85
N SER D 1380 -4.04 -51.60 -22.63
CA SER D 1380 -4.52 -50.39 -23.35
C SER D 1380 -4.16 -50.46 -24.85
N ALA D 1381 -3.02 -51.10 -25.18
CA ALA D 1381 -2.52 -51.27 -26.56
C ALA D 1381 -3.39 -52.29 -27.31
N LEU D 1382 -3.75 -53.40 -26.65
CA LEU D 1382 -4.72 -54.42 -27.16
C LEU D 1382 -6.10 -53.75 -27.37
N HIS D 1383 -6.44 -52.81 -26.49
CA HIS D 1383 -7.70 -52.02 -26.51
C HIS D 1383 -7.82 -51.21 -27.81
N SER D 1384 -6.77 -50.46 -28.16
CA SER D 1384 -6.69 -49.56 -29.33
C SER D 1384 -6.96 -50.34 -30.64
N GLU D 1385 -6.39 -51.55 -30.76
CA GLU D 1385 -6.47 -52.42 -31.96
C GLU D 1385 -5.73 -51.74 -33.12
N PHE D 1386 -4.51 -51.24 -32.85
CA PHE D 1386 -3.60 -50.60 -33.83
C PHE D 1386 -2.66 -51.65 -34.45
N MET D 1387 -2.72 -52.90 -33.98
CA MET D 1387 -1.90 -54.05 -34.49
C MET D 1387 -2.83 -55.14 -35.03
N GLU D 1388 -2.46 -55.74 -36.17
CA GLU D 1388 -3.15 -56.91 -36.80
C GLU D 1388 -2.58 -58.20 -36.19
N ASP D 1389 -2.90 -59.35 -36.77
CA ASP D 1389 -2.36 -60.68 -36.38
C ASP D 1389 -0.96 -60.87 -36.99
N ARG D 1390 -0.75 -60.37 -38.22
CA ARG D 1390 0.56 -60.38 -38.94
C ARG D 1390 1.62 -59.64 -38.13
N HIS D 1391 1.26 -58.47 -37.59
CA HIS D 1391 2.08 -57.66 -36.64
C HIS D 1391 2.27 -58.42 -35.34
N TRP D 1392 1.20 -59.06 -34.84
CA TRP D 1392 1.17 -59.87 -33.59
C TRP D 1392 2.07 -61.11 -33.71
N SER D 1393 2.22 -61.67 -34.91
CA SER D 1393 3.01 -62.89 -35.22
C SER D 1393 4.52 -62.58 -35.23
N GLN D 1394 4.91 -61.46 -35.87
CA GLN D 1394 6.33 -60.99 -35.97
C GLN D 1394 6.89 -60.72 -34.57
N LEU D 1395 6.11 -60.02 -33.73
CA LEU D 1395 6.43 -59.73 -32.30
C LEU D 1395 6.42 -61.05 -31.51
N LYS D 1396 5.46 -61.94 -31.80
CA LYS D 1396 5.32 -63.28 -31.16
C LYS D 1396 6.55 -64.15 -31.50
N GLN D 1397 7.12 -64.02 -32.69
CA GLN D 1397 8.35 -64.72 -33.15
C GLN D 1397 9.53 -64.32 -32.25
N ILE D 1398 9.74 -63.00 -32.10
CA ILE D 1398 10.79 -62.40 -31.21
C ILE D 1398 10.47 -62.74 -29.75
N THR D 1399 9.21 -62.57 -29.34
CA THR D 1399 8.69 -62.85 -27.98
C THR D 1399 8.82 -64.34 -27.65
N GLY D 1400 8.49 -65.21 -28.60
CA GLY D 1400 8.43 -66.67 -28.42
C GLY D 1400 7.28 -67.09 -27.52
N THR D 1401 6.19 -66.32 -27.51
CA THR D 1401 4.97 -66.57 -26.70
C THR D 1401 3.92 -67.29 -27.55
N VAL D 1402 3.37 -68.40 -27.05
CA VAL D 1402 2.41 -69.30 -27.76
C VAL D 1402 1.10 -68.54 -28.02
N PHE D 1403 0.66 -67.73 -27.07
CA PHE D 1403 -0.57 -66.89 -27.16
C PHE D 1403 -0.34 -65.75 -28.17
N ASP D 1404 -1.32 -65.48 -29.03
CA ASP D 1404 -1.27 -64.44 -30.10
C ASP D 1404 -1.84 -63.12 -29.56
N HIS D 1405 -2.18 -62.17 -30.46
CA HIS D 1405 -2.72 -60.83 -30.13
C HIS D 1405 -4.05 -60.93 -29.39
N ASN D 1406 -4.99 -61.74 -29.91
CA ASN D 1406 -6.34 -61.97 -29.32
C ASN D 1406 -6.64 -63.48 -29.34
N SER D 1407 -5.99 -64.24 -28.45
CA SER D 1407 -6.08 -65.72 -28.35
C SER D 1407 -7.34 -66.12 -27.58
N LEU D 1408 -7.44 -65.71 -26.31
CA LEU D 1408 -8.51 -66.12 -25.37
C LEU D 1408 -8.77 -65.01 -24.34
N SER D 1409 -9.51 -65.33 -23.26
CA SER D 1409 -9.88 -64.41 -22.15
C SER D 1409 -8.87 -64.51 -20.99
N PHE D 1410 -8.24 -65.67 -20.79
CA PHE D 1410 -7.24 -65.94 -19.72
C PHE D 1410 -5.82 -65.50 -20.15
N TYR D 1411 -5.69 -64.80 -21.29
CA TYR D 1411 -4.40 -64.38 -21.90
C TYR D 1411 -3.66 -63.35 -21.01
N PHE D 1412 -4.38 -62.65 -20.14
CA PHE D 1412 -3.83 -61.67 -19.16
C PHE D 1412 -2.84 -62.36 -18.20
N GLU D 1413 -3.12 -63.61 -17.81
CA GLU D 1413 -2.25 -64.46 -16.96
C GLU D 1413 -1.01 -64.90 -17.74
N ASP D 1414 -1.17 -65.27 -19.01
CA ASP D 1414 -0.08 -65.76 -19.91
C ASP D 1414 0.91 -64.63 -20.21
N ILE D 1415 0.40 -63.41 -20.43
CA ILE D 1415 1.19 -62.17 -20.68
C ILE D 1415 2.14 -61.89 -19.49
N LEU D 1416 1.77 -62.34 -18.29
CA LEU D 1416 2.56 -62.21 -17.04
C LEU D 1416 3.91 -62.95 -17.17
N ALA D 1417 3.90 -64.20 -17.65
CA ALA D 1417 5.09 -65.08 -17.77
C ALA D 1417 6.22 -64.35 -18.53
N LEU D 1418 5.90 -63.68 -19.64
CA LEU D 1418 6.80 -62.75 -20.36
C LEU D 1418 6.96 -61.48 -19.54
N ASN D 1419 8.08 -61.36 -18.81
CA ASN D 1419 8.36 -60.26 -17.84
C ASN D 1419 8.05 -58.91 -18.49
N LEU D 1420 7.30 -58.05 -17.78
CA LEU D 1420 6.96 -56.68 -18.22
C LEU D 1420 8.25 -55.88 -18.43
N TYR D 1421 9.18 -55.95 -17.48
CA TYR D 1421 10.51 -55.28 -17.52
C TYR D 1421 11.38 -55.91 -18.62
N LYS D 1422 11.42 -57.24 -18.69
CA LYS D 1422 12.27 -58.02 -19.64
C LYS D 1422 11.70 -57.94 -21.06
N TYR D 1423 10.37 -57.84 -21.21
CA TYR D 1423 9.65 -57.85 -22.51
C TYR D 1423 8.61 -56.71 -22.55
N GLU D 1424 9.04 -55.48 -22.24
CA GLU D 1424 8.30 -54.22 -22.52
C GLU D 1424 8.89 -53.57 -23.77
N ASN D 1425 10.22 -53.49 -23.86
CA ASN D 1425 11.00 -52.88 -24.98
C ASN D 1425 10.58 -53.50 -26.31
N THR D 1426 10.59 -54.84 -26.39
CA THR D 1426 10.21 -55.63 -27.60
C THR D 1426 8.74 -55.40 -27.94
N VAL D 1427 7.85 -55.49 -26.94
CA VAL D 1427 6.37 -55.30 -27.08
C VAL D 1427 6.06 -53.85 -27.43
N ASN D 1428 6.75 -52.90 -26.77
CA ASN D 1428 6.66 -51.43 -27.03
C ASN D 1428 7.11 -51.16 -28.47
N GLU D 1429 8.29 -51.67 -28.84
CA GLU D 1429 8.86 -51.60 -30.22
C GLU D 1429 7.88 -52.25 -31.22
N ILE D 1430 7.23 -53.35 -30.82
CA ILE D 1430 6.21 -54.08 -31.63
C ILE D 1430 4.95 -53.21 -31.78
N VAL D 1431 4.45 -52.67 -30.66
CA VAL D 1431 3.22 -51.84 -30.59
C VAL D 1431 3.42 -50.51 -31.34
N ASP D 1432 4.65 -49.97 -31.32
CA ASP D 1432 5.03 -48.71 -32.03
C ASP D 1432 4.99 -48.94 -33.55
N VAL D 1433 5.61 -50.02 -34.03
CA VAL D 1433 5.65 -50.43 -35.46
C VAL D 1433 4.22 -50.68 -35.97
N ALA D 1434 3.34 -51.19 -35.10
CA ALA D 1434 1.90 -51.45 -35.40
C ALA D 1434 1.15 -50.13 -35.65
N GLN D 1435 1.36 -49.12 -34.78
CA GLN D 1435 0.69 -47.79 -34.85
C GLN D 1435 1.08 -47.06 -36.14
N LYS D 1436 2.36 -47.12 -36.53
CA LYS D 1436 2.88 -46.57 -37.81
C LYS D 1436 2.19 -47.27 -39.00
N GLU D 1437 1.93 -48.58 -38.87
CA GLU D 1437 1.26 -49.43 -39.90
C GLU D 1437 -0.24 -49.13 -39.94
N ALA D 1438 -0.87 -48.92 -38.78
CA ALA D 1438 -2.30 -48.52 -38.63
C ALA D 1438 -2.52 -47.16 -39.29
N LYS D 1439 -1.57 -46.23 -39.11
CA LYS D 1439 -1.55 -44.90 -39.77
C LYS D 1439 -1.31 -45.08 -41.28
N ILE D 1440 -0.29 -45.87 -41.64
CA ILE D 1440 0.12 -46.17 -43.05
C ILE D 1440 -1.03 -46.84 -43.80
N GLU D 1441 -1.75 -47.76 -43.14
CA GLU D 1441 -2.93 -48.50 -43.70
C GLU D 1441 -4.10 -47.52 -43.91
N LYS D 1442 -4.36 -46.64 -42.93
CA LYS D 1442 -5.51 -45.68 -42.93
C LYS D 1442 -5.40 -44.70 -44.11
N LYS D 1443 -4.18 -44.27 -44.45
CA LYS D 1443 -3.88 -43.42 -45.64
C LYS D 1443 -4.19 -44.21 -46.91
N LEU D 1444 -3.78 -45.49 -46.96
CA LEU D 1444 -4.08 -46.44 -48.07
C LEU D 1444 -5.60 -46.65 -48.16
N LYS D 1445 -6.32 -46.64 -47.03
CA LYS D 1445 -7.80 -46.76 -46.95
C LYS D 1445 -8.47 -45.45 -47.37
N ASN D 1446 -7.90 -44.31 -46.96
CA ASN D 1446 -8.32 -42.95 -47.39
C ASN D 1446 -8.09 -42.80 -48.91
N ILE D 1447 -6.97 -43.33 -49.42
CA ILE D 1447 -6.56 -43.27 -50.86
C ILE D 1447 -7.40 -44.25 -51.68
N GLU D 1448 -7.58 -45.49 -51.18
CA GLU D 1448 -8.40 -46.55 -51.82
C GLU D 1448 -9.86 -46.10 -51.93
N GLN D 1449 -10.36 -45.36 -50.93
CA GLN D 1449 -11.74 -44.80 -50.89
C GLN D 1449 -11.93 -43.72 -51.96
N TRP D 1450 -10.89 -42.89 -52.21
CA TRP D 1450 -10.92 -41.75 -53.17
C TRP D 1450 -11.08 -42.24 -54.61
N TRP D 1451 -10.33 -43.29 -54.98
CA TRP D 1451 -10.29 -43.88 -56.35
C TRP D 1451 -11.45 -44.84 -56.56
N SER D 1452 -11.92 -45.52 -55.51
CA SER D 1452 -13.10 -46.42 -55.51
C SER D 1452 -14.36 -45.63 -55.87
N LYS D 1453 -14.59 -44.49 -55.19
CA LYS D 1453 -15.77 -43.61 -55.37
C LYS D 1453 -15.33 -42.27 -55.97
N GLN D 1454 -15.41 -42.15 -57.31
CA GLN D 1454 -15.23 -40.88 -58.08
C GLN D 1454 -16.21 -40.89 -59.26
N VAL D 1455 -16.48 -39.72 -59.86
CA VAL D 1455 -17.52 -39.55 -60.91
C VAL D 1455 -17.14 -38.41 -61.86
N PHE D 1456 -16.65 -38.75 -63.07
CA PHE D 1456 -16.39 -37.82 -64.20
C PHE D 1456 -17.58 -37.87 -65.16
N GLU D 1457 -18.63 -37.09 -64.86
CA GLU D 1457 -19.93 -37.07 -65.57
C GLU D 1457 -19.76 -36.44 -66.96
N PHE D 1458 -20.66 -36.79 -67.89
CA PHE D 1458 -20.64 -36.39 -69.32
C PHE D 1458 -21.62 -35.23 -69.53
N THR D 1459 -21.10 -34.00 -69.62
CA THR D 1459 -21.87 -32.74 -69.87
C THR D 1459 -21.91 -32.46 -71.38
N GLU D 1460 -23.10 -32.42 -71.98
CA GLU D 1460 -23.29 -32.32 -73.46
C GLU D 1460 -22.97 -30.89 -73.91
N TYR D 1461 -22.14 -30.75 -74.95
CA TYR D 1461 -21.61 -29.47 -75.49
C TYR D 1461 -22.48 -29.02 -76.68
N LYS D 1462 -22.21 -29.55 -77.88
CA LYS D 1462 -22.98 -29.32 -79.13
C LYS D 1462 -23.77 -30.59 -79.43
N GLU D 1463 -23.07 -31.70 -79.69
CA GLU D 1463 -23.63 -33.09 -79.75
C GLU D 1463 -22.57 -34.08 -79.24
N THR D 1464 -21.76 -33.68 -78.25
CA THR D 1464 -20.62 -34.46 -77.70
C THR D 1464 -20.64 -34.36 -76.16
N LYS D 1465 -20.60 -35.52 -75.48
CA LYS D 1465 -20.36 -35.61 -74.01
C LYS D 1465 -18.93 -35.12 -73.74
N THR D 1466 -18.70 -34.42 -72.62
CA THR D 1466 -17.40 -33.76 -72.28
C THR D 1466 -17.06 -33.96 -70.80
N PHE D 1467 -15.76 -33.98 -70.48
CA PHE D 1467 -15.20 -34.02 -69.10
C PHE D 1467 -15.14 -32.58 -68.55
N ALA D 1468 -16.24 -32.13 -67.93
CA ALA D 1468 -16.37 -30.83 -67.23
C ALA D 1468 -16.24 -31.05 -65.73
N SER D 1469 -15.48 -30.18 -65.04
CA SER D 1469 -15.13 -30.25 -63.60
C SER D 1469 -14.28 -31.50 -63.31
N LEU D 1470 -13.39 -31.87 -64.24
CA LEU D 1470 -12.41 -32.99 -64.09
C LEU D 1470 -11.25 -32.54 -63.21
N ASP D 1471 -11.03 -31.22 -63.06
CA ASP D 1471 -9.97 -30.61 -62.21
C ASP D 1471 -10.22 -30.95 -60.73
N ASN D 1472 -11.48 -30.89 -60.27
CA ASN D 1472 -11.87 -31.07 -58.85
C ASN D 1472 -11.37 -32.42 -58.32
N MET D 1473 -11.56 -33.50 -59.08
CA MET D 1473 -11.06 -34.86 -58.73
C MET D 1473 -9.58 -34.99 -59.14
N MET D 1474 -9.15 -34.28 -60.19
CA MET D 1474 -7.73 -34.22 -60.64
C MET D 1474 -6.83 -33.66 -59.53
N GLU D 1475 -7.36 -32.75 -58.69
CA GLU D 1475 -6.68 -32.17 -57.50
C GLU D 1475 -6.50 -33.24 -56.42
N VAL D 1476 -7.51 -34.08 -56.19
CA VAL D 1476 -7.54 -35.14 -55.14
C VAL D 1476 -6.46 -36.19 -55.45
N LEU D 1477 -6.25 -36.51 -56.73
CA LEU D 1477 -5.24 -37.50 -57.19
C LEU D 1477 -3.83 -37.00 -56.89
N ASP D 1478 -3.59 -35.70 -57.09
CA ASP D 1478 -2.27 -35.02 -56.83
C ASP D 1478 -1.91 -35.13 -55.34
N GLN D 1479 -2.91 -35.03 -54.45
CA GLN D 1479 -2.74 -35.14 -52.97
C GLN D 1479 -2.47 -36.59 -52.58
N HIS D 1480 -3.31 -37.53 -53.03
CA HIS D 1480 -3.18 -38.99 -52.81
C HIS D 1480 -1.80 -39.46 -53.28
N SER D 1481 -1.41 -39.09 -54.50
CA SER D 1481 -0.10 -39.40 -55.12
C SER D 1481 1.04 -38.84 -54.26
N LEU D 1482 0.93 -37.58 -53.81
CA LEU D 1482 1.91 -36.92 -52.90
C LEU D 1482 1.96 -37.67 -51.55
N ASP D 1483 0.84 -38.26 -51.10
CA ASP D 1483 0.81 -39.20 -49.95
C ASP D 1483 1.59 -40.46 -50.35
N LEU D 1484 1.25 -41.06 -51.49
CA LEU D 1484 1.85 -42.32 -52.00
C LEU D 1484 3.36 -42.13 -52.24
N MET D 1485 3.77 -40.94 -52.71
CA MET D 1485 5.19 -40.51 -52.78
C MET D 1485 5.79 -40.50 -51.37
N GLY D 1486 5.07 -39.88 -50.42
CA GLY D 1486 5.42 -39.83 -48.99
C GLY D 1486 5.38 -41.22 -48.35
N MET D 1487 4.48 -42.09 -48.81
CA MET D 1487 4.31 -43.49 -48.33
C MET D 1487 5.52 -44.32 -48.75
N LYS D 1488 6.00 -44.17 -49.99
CA LYS D 1488 7.24 -44.83 -50.48
C LYS D 1488 8.46 -44.25 -49.77
N SER D 1489 8.48 -42.94 -49.51
CA SER D 1489 9.58 -42.21 -48.82
C SER D 1489 9.72 -42.75 -47.39
N GLN D 1490 10.50 -43.81 -47.22
CA GLN D 1490 10.79 -44.50 -45.93
C GLN D 1490 9.50 -45.16 -45.42
N GLY D 1491 9.17 -45.04 -44.13
CA GLY D 1491 8.09 -45.77 -43.47
C GLY D 1491 8.49 -47.22 -43.22
N LYS D 1492 8.85 -47.55 -41.97
CA LYS D 1492 9.13 -48.94 -41.51
C LYS D 1492 7.88 -49.79 -41.76
N TYR D 1493 6.73 -49.28 -41.34
CA TYR D 1493 5.39 -49.90 -41.47
C TYR D 1493 4.90 -49.84 -42.93
N VAL D 1494 5.37 -48.84 -43.70
CA VAL D 1494 5.10 -48.68 -45.16
C VAL D 1494 5.52 -49.96 -45.90
N GLU D 1495 6.72 -50.49 -45.61
CA GLU D 1495 7.40 -51.61 -46.32
C GLU D 1495 6.45 -52.80 -46.57
N PHE D 1496 5.59 -53.13 -45.61
CA PHE D 1496 4.66 -54.30 -45.64
C PHE D 1496 3.62 -54.13 -46.77
N PHE D 1497 2.94 -52.98 -46.81
CA PHE D 1497 1.96 -52.59 -47.86
C PHE D 1497 2.54 -51.45 -48.70
N TYR D 1498 3.85 -51.50 -49.00
CA TYR D 1498 4.61 -50.50 -49.80
C TYR D 1498 4.51 -50.83 -51.30
N ASP D 1499 4.55 -52.13 -51.63
CA ASP D 1499 4.31 -52.65 -53.00
C ASP D 1499 2.82 -52.47 -53.37
N ARG D 1500 1.93 -52.46 -52.38
CA ARG D 1500 0.51 -52.05 -52.55
C ARG D 1500 0.46 -50.55 -52.89
N VAL D 1501 1.20 -49.72 -52.16
CA VAL D 1501 1.28 -48.23 -52.33
C VAL D 1501 1.85 -47.91 -53.72
N GLU D 1502 3.00 -48.49 -54.09
CA GLU D 1502 3.76 -48.12 -55.32
C GLU D 1502 2.96 -48.54 -56.57
N ASP D 1503 2.14 -49.60 -56.47
CA ASP D 1503 1.18 -50.02 -57.53
C ASP D 1503 0.08 -48.97 -57.66
N TRP D 1504 -0.41 -48.44 -56.53
CA TRP D 1504 -1.45 -47.37 -56.46
C TRP D 1504 -0.89 -46.06 -57.03
N ARG D 1505 0.40 -45.77 -56.78
CA ARG D 1505 1.13 -44.58 -57.30
C ARG D 1505 1.22 -44.67 -58.84
N GLU D 1506 1.57 -45.85 -59.36
CA GLU D 1506 1.66 -46.14 -60.82
C GLU D 1506 0.27 -45.98 -61.48
N LYS D 1507 -0.81 -46.32 -60.76
CA LYS D 1507 -2.21 -46.21 -61.26
C LYS D 1507 -2.60 -44.73 -61.35
N LEU D 1508 -2.30 -43.92 -60.33
CA LEU D 1508 -2.50 -42.44 -60.33
C LEU D 1508 -1.61 -41.81 -61.41
N GLY D 1509 -0.37 -42.30 -61.56
CA GLY D 1509 0.58 -41.89 -62.61
C GLY D 1509 0.02 -42.10 -64.01
N ARG D 1510 -0.67 -43.22 -64.23
CA ARG D 1510 -1.36 -43.56 -65.51
C ARG D 1510 -2.56 -42.62 -65.72
N VAL D 1511 -3.36 -42.38 -64.67
CA VAL D 1511 -4.58 -41.52 -64.68
C VAL D 1511 -4.20 -40.09 -65.08
N ASP D 1512 -3.10 -39.56 -64.53
CA ASP D 1512 -2.66 -38.14 -64.70
C ASP D 1512 -2.32 -37.83 -66.16
N VAL D 1513 -1.87 -38.82 -66.94
CA VAL D 1513 -1.48 -38.65 -68.37
C VAL D 1513 -2.74 -38.55 -69.23
N VAL D 1514 -3.65 -39.53 -69.12
CA VAL D 1514 -4.89 -39.65 -69.95
C VAL D 1514 -5.85 -38.50 -69.61
N VAL D 1515 -5.92 -38.06 -68.34
CA VAL D 1515 -6.78 -36.94 -67.86
C VAL D 1515 -6.34 -35.64 -68.55
N ASN D 1516 -5.02 -35.37 -68.59
CA ASN D 1516 -4.44 -34.16 -69.22
C ASN D 1516 -4.58 -34.23 -70.74
N GLU D 1517 -4.68 -35.43 -71.33
CA GLU D 1517 -4.70 -35.64 -72.80
C GLU D 1517 -6.07 -35.24 -73.39
N TRP D 1518 -7.19 -35.48 -72.69
CA TRP D 1518 -8.53 -34.99 -73.08
C TRP D 1518 -8.56 -33.46 -73.04
N LEU D 1519 -8.06 -32.87 -71.95
CA LEU D 1519 -8.06 -31.39 -71.73
C LEU D 1519 -7.19 -30.70 -72.79
N LYS D 1520 -6.07 -31.31 -73.17
CA LYS D 1520 -5.21 -30.88 -74.32
C LYS D 1520 -6.03 -30.99 -75.61
N VAL D 1521 -6.67 -32.14 -75.85
CA VAL D 1521 -7.44 -32.43 -77.10
C VAL D 1521 -8.72 -31.59 -77.11
N GLN D 1522 -9.60 -31.76 -76.11
CA GLN D 1522 -10.96 -31.15 -76.03
C GLN D 1522 -10.88 -29.64 -76.30
N LYS D 1523 -9.97 -28.93 -75.61
CA LYS D 1523 -9.79 -27.45 -75.76
C LYS D 1523 -9.32 -27.13 -77.19
N ASN D 1524 -8.29 -27.84 -77.68
CA ASN D 1524 -7.72 -27.66 -79.06
C ASN D 1524 -8.73 -28.11 -80.12
N TRP D 1525 -9.51 -29.16 -79.84
CA TRP D 1525 -10.62 -29.64 -80.70
C TRP D 1525 -11.73 -28.59 -80.75
N LYS D 1526 -12.18 -28.09 -79.58
CA LYS D 1526 -13.29 -27.10 -79.43
C LYS D 1526 -13.06 -25.89 -80.34
N ILE D 1527 -11.82 -25.40 -80.43
CA ILE D 1527 -11.43 -24.21 -81.26
C ILE D 1527 -11.52 -24.60 -82.75
N LEU D 1528 -10.74 -25.60 -83.18
CA LEU D 1528 -10.69 -26.11 -84.58
C LEU D 1528 -12.10 -26.55 -85.04
N TYR D 1529 -12.92 -27.08 -84.13
CA TYR D 1529 -14.32 -27.51 -84.40
C TYR D 1529 -15.17 -26.28 -84.76
N ASN D 1530 -15.05 -25.21 -83.96
CA ASN D 1530 -15.80 -23.94 -84.11
C ASN D 1530 -15.45 -23.27 -85.45
N ILE D 1531 -14.19 -23.34 -85.87
CA ILE D 1531 -13.66 -22.75 -87.14
C ILE D 1531 -14.30 -23.47 -88.35
N PHE D 1532 -14.45 -24.79 -88.27
CA PHE D 1532 -15.13 -25.61 -89.31
C PHE D 1532 -16.66 -25.45 -89.21
N LEU D 1533 -17.18 -25.45 -87.98
CA LEU D 1533 -18.64 -25.34 -87.67
C LEU D 1533 -19.18 -24.02 -88.24
N LEU D 1534 -20.23 -24.10 -89.08
CA LEU D 1534 -20.92 -22.95 -89.73
C LEU D 1534 -19.91 -22.09 -90.49
N SER D 1535 -19.21 -22.69 -91.46
CA SER D 1535 -18.27 -22.01 -92.39
C SER D 1535 -18.06 -22.86 -93.64
N GLU D 1536 -19.11 -23.02 -94.44
CA GLU D 1536 -19.08 -23.71 -95.76
C GLU D 1536 -18.05 -23.04 -96.68
N ASP D 1537 -17.73 -21.76 -96.43
CA ASP D 1537 -16.63 -21.01 -97.09
C ASP D 1537 -15.29 -21.72 -96.86
N ILE D 1538 -14.88 -21.85 -95.58
CA ILE D 1538 -13.56 -22.42 -95.15
C ILE D 1538 -13.53 -23.93 -95.45
N ARG D 1539 -14.68 -24.61 -95.42
CA ARG D 1539 -14.81 -26.08 -95.64
C ARG D 1539 -14.32 -26.45 -97.05
N MET D 1540 -14.76 -25.74 -98.09
CA MET D 1540 -14.47 -26.07 -99.51
C MET D 1540 -13.03 -25.65 -99.88
N GLN D 1541 -12.38 -24.83 -99.06
CA GLN D 1541 -11.01 -24.29 -99.33
C GLN D 1541 -9.95 -25.35 -99.00
N LEU D 1542 -10.06 -26.01 -97.84
CA LEU D 1542 -9.16 -27.11 -97.38
C LEU D 1542 -9.94 -28.41 -97.29
N PRO D 1543 -10.22 -29.11 -98.42
CA PRO D 1543 -11.01 -30.34 -98.38
C PRO D 1543 -10.28 -31.57 -97.81
N GLU D 1544 -8.95 -31.55 -97.72
CA GLU D 1544 -8.10 -32.69 -97.27
C GLU D 1544 -8.05 -32.73 -95.73
N ASP D 1545 -7.81 -31.58 -95.09
CA ASP D 1545 -7.61 -31.43 -93.62
C ASP D 1545 -8.95 -31.17 -92.90
N THR D 1546 -10.06 -31.06 -93.64
CA THR D 1546 -11.42 -30.91 -93.06
C THR D 1546 -12.10 -32.28 -92.98
N LYS D 1547 -11.97 -33.12 -94.02
CA LYS D 1547 -12.50 -34.51 -94.03
C LYS D 1547 -11.78 -35.34 -92.94
N VAL D 1548 -10.45 -35.23 -92.88
CA VAL D 1548 -9.61 -35.85 -91.80
C VAL D 1548 -10.16 -35.42 -90.44
N PHE D 1549 -10.48 -34.14 -90.25
CA PHE D 1549 -10.97 -33.58 -88.96
C PHE D 1549 -12.36 -34.12 -88.63
N GLU D 1550 -13.26 -34.21 -89.62
CA GLU D 1550 -14.63 -34.75 -89.42
C GLU D 1550 -14.54 -36.21 -88.98
N GLY D 1551 -13.51 -36.94 -89.45
CA GLY D 1551 -13.19 -38.31 -89.04
C GLY D 1551 -12.63 -38.42 -87.62
N VAL D 1552 -12.18 -37.30 -87.03
CA VAL D 1552 -11.59 -37.22 -85.67
C VAL D 1552 -12.64 -36.71 -84.67
N ASP D 1553 -13.61 -35.89 -85.12
CA ASP D 1553 -14.73 -35.39 -84.26
C ASP D 1553 -15.77 -36.51 -84.05
N LYS D 1554 -16.21 -37.17 -85.13
CA LYS D 1554 -17.21 -38.26 -85.10
C LYS D 1554 -16.73 -39.42 -84.20
N GLU D 1555 -15.43 -39.74 -84.25
CA GLU D 1555 -14.77 -40.69 -83.31
C GLU D 1555 -14.96 -40.18 -81.87
N PHE D 1556 -14.48 -38.95 -81.60
CA PHE D 1556 -14.36 -38.35 -80.25
C PHE D 1556 -15.72 -38.34 -79.53
N LYS D 1557 -16.81 -38.08 -80.25
CA LYS D 1557 -18.18 -38.04 -79.68
C LYS D 1557 -18.59 -39.46 -79.24
N ASP D 1558 -18.21 -40.49 -80.02
CA ASP D 1558 -18.54 -41.92 -79.76
C ASP D 1558 -17.69 -42.42 -78.57
N MET D 1559 -16.39 -42.12 -78.57
CA MET D 1559 -15.43 -42.53 -77.51
C MET D 1559 -15.80 -41.87 -76.17
N MET D 1560 -16.36 -40.65 -76.21
CA MET D 1560 -16.82 -39.89 -75.01
C MET D 1560 -18.06 -40.56 -74.40
N SER D 1561 -18.97 -41.09 -75.24
CA SER D 1561 -20.25 -41.74 -74.82
C SER D 1561 -20.02 -43.21 -74.42
N GLU D 1562 -18.86 -43.79 -74.76
CA GLU D 1562 -18.45 -45.17 -74.38
C GLU D 1562 -17.72 -45.15 -73.02
N VAL D 1563 -17.17 -44.00 -72.61
CA VAL D 1563 -16.51 -43.79 -71.28
C VAL D 1563 -17.55 -43.35 -70.25
N SER D 1564 -18.67 -42.75 -70.67
CA SER D 1564 -19.78 -42.29 -69.80
C SER D 1564 -20.34 -43.43 -68.93
N ALA D 1565 -20.25 -44.68 -69.41
CA ALA D 1565 -20.61 -45.92 -68.67
C ALA D 1565 -19.68 -46.15 -67.49
N ASN D 1566 -18.37 -45.86 -67.66
CA ASN D 1566 -17.30 -46.02 -66.64
C ASN D 1566 -16.84 -44.64 -66.16
N PRO D 1567 -17.61 -43.94 -65.28
CA PRO D 1567 -17.37 -42.53 -65.00
C PRO D 1567 -16.04 -42.23 -64.29
N SER D 1568 -15.68 -43.02 -63.27
CA SER D 1568 -14.49 -42.80 -62.41
C SER D 1568 -13.22 -42.88 -63.25
N VAL D 1569 -12.25 -41.99 -62.97
CA VAL D 1569 -10.92 -41.91 -63.67
C VAL D 1569 -10.22 -43.27 -63.65
N VAL D 1570 -10.31 -44.01 -62.54
CA VAL D 1570 -9.67 -45.35 -62.33
C VAL D 1570 -10.20 -46.32 -63.39
N GLU D 1571 -11.51 -46.30 -63.65
CA GLU D 1571 -12.22 -47.19 -64.60
C GLU D 1571 -12.02 -46.67 -66.03
N ALA D 1572 -12.15 -45.36 -66.23
CA ALA D 1572 -12.03 -44.66 -67.53
C ALA D 1572 -10.59 -44.78 -68.07
N CYS D 1573 -9.59 -44.46 -67.25
CA CYS D 1573 -8.15 -44.46 -67.62
C CYS D 1573 -7.73 -45.87 -68.06
N THR D 1574 -7.21 -45.98 -69.28
CA THR D 1574 -6.50 -47.16 -69.81
C THR D 1574 -5.35 -46.67 -70.70
N ILE D 1575 -4.27 -47.44 -70.82
CA ILE D 1575 -3.11 -47.15 -71.73
C ILE D 1575 -3.62 -47.19 -73.19
N GLU D 1576 -4.66 -47.98 -73.47
CA GLU D 1576 -5.39 -48.01 -74.77
C GLU D 1576 -6.00 -46.63 -75.05
N ARG D 1577 -6.70 -46.04 -74.08
CA ARG D 1577 -7.37 -44.71 -74.19
C ARG D 1577 -6.32 -43.63 -74.39
N ARG D 1578 -5.26 -43.64 -73.57
CA ARG D 1578 -4.12 -42.67 -73.57
C ARG D 1578 -3.53 -42.57 -74.99
N ASP D 1579 -3.11 -43.69 -75.58
CA ASP D 1579 -2.38 -43.73 -76.88
C ASP D 1579 -3.29 -43.26 -78.02
N VAL D 1580 -4.61 -43.49 -77.91
CA VAL D 1580 -5.63 -43.02 -78.89
C VAL D 1580 -5.74 -41.48 -78.81
N LEU D 1581 -5.71 -40.91 -77.60
CA LEU D 1581 -5.78 -39.44 -77.36
C LEU D 1581 -4.49 -38.74 -77.81
N VAL D 1582 -3.34 -39.41 -77.67
CA VAL D 1582 -2.03 -38.96 -78.25
C VAL D 1582 -2.15 -39.01 -79.78
N GLY D 1583 -2.89 -39.99 -80.31
CA GLY D 1583 -3.23 -40.13 -81.74
C GLY D 1583 -4.01 -38.94 -82.29
N TRP D 1584 -4.86 -38.30 -81.48
CA TRP D 1584 -5.69 -37.13 -81.86
C TRP D 1584 -4.88 -35.84 -81.72
N SER D 1585 -4.18 -35.66 -80.58
CA SER D 1585 -3.27 -34.51 -80.35
C SER D 1585 -2.35 -34.34 -81.57
N GLN D 1586 -1.86 -35.45 -82.14
CA GLN D 1586 -0.97 -35.47 -83.34
C GLN D 1586 -1.74 -35.03 -84.60
N ALA D 1587 -3.01 -35.45 -84.76
CA ALA D 1587 -3.86 -35.20 -85.97
C ALA D 1587 -4.54 -33.83 -85.88
N ILE D 1588 -4.90 -33.37 -84.67
CA ILE D 1588 -5.49 -32.01 -84.41
C ILE D 1588 -4.37 -30.96 -84.49
N LYS D 1589 -3.13 -31.32 -84.15
CA LYS D 1589 -1.93 -30.49 -84.40
C LYS D 1589 -1.76 -30.25 -85.90
N LYS D 1590 -2.11 -31.23 -86.75
CA LYS D 1590 -1.99 -31.15 -88.24
C LYS D 1590 -3.10 -30.26 -88.81
N CYS D 1591 -4.33 -30.35 -88.29
CA CYS D 1591 -5.53 -29.58 -88.72
C CYS D 1591 -5.66 -28.25 -87.94
N GLU D 1592 -4.67 -27.87 -87.14
CA GLU D 1592 -4.46 -26.49 -86.61
C GLU D 1592 -3.28 -25.86 -87.35
N LYS D 1593 -2.27 -26.65 -87.72
CA LYS D 1593 -1.15 -26.24 -88.61
C LYS D 1593 -1.68 -26.01 -90.03
N ALA D 1594 -2.72 -26.76 -90.42
CA ALA D 1594 -3.40 -26.61 -91.75
C ALA D 1594 -4.06 -25.23 -91.84
N LEU D 1595 -4.83 -24.83 -90.83
CA LEU D 1595 -5.48 -23.49 -90.74
C LEU D 1595 -4.41 -22.40 -90.65
N ASN D 1596 -3.51 -22.49 -89.67
CA ASN D 1596 -2.44 -21.48 -89.42
C ASN D 1596 -1.67 -21.22 -90.72
N ASP D 1597 -1.34 -22.27 -91.48
CA ASP D 1597 -0.62 -22.17 -92.79
C ASP D 1597 -1.55 -21.56 -93.85
N TYR D 1598 -2.86 -21.76 -93.73
CA TYR D 1598 -3.91 -21.22 -94.64
C TYR D 1598 -4.16 -19.73 -94.35
N LEU D 1599 -4.28 -19.34 -93.08
CA LEU D 1599 -4.48 -17.93 -92.65
C LEU D 1599 -3.29 -17.09 -93.15
N GLU D 1600 -2.07 -17.62 -93.03
CA GLU D 1600 -0.81 -16.98 -93.50
C GLU D 1600 -0.90 -16.71 -95.01
N GLN D 1601 -1.48 -17.62 -95.80
CA GLN D 1601 -1.65 -17.46 -97.26
C GLN D 1601 -2.50 -16.21 -97.56
N LYS D 1602 -3.58 -16.01 -96.78
CA LYS D 1602 -4.61 -14.96 -97.03
C LYS D 1602 -4.14 -13.62 -96.46
N LYS D 1603 -3.36 -13.63 -95.37
CA LYS D 1603 -2.62 -12.44 -94.86
C LYS D 1603 -1.60 -12.00 -95.93
N LYS D 1604 -0.82 -12.95 -96.48
CA LYS D 1604 0.22 -12.68 -97.51
C LYS D 1604 -0.41 -12.12 -98.79
N SER D 1605 -1.66 -12.48 -99.08
CA SER D 1605 -2.43 -12.04 -100.28
C SER D 1605 -2.96 -10.61 -100.10
N PHE D 1606 -3.50 -10.29 -98.92
CA PHE D 1606 -4.05 -8.97 -98.54
C PHE D 1606 -3.47 -8.51 -97.20
N PRO D 1607 -2.36 -7.75 -97.18
CA PRO D 1607 -1.55 -7.63 -95.96
C PRO D 1607 -2.00 -6.62 -94.89
N ARG D 1608 -3.26 -6.18 -94.90
CA ARG D 1608 -3.86 -5.39 -93.77
C ARG D 1608 -4.40 -6.36 -92.71
N PHE D 1609 -4.83 -7.56 -93.11
CA PHE D 1609 -5.32 -8.66 -92.23
C PHE D 1609 -4.38 -8.90 -91.05
N TYR D 1610 -3.06 -8.74 -91.25
CA TYR D 1610 -2.01 -8.90 -90.21
C TYR D 1610 -2.28 -8.03 -88.97
N PHE D 1611 -3.05 -6.95 -89.12
CA PHE D 1611 -3.41 -6.00 -88.03
C PHE D 1611 -4.76 -6.38 -87.38
N LEU D 1612 -5.55 -7.25 -88.00
CA LEU D 1612 -6.75 -7.88 -87.37
C LEU D 1612 -6.31 -8.97 -86.38
N SER D 1613 -7.00 -9.07 -85.25
CA SER D 1613 -6.92 -10.23 -84.31
C SER D 1613 -7.39 -11.49 -85.05
N ASN D 1614 -6.64 -12.59 -84.92
CA ASN D 1614 -6.84 -13.85 -85.71
C ASN D 1614 -8.31 -14.30 -85.63
N GLN D 1615 -9.01 -14.00 -84.54
CA GLN D 1615 -10.47 -14.27 -84.38
C GLN D 1615 -11.26 -13.53 -85.47
N SER D 1616 -10.98 -12.24 -85.69
CA SER D 1616 -11.67 -11.37 -86.67
C SER D 1616 -11.38 -11.84 -88.10
N LEU D 1617 -10.15 -12.28 -88.37
CA LEU D 1617 -9.72 -12.83 -89.69
C LEU D 1617 -10.52 -14.10 -90.02
N LEU D 1618 -10.68 -14.99 -89.04
CA LEU D 1618 -11.45 -16.26 -89.16
C LEU D 1618 -12.92 -15.94 -89.48
N THR D 1619 -13.46 -14.86 -88.91
CA THR D 1619 -14.88 -14.44 -89.06
C THR D 1619 -15.13 -13.93 -90.48
N ILE D 1620 -14.26 -13.04 -90.98
CA ILE D 1620 -14.34 -12.39 -92.33
C ILE D 1620 -14.26 -13.47 -93.43
N LEU D 1621 -13.30 -14.40 -93.28
CA LEU D 1621 -13.03 -15.54 -94.20
C LEU D 1621 -14.23 -16.49 -94.21
N SER D 1622 -14.88 -16.68 -93.06
CA SER D 1622 -16.11 -17.50 -92.87
C SER D 1622 -17.29 -16.87 -93.60
N ASN D 1623 -17.38 -15.53 -93.60
CA ASN D 1623 -18.51 -14.76 -94.18
C ASN D 1623 -18.03 -14.00 -95.44
N GLY D 1624 -17.32 -14.71 -96.32
CA GLY D 1624 -16.79 -14.16 -97.59
C GLY D 1624 -17.89 -13.74 -98.54
N GLN D 1625 -18.99 -14.50 -98.58
CA GLN D 1625 -20.20 -14.18 -99.39
C GLN D 1625 -20.89 -12.93 -98.79
N ASN D 1626 -21.24 -12.98 -97.50
CA ASN D 1626 -21.89 -11.86 -96.75
C ASN D 1626 -20.90 -10.68 -96.69
N ALA D 1627 -20.91 -9.84 -97.73
CA ALA D 1627 -20.00 -8.68 -97.90
C ALA D 1627 -20.15 -7.69 -96.73
N PRO D 1628 -21.37 -7.21 -96.37
CA PRO D 1628 -21.52 -6.18 -95.34
C PRO D 1628 -20.95 -6.51 -93.95
N LYS D 1629 -20.79 -7.79 -93.61
CA LYS D 1629 -20.10 -8.26 -92.37
C LYS D 1629 -18.58 -8.08 -92.52
N VAL D 1630 -18.04 -8.28 -93.73
CA VAL D 1630 -16.58 -8.10 -94.03
C VAL D 1630 -16.23 -6.62 -93.81
N CYS D 1631 -16.97 -5.73 -94.47
CA CYS D 1631 -16.79 -4.24 -94.45
C CYS D 1631 -16.70 -3.73 -93.01
N GLU D 1632 -17.55 -4.24 -92.12
CA GLU D 1632 -17.61 -3.87 -90.67
C GLU D 1632 -16.20 -3.85 -90.07
N TYR D 1633 -15.39 -4.89 -90.35
CA TYR D 1633 -14.06 -5.13 -89.73
C TYR D 1633 -12.93 -4.38 -90.48
N LEU D 1634 -13.24 -3.72 -91.61
CA LEU D 1634 -12.26 -2.89 -92.36
C LEU D 1634 -11.97 -1.59 -91.59
N GLY D 1635 -12.84 -1.22 -90.65
CA GLY D 1635 -12.61 -0.14 -89.66
C GLY D 1635 -11.39 -0.40 -88.80
N ASP D 1636 -11.11 -1.67 -88.49
CA ASP D 1636 -9.92 -2.10 -87.71
C ASP D 1636 -8.67 -1.98 -88.59
N CYS D 1637 -8.75 -2.49 -89.83
CA CYS D 1637 -7.68 -2.47 -90.87
C CYS D 1637 -7.23 -1.03 -91.15
N PHE D 1638 -8.19 -0.15 -91.50
CA PHE D 1638 -7.96 1.17 -92.15
C PHE D 1638 -8.09 2.32 -91.15
N ASP D 1639 -7.64 3.51 -91.58
CA ASP D 1639 -7.65 4.78 -90.79
C ASP D 1639 -9.06 5.37 -90.83
N GLY D 1640 -9.68 5.43 -92.01
CA GLY D 1640 -11.06 5.88 -92.25
C GLY D 1640 -11.96 4.72 -92.63
N LEU D 1641 -12.66 4.83 -93.77
CA LEU D 1641 -13.43 3.75 -94.45
C LEU D 1641 -13.88 2.70 -93.43
N LYS D 1642 -14.87 3.07 -92.61
CA LYS D 1642 -15.45 2.20 -91.54
C LYS D 1642 -16.21 1.05 -92.21
N THR D 1643 -17.16 1.38 -93.08
CA THR D 1643 -17.99 0.43 -93.88
C THR D 1643 -18.09 0.96 -95.31
N LEU D 1644 -18.82 0.25 -96.17
CA LEU D 1644 -19.23 0.72 -97.51
C LEU D 1644 -20.75 0.95 -97.51
N THR D 1645 -21.24 1.76 -98.45
CA THR D 1645 -22.68 1.81 -98.84
C THR D 1645 -22.92 0.69 -99.87
N PHE D 1646 -24.18 0.44 -100.21
CA PHE D 1646 -24.59 -0.71 -101.06
C PHE D 1646 -25.88 -0.38 -101.82
N GLU D 1647 -26.08 -1.03 -102.97
CA GLU D 1647 -27.32 -0.98 -103.79
C GLU D 1647 -28.24 -2.12 -103.36
N PRO D 1648 -29.45 -1.86 -102.80
CA PRO D 1648 -30.34 -2.94 -102.34
C PRO D 1648 -30.59 -3.97 -103.42
N PRO D 1649 -30.32 -5.28 -103.17
CA PRO D 1649 -30.14 -6.25 -104.26
C PRO D 1649 -31.43 -6.75 -104.92
N ALA D 1650 -31.30 -7.74 -105.81
CA ALA D 1650 -32.41 -8.39 -106.56
C ALA D 1650 -33.30 -9.19 -105.60
N ASN D 1651 -32.72 -10.20 -104.93
CA ASN D 1651 -33.42 -11.11 -103.98
C ASN D 1651 -33.11 -10.66 -102.54
N PRO D 1652 -34.13 -10.23 -101.74
CA PRO D 1652 -33.88 -9.66 -100.41
C PRO D 1652 -33.14 -10.57 -99.41
N ALA D 1653 -33.16 -11.89 -99.63
CA ALA D 1653 -32.40 -12.91 -98.85
C ALA D 1653 -30.89 -12.68 -99.01
N GLU D 1654 -30.45 -12.29 -100.21
CA GLU D 1654 -29.01 -12.04 -100.53
C GLU D 1654 -28.60 -10.66 -99.97
N THR D 1655 -27.39 -10.57 -99.41
CA THR D 1655 -26.73 -9.30 -99.04
C THR D 1655 -26.13 -8.66 -100.30
N SER D 1656 -26.16 -7.34 -100.39
CA SER D 1656 -25.79 -6.55 -101.61
C SER D 1656 -24.28 -6.61 -101.84
N LYS D 1657 -23.88 -6.91 -103.08
CA LYS D 1657 -22.46 -6.92 -103.51
C LYS D 1657 -22.09 -5.49 -103.94
N VAL D 1658 -22.85 -4.93 -104.89
CA VAL D 1658 -22.57 -3.65 -105.62
C VAL D 1658 -22.35 -2.52 -104.61
N GLY D 1659 -21.15 -1.91 -104.59
CA GLY D 1659 -20.77 -0.79 -103.70
C GLY D 1659 -20.84 0.53 -104.44
N ILE D 1660 -21.68 1.47 -103.98
CA ILE D 1660 -21.96 2.78 -104.66
C ILE D 1660 -21.16 3.90 -103.97
N GLY D 1661 -20.77 3.71 -102.71
CA GLY D 1661 -19.92 4.68 -101.97
C GLY D 1661 -19.20 4.05 -100.82
N MET D 1662 -18.26 4.78 -100.22
CA MET D 1662 -17.59 4.41 -98.94
C MET D 1662 -18.04 5.36 -97.84
N ILE D 1663 -18.12 4.85 -96.60
CA ILE D 1663 -18.57 5.58 -95.38
C ILE D 1663 -17.36 5.65 -94.44
N SER D 1664 -17.11 6.81 -93.82
CA SER D 1664 -16.00 7.03 -92.85
C SER D 1664 -16.44 6.58 -91.45
N LYS D 1665 -15.56 6.73 -90.46
CA LYS D 1665 -15.84 6.42 -89.03
C LYS D 1665 -16.66 7.53 -88.37
N ASP D 1666 -16.88 8.66 -89.07
CA ASP D 1666 -17.77 9.77 -88.64
C ASP D 1666 -18.97 9.91 -89.59
N ASP D 1667 -19.14 8.97 -90.53
CA ASP D 1667 -20.29 8.83 -91.45
C ASP D 1667 -20.27 9.93 -92.53
N GLU D 1668 -19.09 10.27 -93.05
CA GLU D 1668 -18.91 11.09 -94.28
C GLU D 1668 -18.85 10.12 -95.48
N LYS D 1669 -19.65 10.39 -96.52
CA LYS D 1669 -19.79 9.51 -97.71
C LYS D 1669 -18.89 10.03 -98.84
N VAL D 1670 -18.07 9.15 -99.43
CA VAL D 1670 -17.22 9.40 -100.64
C VAL D 1670 -17.69 8.47 -101.75
N PRO D 1671 -18.50 8.93 -102.73
CA PRO D 1671 -19.07 8.01 -103.73
C PRO D 1671 -17.98 7.51 -104.69
N PHE D 1672 -18.12 6.26 -105.15
CA PHE D 1672 -17.27 5.64 -106.20
C PHE D 1672 -17.80 6.09 -107.56
N SER D 1673 -16.90 6.22 -108.55
CA SER D 1673 -17.20 6.67 -109.93
C SER D 1673 -18.27 5.80 -110.59
N SER D 1674 -18.19 4.47 -110.39
CA SER D 1674 -19.15 3.46 -110.91
C SER D 1674 -19.50 2.47 -109.78
N LYS D 1675 -20.04 1.30 -110.13
CA LYS D 1675 -20.35 0.19 -109.19
C LYS D 1675 -19.08 -0.62 -108.91
N PHE D 1676 -18.71 -0.77 -107.64
CA PHE D 1676 -17.61 -1.66 -107.16
C PHE D 1676 -18.21 -2.99 -106.67
N ILE D 1677 -18.10 -4.04 -107.46
CA ILE D 1677 -18.69 -5.39 -107.16
C ILE D 1677 -17.69 -6.12 -106.26
N CYS D 1678 -18.19 -7.02 -105.40
CA CYS D 1678 -17.39 -7.94 -104.53
C CYS D 1678 -17.29 -9.33 -105.20
N GLU D 1679 -16.13 -9.63 -105.79
CA GLU D 1679 -15.81 -10.89 -106.52
C GLU D 1679 -15.75 -12.07 -105.53
N GLY D 1680 -15.37 -13.26 -106.03
CA GLY D 1680 -15.38 -14.55 -105.29
C GLY D 1680 -14.62 -14.50 -103.98
N ALA D 1681 -13.28 -14.54 -104.03
CA ALA D 1681 -12.39 -14.62 -102.85
C ALA D 1681 -12.47 -13.31 -102.06
N VAL D 1682 -12.37 -13.39 -100.73
CA VAL D 1682 -12.51 -12.25 -99.77
C VAL D 1682 -11.26 -11.37 -99.89
N GLU D 1683 -10.08 -11.98 -99.72
CA GLU D 1683 -8.73 -11.34 -99.79
C GLU D 1683 -8.48 -10.76 -101.18
N HIS D 1684 -9.31 -11.10 -102.18
CA HIS D 1684 -9.22 -10.63 -103.59
C HIS D 1684 -10.06 -9.38 -103.77
N TRP D 1685 -11.36 -9.41 -103.46
CA TRP D 1685 -12.26 -8.21 -103.58
C TRP D 1685 -11.86 -7.16 -102.55
N LEU D 1686 -11.12 -7.50 -101.49
CA LEU D 1686 -10.62 -6.52 -100.49
C LEU D 1686 -9.40 -5.78 -101.05
N LEU D 1687 -8.51 -6.48 -101.76
CA LEU D 1687 -7.31 -5.89 -102.41
C LEU D 1687 -7.78 -5.06 -103.61
N ASN D 1688 -8.85 -5.49 -104.28
CA ASN D 1688 -9.57 -4.73 -105.34
C ASN D 1688 -10.18 -3.45 -104.74
N LEU D 1689 -10.64 -3.50 -103.49
CA LEU D 1689 -11.29 -2.38 -102.76
C LEU D 1689 -10.21 -1.42 -102.26
N GLU D 1690 -9.13 -1.96 -101.68
CA GLU D 1690 -7.97 -1.22 -101.15
C GLU D 1690 -7.40 -0.30 -102.23
N PHE D 1691 -7.42 -0.73 -103.49
CA PHE D 1691 -6.98 0.06 -104.67
C PHE D 1691 -8.04 1.09 -105.06
N ARG D 1692 -9.30 0.67 -105.20
CA ARG D 1692 -10.45 1.52 -105.63
C ARG D 1692 -10.59 2.73 -104.69
N MET D 1693 -10.38 2.53 -103.40
CA MET D 1693 -10.33 3.61 -102.38
C MET D 1693 -9.43 4.73 -102.93
N ARG D 1694 -8.16 4.40 -103.21
CA ARG D 1694 -7.11 5.37 -103.63
C ARG D 1694 -7.47 5.97 -104.99
N GLU D 1695 -8.05 5.18 -105.90
CA GLU D 1695 -8.43 5.61 -107.28
C GLU D 1695 -9.45 6.74 -107.20
N THR D 1696 -10.52 6.57 -106.43
CA THR D 1696 -11.62 7.56 -106.33
C THR D 1696 -11.04 8.85 -105.75
N LEU D 1697 -10.46 8.77 -104.54
CA LEU D 1697 -9.72 9.87 -103.90
C LEU D 1697 -8.86 10.61 -104.94
N GLN D 1698 -8.00 9.89 -105.67
CA GLN D 1698 -7.14 10.41 -106.76
C GLN D 1698 -8.02 11.06 -107.84
N GLU D 1699 -9.06 10.37 -108.31
CA GLU D 1699 -9.95 10.85 -109.41
C GLU D 1699 -10.56 12.20 -109.02
N ILE D 1700 -10.95 12.35 -107.75
CA ILE D 1700 -11.67 13.55 -107.21
C ILE D 1700 -10.69 14.71 -107.10
N LEU D 1701 -9.42 14.44 -106.81
CA LEU D 1701 -8.36 15.47 -106.63
C LEU D 1701 -8.10 16.18 -107.95
N GLU D 1702 -8.17 15.48 -109.08
CA GLU D 1702 -8.06 16.10 -110.44
C GLU D 1702 -9.18 17.13 -110.58
N GLY D 1703 -10.42 16.74 -110.23
CA GLY D 1703 -11.62 17.61 -110.26
C GLY D 1703 -11.52 18.77 -109.31
N ALA D 1704 -10.80 18.62 -108.20
CA ALA D 1704 -10.63 19.64 -107.12
C ALA D 1704 -9.63 20.72 -107.58
N LYS D 1705 -8.47 20.32 -108.07
CA LYS D 1705 -7.33 21.21 -108.42
C LYS D 1705 -7.63 21.94 -109.74
N ASN D 1706 -8.58 21.44 -110.55
CA ASN D 1706 -9.11 22.16 -111.74
C ASN D 1706 -10.01 23.32 -111.27
N THR D 1707 -10.94 23.04 -110.35
CA THR D 1707 -11.87 24.04 -109.74
C THR D 1707 -11.18 24.83 -108.64
N ALA D 1708 -9.94 24.48 -108.24
CA ALA D 1708 -9.15 25.20 -107.20
C ALA D 1708 -8.49 26.44 -107.80
N ASP D 1709 -7.93 26.32 -109.01
CA ASP D 1709 -7.39 27.46 -109.79
C ASP D 1709 -8.53 28.43 -110.15
N LEU D 1710 -9.78 27.94 -110.21
CA LEU D 1710 -10.98 28.72 -110.59
C LEU D 1710 -11.50 29.57 -109.42
N TRP D 1711 -11.31 29.18 -108.15
CA TRP D 1711 -11.83 29.98 -106.99
C TRP D 1711 -10.88 31.13 -106.63
N ASP D 1712 -9.78 31.29 -107.37
CA ASP D 1712 -8.98 32.56 -107.39
C ASP D 1712 -9.85 33.66 -108.01
N SER D 1713 -10.21 33.50 -109.28
CA SER D 1713 -10.87 34.51 -110.15
C SER D 1713 -12.38 34.27 -110.24
N GLY D 1714 -12.79 33.02 -110.50
CA GLY D 1714 -14.19 32.62 -110.77
C GLY D 1714 -15.14 32.93 -109.62
N ASP D 1715 -16.44 32.86 -109.91
CA ASP D 1715 -17.54 33.37 -109.04
C ASP D 1715 -17.56 32.60 -107.71
N LYS D 1716 -17.43 31.26 -107.77
CA LYS D 1716 -17.47 30.37 -106.58
C LYS D 1716 -16.29 30.71 -105.66
N PRO D 1717 -16.53 31.24 -104.42
CA PRO D 1717 -15.44 31.54 -103.49
C PRO D 1717 -14.70 30.29 -102.98
N ARG D 1718 -13.73 30.50 -102.10
CA ARG D 1718 -12.95 29.42 -101.41
C ARG D 1718 -13.87 28.67 -100.44
N GLU D 1719 -14.57 29.39 -99.54
CA GLU D 1719 -15.37 28.81 -98.44
C GLU D 1719 -16.51 27.93 -99.00
N GLU D 1720 -17.19 28.38 -100.07
CA GLU D 1720 -18.34 27.66 -100.69
C GLU D 1720 -17.84 26.47 -101.52
N TRP D 1721 -16.59 26.53 -101.99
CA TRP D 1721 -15.93 25.43 -102.76
C TRP D 1721 -15.64 24.25 -101.83
N VAL D 1722 -15.16 24.51 -100.60
CA VAL D 1722 -14.75 23.48 -99.59
C VAL D 1722 -15.94 22.55 -99.28
N GLU D 1723 -17.17 23.10 -99.28
CA GLU D 1723 -18.43 22.35 -99.03
C GLU D 1723 -18.57 21.15 -99.99
N GLY D 1724 -18.14 21.30 -101.25
CA GLY D 1724 -18.35 20.31 -102.32
C GLY D 1724 -17.60 18.99 -102.12
N TYR D 1725 -16.35 19.05 -101.65
CA TYR D 1725 -15.37 17.92 -101.69
C TYR D 1725 -15.23 17.31 -100.28
N ASN D 1726 -14.43 16.25 -100.16
CA ASN D 1726 -14.18 15.52 -98.89
C ASN D 1726 -13.27 16.38 -98.02
N ALA D 1727 -13.03 16.00 -96.76
CA ALA D 1727 -12.15 16.72 -95.82
C ALA D 1727 -10.69 16.54 -96.24
N GLN D 1728 -10.30 15.30 -96.55
CA GLN D 1728 -8.93 14.92 -96.98
C GLN D 1728 -8.57 15.71 -98.26
N ILE D 1729 -9.45 15.70 -99.26
CA ILE D 1729 -9.18 16.22 -100.64
C ILE D 1729 -9.26 17.76 -100.62
N ALA D 1730 -10.12 18.33 -99.77
CA ALA D 1730 -10.33 19.79 -99.66
C ALA D 1730 -9.20 20.43 -98.86
N LEU D 1731 -8.44 19.63 -98.11
CA LEU D 1731 -7.23 20.07 -97.37
C LEU D 1731 -6.02 19.97 -98.30
N LEU D 1732 -5.79 18.79 -98.87
CA LEU D 1732 -4.69 18.52 -99.84
C LEU D 1732 -4.70 19.60 -100.93
N THR D 1733 -5.87 19.86 -101.53
CA THR D 1733 -6.04 20.83 -102.64
C THR D 1733 -5.74 22.25 -102.14
N THR D 1734 -5.98 22.53 -100.86
CA THR D 1734 -5.71 23.84 -100.21
C THR D 1734 -4.20 24.00 -100.06
N THR D 1735 -3.49 22.94 -99.62
CA THR D 1735 -2.02 22.93 -99.40
C THR D 1735 -1.28 22.92 -100.74
N ILE D 1736 -1.83 22.26 -101.77
CA ILE D 1736 -1.24 22.22 -103.14
C ILE D 1736 -1.26 23.64 -103.73
N VAL D 1737 -2.35 24.39 -103.55
CA VAL D 1737 -2.52 25.76 -104.14
C VAL D 1737 -1.80 26.80 -103.26
N TRP D 1738 -1.38 26.42 -102.06
CA TRP D 1738 -0.49 27.25 -101.20
C TRP D 1738 0.97 27.15 -101.67
N THR D 1739 1.45 25.92 -101.89
CA THR D 1739 2.80 25.63 -102.45
C THR D 1739 2.95 26.32 -103.81
N GLU D 1740 1.87 26.33 -104.62
CA GLU D 1740 1.84 27.02 -105.92
C GLU D 1740 2.00 28.51 -105.67
N ASP D 1741 1.13 29.09 -104.83
CA ASP D 1741 1.06 30.53 -104.50
C ASP D 1741 2.45 31.04 -104.10
N VAL D 1742 3.05 30.42 -103.09
CA VAL D 1742 4.39 30.80 -102.51
C VAL D 1742 5.49 30.58 -103.57
N GLY D 1743 5.33 29.60 -104.46
CA GLY D 1743 6.22 29.39 -105.61
C GLY D 1743 6.12 30.52 -106.62
N ARG D 1744 4.90 31.03 -106.86
CA ARG D 1744 4.65 32.18 -107.76
C ARG D 1744 5.10 33.48 -107.07
N ALA D 1745 5.13 33.50 -105.73
CA ALA D 1745 5.58 34.66 -104.90
C ALA D 1745 7.12 34.76 -104.90
N PHE D 1746 7.83 33.63 -104.95
CA PHE D 1746 9.32 33.59 -105.07
C PHE D 1746 9.75 33.98 -106.49
N GLU D 1747 9.02 33.54 -107.52
CA GLU D 1747 9.30 33.84 -108.95
C GLU D 1747 9.12 35.35 -109.18
N ASP D 1748 8.09 35.96 -108.58
CA ASP D 1748 7.83 37.42 -108.63
C ASP D 1748 8.95 38.17 -107.91
N LEU D 1749 9.39 37.67 -106.75
CA LEU D 1749 10.41 38.32 -105.88
C LEU D 1749 11.81 38.15 -106.48
N ALA D 1750 12.01 37.22 -107.42
CA ALA D 1750 13.21 37.12 -108.29
C ALA D 1750 13.18 38.25 -109.34
N GLY D 1751 11.98 38.60 -109.83
CA GLY D 1751 11.72 39.74 -110.71
C GLY D 1751 12.00 41.08 -110.05
N GLY D 1752 11.84 41.16 -108.72
CA GLY D 1752 12.21 42.32 -107.89
C GLY D 1752 11.06 42.88 -107.05
N SER D 1753 9.81 42.49 -107.36
CA SER D 1753 8.58 42.94 -106.67
C SER D 1753 8.64 42.55 -105.18
N GLU D 1754 9.04 43.49 -104.31
CA GLU D 1754 9.16 43.33 -102.83
C GLU D 1754 7.80 42.93 -102.21
N THR D 1755 6.70 43.45 -102.76
CA THR D 1755 5.32 43.23 -102.29
C THR D 1755 4.92 41.75 -102.40
N ALA D 1756 5.50 41.00 -103.35
CA ALA D 1756 5.15 39.59 -103.68
C ALA D 1756 4.97 38.75 -102.41
N MET D 1757 5.93 38.79 -101.47
CA MET D 1757 5.91 37.99 -100.21
C MET D 1757 4.96 38.61 -99.18
N LYS D 1758 4.65 39.89 -99.31
CA LYS D 1758 3.68 40.62 -98.44
C LYS D 1758 2.25 40.41 -98.95
N GLU D 1759 2.08 40.31 -100.27
CA GLU D 1759 0.77 40.04 -100.94
C GLU D 1759 0.40 38.57 -100.70
N CYS D 1760 1.36 37.67 -100.82
CA CYS D 1760 1.27 36.23 -100.44
C CYS D 1760 0.76 36.12 -99.00
N GLN D 1761 1.37 36.89 -98.09
CA GLN D 1761 0.99 36.97 -96.65
C GLN D 1761 -0.43 37.54 -96.50
N LYS D 1762 -0.79 38.54 -97.29
CA LYS D 1762 -2.10 39.24 -97.23
C LYS D 1762 -3.20 38.29 -97.68
N LEU D 1763 -3.00 37.60 -98.81
CA LEU D 1763 -4.02 36.73 -99.46
C LEU D 1763 -4.30 35.51 -98.56
N ILE D 1764 -3.26 34.95 -97.93
CA ILE D 1764 -3.36 33.79 -97.00
C ILE D 1764 -4.19 34.19 -95.79
N GLU D 1765 -3.98 35.42 -95.28
CA GLU D 1765 -4.56 35.93 -94.01
C GLU D 1765 -6.01 36.40 -94.22
N VAL D 1766 -6.42 36.67 -95.47
CA VAL D 1766 -7.82 37.04 -95.83
C VAL D 1766 -8.66 35.75 -95.95
N ARG D 1767 -8.16 34.75 -96.68
CA ARG D 1767 -8.80 33.42 -96.83
C ARG D 1767 -9.02 32.79 -95.44
N LEU D 1768 -8.03 32.90 -94.55
CA LEU D 1768 -8.07 32.41 -93.14
C LEU D 1768 -9.18 33.15 -92.40
N GLU D 1769 -9.25 34.49 -92.51
CA GLU D 1769 -10.30 35.34 -91.90
C GLU D 1769 -11.68 34.95 -92.47
N ASN D 1770 -11.78 34.83 -93.79
CA ASN D 1770 -13.04 34.54 -94.53
C ASN D 1770 -13.55 33.13 -94.15
N LEU D 1771 -12.63 32.22 -93.80
CA LEU D 1771 -12.94 30.82 -93.40
C LEU D 1771 -13.34 30.76 -91.91
N ILE D 1772 -12.82 31.68 -91.09
CA ILE D 1772 -13.20 31.85 -89.65
C ILE D 1772 -14.65 32.37 -89.56
N LYS D 1773 -15.06 33.22 -90.51
CA LYS D 1773 -16.45 33.74 -90.61
C LYS D 1773 -17.42 32.63 -91.02
N LYS D 1774 -16.92 31.52 -91.57
CA LYS D 1774 -17.73 30.33 -91.98
C LYS D 1774 -17.97 29.42 -90.76
N VAL D 1775 -16.99 29.26 -89.87
CA VAL D 1775 -17.09 28.36 -88.66
C VAL D 1775 -17.94 29.04 -87.57
N ARG D 1776 -18.13 30.36 -87.68
CA ARG D 1776 -18.96 31.18 -86.76
C ARG D 1776 -20.44 30.93 -87.08
N GLY D 1777 -20.82 31.06 -88.35
CA GLY D 1777 -22.17 30.74 -88.87
C GLY D 1777 -22.50 29.27 -88.67
N ASP D 1778 -23.75 28.95 -88.33
CA ASP D 1778 -24.23 27.59 -87.99
C ASP D 1778 -24.00 26.65 -89.18
N LEU D 1779 -23.26 25.56 -88.95
CA LEU D 1779 -22.84 24.57 -89.98
C LEU D 1779 -23.14 23.15 -89.48
N HIS D 1780 -22.96 22.16 -90.37
CA HIS D 1780 -23.07 20.70 -90.07
C HIS D 1780 -21.75 20.22 -89.45
N ILE D 1781 -21.82 19.41 -88.39
CA ILE D 1781 -20.66 18.99 -87.54
C ILE D 1781 -19.55 18.36 -88.39
N LEU D 1782 -19.89 17.62 -89.46
CA LEU D 1782 -18.89 17.04 -90.40
C LEU D 1782 -18.17 18.18 -91.15
N GLU D 1783 -18.91 19.19 -91.59
CA GLU D 1783 -18.42 20.37 -92.35
C GLU D 1783 -17.86 21.44 -91.39
N ARG D 1784 -17.81 21.19 -90.08
CA ARG D 1784 -17.01 21.99 -89.11
C ARG D 1784 -15.54 21.63 -89.27
N TRP D 1785 -15.21 20.34 -89.18
CA TRP D 1785 -13.82 19.81 -89.17
C TRP D 1785 -13.22 19.90 -90.58
N LYS D 1786 -13.97 19.50 -91.60
CA LYS D 1786 -13.63 19.73 -93.03
C LYS D 1786 -13.15 21.18 -93.21
N ILE D 1787 -13.62 22.10 -92.36
CA ILE D 1787 -13.30 23.56 -92.42
C ILE D 1787 -12.31 23.96 -91.31
N ILE D 1788 -12.31 23.29 -90.15
CA ILE D 1788 -11.40 23.62 -89.01
C ILE D 1788 -10.03 22.95 -89.21
N ASN D 1789 -9.98 21.76 -89.80
CA ASN D 1789 -8.70 21.13 -90.25
C ASN D 1789 -8.02 22.03 -91.28
N ILE D 1790 -8.80 22.76 -92.09
CA ILE D 1790 -8.29 23.73 -93.09
C ILE D 1790 -7.76 24.95 -92.36
N ILE D 1791 -8.41 25.36 -91.27
CA ILE D 1791 -7.96 26.50 -90.41
C ILE D 1791 -6.56 26.17 -89.87
N THR D 1792 -6.36 25.01 -89.23
CA THR D 1792 -5.09 24.65 -88.53
C THR D 1792 -3.92 24.50 -89.50
N ILE D 1793 -4.18 24.25 -90.78
CA ILE D 1793 -3.15 24.23 -91.86
C ILE D 1793 -2.93 25.66 -92.36
N ASP D 1794 -4.01 26.43 -92.57
CA ASP D 1794 -3.95 27.81 -93.10
C ASP D 1794 -3.26 28.73 -92.07
N VAL D 1795 -3.51 28.55 -90.77
CA VAL D 1795 -2.87 29.37 -89.70
C VAL D 1795 -1.36 29.12 -89.74
N HIS D 1796 -0.93 27.90 -90.04
CA HIS D 1796 0.50 27.53 -90.18
C HIS D 1796 1.07 28.13 -91.46
N SER D 1797 0.34 28.03 -92.58
CA SER D 1797 0.69 28.66 -93.88
C SER D 1797 1.05 30.13 -93.63
N ARG D 1798 0.19 30.86 -92.91
CA ARG D 1798 0.40 32.29 -92.60
C ARG D 1798 1.71 32.45 -91.82
N ASP D 1799 1.86 31.69 -90.72
CA ASP D 1799 3.01 31.78 -89.78
C ASP D 1799 4.34 31.54 -90.51
N VAL D 1800 4.34 30.73 -91.58
CA VAL D 1800 5.54 30.46 -92.44
C VAL D 1800 5.85 31.72 -93.26
N VAL D 1801 4.86 32.31 -93.93
CA VAL D 1801 5.07 33.43 -94.89
C VAL D 1801 5.39 34.69 -94.10
N GLU D 1802 4.88 34.82 -92.86
CA GLU D 1802 5.35 35.85 -91.88
C GLU D 1802 6.85 35.65 -91.69
N LYS D 1803 7.26 34.44 -91.29
CA LYS D 1803 8.66 34.04 -90.96
C LYS D 1803 9.60 34.27 -92.15
N PHE D 1804 9.10 34.21 -93.39
CA PHE D 1804 9.85 34.50 -94.64
C PHE D 1804 10.03 36.02 -94.78
N VAL D 1805 9.01 36.81 -94.43
CA VAL D 1805 9.01 38.29 -94.59
C VAL D 1805 9.95 38.91 -93.54
N ILE D 1806 9.93 38.37 -92.31
CA ILE D 1806 10.75 38.84 -91.16
C ILE D 1806 12.23 38.54 -91.44
N GLN D 1807 12.55 37.30 -91.80
CA GLN D 1807 13.95 36.83 -92.10
C GLN D 1807 14.39 37.29 -93.49
N LYS D 1808 13.46 37.75 -94.34
CA LYS D 1808 13.72 38.38 -95.66
C LYS D 1808 14.36 37.36 -96.62
N VAL D 1809 13.80 36.15 -96.68
CA VAL D 1809 14.25 35.03 -97.56
C VAL D 1809 13.65 35.24 -98.95
N SER D 1810 14.49 35.64 -99.92
CA SER D 1810 14.08 36.11 -101.27
C SER D 1810 14.47 35.10 -102.36
N GLU D 1811 14.85 33.88 -101.97
CA GLU D 1811 15.33 32.81 -102.90
C GLU D 1811 14.64 31.50 -102.54
N ALA D 1812 13.99 30.85 -103.52
CA ALA D 1812 13.57 29.43 -103.45
C ALA D 1812 14.84 28.57 -103.53
N GLU D 1813 14.78 27.36 -102.97
CA GLU D 1813 15.93 26.42 -102.80
C GLU D 1813 16.87 26.92 -101.69
N SER D 1814 16.48 27.96 -100.94
CA SER D 1814 17.00 28.24 -99.57
C SER D 1814 16.45 27.13 -98.67
N PHE D 1815 17.10 26.88 -97.54
CA PHE D 1815 16.67 25.81 -96.61
C PHE D 1815 15.26 26.09 -96.09
N ALA D 1816 14.99 27.35 -95.72
CA ALA D 1816 13.71 27.82 -95.15
C ALA D 1816 12.54 27.20 -95.91
N TRP D 1817 12.60 27.17 -97.25
CA TRP D 1817 11.49 26.71 -98.14
C TRP D 1817 11.58 25.20 -98.35
N LEU D 1818 12.80 24.65 -98.44
CA LEU D 1818 13.01 23.19 -98.55
C LEU D 1818 12.45 22.50 -97.31
N SER D 1819 12.73 23.05 -96.12
CA SER D 1819 12.32 22.50 -94.80
C SER D 1819 10.80 22.29 -94.76
N GLN D 1820 10.01 23.30 -95.14
CA GLN D 1820 8.53 23.25 -95.08
C GLN D 1820 8.02 22.05 -95.88
N LEU D 1821 6.99 21.39 -95.38
CA LEU D 1821 6.32 20.23 -96.03
C LEU D 1821 5.50 20.76 -97.21
N LYS D 1822 5.97 20.56 -98.44
CA LYS D 1822 5.34 21.09 -99.67
C LYS D 1822 4.55 19.96 -100.36
N PHE D 1823 3.52 20.33 -101.12
CA PHE D 1823 2.63 19.41 -101.89
C PHE D 1823 2.49 19.95 -103.32
N TYR D 1824 3.15 19.32 -104.27
CA TYR D 1824 3.15 19.77 -105.69
C TYR D 1824 2.04 19.04 -106.44
N TRP D 1825 1.71 19.53 -107.63
CA TRP D 1825 0.73 18.91 -108.57
C TRP D 1825 1.25 19.15 -109.98
N GLU D 1826 2.25 18.36 -110.37
CA GLU D 1826 2.98 18.54 -111.65
C GLU D 1826 3.06 17.17 -112.33
N ASN D 1827 3.04 17.17 -113.66
CA ASN D 1827 3.59 16.06 -114.48
C ASN D 1827 5.03 16.43 -114.83
N LYS D 1828 5.98 16.10 -113.96
CA LYS D 1828 7.45 16.28 -114.16
C LYS D 1828 7.83 15.53 -115.44
N PRO D 1829 8.20 16.22 -116.54
CA PRO D 1829 8.57 15.51 -117.78
C PRO D 1829 9.89 14.74 -117.60
N ASP D 1830 10.81 15.26 -116.78
CA ASP D 1830 12.01 14.56 -116.27
C ASP D 1830 11.68 14.02 -114.86
N SER D 1831 10.89 12.93 -114.81
CA SER D 1831 10.44 12.27 -113.56
C SER D 1831 11.62 11.51 -112.92
N ASP D 1832 12.10 12.00 -111.78
CA ASP D 1832 13.12 11.32 -110.95
C ASP D 1832 12.45 10.37 -109.95
N MET D 1833 11.10 10.37 -109.90
CA MET D 1833 10.29 9.65 -108.87
C MET D 1833 10.47 8.12 -108.99
N HIS D 1834 10.73 7.60 -110.19
CA HIS D 1834 10.93 6.14 -110.45
C HIS D 1834 12.21 5.62 -109.78
N LEU D 1835 13.17 6.51 -109.50
CA LEU D 1835 14.44 6.19 -108.78
C LEU D 1835 14.26 6.40 -107.27
N ARG D 1836 13.62 7.50 -106.87
CA ARG D 1836 13.50 7.97 -105.46
C ARG D 1836 12.74 6.92 -104.65
N GLN D 1837 11.56 6.52 -105.13
CA GLN D 1837 10.78 5.36 -104.62
C GLN D 1837 10.41 4.46 -105.80
N THR D 1838 9.68 3.37 -105.52
CA THR D 1838 9.10 2.46 -106.54
C THR D 1838 7.73 3.01 -106.95
N LEU D 1839 7.40 2.92 -108.24
CA LEU D 1839 6.04 3.22 -108.78
C LEU D 1839 5.14 2.00 -108.48
N ARG D 1840 3.98 2.24 -107.86
CA ARG D 1840 3.00 1.18 -107.50
C ARG D 1840 1.74 1.34 -108.36
N PHE D 1841 1.10 2.50 -108.29
CA PHE D 1841 -0.28 2.75 -108.80
C PHE D 1841 -0.21 3.14 -110.27
N PRO D 1842 -1.33 2.99 -111.04
CA PRO D 1842 -1.31 3.24 -112.49
C PRO D 1842 -1.10 4.70 -112.91
N TRP D 1843 -1.69 5.67 -112.20
CA TRP D 1843 -1.47 7.13 -112.42
C TRP D 1843 0.00 7.46 -112.17
N GLU D 1844 0.64 6.84 -111.17
CA GLU D 1844 2.08 7.06 -110.86
C GLU D 1844 2.96 6.67 -112.05
N LYS D 1845 2.62 5.58 -112.76
CA LYS D 1845 3.40 5.02 -113.89
C LYS D 1845 3.04 5.69 -115.23
N ASP D 1846 1.89 6.36 -115.32
CA ASP D 1846 1.28 6.81 -116.61
C ASP D 1846 2.21 7.83 -117.30
N LYS D 1847 2.68 8.84 -116.56
CA LYS D 1847 3.60 9.91 -117.03
C LYS D 1847 2.95 10.70 -118.20
N ASN D 1848 1.62 10.82 -118.17
CA ASN D 1848 0.78 11.69 -119.03
C ASN D 1848 -0.10 12.59 -118.17
N LYS D 1849 -0.72 12.03 -117.11
CA LYS D 1849 -1.64 12.73 -116.16
C LYS D 1849 -0.86 13.23 -114.95
N ASN D 1850 -1.28 14.38 -114.40
CA ASN D 1850 -0.63 15.11 -113.28
C ASN D 1850 -0.75 14.29 -111.98
N LYS D 1851 0.37 14.05 -111.30
CA LYS D 1851 0.45 13.25 -110.04
C LYS D 1851 0.74 14.19 -108.87
N CYS D 1852 0.06 14.01 -107.73
CA CYS D 1852 0.39 14.75 -106.47
C CYS D 1852 1.65 14.18 -105.85
N ILE D 1853 2.68 15.03 -105.68
CA ILE D 1853 4.02 14.68 -105.13
C ILE D 1853 4.25 15.51 -103.87
N ILE D 1854 4.93 14.95 -102.87
CA ILE D 1854 5.17 15.61 -101.56
C ILE D 1854 6.68 15.76 -101.35
N ARG D 1855 7.17 17.00 -101.24
CA ARG D 1855 8.61 17.32 -101.12
C ARG D 1855 8.90 17.87 -99.72
N ILE D 1856 10.07 17.53 -99.16
CA ILE D 1856 10.60 18.08 -97.88
C ILE D 1856 12.07 17.65 -97.71
N VAL D 1857 12.99 18.61 -97.76
CA VAL D 1857 14.46 18.50 -97.46
C VAL D 1857 15.04 17.26 -98.15
N ASP D 1858 14.83 17.12 -99.45
CA ASP D 1858 15.42 16.04 -100.29
C ASP D 1858 14.79 14.69 -99.90
N TRP D 1859 13.50 14.67 -99.55
CA TRP D 1859 12.65 13.46 -99.42
C TRP D 1859 11.35 13.70 -100.20
N PHE D 1860 11.34 13.34 -101.49
CA PHE D 1860 10.17 13.47 -102.40
C PHE D 1860 9.52 12.10 -102.60
N ARG D 1861 8.31 11.90 -102.09
CA ARG D 1861 7.56 10.62 -102.19
C ARG D 1861 6.08 10.94 -102.47
N PHE D 1862 5.54 10.40 -103.57
CA PHE D 1862 4.14 10.55 -104.03
C PHE D 1862 3.16 10.42 -102.86
N TYR D 1863 1.98 11.03 -103.01
CA TYR D 1863 0.84 10.94 -102.05
C TYR D 1863 0.17 9.58 -102.24
N SER D 1864 0.16 8.74 -101.19
CA SER D 1864 -0.40 7.37 -101.17
C SER D 1864 -1.82 7.42 -100.58
N TYR D 1865 -2.84 7.48 -101.44
CA TYR D 1865 -4.12 8.21 -101.22
C TYR D 1865 -5.03 7.55 -100.17
N GLU D 1866 -4.48 7.08 -99.04
CA GLU D 1866 -5.25 6.23 -98.08
C GLU D 1866 -6.25 7.09 -97.31
N TYR D 1867 -7.55 6.88 -97.55
CA TYR D 1867 -8.68 7.68 -96.99
C TYR D 1867 -8.59 7.73 -95.46
N ILE D 1868 -8.83 8.91 -94.89
CA ILE D 1868 -8.62 9.25 -93.44
C ILE D 1868 -9.95 9.57 -92.77
N GLY D 1869 -10.88 10.23 -93.49
CA GLY D 1869 -12.28 10.40 -93.07
C GLY D 1869 -12.41 11.42 -91.95
N ASN D 1870 -11.96 12.65 -92.21
CA ASN D 1870 -12.14 13.86 -91.35
C ASN D 1870 -11.80 13.55 -89.89
N ALA D 1871 -10.66 12.90 -89.66
CA ALA D 1871 -9.98 12.86 -88.35
C ALA D 1871 -9.30 14.21 -88.11
N ILE D 1872 -9.33 14.71 -86.86
CA ILE D 1872 -8.91 16.10 -86.51
C ILE D 1872 -7.39 16.20 -86.65
N ARG D 1873 -6.91 17.14 -87.47
CA ARG D 1873 -5.46 17.46 -87.64
C ARG D 1873 -4.99 18.24 -86.41
N LEU D 1874 -3.80 17.93 -85.91
CA LEU D 1874 -3.16 18.64 -84.76
C LEU D 1874 -2.78 20.06 -85.20
N VAL D 1875 -2.64 20.98 -84.24
CA VAL D 1875 -2.09 22.35 -84.46
C VAL D 1875 -0.61 22.20 -84.83
N ILE D 1876 -0.15 22.92 -85.85
CA ILE D 1876 1.24 22.83 -86.38
C ILE D 1876 2.09 23.86 -85.61
N THR D 1877 2.98 23.37 -84.74
CA THR D 1877 3.88 24.17 -83.85
C THR D 1877 5.24 24.30 -84.53
N PRO D 1878 6.13 25.21 -84.05
CA PRO D 1878 7.53 25.23 -84.50
C PRO D 1878 8.28 23.93 -84.18
N LEU D 1879 7.86 23.22 -83.12
CA LEU D 1879 8.41 21.89 -82.71
C LEU D 1879 7.99 20.81 -83.73
N THR D 1880 6.71 20.75 -84.11
CA THR D 1880 6.16 19.70 -85.02
C THR D 1880 6.79 19.84 -86.40
N ASP D 1881 7.08 21.07 -86.84
CA ASP D 1881 7.76 21.38 -88.12
C ASP D 1881 9.10 20.62 -88.16
N ARG D 1882 9.87 20.69 -87.07
CA ARG D 1882 11.18 20.01 -86.92
C ARG D 1882 10.97 18.49 -86.84
N CYS D 1883 9.97 18.03 -86.07
CA CYS D 1883 9.62 16.59 -85.89
C CYS D 1883 9.26 15.95 -87.24
N TYR D 1884 8.80 16.73 -88.23
CA TYR D 1884 8.61 16.27 -89.63
C TYR D 1884 9.96 16.09 -90.31
N ILE D 1885 10.85 17.10 -90.22
CA ILE D 1885 12.23 17.05 -90.80
C ILE D 1885 12.91 15.78 -90.29
N THR D 1886 12.89 15.56 -88.96
CA THR D 1886 13.59 14.42 -88.30
C THR D 1886 13.12 13.10 -88.91
N LEU D 1887 11.81 12.86 -88.91
CA LEU D 1887 11.21 11.58 -89.35
C LEU D 1887 11.45 11.40 -90.86
N THR D 1888 11.19 12.43 -91.66
CA THR D 1888 11.38 12.38 -93.14
C THR D 1888 12.84 12.03 -93.44
N GLN D 1889 13.79 12.75 -92.83
CA GLN D 1889 15.25 12.50 -92.95
C GLN D 1889 15.56 11.05 -92.59
N ALA D 1890 14.90 10.50 -91.56
CA ALA D 1890 15.08 9.10 -91.10
C ALA D 1890 14.62 8.13 -92.21
N LEU D 1891 13.44 8.36 -92.79
CA LEU D 1891 12.83 7.48 -93.83
C LEU D 1891 13.63 7.57 -95.14
N ASN D 1892 14.31 8.71 -95.39
CA ASN D 1892 15.20 8.90 -96.58
C ASN D 1892 16.54 8.21 -96.30
N LEU D 1893 16.97 8.17 -95.03
CA LEU D 1893 18.23 7.52 -94.59
C LEU D 1893 17.96 6.07 -94.18
N THR D 1894 16.79 5.52 -94.50
CA THR D 1894 16.44 4.08 -94.42
C THR D 1894 16.67 3.56 -92.99
N MET D 1895 16.22 4.32 -91.99
CA MET D 1895 16.18 3.91 -90.56
C MET D 1895 14.87 4.42 -89.95
N GLY D 1896 14.44 3.82 -88.84
CA GLY D 1896 13.21 4.21 -88.12
C GLY D 1896 13.36 5.55 -87.44
N GLY D 1897 12.25 6.12 -86.95
CA GLY D 1897 12.22 7.40 -86.21
C GLY D 1897 11.61 7.23 -84.84
N ALA D 1898 12.27 7.71 -83.78
CA ALA D 1898 11.93 7.43 -82.36
C ALA D 1898 11.55 8.72 -81.63
N PRO D 1899 10.31 9.23 -81.78
CA PRO D 1899 9.86 10.40 -81.02
C PRO D 1899 9.84 10.07 -79.52
N ALA D 1900 10.45 10.92 -78.70
CA ALA D 1900 10.72 10.68 -77.27
C ALA D 1900 10.49 11.96 -76.46
N GLY D 1901 9.81 11.83 -75.32
CA GLY D 1901 9.53 12.94 -74.39
C GLY D 1901 8.51 12.53 -73.33
N PRO D 1902 8.14 13.44 -72.40
CA PRO D 1902 7.21 13.13 -71.33
C PRO D 1902 5.82 12.75 -71.85
N ALA D 1903 5.10 11.90 -71.12
CA ALA D 1903 3.72 11.45 -71.45
C ALA D 1903 2.77 12.65 -71.41
N GLY D 1904 1.90 12.77 -72.42
CA GLY D 1904 0.95 13.88 -72.57
C GLY D 1904 1.35 14.84 -73.70
N THR D 1905 2.61 14.78 -74.15
CA THR D 1905 3.16 15.58 -75.28
C THR D 1905 2.44 15.22 -76.59
N GLY D 1906 2.05 13.95 -76.75
CA GLY D 1906 1.46 13.42 -77.98
C GLY D 1906 2.54 13.12 -79.01
N LYS D 1907 3.44 12.19 -78.69
CA LYS D 1907 4.47 11.64 -79.60
C LYS D 1907 3.77 10.81 -80.68
N THR D 1908 2.89 9.90 -80.26
CA THR D 1908 2.10 8.97 -81.11
C THR D 1908 1.23 9.75 -82.08
N GLU D 1909 0.67 10.89 -81.64
CA GLU D 1909 -0.33 11.68 -82.39
C GLU D 1909 0.37 12.47 -83.52
N THR D 1910 1.59 12.98 -83.29
CA THR D 1910 2.36 13.78 -84.28
C THR D 1910 2.91 12.90 -85.41
N THR D 1911 3.30 11.65 -85.12
CA THR D 1911 3.74 10.65 -86.12
C THR D 1911 2.54 10.26 -86.99
N LYS D 1912 1.37 10.08 -86.37
CA LYS D 1912 0.09 9.74 -87.05
C LYS D 1912 -0.27 10.86 -88.03
N ASP D 1913 -0.20 12.11 -87.58
CA ASP D 1913 -0.63 13.31 -88.34
C ASP D 1913 0.27 13.55 -89.56
N LEU D 1914 1.59 13.35 -89.42
CA LEU D 1914 2.55 13.44 -90.55
C LEU D 1914 2.13 12.45 -91.63
N GLY D 1915 1.91 11.18 -91.25
CA GLY D 1915 1.50 10.10 -92.16
C GLY D 1915 0.17 10.40 -92.83
N ARG D 1916 -0.82 10.84 -92.06
CA ARG D 1916 -2.16 11.26 -92.53
C ARG D 1916 -2.03 12.38 -93.57
N ALA D 1917 -1.12 13.33 -93.37
CA ALA D 1917 -0.86 14.43 -94.33
C ALA D 1917 -0.33 13.84 -95.64
N ILE D 1918 0.67 12.95 -95.53
CA ILE D 1918 1.33 12.24 -96.67
C ILE D 1918 0.32 11.33 -97.37
N GLY D 1919 -0.76 10.94 -96.67
CA GLY D 1919 -1.83 10.06 -97.17
C GLY D 1919 -1.73 8.68 -96.53
N ILE D 1920 -0.51 8.24 -96.20
CA ILE D 1920 -0.15 6.82 -95.91
C ILE D 1920 -0.94 6.31 -94.70
N PRO D 1921 -1.35 5.02 -94.68
CA PRO D 1921 -2.03 4.45 -93.50
C PRO D 1921 -1.06 4.30 -92.33
N VAL D 1922 -1.37 4.91 -91.18
CA VAL D 1922 -0.57 4.81 -89.93
C VAL D 1922 -1.28 3.88 -88.95
N MET D 1923 -0.68 2.72 -88.67
CA MET D 1923 -1.16 1.75 -87.66
C MET D 1923 -0.53 2.09 -86.30
N VAL D 1924 -1.28 1.92 -85.22
CA VAL D 1924 -0.83 2.17 -83.82
C VAL D 1924 -0.95 0.86 -83.04
N PHE D 1925 0.07 0.54 -82.23
CA PHE D 1925 0.12 -0.68 -81.38
C PHE D 1925 0.40 -0.29 -79.93
N ASN D 1926 -0.39 -0.81 -79.00
CA ASN D 1926 -0.28 -0.55 -77.54
C ASN D 1926 0.53 -1.69 -76.91
N CYS D 1927 1.85 -1.63 -77.05
CA CYS D 1927 2.85 -2.63 -76.57
C CYS D 1927 2.79 -2.71 -75.04
N SER D 1928 2.38 -3.86 -74.49
CA SER D 1928 1.97 -4.05 -73.07
C SER D 1928 2.90 -5.02 -72.33
N ASP D 1929 4.08 -5.32 -72.89
CA ASP D 1929 5.08 -6.27 -72.32
C ASP D 1929 4.54 -7.70 -72.30
N GLN D 1930 3.47 -7.98 -73.07
CA GLN D 1930 2.91 -9.34 -73.31
C GLN D 1930 3.22 -9.76 -74.76
N MET D 1931 3.97 -8.93 -75.49
CA MET D 1931 4.31 -9.13 -76.93
C MET D 1931 5.39 -10.21 -77.05
N ASN D 1932 5.07 -11.33 -77.72
CA ASN D 1932 6.02 -12.44 -77.99
C ASN D 1932 6.83 -12.10 -79.25
N LYS D 1933 7.80 -12.95 -79.60
CA LYS D 1933 8.53 -12.92 -80.89
C LYS D 1933 7.52 -13.00 -82.04
N ASP D 1934 6.65 -14.02 -82.01
CA ASP D 1934 5.70 -14.39 -83.09
C ASP D 1934 4.71 -13.24 -83.34
N SER D 1935 4.13 -12.68 -82.27
CA SER D 1935 3.11 -11.60 -82.30
C SER D 1935 3.67 -10.35 -83.00
N MET D 1936 4.94 -10.02 -82.71
CA MET D 1936 5.66 -8.86 -83.30
C MET D 1936 6.07 -9.17 -84.74
N ALA D 1937 6.61 -10.37 -84.98
CA ALA D 1937 7.04 -10.87 -86.32
C ALA D 1937 5.89 -10.72 -87.33
N GLN D 1938 4.66 -11.06 -86.93
CA GLN D 1938 3.44 -10.96 -87.76
C GLN D 1938 3.15 -9.49 -88.08
N ILE D 1939 3.29 -8.59 -87.09
CA ILE D 1939 3.10 -7.12 -87.26
C ILE D 1939 4.01 -6.65 -88.41
N PHE D 1940 5.33 -6.81 -88.26
CA PHE D 1940 6.38 -6.33 -89.20
C PHE D 1940 6.16 -6.91 -90.60
N MET D 1941 5.85 -8.21 -90.71
CA MET D 1941 5.62 -8.90 -92.01
C MET D 1941 4.48 -8.19 -92.76
N GLY D 1942 3.37 -7.92 -92.06
CA GLY D 1942 2.18 -7.23 -92.60
C GLY D 1942 2.43 -5.77 -92.86
N LEU D 1943 3.25 -5.14 -92.02
CA LEU D 1943 3.72 -3.74 -92.20
C LEU D 1943 4.55 -3.69 -93.48
N SER D 1944 5.55 -4.57 -93.61
CA SER D 1944 6.48 -4.68 -94.76
C SER D 1944 5.71 -4.84 -96.08
N GLN D 1945 4.73 -5.74 -96.12
CA GLN D 1945 3.97 -6.10 -97.35
C GLN D 1945 3.06 -4.95 -97.79
N SER D 1946 2.29 -4.38 -96.85
CA SER D 1946 1.35 -3.26 -97.09
C SER D 1946 1.98 -1.95 -96.60
N GLY D 1947 2.65 -1.22 -97.50
CA GLY D 1947 3.37 0.03 -97.22
C GLY D 1947 2.64 0.92 -96.21
N ALA D 1948 2.85 0.66 -94.91
CA ALA D 1948 2.16 1.31 -93.79
C ALA D 1948 3.21 1.75 -92.75
N TRP D 1949 2.78 2.49 -91.73
CA TRP D 1949 3.65 3.14 -90.71
C TRP D 1949 3.29 2.63 -89.31
N GLY D 1950 4.14 1.81 -88.71
CA GLY D 1950 3.91 1.25 -87.37
C GLY D 1950 4.43 2.17 -86.28
N CYS D 1951 3.54 3.00 -85.73
CA CYS D 1951 3.77 3.70 -84.44
C CYS D 1951 3.55 2.67 -83.32
N PHE D 1952 4.44 2.64 -82.32
CA PHE D 1952 4.38 1.71 -81.17
C PHE D 1952 4.23 2.50 -79.86
N ASP D 1953 2.99 2.82 -79.47
CA ASP D 1953 2.64 3.52 -78.20
C ASP D 1953 3.22 2.73 -77.02
N GLU D 1954 4.08 3.38 -76.22
CA GLU D 1954 4.79 2.79 -75.05
C GLU D 1954 5.50 1.50 -75.50
N PHE D 1955 6.40 1.64 -76.48
CA PHE D 1955 7.34 0.57 -76.94
C PHE D 1955 8.42 0.34 -75.87
N ASN D 1956 8.66 1.36 -75.05
CA ASN D 1956 9.65 1.36 -73.93
C ASN D 1956 9.41 0.17 -72.99
N ARG D 1957 8.14 -0.25 -72.81
CA ARG D 1957 7.76 -1.46 -72.03
C ARG D 1957 7.54 -2.64 -72.99
N ILE D 1958 8.63 -3.10 -73.60
CA ILE D 1958 8.75 -4.37 -74.37
C ILE D 1958 9.88 -5.17 -73.70
N SER D 1959 9.64 -6.45 -73.36
CA SER D 1959 10.61 -7.32 -72.64
C SER D 1959 11.95 -7.34 -73.39
N ILE D 1960 13.03 -6.89 -72.73
CA ILE D 1960 14.41 -6.77 -73.31
C ILE D 1960 14.79 -8.04 -74.08
N GLU D 1961 14.24 -9.21 -73.70
CA GLU D 1961 14.34 -10.49 -74.46
C GLU D 1961 13.80 -10.31 -75.89
N VAL D 1962 12.48 -10.07 -76.03
CA VAL D 1962 11.77 -9.94 -77.34
C VAL D 1962 12.28 -8.69 -78.07
N LEU D 1963 12.71 -7.67 -77.31
CA LEU D 1963 13.28 -6.39 -77.83
C LEU D 1963 14.59 -6.63 -78.60
N SER D 1964 15.39 -7.61 -78.18
CA SER D 1964 16.66 -8.02 -78.86
C SER D 1964 16.35 -8.76 -80.17
N VAL D 1965 15.13 -9.31 -80.30
CA VAL D 1965 14.64 -9.96 -81.56
C VAL D 1965 14.12 -8.86 -82.50
N VAL D 1966 13.25 -7.98 -81.98
CA VAL D 1966 12.69 -6.80 -82.72
C VAL D 1966 13.81 -6.19 -83.55
N SER D 1967 14.99 -5.96 -82.94
CA SER D 1967 16.21 -5.42 -83.58
C SER D 1967 16.58 -6.29 -84.80
N THR D 1968 16.70 -7.61 -84.57
CA THR D 1968 17.10 -8.60 -85.61
C THR D 1968 16.08 -8.61 -86.76
N GLN D 1969 14.80 -8.32 -86.46
CA GLN D 1969 13.69 -8.26 -87.45
C GLN D 1969 13.72 -6.91 -88.17
N VAL D 1970 13.77 -5.80 -87.42
CA VAL D 1970 13.82 -4.41 -87.97
C VAL D 1970 15.05 -4.28 -88.88
N LYS D 1971 16.22 -4.71 -88.40
CA LYS D 1971 17.50 -4.67 -89.16
C LYS D 1971 17.26 -5.32 -90.53
N CYS D 1972 16.72 -6.54 -90.53
CA CYS D 1972 16.51 -7.40 -91.72
C CYS D 1972 15.65 -6.68 -92.76
N VAL D 1973 14.64 -5.91 -92.33
CA VAL D 1973 13.72 -5.13 -93.20
C VAL D 1973 14.46 -3.92 -93.75
N LEU D 1974 15.07 -3.11 -92.87
CA LEU D 1974 15.83 -1.88 -93.22
C LEU D 1974 16.97 -2.25 -94.18
N ASP D 1975 17.74 -3.28 -93.84
CA ASP D 1975 18.86 -3.81 -94.66
C ASP D 1975 18.36 -4.14 -96.07
N ALA D 1976 17.11 -4.59 -96.20
CA ALA D 1976 16.45 -4.88 -97.49
C ALA D 1976 16.10 -3.58 -98.22
N LEU D 1977 15.60 -2.58 -97.48
CA LEU D 1977 15.15 -1.27 -98.04
C LEU D 1977 16.34 -0.52 -98.66
N LYS D 1978 17.52 -0.58 -98.03
CA LYS D 1978 18.78 0.02 -98.54
C LYS D 1978 19.13 -0.60 -99.90
N GLU D 1979 19.04 -1.93 -100.00
CA GLU D 1979 19.29 -2.72 -101.24
C GLU D 1979 18.11 -2.59 -102.22
N LYS D 1980 16.96 -2.11 -101.73
CA LYS D 1980 15.74 -1.73 -102.50
C LYS D 1980 15.13 -2.99 -103.15
N LYS D 1981 15.30 -4.15 -102.51
CA LYS D 1981 14.74 -5.47 -102.95
C LYS D 1981 13.21 -5.43 -102.81
N THR D 1982 12.49 -5.74 -103.88
CA THR D 1982 11.00 -5.81 -103.92
C THR D 1982 10.57 -7.03 -103.09
N LYS D 1983 11.15 -8.21 -103.38
CA LYS D 1983 10.97 -9.47 -102.61
C LYS D 1983 12.19 -9.64 -101.69
N PHE D 1984 11.97 -9.75 -100.38
CA PHE D 1984 13.06 -9.85 -99.37
C PHE D 1984 12.77 -11.03 -98.42
N SER D 1985 13.83 -11.63 -97.89
CA SER D 1985 13.78 -12.76 -96.91
C SER D 1985 13.65 -12.18 -95.51
N PHE D 1986 12.56 -12.50 -94.80
CA PHE D 1986 12.40 -12.26 -93.33
C PHE D 1986 13.12 -13.40 -92.60
N VAL D 1987 13.22 -13.35 -91.27
CA VAL D 1987 13.96 -14.35 -90.44
C VAL D 1987 13.29 -15.72 -90.60
N GLU D 1988 11.96 -15.77 -90.46
CA GLU D 1988 11.11 -16.96 -90.73
C GLU D 1988 10.08 -16.59 -91.80
N GLU D 1989 9.57 -17.59 -92.55
CA GLU D 1989 8.63 -17.41 -93.68
C GLU D 1989 9.27 -16.47 -94.71
N GLY D 1990 10.51 -16.79 -95.11
CA GLY D 1990 11.45 -15.92 -95.85
C GLY D 1990 10.78 -15.02 -96.88
N GLU D 1991 10.52 -15.56 -98.07
CA GLU D 1991 10.20 -14.76 -99.30
C GLU D 1991 8.87 -14.03 -99.12
N ILE D 1992 8.94 -12.70 -98.91
CA ILE D 1992 7.80 -11.79 -98.65
C ILE D 1992 7.96 -10.53 -99.51
N GLN D 1993 6.86 -9.94 -99.99
CA GLN D 1993 6.86 -8.67 -100.77
C GLN D 1993 7.17 -7.51 -99.82
N LEU D 1994 8.01 -6.57 -100.26
CA LEU D 1994 8.31 -5.30 -99.54
C LEU D 1994 7.87 -4.13 -100.41
N GLN D 1995 6.83 -3.40 -99.98
CA GLN D 1995 6.46 -2.08 -100.55
C GLN D 1995 7.35 -1.02 -99.91
N ASP D 1996 7.89 -0.10 -100.72
CA ASP D 1996 9.03 0.80 -100.37
C ASP D 1996 8.66 1.73 -99.22
N THR D 1997 7.37 2.09 -99.07
CA THR D 1997 6.90 3.23 -98.24
C THR D 1997 6.73 2.82 -96.76
N VAL D 1998 7.31 1.70 -96.31
CA VAL D 1998 7.17 1.23 -94.90
C VAL D 1998 8.07 2.08 -94.01
N GLY D 1999 7.55 2.46 -92.83
CA GLY D 1999 8.28 3.18 -91.77
C GLY D 1999 7.98 2.59 -90.41
N PHE D 2000 8.92 2.72 -89.47
CA PHE D 2000 8.78 2.25 -88.06
C PHE D 2000 9.00 3.45 -87.14
N PHE D 2001 8.19 3.56 -86.08
CA PHE D 2001 8.25 4.67 -85.10
C PHE D 2001 8.00 4.13 -83.69
N ILE D 2002 8.99 4.25 -82.81
CA ILE D 2002 8.91 3.75 -81.41
C ILE D 2002 8.75 4.96 -80.48
N THR D 2003 7.52 5.18 -79.98
CA THR D 2003 7.16 6.32 -79.11
C THR D 2003 7.47 5.94 -77.66
N MET D 2004 8.64 6.38 -77.18
CA MET D 2004 9.28 5.93 -75.92
C MET D 2004 9.15 7.04 -74.87
N ASN D 2005 8.57 6.72 -73.70
CA ASN D 2005 8.48 7.63 -72.52
C ASN D 2005 9.78 7.48 -71.72
N PRO D 2006 10.78 8.37 -71.89
CA PRO D 2006 12.15 8.09 -71.44
C PRO D 2006 12.31 7.86 -69.93
N GLY D 2007 11.48 8.51 -69.11
CA GLY D 2007 11.51 8.43 -67.63
C GLY D 2007 10.33 7.67 -67.05
N TYR D 2008 9.70 6.78 -67.83
CA TYR D 2008 8.58 5.90 -67.39
C TYR D 2008 9.16 4.73 -66.59
N ALA D 2009 8.48 4.33 -65.51
CA ALA D 2009 8.89 3.26 -64.58
C ALA D 2009 8.62 1.89 -65.20
N GLY D 2010 9.49 0.90 -64.95
CA GLY D 2010 9.48 -0.41 -65.63
C GLY D 2010 10.02 -0.31 -67.04
N ARG D 2011 10.93 0.64 -67.28
CA ARG D 2011 11.59 0.90 -68.59
C ARG D 2011 12.60 -0.21 -68.86
N THR D 2012 12.53 -0.82 -70.05
CA THR D 2012 13.59 -1.69 -70.62
C THR D 2012 14.46 -0.83 -71.55
N GLU D 2013 15.65 -0.43 -71.08
CA GLU D 2013 16.65 0.33 -71.87
C GLU D 2013 16.91 -0.44 -73.17
N LEU D 2014 16.70 0.20 -74.33
CA LEU D 2014 16.93 -0.41 -75.66
C LEU D 2014 18.40 -0.81 -75.75
N PRO D 2015 18.74 -2.02 -76.24
CA PRO D 2015 20.15 -2.35 -76.50
C PRO D 2015 20.71 -1.39 -77.57
N GLU D 2016 21.90 -0.82 -77.30
CA GLU D 2016 22.61 0.17 -78.17
C GLU D 2016 22.43 -0.20 -79.65
N ASN D 2017 22.49 -1.50 -79.96
CA ASN D 2017 22.20 -2.09 -81.29
C ASN D 2017 20.93 -1.47 -81.92
N LEU D 2018 19.83 -1.47 -81.16
CA LEU D 2018 18.48 -1.04 -81.62
C LEU D 2018 18.40 0.48 -81.75
N LYS D 2019 18.90 1.23 -80.76
CA LYS D 2019 18.96 2.73 -80.76
C LYS D 2019 19.66 3.24 -82.03
N ALA D 2020 20.63 2.47 -82.55
CA ALA D 2020 21.44 2.82 -83.76
C ALA D 2020 20.64 2.59 -85.05
N LEU D 2021 19.40 2.09 -84.98
CA LEU D 2021 18.47 1.94 -86.13
C LEU D 2021 17.36 3.00 -86.08
N PHE D 2022 17.26 3.77 -85.00
CA PHE D 2022 16.09 4.66 -84.72
C PHE D 2022 16.57 6.09 -84.42
N ARG D 2023 16.47 6.97 -85.41
CA ARG D 2023 16.81 8.42 -85.31
C ARG D 2023 15.81 9.08 -84.36
N SER D 2024 16.24 9.39 -83.13
CA SER D 2024 15.40 9.97 -82.04
C SER D 2024 14.96 11.39 -82.42
N CYS D 2025 13.89 11.86 -81.78
CA CYS D 2025 13.35 13.25 -81.88
C CYS D 2025 12.98 13.75 -80.49
N ALA D 2026 13.21 15.05 -80.23
CA ALA D 2026 12.99 15.72 -78.92
C ALA D 2026 11.61 16.37 -78.92
N MET D 2027 10.67 15.78 -78.17
CA MET D 2027 9.25 16.23 -78.09
C MET D 2027 9.04 16.98 -76.78
N VAL D 2028 8.63 18.25 -76.88
CA VAL D 2028 8.27 19.16 -75.75
C VAL D 2028 6.75 19.32 -75.75
N VAL D 2029 6.16 19.55 -74.57
CA VAL D 2029 4.69 19.83 -74.41
C VAL D 2029 4.35 21.01 -75.32
N PRO D 2030 3.36 20.87 -76.24
CA PRO D 2030 3.12 21.91 -77.25
C PRO D 2030 2.82 23.27 -76.59
N ASP D 2031 3.37 24.35 -77.16
CA ASP D 2031 3.19 25.75 -76.69
C ASP D 2031 1.70 26.03 -76.51
N LEU D 2032 1.29 26.39 -75.28
CA LEU D 2032 -0.12 26.65 -74.88
C LEU D 2032 -0.73 27.74 -75.79
N ALA D 2033 0.06 28.76 -76.14
CA ALA D 2033 -0.30 29.88 -77.03
C ALA D 2033 -0.88 29.36 -78.34
N LEU D 2034 -0.19 28.44 -79.01
CA LEU D 2034 -0.54 27.94 -80.37
C LEU D 2034 -1.85 27.16 -80.34
N ILE D 2035 -2.13 26.41 -79.26
CA ILE D 2035 -3.33 25.53 -79.15
C ILE D 2035 -4.55 26.42 -78.91
N CYS D 2036 -4.40 27.44 -78.06
CA CYS D 2036 -5.43 28.46 -77.74
C CYS D 2036 -5.76 29.29 -79.00
N GLU D 2037 -4.74 29.69 -79.78
CA GLU D 2037 -4.87 30.47 -81.04
C GLU D 2037 -5.72 29.69 -82.06
N ASN D 2038 -5.58 28.36 -82.09
CA ASN D 2038 -6.46 27.47 -82.90
C ASN D 2038 -7.88 27.57 -82.33
N MET D 2039 -8.04 27.20 -81.04
CA MET D 2039 -9.35 27.15 -80.33
C MET D 2039 -10.11 28.47 -80.48
N LEU D 2040 -9.40 29.61 -80.55
CA LEU D 2040 -10.00 30.95 -80.77
C LEU D 2040 -10.53 31.05 -82.20
N MET D 2041 -9.75 30.61 -83.19
CA MET D 2041 -10.12 30.65 -84.63
C MET D 2041 -11.24 29.64 -84.92
N SER D 2042 -11.30 28.54 -84.16
CA SER D 2042 -12.41 27.55 -84.19
C SER D 2042 -13.73 28.23 -83.84
N GLU D 2043 -13.68 29.17 -82.88
CA GLU D 2043 -14.87 29.87 -82.31
C GLU D 2043 -14.92 31.32 -82.80
N GLY D 2044 -14.62 31.54 -84.09
CA GLY D 2044 -15.01 32.73 -84.86
C GLY D 2044 -14.32 34.02 -84.41
N PHE D 2045 -13.02 33.96 -84.08
CA PHE D 2045 -12.20 35.14 -83.69
C PHE D 2045 -11.16 35.43 -84.78
N THR D 2046 -11.25 36.59 -85.43
CA THR D 2046 -10.39 37.01 -86.55
C THR D 2046 -9.02 37.45 -86.03
N MET D 2047 -8.96 38.14 -84.88
CA MET D 2047 -7.71 38.69 -84.27
C MET D 2047 -7.11 37.70 -83.27
N ALA D 2048 -7.33 36.40 -83.47
CA ALA D 2048 -7.03 35.31 -82.51
C ALA D 2048 -5.57 35.36 -82.06
N ARG D 2049 -4.63 35.52 -83.00
CA ARG D 2049 -3.15 35.50 -82.76
C ARG D 2049 -2.82 36.35 -81.53
N VAL D 2050 -3.26 37.62 -81.54
CA VAL D 2050 -2.93 38.67 -80.53
C VAL D 2050 -3.61 38.32 -79.19
N LEU D 2051 -4.92 38.04 -79.24
CA LEU D 2051 -5.75 37.61 -78.08
C LEU D 2051 -5.14 36.38 -77.41
N SER D 2052 -4.68 35.42 -78.21
CA SER D 2052 -4.14 34.11 -77.74
C SER D 2052 -2.82 34.30 -77.01
N ARG D 2053 -2.04 35.34 -77.37
CA ARG D 2053 -0.81 35.74 -76.62
C ARG D 2053 -1.23 36.37 -75.28
N LYS D 2054 -2.26 37.22 -75.28
CA LYS D 2054 -2.86 37.82 -74.06
C LYS D 2054 -3.38 36.71 -73.13
N PHE D 2055 -3.90 35.63 -73.70
CA PHE D 2055 -4.60 34.51 -72.99
C PHE D 2055 -3.58 33.63 -72.26
N VAL D 2056 -2.58 33.09 -72.99
CA VAL D 2056 -1.47 32.28 -72.41
C VAL D 2056 -0.87 33.07 -71.24
N SER D 2057 -0.64 34.38 -71.42
CA SER D 2057 -0.02 35.30 -70.44
C SER D 2057 -0.85 35.31 -69.14
N LEU D 2058 -2.17 35.50 -69.25
CA LEU D 2058 -3.12 35.56 -68.10
C LEU D 2058 -2.96 34.28 -67.26
N TYR D 2059 -3.27 33.13 -67.84
CA TYR D 2059 -3.35 31.81 -67.17
C TYR D 2059 -1.97 31.41 -66.62
N MET D 2060 -0.88 31.77 -67.31
CA MET D 2060 0.52 31.46 -66.88
C MET D 2060 0.87 32.28 -65.63
N LEU D 2061 0.60 33.59 -65.66
CA LEU D 2061 0.88 34.52 -64.54
C LEU D 2061 -0.02 34.18 -63.35
N SER D 2062 -1.30 33.91 -63.62
CA SER D 2062 -2.33 33.50 -62.62
C SER D 2062 -1.77 32.38 -61.72
N ARG D 2063 -1.23 31.31 -62.30
CA ARG D 2063 -0.63 30.17 -61.55
C ARG D 2063 0.41 30.68 -60.55
N GLU D 2064 1.26 31.62 -60.98
CA GLU D 2064 2.42 32.12 -60.19
C GLU D 2064 1.95 33.01 -59.03
N LEU D 2065 1.07 33.99 -59.28
CA LEU D 2065 0.87 35.16 -58.38
C LEU D 2065 -0.50 35.15 -57.66
N LEU D 2066 -1.46 34.31 -58.04
CA LEU D 2066 -2.69 34.09 -57.20
C LEU D 2066 -2.33 33.11 -56.08
N SER D 2067 -3.17 33.07 -55.03
CA SER D 2067 -3.11 32.07 -53.94
C SER D 2067 -3.48 30.70 -54.50
N LYS D 2068 -2.51 29.79 -54.59
CA LYS D 2068 -2.69 28.41 -55.11
C LYS D 2068 -3.85 27.71 -54.39
N GLN D 2069 -4.90 27.37 -55.13
CA GLN D 2069 -6.08 26.60 -54.66
C GLN D 2069 -6.19 25.32 -55.49
N LYS D 2070 -6.83 24.29 -54.94
CA LYS D 2070 -7.04 22.97 -55.61
C LYS D 2070 -8.17 23.12 -56.64
N HIS D 2071 -9.16 23.98 -56.37
CA HIS D 2071 -10.37 24.16 -57.22
C HIS D 2071 -10.10 25.12 -58.39
N TYR D 2072 -8.92 25.75 -58.45
CA TYR D 2072 -8.44 26.50 -59.64
C TYR D 2072 -7.91 25.50 -60.69
N ASP D 2073 -8.24 25.75 -61.96
CA ASP D 2073 -7.65 25.07 -63.13
C ASP D 2073 -7.17 26.14 -64.12
N TRP D 2074 -5.86 26.31 -64.25
CA TRP D 2074 -5.20 27.23 -65.22
C TRP D 2074 -4.58 26.43 -66.38
N GLY D 2075 -4.79 25.11 -66.42
CA GLY D 2075 -4.36 24.23 -67.52
C GLY D 2075 -5.18 24.47 -68.78
N LEU D 2076 -4.80 23.80 -69.88
CA LEU D 2076 -5.43 23.94 -71.22
C LEU D 2076 -6.89 23.47 -71.20
N ARG D 2077 -7.25 22.53 -70.31
CA ARG D 2077 -8.61 21.96 -70.19
C ARG D 2077 -9.61 23.08 -69.85
N ALA D 2078 -9.30 23.91 -68.87
CA ALA D 2078 -10.12 25.06 -68.41
C ALA D 2078 -10.14 26.17 -69.47
N VAL D 2079 -9.06 26.31 -70.24
CA VAL D 2079 -8.96 27.30 -71.36
C VAL D 2079 -10.09 27.01 -72.35
N LYS D 2080 -10.15 25.78 -72.86
CA LYS D 2080 -11.13 25.29 -73.88
C LYS D 2080 -12.55 25.68 -73.47
N SER D 2081 -12.91 25.48 -72.20
CA SER D 2081 -14.28 25.75 -71.65
C SER D 2081 -14.59 27.25 -71.74
N VAL D 2082 -13.66 28.10 -71.28
CA VAL D 2082 -13.78 29.60 -71.28
C VAL D 2082 -13.80 30.11 -72.72
N LEU D 2083 -13.09 29.45 -73.64
CA LEU D 2083 -13.11 29.77 -75.10
C LEU D 2083 -14.46 29.36 -75.70
N ARG D 2084 -15.03 28.22 -75.28
CA ARG D 2084 -16.36 27.74 -75.76
C ARG D 2084 -17.42 28.78 -75.38
N GLN D 2085 -17.42 29.23 -74.12
CA GLN D 2085 -18.40 30.19 -73.56
C GLN D 2085 -18.20 31.58 -74.16
N ALA D 2086 -16.95 31.95 -74.50
CA ALA D 2086 -16.60 33.18 -75.24
C ALA D 2086 -17.06 33.07 -76.70
N GLY D 2087 -17.00 31.87 -77.28
CA GLY D 2087 -17.42 31.55 -78.66
C GLY D 2087 -18.92 31.67 -78.86
N LYS D 2088 -19.71 31.23 -77.86
CA LYS D 2088 -21.20 31.36 -77.85
C LYS D 2088 -21.60 32.83 -77.74
N LEU D 2089 -20.74 33.66 -77.14
CA LEU D 2089 -20.97 35.12 -76.94
C LEU D 2089 -20.47 35.92 -78.16
N LYS D 2090 -19.58 35.34 -78.97
CA LYS D 2090 -19.12 35.89 -80.28
C LYS D 2090 -20.21 35.64 -81.33
N ARG D 2091 -20.74 34.41 -81.37
CA ARG D 2091 -21.79 33.96 -82.32
C ARG D 2091 -23.09 34.74 -82.08
N GLY D 2092 -23.31 35.20 -80.84
CA GLY D 2092 -24.45 36.07 -80.47
C GLY D 2092 -24.31 37.48 -81.04
N ASP D 2093 -23.13 38.10 -80.89
CA ASP D 2093 -22.84 39.50 -81.31
C ASP D 2093 -21.49 39.55 -82.04
N PRO D 2094 -21.46 39.37 -83.38
CA PRO D 2094 -20.20 39.33 -84.13
C PRO D 2094 -19.52 40.70 -84.38
N ASP D 2095 -20.29 41.79 -84.35
CA ASP D 2095 -19.85 43.15 -84.76
C ASP D 2095 -18.92 43.76 -83.70
N MET D 2096 -19.16 43.47 -82.40
CA MET D 2096 -18.34 43.95 -81.25
C MET D 2096 -16.87 43.61 -81.50
N PRO D 2097 -15.91 44.48 -81.12
CA PRO D 2097 -14.49 44.11 -81.17
C PRO D 2097 -14.19 42.89 -80.29
N GLU D 2098 -13.20 42.08 -80.69
CA GLU D 2098 -12.89 40.75 -80.09
C GLU D 2098 -12.30 40.94 -78.69
N ASP D 2099 -11.64 42.07 -78.42
CA ASP D 2099 -10.87 42.33 -77.17
C ASP D 2099 -11.82 42.50 -75.99
N PRO D 2100 -12.76 43.48 -75.99
CA PRO D 2100 -13.74 43.62 -74.91
C PRO D 2100 -14.62 42.39 -74.63
N LEU D 2101 -14.85 41.55 -75.64
CA LEU D 2101 -15.72 40.34 -75.55
C LEU D 2101 -14.97 39.23 -74.81
N LEU D 2102 -13.71 38.98 -75.16
CA LEU D 2102 -12.82 37.99 -74.49
C LEU D 2102 -12.62 38.43 -73.03
N MET D 2103 -12.15 39.67 -72.84
CA MET D 2103 -12.04 40.36 -71.51
C MET D 2103 -13.23 39.99 -70.64
N ARG D 2104 -14.45 40.25 -71.12
CA ARG D 2104 -15.73 40.01 -70.39
C ARG D 2104 -15.80 38.52 -70.01
N ALA D 2105 -15.63 37.63 -70.99
CA ALA D 2105 -15.76 36.15 -70.83
C ALA D 2105 -14.74 35.62 -69.83
N LEU D 2106 -13.47 35.99 -69.99
CA LEU D 2106 -12.34 35.59 -69.10
C LEU D 2106 -12.70 35.96 -67.65
N ARG D 2107 -13.08 37.23 -67.43
CA ARG D 2107 -13.44 37.78 -66.10
C ARG D 2107 -14.67 37.04 -65.55
N ASP D 2108 -15.73 36.94 -66.36
CA ASP D 2108 -17.07 36.46 -65.96
C ASP D 2108 -16.99 35.05 -65.34
N PHE D 2109 -16.18 34.14 -65.88
CA PHE D 2109 -16.17 32.69 -65.53
C PHE D 2109 -15.08 32.37 -64.49
N ASN D 2110 -14.00 33.14 -64.46
CA ASN D 2110 -12.86 32.93 -63.51
C ASN D 2110 -13.21 33.54 -62.14
N MET D 2111 -14.14 34.50 -62.07
CA MET D 2111 -14.56 35.18 -60.82
C MET D 2111 -15.20 34.17 -59.86
N PRO D 2112 -16.28 33.44 -60.22
CA PRO D 2112 -16.90 32.47 -59.31
C PRO D 2112 -15.99 31.33 -58.84
N LYS D 2113 -14.99 30.93 -59.65
CA LYS D 2113 -13.90 30.01 -59.24
C LYS D 2113 -13.06 30.70 -58.14
N ILE D 2114 -12.75 31.99 -58.31
CA ILE D 2114 -11.72 32.72 -57.51
C ILE D 2114 -12.29 33.13 -56.14
N VAL D 2115 -11.43 33.10 -55.11
CA VAL D 2115 -11.76 33.40 -53.68
C VAL D 2115 -11.64 34.91 -53.45
N THR D 2116 -11.97 35.39 -52.24
CA THR D 2116 -11.98 36.83 -51.85
C THR D 2116 -10.58 37.44 -51.94
N ASP D 2117 -9.60 36.81 -51.30
CA ASP D 2117 -8.18 37.24 -51.29
C ASP D 2117 -7.74 37.53 -52.74
N ASP D 2118 -8.09 36.63 -53.65
CA ASP D 2118 -7.59 36.59 -55.05
C ASP D 2118 -8.45 37.47 -55.96
N LYS D 2119 -9.70 37.76 -55.60
CA LYS D 2119 -10.63 38.57 -56.45
C LYS D 2119 -9.96 39.93 -56.74
N VAL D 2120 -9.34 40.54 -55.73
CA VAL D 2120 -8.81 41.94 -55.78
C VAL D 2120 -7.52 41.95 -56.61
N ILE D 2121 -6.71 40.89 -56.56
CA ILE D 2121 -5.42 40.79 -57.31
C ILE D 2121 -5.71 40.32 -58.75
N PHE D 2122 -6.64 39.38 -58.94
CA PHE D 2122 -7.00 38.82 -60.27
C PHE D 2122 -7.69 39.87 -61.13
N ARG D 2123 -8.65 40.63 -60.55
CA ARG D 2123 -9.36 41.71 -61.26
C ARG D 2123 -8.34 42.75 -61.75
N ARG D 2124 -7.28 42.96 -60.97
CA ARG D 2124 -6.16 43.88 -61.31
C ARG D 2124 -5.35 43.27 -62.45
N LEU D 2125 -5.04 41.97 -62.37
CA LEU D 2125 -4.19 41.21 -63.34
C LEU D 2125 -4.81 41.24 -64.75
N ILE D 2126 -6.14 41.09 -64.85
CA ILE D 2126 -6.88 41.26 -66.14
C ILE D 2126 -6.74 42.71 -66.60
N GLY D 2127 -6.91 43.67 -65.68
CA GLY D 2127 -6.78 45.12 -65.92
C GLY D 2127 -5.37 45.55 -66.35
N ASP D 2128 -4.37 44.67 -66.21
CA ASP D 2128 -2.99 44.88 -66.71
C ASP D 2128 -2.92 44.45 -68.18
N LEU D 2129 -3.40 43.24 -68.49
CA LEU D 2129 -3.32 42.60 -69.83
C LEU D 2129 -4.24 43.31 -70.82
N PHE D 2130 -5.45 43.68 -70.37
CA PHE D 2130 -6.45 44.48 -71.11
C PHE D 2130 -6.51 45.87 -70.47
N PRO D 2131 -5.64 46.82 -70.89
CA PRO D 2131 -5.36 48.03 -70.09
C PRO D 2131 -6.57 48.97 -69.89
N LYS D 2132 -7.17 49.46 -70.99
CA LYS D 2132 -8.16 50.57 -70.97
C LYS D 2132 -9.59 50.04 -71.16
N LEU D 2133 -9.78 48.73 -71.35
CA LEU D 2133 -11.13 48.12 -71.57
C LEU D 2133 -11.91 48.16 -70.25
N ASP D 2134 -13.05 48.87 -70.25
CA ASP D 2134 -14.01 48.97 -69.13
C ASP D 2134 -15.03 47.85 -69.26
N PRO D 2135 -15.04 46.84 -68.36
CA PRO D 2135 -15.96 45.71 -68.48
C PRO D 2135 -17.34 46.00 -67.91
N PRO D 2136 -18.44 45.80 -68.69
CA PRO D 2136 -19.79 45.78 -68.14
C PRO D 2136 -20.23 44.36 -67.74
N THR D 2137 -20.64 44.16 -66.48
CA THR D 2137 -21.11 42.87 -65.92
C THR D 2137 -22.39 42.45 -66.64
N LYS D 2138 -22.38 41.31 -67.34
CA LYS D 2138 -23.56 40.75 -68.04
C LYS D 2138 -24.42 40.03 -67.00
N GLN D 2139 -25.56 40.62 -66.62
CA GLN D 2139 -26.48 40.12 -65.58
C GLN D 2139 -27.76 39.62 -66.26
N ASN D 2140 -28.21 38.40 -65.94
CA ASN D 2140 -29.49 37.84 -66.43
C ASN D 2140 -30.63 38.60 -65.76
N PRO D 2141 -31.37 39.48 -66.48
CA PRO D 2141 -32.33 40.38 -65.84
C PRO D 2141 -33.65 39.73 -65.39
N GLU D 2142 -34.10 38.66 -66.05
CA GLU D 2142 -35.39 37.97 -65.78
C GLU D 2142 -35.22 36.97 -64.63
N LEU D 2143 -34.22 36.08 -64.72
CA LEU D 2143 -33.94 35.00 -63.74
C LEU D 2143 -33.55 35.61 -62.38
N LYS D 2144 -32.80 36.71 -62.37
CA LYS D 2144 -32.40 37.45 -61.14
C LYS D 2144 -33.64 37.91 -60.38
N LYS D 2145 -34.66 38.40 -61.10
CA LYS D 2145 -35.94 38.87 -60.52
C LYS D 2145 -36.71 37.68 -59.93
N ILE D 2146 -36.84 36.58 -60.68
CA ILE D 2146 -37.66 35.39 -60.28
C ILE D 2146 -36.94 34.64 -59.15
N VAL D 2147 -35.61 34.72 -59.06
CA VAL D 2147 -34.81 34.12 -57.94
C VAL D 2147 -35.02 34.94 -56.67
N GLN D 2148 -34.96 36.27 -56.76
CA GLN D 2148 -35.24 37.21 -55.63
C GLN D 2148 -36.65 36.94 -55.08
N ASP D 2149 -37.64 36.72 -55.96
CA ASP D 2149 -39.06 36.49 -55.59
C ASP D 2149 -39.19 35.16 -54.85
N THR D 2150 -38.61 34.05 -55.38
CA THR D 2150 -38.70 32.70 -54.78
C THR D 2150 -38.04 32.71 -53.40
N THR D 2151 -36.78 33.14 -53.33
CA THR D 2151 -35.96 33.20 -52.08
C THR D 2151 -36.78 33.81 -50.93
N LYS D 2152 -37.50 34.90 -51.19
CA LYS D 2152 -38.35 35.59 -50.18
C LYS D 2152 -39.62 34.76 -49.94
N LYS D 2153 -40.43 34.54 -50.98
CA LYS D 2153 -41.81 33.97 -50.90
C LYS D 2153 -41.78 32.54 -50.35
N ASP D 2154 -41.24 31.59 -51.12
CA ASP D 2154 -41.46 30.11 -50.93
C ASP D 2154 -40.25 29.43 -50.26
N MET D 2155 -39.15 30.15 -50.03
CA MET D 2155 -37.97 29.65 -49.25
C MET D 2155 -37.94 30.33 -47.87
N GLY D 2156 -38.05 31.67 -47.83
CA GLY D 2156 -38.04 32.46 -46.58
C GLY D 2156 -36.71 33.17 -46.34
N LEU D 2157 -35.61 32.63 -46.87
CA LEU D 2157 -34.24 33.20 -46.73
C LEU D 2157 -34.20 34.62 -47.32
N VAL D 2158 -33.37 35.51 -46.76
CA VAL D 2158 -33.18 36.91 -47.24
C VAL D 2158 -32.43 36.85 -48.57
N ALA D 2159 -32.95 37.54 -49.60
CA ALA D 2159 -32.40 37.61 -50.97
C ALA D 2159 -31.33 38.71 -51.06
N GLU D 2160 -30.15 38.45 -50.48
CA GLU D 2160 -28.99 39.37 -50.53
C GLU D 2160 -28.48 39.45 -51.97
N GLU D 2161 -27.97 40.62 -52.38
CA GLU D 2161 -27.46 40.91 -53.76
C GLU D 2161 -26.35 39.92 -54.11
N LEU D 2162 -25.49 39.55 -53.14
CA LEU D 2162 -24.34 38.62 -53.35
C LEU D 2162 -24.83 37.17 -53.40
N PHE D 2163 -25.98 36.87 -52.81
CA PHE D 2163 -26.60 35.51 -52.76
C PHE D 2163 -27.19 35.15 -54.13
N VAL D 2164 -28.06 36.01 -54.68
CA VAL D 2164 -28.74 35.79 -56.00
C VAL D 2164 -27.68 35.76 -57.11
N THR D 2165 -26.60 36.55 -56.95
CA THR D 2165 -25.43 36.56 -57.87
C THR D 2165 -24.80 35.16 -57.92
N LYS D 2166 -24.80 34.42 -56.80
CA LYS D 2166 -24.29 33.02 -56.73
C LYS D 2166 -25.31 32.05 -57.36
N VAL D 2167 -26.61 32.32 -57.22
CA VAL D 2167 -27.70 31.47 -57.83
C VAL D 2167 -27.67 31.64 -59.34
N VAL D 2168 -27.54 32.88 -59.83
CA VAL D 2168 -27.38 33.20 -61.28
C VAL D 2168 -26.10 32.52 -61.80
N GLN D 2169 -25.02 32.57 -61.02
CA GLN D 2169 -23.69 32.01 -61.41
C GLN D 2169 -23.76 30.48 -61.47
N LEU D 2170 -24.65 29.84 -60.69
CA LEU D 2170 -24.87 28.37 -60.73
C LEU D 2170 -25.69 27.99 -61.98
N ALA D 2171 -26.77 28.74 -62.24
CA ALA D 2171 -27.68 28.55 -63.40
C ALA D 2171 -26.88 28.60 -64.72
N GLU D 2172 -25.98 29.58 -64.85
CA GLU D 2172 -25.13 29.77 -66.06
C GLU D 2172 -24.16 28.60 -66.22
N ILE D 2173 -23.59 28.10 -65.12
CA ILE D 2173 -22.66 26.93 -65.13
C ILE D 2173 -23.42 25.67 -65.54
N LEU D 2174 -24.64 25.46 -65.01
CA LEU D 2174 -25.47 24.25 -65.27
C LEU D 2174 -26.00 24.24 -66.71
N GLU D 2175 -26.16 25.41 -67.35
CA GLU D 2175 -26.73 25.53 -68.71
C GLU D 2175 -25.77 24.95 -69.76
N VAL D 2176 -24.45 25.05 -69.52
CA VAL D 2176 -23.39 24.56 -70.46
C VAL D 2176 -22.75 23.28 -69.89
N ARG D 2177 -22.36 23.27 -68.61
CA ARG D 2177 -21.67 22.13 -67.94
C ARG D 2177 -22.72 21.26 -67.24
N HIS D 2178 -22.91 20.03 -67.71
CA HIS D 2178 -23.78 18.97 -67.09
C HIS D 2178 -23.35 18.72 -65.64
N CYS D 2179 -22.04 18.73 -65.35
CA CYS D 2179 -21.42 18.36 -64.05
C CYS D 2179 -20.84 19.60 -63.37
N CYS D 2180 -21.42 19.99 -62.22
CA CYS D 2180 -21.06 21.22 -61.45
C CYS D 2180 -20.54 20.87 -60.05
N PHE D 2181 -19.68 21.74 -59.51
CA PHE D 2181 -19.10 21.71 -58.13
C PHE D 2181 -19.50 22.97 -57.37
N VAL D 2182 -20.56 22.92 -56.58
CA VAL D 2182 -20.94 24.04 -55.67
C VAL D 2182 -20.16 23.87 -54.37
N ILE D 2183 -18.87 24.23 -54.41
CA ILE D 2183 -17.91 24.07 -53.27
C ILE D 2183 -17.92 25.34 -52.42
N GLY D 2184 -17.26 25.31 -51.27
CA GLY D 2184 -17.24 26.42 -50.29
C GLY D 2184 -16.69 26.00 -48.94
N PRO D 2185 -16.67 26.92 -47.94
CA PRO D 2185 -16.32 26.56 -46.57
C PRO D 2185 -17.47 25.80 -45.94
N PRO D 2186 -17.26 25.04 -44.83
CA PRO D 2186 -18.28 24.14 -44.29
C PRO D 2186 -19.62 24.86 -44.06
N GLY D 2187 -19.68 25.80 -43.12
CA GLY D 2187 -20.90 26.58 -42.83
C GLY D 2187 -21.07 27.75 -43.78
N SER D 2188 -21.80 27.55 -44.88
CA SER D 2188 -22.14 28.59 -45.89
C SER D 2188 -23.39 28.16 -46.66
N GLY D 2189 -23.88 28.98 -47.60
CA GLY D 2189 -25.12 28.72 -48.35
C GLY D 2189 -24.91 27.86 -49.57
N LYS D 2190 -24.35 26.66 -49.43
CA LYS D 2190 -24.04 25.76 -50.57
C LYS D 2190 -25.33 25.02 -50.96
N THR D 2191 -25.97 24.35 -49.99
CA THR D 2191 -27.26 23.64 -50.21
C THR D 2191 -28.31 24.67 -50.64
N CYS D 2192 -28.44 25.74 -49.86
CA CYS D 2192 -29.48 26.81 -50.05
C CYS D 2192 -29.37 27.44 -51.44
N VAL D 2193 -28.16 27.55 -52.01
CA VAL D 2193 -27.96 28.17 -53.36
C VAL D 2193 -28.54 27.23 -54.42
N TRP D 2194 -28.22 25.92 -54.39
CA TRP D 2194 -28.73 24.97 -55.42
C TRP D 2194 -30.22 24.68 -55.17
N LYS D 2195 -30.68 24.74 -53.91
CA LYS D 2195 -32.10 24.50 -53.56
C LYS D 2195 -32.97 25.67 -54.03
N THR D 2196 -32.49 26.91 -54.01
CA THR D 2196 -33.22 28.11 -54.52
C THR D 2196 -33.28 28.07 -56.05
N LEU D 2197 -32.22 27.57 -56.70
CA LEU D 2197 -32.16 27.41 -58.17
C LEU D 2197 -33.28 26.45 -58.59
N ILE D 2198 -33.38 25.30 -57.92
CA ILE D 2198 -34.46 24.29 -58.14
C ILE D 2198 -35.81 25.01 -58.00
N LYS D 2199 -36.00 25.77 -56.92
CA LYS D 2199 -37.30 26.39 -56.56
C LYS D 2199 -37.55 27.66 -57.41
N SER D 2200 -36.65 28.01 -58.33
CA SER D 2200 -36.91 28.96 -59.45
C SER D 2200 -37.28 28.18 -60.71
N TYR D 2201 -36.50 27.15 -61.05
CA TYR D 2201 -36.76 26.22 -62.19
C TYR D 2201 -38.17 25.60 -62.05
N ILE D 2202 -38.64 25.36 -60.81
CA ILE D 2202 -40.05 24.97 -60.51
C ILE D 2202 -40.97 26.17 -60.77
N ASN D 2203 -40.56 27.36 -60.31
CA ASN D 2203 -41.38 28.62 -60.34
C ASN D 2203 -41.24 29.35 -61.68
N SER D 2204 -40.40 28.86 -62.61
CA SER D 2204 -40.20 29.41 -63.98
C SER D 2204 -40.51 28.33 -65.02
N GLY D 2205 -39.72 27.25 -65.04
CA GLY D 2205 -39.84 26.13 -66.00
C GLY D 2205 -40.79 25.06 -65.48
N GLU D 2206 -40.28 23.87 -65.18
CA GLU D 2206 -41.07 22.70 -64.71
C GLU D 2206 -40.38 22.03 -63.51
N ASP D 2207 -41.10 21.11 -62.86
CA ASP D 2207 -40.70 20.41 -61.60
C ASP D 2207 -39.29 19.84 -61.75
N ALA D 2208 -38.30 20.53 -61.17
CA ALA D 2208 -36.91 20.03 -61.03
C ALA D 2208 -36.83 19.09 -59.82
N GLU D 2209 -36.80 17.78 -60.08
CA GLU D 2209 -36.63 16.73 -59.05
C GLU D 2209 -35.13 16.60 -58.74
N TYR D 2210 -34.80 16.07 -57.56
CA TYR D 2210 -33.41 15.88 -57.07
C TYR D 2210 -33.38 14.74 -56.04
N ASP D 2211 -32.41 13.83 -56.18
CA ASP D 2211 -32.20 12.67 -55.28
C ASP D 2211 -30.85 12.84 -54.57
N THR D 2212 -30.87 13.55 -53.44
CA THR D 2212 -29.68 13.86 -52.59
C THR D 2212 -29.19 12.59 -51.90
N LEU D 2213 -28.12 11.98 -52.43
CA LEU D 2213 -27.35 10.90 -51.75
C LEU D 2213 -26.05 11.50 -51.20
N ASN D 2214 -25.62 11.07 -50.01
CA ASN D 2214 -24.25 11.31 -49.49
C ASN D 2214 -23.36 10.16 -49.97
N PRO D 2215 -22.47 10.39 -50.95
CA PRO D 2215 -21.75 9.31 -51.61
C PRO D 2215 -20.77 8.56 -50.70
N LYS D 2216 -20.07 9.27 -49.81
CA LYS D 2216 -19.03 8.71 -48.91
C LYS D 2216 -19.71 7.92 -47.78
N ALA D 2217 -20.95 8.27 -47.42
CA ALA D 2217 -21.77 7.64 -46.35
C ALA D 2217 -21.96 6.15 -46.65
N VAL D 2218 -22.39 5.84 -47.87
CA VAL D 2218 -22.53 4.45 -48.41
C VAL D 2218 -21.18 4.03 -48.98
N THR D 2219 -20.90 2.71 -49.04
CA THR D 2219 -19.65 2.14 -49.62
C THR D 2219 -19.73 2.21 -51.15
N SER D 2220 -18.58 2.30 -51.82
CA SER D 2220 -18.44 2.43 -53.30
C SER D 2220 -19.10 1.24 -54.02
N ASP D 2221 -19.06 0.05 -53.40
CA ASP D 2221 -19.72 -1.18 -53.92
C ASP D 2221 -21.24 -1.01 -53.85
N GLU D 2222 -21.77 -0.66 -52.68
CA GLU D 2222 -23.22 -0.48 -52.39
C GLU D 2222 -23.78 0.74 -53.14
N LEU D 2223 -22.92 1.74 -53.42
CA LEU D 2223 -23.30 3.02 -54.09
C LEU D 2223 -23.68 2.75 -55.56
N PHE D 2224 -22.72 2.27 -56.36
CA PHE D 2224 -22.91 1.93 -57.79
C PHE D 2224 -23.68 0.61 -57.92
N GLY D 2225 -23.47 -0.33 -56.98
CA GLY D 2225 -24.02 -1.69 -57.01
C GLY D 2225 -23.00 -2.67 -57.55
N ALA D 2226 -23.02 -3.91 -57.05
CA ALA D 2226 -22.10 -5.00 -57.43
C ALA D 2226 -22.79 -6.36 -57.24
N TYR D 2227 -22.25 -7.40 -57.89
CA TYR D 2227 -22.71 -8.81 -57.78
C TYR D 2227 -22.56 -9.29 -56.33
N THR D 2228 -23.55 -10.02 -55.82
CA THR D 2228 -23.52 -10.70 -54.48
C THR D 2228 -22.64 -11.94 -54.60
N LYS D 2229 -22.63 -12.80 -53.56
CA LYS D 2229 -21.99 -14.15 -53.60
C LYS D 2229 -22.63 -14.97 -54.74
N THR D 2230 -23.97 -14.92 -54.83
CA THR D 2230 -24.76 -15.35 -56.02
C THR D 2230 -24.57 -14.30 -57.12
N LYS D 2231 -24.36 -14.72 -58.37
CA LYS D 2231 -24.11 -13.81 -59.52
C LYS D 2231 -25.43 -13.15 -59.92
N GLU D 2232 -25.88 -12.19 -59.10
CA GLU D 2232 -27.09 -11.35 -59.28
C GLU D 2232 -26.73 -9.90 -58.94
N TRP D 2233 -26.74 -9.00 -59.92
CA TRP D 2233 -26.27 -7.60 -59.79
C TRP D 2233 -27.34 -6.78 -59.05
N LYS D 2234 -27.02 -6.32 -57.83
CA LYS D 2234 -27.90 -5.45 -57.00
C LYS D 2234 -27.86 -4.03 -57.58
N ASN D 2235 -29.02 -3.39 -57.70
CA ASN D 2235 -29.14 -1.97 -58.11
C ASN D 2235 -28.68 -1.09 -56.95
N GLY D 2236 -27.49 -0.47 -57.07
CA GLY D 2236 -26.93 0.46 -56.07
C GLY D 2236 -27.61 1.82 -56.09
N VAL D 2237 -27.28 2.70 -55.14
CA VAL D 2237 -27.98 3.98 -54.85
C VAL D 2237 -27.87 4.93 -56.05
N ILE D 2238 -26.64 5.35 -56.41
CA ILE D 2238 -26.40 6.33 -57.51
C ILE D 2238 -26.93 5.75 -58.83
N ALA D 2239 -26.69 4.46 -59.09
CA ALA D 2239 -26.96 3.78 -60.38
C ALA D 2239 -28.46 3.57 -60.57
N VAL D 2240 -29.20 3.23 -59.49
CA VAL D 2240 -30.68 3.02 -59.57
C VAL D 2240 -31.38 4.37 -59.67
N ILE D 2241 -30.84 5.42 -59.03
CA ILE D 2241 -31.28 6.84 -59.23
C ILE D 2241 -31.09 7.19 -60.72
N MET D 2242 -29.95 6.82 -61.31
CA MET D 2242 -29.57 7.10 -62.72
C MET D 2242 -30.50 6.37 -63.71
N LYS D 2243 -31.05 5.21 -63.33
CA LYS D 2243 -32.04 4.43 -64.14
C LYS D 2243 -33.45 4.95 -63.87
N ASN D 2244 -33.80 5.14 -62.60
CA ASN D 2244 -35.13 5.63 -62.13
C ASN D 2244 -35.41 7.04 -62.69
N GLN D 2245 -34.37 7.84 -62.92
CA GLN D 2245 -34.48 9.25 -63.39
C GLN D 2245 -34.72 9.30 -64.90
N VAL D 2246 -34.11 8.38 -65.69
CA VAL D 2246 -34.31 8.24 -67.16
C VAL D 2246 -35.82 8.09 -67.43
N LYS D 2247 -36.54 7.34 -66.58
CA LYS D 2247 -38.01 7.13 -66.66
C LYS D 2247 -38.49 6.29 -65.45
N ASN D 2248 -39.77 6.46 -65.08
CA ASN D 2248 -40.52 5.60 -64.13
C ASN D 2248 -39.95 5.72 -62.71
N GLU D 2249 -40.39 6.73 -61.94
CA GLU D 2249 -40.13 6.93 -60.49
C GLU D 2249 -40.82 8.25 -60.04
N GLU D 2250 -40.14 9.12 -59.29
CA GLU D 2250 -40.50 10.55 -59.06
C GLU D 2250 -39.60 11.47 -59.89
N LYS D 2251 -38.41 11.00 -60.28
CA LYS D 2251 -37.37 11.75 -61.03
C LYS D 2251 -37.52 11.49 -62.54
N TYR D 2252 -38.51 10.67 -62.94
CA TYR D 2252 -38.95 10.32 -64.32
C TYR D 2252 -39.05 11.55 -65.24
N LYS D 2253 -39.11 11.27 -66.56
CA LYS D 2253 -39.27 12.29 -67.63
C LYS D 2253 -40.70 12.22 -68.20
N ALA D 2254 -41.58 13.06 -67.66
CA ALA D 2254 -42.89 13.43 -68.26
C ALA D 2254 -42.79 14.87 -68.75
N THR D 2255 -42.54 15.81 -67.83
CA THR D 2255 -42.40 17.27 -68.10
C THR D 2255 -41.18 17.88 -67.40
N HIS D 2256 -40.43 17.11 -66.58
CA HIS D 2256 -39.31 17.62 -65.74
C HIS D 2256 -38.23 18.23 -66.63
N MET D 2257 -38.19 19.55 -66.74
CA MET D 2257 -37.27 20.30 -67.64
C MET D 2257 -35.81 20.11 -67.20
N HIS D 2258 -35.54 20.05 -65.88
CA HIS D 2258 -34.19 19.75 -65.31
C HIS D 2258 -34.31 18.88 -64.06
N LYS D 2259 -34.03 17.58 -64.19
CA LYS D 2259 -33.74 16.68 -63.04
C LYS D 2259 -32.24 16.79 -62.74
N TRP D 2260 -31.82 16.64 -61.47
CA TRP D 2260 -30.39 16.41 -61.12
C TRP D 2260 -30.26 15.75 -59.74
N SER D 2261 -29.32 14.81 -59.64
CA SER D 2261 -28.89 14.15 -58.38
C SER D 2261 -27.76 14.98 -57.77
N VAL D 2262 -27.92 15.42 -56.51
CA VAL D 2262 -26.89 16.16 -55.73
C VAL D 2262 -26.11 15.14 -54.90
N LEU D 2263 -24.78 15.16 -54.99
CA LEU D 2263 -23.86 14.20 -54.32
C LEU D 2263 -22.97 14.97 -53.33
N ASP D 2264 -23.45 15.13 -52.09
CA ASP D 2264 -22.92 16.14 -51.12
C ASP D 2264 -21.92 15.49 -50.16
N GLY D 2265 -21.00 14.67 -50.67
CA GLY D 2265 -19.85 14.13 -49.93
C GLY D 2265 -18.55 14.70 -50.44
N ASP D 2266 -17.44 14.38 -49.78
CA ASP D 2266 -16.08 14.82 -50.18
C ASP D 2266 -15.62 13.93 -51.34
N ILE D 2267 -15.13 14.53 -52.43
CA ILE D 2267 -14.67 13.79 -53.64
C ILE D 2267 -13.30 13.14 -53.31
N ASP D 2268 -13.23 11.82 -53.43
CA ASP D 2268 -12.00 10.99 -53.25
C ASP D 2268 -11.78 10.17 -54.52
N PRO D 2269 -10.52 9.85 -54.87
CA PRO D 2269 -10.20 9.29 -56.19
C PRO D 2269 -10.85 7.91 -56.46
N GLU D 2270 -10.83 7.03 -55.46
CA GLU D 2270 -11.40 5.65 -55.54
C GLU D 2270 -12.90 5.72 -55.86
N TRP D 2271 -13.63 6.58 -55.15
CA TRP D 2271 -15.11 6.73 -55.23
C TRP D 2271 -15.52 7.28 -56.61
N ILE D 2272 -14.94 8.41 -57.02
CA ILE D 2272 -15.28 9.16 -58.27
C ILE D 2272 -14.83 8.38 -59.51
N GLU D 2273 -13.80 7.53 -59.40
CA GLU D 2273 -13.17 6.81 -60.54
C GLU D 2273 -14.22 6.11 -61.40
N SER D 2274 -15.22 5.47 -60.79
CA SER D 2274 -16.34 4.74 -61.46
C SER D 2274 -17.22 5.72 -62.25
N LEU D 2275 -17.33 6.98 -61.81
CA LEU D 2275 -18.18 8.04 -62.41
C LEU D 2275 -17.40 8.89 -63.42
N ASN D 2276 -16.07 8.67 -63.54
CA ASN D 2276 -15.16 9.47 -64.41
C ASN D 2276 -15.66 9.53 -65.86
N THR D 2277 -16.38 8.51 -66.34
CA THR D 2277 -16.95 8.43 -67.71
C THR D 2277 -17.93 9.59 -67.94
N VAL D 2278 -18.84 9.85 -66.98
CA VAL D 2278 -19.88 10.91 -67.06
C VAL D 2278 -19.23 12.28 -66.80
N MET D 2279 -18.27 12.36 -65.86
CA MET D 2279 -17.53 13.59 -65.51
C MET D 2279 -16.93 14.22 -66.78
N ASP D 2280 -16.43 13.39 -67.71
CA ASP D 2280 -15.85 13.78 -69.02
C ASP D 2280 -16.97 14.29 -69.95
N ASP D 2281 -16.63 14.58 -71.21
CA ASP D 2281 -17.56 15.10 -72.26
C ASP D 2281 -18.67 14.08 -72.54
N ASN D 2282 -18.34 12.79 -72.56
CA ASN D 2282 -19.30 11.67 -72.79
C ASN D 2282 -20.35 11.66 -71.68
N LYS D 2283 -21.64 11.62 -72.03
CA LYS D 2283 -22.79 11.57 -71.08
C LYS D 2283 -23.20 10.09 -70.92
N VAL D 2284 -22.23 9.24 -70.55
CA VAL D 2284 -22.33 7.74 -70.59
C VAL D 2284 -21.77 7.21 -69.26
N LEU D 2285 -22.58 6.47 -68.49
CA LEU D 2285 -22.16 5.80 -67.23
C LEU D 2285 -22.02 4.29 -67.46
N THR D 2286 -20.86 3.73 -67.11
CA THR D 2286 -20.54 2.28 -67.18
C THR D 2286 -20.59 1.68 -65.77
N LEU D 2287 -20.98 0.40 -65.67
CA LEU D 2287 -21.14 -0.35 -64.39
C LEU D 2287 -20.26 -1.62 -64.43
N VAL D 2288 -20.31 -2.43 -63.36
CA VAL D 2288 -19.55 -3.71 -63.21
C VAL D 2288 -20.22 -4.78 -64.08
N SER D 2289 -21.55 -4.74 -64.23
CA SER D 2289 -22.36 -5.69 -65.06
C SER D 2289 -22.26 -5.35 -66.56
N ASN D 2290 -21.61 -4.23 -66.92
CA ASN D 2290 -21.47 -3.72 -68.32
C ASN D 2290 -22.84 -3.27 -68.84
N ASP D 2291 -23.72 -2.80 -67.94
CA ASP D 2291 -25.03 -2.18 -68.27
C ASP D 2291 -24.83 -0.67 -68.35
N ARG D 2292 -25.07 -0.07 -69.52
CA ARG D 2292 -24.82 1.36 -69.81
C ARG D 2292 -26.07 2.17 -69.42
N ILE D 2293 -25.87 3.35 -68.82
CA ILE D 2293 -26.94 4.35 -68.51
C ILE D 2293 -26.55 5.67 -69.18
N PHE D 2294 -27.13 5.94 -70.35
CA PHE D 2294 -26.86 7.17 -71.16
C PHE D 2294 -27.54 8.36 -70.48
N LEU D 2295 -26.73 9.23 -69.87
CA LEU D 2295 -27.16 10.48 -69.17
C LEU D 2295 -27.81 11.41 -70.20
N THR D 2296 -29.02 11.90 -69.91
CA THR D 2296 -29.79 12.81 -70.80
C THR D 2296 -29.12 14.19 -70.76
N PRO D 2297 -29.27 15.04 -71.81
CA PRO D 2297 -28.69 16.39 -71.80
C PRO D 2297 -29.40 17.36 -70.84
N GLN D 2298 -30.60 17.01 -70.36
CA GLN D 2298 -31.41 17.80 -69.38
C GLN D 2298 -31.34 17.14 -68.00
N MET D 2299 -30.13 16.74 -67.57
CA MET D 2299 -29.85 16.07 -66.27
C MET D 2299 -28.42 16.40 -65.83
N ARG D 2300 -28.23 16.78 -64.57
CA ARG D 2300 -26.98 17.36 -64.03
C ARG D 2300 -26.48 16.55 -62.82
N LEU D 2301 -25.20 16.70 -62.48
CA LEU D 2301 -24.55 16.11 -61.27
C LEU D 2301 -23.91 17.25 -60.46
N ILE D 2302 -24.58 17.68 -59.38
CA ILE D 2302 -24.13 18.81 -58.51
C ILE D 2302 -23.40 18.23 -57.27
N PHE D 2303 -22.08 18.41 -57.20
CA PHE D 2303 -21.22 17.93 -56.08
C PHE D 2303 -20.99 19.05 -55.06
N GLU D 2304 -21.55 18.90 -53.85
CA GLU D 2304 -21.46 19.88 -52.74
C GLU D 2304 -20.30 19.47 -51.82
N ILE D 2305 -19.12 20.08 -51.99
CA ILE D 2305 -17.83 19.64 -51.37
C ILE D 2305 -17.21 20.80 -50.57
N SER D 2306 -16.71 20.54 -49.38
CA SER D 2306 -15.96 21.52 -48.54
C SER D 2306 -14.57 21.76 -49.15
N ASN D 2307 -13.79 20.70 -49.30
CA ASN D 2307 -12.35 20.74 -49.71
C ASN D 2307 -12.10 19.71 -50.82
N LEU D 2308 -11.28 20.08 -51.81
CA LEU D 2308 -10.86 19.22 -52.94
C LEU D 2308 -9.43 18.72 -52.67
N ARG D 2309 -9.15 18.34 -51.42
CA ARG D 2309 -7.78 18.04 -50.92
C ARG D 2309 -7.29 16.71 -51.51
N ASN D 2310 -8.17 15.70 -51.55
CA ASN D 2310 -7.88 14.33 -52.06
C ASN D 2310 -8.17 14.23 -53.56
N ALA D 2311 -8.94 15.18 -54.11
CA ALA D 2311 -9.32 15.25 -55.55
C ALA D 2311 -8.07 15.31 -56.43
N THR D 2312 -8.12 14.64 -57.60
CA THR D 2312 -7.05 14.67 -58.63
C THR D 2312 -7.16 15.98 -59.42
N PRO D 2313 -6.05 16.51 -59.97
CA PRO D 2313 -6.10 17.75 -60.76
C PRO D 2313 -7.02 17.67 -62.00
N ALA D 2314 -7.15 16.47 -62.58
CA ALA D 2314 -8.04 16.17 -63.73
C ALA D 2314 -9.51 16.30 -63.31
N THR D 2315 -9.89 15.66 -62.20
CA THR D 2315 -11.30 15.61 -61.67
C THR D 2315 -11.88 17.03 -61.56
N VAL D 2316 -11.06 18.00 -61.13
CA VAL D 2316 -11.43 19.44 -61.00
C VAL D 2316 -11.75 20.00 -62.40
N SER D 2317 -10.85 19.74 -63.37
CA SER D 2317 -10.91 20.22 -64.77
C SER D 2317 -12.20 19.74 -65.46
N ARG D 2318 -12.60 18.49 -65.19
CA ARG D 2318 -13.76 17.80 -65.83
C ARG D 2318 -15.07 18.55 -65.57
N ALA D 2319 -15.22 19.16 -64.40
CA ALA D 2319 -16.48 19.77 -63.90
C ALA D 2319 -16.37 21.30 -63.81
N GLY D 2320 -17.52 21.98 -63.75
CA GLY D 2320 -17.64 23.45 -63.68
C GLY D 2320 -17.83 23.91 -62.24
N VAL D 2321 -16.86 24.67 -61.71
CA VAL D 2321 -16.73 24.99 -60.26
C VAL D 2321 -17.40 26.34 -59.96
N LEU D 2322 -18.33 26.36 -59.00
CA LEU D 2322 -18.86 27.57 -58.34
C LEU D 2322 -18.40 27.57 -56.87
N PHE D 2323 -17.39 28.37 -56.54
CA PHE D 2323 -16.86 28.52 -55.16
C PHE D 2323 -17.59 29.68 -54.46
N ILE D 2324 -18.36 29.35 -53.43
CA ILE D 2324 -18.98 30.33 -52.48
C ILE D 2324 -17.91 30.72 -51.46
N ASN D 2325 -17.73 32.03 -51.25
CA ASN D 2325 -16.92 32.60 -50.14
C ASN D 2325 -17.86 32.77 -48.93
N GLU D 2326 -17.33 32.65 -47.70
CA GLU D 2326 -18.13 32.67 -46.44
C GLU D 2326 -18.81 34.04 -46.26
N THR D 2327 -18.11 35.14 -46.56
CA THR D 2327 -18.59 36.54 -46.37
C THR D 2327 -19.69 36.88 -47.40
N ASP D 2328 -19.68 36.23 -48.57
CA ASP D 2328 -20.62 36.51 -49.70
C ASP D 2328 -22.05 36.21 -49.23
N ILE D 2329 -22.29 34.99 -48.74
CA ILE D 2329 -23.63 34.54 -48.24
C ILE D 2329 -23.80 35.10 -46.82
N GLY D 2330 -22.87 34.76 -45.93
CA GLY D 2330 -22.78 35.30 -44.55
C GLY D 2330 -23.50 34.44 -43.54
N TRP D 2331 -23.76 35.00 -42.35
CA TRP D 2331 -24.64 34.44 -41.28
C TRP D 2331 -25.80 35.40 -40.95
N MET D 2332 -25.72 36.67 -41.37
CA MET D 2332 -26.79 37.69 -41.19
C MET D 2332 -28.10 37.20 -41.80
N PRO D 2333 -28.13 36.62 -43.02
CA PRO D 2333 -29.38 36.18 -43.62
C PRO D 2333 -30.16 35.20 -42.73
N TYR D 2334 -29.45 34.31 -42.03
CA TYR D 2334 -30.05 33.33 -41.06
C TYR D 2334 -30.65 34.09 -39.87
N MET D 2335 -29.89 34.99 -39.27
CA MET D 2335 -30.29 35.85 -38.11
C MET D 2335 -31.56 36.65 -38.48
N ASN D 2336 -31.61 37.23 -39.68
CA ASN D 2336 -32.76 38.06 -40.14
C ASN D 2336 -33.97 37.14 -40.41
N SER D 2337 -33.75 35.99 -41.05
CA SER D 2337 -34.80 35.00 -41.43
C SER D 2337 -35.39 34.33 -40.18
N TRP D 2338 -34.56 34.14 -39.14
CA TRP D 2338 -34.98 33.58 -37.83
C TRP D 2338 -35.80 34.63 -37.06
N LEU D 2339 -35.44 35.92 -37.16
CA LEU D 2339 -36.14 37.04 -36.47
C LEU D 2339 -37.53 37.26 -37.07
N GLU D 2340 -37.61 37.30 -38.40
CA GLU D 2340 -38.87 37.49 -39.15
C GLU D 2340 -39.73 36.22 -39.09
N ARG D 2341 -39.13 35.07 -38.75
CA ARG D 2341 -39.79 33.72 -38.74
C ARG D 2341 -40.24 33.42 -40.18
N SER D 2342 -39.32 33.51 -41.13
CA SER D 2342 -39.60 33.37 -42.58
C SER D 2342 -39.29 31.94 -43.04
N GLN D 2343 -38.07 31.46 -42.80
CA GLN D 2343 -37.58 30.10 -43.17
C GLN D 2343 -38.36 29.06 -42.35
N ILE D 2344 -38.36 29.25 -41.03
CA ILE D 2344 -39.00 28.37 -40.00
C ILE D 2344 -40.46 28.12 -40.38
N ASN D 2345 -41.21 29.21 -40.61
CA ASN D 2345 -42.67 29.22 -40.91
C ASN D 2345 -42.95 28.34 -42.14
N ILE D 2346 -42.15 28.48 -43.20
CA ILE D 2346 -42.33 27.79 -44.51
C ILE D 2346 -42.10 26.28 -44.32
N LEU D 2347 -41.07 25.88 -43.57
CA LEU D 2347 -40.70 24.45 -43.38
C LEU D 2347 -41.79 23.72 -42.59
N LYS D 2348 -42.29 24.31 -41.51
CA LYS D 2348 -43.38 23.73 -40.67
C LYS D 2348 -44.64 23.46 -41.51
N GLN D 2349 -44.99 24.40 -42.38
CA GLN D 2349 -46.17 24.32 -43.30
C GLN D 2349 -45.95 23.24 -44.36
N GLN D 2350 -44.80 23.27 -45.04
CA GLN D 2350 -44.53 22.54 -46.32
C GLN D 2350 -43.50 21.42 -46.10
N LYS D 2351 -43.77 20.51 -45.15
CA LYS D 2351 -42.95 19.30 -44.90
C LYS D 2351 -43.78 18.21 -44.20
N GLU D 2352 -43.21 17.00 -44.12
CA GLU D 2352 -43.75 15.84 -43.35
C GLU D 2352 -43.45 16.03 -41.86
N MET D 2353 -42.40 16.82 -41.53
CA MET D 2353 -41.98 17.18 -40.15
C MET D 2353 -43.13 17.89 -39.42
N ALA D 2354 -44.04 17.11 -38.82
CA ALA D 2354 -45.18 17.58 -37.99
C ALA D 2354 -44.77 17.68 -36.52
N ASN D 2355 -43.59 17.14 -36.15
CA ASN D 2355 -43.03 17.17 -34.78
C ASN D 2355 -41.97 18.28 -34.69
N MET D 2356 -42.35 19.51 -35.04
CA MET D 2356 -41.51 20.73 -34.89
C MET D 2356 -41.95 21.47 -33.63
N PRO D 2357 -41.05 21.70 -32.64
CA PRO D 2357 -41.42 22.43 -31.43
C PRO D 2357 -41.75 23.89 -31.75
N GLU D 2358 -43.03 24.26 -31.61
CA GLU D 2358 -43.57 25.60 -31.95
C GLU D 2358 -42.66 26.69 -31.37
N TYR D 2359 -42.26 27.66 -32.21
CA TYR D 2359 -41.30 28.75 -31.86
C TYR D 2359 -42.07 29.90 -31.20
N PRO D 2360 -41.40 30.73 -30.38
CA PRO D 2360 -42.06 31.86 -29.72
C PRO D 2360 -42.28 33.03 -30.67
N VAL D 2361 -43.22 33.91 -30.31
CA VAL D 2361 -43.62 35.10 -31.13
C VAL D 2361 -42.63 36.22 -30.80
N ILE D 2362 -41.76 36.58 -31.77
CA ILE D 2362 -40.76 37.68 -31.63
C ILE D 2362 -41.52 39.01 -31.86
N ASP D 2363 -42.10 39.57 -30.79
CA ASP D 2363 -42.89 40.83 -30.81
C ASP D 2363 -42.04 41.97 -31.37
N ASP D 2364 -42.70 43.03 -31.86
CA ASP D 2364 -42.07 44.18 -32.58
C ASP D 2364 -40.90 44.75 -31.79
N VAL D 2365 -41.01 44.81 -30.46
CA VAL D 2365 -39.92 45.30 -29.54
C VAL D 2365 -38.84 44.22 -29.46
N ALA D 2366 -39.25 42.95 -29.26
CA ALA D 2366 -38.33 41.81 -29.01
C ALA D 2366 -37.42 41.57 -30.23
N LYS D 2367 -37.93 41.79 -31.44
CA LYS D 2367 -37.16 41.67 -32.70
C LYS D 2367 -36.08 42.75 -32.72
N SER D 2368 -36.50 44.02 -32.57
CA SER D 2368 -35.63 45.23 -32.59
C SER D 2368 -34.46 45.01 -31.65
N VAL D 2369 -34.74 44.53 -30.42
CA VAL D 2369 -33.78 44.42 -29.29
C VAL D 2369 -32.70 43.36 -29.59
N PHE D 2370 -33.02 42.33 -30.37
CA PHE D 2370 -32.04 41.28 -30.79
C PHE D 2370 -31.26 41.76 -32.01
N TYR D 2371 -31.94 42.33 -33.02
CA TYR D 2371 -31.29 42.91 -34.24
C TYR D 2371 -30.24 43.94 -33.81
N ARG D 2372 -30.62 44.82 -32.88
CA ARG D 2372 -29.78 45.89 -32.29
C ARG D 2372 -28.61 45.25 -31.53
N CYS D 2373 -28.80 44.06 -30.94
CA CYS D 2373 -27.82 43.37 -30.06
C CYS D 2373 -26.89 42.44 -30.86
N PHE D 2374 -27.46 41.48 -31.60
CA PHE D 2374 -26.73 40.53 -32.50
C PHE D 2374 -25.67 41.27 -33.30
N GLN D 2375 -26.08 42.38 -33.92
CA GLN D 2375 -25.23 43.26 -34.77
C GLN D 2375 -24.19 43.97 -33.91
N SER D 2376 -24.46 44.19 -32.61
CA SER D 2376 -23.60 45.00 -31.69
C SER D 2376 -22.61 44.13 -30.90
N TYR D 2377 -22.77 42.80 -30.88
CA TYR D 2377 -21.87 41.83 -30.18
C TYR D 2377 -21.27 40.81 -31.17
N PHE D 2378 -21.27 41.11 -32.48
CA PHE D 2378 -20.58 40.27 -33.51
C PHE D 2378 -19.87 41.17 -34.53
N GLU D 2379 -20.61 41.93 -35.36
CA GLU D 2379 -20.00 42.89 -36.32
C GLU D 2379 -19.00 43.79 -35.57
N GLN D 2380 -19.42 44.35 -34.45
CA GLN D 2380 -18.68 45.44 -33.74
C GLN D 2380 -17.53 44.85 -32.91
N ASN D 2381 -17.77 43.77 -32.15
CA ASN D 2381 -16.77 43.18 -31.22
C ASN D 2381 -15.69 42.43 -32.01
N ILE D 2382 -14.46 42.94 -31.97
CA ILE D 2382 -13.25 42.32 -32.60
C ILE D 2382 -12.66 41.31 -31.60
N ASP D 2383 -12.76 41.61 -30.30
CA ASP D 2383 -12.31 40.73 -29.17
C ASP D 2383 -12.98 39.35 -29.26
N VAL D 2384 -14.27 39.31 -29.59
CA VAL D 2384 -15.11 38.07 -29.61
C VAL D 2384 -14.56 37.09 -30.66
N HIS D 2385 -14.07 37.59 -31.80
CA HIS D 2385 -13.56 36.77 -32.94
C HIS D 2385 -12.04 36.64 -32.89
N ASP D 2386 -11.35 37.34 -31.97
CA ASP D 2386 -9.89 37.23 -31.74
C ASP D 2386 -9.59 35.83 -31.17
N LYS D 2387 -8.94 34.98 -31.97
CA LYS D 2387 -8.56 33.58 -31.65
C LYS D 2387 -7.83 33.51 -30.30
N ASN D 2388 -6.98 34.49 -29.97
CA ASN D 2388 -6.11 34.50 -28.76
C ASN D 2388 -6.96 34.75 -27.49
N ARG D 2389 -8.01 35.57 -27.59
CA ARG D 2389 -8.93 35.90 -26.48
C ARG D 2389 -9.90 34.74 -26.21
N VAL D 2390 -10.50 34.20 -27.29
CA VAL D 2390 -11.57 33.16 -27.26
C VAL D 2390 -10.98 31.85 -27.81
N ARG D 2391 -10.39 31.03 -26.93
CA ARG D 2391 -9.65 29.79 -27.28
C ARG D 2391 -10.65 28.62 -27.29
N HIS D 2392 -11.25 28.32 -28.45
CA HIS D 2392 -12.24 27.20 -28.62
C HIS D 2392 -11.53 25.84 -28.53
N ILE D 2393 -12.31 24.78 -28.31
CA ILE D 2393 -11.83 23.35 -28.37
C ILE D 2393 -11.84 22.91 -29.83
N CYS D 2394 -13.03 22.85 -30.43
CA CYS D 2394 -13.24 22.54 -31.87
C CYS D 2394 -13.25 23.84 -32.66
N PRO D 2395 -12.97 23.83 -33.99
CA PRO D 2395 -12.87 25.07 -34.76
C PRO D 2395 -14.22 25.63 -35.23
N MET D 2396 -15.08 26.03 -34.28
CA MET D 2396 -16.46 26.55 -34.50
C MET D 2396 -16.51 27.45 -35.74
N VAL D 2397 -17.46 27.18 -36.65
CA VAL D 2397 -17.81 28.08 -37.79
C VAL D 2397 -18.80 29.12 -37.25
N ASP D 2398 -18.76 30.35 -37.79
CA ASP D 2398 -19.47 31.54 -37.24
C ASP D 2398 -20.97 31.23 -37.14
N ILE D 2399 -21.55 30.66 -38.20
CA ILE D 2399 -23.00 30.29 -38.30
C ILE D 2399 -23.39 29.27 -37.23
N ALA D 2400 -22.51 28.32 -36.91
CA ALA D 2400 -22.72 27.28 -35.87
C ALA D 2400 -22.96 27.95 -34.52
N MET D 2401 -22.26 29.05 -34.22
CA MET D 2401 -22.40 29.83 -32.96
C MET D 2401 -23.71 30.61 -33.00
N ILE D 2402 -24.05 31.22 -34.14
CA ILE D 2402 -25.28 32.05 -34.32
C ILE D 2402 -26.52 31.16 -34.12
N GLN D 2403 -26.45 29.92 -34.61
CA GLN D 2403 -27.55 28.91 -34.50
C GLN D 2403 -27.82 28.58 -33.03
N THR D 2404 -26.76 28.38 -32.23
CA THR D 2404 -26.87 28.00 -30.78
C THR D 2404 -27.43 29.17 -29.98
N ILE D 2405 -27.04 30.42 -30.28
CA ILE D 2405 -27.63 31.65 -29.69
C ILE D 2405 -29.15 31.56 -29.91
N CYS D 2406 -29.54 31.38 -31.18
CA CYS D 2406 -30.95 31.42 -31.67
C CYS D 2406 -31.79 30.36 -30.96
N THR D 2407 -31.29 29.12 -30.84
CA THR D 2407 -32.03 27.98 -30.21
C THR D 2407 -32.22 28.24 -28.70
N ILE D 2408 -31.21 28.82 -28.04
CA ILE D 2408 -31.26 29.14 -26.59
C ILE D 2408 -32.23 30.31 -26.38
N LEU D 2409 -32.13 31.38 -27.19
CA LEU D 2409 -33.08 32.53 -27.19
C LEU D 2409 -34.52 32.01 -27.38
N ASP D 2410 -34.74 31.05 -28.29
CA ASP D 2410 -36.05 30.39 -28.51
C ASP D 2410 -36.56 29.80 -27.20
N ALA D 2411 -35.73 29.01 -26.53
CA ALA D 2411 -36.07 28.24 -25.31
C ALA D 2411 -36.25 29.17 -24.09
N LEU D 2412 -35.51 30.27 -24.02
CA LEU D 2412 -35.67 31.31 -22.96
C LEU D 2412 -37.01 32.05 -23.13
N LEU D 2413 -37.32 32.51 -24.34
CA LEU D 2413 -38.56 33.28 -24.62
C LEU D 2413 -39.78 32.44 -24.24
N ILE D 2414 -39.89 31.22 -24.77
CA ILE D 2414 -41.04 30.28 -24.56
C ILE D 2414 -41.28 30.08 -23.06
N GLN D 2415 -40.21 29.96 -22.27
CA GLN D 2415 -40.26 29.79 -20.78
C GLN D 2415 -40.76 31.07 -20.11
N HIS D 2416 -40.32 32.25 -20.57
CA HIS D 2416 -40.54 33.56 -19.89
C HIS D 2416 -41.35 34.54 -20.75
N LEU D 2417 -42.16 34.06 -21.71
CA LEU D 2417 -42.98 34.94 -22.62
C LEU D 2417 -44.13 35.62 -21.85
N PRO D 2418 -44.97 34.91 -21.06
CA PRO D 2418 -46.06 35.56 -20.35
C PRO D 2418 -45.62 36.49 -19.22
N LYS D 2419 -44.42 36.29 -18.67
CA LYS D 2419 -43.81 37.20 -17.66
C LYS D 2419 -43.29 38.47 -18.34
N LEU D 2420 -42.66 38.35 -19.51
CA LEU D 2420 -42.14 39.51 -20.30
C LEU D 2420 -43.29 40.47 -20.66
N LYS D 2421 -44.41 39.95 -21.18
CA LYS D 2421 -45.58 40.73 -21.67
C LYS D 2421 -46.32 41.44 -20.53
N GLN D 2422 -46.14 41.01 -19.28
CA GLN D 2422 -46.72 41.66 -18.06
C GLN D 2422 -45.80 42.79 -17.59
N MET D 2423 -44.50 42.70 -17.85
CA MET D 2423 -43.48 43.71 -17.46
C MET D 2423 -43.59 44.95 -18.36
N LYS D 2424 -42.96 46.06 -17.93
CA LYS D 2424 -42.97 47.39 -18.61
C LYS D 2424 -41.77 47.51 -19.57
N GLU D 2425 -41.76 48.56 -20.38
CA GLU D 2425 -40.84 48.76 -21.55
C GLU D 2425 -39.37 48.62 -21.12
N GLU D 2426 -38.98 49.23 -19.99
CA GLU D 2426 -37.56 49.36 -19.53
C GLU D 2426 -37.05 48.02 -19.00
N ASP D 2427 -37.81 47.37 -18.11
CA ASP D 2427 -37.43 46.08 -17.45
C ASP D 2427 -37.64 44.90 -18.43
N GLU D 2428 -38.54 45.01 -19.42
CA GLU D 2428 -38.71 44.01 -20.51
C GLU D 2428 -37.47 44.05 -21.42
N LYS D 2429 -37.00 45.25 -21.80
CA LYS D 2429 -35.84 45.46 -22.70
C LYS D 2429 -34.57 44.89 -22.05
N GLN D 2430 -34.36 45.20 -20.76
CA GLN D 2430 -33.14 44.84 -19.98
C GLN D 2430 -33.07 43.32 -19.79
N ALA D 2431 -34.21 42.64 -19.73
CA ALA D 2431 -34.30 41.17 -19.71
C ALA D 2431 -33.90 40.60 -21.07
N LEU D 2432 -34.60 41.01 -22.15
CA LEU D 2432 -34.36 40.58 -23.55
C LEU D 2432 -32.89 40.80 -23.93
N GLU D 2433 -32.25 41.84 -23.38
CA GLU D 2433 -30.80 42.12 -23.50
C GLU D 2433 -29.99 41.07 -22.74
N ALA D 2434 -30.34 40.84 -21.48
CA ALA D 2434 -29.71 39.84 -20.58
C ALA D 2434 -29.88 38.44 -21.17
N PHE D 2435 -31.08 38.12 -21.64
CA PHE D 2435 -31.43 36.84 -22.32
C PHE D 2435 -30.48 36.59 -23.49
N PHE D 2436 -30.09 37.63 -24.23
CA PHE D 2436 -29.09 37.54 -25.31
C PHE D 2436 -27.73 37.22 -24.68
N ILE D 2437 -27.25 38.11 -23.78
CA ILE D 2437 -25.89 38.00 -23.15
C ILE D 2437 -25.70 36.57 -22.65
N PHE D 2438 -26.72 35.98 -22.02
CA PHE D 2438 -26.70 34.58 -21.51
C PHE D 2438 -26.69 33.58 -22.67
N ALA D 2439 -27.52 33.81 -23.69
CA ALA D 2439 -27.61 32.95 -24.89
C ALA D 2439 -26.25 32.95 -25.60
N GLY D 2440 -25.67 34.14 -25.80
CA GLY D 2440 -24.33 34.33 -26.37
C GLY D 2440 -23.25 33.68 -25.51
N LEU D 2441 -23.32 33.88 -24.19
CA LEU D 2441 -22.33 33.40 -23.18
C LEU D 2441 -22.05 31.92 -23.43
N TRP D 2442 -23.09 31.14 -23.66
CA TRP D 2442 -23.00 29.67 -23.88
C TRP D 2442 -22.64 29.35 -25.34
N ALA D 2443 -23.23 30.07 -26.29
CA ALA D 2443 -23.01 29.92 -27.74
C ALA D 2443 -21.51 30.02 -28.05
N ILE D 2444 -20.83 30.99 -27.45
CA ILE D 2444 -19.39 31.31 -27.70
C ILE D 2444 -18.55 30.70 -26.59
N GLY D 2445 -18.81 31.06 -25.33
CA GLY D 2445 -18.02 30.68 -24.14
C GLY D 2445 -18.10 29.20 -23.83
N GLY D 2446 -19.23 28.55 -24.16
CA GLY D 2446 -19.43 27.10 -23.99
C GLY D 2446 -18.32 26.29 -24.65
N PRO D 2447 -18.16 26.37 -26.00
CA PRO D 2447 -17.07 25.68 -26.68
C PRO D 2447 -15.66 26.18 -26.34
N VAL D 2448 -15.50 27.31 -25.62
CA VAL D 2448 -14.20 27.76 -25.05
C VAL D 2448 -13.74 26.72 -24.03
N GLY D 2449 -12.46 26.36 -24.09
CA GLY D 2449 -11.85 25.27 -23.30
C GLY D 2449 -10.68 24.67 -24.05
N GLY D 2450 -10.23 23.48 -23.64
CA GLY D 2450 -9.06 22.80 -24.21
C GLY D 2450 -7.76 23.50 -23.83
N GLY D 2451 -6.69 23.29 -24.59
CA GLY D 2451 -5.34 23.75 -24.26
C GLY D 2451 -4.77 23.02 -23.05
N GLN D 2452 -3.79 23.61 -22.36
CA GLN D 2452 -3.16 23.03 -21.15
C GLN D 2452 -3.96 23.44 -19.91
N ASP D 2453 -4.11 24.75 -19.69
CA ASP D 2453 -4.92 25.35 -18.59
C ASP D 2453 -6.28 25.78 -19.14
N ASP D 2454 -7.28 24.93 -19.00
CA ASP D 2454 -8.71 25.24 -19.32
C ASP D 2454 -9.15 26.43 -18.47
N SER D 2455 -8.67 26.48 -17.22
CA SER D 2455 -9.01 27.53 -16.21
C SER D 2455 -8.63 28.93 -16.71
N LYS D 2456 -7.52 29.06 -17.44
CA LYS D 2456 -7.01 30.37 -17.96
C LYS D 2456 -7.76 30.76 -19.24
N ASP D 2457 -8.03 29.80 -20.14
CA ASP D 2457 -8.81 30.02 -21.40
C ASP D 2457 -10.25 30.39 -21.04
N MET D 2458 -10.72 29.99 -19.85
CA MET D 2458 -12.00 30.46 -19.26
C MET D 2458 -11.84 31.90 -18.74
N LYS D 2459 -10.78 32.18 -17.97
CA LYS D 2459 -10.52 33.53 -17.36
C LYS D 2459 -10.10 34.54 -18.43
N GLU D 2460 -9.65 34.09 -19.62
CA GLU D 2460 -9.37 34.97 -20.81
C GLU D 2460 -10.69 35.37 -21.46
N PHE D 2461 -11.60 34.42 -21.69
CA PHE D 2461 -12.98 34.68 -22.17
C PHE D 2461 -13.76 35.47 -21.12
N ASN D 2462 -13.65 35.10 -19.84
CA ASN D 2462 -14.46 35.71 -18.75
C ASN D 2462 -14.33 37.23 -18.78
N THR D 2463 -13.20 37.77 -19.25
CA THR D 2463 -12.92 39.22 -19.27
C THR D 2463 -13.44 39.88 -20.56
N VAL D 2464 -13.53 39.16 -21.70
CA VAL D 2464 -14.04 39.75 -22.97
C VAL D 2464 -15.56 39.85 -22.91
N TRP D 2465 -16.25 38.82 -22.41
CA TRP D 2465 -17.74 38.80 -22.30
C TRP D 2465 -18.18 39.53 -21.03
N LYS D 2466 -17.23 40.02 -20.23
CA LYS D 2466 -17.42 41.11 -19.23
C LYS D 2466 -17.01 42.44 -19.90
N GLY D 2467 -17.07 42.46 -21.23
CA GLY D 2467 -17.48 43.61 -22.06
C GLY D 2467 -18.89 43.36 -22.60
N ALA D 2468 -19.92 43.62 -21.77
CA ALA D 2468 -21.35 43.28 -22.01
C ALA D 2468 -22.24 44.50 -21.72
N ALA D 2469 -22.06 45.54 -22.54
CA ALA D 2469 -22.94 46.74 -22.72
C ALA D 2469 -23.75 47.06 -21.45
N LYS D 2470 -25.08 47.04 -21.53
CA LYS D 2470 -25.98 47.68 -20.53
C LYS D 2470 -26.08 46.81 -19.28
N VAL D 2471 -26.13 45.48 -19.43
CA VAL D 2471 -26.48 44.53 -18.31
C VAL D 2471 -25.19 43.94 -17.71
N LYS D 2472 -24.52 44.71 -16.82
CA LYS D 2472 -23.21 44.37 -16.19
C LYS D 2472 -23.34 43.09 -15.35
N PHE D 2473 -22.25 42.35 -15.20
CA PHE D 2473 -22.22 41.12 -14.37
C PHE D 2473 -22.01 41.54 -12.93
N PRO D 2474 -22.30 40.65 -11.94
CA PRO D 2474 -21.74 40.79 -10.60
C PRO D 2474 -20.28 40.36 -10.67
N GLU D 2475 -19.40 41.00 -9.88
CA GLU D 2475 -17.97 40.61 -9.76
C GLU D 2475 -17.86 39.40 -8.83
N GLN D 2476 -16.65 38.86 -8.65
CA GLN D 2476 -16.39 37.64 -7.84
C GLN D 2476 -17.17 36.47 -8.45
N GLY D 2477 -16.92 36.19 -9.73
CA GLY D 2477 -17.47 35.02 -10.42
C GLY D 2477 -17.27 35.11 -11.91
N LEU D 2478 -17.14 33.96 -12.57
CA LEU D 2478 -17.08 33.89 -14.06
C LEU D 2478 -18.49 34.18 -14.60
N CYS D 2479 -18.61 34.52 -15.88
CA CYS D 2479 -19.88 34.80 -16.57
C CYS D 2479 -20.77 33.55 -16.61
N TYR D 2480 -20.17 32.35 -16.57
CA TYR D 2480 -20.83 31.02 -16.65
C TYR D 2480 -21.75 30.80 -15.45
N ASP D 2481 -21.23 31.10 -14.26
CA ASP D 2481 -21.89 30.83 -12.95
C ASP D 2481 -23.08 31.76 -12.73
N TYR D 2482 -23.61 32.43 -13.74
CA TYR D 2482 -24.75 33.39 -13.59
C TYR D 2482 -25.79 33.18 -14.69
N TYR D 2483 -27.04 32.90 -14.30
CA TYR D 2483 -28.26 32.92 -15.16
C TYR D 2483 -29.10 34.14 -14.78
N TYR D 2484 -29.83 34.73 -15.73
CA TYR D 2484 -30.66 35.93 -15.49
C TYR D 2484 -32.05 35.49 -15.04
N ASP D 2485 -32.37 35.71 -13.75
CA ASP D 2485 -33.68 35.44 -13.12
C ASP D 2485 -34.63 36.61 -13.47
N ILE D 2486 -35.83 36.34 -14.00
CA ILE D 2486 -36.78 37.40 -14.46
C ILE D 2486 -37.39 38.09 -13.23
N ASN D 2487 -37.59 37.37 -12.12
CA ASN D 2487 -38.42 37.84 -10.97
C ASN D 2487 -37.61 38.71 -10.01
N GLU D 2488 -36.28 38.50 -9.93
CA GLU D 2488 -35.32 39.33 -9.15
C GLU D 2488 -34.60 40.33 -10.09
N ASN D 2489 -34.27 39.90 -11.32
CA ASN D 2489 -33.61 40.69 -12.39
C ASN D 2489 -32.18 41.02 -11.93
N LYS D 2490 -31.43 40.02 -11.45
CA LYS D 2490 -30.17 40.25 -10.69
C LYS D 2490 -28.94 39.66 -11.39
N TRP D 2491 -29.05 38.45 -11.95
CA TRP D 2491 -27.95 37.47 -12.14
C TRP D 2491 -27.71 36.73 -10.83
N ASN D 2492 -28.63 35.85 -10.43
CA ASN D 2492 -28.40 34.85 -9.35
C ASN D 2492 -27.37 33.87 -9.88
N THR D 2493 -26.68 33.17 -8.98
CA THR D 2493 -25.66 32.14 -9.30
C THR D 2493 -26.32 30.77 -9.26
N TRP D 2494 -25.98 29.89 -10.21
CA TRP D 2494 -26.51 28.51 -10.30
C TRP D 2494 -26.47 27.87 -8.91
N LYS D 2495 -27.60 27.27 -8.49
CA LYS D 2495 -27.80 26.63 -7.16
C LYS D 2495 -27.70 25.11 -7.34
N VAL D 2496 -26.92 24.45 -6.48
CA VAL D 2496 -26.50 23.03 -6.67
C VAL D 2496 -27.10 22.16 -5.57
N GLU D 2497 -27.84 21.11 -5.94
CA GLU D 2497 -28.58 20.22 -5.01
C GLU D 2497 -27.58 19.30 -4.29
N ASP D 2498 -27.44 19.47 -2.97
CA ASP D 2498 -26.44 18.78 -2.11
C ASP D 2498 -26.70 17.27 -2.16
N TYR D 2499 -25.66 16.49 -2.51
CA TYR D 2499 -25.70 15.01 -2.67
C TYR D 2499 -26.36 14.36 -1.45
N LEU D 2500 -27.42 13.59 -1.70
CA LEU D 2500 -28.08 12.68 -0.71
C LEU D 2500 -27.52 11.28 -0.95
N PRO D 2501 -27.00 10.58 0.09
CA PRO D 2501 -26.42 9.25 -0.10
C PRO D 2501 -27.47 8.18 -0.45
N ASN D 2502 -27.38 7.63 -1.67
CA ASN D 2502 -28.15 6.44 -2.16
C ASN D 2502 -27.33 5.19 -1.85
N ASP D 2503 -27.89 4.00 -2.11
CA ASP D 2503 -27.23 2.68 -1.89
C ASP D 2503 -26.97 2.02 -3.24
N GLN D 2504 -26.35 2.75 -4.18
CA GLN D 2504 -25.92 2.23 -5.51
C GLN D 2504 -24.61 1.47 -5.32
N PRO D 2505 -24.56 0.14 -5.52
CA PRO D 2505 -23.30 -0.62 -5.38
C PRO D 2505 -22.28 -0.29 -6.48
N LEU D 2506 -22.73 -0.16 -7.73
CA LEU D 2506 -21.92 0.38 -8.86
C LEU D 2506 -21.65 1.87 -8.57
N PHE D 2507 -20.39 2.28 -8.52
CA PHE D 2507 -19.97 3.69 -8.26
C PHE D 2507 -20.33 4.57 -9.47
N SER D 2508 -20.43 3.99 -10.67
CA SER D 2508 -20.79 4.69 -11.95
C SER D 2508 -22.20 5.30 -11.88
N LYS D 2509 -23.09 4.75 -11.05
CA LYS D 2509 -24.47 5.25 -10.83
C LYS D 2509 -24.48 6.49 -9.92
N ILE D 2510 -23.49 6.61 -9.02
CA ILE D 2510 -23.36 7.78 -8.10
C ILE D 2510 -23.08 9.02 -8.96
N TYR D 2511 -23.78 10.12 -8.68
CA TYR D 2511 -23.76 11.40 -9.44
C TYR D 2511 -23.96 12.55 -8.45
N VAL D 2512 -22.85 13.22 -8.10
CA VAL D 2512 -22.85 14.43 -7.22
C VAL D 2512 -22.96 15.66 -8.12
N ALA D 2513 -24.04 16.43 -7.99
CA ALA D 2513 -24.26 17.71 -8.70
C ALA D 2513 -23.19 18.72 -8.29
N THR D 2514 -22.57 19.38 -9.27
CA THR D 2514 -21.59 20.48 -9.13
C THR D 2514 -22.19 21.72 -9.78
N ILE D 2515 -21.46 22.84 -9.80
CA ILE D 2515 -21.93 24.08 -10.49
C ILE D 2515 -21.96 23.80 -11.99
N HIS D 2516 -20.91 23.16 -12.51
CA HIS D 2516 -20.76 22.89 -13.96
C HIS D 2516 -21.82 21.89 -14.44
N THR D 2517 -22.21 20.92 -13.61
CA THR D 2517 -23.12 19.81 -14.03
C THR D 2517 -24.59 20.28 -14.06
N THR D 2518 -24.99 21.27 -13.26
CA THR D 2518 -26.35 21.86 -13.29
C THR D 2518 -26.48 22.79 -14.51
N ARG D 2519 -25.47 23.63 -14.77
CA ARG D 2519 -25.53 24.64 -15.87
C ARG D 2519 -25.31 23.94 -17.22
N LEU D 2520 -25.03 22.64 -17.23
CA LEU D 2520 -25.09 21.79 -18.46
C LEU D 2520 -26.46 21.11 -18.51
N ARG D 2521 -26.93 20.56 -17.38
CA ARG D 2521 -28.26 19.92 -17.28
C ARG D 2521 -29.32 20.86 -17.87
N TYR D 2522 -29.22 22.16 -17.58
CA TYR D 2522 -30.11 23.21 -18.14
C TYR D 2522 -29.93 23.22 -19.66
N MET D 2523 -28.68 23.33 -20.12
CA MET D 2523 -28.33 23.46 -21.56
C MET D 2523 -28.73 22.21 -22.34
N ILE D 2524 -28.84 21.04 -21.69
CA ILE D 2524 -29.34 19.80 -22.37
C ILE D 2524 -30.87 19.89 -22.48
N ASP D 2525 -31.55 20.28 -21.39
CA ASP D 2525 -33.03 20.53 -21.40
C ASP D 2525 -33.35 21.62 -22.42
N ILE D 2526 -32.45 22.60 -22.63
CA ILE D 2526 -32.67 23.73 -23.58
C ILE D 2526 -32.50 23.21 -25.02
N HIS D 2527 -31.75 22.14 -25.23
CA HIS D 2527 -31.52 21.53 -26.56
C HIS D 2527 -32.39 20.28 -26.78
N LEU D 2528 -33.16 19.85 -25.79
CA LEU D 2528 -34.17 18.77 -25.95
C LEU D 2528 -35.56 19.39 -26.12
N GLN D 2529 -35.83 20.53 -25.49
CA GLN D 2529 -37.08 21.30 -25.68
C GLN D 2529 -37.16 21.70 -27.15
N ARG D 2530 -36.04 22.12 -27.72
CA ARG D 2530 -35.82 22.26 -29.19
C ARG D 2530 -35.30 20.91 -29.72
N ARG D 2531 -35.30 20.70 -31.03
CA ARG D 2531 -34.74 19.48 -31.67
C ARG D 2531 -33.29 19.77 -32.10
N LYS D 2532 -32.49 20.41 -31.24
CA LYS D 2532 -31.09 20.84 -31.56
C LYS D 2532 -30.13 19.82 -30.97
N PRO D 2533 -29.41 19.00 -31.78
CA PRO D 2533 -28.47 18.02 -31.24
C PRO D 2533 -27.27 18.67 -30.54
N ILE D 2534 -26.82 18.10 -29.41
CA ILE D 2534 -25.71 18.62 -28.56
C ILE D 2534 -24.50 17.71 -28.70
N LEU D 2535 -23.31 18.28 -28.50
CA LEU D 2535 -22.00 17.60 -28.50
C LEU D 2535 -21.16 18.15 -27.34
N PHE D 2536 -20.70 17.28 -26.44
CA PHE D 2536 -19.78 17.62 -25.32
C PHE D 2536 -18.36 17.23 -25.69
N ILE D 2537 -17.38 18.13 -25.55
CA ILE D 2537 -15.97 17.89 -25.93
C ILE D 2537 -15.05 18.19 -24.76
N GLY D 2538 -14.35 17.18 -24.23
CA GLY D 2538 -13.50 17.29 -23.04
C GLY D 2538 -12.58 16.09 -22.88
N SER D 2539 -11.49 16.25 -22.12
CA SER D 2539 -10.41 15.25 -21.92
C SER D 2539 -11.00 13.88 -21.53
N ALA D 2540 -10.25 12.81 -21.80
CA ALA D 2540 -10.72 11.40 -21.84
C ALA D 2540 -11.55 11.05 -20.60
N GLY D 2541 -11.19 11.57 -19.42
CA GLY D 2541 -11.78 11.20 -18.12
C GLY D 2541 -12.41 12.37 -17.38
N THR D 2542 -13.08 13.29 -18.09
CA THR D 2542 -13.64 14.55 -17.52
C THR D 2542 -15.03 14.36 -16.92
N GLY D 2543 -15.74 13.28 -17.28
CA GLY D 2543 -17.11 13.02 -16.80
C GLY D 2543 -18.16 13.69 -17.66
N LYS D 2544 -18.11 13.44 -18.98
CA LYS D 2544 -19.12 13.90 -19.96
C LYS D 2544 -20.25 12.87 -20.03
N THR D 2545 -19.89 11.59 -20.21
CA THR D 2545 -20.83 10.44 -20.29
C THR D 2545 -21.76 10.46 -19.08
N ALA D 2546 -21.21 10.68 -17.88
CA ALA D 2546 -21.95 10.70 -16.59
C ALA D 2546 -23.00 11.80 -16.59
N VAL D 2547 -22.67 12.98 -17.13
CA VAL D 2547 -23.55 14.18 -17.14
C VAL D 2547 -24.78 13.87 -17.99
N VAL D 2548 -24.57 13.23 -19.14
CA VAL D 2548 -25.67 12.85 -20.09
C VAL D 2548 -26.37 11.60 -19.54
N ARG D 2549 -25.60 10.62 -19.06
CA ARG D 2549 -26.15 9.32 -18.57
C ARG D 2549 -26.99 9.56 -17.29
N ASP D 2550 -26.77 10.68 -16.60
CA ASP D 2550 -27.69 11.14 -15.52
C ASP D 2550 -28.97 11.70 -16.15
N TYR D 2551 -28.85 12.58 -17.14
CA TYR D 2551 -30.01 13.28 -17.75
C TYR D 2551 -30.98 12.28 -18.37
N LEU D 2552 -30.48 11.38 -19.23
CA LEU D 2552 -31.29 10.36 -19.94
C LEU D 2552 -32.03 9.48 -18.92
N ASN D 2553 -31.39 9.15 -17.80
CA ASN D 2553 -31.96 8.34 -16.70
C ASN D 2553 -33.11 9.11 -16.04
N SER D 2554 -33.01 10.43 -15.94
CA SER D 2554 -33.98 11.34 -15.26
C SER D 2554 -35.08 11.83 -16.21
N THR D 2555 -35.06 11.44 -17.50
CA THR D 2555 -36.13 11.78 -18.48
C THR D 2555 -37.40 11.00 -18.15
N ARG D 2556 -38.53 11.48 -18.66
CA ARG D 2556 -39.85 10.79 -18.54
C ARG D 2556 -39.91 9.71 -19.60
N PRO D 2557 -40.39 8.49 -19.29
CA PRO D 2557 -40.39 7.39 -20.26
C PRO D 2557 -41.45 7.45 -21.37
N GLU D 2558 -42.38 8.42 -21.30
CA GLU D 2558 -43.46 8.65 -22.32
C GLU D 2558 -43.06 9.76 -23.29
N GLN D 2559 -42.24 10.73 -22.85
CA GLN D 2559 -41.74 11.87 -23.67
C GLN D 2559 -40.50 11.43 -24.46
N VAL D 2560 -39.53 10.80 -23.80
CA VAL D 2560 -38.18 10.50 -24.36
C VAL D 2560 -37.93 8.98 -24.33
N SER D 2561 -37.26 8.47 -25.36
CA SER D 2561 -36.76 7.06 -25.47
C SER D 2561 -35.26 7.10 -25.82
N HIS D 2562 -34.41 6.64 -24.89
CA HIS D 2562 -32.94 6.86 -24.90
C HIS D 2562 -32.22 5.54 -25.18
N LYS D 2563 -31.26 5.54 -26.10
CA LYS D 2563 -30.40 4.36 -26.42
C LYS D 2563 -29.01 4.84 -26.85
N THR D 2564 -27.96 4.31 -26.21
CA THR D 2564 -26.55 4.71 -26.41
C THR D 2564 -25.95 3.87 -27.55
N ILE D 2565 -25.14 4.50 -28.42
CA ILE D 2565 -24.34 3.85 -29.49
C ILE D 2565 -22.87 4.20 -29.22
N ASN D 2566 -22.12 3.27 -28.61
CA ASN D 2566 -20.70 3.47 -28.23
C ASN D 2566 -19.82 3.06 -29.41
N PHE D 2567 -19.27 4.03 -30.14
CA PHE D 2567 -18.44 3.82 -31.36
C PHE D 2567 -17.11 3.16 -30.98
N SER D 2568 -16.62 2.28 -31.86
CA SER D 2568 -15.61 1.24 -31.57
C SER D 2568 -14.41 1.32 -32.52
N SER D 2569 -14.35 2.35 -33.38
CA SER D 2569 -13.47 2.46 -34.58
C SER D 2569 -14.08 1.70 -35.78
N PHE D 2570 -14.47 0.44 -35.57
CA PHE D 2570 -15.02 -0.46 -36.62
C PHE D 2570 -16.52 -0.24 -36.84
N THR D 2571 -17.18 0.63 -36.08
CA THR D 2571 -18.61 1.01 -36.28
C THR D 2571 -18.75 1.65 -37.66
N ASP D 2572 -18.97 0.84 -38.69
CA ASP D 2572 -19.15 1.27 -40.11
C ASP D 2572 -20.56 1.86 -40.28
N SER D 2573 -20.84 2.43 -41.45
CA SER D 2573 -22.13 3.07 -41.82
C SER D 2573 -23.27 2.04 -41.84
N LEU D 2574 -22.97 0.75 -42.04
CA LEU D 2574 -23.95 -0.37 -41.95
C LEU D 2574 -24.38 -0.55 -40.49
N ALA D 2575 -23.40 -0.66 -39.57
CA ALA D 2575 -23.60 -0.99 -38.14
C ALA D 2575 -24.43 0.09 -37.45
N LEU D 2576 -24.19 1.38 -37.76
CA LEU D 2576 -24.99 2.51 -37.22
C LEU D 2576 -26.44 2.40 -37.69
N GLN D 2577 -26.64 2.06 -38.96
CA GLN D 2577 -27.99 2.01 -39.58
C GLN D 2577 -28.82 0.90 -38.92
N LYS D 2578 -28.18 -0.23 -38.58
CA LYS D 2578 -28.83 -1.36 -37.85
C LYS D 2578 -29.27 -0.89 -36.46
N ASN D 2579 -28.42 -0.13 -35.76
CA ASN D 2579 -28.71 0.44 -34.42
C ASN D 2579 -29.88 1.43 -34.52
N ILE D 2580 -29.88 2.30 -35.52
CA ILE D 2580 -30.94 3.34 -35.72
C ILE D 2580 -32.24 2.66 -36.16
N GLU D 2581 -32.16 1.65 -37.03
CA GLU D 2581 -33.35 0.90 -37.54
C GLU D 2581 -34.02 0.11 -36.41
N SER D 2582 -33.22 -0.39 -35.45
CA SER D 2582 -33.72 -1.13 -34.26
C SER D 2582 -34.48 -0.18 -33.33
N MET D 2583 -33.97 1.05 -33.16
CA MET D 2583 -34.56 2.11 -32.31
C MET D 2583 -35.91 2.57 -32.87
N VAL D 2584 -35.97 2.85 -34.18
CA VAL D 2584 -37.10 3.57 -34.83
C VAL D 2584 -38.14 2.57 -35.36
N GLU D 2585 -39.42 2.92 -35.21
CA GLU D 2585 -40.60 2.11 -35.60
C GLU D 2585 -41.00 2.51 -37.03
N LYS D 2586 -42.12 2.00 -37.55
CA LYS D 2586 -42.61 2.29 -38.93
C LYS D 2586 -43.93 3.05 -38.84
N LYS D 2587 -43.89 4.38 -39.08
CA LYS D 2587 -45.07 5.26 -39.28
C LYS D 2587 -45.75 4.90 -40.61
N ASN D 2588 -46.75 5.67 -41.05
CA ASN D 2588 -47.44 5.45 -42.35
C ASN D 2588 -46.55 5.92 -43.52
N GLY D 2589 -46.61 5.18 -44.64
CA GLY D 2589 -45.81 5.41 -45.87
C GLY D 2589 -44.39 4.89 -45.71
N ARG D 2590 -43.42 5.62 -46.28
CA ARG D 2590 -41.96 5.34 -46.18
C ARG D 2590 -41.35 6.03 -44.96
N ASN D 2591 -42.14 6.72 -44.12
CA ASN D 2591 -41.65 7.49 -42.95
C ASN D 2591 -41.37 6.51 -41.80
N TYR D 2592 -40.35 6.81 -41.00
CA TYR D 2592 -39.91 6.02 -39.82
C TYR D 2592 -39.59 6.98 -38.67
N GLY D 2593 -40.47 7.05 -37.67
CA GLY D 2593 -40.23 7.73 -36.39
C GLY D 2593 -40.70 6.87 -35.24
N SER D 2594 -40.94 7.47 -34.08
CA SER D 2594 -41.72 6.86 -32.97
C SER D 2594 -43.18 7.20 -33.20
N ALA D 2595 -44.07 6.19 -33.19
CA ALA D 2595 -45.54 6.38 -33.08
C ALA D 2595 -45.85 6.96 -31.70
N THR D 2596 -46.72 7.98 -31.64
CA THR D 2596 -47.05 8.85 -30.46
C THR D 2596 -45.99 9.96 -30.29
N ASN D 2597 -45.30 10.33 -31.37
CA ASN D 2597 -44.43 11.54 -31.48
C ASN D 2597 -43.53 11.67 -30.25
N LYS D 2598 -42.87 10.59 -29.83
CA LYS D 2598 -41.79 10.62 -28.81
C LYS D 2598 -40.52 11.19 -29.44
N VAL D 2599 -39.54 11.56 -28.62
CA VAL D 2599 -38.20 12.06 -29.07
C VAL D 2599 -37.20 10.91 -28.86
N LEU D 2600 -36.70 10.33 -29.95
CA LEU D 2600 -35.82 9.13 -29.96
C LEU D 2600 -34.36 9.58 -29.90
N ILE D 2601 -33.79 9.68 -28.70
CA ILE D 2601 -32.36 10.08 -28.48
C ILE D 2601 -31.47 8.91 -28.88
N CYS D 2602 -30.56 9.14 -29.83
CA CYS D 2602 -29.47 8.20 -30.22
C CYS D 2602 -28.15 8.82 -29.76
N PHE D 2603 -27.81 8.63 -28.48
CA PHE D 2603 -26.60 9.17 -27.80
C PHE D 2603 -25.35 8.47 -28.36
N ILE D 2604 -24.60 9.14 -29.24
CA ILE D 2604 -23.25 8.69 -29.68
C ILE D 2604 -22.26 9.05 -28.56
N ASP D 2605 -21.49 8.07 -28.08
CA ASP D 2605 -20.28 8.28 -27.24
C ASP D 2605 -19.05 7.89 -28.05
N ASP D 2606 -17.95 8.63 -27.89
CA ASP D 2606 -16.67 8.42 -28.62
C ASP D 2606 -16.92 8.71 -30.11
N PHE D 2607 -17.47 9.89 -30.41
CA PHE D 2607 -17.83 10.39 -31.76
C PHE D 2607 -16.61 10.37 -32.68
N ASN D 2608 -15.43 10.69 -32.15
CA ASN D 2608 -14.16 10.81 -32.92
C ASN D 2608 -13.66 9.45 -33.40
N MET D 2609 -13.97 8.37 -32.67
CA MET D 2609 -13.29 7.05 -32.77
C MET D 2609 -13.40 6.42 -34.16
N PRO D 2610 -14.56 6.48 -34.86
CA PRO D 2610 -14.70 5.85 -36.17
C PRO D 2610 -13.45 5.91 -37.06
N TYR D 2611 -13.15 4.77 -37.71
CA TYR D 2611 -11.91 4.55 -38.50
C TYR D 2611 -11.78 5.64 -39.57
N VAL D 2612 -10.75 6.47 -39.44
CA VAL D 2612 -10.38 7.52 -40.43
C VAL D 2612 -9.70 6.81 -41.60
N ASP D 2613 -10.38 6.73 -42.76
CA ASP D 2613 -9.83 6.10 -44.00
C ASP D 2613 -8.63 6.92 -44.48
N LYS D 2614 -7.88 6.38 -45.45
CA LYS D 2614 -6.64 6.98 -46.03
C LYS D 2614 -6.87 8.47 -46.32
N TYR D 2615 -8.04 8.84 -46.84
CA TYR D 2615 -8.36 10.19 -47.37
C TYR D 2615 -8.62 11.18 -46.23
N GLY D 2616 -9.43 10.78 -45.24
CA GLY D 2616 -9.77 11.61 -44.06
C GLY D 2616 -11.27 11.87 -43.96
N THR D 2617 -12.07 10.80 -44.00
CA THR D 2617 -13.56 10.85 -44.04
C THR D 2617 -14.12 9.57 -43.40
N GLN D 2618 -14.78 9.71 -42.24
CA GLN D 2618 -15.31 8.60 -41.40
C GLN D 2618 -16.73 8.29 -41.88
N SER D 2619 -16.96 7.09 -42.42
CA SER D 2619 -18.22 6.65 -43.09
C SER D 2619 -19.45 6.85 -42.17
N PRO D 2620 -19.45 6.37 -40.91
CA PRO D 2620 -20.62 6.52 -40.03
C PRO D 2620 -21.03 7.98 -39.79
N ILE D 2621 -20.02 8.85 -39.67
CA ILE D 2621 -20.17 10.32 -39.45
C ILE D 2621 -20.84 10.93 -40.70
N GLN D 2622 -20.38 10.56 -41.90
CA GLN D 2622 -20.96 11.04 -43.19
C GLN D 2622 -22.42 10.56 -43.30
N LEU D 2623 -22.75 9.39 -42.75
CA LEU D 2623 -24.16 8.89 -42.71
C LEU D 2623 -25.00 9.87 -41.89
N LEU D 2624 -24.58 10.19 -40.66
CA LEU D 2624 -25.31 11.13 -39.78
C LEU D 2624 -25.58 12.44 -40.52
N ARG D 2625 -24.62 12.92 -41.31
CA ARG D 2625 -24.76 14.20 -42.07
C ARG D 2625 -25.71 14.01 -43.26
N LEU D 2626 -26.13 12.77 -43.56
CA LEU D 2626 -27.24 12.46 -44.50
C LEU D 2626 -28.56 12.39 -43.74
N ILE D 2627 -28.54 12.07 -42.43
CA ILE D 2627 -29.74 11.92 -41.56
C ILE D 2627 -30.18 13.28 -41.02
N LEU D 2628 -29.24 14.14 -40.61
CA LEU D 2628 -29.52 15.49 -40.07
C LEU D 2628 -30.08 16.40 -41.18
N ASP D 2629 -29.46 16.38 -42.36
CA ASP D 2629 -29.72 17.37 -43.44
C ASP D 2629 -31.03 17.02 -44.15
N TYR D 2630 -31.04 15.91 -44.90
CA TYR D 2630 -32.17 15.49 -45.78
C TYR D 2630 -33.08 14.49 -45.05
N GLY D 2631 -32.54 13.74 -44.08
CA GLY D 2631 -33.30 12.79 -43.26
C GLY D 2631 -33.80 11.63 -44.11
N SER D 2632 -32.88 10.84 -44.67
CA SER D 2632 -33.17 9.81 -45.69
C SER D 2632 -32.01 8.81 -45.78
N ILE D 2633 -32.07 7.74 -44.98
CA ILE D 2633 -31.06 6.63 -44.98
C ILE D 2633 -31.48 5.60 -46.04
N PHE D 2634 -30.67 5.44 -47.10
CA PHE D 2634 -30.86 4.42 -48.17
C PHE D 2634 -30.73 3.03 -47.55
N ASN D 2635 -31.81 2.22 -47.65
CA ASN D 2635 -31.97 0.88 -47.04
C ASN D 2635 -30.94 -0.08 -47.66
N ARG D 2636 -30.02 -0.62 -46.84
CA ARG D 2636 -28.78 -1.30 -47.33
C ARG D 2636 -29.12 -2.63 -48.03
N GLU D 2637 -30.28 -3.22 -47.69
CA GLU D 2637 -31.00 -4.22 -48.53
C GLU D 2637 -32.14 -3.47 -49.24
N GLN D 2638 -32.30 -3.67 -50.56
CA GLN D 2638 -33.19 -2.86 -51.44
C GLN D 2638 -32.69 -1.40 -51.42
N LEU D 2639 -31.70 -1.07 -52.26
CA LEU D 2639 -30.99 0.25 -52.25
C LEU D 2639 -31.72 1.27 -53.14
N GLU D 2640 -33.03 1.06 -53.39
CA GLU D 2640 -33.92 1.95 -54.18
C GLU D 2640 -34.85 2.69 -53.22
N GLU D 2641 -35.36 1.99 -52.19
CA GLU D 2641 -36.22 2.53 -51.10
C GLU D 2641 -35.48 3.65 -50.36
N ARG D 2642 -36.03 4.87 -50.41
CA ARG D 2642 -35.47 6.08 -49.75
C ARG D 2642 -35.39 5.83 -48.24
N LYS D 2643 -36.53 5.56 -47.61
CA LYS D 2643 -36.67 5.35 -46.15
C LYS D 2643 -36.29 6.65 -45.43
N PHE D 2644 -37.27 7.54 -45.24
CA PHE D 2644 -37.15 8.82 -44.50
C PHE D 2644 -37.24 8.56 -42.99
N LEU D 2645 -36.30 9.10 -42.21
CA LEU D 2645 -36.25 9.01 -40.72
C LEU D 2645 -36.80 10.31 -40.11
N GLN D 2646 -37.49 10.21 -38.96
CA GLN D 2646 -38.19 11.34 -38.29
C GLN D 2646 -38.01 11.25 -36.77
N ASP D 2647 -38.20 12.39 -36.09
CA ASP D 2647 -38.07 12.60 -34.61
C ASP D 2647 -36.91 11.78 -34.05
N LEU D 2648 -35.69 12.08 -34.52
CA LEU D 2648 -34.39 11.66 -33.92
C LEU D 2648 -33.67 12.90 -33.40
N LEU D 2649 -33.00 12.78 -32.25
CA LEU D 2649 -31.91 13.68 -31.81
C LEU D 2649 -30.62 12.85 -31.65
N PHE D 2650 -29.47 13.51 -31.73
CA PHE D 2650 -28.14 12.88 -31.51
C PHE D 2650 -27.39 13.68 -30.45
N PHE D 2651 -26.94 13.00 -29.39
CA PHE D 2651 -26.20 13.60 -28.26
C PHE D 2651 -24.78 13.06 -28.30
N GLY D 2652 -23.86 13.85 -28.86
CA GLY D 2652 -22.45 13.46 -29.03
C GLY D 2652 -21.69 13.55 -27.72
N CYS D 2653 -20.53 12.87 -27.64
CA CYS D 2653 -19.61 12.91 -26.48
C CYS D 2653 -18.17 12.68 -26.96
N LEU D 2654 -17.79 13.39 -28.02
CA LEU D 2654 -16.42 13.54 -28.59
C LEU D 2654 -15.43 13.88 -27.47
N ASN D 2655 -14.31 13.17 -27.35
CA ASN D 2655 -13.12 13.68 -26.62
C ASN D 2655 -12.00 13.98 -27.62
N GLN D 2656 -11.62 15.26 -27.72
CA GLN D 2656 -10.29 15.73 -28.19
C GLN D 2656 -9.20 14.79 -27.63
N LYS D 2657 -8.11 14.61 -28.37
CA LYS D 2657 -6.92 13.80 -27.99
C LYS D 2657 -7.26 12.29 -27.98
N SER D 2658 -8.18 11.84 -28.84
CA SER D 2658 -8.50 10.39 -29.05
C SER D 2658 -9.17 10.19 -30.42
N GLY D 2659 -8.80 9.13 -31.14
CA GLY D 2659 -9.27 8.82 -32.50
C GLY D 2659 -9.02 9.99 -33.45
N SER D 2660 -10.01 10.33 -34.29
CA SER D 2660 -10.01 11.52 -35.15
C SER D 2660 -10.26 12.76 -34.29
N PHE D 2661 -9.18 13.35 -33.74
CA PHE D 2661 -9.20 14.46 -32.75
C PHE D 2661 -10.49 15.30 -32.90
N THR D 2662 -10.76 15.76 -34.11
CA THR D 2662 -11.98 16.54 -34.51
C THR D 2662 -12.75 15.74 -35.57
N VAL D 2663 -14.07 15.93 -35.64
CA VAL D 2663 -14.95 15.38 -36.72
C VAL D 2663 -15.22 16.48 -37.75
N ASP D 2664 -15.69 16.10 -38.95
CA ASP D 2664 -15.92 17.03 -40.09
C ASP D 2664 -16.75 18.22 -39.60
N LEU D 2665 -16.21 19.45 -39.73
CA LEU D 2665 -16.90 20.72 -39.37
C LEU D 2665 -18.32 20.77 -39.95
N ARG D 2666 -18.59 19.99 -41.00
CA ARG D 2666 -19.91 19.92 -41.69
C ARG D 2666 -20.95 19.24 -40.79
N LEU D 2667 -20.53 18.52 -39.73
CA LEU D 2667 -21.45 18.05 -38.65
C LEU D 2667 -21.40 18.98 -37.44
N GLN D 2668 -20.21 19.22 -36.87
CA GLN D 2668 -20.06 20.07 -35.66
C GLN D 2668 -20.88 21.36 -35.81
N ARG D 2669 -21.08 21.85 -37.03
CA ARG D 2669 -22.02 22.95 -37.34
C ARG D 2669 -23.41 22.63 -36.77
N ASN D 2670 -23.99 21.50 -37.20
CA ASN D 2670 -25.36 21.05 -36.85
C ASN D 2670 -25.52 20.92 -35.32
N PHE D 2671 -24.41 20.68 -34.59
CA PHE D 2671 -24.37 20.50 -33.12
C PHE D 2671 -24.01 21.80 -32.41
N SER D 2672 -24.49 21.95 -31.17
CA SER D 2672 -24.05 22.94 -30.17
C SER D 2672 -22.95 22.31 -29.31
N VAL D 2673 -21.76 22.90 -29.31
CA VAL D 2673 -20.55 22.33 -28.63
C VAL D 2673 -20.41 22.95 -27.24
N PHE D 2674 -20.09 22.11 -26.24
CA PHE D 2674 -20.05 22.47 -24.80
C PHE D 2674 -18.83 21.80 -24.15
N SER D 2675 -17.74 22.55 -24.02
CA SER D 2675 -16.50 22.14 -23.31
C SER D 2675 -16.87 21.48 -21.98
N MET D 2676 -16.16 20.43 -21.60
CA MET D 2676 -16.19 19.81 -20.25
C MET D 2676 -14.77 19.85 -19.68
N TYR D 2677 -14.55 20.75 -18.71
CA TYR D 2677 -13.22 21.23 -18.29
C TYR D 2677 -12.53 20.18 -17.42
N THR D 2678 -11.19 20.14 -17.47
CA THR D 2678 -10.34 19.19 -16.71
C THR D 2678 -10.53 19.46 -15.22
N PRO D 2679 -10.38 18.46 -14.34
CA PRO D 2679 -10.88 18.54 -12.96
C PRO D 2679 -10.31 19.74 -12.17
N SER D 2680 -11.20 20.61 -11.69
CA SER D 2680 -10.86 21.82 -10.88
C SER D 2680 -10.69 21.41 -9.42
N SER D 2681 -10.01 22.26 -8.63
CA SER D 2681 -9.75 22.06 -7.18
C SER D 2681 -11.06 22.10 -6.37
N ASP D 2682 -12.07 22.83 -6.87
CA ASP D 2682 -13.41 22.95 -6.22
C ASP D 2682 -14.30 21.78 -6.63
N VAL D 2683 -14.38 21.46 -7.93
CA VAL D 2683 -15.30 20.43 -8.49
C VAL D 2683 -14.99 19.07 -7.86
N ILE D 2684 -13.70 18.76 -7.65
CA ILE D 2684 -13.20 17.52 -6.97
C ILE D 2684 -13.63 17.54 -5.49
N LYS D 2685 -13.54 18.69 -4.83
CA LYS D 2685 -13.86 18.87 -3.39
C LYS D 2685 -15.38 18.80 -3.17
N THR D 2686 -16.21 19.12 -4.19
CA THR D 2686 -17.70 19.12 -4.06
C THR D 2686 -18.28 17.74 -4.43
N ILE D 2687 -17.60 16.99 -5.29
CA ILE D 2687 -17.97 15.57 -5.61
C ILE D 2687 -17.51 14.68 -4.46
N PHE D 2688 -16.19 14.46 -4.36
CA PHE D 2688 -15.55 13.42 -3.51
C PHE D 2688 -15.57 13.84 -2.04
N GLY D 2689 -15.61 15.14 -1.77
CA GLY D 2689 -15.99 15.66 -0.44
C GLY D 2689 -17.35 15.13 -0.03
N SER D 2690 -18.34 15.28 -0.92
CA SER D 2690 -19.76 14.96 -0.62
C SER D 2690 -19.95 13.45 -0.49
N ILE D 2691 -19.12 12.64 -1.16
CA ILE D 2691 -19.23 11.15 -1.14
C ILE D 2691 -18.69 10.64 0.20
N LEU D 2692 -17.53 11.12 0.63
CA LEU D 2692 -16.87 10.67 1.89
C LEU D 2692 -17.62 11.24 3.10
N ASN D 2693 -17.73 12.56 3.27
CA ASN D 2693 -18.51 13.17 4.39
C ASN D 2693 -19.79 12.37 4.64
N ALA D 2694 -20.49 11.98 3.56
CA ALA D 2694 -21.70 11.12 3.60
C ALA D 2694 -21.32 9.74 4.14
N HIS D 2695 -20.27 9.14 3.59
CA HIS D 2695 -19.82 7.74 3.91
C HIS D 2695 -18.99 7.65 5.21
N LEU D 2696 -18.65 8.77 5.87
CA LEU D 2696 -17.96 8.75 7.18
C LEU D 2696 -18.87 9.24 8.29
N SER D 2697 -19.93 9.99 7.97
CA SER D 2697 -21.11 10.13 8.87
C SER D 2697 -21.54 8.73 9.32
N THR D 2698 -21.43 7.73 8.42
CA THR D 2698 -21.72 6.30 8.72
C THR D 2698 -20.70 5.78 9.72
N ILE D 2699 -19.45 5.63 9.30
CA ILE D 2699 -18.39 4.85 10.01
C ILE D 2699 -18.22 5.33 11.45
N ASP D 2700 -18.22 6.64 11.69
CA ASP D 2700 -17.80 7.22 12.99
C ASP D 2700 -18.13 8.72 13.02
N ASP D 2701 -18.31 9.31 14.21
CA ASP D 2701 -18.59 10.76 14.36
C ASP D 2701 -17.28 11.55 14.18
N LYS D 2702 -16.21 11.21 14.93
CA LYS D 2702 -14.78 11.47 14.58
C LYS D 2702 -14.47 10.91 13.20
N ALA D 2703 -13.26 11.11 12.69
CA ALA D 2703 -12.84 10.66 11.36
C ALA D 2703 -13.86 11.01 10.26
N GLN D 2704 -14.50 12.18 10.37
CA GLN D 2704 -15.08 12.94 9.23
C GLN D 2704 -14.01 13.95 8.83
N LYS D 2705 -13.60 14.79 9.81
CA LYS D 2705 -12.62 15.88 9.60
C LYS D 2705 -11.43 15.37 8.77
N MET D 2706 -11.18 14.05 8.79
CA MET D 2706 -10.18 13.37 7.92
C MET D 2706 -10.64 13.33 6.45
N ALA D 2707 -11.95 13.35 6.15
CA ALA D 2707 -12.50 13.28 4.77
C ALA D 2707 -11.86 14.35 3.89
N PHE D 2708 -12.15 15.62 4.20
CA PHE D 2708 -11.66 16.81 3.45
C PHE D 2708 -10.13 16.80 3.44
N LYS D 2709 -9.49 16.42 4.56
CA LYS D 2709 -8.01 16.28 4.69
C LYS D 2709 -7.47 15.28 3.65
N LEU D 2710 -8.14 14.14 3.46
CA LEU D 2710 -7.73 13.10 2.46
C LEU D 2710 -8.09 13.58 1.05
N VAL D 2711 -9.21 14.28 0.87
CA VAL D 2711 -9.69 14.76 -0.47
C VAL D 2711 -8.83 15.96 -0.88
N GLU D 2712 -8.38 16.79 0.07
CA GLU D 2712 -7.38 17.87 -0.17
C GLU D 2712 -6.12 17.22 -0.73
N ALA D 2713 -5.65 16.15 -0.08
CA ALA D 2713 -4.42 15.41 -0.43
C ALA D 2713 -4.58 14.78 -1.82
N THR D 2714 -5.60 13.93 -2.01
CA THR D 2714 -5.80 13.14 -3.27
C THR D 2714 -5.83 14.10 -4.47
N TYR D 2715 -6.27 15.36 -4.28
CA TYR D 2715 -6.07 16.44 -5.28
C TYR D 2715 -4.60 16.85 -5.30
N PHE D 2716 -4.08 17.39 -4.20
CA PHE D 2716 -2.69 17.94 -4.12
C PHE D 2716 -1.74 17.04 -4.88
N THR D 2717 -1.77 15.73 -4.59
CA THR D 2717 -0.96 14.69 -5.27
C THR D 2717 -1.34 14.63 -6.75
N PHE D 2718 -2.65 14.61 -7.05
CA PHE D 2718 -3.21 14.55 -8.44
C PHE D 2718 -2.73 15.75 -9.25
N ASP D 2719 -2.56 16.92 -8.61
CA ASP D 2719 -2.15 18.19 -9.28
C ASP D 2719 -0.66 18.10 -9.61
N LYS D 2720 0.19 17.86 -8.60
CA LYS D 2720 1.66 17.74 -8.74
C LYS D 2720 2.06 16.61 -9.71
N ILE D 2721 1.12 15.79 -10.19
CA ILE D 2721 1.35 14.80 -11.28
C ILE D 2721 1.07 15.50 -12.63
N LEU D 2722 -0.06 16.22 -12.75
CA LEU D 2722 -0.48 16.87 -14.03
C LEU D 2722 0.45 18.05 -14.34
N LYS D 2723 0.93 18.78 -13.32
CA LYS D 2723 1.79 19.98 -13.49
C LYS D 2723 3.21 19.59 -13.92
N ASN D 2724 3.69 18.39 -13.55
CA ASN D 2724 5.01 17.84 -14.02
C ASN D 2724 4.80 16.98 -15.26
N THR D 2725 4.57 17.65 -16.41
CA THR D 2725 4.23 17.04 -17.73
C THR D 2725 5.40 16.24 -18.30
N THR D 2726 6.64 16.68 -18.05
CA THR D 2726 7.89 16.03 -18.57
C THR D 2726 8.07 14.64 -17.93
N ALA D 2727 7.52 14.42 -16.74
CA ALA D 2727 7.46 13.12 -16.05
C ALA D 2727 6.23 12.34 -16.52
N PHE D 2728 5.03 12.85 -16.22
CA PHE D 2728 3.72 12.19 -16.42
C PHE D 2728 2.85 12.98 -17.40
N ALA D 2729 2.96 12.67 -18.70
CA ALA D 2729 2.07 13.22 -19.74
C ALA D 2729 1.65 12.09 -20.68
N PRO D 2730 0.41 12.10 -21.22
CA PRO D 2730 0.00 11.13 -22.22
C PRO D 2730 0.86 11.26 -23.48
N SER D 2731 1.67 10.24 -23.77
CA SER D 2731 2.58 10.13 -24.94
C SER D 2731 2.31 8.82 -25.68
N ALA D 2732 3.07 8.54 -26.75
CA ALA D 2732 3.00 7.30 -27.55
C ALA D 2732 3.38 6.09 -26.69
N LYS D 2733 4.39 6.23 -25.82
CA LYS D 2733 4.89 5.17 -24.91
C LYS D 2733 4.10 5.19 -23.60
N ARG D 2734 3.57 6.35 -23.21
CA ARG D 2734 2.79 6.57 -21.96
C ARG D 2734 1.31 6.80 -22.28
N PHE D 2735 0.73 5.97 -23.15
CA PHE D 2735 -0.67 6.16 -23.67
C PHE D 2735 -1.70 5.95 -22.56
N HIS D 2736 -1.37 5.15 -21.54
CA HIS D 2736 -2.26 4.77 -20.40
C HIS D 2736 -2.04 5.68 -19.18
N TYR D 2737 -1.07 6.61 -19.23
CA TYR D 2737 -0.80 7.57 -18.12
C TYR D 2737 -1.92 8.62 -18.01
N GLN D 2738 -3.09 8.42 -18.64
CA GLN D 2738 -4.24 9.35 -18.58
C GLN D 2738 -4.80 9.39 -17.15
N PHE D 2739 -4.52 10.48 -16.42
CA PHE D 2739 -4.96 10.74 -15.02
C PHE D 2739 -6.11 11.74 -15.03
N ASN D 2740 -7.36 11.25 -14.91
CA ASN D 2740 -8.60 12.07 -14.87
C ASN D 2740 -9.69 11.33 -14.08
N PHE D 2741 -10.69 12.07 -13.57
CA PHE D 2741 -11.73 11.67 -12.57
C PHE D 2741 -11.76 10.15 -12.31
N ARG D 2742 -11.74 9.32 -13.35
CA ARG D 2742 -11.70 7.83 -13.30
C ARG D 2742 -10.88 7.33 -12.11
N GLU D 2743 -9.69 7.91 -11.87
CA GLU D 2743 -8.75 7.49 -10.79
C GLU D 2743 -9.26 7.99 -9.42
N LEU D 2744 -9.71 9.25 -9.33
CA LEU D 2744 -10.20 9.87 -8.08
C LEU D 2744 -11.50 9.18 -7.67
N ALA D 2745 -12.24 8.64 -8.64
CA ALA D 2745 -13.47 7.83 -8.44
C ALA D 2745 -13.11 6.52 -7.75
N ARG D 2746 -12.11 5.79 -8.26
CA ARG D 2746 -11.69 4.47 -7.71
C ARG D 2746 -10.56 4.62 -6.69
N VAL D 2747 -10.31 5.85 -6.22
CA VAL D 2747 -9.68 6.13 -4.90
C VAL D 2747 -10.81 6.31 -3.89
N CYS D 2748 -11.77 7.19 -4.20
CA CYS D 2748 -12.95 7.49 -3.35
C CYS D 2748 -13.90 6.28 -3.28
N GLU D 2749 -13.76 5.29 -4.19
CA GLU D 2749 -14.46 3.99 -4.10
C GLU D 2749 -13.76 3.11 -3.07
N GLY D 2750 -12.43 3.07 -3.11
CA GLY D 2750 -11.62 2.23 -2.22
C GLY D 2750 -11.63 2.69 -0.77
N ILE D 2751 -11.90 3.97 -0.50
CA ILE D 2751 -12.14 4.51 0.87
C ILE D 2751 -13.59 4.23 1.29
N CYS D 2752 -14.52 4.15 0.33
CA CYS D 2752 -15.96 3.86 0.59
C CYS D 2752 -16.19 2.39 0.99
N ARG D 2753 -15.14 1.58 1.13
CA ARG D 2753 -15.24 0.13 1.48
C ARG D 2753 -14.99 -0.11 2.98
N THR D 2754 -14.63 0.95 3.74
CA THR D 2754 -14.41 0.94 5.21
C THR D 2754 -15.71 0.64 5.98
N THR D 2755 -15.82 -0.55 6.58
CA THR D 2755 -17.02 -0.97 7.36
C THR D 2755 -16.91 -0.45 8.79
N PRO D 2756 -18.01 0.05 9.40
CA PRO D 2756 -17.94 0.80 10.65
C PRO D 2756 -17.19 0.18 11.84
N GLY D 2757 -17.26 -1.14 12.01
CA GLY D 2757 -16.67 -1.84 13.16
C GLY D 2757 -15.15 -1.76 13.16
N GLN D 2758 -14.54 -2.06 12.01
CA GLN D 2758 -13.08 -2.28 11.86
C GLN D 2758 -12.35 -0.97 11.50
N TYR D 2759 -12.96 0.21 11.77
CA TYR D 2759 -12.37 1.54 11.47
C TYR D 2759 -12.74 2.58 12.54
N SER D 2760 -14.02 2.70 12.92
CA SER D 2760 -14.49 3.44 14.12
C SER D 2760 -13.38 3.50 15.19
N GLY D 2761 -13.38 4.56 16.01
CA GLY D 2761 -12.31 4.89 16.97
C GLY D 2761 -11.29 5.87 16.39
N GLY D 2762 -10.12 5.98 17.03
CA GLY D 2762 -9.01 6.83 16.57
C GLY D 2762 -8.54 6.41 15.17
N ASP D 2763 -8.89 7.21 14.16
CA ASP D 2763 -8.62 6.94 12.72
C ASP D 2763 -7.44 7.79 12.22
N GLN D 2764 -6.67 8.41 13.11
CA GLN D 2764 -5.56 9.32 12.74
C GLN D 2764 -4.61 8.61 11.76
N GLY D 2765 -4.34 7.33 11.98
CA GLY D 2765 -3.33 6.54 11.22
C GLY D 2765 -3.95 5.53 10.27
N LYS D 2766 -5.00 4.83 10.68
CA LYS D 2766 -5.52 3.63 10.00
C LYS D 2766 -6.08 4.01 8.62
N LEU D 2767 -6.96 5.03 8.57
CA LEU D 2767 -7.51 5.66 7.35
C LEU D 2767 -6.37 6.06 6.40
N VAL D 2768 -5.49 6.97 6.84
CA VAL D 2768 -4.48 7.62 5.98
C VAL D 2768 -3.63 6.55 5.28
N ARG D 2769 -3.39 5.39 5.92
CA ARG D 2769 -2.74 4.22 5.26
C ARG D 2769 -3.66 3.71 4.15
N LEU D 2770 -4.87 3.26 4.53
CA LEU D 2770 -5.91 2.77 3.57
C LEU D 2770 -5.96 3.71 2.37
N TRP D 2771 -5.86 5.03 2.61
CA TRP D 2771 -5.74 6.05 1.55
C TRP D 2771 -4.44 5.79 0.81
N ALA D 2772 -3.32 6.02 1.48
CA ALA D 2772 -1.98 5.94 0.85
C ALA D 2772 -1.99 4.77 -0.11
N HIS D 2773 -2.45 3.60 0.37
CA HIS D 2773 -2.51 2.33 -0.39
C HIS D 2773 -3.39 2.49 -1.63
N GLU D 2774 -4.64 2.92 -1.44
CA GLU D 2774 -5.64 3.02 -2.53
C GLU D 2774 -5.09 3.97 -3.58
N MET D 2775 -4.58 5.12 -3.15
CA MET D 2775 -3.85 6.06 -4.04
C MET D 2775 -2.75 5.24 -4.74
N LYS D 2776 -1.81 4.70 -3.96
CA LYS D 2776 -0.59 4.01 -4.47
C LYS D 2776 -1.00 3.06 -5.59
N ARG D 2777 -2.01 2.21 -5.37
CA ARG D 2777 -2.32 1.05 -6.25
C ARG D 2777 -3.32 1.48 -7.34
N THR D 2778 -3.56 2.77 -7.59
CA THR D 2778 -4.20 3.29 -8.85
C THR D 2778 -3.32 4.38 -9.51
N PHE D 2779 -2.01 4.36 -9.24
CA PHE D 2779 -1.00 5.27 -9.84
C PHE D 2779 0.31 4.51 -10.08
N GLU D 2780 0.89 3.90 -9.03
CA GLU D 2780 2.08 3.01 -9.14
C GLU D 2780 1.79 1.95 -10.21
N ASP D 2781 0.72 1.18 -10.02
CA ASP D 2781 0.22 0.17 -11.00
C ASP D 2781 0.40 0.72 -12.41
N ARG D 2782 -0.17 1.90 -12.66
CA ARG D 2782 -0.15 2.60 -13.97
C ARG D 2782 1.30 2.70 -14.47
N PHE D 2783 2.25 3.13 -13.62
CA PHE D 2783 3.59 3.64 -14.05
C PHE D 2783 4.47 2.52 -14.61
N ILE D 2784 5.27 2.88 -15.63
CA ILE D 2784 6.26 2.00 -16.31
C ILE D 2784 7.63 2.19 -15.64
N ALA D 2785 8.17 3.40 -15.71
CA ALA D 2785 9.56 3.76 -15.27
C ALA D 2785 9.59 3.93 -13.75
N ASN D 2786 10.63 3.42 -13.11
CA ASN D 2786 10.79 3.46 -11.62
C ASN D 2786 11.15 4.88 -11.16
N GLU D 2787 11.63 5.73 -12.06
CA GLU D 2787 11.81 7.20 -11.82
C GLU D 2787 10.44 7.82 -11.49
N HIS D 2788 9.39 7.42 -12.22
CA HIS D 2788 8.01 7.93 -12.07
C HIS D 2788 7.40 7.44 -10.75
N VAL D 2789 7.74 6.21 -10.34
CA VAL D 2789 7.32 5.59 -9.05
C VAL D 2789 7.95 6.35 -7.88
N GLU D 2790 9.20 6.81 -8.03
CA GLU D 2790 9.94 7.61 -7.00
C GLU D 2790 9.34 9.01 -6.94
N PHE D 2791 9.16 9.68 -8.09
CA PHE D 2791 8.56 11.04 -8.18
C PHE D 2791 7.23 11.06 -7.41
N PHE D 2792 6.39 10.05 -7.61
CA PHE D 2792 5.05 9.91 -6.99
C PHE D 2792 5.17 9.90 -5.46
N ARG D 2793 6.00 9.02 -4.92
CA ARG D 2793 6.16 8.83 -3.45
C ARG D 2793 6.73 10.10 -2.79
N ARG D 2794 7.39 11.00 -3.53
CA ARG D 2794 7.82 12.31 -2.97
C ARG D 2794 6.60 13.22 -2.83
N TYR D 2795 5.77 13.33 -3.87
CA TYR D 2795 4.50 14.11 -3.86
C TYR D 2795 3.62 13.59 -2.72
N LEU D 2796 3.50 12.27 -2.61
CA LEU D 2796 2.60 11.56 -1.66
C LEU D 2796 3.02 11.83 -0.21
N THR D 2797 4.32 12.09 0.04
CA THR D 2797 4.87 12.42 1.39
C THR D 2797 5.15 13.92 1.51
N GLU D 2798 4.75 14.72 0.50
CA GLU D 2798 4.52 16.19 0.65
C GLU D 2798 3.04 16.39 1.00
N ALA D 2799 2.14 15.76 0.25
CA ALA D 2799 0.67 15.79 0.45
C ALA D 2799 0.35 15.52 1.92
N ILE D 2800 0.95 14.47 2.49
CA ILE D 2800 0.67 14.01 3.88
C ILE D 2800 1.28 15.00 4.90
N SER D 2801 2.28 15.80 4.52
CA SER D 2801 2.91 16.81 5.43
C SER D 2801 2.11 18.12 5.46
N LYS D 2802 1.23 18.38 4.48
CA LYS D 2802 0.45 19.65 4.34
C LYS D 2802 -1.03 19.38 4.63
N CYS D 2803 -1.68 18.56 3.81
CA CYS D 2803 -3.14 18.25 3.85
C CYS D 2803 -3.48 17.51 5.15
N ILE D 2804 -2.87 16.32 5.36
CA ILE D 2804 -3.11 15.46 6.56
C ILE D 2804 -2.21 15.93 7.71
N GLY D 2805 -1.12 16.65 7.40
CA GLY D 2805 -0.48 17.65 8.28
C GLY D 2805 -0.04 17.10 9.63
N GLU D 2806 -0.27 15.81 9.87
CA GLU D 2806 0.10 15.12 11.12
C GLU D 2806 1.60 14.83 11.00
N PHE D 2807 1.99 14.23 9.87
CA PHE D 2807 3.28 13.53 9.70
C PHE D 2807 3.47 12.67 10.94
N PRO D 2808 2.55 11.70 11.18
CA PRO D 2808 2.29 11.16 12.52
C PRO D 2808 3.51 10.92 13.41
N GLU D 2809 4.59 10.36 12.84
CA GLU D 2809 5.80 9.89 13.58
C GLU D 2809 7.03 10.28 12.77
N THR D 2810 8.15 9.55 12.94
CA THR D 2810 9.29 9.44 11.98
C THR D 2810 8.94 8.41 10.89
N GLU D 2811 8.20 7.35 11.27
CA GLU D 2811 7.62 6.32 10.35
C GLU D 2811 6.40 6.91 9.61
N ASN D 2812 6.49 6.97 8.28
CA ASN D 2812 5.44 7.53 7.40
C ASN D 2812 4.32 6.52 7.32
N PRO D 2813 3.03 6.96 7.25
CA PRO D 2813 1.93 6.08 6.89
C PRO D 2813 2.19 5.35 5.56
N ILE D 2814 2.79 6.05 4.59
CA ILE D 2814 3.31 5.44 3.33
C ILE D 2814 4.53 4.59 3.70
N ALA D 2815 4.66 3.41 3.11
CA ALA D 2815 5.77 2.46 3.34
C ALA D 2815 5.81 1.41 2.23
N GLU D 2816 6.81 0.52 2.26
CA GLU D 2816 7.02 -0.56 1.26
C GLU D 2816 5.95 -1.64 1.41
N PRO D 2817 5.73 -2.23 2.61
CA PRO D 2817 4.88 -3.42 2.75
C PRO D 2817 3.40 -3.10 3.02
N LEU D 2818 2.93 -1.92 2.61
CA LEU D 2818 1.52 -1.48 2.73
C LEU D 2818 0.66 -2.31 1.78
N ILE D 2819 -0.01 -3.35 2.30
CA ILE D 2819 -0.94 -4.24 1.54
C ILE D 2819 -2.29 -4.29 2.26
N PHE D 2820 -3.37 -3.90 1.57
CA PHE D 2820 -4.78 -3.91 2.04
C PHE D 2820 -5.55 -4.91 1.18
N THR D 2821 -6.29 -5.85 1.79
CA THR D 2821 -7.00 -6.95 1.07
C THR D 2821 -8.22 -7.42 1.84
N GLY D 2822 -9.34 -7.67 1.14
CA GLY D 2822 -10.66 -7.98 1.71
C GLY D 2822 -10.95 -9.47 1.80
N PHE D 2823 -10.11 -10.32 1.19
CA PHE D 2823 -10.24 -11.81 1.17
C PHE D 2823 -9.50 -12.46 2.35
N VAL D 2824 -8.50 -11.78 2.93
CA VAL D 2824 -7.66 -12.28 4.05
C VAL D 2824 -8.51 -12.36 5.32
N ALA D 2825 -9.45 -11.43 5.48
CA ALA D 2825 -10.43 -11.36 6.58
C ALA D 2825 -11.48 -12.46 6.39
N ALA D 2826 -12.03 -12.57 5.18
CA ALA D 2826 -13.02 -13.60 4.79
C ALA D 2826 -12.49 -14.98 5.21
N HIS D 2827 -11.38 -15.40 4.61
CA HIS D 2827 -10.78 -16.77 4.74
C HIS D 2827 -10.74 -17.19 6.22
N GLN D 2828 -10.21 -16.34 7.10
CA GLN D 2828 -10.10 -16.62 8.57
C GLN D 2828 -11.50 -16.88 9.12
N GLY D 2829 -12.48 -16.07 8.69
CA GLY D 2829 -13.83 -16.00 9.28
C GLY D 2829 -14.03 -14.67 9.98
N LEU D 2830 -13.87 -13.57 9.24
CA LEU D 2830 -14.32 -12.20 9.61
C LEU D 2830 -15.12 -11.61 8.45
N ASP D 2831 -15.97 -10.62 8.73
CA ASP D 2831 -17.15 -10.28 7.90
C ASP D 2831 -16.92 -8.97 7.14
N GLN D 2832 -16.61 -9.07 5.84
CA GLN D 2832 -16.61 -7.96 4.85
C GLN D 2832 -15.71 -6.84 5.37
N GLN D 2833 -14.45 -7.17 5.62
CA GLN D 2833 -13.39 -6.19 5.98
C GLN D 2833 -12.66 -5.82 4.69
N TYR D 2834 -12.04 -4.64 4.68
CA TYR D 2834 -11.00 -4.22 3.71
C TYR D 2834 -9.88 -3.53 4.51
N THR D 2835 -9.30 -4.29 5.43
CA THR D 2835 -8.22 -3.84 6.36
C THR D 2835 -6.89 -4.41 5.88
N GLN D 2836 -5.79 -3.79 6.32
CA GLN D 2836 -4.41 -4.21 5.92
C GLN D 2836 -4.04 -5.47 6.71
N CYS D 2837 -3.49 -6.44 5.99
CA CYS D 2837 -2.67 -7.55 6.52
C CYS D 2837 -1.19 -7.15 6.45
N THR D 2838 -0.33 -7.85 7.20
CA THR D 2838 1.14 -7.85 7.01
C THR D 2838 1.50 -8.97 6.03
N ILE D 2839 2.70 -8.90 5.43
CA ILE D 2839 3.21 -9.86 4.40
C ILE D 2839 3.17 -11.31 4.94
N PRO D 2840 3.66 -11.62 6.17
CA PRO D 2840 3.64 -12.99 6.68
C PRO D 2840 2.23 -13.59 6.93
N VAL D 2841 1.21 -12.76 7.14
CA VAL D 2841 -0.22 -13.21 7.27
C VAL D 2841 -0.75 -13.48 5.86
N LEU D 2842 -0.41 -12.62 4.89
CA LEU D 2842 -0.78 -12.77 3.46
C LEU D 2842 -0.09 -14.03 2.88
N LYS D 2843 1.10 -14.37 3.37
CA LYS D 2843 1.90 -15.55 2.91
C LYS D 2843 1.23 -16.86 3.33
N ARG D 2844 0.63 -16.92 4.52
CA ARG D 2844 -0.08 -18.14 5.02
C ARG D 2844 -1.36 -18.35 4.21
N VAL D 2845 -2.18 -17.31 4.07
CA VAL D 2845 -3.54 -17.38 3.46
C VAL D 2845 -3.42 -17.78 1.98
N LEU D 2846 -2.57 -17.08 1.22
CA LEU D 2846 -2.38 -17.32 -0.25
C LEU D 2846 -1.85 -18.75 -0.49
N ASP D 2847 -0.83 -19.16 0.25
CA ASP D 2847 -0.19 -20.50 0.18
C ASP D 2847 -1.25 -21.58 0.47
N ASP D 2848 -2.11 -21.33 1.46
CA ASP D 2848 -3.23 -22.23 1.83
C ASP D 2848 -4.26 -22.25 0.70
N LYS D 2849 -4.47 -21.12 0.00
CA LYS D 2849 -5.52 -21.00 -1.05
C LYS D 2849 -5.02 -21.55 -2.39
N LEU D 2850 -3.69 -21.56 -2.62
CA LEU D 2850 -3.06 -22.19 -3.80
C LEU D 2850 -3.16 -23.71 -3.69
N GLU D 2851 -2.96 -24.24 -2.47
CA GLU D 2851 -3.16 -25.66 -2.13
C GLU D 2851 -4.61 -26.05 -2.47
N GLU D 2852 -5.57 -25.14 -2.22
CA GLU D 2852 -7.03 -25.37 -2.40
C GLU D 2852 -7.46 -25.28 -3.88
N TYR D 2853 -6.65 -24.67 -4.75
CA TYR D 2853 -6.89 -24.48 -6.22
C TYR D 2853 -6.25 -25.63 -7.01
N ASN D 2854 -5.08 -26.10 -6.55
CA ASN D 2854 -4.40 -27.31 -7.09
C ASN D 2854 -5.28 -28.55 -6.84
N GLU D 2855 -5.97 -28.57 -5.70
CA GLU D 2855 -6.71 -29.76 -5.19
C GLU D 2855 -8.04 -29.92 -5.94
N VAL D 2856 -8.64 -28.84 -6.44
CA VAL D 2856 -10.02 -28.86 -7.03
C VAL D 2856 -9.96 -28.66 -8.56
N LYS D 2857 -9.21 -27.69 -9.05
CA LYS D 2857 -9.12 -27.36 -10.51
C LYS D 2857 -7.86 -28.01 -11.11
N ALA D 2858 -7.51 -27.66 -12.36
CA ALA D 2858 -6.26 -28.09 -13.04
C ALA D 2858 -5.06 -27.46 -12.33
N GLN D 2859 -4.03 -28.27 -12.06
CA GLN D 2859 -2.90 -27.90 -11.16
C GLN D 2859 -2.05 -26.83 -11.85
N MET D 2860 -1.85 -25.70 -11.15
CA MET D 2860 -0.92 -24.60 -11.51
C MET D 2860 0.06 -24.40 -10.34
N ASN D 2861 1.32 -24.78 -10.53
CA ASN D 2861 2.43 -24.55 -9.57
C ASN D 2861 3.06 -23.19 -9.86
N LEU D 2862 2.95 -22.26 -8.92
CA LEU D 2862 3.72 -20.99 -8.87
C LEU D 2862 4.31 -20.83 -7.47
N VAL D 2863 5.28 -19.92 -7.32
CA VAL D 2863 6.17 -19.81 -6.12
C VAL D 2863 5.44 -19.04 -5.01
N LEU D 2864 4.79 -17.92 -5.34
CA LEU D 2864 4.32 -16.88 -4.39
C LEU D 2864 5.55 -16.29 -3.66
N PHE D 2865 6.28 -15.42 -4.37
CA PHE D 2865 7.30 -14.49 -3.82
C PHE D 2865 6.60 -13.13 -3.59
N GLN D 2866 7.20 -12.26 -2.78
CA GLN D 2866 6.54 -11.03 -2.25
C GLN D 2866 5.86 -10.22 -3.36
N GLN D 2867 6.46 -10.14 -4.55
CA GLN D 2867 5.96 -9.29 -5.68
C GLN D 2867 4.78 -9.98 -6.39
N ALA D 2868 4.75 -11.32 -6.45
CA ALA D 2868 3.60 -12.10 -6.99
C ALA D 2868 2.49 -12.15 -5.93
N MET D 2869 2.88 -12.26 -4.66
CA MET D 2869 1.98 -12.13 -3.47
C MET D 2869 1.18 -10.83 -3.61
N GLU D 2870 1.88 -9.71 -3.82
CA GLU D 2870 1.29 -8.36 -4.00
C GLU D 2870 0.34 -8.36 -5.20
N HIS D 2871 0.70 -9.04 -6.30
CA HIS D 2871 -0.08 -9.04 -7.57
C HIS D 2871 -1.47 -9.67 -7.35
N VAL D 2872 -1.57 -10.81 -6.67
CA VAL D 2872 -2.90 -11.43 -6.33
C VAL D 2872 -3.67 -10.43 -5.48
N SER D 2873 -3.02 -9.88 -4.45
CA SER D 2873 -3.55 -8.85 -3.52
C SER D 2873 -4.24 -7.72 -4.29
N ARG D 2874 -3.58 -7.19 -5.33
CA ARG D 2874 -4.05 -6.01 -6.12
C ARG D 2874 -4.73 -6.43 -7.42
N ILE D 2875 -5.08 -7.72 -7.59
CA ILE D 2875 -6.03 -8.19 -8.65
C ILE D 2875 -7.34 -8.60 -7.96
N CYS D 2876 -7.27 -9.26 -6.80
CA CYS D 2876 -8.43 -9.60 -5.94
C CYS D 2876 -9.17 -8.32 -5.51
N ARG D 2877 -8.45 -7.19 -5.49
CA ARG D 2877 -9.00 -5.86 -5.12
C ARG D 2877 -9.81 -5.30 -6.29
N ILE D 2878 -9.33 -5.48 -7.52
CA ILE D 2878 -9.93 -4.90 -8.76
C ILE D 2878 -11.15 -5.74 -9.20
N LEU D 2879 -11.18 -7.03 -8.87
CA LEU D 2879 -12.35 -7.92 -9.12
C LEU D 2879 -13.46 -7.64 -8.08
N ASP D 2880 -13.08 -7.37 -6.82
CA ASP D 2880 -14.02 -7.10 -5.69
C ASP D 2880 -14.83 -5.83 -5.94
N MET D 2881 -14.20 -4.79 -6.49
CA MET D 2881 -14.86 -3.48 -6.83
C MET D 2881 -15.88 -3.72 -7.94
N PRO D 2882 -17.21 -3.68 -7.65
CA PRO D 2882 -18.22 -4.11 -8.62
C PRO D 2882 -18.25 -3.17 -9.83
N GLY D 2883 -18.29 -3.75 -11.03
CA GLY D 2883 -18.27 -3.01 -12.32
C GLY D 2883 -16.87 -2.89 -12.88
N ASN D 2884 -15.88 -2.56 -12.03
CA ASN D 2884 -14.47 -2.27 -12.42
C ASN D 2884 -13.83 -3.53 -13.01
N ASN D 2885 -13.43 -3.44 -14.29
CA ASN D 2885 -12.81 -4.55 -15.08
C ASN D 2885 -11.28 -4.40 -15.03
N ALA D 2886 -10.56 -5.51 -14.88
CA ALA D 2886 -9.09 -5.53 -14.71
C ALA D 2886 -8.41 -5.56 -16.08
N LEU D 2887 -7.19 -5.01 -16.15
CA LEU D 2887 -6.34 -4.93 -17.38
C LEU D 2887 -4.88 -5.16 -16.95
N LEU D 2888 -4.40 -6.40 -17.04
CA LEU D 2888 -3.06 -6.83 -16.57
C LEU D 2888 -2.08 -6.77 -17.74
N VAL D 2889 -1.33 -5.68 -17.86
CA VAL D 2889 -0.32 -5.45 -18.94
C VAL D 2889 1.02 -5.99 -18.45
N GLY D 2890 1.66 -6.85 -19.25
CA GLY D 2890 2.97 -7.44 -18.91
C GLY D 2890 3.51 -8.37 -19.97
N VAL D 2891 4.83 -8.43 -20.09
CA VAL D 2891 5.56 -9.24 -21.11
C VAL D 2891 5.10 -10.70 -20.98
N GLY D 2892 4.73 -11.32 -22.09
CA GLY D 2892 4.21 -12.71 -22.14
C GLY D 2892 5.16 -13.69 -21.46
N GLY D 2893 4.66 -14.41 -20.45
CA GLY D 2893 5.45 -15.29 -19.57
C GLY D 2893 5.50 -14.78 -18.12
N SER D 2894 4.94 -13.60 -17.85
CA SER D 2894 4.92 -12.96 -16.51
C SER D 2894 4.07 -13.76 -15.52
N GLY D 2895 3.19 -14.64 -16.02
CA GLY D 2895 2.21 -15.37 -15.19
C GLY D 2895 1.10 -14.45 -14.75
N LYS D 2896 0.64 -13.59 -15.65
CA LYS D 2896 -0.53 -12.69 -15.41
C LYS D 2896 -1.79 -13.56 -15.51
N GLN D 2897 -1.79 -14.46 -16.49
CA GLN D 2897 -2.90 -15.41 -16.74
C GLN D 2897 -3.03 -16.34 -15.53
N SER D 2898 -1.92 -16.92 -15.08
CA SER D 2898 -1.87 -17.89 -13.96
C SER D 2898 -2.26 -17.19 -12.65
N LEU D 2899 -1.81 -15.96 -12.41
CA LEU D 2899 -2.10 -15.18 -11.16
C LEU D 2899 -3.57 -14.77 -11.13
N CYS D 2900 -4.16 -14.44 -12.29
CA CYS D 2900 -5.60 -14.07 -12.40
C CYS D 2900 -6.46 -15.26 -11.98
N ARG D 2901 -6.17 -16.45 -12.54
CA ARG D 2901 -6.90 -17.72 -12.23
C ARG D 2901 -6.90 -17.95 -10.72
N LEU D 2902 -5.78 -17.62 -10.05
CA LEU D 2902 -5.66 -17.71 -8.58
C LEU D 2902 -6.55 -16.63 -7.96
N SER D 2903 -6.29 -15.36 -8.28
CA SER D 2903 -7.06 -14.17 -7.80
C SER D 2903 -8.56 -14.44 -7.87
N THR D 2904 -9.01 -15.02 -8.99
CA THR D 2904 -10.44 -15.34 -9.27
C THR D 2904 -10.92 -16.37 -8.26
N PHE D 2905 -10.20 -17.49 -8.09
CA PHE D 2905 -10.50 -18.58 -7.13
C PHE D 2905 -10.45 -18.08 -5.67
N ILE D 2906 -9.60 -17.09 -5.35
CA ILE D 2906 -9.50 -16.50 -3.97
C ILE D 2906 -10.88 -15.94 -3.62
N ASN D 2907 -11.39 -15.06 -4.48
CA ASN D 2907 -12.78 -14.56 -4.44
C ASN D 2907 -13.70 -15.70 -4.86
N GLY D 2908 -14.97 -15.67 -4.42
CA GLY D 2908 -16.00 -16.63 -4.87
C GLY D 2908 -16.49 -16.26 -6.26
N PHE D 2909 -15.66 -16.47 -7.29
CA PHE D 2909 -15.97 -16.25 -8.73
C PHE D 2909 -15.47 -17.46 -9.52
N GLU D 2910 -15.96 -17.62 -10.76
CA GLU D 2910 -15.75 -18.81 -11.62
C GLU D 2910 -15.28 -18.36 -13.00
N ILE D 2911 -14.00 -18.56 -13.30
CA ILE D 2911 -13.32 -18.01 -14.52
C ILE D 2911 -13.81 -18.75 -15.76
N ASP D 2912 -14.21 -18.00 -16.79
CA ASP D 2912 -14.68 -18.49 -18.11
C ASP D 2912 -13.73 -17.94 -19.18
N GLN D 2913 -12.80 -18.76 -19.65
CA GLN D 2913 -11.86 -18.43 -20.76
C GLN D 2913 -12.34 -19.14 -22.03
N LEU D 2914 -12.45 -18.40 -23.14
CA LEU D 2914 -12.75 -18.96 -24.48
C LEU D 2914 -11.54 -19.77 -24.96
N VAL D 2915 -11.78 -20.87 -25.68
CA VAL D 2915 -10.74 -21.80 -26.21
C VAL D 2915 -10.69 -21.66 -27.73
N VAL D 2916 -9.74 -20.86 -28.22
CA VAL D 2916 -9.56 -20.55 -29.68
C VAL D 2916 -8.87 -21.72 -30.37
N THR D 2917 -9.48 -22.25 -31.43
CA THR D 2917 -8.84 -23.16 -32.43
C THR D 2917 -8.12 -22.28 -33.46
N ALA D 2918 -7.44 -22.89 -34.44
CA ALA D 2918 -6.75 -22.17 -35.53
C ALA D 2918 -7.79 -21.52 -36.46
N SER D 2919 -8.88 -22.25 -36.76
CA SER D 2919 -10.04 -21.77 -37.55
C SER D 2919 -11.16 -21.32 -36.60
N PHE D 2920 -11.21 -20.01 -36.30
CA PHE D 2920 -12.21 -19.36 -35.40
C PHE D 2920 -12.89 -18.21 -36.15
N THR D 2921 -14.19 -18.05 -35.92
CA THR D 2921 -15.07 -17.06 -36.58
C THR D 2921 -15.74 -16.18 -35.52
N ILE D 2922 -16.05 -14.93 -35.87
CA ILE D 2922 -16.78 -13.94 -35.01
C ILE D 2922 -18.09 -14.56 -34.48
N ASN D 2923 -18.78 -15.40 -35.26
CA ASN D 2923 -20.10 -15.97 -34.88
C ASN D 2923 -19.93 -17.01 -33.76
N ASP D 2924 -18.79 -17.73 -33.73
CA ASP D 2924 -18.52 -18.79 -32.71
C ASP D 2924 -18.12 -18.15 -31.38
N LEU D 2925 -17.35 -17.06 -31.41
CA LEU D 2925 -17.09 -16.16 -30.26
C LEU D 2925 -18.44 -15.67 -29.70
N ARG D 2926 -19.36 -15.26 -30.58
CA ARG D 2926 -20.67 -14.65 -30.22
C ARG D 2926 -21.67 -15.72 -29.72
N ASN D 2927 -21.32 -17.01 -29.79
CA ASN D 2927 -22.06 -18.11 -29.09
C ASN D 2927 -21.37 -18.48 -27.77
N ASN D 2928 -20.03 -18.38 -27.68
CA ASN D 2928 -19.29 -18.55 -26.41
C ASN D 2928 -19.68 -17.40 -25.45
N LEU D 2929 -19.71 -16.16 -25.94
CA LEU D 2929 -20.12 -14.98 -25.13
C LEU D 2929 -21.58 -15.15 -24.71
N GLN D 2930 -22.42 -15.70 -25.60
CA GLN D 2930 -23.89 -15.82 -25.38
C GLN D 2930 -24.15 -16.98 -24.42
N GLU D 2931 -23.24 -17.96 -24.33
CA GLU D 2931 -23.29 -19.05 -23.31
C GLU D 2931 -23.05 -18.46 -21.91
N ILE D 2932 -22.03 -17.60 -21.75
CA ILE D 2932 -21.68 -16.88 -20.48
C ILE D 2932 -22.88 -16.02 -20.03
N TYR D 2933 -23.52 -15.30 -20.96
CA TYR D 2933 -24.67 -14.38 -20.70
C TYR D 2933 -25.97 -15.16 -20.39
N LYS D 2934 -25.98 -16.49 -20.48
CA LYS D 2934 -27.10 -17.32 -19.97
C LYS D 2934 -26.86 -17.72 -18.51
N LYS D 2935 -25.62 -17.61 -18.01
CA LYS D 2935 -25.21 -18.03 -16.64
C LYS D 2935 -25.28 -16.86 -15.66
N ILE D 2936 -24.96 -15.64 -16.15
CA ILE D 2936 -25.00 -14.38 -15.35
C ILE D 2936 -26.47 -14.02 -15.08
N ALA D 2937 -27.34 -14.14 -16.10
CA ALA D 2937 -28.72 -13.63 -16.14
C ALA D 2937 -29.68 -14.43 -15.23
N LYS D 2938 -29.34 -15.65 -14.79
CA LYS D 2938 -30.06 -16.36 -13.69
C LYS D 2938 -29.72 -15.68 -12.35
N PRO D 2939 -30.65 -15.62 -11.37
CA PRO D 2939 -30.57 -14.63 -10.29
C PRO D 2939 -29.48 -14.89 -9.25
N ASN D 2940 -29.44 -16.09 -8.66
CA ASN D 2940 -28.54 -16.47 -7.53
C ASN D 2940 -27.17 -16.83 -8.12
N SER D 2941 -26.53 -15.89 -8.83
CA SER D 2941 -25.41 -16.15 -9.78
C SER D 2941 -24.07 -15.80 -9.14
N ILE D 2942 -23.12 -16.75 -9.15
CA ILE D 2942 -21.70 -16.51 -8.76
C ILE D 2942 -21.05 -15.76 -9.93
N ALA D 2943 -20.69 -14.48 -9.72
CA ALA D 2943 -20.22 -13.53 -10.76
C ALA D 2943 -19.07 -14.14 -11.57
N ARG D 2944 -19.32 -14.49 -12.83
CA ARG D 2944 -18.34 -15.12 -13.76
C ARG D 2944 -17.34 -14.06 -14.21
N VAL D 2945 -16.04 -14.38 -14.16
CA VAL D 2945 -14.94 -13.57 -14.73
C VAL D 2945 -14.77 -14.01 -16.18
N PHE D 2946 -14.28 -13.12 -17.05
CA PHE D 2946 -14.03 -13.40 -18.48
C PHE D 2946 -12.57 -13.10 -18.82
N MET D 2947 -11.79 -14.17 -18.98
CA MET D 2947 -10.32 -14.13 -19.19
C MET D 2947 -10.03 -14.03 -20.69
N ILE D 2948 -9.30 -12.99 -21.11
CA ILE D 2948 -8.82 -12.80 -22.51
C ILE D 2948 -7.31 -12.54 -22.45
N THR D 2949 -6.57 -12.95 -23.48
CA THR D 2949 -5.10 -12.74 -23.60
C THR D 2949 -4.78 -12.17 -24.98
N ASP D 2950 -3.50 -11.93 -25.26
CA ASP D 2950 -3.01 -11.37 -26.54
C ASP D 2950 -3.15 -12.43 -27.64
N SER D 2951 -2.78 -13.68 -27.33
CA SER D 2951 -2.81 -14.84 -28.26
C SER D 2951 -4.25 -15.21 -28.64
N GLN D 2952 -5.20 -15.10 -27.69
CA GLN D 2952 -6.63 -15.51 -27.86
C GLN D 2952 -7.29 -14.66 -28.95
N ILE D 2953 -6.99 -13.36 -28.99
CA ILE D 2953 -7.47 -12.38 -30.02
C ILE D 2953 -6.65 -12.59 -31.29
N LYS D 2954 -7.08 -13.50 -32.18
CA LYS D 2954 -6.35 -13.84 -33.43
C LYS D 2954 -6.43 -12.66 -34.41
N GLU D 2955 -7.63 -12.09 -34.57
CA GLU D 2955 -7.88 -10.91 -35.45
C GLU D 2955 -8.50 -9.78 -34.62
N GLU D 2956 -8.45 -8.55 -35.13
CA GLU D 2956 -8.81 -7.29 -34.41
C GLU D 2956 -10.33 -7.14 -34.33
N GLN D 2957 -11.10 -7.96 -35.05
CA GLN D 2957 -12.59 -7.93 -35.05
C GLN D 2957 -13.12 -8.48 -33.72
N PHE D 2958 -12.55 -9.59 -33.22
CA PHE D 2958 -13.00 -10.31 -31.99
C PHE D 2958 -13.11 -9.34 -30.81
N LEU D 2959 -12.24 -8.34 -30.76
CA LEU D 2959 -12.18 -7.32 -29.68
C LEU D 2959 -13.50 -6.51 -29.63
N ILE D 2960 -14.14 -6.27 -30.78
CA ILE D 2960 -15.34 -5.36 -30.91
C ILE D 2960 -16.43 -5.79 -29.93
N PRO D 2961 -16.98 -7.03 -30.00
CA PRO D 2961 -17.80 -7.58 -28.93
C PRO D 2961 -17.29 -7.34 -27.51
N ILE D 2962 -15.98 -7.57 -27.27
CA ILE D 2962 -15.35 -7.52 -25.92
C ILE D 2962 -15.34 -6.07 -25.41
N ASN D 2963 -15.10 -5.09 -26.28
CA ASN D 2963 -14.98 -3.66 -25.87
C ASN D 2963 -16.36 -3.15 -25.43
N ASP D 2964 -17.44 -3.69 -26.01
CA ASP D 2964 -18.84 -3.32 -25.70
C ASP D 2964 -19.26 -3.97 -24.37
N MET D 2965 -18.68 -5.14 -24.00
CA MET D 2965 -18.95 -5.85 -22.71
C MET D 2965 -18.36 -5.06 -21.54
N LEU D 2966 -17.13 -4.58 -21.70
CA LEU D 2966 -16.34 -3.94 -20.60
C LEU D 2966 -16.64 -2.44 -20.52
N ASN D 2967 -17.15 -1.83 -21.60
CA ASN D 2967 -17.59 -0.40 -21.62
C ASN D 2967 -18.82 -0.23 -20.72
N SER D 2968 -19.83 -1.10 -20.89
CA SER D 2968 -21.08 -1.10 -20.11
C SER D 2968 -21.81 -2.43 -20.28
N GLY D 2969 -22.52 -2.88 -19.24
CA GLY D 2969 -23.41 -4.06 -19.24
C GLY D 2969 -23.04 -5.11 -20.27
N TRP D 2970 -23.90 -5.31 -21.28
CA TRP D 2970 -23.77 -6.40 -22.29
C TRP D 2970 -23.82 -5.87 -23.73
N ILE D 2971 -23.03 -6.50 -24.59
CA ILE D 2971 -22.79 -6.21 -26.04
C ILE D 2971 -24.12 -6.18 -26.81
N PHE D 2972 -24.54 -4.98 -27.25
CA PHE D 2972 -25.75 -4.69 -28.06
C PHE D 2972 -25.87 -5.67 -29.24
N ASP D 2973 -27.00 -6.37 -29.33
CA ASP D 2973 -27.33 -7.40 -30.36
C ASP D 2973 -26.32 -8.56 -30.26
N LEU D 2974 -26.37 -9.29 -29.14
CA LEU D 2974 -25.85 -10.67 -28.99
C LEU D 2974 -27.01 -11.66 -28.88
N PHE D 2975 -28.26 -11.17 -28.83
CA PHE D 2975 -29.49 -12.00 -28.82
C PHE D 2975 -30.51 -11.47 -29.83
N PRO D 2976 -31.54 -12.28 -30.17
CA PRO D 2976 -32.82 -11.74 -30.60
C PRO D 2976 -33.50 -10.92 -29.49
N LYS D 2977 -34.47 -10.08 -29.88
CA LYS D 2977 -35.34 -9.31 -28.94
C LYS D 2977 -36.47 -10.20 -28.39
N GLU D 2978 -36.52 -11.49 -28.73
CA GLU D 2978 -37.46 -12.46 -28.11
C GLU D 2978 -36.78 -13.17 -26.92
N ASP D 2979 -35.49 -13.51 -27.06
CA ASP D 2979 -34.65 -14.13 -25.99
C ASP D 2979 -34.53 -13.13 -24.81
N MET D 2980 -34.23 -11.86 -25.09
CA MET D 2980 -34.06 -10.81 -24.06
C MET D 2980 -35.40 -10.47 -23.39
N ASP D 2981 -36.55 -10.79 -23.99
CA ASP D 2981 -37.88 -10.62 -23.32
C ASP D 2981 -38.13 -11.78 -22.35
N SER D 2982 -37.37 -12.88 -22.43
CA SER D 2982 -37.41 -14.04 -21.49
C SER D 2982 -36.33 -13.90 -20.40
N LEU D 2983 -35.16 -13.32 -20.71
CA LEU D 2983 -34.04 -13.10 -19.73
C LEU D 2983 -34.46 -12.02 -18.72
N VAL D 2984 -35.11 -10.96 -19.19
CA VAL D 2984 -35.77 -9.94 -18.33
C VAL D 2984 -36.77 -10.64 -17.40
N SER D 2985 -37.53 -11.63 -17.90
CA SER D 2985 -38.65 -12.27 -17.16
C SER D 2985 -38.12 -13.15 -16.00
N GLY D 2986 -36.92 -13.73 -16.14
CA GLY D 2986 -36.28 -14.59 -15.12
C GLY D 2986 -35.78 -13.80 -13.92
N VAL D 2987 -35.61 -12.48 -14.08
CA VAL D 2987 -35.05 -11.52 -13.09
C VAL D 2987 -36.17 -10.59 -12.59
N ARG D 2988 -37.45 -10.97 -12.80
CA ARG D 2988 -38.64 -10.28 -12.22
C ARG D 2988 -38.93 -10.84 -10.82
N ASN D 2989 -38.52 -12.08 -10.55
CA ASN D 2989 -38.70 -12.80 -9.26
C ASN D 2989 -37.58 -12.40 -8.28
N GLU D 2990 -36.49 -11.80 -8.78
CA GLU D 2990 -35.38 -11.25 -7.96
C GLU D 2990 -35.68 -9.80 -7.58
N ALA D 2991 -36.13 -8.97 -8.53
CA ALA D 2991 -36.45 -7.53 -8.35
C ALA D 2991 -37.50 -7.32 -7.25
N LYS D 2992 -38.57 -8.12 -7.19
CA LYS D 2992 -39.60 -8.06 -6.11
C LYS D 2992 -38.93 -8.26 -4.75
N GLY D 2993 -37.97 -9.19 -4.65
CA GLY D 2993 -37.20 -9.49 -3.44
C GLY D 2993 -36.31 -8.34 -3.01
N GLU D 2994 -35.66 -7.68 -3.97
CA GLU D 2994 -34.83 -6.45 -3.77
C GLU D 2994 -35.73 -5.27 -3.36
N GLY D 2995 -37.00 -5.28 -3.78
CA GLY D 2995 -37.98 -4.22 -3.51
C GLY D 2995 -38.01 -3.16 -4.59
N VAL D 2996 -37.41 -3.44 -5.76
CA VAL D 2996 -37.36 -2.54 -6.94
C VAL D 2996 -38.72 -2.65 -7.66
N ASP D 2997 -39.17 -1.55 -8.27
CA ASP D 2997 -40.48 -1.45 -8.99
C ASP D 2997 -40.54 -2.51 -10.09
N VAL D 2998 -41.72 -3.14 -10.23
CA VAL D 2998 -41.99 -4.31 -11.13
C VAL D 2998 -43.12 -3.90 -12.08
N ASN D 2999 -43.11 -4.48 -13.29
CA ASN D 2999 -44.03 -4.13 -14.41
C ASN D 2999 -43.96 -2.61 -14.66
N ASN D 3000 -42.73 -2.06 -14.65
CA ASN D 3000 -42.41 -0.72 -15.20
C ASN D 3000 -41.75 -0.92 -16.58
N LEU D 3001 -40.89 -1.95 -16.70
CA LEU D 3001 -40.24 -2.42 -17.95
C LEU D 3001 -39.22 -1.40 -18.47
N THR D 3002 -38.95 -0.33 -17.71
CA THR D 3002 -37.87 0.66 -17.95
C THR D 3002 -36.82 0.52 -16.85
N ALA D 3003 -37.27 0.46 -15.59
CA ALA D 3003 -36.43 0.27 -14.38
C ALA D 3003 -36.00 -1.20 -14.26
N LEU D 3004 -36.81 -2.15 -14.74
CA LEU D 3004 -36.53 -3.62 -14.70
C LEU D 3004 -35.41 -3.93 -15.70
N THR D 3005 -35.52 -3.46 -16.95
CA THR D 3005 -34.44 -3.58 -17.98
C THR D 3005 -33.16 -2.94 -17.44
N SER D 3006 -33.28 -1.73 -16.89
CA SER D 3006 -32.17 -0.96 -16.27
C SER D 3006 -31.57 -1.75 -15.10
N TYR D 3007 -32.41 -2.31 -14.22
CA TYR D 3007 -31.98 -3.07 -13.00
C TYR D 3007 -31.22 -4.33 -13.40
N PHE D 3008 -31.66 -4.98 -14.46
CA PHE D 3008 -31.02 -6.20 -15.02
C PHE D 3008 -29.63 -5.83 -15.56
N LEU D 3009 -29.53 -4.76 -16.38
CA LEU D 3009 -28.24 -4.27 -16.92
C LEU D 3009 -27.26 -4.00 -15.77
N ASP D 3010 -27.74 -3.51 -14.64
CA ASP D 3010 -26.91 -3.24 -13.42
C ASP D 3010 -26.46 -4.57 -12.82
N LYS D 3011 -27.31 -5.60 -12.86
CA LYS D 3011 -27.01 -6.96 -12.35
C LYS D 3011 -26.00 -7.66 -13.26
N ILE D 3012 -26.13 -7.50 -14.57
CA ILE D 3012 -25.21 -8.10 -15.59
C ILE D 3012 -23.84 -7.43 -15.48
N ARG D 3013 -23.82 -6.09 -15.33
CA ARG D 3013 -22.59 -5.27 -15.14
C ARG D 3013 -21.87 -5.70 -13.86
N LYS D 3014 -22.64 -6.05 -12.83
CA LYS D 3014 -22.13 -6.39 -11.48
C LYS D 3014 -21.59 -7.82 -11.47
N ASN D 3015 -22.26 -8.74 -12.16
CA ASN D 3015 -21.97 -10.20 -12.17
C ASN D 3015 -21.10 -10.57 -13.39
N LEU D 3016 -20.59 -9.58 -14.13
CA LEU D 3016 -19.57 -9.80 -15.20
C LEU D 3016 -18.32 -8.95 -14.92
N LYS D 3017 -17.19 -9.61 -14.73
CA LYS D 3017 -15.84 -8.99 -14.67
C LYS D 3017 -15.12 -9.37 -15.96
N VAL D 3018 -14.43 -8.43 -16.61
CA VAL D 3018 -13.71 -8.66 -17.91
C VAL D 3018 -12.22 -8.39 -17.69
N VAL D 3019 -11.45 -9.44 -17.43
CA VAL D 3019 -9.96 -9.37 -17.25
C VAL D 3019 -9.30 -9.71 -18.59
N LEU D 3020 -8.76 -8.68 -19.27
CA LEU D 3020 -7.95 -8.85 -20.51
C LEU D 3020 -6.46 -8.74 -20.11
N CYS D 3021 -5.58 -9.51 -20.76
CA CYS D 3021 -4.15 -9.70 -20.37
C CYS D 3021 -3.20 -9.54 -21.55
N PHE D 3022 -2.74 -8.31 -21.79
CA PHE D 3022 -1.91 -7.89 -22.96
C PHE D 3022 -0.44 -7.78 -22.56
N SER D 3023 0.43 -7.59 -23.57
CA SER D 3023 1.88 -7.29 -23.43
C SER D 3023 2.20 -5.97 -24.10
N PRO D 3024 3.05 -5.10 -23.51
CA PRO D 3024 3.42 -3.83 -24.10
C PRO D 3024 4.68 -3.92 -25.00
N VAL D 3025 4.52 -4.45 -26.21
CA VAL D 3025 5.65 -4.77 -27.14
C VAL D 3025 5.20 -4.50 -28.58
N GLY D 3026 5.97 -3.71 -29.32
CA GLY D 3026 5.74 -3.41 -30.75
C GLY D 3026 4.52 -2.53 -30.99
N ASP D 3027 4.02 -1.85 -29.94
CA ASP D 3027 2.83 -0.97 -29.97
C ASP D 3027 1.65 -1.69 -30.64
N THR D 3028 1.35 -2.91 -30.18
CA THR D 3028 0.12 -3.68 -30.52
C THR D 3028 -0.96 -3.36 -29.50
N MET D 3029 -0.60 -3.05 -28.25
CA MET D 3029 -1.55 -2.58 -27.21
C MET D 3029 -1.97 -1.15 -27.52
N ARG D 3030 -1.01 -0.29 -27.90
CA ARG D 3030 -1.23 1.15 -28.18
C ARG D 3030 -2.27 1.30 -29.30
N ILE D 3031 -2.13 0.53 -30.39
CA ILE D 3031 -3.06 0.58 -31.56
C ILE D 3031 -4.44 0.01 -31.17
N ARG D 3032 -4.49 -0.92 -30.21
CA ARG D 3032 -5.77 -1.41 -29.64
C ARG D 3032 -6.41 -0.29 -28.81
N SER D 3033 -5.65 0.32 -27.90
CA SER D 3033 -6.07 1.45 -27.03
C SER D 3033 -6.61 2.60 -27.89
N ARG D 3034 -5.97 2.87 -29.04
CA ARG D 3034 -6.37 3.91 -30.02
C ARG D 3034 -7.74 3.55 -30.60
N LYS D 3035 -7.94 2.29 -31.00
CA LYS D 3035 -9.14 1.83 -31.77
C LYS D 3035 -10.34 1.69 -30.83
N PHE D 3036 -10.16 1.10 -29.65
CA PHE D 3036 -11.23 0.87 -28.65
C PHE D 3036 -11.02 1.77 -27.44
N PRO D 3037 -11.94 2.73 -27.16
CA PRO D 3037 -11.78 3.61 -26.01
C PRO D 3037 -11.89 2.80 -24.72
N GLY D 3038 -12.74 1.77 -24.72
CA GLY D 3038 -13.03 0.91 -23.56
C GLY D 3038 -11.77 0.43 -22.86
N ILE D 3039 -10.88 -0.21 -23.61
CA ILE D 3039 -9.72 -1.00 -23.10
C ILE D 3039 -9.04 -0.23 -21.95
N ILE D 3040 -8.54 0.99 -22.20
CA ILE D 3040 -7.61 1.70 -21.27
C ILE D 3040 -8.40 2.49 -20.22
N ASN D 3041 -9.42 3.25 -20.61
CA ASN D 3041 -10.09 4.23 -19.71
C ASN D 3041 -11.03 3.48 -18.76
N ASN D 3042 -11.79 2.52 -19.29
CA ASN D 3042 -12.92 1.88 -18.56
C ASN D 3042 -12.43 0.80 -17.59
N THR D 3043 -11.18 0.37 -17.70
CA THR D 3043 -10.58 -0.72 -16.88
C THR D 3043 -9.43 -0.18 -16.03
N SER D 3044 -9.22 -0.75 -14.84
CA SER D 3044 -8.21 -0.35 -13.83
C SER D 3044 -6.88 -1.08 -14.11
N ILE D 3045 -6.00 -0.44 -14.87
CA ILE D 3045 -4.70 -1.02 -15.37
C ILE D 3045 -3.81 -1.38 -14.17
N ASP D 3046 -3.07 -2.49 -14.28
CA ASP D 3046 -2.05 -3.00 -13.32
C ASP D 3046 -0.92 -3.67 -14.09
N TRP D 3047 0.26 -3.04 -14.08
CA TRP D 3047 1.42 -3.31 -14.97
C TRP D 3047 2.33 -4.36 -14.32
N PHE D 3048 2.76 -5.36 -15.10
CA PHE D 3048 3.59 -6.49 -14.64
C PHE D 3048 5.06 -6.24 -14.94
N HIS D 3049 5.83 -5.80 -13.94
CA HIS D 3049 7.27 -5.48 -14.03
C HIS D 3049 8.08 -6.78 -14.02
N PRO D 3050 9.34 -6.77 -14.50
CA PRO D 3050 10.19 -7.96 -14.42
C PRO D 3050 10.57 -8.27 -12.97
N TRP D 3051 10.74 -9.56 -12.66
CA TRP D 3051 10.86 -10.12 -11.28
C TRP D 3051 12.06 -9.50 -10.57
N PRO D 3052 11.90 -9.00 -9.32
CA PRO D 3052 13.03 -8.47 -8.55
C PRO D 3052 14.08 -9.54 -8.25
N HIS D 3053 15.27 -9.12 -7.81
CA HIS D 3053 16.41 -10.00 -7.46
C HIS D 3053 16.03 -10.90 -6.28
N GLU D 3054 15.36 -10.34 -5.27
CA GLU D 3054 14.90 -11.07 -4.05
C GLU D 3054 13.98 -12.22 -4.44
N ALA D 3055 13.13 -12.02 -5.46
CA ALA D 3055 12.13 -12.99 -5.96
C ALA D 3055 12.83 -14.14 -6.69
N LEU D 3056 13.73 -13.83 -7.62
CA LEU D 3056 14.43 -14.81 -8.49
C LEU D 3056 15.14 -15.87 -7.64
N ILE D 3057 15.83 -15.46 -6.56
CA ILE D 3057 16.57 -16.36 -5.64
C ILE D 3057 15.58 -17.35 -5.01
N ASP D 3058 14.38 -16.89 -4.63
CA ASP D 3058 13.29 -17.75 -4.10
C ASP D 3058 12.85 -18.71 -5.21
N VAL D 3059 12.51 -18.17 -6.40
CA VAL D 3059 11.92 -18.94 -7.53
C VAL D 3059 12.87 -20.07 -7.92
N ALA D 3060 14.17 -19.77 -8.00
CA ALA D 3060 15.25 -20.74 -8.32
C ALA D 3060 15.31 -21.84 -7.26
N PHE D 3061 15.28 -21.45 -5.97
CA PHE D 3061 15.47 -22.35 -4.79
C PHE D 3061 14.33 -23.37 -4.71
N ARG D 3062 13.10 -22.99 -5.06
CA ARG D 3062 11.90 -23.89 -5.07
C ARG D 3062 12.10 -25.00 -6.11
N PHE D 3063 12.69 -24.68 -7.25
CA PHE D 3063 12.90 -25.64 -8.38
C PHE D 3063 14.16 -26.50 -8.13
N LEU D 3064 15.20 -25.93 -7.54
CA LEU D 3064 16.44 -26.68 -7.11
C LEU D 3064 16.11 -27.68 -5.99
N GLU D 3065 14.98 -27.52 -5.27
CA GLU D 3065 14.49 -28.55 -4.32
C GLU D 3065 14.14 -29.81 -5.12
N GLU D 3066 14.36 -30.98 -4.51
CA GLU D 3066 14.35 -32.32 -5.16
C GLU D 3066 15.48 -32.37 -6.21
N ILE D 3067 16.67 -31.88 -5.84
CA ILE D 3067 17.99 -32.19 -6.46
C ILE D 3067 19.02 -32.30 -5.32
N GLU D 3068 19.95 -33.26 -5.41
CA GLU D 3068 20.96 -33.53 -4.35
C GLU D 3068 22.07 -32.47 -4.44
N PHE D 3069 22.77 -32.20 -3.34
CA PHE D 3069 23.90 -31.22 -3.24
C PHE D 3069 24.72 -31.48 -1.97
N PRO D 3070 26.07 -31.45 -2.06
CA PRO D 3070 26.91 -32.03 -1.01
C PRO D 3070 26.57 -31.56 0.41
N THR D 3071 26.54 -30.24 0.63
CA THR D 3071 26.43 -29.59 1.98
C THR D 3071 25.30 -28.56 2.03
N GLU D 3072 24.37 -28.54 1.07
CA GLU D 3072 23.07 -27.81 1.12
C GLU D 3072 23.30 -26.29 1.15
N GLU D 3073 24.38 -25.82 1.79
CA GLU D 3073 25.00 -24.47 1.60
C GLU D 3073 25.15 -24.14 0.11
N ILE D 3074 25.49 -25.15 -0.71
CA ILE D 3074 25.59 -25.07 -2.19
C ILE D 3074 24.22 -24.65 -2.74
N ARG D 3075 23.12 -25.26 -2.27
CA ARG D 3075 21.80 -25.15 -2.96
C ARG D 3075 21.32 -23.70 -2.86
N GLN D 3076 21.44 -23.07 -1.69
CA GLN D 3076 21.19 -21.61 -1.52
C GLN D 3076 22.11 -20.86 -2.49
N SER D 3077 23.41 -21.19 -2.44
CA SER D 3077 24.53 -20.48 -3.12
C SER D 3077 24.34 -20.53 -4.64
N ILE D 3078 24.05 -21.69 -5.22
CA ILE D 3078 23.66 -21.82 -6.66
C ILE D 3078 22.57 -20.78 -6.95
N SER D 3079 21.50 -20.77 -6.13
CA SER D 3079 20.25 -20.01 -6.40
C SER D 3079 20.53 -18.51 -6.31
N LEU D 3080 21.63 -18.11 -5.67
CA LEU D 3080 22.16 -16.72 -5.72
C LEU D 3080 22.72 -16.48 -7.14
N ASN D 3081 23.55 -17.38 -7.66
CA ASN D 3081 24.22 -17.24 -9.00
C ASN D 3081 23.23 -17.46 -10.14
N MET D 3082 22.13 -18.18 -9.91
CA MET D 3082 21.03 -18.35 -10.90
C MET D 3082 20.25 -17.04 -11.03
N ALA D 3083 20.11 -16.28 -9.94
CA ALA D 3083 19.51 -14.93 -9.96
C ALA D 3083 20.49 -13.97 -10.63
N LYS D 3084 21.75 -13.96 -10.16
CA LYS D 3084 22.79 -12.99 -10.62
C LYS D 3084 22.91 -13.08 -12.14
N VAL D 3085 23.09 -14.29 -12.69
CA VAL D 3085 23.17 -14.51 -14.17
C VAL D 3085 21.99 -13.79 -14.86
N HIS D 3086 20.76 -14.05 -14.42
CA HIS D 3086 19.52 -13.49 -15.04
C HIS D 3086 19.44 -11.97 -14.82
N SER D 3087 19.99 -11.46 -13.71
CA SER D 3087 20.12 -10.00 -13.42
C SER D 3087 21.29 -9.41 -14.20
N SER D 3088 22.32 -10.21 -14.50
CA SER D 3088 23.58 -9.79 -15.18
C SER D 3088 23.41 -9.81 -16.70
N ILE D 3089 22.41 -10.52 -17.22
CA ILE D 3089 22.03 -10.46 -18.67
C ILE D 3089 21.32 -9.12 -18.91
N ASP D 3090 20.39 -8.72 -18.03
CA ASP D 3090 19.55 -7.51 -18.19
C ASP D 3090 20.42 -6.23 -18.19
N THR D 3091 21.58 -6.24 -17.52
CA THR D 3091 22.55 -5.11 -17.48
C THR D 3091 23.48 -5.14 -18.70
N ALA D 3092 23.63 -6.31 -19.34
CA ALA D 3092 24.36 -6.49 -20.62
C ALA D 3092 23.44 -6.20 -21.80
N ASN D 3093 22.18 -6.66 -21.70
CA ASN D 3093 21.10 -6.45 -22.71
C ASN D 3093 20.92 -4.95 -22.92
N GLU D 3094 21.01 -4.15 -21.85
CA GLU D 3094 20.91 -2.66 -21.87
C GLU D 3094 22.18 -2.08 -22.52
N LYS D 3095 23.35 -2.61 -22.16
CA LYS D 3095 24.68 -2.25 -22.74
C LYS D 3095 24.69 -2.54 -24.25
N PHE D 3096 23.99 -3.61 -24.66
CA PHE D 3096 23.94 -4.14 -26.05
C PHE D 3096 23.04 -3.28 -26.95
N LEU D 3097 21.98 -2.68 -26.38
CA LEU D 3097 21.02 -1.78 -27.09
C LEU D 3097 21.63 -0.39 -27.25
N LYS D 3098 22.44 0.05 -26.29
CA LYS D 3098 23.09 1.39 -26.27
C LYS D 3098 24.28 1.38 -27.22
N LEU D 3099 25.10 0.32 -27.20
CA LEU D 3099 26.38 0.22 -27.95
C LEU D 3099 26.12 0.00 -29.44
N GLU D 3100 25.36 -1.04 -29.79
CA GLU D 3100 24.87 -1.31 -31.18
C GLU D 3100 23.35 -1.21 -31.21
N ARG D 3101 22.76 -1.25 -32.41
CA ARG D 3101 21.29 -1.15 -32.62
C ARG D 3101 20.61 -2.49 -32.30
N ARG D 3102 21.37 -3.57 -32.08
CA ARG D 3102 20.82 -4.95 -31.96
C ARG D 3102 19.98 -5.06 -30.68
N TYR D 3103 18.71 -5.47 -30.84
CA TYR D 3103 17.71 -5.67 -29.75
C TYR D 3103 17.74 -7.13 -29.29
N ASN D 3104 17.99 -7.35 -28.00
CA ASN D 3104 17.76 -8.65 -27.29
C ASN D 3104 16.68 -8.42 -26.22
N TYR D 3105 16.03 -9.49 -25.77
CA TYR D 3105 14.97 -9.45 -24.73
C TYR D 3105 15.01 -10.72 -23.89
N THR D 3106 14.86 -10.57 -22.57
CA THR D 3106 14.69 -11.68 -21.58
C THR D 3106 13.36 -11.49 -20.86
N THR D 3107 12.66 -12.60 -20.59
CA THR D 3107 11.36 -12.64 -19.87
C THR D 3107 11.52 -13.56 -18.66
N PRO D 3108 10.61 -13.48 -17.66
CA PRO D 3108 10.62 -14.44 -16.55
C PRO D 3108 10.41 -15.90 -16.99
N LYS D 3109 9.79 -16.11 -18.14
CA LYS D 3109 9.64 -17.46 -18.76
C LYS D 3109 11.01 -17.96 -19.24
N SER D 3110 11.86 -17.06 -19.74
CA SER D 3110 13.24 -17.36 -20.22
C SER D 3110 14.08 -17.91 -19.07
N PHE D 3111 13.98 -17.27 -17.89
CA PHE D 3111 14.64 -17.68 -16.63
C PHE D 3111 14.10 -19.05 -16.17
N LEU D 3112 12.79 -19.21 -16.15
CA LEU D 3112 12.11 -20.45 -15.70
C LEU D 3112 12.52 -21.63 -16.58
N GLU D 3113 12.85 -21.38 -17.86
CA GLU D 3113 13.29 -22.39 -18.85
C GLU D 3113 14.80 -22.65 -18.76
N LEU D 3114 15.57 -21.77 -18.10
CA LEU D 3114 16.98 -22.03 -17.71
C LEU D 3114 17.00 -23.06 -16.58
N ILE D 3115 16.31 -22.77 -15.49
CA ILE D 3115 16.30 -23.58 -14.24
C ILE D 3115 15.93 -25.02 -14.61
N ASP D 3116 14.94 -25.18 -15.50
CA ASP D 3116 14.51 -26.49 -16.07
C ASP D 3116 15.72 -27.16 -16.74
N PHE D 3117 16.37 -26.46 -17.68
CA PHE D 3117 17.44 -26.99 -18.55
C PHE D 3117 18.63 -27.46 -17.71
N TYR D 3118 19.04 -26.65 -16.72
CA TYR D 3118 20.16 -26.95 -15.79
C TYR D 3118 19.87 -28.22 -14.99
N LYS D 3119 18.68 -28.28 -14.38
CA LYS D 3119 18.16 -29.45 -13.62
C LYS D 3119 18.25 -30.70 -14.53
N LYS D 3120 17.85 -30.58 -15.79
CA LYS D 3120 17.81 -31.68 -16.80
C LYS D 3120 19.24 -32.08 -17.22
N LEU D 3121 20.10 -31.09 -17.43
CA LEU D 3121 21.51 -31.27 -17.89
C LEU D 3121 22.37 -31.82 -16.75
N LEU D 3122 22.13 -31.35 -15.52
CA LEU D 3122 22.87 -31.77 -14.29
C LEU D 3122 22.61 -33.24 -13.99
N THR D 3123 21.35 -33.70 -14.10
CA THR D 3123 20.94 -35.11 -13.84
C THR D 3123 21.60 -36.01 -14.88
N GLU D 3124 21.46 -35.68 -16.16
CA GLU D 3124 22.06 -36.40 -17.31
C GLU D 3124 23.56 -36.58 -17.11
N LYS D 3125 24.28 -35.47 -16.90
CA LYS D 3125 25.76 -35.41 -16.70
C LYS D 3125 26.15 -36.26 -15.49
N ARG D 3126 25.48 -36.06 -14.35
CA ARG D 3126 25.74 -36.77 -13.06
C ARG D 3126 25.37 -38.26 -13.22
N GLU D 3127 24.34 -38.59 -14.01
CA GLU D 3127 23.90 -40.01 -14.25
C GLU D 3127 24.90 -40.76 -15.12
N THR D 3128 25.57 -40.05 -16.04
CA THR D 3128 26.66 -40.60 -16.91
C THR D 3128 27.86 -40.99 -16.04
N ILE D 3129 28.25 -40.13 -15.09
CA ILE D 3129 29.37 -40.38 -14.16
C ILE D 3129 28.95 -41.47 -13.17
N GLN D 3130 27.82 -41.29 -12.46
CA GLN D 3130 27.34 -42.24 -11.41
C GLN D 3130 27.25 -43.67 -11.97
N ARG D 3131 27.07 -43.82 -13.28
CA ARG D 3131 27.19 -45.10 -14.03
C ARG D 3131 28.67 -45.49 -14.17
N GLN D 3132 29.51 -44.55 -14.64
CA GLN D 3132 30.96 -44.74 -14.91
C GLN D 3132 31.70 -45.10 -13.62
N ILE D 3133 31.49 -44.33 -12.54
CA ILE D 3133 32.10 -44.55 -11.19
C ILE D 3133 31.67 -45.92 -10.63
N GLN D 3134 30.43 -46.33 -10.88
CA GLN D 3134 29.84 -47.61 -10.39
C GLN D 3134 30.63 -48.79 -10.98
N ARG D 3135 30.89 -48.76 -12.30
CA ARG D 3135 31.68 -49.78 -13.04
C ARG D 3135 33.04 -49.99 -12.37
N TYR D 3136 33.74 -48.89 -12.08
CA TYR D 3136 35.10 -48.88 -11.46
C TYR D 3136 35.03 -49.40 -10.02
N GLU D 3137 34.04 -48.97 -9.23
CA GLU D 3137 33.86 -49.39 -7.81
C GLU D 3137 33.44 -50.86 -7.76
N MET D 3138 32.54 -51.29 -8.66
CA MET D 3138 32.16 -52.71 -8.89
C MET D 3138 33.41 -53.55 -9.21
N GLY D 3139 34.30 -53.03 -10.06
CA GLY D 3139 35.50 -53.71 -10.58
C GLY D 3139 36.63 -53.75 -9.56
N LEU D 3140 36.83 -52.67 -8.80
CA LEU D 3140 37.86 -52.56 -7.73
C LEU D 3140 37.56 -53.58 -6.62
N ASN D 3141 36.28 -53.74 -6.26
CA ASN D 3141 35.80 -54.72 -5.24
C ASN D 3141 36.13 -56.15 -5.67
N ILE D 3142 36.16 -56.42 -6.98
CA ILE D 3142 36.54 -57.73 -7.58
C ILE D 3142 38.07 -57.89 -7.53
N LEU D 3143 38.82 -56.88 -8.00
CA LEU D 3143 40.31 -56.87 -7.99
C LEU D 3143 40.82 -57.18 -6.58
N ALA D 3144 40.32 -56.43 -5.57
CA ALA D 3144 40.74 -56.49 -4.15
C ALA D 3144 40.65 -57.94 -3.63
N GLU D 3145 39.56 -58.65 -3.96
CA GLU D 3145 39.29 -60.05 -3.51
C GLU D 3145 40.27 -61.02 -4.18
N THR D 3146 40.36 -60.99 -5.52
CA THR D 3146 41.26 -61.85 -6.34
C THR D 3146 42.71 -61.61 -5.93
N GLN D 3147 43.11 -60.34 -5.78
CA GLN D 3147 44.48 -59.89 -5.38
C GLN D 3147 44.85 -60.51 -4.03
N ASN D 3148 43.92 -60.53 -3.07
CA ASN D 3148 44.11 -61.10 -1.70
C ASN D 3148 44.31 -62.62 -1.79
N LYS D 3149 43.54 -63.31 -2.63
CA LYS D 3149 43.69 -64.78 -2.89
C LYS D 3149 45.08 -65.04 -3.47
N VAL D 3150 45.47 -64.29 -4.52
CA VAL D 3150 46.78 -64.40 -5.23
C VAL D 3150 47.92 -64.20 -4.22
N GLN D 3151 47.95 -63.04 -3.55
CA GLN D 3151 49.01 -62.65 -2.56
C GLN D 3151 49.28 -63.81 -1.60
N GLY D 3152 48.21 -64.40 -1.03
CA GLY D 3152 48.27 -65.58 -0.15
C GLY D 3152 48.88 -66.79 -0.85
N LEU D 3153 48.43 -67.08 -2.08
CA LEU D 3153 48.97 -68.19 -2.94
C LEU D 3153 50.40 -67.86 -3.40
N GLN D 3154 50.76 -66.57 -3.46
CA GLN D 3154 52.14 -66.07 -3.68
C GLN D 3154 52.99 -66.39 -2.44
N GLU D 3155 52.55 -65.94 -1.28
CA GLU D 3155 53.29 -66.00 0.01
C GLU D 3155 53.55 -67.48 0.39
N GLU D 3156 52.52 -68.34 0.34
CA GLU D 3156 52.64 -69.78 0.68
C GLU D 3156 53.61 -70.45 -0.32
N LEU D 3157 53.53 -70.07 -1.61
CA LEU D 3157 54.42 -70.57 -2.69
C LEU D 3157 55.88 -70.18 -2.41
N LYS D 3158 56.09 -68.92 -1.99
CA LYS D 3158 57.44 -68.36 -1.68
C LYS D 3158 58.03 -69.04 -0.44
N VAL D 3159 57.22 -69.24 0.61
CA VAL D 3159 57.63 -69.88 1.89
C VAL D 3159 58.09 -71.31 1.63
N LYS D 3160 57.30 -72.09 0.86
CA LYS D 3160 57.62 -73.48 0.43
C LYS D 3160 58.95 -73.49 -0.34
N MET D 3161 59.09 -72.60 -1.34
CA MET D 3161 60.30 -72.45 -2.21
C MET D 3161 61.54 -72.21 -1.35
N VAL D 3162 61.44 -71.33 -0.35
CA VAL D 3162 62.53 -70.96 0.59
C VAL D 3162 62.90 -72.18 1.45
N GLU D 3163 61.89 -72.85 2.03
CA GLU D 3163 62.06 -74.07 2.88
C GLU D 3163 62.77 -75.18 2.08
N VAL D 3164 62.37 -75.38 0.82
CA VAL D 3164 62.90 -76.43 -0.10
C VAL D 3164 64.37 -76.11 -0.45
N ASN D 3165 64.70 -74.84 -0.70
CA ASN D 3165 66.09 -74.36 -0.98
C ASN D 3165 67.00 -74.69 0.21
N LYS D 3166 66.60 -74.28 1.42
CA LYS D 3166 67.34 -74.51 2.70
C LYS D 3166 67.58 -76.01 2.90
N GLN D 3167 66.53 -76.82 2.76
CA GLN D 3167 66.57 -78.32 2.86
C GLN D 3167 67.53 -78.87 1.80
N ARG D 3168 67.44 -78.37 0.56
CA ARG D 3168 68.35 -78.72 -0.57
C ARG D 3168 69.80 -78.42 -0.15
N GLU D 3169 70.06 -77.18 0.27
CA GLU D 3169 71.40 -76.66 0.67
C GLU D 3169 72.00 -77.52 1.81
N GLU D 3170 71.17 -77.98 2.75
CA GLU D 3170 71.60 -78.85 3.89
C GLU D 3170 71.99 -80.23 3.36
N THR D 3171 71.16 -80.84 2.51
CA THR D 3171 71.35 -82.20 1.93
C THR D 3171 72.58 -82.21 1.00
N ASP D 3172 72.90 -81.09 0.35
CA ASP D 3172 74.15 -80.89 -0.44
C ASP D 3172 75.37 -81.08 0.47
N ILE D 3173 75.41 -80.31 1.56
CA ILE D 3173 76.55 -80.23 2.54
C ILE D 3173 76.78 -81.61 3.15
N LEU D 3174 75.71 -82.30 3.56
CA LEU D 3174 75.76 -83.67 4.16
C LEU D 3174 76.27 -84.67 3.11
N ILE D 3175 75.78 -84.57 1.87
CA ILE D 3175 76.19 -85.45 0.73
C ILE D 3175 77.68 -85.24 0.42
N GLU D 3176 78.17 -83.99 0.48
CA GLU D 3176 79.59 -83.64 0.25
C GLU D 3176 80.46 -84.22 1.36
N LYS D 3177 80.04 -84.09 2.63
CA LYS D 3177 80.74 -84.64 3.83
C LYS D 3177 80.85 -86.17 3.70
N VAL D 3178 79.75 -86.84 3.35
CA VAL D 3178 79.68 -88.32 3.14
C VAL D 3178 80.58 -88.70 1.96
N GLY D 3179 80.65 -87.86 0.92
CA GLY D 3179 81.49 -88.05 -0.28
C GLY D 3179 82.98 -88.00 0.03
N LYS D 3180 83.39 -87.13 0.95
CA LYS D 3180 84.78 -87.03 1.47
C LYS D 3180 85.11 -88.28 2.29
N GLU D 3181 84.23 -88.63 3.24
CA GLU D 3181 84.35 -89.83 4.13
C GLU D 3181 84.49 -91.09 3.27
N SER D 3182 83.70 -91.21 2.20
CA SER D 3182 83.68 -92.37 1.26
C SER D 3182 85.00 -92.45 0.49
N ALA D 3183 85.56 -91.31 0.08
CA ALA D 3183 86.85 -91.19 -0.63
C ALA D 3183 88.00 -91.66 0.28
N LEU D 3184 87.98 -91.27 1.55
CA LEU D 3184 88.99 -91.65 2.58
C LEU D 3184 88.93 -93.17 2.81
N ALA D 3185 87.73 -93.73 2.99
CA ALA D 3185 87.46 -95.17 3.17
C ALA D 3185 87.92 -95.96 1.93
N GLU D 3186 87.71 -95.40 0.73
CA GLU D 3186 88.13 -95.98 -0.57
C GLU D 3186 89.66 -96.08 -0.64
N GLU D 3187 90.37 -95.05 -0.17
CA GLU D 3187 91.86 -94.99 -0.12
C GLU D 3187 92.38 -96.05 0.85
N GLU D 3188 91.79 -96.13 2.05
CA GLU D 3188 92.13 -97.13 3.11
C GLU D 3188 91.90 -98.56 2.57
N GLN D 3189 90.85 -98.75 1.76
CA GLN D 3189 90.46 -100.06 1.17
C GLN D 3189 91.48 -100.51 0.11
N THR D 3190 91.96 -99.58 -0.72
CA THR D 3190 92.93 -99.84 -1.81
C THR D 3190 94.32 -100.16 -1.23
N ILE D 3191 94.69 -99.55 -0.10
CA ILE D 3191 95.96 -99.84 0.64
C ILE D 3191 95.87 -101.25 1.22
N ALA D 3192 94.80 -101.55 1.96
CA ALA D 3192 94.50 -102.88 2.56
C ALA D 3192 94.44 -103.97 1.48
N ASN D 3193 93.92 -103.62 0.29
CA ASN D 3193 93.85 -104.50 -0.90
C ASN D 3193 95.27 -104.86 -1.37
N ALA D 3194 96.13 -103.86 -1.54
CA ALA D 3194 97.55 -104.00 -1.94
C ALA D 3194 98.32 -104.82 -0.90
N GLU D 3195 98.11 -104.54 0.39
CA GLU D 3195 98.68 -105.29 1.55
C GLU D 3195 98.26 -106.77 1.46
N GLU D 3196 96.97 -107.02 1.22
CA GLU D 3196 96.35 -108.37 1.14
C GLU D 3196 96.95 -109.18 -0.02
N GLU D 3197 97.24 -108.52 -1.15
CA GLU D 3197 97.86 -109.14 -2.35
C GLU D 3197 99.29 -109.59 -2.04
N LYS D 3198 100.09 -108.71 -1.42
CA LYS D 3198 101.51 -108.96 -1.07
C LYS D 3198 101.63 -110.16 -0.11
N THR D 3199 100.75 -110.24 0.89
CA THR D 3199 100.68 -111.34 1.90
C THR D 3199 100.25 -112.64 1.22
N ASN D 3200 99.36 -112.57 0.23
CA ASN D 3200 98.86 -113.73 -0.57
C ASN D 3200 99.98 -114.30 -1.44
N VAL D 3201 100.83 -113.43 -2.02
CA VAL D 3201 102.01 -113.82 -2.85
C VAL D 3201 103.06 -114.48 -1.94
N ALA D 3202 103.36 -113.87 -0.78
CA ALA D 3202 104.33 -114.35 0.24
C ALA D 3202 103.90 -115.73 0.76
N ALA D 3203 102.59 -115.93 0.97
CA ALA D 3203 101.99 -117.21 1.43
C ALA D 3203 102.16 -118.29 0.36
N ALA D 3204 101.93 -117.94 -0.92
CA ALA D 3204 102.05 -118.84 -2.09
C ALA D 3204 103.50 -119.32 -2.24
N GLU D 3205 104.47 -118.42 -2.07
CA GLU D 3205 105.94 -118.73 -2.11
C GLU D 3205 106.29 -119.68 -0.95
N ALA D 3206 105.81 -119.37 0.26
CA ALA D 3206 106.01 -120.18 1.50
C ALA D 3206 105.43 -121.58 1.30
N GLU D 3207 104.26 -121.68 0.66
CA GLU D 3207 103.56 -122.96 0.36
C GLU D 3207 104.36 -123.79 -0.64
N LYS D 3208 105.02 -123.16 -1.62
CA LYS D 3208 105.90 -123.84 -2.61
C LYS D 3208 107.15 -124.38 -1.92
N ILE D 3209 107.75 -123.60 -1.01
CA ILE D 3209 108.95 -123.98 -0.20
C ILE D 3209 108.57 -125.15 0.72
N SER D 3210 107.36 -125.12 1.29
CA SER D 3210 106.80 -126.17 2.19
C SER D 3210 106.66 -127.50 1.45
N LYS D 3211 106.16 -127.47 0.21
CA LYS D 3211 105.97 -128.65 -0.68
C LYS D 3211 107.33 -129.29 -1.01
N GLU D 3212 108.33 -128.47 -1.34
CA GLU D 3212 109.72 -128.91 -1.67
C GLU D 3212 110.36 -129.58 -0.43
N ALA D 3213 110.05 -129.08 0.77
CA ALA D 3213 110.60 -129.56 2.06
C ALA D 3213 109.94 -130.88 2.46
N THR D 3214 108.64 -131.05 2.18
CA THR D 3214 107.88 -132.31 2.43
C THR D 3214 108.37 -133.41 1.47
N GLU D 3215 108.71 -133.05 0.23
CA GLU D 3215 109.33 -133.97 -0.78
C GLU D 3215 110.70 -134.45 -0.28
N ALA D 3216 111.53 -133.51 0.20
CA ALA D 3216 112.85 -133.78 0.83
C ALA D 3216 112.68 -134.64 2.08
N LEU D 3217 111.65 -134.35 2.89
CA LEU D 3217 111.25 -135.14 4.08
C LEU D 3217 110.85 -136.56 3.65
N ALA D 3218 110.09 -136.69 2.56
CA ALA D 3218 109.58 -137.98 2.01
C ALA D 3218 110.69 -138.81 1.38
N GLU D 3219 111.80 -138.18 0.97
CA GLU D 3219 113.05 -138.89 0.53
C GLU D 3219 113.85 -139.32 1.77
N ALA D 3220 113.77 -138.53 2.86
CA ALA D 3220 114.55 -138.71 4.11
C ALA D 3220 113.82 -139.63 5.10
N LEU D 3221 112.76 -140.34 4.69
CA LEU D 3221 112.07 -141.40 5.50
C LEU D 3221 112.45 -142.77 4.95
N PRO D 3222 112.15 -143.14 3.68
CA PRO D 3222 112.89 -144.19 2.95
C PRO D 3222 114.38 -144.29 3.30
N ALA D 3223 115.06 -143.14 3.42
CA ALA D 3223 116.36 -142.99 4.12
C ALA D 3223 116.39 -143.87 5.38
N LEU D 3224 115.67 -143.45 6.43
CA LEU D 3224 115.61 -144.16 7.74
C LEU D 3224 115.10 -145.58 7.52
N ARG D 3225 113.94 -145.72 6.87
CA ARG D 3225 113.19 -146.97 6.66
C ARG D 3225 114.08 -148.00 5.97
N SER D 3226 114.75 -147.60 4.87
CA SER D 3226 115.72 -148.44 4.14
C SER D 3226 116.71 -149.03 5.14
N ALA D 3227 117.36 -148.16 5.91
CA ALA D 3227 118.38 -148.55 6.92
C ALA D 3227 117.71 -149.44 7.98
N GLU D 3228 116.56 -149.02 8.51
CA GLU D 3228 115.78 -149.74 9.55
C GLU D 3228 115.44 -151.16 9.05
N ALA D 3229 115.07 -151.31 7.78
CA ALA D 3229 114.81 -152.61 7.12
C ALA D 3229 116.11 -153.41 7.03
N ALA D 3230 117.24 -152.72 6.82
CA ALA D 3230 118.61 -153.30 6.71
C ALA D 3230 119.29 -153.38 8.08
N VAL D 3231 118.54 -153.16 9.16
CA VAL D 3231 119.06 -153.22 10.56
C VAL D 3231 118.84 -154.61 11.15
N ASP D 3232 117.79 -155.33 10.73
CA ASP D 3232 117.47 -156.69 11.24
C ASP D 3232 118.35 -157.76 10.58
N CYS D 3233 119.26 -157.39 9.67
CA CYS D 3233 120.25 -158.31 9.03
C CYS D 3233 120.84 -159.27 10.07
N LEU D 3234 121.35 -158.71 11.17
CA LEU D 3234 121.92 -159.47 12.33
C LEU D 3234 120.81 -160.28 13.04
N LYS D 3235 121.07 -161.54 13.39
CA LYS D 3235 120.06 -162.48 13.98
C LYS D 3235 120.66 -163.27 15.15
N LYS D 3236 119.83 -164.05 15.81
CA LYS D 3236 120.21 -164.85 17.01
C LYS D 3236 121.31 -165.88 16.69
N PRO D 3237 121.32 -166.57 15.52
CA PRO D 3237 122.42 -167.45 15.20
C PRO D 3237 123.70 -166.62 15.16
N HIS D 3238 123.88 -165.80 14.13
CA HIS D 3238 125.20 -165.23 13.72
C HIS D 3238 125.99 -164.81 14.96
N VAL D 3239 125.34 -164.30 16.00
CA VAL D 3239 126.05 -163.89 17.25
C VAL D 3239 126.65 -165.12 17.96
N THR D 3240 125.87 -166.20 18.16
CA THR D 3240 126.21 -167.38 18.99
C THR D 3240 127.45 -168.07 18.42
N GLU D 3241 127.70 -167.90 17.13
CA GLU D 3241 129.01 -168.26 16.55
C GLU D 3241 130.04 -167.42 17.30
N MET D 3242 129.98 -166.09 17.16
CA MET D 3242 131.06 -165.17 17.59
C MET D 3242 131.49 -165.50 19.01
N LYS D 3243 130.54 -165.64 19.93
CA LYS D 3243 130.76 -166.23 21.28
C LYS D 3243 131.70 -167.42 21.10
N ASN D 3244 131.20 -168.49 20.47
CA ASN D 3244 131.81 -169.84 20.45
C ASN D 3244 133.12 -169.80 19.66
N LEU D 3245 133.35 -168.79 18.79
CA LEU D 3245 134.55 -168.71 17.90
C LEU D 3245 135.83 -168.83 18.73
N GLY D 3246 135.86 -168.22 19.92
CA GLY D 3246 136.88 -168.44 20.96
C GLY D 3246 138.27 -168.05 20.47
N SER D 3247 138.77 -168.79 19.49
CA SER D 3247 139.91 -168.37 18.64
C SER D 3247 139.48 -167.14 17.83
N PRO D 3248 140.44 -166.47 17.15
CA PRO D 3248 140.12 -165.35 16.27
C PRO D 3248 140.68 -165.34 14.86
N PRO D 3249 139.90 -164.93 13.85
CA PRO D 3249 140.45 -164.45 12.58
C PRO D 3249 140.71 -162.94 12.68
N ALA D 3250 141.53 -162.40 11.79
CA ALA D 3250 142.10 -161.04 11.90
C ALA D 3250 140.97 -160.01 11.72
N GLY D 3251 140.27 -160.07 10.58
CA GLY D 3251 139.27 -159.07 10.12
C GLY D 3251 138.04 -159.01 11.02
N VAL D 3252 137.61 -160.15 11.56
CA VAL D 3252 136.53 -160.28 12.58
C VAL D 3252 136.89 -159.44 13.83
N ILE D 3253 138.17 -159.31 14.20
CA ILE D 3253 138.58 -158.41 15.33
C ILE D 3253 138.78 -157.02 14.74
N VAL D 3254 138.08 -156.66 13.67
CA VAL D 3254 137.82 -155.24 13.33
C VAL D 3254 136.33 -154.95 13.57
N THR D 3255 135.46 -155.83 13.07
CA THR D 3255 134.03 -155.94 13.46
C THR D 3255 133.91 -155.80 14.99
N ALA D 3256 134.75 -156.51 15.76
CA ALA D 3256 134.71 -156.54 17.23
C ALA D 3256 135.12 -155.17 17.81
N ARG D 3257 135.87 -154.35 17.07
CA ARG D 3257 136.07 -152.92 17.43
C ARG D 3257 134.76 -152.16 17.22
N VAL D 3258 134.40 -151.78 16.00
CA VAL D 3258 133.13 -151.03 15.77
C VAL D 3258 132.09 -151.49 16.81
N VAL D 3259 131.91 -152.80 17.02
CA VAL D 3259 130.87 -153.30 17.96
C VAL D 3259 131.13 -152.60 19.29
N LEU D 3260 132.23 -152.90 19.98
CA LEU D 3260 132.49 -152.24 21.29
C LEU D 3260 132.23 -150.73 21.16
N ILE D 3261 132.85 -150.09 20.16
CA ILE D 3261 132.76 -148.62 19.90
C ILE D 3261 131.30 -148.21 20.05
N LEU D 3262 130.42 -148.64 19.15
CA LEU D 3262 128.99 -148.20 19.12
C LEU D 3262 128.34 -148.33 20.50
N PHE D 3263 128.55 -149.45 21.18
CA PHE D 3263 127.99 -149.75 22.53
C PHE D 3263 128.67 -148.91 23.60
N ASN D 3264 129.81 -148.27 23.28
CA ASN D 3264 130.45 -147.23 24.12
C ASN D 3264 131.06 -147.89 25.36
N GLN D 3265 131.74 -149.02 25.14
CA GLN D 3265 132.37 -149.85 26.19
C GLN D 3265 133.85 -149.47 26.32
N GLY D 3266 134.25 -148.38 25.65
CA GLY D 3266 135.56 -147.74 25.81
C GLY D 3266 136.61 -148.43 24.96
N ILE D 3267 137.85 -147.98 25.14
CA ILE D 3267 139.11 -148.66 24.73
C ILE D 3267 139.45 -148.32 23.27
N THR D 3268 138.45 -147.91 22.48
CA THR D 3268 138.61 -147.08 21.26
C THR D 3268 139.20 -147.96 20.14
N LEU D 3269 140.48 -147.77 19.77
CA LEU D 3269 141.24 -148.65 18.84
C LEU D 3269 142.73 -148.76 19.24
N ASN D 3270 143.11 -148.26 20.42
CA ASN D 3270 144.53 -148.12 20.87
C ASN D 3270 145.01 -149.45 21.48
N ASP D 3271 144.21 -150.06 22.35
CA ASP D 3271 144.44 -151.37 23.00
C ASP D 3271 144.73 -152.41 21.92
N PRO D 3272 145.45 -153.53 22.21
CA PRO D 3272 145.71 -154.54 21.17
C PRO D 3272 144.44 -155.25 20.67
N ASP D 3273 144.61 -156.16 19.70
CA ASP D 3273 143.55 -157.11 19.28
C ASP D 3273 143.18 -157.99 20.48
N GLU D 3274 143.99 -158.99 20.79
CA GLU D 3274 143.66 -160.10 21.71
C GLU D 3274 142.82 -159.59 22.88
N LYS D 3275 143.21 -158.46 23.49
CA LYS D 3275 142.50 -157.84 24.64
C LYS D 3275 141.22 -157.13 24.18
N VAL D 3276 141.07 -156.80 22.90
CA VAL D 3276 139.81 -156.24 22.34
C VAL D 3276 138.77 -157.37 22.19
N TRP D 3277 139.23 -158.56 21.84
CA TRP D 3277 138.39 -159.75 21.58
C TRP D 3277 137.80 -160.28 22.89
N LYS D 3278 138.58 -160.39 23.96
CA LYS D 3278 138.06 -160.74 25.32
C LYS D 3278 137.06 -159.70 25.81
N LYS D 3279 136.92 -158.56 25.13
CA LYS D 3279 135.91 -157.52 25.47
C LYS D 3279 134.72 -157.64 24.54
N ALA D 3280 134.89 -158.25 23.36
CA ALA D 3280 133.78 -158.52 22.39
C ALA D 3280 133.24 -159.95 22.54
N VAL D 3281 133.64 -160.69 23.57
CA VAL D 3281 133.03 -161.99 23.92
C VAL D 3281 132.05 -161.68 25.04
N THR D 3282 132.54 -161.11 26.13
CA THR D 3282 131.79 -160.92 27.40
C THR D 3282 130.36 -160.44 27.12
N PHE D 3283 130.19 -159.57 26.12
CA PHE D 3283 128.88 -159.13 25.58
C PHE D 3283 128.02 -160.32 25.15
N MET D 3284 128.54 -161.12 24.22
CA MET D 3284 127.80 -162.15 23.46
C MET D 3284 127.52 -163.38 24.36
N ASN D 3285 128.25 -163.52 25.48
CA ASN D 3285 128.18 -164.69 26.41
C ASN D 3285 126.73 -165.11 26.64
N ASN D 3286 125.77 -164.17 26.52
CA ASN D 3286 124.34 -164.49 26.29
C ASN D 3286 123.93 -163.95 24.93
N PRO D 3287 123.72 -164.83 23.91
CA PRO D 3287 123.30 -164.39 22.59
C PRO D 3287 121.98 -163.62 22.70
N GLN D 3288 120.94 -164.25 23.26
CA GLN D 3288 119.59 -163.64 23.25
C GLN D 3288 119.77 -162.28 23.90
N ALA D 3289 120.54 -162.21 24.98
CA ALA D 3289 120.83 -160.92 25.65
C ALA D 3289 121.21 -159.91 24.56
N PHE D 3290 122.28 -160.21 23.83
CA PHE D 3290 122.91 -159.27 22.87
C PHE D 3290 121.92 -158.78 21.82
N ILE D 3291 121.40 -159.68 20.98
CA ILE D 3291 120.34 -159.33 19.99
C ILE D 3291 119.32 -158.41 20.66
N ASP D 3292 118.95 -158.72 21.91
CA ASP D 3292 118.04 -157.82 22.65
C ASP D 3292 118.66 -156.43 22.49
N LYS D 3293 119.89 -156.25 22.96
CA LYS D 3293 120.46 -154.88 23.06
C LYS D 3293 120.33 -154.26 21.67
N VAL D 3294 120.80 -154.95 20.64
CA VAL D 3294 121.03 -154.35 19.28
C VAL D 3294 119.76 -153.67 18.79
N LYS D 3295 118.60 -154.31 18.97
CA LYS D 3295 117.32 -153.73 18.50
C LYS D 3295 117.03 -152.46 19.30
N SER D 3296 117.22 -152.50 20.62
CA SER D 3296 116.91 -151.38 21.55
C SER D 3296 117.94 -150.28 21.35
N PHE D 3297 119.21 -150.66 21.50
CA PHE D 3297 120.42 -149.79 21.52
C PHE D 3297 120.36 -148.73 20.40
N ASP D 3298 119.63 -149.00 19.31
CA ASP D 3298 119.34 -148.05 18.20
C ASP D 3298 119.44 -146.60 18.71
N GLY D 3299 118.65 -146.25 19.73
CA GLY D 3299 118.44 -144.86 20.14
C GLY D 3299 117.99 -144.01 18.96
N GLU D 3300 118.74 -142.95 18.62
CA GLU D 3300 118.60 -142.17 17.37
C GLU D 3300 119.99 -141.94 16.79
N ASN D 3301 120.75 -140.99 17.35
CA ASN D 3301 122.17 -140.70 16.98
C ASN D 3301 123.13 -141.38 17.97
N ILE D 3302 122.63 -141.75 19.15
CA ILE D 3302 123.38 -142.44 20.25
C ILE D 3302 124.41 -141.44 20.81
N GLU D 3303 125.58 -141.26 20.18
CA GLU D 3303 126.72 -140.49 20.76
C GLU D 3303 127.60 -139.89 19.65
N PRO D 3304 127.84 -138.55 19.63
CA PRO D 3304 128.58 -137.91 18.53
C PRO D 3304 130.12 -137.94 18.62
N ASN D 3305 130.68 -138.45 19.73
CA ASN D 3305 132.11 -138.81 19.88
C ASN D 3305 132.37 -140.11 19.11
N ILE D 3306 131.72 -141.18 19.57
CA ILE D 3306 131.74 -142.55 18.98
C ILE D 3306 131.78 -142.40 17.46
N ILE D 3307 130.70 -141.90 16.85
CA ILE D 3307 130.44 -142.01 15.38
C ILE D 3307 131.65 -141.57 14.56
N GLU D 3308 132.50 -140.69 15.12
CA GLU D 3308 133.79 -140.32 14.49
C GLU D 3308 134.63 -141.59 14.37
N GLN D 3309 134.94 -142.23 15.50
CA GLN D 3309 135.81 -143.44 15.58
C GLN D 3309 135.30 -144.53 14.62
N SER D 3310 133.99 -144.77 14.61
CA SER D 3310 133.34 -145.78 13.73
C SER D 3310 133.44 -145.30 12.28
N ASN D 3311 133.25 -144.00 12.02
CA ASN D 3311 133.33 -143.42 10.65
C ASN D 3311 134.77 -143.57 10.15
N LYS D 3312 135.76 -143.32 11.01
CA LYS D 3312 137.21 -143.48 10.71
C LYS D 3312 137.44 -144.82 10.01
N ILE D 3313 137.12 -145.93 10.69
CA ILE D 3313 137.33 -147.31 10.20
C ILE D 3313 136.63 -147.44 8.84
N ILE D 3314 135.31 -147.24 8.79
CA ILE D 3314 134.52 -147.37 7.54
C ILE D 3314 135.15 -146.51 6.43
N GLN D 3315 135.59 -145.29 6.77
CA GLN D 3315 136.19 -144.34 5.79
C GLN D 3315 137.65 -144.73 5.51
N ASP D 3316 138.24 -145.69 6.25
CA ASP D 3316 139.55 -146.29 5.91
C ASP D 3316 139.34 -147.24 4.74
N PRO D 3317 140.02 -147.06 3.59
CA PRO D 3317 139.91 -148.00 2.48
C PRO D 3317 140.48 -149.37 2.87
N SER D 3318 141.68 -149.35 3.46
CA SER D 3318 142.36 -150.54 4.04
C SER D 3318 141.51 -151.10 5.18
N LYS D 3319 141.84 -152.30 5.64
CA LYS D 3319 140.99 -153.13 6.53
C LYS D 3319 139.56 -153.03 6.00
N LYS D 3320 139.38 -153.44 4.74
CA LYS D 3320 138.16 -154.10 4.19
C LYS D 3320 136.90 -153.49 4.85
N PHE D 3321 136.05 -154.34 5.47
CA PHE D 3321 134.88 -153.98 6.33
C PHE D 3321 133.70 -153.49 5.47
N ASN D 3322 133.87 -153.41 4.16
CA ASN D 3322 132.79 -153.12 3.19
C ASN D 3322 131.55 -153.92 3.55
N GLU D 3323 131.72 -155.23 3.79
CA GLU D 3323 130.72 -156.22 4.32
C GLU D 3323 130.85 -157.52 3.51
N LYS D 3324 131.01 -157.42 2.18
CA LYS D 3324 131.41 -158.53 1.29
C LYS D 3324 132.80 -158.97 1.76
N ASP D 3325 133.79 -158.10 1.51
CA ASP D 3325 135.23 -158.33 1.83
C ASP D 3325 135.35 -158.95 3.21
N MET D 3326 134.44 -158.65 4.11
CA MET D 3326 134.33 -159.33 5.42
C MET D 3326 134.03 -160.80 5.11
N ALA D 3327 132.85 -161.08 4.54
CA ALA D 3327 132.32 -162.46 4.42
C ALA D 3327 133.52 -163.37 4.40
N GLY D 3328 134.20 -163.47 3.27
CA GLY D 3328 135.37 -164.36 3.07
C GLY D 3328 136.04 -164.76 4.37
N GLN D 3329 136.23 -163.76 5.26
CA GLN D 3329 136.86 -163.85 6.61
C GLN D 3329 136.11 -164.86 7.50
N SER D 3330 135.13 -164.46 8.31
CA SER D 3330 134.31 -165.42 9.12
C SER D 3330 132.82 -165.06 9.01
N TYR D 3331 132.29 -165.29 7.82
CA TYR D 3331 130.86 -165.16 7.45
C TYR D 3331 130.11 -164.33 8.49
N ALA D 3332 129.59 -164.93 9.55
CA ALA D 3332 128.89 -164.21 10.65
C ALA D 3332 129.30 -162.72 10.59
N ALA D 3333 130.49 -162.40 11.11
CA ALA D 3333 131.19 -161.12 10.84
C ALA D 3333 130.48 -160.37 9.72
N SER D 3334 130.45 -160.90 8.49
CA SER D 3334 129.84 -160.25 7.31
C SER D 3334 128.48 -159.68 7.69
N LYS D 3335 127.68 -160.46 8.41
CA LYS D 3335 126.39 -159.95 8.90
C LYS D 3335 126.70 -158.81 9.88
N LEU D 3336 127.39 -159.12 10.99
CA LEU D 3336 127.57 -158.14 12.09
C LEU D 3336 127.95 -156.82 11.46
N CYS D 3337 128.99 -156.79 10.63
CA CYS D 3337 129.48 -155.51 10.06
C CYS D 3337 128.41 -154.90 9.16
N ALA D 3338 127.75 -155.68 8.30
CA ALA D 3338 126.72 -155.18 7.35
C ALA D 3338 125.78 -154.24 8.11
N TRP D 3339 125.17 -154.73 9.19
CA TRP D 3339 124.41 -153.92 10.18
C TRP D 3339 125.24 -152.70 10.58
N ALA D 3340 126.40 -152.93 11.19
CA ALA D 3340 127.25 -151.86 11.72
C ALA D 3340 127.44 -150.76 10.65
N VAL D 3341 127.67 -151.15 9.40
CA VAL D 3341 127.71 -150.22 8.24
C VAL D 3341 126.32 -149.59 8.11
N ASN D 3342 125.26 -150.40 8.07
CA ASN D 3342 123.87 -149.91 7.86
C ASN D 3342 123.48 -148.94 9.00
N ILE D 3343 123.98 -149.14 10.22
CA ILE D 3343 123.76 -148.19 11.36
C ILE D 3343 124.44 -146.85 11.03
N VAL D 3344 125.70 -146.88 10.64
CA VAL D 3344 126.46 -145.63 10.35
C VAL D 3344 125.65 -144.83 9.33
N THR D 3345 125.29 -145.44 8.20
CA THR D 3345 124.55 -144.76 7.09
C THR D 3345 123.25 -144.14 7.63
N PHE D 3346 122.53 -144.90 8.47
CA PHE D 3346 121.37 -144.42 9.26
C PHE D 3346 121.75 -143.10 9.94
N ASN D 3347 122.67 -143.15 10.92
CA ASN D 3347 123.14 -141.97 11.70
C ASN D 3347 123.39 -140.80 10.76
N LYS D 3348 124.22 -141.01 9.73
CA LYS D 3348 124.51 -140.01 8.67
C LYS D 3348 123.21 -139.47 8.08
N ILE D 3349 122.27 -140.36 7.76
CA ILE D 3349 120.95 -139.94 7.19
C ILE D 3349 120.14 -139.26 8.31
N PHE D 3350 120.18 -139.80 9.53
CA PHE D 3350 119.38 -139.29 10.67
C PHE D 3350 119.90 -137.93 11.15
N LYS D 3351 121.01 -137.45 10.56
CA LYS D 3351 121.52 -136.05 10.70
C LYS D 3351 121.08 -135.21 9.51
N GLN D 3352 120.83 -135.85 8.36
CA GLN D 3352 120.26 -135.15 7.18
C GLN D 3352 118.79 -134.86 7.45
N VAL D 3353 118.00 -135.88 7.80
CA VAL D 3353 116.51 -135.78 7.97
C VAL D 3353 116.16 -134.79 9.09
N LYS D 3354 116.96 -134.68 10.16
CA LYS D 3354 116.63 -133.84 11.35
C LYS D 3354 116.55 -132.37 10.92
N PRO D 3355 117.67 -131.71 10.51
CA PRO D 3355 117.60 -130.48 9.70
C PRO D 3355 116.51 -130.34 8.64
N LEU D 3356 116.31 -131.35 7.77
CA LEU D 3356 115.32 -131.33 6.65
C LEU D 3356 113.90 -131.26 7.22
N GLN D 3357 113.60 -132.04 8.26
CA GLN D 3357 112.31 -132.05 8.98
C GLN D 3357 112.07 -130.69 9.65
N ASP D 3358 113.09 -130.18 10.36
CA ASP D 3358 113.08 -128.87 11.07
C ASP D 3358 112.75 -127.75 10.07
N ALA D 3359 113.48 -127.70 8.95
CA ALA D 3359 113.30 -126.72 7.85
C ALA D 3359 111.91 -126.87 7.23
N GLN D 3360 111.41 -128.11 7.13
CA GLN D 3360 110.05 -128.45 6.61
C GLN D 3360 108.98 -127.87 7.54
N LYS D 3361 109.04 -128.24 8.83
CA LYS D 3361 108.06 -127.85 9.87
C LYS D 3361 107.95 -126.33 9.96
N GLN D 3362 109.08 -125.61 9.97
CA GLN D 3362 109.15 -124.12 10.01
C GLN D 3362 108.42 -123.55 8.79
N ALA D 3363 108.76 -124.04 7.58
CA ALA D 3363 108.19 -123.60 6.28
C ALA D 3363 106.68 -123.86 6.24
N ASN D 3364 106.24 -125.02 6.75
CA ASN D 3364 104.81 -125.41 6.84
C ASN D 3364 104.07 -124.43 7.76
N GLU D 3365 104.60 -124.19 8.96
CA GLU D 3365 104.01 -123.31 10.01
C GLU D 3365 103.84 -121.88 9.47
N ILE D 3366 104.88 -121.34 8.82
CA ILE D 3366 104.88 -119.97 8.20
C ILE D 3366 103.80 -119.91 7.11
N LEU D 3367 103.72 -120.94 6.27
CA LEU D 3367 102.77 -121.04 5.12
C LEU D 3367 101.33 -121.03 5.62
N GLU D 3368 101.03 -121.79 6.69
CA GLU D 3368 99.70 -121.88 7.34
C GLU D 3368 99.31 -120.53 7.94
N GLU D 3369 100.22 -119.93 8.72
CA GLU D 3369 100.05 -118.61 9.39
C GLU D 3369 99.80 -117.52 8.33
N LYS D 3370 100.59 -117.51 7.26
CA LYS D 3370 100.50 -116.55 6.12
C LYS D 3370 99.14 -116.70 5.41
N LYS D 3371 98.66 -117.95 5.25
CA LYS D 3371 97.37 -118.29 4.57
C LYS D 3371 96.19 -117.77 5.40
N LYS D 3372 96.20 -118.00 6.72
CA LYS D 3372 95.17 -117.54 7.69
C LYS D 3372 95.09 -116.00 7.68
N GLU D 3373 96.25 -115.35 7.75
CA GLU D 3373 96.39 -113.86 7.66
C GLU D 3373 95.83 -113.37 6.32
N LEU D 3374 96.24 -114.01 5.22
CA LEU D 3374 95.82 -113.71 3.82
C LEU D 3374 94.29 -113.82 3.70
N ALA D 3375 93.69 -114.84 4.31
CA ALA D 3375 92.22 -115.08 4.33
C ALA D 3375 91.51 -113.96 5.08
N ILE D 3376 92.02 -113.57 6.26
CA ILE D 3376 91.42 -112.54 7.16
C ILE D 3376 91.44 -111.17 6.45
N VAL D 3377 92.58 -110.77 5.88
CA VAL D 3377 92.75 -109.45 5.19
C VAL D 3377 91.90 -109.42 3.91
N LYS D 3378 91.80 -110.53 3.18
CA LYS D 3378 90.92 -110.68 1.98
C LYS D 3378 89.46 -110.45 2.39
N GLN D 3379 89.03 -110.99 3.54
CA GLN D 3379 87.67 -110.81 4.10
C GLN D 3379 87.45 -109.33 4.48
N ARG D 3380 88.44 -108.70 5.12
CA ARG D 3380 88.42 -107.26 5.49
C ARG D 3380 88.29 -106.40 4.23
N VAL D 3381 89.06 -106.71 3.18
CA VAL D 3381 89.07 -105.99 1.86
C VAL D 3381 87.66 -106.06 1.24
N ALA D 3382 87.06 -107.25 1.20
CA ALA D 3382 85.72 -107.52 0.62
C ALA D 3382 84.64 -106.72 1.38
N GLU D 3383 84.76 -106.65 2.72
CA GLU D 3383 83.87 -105.85 3.61
C GLU D 3383 84.00 -104.36 3.26
N LEU D 3384 85.25 -103.87 3.15
CA LEU D 3384 85.57 -102.45 2.81
C LEU D 3384 85.03 -102.11 1.41
N ASN D 3385 85.25 -102.99 0.43
CA ASN D 3385 84.75 -102.84 -0.97
C ASN D 3385 83.22 -102.72 -0.97
N ALA D 3386 82.53 -103.55 -0.18
CA ALA D 3386 81.06 -103.56 -0.03
C ALA D 3386 80.57 -102.26 0.62
N ARG D 3387 81.28 -101.77 1.64
CA ARG D 3387 80.99 -100.49 2.33
C ARG D 3387 81.16 -99.33 1.35
N VAL D 3388 82.26 -99.33 0.58
CA VAL D 3388 82.57 -98.30 -0.46
C VAL D 3388 81.43 -98.26 -1.49
N ASN D 3389 81.00 -99.42 -2.00
CA ASN D 3389 79.92 -99.58 -3.01
C ASN D 3389 78.60 -99.05 -2.45
N SER D 3390 78.26 -99.40 -1.21
CA SER D 3390 77.02 -98.96 -0.49
C SER D 3390 77.02 -97.44 -0.31
N LEU D 3391 78.17 -96.86 0.06
CA LEU D 3391 78.35 -95.39 0.24
C LEU D 3391 78.21 -94.68 -1.12
N LYS D 3392 78.84 -95.20 -2.18
CA LYS D 3392 78.76 -94.67 -3.57
C LYS D 3392 77.31 -94.65 -4.04
N ARG D 3393 76.54 -95.71 -3.74
CA ARG D 3393 75.09 -95.82 -4.08
C ARG D 3393 74.29 -94.75 -3.32
N GLN D 3394 74.54 -94.61 -2.01
CA GLN D 3394 73.89 -93.60 -1.12
C GLN D 3394 74.13 -92.18 -1.66
N LEU D 3395 75.35 -91.90 -2.15
CA LEU D 3395 75.75 -90.58 -2.71
C LEU D 3395 74.98 -90.31 -4.00
N GLU D 3396 74.97 -91.28 -4.93
CA GLU D 3396 74.24 -91.21 -6.23
C GLU D 3396 72.74 -91.00 -5.97
N GLU D 3397 72.19 -91.64 -4.93
CA GLU D 3397 70.80 -91.45 -4.45
C GLU D 3397 70.63 -90.02 -3.90
N ALA D 3398 71.54 -89.58 -3.03
CA ALA D 3398 71.55 -88.25 -2.38
C ALA D 3398 71.68 -87.14 -3.44
N GLU D 3399 72.45 -87.39 -4.51
CA GLU D 3399 72.63 -86.48 -5.67
C GLU D 3399 71.34 -86.39 -6.49
N ALA D 3400 70.71 -87.53 -6.79
CA ALA D 3400 69.45 -87.65 -7.57
C ALA D 3400 68.31 -86.94 -6.84
N ARG D 3401 68.17 -87.18 -5.52
CA ARG D 3401 67.16 -86.54 -4.63
C ARG D 3401 67.34 -85.02 -4.64
N LYS D 3402 68.59 -84.55 -4.57
CA LYS D 3402 68.98 -83.11 -4.63
C LYS D 3402 68.43 -82.50 -5.93
N MET D 3403 68.74 -83.13 -7.07
CA MET D 3403 68.37 -82.65 -8.44
C MET D 3403 66.85 -82.51 -8.55
N ILE D 3404 66.08 -83.39 -7.90
CA ILE D 3404 64.59 -83.36 -7.86
C ILE D 3404 64.13 -82.20 -6.95
N VAL D 3405 64.79 -82.03 -5.79
CA VAL D 3405 64.53 -80.92 -4.83
C VAL D 3405 64.87 -79.58 -5.51
N GLU D 3406 65.94 -79.54 -6.31
CA GLU D 3406 66.42 -78.34 -7.06
C GLU D 3406 65.41 -77.95 -8.14
N GLN D 3407 64.93 -78.90 -8.93
CA GLN D 3407 63.98 -78.66 -10.06
C GLN D 3407 62.62 -78.28 -9.47
N ASP D 3408 62.22 -78.88 -8.35
CA ASP D 3408 60.97 -78.56 -7.60
C ASP D 3408 61.06 -77.13 -7.05
N ALA D 3409 62.24 -76.73 -6.56
CA ALA D 3409 62.54 -75.37 -6.03
C ALA D 3409 62.48 -74.34 -7.16
N ALA D 3410 63.05 -74.65 -8.33
CA ALA D 3410 63.10 -73.79 -9.54
C ALA D 3410 61.68 -73.52 -10.05
N ARG D 3411 60.81 -74.53 -10.00
CA ARG D 3411 59.36 -74.43 -10.35
C ARG D 3411 58.64 -73.54 -9.33
N CYS D 3412 58.89 -73.76 -8.03
CA CYS D 3412 58.26 -73.04 -6.89
C CYS D 3412 58.70 -71.56 -6.89
N GLN D 3413 59.92 -71.28 -7.36
CA GLN D 3413 60.47 -69.90 -7.52
C GLN D 3413 59.84 -69.23 -8.75
N SER D 3414 59.63 -70.00 -9.84
CA SER D 3414 58.97 -69.55 -11.09
C SER D 3414 57.50 -69.19 -10.81
N ARG D 3415 56.83 -69.95 -9.93
CA ARG D 3415 55.45 -69.67 -9.44
C ARG D 3415 55.47 -68.40 -8.56
N LEU D 3416 56.45 -68.30 -7.66
CA LEU D 3416 56.64 -67.16 -6.71
C LEU D 3416 56.84 -65.86 -7.49
N SER D 3417 57.62 -65.89 -8.58
CA SER D 3417 57.88 -64.75 -9.49
C SER D 3417 56.61 -64.39 -10.27
N ALA D 3418 55.89 -65.40 -10.79
CA ALA D 3418 54.61 -65.26 -11.53
C ALA D 3418 53.54 -64.66 -10.62
N ALA D 3419 53.59 -64.96 -9.32
CA ALA D 3419 52.70 -64.39 -8.27
C ALA D 3419 53.08 -62.93 -8.00
N GLU D 3420 54.39 -62.65 -7.90
CA GLU D 3420 54.96 -61.29 -7.71
C GLU D 3420 54.60 -60.40 -8.92
N ASN D 3421 54.61 -60.97 -10.13
CA ASN D 3421 54.15 -60.33 -11.38
C ASN D 3421 52.67 -59.95 -11.27
N LEU D 3422 51.85 -60.86 -10.72
CA LEU D 3422 50.38 -60.72 -10.58
C LEU D 3422 50.05 -59.75 -9.43
N VAL D 3423 50.84 -59.74 -8.35
CA VAL D 3423 50.76 -58.72 -7.26
C VAL D 3423 50.96 -57.35 -7.89
N ASN D 3424 52.10 -57.15 -8.56
CA ASN D 3424 52.46 -55.92 -9.32
C ASN D 3424 51.37 -55.62 -10.37
N GLY D 3425 50.84 -56.67 -11.02
CA GLY D 3425 49.72 -56.59 -11.97
C GLY D 3425 48.48 -55.97 -11.33
N LEU D 3426 47.92 -56.64 -10.33
CA LEU D 3426 46.61 -56.28 -9.70
C LEU D 3426 46.76 -55.07 -8.78
N ALA D 3427 47.91 -54.90 -8.11
CA ALA D 3427 48.20 -53.74 -7.24
C ALA D 3427 48.20 -52.46 -8.08
N GLY D 3428 48.99 -52.45 -9.16
CA GLY D 3428 49.05 -51.35 -10.14
C GLY D 3428 47.66 -50.94 -10.63
N GLU D 3429 46.79 -51.93 -10.92
CA GLU D 3429 45.39 -51.73 -11.38
C GLU D 3429 44.54 -51.16 -10.22
N ASN D 3430 44.69 -51.71 -9.01
CA ASN D 3430 44.05 -51.15 -7.79
C ASN D 3430 44.41 -49.67 -7.67
N LYS D 3431 45.71 -49.33 -7.77
CA LYS D 3431 46.23 -47.94 -7.65
C LYS D 3431 45.67 -47.09 -8.80
N ARG D 3432 45.48 -47.65 -10.00
CA ARG D 3432 45.02 -46.91 -11.20
C ARG D 3432 43.48 -46.84 -11.27
N TRP D 3433 42.76 -47.65 -10.49
CA TRP D 3433 41.27 -47.63 -10.43
C TRP D 3433 40.79 -46.83 -9.22
N THR D 3434 41.57 -46.80 -8.12
CA THR D 3434 41.38 -45.88 -6.97
C THR D 3434 41.55 -44.42 -7.45
N GLN D 3435 42.57 -44.17 -8.29
CA GLN D 3435 42.89 -42.83 -8.86
C GLN D 3435 41.75 -42.37 -9.78
N ASN D 3436 41.18 -43.29 -10.56
CA ASN D 3436 40.02 -43.02 -11.48
C ASN D 3436 38.76 -42.75 -10.65
N VAL D 3437 38.55 -43.50 -9.57
CA VAL D 3437 37.44 -43.26 -8.60
C VAL D 3437 37.59 -41.85 -8.02
N LYS D 3438 38.62 -41.62 -7.20
CA LYS D 3438 38.86 -40.36 -6.44
C LYS D 3438 38.72 -39.15 -7.37
N PHE D 3439 39.29 -39.21 -8.57
CA PHE D 3439 39.19 -38.15 -9.61
C PHE D 3439 37.73 -38.00 -10.06
N LEU D 3440 37.01 -39.10 -10.31
CA LEU D 3440 35.59 -39.08 -10.76
C LEU D 3440 34.69 -38.49 -9.66
N LYS D 3441 34.96 -38.80 -8.38
CA LYS D 3441 34.21 -38.24 -7.22
C LYS D 3441 34.41 -36.72 -7.18
N GLU D 3442 35.63 -36.22 -7.42
CA GLU D 3442 35.92 -34.78 -7.61
C GLU D 3442 35.32 -34.28 -8.93
N ASN D 3443 35.08 -35.18 -9.90
CA ASN D 3443 34.50 -34.88 -11.23
C ASN D 3443 32.96 -34.93 -11.20
N ILE D 3444 32.32 -35.36 -10.10
CA ILE D 3444 30.84 -35.18 -9.92
C ILE D 3444 30.63 -33.72 -9.50
N LYS D 3445 31.11 -33.36 -8.30
CA LYS D 3445 30.88 -32.04 -7.65
C LYS D 3445 31.33 -30.89 -8.57
N SER D 3446 32.41 -31.10 -9.34
CA SER D 3446 32.96 -30.08 -10.27
C SER D 3446 32.14 -30.04 -11.57
N MET D 3447 31.39 -31.10 -11.88
CA MET D 3447 30.42 -31.13 -13.01
C MET D 3447 29.00 -30.78 -12.51
N ILE D 3448 28.91 -30.15 -11.33
CA ILE D 3448 27.69 -29.51 -10.75
C ILE D 3448 27.82 -27.99 -10.86
N GLY D 3449 29.01 -27.47 -10.56
CA GLY D 3449 29.37 -26.05 -10.74
C GLY D 3449 29.56 -25.71 -12.20
N ASP D 3450 30.03 -26.67 -13.00
CA ASP D 3450 30.20 -26.53 -14.47
C ASP D 3450 28.82 -26.28 -15.08
N SER D 3451 27.89 -27.21 -14.85
CA SER D 3451 26.59 -27.33 -15.54
C SER D 3451 25.81 -26.03 -15.38
N LEU D 3452 25.98 -25.35 -14.24
CA LEU D 3452 25.39 -24.01 -13.95
C LEU D 3452 25.87 -23.04 -15.03
N LEU D 3453 27.20 -22.97 -15.26
CA LEU D 3453 27.84 -22.07 -16.25
C LEU D 3453 27.34 -22.44 -17.65
N ALA D 3454 27.48 -23.71 -18.03
CA ALA D 3454 27.02 -24.31 -19.30
C ALA D 3454 25.57 -23.91 -19.60
N SER D 3455 24.65 -24.18 -18.66
CA SER D 3455 23.20 -23.91 -18.78
C SER D 3455 22.96 -22.42 -18.95
N ALA D 3456 23.48 -21.61 -18.02
CA ALA D 3456 23.44 -20.13 -18.03
C ALA D 3456 23.89 -19.64 -19.40
N PHE D 3457 24.93 -20.27 -19.96
CA PHE D 3457 25.58 -19.89 -21.24
C PHE D 3457 24.71 -20.26 -22.44
N VAL D 3458 24.19 -21.48 -22.47
CA VAL D 3458 23.35 -22.02 -23.61
C VAL D 3458 22.04 -21.23 -23.70
N SER D 3459 21.36 -21.01 -22.57
CA SER D 3459 20.02 -20.37 -22.49
C SER D 3459 20.07 -18.94 -23.06
N TYR D 3460 20.86 -18.04 -22.45
CA TYR D 3460 20.83 -16.59 -22.75
C TYR D 3460 21.82 -16.24 -23.86
N ILE D 3461 23.12 -16.40 -23.60
CA ILE D 3461 24.23 -16.04 -24.54
C ILE D 3461 23.99 -16.76 -25.87
N GLY D 3462 24.12 -16.03 -26.98
CA GLY D 3462 23.75 -16.52 -28.32
C GLY D 3462 23.26 -15.40 -29.22
N ALA D 3463 22.60 -14.40 -28.64
CA ALA D 3463 22.11 -13.19 -29.34
C ALA D 3463 23.20 -12.11 -29.38
N PHE D 3464 24.22 -12.20 -28.52
CA PHE D 3464 25.27 -11.16 -28.32
C PHE D 3464 26.41 -11.36 -29.33
N SER D 3465 27.39 -10.45 -29.34
CA SER D 3465 28.58 -10.46 -30.22
C SER D 3465 29.84 -10.82 -29.42
N ALA D 3466 30.84 -11.43 -30.09
CA ALA D 3466 32.10 -11.97 -29.54
C ALA D 3466 32.47 -11.28 -28.22
N LYS D 3467 32.79 -9.98 -28.27
CA LYS D 3467 33.33 -9.17 -27.13
C LYS D 3467 32.40 -9.29 -25.92
N LEU D 3468 31.10 -9.05 -26.13
CA LEU D 3468 30.07 -9.01 -25.06
C LEU D 3468 29.86 -10.42 -24.50
N ARG D 3469 29.68 -11.41 -25.37
CA ARG D 3469 29.50 -12.85 -25.02
C ARG D 3469 30.60 -13.24 -24.01
N LEU D 3470 31.85 -12.92 -24.34
CA LEU D 3470 33.05 -13.20 -23.51
C LEU D 3470 32.96 -12.47 -22.16
N GLU D 3471 32.48 -11.23 -22.14
CA GLU D 3471 32.38 -10.40 -20.90
C GLU D 3471 31.32 -10.98 -19.96
N LEU D 3472 30.31 -11.70 -20.47
CA LEU D 3472 29.20 -12.23 -19.64
C LEU D 3472 29.65 -13.47 -18.86
N TRP D 3473 30.36 -14.42 -19.49
CA TRP D 3473 30.68 -15.73 -18.83
C TRP D 3473 32.08 -15.74 -18.21
N LYS D 3474 33.03 -14.94 -18.71
CA LYS D 3474 34.44 -14.93 -18.19
C LYS D 3474 34.67 -13.78 -17.20
N ASN D 3475 34.03 -12.61 -17.41
CA ASN D 3475 34.30 -11.39 -16.60
C ASN D 3475 33.26 -11.23 -15.47
N THR D 3476 32.08 -11.86 -15.56
CA THR D 3476 30.97 -11.70 -14.57
C THR D 3476 30.61 -13.04 -13.90
N TRP D 3477 30.33 -14.10 -14.67
CA TRP D 3477 29.81 -15.39 -14.13
C TRP D 3477 30.94 -16.20 -13.47
N LEU D 3478 31.92 -16.66 -14.26
CA LEU D 3478 33.03 -17.53 -13.78
C LEU D 3478 33.65 -16.96 -12.49
N PRO D 3479 33.89 -15.62 -12.37
CA PRO D 3479 34.33 -15.04 -11.10
C PRO D 3479 33.37 -15.26 -9.92
N ASP D 3480 32.06 -15.03 -10.12
CA ASP D 3480 31.04 -15.07 -9.02
C ASP D 3480 30.85 -16.52 -8.54
N ILE D 3481 31.18 -17.52 -9.36
CA ILE D 3481 31.08 -18.97 -9.00
C ILE D 3481 32.25 -19.36 -8.09
N ILE D 3482 33.44 -18.78 -8.29
CA ILE D 3482 34.66 -19.01 -7.44
C ILE D 3482 34.40 -18.45 -6.03
N GLU D 3483 33.73 -17.29 -5.92
CA GLU D 3483 33.37 -16.64 -4.63
C GLU D 3483 32.34 -17.51 -3.88
N LYS D 3484 31.30 -17.99 -4.58
CA LYS D 3484 30.19 -18.81 -4.02
C LYS D 3484 30.69 -20.22 -3.66
N GLY D 3485 31.87 -20.61 -4.15
CA GLY D 3485 32.54 -21.87 -3.77
C GLY D 3485 31.81 -23.08 -4.35
N ILE D 3486 31.02 -22.88 -5.41
CA ILE D 3486 30.42 -23.98 -6.22
C ILE D 3486 31.61 -24.67 -6.88
N PRO D 3487 31.76 -26.01 -6.82
CA PRO D 3487 33.07 -26.64 -7.02
C PRO D 3487 33.60 -26.77 -8.45
N ILE D 3488 33.36 -25.76 -9.31
CA ILE D 3488 33.80 -25.68 -10.75
C ILE D 3488 35.20 -26.27 -10.93
N THR D 3489 35.39 -27.06 -11.99
CA THR D 3489 36.71 -27.56 -12.49
C THR D 3489 37.55 -26.37 -12.96
N GLU D 3490 38.79 -26.25 -12.48
CA GLU D 3490 39.67 -25.06 -12.69
C GLU D 3490 40.07 -24.95 -14.18
N GLY D 3491 39.67 -23.85 -14.82
CA GLY D 3491 40.09 -23.47 -16.19
C GLY D 3491 39.05 -23.77 -17.25
N ILE D 3492 37.87 -24.29 -16.88
CA ILE D 3492 36.79 -24.64 -17.85
C ILE D 3492 36.31 -23.36 -18.56
N GLU D 3493 36.01 -23.48 -19.84
CA GLU D 3493 35.30 -22.46 -20.66
C GLU D 3493 34.17 -23.17 -21.40
N PRO D 3494 33.10 -22.45 -21.83
CA PRO D 3494 31.95 -23.08 -22.50
C PRO D 3494 32.27 -24.07 -23.63
N LEU D 3495 33.33 -23.82 -24.43
CA LEU D 3495 33.76 -24.68 -25.57
C LEU D 3495 33.94 -26.12 -25.10
N LYS D 3496 34.82 -26.33 -24.10
CA LYS D 3496 35.26 -27.66 -23.59
C LYS D 3496 34.14 -28.32 -22.79
N ILE D 3497 33.38 -27.54 -22.02
CA ILE D 3497 32.47 -28.05 -20.95
C ILE D 3497 31.15 -28.51 -21.56
N LEU D 3498 30.70 -27.90 -22.66
CA LEU D 3498 29.42 -28.23 -23.36
C LEU D 3498 29.66 -29.40 -24.32
N THR D 3499 30.71 -29.31 -25.16
CA THR D 3499 30.99 -30.23 -26.28
C THR D 3499 32.43 -30.76 -26.21
N THR D 3500 32.66 -31.94 -26.77
CA THR D 3500 33.94 -32.69 -26.73
C THR D 3500 34.89 -32.14 -27.82
N GLU D 3501 36.09 -32.72 -27.96
CA GLU D 3501 37.10 -32.35 -28.97
C GLU D 3501 36.86 -33.12 -30.28
N ALA D 3502 36.33 -34.34 -30.20
CA ALA D 3502 35.97 -35.21 -31.35
C ALA D 3502 34.89 -34.52 -32.20
N ILE D 3503 33.89 -33.91 -31.56
CA ILE D 3503 32.69 -33.34 -32.23
C ILE D 3503 33.03 -31.97 -32.84
N LYS D 3504 34.01 -31.25 -32.28
CA LYS D 3504 34.57 -30.00 -32.87
C LYS D 3504 35.24 -30.33 -34.23
N SER D 3505 35.98 -31.44 -34.29
CA SER D 3505 36.72 -31.94 -35.48
C SER D 3505 35.72 -32.41 -36.56
N LYS D 3506 34.56 -32.91 -36.15
CA LYS D 3506 33.43 -33.27 -37.07
C LYS D 3506 32.91 -32.00 -37.75
N TRP D 3507 32.74 -30.91 -36.98
CA TRP D 3507 32.17 -29.63 -37.47
C TRP D 3507 33.16 -28.93 -38.40
N LYS D 3508 34.47 -29.12 -38.21
CA LYS D 3508 35.53 -28.58 -39.12
C LYS D 3508 35.27 -29.13 -40.54
N ASN D 3509 34.72 -30.35 -40.65
CA ASN D 3509 34.43 -31.04 -41.93
C ASN D 3509 33.10 -30.58 -42.56
N GLU D 3510 32.24 -29.85 -41.83
CA GLU D 3510 30.89 -29.42 -42.29
C GLU D 3510 30.79 -27.89 -42.44
N GLY D 3511 31.93 -27.21 -42.61
CA GLY D 3511 31.97 -25.75 -42.86
C GLY D 3511 31.59 -24.94 -41.64
N LEU D 3512 32.06 -25.34 -40.46
CA LEU D 3512 32.11 -24.48 -39.25
C LEU D 3512 33.55 -23.98 -39.08
N PRO D 3513 33.81 -22.67 -39.27
CA PRO D 3513 35.15 -22.12 -39.04
C PRO D 3513 35.60 -22.21 -37.57
N ALA D 3514 36.92 -22.25 -37.34
CA ALA D 3514 37.53 -22.56 -36.03
C ALA D 3514 37.49 -21.37 -35.06
N ASP D 3515 36.93 -20.22 -35.47
CA ASP D 3515 36.74 -19.03 -34.60
C ASP D 3515 35.87 -19.43 -33.40
N PRO D 3516 36.14 -18.90 -32.18
CA PRO D 3516 35.34 -19.21 -31.01
C PRO D 3516 33.83 -19.07 -31.25
N MET D 3517 33.40 -17.96 -31.86
CA MET D 3517 31.98 -17.54 -31.99
C MET D 3517 31.15 -18.59 -32.73
N SER D 3518 31.71 -19.28 -33.74
CA SER D 3518 30.98 -20.31 -34.54
C SER D 3518 30.91 -21.63 -33.78
N LEU D 3519 32.00 -22.06 -33.13
CA LEU D 3519 32.02 -23.26 -32.25
C LEU D 3519 31.02 -23.06 -31.11
N GLU D 3520 31.11 -21.91 -30.42
CA GLU D 3520 30.19 -21.47 -29.35
C GLU D 3520 28.74 -21.60 -29.85
N ASN D 3521 28.41 -20.91 -30.95
CA ASN D 3521 27.09 -20.94 -31.63
C ASN D 3521 26.66 -22.39 -31.92
N ALA D 3522 27.59 -23.23 -32.37
CA ALA D 3522 27.32 -24.62 -32.81
C ALA D 3522 27.06 -25.51 -31.59
N ALA D 3523 27.84 -25.34 -30.53
CA ALA D 3523 27.64 -26.03 -29.23
C ALA D 3523 26.25 -25.68 -28.69
N ILE D 3524 25.78 -24.45 -28.93
CA ILE D 3524 24.47 -23.95 -28.43
C ILE D 3524 23.34 -24.66 -29.19
N ILE D 3525 23.37 -24.71 -30.53
CA ILE D 3525 22.24 -25.27 -31.35
C ILE D 3525 22.04 -26.75 -30.98
N THR D 3526 23.13 -27.46 -30.65
CA THR D 3526 23.16 -28.89 -30.29
C THR D 3526 22.35 -29.11 -29.00
N ALA D 3527 22.71 -28.42 -27.92
CA ALA D 3527 22.18 -28.60 -26.55
C ALA D 3527 21.06 -27.60 -26.27
N CYS D 3528 20.14 -27.40 -27.22
CA CYS D 3528 19.08 -26.35 -27.16
C CYS D 3528 17.77 -26.94 -26.62
N ALA D 3529 17.24 -26.34 -25.56
CA ALA D 3529 15.91 -26.62 -24.98
C ALA D 3529 14.83 -25.97 -25.84
N ARG D 3530 15.00 -24.66 -26.12
CA ARG D 3530 14.10 -23.85 -27.00
C ARG D 3530 14.52 -24.10 -28.45
N TRP D 3531 13.66 -23.78 -29.43
CA TRP D 3531 13.96 -24.01 -30.87
C TRP D 3531 15.03 -23.03 -31.34
N PRO D 3532 16.08 -23.47 -32.08
CA PRO D 3532 17.13 -22.57 -32.54
C PRO D 3532 16.67 -21.67 -33.69
N LEU D 3533 16.42 -20.40 -33.38
CA LEU D 3533 16.27 -19.30 -34.38
C LEU D 3533 17.67 -18.72 -34.61
N ILE D 3534 18.11 -18.65 -35.87
CA ILE D 3534 19.51 -18.31 -36.24
C ILE D 3534 19.53 -17.02 -37.04
N ILE D 3535 20.34 -16.04 -36.64
CA ILE D 3535 20.54 -14.76 -37.38
C ILE D 3535 21.77 -14.94 -38.27
N ASP D 3536 21.58 -15.23 -39.56
CA ASP D 3536 22.69 -15.54 -40.51
C ASP D 3536 22.50 -14.79 -41.84
N PRO D 3537 23.04 -13.56 -41.96
CA PRO D 3537 23.54 -13.08 -43.24
C PRO D 3537 24.86 -13.83 -43.49
N GLN D 3538 25.32 -13.89 -44.75
CA GLN D 3538 26.56 -14.58 -45.18
C GLN D 3538 26.40 -16.11 -45.12
N LEU D 3539 25.26 -16.63 -44.62
CA LEU D 3539 24.79 -18.03 -44.77
C LEU D 3539 25.82 -19.04 -44.26
N GLN D 3540 26.54 -18.74 -43.17
CA GLN D 3540 27.47 -19.69 -42.52
C GLN D 3540 26.65 -20.76 -41.78
N GLY D 3541 25.67 -20.32 -40.96
CA GLY D 3541 24.78 -21.19 -40.19
C GLY D 3541 24.04 -22.19 -41.06
N SER D 3542 23.39 -21.72 -42.13
CA SER D 3542 22.55 -22.53 -43.06
C SER D 3542 23.36 -23.69 -43.65
N THR D 3543 24.54 -23.38 -44.22
CA THR D 3543 25.46 -24.36 -44.88
C THR D 3543 25.88 -25.45 -43.89
N TRP D 3544 26.09 -25.09 -42.63
CA TRP D 3544 26.58 -26.01 -41.56
C TRP D 3544 25.46 -26.95 -41.11
N ILE D 3545 24.20 -26.50 -41.12
CA ILE D 3545 23.02 -27.34 -40.71
C ILE D 3545 22.79 -28.39 -41.80
N ARG D 3546 22.99 -28.02 -43.07
CA ARG D 3546 22.94 -28.97 -44.23
C ARG D 3546 24.08 -29.99 -44.12
N GLY D 3547 25.25 -29.57 -43.60
CA GLY D 3547 26.39 -30.47 -43.33
C GLY D 3547 26.09 -31.44 -42.21
N LYS D 3548 25.75 -30.92 -41.02
CA LYS D 3548 25.50 -31.70 -39.78
C LYS D 3548 24.28 -32.61 -40.00
N GLN D 3549 23.11 -32.02 -40.28
CA GLN D 3549 21.88 -32.74 -40.70
C GLN D 3549 21.89 -32.87 -42.23
N GLY D 3550 22.56 -33.90 -42.75
CA GLY D 3550 22.71 -34.15 -44.19
C GLY D 3550 21.45 -34.70 -44.83
N GLU D 3551 20.85 -35.71 -44.21
CA GLU D 3551 19.71 -36.51 -44.76
C GLU D 3551 18.38 -35.94 -44.23
N ASN D 3552 17.43 -35.69 -45.14
CA ASN D 3552 16.01 -35.33 -44.87
C ASN D 3552 15.92 -34.05 -44.02
N LEU D 3553 16.82 -33.09 -44.26
CA LEU D 3553 16.67 -31.68 -43.79
C LEU D 3553 15.91 -30.91 -44.87
N THR D 3554 14.57 -30.96 -44.79
CA THR D 3554 13.63 -30.37 -45.79
C THR D 3554 13.51 -28.86 -45.54
N THR D 3555 14.04 -28.04 -46.46
CA THR D 3555 14.13 -26.56 -46.32
C THR D 3555 12.83 -25.95 -46.84
N ILE D 3556 12.15 -25.15 -46.00
CA ILE D 3556 10.77 -24.63 -46.21
C ILE D 3556 10.73 -23.14 -45.89
N SER D 3557 10.84 -22.27 -46.91
CA SER D 3557 10.55 -20.82 -46.80
C SER D 3557 9.11 -20.65 -46.31
N LEU D 3558 8.85 -19.69 -45.43
CA LEU D 3558 7.49 -19.38 -44.89
C LEU D 3558 6.56 -19.02 -46.06
N SER D 3559 7.12 -18.52 -47.17
CA SER D 3559 6.40 -18.15 -48.42
C SER D 3559 6.07 -19.36 -49.31
N GLN D 3560 6.55 -20.57 -48.98
CA GLN D 3560 6.19 -21.83 -49.73
C GLN D 3560 4.67 -21.98 -49.70
N PRO D 3561 4.03 -22.48 -50.78
CA PRO D 3561 2.57 -22.43 -50.91
C PRO D 3561 1.84 -23.44 -49.99
N LYS D 3562 2.28 -24.70 -49.97
CA LYS D 3562 1.70 -25.80 -49.16
C LYS D 3562 2.59 -26.08 -47.94
N TRP D 3563 3.12 -25.02 -47.32
CA TRP D 3563 4.20 -25.12 -46.29
C TRP D 3563 3.65 -25.76 -45.00
N LEU D 3564 2.40 -25.46 -44.64
CA LEU D 3564 1.69 -26.04 -43.47
C LEU D 3564 1.59 -27.57 -43.63
N GLY D 3565 1.35 -28.05 -44.86
CA GLY D 3565 1.26 -29.49 -45.19
C GLY D 3565 2.60 -30.20 -45.08
N ALA D 3566 3.67 -29.57 -45.57
CA ALA D 3566 5.05 -30.13 -45.63
C ALA D 3566 5.64 -30.23 -44.22
N LEU D 3567 5.34 -29.27 -43.35
CA LEU D 3567 5.79 -29.23 -41.92
C LEU D 3567 5.05 -30.32 -41.13
N THR D 3568 3.71 -30.31 -41.18
CA THR D 3568 2.81 -31.23 -40.41
C THR D 3568 3.07 -32.70 -40.79
N SER D 3569 3.52 -32.95 -42.03
CA SER D 3569 3.92 -34.30 -42.53
C SER D 3569 5.32 -34.67 -42.03
N SER D 3570 6.22 -33.69 -41.93
CA SER D 3570 7.61 -33.84 -41.42
C SER D 3570 7.62 -33.95 -39.89
N ILE D 3571 6.75 -33.22 -39.20
CA ILE D 3571 6.51 -33.33 -37.73
C ILE D 3571 6.10 -34.78 -37.41
N SER D 3572 5.18 -35.34 -38.19
CA SER D 3572 4.56 -36.69 -37.97
C SER D 3572 5.58 -37.81 -38.19
N SER D 3573 6.49 -37.65 -39.15
CA SER D 3573 7.59 -38.61 -39.45
C SER D 3573 8.64 -37.95 -40.34
N GLY D 3574 9.58 -37.23 -39.74
CA GLY D 3574 10.68 -36.53 -40.45
C GLY D 3574 11.88 -36.30 -39.55
N ARG D 3575 13.06 -36.19 -40.15
CA ARG D 3575 14.35 -35.94 -39.46
C ARG D 3575 14.34 -34.51 -38.89
N ALA D 3576 14.33 -33.52 -39.78
CA ALA D 3576 14.50 -32.08 -39.45
C ALA D 3576 13.82 -31.20 -40.50
N VAL D 3577 13.55 -29.94 -40.15
CA VAL D 3577 13.00 -28.89 -41.06
C VAL D 3577 13.73 -27.57 -40.78
N LEU D 3578 14.44 -27.03 -41.77
CA LEU D 3578 14.97 -25.64 -41.75
C LEU D 3578 13.91 -24.72 -42.37
N ILE D 3579 13.50 -23.65 -41.65
CA ILE D 3579 12.54 -22.63 -42.17
C ILE D 3579 13.35 -21.39 -42.59
N GLU D 3580 13.38 -21.09 -43.89
CA GLU D 3580 14.11 -19.94 -44.49
C GLU D 3580 13.20 -18.70 -44.46
N GLY D 3581 13.75 -17.54 -44.84
CA GLY D 3581 13.05 -16.24 -44.75
C GLY D 3581 12.79 -15.84 -43.31
N ILE D 3582 11.59 -16.16 -42.81
CA ILE D 3582 11.11 -15.96 -41.40
C ILE D 3582 11.80 -14.74 -40.77
N GLN D 3583 11.74 -13.60 -41.46
CA GLN D 3583 12.51 -12.36 -41.15
C GLN D 3583 12.17 -11.88 -39.72
N GLN D 3584 10.88 -11.65 -39.47
CA GLN D 3584 10.34 -11.30 -38.12
C GLN D 3584 8.81 -11.40 -38.19
N GLU D 3585 8.14 -11.41 -37.02
CA GLU D 3585 6.72 -11.80 -36.85
C GLU D 3585 6.54 -13.24 -37.34
N ILE D 3586 6.75 -14.21 -36.43
CA ILE D 3586 6.62 -15.67 -36.70
C ILE D 3586 5.12 -15.97 -36.85
N ASP D 3587 4.73 -16.72 -37.88
CA ASP D 3587 3.31 -17.01 -38.24
C ASP D 3587 2.60 -17.66 -37.05
N ALA D 3588 1.29 -17.40 -36.92
CA ALA D 3588 0.42 -17.84 -35.79
C ALA D 3588 0.29 -19.36 -35.77
N THR D 3589 0.40 -20.03 -36.92
CA THR D 3589 0.31 -21.51 -37.07
C THR D 3589 1.53 -22.20 -36.42
N LEU D 3590 2.69 -21.54 -36.38
CA LEU D 3590 3.93 -22.07 -35.74
C LEU D 3590 3.85 -21.91 -34.21
N ASP D 3591 3.11 -20.92 -33.70
CA ASP D 3591 3.10 -20.55 -32.25
C ASP D 3591 2.81 -21.78 -31.39
N PRO D 3592 1.80 -22.63 -31.72
CA PRO D 3592 1.62 -23.92 -31.02
C PRO D 3592 2.81 -24.90 -31.11
N LEU D 3593 3.51 -24.94 -32.25
CA LEU D 3593 4.73 -25.78 -32.45
C LEU D 3593 5.88 -25.19 -31.64
N LEU D 3594 6.12 -23.88 -31.75
CA LEU D 3594 7.22 -23.13 -31.07
C LEU D 3594 7.19 -23.40 -29.56
N GLN D 3595 5.98 -23.55 -28.98
CA GLN D 3595 5.80 -24.04 -27.59
C GLN D 3595 6.39 -25.46 -27.51
N ARG D 3596 7.51 -25.61 -26.78
CA ARG D 3596 8.26 -26.88 -26.63
C ARG D 3596 7.37 -27.98 -26.04
N ALA D 3597 6.26 -27.61 -25.39
CA ALA D 3597 5.19 -28.50 -24.87
C ALA D 3597 4.67 -29.43 -25.98
N VAL D 3598 4.67 -30.74 -25.72
CA VAL D 3598 4.07 -31.81 -26.57
C VAL D 3598 3.08 -32.60 -25.69
N LYS D 3599 1.82 -32.75 -26.16
CA LYS D 3599 0.72 -33.39 -25.40
C LYS D 3599 0.83 -34.92 -25.56
N LYS D 3600 0.79 -35.65 -24.43
CA LYS D 3600 0.99 -37.11 -24.34
C LYS D 3600 -0.38 -37.80 -24.30
N ASN D 3601 -0.81 -38.39 -25.42
CA ASN D 3601 -2.10 -39.11 -25.58
C ASN D 3601 -1.86 -40.61 -25.41
N GLY D 3602 -1.55 -41.03 -24.17
CA GLY D 3602 -1.25 -42.43 -23.80
C GLY D 3602 0.15 -42.84 -24.21
N ASN D 3603 0.27 -43.82 -25.12
CA ASN D 3603 1.55 -44.33 -25.65
C ASN D 3603 2.09 -43.34 -26.69
N GLN D 3604 1.30 -43.05 -27.72
CA GLN D 3604 1.67 -42.17 -28.86
C GLN D 3604 1.51 -40.70 -28.45
N LEU D 3605 2.53 -39.88 -28.74
CA LEU D 3605 2.58 -38.42 -28.44
C LEU D 3605 2.02 -37.65 -29.65
N GLN D 3606 1.10 -36.72 -29.42
CA GLN D 3606 0.35 -35.96 -30.48
C GLN D 3606 0.27 -34.48 -30.05
N LEU D 3607 0.89 -33.58 -30.82
CA LEU D 3607 0.85 -32.11 -30.60
C LEU D 3607 -0.13 -31.46 -31.59
N GLU D 3608 -0.85 -30.43 -31.15
CA GLU D 3608 -1.95 -29.76 -31.90
C GLU D 3608 -1.38 -28.57 -32.69
N ILE D 3609 -0.98 -28.79 -33.95
CA ILE D 3609 -0.51 -27.75 -34.91
C ILE D 3609 -1.62 -27.49 -35.93
N GLY D 3610 -1.89 -26.21 -36.22
CA GLY D 3610 -2.94 -25.79 -37.17
C GLY D 3610 -4.34 -26.12 -36.66
N GLY D 3611 -5.29 -26.31 -37.58
CA GLY D 3611 -6.70 -26.61 -37.26
C GLY D 3611 -6.87 -27.99 -36.66
N ASP D 3612 -6.33 -29.02 -37.34
CA ASP D 3612 -6.45 -30.45 -36.96
C ASP D 3612 -5.13 -30.91 -36.30
N PRO D 3613 -5.16 -31.44 -35.06
CA PRO D 3613 -3.98 -32.07 -34.47
C PRO D 3613 -3.44 -33.28 -35.26
N ILE D 3614 -2.11 -33.36 -35.37
CA ILE D 3614 -1.36 -34.44 -36.09
C ILE D 3614 -0.39 -35.09 -35.08
N ASP D 3615 -0.07 -36.37 -35.27
CA ASP D 3615 0.92 -37.12 -34.44
C ASP D 3615 2.29 -36.45 -34.57
N TYR D 3616 3.13 -36.58 -33.55
CA TYR D 3616 4.52 -36.02 -33.45
C TYR D 3616 5.46 -37.12 -32.96
N ASP D 3617 6.42 -37.52 -33.80
CA ASP D 3617 7.41 -38.58 -33.48
C ASP D 3617 8.61 -37.95 -32.79
N PRO D 3618 9.36 -38.68 -31.93
CA PRO D 3618 10.56 -38.14 -31.31
C PRO D 3618 11.69 -37.90 -32.32
N ASN D 3619 12.77 -37.24 -31.88
CA ASN D 3619 13.98 -36.92 -32.68
C ASN D 3619 13.58 -36.08 -33.90
N PHE D 3620 12.65 -35.14 -33.71
CA PHE D 3620 12.28 -34.09 -34.68
C PHE D 3620 13.05 -32.82 -34.34
N LYS D 3621 13.72 -32.21 -35.32
CA LYS D 3621 14.43 -30.92 -35.19
C LYS D 3621 13.68 -29.87 -36.01
N LEU D 3622 13.75 -28.60 -35.57
CA LEU D 3622 13.16 -27.43 -36.27
C LEU D 3622 14.12 -26.26 -36.16
N PHE D 3623 14.99 -26.09 -37.17
CA PHE D 3623 15.91 -24.93 -37.28
C PHE D 3623 15.16 -23.80 -38.00
N LEU D 3624 15.14 -22.61 -37.40
CA LEU D 3624 14.68 -21.36 -38.05
C LEU D 3624 15.90 -20.47 -38.30
N MET D 3625 16.06 -19.94 -39.51
CA MET D 3625 17.21 -19.09 -39.91
C MET D 3625 16.66 -17.79 -40.52
N THR D 3626 17.29 -16.65 -40.21
CA THR D 3626 16.81 -15.29 -40.62
C THR D 3626 17.94 -14.54 -41.32
N LYS D 3627 17.90 -14.47 -42.66
CA LYS D 3627 18.78 -13.60 -43.47
C LYS D 3627 18.37 -12.14 -43.26
N LEU D 3628 18.80 -11.53 -42.15
CA LEU D 3628 18.36 -10.18 -41.74
C LEU D 3628 19.41 -9.52 -40.84
N ILE D 3629 20.01 -8.42 -41.30
CA ILE D 3629 21.00 -7.60 -40.55
C ILE D 3629 20.18 -6.80 -39.51
N ASN D 3630 20.46 -7.00 -38.22
CA ASN D 3630 19.75 -6.35 -37.07
C ASN D 3630 18.27 -6.72 -37.14
N PRO D 3631 17.88 -7.94 -36.70
CA PRO D 3631 16.47 -8.33 -36.60
C PRO D 3631 15.85 -7.83 -35.29
N HIS D 3632 14.52 -7.75 -35.25
CA HIS D 3632 13.72 -7.37 -34.05
C HIS D 3632 12.64 -8.43 -33.81
N PHE D 3633 12.67 -9.10 -32.66
CA PHE D 3633 11.67 -10.12 -32.25
C PHE D 3633 10.91 -9.62 -31.03
N ARG D 3634 9.62 -9.98 -30.93
CA ARG D 3634 8.79 -9.81 -29.71
C ARG D 3634 9.49 -10.57 -28.57
N PRO D 3635 9.67 -9.95 -27.37
CA PRO D 3635 10.31 -10.63 -26.24
C PRO D 3635 9.74 -12.03 -25.96
N GLU D 3636 8.41 -12.17 -26.08
CA GLU D 3636 7.63 -13.43 -25.92
C GLU D 3636 8.21 -14.54 -26.80
N ILE D 3637 8.58 -14.20 -28.05
CA ILE D 3637 9.13 -15.14 -29.07
C ILE D 3637 10.59 -15.46 -28.74
N ALA D 3638 11.36 -14.46 -28.28
CA ALA D 3638 12.79 -14.57 -27.93
C ALA D 3638 13.01 -15.55 -26.76
N ALA D 3639 12.02 -15.64 -25.86
CA ALA D 3639 12.00 -16.61 -24.73
C ALA D 3639 11.57 -18.00 -25.24
N GLN D 3640 10.62 -18.03 -26.17
CA GLN D 3640 9.98 -19.25 -26.73
C GLN D 3640 10.95 -20.00 -27.67
N CYS D 3641 11.80 -19.25 -28.41
CA CYS D 3641 12.83 -19.79 -29.34
C CYS D 3641 14.20 -19.17 -29.01
N THR D 3642 15.26 -19.99 -28.91
CA THR D 3642 16.64 -19.53 -28.57
C THR D 3642 17.26 -18.85 -29.81
N ILE D 3643 17.67 -17.59 -29.66
CA ILE D 3643 18.29 -16.75 -30.72
C ILE D 3643 19.79 -17.05 -30.74
N ILE D 3644 20.36 -17.25 -31.93
CA ILE D 3644 21.78 -17.66 -32.16
C ILE D 3644 22.31 -16.88 -33.36
N ASN D 3645 23.23 -15.92 -33.16
CA ASN D 3645 23.64 -14.95 -34.22
C ASN D 3645 24.97 -15.39 -34.86
N PHE D 3646 24.88 -16.10 -35.99
CA PHE D 3646 26.02 -16.37 -36.91
C PHE D 3646 26.21 -15.15 -37.82
N ILE D 3647 27.05 -14.20 -37.41
CA ILE D 3647 27.39 -12.98 -38.22
C ILE D 3647 28.91 -12.84 -38.27
N VAL D 3648 29.52 -13.11 -39.44
CA VAL D 3648 30.97 -12.84 -39.69
C VAL D 3648 31.15 -11.31 -39.73
N THR D 3649 31.78 -10.76 -38.69
CA THR D 3649 32.02 -9.30 -38.51
C THR D 3649 33.35 -9.09 -37.77
N GLU D 3650 34.10 -8.05 -38.15
CA GLU D 3650 35.35 -7.57 -37.51
C GLU D 3650 36.26 -8.76 -37.20
N SER D 3651 36.54 -9.04 -35.91
CA SER D 3651 37.50 -10.05 -35.41
C SER D 3651 37.00 -11.48 -35.70
N GLY D 3652 35.72 -11.64 -36.07
CA GLY D 3652 35.13 -12.93 -36.49
C GLY D 3652 35.96 -13.60 -37.58
N LEU D 3653 35.90 -13.05 -38.81
CA LEU D 3653 36.66 -13.54 -39.99
C LEU D 3653 38.13 -13.71 -39.62
N GLU D 3654 38.76 -12.66 -39.08
CA GLU D 3654 40.15 -12.68 -38.58
C GLU D 3654 40.40 -14.05 -37.92
N GLU D 3655 39.52 -14.47 -37.01
CA GLU D 3655 39.68 -15.71 -36.21
C GLU D 3655 39.42 -16.96 -37.07
N GLN D 3656 38.72 -16.84 -38.20
CA GLN D 3656 38.53 -17.94 -39.19
C GLN D 3656 39.79 -18.04 -40.07
N PHE D 3657 40.21 -16.90 -40.63
CA PHE D 3657 41.39 -16.78 -41.54
C PHE D 3657 42.68 -17.26 -40.84
N ILE D 3658 42.80 -17.23 -39.51
CA ILE D 3658 44.05 -17.73 -38.84
C ILE D 3658 44.10 -19.24 -39.06
N ALA D 3659 43.06 -19.95 -38.62
CA ALA D 3659 42.90 -21.42 -38.76
C ALA D 3659 43.04 -21.84 -40.23
N MET D 3660 42.44 -21.05 -41.13
CA MET D 3660 42.56 -21.19 -42.61
C MET D 3660 44.04 -21.12 -43.02
N VAL D 3661 44.73 -20.04 -42.66
CA VAL D 3661 46.15 -19.73 -43.08
C VAL D 3661 47.09 -20.75 -42.43
N VAL D 3662 46.93 -21.03 -41.14
CA VAL D 3662 47.84 -21.94 -40.37
C VAL D 3662 47.69 -23.36 -40.93
N ASN D 3663 46.53 -23.72 -41.49
CA ASN D 3663 46.31 -25.03 -42.18
C ASN D 3663 47.11 -25.08 -43.50
N ILE D 3664 47.17 -23.96 -44.25
CA ILE D 3664 47.84 -23.86 -45.58
C ILE D 3664 49.35 -23.67 -45.38
N GLU D 3665 49.75 -22.66 -44.61
CA GLU D 3665 51.17 -22.32 -44.34
C GLU D 3665 51.85 -23.50 -43.63
N LYS D 3666 51.56 -23.68 -42.35
CA LYS D 3666 52.17 -24.72 -41.47
C LYS D 3666 51.22 -25.92 -41.42
N ASN D 3667 51.10 -26.63 -42.56
CA ASN D 3667 50.26 -27.85 -42.71
C ASN D 3667 50.86 -29.00 -41.90
N GLU D 3668 52.20 -29.05 -41.79
CA GLU D 3668 52.92 -29.86 -40.78
C GLU D 3668 52.52 -29.35 -39.38
N LEU D 3669 52.23 -30.27 -38.45
CA LEU D 3669 51.80 -29.99 -37.05
C LEU D 3669 50.43 -29.30 -37.04
N GLU D 3670 49.59 -29.53 -38.07
CA GLU D 3670 48.12 -29.37 -38.06
C GLU D 3670 47.45 -30.73 -38.29
N MET D 3671 48.04 -31.56 -39.15
CA MET D 3671 47.67 -32.99 -39.33
C MET D 3671 48.06 -33.79 -38.08
N ALA D 3672 49.22 -33.46 -37.47
CA ALA D 3672 49.74 -34.12 -36.25
C ALA D 3672 48.71 -34.03 -35.12
N LYS D 3673 48.12 -32.84 -34.90
CA LYS D 3673 47.04 -32.62 -33.89
C LYS D 3673 45.83 -33.49 -34.24
N GLN D 3674 45.42 -33.52 -35.51
CA GLN D 3674 44.21 -34.26 -35.97
C GLN D 3674 44.47 -35.77 -35.96
N ASP D 3675 45.73 -36.21 -36.20
CA ASP D 3675 46.16 -37.62 -36.10
C ASP D 3675 46.23 -38.06 -34.64
N LEU D 3676 46.66 -37.16 -33.75
CA LEU D 3676 46.76 -37.37 -32.28
C LEU D 3676 45.35 -37.54 -31.70
N VAL D 3677 44.39 -36.70 -32.12
CA VAL D 3677 42.99 -36.66 -31.60
C VAL D 3677 42.26 -37.97 -31.94
N LYS D 3678 42.49 -38.52 -33.14
CA LYS D 3678 41.93 -39.83 -33.56
C LYS D 3678 42.59 -40.96 -32.75
N LYS D 3679 43.89 -40.84 -32.47
CA LYS D 3679 44.67 -41.84 -31.69
C LYS D 3679 44.26 -41.77 -30.21
N GLN D 3680 44.06 -40.58 -29.65
CA GLN D 3680 43.56 -40.35 -28.26
C GLN D 3680 42.18 -40.99 -28.10
N ASN D 3681 41.30 -40.83 -29.11
CA ASN D 3681 39.94 -41.42 -29.14
C ASN D 3681 40.05 -42.94 -29.32
N GLU D 3682 40.88 -43.40 -30.26
CA GLU D 3682 41.14 -44.83 -30.57
C GLU D 3682 41.57 -45.57 -29.31
N TYR D 3683 42.63 -45.09 -28.64
CA TYR D 3683 43.26 -45.71 -27.46
C TYR D 3683 42.28 -45.79 -26.27
N ALA D 3684 41.43 -44.77 -26.10
CA ALA D 3684 40.40 -44.70 -25.04
C ALA D 3684 39.41 -45.85 -25.19
N VAL D 3685 39.03 -46.19 -26.42
CA VAL D 3685 38.08 -47.30 -26.75
C VAL D 3685 38.76 -48.65 -26.48
N THR D 3686 40.03 -48.82 -26.86
CA THR D 3686 40.81 -50.08 -26.67
C THR D 3686 41.04 -50.34 -25.18
N LEU D 3687 41.30 -49.28 -24.39
CA LEU D 3687 41.47 -49.39 -22.92
C LEU D 3687 40.12 -49.71 -22.26
N ASP D 3688 39.03 -49.07 -22.71
CA ASP D 3688 37.65 -49.32 -22.22
C ASP D 3688 37.27 -50.78 -22.49
N LYS D 3689 37.67 -51.32 -23.65
CA LYS D 3689 37.45 -52.74 -24.05
C LYS D 3689 38.28 -53.66 -23.14
N LEU D 3690 39.57 -53.35 -22.95
CA LEU D 3690 40.50 -54.12 -22.08
C LEU D 3690 40.00 -54.10 -20.63
N GLU D 3691 39.45 -52.98 -20.16
CA GLU D 3691 38.91 -52.83 -18.78
C GLU D 3691 37.82 -53.87 -18.53
N SER D 3692 36.84 -53.98 -19.43
CA SER D 3692 35.69 -54.92 -19.36
C SER D 3692 36.17 -56.38 -19.45
N ASP D 3693 37.25 -56.63 -20.21
CA ASP D 3693 37.85 -57.98 -20.43
C ASP D 3693 38.75 -58.40 -19.26
N LEU D 3694 38.95 -57.53 -18.25
CA LEU D 3694 39.55 -57.88 -16.94
C LEU D 3694 38.44 -58.33 -15.98
N LEU D 3695 37.30 -57.62 -15.97
CA LEU D 3695 36.15 -57.82 -15.05
C LEU D 3695 35.48 -59.18 -15.30
N GLN D 3696 35.25 -59.54 -16.56
CA GLN D 3696 34.64 -60.83 -16.97
C GLN D 3696 35.66 -61.97 -16.78
N SER D 3697 36.93 -61.73 -17.13
CA SER D 3697 38.03 -62.74 -17.12
C SER D 3697 38.36 -63.19 -15.69
N LEU D 3698 38.55 -62.25 -14.76
CA LEU D 3698 38.88 -62.52 -13.33
C LEU D 3698 37.74 -63.29 -12.65
N SER D 3699 36.50 -62.82 -12.83
CA SER D 3699 35.26 -63.37 -12.22
C SER D 3699 34.99 -64.79 -12.73
N GLU D 3700 35.13 -65.02 -14.05
CA GLU D 3700 34.85 -66.32 -14.72
C GLU D 3700 35.90 -67.37 -14.34
N ALA D 3701 37.18 -67.02 -14.38
CA ALA D 3701 38.32 -67.92 -14.07
C ALA D 3701 38.34 -68.25 -12.58
N ASP D 3702 38.80 -69.46 -12.23
CA ASP D 3702 38.89 -69.99 -10.84
C ASP D 3702 40.20 -69.53 -10.21
N PRO D 3703 40.32 -69.46 -8.86
CA PRO D 3703 41.56 -69.02 -8.21
C PRO D 3703 42.79 -69.89 -8.50
N ALA D 3704 42.57 -71.18 -8.81
CA ALA D 3704 43.62 -72.18 -9.17
C ALA D 3704 44.08 -71.97 -10.62
N THR D 3705 43.19 -71.50 -11.50
CA THR D 3705 43.48 -71.21 -12.93
C THR D 3705 44.11 -69.82 -13.07
N ILE D 3706 43.64 -68.82 -12.31
CA ILE D 3706 44.05 -67.38 -12.38
C ILE D 3706 45.58 -67.26 -12.27
N LEU D 3707 46.21 -68.03 -11.37
CA LEU D 3707 47.67 -67.93 -11.04
C LEU D 3707 48.52 -68.14 -12.30
N ASP D 3708 48.25 -69.20 -13.07
CA ASP D 3708 49.04 -69.62 -14.26
C ASP D 3708 48.19 -69.52 -15.55
N ASN D 3709 47.14 -68.68 -15.56
CA ASN D 3709 46.33 -68.39 -16.78
C ASN D 3709 47.14 -67.44 -17.68
N THR D 3710 47.13 -67.70 -18.99
CA THR D 3710 47.93 -66.97 -20.02
C THR D 3710 47.24 -65.64 -20.38
N GLU D 3711 45.91 -65.66 -20.56
CA GLU D 3711 45.10 -64.49 -21.01
C GLU D 3711 45.20 -63.33 -20.01
N LEU D 3712 45.19 -63.63 -18.70
CA LEU D 3712 45.22 -62.61 -17.63
C LEU D 3712 46.60 -61.96 -17.53
N ILE D 3713 47.68 -62.72 -17.74
CA ILE D 3713 49.09 -62.21 -17.75
C ILE D 3713 49.25 -61.24 -18.93
N GLN D 3714 48.67 -61.57 -20.10
CA GLN D 3714 48.73 -60.75 -21.34
C GLN D 3714 48.02 -59.41 -21.15
N ASN D 3715 46.81 -59.43 -20.59
CA ASN D 3715 45.96 -58.22 -20.39
C ASN D 3715 46.68 -57.22 -19.47
N LEU D 3716 47.27 -57.69 -18.37
CA LEU D 3716 47.99 -56.85 -17.38
C LEU D 3716 49.23 -56.20 -18.00
N ASP D 3717 49.88 -56.87 -18.96
CA ASP D 3717 51.03 -56.33 -19.74
C ASP D 3717 50.53 -55.24 -20.69
N LYS D 3718 49.43 -55.49 -21.42
CA LYS D 3718 48.84 -54.56 -22.42
C LYS D 3718 48.30 -53.31 -21.73
N THR D 3719 47.55 -53.46 -20.63
CA THR D 3719 46.92 -52.35 -19.86
C THR D 3719 47.99 -51.41 -19.27
N LYS D 3720 49.11 -51.96 -18.78
CA LYS D 3720 50.27 -51.19 -18.25
C LYS D 3720 50.92 -50.38 -19.39
N LYS D 3721 51.05 -50.99 -20.58
CA LYS D 3721 51.67 -50.35 -21.77
C LYS D 3721 50.74 -49.24 -22.30
N THR D 3722 49.45 -49.53 -22.51
CA THR D 3722 48.47 -48.60 -23.13
C THR D 3722 48.21 -47.37 -22.25
N THR D 3723 48.34 -47.49 -20.93
CA THR D 3723 48.22 -46.34 -19.97
C THR D 3723 49.40 -45.39 -20.17
N ILE D 3724 50.63 -45.91 -20.25
CA ILE D 3724 51.87 -45.12 -20.51
C ILE D 3724 51.78 -44.51 -21.91
N GLU D 3725 51.29 -45.26 -22.90
CA GLU D 3725 51.18 -44.80 -24.31
C GLU D 3725 50.07 -43.74 -24.45
N ILE D 3726 49.10 -43.70 -23.53
CA ILE D 3726 48.05 -42.62 -23.47
C ILE D 3726 48.67 -41.37 -22.82
N THR D 3727 49.43 -41.51 -21.72
CA THR D 3727 50.06 -40.38 -21.00
C THR D 3727 51.13 -39.70 -21.89
N GLU D 3728 51.79 -40.46 -22.77
CA GLU D 3728 52.73 -39.90 -23.78
C GLU D 3728 51.95 -39.05 -24.80
N GLN D 3729 50.82 -39.57 -25.30
CA GLN D 3729 49.95 -38.87 -26.29
C GLN D 3729 49.41 -37.57 -25.68
N GLN D 3730 48.96 -37.60 -24.43
CA GLN D 3730 48.42 -36.41 -23.69
C GLN D 3730 49.51 -35.34 -23.53
N GLN D 3731 50.77 -35.75 -23.33
CA GLN D 3731 51.95 -34.85 -23.24
C GLN D 3731 52.35 -34.34 -24.63
N LYS D 3732 52.14 -35.15 -25.68
CA LYS D 3732 52.34 -34.73 -27.10
C LYS D 3732 51.18 -33.84 -27.56
N ALA D 3733 50.00 -33.94 -26.94
CA ALA D 3733 48.82 -33.10 -27.24
C ALA D 3733 49.07 -31.66 -26.77
N LYS D 3734 49.49 -31.50 -25.51
CA LYS D 3734 49.77 -30.18 -24.88
C LYS D 3734 50.90 -29.45 -25.64
N VAL D 3735 51.87 -30.19 -26.18
CA VAL D 3735 53.00 -29.64 -26.97
C VAL D 3735 52.48 -29.15 -28.33
N THR D 3736 51.65 -29.94 -29.02
CA THR D 3736 51.07 -29.58 -30.35
C THR D 3736 50.02 -28.48 -30.21
N GLU D 3737 49.33 -28.40 -29.07
CA GLU D 3737 48.36 -27.31 -28.76
C GLU D 3737 49.12 -26.00 -28.51
N ALA D 3738 50.23 -26.07 -27.75
CA ALA D 3738 51.12 -24.92 -27.44
C ALA D 3738 51.74 -24.39 -28.73
N GLU D 3739 52.30 -25.27 -29.57
CA GLU D 3739 53.07 -24.91 -30.78
C GLU D 3739 52.15 -24.32 -31.87
N ILE D 3740 50.85 -24.66 -31.86
CA ILE D 3740 49.83 -24.03 -32.75
C ILE D 3740 49.48 -22.64 -32.20
N ASN D 3741 49.19 -22.53 -30.90
CA ASN D 3741 48.78 -21.27 -30.21
C ASN D 3741 49.89 -20.22 -30.31
N ILE D 3742 51.15 -20.63 -30.50
CA ILE D 3742 52.29 -19.73 -30.85
C ILE D 3742 52.15 -19.33 -32.33
N GLN D 3743 51.92 -20.30 -33.23
CA GLN D 3743 51.77 -20.07 -34.70
C GLN D 3743 50.38 -19.50 -35.03
N ARG D 3744 49.46 -19.45 -34.06
CA ARG D 3744 48.20 -18.67 -34.16
C ARG D 3744 48.55 -17.17 -34.12
N GLU D 3745 49.44 -16.77 -33.21
CA GLU D 3745 49.82 -15.36 -32.94
C GLU D 3745 50.78 -14.84 -34.03
N HIS D 3746 51.62 -15.71 -34.60
CA HIS D 3746 52.56 -15.36 -35.70
C HIS D 3746 51.78 -14.96 -36.95
N TYR D 3747 50.70 -15.69 -37.28
CA TYR D 3747 49.88 -15.53 -38.51
C TYR D 3747 48.56 -14.79 -38.22
N ARG D 3748 48.35 -14.34 -36.98
CA ARG D 3748 47.26 -13.38 -36.61
C ARG D 3748 47.38 -12.16 -37.53
N VAL D 3749 48.59 -11.60 -37.65
CA VAL D 3749 48.89 -10.32 -38.37
C VAL D 3749 48.52 -10.49 -39.85
N VAL D 3750 48.80 -11.66 -40.43
CA VAL D 3750 48.53 -12.01 -41.86
C VAL D 3750 47.01 -12.13 -42.07
N ALA D 3751 46.35 -12.92 -41.23
CA ALA D 3751 44.89 -13.16 -41.24
C ALA D 3751 44.14 -11.84 -41.03
N ALA D 3752 44.47 -11.12 -39.96
CA ALA D 3752 43.85 -9.85 -39.52
C ALA D 3752 43.81 -8.87 -40.70
N GLU D 3753 44.91 -8.77 -41.44
CA GLU D 3753 45.07 -7.88 -42.62
C GLU D 3753 44.11 -8.35 -43.73
N GLY D 3754 43.97 -9.66 -43.91
CA GLY D 3754 43.03 -10.27 -44.88
C GLY D 3754 41.57 -9.96 -44.55
N SER D 3755 41.19 -10.05 -43.28
CA SER D 3755 39.81 -9.78 -42.80
C SER D 3755 39.48 -8.30 -43.03
N MET D 3756 40.32 -7.41 -42.49
CA MET D 3756 40.21 -5.93 -42.56
C MET D 3756 40.01 -5.47 -44.01
N LEU D 3757 40.62 -6.16 -44.98
CA LEU D 3757 40.56 -5.83 -46.43
C LEU D 3757 39.26 -6.34 -47.05
N TYR D 3758 38.72 -7.46 -46.56
CA TYR D 3758 37.46 -8.07 -47.08
C TYR D 3758 36.26 -7.17 -46.76
N PHE D 3759 36.16 -6.68 -45.52
CA PHE D 3759 35.02 -5.82 -45.06
C PHE D 3759 35.02 -4.50 -45.84
N LEU D 3760 36.20 -4.03 -46.23
CA LEU D 3760 36.39 -2.85 -47.13
C LEU D 3760 35.82 -3.18 -48.52
N VAL D 3761 36.11 -4.39 -49.02
CA VAL D 3761 35.68 -4.90 -50.36
C VAL D 3761 34.16 -5.09 -50.39
N ILE D 3762 33.53 -5.45 -49.26
CA ILE D 3762 32.06 -5.60 -49.13
C ILE D 3762 31.42 -4.20 -49.16
N SER D 3763 31.99 -3.22 -48.46
CA SER D 3763 31.54 -1.81 -48.47
C SER D 3763 31.54 -1.28 -49.91
N LEU D 3764 32.61 -1.57 -50.66
CA LEU D 3764 32.84 -1.15 -52.07
C LEU D 3764 31.71 -1.66 -52.97
N SER D 3765 31.09 -2.80 -52.65
CA SER D 3765 29.94 -3.38 -53.40
C SER D 3765 28.70 -2.48 -53.30
N VAL D 3766 28.52 -1.78 -52.17
CA VAL D 3766 27.25 -1.09 -51.79
C VAL D 3766 27.11 0.22 -52.57
N MET D 3767 28.21 0.91 -52.88
CA MET D 3767 28.21 2.26 -53.54
C MET D 3767 27.56 2.16 -54.92
N ASP D 3768 27.90 1.13 -55.70
CA ASP D 3768 27.50 0.94 -57.12
C ASP D 3768 27.23 -0.55 -57.36
N HIS D 3769 26.15 -0.86 -58.09
CA HIS D 3769 25.74 -2.25 -58.41
C HIS D 3769 26.83 -2.93 -59.25
N MET D 3770 26.90 -4.26 -59.14
CA MET D 3770 27.84 -5.17 -59.85
C MET D 3770 29.31 -4.86 -59.49
N TYR D 3771 29.55 -4.44 -58.24
CA TYR D 3771 30.85 -4.56 -57.53
C TYR D 3771 30.69 -5.55 -56.36
N GLN D 3772 29.73 -6.47 -56.46
CA GLN D 3772 29.43 -7.46 -55.40
C GLN D 3772 30.40 -8.63 -55.55
N TYR D 3773 31.20 -8.90 -54.52
CA TYR D 3773 32.25 -9.94 -54.46
C TYR D 3773 31.89 -10.95 -53.37
N SER D 3774 31.87 -12.24 -53.71
CA SER D 3774 31.61 -13.36 -52.77
C SER D 3774 32.79 -13.51 -51.80
N LEU D 3775 32.51 -13.98 -50.59
CA LEU D 3775 33.54 -14.41 -49.60
C LEU D 3775 34.34 -15.57 -50.20
N GLU D 3776 33.66 -16.50 -50.89
CA GLU D 3776 34.26 -17.74 -51.47
C GLU D 3776 35.30 -17.36 -52.53
N SER D 3777 35.00 -16.39 -53.40
CA SER D 3777 35.90 -15.89 -54.47
C SER D 3777 37.10 -15.18 -53.85
N PHE D 3778 36.86 -14.29 -52.88
CA PHE D 3778 37.92 -13.54 -52.14
C PHE D 3778 38.91 -14.52 -51.51
N ILE D 3779 38.41 -15.58 -50.88
CA ILE D 3779 39.22 -16.61 -50.16
C ILE D 3779 40.24 -17.23 -51.13
N THR D 3780 39.86 -17.47 -52.40
CA THR D 3780 40.76 -18.09 -53.41
C THR D 3780 41.91 -17.13 -53.73
N PHE D 3781 41.63 -15.83 -53.88
CA PHE D 3781 42.64 -14.77 -54.16
C PHE D 3781 43.52 -14.52 -52.93
N PHE D 3782 42.97 -14.68 -51.72
CA PHE D 3782 43.72 -14.55 -50.45
C PHE D 3782 44.71 -15.71 -50.31
N PHE D 3783 44.31 -16.93 -50.71
CA PHE D 3783 45.16 -18.16 -50.62
C PHE D 3783 46.15 -18.19 -51.79
N LYS D 3784 45.68 -17.88 -53.00
CA LYS D 3784 46.54 -17.67 -54.20
C LYS D 3784 47.76 -16.84 -53.80
N ALA D 3785 47.53 -15.69 -53.18
CA ALA D 3785 48.57 -14.73 -52.71
C ALA D 3785 49.55 -15.42 -51.76
N ILE D 3786 49.07 -16.29 -50.86
CA ILE D 3786 49.90 -17.03 -49.87
C ILE D 3786 50.77 -18.07 -50.60
N ASN D 3787 50.27 -18.66 -51.70
CA ASN D 3787 50.95 -19.74 -52.46
C ASN D 3787 51.91 -19.16 -53.52
N ARG D 3788 51.79 -17.87 -53.86
CA ARG D 3788 52.70 -17.17 -54.82
C ARG D 3788 53.92 -16.57 -54.10
N THR D 3789 53.96 -16.58 -52.76
CA THR D 3789 55.12 -16.10 -51.95
C THR D 3789 56.28 -17.08 -52.14
N THR D 3790 57.43 -16.57 -52.62
CA THR D 3790 58.68 -17.33 -52.87
C THR D 3790 59.60 -17.26 -51.64
N VAL D 3791 59.36 -16.33 -50.72
CA VAL D 3791 60.19 -16.08 -49.50
C VAL D 3791 59.92 -17.23 -48.52
N ARG D 3792 61.00 -17.88 -48.03
CA ARG D 3792 60.94 -19.09 -47.17
C ARG D 3792 61.40 -18.73 -45.75
N ASP D 3793 60.54 -18.06 -45.00
CA ASP D 3793 60.57 -17.90 -43.51
C ASP D 3793 61.63 -16.88 -43.06
N GLU D 3794 62.38 -16.25 -43.98
CA GLU D 3794 63.42 -15.25 -43.61
C GLU D 3794 62.71 -14.02 -43.04
N ASN D 3795 61.95 -13.33 -43.90
CA ASN D 3795 61.05 -12.19 -43.56
C ASN D 3795 59.70 -12.46 -44.24
N ARG D 3796 59.15 -13.66 -44.05
CA ARG D 3796 57.91 -14.13 -44.74
C ARG D 3796 56.72 -13.30 -44.28
N ILE D 3797 56.39 -13.35 -43.00
CA ILE D 3797 55.16 -12.73 -42.40
C ILE D 3797 55.06 -11.28 -42.87
N PRO D 3798 56.12 -10.44 -42.79
CA PRO D 3798 56.13 -9.15 -43.46
C PRO D 3798 55.85 -9.17 -44.97
N THR D 3799 56.58 -9.98 -45.77
CA THR D 3799 56.47 -10.04 -47.26
C THR D 3799 55.21 -10.78 -47.71
N LEU D 3800 54.54 -11.49 -46.80
CA LEU D 3800 53.26 -12.19 -47.08
C LEU D 3800 52.13 -11.16 -47.10
N ILE D 3801 52.08 -10.28 -46.08
CA ILE D 3801 51.11 -9.16 -45.95
C ILE D 3801 51.13 -8.33 -47.24
N LEU D 3802 52.32 -7.87 -47.63
CA LEU D 3802 52.54 -6.96 -48.80
C LEU D 3802 51.94 -7.61 -50.05
N ASN D 3803 52.32 -8.86 -50.33
CA ASN D 3803 51.85 -9.65 -51.50
C ASN D 3803 50.33 -9.77 -51.49
N ILE D 3804 49.72 -9.97 -50.31
CA ILE D 3804 48.23 -10.13 -50.17
C ILE D 3804 47.55 -8.81 -50.52
N ARG D 3805 48.10 -7.66 -50.10
CA ARG D 3805 47.48 -6.33 -50.37
C ARG D 3805 47.46 -6.09 -51.89
N GLN D 3806 48.62 -6.19 -52.55
CA GLN D 3806 48.77 -5.97 -54.02
C GLN D 3806 47.84 -6.93 -54.77
N THR D 3807 47.87 -8.22 -54.41
CA THR D 3807 47.06 -9.30 -55.05
C THR D 3807 45.58 -8.93 -55.00
N ILE D 3808 45.06 -8.63 -53.81
CA ILE D 3808 43.62 -8.29 -53.60
C ILE D 3808 43.33 -6.96 -54.29
N TYR D 3809 44.26 -6.00 -54.22
CA TYR D 3809 44.07 -4.65 -54.81
C TYR D 3809 43.88 -4.75 -56.32
N GLN D 3810 44.78 -5.46 -57.01
CA GLN D 3810 44.74 -5.60 -58.49
C GLN D 3810 43.44 -6.34 -58.85
N TRP D 3811 43.13 -7.43 -58.14
CA TRP D 3811 41.89 -8.24 -58.36
C TRP D 3811 40.67 -7.32 -58.43
N ILE D 3812 40.53 -6.43 -57.45
CA ILE D 3812 39.36 -5.51 -57.32
C ILE D 3812 39.42 -4.47 -58.45
N SER D 3813 40.59 -3.84 -58.65
CA SER D 3813 40.78 -2.68 -59.57
C SER D 3813 40.36 -3.05 -61.00
N ARG D 3814 40.89 -4.15 -61.53
CA ARG D 3814 40.53 -4.71 -62.86
C ARG D 3814 39.00 -4.59 -63.05
N GLY D 3815 38.23 -4.95 -62.03
CA GLY D 3815 36.76 -4.85 -62.01
C GLY D 3815 36.26 -3.41 -61.94
N LEU D 3816 36.92 -2.56 -61.14
CA LEU D 3816 36.52 -1.14 -60.92
C LEU D 3816 36.61 -0.35 -62.22
N PHE D 3817 35.72 0.66 -62.36
CA PHE D 3817 35.77 1.71 -63.41
C PHE D 3817 36.88 2.71 -63.09
N GLU D 3818 37.21 3.60 -64.05
CA GLU D 3818 38.30 4.60 -63.95
C GLU D 3818 38.11 5.45 -62.69
N LYS D 3819 36.90 5.97 -62.47
CA LYS D 3819 36.60 6.99 -61.43
C LYS D 3819 36.68 6.39 -60.01
N HIS D 3820 36.30 5.12 -59.84
CA HIS D 3820 36.24 4.43 -58.51
C HIS D 3820 37.60 3.84 -58.12
N LYS D 3821 38.57 3.74 -59.05
CA LYS D 3821 39.89 3.11 -58.81
C LYS D 3821 40.67 3.91 -57.75
N LEU D 3822 40.62 5.24 -57.81
CA LEU D 3822 41.32 6.15 -56.87
C LEU D 3822 40.62 6.08 -55.50
N ILE D 3823 39.28 6.11 -55.49
CA ILE D 3823 38.40 6.07 -54.27
C ILE D 3823 38.71 4.81 -53.46
N PHE D 3824 38.81 3.65 -54.14
CA PHE D 3824 39.04 2.33 -53.51
C PHE D 3824 40.44 2.27 -52.89
N LEU D 3825 41.44 2.86 -53.55
CA LEU D 3825 42.85 2.88 -53.09
C LEU D 3825 42.99 3.77 -51.84
N THR D 3826 42.20 4.84 -51.74
CA THR D 3826 42.22 5.76 -50.57
C THR D 3826 41.56 5.06 -49.38
N LEU D 3827 40.44 4.36 -49.61
CA LEU D 3827 39.75 3.55 -48.56
C LEU D 3827 40.77 2.64 -47.88
N ILE D 3828 41.58 1.93 -48.68
CA ILE D 3828 42.62 0.97 -48.19
C ILE D 3828 43.56 1.72 -47.25
N VAL D 3829 44.20 2.80 -47.72
CA VAL D 3829 45.28 3.51 -46.96
C VAL D 3829 44.68 4.22 -45.74
N PHE D 3830 43.39 4.57 -45.77
CA PHE D 3830 42.68 5.20 -44.62
C PHE D 3830 42.25 4.11 -43.63
N ARG D 3831 41.98 2.88 -44.09
CA ARG D 3831 41.58 1.74 -43.23
C ARG D 3831 42.81 1.07 -42.62
N LEU D 3832 43.98 1.15 -43.27
CA LEU D 3832 45.29 0.78 -42.65
C LEU D 3832 45.62 1.81 -41.56
N MET D 3833 45.46 3.09 -41.88
CA MET D 3833 45.64 4.24 -40.94
C MET D 3833 44.73 4.05 -39.72
N GLN D 3834 43.46 3.71 -39.98
CA GLN D 3834 42.36 3.64 -38.98
C GLN D 3834 42.68 2.54 -37.97
N LYS D 3835 43.21 1.41 -38.46
CA LYS D 3835 43.55 0.19 -37.67
C LYS D 3835 45.03 0.22 -37.25
N LYS D 3836 45.81 1.20 -37.75
CA LYS D 3836 47.22 1.48 -37.37
C LYS D 3836 48.09 0.25 -37.67
N ILE D 3837 48.01 -0.22 -38.92
CA ILE D 3837 48.93 -1.25 -39.50
C ILE D 3837 50.20 -0.54 -39.99
N ILE D 3838 50.05 0.66 -40.58
CA ILE D 3838 51.18 1.56 -40.97
C ILE D 3838 51.08 2.83 -40.10
N ASP D 3839 52.24 3.32 -39.62
CA ASP D 3839 52.35 4.48 -38.70
C ASP D 3839 52.20 5.77 -39.52
N VAL D 3840 51.17 6.56 -39.22
CA VAL D 3840 50.87 7.87 -39.88
C VAL D 3840 50.36 8.84 -38.82
N ALA D 3841 50.87 10.09 -38.83
CA ALA D 3841 50.48 11.16 -37.88
C ALA D 3841 49.07 11.65 -38.23
N TYR D 3842 48.04 11.00 -37.68
CA TYR D 3842 46.61 11.36 -37.86
C TYR D 3842 45.90 11.32 -36.50
N GLU D 3843 44.91 12.20 -36.33
CA GLU D 3843 43.95 12.23 -35.19
C GLU D 3843 42.59 11.80 -35.73
N VAL D 3844 41.77 11.14 -34.90
CA VAL D 3844 40.42 10.62 -35.27
C VAL D 3844 39.59 11.76 -35.87
N ALA D 3845 39.56 12.92 -35.19
CA ALA D 3845 38.83 14.15 -35.57
C ALA D 3845 39.36 14.71 -36.90
N GLU D 3846 40.67 14.61 -37.12
CA GLU D 3846 41.38 15.18 -38.31
C GLU D 3846 40.95 14.41 -39.56
N MET D 3847 40.90 13.08 -39.51
CA MET D 3847 40.47 12.22 -40.65
C MET D 3847 39.00 12.48 -40.96
N ASP D 3848 38.16 12.60 -39.93
CA ASP D 3848 36.70 12.89 -40.07
C ASP D 3848 36.53 14.21 -40.83
N PHE D 3849 37.29 15.25 -40.45
CA PHE D 3849 37.24 16.60 -41.06
C PHE D 3849 37.64 16.54 -42.54
N LEU D 3850 38.62 15.71 -42.88
CA LEU D 3850 39.15 15.55 -44.25
C LEU D 3850 38.06 14.95 -45.15
N ILE D 3851 37.33 13.94 -44.65
CA ILE D 3851 36.33 13.15 -45.42
C ILE D 3851 35.05 13.98 -45.61
N LYS D 3852 34.76 14.90 -44.69
CA LYS D 3852 33.63 15.86 -44.82
C LYS D 3852 34.03 17.19 -44.16
N CYS D 3853 34.21 18.25 -44.97
CA CYS D 3853 34.57 19.62 -44.52
C CYS D 3853 33.30 20.39 -44.14
N PRO D 3854 33.01 20.62 -42.83
CA PRO D 3854 31.99 21.58 -42.44
C PRO D 3854 32.48 23.02 -42.65
N ALA D 3855 31.74 23.80 -43.45
CA ALA D 3855 32.06 25.22 -43.79
C ALA D 3855 31.25 26.14 -42.87
N ARG D 3856 31.90 26.68 -41.83
CA ARG D 3856 31.29 27.60 -40.83
C ARG D 3856 31.38 29.03 -41.34
N PRO D 3857 30.22 29.70 -41.64
CA PRO D 3857 30.22 31.14 -41.91
C PRO D 3857 30.24 31.93 -40.59
N GLY D 3858 30.59 33.22 -40.66
CA GLY D 3858 30.60 34.13 -39.49
C GLY D 3858 31.65 35.22 -39.60
N VAL D 3859 32.85 34.86 -40.05
CA VAL D 3859 34.02 35.79 -40.15
C VAL D 3859 34.11 36.31 -41.60
N GLU D 3860 33.68 37.55 -41.83
CA GLU D 3860 33.62 38.21 -43.16
C GLU D 3860 35.05 38.59 -43.60
N ASN D 3861 35.94 38.88 -42.63
CA ASN D 3861 37.36 39.22 -42.87
C ASN D 3861 37.97 38.18 -43.81
N THR D 3862 38.40 38.60 -45.00
CA THR D 3862 39.07 37.75 -46.02
C THR D 3862 40.30 38.48 -46.57
N LEU D 3863 41.05 37.76 -47.41
CA LEU D 3863 42.14 38.28 -48.28
C LEU D 3863 41.59 38.33 -49.72
N ASP D 3864 42.24 39.12 -50.58
CA ASP D 3864 41.82 39.35 -51.99
C ASP D 3864 41.97 38.03 -52.77
N TRP D 3865 43.04 37.26 -52.52
CA TRP D 3865 43.37 36.02 -53.27
C TRP D 3865 42.47 34.85 -52.81
N LEU D 3866 42.13 34.78 -51.53
CA LEU D 3866 41.35 33.64 -50.96
C LEU D 3866 39.89 33.79 -51.36
N PRO D 3867 39.27 32.73 -51.95
CA PRO D 3867 37.81 32.65 -52.06
C PRO D 3867 37.13 32.63 -50.68
N ASN D 3868 35.87 33.04 -50.62
CA ASN D 3868 35.02 32.99 -49.39
C ASN D 3868 34.84 31.52 -48.98
N ILE D 3869 34.73 30.58 -49.93
CA ILE D 3869 34.48 29.13 -49.66
C ILE D 3869 35.71 28.56 -48.94
N SER D 3870 36.91 28.80 -49.48
CA SER D 3870 38.22 28.38 -48.90
C SER D 3870 38.30 28.82 -47.44
N TRP D 3871 38.01 30.11 -47.19
CA TRP D 3871 38.02 30.74 -45.85
C TRP D 3871 36.99 30.06 -44.93
N ASP D 3872 35.77 29.84 -45.42
CA ASP D 3872 34.66 29.18 -44.66
C ASP D 3872 35.10 27.78 -44.20
N GLN D 3873 35.93 27.10 -44.99
CA GLN D 3873 36.49 25.77 -44.65
C GLN D 3873 37.59 25.92 -43.58
N ILE D 3874 38.44 26.95 -43.67
CA ILE D 3874 39.53 27.25 -42.68
C ILE D 3874 38.92 27.44 -41.29
N GLN D 3875 37.73 28.06 -41.19
CA GLN D 3875 37.03 28.27 -39.89
C GLN D 3875 36.50 26.93 -39.35
N GLY D 3876 36.31 25.93 -40.22
CA GLY D 3876 36.10 24.52 -39.84
C GLY D 3876 37.39 23.87 -39.37
N LEU D 3877 38.49 24.11 -40.09
CA LEU D 3877 39.85 23.56 -39.85
C LEU D 3877 40.37 23.99 -38.47
N ILE D 3878 40.01 25.19 -38.00
CA ILE D 3878 40.52 25.79 -36.73
C ILE D 3878 39.93 25.06 -35.50
N ASN D 3879 38.87 24.26 -35.68
CA ASN D 3879 38.28 23.41 -34.62
C ASN D 3879 39.17 22.20 -34.31
N LEU D 3880 40.13 21.86 -35.19
CA LEU D 3880 41.15 20.79 -34.97
C LEU D 3880 42.34 21.37 -34.19
N GLU D 3881 42.67 20.77 -33.04
CA GLU D 3881 43.58 21.30 -31.98
C GLU D 3881 44.98 21.58 -32.56
N GLU D 3882 45.40 20.85 -33.60
CA GLU D 3882 46.69 21.04 -34.31
C GLU D 3882 46.70 22.41 -35.02
N PHE D 3883 45.60 22.78 -35.70
CA PHE D 3883 45.46 23.99 -36.55
C PHE D 3883 44.63 25.08 -35.85
N ARG D 3884 44.71 25.20 -34.52
CA ARG D 3884 43.87 26.15 -33.73
C ARG D 3884 44.33 27.59 -33.99
N ASN D 3885 45.65 27.79 -34.20
CA ASN D 3885 46.27 29.14 -34.35
C ASN D 3885 46.49 29.48 -35.82
N PHE D 3886 45.99 28.65 -36.75
CA PHE D 3886 46.31 28.68 -38.21
C PHE D 3886 45.75 29.95 -38.88
N ALA D 3887 44.61 30.46 -38.43
CA ALA D 3887 44.01 31.75 -38.86
C ALA D 3887 44.96 32.92 -38.53
N HIS D 3888 45.09 33.35 -37.27
CA HIS D 3888 45.97 34.48 -36.87
C HIS D 3888 47.33 34.38 -37.59
N GLN D 3889 47.84 33.14 -37.78
CA GLN D 3889 49.07 32.84 -38.55
C GLN D 3889 48.90 33.32 -40.00
N LEU D 3890 47.76 33.04 -40.62
CA LEU D 3890 47.41 33.41 -42.02
C LEU D 3890 47.28 34.94 -42.18
N GLU D 3891 47.08 35.71 -41.10
CA GLU D 3891 47.09 37.20 -41.08
C GLU D 3891 48.39 37.74 -40.47
N LYS D 3892 49.33 36.85 -40.14
CA LYS D 3892 50.78 37.14 -39.92
C LYS D 3892 51.52 36.72 -41.19
N GLU D 3893 52.01 37.70 -41.97
CA GLU D 3893 52.72 37.48 -43.26
C GLU D 3893 51.74 36.76 -44.21
N ALA D 3894 50.61 37.42 -44.51
CA ALA D 3894 49.53 36.89 -45.36
C ALA D 3894 49.95 36.92 -46.84
N PRO D 3895 50.30 38.09 -47.46
CA PRO D 3895 50.66 38.11 -48.87
C PRO D 3895 52.10 37.64 -49.14
N ASN D 3896 52.95 37.68 -48.11
CA ASN D 3896 54.41 37.42 -48.18
C ASN D 3896 54.68 35.93 -48.40
N ARG D 3897 53.84 35.06 -47.81
CA ARG D 3897 54.10 33.61 -47.67
C ARG D 3897 53.00 32.80 -48.36
N PHE D 3898 51.75 32.96 -47.94
CA PHE D 3898 50.60 32.08 -48.31
C PHE D 3898 50.10 32.39 -49.73
N LYS D 3899 49.97 33.67 -50.10
CA LYS D 3899 49.59 34.05 -51.49
C LYS D 3899 50.63 33.40 -52.41
N ASP D 3900 51.92 33.61 -52.12
CA ASP D 3900 53.07 33.06 -52.88
C ASP D 3900 52.94 31.53 -52.98
N TRP D 3901 52.56 30.87 -51.89
CA TRP D 3901 52.33 29.40 -51.84
C TRP D 3901 51.10 29.05 -52.69
N TYR D 3902 49.93 29.61 -52.34
CA TYR D 3902 48.59 29.31 -52.92
C TYR D 3902 48.63 29.47 -54.45
N ASN D 3903 49.32 30.51 -54.93
CA ASN D 3903 49.44 30.84 -56.38
C ASN D 3903 50.14 29.70 -57.12
N GLU D 3904 51.33 29.29 -56.65
CA GLU D 3904 52.27 28.36 -57.34
C GLU D 3904 51.53 27.12 -57.86
N LEU D 3905 51.91 26.65 -59.05
CA LEU D 3905 51.49 25.34 -59.62
C LEU D 3905 52.26 24.24 -58.91
N GLN D 3906 51.57 23.14 -58.58
CA GLN D 3906 52.10 22.06 -57.71
C GLN D 3906 52.51 22.69 -56.38
N PRO D 3907 51.53 23.00 -55.50
CA PRO D 3907 51.79 23.41 -54.12
C PRO D 3907 51.90 22.27 -53.10
N GLU D 3908 51.54 21.04 -53.46
CA GLU D 3908 51.60 19.87 -52.55
C GLU D 3908 53.06 19.52 -52.25
N ASP D 3909 53.99 19.79 -53.18
CA ASP D 3909 55.46 19.58 -52.99
C ASP D 3909 56.13 20.86 -52.47
N GLN D 3910 55.45 22.01 -52.54
CA GLN D 3910 55.92 23.30 -51.97
C GLN D 3910 55.58 23.38 -50.47
N LYS D 3911 56.24 24.31 -49.79
CA LYS D 3911 56.33 24.42 -48.31
C LYS D 3911 55.77 25.79 -47.88
N LEU D 3912 55.09 25.85 -46.72
CA LEU D 3912 54.41 27.08 -46.20
C LEU D 3912 55.38 27.94 -45.39
N PRO D 3913 55.96 29.03 -45.96
CA PRO D 3913 57.14 29.67 -45.37
C PRO D 3913 56.89 30.58 -44.15
N LEU D 3914 55.81 30.34 -43.39
CA LEU D 3914 55.58 30.92 -42.03
C LEU D 3914 55.88 29.87 -40.96
N ASP D 3915 56.88 29.01 -41.21
CA ASP D 3915 57.27 27.88 -40.31
C ASP D 3915 56.07 26.97 -40.06
N TRP D 3916 55.28 26.67 -41.11
CA TRP D 3916 54.36 25.50 -41.17
C TRP D 3916 55.01 24.40 -42.01
N LYS D 3917 56.34 24.45 -42.15
CA LYS D 3917 57.23 23.41 -42.73
C LYS D 3917 56.81 22.04 -42.19
N ARG D 3918 56.74 21.91 -40.86
CA ARG D 3918 56.47 20.65 -40.10
C ARG D 3918 55.31 19.86 -40.73
N LEU D 3919 54.28 20.51 -41.27
CA LEU D 3919 53.11 19.83 -41.91
C LEU D 3919 53.56 19.01 -43.11
N ASP D 3920 54.51 19.53 -43.91
CA ASP D 3920 55.09 18.81 -45.09
C ASP D 3920 55.77 17.51 -44.64
N SER D 3921 56.39 17.51 -43.45
CA SER D 3921 57.11 16.37 -42.84
C SER D 3921 56.15 15.32 -42.26
N MET D 3922 54.85 15.62 -42.18
CA MET D 3922 53.76 14.67 -41.83
C MET D 3922 52.73 14.64 -42.96
N PRO D 3923 52.77 13.63 -43.86
CA PRO D 3923 52.07 13.75 -45.14
C PRO D 3923 50.54 13.85 -45.08
N PHE D 3924 49.89 13.42 -43.99
CA PHE D 3924 48.39 13.38 -43.87
C PHE D 3924 47.86 14.73 -43.37
N LYS D 3925 48.57 15.39 -42.47
CA LYS D 3925 48.16 16.71 -41.93
C LYS D 3925 48.26 17.78 -43.02
N LYS D 3926 49.29 17.70 -43.89
CA LYS D 3926 49.48 18.60 -45.07
C LYS D 3926 48.37 18.36 -46.10
N LEU D 3927 48.06 17.10 -46.36
CA LEU D 3927 46.93 16.63 -47.22
C LEU D 3927 45.62 17.26 -46.73
N LEU D 3928 45.50 17.46 -45.40
CA LEU D 3928 44.32 18.09 -44.74
C LEU D 3928 44.19 19.54 -45.21
N VAL D 3929 45.25 20.32 -45.05
CA VAL D 3929 45.36 21.76 -45.43
C VAL D 3929 44.97 21.95 -46.90
N LEU D 3930 45.58 21.17 -47.81
CA LEU D 3930 45.41 21.31 -49.28
C LEU D 3930 43.93 21.32 -49.66
N ARG D 3931 43.12 20.41 -49.09
CA ARG D 3931 41.67 20.33 -49.39
C ARG D 3931 41.02 21.68 -49.08
N CYS D 3932 41.29 22.20 -47.88
CA CYS D 3932 40.70 23.45 -47.32
C CYS D 3932 41.03 24.64 -48.23
N LEU D 3933 42.31 24.84 -48.55
CA LEU D 3933 42.82 26.04 -49.28
C LEU D 3933 42.63 25.88 -50.80
N ARG D 3934 43.03 24.74 -51.36
CA ARG D 3934 43.26 24.57 -52.82
C ARG D 3934 42.82 23.17 -53.27
N PRO D 3935 41.49 22.93 -53.38
CA PRO D 3935 40.97 21.57 -53.55
C PRO D 3935 41.27 20.93 -54.93
N ASP D 3936 41.43 21.75 -55.98
CA ASP D 3936 41.77 21.31 -57.36
C ASP D 3936 42.89 20.27 -57.31
N ARG D 3937 43.97 20.56 -56.57
CA ARG D 3937 45.24 19.77 -56.58
C ARG D 3937 45.10 18.48 -55.76
N MET D 3938 44.09 18.39 -54.89
CA MET D 3938 43.83 17.25 -53.96
C MET D 3938 44.11 15.90 -54.65
N THR D 3939 43.46 15.64 -55.79
CA THR D 3939 43.44 14.33 -56.49
C THR D 3939 44.86 13.91 -56.90
N ILE D 3940 45.78 14.86 -57.08
CA ILE D 3940 47.23 14.63 -57.38
C ILE D 3940 48.01 14.52 -56.06
N SER D 3941 47.72 15.40 -55.09
CA SER D 3941 48.35 15.43 -53.74
C SER D 3941 48.11 14.10 -53.03
N LEU D 3942 46.90 13.56 -53.12
CA LEU D 3942 46.47 12.28 -52.50
C LEU D 3942 47.29 11.14 -53.13
N ASN D 3943 47.33 11.11 -54.46
CA ASN D 3943 48.13 10.16 -55.31
C ASN D 3943 49.61 10.20 -54.88
N ASN D 3944 50.17 11.38 -54.63
CA ASN D 3944 51.55 11.60 -54.12
C ASN D 3944 51.68 11.04 -52.70
N PHE D 3945 50.64 11.22 -51.87
CA PHE D 3945 50.61 10.81 -50.45
C PHE D 3945 50.56 9.28 -50.37
N ILE D 3946 49.62 8.66 -51.09
CA ILE D 3946 49.47 7.16 -51.19
C ILE D 3946 50.87 6.57 -51.34
N ARG D 3947 51.61 7.05 -52.35
CA ARG D 3947 52.93 6.51 -52.77
C ARG D 3947 53.93 6.55 -51.60
N ALA D 3948 53.96 7.65 -50.84
CA ALA D 3948 54.94 7.88 -49.74
C ALA D 3948 54.62 6.97 -48.54
N VAL D 3949 53.38 7.02 -48.06
CA VAL D 3949 52.93 6.39 -46.77
C VAL D 3949 52.84 4.87 -46.91
N LEU D 3950 52.16 4.37 -47.95
CA LEU D 3950 51.84 2.92 -48.13
C LEU D 3950 53.10 2.18 -48.55
N PRO D 3951 53.37 0.95 -48.06
CA PRO D 3951 54.48 0.13 -48.58
C PRO D 3951 54.22 -0.32 -50.02
N GLN D 3952 55.26 -0.22 -50.87
CA GLN D 3952 55.20 -0.38 -52.35
C GLN D 3952 54.02 0.41 -52.92
N GLY D 3953 53.78 1.63 -52.41
CA GLY D 3953 52.73 2.54 -52.89
C GLY D 3953 52.91 2.87 -54.36
N ASP D 3954 54.14 3.19 -54.76
CA ASP D 3954 54.54 3.46 -56.18
C ASP D 3954 54.01 2.34 -57.09
N ALA D 3955 53.98 1.09 -56.63
CA ALA D 3955 53.51 -0.10 -57.39
C ALA D 3955 51.97 -0.19 -57.35
N PHE D 3956 51.33 0.30 -56.28
CA PHE D 3956 49.84 0.32 -56.11
C PHE D 3956 49.22 1.37 -57.03
N VAL D 3957 49.80 2.58 -57.07
CA VAL D 3957 49.28 3.74 -57.86
C VAL D 3957 49.45 3.46 -59.35
N GLU D 3958 50.63 2.97 -59.76
CA GLU D 3958 50.96 2.66 -61.18
C GLU D 3958 50.11 1.46 -61.62
N MET D 3959 50.17 0.34 -60.88
CA MET D 3959 49.29 -0.85 -61.05
C MET D 3959 49.47 -1.46 -62.45
N ASP D 3960 48.61 -1.12 -63.42
CA ASP D 3960 48.54 -1.75 -64.78
C ASP D 3960 48.61 -0.65 -65.84
N GLN D 3961 49.63 0.21 -65.77
CA GLN D 3961 49.94 1.26 -66.78
C GLN D 3961 50.80 0.63 -67.90
N LYS D 3962 51.57 -0.40 -67.58
CA LYS D 3962 52.55 -1.05 -68.50
C LYS D 3962 51.93 -2.28 -69.19
N LEU D 3963 50.85 -2.86 -68.66
CA LEU D 3963 50.28 -4.16 -69.12
C LEU D 3963 49.16 -3.95 -70.16
N ALA D 3964 48.84 -2.71 -70.55
CA ALA D 3964 47.87 -2.38 -71.61
C ALA D 3964 46.49 -2.99 -71.30
N PHE D 3965 46.02 -4.00 -72.04
CA PHE D 3965 44.81 -4.81 -71.71
C PHE D 3965 44.95 -6.28 -72.13
N SER D 3966 45.41 -6.55 -73.35
CA SER D 3966 45.63 -7.93 -73.88
C SER D 3966 46.52 -8.75 -72.93
N GLU D 3967 47.56 -8.12 -72.37
CA GLU D 3967 48.53 -8.79 -71.44
C GLU D 3967 47.87 -9.01 -70.08
N ILE D 3968 46.99 -8.09 -69.64
CA ILE D 3968 46.20 -8.19 -68.37
C ILE D 3968 45.30 -9.43 -68.44
N LEU D 3969 44.51 -9.52 -69.50
CA LEU D 3969 43.52 -10.61 -69.72
C LEU D 3969 44.24 -11.95 -69.89
N GLU D 3970 45.41 -11.94 -70.56
CA GLU D 3970 46.28 -13.13 -70.72
C GLU D 3970 46.71 -13.63 -69.33
N SER D 3971 47.17 -12.70 -68.48
CA SER D 3971 47.69 -12.98 -67.11
C SER D 3971 46.58 -13.54 -66.21
N VAL D 3972 45.39 -12.90 -66.21
CA VAL D 3972 44.28 -13.19 -65.26
C VAL D 3972 43.53 -14.46 -65.68
N ILE D 3973 43.54 -14.83 -66.96
CA ILE D 3973 42.99 -16.12 -67.49
C ILE D 3973 43.92 -17.28 -67.09
N ASN D 3974 45.24 -17.05 -67.15
CA ASN D 3974 46.28 -18.09 -66.97
C ASN D 3974 46.50 -18.34 -65.47
N GLU D 3975 46.73 -17.28 -64.68
CA GLU D 3975 47.15 -17.36 -63.25
C GLU D 3975 45.97 -17.83 -62.39
N ASP D 3976 44.76 -17.34 -62.66
CA ASP D 3976 43.51 -17.68 -61.93
C ASP D 3976 42.40 -17.98 -62.95
N SER D 3977 41.18 -18.24 -62.47
CA SER D 3977 39.95 -18.48 -63.29
C SER D 3977 39.96 -19.91 -63.85
N GLU D 3978 40.37 -20.90 -63.05
CA GLU D 3978 40.63 -22.30 -63.52
C GLU D 3978 39.32 -22.91 -64.04
N SER D 3979 38.30 -22.99 -63.19
CA SER D 3979 36.93 -23.50 -63.47
C SER D 3979 36.06 -23.20 -62.24
N THR D 3980 34.74 -23.14 -62.41
CA THR D 3980 33.76 -22.69 -61.36
C THR D 3980 33.83 -21.16 -61.19
N ILE D 3981 34.92 -20.53 -61.64
CA ILE D 3981 35.15 -19.04 -61.60
C ILE D 3981 34.99 -18.52 -63.03
N PRO D 3982 33.77 -18.15 -63.48
CA PRO D 3982 33.57 -17.57 -64.81
C PRO D 3982 34.19 -16.17 -64.95
N ILE D 3983 34.73 -15.84 -66.12
CA ILE D 3983 35.45 -14.55 -66.38
C ILE D 3983 34.43 -13.53 -66.93
N PHE D 3984 34.10 -12.51 -66.14
CA PHE D 3984 33.08 -11.48 -66.47
C PHE D 3984 33.76 -10.32 -67.21
N PHE D 3985 33.06 -9.75 -68.22
CA PHE D 3985 33.46 -8.55 -68.98
C PHE D 3985 32.38 -7.47 -68.85
N ILE D 3986 32.58 -6.51 -67.95
CA ILE D 3986 31.77 -5.26 -67.87
C ILE D 3986 32.35 -4.32 -68.94
N LEU D 3987 31.51 -3.92 -69.91
CA LEU D 3987 31.94 -3.17 -71.13
C LEU D 3987 31.19 -1.83 -71.20
N SER D 3988 31.86 -0.79 -71.70
CA SER D 3988 31.28 0.55 -72.00
C SER D 3988 31.01 0.64 -73.50
N PRO D 3989 30.10 1.54 -73.95
CA PRO D 3989 29.90 1.77 -75.38
C PRO D 3989 31.20 2.14 -76.10
N GLY D 3990 31.53 1.40 -77.17
CA GLY D 3990 32.80 1.51 -77.91
C GLY D 3990 33.85 0.56 -77.34
N SER D 3991 33.49 -0.71 -77.13
CA SER D 3991 34.37 -1.79 -76.61
C SER D 3991 33.88 -3.15 -77.11
N ASP D 3992 34.80 -4.01 -77.54
CA ASP D 3992 34.53 -5.39 -78.03
C ASP D 3992 35.41 -6.37 -77.24
N PRO D 3993 34.86 -7.11 -76.26
CA PRO D 3993 35.64 -8.12 -75.52
C PRO D 3993 36.05 -9.34 -76.36
N VAL D 3994 35.28 -9.66 -77.40
CA VAL D 3994 35.30 -10.96 -78.15
C VAL D 3994 36.61 -11.08 -78.94
N LYS D 3995 37.13 -9.98 -79.48
CA LYS D 3995 38.34 -9.95 -80.35
C LYS D 3995 39.58 -10.26 -79.49
N GLU D 3996 39.68 -9.66 -78.29
CA GLU D 3996 40.83 -9.80 -77.36
C GLU D 3996 40.90 -11.24 -76.82
N VAL D 3997 39.76 -11.81 -76.41
CA VAL D 3997 39.68 -13.19 -75.81
C VAL D 3997 40.04 -14.23 -76.89
N GLU D 3998 39.60 -14.03 -78.14
CA GLU D 3998 39.90 -14.92 -79.31
C GLU D 3998 41.41 -14.97 -79.57
N LYS D 3999 42.10 -13.82 -79.48
CA LYS D 3999 43.58 -13.70 -79.67
C LYS D 3999 44.29 -14.50 -78.58
N ILE D 4000 43.98 -14.20 -77.30
CA ILE D 4000 44.57 -14.85 -76.09
C ILE D 4000 44.22 -16.34 -76.11
N ALA D 4001 43.01 -16.70 -76.54
CA ALA D 4001 42.52 -18.09 -76.67
C ALA D 4001 43.43 -18.89 -77.61
N LYS D 4002 43.90 -18.26 -78.69
CA LYS D 4002 44.66 -18.90 -79.80
C LYS D 4002 46.13 -19.17 -79.39
N LYS D 4003 46.68 -18.37 -78.46
CA LYS D 4003 48.10 -18.47 -78.03
C LYS D 4003 48.25 -19.65 -77.06
N LYS D 4004 47.39 -19.73 -76.03
CA LYS D 4004 47.42 -20.77 -74.97
C LYS D 4004 47.08 -22.14 -75.59
N ARG D 4005 45.86 -22.27 -76.14
CA ARG D 4005 45.35 -23.49 -76.81
C ARG D 4005 45.16 -23.19 -78.30
N ILE D 4006 45.27 -24.20 -79.16
CA ILE D 4006 45.01 -24.09 -80.63
C ILE D 4006 43.49 -24.18 -80.83
N GLU D 4007 42.84 -23.04 -81.09
CA GLU D 4007 41.35 -22.91 -81.19
C GLU D 4007 40.98 -22.37 -82.57
N PRO D 4008 40.31 -23.19 -83.43
CA PRO D 4008 39.74 -22.68 -84.68
C PRO D 4008 38.35 -22.02 -84.53
N GLY D 4009 37.86 -21.84 -83.31
CA GLY D 4009 36.48 -21.41 -83.02
C GLY D 4009 35.49 -22.55 -83.19
N LYS D 4010 35.97 -23.80 -83.07
CA LYS D 4010 35.15 -25.05 -83.06
C LYS D 4010 35.17 -25.64 -81.65
N ASN D 4011 36.38 -25.86 -81.10
CA ASN D 4011 36.60 -26.30 -79.70
C ASN D 4011 35.87 -25.34 -78.76
N PHE D 4012 36.25 -24.06 -78.76
CA PHE D 4012 35.62 -22.97 -77.97
C PHE D 4012 34.58 -22.26 -78.85
N PHE D 4013 33.45 -21.87 -78.25
CA PHE D 4013 32.28 -21.24 -78.92
C PHE D 4013 32.06 -19.83 -78.36
N ASN D 4014 31.99 -18.82 -79.25
CA ASN D 4014 31.69 -17.41 -78.91
C ASN D 4014 30.20 -17.17 -79.13
N ILE D 4015 29.37 -17.82 -78.31
CA ILE D 4015 27.88 -17.82 -78.40
C ILE D 4015 27.37 -16.42 -78.04
N ALA D 4016 26.60 -15.80 -78.93
CA ALA D 4016 25.90 -14.51 -78.70
C ALA D 4016 24.50 -14.80 -78.15
N LEU D 4017 24.18 -14.29 -76.96
CA LEU D 4017 22.89 -14.55 -76.29
C LEU D 4017 21.78 -13.70 -76.93
N GLY D 4018 20.85 -14.35 -77.63
CA GLY D 4018 19.59 -13.78 -78.13
C GLY D 4018 18.43 -14.71 -77.82
N GLN D 4019 17.19 -14.17 -77.79
CA GLN D 4019 15.95 -14.91 -77.46
C GLN D 4019 15.79 -16.09 -78.44
N GLY D 4020 15.72 -17.32 -77.90
CA GLY D 4020 15.64 -18.57 -78.67
C GLY D 4020 16.93 -19.37 -78.61
N GLN D 4021 18.08 -18.67 -78.64
CA GLN D 4021 19.45 -19.28 -78.58
C GLN D 4021 19.87 -19.54 -77.13
N ASP D 4022 19.03 -19.20 -76.14
CA ASP D 4022 19.25 -19.48 -74.69
C ASP D 4022 19.36 -21.00 -74.45
N GLU D 4023 18.57 -21.80 -75.18
CA GLU D 4023 18.53 -23.28 -75.06
C GLU D 4023 19.80 -23.89 -75.67
N ILE D 4024 20.37 -23.26 -76.72
CA ILE D 4024 21.64 -23.69 -77.39
C ILE D 4024 22.82 -23.41 -76.44
N ALA D 4025 22.82 -22.25 -75.78
CA ALA D 4025 23.83 -21.85 -74.77
C ALA D 4025 23.82 -22.84 -73.59
N ARG D 4026 22.62 -23.23 -73.13
CA ARG D 4026 22.39 -24.22 -72.04
C ARG D 4026 23.04 -25.56 -72.43
N ARG D 4027 22.86 -26.00 -73.68
CA ARG D 4027 23.45 -27.26 -74.22
C ARG D 4027 24.98 -27.10 -74.35
N ARG D 4028 25.44 -25.91 -74.77
CA ARG D 4028 26.89 -25.62 -75.01
C ARG D 4028 27.66 -25.62 -73.68
N ILE D 4029 27.12 -24.97 -72.64
CA ILE D 4029 27.73 -24.91 -71.28
C ILE D 4029 27.72 -26.31 -70.65
N GLU D 4030 26.66 -27.09 -70.89
CA GLU D 4030 26.51 -28.50 -70.40
C GLU D 4030 27.56 -29.37 -71.10
N GLU D 4031 27.71 -29.22 -72.42
CA GLU D 4031 28.70 -29.94 -73.27
C GLU D 4031 30.12 -29.52 -72.87
N GLY D 4032 30.34 -28.23 -72.57
CA GLY D 4032 31.65 -27.64 -72.24
C GLY D 4032 32.29 -28.30 -71.03
N ASN D 4033 31.56 -28.43 -69.92
CA ASN D 4033 32.07 -28.94 -68.61
C ASN D 4033 32.72 -30.32 -68.81
N LYS D 4034 31.95 -31.28 -69.35
CA LYS D 4034 32.36 -32.71 -69.47
C LYS D 4034 33.44 -32.89 -70.55
N GLU D 4035 33.51 -32.00 -71.54
CA GLU D 4035 34.47 -32.09 -72.68
C GLU D 4035 35.79 -31.43 -72.31
N GLY D 4036 35.74 -30.21 -71.76
CA GLY D 4036 36.91 -29.41 -71.35
C GLY D 4036 37.33 -28.41 -72.41
N HIS D 4037 36.36 -27.66 -72.95
CA HIS D 4037 36.56 -26.53 -73.91
C HIS D 4037 35.67 -25.37 -73.47
N TRP D 4038 36.17 -24.13 -73.53
CA TRP D 4038 35.55 -22.98 -72.83
C TRP D 4038 34.57 -22.24 -73.74
N VAL D 4039 33.48 -21.70 -73.15
CA VAL D 4039 32.29 -21.15 -73.86
C VAL D 4039 32.19 -19.66 -73.57
N MET D 4040 32.43 -18.82 -74.58
CA MET D 4040 32.34 -17.34 -74.49
C MET D 4040 30.87 -16.95 -74.72
N LEU D 4041 30.19 -16.42 -73.70
CA LEU D 4041 28.85 -15.78 -73.83
C LEU D 4041 29.05 -14.27 -73.89
N GLN D 4042 28.11 -13.55 -74.50
CA GLN D 4042 28.18 -12.06 -74.65
C GLN D 4042 26.76 -11.49 -74.73
N ASN D 4043 26.62 -10.22 -74.35
CA ASN D 4043 25.32 -9.51 -74.23
C ASN D 4043 24.43 -10.33 -73.28
N ILE D 4044 24.96 -10.59 -72.08
CA ILE D 4044 24.37 -11.43 -71.00
C ILE D 4044 23.12 -10.73 -70.46
N HIS D 4045 23.18 -9.40 -70.32
CA HIS D 4045 22.11 -8.50 -69.81
C HIS D 4045 20.80 -8.64 -70.60
N LEU D 4046 20.84 -9.05 -71.86
CA LEU D 4046 19.69 -9.06 -72.80
C LEU D 4046 18.55 -9.96 -72.30
N MET D 4047 18.82 -11.00 -71.50
CA MET D 4047 17.80 -11.91 -70.94
C MET D 4047 17.91 -11.96 -69.42
N PRO D 4048 17.13 -11.15 -68.66
CA PRO D 4048 17.19 -11.16 -67.20
C PRO D 4048 16.60 -12.43 -66.58
N THR D 4049 15.63 -13.05 -67.25
CA THR D 4049 14.97 -14.32 -66.84
C THR D 4049 15.99 -15.46 -66.81
N TRP D 4050 16.76 -15.62 -67.90
CA TRP D 4050 17.67 -16.78 -68.12
C TRP D 4050 18.88 -16.75 -67.17
N LEU D 4051 19.22 -15.59 -66.60
CA LEU D 4051 20.39 -15.44 -65.68
C LEU D 4051 20.07 -16.09 -64.33
N ILE D 4052 18.83 -16.01 -63.87
CA ILE D 4052 18.35 -16.72 -62.64
C ILE D 4052 18.41 -18.24 -62.90
N GLU D 4053 18.15 -18.65 -64.15
CA GLU D 4053 18.29 -20.05 -64.64
C GLU D 4053 19.77 -20.44 -64.73
N LEU D 4054 20.63 -19.54 -65.25
CA LEU D 4054 22.09 -19.79 -65.42
C LEU D 4054 22.77 -19.94 -64.06
N GLU D 4055 22.41 -19.10 -63.09
CA GLU D 4055 22.94 -19.14 -61.70
C GLU D 4055 22.73 -20.55 -61.12
N LYS D 4056 21.55 -21.13 -61.38
CA LYS D 4056 21.14 -22.47 -60.87
C LYS D 4056 21.99 -23.58 -61.52
N ILE D 4057 22.44 -23.39 -62.77
CA ILE D 4057 23.31 -24.36 -63.51
C ILE D 4057 24.72 -24.35 -62.91
N LEU D 4058 25.30 -23.17 -62.70
CA LEU D 4058 26.69 -22.98 -62.19
C LEU D 4058 26.82 -23.54 -60.77
N ASP D 4059 25.77 -23.44 -59.95
CA ASP D 4059 25.70 -24.00 -58.57
C ASP D 4059 25.83 -25.53 -58.64
N SER D 4060 25.22 -26.16 -59.64
CA SER D 4060 25.23 -27.63 -59.88
C SER D 4060 26.64 -28.11 -60.25
N TYR D 4061 27.43 -27.28 -60.93
CA TYR D 4061 28.75 -27.64 -61.51
C TYR D 4061 29.89 -27.33 -60.53
N SER D 4062 29.64 -26.57 -59.45
CA SER D 4062 30.63 -26.25 -58.39
C SER D 4062 30.92 -27.50 -57.54
N GLY D 4063 29.87 -28.24 -57.16
CA GLY D 4063 29.96 -29.50 -56.40
C GLY D 4063 30.41 -30.67 -57.28
N GLU D 4064 29.96 -30.69 -58.55
CA GLU D 4064 30.31 -31.73 -59.55
C GLU D 4064 31.81 -31.65 -59.88
N ALA D 4065 32.32 -30.43 -60.12
CA ALA D 4065 33.75 -30.11 -60.35
C ALA D 4065 34.26 -30.80 -61.61
N GLY D 4068 32.76 -32.79 -65.72
CA GLY D 4068 33.55 -32.02 -64.74
C GLY D 4068 35.03 -32.03 -65.08
N ASN D 4069 35.37 -31.72 -66.34
CA ASN D 4069 36.76 -31.70 -66.86
C ASN D 4069 37.42 -30.38 -66.46
N SER D 4070 38.70 -30.43 -66.10
CA SER D 4070 39.58 -29.24 -65.90
C SER D 4070 39.91 -28.63 -67.26
N GLU D 4071 40.51 -27.43 -67.25
CA GLU D 4071 40.75 -26.58 -68.45
C GLU D 4071 39.43 -26.37 -69.20
N PHE D 4072 38.35 -26.10 -68.46
CA PHE D 4072 37.09 -25.49 -68.94
C PHE D 4072 37.01 -24.07 -68.37
N ARG D 4073 36.32 -23.16 -69.06
CA ARG D 4073 36.08 -21.77 -68.59
C ARG D 4073 34.76 -21.26 -69.17
N LEU D 4074 34.17 -20.25 -68.53
CA LEU D 4074 32.95 -19.55 -69.01
C LEU D 4074 33.24 -18.05 -69.01
N PHE D 4075 33.63 -17.51 -70.16
CA PHE D 4075 33.71 -16.04 -70.41
C PHE D 4075 32.28 -15.52 -70.66
N LEU D 4076 31.85 -14.50 -69.92
CA LEU D 4076 30.49 -13.91 -70.10
C LEU D 4076 30.59 -12.38 -69.99
N SER D 4077 30.01 -11.65 -70.95
CA SER D 4077 30.15 -10.17 -71.10
C SER D 4077 28.77 -9.51 -71.09
N ALA D 4078 28.57 -8.54 -70.19
CA ALA D 4078 27.30 -7.81 -69.96
C ALA D 4078 27.53 -6.29 -70.04
N GLU D 4079 26.46 -5.54 -70.30
CA GLU D 4079 26.38 -4.07 -70.15
C GLU D 4079 26.07 -3.78 -68.68
N PRO D 4080 26.74 -2.81 -68.02
CA PRO D 4080 26.49 -2.54 -66.60
C PRO D 4080 25.08 -2.02 -66.33
N SER D 4081 24.20 -2.90 -65.84
CA SER D 4081 22.75 -2.63 -65.59
C SER D 4081 22.32 -3.26 -64.25
N THR D 4082 21.27 -2.69 -63.66
CA THR D 4082 20.51 -3.28 -62.52
C THR D 4082 19.65 -4.42 -63.06
N GLY D 4083 19.39 -5.44 -62.22
CA GLY D 4083 18.64 -6.66 -62.62
C GLY D 4083 19.54 -7.71 -63.26
N ILE D 4084 20.86 -7.65 -63.01
CA ILE D 4084 21.82 -8.78 -63.17
C ILE D 4084 21.82 -9.52 -61.84
N PRO D 4085 21.72 -10.87 -61.80
CA PRO D 4085 21.69 -11.60 -60.53
C PRO D 4085 23.02 -11.46 -59.77
N ILE D 4086 22.93 -11.39 -58.44
CA ILE D 4086 24.08 -11.15 -57.52
C ILE D 4086 25.03 -12.34 -57.63
N GLY D 4087 24.49 -13.56 -57.52
CA GLY D 4087 25.22 -14.84 -57.49
C GLY D 4087 26.23 -15.00 -58.63
N ILE D 4088 25.88 -14.56 -59.84
CA ILE D 4088 26.74 -14.69 -61.05
C ILE D 4088 27.91 -13.70 -60.96
N LEU D 4089 27.62 -12.44 -60.63
CA LEU D 4089 28.63 -11.34 -60.48
C LEU D 4089 29.61 -11.68 -59.37
N ASP D 4090 29.13 -12.27 -58.26
CA ASP D 4090 29.92 -12.57 -57.04
C ASP D 4090 31.02 -13.58 -57.37
N ARG D 4091 30.63 -14.79 -57.78
CA ARG D 4091 31.54 -15.93 -58.09
C ARG D 4091 32.59 -15.55 -59.15
N SER D 4092 32.21 -14.68 -60.09
CA SER D 4092 33.00 -14.35 -61.32
C SER D 4092 34.21 -13.47 -60.99
N ILE D 4093 35.24 -13.54 -61.84
CA ILE D 4093 36.37 -12.57 -61.91
C ILE D 4093 35.93 -11.46 -62.87
N LYS D 4094 35.71 -10.25 -62.34
CA LYS D 4094 35.19 -9.08 -63.10
C LYS D 4094 36.36 -8.25 -63.63
N LEU D 4095 36.20 -7.71 -64.84
CA LEU D 4095 37.30 -7.05 -65.61
C LEU D 4095 36.70 -6.02 -66.58
N THR D 4096 36.92 -4.73 -66.29
CA THR D 4096 36.51 -3.57 -67.13
C THR D 4096 37.64 -3.20 -68.09
N ASN D 4097 37.35 -3.15 -69.39
CA ASN D 4097 38.23 -2.63 -70.47
C ASN D 4097 37.63 -1.30 -70.95
N GLU D 4098 38.00 -0.19 -70.29
CA GLU D 4098 37.45 1.16 -70.55
C GLU D 4098 38.33 1.87 -71.58
N PRO D 4099 37.74 2.47 -72.64
CA PRO D 4099 38.51 3.08 -73.72
C PRO D 4099 39.09 4.42 -73.29
N PRO D 4100 40.32 4.79 -73.75
CA PRO D 4100 41.02 5.95 -73.23
C PRO D 4100 40.25 7.24 -73.52
N ALA D 4101 39.86 7.98 -72.48
CA ALA D 4101 39.10 9.24 -72.55
C ALA D 4101 40.06 10.40 -72.85
N GLY D 4102 39.63 11.34 -73.69
CA GLY D 4102 40.43 12.51 -74.13
C GLY D 4102 40.00 12.99 -75.50
N LEU D 4103 40.07 14.31 -75.73
CA LEU D 4103 39.74 14.98 -77.01
C LEU D 4103 40.41 14.24 -78.17
N LYS D 4104 41.73 14.00 -78.08
CA LYS D 4104 42.53 13.31 -79.13
C LYS D 4104 42.04 11.88 -79.29
N ALA D 4105 42.03 11.11 -78.20
CA ALA D 4105 41.62 9.69 -78.15
C ALA D 4105 40.16 9.52 -78.63
N ASN D 4106 39.35 10.58 -78.53
CA ASN D 4106 37.91 10.60 -78.92
C ASN D 4106 37.74 11.11 -80.36
N MET D 4107 38.68 11.92 -80.86
CA MET D 4107 38.73 12.37 -82.29
C MET D 4107 39.34 11.25 -83.15
N LYS D 4108 40.33 10.55 -82.60
CA LYS D 4108 41.03 9.41 -83.27
C LYS D 4108 40.00 8.29 -83.49
N ARG D 4109 39.17 7.99 -82.48
CA ARG D 4109 38.11 6.95 -82.53
C ARG D 4109 37.02 7.33 -83.53
N ALA D 4110 36.79 8.63 -83.76
CA ALA D 4110 35.76 9.15 -84.69
C ALA D 4110 36.13 8.82 -86.14
N TRP D 4111 37.41 8.97 -86.51
CA TRP D 4111 37.93 8.57 -87.84
C TRP D 4111 37.98 7.05 -87.96
N THR D 4112 38.76 6.38 -87.10
CA THR D 4112 38.90 4.90 -87.02
C THR D 4112 37.57 4.23 -87.39
N TYR D 4113 36.44 4.74 -86.85
CA TYR D 4113 35.06 4.22 -87.05
C TYR D 4113 34.75 4.08 -88.55
N PHE D 4114 34.95 5.15 -89.32
CA PHE D 4114 34.68 5.21 -90.78
C PHE D 4114 35.71 4.35 -91.54
N SER D 4115 35.22 3.43 -92.38
CA SER D 4115 36.02 2.48 -93.18
C SER D 4115 36.96 3.25 -94.11
N LYS D 4116 38.28 3.09 -93.91
CA LYS D 4116 39.38 3.61 -94.77
C LYS D 4116 38.93 3.68 -96.24
N GLU D 4117 38.40 2.57 -96.77
CA GLU D 4117 38.03 2.39 -98.19
C GLU D 4117 36.96 3.40 -98.62
N GLU D 4118 36.02 3.74 -97.73
CA GLU D 4118 34.88 4.65 -98.04
C GLU D 4118 35.38 6.10 -98.17
N ILE D 4119 36.17 6.57 -97.20
CA ILE D 4119 36.58 8.00 -97.03
C ILE D 4119 37.66 8.37 -98.06
N GLU D 4120 38.59 7.44 -98.37
CA GLU D 4120 39.68 7.65 -99.35
C GLU D 4120 39.06 8.05 -100.70
N ASP D 4121 38.05 7.28 -101.14
CA ASP D 4121 37.30 7.44 -102.41
C ASP D 4121 36.66 8.83 -102.49
N LYS D 4122 36.05 9.29 -101.39
CA LYS D 4122 35.32 10.59 -101.28
C LYS D 4122 36.26 11.76 -101.57
N ASP D 4123 35.74 12.83 -102.19
CA ASP D 4123 36.53 13.92 -102.80
C ASP D 4123 37.08 14.84 -101.71
N PRO D 4124 38.14 15.65 -101.98
CA PRO D 4124 38.82 16.43 -100.94
C PRO D 4124 37.91 17.36 -100.11
N LYS D 4125 36.87 17.90 -100.74
CA LYS D 4125 35.88 18.82 -100.12
C LYS D 4125 35.15 18.09 -98.98
N ILE D 4126 34.55 16.93 -99.27
CA ILE D 4126 33.66 16.17 -98.34
C ILE D 4126 34.48 15.57 -97.18
N LYS D 4127 35.73 15.15 -97.39
CA LYS D 4127 36.54 14.50 -96.31
C LYS D 4127 37.03 15.57 -95.32
N SER D 4128 37.18 16.81 -95.78
CA SER D 4128 37.54 18.00 -94.96
C SER D 4128 36.39 18.32 -93.99
N ILE D 4129 35.16 18.38 -94.50
CA ILE D 4129 33.92 18.68 -93.70
C ILE D 4129 33.57 17.49 -92.80
N LEU D 4130 34.03 16.28 -93.12
CA LEU D 4130 33.87 15.08 -92.25
C LEU D 4130 34.81 15.20 -91.05
N PHE D 4131 36.05 15.67 -91.29
CA PHE D 4131 37.10 15.86 -90.26
C PHE D 4131 36.60 16.83 -89.19
N ALA D 4132 36.00 17.95 -89.62
CA ALA D 4132 35.44 19.01 -88.75
C ALA D 4132 34.25 18.45 -87.96
N LEU D 4133 33.45 17.57 -88.57
CA LEU D 4133 32.26 16.92 -87.95
C LEU D 4133 32.69 15.90 -86.89
N CYS D 4134 33.79 15.17 -87.14
CA CYS D 4134 34.37 14.21 -86.16
C CYS D 4134 34.80 14.96 -84.89
N PHE D 4135 35.38 16.15 -85.06
CA PHE D 4135 35.85 17.05 -83.96
C PHE D 4135 34.65 17.61 -83.19
N PHE D 4136 33.61 18.01 -83.92
CA PHE D 4136 32.31 18.49 -83.37
C PHE D 4136 31.69 17.39 -82.50
N HIS D 4137 31.65 16.17 -83.01
CA HIS D 4137 31.15 14.96 -82.31
C HIS D 4137 32.00 14.67 -81.07
N SER D 4138 33.32 14.91 -81.16
CA SER D 4138 34.28 14.70 -80.06
C SER D 4138 34.11 15.77 -78.98
N THR D 4139 33.95 17.04 -79.36
CA THR D 4139 33.88 18.20 -78.44
C THR D 4139 32.52 18.22 -77.72
N LEU D 4140 31.50 17.52 -78.20
CA LEU D 4140 30.22 17.35 -77.46
C LEU D 4140 30.42 16.35 -76.32
N ILE D 4141 31.04 15.21 -76.62
CA ILE D 4141 31.31 14.13 -75.63
C ILE D 4141 32.28 14.65 -74.55
N GLU D 4142 33.27 15.46 -74.93
CA GLU D 4142 34.32 15.98 -74.00
C GLU D 4142 33.78 17.14 -73.14
N ARG D 4143 32.71 17.80 -73.57
CA ARG D 4143 32.06 18.89 -72.78
C ARG D 4143 31.39 18.27 -71.56
N ARG D 4144 30.57 17.23 -71.77
CA ARG D 4144 29.89 16.41 -70.73
C ARG D 4144 30.70 16.42 -69.41
N ARG D 4145 32.01 16.20 -69.51
CA ARG D 4145 33.01 16.07 -68.42
C ARG D 4145 32.87 17.19 -67.37
N PHE D 4146 32.69 18.44 -67.81
CA PHE D 4146 32.39 19.62 -66.95
C PHE D 4146 30.89 19.62 -66.65
N GLY D 4147 30.50 19.83 -65.40
CA GLY D 4147 29.12 19.55 -64.94
C GLY D 4147 28.12 20.59 -65.44
N PRO D 4148 27.77 21.62 -64.63
CA PRO D 4148 26.90 22.71 -65.10
C PRO D 4148 27.57 23.53 -66.22
N LYS D 4149 28.74 24.12 -65.94
CA LYS D 4149 29.50 25.03 -66.85
C LYS D 4149 29.58 24.42 -68.26
N GLY D 4150 29.63 23.09 -68.35
CA GLY D 4150 29.61 22.34 -69.61
C GLY D 4150 28.23 22.32 -70.23
N TRP D 4151 27.52 21.19 -70.15
CA TRP D 4151 26.30 20.91 -70.95
C TRP D 4151 25.06 21.53 -70.31
N ASN D 4152 24.73 21.12 -69.07
CA ASN D 4152 23.49 21.45 -68.28
C ASN D 4152 22.61 20.19 -68.18
N MET D 4153 22.84 19.21 -69.05
CA MET D 4153 22.05 17.96 -69.17
C MET D 4153 22.93 16.85 -69.76
N SER D 4154 22.81 15.62 -69.25
CA SER D 4154 23.52 14.43 -69.78
C SER D 4154 22.73 13.88 -70.97
N TYR D 4155 23.35 13.85 -72.16
CA TYR D 4155 22.74 13.42 -73.45
C TYR D 4155 23.53 12.24 -74.02
N PRO D 4156 22.85 11.12 -74.41
CA PRO D 4156 23.53 10.00 -75.02
C PRO D 4156 23.90 10.32 -76.49
N PHE D 4157 25.18 10.61 -76.74
CA PHE D 4157 25.76 10.75 -78.11
C PHE D 4157 26.48 9.44 -78.46
N ASN D 4158 26.21 8.91 -79.64
CA ASN D 4158 26.73 7.59 -80.10
C ASN D 4158 27.33 7.73 -81.50
N MET D 4159 28.21 6.80 -81.88
CA MET D 4159 28.92 6.78 -83.19
C MET D 4159 27.89 6.70 -84.33
N GLY D 4160 26.76 6.03 -84.09
CA GLY D 4160 25.60 5.98 -85.00
C GLY D 4160 25.10 7.37 -85.38
N ASP D 4161 25.17 8.31 -84.43
CA ASP D 4161 24.71 9.72 -84.58
C ASP D 4161 25.68 10.48 -85.51
N LEU D 4162 26.97 10.19 -85.43
CA LEU D 4162 28.03 10.73 -86.34
C LEU D 4162 27.88 10.09 -87.71
N ARG D 4163 27.78 8.76 -87.76
CA ARG D 4163 27.60 7.96 -89.01
C ARG D 4163 26.39 8.50 -89.77
N ASP D 4164 25.24 8.62 -89.09
CA ASP D 4164 23.97 9.17 -89.63
C ASP D 4164 24.24 10.51 -90.33
N SER D 4165 24.91 11.44 -89.65
CA SER D 4165 25.19 12.82 -90.16
C SER D 4165 26.25 12.79 -91.27
N TYR D 4166 27.03 11.73 -91.39
CA TYR D 4166 27.95 11.50 -92.55
C TYR D 4166 27.14 11.09 -93.78
N LEU D 4167 26.23 10.12 -93.62
CA LEU D 4167 25.38 9.56 -94.72
C LEU D 4167 24.56 10.68 -95.36
N VAL D 4168 24.08 11.63 -94.55
CA VAL D 4168 23.28 12.81 -95.03
C VAL D 4168 24.23 13.81 -95.70
N MET D 4169 25.41 14.06 -95.13
CA MET D 4169 26.45 14.94 -95.72
C MET D 4169 26.88 14.39 -97.09
N ASN D 4170 27.16 13.09 -97.17
CA ASN D 4170 27.52 12.38 -98.42
C ASN D 4170 26.42 12.67 -99.47
N ARG D 4171 25.17 12.43 -99.11
CA ARG D 4171 23.99 12.53 -100.00
C ARG D 4171 23.79 13.97 -100.50
N TYR D 4172 24.27 14.96 -99.75
CA TYR D 4172 24.14 16.42 -100.05
C TYR D 4172 25.36 16.93 -100.83
N MET D 4173 26.51 16.25 -100.78
CA MET D 4173 27.72 16.63 -101.56
C MET D 4173 27.78 15.84 -102.88
N GLU D 4174 26.91 14.85 -103.08
CA GLU D 4174 26.77 14.10 -104.36
C GLU D 4174 25.81 14.85 -105.30
N GLN D 4175 24.96 15.73 -104.77
CA GLN D 4175 23.90 16.46 -105.54
C GLN D 4175 24.40 17.84 -105.99
N ASN D 4176 25.25 18.50 -105.21
CA ASN D 4176 25.80 19.85 -105.51
C ASN D 4176 26.96 19.74 -106.51
N GLN D 4177 27.91 18.82 -106.26
CA GLN D 4177 29.07 18.50 -107.12
C GLN D 4177 29.93 19.75 -107.35
N GLY D 4178 29.74 20.44 -108.49
CA GLY D 4178 30.55 21.60 -108.92
C GLY D 4178 30.04 22.89 -108.31
N GLY D 4179 28.73 22.97 -108.05
CA GLY D 4179 28.09 24.09 -107.32
C GLY D 4179 28.63 24.22 -105.91
N LYS D 4180 28.49 25.43 -105.33
CA LYS D 4180 28.93 25.78 -103.96
C LYS D 4180 28.11 24.98 -102.94
N VAL D 4181 28.74 24.53 -101.85
CA VAL D 4181 28.11 23.63 -100.82
C VAL D 4181 27.06 24.41 -100.04
N PRO D 4182 26.04 23.72 -99.45
CA PRO D 4182 24.92 24.40 -98.79
C PRO D 4182 25.01 24.42 -97.27
N PHE D 4183 26.17 24.84 -96.73
CA PHE D 4183 26.52 24.80 -95.28
C PHE D 4183 25.32 25.15 -94.40
N ASN D 4184 24.60 26.23 -94.74
CA ASN D 4184 23.40 26.73 -94.01
C ASN D 4184 22.31 25.65 -93.98
N ASP D 4185 22.10 24.91 -95.08
CA ASP D 4185 21.17 23.75 -95.15
C ASP D 4185 21.70 22.62 -94.24
N LEU D 4186 23.02 22.41 -94.28
CA LEU D 4186 23.73 21.22 -93.72
C LEU D 4186 23.97 21.36 -92.21
N ILE D 4187 24.02 22.59 -91.68
CA ILE D 4187 24.18 22.82 -90.20
C ILE D 4187 22.83 22.56 -89.51
N TYR D 4188 21.71 22.94 -90.12
CA TYR D 4188 20.37 22.67 -89.54
C TYR D 4188 20.18 21.15 -89.36
N ILE D 4189 20.42 20.38 -90.42
CA ILE D 4189 20.22 18.90 -90.44
C ILE D 4189 21.21 18.26 -89.45
N PHE D 4190 22.46 18.71 -89.43
CA PHE D 4190 23.50 18.29 -88.45
C PHE D 4190 23.01 18.62 -87.03
N GLY D 4191 22.85 19.92 -86.75
CA GLY D 4191 22.63 20.48 -85.40
C GLY D 4191 21.24 20.21 -84.85
N GLU D 4192 20.20 20.60 -85.59
CA GLU D 4192 18.80 20.63 -85.10
C GLU D 4192 18.12 19.25 -85.19
N ILE D 4193 18.57 18.35 -86.09
CA ILE D 4193 17.88 17.07 -86.38
C ILE D 4193 18.65 15.90 -85.73
N MET D 4194 19.93 15.72 -86.06
CA MET D 4194 20.75 14.57 -85.56
C MET D 4194 21.10 14.77 -84.07
N TYR D 4195 21.25 16.01 -83.62
CA TYR D 4195 21.38 16.39 -82.19
C TYR D 4195 20.19 17.27 -81.77
N GLY D 4196 19.04 17.02 -82.38
CA GLY D 4196 17.72 17.37 -81.83
C GLY D 4196 17.28 16.27 -80.89
N GLY D 4197 17.20 15.04 -81.42
CA GLY D 4197 16.72 13.82 -80.73
C GLY D 4197 17.04 13.82 -79.26
N HIS D 4198 18.28 14.21 -78.91
CA HIS D 4198 18.83 14.13 -77.53
C HIS D 4198 18.42 15.37 -76.73
N ILE D 4199 18.48 16.55 -77.33
CA ILE D 4199 18.44 17.87 -76.63
C ILE D 4199 17.00 18.38 -76.55
N VAL D 4200 16.51 18.68 -75.33
CA VAL D 4200 15.18 19.32 -75.09
C VAL D 4200 15.33 20.67 -74.37
N ASP D 4201 16.52 20.98 -73.84
CA ASP D 4201 16.73 22.05 -72.81
C ASP D 4201 16.52 23.43 -73.43
N ASP D 4202 17.05 23.67 -74.64
CA ASP D 4202 16.84 24.90 -75.45
C ASP D 4202 17.84 25.99 -75.01
N TRP D 4203 18.72 25.69 -74.05
CA TRP D 4203 19.98 26.43 -73.80
C TRP D 4203 21.17 25.61 -74.32
N ASP D 4204 21.10 24.29 -74.14
CA ASP D 4204 22.05 23.29 -74.71
C ASP D 4204 21.90 23.25 -76.23
N ARG D 4205 20.69 23.45 -76.73
CA ARG D 4205 20.39 23.51 -78.19
C ARG D 4205 21.11 24.71 -78.82
N ARG D 4206 21.07 25.87 -78.15
CA ARG D 4206 21.73 27.13 -78.61
C ARG D 4206 23.25 26.93 -78.65
N LEU D 4207 23.77 26.17 -77.67
CA LEU D 4207 25.21 25.83 -77.55
C LEU D 4207 25.57 24.88 -78.70
N CYS D 4208 24.86 23.76 -78.79
CA CYS D 4208 25.05 22.68 -79.81
C CYS D 4208 25.18 23.27 -81.22
N ASN D 4209 24.36 24.27 -81.56
CA ASN D 4209 24.39 24.94 -82.89
C ASN D 4209 25.61 25.85 -82.97
N SER D 4210 25.93 26.61 -81.92
CA SER D 4210 27.00 27.64 -81.94
C SER D 4210 28.32 26.99 -82.33
N TYR D 4211 28.68 25.87 -81.70
CA TYR D 4211 29.84 25.02 -82.07
C TYR D 4211 29.85 24.85 -83.60
N LEU D 4212 28.72 24.34 -84.10
CA LEU D 4212 28.51 23.89 -85.49
C LEU D 4212 28.56 25.07 -86.47
N PHE D 4213 27.96 26.21 -86.12
CA PHE D 4213 28.05 27.49 -86.88
C PHE D 4213 29.50 27.92 -87.01
N ASN D 4214 30.28 27.77 -85.92
CA ASN D 4214 31.70 28.21 -85.82
C ASN D 4214 32.52 27.42 -86.83
N THR D 4215 32.55 26.09 -86.70
CA THR D 4215 33.37 25.14 -87.52
C THR D 4215 32.94 25.21 -88.99
N MET D 4216 31.65 25.03 -89.28
CA MET D 4216 31.10 24.80 -90.65
C MET D 4216 30.84 26.14 -91.36
N HIS D 4217 31.79 26.61 -92.18
CA HIS D 4217 31.57 27.71 -93.15
C HIS D 4217 32.58 27.59 -94.30
N GLU D 4218 32.63 28.59 -95.20
CA GLU D 4218 33.32 28.49 -96.51
C GLU D 4218 34.83 28.32 -96.32
N GLN D 4219 35.40 28.91 -95.25
CA GLN D 4219 36.85 28.90 -94.92
C GLN D 4219 37.34 27.53 -94.43
N LEU D 4220 36.44 26.62 -94.06
CA LEU D 4220 36.74 25.24 -93.60
C LEU D 4220 37.61 24.49 -94.61
N PHE D 4221 37.41 24.71 -95.92
CA PHE D 4221 38.12 23.98 -97.01
C PHE D 4221 39.56 24.47 -97.13
N ASP D 4222 39.79 25.76 -96.89
CA ASP D 4222 41.12 26.33 -96.52
C ASP D 4222 41.41 25.90 -95.06
N GLU D 4223 42.68 25.75 -94.69
CA GLU D 4223 43.08 25.42 -93.29
C GLU D 4223 42.40 26.42 -92.35
N LEU D 4224 41.70 25.93 -91.31
CA LEU D 4224 40.91 26.76 -90.36
C LEU D 4224 41.03 26.22 -88.92
N GLU D 4225 41.40 27.09 -87.97
CA GLU D 4225 41.48 26.81 -86.51
C GLU D 4225 40.14 26.23 -86.03
N LEU D 4226 40.05 24.90 -85.88
CA LEU D 4226 38.84 24.19 -85.36
C LEU D 4226 38.53 24.65 -83.93
N PHE D 4227 39.55 24.98 -83.13
CA PHE D 4227 39.38 25.49 -81.74
C PHE D 4227 38.74 26.87 -81.76
N PRO D 4228 37.67 27.12 -80.95
CA PRO D 4228 36.81 28.29 -81.11
C PRO D 4228 37.50 29.67 -81.26
N TYR D 4229 37.79 30.37 -80.17
CA TYR D 4229 38.21 31.79 -80.17
C TYR D 4229 39.63 31.88 -79.62
N ILE D 4230 40.51 31.05 -80.17
CA ILE D 4230 41.98 31.07 -79.95
C ILE D 4230 42.54 32.22 -80.80
N GLU D 4231 42.63 33.40 -80.20
CA GLU D 4231 43.13 34.63 -80.84
C GLU D 4231 44.66 34.68 -80.67
N GLY D 4232 45.11 34.56 -79.42
CA GLY D 4232 46.54 34.56 -79.03
C GLY D 4232 46.82 33.66 -77.84
N LYS D 4233 46.35 32.41 -77.91
CA LYS D 4233 46.57 31.36 -76.87
C LYS D 4233 47.72 30.46 -77.36
N GLY D 4234 47.58 29.89 -78.56
CA GLY D 4234 48.56 29.01 -79.21
C GLY D 4234 48.29 27.54 -78.96
N LEU D 4235 47.11 27.05 -79.40
CA LEU D 4235 46.85 25.60 -79.60
C LEU D 4235 46.71 25.33 -81.11
N SER D 4236 45.84 26.10 -81.80
CA SER D 4236 45.75 26.24 -83.28
C SER D 4236 45.71 24.87 -83.99
N PHE D 4237 44.69 24.06 -83.72
CA PHE D 4237 44.42 22.74 -84.37
C PHE D 4237 43.54 22.95 -85.60
N LYS D 4238 44.12 22.81 -86.80
CA LYS D 4238 43.49 23.23 -88.09
C LYS D 4238 42.84 22.02 -88.77
N VAL D 4239 42.01 22.29 -89.78
CA VAL D 4239 41.46 21.28 -90.73
C VAL D 4239 42.50 21.07 -91.82
N PRO D 4240 43.04 19.84 -92.01
CA PRO D 4240 44.14 19.63 -92.95
C PRO D 4240 43.73 19.92 -94.41
N GLY D 4241 44.64 20.53 -95.18
CA GLY D 4241 44.49 20.77 -96.63
C GLY D 4241 44.48 19.46 -97.41
N GLN D 4242 44.43 19.53 -98.74
CA GLN D 4242 44.33 18.34 -99.64
C GLN D 4242 45.60 17.52 -99.50
N ASN D 4243 45.48 16.26 -99.05
CA ASN D 4243 46.59 15.30 -98.83
C ASN D 4243 46.04 13.88 -98.89
N PRO D 4244 46.90 12.82 -98.99
CA PRO D 4244 46.42 11.45 -98.86
C PRO D 4244 45.75 11.18 -97.50
N TYR D 4245 44.69 10.35 -97.50
CA TYR D 4245 43.89 9.94 -96.32
C TYR D 4245 44.78 9.76 -95.08
N GLU D 4246 45.85 8.96 -95.21
CA GLU D 4246 46.75 8.54 -94.11
C GLU D 4246 47.24 9.76 -93.32
N LYS D 4247 47.52 10.87 -94.01
CA LYS D 4247 48.02 12.15 -93.42
C LYS D 4247 47.04 12.67 -92.36
N TYR D 4248 45.74 12.54 -92.58
CA TYR D 4248 44.66 13.06 -91.68
C TYR D 4248 44.77 12.46 -90.28
N ILE D 4249 45.07 11.15 -90.17
CA ILE D 4249 45.19 10.43 -88.87
C ILE D 4249 46.47 10.87 -88.16
N GLU D 4250 47.57 11.07 -88.91
CA GLU D 4250 48.87 11.58 -88.37
C GLU D 4250 48.69 13.00 -87.80
N HIS D 4251 47.93 13.84 -88.50
CA HIS D 4251 47.63 15.25 -88.14
C HIS D 4251 46.88 15.33 -86.80
N ILE D 4252 46.06 14.31 -86.47
CA ILE D 4252 45.31 14.25 -85.19
C ILE D 4252 46.26 13.83 -84.06
N GLU D 4253 47.29 13.04 -84.35
CA GLU D 4253 48.36 12.66 -83.39
C GLU D 4253 49.30 13.85 -83.16
N THR D 4254 49.40 14.78 -84.13
CA THR D 4254 50.27 15.98 -84.09
C THR D 4254 49.65 17.09 -83.21
N SER D 4255 48.32 17.14 -83.04
CA SER D 4255 47.63 18.00 -82.05
C SER D 4255 48.18 17.67 -80.64
N LEU D 4256 48.45 18.69 -79.83
CA LEU D 4256 49.19 18.58 -78.54
C LEU D 4256 48.51 17.56 -77.61
N LYS D 4257 49.30 16.63 -77.06
CA LYS D 4257 48.86 15.56 -76.10
C LYS D 4257 48.16 16.17 -74.89
N GLN D 4258 48.65 17.33 -74.40
CA GLN D 4258 48.05 18.12 -73.29
C GLN D 4258 46.56 18.39 -73.58
N GLU D 4259 45.69 17.95 -72.68
CA GLU D 4259 44.22 18.21 -72.70
C GLU D 4259 43.96 19.58 -72.06
N THR D 4260 43.33 20.50 -72.80
CA THR D 4260 42.86 21.83 -72.29
C THR D 4260 41.36 21.97 -72.49
N PRO D 4261 40.64 22.68 -71.58
CA PRO D 4261 39.24 23.00 -71.79
C PRO D 4261 39.09 24.05 -72.90
N LEU D 4262 40.19 24.77 -73.20
CA LEU D 4262 40.30 25.85 -74.20
C LEU D 4262 39.94 25.33 -75.61
N ALA D 4263 40.12 24.02 -75.82
CA ALA D 4263 39.68 23.26 -77.02
C ALA D 4263 38.17 23.41 -77.25
N TYR D 4264 37.37 23.45 -76.19
CA TYR D 4264 35.89 23.40 -76.24
C TYR D 4264 35.31 24.83 -76.24
N GLY D 4265 36.16 25.85 -76.12
CA GLY D 4265 35.74 27.26 -76.02
C GLY D 4265 35.60 27.75 -74.58
N LEU D 4266 35.66 26.83 -73.60
CA LEU D 4266 35.66 27.14 -72.16
C LEU D 4266 37.00 27.81 -71.79
N HIS D 4267 37.09 28.40 -70.60
CA HIS D 4267 38.32 29.02 -70.06
C HIS D 4267 39.18 27.95 -69.37
N PRO D 4268 40.53 28.06 -69.37
CA PRO D 4268 41.37 27.22 -68.52
C PRO D 4268 40.81 26.96 -67.12
N ASN D 4269 40.28 28.00 -66.47
CA ASN D 4269 39.82 27.98 -65.06
C ASN D 4269 38.53 27.13 -64.94
N ALA D 4270 37.99 26.63 -66.05
CA ALA D 4270 36.86 25.67 -66.08
C ALA D 4270 37.35 24.28 -65.66
N GLU D 4271 38.58 23.94 -66.03
CA GLU D 4271 39.31 22.71 -65.63
C GLU D 4271 39.49 22.72 -64.11
N ILE D 4272 39.96 23.84 -63.56
CA ILE D 4272 40.22 24.04 -62.10
C ILE D 4272 38.94 23.70 -61.32
N GLY D 4273 37.77 24.04 -61.86
CA GLY D 4273 36.46 23.75 -61.23
C GLY D 4273 36.13 22.26 -61.28
N PHE D 4274 36.48 21.58 -62.38
CA PHE D 4274 36.24 20.13 -62.61
C PHE D 4274 37.09 19.31 -61.63
N ARG D 4275 38.34 19.72 -61.42
CA ARG D 4275 39.29 19.08 -60.47
C ARG D 4275 38.75 19.18 -59.04
N THR D 4276 38.13 20.33 -58.69
CA THR D 4276 37.47 20.58 -57.39
C THR D 4276 36.23 19.69 -57.27
N ASP D 4277 35.45 19.55 -58.35
CA ASP D 4277 34.25 18.68 -58.42
C ASP D 4277 34.68 17.20 -58.37
N GLN D 4278 35.85 16.87 -58.93
CA GLN D 4278 36.44 15.51 -58.90
C GLN D 4278 36.79 15.15 -57.45
N CYS D 4279 37.52 16.03 -56.76
CA CYS D 4279 37.90 15.92 -55.32
C CYS D 4279 36.66 15.81 -54.42
N LYS D 4280 35.58 16.55 -54.75
CA LYS D 4280 34.31 16.56 -53.98
C LYS D 4280 33.63 15.19 -54.08
N THR D 4281 33.63 14.57 -55.28
CA THR D 4281 32.95 13.27 -55.56
C THR D 4281 33.74 12.10 -54.96
N LEU D 4282 35.04 12.25 -54.69
CA LEU D 4282 35.84 11.24 -53.95
C LEU D 4282 35.33 11.20 -52.51
N PHE D 4283 35.37 12.34 -51.82
CA PHE D 4283 35.11 12.45 -50.36
C PHE D 4283 33.62 12.33 -50.04
N ASN D 4284 32.73 12.31 -51.04
CA ASN D 4284 31.29 11.95 -50.84
C ASN D 4284 31.13 10.43 -50.94
N THR D 4285 31.94 9.75 -51.76
CA THR D 4285 31.93 8.26 -51.90
C THR D 4285 32.70 7.61 -50.74
N LEU D 4286 33.83 8.22 -50.33
CA LEU D 4286 34.62 7.75 -49.15
C LEU D 4286 33.73 7.78 -47.91
N LEU D 4287 33.03 8.90 -47.69
CA LEU D 4287 32.13 9.13 -46.53
C LEU D 4287 31.10 8.00 -46.46
N GLU D 4288 30.55 7.60 -47.60
CA GLU D 4288 29.49 6.55 -47.73
C GLU D 4288 30.05 5.18 -47.32
N LEU D 4289 31.33 4.91 -47.59
CA LEU D 4289 31.97 3.58 -47.43
C LEU D 4289 32.94 3.54 -46.23
N MET D 4290 33.06 4.63 -45.46
CA MET D 4290 34.04 4.71 -44.34
C MET D 4290 33.54 3.81 -43.20
N PRO D 4291 34.21 2.67 -42.93
CA PRO D 4291 33.59 1.59 -42.15
C PRO D 4291 33.61 1.81 -40.63
N LYS D 4292 32.49 1.47 -39.97
CA LYS D 4292 32.34 1.26 -38.50
C LYS D 4292 32.43 2.58 -37.71
N GLU D 4293 32.63 3.73 -38.38
CA GLU D 4293 32.76 5.07 -37.76
C GLU D 4293 33.90 5.06 -36.72
N GLN D 4294 35.10 4.59 -37.13
CA GLN D 4294 36.36 4.57 -36.34
C GLN D 4294 36.35 3.42 -35.30
N SER D 4295 35.23 2.70 -35.15
CA SER D 4295 35.02 1.64 -34.12
C SER D 4295 35.13 2.23 -32.70
N ARG D 4296 34.55 3.41 -32.50
CA ARG D 4296 34.52 4.16 -31.20
C ARG D 4296 35.97 4.50 -30.79
N ASP D 4297 36.43 4.08 -29.60
CA ASP D 4297 37.79 4.39 -29.06
C ASP D 4297 38.29 3.24 -28.18
N ILE D 4303 37.15 9.65 -29.38
CA ILE D 4303 35.86 9.98 -28.70
C ILE D 4303 35.18 11.14 -29.44
N LYS D 4304 34.66 10.85 -30.64
CA LYS D 4304 34.04 11.86 -31.55
C LYS D 4304 32.53 11.90 -31.31
N SER D 4305 31.96 13.11 -31.26
CA SER D 4305 30.52 13.42 -31.06
C SER D 4305 29.64 12.53 -31.96
N SER D 4306 28.73 11.77 -31.35
CA SER D 4306 27.77 10.87 -32.04
C SER D 4306 26.82 11.69 -32.92
N ASN D 4307 26.18 11.03 -33.90
CA ASN D 4307 25.19 11.64 -34.84
C ASN D 4307 24.07 12.31 -34.04
N GLU D 4308 23.56 11.65 -33.00
CA GLU D 4308 22.38 12.08 -32.19
C GLU D 4308 22.77 13.22 -31.24
N MET D 4309 24.06 13.39 -30.94
CA MET D 4309 24.60 14.55 -30.17
C MET D 4309 24.78 15.74 -31.10
N ALA D 4310 25.30 15.52 -32.31
CA ALA D 4310 25.56 16.55 -33.35
C ALA D 4310 24.25 17.27 -33.73
N SER D 4311 23.11 16.57 -33.64
CA SER D 4311 21.75 17.11 -33.87
C SER D 4311 21.30 17.97 -32.68
N ASP D 4312 21.40 17.43 -31.46
CA ASP D 4312 21.10 18.13 -30.18
C ASP D 4312 21.84 19.48 -30.14
N LEU D 4313 23.09 19.53 -30.62
CA LEU D 4313 23.89 20.78 -30.69
C LEU D 4313 23.21 21.77 -31.65
N ILE D 4314 22.93 21.33 -32.89
CA ILE D 4314 22.28 22.16 -33.95
C ILE D 4314 20.87 22.55 -33.47
N LYS D 4315 20.18 21.67 -32.74
CA LYS D 4315 18.87 21.94 -32.09
C LYS D 4315 19.03 23.13 -31.14
N GLN D 4316 20.07 23.12 -30.29
CA GLN D 4316 20.32 24.19 -29.27
C GLN D 4316 20.69 25.50 -29.97
N LEU D 4317 21.47 25.47 -31.05
CA LEU D 4317 21.84 26.68 -31.85
C LEU D 4317 20.59 27.30 -32.48
N LEU D 4318 19.60 26.47 -32.87
CA LEU D 4318 18.34 26.89 -33.55
C LEU D 4318 17.24 27.23 -32.53
N GLU D 4319 17.38 26.83 -31.25
CA GLU D 4319 16.47 27.22 -30.14
C GLU D 4319 17.08 28.35 -29.30
N ASP D 4320 18.39 28.59 -29.41
CA ASP D 4320 19.08 29.81 -28.89
C ASP D 4320 18.78 30.99 -29.83
N SER D 4321 18.66 30.72 -31.13
CA SER D 4321 18.05 31.63 -32.15
C SER D 4321 16.52 31.54 -32.05
N GLU D 4322 15.84 32.68 -32.15
CA GLU D 4322 14.37 32.80 -31.94
C GLU D 4322 13.65 32.43 -33.24
N LEU D 4323 13.62 31.13 -33.58
CA LEU D 4323 12.95 30.59 -34.80
C LEU D 4323 11.43 30.72 -34.66
N LYS D 4324 10.89 30.18 -33.56
CA LYS D 4324 9.44 30.23 -33.22
C LYS D 4324 8.95 31.69 -33.17
N ASN D 4325 9.83 32.65 -32.88
CA ASN D 4325 9.54 34.11 -32.96
C ASN D 4325 9.64 34.59 -34.42
N LYS D 4326 10.66 34.14 -35.15
CA LYS D 4326 10.91 34.50 -36.58
C LYS D 4326 9.72 34.08 -37.47
N ILE D 4327 8.96 33.04 -37.06
CA ILE D 4327 7.68 32.63 -37.71
C ILE D 4327 6.79 33.86 -37.86
N PHE D 4328 6.38 34.18 -39.09
CA PHE D 4328 5.56 35.35 -39.45
C PHE D 4328 4.10 35.08 -39.04
N ASN D 4329 3.36 36.15 -38.73
CA ASN D 4329 1.92 36.12 -38.35
C ASN D 4329 1.13 36.85 -39.45
N MET D 4330 0.57 36.08 -40.39
CA MET D 4330 -0.06 36.58 -41.65
C MET D 4330 -1.01 37.74 -41.35
N GLU D 4331 -1.91 37.58 -40.38
CA GLU D 4331 -3.01 38.52 -40.07
C GLU D 4331 -2.45 39.91 -39.74
N GLU D 4332 -1.41 40.00 -38.90
CA GLU D 4332 -0.81 41.29 -38.46
C GLU D 4332 -0.34 42.10 -39.67
N ILE D 4333 0.37 41.47 -40.61
CA ILE D 4333 1.01 42.13 -41.79
C ILE D 4333 -0.08 42.54 -42.78
N LYS D 4334 -1.09 41.68 -43.02
CA LYS D 4334 -2.24 41.94 -43.92
C LYS D 4334 -3.02 43.17 -43.44
N ASN D 4335 -3.19 43.33 -42.13
CA ASN D 4335 -3.92 44.46 -41.49
C ASN D 4335 -3.14 45.77 -41.65
N LYS D 4336 -1.80 45.72 -41.64
CA LYS D 4336 -0.91 46.89 -41.86
C LYS D 4336 -1.12 47.45 -43.28
N ILE D 4337 -1.44 46.58 -44.25
CA ILE D 4337 -1.75 46.95 -45.66
C ILE D 4337 -3.23 47.35 -45.74
N ASP D 4338 -3.54 48.47 -46.42
CA ASP D 4338 -4.91 49.01 -46.57
C ASP D 4338 -5.74 48.08 -47.45
N ALA D 4339 -5.14 47.54 -48.52
CA ALA D 4339 -5.74 46.64 -49.55
C ALA D 4339 -6.43 47.45 -50.65
N GLU D 4340 -6.31 48.79 -50.62
CA GLU D 4340 -6.77 49.73 -51.67
C GLU D 4340 -5.55 50.22 -52.46
N ASN D 4341 -4.47 50.60 -51.77
CA ASN D 4341 -3.17 51.05 -52.35
C ASN D 4341 -2.19 49.88 -52.48
N LYS D 4342 -2.64 48.63 -52.31
CA LYS D 4342 -1.80 47.40 -52.37
C LYS D 4342 -1.27 47.21 -53.80
N GLY D 4343 0.03 47.44 -54.01
CA GLY D 4343 0.72 47.27 -55.31
C GLY D 4343 1.08 45.81 -55.58
N PRO D 4344 1.75 45.52 -56.72
CA PRO D 4344 2.15 44.16 -57.06
C PRO D 4344 3.22 43.62 -56.11
N TYR D 4345 4.26 44.42 -55.83
CA TYR D 4345 5.38 44.08 -54.92
C TYR D 4345 4.81 43.45 -53.64
N GLN D 4346 3.91 44.19 -52.98
CA GLN D 4346 3.26 43.79 -51.70
C GLN D 4346 2.76 42.35 -51.81
N ASN D 4347 2.07 42.02 -52.91
CA ASN D 4347 1.42 40.70 -53.16
C ASN D 4347 2.50 39.61 -53.23
N VAL D 4348 3.61 39.88 -53.94
CA VAL D 4348 4.72 38.90 -54.18
C VAL D 4348 5.38 38.55 -52.85
N PHE D 4349 5.76 39.56 -52.06
CA PHE D 4349 6.34 39.40 -50.69
C PHE D 4349 5.39 38.58 -49.82
N LEU D 4350 4.11 39.01 -49.71
CA LEU D 4350 3.05 38.31 -48.93
C LEU D 4350 2.98 36.83 -49.33
N GLN D 4351 3.24 36.51 -50.61
CA GLN D 4351 3.26 35.13 -51.14
C GLN D 4351 4.56 34.45 -50.65
N GLU D 4352 5.67 35.21 -50.65
CA GLU D 4352 7.02 34.74 -50.23
C GLU D 4352 7.00 34.43 -48.73
N ILE D 4353 6.47 35.33 -47.89
CA ILE D 4353 6.44 35.15 -46.41
C ILE D 4353 5.53 33.97 -46.07
N GLU D 4354 4.53 33.66 -46.90
CA GLU D 4354 3.62 32.50 -46.71
C GLU D 4354 4.40 31.20 -46.96
N TYR D 4355 5.14 31.12 -48.08
CA TYR D 4355 6.05 30.00 -48.43
C TYR D 4355 7.11 29.83 -47.35
N MET D 4356 7.69 30.94 -46.88
CA MET D 4356 8.74 30.98 -45.82
C MET D 4356 8.14 30.50 -44.50
N ASN D 4357 7.00 31.08 -44.10
CA ASN D 4357 6.25 30.74 -42.86
C ASN D 4357 5.85 29.26 -42.88
N ALA D 4358 5.64 28.68 -44.06
CA ALA D 4358 5.31 27.24 -44.25
C ALA D 4358 6.57 26.38 -44.16
N LEU D 4359 7.72 26.89 -44.63
CA LEU D 4359 9.05 26.24 -44.46
C LEU D 4359 9.45 26.33 -42.99
N LEU D 4360 9.47 27.54 -42.44
CA LEU D 4360 10.03 27.86 -41.10
C LEU D 4360 9.26 27.09 -40.02
N SER D 4361 7.94 26.90 -40.19
CA SER D 4361 7.09 26.03 -39.33
C SER D 4361 7.57 24.58 -39.42
N GLU D 4362 7.82 24.09 -40.64
CA GLU D 4362 8.17 22.67 -40.94
C GLU D 4362 9.52 22.31 -40.29
N ILE D 4363 10.52 23.19 -40.34
CA ILE D 4363 11.89 22.90 -39.78
C ILE D 4363 11.81 22.94 -38.25
N VAL D 4364 11.05 23.88 -37.67
CA VAL D 4364 10.86 24.03 -36.19
C VAL D 4364 10.12 22.80 -35.66
N LYS D 4365 9.07 22.36 -36.37
CA LYS D 4365 8.22 21.19 -35.98
C LYS D 4365 9.10 19.93 -36.03
N ASP D 4366 9.76 19.65 -37.15
CA ASP D 4366 10.62 18.45 -37.35
C ASP D 4366 11.83 18.47 -36.41
N LEU D 4367 12.25 19.65 -35.92
CA LEU D 4367 13.42 19.82 -35.00
C LEU D 4367 12.97 19.63 -33.55
N GLU D 4368 11.84 20.21 -33.14
CA GLU D 4368 11.30 20.07 -31.76
C GLU D 4368 10.76 18.65 -31.56
N GLU D 4369 10.37 17.97 -32.65
CA GLU D 4369 9.84 16.57 -32.63
C GLU D 4369 11.01 15.59 -32.43
N ILE D 4370 12.13 15.81 -33.12
CA ILE D 4370 13.37 14.97 -32.99
C ILE D 4370 14.09 15.31 -31.68
N GLY D 4371 14.10 16.59 -31.27
CA GLY D 4371 14.64 17.03 -29.96
C GLY D 4371 13.89 16.41 -28.80
N GLN D 4372 12.56 16.37 -28.89
CA GLN D 4372 11.64 15.67 -27.94
C GLN D 4372 11.93 14.16 -27.96
N GLY D 4373 12.07 13.57 -29.15
CA GLY D 4373 12.32 12.13 -29.35
C GLY D 4373 13.71 11.69 -28.91
N LEU D 4374 14.67 12.62 -28.87
CA LEU D 4374 16.08 12.37 -28.43
C LEU D 4374 16.12 12.30 -26.89
N SER D 4375 15.74 13.41 -26.23
CA SER D 4375 15.82 13.58 -24.75
C SER D 4375 14.70 12.77 -24.08
N GLY D 4376 13.45 13.08 -24.39
CA GLY D 4376 12.25 12.46 -23.78
C GLY D 4376 11.92 11.11 -24.40
N LEU D 4377 11.12 10.30 -23.70
CA LEU D 4377 10.61 8.99 -24.18
C LEU D 4377 9.56 9.25 -25.28
N LEU D 4378 9.80 8.75 -26.49
CA LEU D 4378 8.89 8.83 -27.66
C LEU D 4378 9.34 7.84 -28.73
N THR D 4379 8.39 7.25 -29.47
CA THR D 4379 8.65 6.36 -30.64
C THR D 4379 9.47 7.13 -31.67
N VAL D 4380 10.61 6.57 -32.10
CA VAL D 4380 11.55 7.20 -33.08
C VAL D 4380 11.08 6.82 -34.49
N SER D 4381 10.50 7.77 -35.22
CA SER D 4381 9.98 7.57 -36.61
C SER D 4381 11.16 7.34 -37.56
N GLU D 4382 10.89 6.66 -38.69
CA GLU D 4382 11.91 6.29 -39.71
C GLU D 4382 12.47 7.57 -40.34
N ASN D 4383 11.59 8.52 -40.71
CA ASN D 4383 11.96 9.81 -41.36
C ASN D 4383 12.74 10.71 -40.39
N MET D 4384 12.55 10.55 -39.08
CA MET D 4384 13.24 11.36 -38.03
C MET D 4384 14.71 10.92 -37.90
N GLU D 4385 14.97 9.60 -37.93
CA GLU D 4385 16.35 9.02 -37.97
C GLU D 4385 17.07 9.50 -39.24
N MET D 4386 16.36 9.61 -40.35
CA MET D 4386 16.87 10.09 -41.66
C MET D 4386 17.26 11.57 -41.56
N ILE D 4387 16.58 12.37 -40.74
CA ILE D 4387 16.91 13.81 -40.49
C ILE D 4387 18.14 13.87 -39.56
N ILE D 4388 18.21 13.02 -38.53
CA ILE D 4388 19.38 12.90 -37.62
C ILE D 4388 20.62 12.53 -38.45
N GLU D 4389 20.52 11.47 -39.26
CA GLU D 4389 21.63 10.94 -40.09
C GLU D 4389 22.16 12.06 -40.98
N SER D 4390 21.27 12.70 -41.75
CA SER D 4390 21.59 13.81 -42.68
C SER D 4390 22.26 14.97 -41.95
N ILE D 4391 21.86 15.25 -40.70
CA ILE D 4391 22.40 16.37 -39.86
C ILE D 4391 23.84 16.04 -39.44
N ALA D 4392 24.15 14.77 -39.16
CA ALA D 4392 25.51 14.29 -38.82
C ALA D 4392 26.46 14.48 -40.00
N LEU D 4393 26.01 14.10 -41.19
CA LEU D 4393 26.75 14.23 -42.49
C LEU D 4393 26.94 15.72 -42.83
N SER D 4394 26.02 16.58 -42.38
CA SER D 4394 25.93 18.04 -42.64
C SER D 4394 25.29 18.29 -44.02
N ARG D 4395 24.57 17.30 -44.57
CA ARG D 4395 23.65 17.48 -45.72
C ARG D 4395 22.39 18.15 -45.17
N VAL D 4396 21.70 18.95 -45.99
CA VAL D 4396 20.33 19.44 -45.70
C VAL D 4396 19.39 18.25 -45.81
N PRO D 4397 18.43 18.03 -44.87
CA PRO D 4397 17.46 16.94 -44.98
C PRO D 4397 16.56 17.04 -46.22
N ALA D 4398 16.05 15.88 -46.67
CA ALA D 4398 15.19 15.74 -47.88
C ALA D 4398 13.86 16.48 -47.68
N SER D 4399 13.25 16.35 -46.51
CA SER D 4399 11.95 16.97 -46.13
C SER D 4399 12.07 18.50 -46.13
N TRP D 4400 13.16 19.04 -45.59
CA TRP D 4400 13.45 20.50 -45.51
C TRP D 4400 13.72 21.04 -46.92
N GLN D 4401 14.56 20.33 -47.68
CA GLN D 4401 15.02 20.68 -49.05
C GLN D 4401 13.81 20.87 -49.98
N LYS D 4402 12.81 19.97 -49.88
CA LYS D 4402 11.58 19.98 -50.72
C LYS D 4402 10.82 21.29 -50.51
N LEU D 4403 10.81 21.83 -49.29
CA LEU D 4403 10.23 23.17 -48.99
C LEU D 4403 11.24 24.26 -49.36
N ALA D 4404 10.73 25.36 -49.91
CA ALA D 4404 11.48 26.58 -50.26
C ALA D 4404 12.44 26.30 -51.43
N TYR D 4405 13.69 26.76 -51.35
CA TYR D 4405 14.57 27.00 -52.51
C TYR D 4405 15.36 25.73 -52.81
N PRO D 4406 15.74 25.48 -54.08
CA PRO D 4406 16.42 24.24 -54.46
C PRO D 4406 17.95 24.29 -54.31
N SER D 4407 18.51 25.41 -53.81
CA SER D 4407 19.96 25.71 -53.75
C SER D 4407 20.70 24.62 -52.97
N LYS D 4408 21.90 24.24 -53.44
CA LYS D 4408 22.76 23.18 -52.85
C LYS D 4408 23.83 23.83 -51.97
N ARG D 4409 23.62 23.80 -50.65
CA ARG D 4409 24.55 24.33 -49.61
C ARG D 4409 24.70 23.29 -48.48
N GLY D 4410 25.81 23.36 -47.74
CA GLY D 4410 26.01 22.63 -46.47
C GLY D 4410 25.07 23.18 -45.40
N LEU D 4411 24.67 22.33 -44.44
CA LEU D 4411 23.59 22.63 -43.47
C LEU D 4411 23.85 23.95 -42.73
N GLN D 4412 25.09 24.17 -42.25
CA GLN D 4412 25.46 25.40 -41.48
C GLN D 4412 25.38 26.63 -42.40
N SER D 4413 25.70 26.48 -43.69
CA SER D 4413 25.59 27.56 -44.71
C SER D 4413 24.12 27.82 -45.03
N TRP D 4414 23.34 26.75 -45.25
CA TRP D 4414 21.88 26.78 -45.54
C TRP D 4414 21.16 27.62 -44.48
N LEU D 4415 21.40 27.33 -43.20
CA LEU D 4415 20.77 28.02 -42.04
C LEU D 4415 21.17 29.50 -42.02
N ALA D 4416 22.44 29.80 -42.30
CA ALA D 4416 22.98 31.18 -42.33
C ALA D 4416 22.37 31.95 -43.49
N ASN D 4417 22.11 31.26 -44.62
CA ASN D 4417 21.44 31.84 -45.82
C ASN D 4417 19.94 32.03 -45.51
N LEU D 4418 19.32 31.05 -44.83
CA LEU D 4418 17.87 31.07 -44.47
C LEU D 4418 17.56 32.30 -43.61
N PHE D 4419 18.48 32.72 -42.72
CA PHE D 4419 18.29 33.90 -41.84
C PHE D 4419 18.40 35.18 -42.66
N GLN D 4420 19.24 35.22 -43.71
CA GLN D 4420 19.33 36.36 -44.65
C GLN D 4420 18.04 36.45 -45.49
N ARG D 4421 17.43 35.31 -45.82
CA ARG D 4421 16.08 35.25 -46.46
C ARG D 4421 15.08 35.93 -45.52
N ILE D 4422 14.99 35.42 -44.28
CA ILE D 4422 14.09 35.94 -43.19
C ILE D 4422 14.35 37.45 -43.03
N GLU D 4423 15.62 37.86 -43.01
CA GLU D 4423 16.05 39.27 -42.74
C GLU D 4423 15.69 40.19 -43.92
N GLN D 4424 15.51 39.65 -45.13
CA GLN D 4424 14.98 40.42 -46.30
C GLN D 4424 13.48 40.69 -46.09
N LEU D 4425 12.77 39.80 -45.40
CA LEU D 4425 11.31 39.88 -45.14
C LEU D 4425 11.05 40.66 -43.84
N ASN D 4426 11.97 40.65 -42.88
CA ASN D 4426 11.86 41.42 -41.61
C ASN D 4426 12.09 42.92 -41.87
N ILE D 4427 12.60 43.32 -43.05
CA ILE D 4427 12.71 44.76 -43.46
C ILE D 4427 11.54 45.12 -44.37
N PHE D 4428 10.73 44.13 -44.77
CA PHE D 4428 9.43 44.32 -45.46
C PHE D 4428 8.35 44.58 -44.41
N ARG D 4429 8.20 43.67 -43.42
CA ARG D 4429 7.21 43.76 -42.31
C ARG D 4429 7.09 45.20 -41.82
N ASP D 4430 8.21 45.82 -41.45
CA ASP D 4430 8.29 47.24 -41.03
C ASP D 4430 8.26 48.12 -42.29
N ASP D 4431 7.22 48.95 -42.44
CA ASP D 4431 6.94 49.84 -43.61
C ASP D 4431 6.84 49.00 -44.89
N PRO D 4432 5.77 48.20 -45.09
CA PRO D 4432 5.57 47.45 -46.34
C PRO D 4432 5.46 48.32 -47.60
N TYR D 4433 4.66 49.38 -47.54
CA TYR D 4433 4.35 50.29 -48.69
C TYR D 4433 5.65 50.83 -49.31
N SER D 4434 6.62 51.22 -48.48
CA SER D 4434 7.99 51.64 -48.91
C SER D 4434 8.84 50.40 -49.21
N ILE D 4435 9.08 50.11 -50.49
CA ILE D 4435 9.87 48.93 -50.98
C ILE D 4435 11.36 49.22 -50.79
N PRO D 4436 12.20 48.23 -50.42
CA PRO D 4436 13.66 48.44 -50.36
C PRO D 4436 14.24 48.89 -51.70
N ARG D 4437 14.98 50.01 -51.71
CA ARG D 4437 15.61 50.63 -52.90
C ARG D 4437 16.28 49.54 -53.77
N VAL D 4438 17.18 48.74 -53.18
CA VAL D 4438 17.90 47.62 -53.87
C VAL D 4438 17.35 46.30 -53.35
N VAL D 4439 16.54 45.63 -54.18
CA VAL D 4439 15.98 44.27 -53.88
C VAL D 4439 17.11 43.24 -54.06
N MET D 4440 17.00 42.09 -53.39
CA MET D 4440 18.03 41.02 -53.38
C MET D 4440 17.45 39.77 -54.06
N ILE D 4441 17.35 39.79 -55.40
CA ILE D 4441 16.66 38.74 -56.23
C ILE D 4441 17.22 37.36 -55.87
N SER D 4442 18.51 37.28 -55.50
CA SER D 4442 19.19 36.08 -54.95
C SER D 4442 18.30 35.35 -53.95
N ARG D 4443 17.66 36.10 -53.03
CA ARG D 4443 17.05 35.60 -51.78
C ARG D 4443 15.53 35.80 -51.82
N PHE D 4444 14.88 35.10 -52.77
CA PHE D 4444 13.41 34.85 -52.87
C PHE D 4444 13.19 33.35 -53.03
N PHE D 4445 11.93 32.91 -53.17
CA PHE D 4445 11.53 31.51 -53.40
C PHE D 4445 11.19 31.31 -54.88
N ASN D 4446 10.32 32.17 -55.39
CA ASN D 4446 10.09 32.41 -56.82
C ASN D 4446 10.67 33.80 -57.11
N PRO D 4447 11.94 33.90 -57.57
CA PRO D 4447 12.46 35.15 -58.10
C PRO D 4447 11.74 35.51 -59.40
N GLN D 4448 11.26 34.50 -60.13
CA GLN D 4448 10.46 34.64 -61.38
C GLN D 4448 9.21 35.48 -61.11
N SER D 4449 8.53 35.23 -59.98
CA SER D 4449 7.26 35.92 -59.59
C SER D 4449 7.54 37.40 -59.28
N PHE D 4450 8.75 37.75 -58.81
CA PHE D 4450 9.15 39.16 -58.55
C PHE D 4450 9.39 39.90 -59.87
N LEU D 4451 9.82 39.20 -60.93
CA LEU D 4451 10.14 39.82 -62.24
C LEU D 4451 8.84 40.13 -63.00
N THR D 4452 7.77 39.36 -62.77
CA THR D 4452 6.40 39.66 -63.28
C THR D 4452 5.90 40.92 -62.60
N ALA D 4453 6.17 41.03 -61.29
CA ALA D 4453 5.75 42.16 -60.41
C ALA D 4453 6.29 43.49 -60.95
N ILE D 4454 7.57 43.55 -61.33
CA ILE D 4454 8.20 44.83 -61.78
C ILE D 4454 7.54 45.27 -63.09
N MET D 4455 7.14 44.32 -63.94
CA MET D 4455 6.45 44.61 -65.23
C MET D 4455 5.02 45.08 -64.93
N GLN D 4456 4.38 44.52 -63.91
CA GLN D 4456 3.01 44.93 -63.44
C GLN D 4456 3.02 46.42 -63.10
N VAL D 4457 4.03 46.89 -62.35
CA VAL D 4457 4.12 48.29 -61.85
C VAL D 4457 4.19 49.25 -63.05
N ILE D 4458 4.85 48.85 -64.13
CA ILE D 4458 5.05 49.70 -65.35
C ILE D 4458 3.79 49.67 -66.23
N SER D 4459 2.99 48.60 -66.16
CA SER D 4459 1.69 48.45 -66.87
C SER D 4459 0.60 49.32 -66.24
N ARG D 4460 0.76 49.73 -64.96
CA ARG D 4460 -0.14 50.71 -64.29
C ARG D 4460 0.20 52.11 -64.82
N ALA D 4461 1.50 52.46 -64.81
CA ALA D 4461 2.05 53.78 -65.19
C ALA D 4461 1.78 54.07 -66.67
N LYS D 4462 2.14 53.13 -67.55
CA LYS D 4462 2.03 53.27 -69.03
C LYS D 4462 0.84 52.44 -69.53
N ALA D 4463 0.02 53.01 -70.40
CA ALA D 4463 -1.25 52.44 -70.90
C ALA D 4463 -0.98 51.51 -72.10
N TYR D 4464 -0.36 50.34 -71.85
CA TYR D 4464 -0.21 49.23 -72.83
C TYR D 4464 -0.15 47.89 -72.09
N GLU D 4465 -0.27 46.80 -72.85
CA GLU D 4465 -0.50 45.41 -72.36
C GLU D 4465 0.73 44.93 -71.60
N LEU D 4466 0.51 44.21 -70.49
CA LEU D 4466 1.55 43.58 -69.64
C LEU D 4466 2.29 42.50 -70.45
N ASN D 4467 1.57 41.75 -71.27
CA ASN D 4467 2.11 40.68 -72.16
C ASN D 4467 3.30 41.21 -72.97
N LYS D 4468 3.13 42.34 -73.65
CA LYS D 4468 4.09 42.91 -74.64
C LYS D 4468 5.41 43.33 -73.99
N LEU D 4469 5.43 43.58 -72.68
CA LEU D 4469 6.67 43.90 -71.91
C LEU D 4469 7.53 42.63 -71.76
N TYR D 4470 8.83 42.78 -71.99
CA TYR D 4470 9.91 41.87 -71.51
C TYR D 4470 10.77 42.68 -70.53
N ILE D 4471 11.58 41.98 -69.74
CA ILE D 4471 12.46 42.60 -68.70
C ILE D 4471 13.85 42.82 -69.31
N GLN D 4472 14.35 44.06 -69.27
CA GLN D 4472 15.71 44.47 -69.72
C GLN D 4472 16.59 44.73 -68.48
N THR D 4473 17.85 44.28 -68.50
CA THR D 4473 18.78 44.30 -67.33
C THR D 4473 19.98 45.22 -67.61
N GLU D 4474 19.93 46.46 -67.12
CA GLU D 4474 21.05 47.43 -67.21
C GLU D 4474 21.95 47.25 -65.99
N ILE D 4475 23.23 46.91 -66.19
CA ILE D 4475 24.23 46.70 -65.11
C ILE D 4475 24.87 48.07 -64.79
N THR D 4476 24.80 48.48 -63.52
CA THR D 4476 25.12 49.84 -63.02
C THR D 4476 26.55 49.87 -62.46
N LYS D 4477 27.21 51.03 -62.52
CA LYS D 4477 28.58 51.26 -61.98
C LYS D 4477 28.50 51.55 -60.47
N ARG D 4478 27.31 51.87 -59.95
CA ARG D 4478 27.04 52.15 -58.52
C ARG D 4478 27.04 50.85 -57.71
N SER D 4479 27.39 50.93 -56.42
CA SER D 4479 27.33 49.82 -55.43
C SER D 4479 25.97 49.88 -54.70
N ILE D 4480 25.87 49.29 -53.49
CA ILE D 4480 24.66 49.35 -52.62
C ILE D 4480 24.68 50.65 -51.79
N GLU D 4481 25.76 51.45 -51.90
CA GLU D 4481 25.88 52.81 -51.33
C GLU D 4481 24.72 53.71 -51.80
N GLU D 4482 24.42 53.72 -53.10
CA GLU D 4482 23.40 54.57 -53.78
C GLU D 4482 22.05 54.54 -53.04
N ILE D 4483 21.33 55.68 -53.03
CA ILE D 4483 20.09 55.91 -52.22
C ILE D 4483 18.86 56.08 -53.11
N GLU D 4484 19.00 56.57 -54.36
CA GLU D 4484 17.88 56.87 -55.29
C GLU D 4484 17.06 55.59 -55.49
N GLY D 4485 15.98 55.43 -54.71
CA GLY D 4485 15.24 54.16 -54.54
C GLY D 4485 14.17 53.96 -55.60
N ALA D 4486 14.29 52.88 -56.37
CA ALA D 4486 13.30 52.39 -57.36
C ALA D 4486 12.87 53.52 -58.30
N ALA D 4487 13.82 54.08 -59.04
CA ALA D 4487 13.60 55.13 -60.07
C ALA D 4487 12.64 54.59 -61.13
N LYS D 4488 11.89 55.47 -61.78
CA LYS D 4488 10.79 55.14 -62.73
C LYS D 4488 11.31 54.11 -63.77
N GLU D 4489 10.54 53.04 -63.98
CA GLU D 4489 10.64 52.04 -65.09
C GLU D 4489 11.26 50.73 -64.59
N GLY D 4490 12.11 50.75 -63.56
CA GLY D 4490 12.80 49.55 -63.07
C GLY D 4490 12.83 49.45 -61.54
N ALA D 4491 13.11 48.24 -61.04
CA ALA D 4491 13.58 47.98 -59.67
C ALA D 4491 15.07 47.61 -59.73
N TYR D 4492 15.95 48.39 -59.08
CA TYR D 4492 17.37 48.03 -58.83
C TYR D 4492 17.41 46.65 -58.18
N VAL D 4493 18.46 45.87 -58.43
CA VAL D 4493 18.58 44.45 -57.96
C VAL D 4493 20.05 44.15 -57.63
N TYR D 4494 20.28 43.30 -56.62
CA TYR D 4494 21.62 42.77 -56.27
C TYR D 4494 21.52 41.25 -56.04
N GLY D 4495 22.66 40.56 -56.11
CA GLY D 4495 22.80 39.12 -55.83
C GLY D 4495 22.91 38.27 -57.10
N PHE D 4496 23.19 38.90 -58.25
CA PHE D 4496 23.54 38.19 -59.51
C PHE D 4496 25.05 37.92 -59.53
N ILE D 4497 25.44 36.67 -59.85
CA ILE D 4497 26.86 36.20 -59.81
C ILE D 4497 27.18 35.51 -61.13
N LEU D 4498 28.05 36.14 -61.94
CA LEU D 4498 28.39 35.68 -63.31
C LEU D 4498 29.51 34.64 -63.22
N GLU D 4499 29.22 33.39 -63.63
CA GLU D 4499 30.25 32.34 -63.84
C GLU D 4499 30.56 32.24 -65.34
N GLY D 4500 31.78 31.83 -65.68
CA GLY D 4500 32.20 31.54 -67.07
C GLY D 4500 32.91 32.72 -67.73
N ALA D 4501 32.75 33.91 -67.16
CA ALA D 4501 33.40 35.15 -67.66
C ALA D 4501 33.54 36.14 -66.49
N ARG D 4502 33.97 37.36 -66.82
CA ARG D 4502 34.29 38.41 -65.83
C ARG D 4502 33.69 39.72 -66.32
N TRP D 4503 32.73 40.27 -65.60
CA TRP D 4503 32.25 41.65 -65.86
C TRP D 4503 33.34 42.63 -65.40
N ASP D 4504 33.90 43.42 -66.32
CA ASP D 4504 34.70 44.62 -65.98
C ASP D 4504 33.75 45.69 -65.42
N TYR D 4505 34.18 46.46 -64.42
CA TYR D 4505 33.36 47.51 -63.75
C TYR D 4505 33.49 48.84 -64.51
N GLN D 4506 34.72 49.23 -64.84
CA GLN D 4506 35.06 50.56 -65.43
C GLN D 4506 34.57 50.62 -66.88
N LEU D 4507 34.94 49.63 -67.69
CA LEU D 4507 34.48 49.48 -69.11
C LEU D 4507 32.97 49.25 -69.13
N GLY D 4508 32.46 48.43 -68.22
CA GLY D 4508 31.03 48.10 -68.07
C GLY D 4508 30.60 46.97 -68.99
N GLN D 4509 31.52 46.07 -69.34
CA GLN D 4509 31.34 45.06 -70.42
C GLN D 4509 31.81 43.70 -69.93
N LEU D 4510 31.18 42.63 -70.41
CA LEU D 4510 31.65 41.23 -70.24
C LEU D 4510 33.04 41.10 -70.85
N GLU D 4511 34.00 40.51 -70.11
CA GLU D 4511 35.41 40.27 -70.52
C GLU D 4511 35.83 38.86 -70.07
N GLU D 4512 37.02 38.38 -70.47
CA GLU D 4512 37.50 37.00 -70.19
C GLU D 4512 37.81 36.83 -68.70
N SER D 4513 37.56 35.63 -68.16
CA SER D 4513 37.66 35.32 -66.72
C SER D 4513 39.13 35.39 -66.30
N LYS D 4514 39.40 35.98 -65.13
CA LYS D 4514 40.75 36.06 -64.51
C LYS D 4514 41.20 34.63 -64.24
N PRO D 4515 42.49 34.26 -64.41
CA PRO D 4515 42.92 32.86 -64.36
C PRO D 4515 42.41 32.02 -63.19
N LYS D 4516 42.45 32.53 -61.95
CA LYS D 4516 42.15 31.75 -60.72
C LYS D 4516 40.75 32.09 -60.21
N GLU D 4517 40.34 33.37 -60.26
CA GLU D 4517 38.99 33.85 -59.86
C GLU D 4517 37.92 33.21 -60.74
N MET D 4518 37.08 32.36 -60.16
CA MET D 4518 36.13 31.47 -60.89
C MET D 4518 34.78 32.16 -61.12
N PHE D 4519 34.32 33.00 -60.19
CA PHE D 4519 33.01 33.72 -60.22
C PHE D 4519 33.22 35.21 -59.99
N SER D 4520 32.73 36.05 -60.92
CA SER D 4520 32.76 37.54 -60.82
C SER D 4520 31.35 38.03 -60.47
N VAL D 4521 31.16 38.47 -59.23
CA VAL D 4521 29.88 38.99 -58.67
C VAL D 4521 29.52 40.29 -59.40
N LEU D 4522 28.31 40.36 -59.96
CA LEU D 4522 27.82 41.54 -60.73
C LEU D 4522 27.40 42.64 -59.77
N PRO D 4523 27.64 43.93 -60.12
CA PRO D 4523 27.18 45.05 -59.30
C PRO D 4523 25.68 45.30 -59.55
N VAL D 4524 25.11 46.37 -58.95
CA VAL D 4524 23.63 46.56 -58.86
C VAL D 4524 23.05 46.61 -60.27
N THR D 4525 21.95 45.88 -60.49
CA THR D 4525 21.30 45.64 -61.80
C THR D 4525 19.93 46.32 -61.84
N TYR D 4526 19.78 47.38 -62.62
CA TYR D 4526 18.55 48.21 -62.74
C TYR D 4526 17.59 47.51 -63.70
N CYS D 4527 17.01 46.38 -63.28
CA CYS D 4527 16.08 45.52 -64.07
C CYS D 4527 14.88 46.34 -64.57
N LYS D 4528 15.00 46.93 -65.76
CA LYS D 4528 13.93 47.75 -66.41
C LYS D 4528 12.87 46.80 -66.98
N ALA D 4529 11.64 47.30 -67.14
CA ALA D 4529 10.64 46.76 -68.09
C ALA D 4529 10.61 47.68 -69.30
N ILE D 4530 10.39 47.13 -70.50
CA ILE D 4530 10.37 47.88 -71.79
C ILE D 4530 9.64 47.00 -72.82
N PRO D 4531 8.90 47.56 -73.80
CA PRO D 4531 8.23 46.74 -74.81
C PRO D 4531 9.22 45.91 -75.65
N LEU D 4532 8.82 44.67 -76.01
CA LEU D 4532 9.57 43.77 -76.93
C LEU D 4532 9.84 44.48 -78.26
N PRO D 4533 10.87 44.07 -79.04
CA PRO D 4533 11.06 44.57 -80.39
C PRO D 4533 9.92 44.15 -81.33
N PRO D 4534 9.57 44.94 -82.36
CA PRO D 4534 8.50 44.57 -83.30
C PRO D 4534 8.72 43.21 -83.98
N GLU D 4535 9.91 42.99 -84.54
CA GLU D 4535 10.31 41.77 -85.30
C GLU D 4535 11.37 41.00 -84.50
N GLY D 4536 11.67 39.77 -84.92
CA GLY D 4536 12.77 38.94 -84.38
C GLY D 4536 14.12 39.52 -84.77
N LYS D 4537 14.79 40.21 -83.83
CA LYS D 4537 16.06 40.96 -84.05
C LYS D 4537 17.20 40.31 -83.25
N GLU D 4538 18.43 40.38 -83.78
CA GLU D 4538 19.67 39.84 -83.16
C GLU D 4538 20.67 40.98 -82.99
N ASP D 4539 21.10 41.26 -81.74
CA ASP D 4539 22.06 42.33 -81.37
C ASP D 4539 23.41 41.70 -80.99
N LYS D 4540 24.49 42.18 -81.61
CA LYS D 4540 25.88 41.67 -81.40
C LYS D 4540 26.41 42.20 -80.06
N SER D 4541 26.13 43.47 -79.75
CA SER D 4541 26.59 44.18 -78.52
C SER D 4541 26.19 43.39 -77.27
N LEU D 4542 24.89 43.05 -77.15
CA LEU D 4542 24.32 42.30 -76.01
C LEU D 4542 24.54 40.81 -76.22
N TYR D 4543 24.73 40.06 -75.12
CA TYR D 4543 24.77 38.58 -75.08
C TYR D 4543 23.69 38.07 -74.12
N GLN D 4544 22.86 37.13 -74.60
CA GLN D 4544 21.63 36.64 -73.92
C GLN D 4544 21.97 35.51 -72.93
N CYS D 4545 22.55 35.85 -71.77
CA CYS D 4545 23.00 34.89 -70.71
C CYS D 4545 21.82 34.47 -69.85
N PRO D 4546 21.54 33.16 -69.68
CA PRO D 4546 20.44 32.71 -68.84
C PRO D 4546 20.84 32.78 -67.36
N VAL D 4547 19.94 33.23 -66.47
CA VAL D 4547 20.18 33.18 -65.00
C VAL D 4547 19.51 31.91 -64.47
N TYR D 4548 20.16 31.26 -63.52
CA TYR D 4548 19.70 30.01 -62.86
C TYR D 4548 19.73 30.24 -61.34
N LYS D 4549 18.88 29.55 -60.59
CA LYS D 4549 18.76 29.75 -59.12
C LYS D 4549 20.00 29.22 -58.41
N THR D 4550 20.65 28.17 -58.95
CA THR D 4550 21.73 27.41 -58.29
C THR D 4550 22.88 27.15 -59.27
N GLU D 4551 24.04 26.76 -58.73
CA GLU D 4551 25.25 26.33 -59.50
C GLU D 4551 24.91 25.18 -60.45
N ASP D 4552 23.91 24.34 -60.11
CA ASP D 4552 23.51 23.12 -60.86
C ASP D 4552 23.00 23.48 -62.26
N ARG D 4553 22.22 24.56 -62.39
CA ARG D 4553 21.78 25.18 -63.67
C ARG D 4553 20.85 24.24 -64.47
N GLY D 4554 20.24 23.25 -63.82
CA GLY D 4554 19.42 22.21 -64.48
C GLY D 4554 17.95 22.37 -64.15
N ASN D 4555 17.18 23.01 -65.03
CA ASN D 4555 15.72 23.27 -64.88
C ASN D 4555 15.49 24.24 -63.71
N THR D 4556 16.46 25.13 -63.44
CA THR D 4556 16.34 26.25 -62.47
C THR D 4556 16.49 27.58 -63.23
N TYR D 4557 16.25 27.56 -64.55
CA TYR D 4557 16.20 28.76 -65.42
C TYR D 4557 15.10 29.69 -64.91
N VAL D 4558 15.46 30.90 -64.51
CA VAL D 4558 14.51 31.98 -64.09
C VAL D 4558 14.17 32.81 -65.33
N PHE D 4559 15.17 33.47 -65.92
CA PHE D 4559 14.99 34.38 -67.09
C PHE D 4559 16.33 34.68 -67.76
N THR D 4560 16.26 35.07 -69.03
CA THR D 4560 17.41 35.48 -69.86
C THR D 4560 17.66 36.97 -69.61
N ALA D 4561 18.89 37.34 -69.26
CA ALA D 4561 19.39 38.72 -69.11
C ALA D 4561 20.14 39.13 -70.37
N GLN D 4562 20.48 40.40 -70.51
CA GLN D 4562 21.23 40.97 -71.68
C GLN D 4562 22.33 41.88 -71.15
N LEU D 4563 23.61 41.56 -71.40
CA LEU D 4563 24.76 42.31 -70.86
C LEU D 4563 25.83 42.56 -71.92
N LYS D 4564 26.39 43.77 -71.94
CA LYS D 4564 27.25 44.36 -73.00
C LYS D 4564 28.49 43.49 -73.21
N THR D 4565 28.90 43.28 -74.46
CA THR D 4565 30.10 42.51 -74.87
C THR D 4565 30.72 43.11 -76.14
N ARG D 4566 31.99 43.53 -76.08
CA ARG D 4566 32.76 43.96 -77.27
C ARG D 4566 33.12 42.75 -78.13
N PHE D 4567 33.24 41.56 -77.54
CA PHE D 4567 33.49 40.27 -78.23
C PHE D 4567 32.22 39.83 -78.94
N PRO D 4568 32.30 38.90 -79.92
CA PRO D 4568 31.12 38.23 -80.46
C PRO D 4568 30.36 37.45 -79.38
N PRO D 4569 29.01 37.47 -79.36
CA PRO D 4569 28.23 36.62 -78.45
C PRO D 4569 28.54 35.11 -78.54
N ARG D 4570 28.77 34.58 -79.74
CA ARG D 4570 29.09 33.14 -79.97
C ARG D 4570 30.20 32.70 -79.01
N LYS D 4571 31.19 33.58 -78.78
CA LYS D 4571 32.33 33.34 -77.85
C LYS D 4571 31.79 32.90 -76.49
N TRP D 4572 30.79 33.62 -75.99
CA TRP D 4572 30.28 33.48 -74.61
C TRP D 4572 29.37 32.24 -74.50
N ILE D 4573 28.49 31.99 -75.47
CA ILE D 4573 27.60 30.79 -75.42
C ILE D 4573 28.47 29.53 -75.36
N LEU D 4574 29.62 29.53 -76.06
CA LEU D 4574 30.58 28.39 -76.07
C LEU D 4574 31.35 28.34 -74.73
N ALA D 4575 31.67 29.49 -74.14
CA ALA D 4575 32.35 29.57 -72.82
C ALA D 4575 31.38 29.25 -71.67
N GLY D 4576 30.12 28.88 -71.98
CA GLY D 4576 29.09 28.49 -70.99
C GLY D 4576 28.72 29.61 -70.04
N VAL D 4577 28.83 30.86 -70.49
CA VAL D 4577 28.64 32.06 -69.61
C VAL D 4577 27.18 32.08 -69.18
N ALA D 4578 26.95 32.26 -67.88
CA ALA D 4578 25.61 32.34 -67.25
C ALA D 4578 25.70 33.15 -65.96
N ILE D 4579 24.60 33.80 -65.57
CA ILE D 4579 24.44 34.38 -64.20
C ILE D 4579 23.92 33.25 -63.29
N ILE D 4580 24.19 33.37 -61.99
CA ILE D 4580 23.71 32.44 -60.92
C ILE D 4580 23.34 33.29 -59.69
N MET D 4581 22.41 32.81 -58.86
CA MET D 4581 21.93 33.49 -57.63
C MET D 4581 22.81 33.11 -56.44
N ASP D 4582 22.94 31.80 -56.18
CA ASP D 4582 23.68 31.22 -55.02
C ASP D 4582 24.94 30.52 -55.54
N VAL D 4583 26.12 30.92 -55.04
CA VAL D 4583 27.44 30.30 -55.36
C VAL D 4583 28.18 29.90 -54.08
N GLU D 4584 27.82 30.45 -52.91
CA GLU D 4584 28.62 30.47 -51.64
C GLU D 4584 29.82 31.45 -51.77
N GLY D 4585 29.77 32.36 -52.75
CA GLY D 4585 30.60 33.57 -52.88
C GLY D 4585 29.73 34.81 -52.72
N VAL D 4586 29.02 34.92 -51.59
CA VAL D 4586 28.11 36.04 -51.20
C VAL D 4586 28.59 36.61 -49.85
N SER D 4587 28.99 37.89 -49.83
CA SER D 4587 29.80 38.55 -48.78
C SER D 4587 29.08 38.52 -47.42
N ASP D 4588 29.87 38.58 -46.33
CA ASP D 4588 29.43 38.58 -44.91
C ASP D 4588 28.70 37.27 -44.60
N LYS E 1 -66.97 55.92 102.85
CA LYS E 1 -66.55 54.64 103.50
C LYS E 1 -65.24 54.16 102.86
N ALA E 2 -64.74 52.98 103.27
CA ALA E 2 -63.44 52.40 102.84
C ALA E 2 -62.30 53.31 103.31
N VAL E 3 -61.31 53.61 102.45
CA VAL E 3 -60.05 54.35 102.79
C VAL E 3 -60.37 55.73 103.41
N THR E 4 -61.42 56.41 102.94
CA THR E 4 -61.78 57.80 103.37
C THR E 4 -62.24 57.79 104.84
N ASP E 5 -63.13 56.85 105.20
CA ASP E 5 -63.63 56.64 106.58
C ASP E 5 -62.44 56.28 107.50
N MET E 6 -61.54 55.43 107.03
CA MET E 6 -60.36 54.93 107.79
C MET E 6 -59.43 56.10 108.13
N ASP E 7 -59.30 56.40 109.42
CA ASP E 7 -58.27 57.32 110.00
C ASP E 7 -57.19 56.48 110.68
N ILE E 8 -56.01 57.09 110.91
CA ILE E 8 -54.81 56.45 111.54
C ILE E 8 -55.20 55.74 112.84
N ASN E 9 -56.01 56.39 113.68
CA ASN E 9 -56.40 55.92 115.03
C ASN E 9 -57.42 54.79 114.90
N GLU E 10 -58.15 54.76 113.77
CA GLU E 10 -59.10 53.68 113.41
C GLU E 10 -58.33 52.51 112.78
N LEU E 11 -57.39 52.80 111.88
CA LEU E 11 -56.57 51.79 111.15
C LEU E 11 -55.77 50.94 112.15
N ARG E 12 -55.07 51.58 113.08
CA ARG E 12 -54.26 50.92 114.14
C ARG E 12 -55.18 50.06 115.03
N LYS E 13 -56.33 50.61 115.43
CA LYS E 13 -57.32 49.93 116.32
C LYS E 13 -57.99 48.76 115.58
N LEU E 14 -58.41 48.99 114.33
CA LEU E 14 -59.08 47.99 113.46
C LEU E 14 -58.26 46.69 113.44
N MET E 15 -56.94 46.81 113.28
CA MET E 15 -56.05 45.66 112.96
C MET E 15 -54.69 45.82 113.67
N ILE E 16 -54.37 44.87 114.56
CA ILE E 16 -53.10 44.76 115.34
C ILE E 16 -52.26 43.58 114.84
N GLY E 17 -52.91 42.50 114.38
CA GLY E 17 -52.25 41.25 113.91
C GLY E 17 -51.90 41.26 112.43
N LYS E 18 -51.83 42.45 111.79
CA LYS E 18 -51.29 42.61 110.41
C LYS E 18 -49.77 42.41 110.44
N ALA E 19 -49.18 42.16 109.27
CA ALA E 19 -47.73 41.96 109.08
C ALA E 19 -47.30 42.65 107.79
N ILE E 20 -46.16 43.37 107.82
CA ILE E 20 -45.64 44.16 106.67
C ILE E 20 -44.10 44.10 106.67
N ILE E 21 -43.52 43.69 105.53
CA ILE E 21 -42.05 43.52 105.31
C ILE E 21 -41.57 44.69 104.43
N ASN E 22 -40.49 45.36 104.85
CA ASN E 22 -39.82 46.46 104.09
C ASN E 22 -38.67 45.87 103.29
N SER E 23 -37.53 45.59 103.95
CA SER E 23 -36.32 44.96 103.34
C SER E 23 -36.33 43.46 103.66
N SER E 24 -35.46 42.70 102.98
CA SER E 24 -35.36 41.22 103.09
C SER E 24 -34.11 40.71 102.35
N ASP E 25 -32.93 40.95 102.92
CA ASP E 25 -31.62 40.51 102.37
C ASP E 25 -31.46 38.99 102.59
N MET E 26 -32.12 38.43 103.62
CA MET E 26 -32.03 37.00 104.00
C MET E 26 -32.82 36.15 102.98
N GLN E 27 -32.53 34.85 102.93
CA GLN E 27 -33.11 33.87 101.96
C GLN E 27 -34.60 33.64 102.29
N GLY E 28 -35.39 33.27 101.28
CA GLY E 28 -36.86 33.12 101.35
C GLY E 28 -37.33 32.21 102.46
N ASP E 29 -36.67 31.06 102.65
CA ASP E 29 -37.10 29.98 103.57
C ASP E 29 -36.80 30.35 105.02
N LEU E 30 -35.69 31.05 105.28
CA LEU E 30 -35.19 31.38 106.65
C LEU E 30 -36.03 32.52 107.27
N LEU E 31 -36.66 33.35 106.42
CA LEU E 31 -37.58 34.45 106.83
C LEU E 31 -38.83 33.86 107.47
N GLN E 32 -39.46 32.89 106.79
CA GLN E 32 -40.68 32.15 107.21
C GLN E 32 -40.52 31.61 108.64
N GLU E 33 -39.32 31.12 108.98
CA GLU E 33 -38.97 30.59 110.34
C GLU E 33 -38.98 31.73 111.35
N ALA E 34 -38.21 32.80 111.09
CA ALA E 34 -37.97 33.94 112.01
C ALA E 34 -39.26 34.74 112.23
N GLN E 35 -39.96 35.10 111.14
CA GLN E 35 -41.20 35.92 111.14
C GLN E 35 -42.22 35.36 112.15
N ASP E 36 -42.42 34.03 112.14
CA ASP E 36 -43.38 33.32 113.03
C ASP E 36 -42.94 33.43 114.49
N VAL E 37 -41.63 33.37 114.76
CA VAL E 37 -41.02 33.34 116.12
C VAL E 37 -41.10 34.73 116.76
N ILE E 38 -40.79 35.79 116.01
CA ILE E 38 -40.75 37.20 116.52
C ILE E 38 -42.17 37.68 116.82
N GLN E 39 -43.14 37.38 115.94
CA GLN E 39 -44.57 37.79 116.08
C GLN E 39 -45.16 37.15 117.34
N SER E 40 -45.04 35.82 117.46
CA SER E 40 -45.47 35.02 118.64
C SER E 40 -44.69 35.44 119.89
N GLY E 41 -43.41 35.80 119.72
CA GLY E 41 -42.50 36.19 120.81
C GLY E 41 -42.91 37.51 121.46
N ILE E 42 -43.13 38.55 120.66
CA ILE E 42 -43.43 39.93 121.14
C ILE E 42 -44.81 39.94 121.83
N GLU E 43 -45.82 39.34 121.20
CA GLU E 43 -47.23 39.32 121.68
C GLU E 43 -47.31 38.65 123.06
N ASN E 44 -46.52 37.58 123.28
CA ASN E 44 -46.40 36.86 124.58
C ASN E 44 -45.97 37.85 125.67
N ASN E 45 -44.78 38.45 125.52
CA ASN E 45 -44.15 39.38 126.51
C ASN E 45 -44.41 40.84 126.11
N SER E 46 -45.55 41.11 125.44
CA SER E 46 -46.12 42.48 125.28
C SER E 46 -46.62 42.96 126.65
N ALA E 47 -47.17 42.04 127.46
CA ALA E 47 -47.56 42.26 128.87
C ALA E 47 -48.68 43.31 128.93
N PRO E 48 -49.01 43.91 130.10
CA PRO E 48 -49.93 45.05 130.14
C PRO E 48 -49.47 46.22 129.27
N VAL E 49 -48.20 46.65 129.44
CA VAL E 49 -47.52 47.71 128.65
C VAL E 49 -46.26 47.11 128.01
N LEU E 50 -45.96 47.48 126.76
CA LEU E 50 -44.95 46.82 125.89
C LEU E 50 -43.53 47.08 126.43
N ASN E 51 -42.98 46.09 127.13
CA ASN E 51 -41.56 46.04 127.61
C ASN E 51 -40.66 45.73 126.42
N ILE E 52 -40.01 46.76 125.87
CA ILE E 52 -39.14 46.69 124.66
C ILE E 52 -37.86 45.89 124.98
N GLU E 53 -37.36 45.97 126.22
CA GLU E 53 -36.26 45.12 126.74
C GLU E 53 -36.71 43.64 126.73
N ALA E 54 -37.89 43.36 127.33
CA ALA E 54 -38.45 42.01 127.52
C ALA E 54 -38.61 41.31 126.16
N ALA E 55 -39.18 42.02 125.17
CA ALA E 55 -39.36 41.55 123.78
C ALA E 55 -38.02 41.02 123.24
N CYS E 56 -36.95 41.81 123.38
CA CYS E 56 -35.63 41.54 122.75
C CYS E 56 -34.73 40.66 123.64
N LYS E 57 -35.15 40.34 124.87
CA LYS E 57 -34.54 39.24 125.67
C LYS E 57 -34.95 37.90 125.05
N TYR E 58 -36.24 37.75 124.75
CA TYR E 58 -36.87 36.53 124.18
C TYR E 58 -36.34 36.25 122.77
N ILE E 59 -36.32 37.28 121.91
CA ILE E 59 -35.93 37.17 120.47
C ILE E 59 -34.44 36.83 120.37
N LYS E 60 -33.60 37.47 121.18
CA LYS E 60 -32.14 37.23 121.25
C LYS E 60 -31.86 35.75 121.51
N GLU E 61 -32.39 35.20 122.62
CA GLU E 61 -32.14 33.81 123.10
C GLU E 61 -32.68 32.81 122.08
N ASN E 62 -33.91 33.02 121.58
CA ASN E 62 -34.58 32.15 120.57
C ASN E 62 -33.68 32.01 119.33
N LEU E 63 -33.20 33.14 118.79
CA LEU E 63 -32.44 33.20 117.51
C LEU E 63 -30.97 32.81 117.71
N ASP E 64 -30.50 32.69 118.95
CA ASP E 64 -29.15 32.12 119.28
C ASP E 64 -29.20 30.61 119.15
N LYS E 65 -30.22 29.98 119.76
CA LYS E 65 -30.44 28.50 119.78
C LYS E 65 -30.84 28.00 118.38
N LYS E 66 -31.65 28.76 117.65
CA LYS E 66 -32.30 28.36 116.37
C LYS E 66 -31.27 28.26 115.25
N PHE E 67 -30.36 29.23 115.14
CA PHE E 67 -29.40 29.38 114.02
C PHE E 67 -27.96 29.43 114.57
N GLY E 68 -27.45 30.62 114.92
CA GLY E 68 -26.01 30.85 115.19
C GLY E 68 -25.79 31.56 116.53
N PRO E 69 -24.53 31.58 117.04
CA PRO E 69 -24.24 32.06 118.40
C PRO E 69 -24.34 33.57 118.60
N THR E 70 -23.87 34.36 117.63
CA THR E 70 -23.78 35.85 117.70
C THR E 70 -24.86 36.47 116.79
N TRP E 71 -26.12 36.38 117.22
CA TRP E 71 -27.32 36.95 116.55
C TRP E 71 -27.81 38.18 117.32
N GLN E 72 -27.89 39.35 116.66
CA GLN E 72 -28.23 40.66 117.30
C GLN E 72 -29.54 41.19 116.71
N CYS E 73 -30.51 41.52 117.57
CA CYS E 73 -31.90 41.95 117.23
C CYS E 73 -32.32 43.16 118.07
N ILE E 74 -32.73 44.24 117.41
CA ILE E 74 -33.16 45.53 118.05
C ILE E 74 -34.52 45.94 117.48
N ILE E 75 -35.42 46.43 118.35
CA ILE E 75 -36.78 46.92 117.98
C ILE E 75 -36.96 48.33 118.57
N GLY E 76 -37.80 49.15 117.93
CA GLY E 76 -38.02 50.55 118.36
C GLY E 76 -39.16 51.24 117.63
N GLU E 77 -39.57 52.40 118.16
CA GLU E 77 -40.58 53.30 117.53
C GLU E 77 -39.94 53.89 116.27
N GLY E 78 -38.76 54.50 116.40
CA GLY E 78 -38.03 55.16 115.29
C GLY E 78 -36.56 55.32 115.61
N TYR E 79 -35.70 55.15 114.59
CA TYR E 79 -34.22 55.15 114.74
C TYR E 79 -33.54 55.13 113.36
N ALA E 80 -32.26 55.50 113.36
CA ALA E 80 -31.32 55.41 112.22
C ALA E 80 -30.15 54.51 112.61
N TYR E 81 -29.69 53.66 111.68
CA TYR E 81 -28.58 52.69 111.89
C TYR E 81 -27.82 52.47 110.59
N ASP E 82 -26.52 52.21 110.70
CA ASP E 82 -25.69 51.50 109.69
C ASP E 82 -24.98 50.34 110.40
N VAL E 83 -25.14 49.13 109.86
CA VAL E 83 -24.82 47.84 110.53
C VAL E 83 -24.17 46.89 109.52
N THR E 84 -22.86 46.63 109.66
CA THR E 84 -22.10 45.64 108.84
C THR E 84 -22.57 44.23 109.21
N VAL E 85 -23.08 43.46 108.23
CA VAL E 85 -23.61 42.08 108.43
C VAL E 85 -23.04 41.15 107.36
N GLN E 86 -23.02 39.84 107.65
CA GLN E 86 -22.67 38.75 106.71
C GLN E 86 -23.76 38.63 105.64
N ASN E 87 -23.48 37.94 104.53
CA ASN E 87 -24.41 37.83 103.37
C ASN E 87 -25.56 36.88 103.72
N ASN E 88 -26.81 37.32 103.48
CA ASN E 88 -28.06 36.56 103.70
C ASN E 88 -28.20 36.22 105.19
N THR E 89 -28.10 37.24 106.06
CA THR E 89 -28.12 37.11 107.54
C THR E 89 -29.01 38.17 108.20
N LEU E 90 -29.81 38.93 107.42
CA LEU E 90 -30.48 40.19 107.85
C LEU E 90 -31.93 40.22 107.35
N LEU E 91 -32.88 40.48 108.26
CA LEU E 91 -34.31 40.77 107.97
C LEU E 91 -34.71 42.06 108.70
N PHE E 92 -35.37 42.98 107.99
CA PHE E 92 -35.97 44.22 108.54
C PHE E 92 -37.48 44.22 108.22
N MET E 93 -38.30 43.90 109.23
CA MET E 93 -39.79 43.90 109.16
C MET E 93 -40.33 44.68 110.36
N PHE E 94 -41.18 45.69 110.12
CA PHE E 94 -41.87 46.48 111.18
C PHE E 94 -43.28 45.92 111.39
N TYR E 95 -43.68 45.80 112.65
CA TYR E 95 -45.04 45.40 113.11
C TYR E 95 -45.97 46.61 112.97
N ASN E 96 -47.29 46.39 113.01
CA ASN E 96 -48.32 47.44 112.77
C ASN E 96 -48.13 48.61 113.74
N GLY E 97 -48.50 49.82 113.32
CA GLY E 97 -48.45 51.04 114.15
C GLY E 97 -47.03 51.57 114.27
N ASN E 98 -46.48 51.58 115.49
CA ASN E 98 -45.21 52.26 115.85
C ASN E 98 -44.23 51.25 116.45
N LEU E 99 -43.84 50.24 115.65
CA LEU E 99 -42.90 49.16 116.06
C LEU E 99 -42.03 48.76 114.86
N ALA E 100 -40.74 49.06 114.91
CA ALA E 100 -39.74 48.77 113.86
C ALA E 100 -38.75 47.70 114.35
N VAL E 101 -38.79 46.51 113.74
CA VAL E 101 -37.97 45.32 114.15
C VAL E 101 -36.86 45.10 113.10
N LEU E 102 -35.61 45.31 113.53
CA LEU E 102 -34.38 44.94 112.79
C LEU E 102 -33.76 43.71 113.47
N ILE E 103 -33.59 42.61 112.73
CA ILE E 103 -32.88 41.38 113.21
C ILE E 103 -31.78 41.04 112.21
N PHE E 104 -30.57 40.71 112.69
CA PHE E 104 -29.43 40.29 111.83
C PHE E 104 -28.51 39.33 112.60
N LYS E 105 -27.57 38.71 111.87
CA LYS E 105 -26.56 37.74 112.38
C LYS E 105 -25.17 38.28 112.03
N SER E 106 -24.40 38.65 113.05
CA SER E 106 -23.05 39.28 112.93
C SER E 106 -21.97 38.20 112.80
N SER F 1 -21.60 78.24 122.56
CA SER F 1 -22.17 77.84 123.89
C SER F 1 -23.07 76.59 123.78
N HIS F 2 -23.42 76.15 122.57
CA HIS F 2 -24.31 74.97 122.30
C HIS F 2 -23.69 73.67 122.84
N LEU F 3 -22.36 73.58 122.88
CA LEU F 3 -21.62 72.39 123.40
C LEU F 3 -21.82 72.24 124.90
N ASP F 4 -21.98 73.37 125.62
CA ASP F 4 -22.27 73.42 127.09
C ASP F 4 -23.75 73.07 127.33
N LYS F 5 -24.64 73.38 126.37
CA LYS F 5 -26.12 73.19 126.50
C LYS F 5 -26.46 71.69 126.35
N VAL F 6 -26.02 71.06 125.25
CA VAL F 6 -26.33 69.64 124.93
C VAL F 6 -25.98 68.76 126.14
N GLN F 7 -24.77 68.93 126.70
CA GLN F 7 -24.25 68.24 127.92
C GLN F 7 -24.55 66.73 127.83
N PRO F 8 -23.84 65.96 126.96
CA PRO F 8 -24.24 64.59 126.66
C PRO F 8 -24.14 63.69 127.90
N VAL F 9 -25.20 62.90 128.16
CA VAL F 9 -25.34 62.06 129.38
C VAL F 9 -25.19 60.58 128.97
N ILE F 10 -24.53 59.81 129.84
CA ILE F 10 -24.05 58.41 129.59
C ILE F 10 -24.71 57.49 130.61
N LYS F 11 -25.85 56.88 130.27
CA LYS F 11 -26.60 55.95 131.19
C LYS F 11 -25.73 54.72 131.45
N ASN F 12 -25.33 54.01 130.40
CA ASN F 12 -24.60 52.71 130.48
C ASN F 12 -23.34 52.80 129.62
N SER F 13 -22.17 52.65 130.24
CA SER F 13 -20.82 52.76 129.61
C SER F 13 -19.90 51.66 130.13
N ASP F 14 -19.93 50.49 129.48
CA ASP F 14 -19.08 49.31 129.79
C ASP F 14 -17.76 49.48 129.04
N MET F 15 -17.00 50.53 129.39
CA MET F 15 -15.77 50.96 128.68
C MET F 15 -14.90 51.80 129.63
N SER F 16 -13.60 51.87 129.36
CA SER F 16 -12.58 52.62 130.16
C SER F 16 -12.87 54.13 130.08
N VAL F 17 -12.57 54.85 131.16
CA VAL F 17 -12.92 56.29 131.38
C VAL F 17 -12.28 57.15 130.27
N GLU F 18 -11.08 56.78 129.81
CA GLU F 18 -10.33 57.50 128.75
C GLU F 18 -11.06 57.38 127.41
N MET F 19 -11.46 56.15 127.02
CA MET F 19 -12.17 55.88 125.73
C MET F 19 -13.57 56.49 125.78
N GLN F 20 -14.21 56.53 126.95
CA GLN F 20 -15.53 57.16 127.19
C GLN F 20 -15.46 58.66 126.86
N LYS F 21 -14.47 59.37 127.41
CA LYS F 21 -14.27 60.84 127.24
C LYS F 21 -14.15 61.20 125.76
N GLU F 22 -13.48 60.35 124.97
CA GLU F 22 -13.32 60.49 123.49
C GLU F 22 -14.69 60.45 122.81
N VAL F 23 -15.59 59.57 123.28
CA VAL F 23 -16.94 59.35 122.66
C VAL F 23 -17.78 60.61 122.82
N GLU F 24 -17.72 61.26 123.99
CA GLU F 24 -18.48 62.50 124.32
C GLU F 24 -18.21 63.57 123.25
N GLU F 25 -16.93 63.84 122.97
CA GLU F 25 -16.48 64.86 121.97
C GLU F 25 -16.99 64.47 120.58
N VAL F 26 -16.73 63.23 120.15
CA VAL F 26 -17.16 62.67 118.83
C VAL F 26 -18.68 62.77 118.72
N ALA F 27 -19.41 62.42 119.80
CA ALA F 27 -20.89 62.45 119.86
C ALA F 27 -21.40 63.87 119.63
N LYS F 28 -20.80 64.86 120.32
CA LYS F 28 -21.12 66.30 120.16
C LYS F 28 -20.75 66.76 118.74
N LYS F 29 -19.53 66.43 118.29
CA LYS F 29 -18.98 66.83 116.96
C LYS F 29 -19.85 66.25 115.84
N ALA F 30 -20.36 65.03 116.01
CA ALA F 30 -21.21 64.31 115.03
C ALA F 30 -22.50 65.10 114.77
N ILE F 31 -23.19 65.54 115.84
CA ILE F 31 -24.56 66.14 115.78
C ILE F 31 -24.46 67.53 115.12
N ASP F 32 -23.50 68.36 115.53
CA ASP F 32 -23.35 69.76 115.03
C ASP F 32 -22.80 69.75 113.60
N TYR F 33 -22.16 68.65 113.16
CA TYR F 33 -21.63 68.47 111.77
C TYR F 33 -22.75 67.96 110.85
N CYS F 34 -23.63 67.09 111.36
CA CYS F 34 -24.62 66.31 110.56
C CYS F 34 -25.95 67.06 110.44
N ASN F 35 -26.64 66.87 109.30
CA ASN F 35 -27.91 67.53 108.92
C ASN F 35 -29.12 66.64 109.24
N THR F 36 -28.94 65.31 109.31
CA THR F 36 -30.01 64.32 109.62
C THR F 36 -29.44 63.18 110.47
N ASP F 37 -30.35 62.38 111.06
CA ASP F 37 -30.04 61.28 112.02
C ASP F 37 -29.26 60.14 111.33
N LYS F 38 -29.63 59.80 110.09
CA LYS F 38 -28.97 58.74 109.26
C LYS F 38 -27.48 59.06 109.11
N GLU F 39 -27.13 60.35 108.97
CA GLU F 39 -25.73 60.83 108.80
C GLU F 39 -24.97 60.68 110.13
N ILE F 40 -25.64 60.82 111.28
CA ILE F 40 -25.01 60.74 112.64
C ILE F 40 -24.43 59.33 112.82
N ALA F 41 -25.26 58.30 112.61
CA ALA F 41 -24.89 56.87 112.71
C ALA F 41 -23.65 56.59 111.85
N THR F 42 -23.64 57.09 110.60
CA THR F 42 -22.57 56.85 109.60
C THR F 42 -21.26 57.48 110.07
N PHE F 43 -21.30 58.72 110.59
CA PHE F 43 -20.10 59.49 111.03
C PHE F 43 -19.45 58.82 112.23
N ILE F 44 -20.24 58.30 113.18
CA ILE F 44 -19.73 57.70 114.46
C ILE F 44 -18.94 56.42 114.11
N LYS F 45 -19.61 55.44 113.49
CA LYS F 45 -19.00 54.15 113.05
C LYS F 45 -17.66 54.43 112.36
N ASP F 46 -17.68 55.20 111.26
CA ASP F 46 -16.52 55.49 110.38
C ASP F 46 -15.36 56.10 111.20
N ASP F 47 -15.66 56.95 112.17
CA ASP F 47 -14.64 57.64 113.01
C ASP F 47 -14.00 56.64 113.98
N PHE F 48 -14.79 55.74 114.59
CA PHE F 48 -14.31 54.72 115.55
C PHE F 48 -13.55 53.61 114.81
N ARG F 49 -14.09 53.11 113.69
CA ARG F 49 -13.47 52.07 112.82
C ARG F 49 -12.03 52.47 112.47
N SER F 50 -11.79 53.76 112.19
CA SER F 50 -10.46 54.34 111.88
C SER F 50 -9.56 54.31 113.13
N ARG F 51 -10.07 54.77 114.28
CA ARG F 51 -9.34 54.85 115.57
C ARG F 51 -9.03 53.44 116.08
N TYR F 52 -10.08 52.65 116.31
CA TYR F 52 -10.03 51.23 116.76
C TYR F 52 -10.66 50.36 115.66
N HIS F 53 -9.96 49.31 115.22
CA HIS F 53 -10.32 48.53 114.01
C HIS F 53 -11.37 47.48 114.38
N GLY F 54 -11.97 46.82 113.39
CA GLY F 54 -12.93 45.71 113.58
C GLY F 54 -14.29 46.01 112.95
N THR F 55 -15.36 45.46 113.53
CA THR F 55 -16.74 45.44 112.99
C THR F 55 -17.69 46.13 113.98
N TRP F 56 -17.79 47.47 113.92
CA TRP F 56 -18.74 48.29 114.73
C TRP F 56 -20.15 48.19 114.11
N HIS F 57 -21.18 48.36 114.95
CA HIS F 57 -22.60 48.57 114.54
C HIS F 57 -23.19 49.72 115.37
N CYS F 58 -23.52 50.84 114.73
CA CYS F 58 -24.00 52.08 115.40
C CYS F 58 -25.50 52.28 115.11
N ILE F 59 -26.29 52.59 116.16
CA ILE F 59 -27.75 52.87 116.09
C ILE F 59 -28.04 54.12 116.92
N VAL F 60 -28.86 55.04 116.40
CA VAL F 60 -29.25 56.32 117.06
C VAL F 60 -30.68 56.69 116.64
N GLY F 61 -31.48 57.23 117.57
CA GLY F 61 -32.89 57.58 117.32
C GLY F 61 -33.59 58.20 118.52
N ARG F 62 -34.92 58.35 118.41
CA ARG F 62 -35.81 58.94 119.45
C ARG F 62 -36.15 57.86 120.48
N ASN F 63 -36.83 56.80 120.02
CA ASN F 63 -37.40 55.71 120.86
C ASN F 63 -37.04 54.35 120.25
N PHE F 64 -36.16 53.59 120.90
CA PHE F 64 -35.81 52.19 120.55
C PHE F 64 -35.32 51.43 121.78
N GLY F 65 -35.07 50.12 121.61
CA GLY F 65 -34.43 49.25 122.62
C GLY F 65 -33.54 48.20 121.99
N SER F 66 -32.59 47.67 122.77
CA SER F 66 -31.33 47.09 122.25
C SER F 66 -30.81 45.94 123.12
N PHE F 67 -31.09 44.68 122.74
CA PHE F 67 -30.39 43.46 123.22
C PHE F 67 -29.41 42.99 122.13
N VAL F 68 -28.13 42.87 122.47
CA VAL F 68 -27.00 42.75 121.50
C VAL F 68 -25.89 41.91 122.10
N THR F 69 -25.11 41.22 121.25
CA THR F 69 -23.87 40.48 121.61
C THR F 69 -22.66 41.26 121.10
N PHE F 70 -21.78 41.69 122.01
CA PHE F 70 -20.68 42.68 121.76
C PHE F 70 -19.35 42.17 122.33
N GLU F 71 -18.24 42.65 121.78
CA GLU F 71 -16.87 42.46 122.35
C GLU F 71 -16.83 43.13 123.73
N ARG F 72 -16.67 42.34 124.80
CA ARG F 72 -16.67 42.84 126.21
C ARG F 72 -15.67 44.00 126.33
N SER F 73 -16.10 45.09 126.96
CA SER F 73 -15.38 46.39 127.07
C SER F 73 -15.32 47.09 125.71
N TYR F 74 -16.37 46.93 124.89
CA TYR F 74 -16.64 47.74 123.66
C TYR F 74 -18.15 47.89 123.46
N TYR F 75 -18.79 48.63 124.38
CA TYR F 75 -20.24 48.96 124.37
C TYR F 75 -20.48 50.21 125.22
N ILE F 76 -21.02 51.26 124.61
CA ILE F 76 -21.45 52.52 125.31
C ILE F 76 -22.85 52.88 124.81
N TYR F 77 -23.68 53.43 125.70
CA TYR F 77 -25.08 53.86 125.44
C TYR F 77 -25.29 55.23 126.08
N LEU F 78 -25.11 56.29 125.28
CA LEU F 78 -25.26 57.69 125.72
C LEU F 78 -26.44 58.31 124.95
N TYR F 79 -27.27 59.08 125.67
CA TYR F 79 -28.41 59.87 125.12
C TYR F 79 -28.07 61.35 125.29
N VAL F 80 -28.33 62.16 124.26
CA VAL F 80 -28.05 63.62 124.24
C VAL F 80 -29.29 64.33 123.64
N GLY F 81 -29.97 65.11 124.46
CA GLY F 81 -31.27 65.74 124.12
C GLY F 81 -32.37 64.70 124.01
N GLN F 82 -32.54 64.11 122.82
CA GLN F 82 -33.46 62.96 122.55
C GLN F 82 -32.80 61.96 121.59
N LEU F 83 -31.46 61.96 121.48
CA LEU F 83 -30.69 61.08 120.56
C LEU F 83 -29.81 60.14 121.39
N ALA F 84 -30.03 58.82 121.30
CA ALA F 84 -29.24 57.77 121.97
C ALA F 84 -28.23 57.17 121.00
N ILE F 85 -26.99 57.68 121.03
CA ILE F 85 -25.83 57.09 120.28
C ILE F 85 -25.48 55.76 120.96
N LEU F 86 -25.78 54.64 120.30
CA LEU F 86 -25.45 53.26 120.73
C LEU F 86 -24.50 52.63 119.70
N LEU F 87 -23.23 52.44 120.08
CA LEU F 87 -22.16 51.78 119.25
C LEU F 87 -21.64 50.55 119.99
N PHE F 88 -21.38 49.47 119.26
CA PHE F 88 -20.88 48.18 119.81
C PHE F 88 -20.14 47.40 118.71
N LYS F 89 -18.94 46.91 119.05
CA LYS F 89 -18.07 46.09 118.17
C LYS F 89 -18.37 44.61 118.44
N THR F 90 -18.34 43.78 117.40
CA THR F 90 -18.59 42.30 117.48
C THR F 90 -17.48 41.54 116.73
N GLY F 91 -17.24 40.29 117.14
CA GLY F 91 -16.27 39.37 116.51
C GLY F 91 -16.97 38.26 115.74
N MET G 1 -49.32 79.14 78.75
CA MET G 1 -50.16 79.89 79.74
C MET G 1 -49.39 81.12 80.23
N SER G 2 -50.12 82.21 80.51
CA SER G 2 -49.57 83.49 81.02
C SER G 2 -49.27 83.37 82.51
N GLU G 3 -51.03 80.84 83.36
CA GLU G 3 -51.29 81.69 84.57
C GLU G 3 -50.12 81.58 85.57
N VAL G 4 -49.48 80.40 85.65
CA VAL G 4 -48.34 80.11 86.56
C VAL G 4 -47.16 81.04 86.22
N GLU G 5 -46.77 81.09 84.94
CA GLU G 5 -45.54 81.79 84.46
C GLU G 5 -45.66 83.31 84.65
N ASP G 6 -46.88 83.85 84.81
CA ASP G 6 -47.13 85.31 85.07
C ASP G 6 -47.05 85.58 86.56
N THR G 7 -47.77 84.81 87.39
CA THR G 7 -47.78 84.93 88.87
C THR G 7 -46.35 84.84 89.39
N LEU G 8 -45.56 83.90 88.87
CA LEU G 8 -44.11 83.72 89.20
C LEU G 8 -43.31 84.96 88.79
N ASN G 9 -43.64 85.57 87.63
CA ASN G 9 -43.03 86.83 87.15
C ASN G 9 -43.47 87.99 88.06
N ARG G 10 -44.72 87.97 88.54
CA ARG G 10 -45.34 89.04 89.37
C ARG G 10 -44.68 89.10 90.75
N ILE G 11 -44.47 87.95 91.41
CA ILE G 11 -43.89 87.86 92.78
C ILE G 11 -42.40 88.26 92.75
N LYS G 12 -41.71 88.05 91.62
CA LYS G 12 -40.29 88.46 91.41
C LYS G 12 -40.23 89.99 91.31
N THR G 13 -41.04 90.59 90.44
CA THR G 13 -41.14 92.06 90.21
C THR G 13 -41.56 92.77 91.51
N HIS G 14 -42.39 92.11 92.33
CA HIS G 14 -42.87 92.61 93.65
C HIS G 14 -41.66 93.09 94.48
N LYS G 15 -41.80 94.27 95.10
CA LYS G 15 -40.73 94.96 95.88
C LYS G 15 -40.42 94.16 97.15
N THR G 16 -39.17 94.21 97.61
CA THR G 16 -38.62 93.51 98.81
C THR G 16 -38.80 91.99 98.64
N VAL G 17 -38.31 91.44 97.53
CA VAL G 17 -38.20 89.97 97.28
C VAL G 17 -36.87 89.73 96.55
N LEU G 18 -35.98 88.94 97.16
CA LEU G 18 -34.60 88.73 96.63
C LEU G 18 -34.66 87.85 95.38
N GLY G 19 -35.46 86.78 95.39
CA GLY G 19 -35.68 85.90 94.22
C GLY G 19 -36.51 84.68 94.55
N TYR G 20 -37.25 84.17 93.55
CA TYR G 20 -38.04 82.92 93.63
C TYR G 20 -37.27 81.82 92.88
N LEU G 21 -37.13 80.64 93.51
CA LEU G 21 -36.37 79.49 92.96
C LEU G 21 -37.22 78.23 93.04
N ILE G 22 -37.50 77.60 91.90
CA ILE G 22 -38.22 76.29 91.80
C ILE G 22 -37.20 75.17 91.97
N VAL G 23 -37.41 74.29 92.95
CA VAL G 23 -36.59 73.07 93.18
C VAL G 23 -37.37 71.86 92.66
N ASN G 24 -36.71 70.99 91.90
CA ASN G 24 -37.24 69.67 91.45
C ASN G 24 -37.16 68.71 92.63
N SER G 25 -38.09 67.74 92.69
CA SER G 25 -38.21 66.70 93.75
C SER G 25 -36.86 65.99 94.01
N GLU G 26 -35.99 65.93 92.99
CA GLU G 26 -34.63 65.33 93.05
C GLU G 26 -33.56 66.40 93.29
N GLY G 27 -33.88 67.44 94.07
CA GLY G 27 -32.93 68.52 94.48
C GLY G 27 -32.25 69.20 93.30
N GLY G 28 -33.02 69.52 92.26
CA GLY G 28 -32.53 70.17 91.02
C GLY G 28 -33.19 71.51 90.78
N VAL G 29 -32.51 72.40 90.04
CA VAL G 29 -32.97 73.80 89.76
C VAL G 29 -33.69 73.81 88.40
N VAL G 30 -35.00 74.10 88.41
CA VAL G 30 -35.84 74.25 87.20
C VAL G 30 -35.78 75.72 86.75
N ARG G 31 -36.07 76.65 87.67
CA ARG G 31 -35.91 78.12 87.50
C ARG G 31 -35.27 78.70 88.77
N GLY G 32 -34.26 79.57 88.61
CA GLY G 32 -33.51 80.22 89.71
C GLY G 32 -33.20 81.68 89.40
N ALA G 33 -33.87 82.62 90.08
CA ALA G 33 -33.94 84.05 89.72
C ALA G 33 -33.37 84.92 90.85
N PHE G 34 -32.19 84.59 91.37
CA PHE G 34 -31.43 85.38 92.38
C PHE G 34 -30.34 86.20 91.66
N LYS G 35 -29.71 87.13 92.40
CA LYS G 35 -28.67 88.05 91.89
C LYS G 35 -27.35 87.28 91.72
N ASP G 36 -26.74 86.83 92.82
CA ASP G 36 -25.47 86.07 92.84
C ASP G 36 -25.78 84.57 92.76
N GLU G 37 -24.95 83.82 92.01
CA GLU G 37 -25.17 82.38 91.70
C GLU G 37 -24.84 81.51 92.91
N GLU G 38 -23.85 81.89 93.73
CA GLU G 38 -23.43 81.16 94.96
C GLU G 38 -24.66 80.95 95.87
N GLU G 39 -25.43 82.01 96.12
CA GLU G 39 -26.68 81.99 96.93
C GLU G 39 -27.69 81.00 96.31
N SER G 40 -27.88 81.07 94.98
CA SER G 40 -28.86 80.23 94.22
C SER G 40 -28.45 78.76 94.26
N LYS G 41 -27.16 78.47 94.06
CA LYS G 41 -26.57 77.10 94.17
C LYS G 41 -26.71 76.59 95.60
N ASN G 42 -26.41 77.45 96.59
CA ASN G 42 -26.48 77.14 98.05
C ASN G 42 -27.94 76.83 98.44
N ILE G 43 -28.89 77.66 97.98
CA ILE G 43 -30.35 77.50 98.24
C ILE G 43 -30.86 76.23 97.56
N ALA G 44 -30.36 75.91 96.37
CA ALA G 44 -30.76 74.73 95.56
C ALA G 44 -30.43 73.42 96.29
N ASN G 45 -29.33 73.39 97.05
CA ASN G 45 -28.80 72.17 97.75
C ASN G 45 -29.37 72.10 99.18
N SER G 46 -29.34 73.21 99.92
CA SER G 46 -29.50 73.25 101.40
C SER G 46 -30.99 73.20 101.81
N ILE G 47 -31.82 74.07 101.23
CA ILE G 47 -33.24 74.32 101.68
C ILE G 47 -34.13 73.10 101.42
N PRO G 48 -34.10 72.41 100.25
CA PRO G 48 -34.97 71.25 100.04
C PRO G 48 -34.73 70.08 101.00
N LEU G 49 -33.55 70.01 101.65
CA LEU G 49 -33.22 69.03 102.71
C LEU G 49 -33.93 69.44 104.02
N LEU G 50 -33.95 70.74 104.33
CA LEU G 50 -34.68 71.31 105.51
C LEU G 50 -36.18 71.01 105.38
N THR G 51 -36.74 71.10 104.18
CA THR G 51 -38.20 70.93 103.90
C THR G 51 -38.58 69.45 104.03
N LYS G 52 -37.70 68.55 103.58
CA LYS G 52 -37.87 67.07 103.72
C LYS G 52 -37.74 66.68 105.20
N LYS G 53 -36.77 67.27 105.91
CA LYS G 53 -36.55 67.09 107.37
C LYS G 53 -37.75 67.67 108.15
N ALA G 54 -38.27 68.83 107.72
CA ALA G 54 -39.43 69.53 108.33
C ALA G 54 -40.74 68.81 107.96
N ARG G 55 -40.77 68.08 106.84
CA ARG G 55 -41.93 67.24 106.43
C ARG G 55 -42.04 66.04 107.39
N SER G 56 -40.91 65.42 107.73
CA SER G 56 -40.85 64.25 108.67
C SER G 56 -41.28 64.66 110.08
N VAL G 57 -41.11 65.94 110.46
CA VAL G 57 -41.52 66.49 111.79
C VAL G 57 -43.05 66.48 111.88
N VAL G 58 -43.73 67.14 110.95
CA VAL G 58 -45.23 67.23 110.91
C VAL G 58 -45.83 65.83 110.71
N ARG G 59 -45.12 64.95 109.97
CA ARG G 59 -45.59 63.59 109.59
C ARG G 59 -45.61 62.66 110.81
N ASP G 60 -44.57 62.68 111.65
CA ASP G 60 -44.44 61.83 112.86
C ASP G 60 -45.63 62.05 113.79
N LEU G 61 -46.02 63.31 114.02
CA LEU G 61 -47.10 63.71 114.97
C LEU G 61 -48.46 63.20 114.45
N ASP G 62 -48.65 63.17 113.12
CA ASP G 62 -49.91 62.76 112.45
C ASP G 62 -49.60 62.34 111.01
N PRO G 63 -49.44 61.03 110.71
CA PRO G 63 -49.03 60.57 109.37
C PRO G 63 -50.10 60.66 108.26
N THR G 64 -51.31 61.14 108.57
CA THR G 64 -52.31 61.59 107.55
C THR G 64 -51.93 62.99 107.04
N ASN G 65 -51.60 63.88 107.99
CA ASN G 65 -51.40 65.34 107.78
C ASN G 65 -50.02 65.60 107.15
N ASP G 66 -49.98 66.10 105.91
CA ASP G 66 -48.76 66.37 105.12
C ASP G 66 -48.49 67.88 105.10
N LEU G 67 -47.23 68.30 104.86
CA LEU G 67 -46.82 69.72 104.74
C LEU G 67 -47.48 70.34 103.51
N VAL G 68 -48.15 71.49 103.69
CA VAL G 68 -48.79 72.30 102.62
C VAL G 68 -47.93 73.56 102.37
N PHE G 69 -47.31 74.12 103.41
CA PHE G 69 -46.55 75.40 103.35
C PHE G 69 -45.66 75.55 104.60
N LEU G 70 -44.37 75.81 104.39
CA LEU G 70 -43.36 76.04 105.47
C LEU G 70 -42.82 77.47 105.33
N ARG G 71 -42.83 78.23 106.44
CA ARG G 71 -42.22 79.59 106.54
C ARG G 71 -41.27 79.60 107.75
N ILE G 72 -39.97 79.72 107.49
CA ILE G 72 -38.93 80.08 108.50
C ILE G 72 -38.84 81.61 108.52
N GLN G 73 -38.38 82.20 109.62
CA GLN G 73 -38.13 83.66 109.77
C GLN G 73 -36.79 83.88 110.47
N THR G 74 -35.81 84.41 109.75
CA THR G 74 -34.44 84.70 110.26
C THR G 74 -34.39 86.15 110.75
N LYS G 75 -33.23 86.56 111.27
CA LYS G 75 -33.00 87.92 111.87
C LYS G 75 -33.24 88.97 110.79
N LEU G 76 -32.51 88.89 109.67
CA LEU G 76 -32.55 89.87 108.56
C LEU G 76 -33.62 89.47 107.53
N ASN G 77 -33.66 88.19 107.16
CA ASN G 77 -34.46 87.65 106.02
C ASN G 77 -35.66 86.84 106.54
N GLU G 78 -36.63 86.57 105.67
CA GLU G 78 -37.61 85.46 105.80
C GLU G 78 -37.35 84.46 104.66
N ILE G 79 -37.66 83.18 104.91
CA ILE G 79 -37.53 82.07 103.92
C ILE G 79 -38.86 81.31 103.88
N MET G 80 -39.56 81.36 102.75
CA MET G 80 -40.91 80.78 102.58
C MET G 80 -40.87 79.74 101.45
N VAL G 81 -41.39 78.55 101.72
CA VAL G 81 -41.34 77.36 100.83
C VAL G 81 -42.74 76.76 100.73
N ALA G 82 -43.23 76.51 99.51
CA ALA G 82 -44.52 75.84 99.22
C ALA G 82 -44.23 74.50 98.55
N PRO G 83 -44.08 73.40 99.33
CA PRO G 83 -43.66 72.13 98.76
C PRO G 83 -44.84 71.37 98.12
N ASP G 84 -44.58 70.72 96.99
CA ASP G 84 -45.49 69.75 96.32
C ASP G 84 -44.66 68.53 95.91
N ASP G 85 -45.33 67.45 95.50
CA ASP G 85 -44.68 66.14 95.18
C ASP G 85 -43.83 66.27 93.90
N GLU G 86 -44.35 66.95 92.87
CA GLU G 86 -43.64 67.16 91.57
C GLU G 86 -42.54 68.21 91.76
N PHE G 87 -42.88 69.40 92.24
CA PHE G 87 -41.97 70.56 92.42
C PHE G 87 -42.17 71.23 93.77
N SER G 88 -41.16 71.99 94.21
CA SER G 88 -41.17 72.87 95.41
C SER G 88 -40.81 74.30 94.99
N LEU G 89 -41.63 75.28 95.37
CA LEU G 89 -41.38 76.74 95.17
C LEU G 89 -40.73 77.30 96.44
N ILE G 90 -39.63 78.03 96.29
CA ILE G 90 -38.89 78.70 97.41
C ILE G 90 -38.77 80.19 97.08
N VAL G 91 -38.88 81.05 98.10
CA VAL G 91 -38.71 82.54 98.02
C VAL G 91 -37.87 82.99 99.22
N ILE G 92 -37.18 84.13 99.08
CA ILE G 92 -36.52 84.87 100.19
C ILE G 92 -37.03 86.32 100.17
N GLN G 93 -37.82 86.70 101.17
CA GLN G 93 -38.39 88.06 101.35
C GLN G 93 -37.72 88.71 102.57
N THR G 94 -37.14 89.89 102.40
CA THR G 94 -36.59 90.71 103.52
C THR G 94 -37.76 91.29 104.33
N LYS G 95 -37.67 91.22 105.66
CA LYS G 95 -38.71 91.66 106.63
C LYS G 95 -38.77 93.20 106.62
N GLY G 96 -39.98 93.77 106.61
CA GLY G 96 -40.23 95.22 106.52
C GLY G 96 -39.87 95.94 107.82
N ASN H 1 -47.91 83.07 138.68
CA ASN H 1 -47.70 84.08 137.60
C ASN H 1 -47.32 83.36 136.29
N ALA H 2 -46.36 82.43 136.35
CA ALA H 2 -45.79 81.68 135.20
C ALA H 2 -46.78 80.63 134.66
N ASP H 3 -47.83 80.29 135.43
CA ASP H 3 -48.95 79.41 134.99
C ASP H 3 -49.97 80.22 134.17
N ASP H 4 -50.23 81.47 134.56
CA ASP H 4 -51.28 82.35 133.96
C ASP H 4 -51.07 82.50 132.46
N GLN H 5 -49.82 82.46 131.97
CA GLN H 5 -49.49 82.60 130.52
C GLN H 5 -50.01 81.38 129.76
N LEU H 6 -49.84 80.18 130.31
CA LEU H 6 -50.40 78.92 129.74
C LEU H 6 -51.93 79.06 129.61
N LYS H 7 -52.58 79.64 130.63
CA LYS H 7 -54.04 79.95 130.64
C LYS H 7 -54.35 81.05 129.60
N GLN H 8 -53.47 82.04 129.46
CA GLN H 8 -53.57 83.15 128.46
C GLN H 8 -53.41 82.63 127.03
N LEU H 9 -52.70 81.52 126.82
CA LEU H 9 -52.36 81.00 125.47
C LEU H 9 -53.52 80.16 124.90
N SER H 10 -54.18 79.36 125.75
CA SER H 10 -55.42 78.61 125.39
C SER H 10 -56.56 79.60 125.09
N ALA H 11 -56.55 80.77 125.73
CA ALA H 11 -57.56 81.85 125.58
C ALA H 11 -57.49 82.48 124.19
N LEU H 12 -56.30 82.52 123.55
CA LEU H 12 -56.12 83.04 122.17
C LEU H 12 -56.87 82.14 121.19
N GLU H 13 -57.61 82.74 120.26
CA GLU H 13 -58.56 82.06 119.34
C GLU H 13 -57.78 81.15 118.39
N GLY H 14 -58.12 79.86 118.36
CA GLY H 14 -57.48 78.83 117.50
C GLY H 14 -56.60 77.88 118.29
N ALA H 15 -55.97 78.36 119.37
CA ALA H 15 -54.94 77.62 120.14
C ALA H 15 -55.52 76.32 120.69
N ASN H 16 -55.07 75.19 120.14
CA ASN H 16 -55.21 73.84 120.75
C ASN H 16 -54.19 73.73 121.88
N GLY H 17 -52.92 73.44 121.56
CA GLY H 17 -51.88 73.04 122.53
C GLY H 17 -50.67 73.95 122.52
N TYR H 18 -49.77 73.72 123.47
CA TYR H 18 -48.41 74.29 123.56
C TYR H 18 -47.51 73.22 124.20
N VAL H 19 -46.20 73.24 123.89
CA VAL H 19 -45.16 72.41 124.58
C VAL H 19 -43.87 73.23 124.63
N ILE H 20 -43.32 73.45 125.83
CA ILE H 20 -42.03 74.15 126.06
C ILE H 20 -40.94 73.10 126.27
N PHE H 21 -39.71 73.39 125.79
CA PHE H 21 -38.50 72.53 125.91
C PHE H 21 -37.38 73.34 126.57
N ASN H 22 -36.55 72.67 127.37
CA ASN H 22 -35.24 73.17 127.88
C ASN H 22 -34.24 73.15 126.72
N GLU H 23 -33.02 73.65 126.94
CA GLU H 23 -31.88 73.42 126.01
C GLU H 23 -31.67 71.91 125.84
N SER H 24 -31.86 71.15 126.94
CA SER H 24 -31.75 69.67 126.98
C SER H 24 -32.71 69.08 125.94
N GLY H 25 -34.02 69.10 126.23
CA GLY H 25 -35.04 68.36 125.46
C GLY H 25 -36.24 67.98 126.30
N ILE H 26 -36.08 67.89 127.63
CA ILE H 26 -37.20 67.70 128.61
C ILE H 26 -38.29 68.72 128.31
N PRO H 27 -39.58 68.32 128.35
CA PRO H 27 -40.68 69.30 128.30
C PRO H 27 -40.94 69.91 129.68
N LEU H 28 -40.96 71.25 129.78
CA LEU H 28 -41.14 72.00 131.05
C LEU H 28 -42.63 71.98 131.42
N LYS H 29 -43.50 72.46 130.52
CA LYS H 29 -44.98 72.51 130.71
C LYS H 29 -45.68 72.30 129.37
N ARG H 30 -46.74 71.51 129.36
CA ARG H 30 -47.59 71.25 128.16
C ARG H 30 -49.07 71.51 128.53
N HIS H 31 -49.94 71.53 127.53
CA HIS H 31 -51.41 71.61 127.70
C HIS H 31 -51.91 70.21 128.10
N GLU H 32 -53.13 70.13 128.67
CA GLU H 32 -53.78 68.85 129.06
C GLU H 32 -54.45 68.20 127.84
N LYS H 33 -54.85 69.01 126.85
CA LYS H 33 -55.55 68.56 125.61
C LYS H 33 -54.57 67.78 124.72
N SER H 34 -53.40 68.36 124.41
CA SER H 34 -52.25 67.63 123.80
C SER H 34 -51.71 66.66 124.86
N ILE H 35 -51.27 65.47 124.44
CA ILE H 35 -50.88 64.36 125.38
C ILE H 35 -49.70 64.83 126.24
N SER H 36 -49.69 64.42 127.50
CA SER H 36 -48.74 64.86 128.55
C SER H 36 -47.60 63.84 128.69
N HIS H 37 -46.36 64.29 128.48
CA HIS H 37 -45.09 63.54 128.69
C HIS H 37 -44.85 62.53 127.55
N GLU H 38 -45.85 61.74 127.17
CA GLU H 38 -45.75 60.73 126.06
C GLU H 38 -45.45 61.45 124.73
N LYS H 39 -46.34 62.34 124.29
CA LYS H 39 -46.17 63.15 123.06
C LYS H 39 -45.12 64.24 123.29
N ALA H 40 -45.05 64.80 124.51
CA ALA H 40 -44.14 65.90 124.89
C ALA H 40 -42.67 65.49 124.75
N VAL H 41 -42.35 64.22 125.03
CA VAL H 41 -40.99 63.62 124.79
C VAL H 41 -40.81 63.43 123.29
N HIS H 42 -41.85 62.97 122.57
CA HIS H 42 -41.84 62.71 121.12
C HIS H 42 -41.64 64.01 120.34
N ILE H 43 -42.45 65.02 120.67
CA ILE H 43 -42.53 66.32 119.94
C ILE H 43 -41.27 67.17 120.21
N ALA H 44 -40.53 66.87 121.27
CA ALA H 44 -39.25 67.52 121.63
C ALA H 44 -38.13 67.04 120.70
N ALA H 45 -38.05 65.72 120.46
CA ALA H 45 -37.00 65.06 119.66
C ALA H 45 -37.01 65.63 118.23
N LEU H 46 -38.19 65.91 117.68
CA LEU H 46 -38.37 66.35 116.27
C LEU H 46 -37.95 67.82 116.15
N VAL H 47 -38.53 68.68 116.99
CA VAL H 47 -38.35 70.17 116.91
C VAL H 47 -36.93 70.55 117.31
N SER H 48 -36.33 69.90 118.32
CA SER H 48 -34.94 70.14 118.79
C SER H 48 -33.96 69.81 117.67
N ASP H 49 -34.23 68.73 116.91
CA ASP H 49 -33.46 68.34 115.70
C ASP H 49 -33.74 69.37 114.59
N LEU H 50 -35.02 69.59 114.25
CA LEU H 50 -35.47 70.55 113.20
C LEU H 50 -34.86 71.94 113.45
N TRP H 51 -34.86 72.41 114.69
CA TRP H 51 -34.26 73.71 115.09
C TRP H 51 -32.75 73.67 114.87
N ASN H 52 -32.03 72.82 115.61
CA ASN H 52 -30.54 72.73 115.59
C ASN H 52 -30.03 72.53 114.16
N VAL H 53 -30.75 71.75 113.35
CA VAL H 53 -30.44 71.52 111.90
C VAL H 53 -30.55 72.85 111.15
N SER H 54 -31.70 73.54 111.27
CA SER H 54 -31.99 74.82 110.57
C SER H 54 -31.09 75.94 111.10
N LYS H 55 -30.94 76.06 112.42
CA LYS H 55 -29.99 76.98 113.11
C LYS H 55 -28.62 76.86 112.45
N LYS H 56 -28.13 75.62 112.34
CA LYS H 56 -26.82 75.26 111.73
C LYS H 56 -26.82 75.71 110.26
N VAL H 57 -27.79 75.24 109.48
CA VAL H 57 -27.79 75.34 107.98
C VAL H 57 -27.73 76.81 107.55
N ILE H 58 -28.49 77.70 108.19
CA ILE H 58 -28.59 79.14 107.82
C ILE H 58 -27.23 79.84 108.06
N GLN H 59 -26.44 79.40 109.05
CA GLN H 59 -25.12 80.01 109.41
C GLN H 59 -23.99 79.48 108.52
N ARG H 60 -24.22 78.39 107.77
CA ARG H 60 -23.16 77.65 107.02
C ARG H 60 -23.57 77.47 105.55
N ASP H 61 -24.64 76.72 105.29
CA ASP H 61 -25.02 76.22 103.95
C ASP H 61 -25.66 77.34 103.11
N LEU H 62 -26.18 78.40 103.73
CA LEU H 62 -26.65 79.65 103.05
C LEU H 62 -25.49 80.66 102.92
N LYS H 63 -24.39 80.44 103.66
CA LYS H 63 -23.15 81.27 103.65
C LYS H 63 -23.50 82.70 104.07
N THR H 64 -24.41 82.85 105.05
CA THR H 64 -24.81 84.13 105.69
C THR H 64 -24.30 84.14 107.13
N PRO H 65 -23.12 84.74 107.41
CA PRO H 65 -22.60 84.84 108.77
C PRO H 65 -23.46 85.75 109.66
N GLU H 66 -23.80 85.30 110.87
CA GLU H 66 -24.56 86.06 111.89
C GLU H 66 -25.98 86.31 111.37
N ASN H 67 -26.81 85.27 111.35
CA ASN H 67 -28.24 85.34 110.93
C ASN H 67 -28.97 84.13 111.55
N ASP H 68 -29.30 84.22 112.84
CA ASP H 68 -29.94 83.14 113.63
C ASP H 68 -31.45 83.15 113.36
N ILE H 69 -32.07 81.97 113.26
CA ILE H 69 -33.54 81.83 113.02
C ILE H 69 -34.28 82.24 114.29
N GLU H 70 -35.41 82.93 114.13
CA GLU H 70 -36.23 83.51 115.23
C GLU H 70 -37.53 82.71 115.35
N VAL H 71 -38.21 82.41 114.24
CA VAL H 71 -39.51 81.69 114.21
C VAL H 71 -39.50 80.63 113.11
N ILE H 72 -40.33 79.59 113.23
CA ILE H 72 -40.62 78.56 112.20
C ILE H 72 -42.12 78.24 112.23
N ARG H 73 -42.82 78.35 111.09
CA ARG H 73 -44.31 78.20 111.00
C ARG H 73 -44.67 77.08 110.02
N LEU H 74 -44.73 75.83 110.49
CA LEU H 74 -45.12 74.65 109.67
C LEU H 74 -46.63 74.64 109.50
N ARG H 75 -47.13 75.07 108.33
CA ARG H 75 -48.57 75.00 107.97
C ARG H 75 -48.83 73.73 107.15
N THR H 76 -49.98 73.10 107.36
CA THR H 76 -50.23 71.68 107.03
C THR H 76 -51.61 71.51 106.39
N LYS H 77 -51.97 70.25 106.11
CA LYS H 77 -53.35 69.82 105.73
C LYS H 77 -54.27 70.03 106.94
N HIS H 78 -55.58 69.93 106.75
CA HIS H 78 -56.63 70.23 107.77
C HIS H 78 -56.61 71.75 108.07
N SER H 79 -56.14 72.17 109.25
CA SER H 79 -55.80 73.59 109.53
C SER H 79 -54.71 73.73 110.60
N TYR H 80 -53.95 72.67 110.93
CA TYR H 80 -52.84 72.71 111.93
C TYR H 80 -51.84 73.80 111.53
N GLU H 81 -51.12 74.35 112.51
CA GLU H 81 -50.09 75.40 112.28
C GLU H 81 -49.10 75.37 113.46
N TYR H 82 -47.92 74.77 113.24
CA TYR H 82 -46.88 74.51 114.26
C TYR H 82 -45.87 75.67 114.29
N ILE H 83 -46.02 76.58 115.25
CA ILE H 83 -45.17 77.80 115.43
C ILE H 83 -44.06 77.47 116.44
N ILE H 84 -42.79 77.60 116.04
CA ILE H 84 -41.58 77.38 116.90
C ILE H 84 -40.83 78.70 117.07
N THR H 85 -40.73 79.22 118.30
CA THR H 85 -39.94 80.42 118.66
C THR H 85 -38.80 79.99 119.58
N GLN H 86 -37.98 80.95 120.04
CA GLN H 86 -36.90 80.73 121.04
C GLN H 86 -36.64 82.02 121.81
N SER H 87 -36.97 82.03 123.11
CA SER H 87 -36.57 83.08 124.08
C SER H 87 -35.47 82.50 124.98
N GLY H 88 -34.26 83.07 124.91
CA GLY H 88 -33.08 82.59 125.64
C GLY H 88 -32.78 81.14 125.32
N ASP H 89 -32.57 80.31 126.35
CA ASP H 89 -32.20 78.88 126.22
C ASP H 89 -33.44 78.07 125.79
N PHE H 90 -34.60 78.37 126.37
CA PHE H 90 -35.85 77.57 126.22
C PHE H 90 -36.48 77.88 124.86
N THR H 91 -37.30 76.95 124.36
CA THR H 91 -38.03 77.02 123.05
C THR H 91 -39.46 76.56 123.31
N MET H 92 -40.36 76.62 122.32
CA MET H 92 -41.74 76.04 122.46
C MET H 92 -42.43 75.88 121.11
N LEU H 93 -43.46 75.02 121.08
CA LEU H 93 -44.25 74.64 119.88
C LEU H 93 -45.76 74.76 120.17
N ALA H 94 -46.34 75.93 119.86
CA ALA H 94 -47.80 76.17 119.88
C ALA H 94 -48.44 75.48 118.67
N ILE H 95 -49.72 75.13 118.78
CA ILE H 95 -50.55 74.53 117.69
C ILE H 95 -51.87 75.32 117.63
N GLN H 96 -52.11 76.07 116.55
CA GLN H 96 -53.40 76.79 116.32
C GLN H 96 -54.17 76.09 115.20
N LEU H 97 -55.45 76.45 115.07
CA LEU H 97 -56.36 76.03 113.97
C LEU H 97 -56.79 77.29 113.21
N CYS H 98 -57.69 77.13 112.24
CA CYS H 98 -58.33 78.24 111.46
C CYS H 98 -59.86 78.20 111.68
N GLY H 99 -60.55 79.25 111.24
CA GLY H 99 -62.01 79.42 111.37
C GLY H 99 -62.77 78.13 111.10
N LYS H 100 -62.45 77.45 110.00
CA LYS H 100 -63.09 76.18 109.54
C LYS H 100 -62.91 75.10 110.61
N ALA H 101 -61.68 74.89 111.09
CA ALA H 101 -61.31 73.84 112.08
C ALA H 101 -61.76 74.24 113.49
N ILE H 102 -61.67 75.53 113.85
CA ILE H 102 -62.20 76.09 115.13
C ILE H 102 -63.70 75.78 115.20
N GLU H 103 -64.43 76.12 114.13
CA GLU H 103 -65.90 75.87 113.99
C GLU H 103 -66.18 74.36 114.12
N GLU H 104 -65.36 73.51 113.47
CA GLU H 104 -65.46 72.02 113.56
C GLU H 104 -65.25 71.57 115.01
N ALA H 105 -64.26 72.14 115.71
CA ALA H 105 -63.90 71.80 117.11
C ALA H 105 -65.01 72.22 118.07
N LYS H 106 -65.64 73.38 117.83
CA LYS H 106 -66.79 73.91 118.63
C LYS H 106 -68.02 73.03 118.42
N LYS H 107 -68.27 72.57 117.18
CA LYS H 107 -69.39 71.64 116.83
C LYS H 107 -69.17 70.28 117.50
N ALA H 108 -67.93 69.78 117.53
CA ALA H 108 -67.53 68.52 118.18
C ALA H 108 -67.75 68.61 119.70
N ALA H 109 -67.41 69.75 120.30
CA ALA H 109 -67.65 70.08 121.73
C ALA H 109 -69.16 70.13 122.00
N ALA H 110 -69.94 70.66 121.05
CA ALA H 110 -71.43 70.71 121.08
C ALA H 110 -72.00 69.37 120.61
N THR I 1 25.67 31.85 161.01
CA THR I 1 25.49 31.82 159.52
C THR I 1 24.54 30.67 159.16
N ASP I 2 23.24 30.96 159.11
CA ASP I 2 22.16 29.97 158.82
C ASP I 2 22.35 29.44 157.40
N LYS I 3 22.33 30.34 156.42
CA LYS I 3 22.66 30.03 155.00
C LYS I 3 24.17 30.17 154.81
N GLU I 4 24.67 29.72 153.65
CA GLU I 4 26.10 29.60 153.27
C GLU I 4 26.34 28.19 152.71
N TYR I 5 27.36 28.04 151.87
CA TYR I 5 27.79 26.76 151.24
C TYR I 5 28.98 26.21 152.02
N ILE I 6 29.02 24.88 152.19
CA ILE I 6 30.07 24.14 152.97
C ILE I 6 30.49 22.91 152.15
N SER I 7 31.80 22.65 152.05
CA SER I 7 32.42 21.51 151.31
C SER I 7 31.95 20.18 151.89
N GLU I 8 32.06 20.04 153.22
CA GLU I 8 31.80 18.80 153.99
C GLU I 8 30.35 18.34 153.79
N GLU I 9 29.39 19.24 153.97
CA GLU I 9 27.93 18.95 153.93
C GLU I 9 27.54 18.31 152.59
N VAL I 10 28.01 18.88 151.48
CA VAL I 10 27.72 18.37 150.10
C VAL I 10 28.27 16.95 149.98
N GLN I 11 29.56 16.76 150.30
CA GLN I 11 30.24 15.43 150.25
C GLN I 11 29.40 14.40 151.03
N LYS I 12 28.97 14.77 152.24
CA LYS I 12 28.13 13.91 153.12
C LYS I 12 26.84 13.51 152.40
N ALA I 13 26.20 14.45 151.71
CA ALA I 13 24.93 14.26 150.96
C ALA I 13 25.13 13.19 149.87
N ILE I 14 26.23 13.29 149.12
CA ILE I 14 26.53 12.37 147.97
C ILE I 14 26.85 10.98 148.53
N ASP I 15 27.65 10.90 149.60
CA ASP I 15 27.99 9.62 150.30
C ASP I 15 26.70 8.87 150.64
N ASP I 16 25.74 9.56 151.27
CA ASP I 16 24.43 9.00 151.70
C ASP I 16 23.69 8.42 150.50
N SER I 17 23.69 9.13 149.36
CA SER I 17 23.00 8.74 148.10
C SER I 17 23.65 7.48 147.51
N VAL I 18 24.97 7.50 147.37
CA VAL I 18 25.79 6.35 146.86
C VAL I 18 25.59 5.14 147.79
N LYS I 19 25.47 5.40 149.11
CA LYS I 19 25.17 4.35 150.13
C LYS I 19 23.72 3.88 149.96
N GLN I 20 22.77 4.82 149.80
CA GLN I 20 21.31 4.55 149.69
C GLN I 20 21.02 3.64 148.48
N VAL I 21 21.81 3.74 147.41
CA VAL I 21 21.60 2.95 146.15
C VAL I 21 22.19 1.54 146.32
N PHE I 22 23.39 1.40 146.91
CA PHE I 22 24.07 0.08 147.04
C PHE I 22 25.36 0.17 147.89
N GLY I 23 25.28 0.70 149.11
CA GLY I 23 26.44 0.79 150.01
C GLY I 23 26.05 0.67 151.47
N ILE I 24 26.03 -0.57 151.99
CA ILE I 24 25.92 -0.86 153.45
C ILE I 24 27.19 -0.34 154.15
N LYS I 25 28.32 -0.29 153.42
CA LYS I 25 29.65 0.19 153.89
C LYS I 25 30.18 -0.80 154.94
N ASP I 26 30.77 -0.31 156.04
CA ASP I 26 31.20 -1.10 157.23
C ASP I 26 32.57 -1.75 156.99
N ASP I 27 33.25 -1.42 155.89
CA ASP I 27 34.64 -1.87 155.56
C ASP I 27 34.65 -3.39 155.29
N SER I 28 33.91 -3.83 154.27
CA SER I 28 33.86 -5.23 153.74
C SER I 28 32.83 -5.28 152.60
N SER I 29 33.20 -5.85 151.45
CA SER I 29 32.34 -5.93 150.24
C SER I 29 31.18 -6.89 150.50
N GLN I 30 30.24 -6.48 151.36
CA GLN I 30 29.05 -7.28 151.81
C GLN I 30 28.12 -7.52 150.61
N VAL I 31 28.09 -6.59 149.66
CA VAL I 31 27.33 -6.69 148.38
C VAL I 31 28.31 -6.63 147.20
N THR I 32 27.86 -7.11 146.04
CA THR I 32 28.57 -7.05 144.73
C THR I 32 27.50 -7.02 143.62
N ILE I 33 27.35 -5.88 142.95
CA ILE I 33 26.35 -5.66 141.86
C ILE I 33 27.09 -5.16 140.62
N THR I 34 27.52 -6.10 139.76
CA THR I 34 28.25 -5.83 138.48
C THR I 34 27.33 -5.09 137.51
N TYR I 35 27.91 -4.26 136.64
CA TYR I 35 27.19 -3.24 135.83
C TYR I 35 26.53 -3.87 134.61
N ASN I 36 25.21 -4.12 134.69
CA ASN I 36 24.35 -4.54 133.55
C ASN I 36 24.07 -3.32 132.67
N LYS I 37 23.69 -3.54 131.41
CA LYS I 37 23.23 -2.46 130.48
C LYS I 37 21.81 -2.05 130.86
N ASP I 38 21.04 -2.96 131.46
CA ASP I 38 19.64 -2.73 131.88
C ASP I 38 19.63 -1.89 133.17
N LYS I 39 20.46 -2.27 134.15
CA LYS I 39 20.46 -1.68 135.52
C LYS I 39 21.09 -0.28 135.52
N VAL I 40 22.07 -0.02 134.65
CA VAL I 40 22.78 1.29 134.50
C VAL I 40 21.73 2.40 134.32
N ASN I 41 20.82 2.24 133.35
CA ASN I 41 19.78 3.22 132.99
C ASN I 41 18.91 3.53 134.22
N LEU I 42 18.59 2.52 135.03
CA LEU I 42 17.77 2.66 136.26
C LEU I 42 18.57 3.37 137.35
N TRP I 43 19.81 2.92 137.59
CA TRP I 43 20.70 3.42 138.67
C TRP I 43 20.85 4.94 138.57
N THR I 44 21.20 5.45 137.39
CA THR I 44 21.41 6.89 137.11
C THR I 44 20.21 7.68 137.65
N GLN I 45 19.00 7.35 137.18
CA GLN I 45 17.71 8.00 137.58
C GLN I 45 17.50 7.87 139.08
N GLN I 46 17.90 6.75 139.66
CA GLN I 46 17.78 6.48 141.12
C GLN I 46 18.78 7.37 141.88
N ILE I 47 20.07 7.29 141.54
CA ILE I 47 21.20 8.02 142.20
C ILE I 47 20.87 9.52 142.22
N ILE I 48 20.59 10.08 141.05
CA ILE I 48 20.41 11.55 140.84
C ILE I 48 19.24 12.05 141.70
N ASP I 49 18.11 11.34 141.72
CA ASP I 49 16.92 11.69 142.55
C ASP I 49 17.33 11.71 144.02
N TYR I 50 18.03 10.66 144.48
CA TYR I 50 18.47 10.47 145.90
C TYR I 50 19.45 11.59 146.29
N THR I 51 20.41 11.93 145.43
CA THR I 51 21.40 13.02 145.67
C THR I 51 20.66 14.34 145.89
N ILE I 52 19.73 14.70 144.99
CA ILE I 52 18.94 15.96 145.04
C ILE I 52 18.14 15.98 146.35
N ARG I 53 17.37 14.92 146.61
CA ARG I 53 16.58 14.73 147.85
C ARG I 53 17.48 14.91 149.08
N GLY I 54 18.68 14.34 149.04
CA GLY I 54 19.72 14.50 150.07
C GLY I 54 20.10 15.95 150.25
N LEU I 55 20.44 16.64 149.16
CA LEU I 55 20.81 18.09 149.15
C LEU I 55 19.60 18.92 149.61
N ASN I 56 18.40 18.56 149.13
CA ASN I 56 17.11 19.25 149.43
C ASN I 56 16.94 19.34 150.96
N LYS I 57 17.05 18.20 151.64
CA LYS I 57 16.81 18.04 153.10
C LYS I 57 17.47 19.19 153.87
N LEU I 58 18.80 19.29 153.80
CA LEU I 58 19.61 20.31 154.52
C LEU I 58 19.62 21.64 153.74
N GLY I 59 19.18 21.60 152.47
CA GLY I 59 19.24 22.71 151.49
C GLY I 59 18.85 24.07 152.06
N LYS I 60 19.53 25.13 151.60
CA LYS I 60 19.32 26.55 151.98
C LYS I 60 18.49 27.20 150.86
N HIS I 61 18.98 28.28 150.26
CA HIS I 61 18.47 28.86 149.00
C HIS I 61 19.60 28.80 147.94
N PHE I 62 20.10 27.59 147.68
CA PHE I 62 21.05 27.27 146.59
C PHE I 62 20.34 26.42 145.52
N LYS I 63 20.41 26.83 144.26
CA LYS I 63 20.13 25.95 143.09
C LYS I 63 21.21 24.88 143.06
N TYR I 64 20.89 23.69 142.55
CA TYR I 64 21.77 22.49 142.57
C TYR I 64 21.69 21.75 141.23
N CYS I 65 22.76 21.80 140.43
CA CYS I 65 22.99 20.93 139.24
C CYS I 65 23.88 19.75 139.65
N VAL I 66 23.41 18.53 139.41
CA VAL I 66 24.14 17.25 139.69
C VAL I 66 24.18 16.43 138.40
N THR I 67 25.37 16.02 137.97
CA THR I 67 25.58 15.12 136.81
C THR I 67 26.15 13.79 137.32
N ALA I 68 25.58 12.67 136.85
CA ALA I 68 26.02 11.29 137.17
C ALA I 68 26.75 10.71 135.94
N ILE I 69 28.05 10.46 136.09
CA ILE I 69 28.89 9.71 135.12
C ILE I 69 29.11 8.30 135.71
N LEU I 70 28.67 7.26 135.00
CA LEU I 70 29.03 5.85 135.28
C LEU I 70 30.08 5.40 134.26
N GLN I 71 30.85 4.35 134.60
CA GLN I 71 31.95 3.81 133.77
C GLN I 71 31.94 2.29 133.91
N GLN I 72 32.02 1.56 132.80
CA GLN I 72 31.94 0.08 132.79
C GLN I 72 33.35 -0.48 133.05
N THR I 73 33.63 -0.80 134.31
CA THR I 73 34.78 -1.61 134.79
C THR I 73 36.11 -1.00 134.32
N ASN I 74 36.23 0.33 134.43
CA ASN I 74 37.46 1.13 134.16
C ASN I 74 38.13 0.61 132.87
N HIS I 75 39.46 0.44 132.86
CA HIS I 75 40.26 -0.13 131.75
C HIS I 75 40.30 0.86 130.57
N ALA I 76 39.88 2.12 130.79
CA ALA I 76 39.65 3.14 129.76
C ALA I 76 39.94 4.53 130.34
N GLY I 77 41.00 5.20 129.87
CA GLY I 77 41.48 6.50 130.37
C GLY I 77 40.43 7.59 130.25
N ILE I 78 39.66 7.80 131.32
CA ILE I 78 38.64 8.89 131.43
C ILE I 78 39.19 10.00 132.34
N SER I 79 38.95 11.26 131.97
CA SER I 79 39.38 12.47 132.71
C SER I 79 38.25 13.51 132.69
N VAL I 80 37.64 13.78 133.85
CA VAL I 80 36.53 14.75 134.02
C VAL I 80 37.12 16.05 134.57
N GLN I 81 36.67 17.19 134.04
CA GLN I 81 37.14 18.54 134.45
C GLN I 81 35.93 19.48 134.55
N ILE I 82 35.93 20.33 135.58
CA ILE I 82 34.78 21.22 135.96
C ILE I 82 35.31 22.63 136.22
N THR I 83 34.62 23.62 135.65
CA THR I 83 34.89 25.07 135.82
C THR I 83 33.54 25.79 135.97
N ALA I 84 33.46 26.74 136.92
CA ALA I 84 32.24 27.51 137.25
C ALA I 84 32.55 28.99 137.16
N TYR I 85 31.92 29.68 136.20
CA TYR I 85 31.83 31.16 136.14
C TYR I 85 30.86 31.62 137.24
N GLN I 86 31.40 31.86 138.44
CA GLN I 86 30.64 32.25 139.66
C GLN I 86 31.58 32.95 140.64
N ASP I 87 31.13 34.07 141.25
CA ASP I 87 31.87 34.81 142.30
C ASP I 87 32.34 33.84 143.39
N THR I 88 33.58 33.98 143.85
CA THR I 88 34.22 33.11 144.86
C THR I 88 33.38 33.15 146.14
N ASN I 89 33.40 34.29 146.84
CA ASN I 89 32.88 34.42 148.23
C ASN I 89 31.38 34.10 148.26
N THR I 90 30.75 33.96 147.09
CA THR I 90 29.39 33.40 146.93
C THR I 90 29.45 31.88 147.00
N ASP I 91 29.65 31.20 145.86
CA ASP I 91 29.45 29.73 145.73
C ASP I 91 30.78 29.01 145.46
N GLY I 92 30.79 27.71 145.75
CA GLY I 92 31.81 26.73 145.31
C GLY I 92 31.15 25.46 144.80
N SER I 93 31.80 24.76 143.88
CA SER I 93 31.35 23.45 143.33
C SER I 93 32.31 22.36 143.78
N LEU I 94 31.87 21.10 143.74
CA LEU I 94 32.69 19.91 144.10
C LEU I 94 32.32 18.74 143.19
N ILE I 95 33.30 17.86 142.94
CA ILE I 95 33.12 16.51 142.32
C ILE I 95 33.68 15.49 143.30
N GLN I 96 33.14 14.28 143.31
CA GLN I 96 33.64 13.16 144.15
C GLN I 96 33.54 11.85 143.36
N CYS I 97 34.68 11.16 143.19
CA CYS I 97 34.84 9.89 142.42
C CYS I 97 34.80 8.70 143.38
N TYR I 98 33.99 7.69 143.07
CA TYR I 98 33.78 6.48 143.91
C TYR I 98 34.20 5.23 143.13
N GLU I 99 34.67 4.21 143.86
CA GLU I 99 35.30 2.96 143.32
C GLU I 99 34.55 1.75 143.89
N ILE I 100 33.36 1.47 143.37
CA ILE I 100 32.36 0.54 143.96
C ILE I 100 32.40 -0.78 143.19
N ASN I 101 33.43 -1.60 143.45
CA ASN I 101 33.56 -3.00 142.96
C ASN I 101 33.73 -2.94 141.43
N ASP I 102 32.82 -3.55 140.65
CA ASP I 102 32.88 -3.56 139.16
C ASP I 102 32.55 -2.17 138.62
N ILE I 103 31.41 -1.60 139.03
CA ILE I 103 30.95 -0.24 138.56
C ILE I 103 31.88 0.83 139.14
N TYR I 104 32.23 1.81 138.31
CA TYR I 104 32.96 3.06 138.68
C TYR I 104 32.06 4.25 138.33
N ALA I 105 31.95 5.21 139.25
CA ALA I 105 30.98 6.34 139.17
C ALA I 105 31.57 7.63 139.73
N ILE I 106 31.51 8.70 138.93
CA ILE I 106 31.88 10.10 139.31
C ILE I 106 30.59 10.90 139.43
N VAL I 107 30.44 11.65 140.54
CA VAL I 107 29.29 12.57 140.79
C VAL I 107 29.85 13.99 140.93
N SER I 108 29.21 14.95 140.24
CA SER I 108 29.53 16.40 140.28
C SER I 108 28.33 17.17 140.84
N VAL I 109 28.60 18.25 141.59
CA VAL I 109 27.56 19.13 142.21
C VAL I 109 28.00 20.60 142.03
N PHE I 110 27.23 21.37 141.27
CA PHE I 110 27.36 22.84 141.13
C PHE I 110 26.46 23.52 142.16
N ALA I 111 26.94 24.59 142.79
CA ALA I 111 26.19 25.46 143.72
C ALA I 111 26.04 26.86 143.11
N MET I 112 24.81 27.40 143.11
CA MET I 112 24.47 28.74 142.57
C MET I 112 23.60 29.47 143.60
N ALA I 113 23.96 30.72 143.92
CA ALA I 113 23.27 31.59 144.89
C ALA I 113 21.90 32.00 144.32
N VAL I 114 20.94 32.30 145.20
CA VAL I 114 19.55 32.71 144.84
C VAL I 114 19.14 33.88 145.75
N ARG J 1 -0.07 46.31 127.53
CA ARG J 1 0.59 45.07 128.05
C ARG J 1 1.14 45.35 129.46
N LYS J 2 0.24 45.58 130.43
CA LYS J 2 0.58 45.87 131.84
C LYS J 2 1.10 44.60 132.52
N ARG J 3 0.46 43.46 132.26
CA ARG J 3 0.87 42.13 132.78
C ARG J 3 2.29 41.79 132.29
N GLU J 4 2.66 42.21 131.07
CA GLU J 4 4.01 41.99 130.48
C GLU J 4 5.03 42.85 131.23
N ALA J 5 4.73 44.15 131.40
CA ALA J 5 5.55 45.12 132.16
C ALA J 5 5.69 44.67 133.62
N SER J 6 4.60 44.15 134.19
CA SER J 6 4.58 43.47 135.52
C SER J 6 5.56 42.29 135.49
N LEU J 7 5.41 41.37 134.52
CA LEU J 7 6.24 40.13 134.37
C LEU J 7 7.73 40.46 134.46
N ILE J 8 8.16 41.62 133.95
CA ILE J 8 9.58 42.07 133.97
C ILE J 8 9.98 42.39 135.43
N THR J 9 9.04 42.84 136.27
CA THR J 9 9.28 43.24 137.69
C THR J 9 9.63 41.99 138.52
N LEU J 10 8.71 41.01 138.62
CA LEU J 10 8.88 39.76 139.43
C LEU J 10 10.25 39.13 139.13
N ASN J 11 10.51 38.85 137.85
CA ASN J 11 11.80 38.33 137.33
C ASN J 11 12.12 39.11 136.05
N TYR J 12 13.29 39.73 135.99
CA TYR J 12 13.82 40.40 134.77
C TYR J 12 14.17 39.33 133.73
N ILE J 13 14.57 38.15 134.19
CA ILE J 13 14.83 36.92 133.37
C ILE J 13 16.02 37.20 132.46
N LYS J 14 15.83 38.01 131.41
CA LYS J 14 16.80 38.21 130.30
C LYS J 14 17.07 36.85 129.64
N ASN J 15 16.01 36.12 129.28
CA ASN J 15 16.11 34.74 128.72
C ASN J 15 16.77 34.82 127.35
N ARG J 16 18.11 34.83 127.33
CA ARG J 16 18.91 34.80 126.09
C ARG J 16 18.89 33.35 125.60
N PHE J 17 18.44 33.15 124.35
CA PHE J 17 18.15 31.82 123.74
C PHE J 17 19.32 30.88 124.00
N TYR J 18 19.28 30.23 125.16
CA TYR J 18 20.42 29.49 125.76
C TYR J 18 20.67 28.15 125.06
N PRO J 19 19.66 27.38 124.58
CA PRO J 19 19.90 25.97 124.24
C PRO J 19 20.85 25.81 123.04
N SER J 20 20.36 26.02 121.81
CA SER J 20 21.07 25.58 120.57
C SER J 20 22.19 26.57 120.23
N LYS J 21 22.03 27.86 120.57
CA LYS J 21 23.05 28.91 120.35
C LYS J 21 24.36 28.47 121.00
N ILE J 22 24.32 28.08 122.27
CA ILE J 22 25.49 27.56 123.05
C ILE J 22 25.92 26.22 122.43
N GLN J 23 24.96 25.33 122.17
CA GLN J 23 25.16 23.98 121.58
C GLN J 23 25.93 24.10 120.26
N LYS J 24 25.64 25.14 119.47
CA LYS J 24 26.36 25.46 118.21
C LYS J 24 27.77 25.97 118.54
N ILE J 25 27.89 26.86 119.52
CA ILE J 25 29.18 27.51 119.93
C ILE J 25 30.15 26.43 120.42
N ILE J 26 29.71 25.56 121.33
CA ILE J 26 30.58 24.50 121.93
C ILE J 26 30.99 23.51 120.82
N LYS J 27 30.05 23.12 119.95
CA LYS J 27 30.27 22.18 118.82
C LYS J 27 31.43 22.68 117.95
N GLU J 28 31.38 23.95 117.55
CA GLU J 28 32.38 24.60 116.66
C GLU J 28 33.76 24.56 117.30
N LEU J 29 33.84 24.81 118.62
CA LEU J 29 35.12 24.86 119.38
C LEU J 29 35.70 23.44 119.51
N PHE J 30 34.88 22.47 119.94
CA PHE J 30 35.27 21.06 120.22
C PHE J 30 36.01 20.47 119.02
N GLU J 31 35.43 20.58 117.82
CA GLU J 31 35.97 20.00 116.55
C GLU J 31 37.41 20.45 116.34
N ASP J 32 37.70 21.74 116.56
CA ASP J 32 39.01 22.39 116.28
C ASP J 32 40.07 21.92 117.28
N ARG J 33 39.72 21.78 118.56
CA ARG J 33 40.67 21.50 119.67
C ARG J 33 40.90 19.99 119.83
N LEU J 34 39.92 19.16 119.47
CA LEU J 34 40.04 17.67 119.40
C LEU J 34 41.19 17.30 118.45
N LYS J 35 41.36 18.05 117.36
CA LYS J 35 42.50 17.94 116.39
C LYS J 35 42.62 16.49 115.92
N GLY J 36 43.63 15.76 116.38
CA GLY J 36 43.81 14.32 116.13
C GLY J 36 42.86 13.50 116.98
N VAL J 37 41.85 12.91 116.34
CA VAL J 37 40.87 11.97 116.96
C VAL J 37 41.62 10.79 117.60
N GLU J 38 42.68 10.30 116.94
CA GLU J 38 43.47 9.11 117.35
C GLU J 38 44.11 9.32 118.73
N TYR J 39 44.55 10.54 119.04
CA TYR J 39 45.32 10.90 120.27
C TYR J 39 44.42 10.82 121.50
N ASP J 40 44.68 9.83 122.37
CA ASP J 40 44.15 9.73 123.75
C ASP J 40 45.20 9.07 124.65
N PRO J 41 46.42 9.68 124.78
CA PRO J 41 47.41 9.20 125.74
C PRO J 41 47.07 9.58 127.20
N ASN J 42 48.08 9.62 128.08
CA ASN J 42 47.97 10.10 129.49
C ASN J 42 48.46 11.55 129.62
N ASN J 43 49.23 12.05 128.65
CA ASN J 43 49.75 13.45 128.65
C ASN J 43 48.74 14.42 127.99
N ALA J 44 47.67 13.90 127.39
CA ALA J 44 46.58 14.69 126.74
C ALA J 44 45.46 15.01 127.74
N ASN J 45 45.45 14.37 128.92
CA ASN J 45 44.52 14.66 130.06
C ASN J 45 44.75 16.11 130.52
N GLN J 46 46.00 16.51 130.70
CA GLN J 46 46.41 17.89 131.03
C GLN J 46 45.96 18.83 129.90
N LEU J 47 46.10 18.40 128.64
CA LEU J 47 45.68 19.19 127.44
C LEU J 47 44.15 19.24 127.35
N SER J 48 43.45 18.19 127.80
CA SER J 48 41.96 18.12 127.82
C SER J 48 41.39 19.11 128.84
N GLU J 49 42.15 19.43 129.91
CA GLU J 49 41.80 20.48 130.90
C GLU J 49 41.80 21.85 130.21
N ARG J 50 42.92 22.19 129.58
CA ARG J 50 43.14 23.48 128.84
C ARG J 50 41.94 23.79 127.97
N LEU J 51 41.41 22.78 127.26
CA LEU J 51 40.17 22.84 126.43
C LEU J 51 39.02 23.43 127.26
N VAL J 52 38.86 22.99 128.51
CA VAL J 52 37.68 23.30 129.37
C VAL J 52 37.71 24.80 129.76
N LEU J 53 38.89 25.32 130.12
CA LEU J 53 39.10 26.75 130.48
C LEU J 53 38.66 27.64 129.30
N GLU J 54 39.24 27.39 128.12
CA GLU J 54 38.91 28.10 126.85
C GLU J 54 37.40 28.09 126.65
N LEU J 55 36.77 26.91 126.81
CA LEU J 55 35.32 26.69 126.58
C LEU J 55 34.51 27.76 127.32
N ARG J 56 34.71 27.88 128.63
CA ARG J 56 33.83 28.69 129.53
C ARG J 56 33.84 30.16 129.12
N GLU J 57 34.98 30.69 128.63
CA GLU J 57 35.09 32.12 128.22
C GLU J 57 34.20 32.37 127.01
N LYS J 58 34.28 31.49 126.01
CA LYS J 58 33.47 31.59 124.75
C LYS J 58 31.98 31.49 125.07
N ILE J 59 31.61 30.87 126.20
CA ILE J 59 30.21 30.85 126.71
C ILE J 59 29.84 32.28 127.13
N LYS J 60 30.75 33.01 127.79
CA LYS J 60 30.57 34.44 128.18
C LYS J 60 30.39 35.31 126.93
N ARG J 61 31.21 35.09 125.90
CA ARG J 61 31.22 35.84 124.61
C ARG J 61 29.88 35.68 123.88
N GLY J 62 29.26 34.49 123.95
CA GLY J 62 28.05 34.14 123.18
C GLY J 62 26.76 34.60 123.85
N LYS J 63 26.68 35.86 124.26
CA LYS J 63 25.43 36.59 124.61
C LYS J 63 24.77 35.98 125.87
N VAL J 64 25.56 35.78 126.93
CA VAL J 64 25.11 35.17 128.21
C VAL J 64 25.17 36.17 129.39
N PRO J 65 26.01 37.23 129.38
CA PRO J 65 26.51 37.88 130.60
C PRO J 65 25.78 37.69 131.94
N ARG J 66 24.49 38.03 132.00
CA ARG J 66 23.72 38.12 133.27
C ARG J 66 23.56 36.72 133.90
N TYR J 67 23.52 35.66 133.07
CA TYR J 67 23.48 34.24 133.50
C TYR J 67 24.76 33.90 134.30
N LYS J 68 24.74 32.78 135.04
CA LYS J 68 25.86 32.26 135.89
C LYS J 68 26.32 30.90 135.37
N ILE J 69 27.48 30.85 134.71
CA ILE J 69 27.89 29.69 133.85
C ILE J 69 28.66 28.68 134.71
N GLY J 70 28.29 27.41 134.58
CA GLY J 70 29.03 26.24 135.09
C GLY J 70 29.11 25.17 134.03
N VAL J 71 30.33 24.84 133.58
CA VAL J 71 30.58 23.86 132.48
C VAL J 71 31.39 22.68 133.05
N GLN J 72 31.00 21.47 132.64
CA GLN J 72 31.68 20.19 132.96
C GLN J 72 31.97 19.49 131.63
N VAL J 73 33.25 19.24 131.33
CA VAL J 73 33.70 18.46 130.14
C VAL J 73 34.17 17.08 130.63
N VAL J 74 33.89 16.06 129.82
CA VAL J 74 34.34 14.66 130.04
C VAL J 74 35.01 14.18 128.75
N PHE J 75 36.27 13.74 128.85
CA PHE J 75 37.10 13.20 127.75
C PHE J 75 37.49 11.77 128.13
N GLY J 76 37.09 10.77 127.32
CA GLY J 76 37.27 9.34 127.64
C GLY J 76 37.57 8.49 126.41
N GLU J 77 38.27 7.37 126.61
CA GLU J 77 38.54 6.33 125.60
C GLU J 77 37.36 5.37 125.55
N ILE J 78 36.99 4.90 124.35
CA ILE J 78 35.92 3.88 124.13
C ILE J 78 36.56 2.59 123.63
N LYS J 79 36.17 1.45 124.22
CA LYS J 79 36.58 0.08 123.78
C LYS J 79 35.34 -0.81 123.81
N GLY J 80 34.25 -0.33 123.21
CA GLY J 80 32.89 -0.89 123.37
C GLY J 80 32.48 -0.92 124.83
N GLN J 81 32.88 0.11 125.60
CA GLN J 81 32.66 0.22 127.06
C GLN J 81 31.35 0.96 127.29
N GLY J 82 30.34 0.28 127.84
CA GLY J 82 28.96 0.79 127.98
C GLY J 82 28.79 1.71 129.19
N LEU J 83 28.74 3.03 128.96
CA LEU J 83 28.55 4.06 130.02
C LEU J 83 27.49 5.09 129.61
N ARG J 84 26.75 5.61 130.60
CA ARG J 84 25.64 6.59 130.40
C ARG J 84 25.86 7.79 131.35
N ILE J 85 26.03 8.99 130.77
CA ILE J 85 26.27 10.27 131.50
C ILE J 85 24.98 11.10 131.48
N ALA J 86 24.19 10.96 132.54
CA ALA J 86 22.93 11.66 132.78
C ALA J 86 23.17 12.84 133.73
N SER J 87 22.21 13.76 133.78
CA SER J 87 22.24 14.99 134.62
C SER J 87 20.82 15.44 134.92
N LYS J 88 20.66 16.24 135.98
CA LYS J 88 19.35 16.76 136.46
C LYS J 88 19.61 17.89 137.45
N CYS J 89 19.31 19.14 137.06
CA CYS J 89 19.62 20.37 137.81
C CYS J 89 18.35 21.00 138.41
N LEU J 90 18.43 21.36 139.69
CA LEU J 90 17.38 22.04 140.49
C LEU J 90 17.52 23.55 140.28
N TRP J 91 16.55 24.15 139.57
CA TRP J 91 16.59 25.53 138.99
C TRP J 91 15.17 26.08 138.89
N ASP J 92 15.00 27.30 138.35
CA ASP J 92 13.68 27.92 138.07
C ASP J 92 13.24 27.54 136.64
N VAL J 93 12.12 26.81 136.53
CA VAL J 93 11.54 26.29 135.25
C VAL J 93 11.34 27.47 134.30
N GLN J 94 11.74 27.32 133.04
CA GLN J 94 11.56 28.30 131.92
C GLN J 94 12.31 29.61 132.23
N ASN J 95 13.09 29.64 133.32
CA ASN J 95 13.88 30.83 133.76
C ASN J 95 15.38 30.53 133.63
N ASP J 96 15.77 29.26 133.66
CA ASP J 96 17.13 28.76 133.31
C ASP J 96 17.03 27.69 132.23
N ASN J 97 18.17 27.19 131.75
CA ASN J 97 18.26 26.11 130.72
C ASN J 97 19.60 25.41 130.84
N TYR J 98 19.79 24.30 130.13
CA TYR J 98 21.09 23.61 129.94
C TYR J 98 21.41 23.52 128.45
N ALA J 99 22.69 23.33 128.13
CA ALA J 99 23.22 23.08 126.78
C ALA J 99 24.17 21.87 126.84
N SER J 100 23.94 20.89 125.97
CA SER J 100 24.74 19.64 125.86
C SER J 100 25.09 19.40 124.39
N TYR J 101 26.31 18.95 124.12
CA TYR J 101 26.77 18.38 122.83
C TYR J 101 27.78 17.28 123.09
N THR J 102 27.68 16.20 122.34
CA THR J 102 28.59 15.02 122.40
C THR J 102 29.21 14.83 121.00
N TYR J 103 30.54 14.69 120.94
CA TYR J 103 31.29 14.35 119.72
C TYR J 103 31.92 12.95 119.89
N THR J 104 31.50 12.00 119.06
CA THR J 104 32.02 10.60 119.02
C THR J 104 32.90 10.42 117.79
N SER J 105 34.20 10.17 118.01
CA SER J 105 35.17 9.75 116.96
C SER J 105 35.14 8.23 116.81
N GLU J 106 36.09 7.66 116.06
CA GLU J 106 36.29 6.19 115.92
C GLU J 106 36.70 5.62 117.29
N LYS J 107 37.76 6.17 117.87
CA LYS J 107 38.45 5.61 119.08
C LYS J 107 38.20 6.47 120.33
N VAL J 108 37.73 7.71 120.18
CA VAL J 108 37.58 8.69 121.30
C VAL J 108 36.16 9.25 121.31
N TYR J 109 35.66 9.61 122.49
CA TYR J 109 34.37 10.32 122.73
C TYR J 109 34.62 11.51 123.67
N CYS J 110 34.03 12.66 123.35
CA CYS J 110 34.09 13.90 124.19
C CYS J 110 32.69 14.52 124.26
N THR J 111 32.16 14.64 125.49
CA THR J 111 30.84 15.23 125.81
C THR J 111 31.09 16.50 126.63
N GLY J 112 30.36 17.58 126.31
CA GLY J 112 30.44 18.89 126.97
C GLY J 112 29.06 19.35 127.44
N ILE J 113 28.82 19.31 128.75
CA ILE J 113 27.58 19.80 129.41
C ILE J 113 27.87 21.20 129.96
N VAL J 114 26.99 22.17 129.69
CA VAL J 114 27.10 23.59 130.12
C VAL J 114 25.81 24.00 130.84
N PHE J 115 25.91 24.34 132.14
CA PHE J 115 24.78 24.81 132.99
C PHE J 115 24.86 26.33 133.18
N GLY J 116 23.75 27.01 132.89
CA GLY J 116 23.56 28.47 133.11
C GLY J 116 22.37 28.74 134.01
N CYS J 117 22.58 29.55 135.06
CA CYS J 117 21.54 29.94 136.05
C CYS J 117 21.50 31.47 136.18
N TYR J 118 20.30 32.06 136.02
CA TYR J 118 20.06 33.52 136.12
C TYR J 118 20.30 34.00 137.55
N PHE J 119 20.90 35.18 137.72
CA PHE J 119 21.17 35.82 139.03
C PHE J 119 20.99 37.33 138.90
N GLU J 120 20.48 37.97 139.97
CA GLU J 120 20.30 39.44 140.11
C GLU J 120 20.99 39.93 141.39
N LYS K 1 16.53 47.33 147.72
CA LYS K 1 15.08 47.41 147.34
C LYS K 1 14.75 46.15 146.52
N GLU K 2 14.33 46.30 145.26
CA GLU K 2 14.18 45.17 144.30
C GLU K 2 15.55 44.70 143.78
N PHE K 3 15.59 43.87 142.72
CA PHE K 3 16.69 42.93 142.35
C PHE K 3 17.52 43.45 141.18
N ASN K 4 18.74 43.94 141.50
CA ASN K 4 19.68 44.61 140.56
C ASN K 4 21.08 44.00 140.70
N ASN K 5 21.83 43.92 139.59
CA ASN K 5 23.19 43.32 139.52
C ASN K 5 24.21 44.41 139.23
N PRO K 6 24.56 45.25 140.20
CA PRO K 6 25.79 46.04 140.11
C PRO K 6 27.04 45.28 140.56
N ILE K 7 26.92 44.22 141.38
CA ILE K 7 28.08 43.48 141.96
C ILE K 7 28.74 42.64 140.85
N ASN K 8 29.97 43.02 140.52
CA ASN K 8 30.97 42.17 139.83
C ASN K 8 30.57 40.71 139.99
N PHE K 9 30.62 39.99 138.88
CA PHE K 9 30.36 38.53 138.78
C PHE K 9 31.25 37.96 137.67
N GLN K 10 32.51 37.64 138.00
CA GLN K 10 33.61 37.31 137.03
C GLN K 10 34.38 36.04 137.43
N ASP K 11 34.70 35.89 138.72
CA ASP K 11 35.70 34.93 139.25
C ASP K 11 35.36 33.49 138.85
N THR K 12 36.39 32.67 138.59
CA THR K 12 36.29 31.27 138.06
C THR K 12 37.31 30.36 138.75
N GLU K 13 36.87 29.23 139.33
CA GLU K 13 37.73 28.16 139.90
C GLU K 13 37.42 26.84 139.20
N THR K 14 38.44 26.02 138.89
CA THR K 14 38.28 24.67 138.27
C THR K 14 38.57 23.61 139.32
N ARG K 15 38.10 22.38 139.08
CA ARG K 15 38.54 21.15 139.82
C ARG K 15 38.74 20.04 138.78
N TYR K 16 39.47 18.97 139.14
CA TYR K 16 39.98 17.93 138.18
C TYR K 16 39.50 16.53 138.59
N GLY K 17 38.42 16.08 137.97
CA GLY K 17 37.87 14.73 138.14
C GLY K 17 38.80 13.69 137.54
N GLY K 18 38.70 12.45 138.01
CA GLY K 18 39.45 11.29 137.51
C GLY K 18 38.96 9.97 138.11
N ILE K 19 39.69 8.89 137.84
CA ILE K 19 39.51 7.54 138.45
C ILE K 19 40.89 6.92 138.64
N GLN K 20 41.01 5.91 139.51
CA GLN K 20 42.31 5.28 139.87
C GLN K 20 42.59 4.09 138.95
N ASN K 21 43.78 4.06 138.33
CA ASN K 21 44.25 3.00 137.39
C ASN K 21 44.31 1.64 138.10
N GLN K 22 44.03 0.56 137.36
CA GLN K 22 43.81 -0.81 137.91
C GLN K 22 44.63 -1.81 137.08
N VAL K 23 44.25 -3.10 137.11
CA VAL K 23 44.96 -4.23 136.44
C VAL K 23 44.45 -4.35 134.99
N VAL K 24 45.26 -4.92 134.10
CA VAL K 24 45.00 -5.03 132.63
C VAL K 24 44.01 -6.16 132.35
N ASN K 25 44.22 -7.35 132.93
CA ASN K 25 43.35 -8.54 132.75
C ASN K 25 41.89 -8.13 133.01
N ILE K 26 41.64 -7.57 134.19
CA ILE K 26 40.32 -7.06 134.70
C ILE K 26 39.37 -8.25 134.97
N ASN K 27 39.74 -9.48 134.57
CA ASN K 27 38.97 -10.74 134.74
C ASN K 27 37.61 -10.59 134.03
N GLN K 28 37.62 -10.10 132.79
CA GLN K 28 36.40 -9.90 131.95
C GLN K 28 36.72 -10.23 130.50
N TYR K 29 35.74 -10.78 129.77
CA TYR K 29 35.85 -11.29 128.38
C TYR K 29 35.20 -10.30 127.42
N VAL K 30 35.97 -9.81 126.45
CA VAL K 30 35.53 -8.76 125.48
C VAL K 30 34.41 -9.34 124.62
N GLN K 31 33.27 -8.64 124.59
CA GLN K 31 32.15 -8.82 123.63
C GLN K 31 31.46 -10.16 123.87
N ARG K 32 30.37 -10.39 123.14
CA ARG K 32 29.52 -11.61 123.16
C ARG K 32 29.36 -12.08 121.72
N ASN K 33 29.52 -13.38 121.46
CA ASN K 33 29.30 -14.00 120.12
C ASN K 33 28.12 -13.28 119.49
N PRO K 34 26.93 -13.29 120.13
CA PRO K 34 25.81 -12.46 119.69
C PRO K 34 25.77 -11.17 120.54
N ASN K 35 25.00 -10.17 120.10
CA ASN K 35 24.76 -8.92 120.88
C ASN K 35 23.36 -8.41 120.55
N PHE K 36 22.67 -7.86 121.56
CA PHE K 36 21.22 -7.59 121.58
C PHE K 36 20.99 -6.08 121.61
N ILE K 37 20.56 -5.45 120.51
CA ILE K 37 20.36 -3.97 120.45
C ILE K 37 19.01 -3.66 119.81
N ASP K 38 18.23 -2.79 120.46
CA ASP K 38 16.80 -2.51 120.17
C ASP K 38 16.64 -1.12 119.56
N LEU K 39 16.76 -1.00 118.24
CA LEU K 39 16.87 0.31 117.55
C LEU K 39 15.51 0.81 117.06
N ASP K 40 15.02 1.88 117.68
CA ASP K 40 13.87 2.69 117.19
C ASP K 40 14.37 3.58 116.04
N ASN K 41 13.47 3.96 115.15
CA ASN K 41 13.66 5.08 114.17
C ASN K 41 12.64 6.20 114.45
N ILE K 42 11.52 5.89 115.11
CA ILE K 42 10.37 6.81 115.34
C ILE K 42 10.75 7.79 116.46
N ALA K 43 10.32 9.05 116.35
CA ALA K 43 10.57 10.12 117.34
C ALA K 43 9.37 10.23 118.29
N GLU K 44 9.62 10.22 119.61
CA GLU K 44 8.56 10.24 120.67
C GLU K 44 7.62 11.41 120.40
N LEU K 45 6.33 11.16 120.30
CA LEU K 45 5.30 12.18 119.98
C LEU K 45 4.62 12.66 121.27
N SER K 46 4.12 13.90 121.26
CA SER K 46 3.32 14.53 122.35
C SER K 46 2.28 15.45 121.71
N GLU K 47 1.03 15.43 122.19
CA GLU K 47 -0.09 16.23 121.62
C GLU K 47 -0.24 17.50 122.47
N HIS K 48 -0.44 18.62 121.79
CA HIS K 48 -0.79 19.94 122.37
C HIS K 48 -1.92 20.56 121.55
N SER K 49 -3.02 20.92 122.21
CA SER K 49 -4.19 21.63 121.62
C SER K 49 -3.99 23.13 121.79
N VAL K 50 -4.21 23.89 120.72
CA VAL K 50 -4.20 25.39 120.77
C VAL K 50 -5.42 25.90 120.02
N ASN K 51 -6.17 26.81 120.66
CA ASN K 51 -7.37 27.50 120.12
C ASN K 51 -7.13 29.01 120.19
N THR K 52 -7.54 29.73 119.14
CA THR K 52 -7.42 31.21 119.06
C THR K 52 -8.41 31.84 120.03
N GLU K 53 -7.94 32.81 120.84
CA GLU K 53 -8.74 33.47 121.92
C GLU K 53 -10.01 34.07 121.31
N ARG K 54 -11.16 33.45 121.60
CA ARG K 54 -12.49 33.97 121.21
C ARG K 54 -12.79 35.22 122.06
N VAL K 55 -13.09 36.35 121.42
CA VAL K 55 -13.35 37.65 122.10
C VAL K 55 -14.67 37.50 122.85
N LYS K 56 -14.70 37.95 124.12
CA LYS K 56 -15.82 37.70 125.07
C LYS K 56 -17.06 38.48 124.61
N THR K 57 -18.22 37.83 124.70
CA THR K 57 -19.48 38.24 124.04
C THR K 57 -20.51 38.54 125.12
N GLY K 58 -20.49 39.76 125.65
CA GLY K 58 -21.51 40.26 126.59
C GLY K 58 -22.86 40.44 125.89
N ASP K 59 -23.96 40.19 126.61
CA ASP K 59 -25.36 40.37 126.10
C ASP K 59 -26.08 41.31 127.05
N ARG K 60 -26.57 42.45 126.54
CA ARG K 60 -27.27 43.49 127.33
C ARG K 60 -28.44 44.08 126.54
N GLY K 61 -29.56 44.37 127.23
CA GLY K 61 -30.85 44.82 126.67
C GLY K 61 -31.32 46.13 127.32
N MET K 62 -31.23 47.26 126.60
CA MET K 62 -31.57 48.61 127.12
C MET K 62 -32.56 49.31 126.18
N SER K 63 -33.63 49.90 126.74
CA SER K 63 -34.66 50.70 126.05
C SER K 63 -34.31 52.18 126.12
N HIS K 64 -34.62 52.94 125.06
CA HIS K 64 -34.48 54.42 124.96
C HIS K 64 -35.82 55.05 124.57
N LYS K 65 -36.94 54.43 124.93
CA LYS K 65 -38.31 54.97 124.75
C LYS K 65 -38.45 56.29 125.54
N GLU K 66 -37.81 56.36 126.71
CA GLU K 66 -37.78 57.57 127.57
C GLU K 66 -37.06 58.70 126.84
N GLY K 67 -37.32 59.94 127.22
CA GLY K 67 -36.64 61.14 126.71
C GLY K 67 -35.31 61.37 127.41
N GLY K 68 -34.54 62.37 126.98
CA GLY K 68 -33.20 62.67 127.51
C GLY K 68 -33.24 63.59 128.72
N TRP K 69 -33.04 63.02 129.90
CA TRP K 69 -32.96 63.71 131.22
C TRP K 69 -31.50 63.91 131.57
N PRO K 70 -31.16 64.42 132.77
CA PRO K 70 -29.83 64.19 133.35
C PRO K 70 -29.64 62.75 133.86
N GLY K 71 -28.46 62.49 134.42
CA GLY K 71 -28.08 61.21 135.06
C GLY K 71 -28.66 61.08 136.45
N ASN K 72 -28.37 62.05 137.32
CA ASN K 72 -28.80 62.10 138.76
C ASN K 72 -30.33 61.94 138.86
N VAL K 73 -31.06 62.39 137.85
CA VAL K 73 -32.56 62.34 137.79
C VAL K 73 -32.97 61.04 137.08
N ASP K 74 -34.00 60.36 137.61
CA ASP K 74 -34.62 59.11 137.07
C ASP K 74 -35.80 59.50 136.19
N PRO K 75 -35.88 59.03 134.92
CA PRO K 75 -37.02 59.36 134.05
C PRO K 75 -38.37 58.72 134.41
N ASN K 76 -38.37 57.50 134.96
CA ASN K 76 -39.60 56.79 135.40
C ASN K 76 -40.18 57.49 136.63
N GLU K 77 -39.41 57.55 137.72
CA GLU K 77 -39.78 58.18 139.02
C GLU K 77 -40.41 59.55 138.74
N ALA K 78 -41.59 59.81 139.27
CA ALA K 78 -42.33 61.09 139.11
C ALA K 78 -41.71 62.18 140.00
N GLN K 79 -41.30 61.82 141.22
CA GLN K 79 -40.68 62.76 142.20
C GLN K 79 -39.49 63.43 141.53
N GLU K 80 -38.51 62.62 141.09
CA GLU K 80 -37.20 63.05 140.52
C GLU K 80 -37.43 64.10 139.43
N THR K 81 -38.35 63.85 138.50
CA THR K 81 -38.71 64.75 137.38
C THR K 81 -39.38 66.02 137.93
N GLY K 82 -40.41 65.86 138.78
CA GLY K 82 -41.22 66.94 139.35
C GLY K 82 -40.39 68.01 140.06
N ARG K 83 -39.35 67.61 140.79
CA ARG K 83 -38.43 68.54 141.51
C ARG K 83 -37.57 69.28 140.48
N PHE K 84 -37.00 68.56 139.52
CA PHE K 84 -36.06 69.09 138.50
C PHE K 84 -36.74 70.14 137.64
N LYS K 85 -38.04 69.97 137.34
CA LYS K 85 -38.87 70.99 136.65
C LYS K 85 -39.01 72.23 137.54
N LYS K 86 -39.27 72.04 138.84
CA LYS K 86 -39.40 73.11 139.87
C LYS K 86 -38.06 73.82 140.11
N ARG K 87 -36.92 73.17 139.83
CA ARG K 87 -35.57 73.76 139.95
C ARG K 87 -35.30 74.68 138.75
N ILE K 88 -35.82 74.35 137.56
CA ILE K 88 -35.65 75.18 136.32
C ILE K 88 -36.48 76.47 136.46
N GLU K 89 -37.62 76.42 137.16
CA GLU K 89 -38.53 77.59 137.33
C GLU K 89 -38.20 78.33 138.64
N LYS K 90 -37.03 78.97 138.68
CA LYS K 90 -36.52 79.75 139.84
C LYS K 90 -35.61 80.88 139.33
N SER K 93 -34.21 84.58 134.78
CA SER K 93 -34.79 83.27 135.17
C SER K 93 -36.06 82.99 134.37
N PHE K 94 -36.51 81.73 134.38
CA PHE K 94 -37.61 81.16 133.56
C PHE K 94 -38.87 82.04 133.53
N PRO K 95 -39.30 82.68 134.64
CA PRO K 95 -40.56 83.44 134.62
C PRO K 95 -40.64 84.47 133.49
N GLN K 96 -39.56 85.23 133.26
CA GLN K 96 -39.50 86.32 132.23
C GLN K 96 -39.54 85.71 130.82
N ALA K 97 -38.86 84.58 130.63
CA ALA K 97 -38.72 83.89 129.33
C ALA K 97 -40.09 83.47 128.79
N VAL K 98 -40.91 82.79 129.61
CA VAL K 98 -42.23 82.22 129.18
C VAL K 98 -43.22 83.35 128.86
N LYS K 99 -43.19 84.47 129.61
CA LYS K 99 -44.00 85.69 129.32
C LYS K 99 -43.56 86.25 127.96
N ASP K 100 -42.26 86.53 127.81
CA ASP K 100 -41.62 87.11 126.60
C ASP K 100 -41.73 86.15 125.39
N LEU K 101 -41.63 84.83 125.62
CA LEU K 101 -41.80 83.79 124.57
C LEU K 101 -43.26 83.82 124.08
N LYS K 102 -44.22 83.63 124.99
CA LYS K 102 -45.68 83.53 124.66
C LYS K 102 -46.12 84.81 123.94
N GLU K 103 -45.72 85.98 124.43
CA GLU K 103 -46.02 87.31 123.82
C GLU K 103 -45.45 87.38 122.39
N GLY K 104 -44.39 86.63 122.10
CA GLY K 104 -43.81 86.45 120.75
C GLY K 104 -44.59 85.47 119.88
N VAL K 105 -45.20 84.44 120.49
CA VAL K 105 -46.05 83.43 119.80
C VAL K 105 -47.46 84.01 119.62
N GLU K 106 -48.00 84.66 120.67
CA GLU K 106 -49.30 85.39 120.67
C GLU K 106 -49.35 86.33 119.46
N LYS K 107 -48.24 87.00 119.17
CA LYS K 107 -48.05 87.91 118.01
C LYS K 107 -48.27 87.16 116.68
N CYS K 108 -47.72 85.95 116.55
CA CYS K 108 -47.78 85.11 115.33
C CYS K 108 -49.16 84.45 115.17
N ILE K 109 -49.81 84.08 116.27
CA ILE K 109 -51.22 83.54 116.27
C ILE K 109 -52.14 84.59 115.66
N TYR K 110 -52.07 85.83 116.18
CA TYR K 110 -52.89 86.99 115.76
C TYR K 110 -52.84 87.14 114.24
N GLN K 111 -51.63 87.20 113.64
CA GLN K 111 -51.40 87.46 112.20
C GLN K 111 -52.10 86.40 111.33
N ASN K 112 -51.99 85.12 111.69
CA ASN K 112 -52.57 83.98 110.93
C ASN K 112 -54.10 83.91 111.10
N ASN K 113 -54.64 84.51 112.18
CA ASN K 113 -56.08 84.48 112.51
C ASN K 113 -56.82 85.58 111.74
N GLN K 114 -56.09 86.52 111.11
CA GLN K 114 -56.65 87.68 110.36
C GLN K 114 -57.44 87.19 109.15
N ILE K 115 -56.84 86.30 108.37
CA ILE K 115 -57.39 85.73 107.10
C ILE K 115 -56.83 84.31 106.94
N ASP K 116 -57.58 83.42 106.29
CA ASP K 116 -57.21 81.98 106.14
C ASP K 116 -56.01 81.84 105.19
N LEU K 117 -55.95 82.66 104.12
CA LEU K 117 -54.80 82.80 103.18
C LEU K 117 -54.57 81.54 102.32
N LEU K 118 -55.14 80.38 102.69
CA LEU K 118 -55.00 79.09 101.95
C LEU K 118 -56.33 78.66 101.35
N GLU K 119 -57.46 79.16 101.88
CA GLU K 119 -58.81 79.06 101.29
C GLU K 119 -58.75 79.26 99.76
N GLU K 120 -59.34 78.34 99.00
CA GLU K 120 -59.53 78.45 97.53
C GLU K 120 -61.02 78.66 97.25
N TYR K 121 -61.37 79.79 96.61
CA TYR K 121 -62.78 80.21 96.35
C TYR K 121 -63.36 79.28 95.28
N PHE K 122 -64.40 78.53 95.63
CA PHE K 122 -65.06 77.49 94.81
C PHE K 122 -64.06 76.36 94.51
N GLU K 123 -63.44 75.84 95.57
CA GLU K 123 -62.51 74.69 95.52
C GLU K 123 -63.32 73.40 95.30
N GLY K 124 -62.96 72.61 94.30
CA GLY K 124 -63.55 71.28 94.02
C GLY K 124 -64.76 71.37 93.12
N GLU K 125 -65.84 72.01 93.59
CA GLU K 125 -67.17 72.06 92.91
C GLU K 125 -67.00 72.59 91.48
N THR K 126 -67.56 71.86 90.51
CA THR K 126 -67.38 72.08 89.04
C THR K 126 -68.45 73.07 88.55
N SER K 127 -68.38 73.40 87.25
CA SER K 127 -69.31 74.29 86.51
C SER K 127 -70.78 74.03 86.88
N GLU K 128 -71.15 72.76 87.09
CA GLU K 128 -72.52 72.30 87.43
C GLU K 128 -73.39 72.45 86.17
N HIS K 129 -74.44 73.28 86.18
CA HIS K 129 -75.25 73.64 84.98
C HIS K 129 -74.35 74.28 83.93
N VAL K 130 -74.28 73.66 82.75
CA VAL K 130 -73.56 74.19 81.55
C VAL K 130 -74.49 74.00 80.33
N VAL K 131 -74.63 75.03 79.51
CA VAL K 131 -75.48 75.02 78.28
C VAL K 131 -74.96 73.94 77.33
N GLU K 132 -75.85 73.07 76.87
CA GLU K 132 -75.56 71.97 75.91
C GLU K 132 -76.46 72.14 74.68
N ASN K 133 -75.86 72.53 73.55
CA ASN K 133 -76.56 72.73 72.25
C ASN K 133 -76.98 71.35 71.71
N LEU K 134 -78.22 71.25 71.20
CA LEU K 134 -78.80 70.00 70.65
C LEU K 134 -78.26 69.78 69.23
N SER K 135 -77.35 68.81 69.06
CA SER K 135 -76.75 68.40 67.76
C SER K 135 -77.38 67.08 67.30
N SER K 136 -77.22 66.77 66.01
CA SER K 136 -77.69 65.52 65.36
C SER K 136 -76.66 65.07 64.30
N LYS K 137 -75.77 64.16 64.69
CA LYS K 137 -74.64 63.66 63.85
C LYS K 137 -75.16 62.58 62.91
N THR K 138 -75.12 62.83 61.59
CA THR K 138 -75.48 61.85 60.54
C THR K 138 -74.35 60.80 60.47
N LEU K 139 -74.59 59.59 60.95
CA LEU K 139 -73.58 58.51 61.05
C LEU K 139 -73.29 57.93 59.66
N MET K 140 -74.33 57.55 58.91
CA MET K 140 -74.19 56.80 57.63
C MET K 140 -75.47 56.90 56.79
N LEU K 141 -75.30 57.15 55.48
CA LEU K 141 -76.39 57.15 54.46
C LEU K 141 -76.45 55.78 53.78
N PHE K 142 -77.65 55.23 53.63
CA PHE K 142 -77.96 54.08 52.74
C PHE K 142 -78.63 54.65 51.48
N LYS K 143 -78.58 53.90 50.37
CA LYS K 143 -79.18 54.31 49.06
C LYS K 143 -79.07 53.17 48.04
N ASP K 144 -80.05 53.08 47.13
CA ASP K 144 -80.09 52.10 46.02
C ASP K 144 -79.13 52.57 44.91
N GLU K 145 -78.70 51.66 44.05
CA GLU K 145 -77.67 51.93 42.99
C GLU K 145 -78.21 51.49 41.63
N LYS K 146 -78.38 52.46 40.71
CA LYS K 146 -78.73 52.27 39.27
C LYS K 146 -80.09 51.54 39.16
N GLU K 147 -81.13 52.11 39.77
CA GLU K 147 -82.53 51.61 39.68
C GLU K 147 -83.26 52.38 38.57
N ILE K 148 -84.28 51.76 37.96
CA ILE K 148 -85.19 52.40 36.97
C ILE K 148 -86.06 53.41 37.72
N CYS K 149 -85.83 54.71 37.48
CA CYS K 149 -86.37 55.84 38.27
C CYS K 149 -85.87 55.75 39.72
N LYS K 150 -86.37 56.60 40.60
CA LYS K 150 -86.09 56.57 42.07
C LYS K 150 -87.21 55.81 42.77
N ARG K 151 -86.90 55.17 43.90
CA ARG K 151 -87.85 54.39 44.73
C ARG K 151 -87.89 55.00 46.14
N SER K 152 -89.06 55.50 46.56
CA SER K 152 -89.29 56.17 47.87
C SER K 152 -89.23 55.12 49.00
N VAL K 153 -88.52 55.44 50.09
CA VAL K 153 -88.41 54.57 51.30
C VAL K 153 -89.77 54.61 52.00
N SER K 154 -90.67 53.70 51.62
CA SER K 154 -92.09 53.69 52.01
C SER K 154 -92.26 53.37 53.51
N GLU K 155 -91.38 52.56 54.10
CA GLU K 155 -91.38 52.23 55.56
C GLU K 155 -90.02 51.68 55.98
N ILE K 156 -89.67 51.88 57.25
CA ILE K 156 -88.42 51.39 57.91
C ILE K 156 -88.82 50.59 59.15
N SER K 157 -87.97 49.65 59.57
CA SER K 157 -88.08 48.89 60.86
C SER K 157 -86.69 48.54 61.39
N TRP K 158 -86.54 48.54 62.72
CA TRP K 158 -85.27 48.22 63.42
C TRP K 158 -85.27 46.73 63.81
N HIS K 159 -84.07 46.16 64.00
CA HIS K 159 -83.85 44.77 64.47
C HIS K 159 -84.17 44.69 65.95
N PRO K 160 -84.98 43.71 66.42
CA PRO K 160 -85.52 43.73 67.77
C PRO K 160 -84.48 43.54 68.89
N GLU K 161 -83.48 42.67 68.67
CA GLU K 161 -82.36 42.40 69.60
C GLU K 161 -81.66 43.71 69.97
N GLY K 162 -81.24 44.48 68.96
CA GLY K 162 -80.56 45.77 69.14
C GLY K 162 -80.36 46.52 67.83
N PRO K 163 -79.73 47.71 67.85
CA PRO K 163 -79.50 48.51 66.65
C PRO K 163 -78.26 48.03 65.85
N THR K 164 -78.39 46.88 65.19
CA THR K 164 -77.33 46.23 64.37
C THR K 164 -77.71 46.27 62.88
N LYS K 165 -78.96 45.94 62.55
CA LYS K 165 -79.50 45.96 61.17
C LYS K 165 -80.76 46.85 61.12
N VAL K 166 -81.09 47.35 59.93
CA VAL K 166 -82.30 48.18 59.64
C VAL K 166 -82.91 47.70 58.33
N ALA K 167 -84.01 46.94 58.41
CA ALA K 167 -84.81 46.50 57.24
C ALA K 167 -85.59 47.71 56.72
N VAL K 168 -85.57 47.95 55.40
CA VAL K 168 -86.27 49.09 54.74
C VAL K 168 -86.95 48.58 53.46
N SER K 169 -88.18 49.04 53.22
CA SER K 169 -88.99 48.74 52.02
C SER K 169 -88.77 49.85 50.97
N TYR K 170 -89.27 49.63 49.75
CA TYR K 170 -89.11 50.55 48.59
C TYR K 170 -90.31 50.39 47.65
N ALA K 171 -91.12 51.43 47.51
CA ALA K 171 -92.26 51.49 46.57
C ALA K 171 -92.70 52.94 46.35
N ILE K 172 -93.41 53.18 45.24
CA ILE K 172 -94.00 54.50 44.88
C ILE K 172 -95.44 54.52 45.38
N MET K 173 -95.77 55.50 46.23
CA MET K 173 -97.14 55.73 46.76
C MET K 173 -97.89 56.76 45.90
N ARG K 174 -97.21 57.37 44.92
CA ARG K 174 -97.85 58.18 43.84
C ARG K 174 -98.54 57.20 42.88
N PHE K 175 -99.74 57.55 42.40
CA PHE K 175 -100.67 56.61 41.74
C PHE K 175 -100.41 56.54 40.23
N GLN K 176 -100.09 55.34 39.73
CA GLN K 176 -99.79 55.02 38.30
C GLN K 176 -98.46 55.64 37.83
N GLN K 177 -97.73 56.31 38.72
CA GLN K 177 -96.48 57.05 38.40
C GLN K 177 -95.30 56.06 38.43
N MET K 178 -95.42 54.99 39.23
CA MET K 178 -94.55 53.79 39.19
C MET K 178 -94.37 53.33 37.73
N PRO K 179 -93.13 53.17 37.23
CA PRO K 179 -92.90 52.62 35.88
C PRO K 179 -93.38 51.17 35.69
N GLU K 180 -93.57 50.77 34.43
CA GLU K 180 -93.90 49.39 34.01
C GLU K 180 -92.67 48.49 34.24
N LYS K 181 -92.79 47.48 35.11
CA LYS K 181 -91.74 46.50 35.47
C LYS K 181 -90.56 47.24 36.13
N MET K 182 -90.83 48.04 37.17
CA MET K 182 -89.79 48.65 38.04
C MET K 182 -89.26 47.59 38.98
N PRO K 183 -88.01 47.72 39.51
CA PRO K 183 -87.47 46.73 40.43
C PRO K 183 -88.22 46.72 41.78
N THR K 184 -88.98 45.66 42.02
CA THR K 184 -89.77 45.41 43.26
C THR K 184 -88.96 44.49 44.18
N GLN K 185 -88.39 45.05 45.25
CA GLN K 185 -87.46 44.34 46.17
C GLN K 185 -87.13 45.25 47.36
N ALA K 186 -87.29 44.74 48.58
CA ALA K 186 -86.83 45.36 49.85
C ALA K 186 -85.41 44.89 50.14
N TYR K 187 -84.61 45.74 50.79
CA TYR K 187 -83.23 45.43 51.25
C TYR K 187 -83.19 45.47 52.78
N VAL K 188 -82.04 45.08 53.35
CA VAL K 188 -81.75 45.08 54.81
C VAL K 188 -80.28 45.48 55.01
N TRP K 189 -80.04 46.63 55.64
CA TRP K 189 -78.69 47.22 55.84
C TRP K 189 -78.09 46.77 57.17
N ASP K 190 -76.75 46.74 57.25
CA ASP K 190 -75.96 46.58 58.49
C ASP K 190 -75.17 47.87 58.73
N LEU K 191 -75.01 48.29 59.99
CA LEU K 191 -74.37 49.58 60.37
C LEU K 191 -72.84 49.49 60.22
N LEU K 192 -72.27 48.28 60.08
CA LEU K 192 -70.81 48.07 59.87
C LEU K 192 -70.44 48.43 58.42
N ASN K 193 -71.12 47.84 57.43
CA ASN K 193 -70.83 48.03 55.97
C ASN K 193 -72.04 48.70 55.30
N PRO K 194 -72.21 50.04 55.46
CA PRO K 194 -73.29 50.77 54.80
C PRO K 194 -73.09 51.15 53.31
N ASN K 195 -72.07 50.59 52.65
CA ASN K 195 -71.84 50.75 51.18
C ASN K 195 -73.07 50.25 50.42
N SER K 196 -73.34 48.94 50.51
CA SER K 196 -74.42 48.21 49.79
C SER K 196 -75.19 47.37 50.80
N PRO K 197 -76.41 46.88 50.46
CA PRO K 197 -77.23 46.15 51.42
C PRO K 197 -76.68 44.75 51.74
N GLU K 198 -76.74 44.36 53.02
CA GLU K 198 -76.22 43.07 53.56
C GLU K 198 -76.93 41.89 52.88
N ILE K 199 -78.26 41.99 52.70
CA ILE K 199 -79.11 40.87 52.18
C ILE K 199 -80.32 41.44 51.43
N LYS K 200 -80.78 40.72 50.40
CA LYS K 200 -81.87 41.11 49.48
C LYS K 200 -83.14 40.33 49.82
N LEU K 201 -84.31 40.98 49.75
CA LEU K 201 -85.66 40.38 49.97
C LEU K 201 -86.47 40.50 48.67
N MET K 202 -86.32 39.53 47.77
CA MET K 202 -87.03 39.49 46.46
C MET K 202 -88.52 39.18 46.73
N SER K 203 -89.43 40.02 46.20
CA SER K 203 -90.89 39.97 46.43
C SER K 203 -91.64 39.83 45.11
N PRO K 204 -92.93 39.40 45.09
CA PRO K 204 -93.71 39.36 43.86
C PRO K 204 -94.10 40.75 43.34
N SER K 205 -94.49 41.66 44.24
CA SER K 205 -94.82 43.08 43.97
C SER K 205 -94.09 43.98 44.98
N ALA K 206 -94.02 45.28 44.69
CA ALA K 206 -93.32 46.31 45.49
C ALA K 206 -93.84 46.28 46.93
N VAL K 207 -92.93 46.29 47.91
CA VAL K 207 -93.27 46.14 49.36
C VAL K 207 -93.49 47.54 49.95
N THR K 208 -94.65 47.77 50.56
CA THR K 208 -95.13 49.09 51.04
C THR K 208 -94.70 49.29 52.49
N ASN K 209 -95.09 48.38 53.38
CA ASN K 209 -94.75 48.38 54.84
C ASN K 209 -94.12 47.04 55.21
N ILE K 210 -92.97 47.06 55.90
CA ILE K 210 -92.33 45.87 56.52
C ILE K 210 -92.08 46.15 58.00
N SER K 211 -91.85 45.09 58.79
CA SER K 211 -91.39 45.15 60.20
C SER K 211 -90.73 43.83 60.60
N TYR K 212 -89.79 43.90 61.55
CA TYR K 212 -89.16 42.72 62.21
C TYR K 212 -90.14 42.16 63.25
N ASN K 213 -90.02 40.86 63.56
CA ASN K 213 -90.82 40.14 64.58
C ASN K 213 -89.90 39.77 65.75
N GLN K 214 -90.09 40.41 66.91
CA GLN K 214 -89.28 40.21 68.14
C GLN K 214 -89.38 38.75 68.64
N LYS K 215 -90.50 38.07 68.39
CA LYS K 215 -90.76 36.67 68.83
C LYS K 215 -89.80 35.71 68.13
N ILE K 216 -89.74 35.76 66.79
CA ILE K 216 -88.86 34.90 65.94
C ILE K 216 -87.70 35.74 65.43
N PRO K 217 -86.46 35.57 65.94
CA PRO K 217 -85.35 36.46 65.58
C PRO K 217 -85.02 36.37 64.08
N ASP K 218 -85.10 37.50 63.38
CA ASP K 218 -84.93 37.63 61.91
C ASP K 218 -86.04 36.84 61.20
N GLN K 219 -87.28 37.34 61.28
CA GLN K 219 -88.42 36.96 60.41
C GLN K 219 -89.18 38.24 60.03
N ILE K 220 -88.80 38.87 58.91
CA ILE K 220 -89.39 40.12 58.38
C ILE K 220 -90.69 39.77 57.64
N GLY K 221 -91.76 40.53 57.90
CA GLY K 221 -93.06 40.43 57.22
C GLY K 221 -93.46 41.75 56.59
N GLY K 222 -94.04 41.72 55.38
CA GLY K 222 -94.25 42.90 54.53
C GLY K 222 -95.55 42.85 53.75
N GLY K 223 -96.15 44.03 53.51
CA GLY K 223 -97.39 44.20 52.75
C GLY K 223 -97.13 44.85 51.40
N CYS K 224 -97.46 44.17 50.31
CA CYS K 224 -97.16 44.60 48.92
C CYS K 224 -98.17 45.66 48.46
N TYR K 225 -97.88 46.31 47.32
CA TYR K 225 -98.74 47.32 46.67
C TYR K 225 -99.99 46.65 46.08
N ASN K 226 -99.85 45.38 45.64
CA ASN K 226 -100.95 44.54 45.08
C ASN K 226 -102.07 44.37 46.11
N GLY K 227 -101.71 44.24 47.39
CA GLY K 227 -102.60 43.81 48.49
C GLY K 227 -102.08 42.54 49.15
N LEU K 228 -101.14 41.84 48.50
CA LEU K 228 -100.52 40.59 48.97
C LEU K 228 -99.73 40.88 50.25
N LEU K 229 -99.74 39.94 51.21
CA LEU K 229 -98.80 39.87 52.36
C LEU K 229 -97.70 38.86 52.05
N ALA K 230 -96.46 39.16 52.46
CA ALA K 230 -95.26 38.30 52.28
C ALA K 230 -94.51 38.21 53.60
N VAL K 231 -93.75 37.12 53.80
CA VAL K 231 -92.84 36.91 54.97
C VAL K 231 -91.55 36.24 54.49
N TRP K 232 -90.39 36.83 54.82
CA TRP K 232 -89.04 36.32 54.49
C TRP K 232 -88.35 35.84 55.78
N ASP K 233 -87.10 35.41 55.68
CA ASP K 233 -86.21 35.09 56.83
C ASP K 233 -84.92 35.89 56.66
N GLY K 234 -84.58 36.74 57.65
CA GLY K 234 -83.51 37.76 57.56
C GLY K 234 -82.11 37.19 57.41
N ARG K 235 -81.92 35.89 57.69
CA ARG K 235 -80.62 35.18 57.55
C ARG K 235 -80.37 34.79 56.09
N LYS K 236 -81.31 34.04 55.49
CA LYS K 236 -81.19 33.46 54.11
C LYS K 236 -81.76 34.45 53.08
N GLY K 237 -82.87 35.13 53.41
CA GLY K 237 -83.50 36.17 52.57
C GLY K 237 -84.06 35.60 51.27
N GLU K 238 -83.64 36.16 50.13
CA GLU K 238 -83.94 35.70 48.75
C GLU K 238 -85.46 35.81 48.50
N ASN K 239 -86.20 34.69 48.47
CA ASN K 239 -87.63 34.62 48.07
C ASN K 239 -88.49 34.48 49.32
N PRO K 240 -89.81 34.85 49.27
CA PRO K 240 -90.67 34.84 50.44
C PRO K 240 -91.30 33.47 50.71
N ILE K 241 -91.27 33.03 51.98
CA ILE K 241 -91.65 31.65 52.42
C ILE K 241 -93.18 31.54 52.54
N MET K 242 -93.85 32.58 53.06
CA MET K 242 -95.33 32.62 53.21
C MET K 242 -95.89 33.77 52.36
N ILE K 243 -96.84 33.48 51.46
CA ILE K 243 -97.53 34.48 50.59
C ILE K 243 -99.04 34.20 50.61
N SER K 244 -99.85 35.23 50.83
CA SER K 244 -101.34 35.17 50.93
C SER K 244 -101.95 34.83 49.56
N PRO K 245 -103.18 34.29 49.50
CA PRO K 245 -103.90 34.11 48.24
C PRO K 245 -104.30 35.46 47.61
N VAL K 246 -104.37 35.51 46.27
CA VAL K 246 -104.54 36.75 45.46
C VAL K 246 -105.99 37.26 45.59
N GLU K 247 -106.96 36.34 45.61
CA GLU K 247 -108.41 36.63 45.44
C GLU K 247 -109.00 37.12 46.77
N ASN K 248 -108.65 36.47 47.88
CA ASN K 248 -109.28 36.68 49.22
C ASN K 248 -108.60 37.86 49.93
N SER K 249 -107.27 38.00 49.80
CA SER K 249 -106.48 39.15 50.29
C SER K 249 -107.02 40.46 49.69
N HIS K 250 -107.05 41.52 50.49
CA HIS K 250 -107.75 42.80 50.16
C HIS K 250 -107.19 43.44 48.89
N TYR K 251 -108.01 44.28 48.23
CA TYR K 251 -107.64 45.12 47.06
C TYR K 251 -106.92 46.36 47.59
N GLU K 252 -106.14 47.04 46.72
CA GLU K 252 -105.41 48.30 47.04
C GLU K 252 -104.31 48.01 48.07
N PRO K 253 -103.35 48.93 48.31
CA PRO K 253 -102.08 48.57 48.95
C PRO K 253 -102.13 48.56 50.49
N VAL K 254 -101.34 47.67 51.09
CA VAL K 254 -101.19 47.52 52.56
C VAL K 254 -100.58 48.83 53.09
N THR K 255 -101.34 49.61 53.85
CA THR K 255 -100.91 50.93 54.40
C THR K 255 -100.14 50.73 55.71
N HIS K 256 -100.36 49.61 56.42
CA HIS K 256 -99.64 49.27 57.68
C HIS K 256 -99.67 47.75 57.94
N PHE K 257 -98.55 47.21 58.42
CA PHE K 257 -98.34 45.79 58.81
C PHE K 257 -97.56 45.76 60.12
N HIS K 258 -98.13 45.18 61.18
CA HIS K 258 -97.48 45.04 62.52
C HIS K 258 -97.72 43.62 63.07
N TRP K 259 -96.75 43.11 63.84
CA TRP K 259 -96.79 41.75 64.45
C TRP K 259 -97.54 41.81 65.80
N LEU K 260 -98.32 40.78 66.10
CA LEU K 260 -99.03 40.59 67.39
C LEU K 260 -98.13 39.78 68.33
N MET K 261 -97.11 40.43 68.90
CA MET K 261 -96.09 39.86 69.83
C MET K 261 -96.75 38.95 70.87
N SER K 262 -97.88 39.37 71.44
CA SER K 262 -98.63 38.61 72.49
C SER K 262 -99.35 37.42 71.84
N LYS K 263 -98.58 36.36 71.54
CA LYS K 263 -99.04 35.06 70.97
C LYS K 263 -97.83 34.13 70.88
N THR K 264 -98.03 32.82 71.02
CA THR K 264 -96.98 31.77 71.05
C THR K 264 -96.22 31.79 69.71
N GLY K 265 -96.79 31.15 68.68
CA GLY K 265 -96.42 31.37 67.26
C GLY K 265 -97.05 32.65 66.76
N SER K 266 -96.24 33.56 66.21
CA SER K 266 -96.60 34.98 65.93
C SER K 266 -97.78 35.08 64.96
N GLU K 267 -98.59 36.14 65.11
CA GLU K 267 -99.68 36.57 64.19
C GLU K 267 -99.41 38.01 63.75
N CYS K 268 -100.00 38.45 62.63
CA CYS K 268 -99.79 39.80 62.03
C CYS K 268 -101.12 40.42 61.61
N VAL K 269 -101.24 41.75 61.77
CA VAL K 269 -102.45 42.57 61.46
C VAL K 269 -102.12 43.49 60.28
N THR K 270 -103.12 43.93 59.51
CA THR K 270 -102.91 44.63 58.20
C THR K 270 -104.14 45.45 57.80
N THR K 271 -103.95 46.77 57.61
CA THR K 271 -104.97 47.74 57.14
C THR K 271 -104.66 48.16 55.69
N SER K 272 -105.64 48.79 55.02
CA SER K 272 -105.55 49.21 53.59
C SER K 272 -106.45 50.43 53.31
N THR K 273 -106.26 51.05 52.15
CA THR K 273 -107.07 52.18 51.62
C THR K 273 -108.42 51.62 51.09
N ASP K 274 -108.55 50.31 50.91
CA ASP K 274 -109.85 49.61 50.67
C ASP K 274 -110.75 49.79 51.90
N GLY K 275 -110.16 49.95 53.08
CA GLY K 275 -110.88 50.17 54.36
C GLY K 275 -111.36 48.86 54.94
N LYS K 276 -110.45 47.88 55.00
CA LYS K 276 -110.72 46.53 55.55
C LYS K 276 -109.50 46.09 56.38
N VAL K 277 -109.61 46.20 57.71
CA VAL K 277 -108.57 45.72 58.67
C VAL K 277 -108.66 44.19 58.71
N MET K 278 -107.53 43.51 58.87
CA MET K 278 -107.42 42.02 58.82
C MET K 278 -106.38 41.52 59.83
N TRP K 279 -106.72 40.45 60.56
CA TRP K 279 -105.86 39.76 61.57
C TRP K 279 -105.38 38.42 60.97
N TRP K 280 -104.19 38.42 60.37
CA TRP K 280 -103.62 37.25 59.64
C TRP K 280 -102.91 36.30 60.62
N ASP K 281 -102.86 35.01 60.27
CA ASP K 281 -102.08 33.95 61.00
C ASP K 281 -100.89 33.55 60.12
N THR K 282 -99.68 33.65 60.66
CA THR K 282 -98.39 33.49 59.91
C THR K 282 -98.14 32.00 59.61
N ARG K 283 -98.39 31.13 60.59
CA ARG K 283 -98.32 29.65 60.46
C ARG K 283 -99.30 29.18 59.38
N LYS K 284 -100.49 29.79 59.31
CA LYS K 284 -101.64 29.35 58.49
C LYS K 284 -102.19 30.53 57.68
N PHE K 285 -101.67 30.72 56.46
CA PHE K 285 -102.19 31.72 55.47
C PHE K 285 -103.43 31.12 54.79
N GLU K 286 -103.45 29.80 54.60
CA GLU K 286 -104.64 28.93 54.38
C GLU K 286 -105.60 29.62 53.38
N ALA K 287 -106.91 29.66 53.66
CA ALA K 287 -107.93 30.37 52.86
C ALA K 287 -108.19 31.77 53.44
N GLY K 288 -107.31 32.72 53.13
CA GLY K 288 -107.48 34.15 53.46
C GLY K 288 -107.17 34.43 54.93
N PRO K 289 -107.51 35.64 55.43
CA PRO K 289 -107.29 35.98 56.84
C PRO K 289 -108.42 35.48 57.75
N VAL K 290 -108.18 35.55 59.06
CA VAL K 290 -109.09 35.04 60.13
C VAL K 290 -110.25 36.04 60.27
N GLU K 291 -109.91 37.28 60.63
CA GLU K 291 -110.87 38.37 60.98
C GLU K 291 -110.98 39.36 59.81
N LYS K 292 -112.22 39.75 59.47
CA LYS K 292 -112.54 40.79 58.45
C LYS K 292 -113.42 41.86 59.10
N LEU K 293 -112.90 43.08 59.23
CA LEU K 293 -113.60 44.28 59.74
C LEU K 293 -113.50 45.39 58.69
N ASN K 294 -114.64 45.90 58.21
CA ASN K 294 -114.73 47.09 57.31
C ASN K 294 -114.98 48.32 58.19
N ILE K 295 -114.25 49.41 57.94
CA ILE K 295 -114.15 50.61 58.84
C ILE K 295 -115.30 51.57 58.50
N ILE K 296 -116.50 51.26 59.01
CA ILE K 296 -117.70 52.15 58.97
C ILE K 296 -117.45 53.33 59.92
N GLU K 297 -118.00 54.51 59.62
CA GLU K 297 -117.86 55.76 60.42
C GLU K 297 -119.25 56.34 60.71
N GLY K 298 -119.59 56.50 62.00
CA GLY K 298 -120.81 57.19 62.47
C GLY K 298 -121.82 56.25 63.12
N LEU K 299 -121.97 55.03 62.58
CA LEU K 299 -123.04 54.05 62.92
C LEU K 299 -124.41 54.65 62.56
N GLY K 300 -125.51 54.08 63.07
CA GLY K 300 -126.90 54.49 62.76
C GLY K 300 -127.40 53.80 61.51
N GLU K 301 -127.45 54.52 60.39
CA GLU K 301 -127.76 53.98 59.03
C GLU K 301 -126.64 54.35 58.05
N ASN K 302 -126.13 55.59 58.09
CA ASN K 302 -125.01 56.10 57.24
C ASN K 302 -123.75 55.26 57.48
N GLU K 303 -123.45 54.32 56.59
CA GLU K 303 -122.24 53.45 56.63
C GLU K 303 -121.41 53.67 55.36
N GLU K 304 -120.30 54.42 55.50
CA GLU K 304 -119.30 54.68 54.44
C GLU K 304 -117.99 53.96 54.80
N ILE K 305 -117.40 53.24 53.85
CA ILE K 305 -116.14 52.46 54.05
C ILE K 305 -114.95 53.38 53.75
N ILE K 306 -114.14 53.69 54.76
CA ILE K 306 -113.05 54.72 54.72
C ILE K 306 -111.70 54.03 55.01
N GLY K 307 -110.68 54.35 54.21
CA GLY K 307 -109.40 53.62 54.14
C GLY K 307 -108.57 53.73 55.41
N GLY K 308 -108.18 52.59 56.00
CA GLY K 308 -107.40 52.51 57.24
C GLY K 308 -105.94 52.87 57.00
N THR K 309 -105.57 54.13 57.25
CA THR K 309 -104.29 54.74 56.81
C THR K 309 -103.16 54.45 57.80
N ALA K 310 -103.47 54.15 59.07
CA ALA K 310 -102.47 53.85 60.13
C ALA K 310 -103.07 52.95 61.20
N LEU K 311 -102.23 52.11 61.81
CA LEU K 311 -102.60 51.13 62.87
C LEU K 311 -101.54 51.16 63.97
N GLU K 312 -101.98 51.19 65.24
CA GLU K 312 -101.09 51.23 66.43
C GLU K 312 -101.52 50.12 67.41
N TYR K 313 -100.53 49.42 67.98
CA TYR K 313 -100.68 48.23 68.85
C TYR K 313 -99.49 48.18 69.81
N ASN K 314 -99.75 47.95 71.11
CA ASN K 314 -98.71 47.96 72.18
C ASN K 314 -99.01 46.89 73.24
N VAL K 315 -97.96 46.45 73.95
CA VAL K 315 -97.99 45.38 74.98
C VAL K 315 -98.79 45.90 76.20
N GLU K 316 -98.52 47.13 76.62
CA GLU K 316 -99.11 47.76 77.84
C GLU K 316 -100.60 48.05 77.61
N ALA K 317 -100.99 48.36 76.36
CA ALA K 317 -102.40 48.44 75.91
C ALA K 317 -103.01 47.04 75.90
N GLY K 318 -102.24 46.04 75.44
CA GLY K 318 -102.60 44.60 75.48
C GLY K 318 -103.23 44.14 74.16
N PRO K 319 -103.51 42.83 74.01
CA PRO K 319 -104.10 42.30 72.79
C PRO K 319 -105.57 42.67 72.57
N SER K 320 -106.22 43.29 73.56
CA SER K 320 -107.62 43.79 73.50
C SER K 320 -107.75 44.88 72.44
N LYS K 321 -107.08 46.03 72.63
CA LYS K 321 -107.26 47.27 71.82
C LYS K 321 -106.36 47.26 70.58
N PHE K 322 -106.92 47.65 69.43
CA PHE K 322 -106.19 47.99 68.17
C PHE K 322 -106.63 49.40 67.73
N LEU K 323 -105.70 50.36 67.76
CA LEU K 323 -105.95 51.81 67.50
C LEU K 323 -105.68 52.11 66.02
N ILE K 324 -106.73 52.45 65.26
CA ILE K 324 -106.73 52.52 63.76
C ILE K 324 -107.06 53.95 63.33
N GLY K 325 -106.23 54.54 62.46
CA GLY K 325 -106.43 55.86 61.82
C GLY K 325 -106.97 55.73 60.42
N THR K 326 -107.71 56.73 59.94
CA THR K 326 -108.52 56.66 58.68
C THR K 326 -108.14 57.80 57.74
N GLU K 327 -108.65 57.74 56.49
CA GLU K 327 -108.43 58.73 55.40
C GLU K 327 -109.17 60.03 55.70
N SER K 328 -110.41 59.93 56.22
CA SER K 328 -111.33 61.06 56.52
C SER K 328 -110.75 61.94 57.63
N GLY K 329 -109.92 61.38 58.51
CA GLY K 329 -109.17 62.11 59.56
C GLY K 329 -109.47 61.59 60.97
N SER K 330 -110.56 60.84 61.14
CA SER K 330 -110.98 60.23 62.42
C SER K 330 -110.01 59.12 62.83
N ILE K 331 -110.14 58.62 64.06
CA ILE K 331 -109.37 57.47 64.61
C ILE K 331 -110.35 56.54 65.33
N LEU K 332 -110.46 55.28 64.89
CA LEU K 332 -111.34 54.24 65.50
C LEU K 332 -110.50 53.27 66.34
N THR K 333 -111.16 52.51 67.22
CA THR K 333 -110.56 51.49 68.12
C THR K 333 -111.35 50.19 68.01
N ALA K 334 -110.68 49.11 67.57
CA ALA K 334 -111.28 47.77 67.36
C ALA K 334 -110.81 46.84 68.49
N ASN K 335 -111.69 46.58 69.47
CA ASN K 335 -111.46 45.58 70.55
C ASN K 335 -111.94 44.21 70.03
N LYS K 336 -110.99 43.32 69.71
CA LYS K 336 -111.25 41.91 69.33
C LYS K 336 -111.88 41.20 70.53
N LYS K 337 -112.90 40.37 70.28
CA LYS K 337 -113.59 39.55 71.32
C LYS K 337 -113.61 38.08 70.86
N LEU K 338 -113.57 37.17 71.82
CA LEU K 338 -113.87 35.73 71.62
C LEU K 338 -115.39 35.56 71.55
N LYS K 339 -116.14 36.54 72.09
CA LYS K 339 -117.62 36.65 72.00
C LYS K 339 -118.02 37.06 70.57
N LYS K 340 -118.33 38.33 70.31
CA LYS K 340 -118.80 38.85 68.99
C LYS K 340 -117.57 39.15 68.13
N PRO K 341 -117.49 38.62 66.89
CA PRO K 341 -116.23 38.54 66.16
C PRO K 341 -115.35 39.80 66.18
N VAL K 342 -115.93 41.00 66.19
CA VAL K 342 -115.20 42.29 66.42
C VAL K 342 -116.18 43.40 66.79
N GLU K 343 -115.69 44.40 67.54
CA GLU K 343 -116.44 45.59 68.00
C GLU K 343 -115.55 46.83 67.83
N ILE K 344 -116.11 47.93 67.30
CA ILE K 344 -115.43 49.25 67.09
C ILE K 344 -115.92 50.21 68.18
N THR K 345 -115.22 50.25 69.32
CA THR K 345 -115.69 50.87 70.58
C THR K 345 -115.71 52.40 70.45
N THR K 346 -114.53 53.03 70.54
CA THR K 346 -114.36 54.51 70.65
C THR K 346 -114.22 55.13 69.25
N ARG K 347 -114.51 56.43 69.12
CA ARG K 347 -114.42 57.20 67.86
C ARG K 347 -113.71 58.54 68.14
N TYR K 348 -112.38 58.51 68.16
CA TYR K 348 -111.50 59.65 68.53
C TYR K 348 -111.56 60.70 67.43
N GLY K 349 -112.21 61.83 67.69
CA GLY K 349 -112.35 62.95 66.75
C GLY K 349 -113.36 62.64 65.66
N LEU K 350 -114.59 62.34 66.05
CA LEU K 350 -115.78 62.34 65.15
C LEU K 350 -116.14 63.82 64.88
N ASP K 351 -116.05 64.66 65.90
CA ASP K 351 -116.46 66.10 65.88
C ASP K 351 -115.22 66.99 65.72
N GLN K 352 -114.52 67.30 66.82
CA GLN K 352 -113.55 68.44 66.92
C GLN K 352 -112.16 68.00 66.42
N GLY K 353 -111.70 66.82 66.86
CA GLY K 353 -110.34 66.31 66.62
C GLY K 353 -110.07 65.92 65.18
N ARG K 354 -111.10 65.86 64.32
CA ARG K 354 -110.98 65.50 62.88
C ARG K 354 -109.76 66.21 62.27
N HIS K 355 -108.79 65.43 61.81
CA HIS K 355 -107.63 65.93 61.03
C HIS K 355 -108.09 66.41 59.65
N LEU K 356 -107.40 67.41 59.10
CA LEU K 356 -107.75 68.07 57.81
C LEU K 356 -107.33 67.18 56.64
N GLY K 357 -106.41 66.24 56.88
CA GLY K 357 -105.97 65.20 55.92
C GLY K 357 -105.93 63.82 56.58
N PRO K 358 -105.50 62.77 55.84
CA PRO K 358 -105.39 61.42 56.40
C PRO K 358 -104.38 61.30 57.55
N VAL K 359 -104.70 60.46 58.55
CA VAL K 359 -103.85 60.17 59.74
C VAL K 359 -102.77 59.16 59.31
N TYR K 360 -101.60 59.66 58.91
CA TYR K 360 -100.53 58.87 58.24
C TYR K 360 -99.75 58.03 59.26
N SER K 361 -99.67 58.46 60.52
CA SER K 361 -98.98 57.72 61.59
C SER K 361 -99.65 57.97 62.95
N ILE K 362 -99.91 56.90 63.69
CA ILE K 362 -100.23 56.89 65.14
C ILE K 362 -99.05 56.22 65.85
N ASN K 363 -98.83 56.60 67.11
CA ASN K 363 -97.85 55.96 68.02
C ASN K 363 -98.23 56.33 69.46
N ARG K 364 -97.91 55.47 70.42
CA ARG K 364 -98.09 55.75 71.87
C ARG K 364 -96.76 55.51 72.59
N SER K 365 -96.49 56.33 73.61
CA SER K 365 -95.24 56.31 74.41
C SER K 365 -95.14 54.99 75.18
N ASN K 366 -93.98 54.35 75.13
CA ASN K 366 -93.68 53.07 75.82
C ASN K 366 -93.70 53.30 77.33
N GLN K 367 -93.32 54.51 77.77
CA GLN K 367 -93.24 54.93 79.20
C GLN K 367 -94.65 55.08 79.77
N ASN K 368 -95.52 55.83 79.07
CA ASN K 368 -96.95 56.03 79.42
C ASN K 368 -97.83 55.63 78.25
N PRO K 369 -98.42 54.42 78.25
CA PRO K 369 -99.20 53.92 77.10
C PRO K 369 -100.63 54.48 77.00
N LYS K 370 -101.13 55.15 78.05
CA LYS K 370 -102.43 55.88 78.06
C LYS K 370 -102.43 56.96 76.96
N TYR K 371 -101.31 57.67 76.80
CA TYR K 371 -101.18 58.87 75.94
C TYR K 371 -100.54 58.47 74.60
N PHE K 372 -101.25 58.77 73.50
CA PHE K 372 -100.82 58.49 72.12
C PHE K 372 -100.98 59.75 71.25
N LEU K 373 -100.09 59.90 70.27
CA LEU K 373 -100.10 61.02 69.30
C LEU K 373 -100.46 60.49 67.91
N SER K 374 -101.15 61.29 67.10
CA SER K 374 -101.45 60.99 65.67
C SER K 374 -100.99 62.18 64.81
N VAL K 375 -100.22 61.89 63.77
CA VAL K 375 -99.47 62.88 62.94
C VAL K 375 -100.23 63.06 61.62
N GLY K 376 -101.40 63.69 61.68
CA GLY K 376 -102.25 63.97 60.51
C GLY K 376 -101.92 65.31 59.88
N ASP K 377 -101.91 65.37 58.55
CA ASP K 377 -101.79 66.60 57.71
C ASP K 377 -100.65 67.49 58.26
N TRP K 378 -100.87 68.80 58.38
CA TRP K 378 -99.85 69.81 58.81
C TRP K 378 -99.48 69.63 60.28
N SER K 379 -100.46 69.32 61.14
CA SER K 379 -100.39 69.47 62.62
C SER K 379 -100.51 68.12 63.31
N CYS K 380 -99.49 67.72 64.08
CA CYS K 380 -99.54 66.59 65.04
C CYS K 380 -100.53 66.93 66.16
N LYS K 381 -101.15 65.91 66.78
CA LYS K 381 -102.05 66.04 67.95
C LYS K 381 -101.75 64.92 68.94
N ILE K 382 -102.15 65.09 70.21
CA ILE K 382 -101.99 64.08 71.30
C ILE K 382 -103.36 63.84 71.95
N TRP K 383 -103.64 62.59 72.34
CA TRP K 383 -104.96 62.10 72.80
C TRP K 383 -104.83 61.40 74.17
N VAL K 384 -105.95 60.94 74.74
CA VAL K 384 -106.02 60.11 75.98
C VAL K 384 -107.02 58.96 75.77
N GLU K 385 -106.77 57.83 76.43
CA GLU K 385 -107.27 56.47 76.07
C GLU K 385 -108.80 56.34 76.21
N ASP K 386 -109.52 57.35 76.71
CA ASP K 386 -111.01 57.37 76.72
C ASP K 386 -111.53 58.56 75.90
N LEU K 387 -111.05 59.77 76.22
CA LEU K 387 -111.55 61.09 75.74
C LEU K 387 -111.67 61.12 74.20
N LYS K 388 -112.66 61.87 73.69
CA LYS K 388 -112.97 61.98 72.24
C LYS K 388 -112.03 63.00 71.58
N THR K 389 -111.90 64.18 72.17
CA THR K 389 -111.16 65.35 71.61
C THR K 389 -109.69 65.30 72.04
N PRO K 390 -108.76 65.83 71.22
CA PRO K 390 -107.33 65.78 71.54
C PRO K 390 -106.95 66.75 72.65
N ILE K 391 -105.95 66.37 73.46
CA ILE K 391 -105.52 67.13 74.67
C ILE K 391 -104.64 68.30 74.23
N ILE K 392 -103.57 68.02 73.48
CA ILE K 392 -102.58 69.03 72.99
C ILE K 392 -102.51 68.92 71.46
N ARG K 393 -102.97 69.96 70.76
CA ARG K 393 -102.58 70.23 69.35
C ARG K 393 -101.25 70.99 69.39
N THR K 394 -100.33 70.66 68.46
CA THR K 394 -98.95 71.22 68.40
C THR K 394 -98.77 71.94 67.06
N LYS K 395 -99.16 73.22 67.02
CA LYS K 395 -98.79 74.18 65.94
C LYS K 395 -99.43 73.76 64.62
N TYR K 396 -99.03 74.39 63.52
CA TYR K 396 -98.99 73.82 62.15
C TYR K 396 -97.51 73.81 61.72
N HIS K 397 -97.19 73.31 60.53
CA HIS K 397 -95.79 73.15 60.04
C HIS K 397 -95.65 73.57 58.58
N GLY K 398 -94.41 73.82 58.15
CA GLY K 398 -94.04 73.96 56.73
C GLY K 398 -94.25 72.63 56.00
N SER K 399 -95.19 72.61 55.05
CA SER K 399 -95.67 71.40 54.34
C SER K 399 -96.36 70.45 55.32
N TYR K 400 -96.73 69.26 54.86
CA TYR K 400 -97.41 68.21 55.66
C TYR K 400 -96.40 67.46 56.52
N LEU K 401 -96.91 66.61 57.41
CA LEU K 401 -96.14 65.62 58.20
C LEU K 401 -96.43 64.23 57.65
N SER K 402 -95.39 63.46 57.36
CA SER K 402 -95.48 62.07 56.84
C SER K 402 -95.59 61.09 58.01
N ASP K 403 -94.76 61.27 59.05
CA ASP K 403 -94.60 60.32 60.17
C ASP K 403 -94.22 61.08 61.44
N GLY K 404 -94.36 60.44 62.60
CA GLY K 404 -93.81 60.93 63.89
C GLY K 404 -93.97 59.90 65.01
N CYS K 405 -93.01 59.86 65.93
CA CYS K 405 -92.89 58.82 66.99
C CYS K 405 -92.34 59.42 68.29
N TRP K 406 -92.73 58.85 69.43
CA TRP K 406 -92.18 59.16 70.78
C TRP K 406 -90.77 58.56 70.89
N SER K 407 -89.92 59.13 71.74
CA SER K 407 -88.63 58.52 72.17
C SER K 407 -88.95 57.33 73.06
N PRO K 408 -88.55 56.09 72.72
CA PRO K 408 -88.79 54.93 73.59
C PRO K 408 -88.29 55.12 75.02
N THR K 409 -87.12 55.75 75.17
CA THR K 409 -86.46 56.08 76.47
C THR K 409 -87.27 57.15 77.21
N ARG K 410 -87.47 58.30 76.57
CA ARG K 410 -87.97 59.56 77.21
C ARG K 410 -89.42 59.81 76.80
N SER K 411 -90.31 59.97 77.79
CA SER K 411 -91.77 60.22 77.61
C SER K 411 -92.00 61.60 76.96
N GLY K 412 -91.22 62.60 77.37
CA GLY K 412 -91.39 64.03 77.02
C GLY K 412 -91.35 64.28 75.52
N ALA K 413 -90.22 63.92 74.90
CA ALA K 413 -89.84 64.32 73.53
C ALA K 413 -90.40 63.31 72.52
N PHE K 414 -90.88 63.82 71.38
CA PHE K 414 -91.33 63.02 70.21
C PHE K 414 -90.92 63.74 68.92
N PHE K 415 -90.51 62.97 67.91
CA PHE K 415 -89.86 63.44 66.66
C PHE K 415 -90.87 63.34 65.51
N LEU K 416 -91.11 64.45 64.80
CA LEU K 416 -91.91 64.52 63.55
C LEU K 416 -90.98 64.68 62.36
N VAL K 417 -91.39 64.20 61.18
CA VAL K 417 -90.67 64.39 59.89
C VAL K 417 -91.65 65.02 58.89
N ARG K 418 -91.23 66.10 58.23
CA ARG K 418 -92.05 66.91 57.29
C ARG K 418 -91.70 66.51 55.85
N ARG K 419 -92.66 66.66 54.93
CA ARG K 419 -92.46 66.38 53.49
C ARG K 419 -91.64 67.50 52.83
N ASP K 420 -91.49 68.65 53.51
CA ASP K 420 -90.56 69.75 53.15
C ASP K 420 -89.13 69.22 53.07
N GLY K 421 -88.76 68.28 53.95
CA GLY K 421 -87.42 67.67 54.03
C GLY K 421 -86.89 67.63 55.46
N TRP K 422 -87.39 68.50 56.33
CA TRP K 422 -86.88 68.70 57.72
C TRP K 422 -87.47 67.65 58.67
N MET K 423 -86.69 67.27 59.69
CA MET K 423 -87.17 66.66 60.96
C MET K 423 -87.27 67.77 62.00
N ASP K 424 -88.24 67.69 62.91
CA ASP K 424 -88.47 68.68 64.00
C ASP K 424 -88.88 67.94 65.28
N VAL K 425 -88.25 68.30 66.41
CA VAL K 425 -88.34 67.59 67.71
C VAL K 425 -89.11 68.49 68.71
N TRP K 426 -90.07 67.92 69.43
CA TRP K 426 -90.92 68.61 70.43
C TRP K 426 -90.66 68.04 71.82
N ASP K 427 -89.74 68.64 72.57
CA ASP K 427 -89.36 68.23 73.95
C ASP K 427 -90.25 68.99 74.94
N TYR K 428 -91.28 68.33 75.47
CA TYR K 428 -92.36 68.96 76.29
C TYR K 428 -91.93 69.10 77.76
N TYR K 429 -90.78 68.53 78.15
CA TYR K 429 -90.16 68.73 79.49
C TYR K 429 -89.80 70.21 79.68
N TYR K 430 -89.09 70.80 78.71
CA TYR K 430 -88.62 72.21 78.75
C TYR K 430 -89.76 73.13 78.32
N ARG K 431 -90.12 73.12 77.02
CA ARG K 431 -90.99 74.15 76.38
C ARG K 431 -92.14 73.47 75.64
N GLN K 432 -93.34 74.07 75.71
CA GLN K 432 -94.60 73.56 75.08
C GLN K 432 -95.02 74.45 73.90
N ASN K 433 -94.37 75.61 73.71
CA ASN K 433 -94.77 76.65 72.72
C ASN K 433 -94.04 76.42 71.39
N GLU K 434 -92.71 76.25 71.44
CA GLU K 434 -91.81 76.24 70.24
C GLU K 434 -91.19 74.83 70.06
N ILE K 435 -90.42 74.67 68.98
CA ILE K 435 -89.66 73.42 68.62
C ILE K 435 -88.39 73.40 69.47
N ALA K 436 -87.95 72.21 69.91
CA ALA K 436 -86.68 72.00 70.65
C ALA K 436 -85.51 72.30 69.71
N PHE K 437 -85.43 71.58 68.58
CA PHE K 437 -84.51 71.86 67.44
C PHE K 437 -85.04 71.18 66.17
N SER K 438 -84.90 71.86 65.03
CA SER K 438 -85.19 71.36 63.66
C SER K 438 -83.88 71.04 62.95
N HIS K 439 -83.90 70.12 61.97
CA HIS K 439 -82.70 69.60 61.27
C HIS K 439 -83.05 69.17 59.84
N LYS K 440 -82.37 69.77 58.85
CA LYS K 440 -82.45 69.36 57.42
C LYS K 440 -81.77 67.99 57.27
N VAL K 441 -82.49 66.99 56.75
CA VAL K 441 -82.00 65.61 56.49
C VAL K 441 -81.65 65.49 55.00
N SER K 442 -82.58 65.89 54.12
CA SER K 442 -82.43 65.85 52.64
C SER K 442 -83.32 66.92 51.99
N ASP K 443 -82.91 67.41 50.81
CA ASP K 443 -83.72 68.31 49.94
C ASP K 443 -84.98 67.56 49.48
N SER K 444 -84.84 66.27 49.18
CA SER K 444 -85.96 65.34 48.87
C SER K 444 -86.81 65.14 50.12
N PRO K 445 -88.14 64.93 49.99
CA PRO K 445 -89.02 64.70 51.14
C PRO K 445 -88.65 63.53 52.06
N LEU K 446 -89.28 63.48 53.23
CA LEU K 446 -89.14 62.40 54.25
C LEU K 446 -90.48 61.65 54.33
N THR K 447 -90.49 60.36 54.00
CA THR K 447 -91.70 59.51 53.88
C THR K 447 -91.91 58.65 55.14
N CYS K 448 -90.88 58.46 55.98
CA CYS K 448 -90.97 57.62 57.21
C CYS K 448 -89.84 57.96 58.21
N ILE K 449 -90.12 57.78 59.50
CA ILE K 449 -89.13 57.75 60.62
C ILE K 449 -89.37 56.49 61.47
N LYS K 450 -88.29 55.91 61.98
CA LYS K 450 -88.30 54.86 63.02
C LYS K 450 -87.12 55.10 63.97
N ILE K 451 -87.28 54.73 65.24
CA ILE K 451 -86.30 54.99 66.33
C ILE K 451 -85.94 53.64 66.99
N ASN K 452 -84.69 53.49 67.43
CA ASN K 452 -84.17 52.21 67.97
C ASN K 452 -84.77 51.96 69.37
N GLN K 453 -85.60 50.93 69.49
CA GLN K 453 -86.10 50.36 70.77
C GLN K 453 -85.12 49.28 71.22
N THR K 454 -84.57 49.40 72.44
CA THR K 454 -83.51 48.53 73.02
C THR K 454 -82.15 48.86 72.39
N GLY K 455 -81.08 48.81 73.19
CA GLY K 455 -79.69 49.14 72.80
C GLY K 455 -78.74 47.98 73.01
N GLY K 456 -77.61 47.98 72.30
CA GLY K 456 -76.54 46.96 72.41
C GLY K 456 -75.19 47.50 71.95
N ALA K 457 -74.10 46.95 72.48
CA ALA K 457 -72.68 47.30 72.20
C ALA K 457 -72.42 48.77 72.58
N TYR K 458 -72.33 49.69 71.61
CA TYR K 458 -72.06 51.14 71.81
C TYR K 458 -73.39 51.92 71.91
N HIS K 459 -74.35 51.60 71.04
CA HIS K 459 -75.61 52.36 70.84
C HIS K 459 -76.68 51.93 71.86
N ASN K 460 -76.97 52.78 72.84
CA ASN K 460 -78.10 52.64 73.80
C ASN K 460 -79.43 52.93 73.08
N SER K 461 -80.55 52.72 73.79
CA SER K 461 -81.94 52.90 73.28
C SER K 461 -82.20 54.37 72.93
N GLY K 462 -83.02 54.61 71.90
CA GLY K 462 -83.52 55.94 71.49
C GLY K 462 -82.43 56.87 70.96
N LYS K 463 -81.26 56.34 70.60
CA LYS K 463 -80.08 57.14 70.15
C LYS K 463 -80.15 57.33 68.63
N LEU K 464 -80.30 56.24 67.88
CA LEU K 464 -80.31 56.23 66.39
C LEU K 464 -81.75 56.39 65.87
N CYS K 465 -81.93 57.26 64.87
CA CYS K 465 -83.23 57.54 64.18
C CYS K 465 -83.07 57.32 62.68
N ALA K 466 -83.52 56.18 62.16
CA ALA K 466 -83.56 55.86 60.72
C ALA K 466 -84.74 56.62 60.08
N ILE K 467 -84.46 57.41 59.04
CA ILE K 467 -85.46 58.30 58.36
C ILE K 467 -85.43 58.00 56.86
N GLY K 468 -86.61 57.74 56.27
CA GLY K 468 -86.77 57.31 54.87
C GLY K 468 -87.12 58.48 53.95
N ASP K 469 -86.32 58.69 52.90
CA ASP K 469 -86.46 59.82 51.95
C ASP K 469 -87.18 59.34 50.68
N GLN K 470 -87.79 60.27 49.94
CA GLN K 470 -88.52 59.99 48.67
C GLN K 470 -87.52 59.72 47.55
N ASP K 471 -86.31 60.28 47.64
CA ASP K 471 -85.15 59.99 46.75
C ASP K 471 -84.78 58.50 46.83
N GLY K 472 -84.92 57.89 48.02
CA GLY K 472 -84.62 56.47 48.29
C GLY K 472 -83.46 56.30 49.26
N THR K 473 -82.95 57.38 49.84
CA THR K 473 -81.85 57.38 50.85
C THR K 473 -82.46 57.17 52.24
N VAL K 474 -81.76 56.43 53.11
CA VAL K 474 -82.15 56.19 54.53
C VAL K 474 -81.01 56.68 55.42
N THR K 475 -81.21 57.82 56.09
CA THR K 475 -80.22 58.45 57.01
C THR K 475 -80.42 57.88 58.41
N ILE K 476 -79.34 57.77 59.18
CA ILE K 476 -79.34 57.35 60.61
C ILE K 476 -78.65 58.44 61.44
N LEU K 477 -79.42 59.15 62.27
CA LEU K 477 -78.98 60.32 63.07
C LEU K 477 -78.71 59.87 64.51
N GLU K 478 -77.46 59.94 64.97
CA GLU K 478 -77.10 59.83 66.41
C GLU K 478 -77.55 61.13 67.08
N LEU K 479 -78.57 61.04 67.95
CA LEU K 479 -79.14 62.21 68.68
C LEU K 479 -78.22 62.58 69.84
N CYS K 480 -78.38 63.80 70.36
CA CYS K 480 -77.57 64.37 71.48
C CYS K 480 -77.78 63.53 72.75
N ASP K 481 -76.76 63.46 73.62
CA ASP K 481 -76.76 62.62 74.84
C ASP K 481 -77.71 63.20 75.91
N SER K 482 -78.33 64.36 75.66
CA SER K 482 -79.43 64.95 76.47
C SER K 482 -80.80 64.46 75.97
N LEU K 483 -80.98 64.30 74.66
CA LEU K 483 -82.32 64.10 74.02
C LEU K 483 -82.85 62.68 74.27
N TYR K 484 -81.99 61.66 74.23
CA TYR K 484 -82.38 60.23 74.44
C TYR K 484 -82.32 59.89 75.94
N THR K 485 -81.31 60.38 76.66
CA THR K 485 -81.16 60.20 78.13
C THR K 485 -82.31 60.89 78.87
N MET K 486 -82.76 60.31 79.98
CA MET K 486 -83.85 60.85 80.84
C MET K 486 -83.31 62.03 81.67
N GLN K 487 -84.00 63.17 81.63
CA GLN K 487 -83.71 64.37 82.46
C GLN K 487 -84.35 64.16 83.83
N PRO K 488 -83.92 64.86 84.90
CA PRO K 488 -84.44 64.61 86.26
C PRO K 488 -85.93 64.93 86.42
N LYS K 489 -86.69 63.96 86.95
CA LYS K 489 -88.15 64.06 87.26
C LYS K 489 -88.95 64.28 85.98
N GLU K 490 -88.53 63.65 84.88
CA GLU K 490 -89.12 63.83 83.53
C GLU K 490 -90.49 63.14 83.49
N LYS K 491 -90.53 61.84 83.79
CA LYS K 491 -91.75 60.99 83.71
C LYS K 491 -92.83 61.51 84.67
N ASP K 492 -92.43 62.04 85.83
CA ASP K 492 -93.36 62.64 86.83
C ASP K 492 -94.02 63.88 86.23
N ILE K 493 -93.23 64.80 85.68
CA ILE K 493 -93.67 66.12 85.15
C ILE K 493 -94.67 65.93 84.00
N ILE K 494 -94.39 65.02 83.07
CA ILE K 494 -95.22 64.79 81.85
C ILE K 494 -96.55 64.15 82.25
N ASN K 495 -96.54 63.26 83.27
CA ASN K 495 -97.76 62.62 83.84
C ASN K 495 -98.65 63.69 84.47
N GLU K 496 -98.05 64.61 85.23
CA GLU K 496 -98.74 65.77 85.88
C GLU K 496 -99.34 66.69 84.82
N MET K 497 -98.58 66.99 83.75
CA MET K 497 -99.00 67.86 82.62
C MET K 497 -100.20 67.23 81.90
N PHE K 498 -100.10 65.95 81.53
CA PHE K 498 -101.17 65.20 80.81
C PHE K 498 -102.43 65.09 81.69
N GLU K 499 -102.25 64.78 82.99
CA GLU K 499 -103.36 64.75 84.00
C GLU K 499 -104.06 66.12 84.02
N ARG K 500 -103.28 67.21 84.01
CA ARG K 500 -103.78 68.62 83.97
C ARG K 500 -104.59 68.84 82.69
N GLU K 501 -104.09 68.33 81.57
CA GLU K 501 -104.74 68.45 80.24
C GLU K 501 -106.01 67.60 80.20
N TYR K 502 -106.03 66.42 80.86
CA TYR K 502 -107.22 65.54 80.94
C TYR K 502 -108.33 66.25 81.73
N ARG K 503 -107.95 66.96 82.80
CA ARG K 503 -108.86 67.83 83.60
C ARG K 503 -109.34 69.01 82.74
N LYS K 504 -108.45 69.56 81.91
CA LYS K 504 -108.76 70.65 80.93
C LYS K 504 -109.95 70.20 80.06
N GLU K 505 -109.82 69.06 79.38
CA GLU K 505 -110.75 68.64 78.30
C GLU K 505 -112.12 68.26 78.90
N LYS K 506 -112.11 67.67 80.11
CA LYS K 506 -113.34 67.44 80.92
C LYS K 506 -114.07 68.78 81.12
N ASN K 507 -113.34 69.83 81.48
CA ASN K 507 -113.89 71.17 81.83
C ASN K 507 -114.46 71.87 80.58
N LEU K 508 -113.67 71.99 79.52
CA LEU K 508 -114.08 72.64 78.23
C LEU K 508 -115.42 72.08 77.74
N GLU K 509 -115.63 70.76 77.87
CA GLU K 509 -116.88 70.06 77.49
C GLU K 509 -118.04 70.53 78.37
N THR K 510 -117.83 70.62 79.69
CA THR K 510 -118.86 71.06 80.68
C THR K 510 -119.31 72.49 80.35
N ILE K 511 -118.38 73.36 79.97
CA ILE K 511 -118.61 74.79 79.61
C ILE K 511 -119.32 74.86 78.24
N LYS K 512 -118.92 73.99 77.29
CA LYS K 512 -119.55 73.86 75.95
C LYS K 512 -121.00 73.38 76.12
N LYS K 513 -121.25 72.46 77.06
CA LYS K 513 -122.61 71.97 77.42
C LYS K 513 -123.43 73.12 78.02
N GLN K 514 -122.83 73.94 78.89
CA GLN K 514 -123.48 75.11 79.53
C GLN K 514 -123.93 76.11 78.47
N GLN K 515 -123.10 76.35 77.43
CA GLN K 515 -123.42 77.26 76.29
C GLN K 515 -124.65 76.75 75.53
N GLU K 516 -124.73 75.43 75.30
CA GLU K 516 -125.89 74.76 74.65
C GLU K 516 -127.14 74.95 75.52
N LEU K 517 -127.03 74.67 76.83
CA LEU K 517 -128.12 74.84 77.84
C LEU K 517 -128.50 76.32 77.96
N ALA K 518 -127.52 77.23 77.86
CA ALA K 518 -127.71 78.70 77.97
C ALA K 518 -128.54 79.23 76.80
N LYS K 519 -128.25 78.77 75.57
CA LYS K 519 -129.00 79.12 74.33
C LYS K 519 -130.48 78.73 74.49
N ARG K 520 -130.75 77.55 75.06
CA ARG K 520 -132.13 77.05 75.35
C ARG K 520 -132.74 77.92 76.45
N GLN K 521 -132.17 77.93 77.65
CA GLN K 521 -132.67 78.72 78.83
C GLN K 521 -133.13 80.12 78.40
N VAL K 522 -132.40 80.77 77.47
CA VAL K 522 -132.74 82.12 76.90
C VAL K 522 -133.96 81.99 75.98
N GLN K 523 -133.93 81.06 75.02
CA GLN K 523 -134.91 80.98 73.88
C GLN K 523 -135.67 79.64 73.85
N LYS K 524 -135.68 78.87 74.95
CA LYS K 524 -136.45 77.61 75.10
C LYS K 524 -137.71 77.89 75.94
N ASP K 525 -137.55 78.59 77.06
CA ASP K 525 -138.66 79.06 77.95
C ASP K 525 -139.21 80.41 77.44
N MET K 526 -138.59 81.02 76.43
CA MET K 526 -139.02 82.31 75.83
C MET K 526 -140.30 82.08 75.02
N GLY K 527 -141.34 82.89 75.27
CA GLY K 527 -142.64 82.86 74.59
C GLY K 527 -142.97 84.20 73.97
N SER K 528 -143.48 84.21 72.72
CA SER K 528 -143.84 85.43 71.94
C SER K 528 -145.06 86.10 72.58
N GLN K 529 -144.98 87.42 72.80
CA GLN K 529 -146.02 88.26 73.48
C GLN K 529 -146.11 87.84 74.94
N LYS K 530 -145.32 88.49 75.81
CA LYS K 530 -145.23 88.22 77.27
C LYS K 530 -145.64 89.47 78.06
N GLU K 531 -144.99 90.61 77.78
CA GLU K 531 -145.22 91.92 78.46
C GLU K 531 -146.66 92.41 78.22
N LYS K 532 -147.19 92.21 77.01
CA LYS K 532 -148.56 92.63 76.59
C LYS K 532 -149.61 91.89 77.42
N TRP K 533 -149.43 90.59 77.63
CA TRP K 533 -150.33 89.71 78.43
C TRP K 533 -150.36 90.16 79.89
N GLU K 534 -149.20 90.51 80.46
CA GLU K 534 -149.06 91.02 81.86
C GLU K 534 -149.83 92.34 81.99
N LYS K 535 -149.72 93.23 81.00
CA LYS K 535 -150.46 94.54 80.95
C LYS K 535 -151.97 94.31 80.91
N LYS K 536 -152.44 93.32 80.14
CA LYS K 536 -153.88 92.95 80.02
C LYS K 536 -154.40 92.39 81.36
N LYS K 537 -153.58 91.60 82.07
CA LYS K 537 -153.89 91.07 83.43
C LYS K 537 -154.01 92.25 84.42
N LEU K 538 -153.09 93.22 84.34
CA LEU K 538 -153.09 94.45 85.18
C LEU K 538 -154.37 95.25 84.95
N GLU K 539 -154.79 95.41 83.69
CA GLU K 539 -156.00 96.17 83.26
C GLU K 539 -157.26 95.60 83.94
N MET K 540 -157.42 94.27 83.92
CA MET K 540 -158.59 93.55 84.51
C MET K 540 -158.63 93.76 86.03
N ILE K 541 -157.45 93.82 86.68
CA ILE K 541 -157.33 94.06 88.16
C ILE K 541 -157.70 95.52 88.44
N GLU K 542 -157.26 96.46 87.58
CA GLU K 542 -157.56 97.92 87.70
C GLU K 542 -159.08 98.16 87.62
N THR K 543 -159.77 97.47 86.71
CA THR K 543 -161.25 97.57 86.50
C THR K 543 -161.99 96.95 87.70
N ALA K 544 -161.47 95.86 88.26
CA ALA K 544 -162.01 95.16 89.46
C ALA K 544 -161.91 96.08 90.69
N GLU K 545 -160.76 96.72 90.89
CA GLU K 545 -160.51 97.69 92.00
C GLU K 545 -161.43 98.90 91.84
N ALA K 546 -161.61 99.39 90.60
CA ALA K 546 -162.50 100.53 90.26
C ALA K 546 -163.95 100.20 90.62
N SER K 547 -164.38 98.96 90.40
CA SER K 547 -165.73 98.45 90.73
C SER K 547 -165.88 98.27 92.25
N PHE K 548 -164.81 97.89 92.95
CA PHE K 548 -164.80 97.68 94.43
C PHE K 548 -164.93 99.03 95.14
N HIS K 549 -164.21 100.07 94.69
CA HIS K 549 -164.23 101.44 95.30
C HIS K 549 -165.62 102.07 95.11
N GLU K 550 -166.25 101.83 93.95
CA GLU K 550 -167.65 102.25 93.64
C GLU K 550 -168.61 101.57 94.63
N ASN K 551 -168.43 100.27 94.89
CA ASN K 551 -169.24 99.47 95.85
C ASN K 551 -169.00 100.00 97.28
N LEU K 552 -167.75 100.38 97.61
CA LEU K 552 -167.39 101.00 98.92
C LEU K 552 -167.96 102.42 99.03
N ALA K 553 -168.12 103.12 97.90
CA ALA K 553 -168.77 104.46 97.84
C ALA K 553 -170.28 104.31 98.06
N LYS K 554 -170.89 103.26 97.49
CA LYS K 554 -172.35 102.97 97.58
C LYS K 554 -172.74 102.55 99.01
N ASN K 555 -171.82 101.99 99.80
CA ASN K 555 -172.10 101.46 101.17
C ASN K 555 -172.34 102.62 102.13
N PRO K 556 -171.33 103.43 102.55
CA PRO K 556 -171.56 104.77 103.08
C PRO K 556 -172.74 105.60 102.53
N VAL K 557 -172.83 105.76 101.20
CA VAL K 557 -173.92 106.53 100.53
C VAL K 557 -175.20 105.69 100.56
N LEU L 1 12.54 20.90 146.35
CA LEU L 1 11.14 21.30 146.69
C LEU L 1 11.18 22.37 147.81
N THR L 2 11.75 23.54 147.50
CA THR L 2 11.72 24.77 148.35
C THR L 2 11.24 25.96 147.51
N ALA L 3 10.97 27.09 148.16
CA ALA L 3 10.48 28.33 147.53
C ALA L 3 11.40 29.48 147.94
N GLN L 4 11.77 30.33 146.97
CA GLN L 4 12.48 31.61 147.19
C GLN L 4 11.44 32.71 147.39
N GLU L 5 11.49 33.42 148.51
CA GLU L 5 10.87 34.76 148.69
C GLU L 5 11.78 35.76 147.97
N LEU L 6 11.19 36.72 147.26
CA LEU L 6 11.92 37.76 146.47
C LEU L 6 11.81 39.09 147.22
N ASN L 7 12.91 39.84 147.29
CA ASN L 7 13.06 41.03 148.17
C ASN L 7 12.13 42.15 147.67
N GLU L 8 11.55 42.89 148.61
CA GLU L 8 10.50 43.92 148.40
C GLU L 8 9.28 43.27 147.77
N ASP L 9 8.63 42.39 148.53
CA ASP L 9 7.27 41.88 148.26
C ASP L 9 7.06 41.78 146.74
N MET L 10 7.97 41.11 146.05
CA MET L 10 7.82 40.71 144.62
C MET L 10 6.96 39.46 144.58
N PRO L 11 6.32 39.12 143.43
CA PRO L 11 5.69 37.81 143.27
C PRO L 11 6.69 36.70 143.61
N SER L 12 6.31 35.87 144.58
CA SER L 12 7.01 34.63 145.00
C SER L 12 7.19 33.73 143.78
N LYS L 13 8.36 33.10 143.66
CA LYS L 13 8.66 32.01 142.70
C LYS L 13 9.38 30.92 143.50
N MET L 14 9.76 29.83 142.84
CA MET L 14 10.43 28.68 143.49
C MET L 14 11.26 27.93 142.45
N LEU L 15 11.88 26.82 142.85
CA LEU L 15 12.84 26.04 142.02
C LEU L 15 12.51 24.55 142.15
N GLU L 16 12.16 23.92 141.03
CA GLU L 16 11.59 22.55 140.96
C GLU L 16 12.64 21.62 140.36
N PRO L 17 12.73 20.35 140.82
CA PRO L 17 13.71 19.41 140.27
C PRO L 17 13.61 19.36 138.73
N LYS L 18 12.38 19.33 138.23
CA LYS L 18 12.07 19.03 136.82
C LYS L 18 12.88 19.93 135.88
N ASN L 19 13.58 19.31 134.92
CA ASN L 19 14.23 19.95 133.74
C ASN L 19 13.16 20.52 132.81
N PRO L 20 13.30 21.77 132.33
CA PRO L 20 12.27 22.40 131.49
C PRO L 20 12.36 22.01 130.01
N GLN L 21 13.57 21.72 129.53
CA GLN L 21 13.87 21.40 128.11
C GLN L 21 13.10 20.14 127.69
N ALA L 22 13.08 19.12 128.56
CA ALA L 22 12.32 17.87 128.38
C ALA L 22 10.88 18.20 128.02
N PRO L 23 10.23 17.43 127.11
CA PRO L 23 8.85 17.72 126.72
C PRO L 23 7.91 17.67 127.93
N LYS L 24 6.83 18.45 127.86
CA LYS L 24 5.79 18.50 128.92
C LYS L 24 5.21 17.10 129.11
N ASN L 25 4.54 16.56 128.09
CA ASN L 25 3.93 15.20 128.09
C ASN L 25 4.56 14.36 126.98
N ILE L 26 4.23 13.06 126.94
CA ILE L 26 4.70 12.07 125.91
C ILE L 26 3.56 11.09 125.62
N THR L 27 3.11 11.04 124.36
CA THR L 27 1.88 10.31 123.93
C THR L 27 2.26 9.23 122.90
N VAL L 28 1.93 7.96 123.17
CA VAL L 28 2.35 6.79 122.36
C VAL L 28 1.16 5.88 122.09
N TYR L 29 0.60 5.95 120.88
CA TYR L 29 -0.65 5.24 120.46
C TYR L 29 -0.56 3.76 120.80
N ASP L 30 -1.48 3.26 121.63
CA ASP L 30 -1.70 1.81 121.89
C ASP L 30 -2.65 1.28 120.82
N TYR L 31 -2.43 0.03 120.39
CA TYR L 31 -3.28 -0.69 119.41
C TYR L 31 -4.34 -1.51 120.15
N TYR L 32 -4.01 -2.02 121.34
CA TYR L 32 -4.95 -2.72 122.25
C TYR L 32 -6.04 -1.75 122.71
N THR L 33 -5.60 -0.61 123.28
CA THR L 33 -6.46 0.54 123.66
C THR L 33 -7.14 1.09 122.41
N ARG L 34 -6.41 1.14 121.29
CA ARG L 34 -6.90 1.50 119.93
C ARG L 34 -7.06 3.03 119.81
N LYS L 35 -6.80 3.79 120.88
CA LYS L 35 -6.84 5.27 120.87
C LYS L 35 -5.53 5.79 121.47
N PHE L 36 -5.09 6.98 121.01
CA PHE L 36 -3.92 7.72 121.54
C PHE L 36 -3.99 7.80 123.06
N LYS L 37 -2.85 7.68 123.74
CA LYS L 37 -2.75 7.60 125.21
C LYS L 37 -1.65 8.53 125.71
N THR L 38 -2.03 9.58 126.42
CA THR L 38 -1.12 10.66 126.89
C THR L 38 -0.66 10.30 128.32
N ASP L 39 0.58 10.68 128.66
CA ASP L 39 1.25 10.43 129.97
C ASP L 39 1.82 11.75 130.48
N GLU L 40 1.02 12.52 131.23
CA GLU L 40 1.38 13.86 131.77
C GLU L 40 2.73 13.77 132.49
N LEU L 41 2.92 12.75 133.34
CA LEU L 41 4.19 12.48 134.05
C LEU L 41 5.25 12.06 133.03
N VAL L 42 6.45 12.62 133.13
CA VAL L 42 7.64 12.29 132.26
C VAL L 42 8.85 11.97 133.16
N ASP L 43 9.88 11.36 132.56
CA ASP L 43 11.09 10.89 133.27
C ASP L 43 11.95 12.10 133.66
N GLN L 44 11.78 13.22 132.95
CA GLN L 44 12.28 14.58 133.30
C GLN L 44 13.68 14.50 133.90
N MET L 45 14.60 13.92 133.13
CA MET L 45 16.00 13.62 133.52
C MET L 45 16.85 13.64 132.25
N ILE L 46 17.82 14.56 132.15
CA ILE L 46 18.55 14.80 130.87
C ILE L 46 19.85 13.99 130.87
N VAL L 47 20.11 13.29 129.75
CA VAL L 47 21.33 12.49 129.50
C VAL L 47 22.09 13.11 128.33
N HIS L 48 23.35 13.47 128.57
CA HIS L 48 24.24 14.13 127.59
C HIS L 48 24.72 13.09 126.58
N PHE L 49 25.23 11.95 127.07
CA PHE L 49 25.83 10.87 126.24
C PHE L 49 25.52 9.50 126.84
N SER L 50 24.67 8.73 126.16
CA SER L 50 24.34 7.32 126.47
C SER L 50 25.21 6.40 125.61
N MET L 51 25.71 5.32 126.20
CA MET L 51 26.56 4.33 125.51
C MET L 51 26.31 2.93 126.10
N ASP L 52 25.67 2.05 125.32
CA ASP L 52 25.49 0.61 125.63
C ASP L 52 26.52 -0.16 124.80
N GLY L 53 27.41 -0.92 125.45
CA GLY L 53 28.58 -1.54 124.81
C GLY L 53 28.70 -3.01 125.18
N ASP L 54 28.92 -3.87 124.20
CA ASP L 54 29.25 -5.29 124.45
C ASP L 54 30.50 -5.28 125.33
N TYR L 55 30.41 -5.83 126.54
CA TYR L 55 31.52 -5.97 127.52
C TYR L 55 31.00 -6.73 128.74
N ILE L 56 31.42 -7.99 128.91
CA ILE L 56 30.89 -8.92 129.96
C ILE L 56 32.04 -9.37 130.84
N TRP L 57 31.74 -9.76 132.07
CA TRP L 57 32.72 -10.26 133.06
C TRP L 57 32.61 -11.79 133.14
N LYS L 58 33.71 -12.41 133.56
CA LYS L 58 33.85 -13.87 133.81
C LYS L 58 32.80 -14.29 134.84
N GLU L 59 32.04 -15.34 134.52
CA GLU L 59 30.95 -15.89 135.37
C GLU L 59 29.93 -14.76 135.61
N SER L 60 29.33 -14.27 134.53
CA SER L 60 28.06 -13.49 134.55
C SER L 60 26.88 -14.46 134.59
N ASN L 61 25.66 -13.94 134.43
CA ASN L 61 24.48 -14.72 133.97
C ASN L 61 24.43 -14.66 132.44
N GLU L 62 24.85 -13.53 131.86
CA GLU L 62 24.79 -13.23 130.39
C GLU L 62 25.87 -13.99 129.60
N TYR L 63 26.95 -14.41 130.26
CA TYR L 63 28.08 -15.19 129.69
C TYR L 63 27.63 -16.65 129.46
N LYS L 64 27.15 -17.28 130.52
CA LYS L 64 26.62 -18.66 130.53
C LYS L 64 25.71 -18.86 129.31
N THR L 65 24.83 -17.90 129.02
CA THR L 65 23.91 -17.92 127.86
C THR L 65 24.73 -17.91 126.57
N GLN L 66 25.73 -17.03 126.48
CA GLN L 66 26.64 -16.89 125.31
C GLN L 66 27.41 -18.20 125.07
N GLU L 67 27.88 -18.85 126.14
CA GLU L 67 28.60 -20.16 126.06
C GLU L 67 27.68 -21.24 125.47
N GLU L 68 26.44 -21.33 125.97
CA GLU L 68 25.41 -22.31 125.51
C GLU L 68 25.21 -22.17 123.99
N ILE L 69 25.13 -20.92 123.50
CA ILE L 69 24.93 -20.57 122.07
C ILE L 69 26.11 -21.13 121.25
N ARG L 70 27.34 -20.90 121.72
CA ARG L 70 28.59 -21.42 121.10
C ARG L 70 28.54 -22.95 121.08
N ASP L 71 28.19 -23.57 122.21
CA ASP L 71 28.21 -25.04 122.41
C ASP L 71 27.17 -25.72 121.51
N THR L 72 26.02 -25.06 121.27
CA THR L 72 24.94 -25.57 120.37
C THR L 72 25.40 -25.47 118.91
N LYS L 73 25.91 -24.29 118.49
CA LYS L 73 26.46 -24.06 117.12
C LYS L 73 27.60 -25.05 116.86
N LYS L 74 28.51 -25.21 117.83
CA LYS L 74 29.67 -26.14 117.77
C LYS L 74 29.18 -27.58 117.59
N ALA L 75 28.22 -28.02 118.41
CA ALA L 75 27.63 -29.39 118.41
C ALA L 75 27.06 -29.69 117.01
N LEU L 76 26.29 -28.75 116.45
CA LEU L 76 25.68 -28.87 115.09
C LEU L 76 26.78 -28.99 114.03
N ILE L 77 27.85 -28.19 114.15
CA ILE L 77 29.03 -28.20 113.23
C ILE L 77 29.76 -29.54 113.40
N LYS L 78 29.98 -29.97 114.65
CA LYS L 78 30.71 -31.22 114.99
C LYS L 78 29.97 -32.42 114.37
N GLU L 79 28.66 -32.54 114.64
CA GLU L 79 27.77 -33.59 114.07
C GLU L 79 27.84 -33.55 112.55
N ALA L 80 27.63 -32.36 111.94
CA ALA L 80 27.62 -32.12 110.48
C ALA L 80 28.98 -32.49 109.87
N MET L 81 30.08 -32.15 110.55
CA MET L 81 31.47 -32.53 110.16
C MET L 81 31.61 -34.05 110.25
N ARG L 82 31.36 -34.62 111.43
CA ARG L 82 31.51 -36.07 111.74
C ARG L 82 30.67 -36.90 110.76
N LYS L 83 29.40 -36.52 110.54
CA LYS L 83 28.45 -37.26 109.66
C LYS L 83 28.94 -37.23 108.21
N GLN L 84 29.44 -36.09 107.73
CA GLN L 84 30.02 -35.94 106.37
C GLN L 84 31.36 -36.71 106.29
N GLU L 85 32.09 -36.81 107.40
CA GLU L 85 33.38 -37.56 107.51
C GLU L 85 33.11 -39.06 107.61
N SER L 86 31.99 -39.47 108.23
CA SER L 86 31.58 -40.89 108.43
C SER L 86 30.97 -41.47 107.15
N GLU L 87 30.13 -40.68 106.46
CA GLU L 87 29.41 -41.08 105.22
C GLU L 87 30.40 -41.24 104.05
N GLU L 88 31.35 -40.31 103.90
CA GLU L 88 32.32 -40.23 102.77
C GLU L 88 33.62 -40.90 103.19
N PRO L 89 34.39 -41.54 102.27
CA PRO L 89 35.60 -42.27 102.65
C PRO L 89 36.85 -41.37 102.71
N GLY L 90 37.36 -41.13 103.93
CA GLY L 90 38.53 -40.28 104.21
C GLY L 90 38.28 -38.85 103.77
N ALA L 91 37.21 -38.23 104.27
CA ALA L 91 36.71 -36.90 103.86
C ALA L 91 37.72 -35.82 104.27
N ASN L 92 38.00 -34.88 103.36
CA ASN L 92 38.97 -33.77 103.54
C ASN L 92 38.22 -32.43 103.47
N HIS L 93 36.98 -32.38 103.98
CA HIS L 93 36.13 -31.16 104.07
C HIS L 93 36.60 -30.32 105.27
N ASP L 94 36.95 -29.05 105.04
CA ASP L 94 37.39 -28.08 106.09
C ASP L 94 36.18 -27.62 106.90
N GLU L 95 36.39 -27.20 108.15
CA GLU L 95 35.31 -26.87 109.12
C GLU L 95 34.50 -25.65 108.63
N GLU L 96 35.12 -24.74 107.88
CA GLU L 96 34.47 -23.53 107.30
C GLU L 96 33.50 -23.92 106.19
N ALA L 97 33.93 -24.81 105.28
CA ALA L 97 33.13 -25.37 104.16
C ALA L 97 31.92 -26.12 104.70
N ILE L 98 32.11 -26.87 105.80
CA ILE L 98 31.06 -27.73 106.44
C ILE L 98 29.91 -26.85 106.95
N LYS L 99 30.22 -25.66 107.46
CA LYS L 99 29.22 -24.66 107.93
C LYS L 99 28.41 -24.16 106.73
N GLN L 100 29.09 -23.67 105.69
CA GLN L 100 28.51 -23.26 104.39
C GLN L 100 27.70 -24.44 103.81
N THR L 101 28.18 -25.66 104.02
CA THR L 101 27.52 -26.94 103.65
C THR L 101 26.31 -27.20 104.55
N LEU L 102 26.30 -26.69 105.80
CA LEU L 102 25.15 -26.86 106.74
C LEU L 102 23.97 -25.95 106.35
N ARG L 103 24.23 -24.73 105.88
CA ARG L 103 23.19 -23.77 105.40
C ARG L 103 22.72 -24.13 103.98
N ASN L 104 21.50 -24.61 103.86
CA ASN L 104 20.95 -25.20 102.61
C ASN L 104 19.98 -24.20 101.97
N LYS L 105 19.21 -24.66 100.98
CA LYS L 105 18.03 -23.96 100.41
C LYS L 105 16.76 -24.45 101.10
N PHE L 106 16.79 -25.66 101.66
CA PHE L 106 15.66 -26.32 102.37
C PHE L 106 16.02 -26.45 103.86
N ASN L 107 16.89 -25.56 104.35
CA ASN L 107 17.25 -25.40 105.78
C ASN L 107 17.58 -23.93 106.08
N TYR L 108 17.13 -22.98 105.25
CA TYR L 108 17.32 -21.51 105.45
C TYR L 108 16.73 -20.72 104.26
N ASN L 109 15.43 -20.84 104.00
CA ASN L 109 14.75 -20.03 102.95
C ASN L 109 15.00 -18.53 103.24
N THR L 110 14.77 -17.61 102.29
CA THR L 110 15.17 -16.17 102.40
C THR L 110 14.12 -15.22 101.83
N ARG L 111 13.06 -14.94 102.59
CA ARG L 111 11.83 -14.25 102.11
C ARG L 111 12.09 -12.75 102.12
N GLU L 112 11.43 -12.01 101.23
CA GLU L 112 11.36 -10.52 101.20
C GLU L 112 9.96 -10.12 101.62
N CYS L 113 9.84 -9.06 102.42
CA CYS L 113 8.55 -8.51 102.91
C CYS L 113 8.64 -7.00 103.10
N GLN L 114 7.75 -6.24 102.46
CA GLN L 114 7.52 -4.81 102.75
C GLN L 114 6.03 -4.59 103.05
N THR L 115 5.73 -3.42 103.61
CA THR L 115 4.39 -2.93 103.97
C THR L 115 3.96 -1.92 102.91
N ILE L 116 2.66 -1.76 102.69
CA ILE L 116 2.12 -0.84 101.64
C ILE L 116 2.07 0.56 102.25
N ASN L 117 2.90 1.48 101.73
CA ASN L 117 3.07 2.87 102.25
C ASN L 117 2.42 3.82 101.27
N PRO L 118 1.49 4.71 101.70
CA PRO L 118 0.92 5.71 100.81
C PRO L 118 1.95 6.81 100.51
N SER L 119 2.02 7.23 99.24
CA SER L 119 2.92 8.32 98.76
C SER L 119 2.52 9.63 99.44
N ILE L 120 3.50 10.37 99.97
CA ILE L 120 3.28 11.68 100.66
C ILE L 120 2.91 12.73 99.61
N ARG L 121 2.10 13.72 99.99
CA ARG L 121 1.52 14.73 99.07
C ARG L 121 1.22 16.02 99.86
N GLU L 122 1.57 17.18 99.29
CA GLU L 122 1.55 18.50 99.99
C GLU L 122 0.54 19.42 99.31
N ARG L 123 -0.53 19.81 100.02
CA ARG L 123 -1.70 20.53 99.45
C ARG L 123 -2.01 21.78 100.28
N GLY L 124 -2.61 22.78 99.64
CA GLY L 124 -2.99 24.08 100.23
C GLY L 124 -4.50 24.25 100.26
N VAL L 125 -5.03 24.78 101.36
CA VAL L 125 -6.48 25.04 101.55
C VAL L 125 -6.67 26.36 102.32
N SER L 126 -7.16 27.38 101.63
CA SER L 126 -7.46 28.74 102.16
C SER L 126 -8.98 28.91 102.33
N THR L 127 -9.45 29.09 103.57
CA THR L 127 -10.89 29.27 103.89
C THR L 127 -11.14 30.74 104.28
N GLU L 128 -11.92 31.44 103.46
CA GLU L 128 -12.27 32.88 103.65
C GLU L 128 -13.78 32.97 103.87
N PRO L 129 -14.24 33.58 104.99
CA PRO L 129 -15.67 33.60 105.32
C PRO L 129 -16.50 34.47 104.37
N PRO L 130 -17.86 34.34 104.38
CA PRO L 130 -18.70 35.12 103.48
C PRO L 130 -18.40 36.62 103.58
N PRO L 131 -18.40 37.37 102.44
CA PRO L 131 -18.29 38.83 102.51
C PRO L 131 -19.35 39.45 103.42
N SER L 132 -18.98 40.51 104.17
CA SER L 132 -19.86 41.22 105.15
C SER L 132 -20.12 42.66 104.68
N ASP L 133 -21.35 42.94 104.22
CA ASP L 133 -21.74 44.24 103.62
C ASP L 133 -22.38 45.14 104.67
N THR L 134 -21.95 46.41 104.74
CA THR L 134 -22.60 47.50 105.53
C THR L 134 -23.98 47.78 104.94
N ILE L 135 -25.01 47.87 105.80
CA ILE L 135 -26.38 48.34 105.45
C ILE L 135 -26.75 49.50 106.38
N CYS L 136 -27.37 50.54 105.84
CA CYS L 136 -27.89 51.72 106.58
C CYS L 136 -29.39 51.86 106.32
N GLY L 137 -30.20 51.71 107.37
CA GLY L 137 -31.66 51.87 107.32
C GLY L 137 -32.13 52.86 108.37
N ASN L 138 -33.04 53.76 107.99
CA ASN L 138 -33.73 54.69 108.92
C ASN L 138 -35.21 54.32 108.92
N ILE L 139 -35.85 54.39 110.09
CA ILE L 139 -37.31 54.13 110.23
C ILE L 139 -37.92 55.27 111.03
N THR L 140 -38.96 55.88 110.46
CA THR L 140 -39.79 56.96 111.05
C THR L 140 -41.22 56.46 111.09
N GLN L 141 -42.07 57.11 111.88
CA GLN L 141 -43.48 56.68 112.09
C GLN L 141 -44.22 56.71 110.75
N TRP L 142 -43.96 57.71 109.90
CA TRP L 142 -44.64 57.92 108.59
C TRP L 142 -44.25 56.81 107.60
N GLU L 143 -42.96 56.50 107.48
CA GLU L 143 -42.43 55.50 106.52
C GLU L 143 -42.99 54.11 106.83
N ILE L 144 -43.14 53.77 108.11
CA ILE L 144 -43.84 52.53 108.59
C ILE L 144 -45.27 52.56 108.06
N PHE L 145 -46.02 53.59 108.45
CA PHE L 145 -47.46 53.79 108.10
C PHE L 145 -47.62 53.83 106.58
N ASP L 146 -46.71 54.50 105.86
CA ASP L 146 -46.80 54.70 104.39
C ASP L 146 -46.87 53.34 103.70
N ALA L 147 -45.96 52.43 104.08
CA ALA L 147 -45.94 51.01 103.65
C ALA L 147 -47.23 50.33 104.11
N TYR L 148 -47.53 50.45 105.40
CA TYR L 148 -48.73 49.85 106.07
C TYR L 148 -49.99 50.28 105.32
N TYR L 149 -50.10 51.57 104.97
CA TYR L 149 -51.26 52.19 104.26
C TYR L 149 -51.37 51.62 102.85
N ALA L 150 -50.24 51.35 102.18
CA ALA L 150 -50.19 50.77 100.82
C ALA L 150 -50.83 49.38 100.82
N GLU L 151 -50.55 48.57 101.85
CA GLU L 151 -51.10 47.19 102.01
C GLU L 151 -52.61 47.23 102.31
N ILE L 152 -53.11 48.30 102.95
CA ILE L 152 -54.56 48.46 103.31
C ILE L 152 -55.35 48.78 102.02
N MET L 153 -54.79 49.61 101.14
CA MET L 153 -55.37 49.96 99.81
C MET L 153 -55.45 48.71 98.91
N LYS L 154 -54.40 47.88 98.93
CA LYS L 154 -54.37 46.56 98.24
C LYS L 154 -55.49 45.67 98.78
N ASP L 155 -55.59 45.55 100.11
CA ASP L 155 -56.62 44.76 100.83
C ASP L 155 -58.02 45.30 100.45
N HIS L 156 -58.33 46.54 100.84
CA HIS L 156 -59.59 47.25 100.50
C HIS L 156 -59.29 48.73 100.24
N GLN L 157 -59.33 46.91 97.05
CA GLN L 157 -59.33 47.77 95.84
C GLN L 157 -60.72 48.39 95.64
N ILE L 158 -61.08 49.35 96.48
CA ILE L 158 -62.38 50.10 96.46
C ILE L 158 -62.08 51.59 96.29
N GLU L 159 -62.43 52.16 95.13
CA GLU L 159 -62.10 53.55 94.72
C GLU L 159 -60.57 53.68 94.61
N ASN L 160 -59.98 53.03 93.59
CA ASN L 160 -58.52 53.02 93.32
C ASN L 160 -58.04 54.45 93.06
N LYS L 161 -56.89 54.83 93.65
CA LYS L 161 -56.33 56.20 93.63
C LYS L 161 -56.10 56.64 92.17
N LYS L 162 -56.76 57.72 91.75
CA LYS L 162 -56.66 58.32 90.39
C LYS L 162 -55.42 59.23 90.35
N LYS L 163 -55.47 60.33 89.60
CA LYS L 163 -54.33 61.27 89.38
C LYS L 163 -53.20 60.50 88.70
N LYS L 164 -53.50 59.83 87.58
CA LYS L 164 -52.56 58.98 86.80
C LYS L 164 -51.37 59.82 86.33
N GLU L 165 -50.16 59.26 86.35
CA GLU L 165 -48.88 59.97 86.11
C GLU L 165 -48.66 60.15 84.59
N VAL L 166 -49.55 60.90 83.93
CA VAL L 166 -49.36 61.44 82.56
C VAL L 166 -48.59 62.76 82.68
N ASP L 167 -48.93 63.57 83.68
CA ASP L 167 -48.26 64.85 84.04
C ASP L 167 -48.47 65.84 82.89
N GLN L 168 -47.48 66.72 82.63
CA GLN L 168 -47.42 67.58 81.42
C GLN L 168 -46.28 67.11 80.51
N ASP L 169 -45.08 66.88 81.07
CA ASP L 169 -43.88 66.39 80.36
C ASP L 169 -43.36 67.50 79.42
N LYS L 170 -43.12 67.19 78.14
CA LYS L 170 -42.69 68.14 77.07
C LYS L 170 -41.18 68.43 77.15
N LYS L 171 -40.44 67.75 78.04
CA LYS L 171 -38.97 67.89 78.24
C LYS L 171 -38.63 69.31 78.70
N GLN L 172 -38.59 70.28 77.77
CA GLN L 172 -38.21 71.70 78.01
C GLN L 172 -39.30 72.64 77.47
N ASP L 173 -39.21 73.92 77.79
CA ASP L 173 -40.17 74.99 77.41
C ASP L 173 -41.51 74.73 78.11
N GLN L 174 -41.55 74.99 79.42
CA GLN L 174 -42.74 74.86 80.31
C GLN L 174 -43.05 73.37 80.54
N SER L 175 -42.32 72.74 81.48
CA SER L 175 -42.51 71.35 81.95
C SER L 175 -43.37 71.36 83.23
N MET L 176 -44.51 70.67 83.22
CA MET L 176 -45.57 70.71 84.26
C MET L 176 -45.97 72.17 84.53
N TYR L 177 -45.30 72.85 85.46
CA TYR L 177 -45.62 74.24 85.93
C TYR L 177 -47.13 74.48 85.77
N SER L 178 -47.94 73.56 86.31
CA SER L 178 -49.41 73.51 86.20
C SER L 178 -50.00 73.03 87.53
N THR L 179 -51.85 70.60 88.33
CA THR L 179 -52.71 71.63 89.00
C THR L 179 -52.27 71.87 90.45
N SER L 180 -51.63 70.88 91.10
CA SER L 180 -51.15 70.94 92.50
C SER L 180 -50.13 72.07 92.68
N PHE L 181 -49.24 72.30 91.70
CA PHE L 181 -48.15 73.30 91.78
C PHE L 181 -48.73 74.72 91.69
N LYS L 182 -49.79 74.93 90.90
CA LYS L 182 -50.52 76.23 90.79
C LYS L 182 -50.94 76.72 92.17
N ARG L 183 -51.55 75.82 92.96
CA ARG L 183 -51.99 76.08 94.36
C ARG L 183 -50.80 76.62 95.17
N CYS L 184 -49.64 75.95 95.09
CA CYS L 184 -48.38 76.30 95.81
C CYS L 184 -47.90 77.69 95.36
N CYS L 185 -48.03 78.02 94.06
CA CYS L 185 -47.65 79.35 93.49
C CYS L 185 -48.59 80.43 94.03
N LYS L 186 -49.90 80.16 94.00
CA LYS L 186 -50.97 81.09 94.44
C LYS L 186 -50.81 81.38 95.93
N ILE L 187 -50.61 80.33 96.75
CA ILE L 187 -50.38 80.44 98.22
C ILE L 187 -49.12 81.28 98.47
N MET L 188 -48.05 81.05 97.70
CA MET L 188 -46.74 81.75 97.86
C MET L 188 -46.91 83.25 97.61
N GLU L 189 -47.57 83.63 96.52
CA GLU L 189 -47.90 85.03 96.15
C GLU L 189 -48.54 85.74 97.35
N ARG L 190 -49.68 85.22 97.82
CA ARG L 190 -50.47 85.81 98.94
C ARG L 190 -49.59 86.00 100.17
N MET L 191 -48.84 84.96 100.54
CA MET L 191 -47.98 84.94 101.76
C MET L 191 -46.81 85.91 101.60
N VAL L 192 -46.34 86.18 100.37
CA VAL L 192 -45.30 87.21 100.08
C VAL L 192 -45.89 88.59 100.32
N VAL L 193 -47.10 88.84 99.79
CA VAL L 193 -47.88 90.10 99.98
C VAL L 193 -48.09 90.30 101.49
N GLN L 194 -48.72 89.32 102.14
CA GLN L 194 -49.02 89.29 103.61
C GLN L 194 -47.87 89.91 104.41
N ASN L 195 -46.61 89.53 104.13
CA ASN L 195 -45.42 89.95 104.91
C ASN L 195 -45.14 91.45 104.71
N ASP L 196 -45.41 91.99 103.51
CA ASP L 196 -45.16 93.42 103.16
C ASP L 196 -46.32 94.30 103.66
N GLN L 197 -47.54 93.75 103.74
CA GLN L 197 -48.77 94.46 104.17
C GLN L 197 -49.12 94.11 105.62
N GLU L 198 -48.26 93.37 106.33
CA GLU L 198 -48.47 92.86 107.72
C GLU L 198 -48.94 94.01 108.63
N ASP L 199 -48.34 95.19 108.47
CA ASP L 199 -48.66 96.43 109.24
C ASP L 199 -50.11 96.83 109.01
N LYS L 200 -50.59 96.74 107.76
CA LYS L 200 -51.98 97.09 107.37
C LYS L 200 -52.95 95.96 107.75
N TYR L 201 -52.51 94.71 107.66
CA TYR L 201 -53.34 93.50 107.94
C TYR L 201 -53.61 93.39 109.45
N HIS L 202 -52.60 93.71 110.30
CA HIS L 202 -52.73 93.78 111.78
C HIS L 202 -53.74 94.88 112.16
N ASP L 203 -53.78 95.97 111.41
CA ASP L 203 -54.76 97.08 111.60
C ASP L 203 -56.15 96.62 111.16
N TYR L 204 -56.27 96.05 109.95
CA TYR L 204 -57.55 95.64 109.32
C TYR L 204 -58.40 94.78 110.27
N ARG L 205 -57.80 93.85 111.00
CA ARG L 205 -58.52 92.80 111.77
C ARG L 205 -59.09 93.39 113.06
N TYR L 206 -58.30 94.15 113.82
CA TYR L 206 -58.63 94.57 115.22
C TYR L 206 -57.84 95.83 115.62
N TYR L 207 -57.90 96.90 114.82
CA TYR L 207 -57.42 98.25 115.23
C TYR L 207 -58.46 98.91 116.14
N TRP L 208 -59.72 98.45 116.09
CA TRP L 208 -60.87 98.98 116.87
C TRP L 208 -61.08 100.46 116.54
N SER L 209 -60.77 100.86 115.30
CA SER L 209 -60.74 102.26 114.78
C SER L 209 -60.05 103.19 115.79
N LYS L 218 -69.30 110.67 122.86
CA LYS L 218 -69.62 109.29 122.42
C LYS L 218 -70.35 109.28 121.06
N ASN L 219 -70.88 110.42 120.59
CA ASN L 219 -71.59 110.55 119.28
C ASN L 219 -70.60 111.03 118.21
N GLU L 220 -69.49 110.28 118.03
CA GLU L 220 -68.43 110.56 117.03
C GLU L 220 -68.12 109.28 116.25
N GLY L 221 -67.83 109.41 114.95
CA GLY L 221 -67.40 108.32 114.06
C GLY L 221 -66.06 108.63 113.41
N HIS L 222 -65.30 107.58 113.08
CA HIS L 222 -63.96 107.66 112.44
C HIS L 222 -63.86 106.56 111.37
N LEU L 223 -63.58 106.96 110.12
CA LEU L 223 -63.46 106.06 108.94
C LEU L 223 -61.99 106.03 108.49
N LEU L 224 -61.42 104.83 108.37
CA LEU L 224 -59.99 104.61 108.00
C LEU L 224 -59.93 103.85 106.67
N PRO L 225 -59.42 104.46 105.58
CA PRO L 225 -59.13 103.73 104.35
C PRO L 225 -57.86 102.87 104.53
N ILE L 226 -57.92 101.60 104.11
CA ILE L 226 -56.83 100.60 104.32
C ILE L 226 -56.11 100.38 102.98
N TRP L 227 -56.76 99.71 102.02
CA TRP L 227 -56.16 99.28 100.73
C TRP L 227 -56.93 99.89 99.55
N ARG L 228 -56.22 100.14 98.44
CA ARG L 228 -56.78 100.57 97.14
C ARG L 228 -56.41 99.53 96.07
N PHE L 229 -57.41 98.94 95.40
CA PHE L 229 -57.25 97.95 94.30
C PHE L 229 -57.58 98.64 92.98
N SER L 230 -56.60 98.74 92.08
CA SER L 230 -56.68 99.46 90.78
C SER L 230 -55.82 98.77 89.73
N ASN L 231 -55.78 99.32 88.51
CA ASN L 231 -54.89 98.89 87.41
C ASN L 231 -54.65 100.07 86.47
N GLU L 232 -53.40 100.27 86.03
CA GLU L 232 -52.93 101.48 85.31
C GLU L 232 -53.51 101.53 83.89
N LYS L 233 -53.72 100.36 83.28
CA LYS L 233 -54.39 100.20 81.97
C LYS L 233 -55.86 100.63 82.09
N GLN L 234 -56.48 100.35 83.25
CA GLN L 234 -57.95 100.42 83.49
C GLN L 234 -58.29 101.71 84.27
N ARG L 235 -57.49 102.77 84.15
CA ARG L 235 -57.68 104.06 84.87
C ARG L 235 -58.73 104.92 84.16
N LYS L 236 -59.03 104.63 82.89
CA LYS L 236 -60.02 105.40 82.08
C LYS L 236 -61.44 105.11 82.58
N LYS L 237 -61.74 103.85 82.91
CA LYS L 237 -63.11 103.38 83.25
C LYS L 237 -63.48 103.81 84.67
N ASN L 238 -64.79 103.87 84.95
CA ASN L 238 -65.39 104.20 86.27
C ASN L 238 -65.78 102.87 86.96
N VAL L 239 -65.91 102.89 88.28
CA VAL L 239 -66.15 101.67 89.11
C VAL L 239 -67.59 101.18 88.89
N THR L 240 -68.56 102.09 88.74
CA THR L 240 -70.03 101.81 88.74
C THR L 240 -70.31 100.73 89.80
N SER L 241 -71.09 99.68 89.50
CA SER L 241 -71.65 98.75 90.52
C SER L 241 -70.56 97.92 91.19
N ILE L 242 -70.75 97.62 92.47
CA ILE L 242 -69.93 96.68 93.31
C ILE L 242 -70.88 95.70 93.99
N CYS L 243 -70.41 94.48 94.29
CA CYS L 243 -71.17 93.44 95.03
C CYS L 243 -70.23 92.46 95.73
N TRP L 244 -70.69 91.86 96.84
CA TRP L 244 -69.97 90.83 97.64
C TRP L 244 -70.61 89.46 97.38
N ASN L 245 -69.79 88.40 97.38
CA ASN L 245 -70.28 87.00 97.25
C ASN L 245 -71.01 86.62 98.53
N PRO L 246 -72.24 86.06 98.44
CA PRO L 246 -73.01 85.70 99.64
C PRO L 246 -72.40 84.56 100.47
N LEU L 247 -71.68 83.62 99.83
CA LEU L 247 -71.00 82.49 100.51
C LEU L 247 -69.73 83.00 101.20
N TYR L 248 -68.82 83.61 100.45
CA TYR L 248 -67.49 84.07 100.90
C TYR L 248 -67.50 85.57 101.19
N PRO L 249 -67.30 86.01 102.46
CA PRO L 249 -67.30 87.43 102.78
C PRO L 249 -65.99 88.15 102.42
N ASP L 250 -64.95 87.41 102.02
CA ASP L 250 -63.62 87.96 101.64
C ASP L 250 -63.67 88.38 100.17
N LEU L 251 -64.11 87.49 99.28
CA LEU L 251 -64.20 87.73 97.81
C LEU L 251 -65.37 88.67 97.53
N PHE L 252 -65.08 89.83 96.93
CA PHE L 252 -66.07 90.78 96.36
C PHE L 252 -65.75 91.00 94.88
N ALA L 253 -66.75 91.41 94.10
CA ALA L 253 -66.63 91.68 92.65
C ALA L 253 -66.98 93.13 92.37
N VAL L 254 -66.08 93.85 91.69
CA VAL L 254 -66.32 95.20 91.13
C VAL L 254 -66.39 95.07 89.61
N SER L 255 -67.27 95.86 88.98
CA SER L 255 -67.57 95.82 87.52
C SER L 255 -67.25 97.18 86.90
N LEU L 256 -66.07 97.32 86.29
CA LEU L 256 -65.59 98.59 85.70
C LEU L 256 -66.33 98.82 84.38
N GLY L 257 -66.98 99.99 84.24
CA GLY L 257 -67.66 100.45 83.01
C GLY L 257 -67.49 101.94 82.83
N SER L 258 -67.98 102.50 81.72
CA SER L 258 -67.84 103.93 81.36
C SER L 258 -69.14 104.68 81.69
N TYR L 259 -69.01 105.81 82.39
CA TYR L 259 -70.08 106.85 82.54
C TYR L 259 -69.89 107.91 81.45
N ASP L 260 -70.66 109.00 81.53
CA ASP L 260 -70.51 110.26 80.75
C ASP L 260 -70.95 110.07 79.29
N PHE L 261 -71.46 108.90 78.91
CA PHE L 261 -72.16 108.62 77.63
C PHE L 261 -71.25 108.86 76.43
N THR L 262 -70.94 110.14 76.12
CA THR L 262 -70.20 110.60 74.91
C THR L 262 -68.91 109.78 74.72
N LYS L 263 -68.22 109.40 75.81
CA LYS L 263 -67.02 108.53 75.79
C LYS L 263 -67.44 107.11 76.18
N GLN L 264 -67.11 106.11 75.35
CA GLN L 264 -67.52 104.69 75.53
C GLN L 264 -66.37 103.77 75.12
N ARG L 265 -65.92 102.91 76.03
CA ARG L 265 -64.82 101.93 75.83
C ARG L 265 -65.30 100.54 76.26
N MET L 266 -64.43 99.54 76.19
CA MET L 266 -64.67 98.16 76.73
C MET L 266 -64.56 98.20 78.26
N GLY L 267 -65.23 97.27 78.95
CA GLY L 267 -65.27 97.14 80.41
C GLY L 267 -64.80 95.77 80.87
N LEU L 268 -63.95 95.72 81.91
CA LEU L 268 -63.38 94.49 82.50
C LEU L 268 -63.94 94.32 83.92
N ILE L 269 -64.60 93.20 84.19
CA ILE L 269 -65.13 92.81 85.54
C ILE L 269 -63.96 92.22 86.34
N CYS L 270 -63.68 92.76 87.53
CA CYS L 270 -62.57 92.35 88.42
C CYS L 270 -63.15 91.80 89.73
N LEU L 271 -62.81 90.54 90.07
CA LEU L 271 -63.19 89.87 91.33
C LEU L 271 -61.98 89.88 92.27
N TYR L 272 -61.81 90.96 93.04
CA TYR L 272 -60.71 91.12 94.03
C TYR L 272 -61.04 90.33 95.29
N SER L 273 -60.14 89.43 95.69
CA SER L 273 -60.13 88.76 97.02
C SER L 273 -59.39 89.65 98.01
N LEU L 274 -59.86 89.71 99.27
CA LEU L 274 -59.16 90.40 100.39
C LEU L 274 -57.81 89.71 100.65
N LYS L 275 -57.68 88.43 100.28
CA LYS L 275 -56.42 87.64 100.35
C LYS L 275 -55.30 88.38 99.60
N ASN L 276 -55.48 88.62 98.29
CA ASN L 276 -54.46 89.22 97.39
C ASN L 276 -54.97 90.57 96.86
N THR L 277 -54.32 91.66 97.27
CA THR L 277 -54.74 93.06 97.00
C THR L 277 -53.99 93.64 95.80
N THR L 278 -53.03 92.91 95.22
CA THR L 278 -52.11 93.42 94.17
C THR L 278 -52.83 93.43 92.81
N HIS L 279 -53.44 92.30 92.42
CA HIS L 279 -54.20 92.14 91.15
C HIS L 279 -55.40 91.22 91.38
N PRO L 280 -56.41 91.23 90.48
CA PRO L 280 -57.66 90.47 90.70
C PRO L 280 -57.46 88.96 90.75
N GLU L 281 -58.39 88.27 91.42
CA GLU L 281 -58.46 86.78 91.47
C GLU L 281 -59.00 86.26 90.13
N TYR L 282 -59.93 86.99 89.52
CA TYR L 282 -60.52 86.70 88.18
C TYR L 282 -60.70 88.00 87.39
N ALA L 283 -60.36 87.97 86.10
CA ALA L 283 -60.63 89.03 85.11
C ALA L 283 -61.67 88.53 84.12
N PHE L 284 -62.44 89.44 83.50
CA PHE L 284 -63.50 89.14 82.49
C PHE L 284 -63.65 90.31 81.51
N ASN L 285 -62.98 90.24 80.36
CA ASN L 285 -63.11 91.23 79.26
C ASN L 285 -64.51 91.11 78.65
N CYS L 286 -65.17 92.23 78.40
CA CYS L 286 -66.52 92.33 77.78
C CYS L 286 -66.50 93.33 76.62
N GLU L 287 -67.56 93.35 75.82
CA GLU L 287 -67.66 94.11 74.54
C GLU L 287 -67.81 95.61 74.82
N ALA L 288 -68.63 95.98 75.82
CA ALA L 288 -68.87 97.38 76.25
C ALA L 288 -68.65 97.51 77.76
N GLY L 289 -68.85 98.72 78.30
CA GLY L 289 -68.76 99.02 79.75
C GLY L 289 -69.83 98.29 80.54
N VAL L 290 -69.43 97.55 81.57
CA VAL L 290 -70.35 96.80 82.48
C VAL L 290 -70.90 97.76 83.52
N MET L 291 -72.20 98.03 83.48
CA MET L 291 -72.91 98.97 84.39
C MET L 291 -73.20 98.26 85.70
N CYS L 292 -74.03 97.20 85.67
CA CYS L 292 -74.51 96.48 86.88
C CYS L 292 -73.86 95.09 86.98
N LEU L 293 -73.55 94.67 88.21
CA LEU L 293 -73.06 93.31 88.58
C LEU L 293 -73.80 92.85 89.83
N ASP L 294 -74.06 91.55 89.96
CA ASP L 294 -74.72 90.95 91.17
C ASP L 294 -74.37 89.46 91.29
N PHE L 295 -74.44 88.94 92.52
CA PHE L 295 -74.23 87.51 92.87
C PHE L 295 -75.55 86.89 93.35
N HIS L 296 -75.82 85.65 92.93
CA HIS L 296 -77.05 84.88 93.30
C HIS L 296 -76.91 84.38 94.73
N PRO L 297 -77.83 84.76 95.67
CA PRO L 297 -77.68 84.45 97.09
C PRO L 297 -77.38 82.99 97.45
N LYS L 298 -77.92 82.02 96.70
CA LYS L 298 -77.79 80.57 97.01
C LYS L 298 -76.44 80.06 96.52
N SER L 299 -76.21 80.10 95.20
CA SER L 299 -74.96 79.66 94.52
C SER L 299 -74.19 80.90 94.03
N ALA L 300 -73.08 81.22 94.72
CA ALA L 300 -72.31 82.47 94.52
C ALA L 300 -71.51 82.44 93.22
N ALA L 301 -71.35 81.27 92.58
CA ALA L 301 -70.69 81.09 91.27
C ALA L 301 -71.45 81.86 90.19
N LEU L 302 -72.78 81.71 90.14
CA LEU L 302 -73.69 82.44 89.23
C LEU L 302 -73.48 83.95 89.42
N LEU L 303 -72.98 84.63 88.39
CA LEU L 303 -72.68 86.09 88.39
C LEU L 303 -73.53 86.77 87.31
N ALA L 304 -74.32 87.77 87.73
CA ALA L 304 -75.28 88.51 86.90
C ALA L 304 -74.62 89.80 86.41
N VAL L 305 -74.61 90.02 85.08
CA VAL L 305 -73.89 91.16 84.42
C VAL L 305 -74.88 91.90 83.51
N GLY L 306 -74.80 93.24 83.52
CA GLY L 306 -75.49 94.14 82.59
C GLY L 306 -74.54 95.17 82.02
N LEU L 307 -74.59 95.41 80.70
CA LEU L 307 -73.72 96.38 79.99
C LEU L 307 -74.50 97.07 78.86
N TYR L 308 -73.94 98.16 78.32
CA TYR L 308 -74.47 99.00 77.20
C TYR L 308 -75.02 98.15 76.05
N ASP L 309 -75.90 98.75 75.24
CA ASP L 309 -76.71 98.07 74.19
C ASP L 309 -77.66 97.07 74.85
N GLY L 310 -77.97 97.28 76.15
CA GLY L 310 -78.82 96.44 77.00
C GLY L 310 -78.66 94.95 76.73
N THR L 311 -77.42 94.46 76.70
CA THR L 311 -77.12 93.01 76.64
C THR L 311 -77.00 92.51 78.08
N VAL L 312 -77.63 91.38 78.38
CA VAL L 312 -77.61 90.71 79.71
C VAL L 312 -76.67 89.51 79.60
N LEU L 313 -75.61 89.49 80.41
CA LEU L 313 -74.59 88.41 80.45
C LEU L 313 -74.73 87.63 81.77
N VAL L 314 -74.47 86.32 81.73
CA VAL L 314 -74.30 85.47 82.94
C VAL L 314 -72.95 84.76 82.84
N TYR L 315 -72.20 84.73 83.94
CA TYR L 315 -70.87 84.07 84.08
C TYR L 315 -70.93 83.06 85.21
N ASP L 316 -70.06 82.05 85.16
CA ASP L 316 -69.73 81.14 86.28
C ASP L 316 -68.25 81.33 86.63
N ILE L 317 -67.94 81.54 87.91
CA ILE L 317 -66.55 81.73 88.42
C ILE L 317 -65.82 80.39 88.30
N ARG L 318 -66.56 79.28 88.47
CA ARG L 318 -66.05 77.88 88.42
C ARG L 318 -65.37 77.61 87.07
N ASN L 319 -66.05 77.97 85.97
CA ASN L 319 -65.60 77.74 84.58
C ASN L 319 -64.24 78.42 84.35
N LYS L 320 -63.32 77.73 83.67
CA LYS L 320 -61.90 78.15 83.48
C LYS L 320 -61.78 79.03 82.23
N HIS L 321 -62.48 78.66 81.15
CA HIS L 321 -62.48 79.34 79.82
C HIS L 321 -62.84 80.83 79.95
N LYS L 322 -63.74 81.18 80.87
CA LYS L 322 -64.08 82.57 81.33
C LYS L 322 -64.95 83.31 80.29
N LYS L 323 -65.49 82.63 79.29
CA LYS L 323 -66.51 83.20 78.35
C LYS L 323 -67.85 83.28 79.06
N PRO L 324 -68.82 84.10 78.58
CA PRO L 324 -70.16 84.12 79.14
C PRO L 324 -70.89 82.78 78.96
N ILE L 325 -71.48 82.27 80.05
CA ILE L 325 -72.31 81.02 80.06
C ILE L 325 -73.54 81.28 79.18
N TYR L 326 -74.18 82.44 79.38
CA TYR L 326 -75.41 82.90 78.71
C TYR L 326 -75.20 84.29 78.10
N GLN L 327 -76.01 84.64 77.10
CA GLN L 327 -76.12 86.00 76.52
C GLN L 327 -77.57 86.24 76.06
N SER L 328 -78.02 87.50 76.12
CA SER L 328 -79.30 87.97 75.51
C SER L 328 -79.00 88.50 74.11
N THR L 329 -79.93 88.25 73.17
CA THR L 329 -79.86 88.69 71.75
C THR L 329 -81.16 89.44 71.41
N VAL L 330 -81.30 89.89 70.16
CA VAL L 330 -82.52 90.60 69.65
C VAL L 330 -83.66 89.58 69.60
N ARG L 331 -83.36 88.32 69.28
CA ARG L 331 -84.33 87.19 69.21
C ARG L 331 -84.86 86.86 70.62
N ASN L 332 -84.06 87.11 71.67
CA ASN L 332 -84.45 86.92 73.10
C ASN L 332 -84.96 88.23 73.70
N GLN L 333 -85.35 89.21 72.87
CA GLN L 333 -86.06 90.47 73.26
C GLN L 333 -85.18 91.29 74.20
N LYS L 334 -83.89 91.46 73.90
CA LYS L 334 -82.96 92.31 74.70
C LYS L 334 -83.44 93.77 74.61
N HIS L 335 -83.49 94.46 75.75
CA HIS L 335 -83.82 95.91 75.83
C HIS L 335 -82.68 96.72 75.21
N THR L 336 -83.04 97.88 74.64
CA THR L 336 -82.13 98.83 73.95
C THR L 336 -81.51 99.75 75.00
N ASP L 337 -80.59 100.62 74.57
CA ASP L 337 -79.88 101.60 75.46
C ASP L 337 -79.08 100.78 76.47
N PRO L 338 -78.99 101.08 77.79
CA PRO L 338 -78.20 100.27 78.72
C PRO L 338 -79.04 99.44 79.69
N VAL L 339 -78.39 98.84 80.69
CA VAL L 339 -79.02 98.13 81.86
C VAL L 339 -78.34 98.60 83.15
N TRP L 340 -78.91 99.65 83.74
CA TRP L 340 -78.36 100.38 84.91
C TRP L 340 -78.23 99.47 86.13
N GLN L 341 -79.28 98.70 86.42
CA GLN L 341 -79.37 97.81 87.60
C GLN L 341 -79.77 96.41 87.12
N VAL L 342 -79.27 95.39 87.82
CA VAL L 342 -79.49 93.94 87.57
C VAL L 342 -79.39 93.22 88.91
N LYS L 343 -80.39 92.38 89.25
CA LYS L 343 -80.42 91.64 90.54
C LYS L 343 -80.93 90.21 90.32
N TRP L 344 -80.46 89.30 91.17
CA TRP L 344 -80.91 87.89 91.24
C TRP L 344 -82.16 87.79 92.13
N ASN L 345 -83.13 86.96 91.74
CA ASN L 345 -84.29 86.57 92.58
C ASN L 345 -83.84 85.49 93.54
N PRO L 346 -84.08 85.60 94.87
CA PRO L 346 -83.66 84.58 95.83
C PRO L 346 -84.32 83.20 95.60
N ASP L 347 -85.54 83.16 95.07
CA ASP L 347 -86.32 81.92 94.85
C ASP L 347 -85.64 81.06 93.76
N THR L 348 -85.55 79.74 93.98
CA THR L 348 -84.93 78.74 93.07
C THR L 348 -85.91 77.61 92.77
N SER L 349 -87.22 77.85 92.88
CA SER L 349 -88.30 76.88 92.58
C SER L 349 -88.51 76.79 91.06
N LYS L 350 -88.43 77.92 90.36
CA LYS L 350 -88.59 78.05 88.88
C LYS L 350 -87.22 78.35 88.28
N ASN L 351 -86.28 77.39 88.45
CA ASN L 351 -84.89 77.41 87.92
C ASN L 351 -84.10 78.53 88.61
N TYR L 352 -83.77 79.60 87.89
CA TYR L 352 -82.94 80.75 88.38
C TYR L 352 -83.46 82.04 87.75
N ASN L 353 -84.13 82.89 88.55
CA ASN L 353 -84.77 84.14 88.08
C ASN L 353 -83.77 85.30 88.25
N PHE L 354 -83.43 85.95 87.14
CA PHE L 354 -82.52 87.11 87.03
C PHE L 354 -83.39 88.31 86.64
N TYR L 355 -83.33 89.42 87.40
CA TYR L 355 -84.12 90.67 87.14
C TYR L 355 -83.19 91.75 86.62
N SER L 356 -83.68 92.56 85.66
CA SER L 356 -82.94 93.68 85.03
C SER L 356 -83.89 94.84 84.73
N ILE L 357 -83.36 96.06 84.80
CA ILE L 357 -84.03 97.31 84.32
C ILE L 357 -83.12 97.99 83.30
N SER L 358 -83.71 98.55 82.25
CA SER L 358 -83.05 99.36 81.20
C SER L 358 -83.49 100.83 81.33
N SER L 359 -82.76 101.74 80.71
CA SER L 359 -83.15 103.17 80.53
C SER L 359 -84.29 103.26 79.51
N ASP L 360 -84.46 102.24 78.66
CA ASP L 360 -85.64 102.06 77.77
C ASP L 360 -86.90 101.96 78.63
N GLY L 361 -86.79 101.38 79.83
CA GLY L 361 -87.84 101.40 80.87
C GLY L 361 -88.75 100.20 80.75
N ARG L 362 -88.16 99.00 80.79
CA ARG L 362 -88.87 97.70 80.84
C ARG L 362 -88.16 96.82 81.87
N VAL L 363 -88.84 96.48 82.97
CA VAL L 363 -88.32 95.55 84.02
C VAL L 363 -88.46 94.12 83.46
N MET L 364 -87.32 93.50 83.13
CA MET L 364 -87.25 92.18 82.44
C MET L 364 -86.85 91.10 83.45
N ASN L 365 -87.63 90.02 83.52
CA ASN L 365 -87.33 88.78 84.30
C ASN L 365 -86.77 87.74 83.33
N TRP L 366 -85.52 87.31 83.54
CA TRP L 366 -84.80 86.32 82.70
C TRP L 366 -84.68 84.99 83.46
N ILE L 367 -85.04 83.88 82.81
CA ILE L 367 -85.02 82.51 83.40
C ILE L 367 -83.95 81.70 82.65
N LEU L 368 -83.09 80.99 83.39
CA LEU L 368 -81.97 80.18 82.84
C LEU L 368 -82.53 78.84 82.34
N MET L 369 -82.31 78.52 81.06
CA MET L 369 -82.67 77.23 80.42
C MET L 369 -81.44 76.65 79.73
N LYS L 370 -81.53 75.44 79.18
CA LYS L 370 -80.40 74.74 78.51
C LYS L 370 -80.20 75.34 77.11
N ASN L 371 -79.19 76.20 76.97
CA ASN L 371 -78.72 76.82 75.70
C ASN L 371 -79.81 77.77 75.16
N LYS L 372 -80.45 78.54 76.05
CA LYS L 372 -81.51 79.53 75.70
C LYS L 372 -81.87 80.36 76.94
N LEU L 373 -82.31 81.61 76.73
CA LEU L 373 -82.80 82.55 77.78
C LEU L 373 -84.23 83.00 77.46
N GLU L 374 -85.18 82.73 78.37
CA GLU L 374 -86.62 83.07 78.22
C GLU L 374 -86.89 84.40 78.92
N PRO L 375 -87.19 85.49 78.16
CA PRO L 375 -87.54 86.78 78.76
C PRO L 375 -89.03 86.91 79.10
N GLU L 376 -89.35 87.68 80.15
CA GLU L 376 -90.75 88.00 80.57
C GLU L 376 -90.81 89.44 81.08
N GLU L 377 -91.59 90.30 80.40
CA GLU L 377 -91.82 91.72 80.80
C GLU L 377 -92.62 91.76 82.09
N VAL L 378 -92.01 92.22 83.19
CA VAL L 378 -92.64 92.28 84.54
C VAL L 378 -93.63 93.45 84.53
N ILE L 379 -93.14 94.69 84.36
CA ILE L 379 -93.94 95.94 84.30
C ILE L 379 -93.29 96.90 83.31
N LEU L 380 -94.04 97.94 82.90
CA LEU L 380 -93.58 99.07 82.04
C LEU L 380 -93.69 100.37 82.85
N LEU L 381 -92.72 101.27 82.72
CA LEU L 381 -92.55 102.42 83.64
C LEU L 381 -93.56 103.53 83.30
N ARG L 382 -93.71 103.92 82.04
CA ARG L 382 -94.80 104.82 81.57
C ARG L 382 -94.81 106.13 82.38
N SER L 391 -100.23 111.04 81.26
CA SER L 391 -99.07 111.95 81.09
C SER L 391 -98.93 112.38 79.62
N THR L 392 -98.58 113.65 79.38
CA THR L 392 -98.52 114.31 78.05
C THR L 392 -97.06 114.38 77.56
N LEU L 393 -96.39 113.22 77.50
CA LEU L 393 -94.98 113.06 77.05
C LEU L 393 -94.94 112.07 75.87
N ILE L 394 -93.73 111.77 75.37
CA ILE L 394 -93.49 110.78 74.28
C ILE L 394 -92.67 109.61 74.84
N GLY L 395 -93.05 108.37 74.47
CA GLY L 395 -92.30 107.14 74.76
C GLY L 395 -92.56 106.61 76.15
N LEU L 396 -91.72 105.69 76.61
CA LEU L 396 -91.74 105.10 77.98
C LEU L 396 -90.78 105.89 78.87
N ALA L 397 -91.13 106.05 80.15
CA ALA L 397 -90.30 106.71 81.19
C ALA L 397 -89.02 105.90 81.42
N CYS L 398 -87.88 106.58 81.61
CA CYS L 398 -86.55 105.94 81.83
C CYS L 398 -86.46 105.47 83.29
N GLY L 399 -85.72 104.38 83.52
CA GLY L 399 -85.53 103.76 84.85
C GLY L 399 -84.06 103.49 85.15
N LEU L 400 -83.53 104.06 86.24
CA LEU L 400 -82.08 104.05 86.57
C LEU L 400 -81.77 103.06 87.71
N CYS L 401 -82.77 102.53 88.42
CA CYS L 401 -82.56 101.54 89.50
C CYS L 401 -83.88 100.90 89.96
N PHE L 402 -83.79 99.68 90.47
CA PHE L 402 -84.91 98.91 91.07
C PHE L 402 -84.39 98.11 92.27
N ASP L 403 -85.29 97.74 93.17
CA ASP L 403 -85.00 96.89 94.36
C ASP L 403 -86.25 96.09 94.74
N PHE L 404 -86.05 94.84 95.17
CA PHE L 404 -87.10 93.90 95.64
C PHE L 404 -87.09 93.85 97.17
N ASN L 405 -88.26 94.00 97.80
CA ASN L 405 -88.46 93.88 99.27
C ASN L 405 -88.20 92.42 99.68
N LYS L 406 -87.29 92.20 100.64
CA LYS L 406 -86.86 90.85 101.08
C LYS L 406 -87.97 90.18 101.91
N PHE L 407 -88.83 90.95 102.56
CA PHE L 407 -89.97 90.47 103.39
C PHE L 407 -91.14 90.04 102.48
N GLU L 408 -91.45 90.84 101.45
CA GLU L 408 -92.55 90.59 100.48
C GLU L 408 -91.98 90.57 99.07
N PRO L 409 -91.82 89.37 98.43
CA PRO L 409 -91.18 89.29 97.11
C PRO L 409 -92.02 89.89 95.96
N HIS L 410 -93.33 90.05 96.17
CA HIS L 410 -94.27 90.66 95.18
C HIS L 410 -93.95 92.14 95.00
N ILE L 411 -93.89 92.90 96.10
CA ILE L 411 -93.68 94.38 96.11
C ILE L 411 -92.20 94.65 95.82
N PHE L 412 -91.92 95.54 94.86
CA PHE L 412 -90.55 96.00 94.48
C PHE L 412 -90.60 97.46 94.02
N LEU L 413 -89.63 98.27 94.47
CA LEU L 413 -89.50 99.71 94.14
C LEU L 413 -88.67 99.88 92.87
N VAL L 414 -88.92 100.97 92.12
CA VAL L 414 -88.18 101.33 90.88
C VAL L 414 -87.99 102.85 90.85
N GLY L 415 -86.74 103.31 90.69
CA GLY L 415 -86.38 104.72 90.50
C GLY L 415 -86.38 105.09 89.03
N THR L 416 -86.66 106.36 88.71
CA THR L 416 -86.84 106.88 87.32
C THR L 416 -85.97 108.11 87.09
N GLU L 417 -85.65 108.39 85.83
CA GLU L 417 -84.91 109.61 85.38
C GLU L 417 -85.83 110.83 85.51
N GLU L 418 -87.14 110.66 85.23
CA GLU L 418 -88.22 111.63 85.54
C GLU L 418 -88.00 112.20 86.96
N GLY L 419 -87.71 111.31 87.92
CA GLY L 419 -87.41 111.63 89.33
C GLY L 419 -88.39 110.96 90.28
N LYS L 420 -89.58 110.63 89.81
CA LYS L 420 -90.68 110.05 90.62
C LYS L 420 -90.44 108.56 90.85
N ILE L 421 -90.16 108.15 92.10
CA ILE L 421 -90.00 106.73 92.51
C ILE L 421 -91.38 106.06 92.48
N HIS L 422 -91.43 104.78 92.12
CA HIS L 422 -92.67 103.97 91.99
C HIS L 422 -92.54 102.66 92.77
N LYS L 423 -93.57 102.31 93.54
CA LYS L 423 -93.75 100.96 94.16
C LYS L 423 -94.59 100.10 93.20
N CYS L 424 -94.17 98.85 92.98
CA CYS L 424 -94.70 97.96 91.91
C CYS L 424 -94.85 96.52 92.41
N SER L 425 -95.92 95.85 91.97
CA SER L 425 -96.20 94.41 92.22
C SER L 425 -95.86 93.59 90.96
N ARG L 426 -95.36 92.37 91.16
CA ARG L 426 -95.12 91.37 90.07
C ARG L 426 -96.46 90.90 89.49
N ALA L 427 -97.50 90.87 90.33
CA ALA L 427 -98.88 90.42 89.99
C ALA L 427 -99.43 91.23 88.81
N TYR L 428 -99.74 92.52 89.01
CA TYR L 428 -100.38 93.40 87.99
C TYR L 428 -99.27 94.12 87.21
N SER L 429 -99.20 93.84 85.90
CA SER L 429 -98.13 94.29 84.97
C SER L 429 -98.36 95.75 84.56
N GLY L 430 -99.57 96.10 84.14
CA GLY L 430 -99.92 97.41 83.56
C GLY L 430 -100.56 98.36 84.55
N GLN L 431 -100.16 98.30 85.84
CA GLN L 431 -100.66 99.19 86.91
C GLN L 431 -99.56 99.44 87.95
N TYR L 432 -99.62 100.60 88.61
CA TYR L 432 -98.74 101.02 89.73
C TYR L 432 -99.49 100.86 91.05
N GLN L 433 -98.84 100.30 92.07
CA GLN L 433 -99.40 100.21 93.45
C GLN L 433 -99.42 101.62 94.05
N GLU L 434 -98.31 102.35 93.96
CA GLU L 434 -98.17 103.73 94.49
C GLU L 434 -97.02 104.46 93.78
N THR L 435 -97.06 105.80 93.82
CA THR L 435 -96.02 106.73 93.27
C THR L 435 -95.62 107.71 94.36
N TYR L 436 -94.37 108.17 94.35
CA TYR L 436 -93.78 109.14 95.32
C TYR L 436 -93.24 110.35 94.55
N ASN L 437 -93.95 111.47 94.61
CA ASN L 437 -93.58 112.74 93.91
C ASN L 437 -92.78 113.62 94.88
N GLY L 438 -91.73 113.06 95.48
CA GLY L 438 -90.82 113.77 96.40
C GLY L 438 -89.68 114.43 95.63
N HIS L 439 -88.87 113.63 94.93
CA HIS L 439 -87.64 114.06 94.22
C HIS L 439 -87.98 114.95 93.02
N LEU L 440 -86.99 115.74 92.58
CA LEU L 440 -87.08 116.71 91.46
C LEU L 440 -86.30 116.21 90.24
N LEU L 441 -85.23 115.43 90.44
CA LEU L 441 -84.36 114.88 89.36
C LEU L 441 -84.19 113.37 89.49
N ALA L 442 -83.50 112.77 88.52
CA ALA L 442 -83.19 111.33 88.38
C ALA L 442 -82.71 110.72 89.70
N VAL L 443 -83.37 109.65 90.16
CA VAL L 443 -82.99 108.85 91.36
C VAL L 443 -82.00 107.77 90.92
N TYR L 444 -80.79 107.81 91.46
CA TYR L 444 -79.67 106.89 91.06
C TYR L 444 -79.90 105.51 91.69
N LYS L 445 -80.11 105.44 93.01
CA LYS L 445 -80.23 104.17 93.76
C LYS L 445 -81.38 104.27 94.77
N VAL L 446 -82.34 103.33 94.70
CA VAL L 446 -83.35 103.06 95.76
C VAL L 446 -82.98 101.74 96.43
N LYS L 447 -83.01 101.66 97.76
CA LYS L 447 -82.77 100.41 98.53
C LYS L 447 -83.65 100.36 99.79
N TRP L 448 -84.42 99.28 99.95
CA TRP L 448 -85.23 98.96 101.15
C TRP L 448 -84.31 98.84 102.37
N ASN L 449 -84.79 99.24 103.54
CA ASN L 449 -84.03 99.14 104.82
C ASN L 449 -84.07 97.69 105.31
N ASN L 450 -83.01 97.27 106.00
CA ASN L 450 -82.87 95.92 106.61
C ASN L 450 -83.58 95.94 107.97
N PHE L 451 -84.21 94.81 108.34
CA PHE L 451 -84.90 94.56 109.63
C PHE L 451 -86.20 95.39 109.74
N HIS L 452 -86.81 95.77 108.62
CA HIS L 452 -88.12 96.51 108.60
C HIS L 452 -88.70 96.52 107.19
N PRO L 453 -90.02 96.24 107.01
CA PRO L 453 -90.68 96.42 105.71
C PRO L 453 -91.28 97.82 105.55
N ARG L 454 -91.60 98.19 104.30
CA ARG L 454 -92.38 99.41 103.92
C ARG L 454 -91.57 100.68 104.24
N THR L 455 -90.23 100.59 104.29
CA THR L 455 -89.30 101.74 104.51
C THR L 455 -88.06 101.59 103.62
N PHE L 456 -87.55 102.69 103.05
CA PHE L 456 -86.45 102.71 102.06
C PHE L 456 -85.80 104.10 101.94
N ILE L 457 -84.55 104.12 101.46
CA ILE L 457 -83.77 105.35 101.08
C ILE L 457 -83.81 105.47 99.56
N SER L 458 -83.59 106.68 99.06
CA SER L 458 -83.16 106.94 97.65
C SER L 458 -82.15 108.09 97.61
N ALA L 459 -81.20 107.99 96.67
CA ALA L 459 -80.10 108.95 96.42
C ALA L 459 -80.23 109.45 94.98
N SER L 460 -80.52 110.74 94.79
CA SER L 460 -80.83 111.36 93.47
C SER L 460 -79.71 112.32 93.03
N ALA L 461 -79.74 112.71 91.76
CA ALA L 461 -78.85 113.74 91.15
C ALA L 461 -79.03 115.06 91.92
N ASP L 462 -80.28 115.47 92.15
CA ASP L 462 -80.66 116.59 93.04
C ASP L 462 -80.10 116.27 94.43
N TRP L 463 -79.12 117.05 94.88
CA TRP L 463 -78.24 116.72 96.04
C TRP L 463 -79.04 116.63 97.33
N THR L 464 -79.84 115.57 97.46
CA THR L 464 -80.75 115.29 98.60
C THR L 464 -80.88 113.77 98.75
N VAL L 465 -80.68 113.25 99.97
CA VAL L 465 -80.93 111.82 100.35
C VAL L 465 -82.18 111.80 101.23
N ARG L 466 -83.18 111.00 100.87
CA ARG L 466 -84.54 111.06 101.48
C ARG L 466 -84.96 109.67 101.97
N ILE L 467 -85.63 109.61 103.13
CA ILE L 467 -86.15 108.36 103.78
C ILE L 467 -87.67 108.39 103.70
N TRP L 468 -88.28 107.48 102.93
CA TRP L 468 -89.75 107.32 102.80
C TRP L 468 -90.23 106.24 103.78
N ASP L 469 -91.55 106.21 104.00
CA ASP L 469 -92.31 104.99 104.38
C ASP L 469 -93.38 104.76 103.30
N SER L 470 -93.52 103.52 102.85
CA SER L 470 -94.36 103.09 101.69
C SER L 470 -95.80 103.57 101.85
N LYS L 471 -96.34 103.53 103.07
CA LYS L 471 -97.73 103.95 103.41
C LYS L 471 -97.93 105.43 103.04
N TYR L 472 -96.98 106.30 103.39
CA TYR L 472 -96.98 107.75 103.09
C TYR L 472 -96.57 107.98 101.63
N THR L 473 -97.05 109.07 101.02
CA THR L 473 -96.84 109.42 99.58
C THR L 473 -95.64 110.35 99.42
N SER L 474 -95.28 111.14 100.44
CA SER L 474 -94.08 112.01 100.48
C SER L 474 -93.03 111.42 101.43
N GLN L 475 -91.84 112.02 101.48
CA GLN L 475 -90.70 111.53 102.31
C GLN L 475 -90.98 111.87 103.78
N ILE L 476 -90.31 111.16 104.69
CA ILE L 476 -90.36 111.41 106.16
C ILE L 476 -89.22 112.37 106.53
N ILE L 477 -87.99 112.06 106.11
CA ILE L 477 -86.77 112.89 106.31
C ILE L 477 -86.08 113.10 104.96
N CYS L 478 -85.44 114.26 104.77
CA CYS L 478 -84.47 114.56 103.68
C CYS L 478 -83.13 114.97 104.30
N PHE L 479 -82.03 114.89 103.53
CA PHE L 479 -80.63 115.15 103.99
C PHE L 479 -79.86 115.96 102.95
N ASP L 480 -80.07 117.29 102.95
CA ASP L 480 -79.50 118.24 101.96
C ASP L 480 -77.99 118.32 102.17
N LEU L 481 -77.24 117.89 101.16
CA LEU L 481 -75.76 118.05 101.04
C LEU L 481 -75.51 119.00 99.87
N SER L 482 -74.49 119.85 99.95
CA SER L 482 -74.16 120.86 98.91
C SER L 482 -73.75 120.14 97.62
N MET L 483 -72.80 119.19 97.73
CA MET L 483 -72.25 118.40 96.59
C MET L 483 -73.27 117.36 96.15
N MET L 484 -73.18 116.91 94.90
CA MET L 484 -74.13 115.93 94.28
C MET L 484 -74.10 114.62 95.08
N VAL L 485 -75.28 114.07 95.38
CA VAL L 485 -75.46 112.70 95.97
C VAL L 485 -75.28 111.69 94.83
N VAL L 486 -74.45 110.66 95.05
CA VAL L 486 -74.02 109.69 94.00
C VAL L 486 -74.67 108.33 94.27
N ASP L 487 -74.74 107.90 95.54
CA ASP L 487 -75.52 106.70 95.96
C ASP L 487 -75.60 106.62 97.50
N ALA L 488 -76.72 106.08 98.00
CA ALA L 488 -76.99 105.82 99.44
C ALA L 488 -77.29 104.33 99.61
N VAL L 489 -76.71 103.69 100.63
CA VAL L 489 -76.82 102.23 100.91
C VAL L 489 -77.04 102.03 102.41
N TRP L 490 -78.08 101.27 102.77
CA TRP L 490 -78.40 100.84 104.15
C TRP L 490 -77.27 99.96 104.71
N ALA L 491 -76.99 100.08 106.01
CA ALA L 491 -76.07 99.18 106.75
C ALA L 491 -76.80 97.87 107.02
N PRO L 492 -76.17 96.71 106.76
CA PRO L 492 -76.81 95.41 106.93
C PRO L 492 -76.87 94.92 108.39
N TYR L 493 -75.84 95.23 109.19
CA TYR L 493 -75.69 94.79 110.60
C TYR L 493 -76.74 95.45 111.50
N SER L 494 -77.03 96.75 111.28
CA SER L 494 -78.03 97.53 112.05
C SER L 494 -78.91 98.37 111.11
N SER L 495 -80.22 98.44 111.38
CA SER L 495 -81.15 99.41 110.75
C SER L 495 -80.84 100.82 111.29
N THR L 496 -81.40 101.84 110.66
CA THR L 496 -81.22 103.27 111.00
C THR L 496 -79.74 103.66 110.88
N VAL L 497 -79.02 103.06 109.93
CA VAL L 497 -77.60 103.38 109.59
C VAL L 497 -77.43 103.24 108.07
N PHE L 498 -77.03 104.32 107.40
CA PHE L 498 -76.80 104.36 105.92
C PHE L 498 -75.55 105.19 105.63
N ALA L 499 -75.03 105.07 104.41
CA ALA L 499 -73.82 105.77 103.91
C ALA L 499 -74.13 106.47 102.59
N CYS L 500 -73.71 107.73 102.45
CA CYS L 500 -73.90 108.59 101.25
C CYS L 500 -72.55 109.12 100.77
N ALA L 501 -72.20 108.88 99.51
CA ALA L 501 -70.97 109.35 98.84
C ALA L 501 -71.30 110.55 97.95
N THR L 502 -70.51 111.62 98.07
CA THR L 502 -70.67 112.89 97.33
C THR L 502 -69.28 113.46 97.02
N MET L 503 -68.99 113.73 95.74
CA MET L 503 -67.80 114.49 95.26
C MET L 503 -66.67 114.44 96.31
N ASP L 504 -65.88 113.35 96.28
CA ASP L 504 -64.86 112.94 97.29
C ASP L 504 -65.29 113.38 98.70
N LYS L 505 -66.37 112.76 99.20
CA LYS L 505 -66.85 112.86 100.60
C LYS L 505 -67.86 111.73 100.86
N VAL L 506 -67.44 110.70 101.60
CA VAL L 506 -68.32 109.60 102.13
C VAL L 506 -68.81 110.03 103.51
N GLN L 507 -70.13 109.92 103.75
CA GLN L 507 -70.82 110.45 104.94
C GLN L 507 -71.78 109.38 105.48
N VAL L 508 -71.52 108.89 106.70
CA VAL L 508 -72.36 107.87 107.41
C VAL L 508 -73.25 108.58 108.43
N TYR L 509 -74.52 108.16 108.52
CA TYR L 509 -75.53 108.66 109.49
C TYR L 509 -76.00 107.51 110.39
N ASP L 510 -76.44 107.85 111.60
CA ASP L 510 -77.25 106.98 112.50
C ASP L 510 -78.40 107.82 113.05
N LEU L 511 -79.62 107.28 113.02
CA LEU L 511 -80.86 108.03 113.38
C LEU L 511 -80.99 108.10 114.91
N ASN L 512 -80.54 107.07 115.64
CA ASN L 512 -80.54 107.02 117.13
C ASN L 512 -79.53 108.02 117.70
N VAL L 513 -78.37 108.16 117.06
CA VAL L 513 -77.21 108.96 117.56
C VAL L 513 -77.48 110.45 117.32
N ASP L 514 -77.88 110.82 116.08
CA ASP L 514 -78.21 112.21 115.69
C ASP L 514 -79.46 112.21 114.78
N LYS L 515 -80.28 113.25 114.88
CA LYS L 515 -81.54 113.42 114.10
C LYS L 515 -81.21 113.88 112.67
N LEU L 516 -80.28 114.84 112.53
CA LEU L 516 -79.87 115.44 111.23
C LEU L 516 -78.36 115.32 111.02
N ASN L 517 -77.56 115.82 111.97
CA ASN L 517 -76.08 116.00 111.84
C ASN L 517 -75.39 114.66 111.52
N LYS L 518 -74.37 114.72 110.67
CA LYS L 518 -73.54 113.55 110.24
C LYS L 518 -72.68 113.09 111.41
N LEU L 519 -72.59 111.77 111.62
CA LEU L 519 -71.70 111.15 112.63
C LEU L 519 -70.25 111.27 112.16
N ALA L 520 -69.98 110.86 110.91
CA ALA L 520 -68.62 110.82 110.32
C ALA L 520 -68.69 111.23 108.84
N GLU L 521 -67.73 112.07 108.43
CA GLU L 521 -67.49 112.51 107.03
C GLU L 521 -66.00 112.32 106.75
N GLN L 522 -65.66 111.64 105.64
CA GLN L 522 -64.24 111.33 105.30
C GLN L 522 -64.01 111.36 103.79
N LYS L 523 -62.78 111.69 103.40
CA LYS L 523 -62.27 111.73 102.00
C LYS L 523 -61.30 110.55 101.83
N ILE L 524 -61.82 109.40 101.39
CA ILE L 524 -61.04 108.17 101.05
C ILE L 524 -59.88 108.54 100.10
N VAL L 525 -60.17 109.18 98.97
CA VAL L 525 -59.17 109.53 97.92
C VAL L 525 -59.44 110.95 97.42
N LYS L 526 -58.38 111.73 97.22
CA LYS L 526 -58.41 113.19 96.95
C LYS L 526 -58.57 113.47 95.45
N GLN L 527 -57.87 112.70 94.60
CA GLN L 527 -57.65 113.01 93.16
C GLN L 527 -58.94 112.83 92.35
N PRO L 528 -59.68 111.70 92.46
CA PRO L 528 -60.88 111.46 91.64
C PRO L 528 -62.20 111.89 92.30
N LYS L 529 -63.32 111.46 91.71
CA LYS L 529 -64.69 111.52 92.30
C LYS L 529 -65.14 110.10 92.62
N LEU L 530 -66.20 109.94 93.43
CA LEU L 530 -66.68 108.64 93.96
C LEU L 530 -67.92 108.19 93.19
N THR L 531 -67.81 107.10 92.43
CA THR L 531 -68.84 106.62 91.47
C THR L 531 -69.90 105.77 92.19
N ASN L 532 -69.51 105.00 93.20
CA ASN L 532 -70.42 104.06 93.90
C ASN L 532 -69.79 103.57 95.20
N LEU L 533 -70.63 103.18 96.16
CA LEU L 533 -70.23 102.51 97.43
C LEU L 533 -71.20 101.34 97.67
N SER L 534 -70.70 100.27 98.31
CA SER L 534 -71.47 99.04 98.68
C SER L 534 -70.99 98.53 100.04
N PHE L 535 -71.89 97.87 100.77
CA PHE L 535 -71.72 97.48 102.19
C PHE L 535 -71.50 95.97 102.28
N ASN L 536 -70.62 95.53 103.18
CA ASN L 536 -70.40 94.09 103.52
C ASN L 536 -71.35 93.70 104.67
N TYR L 537 -71.94 92.51 104.57
CA TYR L 537 -72.98 91.98 105.49
C TYR L 537 -72.33 91.30 106.70
N LYS L 538 -71.11 90.77 106.55
CA LYS L 538 -70.42 89.99 107.60
C LYS L 538 -69.82 90.94 108.65
N ASP L 539 -68.91 91.82 108.21
CA ASP L 539 -68.09 92.69 109.10
C ASP L 539 -68.53 94.15 108.91
N PRO L 540 -68.18 95.07 109.82
CA PRO L 540 -68.35 96.50 109.58
C PRO L 540 -67.22 96.99 108.66
N ILE L 541 -67.47 96.94 107.35
CA ILE L 541 -66.52 97.39 106.29
C ILE L 541 -67.32 97.86 105.06
N LEU L 542 -67.11 99.12 104.67
CA LEU L 542 -67.72 99.77 103.48
C LEU L 542 -66.70 99.74 102.33
N LEU L 543 -67.17 99.43 101.12
CA LEU L 543 -66.37 99.54 99.87
C LEU L 543 -66.77 100.83 99.15
N VAL L 544 -65.78 101.58 98.64
CA VAL L 544 -65.98 102.90 97.96
C VAL L 544 -65.24 102.87 96.62
N GLY L 545 -65.97 103.04 95.52
CA GLY L 545 -65.45 103.12 94.14
C GLY L 545 -65.05 104.53 93.77
N ASP L 546 -64.05 104.68 92.89
CA ASP L 546 -63.54 105.96 92.36
C ASP L 546 -63.80 106.03 90.85
N SER L 547 -63.70 107.23 90.26
CA SER L 547 -63.88 107.50 88.81
C SER L 547 -62.72 106.89 88.00
N HIS L 548 -61.56 106.67 88.63
CA HIS L 548 -60.35 106.08 88.00
C HIS L 548 -60.28 104.56 88.23
N GLY L 549 -61.44 103.89 88.36
CA GLY L 549 -61.53 102.42 88.48
C GLY L 549 -60.90 101.87 89.76
N GLY L 550 -60.49 102.74 90.69
CA GLY L 550 -59.91 102.35 92.00
C GLY L 550 -61.01 102.10 93.01
N VAL L 551 -60.85 101.06 93.83
CA VAL L 551 -61.89 100.57 94.78
C VAL L 551 -61.26 100.42 96.18
N THR L 552 -61.40 101.45 97.02
CA THR L 552 -60.84 101.48 98.40
C THR L 552 -61.91 100.98 99.37
N LEU L 553 -61.52 100.17 100.36
CA LEU L 553 -62.41 99.73 101.47
C LEU L 553 -62.11 100.56 102.71
N VAL L 554 -63.10 100.67 103.60
CA VAL L 554 -63.07 101.51 104.83
C VAL L 554 -63.76 100.72 105.95
N LYS L 555 -63.06 100.45 107.05
CA LYS L 555 -63.65 99.84 108.27
C LYS L 555 -64.19 100.98 109.15
N LEU L 556 -65.46 100.89 109.55
CA LEU L 556 -66.17 101.91 110.36
C LEU L 556 -65.73 101.80 111.82
N SER L 557 -66.06 102.82 112.63
CA SER L 557 -65.77 102.91 114.08
C SER L 557 -66.76 102.05 114.86
N PRO L 558 -66.37 101.50 116.04
CA PRO L 558 -67.29 100.76 116.90
C PRO L 558 -68.21 101.63 117.79
N ASN L 559 -68.09 102.96 117.71
CA ASN L 559 -68.95 103.94 118.44
C ASN L 559 -70.42 103.73 118.05
N LEU L 560 -70.67 103.51 116.76
CA LEU L 560 -71.98 103.03 116.21
C LEU L 560 -72.11 101.52 116.44
N CYS L 561 -73.32 101.04 116.78
CA CYS L 561 -73.65 99.62 117.03
C CYS L 561 -75.17 99.43 117.22
N LYS L 562 -75.60 98.25 117.69
CA LYS L 562 -77.02 97.90 117.98
C LYS L 562 -77.15 97.41 119.42
N SER L 563 -78.33 97.66 120.04
CA SER L 563 -78.65 97.41 121.47
C SER L 563 -77.71 98.24 122.35
N GLY L 564 -77.48 99.49 121.94
CA GLY L 564 -76.51 100.43 122.51
C GLY L 564 -76.90 100.98 123.89
N PRO L 565 -78.19 101.31 124.17
CA PRO L 565 -78.56 101.98 125.42
C PRO L 565 -77.95 101.34 126.68
N GLU L 566 -78.00 100.00 126.77
CA GLU L 566 -77.34 99.19 127.83
C GLU L 566 -76.77 97.91 127.19
N ILE L 567 -75.55 97.54 127.55
CA ILE L 567 -74.75 96.44 126.91
C ILE L 567 -75.18 95.11 127.55
N LYS L 568 -75.71 94.17 126.74
CA LYS L 568 -76.18 92.83 127.16
C LYS L 568 -77.27 92.96 128.23
N GLN L 569 -78.31 93.74 127.93
CA GLN L 569 -79.48 94.01 128.83
C GLN L 569 -80.71 93.28 128.30
N THR L 570 -81.43 92.58 129.19
CA THR L 570 -82.69 91.80 128.94
C THR L 570 -82.38 90.42 128.32
N GLU L 571 -81.26 90.27 127.60
CA GLU L 571 -80.75 88.99 127.03
C GLU L 571 -81.75 88.48 125.98
N ASP L 572 -82.16 89.37 125.06
CA ASP L 572 -83.15 89.08 123.98
C ASP L 572 -82.40 88.70 122.71
N LYS L 573 -82.56 87.44 122.25
CA LYS L 573 -82.04 86.93 120.96
C LYS L 573 -82.94 87.42 119.82
N LYS L 574 -84.25 87.47 120.06
CA LYS L 574 -85.29 87.97 119.12
C LYS L 574 -85.05 89.45 118.78
N ALA L 575 -84.57 90.23 119.76
CA ALA L 575 -84.35 91.70 119.69
C ALA L 575 -83.54 92.08 118.43
N MET L 576 -82.52 91.29 118.08
CA MET L 576 -81.56 91.61 116.99
C MET L 576 -82.26 91.68 115.62
N GLU L 577 -83.44 91.07 115.48
CA GLU L 577 -84.26 91.09 114.22
C GLU L 577 -85.69 91.61 114.51
N GLU L 578 -85.93 92.25 115.66
CA GLU L 578 -87.27 92.73 116.10
C GLU L 578 -87.17 94.11 116.77
N PHE L 579 -86.29 94.27 117.77
CA PHE L 579 -86.00 95.56 118.45
C PHE L 579 -85.52 96.58 117.41
N LYS L 580 -84.85 96.13 116.34
CA LYS L 580 -84.48 96.95 115.17
C LYS L 580 -85.76 97.35 114.41
N ASN L 581 -86.65 96.39 114.14
CA ASN L 581 -88.01 96.58 113.56
C ASN L 581 -88.80 97.58 114.41
N VAL L 582 -88.66 97.52 115.74
CA VAL L 582 -89.40 98.36 116.72
C VAL L 582 -88.80 99.77 116.78
N LYS L 583 -87.47 99.92 116.76
CA LYS L 583 -86.80 101.22 117.04
C LYS L 583 -87.04 102.20 115.88
N ILE L 584 -87.05 101.74 114.62
CA ILE L 584 -87.34 102.60 113.45
C ILE L 584 -88.81 103.06 113.52
N GLU L 585 -89.72 102.18 113.92
CA GLU L 585 -91.16 102.51 114.17
C GLU L 585 -91.25 103.59 115.24
N ASP L 586 -90.54 103.41 116.36
CA ASP L 586 -90.48 104.37 117.50
C ASP L 586 -89.92 105.71 117.02
N TYR L 587 -88.90 105.67 116.15
CA TYR L 587 -88.28 106.87 115.52
C TYR L 587 -89.25 107.45 114.47
N GLU L 588 -89.89 106.59 113.67
CA GLU L 588 -90.86 106.97 112.60
C GLU L 588 -92.01 107.79 113.20
N ARG L 589 -92.57 107.34 114.33
CA ARG L 589 -93.64 108.03 115.10
C ARG L 589 -93.19 109.45 115.48
N GLU L 590 -91.93 109.62 115.87
CA GLU L 590 -91.34 110.91 116.35
C GLU L 590 -91.44 111.96 115.24
N LYS L 591 -91.15 111.59 113.98
CA LYS L 591 -91.21 112.50 112.81
C LYS L 591 -92.66 112.86 112.49
N MET L 592 -93.63 111.97 112.76
CA MET L 592 -95.08 112.21 112.51
C MET L 592 -95.62 113.24 113.51
N GLU L 593 -95.07 113.27 114.73
CA GLU L 593 -95.42 114.29 115.76
C GLU L 593 -94.80 115.65 115.38
N ASN L 594 -93.61 115.67 114.79
CA ASN L 594 -92.87 116.89 114.34
C ASN L 594 -93.67 117.59 113.23
N LEU L 595 -94.17 116.82 112.25
CA LEU L 595 -94.97 117.31 111.10
C LEU L 595 -96.47 117.16 111.42
N THR M 1 -22.25 -58.28 5.79
CA THR M 1 -23.08 -57.15 6.33
C THR M 1 -24.18 -57.70 7.25
N THR M 2 -24.44 -57.02 8.37
CA THR M 2 -25.49 -57.36 9.37
C THR M 2 -26.32 -56.12 9.68
N THR M 3 -27.25 -55.76 8.78
CA THR M 3 -28.08 -54.53 8.79
C THR M 3 -28.77 -54.34 10.16
N VAL M 4 -28.61 -53.17 10.77
CA VAL M 4 -29.14 -52.80 12.12
C VAL M 4 -30.30 -51.81 11.94
N THR M 5 -31.25 -51.81 12.88
CA THR M 5 -32.35 -50.82 13.02
C THR M 5 -32.25 -50.04 14.34
N SER M 6 -31.24 -50.34 15.17
CA SER M 6 -30.94 -49.65 16.45
C SER M 6 -29.43 -49.64 16.68
N GLU M 7 -29.25 -48.31 19.71
CA GLU M 7 -27.85 -48.81 19.76
C GLU M 7 -27.76 -50.32 20.02
N ASP M 8 -28.90 -51.01 20.21
CA ASP M 8 -28.96 -52.45 20.54
C ASP M 8 -28.57 -53.31 19.32
N HIS M 9 -29.22 -53.07 18.17
CA HIS M 9 -29.03 -53.83 16.91
C HIS M 9 -27.68 -53.48 16.25
N PHE M 10 -27.10 -52.33 16.60
CA PHE M 10 -25.74 -51.88 16.15
C PHE M 10 -24.66 -52.65 16.92
N MET M 11 -24.83 -52.81 18.23
CA MET M 11 -23.89 -53.54 19.14
C MET M 11 -24.11 -55.06 19.05
N THR M 12 -25.25 -55.51 18.49
CA THR M 12 -25.60 -56.94 18.30
C THR M 12 -24.94 -57.48 17.03
N PHE M 13 -25.07 -56.76 15.91
CA PHE M 13 -24.38 -57.03 14.62
C PHE M 13 -22.86 -56.93 14.79
N TYR M 14 -22.42 -56.05 15.71
CA TYR M 14 -21.02 -55.88 16.15
C TYR M 14 -20.51 -57.16 16.84
N ASN M 15 -21.25 -57.62 17.86
CA ASN M 15 -20.91 -58.80 18.69
C ASN M 15 -20.98 -60.09 17.86
N GLU M 16 -21.86 -60.14 16.85
CA GLU M 16 -22.02 -61.28 15.91
C GLU M 16 -20.75 -61.47 15.09
N ASN M 17 -20.19 -60.37 14.55
CA ASN M 17 -18.92 -60.34 13.78
C ASN M 17 -17.75 -60.11 14.76
N ASN M 18 -17.36 -61.15 15.50
CA ASN M 18 -16.35 -61.08 16.59
C ASN M 18 -14.93 -61.24 16.01
N LYS M 19 -14.77 -62.05 14.96
CA LYS M 19 -13.47 -62.30 14.28
C LYS M 19 -13.08 -61.09 13.44
N LYS M 20 -13.97 -60.66 12.55
CA LYS M 20 -13.78 -59.50 11.62
C LYS M 20 -14.31 -58.23 12.29
N LEU M 21 -14.42 -57.14 11.52
CA LEU M 21 -15.02 -55.84 11.97
C LEU M 21 -16.50 -55.80 11.57
N ILE M 22 -17.28 -54.95 12.25
CA ILE M 22 -18.71 -54.65 11.92
C ILE M 22 -18.92 -53.13 12.03
N VAL M 23 -18.78 -52.41 10.92
CA VAL M 23 -18.77 -50.92 10.84
C VAL M 23 -20.21 -50.41 10.73
N VAL M 24 -20.85 -50.14 11.88
CA VAL M 24 -22.22 -49.55 11.96
C VAL M 24 -22.23 -48.18 11.26
N ASP M 25 -23.16 -47.97 10.33
CA ASP M 25 -23.30 -46.74 9.50
C ASP M 25 -24.58 -46.01 9.88
N VAL M 26 -24.59 -45.38 11.06
CA VAL M 26 -25.77 -44.68 11.66
C VAL M 26 -26.11 -43.45 10.80
N TYR M 27 -27.29 -43.47 10.16
CA TYR M 27 -27.78 -42.43 9.22
C TYR M 27 -26.88 -42.39 7.99
N PRO M 28 -26.86 -41.23 7.27
CA PRO M 28 -25.93 -41.02 6.16
C PRO M 28 -25.74 -39.50 5.96
N GLY M 29 -25.27 -39.08 4.77
CA GLY M 29 -25.11 -37.66 4.41
C GLY M 29 -26.34 -37.12 3.69
N TRP M 30 -27.53 -37.35 4.26
CA TRP M 30 -28.85 -36.98 3.68
C TRP M 30 -29.00 -37.60 2.29
N SER M 31 -29.76 -36.95 1.40
CA SER M 31 -29.79 -37.19 -0.07
C SER M 31 -30.36 -38.58 -0.39
N GLY M 32 -31.55 -38.89 0.14
CA GLY M 32 -32.22 -40.20 -0.01
C GLY M 32 -31.34 -41.35 0.48
N PRO M 33 -30.94 -41.32 1.77
CA PRO M 33 -29.84 -42.16 2.27
C PRO M 33 -30.10 -43.68 2.25
N CYS M 34 -31.37 -44.11 2.31
CA CYS M 34 -31.80 -45.53 2.42
C CYS M 34 -31.36 -46.33 1.18
N THR M 35 -31.71 -45.84 -0.01
CA THR M 35 -31.41 -46.48 -1.33
C THR M 35 -29.89 -46.51 -1.57
N ALA M 36 -29.23 -45.37 -1.35
CA ALA M 36 -27.76 -45.17 -1.52
C ALA M 36 -26.99 -46.09 -0.56
N MET M 37 -27.48 -46.26 0.68
CA MET M 37 -26.86 -47.09 1.74
C MET M 37 -26.84 -48.56 1.31
N TYR M 38 -27.96 -49.08 0.82
CA TYR M 38 -28.12 -50.49 0.34
C TYR M 38 -27.32 -50.70 -0.93
N PRO M 39 -27.23 -49.68 -1.81
CA PRO M 39 -26.41 -49.79 -3.03
C PRO M 39 -24.90 -49.81 -2.74
N THR M 40 -24.44 -48.91 -1.86
CA THR M 40 -23.06 -48.88 -1.31
C THR M 40 -22.80 -50.12 -0.46
N TYR M 41 -23.84 -50.62 0.24
CA TYR M 41 -23.81 -51.83 1.11
C TYR M 41 -23.59 -53.11 0.29
N ASN M 42 -23.76 -53.05 -1.03
CA ASN M 42 -23.49 -54.18 -1.99
C ASN M 42 -22.03 -54.12 -2.46
N GLN M 43 -21.59 -52.97 -2.99
CA GLN M 43 -20.24 -52.76 -3.59
C GLN M 43 -19.16 -52.81 -2.50
N LEU M 44 -19.46 -52.28 -1.32
CA LEU M 44 -18.60 -52.37 -0.10
C LEU M 44 -18.62 -53.81 0.42
N MET M 45 -19.79 -54.47 0.46
CA MET M 45 -19.96 -55.91 0.82
C MET M 45 -19.14 -56.79 -0.12
N ILE M 46 -18.93 -56.35 -1.36
CA ILE M 46 -18.00 -56.97 -2.37
C ILE M 46 -16.55 -56.59 -2.03
N SER M 47 -16.31 -55.34 -1.66
CA SER M 47 -14.98 -54.77 -1.32
C SER M 47 -14.55 -55.12 0.12
N ILE M 48 -15.47 -55.59 0.98
CA ILE M 48 -15.25 -55.80 2.45
C ILE M 48 -15.32 -57.29 2.81
N ASP M 49 -16.28 -58.05 2.26
CA ASP M 49 -16.50 -59.49 2.55
C ASP M 49 -15.79 -60.37 1.50
N ASP M 50 -15.93 -60.02 0.21
CA ASP M 50 -15.42 -60.81 -0.94
C ASP M 50 -13.97 -60.43 -1.25
N PHE M 51 -13.69 -59.13 -1.43
CA PHE M 51 -12.38 -58.60 -1.88
C PHE M 51 -11.37 -58.60 -0.72
N GLU M 52 -11.77 -58.06 0.43
CA GLU M 52 -10.91 -57.87 1.64
C GLU M 52 -11.15 -59.00 2.66
N LYS M 53 -12.42 -59.31 2.96
CA LYS M 53 -12.87 -60.30 3.98
C LYS M 53 -12.44 -59.83 5.38
N ARG M 54 -12.57 -58.53 5.66
CA ARG M 54 -12.06 -57.86 6.90
C ARG M 54 -13.22 -57.30 7.74
N ILE M 55 -14.22 -56.67 7.12
CA ILE M 55 -15.29 -55.90 7.82
C ILE M 55 -16.67 -56.20 7.21
N ASP M 56 -17.70 -56.23 8.07
CA ASP M 56 -19.13 -56.06 7.70
C ASP M 56 -19.51 -54.60 7.96
N ILE M 57 -20.66 -54.15 7.45
CA ILE M 57 -21.18 -52.76 7.64
C ILE M 57 -22.69 -52.84 7.90
N LEU M 58 -23.14 -52.32 9.06
CA LEU M 58 -24.54 -52.37 9.55
C LEU M 58 -25.16 -50.98 9.50
N LEU M 59 -25.75 -50.60 8.35
CA LEU M 59 -26.42 -49.29 8.13
C LEU M 59 -27.58 -49.14 9.13
N LEU M 60 -27.31 -48.51 10.28
CA LEU M 60 -28.27 -48.34 11.41
C LEU M 60 -29.46 -47.48 10.94
N ASP M 61 -30.64 -48.09 10.82
CA ASP M 61 -31.91 -47.40 10.46
C ASP M 61 -32.24 -46.37 11.55
N GLN M 62 -32.63 -45.16 11.12
CA GLN M 62 -32.62 -43.89 11.91
C GLN M 62 -32.86 -44.13 13.40
N ASP M 63 -31.80 -44.03 14.21
CA ASP M 63 -31.82 -44.01 15.69
C ASP M 63 -30.68 -43.10 16.18
N LYS M 64 -30.07 -43.38 17.33
CA LYS M 64 -28.85 -42.70 17.85
C LYS M 64 -27.85 -43.77 18.34
N LEU M 65 -27.60 -44.80 17.52
CA LEU M 65 -26.68 -45.92 17.80
C LEU M 65 -25.22 -45.41 17.81
N VAL M 66 -24.92 -44.45 16.93
CA VAL M 66 -23.58 -43.79 16.78
C VAL M 66 -23.21 -43.08 18.08
N THR M 67 -24.14 -42.31 18.66
CA THR M 67 -23.97 -41.51 19.90
C THR M 67 -23.77 -42.44 21.11
N TYR M 68 -24.48 -43.57 21.14
CA TYR M 68 -24.45 -44.58 22.25
C TYR M 68 -23.14 -45.39 22.19
N LYS M 69 -22.70 -45.76 20.98
CA LYS M 69 -21.41 -46.47 20.71
C LYS M 69 -20.25 -45.53 21.06
N ASN M 70 -20.34 -44.25 20.65
CA ASN M 70 -19.35 -43.18 20.96
C ASN M 70 -19.31 -42.94 22.48
N ASP M 71 -20.45 -43.10 23.17
CA ASP M 71 -20.58 -43.02 24.64
C ASP M 71 -19.91 -44.23 25.30
N LYS M 72 -20.17 -45.44 24.80
CA LYS M 72 -19.66 -46.73 25.35
C LYS M 72 -18.17 -46.90 25.04
N PHE M 73 -17.64 -46.22 24.01
CA PHE M 73 -16.20 -46.25 23.61
C PHE M 73 -15.36 -45.48 24.63
N HIS M 74 -15.74 -44.22 24.91
CA HIS M 74 -14.93 -43.19 25.62
C HIS M 74 -13.93 -42.59 24.63
N ALA M 75 -13.19 -43.45 23.93
CA ALA M 75 -12.42 -43.17 22.68
C ALA M 75 -13.27 -42.31 21.72
N PRO M 79 -23.67 -38.38 9.45
CA PRO M 79 -23.47 -39.82 9.67
C PRO M 79 -22.23 -40.13 10.52
N LYS M 80 -22.31 -41.16 11.37
CA LYS M 80 -21.19 -41.67 12.21
C LYS M 80 -20.83 -43.09 11.77
N PHE M 81 -19.61 -43.53 12.10
CA PHE M 81 -19.02 -44.83 11.70
C PHE M 81 -18.32 -45.48 12.90
N LEU M 82 -19.03 -46.37 13.60
CA LEU M 82 -18.53 -47.13 14.79
C LEU M 82 -18.00 -48.50 14.34
N PHE M 83 -16.69 -48.74 14.47
CA PHE M 83 -15.97 -49.97 14.06
C PHE M 83 -15.69 -50.84 15.29
N ILE M 84 -16.50 -51.89 15.49
CA ILE M 84 -16.47 -52.77 16.69
C ILE M 84 -15.49 -53.93 16.47
N SER M 85 -14.92 -54.46 17.55
CA SER M 85 -14.04 -55.66 17.59
C SER M 85 -14.49 -56.60 18.72
N GLU M 86 -15.27 -57.64 18.38
CA GLU M 86 -15.90 -58.60 19.33
C GLU M 86 -17.03 -57.91 20.11
N GLY M 87 -17.75 -56.97 19.48
CA GLY M 87 -18.93 -56.29 20.04
C GLY M 87 -18.58 -55.18 21.02
N LYS M 88 -17.31 -54.74 21.07
CA LYS M 88 -16.81 -53.67 21.97
C LYS M 88 -16.28 -52.50 21.12
N ILE M 89 -16.72 -51.28 21.42
CA ILE M 89 -16.39 -50.02 20.68
C ILE M 89 -14.86 -49.84 20.64
N ILE M 90 -14.28 -49.91 19.44
CA ILE M 90 -12.80 -49.84 19.19
C ILE M 90 -12.42 -48.62 18.32
N ASP M 91 -13.32 -48.15 17.44
CA ASP M 91 -13.03 -47.07 16.46
C ASP M 91 -14.30 -46.26 16.15
N GLU M 92 -14.28 -44.95 16.43
CA GLU M 92 -15.42 -44.00 16.21
C GLU M 92 -14.95 -42.82 15.33
N VAL M 93 -15.60 -42.59 14.20
CA VAL M 93 -15.29 -41.49 13.23
C VAL M 93 -16.61 -40.91 12.69
N LEU M 94 -16.83 -39.61 12.87
CA LEU M 94 -18.05 -38.87 12.44
C LEU M 94 -17.73 -38.06 11.16
N GLY M 95 -18.74 -37.84 10.32
CA GLY M 95 -18.65 -37.10 9.04
C GLY M 95 -19.53 -37.72 7.96
N THR M 96 -20.18 -36.88 7.15
CA THR M 96 -21.17 -37.26 6.10
C THR M 96 -20.53 -37.21 4.70
N ASN M 97 -21.25 -37.69 3.69
CA ASN M 97 -20.82 -37.69 2.26
C ASN M 97 -22.06 -37.63 1.34
N ILE M 98 -21.92 -37.00 0.17
CA ILE M 98 -23.02 -36.77 -0.82
C ILE M 98 -23.22 -38.05 -1.65
N PRO M 99 -23.57 -37.93 -2.95
CA PRO M 99 -23.81 -39.11 -3.80
C PRO M 99 -22.52 -39.83 -4.21
N VAL M 100 -21.51 -39.09 -4.65
CA VAL M 100 -20.15 -39.60 -4.99
C VAL M 100 -19.31 -39.64 -3.71
N PHE M 101 -19.58 -40.64 -2.85
CA PHE M 101 -18.89 -40.88 -1.55
C PHE M 101 -17.77 -41.92 -1.71
N ILE M 102 -17.27 -42.14 -2.93
CA ILE M 102 -16.10 -43.01 -3.23
C ILE M 102 -14.83 -42.35 -2.67
N GLU M 103 -14.74 -41.03 -2.74
CA GLU M 103 -13.65 -40.21 -2.17
C GLU M 103 -13.69 -40.30 -0.63
N LYS M 104 -14.88 -40.13 -0.05
CA LYS M 104 -15.14 -40.30 1.41
C LYS M 104 -14.81 -41.73 1.85
N VAL M 105 -15.10 -42.72 1.00
CA VAL M 105 -14.85 -44.18 1.24
C VAL M 105 -13.35 -44.48 1.12
N ASN M 106 -12.68 -43.86 0.13
CA ASN M 106 -11.20 -43.94 -0.06
C ASN M 106 -10.50 -43.27 1.13
N LYS M 107 -10.99 -42.09 1.54
CA LYS M 107 -10.56 -41.35 2.75
C LYS M 107 -10.79 -42.21 4.00
N TYR M 108 -11.92 -42.94 4.04
CA TYR M 108 -12.31 -43.88 5.12
C TYR M 108 -11.27 -45.01 5.28
N ILE M 109 -10.84 -45.61 4.16
CA ILE M 109 -9.80 -46.68 4.12
C ILE M 109 -8.45 -46.06 4.47
N PRO M 110 -7.82 -46.35 5.64
CA PRO M 110 -8.32 -47.29 6.66
C PRO M 110 -7.61 -47.10 8.01
N LEU M 111 -8.35 -46.70 9.05
CA LEU M 111 -7.88 -46.46 10.45
C LEU M 111 -8.22 -47.67 11.33
N SER M 112 -7.38 -47.93 12.35
CA SER M 112 -7.49 -49.10 13.28
C SER M 112 -8.61 -48.84 14.30
N GLU N 1 37.98 11.01 97.97
CA GLU N 1 36.88 10.12 98.48
C GLU N 1 35.76 10.97 99.08
N PRO N 2 34.63 11.16 98.36
CA PRO N 2 33.44 11.80 98.95
C PRO N 2 32.49 10.79 99.60
N LEU N 3 31.78 11.24 100.65
CA LEU N 3 30.78 10.45 101.42
C LEU N 3 29.47 11.23 101.44
N PRO N 4 28.34 10.68 100.93
CA PRO N 4 27.09 11.44 100.85
C PRO N 4 26.47 11.70 102.22
N PRO N 5 25.53 12.67 102.35
CA PRO N 5 24.97 13.04 103.65
C PRO N 5 24.18 11.92 104.33
N HIS N 6 24.37 11.75 105.64
CA HIS N 6 23.81 10.64 106.44
C HIS N 6 23.80 11.00 107.93
N ILE N 7 22.89 10.39 108.69
CA ILE N 7 22.77 10.49 110.18
C ILE N 7 22.98 9.08 110.76
N ILE N 8 24.02 8.90 111.57
CA ILE N 8 24.29 7.64 112.32
C ILE N 8 23.42 7.64 113.58
N ARG N 9 22.61 6.60 113.78
CA ARG N 9 21.85 6.35 115.04
C ARG N 9 22.71 5.43 115.92
N PHE N 10 23.17 4.30 115.37
CA PHE N 10 24.09 3.34 116.01
C PHE N 10 24.96 2.67 114.94
N ASN N 11 26.28 2.77 115.10
CA ASN N 11 27.30 2.11 114.23
C ASN N 11 28.20 1.23 115.13
N ASP N 12 27.89 -0.06 115.21
CA ASP N 12 28.77 -1.09 115.82
C ASP N 12 29.41 -1.86 114.66
N MET N 13 30.30 -1.16 113.93
CA MET N 13 31.04 -1.69 112.75
C MET N 13 32.29 -0.81 112.52
N ALA N 14 33.34 -1.40 111.93
CA ALA N 14 34.58 -0.69 111.53
C ALA N 14 34.22 0.43 110.54
N GLN N 15 34.96 1.54 110.56
CA GLN N 15 34.71 2.75 109.73
C GLN N 15 34.87 2.41 108.24
N HIS N 16 35.94 1.68 107.88
CA HIS N 16 36.26 1.23 106.50
C HIS N 16 35.04 0.56 105.86
N LEU N 17 34.36 -0.31 106.61
CA LEU N 17 33.20 -1.11 106.15
C LEU N 17 31.98 -0.19 106.01
N LEU N 18 31.68 0.62 107.02
CA LEU N 18 30.48 1.51 107.10
C LEU N 18 30.48 2.46 105.90
N LYS N 19 31.60 3.17 105.68
CA LYS N 19 31.79 4.15 104.58
C LYS N 19 31.44 3.49 103.23
N LYS N 20 31.90 2.25 103.03
CA LYS N 20 31.74 1.46 101.78
C LYS N 20 30.26 1.09 101.56
N VAL N 21 29.50 0.90 102.65
CA VAL N 21 28.04 0.55 102.61
C VAL N 21 27.24 1.80 102.23
N ILE N 22 27.52 2.94 102.88
CA ILE N 22 26.73 4.21 102.71
C ILE N 22 26.82 4.65 101.25
N ARG N 23 28.03 4.70 100.68
CA ARG N 23 28.28 5.10 99.26
C ARG N 23 27.34 4.29 98.35
N GLN N 24 27.39 2.96 98.46
CA GLN N 24 26.54 2.02 97.67
C GLN N 24 25.06 2.36 97.90
N ALA N 25 24.66 2.48 99.17
CA ALA N 25 23.26 2.72 99.60
C ALA N 25 22.70 3.99 98.96
N ASP N 26 23.50 5.06 98.90
CA ASP N 26 23.13 6.38 98.29
C ASP N 26 22.94 6.20 96.78
N VAL N 27 23.94 5.61 96.10
CA VAL N 27 23.93 5.31 94.63
C VAL N 27 22.73 4.42 94.31
N LEU N 28 22.43 3.44 95.18
CA LEU N 28 21.38 2.41 94.95
C LEU N 28 19.98 3.03 95.09
N ILE N 29 19.78 3.97 96.02
CA ILE N 29 18.50 4.72 96.18
C ILE N 29 18.35 5.71 95.00
N LYS N 30 19.45 6.35 94.59
CA LYS N 30 19.51 7.33 93.47
C LYS N 30 19.13 6.63 92.14
N GLU N 31 19.42 5.33 92.01
CA GLU N 31 19.13 4.52 90.79
C GLU N 31 17.62 4.37 90.59
N ASN N 32 16.88 4.03 91.66
CA ASN N 32 15.41 3.77 91.63
C ASN N 32 14.73 4.61 92.71
N PRO N 33 14.63 5.95 92.54
CA PRO N 33 13.94 6.82 93.50
C PRO N 33 12.41 6.67 93.39
N GLN N 34 11.72 6.84 94.53
CA GLN N 34 10.28 6.49 94.72
C GLN N 34 10.08 5.01 94.37
N GLY N 35 11.09 4.17 94.66
CA GLY N 35 11.09 2.72 94.43
C GLY N 35 10.90 1.98 95.75
N LEU N 36 10.42 0.74 95.69
CA LEU N 36 9.99 -0.03 96.88
C LEU N 36 11.21 -0.41 97.72
N GLU N 37 11.04 -0.44 99.05
CA GLU N 37 12.14 -0.57 100.04
C GLU N 37 12.80 -1.95 99.91
N LYS N 38 12.03 -2.97 99.53
CA LYS N 38 12.52 -4.38 99.38
C LYS N 38 13.42 -4.48 98.14
N ASP N 39 13.11 -3.75 97.06
CA ASP N 39 13.93 -3.68 95.82
C ASP N 39 15.33 -3.13 96.16
N ILE N 40 15.38 -2.07 96.97
CA ILE N 40 16.64 -1.40 97.40
C ILE N 40 17.37 -2.31 98.40
N ALA N 41 16.62 -2.97 99.30
CA ALA N 41 17.17 -3.90 100.31
C ALA N 41 17.86 -5.08 99.62
N LEU N 42 17.19 -5.70 98.65
CA LEU N 42 17.66 -6.92 97.92
C LEU N 42 19.04 -6.65 97.32
N ASN N 43 19.15 -5.59 96.51
CA ASN N 43 20.39 -5.25 95.74
C ASN N 43 21.51 -4.85 96.71
N LEU N 44 21.18 -4.30 97.89
CA LEU N 44 22.18 -3.85 98.90
C LEU N 44 22.80 -5.07 99.58
N VAL N 45 22.00 -6.09 99.92
CA VAL N 45 22.48 -7.36 100.55
C VAL N 45 23.37 -8.10 99.55
N LYS N 46 23.02 -8.07 98.26
CA LYS N 46 23.80 -8.72 97.15
C LYS N 46 25.21 -8.12 97.11
N PHE N 47 25.30 -6.79 97.06
CA PHE N 47 26.56 -6.00 97.00
C PHE N 47 27.48 -6.42 98.15
N VAL N 48 27.01 -6.25 99.39
CA VAL N 48 27.81 -6.46 100.64
C VAL N 48 28.23 -7.94 100.76
N LYS N 49 27.41 -8.87 100.26
CA LYS N 49 27.74 -10.31 100.20
C LYS N 49 28.80 -10.54 99.12
N SER N 50 28.58 -9.97 97.92
CA SER N 50 29.42 -10.15 96.70
C SER N 50 30.85 -9.65 96.93
N GLN N 51 31.00 -8.48 97.56
CA GLN N 51 32.32 -7.83 97.81
C GLN N 51 33.17 -8.72 98.71
N PRO N 52 34.42 -9.05 98.31
CA PRO N 52 35.30 -9.86 99.15
C PRO N 52 35.90 -9.04 100.31
N GLU N 53 36.41 -9.73 101.33
CA GLU N 53 37.07 -9.16 102.54
C GLU N 53 36.07 -8.28 103.34
N PHE N 54 34.77 -8.40 103.06
CA PHE N 54 33.66 -7.70 103.76
C PHE N 54 32.98 -8.66 104.76
N LYS N 55 33.24 -9.97 104.65
CA LYS N 55 32.60 -11.04 105.46
C LYS N 55 33.29 -11.13 106.82
N ILE N 56 32.51 -11.05 107.91
CA ILE N 56 32.95 -11.22 109.33
C ILE N 56 32.43 -12.57 109.88
N GLY N 57 31.79 -13.39 109.03
CA GLY N 57 31.36 -14.76 109.35
C GLY N 57 30.11 -14.83 110.20
N ASP N 58 29.86 -16.01 110.79
CA ASP N 58 28.77 -16.35 111.74
C ASP N 58 27.42 -16.41 111.00
N GLY N 59 26.61 -15.35 111.06
CA GLY N 59 25.25 -15.31 110.48
C GLY N 59 25.29 -15.12 108.98
N GLU N 60 24.25 -14.51 108.41
CA GLU N 60 24.20 -14.14 106.97
C GLU N 60 23.65 -12.73 106.82
N TRP N 61 24.30 -11.92 105.97
CA TRP N 61 23.95 -10.50 105.70
C TRP N 61 22.45 -10.40 105.39
N GLN N 62 21.75 -9.51 106.09
CA GLN N 62 20.27 -9.30 105.97
C GLN N 62 19.94 -7.85 106.30
N CYS N 63 19.39 -7.10 105.32
CA CYS N 63 19.22 -5.63 105.36
C CYS N 63 17.74 -5.27 105.41
N ILE N 64 17.37 -4.37 106.33
CA ILE N 64 15.98 -3.85 106.54
C ILE N 64 16.01 -2.34 106.31
N ILE N 65 15.19 -1.86 105.36
CA ILE N 65 15.11 -0.42 104.97
C ILE N 65 13.66 0.04 105.16
N GLY N 66 13.44 1.11 105.93
CA GLY N 66 12.11 1.69 106.19
C GLY N 66 12.19 3.17 106.52
N LYS N 67 11.04 3.82 106.60
CA LYS N 67 10.87 5.23 107.06
C LYS N 67 10.45 5.24 108.54
N ASN N 68 9.66 4.25 108.98
CA ASN N 68 9.13 4.11 110.35
C ASN N 68 9.20 2.63 110.75
N PHE N 69 10.14 2.28 111.65
CA PHE N 69 10.25 0.91 112.24
C PHE N 69 11.13 0.97 113.50
N GLY N 70 10.60 0.44 114.61
CA GLY N 70 11.39 0.03 115.77
C GLY N 70 11.66 -1.45 115.69
N CYS N 71 12.60 -1.96 116.49
CA CYS N 71 13.04 -3.39 116.42
C CYS N 71 13.94 -3.76 117.60
N SER N 72 14.27 -5.04 117.70
CA SER N 72 15.29 -5.60 118.64
C SER N 72 15.85 -6.88 118.06
N LEU N 73 17.13 -6.86 117.65
CA LEU N 73 17.80 -7.98 116.95
C LEU N 73 19.03 -8.46 117.75
N THR N 74 19.33 -9.76 117.66
CA THR N 74 20.60 -10.38 118.14
C THR N 74 21.53 -10.53 116.93
N PHE N 75 22.69 -9.85 116.95
CA PHE N 75 23.65 -9.73 115.81
C PHE N 75 25.06 -10.16 116.27
N ASP N 76 25.97 -10.32 115.31
CA ASP N 76 27.38 -10.73 115.54
C ASP N 76 28.22 -9.50 115.91
N ALA N 77 29.22 -9.68 116.78
CA ALA N 77 30.03 -8.60 117.40
C ALA N 77 30.70 -7.74 116.31
N ASN N 78 30.37 -6.44 116.29
CA ASN N 78 30.96 -5.41 115.39
C ASN N 78 30.54 -5.70 113.94
N VAL N 79 29.25 -6.00 113.70
CA VAL N 79 28.72 -6.36 112.34
C VAL N 79 27.41 -5.61 112.02
N LEU N 80 26.86 -4.80 112.92
CA LEU N 80 25.57 -4.09 112.75
C LEU N 80 25.85 -2.64 112.34
N ALA N 81 25.25 -2.18 111.24
CA ALA N 81 25.38 -0.80 110.72
C ALA N 81 23.99 -0.19 110.48
N PHE N 82 23.58 0.73 111.36
CA PHE N 82 22.37 1.59 111.21
C PHE N 82 22.81 2.96 110.71
N PHE N 83 22.08 3.54 109.76
CA PHE N 83 22.26 4.93 109.27
C PHE N 83 20.99 5.38 108.53
N ASP N 84 20.79 6.69 108.45
CA ASP N 84 19.62 7.35 107.79
C ASP N 84 20.16 8.44 106.86
N LEU N 85 19.91 8.31 105.55
CA LEU N 85 20.41 9.25 104.50
C LEU N 85 19.54 10.51 104.53
N LEU N 86 20.18 11.69 104.61
CA LEU N 86 19.50 13.01 104.79
C LEU N 86 18.68 13.40 103.57
N PRO N 87 19.15 13.24 102.30
CA PRO N 87 18.36 13.66 101.15
C PRO N 87 17.11 12.79 100.91
N SER N 88 17.25 11.47 101.07
CA SER N 88 16.16 10.47 100.93
C SER N 88 15.23 10.53 102.14
N ARG N 89 15.79 10.61 103.34
CA ARG N 89 15.10 10.50 104.66
C ARG N 89 14.46 9.11 104.75
N LYS N 90 15.32 8.08 104.69
CA LYS N 90 14.96 6.64 104.83
C LYS N 90 16.07 5.93 105.61
N SER N 91 15.76 5.39 106.78
CA SER N 91 16.69 4.63 107.66
C SER N 91 17.05 3.31 106.97
N ILE N 92 18.28 2.83 107.18
CA ILE N 92 18.83 1.55 106.63
C ILE N 92 19.48 0.76 107.77
N LEU N 93 18.99 -0.45 108.03
CA LEU N 93 19.52 -1.39 109.05
C LEU N 93 20.15 -2.59 108.32
N LEU N 94 21.43 -2.87 108.58
CA LEU N 94 22.23 -3.94 107.92
C LEU N 94 23.07 -4.68 108.97
N PHE N 95 22.95 -6.01 109.06
CA PHE N 95 23.65 -6.82 110.10
C PHE N 95 23.63 -8.32 109.76
N LYS N 96 24.36 -9.10 110.56
CA LYS N 96 24.40 -10.59 110.50
C LYS N 96 23.98 -11.16 111.85
N SER N 97 22.96 -12.04 111.84
CA SER N 97 22.38 -12.71 113.03
C SER N 97 22.68 -14.22 112.97
N GLY N 98 23.35 -14.75 114.00
CA GLY N 98 23.68 -16.18 114.14
C GLY N 98 22.60 -16.96 114.87
N HIS O 1 -22.80 27.57 102.18
CA HIS O 1 -23.56 26.27 102.26
C HIS O 1 -22.74 25.14 101.62
N ALA O 2 -21.43 25.08 101.89
CA ALA O 2 -20.48 24.06 101.38
C ALA O 2 -20.54 24.00 99.84
N ASN O 3 -20.26 25.13 99.19
CA ASN O 3 -20.32 25.29 97.71
C ASN O 3 -19.13 24.58 97.06
N GLU O 4 -17.93 24.69 97.67
CA GLU O 4 -16.65 24.15 97.14
C GLU O 4 -15.92 23.36 98.24
N GLN O 5 -15.90 22.03 98.11
CA GLN O 5 -15.11 21.08 98.94
C GLN O 5 -13.88 20.62 98.16
N ILE O 6 -13.01 19.83 98.81
CA ILE O 6 -11.91 19.05 98.18
C ILE O 6 -11.92 17.64 98.78
N ILE O 7 -12.37 16.65 98.00
CA ILE O 7 -12.45 15.21 98.39
C ILE O 7 -11.30 14.46 97.71
N ASP O 8 -10.29 14.06 98.49
CA ASP O 8 -9.15 13.20 98.08
C ASP O 8 -9.09 12.00 99.04
N MET O 9 -10.15 11.21 99.07
CA MET O 9 -10.31 9.97 99.89
C MET O 9 -10.37 8.77 98.94
N PRO O 10 -10.09 7.52 99.40
CA PRO O 10 -9.89 6.39 98.50
C PRO O 10 -11.15 6.05 97.68
N GLU O 11 -12.31 5.95 98.34
CA GLU O 11 -13.63 5.69 97.72
C GLU O 11 -13.71 4.23 97.25
N ASN O 12 -12.79 3.81 96.36
CA ASN O 12 -12.70 2.44 95.79
C ASN O 12 -12.19 1.48 96.89
N SER O 13 -12.53 0.19 96.76
CA SER O 13 -12.17 -0.91 97.69
C SER O 13 -12.83 -0.69 99.06
N GLU O 14 -14.16 -0.47 99.06
CA GLU O 14 -15.04 -0.29 100.25
C GLU O 14 -14.32 0.50 101.34
N MET O 15 -13.75 1.66 100.98
CA MET O 15 -13.12 2.63 101.91
C MET O 15 -13.99 3.90 101.96
N LYS O 16 -15.20 3.86 101.40
CA LYS O 16 -16.24 4.92 101.51
C LYS O 16 -16.71 5.05 102.96
N SER O 17 -16.60 3.98 103.75
CA SER O 17 -16.81 3.96 105.23
C SER O 17 -15.91 4.99 105.92
N MET O 18 -14.74 5.29 105.32
CA MET O 18 -13.70 6.18 105.89
C MET O 18 -13.86 7.61 105.34
N LYS O 19 -14.65 7.81 104.29
CA LYS O 19 -15.04 9.14 103.75
C LYS O 19 -16.38 9.58 104.35
N ASN O 20 -17.38 8.68 104.36
CA ASN O 20 -18.77 8.96 104.87
C ASN O 20 -18.73 9.30 106.36
N ASP O 21 -17.84 8.67 107.13
CA ASP O 21 -17.67 8.90 108.59
C ASP O 21 -16.98 10.24 108.86
N ALA O 22 -16.48 10.93 107.82
CA ALA O 22 -15.97 12.33 107.88
C ALA O 22 -17.16 13.30 107.93
N PHE O 23 -18.12 13.15 107.00
CA PHE O 23 -19.34 13.99 106.90
C PHE O 23 -20.28 13.69 108.07
N SER O 24 -20.36 12.41 108.50
CA SER O 24 -21.31 11.91 109.54
C SER O 24 -20.89 12.42 110.92
N GLN O 25 -19.61 12.22 111.29
CA GLN O 25 -19.05 12.61 112.61
C GLN O 25 -19.10 14.14 112.75
N ALA O 26 -18.59 14.85 111.75
CA ALA O 26 -18.52 16.33 111.71
C ALA O 26 -19.84 16.94 112.20
N LYS O 27 -20.96 16.50 111.63
CA LYS O 27 -22.32 17.03 111.91
C LYS O 27 -22.69 16.81 113.39
N PHE O 28 -22.44 15.61 113.92
CA PHE O 28 -22.72 15.22 115.33
C PHE O 28 -21.76 15.94 116.29
N ALA O 29 -20.49 16.08 115.88
CA ALA O 29 -19.42 16.70 116.70
C ALA O 29 -19.69 18.20 116.89
N VAL O 30 -20.03 18.91 115.81
CA VAL O 30 -20.14 20.40 115.78
C VAL O 30 -21.32 20.86 116.65
N GLU O 31 -22.51 20.32 116.42
CA GLU O 31 -23.78 20.76 117.07
C GLU O 31 -23.69 20.58 118.60
N ASN O 32 -23.11 19.47 119.06
CA ASN O 32 -23.07 19.08 120.51
C ASN O 32 -22.02 19.93 121.25
N TYR O 33 -20.76 19.84 120.82
CA TYR O 33 -19.57 20.30 121.59
C TYR O 33 -19.49 21.84 121.55
N LYS O 34 -19.63 22.44 120.36
CA LYS O 34 -19.77 23.91 120.15
C LYS O 34 -18.52 24.62 120.67
N PHE O 35 -17.33 24.13 120.29
CA PHE O 35 -16.01 24.69 120.70
C PHE O 35 -14.93 24.13 119.77
N GLU O 36 -14.27 25.02 119.00
CA GLU O 36 -13.42 24.70 117.82
C GLU O 36 -12.37 23.64 118.18
N ASN O 37 -11.63 23.85 119.27
CA ASN O 37 -10.59 22.93 119.80
C ASN O 37 -11.21 21.55 120.05
N LYS O 38 -12.32 21.49 120.79
CA LYS O 38 -12.98 20.21 121.21
C LYS O 38 -13.51 19.42 120.01
N ILE O 39 -13.84 20.08 118.90
CA ILE O 39 -14.24 19.38 117.63
C ILE O 39 -13.03 18.59 117.15
N SER O 40 -11.89 19.26 116.98
CA SER O 40 -10.61 18.68 116.49
C SER O 40 -10.13 17.56 117.40
N SER O 41 -10.58 17.51 118.66
CA SER O 41 -10.28 16.44 119.63
C SER O 41 -11.21 15.24 119.41
N HIS O 42 -12.47 15.47 119.01
CA HIS O 42 -13.50 14.41 118.83
C HIS O 42 -13.30 13.68 117.49
N ILE O 43 -13.25 14.43 116.38
CA ILE O 43 -13.15 13.88 115.00
C ILE O 43 -11.87 13.05 114.88
N LYS O 44 -10.74 13.59 115.35
CA LYS O 44 -9.42 12.92 115.37
C LYS O 44 -9.53 11.58 116.13
N LYS O 45 -10.02 11.63 117.37
CA LYS O 45 -10.13 10.44 118.28
C LYS O 45 -10.91 9.31 117.59
N PHE O 46 -11.99 9.63 116.87
CA PHE O 46 -12.83 8.64 116.14
C PHE O 46 -12.00 8.00 115.02
N PHE O 47 -11.47 8.83 114.12
CA PHE O 47 -10.72 8.40 112.89
C PHE O 47 -9.46 7.61 113.27
N ASP O 48 -8.86 7.89 114.42
CA ASP O 48 -7.73 7.09 114.98
C ASP O 48 -8.26 5.72 115.39
N GLU O 49 -9.37 5.66 116.13
CA GLU O 49 -9.99 4.40 116.62
C GLU O 49 -10.15 3.43 115.45
N LYS O 50 -10.80 3.89 114.38
CA LYS O 50 -11.29 3.00 113.29
C LYS O 50 -10.16 2.69 112.29
N TYR O 51 -9.43 3.71 111.82
CA TYR O 51 -8.50 3.62 110.66
C TYR O 51 -7.05 3.81 111.09
N GLY O 52 -6.73 3.53 112.35
CA GLY O 52 -5.34 3.58 112.88
C GLY O 52 -4.82 5.00 113.03
N PRO O 53 -3.71 5.21 113.78
CA PRO O 53 -3.32 6.55 114.22
C PRO O 53 -2.59 7.42 113.18
N ASN O 54 -2.18 8.61 113.62
CA ASN O 54 -1.36 9.64 112.91
C ASN O 54 -2.27 10.50 112.02
N TRP O 55 -3.52 10.72 112.42
CA TRP O 55 -4.47 11.68 111.79
C TRP O 55 -4.33 13.03 112.49
N HIS O 56 -4.24 14.11 111.72
CA HIS O 56 -4.26 15.51 112.23
C HIS O 56 -5.44 16.24 111.59
N CYS O 57 -6.33 16.82 112.40
CA CYS O 57 -7.49 17.63 111.93
C CYS O 57 -7.50 18.98 112.63
N VAL O 58 -7.87 20.03 111.90
CA VAL O 58 -7.85 21.46 112.33
C VAL O 58 -9.17 22.11 111.91
N VAL O 59 -9.93 22.65 112.86
CA VAL O 59 -11.31 23.20 112.65
C VAL O 59 -11.30 24.68 112.99
N GLY O 60 -11.67 25.53 112.03
CA GLY O 60 -11.73 27.00 112.17
C GLY O 60 -12.76 27.64 111.25
N LYS O 61 -13.28 28.79 111.65
CA LYS O 61 -14.29 29.58 110.88
C LYS O 61 -13.57 30.26 109.72
N HIS O 62 -12.37 30.79 109.95
CA HIS O 62 -11.49 31.45 108.96
C HIS O 62 -10.01 31.12 109.27
N PHE O 63 -9.36 30.36 108.40
CA PHE O 63 -7.91 30.03 108.50
C PHE O 63 -7.30 29.72 107.13
N ASN O 64 -5.99 29.97 106.99
CA ASN O 64 -5.12 29.52 105.87
C ASN O 64 -4.33 28.30 106.35
N ALA O 65 -3.98 27.38 105.43
CA ALA O 65 -3.22 26.14 105.73
C ALA O 65 -2.66 25.49 104.47
N TYR O 66 -1.34 25.26 104.44
CA TYR O 66 -0.62 24.36 103.50
C TYR O 66 0.02 23.23 104.32
N VAL O 67 -0.09 21.99 103.87
CA VAL O 67 0.29 20.79 104.69
C VAL O 67 0.66 19.60 103.80
N SER O 68 1.49 18.69 104.33
CA SER O 68 1.82 17.36 103.73
C SER O 68 0.93 16.26 104.34
N TYR O 69 0.36 15.40 103.49
CA TYR O 69 -0.57 14.30 103.89
C TYR O 69 -0.23 13.01 103.11
N ASP O 70 -0.89 11.91 103.49
CA ASP O 70 -0.80 10.58 102.83
C ASP O 70 -1.88 10.49 101.75
N SER O 71 -1.47 10.31 100.49
CA SER O 71 -2.35 10.30 99.29
C SER O 71 -3.59 9.45 99.54
N LYS O 72 -4.78 10.01 99.26
CA LYS O 72 -6.12 9.37 99.42
C LYS O 72 -6.42 9.17 100.92
N ASN O 73 -6.15 10.18 101.76
CA ASN O 73 -6.61 10.22 103.19
C ASN O 73 -7.04 11.62 103.62
N PHE O 74 -7.05 12.61 102.71
CA PHE O 74 -7.25 14.05 102.98
C PHE O 74 -8.63 14.47 102.46
N ILE O 75 -9.48 15.02 103.32
CA ILE O 75 -10.82 15.56 102.94
C ILE O 75 -11.01 16.93 103.60
N PHE O 76 -11.57 17.88 102.85
CA PHE O 76 -11.85 19.28 103.29
C PHE O 76 -13.29 19.65 102.92
N PHE O 77 -14.16 19.71 103.93
CA PHE O 77 -15.61 19.95 103.79
C PHE O 77 -16.05 21.04 104.77
N TYR O 78 -17.07 21.81 104.39
CA TYR O 78 -17.78 22.79 105.26
C TYR O 78 -18.96 22.08 105.91
N GLU O 79 -18.92 21.89 107.24
CA GLU O 79 -20.10 21.48 108.05
C GLU O 79 -20.81 22.76 108.51
N GLY O 80 -21.90 23.13 107.83
CA GLY O 80 -22.66 24.38 108.07
C GLY O 80 -21.82 25.61 107.75
N GLN O 81 -21.63 26.48 108.73
CA GLN O 81 -20.78 27.70 108.62
C GLN O 81 -19.31 27.32 108.76
N LEU O 82 -19.02 26.37 109.67
CA LEU O 82 -17.65 25.97 110.10
C LEU O 82 -16.96 25.20 108.96
N ALA O 83 -15.61 25.23 108.91
CA ALA O 83 -14.76 24.65 107.86
C ALA O 83 -13.78 23.64 108.45
N ILE O 84 -14.13 22.35 108.41
CA ILE O 84 -13.36 21.23 109.04
C ILE O 84 -12.38 20.65 108.01
N LEU O 85 -11.14 20.37 108.45
CA LEU O 85 -10.05 19.78 107.63
C LEU O 85 -9.39 18.65 108.43
N LEU O 86 -9.36 17.42 107.89
CA LEU O 86 -8.70 16.24 108.50
C LEU O 86 -7.95 15.44 107.43
N TYR O 87 -6.86 14.78 107.82
CA TYR O 87 -5.91 14.08 106.92
C TYR O 87 -4.93 13.23 107.73
N ARG O 88 -4.39 12.18 107.10
CA ARG O 88 -3.36 11.29 107.69
C ARG O 88 -1.98 11.79 107.28
N LYS O 89 -0.97 11.55 108.13
CA LYS O 89 0.47 11.71 107.78
C LYS O 89 1.31 10.86 108.73
N GLY O 90 1.97 9.81 108.21
CA GLY O 90 2.79 8.87 108.97
C GLY O 90 2.08 7.54 109.18
N GLN P 1 -1.46 28.42 128.32
CA GLN P 1 -2.48 29.49 128.13
C GLN P 1 -1.81 30.87 128.27
N GLN P 2 -0.89 31.03 129.23
CA GLN P 2 -0.13 32.29 129.46
C GLN P 2 0.80 32.54 128.27
N TYR P 3 0.55 33.60 127.49
CA TYR P 3 1.37 34.05 126.34
C TYR P 3 2.51 34.96 126.83
N LYS P 4 3.40 35.36 125.92
CA LYS P 4 4.60 36.19 126.19
C LYS P 4 5.10 36.81 124.88
N THR P 5 5.71 38.00 124.97
CA THR P 5 6.25 38.78 123.82
C THR P 5 7.77 38.59 123.75
N PHE P 6 8.27 37.88 122.73
CA PHE P 6 9.72 37.80 122.40
C PHE P 6 9.90 37.87 120.87
N MET P 7 10.94 38.60 120.44
CA MET P 7 11.26 38.96 119.03
C MET P 7 10.00 39.47 118.32
N GLY P 8 9.45 40.57 118.85
CA GLY P 8 8.30 41.33 118.31
C GLY P 8 7.11 40.45 117.96
N ALA P 9 6.87 39.36 118.71
CA ALA P 9 5.82 38.36 118.43
C ALA P 9 5.28 37.78 119.73
N ARG P 10 3.99 37.40 119.74
CA ARG P 10 3.25 36.93 120.94
C ARG P 10 3.11 35.40 120.91
N VAL P 11 4.05 34.70 121.55
CA VAL P 11 4.17 33.20 121.58
C VAL P 11 3.73 32.67 122.94
N LEU P 12 3.26 31.41 122.96
CA LEU P 12 3.01 30.60 124.19
C LEU P 12 4.32 30.45 124.95
N TRP P 13 4.44 31.06 126.15
CA TRP P 13 5.74 31.31 126.86
C TRP P 13 6.52 30.02 127.06
N PRO P 14 5.95 28.95 127.65
CA PRO P 14 6.63 27.66 127.71
C PRO P 14 6.87 27.19 126.27
N PRO P 15 8.09 27.36 125.70
CA PRO P 15 8.28 27.20 124.27
C PRO P 15 8.38 25.71 123.96
N GLU P 16 7.30 25.11 123.46
CA GLU P 16 7.21 23.66 123.16
C GLU P 16 8.42 23.28 122.29
N ALA P 17 8.61 23.97 121.18
CA ALA P 17 9.76 23.81 120.25
C ALA P 17 11.06 24.31 120.91
N ALA P 18 12.20 23.83 120.44
CA ALA P 18 13.56 24.29 120.83
C ALA P 18 13.71 25.76 120.43
N ASP P 19 14.41 26.55 121.26
CA ASP P 19 14.40 28.04 121.21
C ASP P 19 15.19 28.57 120.01
N ASP P 20 16.00 27.73 119.34
CA ASP P 20 16.71 28.10 118.09
C ASP P 20 15.74 27.98 116.91
N ILE P 21 15.09 26.82 116.76
CA ILE P 21 14.11 26.51 115.68
C ILE P 21 12.96 27.54 115.73
N LEU P 22 12.57 27.96 116.95
CA LEU P 22 11.46 28.93 117.19
C LEU P 22 11.90 30.33 116.73
N GLU P 23 13.10 30.78 117.11
CA GLU P 23 13.63 32.14 116.82
C GLU P 23 13.71 32.33 115.30
N GLY P 24 14.41 31.43 114.61
CA GLY P 24 14.57 31.42 113.14
C GLY P 24 13.23 31.34 112.42
N ALA P 25 12.26 30.62 113.00
CA ALA P 25 10.91 30.41 112.44
C ALA P 25 10.11 31.72 112.43
N ILE P 26 9.88 32.30 113.61
CA ILE P 26 9.14 33.57 113.81
C ILE P 26 9.75 34.66 112.92
N ARG P 27 11.08 34.76 112.90
CA ARG P 27 11.81 35.82 112.15
C ARG P 27 11.53 35.68 110.65
N GLU P 28 11.43 34.46 110.13
CA GLU P 28 11.16 34.17 108.69
C GLU P 28 9.72 34.58 108.34
N THR P 29 8.76 34.30 109.22
CA THR P 29 7.33 34.67 109.04
C THR P 29 7.21 36.20 109.01
N GLN P 30 7.86 36.90 109.94
CA GLN P 30 7.88 38.39 110.00
C GLN P 30 8.52 38.98 108.74
N ASP P 31 9.54 38.32 108.17
CA ASP P 31 10.24 38.76 106.93
C ASP P 31 9.51 38.26 105.68
N ALA P 32 8.66 37.25 105.80
CA ALA P 32 7.70 36.82 104.75
C ALA P 32 6.50 37.78 104.72
N LEU P 33 5.97 38.14 105.89
CA LEU P 33 4.77 39.02 106.04
C LEU P 33 5.08 40.47 105.69
N LYS P 34 6.34 40.90 105.83
CA LYS P 34 6.82 42.24 105.38
C LYS P 34 6.69 42.35 103.85
N LYS P 35 6.73 41.21 103.12
CA LYS P 35 6.57 41.13 101.64
C LYS P 35 5.11 40.88 101.29
N PHE P 36 4.60 39.64 101.47
CA PHE P 36 3.22 39.22 101.12
C PHE P 36 2.31 39.49 102.33
N GLU P 37 1.09 39.98 102.09
CA GLU P 37 0.08 40.28 103.15
C GLU P 37 -0.85 39.07 103.34
N ILE P 38 -1.42 38.91 104.54
CA ILE P 38 -2.34 37.78 104.91
C ILE P 38 -3.69 38.02 104.24
N ALA P 39 -4.19 39.27 104.31
CA ALA P 39 -5.51 39.71 103.79
C ALA P 39 -5.64 39.31 102.31
N ARG P 40 -4.65 39.67 101.49
CA ARG P 40 -4.60 39.40 100.03
C ARG P 40 -3.49 38.38 99.74
N GLU P 41 -3.81 37.29 99.05
CA GLU P 41 -2.86 36.17 98.73
C GLU P 41 -2.29 35.62 100.03
N GLY P 42 -3.14 34.95 100.83
CA GLY P 42 -2.81 34.35 102.14
C GLY P 42 -2.41 32.90 102.03
N GLN P 43 -2.79 32.21 100.95
CA GLN P 43 -2.41 30.80 100.66
C GLN P 43 -0.91 30.73 100.34
N LYS P 44 -0.38 31.69 99.59
CA LYS P 44 1.01 31.71 99.05
C LYS P 44 2.02 31.71 100.20
N ILE P 45 1.83 32.58 101.20
CA ILE P 45 2.81 32.84 102.31
C ILE P 45 2.95 31.62 103.21
N ALA P 46 1.89 30.80 103.36
CA ALA P 46 1.93 29.51 104.09
C ALA P 46 2.85 28.51 103.38
N GLU P 47 2.66 28.35 102.07
CA GLU P 47 3.41 27.41 101.19
C GLU P 47 4.90 27.83 101.15
N HIS P 48 5.18 29.13 101.18
CA HIS P 48 6.56 29.69 101.27
C HIS P 48 7.22 29.22 102.58
N LEU P 49 6.49 29.37 103.69
CA LEU P 49 6.97 29.04 105.07
C LEU P 49 7.18 27.52 105.20
N LYS P 50 6.20 26.73 104.74
CA LYS P 50 6.20 25.24 104.83
C LYS P 50 7.49 24.70 104.19
N LYS P 51 7.79 25.11 102.95
CA LYS P 51 9.00 24.69 102.18
C LYS P 51 10.26 25.13 102.93
N TYR P 52 10.27 26.31 103.54
CA TYR P 52 11.43 26.90 104.26
C TYR P 52 11.82 26.01 105.44
N MET P 53 10.83 25.51 106.19
CA MET P 53 11.03 24.65 107.38
C MET P 53 11.73 23.34 106.97
N ASP P 54 11.28 22.74 105.86
CA ASP P 54 11.81 21.45 105.33
C ASP P 54 13.27 21.61 104.89
N ASP P 55 13.68 22.83 104.49
CA ASP P 55 15.06 23.12 104.01
C ASP P 55 16.02 23.19 105.20
N HIS P 56 15.71 24.02 106.21
CA HIS P 56 16.60 24.35 107.34
C HIS P 56 16.45 23.36 108.51
N PHE P 57 15.27 22.74 108.66
CA PHE P 57 14.95 21.76 109.73
C PHE P 57 14.39 20.48 109.09
N ASP P 58 14.06 19.48 109.92
CA ASP P 58 13.58 18.13 109.51
C ASP P 58 12.33 18.26 108.67
N PRO P 59 11.99 17.28 107.79
CA PRO P 59 10.88 17.42 106.85
C PRO P 59 9.49 17.11 107.46
N TYR P 60 8.46 17.33 106.65
CA TYR P 60 7.02 17.08 106.95
C TYR P 60 6.58 17.98 108.11
N TRP P 61 6.77 19.29 107.95
CA TRP P 61 6.13 20.36 108.76
C TRP P 61 4.71 20.59 108.24
N HIS P 62 3.76 20.75 109.15
CA HIS P 62 2.37 21.19 108.88
C HIS P 62 2.28 22.65 109.33
N VAL P 63 1.69 23.54 108.53
CA VAL P 63 1.60 25.01 108.80
C VAL P 63 0.13 25.43 108.77
N PHE P 64 -0.34 26.10 109.82
CA PHE P 64 -1.75 26.49 110.05
C PHE P 64 -1.82 27.85 110.75
N PHE P 65 -2.12 28.91 110.00
CA PHE P 65 -2.34 30.27 110.58
C PHE P 65 -3.69 30.81 110.12
N GLY P 66 -4.42 31.42 111.06
CA GLY P 66 -5.74 32.02 110.85
C GLY P 66 -6.05 33.06 111.92
N LYS P 67 -7.04 33.90 111.65
CA LYS P 67 -7.54 34.92 112.60
C LYS P 67 -8.38 34.21 113.67
N ASN P 68 -9.01 33.07 113.32
CA ASN P 68 -9.83 32.25 114.25
C ASN P 68 -9.82 30.78 113.82
N PHE P 69 -9.24 29.90 114.65
CA PHE P 69 -9.39 28.42 114.56
C PHE P 69 -8.97 27.77 115.88
N GLY P 70 -9.22 26.46 115.99
CA GLY P 70 -8.92 25.64 117.17
C GLY P 70 -8.60 24.20 116.80
N CYS P 71 -7.39 23.74 117.14
CA CYS P 71 -6.81 22.44 116.72
C CYS P 71 -6.20 21.71 117.93
N GLN P 72 -6.34 20.38 117.96
CA GLN P 72 -5.57 19.44 118.82
C GLN P 72 -4.81 18.50 117.89
N ALA P 73 -3.47 18.57 117.90
CA ALA P 73 -2.58 17.82 116.99
C ALA P 73 -1.51 17.07 117.79
N VAL P 74 -1.09 15.90 117.28
CA VAL P 74 0.07 15.10 117.76
C VAL P 74 1.31 15.56 117.01
N HIS P 75 2.39 15.87 117.73
CA HIS P 75 3.67 16.37 117.18
C HIS P 75 4.85 15.65 117.86
N ASN P 76 6.06 15.88 117.36
CA ASN P 76 7.32 15.25 117.88
C ASN P 76 7.77 16.04 119.11
N LYS P 77 8.65 15.47 119.93
CA LYS P 77 9.28 16.17 121.10
C LYS P 77 9.92 17.47 120.60
N ASN P 78 9.53 18.61 121.18
CA ASN P 78 10.16 19.94 120.93
C ASN P 78 10.05 20.30 119.44
N ARG P 79 8.87 20.10 118.85
CA ARG P 79 8.58 20.43 117.43
C ARG P 79 7.14 20.94 117.33
N PHE P 80 6.82 21.98 118.09
CA PHE P 80 5.49 22.64 118.13
C PHE P 80 5.67 24.13 118.42
N ILE P 81 5.28 24.99 117.47
CA ILE P 81 5.46 26.48 117.53
C ILE P 81 4.08 27.12 117.31
N TYR P 82 3.58 27.88 118.29
CA TYR P 82 2.27 28.59 118.26
C TYR P 82 2.44 30.03 118.75
N PHE P 83 2.35 31.01 117.84
CA PHE P 83 2.59 32.44 118.13
C PHE P 83 1.58 33.33 117.41
N TYR P 84 1.07 34.33 118.13
CA TYR P 84 0.26 35.48 117.63
C TYR P 84 1.19 36.58 117.13
N ILE P 85 0.78 37.28 116.06
CA ILE P 85 1.44 38.53 115.55
C ILE P 85 0.34 39.51 115.12
N GLU P 86 0.24 40.64 115.82
CA GLU P 86 -0.83 41.67 115.70
C GLU P 86 -2.16 41.04 116.15
N LYS P 87 -2.86 40.33 115.26
CA LYS P 87 -4.14 39.63 115.53
C LYS P 87 -4.08 38.18 115.04
N THR P 88 -3.27 37.87 114.03
CA THR P 88 -3.19 36.55 113.34
C THR P 88 -2.28 35.59 114.13
N ALA P 89 -2.79 34.38 114.41
CA ALA P 89 -2.13 33.32 115.21
C ALA P 89 -1.61 32.22 114.29
N PHE P 90 -0.30 31.95 114.34
CA PHE P 90 0.44 31.00 113.48
C PHE P 90 0.77 29.73 114.27
N LEU P 91 0.18 28.58 113.89
CA LEU P 91 0.49 27.23 114.42
C LEU P 91 1.31 26.46 113.37
N MET P 92 2.28 25.66 113.83
CA MET P 92 3.00 24.70 112.95
C MET P 92 3.73 23.65 113.81
N TYR P 93 3.72 22.38 113.35
CA TYR P 93 4.24 21.20 114.08
C TYR P 93 4.85 20.19 113.11
N GLN P 94 6.03 19.67 113.45
CA GLN P 94 6.82 18.69 112.65
C GLN P 94 6.31 17.26 112.93
N THR P 95 6.43 16.38 111.93
CA THR P 95 5.95 14.97 111.98
C THR P 95 7.03 14.03 111.45
N MET Q 1 -11.41 -1.40 120.61
CA MET Q 1 -11.20 -2.89 120.57
C MET Q 1 -10.11 -3.23 119.54
N ASN Q 2 -9.37 -4.31 119.79
CA ASN Q 2 -8.26 -4.83 118.92
C ASN Q 2 -8.58 -6.27 118.52
N HIS Q 3 -9.04 -6.46 117.28
CA HIS Q 3 -9.36 -7.80 116.68
C HIS Q 3 -8.05 -8.55 116.41
N GLU Q 4 -8.13 -9.88 116.28
CA GLU Q 4 -6.96 -10.80 116.12
C GLU Q 4 -6.23 -10.49 114.82
N PRO Q 5 -4.88 -10.60 114.79
CA PRO Q 5 -4.12 -10.29 113.57
C PRO Q 5 -4.47 -11.15 112.35
N GLU Q 6 -3.81 -10.87 111.22
CA GLU Q 6 -3.92 -11.63 109.94
C GLU Q 6 -2.52 -11.89 109.38
N VAL Q 7 -2.09 -13.16 109.33
CA VAL Q 7 -0.73 -13.56 108.88
C VAL Q 7 -0.63 -13.43 107.36
N LYS Q 8 0.16 -12.47 106.86
CA LYS Q 8 0.37 -12.29 105.40
C LYS Q 8 1.30 -13.42 104.95
N ALA Q 9 2.61 -13.29 105.20
CA ALA Q 9 3.65 -14.25 104.75
C ALA Q 9 4.17 -15.04 105.96
N THR Q 10 4.16 -16.38 105.88
CA THR Q 10 4.27 -17.25 107.08
C THR Q 10 4.84 -18.61 106.73
N ASP Q 11 5.66 -19.15 107.64
CA ASP Q 11 6.21 -20.53 107.60
C ASP Q 11 6.33 -21.02 109.03
N MET Q 12 5.18 -21.35 109.65
CA MET Q 12 5.05 -21.80 111.06
C MET Q 12 4.14 -23.03 111.14
N GLU Q 13 4.27 -23.80 112.22
CA GLU Q 13 3.52 -25.05 112.47
C GLU Q 13 2.20 -24.68 113.15
N GLU Q 14 1.14 -25.47 112.92
CA GLU Q 14 -0.25 -25.16 113.36
C GLU Q 14 -0.27 -24.86 114.87
N ASP Q 15 0.62 -25.48 115.65
CA ASP Q 15 0.75 -25.23 117.11
C ASP Q 15 1.41 -23.88 117.34
N MET Q 16 2.46 -23.55 116.59
CA MET Q 16 3.33 -22.36 116.81
C MET Q 16 2.57 -21.06 116.52
N ILE Q 17 1.98 -20.94 115.32
CA ILE Q 17 1.26 -19.72 114.84
C ILE Q 17 0.29 -19.21 115.92
N LYS Q 18 -0.35 -20.12 116.66
CA LYS Q 18 -1.25 -19.81 117.79
C LYS Q 18 -0.44 -19.12 118.90
N ARG Q 19 0.72 -19.69 119.26
CA ARG Q 19 1.63 -19.15 120.32
C ARG Q 19 2.15 -17.78 119.91
N VAL Q 20 2.25 -17.48 118.60
CA VAL Q 20 2.81 -16.19 118.11
C VAL Q 20 1.74 -15.10 118.28
N LYS Q 21 0.53 -15.33 117.77
CA LYS Q 21 -0.62 -14.39 117.89
C LYS Q 21 -0.96 -14.22 119.38
N GLU Q 22 -0.82 -15.29 120.17
CA GLU Q 22 -0.90 -15.25 121.65
C GLU Q 22 0.02 -14.12 122.11
N ILE Q 23 1.33 -14.33 122.01
CA ILE Q 23 2.40 -13.41 122.53
C ILE Q 23 2.19 -12.01 121.93
N ALA Q 24 1.60 -11.91 120.73
CA ALA Q 24 1.42 -10.65 119.98
C ALA Q 24 0.40 -9.74 120.65
N ILE Q 25 -0.72 -10.29 121.12
CA ILE Q 25 -1.81 -9.51 121.80
C ILE Q 25 -1.34 -9.09 123.19
N ASN Q 26 -0.67 -9.97 123.93
CA ASN Q 26 -0.07 -9.70 125.27
C ASN Q 26 0.90 -8.53 125.18
N ALA Q 27 1.80 -8.54 124.19
CA ALA Q 27 2.90 -7.58 124.01
C ALA Q 27 2.36 -6.18 123.69
N VAL Q 28 1.34 -6.11 122.83
CA VAL Q 28 0.82 -4.84 122.26
C VAL Q 28 0.14 -4.02 123.37
N LYS Q 29 -0.51 -4.66 124.33
CA LYS Q 29 -1.24 -3.97 125.44
C LYS Q 29 -0.28 -3.59 126.56
N GLU Q 30 0.68 -4.47 126.88
CA GLU Q 30 1.67 -4.29 127.97
C GLU Q 30 2.54 -3.04 127.70
N TYR Q 31 3.12 -2.95 126.50
CA TYR Q 31 4.05 -1.86 126.08
C TYR Q 31 3.40 -1.00 124.99
N LYS Q 32 3.54 0.32 125.14
CA LYS Q 32 3.03 1.33 124.18
C LYS Q 32 4.05 1.48 123.04
N GLN Q 33 5.32 1.75 123.39
CA GLN Q 33 6.44 2.10 122.45
C GLN Q 33 6.65 0.97 121.44
N GLU Q 34 7.11 1.31 120.23
CA GLU Q 34 7.26 0.38 119.09
C GLU Q 34 8.49 -0.52 119.29
N LYS Q 35 9.55 -0.02 119.91
CA LYS Q 35 10.78 -0.79 120.23
C LYS Q 35 10.51 -1.73 121.43
N GLN Q 36 9.76 -1.25 122.43
CA GLN Q 36 9.44 -2.01 123.67
C GLN Q 36 8.61 -3.26 123.33
N ILE Q 37 7.71 -3.15 122.34
CA ILE Q 37 6.86 -4.29 121.84
C ILE Q 37 7.80 -5.38 121.33
N ALA Q 38 8.63 -5.05 120.33
CA ALA Q 38 9.64 -5.95 119.74
C ALA Q 38 10.43 -6.64 120.86
N HIS Q 39 10.95 -5.84 121.80
CA HIS Q 39 11.88 -6.29 122.89
C HIS Q 39 11.23 -7.40 123.72
N TYR Q 40 9.93 -7.33 123.96
CA TYR Q 40 9.16 -8.37 124.70
C TYR Q 40 9.08 -9.63 123.84
N ILE Q 41 8.63 -9.52 122.59
CA ILE Q 41 8.39 -10.67 121.67
C ILE Q 41 9.63 -11.57 121.75
N LYS Q 42 10.79 -11.02 121.38
CA LYS Q 42 12.07 -11.74 121.27
C LYS Q 42 12.33 -12.53 122.58
N TYR Q 43 12.39 -11.82 123.71
CA TYR Q 43 12.81 -12.37 125.02
C TYR Q 43 11.87 -13.49 125.48
N GLU Q 44 10.58 -13.42 125.12
CA GLU Q 44 9.62 -14.52 125.35
C GLU Q 44 9.98 -15.68 124.42
N PHE Q 45 10.28 -15.39 123.16
CA PHE Q 45 10.61 -16.38 122.11
C PHE Q 45 12.03 -16.94 122.29
N ASP Q 46 12.81 -16.41 123.25
CA ASP Q 46 14.15 -16.97 123.64
C ASP Q 46 13.98 -18.09 124.67
N LYS Q 47 12.81 -18.21 125.31
CA LYS Q 47 12.48 -19.31 126.26
C LYS Q 47 11.97 -20.54 125.51
N ILE Q 48 11.15 -20.35 124.47
CA ILE Q 48 10.37 -21.42 123.78
C ILE Q 48 11.17 -21.96 122.57
N ASP Q 49 11.86 -21.11 121.81
CA ASP Q 49 12.53 -21.49 120.53
C ASP Q 49 14.00 -21.04 120.52
N GLY Q 50 14.76 -21.38 121.58
CA GLY Q 50 16.23 -21.42 121.59
C GLY Q 50 16.90 -20.08 121.32
N TYR Q 51 17.82 -19.67 122.22
CA TYR Q 51 18.73 -18.51 122.14
C TYR Q 51 18.42 -17.57 120.96
N GLY Q 52 18.72 -17.99 119.73
CA GLY Q 52 18.80 -17.13 118.55
C GLY Q 52 17.41 -16.80 118.04
N TRP Q 53 17.12 -15.51 117.82
CA TRP Q 53 15.79 -15.00 117.40
C TRP Q 53 15.92 -13.50 117.07
N ASN Q 54 14.96 -12.92 116.35
CA ASN Q 54 14.96 -11.49 115.94
C ASN Q 54 13.52 -11.03 115.71
N CYS Q 55 13.22 -9.75 115.94
CA CYS Q 55 11.84 -9.18 115.85
C CYS Q 55 11.89 -7.70 115.47
N ILE Q 56 11.04 -7.29 114.54
CA ILE Q 56 10.87 -5.89 114.06
C ILE Q 56 9.39 -5.53 114.14
N VAL Q 57 9.05 -4.27 114.44
CA VAL Q 57 7.65 -3.76 114.55
C VAL Q 57 7.57 -2.42 113.83
N GLY Q 58 7.19 -2.44 112.56
CA GLY Q 58 7.20 -1.25 111.68
C GLY Q 58 5.80 -0.88 111.21
N ARG Q 59 5.49 0.41 111.21
CA ARG Q 59 4.23 0.95 110.63
C ARG Q 59 4.39 0.96 109.09
N ASN Q 60 5.57 1.34 108.59
CA ASN Q 60 5.90 1.33 107.14
C ASN Q 60 7.39 1.00 106.96
N PHE Q 61 7.70 -0.18 106.40
CA PHE Q 61 9.09 -0.63 106.09
C PHE Q 61 9.09 -1.76 105.06
N GLY Q 62 10.28 -2.20 104.67
CA GLY Q 62 10.50 -3.33 103.74
C GLY Q 62 11.87 -3.95 103.91
N SER Q 63 12.03 -5.21 103.50
CA SER Q 63 13.29 -5.98 103.67
C SER Q 63 13.28 -7.29 102.88
N HIS Q 64 14.45 -7.94 102.83
CA HIS Q 64 14.60 -9.41 102.70
C HIS Q 64 15.64 -9.88 103.72
N ILE Q 65 15.27 -10.89 104.52
CA ILE Q 65 16.08 -11.45 105.64
C ILE Q 65 16.13 -12.97 105.49
N ILE Q 66 17.27 -13.55 105.86
CA ILE Q 66 17.56 -15.02 105.82
C ILE Q 66 17.16 -15.61 107.18
N HIS Q 67 16.24 -16.58 107.16
CA HIS Q 67 15.56 -17.18 108.34
C HIS Q 67 15.66 -18.71 108.29
N GLN Q 68 15.70 -19.38 109.44
CA GLN Q 68 15.69 -20.87 109.52
C GLN Q 68 14.31 -21.35 109.05
N THR Q 69 14.26 -22.52 108.42
CA THR Q 69 13.02 -23.06 107.76
C THR Q 69 12.02 -23.50 108.84
N LYS Q 70 10.78 -23.01 108.74
CA LYS Q 70 9.63 -23.23 109.68
C LYS Q 70 9.71 -22.28 110.88
N LYS Q 71 10.68 -21.35 110.91
CA LYS Q 71 10.93 -20.42 112.05
C LYS Q 71 10.85 -18.97 111.55
N TYR Q 72 9.92 -18.69 110.63
CA TYR Q 72 9.59 -17.33 110.10
C TYR Q 72 8.08 -17.10 110.24
N ILE Q 73 7.65 -15.87 110.54
CA ILE Q 73 6.20 -15.51 110.58
C ILE Q 73 6.07 -13.98 110.54
N PHE Q 74 5.27 -13.47 109.61
CA PHE Q 74 4.96 -12.02 109.46
C PHE Q 74 3.45 -11.86 109.60
N PHE Q 75 2.98 -11.20 110.68
CA PHE Q 75 1.55 -10.91 110.94
C PHE Q 75 1.36 -9.39 111.01
N LYS Q 76 0.35 -8.90 110.30
CA LYS Q 76 -0.04 -7.46 110.27
C LYS Q 76 -1.31 -7.29 111.11
N ILE Q 77 -1.16 -6.73 112.33
CA ILE Q 77 -2.30 -6.28 113.20
C ILE Q 77 -2.89 -5.00 112.57
N ASN Q 78 -4.01 -4.48 113.08
CA ASN Q 78 -4.74 -3.36 112.44
C ASN Q 78 -3.83 -2.12 112.36
N GLU Q 79 -3.25 -1.88 111.17
CA GLU Q 79 -2.44 -0.68 110.82
C GLU Q 79 -1.08 -0.71 111.56
N LEU Q 80 -0.49 -1.90 111.72
CA LEU Q 80 0.89 -2.11 112.26
C LEU Q 80 1.37 -3.50 111.82
N CYS Q 81 2.64 -3.62 111.41
CA CYS Q 81 3.21 -4.80 110.70
C CYS Q 81 4.41 -5.36 111.48
N LEU Q 82 4.28 -6.57 112.03
CA LEU Q 82 5.30 -7.21 112.89
C LEU Q 82 5.98 -8.36 112.13
N LEU Q 83 7.30 -8.27 111.94
CA LEU Q 83 8.16 -9.27 111.26
C LEU Q 83 9.13 -9.88 112.28
N LEU Q 84 9.05 -11.19 112.52
CA LEU Q 84 10.03 -11.93 113.36
C LEU Q 84 10.49 -13.20 112.63
N TRP Q 85 11.71 -13.65 112.94
CA TRP Q 85 12.38 -14.79 112.27
C TRP Q 85 13.44 -15.37 113.19
N LYS Q 86 14.21 -16.35 112.72
CA LYS Q 86 15.26 -17.03 113.54
C LYS Q 86 16.57 -17.09 112.74
N ALA Q 87 17.66 -16.58 113.33
CA ALA Q 87 19.06 -16.68 112.83
C ALA Q 87 19.15 -16.05 111.43
PB ADP R . 33.82 50.75 59.89
O1B ADP R . 32.83 51.17 58.84
O2B ADP R . 34.67 51.89 60.39
O3B ADP R . 34.62 49.57 59.46
PA ADP R . 32.79 48.84 61.83
O1A ADP R . 32.60 47.84 60.74
O2A ADP R . 31.74 48.92 62.88
O3A ADP R . 32.97 50.28 61.17
O5' ADP R . 34.23 48.63 62.51
C5' ADP R . 34.49 49.09 63.86
C4' ADP R . 34.81 47.92 64.78
O4' ADP R . 34.65 48.35 66.16
C3' ADP R . 33.96 46.64 64.65
O3' ADP R . 34.76 45.49 64.85
C2' ADP R . 32.91 46.78 65.75
O2' ADP R . 32.54 45.54 66.31
C1' ADP R . 33.59 47.66 66.80
N9 ADP R . 32.68 48.62 67.38
C8 ADP R . 32.44 49.90 66.95
N7 ADP R . 31.54 50.53 67.65
C5 ADP R . 31.13 49.61 68.60
C6 ADP R . 30.18 49.66 69.62
N6 ADP R . 29.42 50.74 69.87
N1 ADP R . 30.00 48.55 70.39
C2 ADP R . 30.75 47.48 70.12
N3 ADP R . 31.67 47.31 69.17
C4 ADP R . 31.82 48.42 68.43
PG ATP S . 25.34 71.27 41.24
O1G ATP S . 25.69 71.38 39.76
O2G ATP S . 26.55 71.01 42.10
O3G ATP S . 24.20 70.30 41.51
PB ATP S . 24.49 73.93 40.65
O1B ATP S . 23.61 73.40 39.57
O2B ATP S . 25.79 74.56 40.29
O3B ATP S . 24.81 72.72 41.65
PA ATP S . 22.17 74.83 42.15
O1A ATP S . 21.40 76.05 41.76
O2A ATP S . 21.60 73.52 41.77
O3A ATP S . 23.67 74.93 41.59
O5' ATP S . 22.46 74.85 43.73
C5' ATP S . 22.95 76.05 44.39
C4' ATP S . 22.37 76.17 45.78
O4' ATP S . 22.18 77.57 46.07
C3' ATP S . 20.99 75.56 46.03
O3' ATP S . 20.78 75.40 47.43
C2' ATP S . 20.10 76.65 45.42
O2' ATP S . 18.76 76.61 45.84
C1' ATP S . 20.82 77.90 45.96
N9 ATP S . 20.69 79.07 45.08
C8 ATP S . 20.82 79.11 43.71
N7 ATP S . 20.62 80.30 43.22
C5 ATP S . 20.32 81.09 44.33
C6 ATP S . 19.99 82.45 44.48
N6 ATP S . 19.92 83.31 43.45
N1 ATP S . 19.75 82.91 45.73
C2 ATP S . 19.84 82.05 46.75
N3 ATP S . 20.13 80.75 46.74
C4 ATP S . 20.36 80.33 45.48
PB ADP T . 50.40 26.13 50.91
O1B ADP T . 50.36 25.30 49.65
O2B ADP T . 51.76 26.73 51.18
O3B ADP T . 49.30 27.16 50.96
PA ADP T . 51.04 24.15 53.02
O1A ADP T . 52.38 24.78 53.15
O2A ADP T . 50.29 23.81 54.28
O3A ADP T . 50.11 25.08 52.11
O5' ADP T . 51.16 22.83 52.12
C5' ADP T . 52.07 22.81 51.00
C4' ADP T . 53.26 21.91 51.30
O4' ADP T . 53.90 22.32 52.54
C3' ADP T . 52.94 20.42 51.49
O3' ADP T . 53.32 19.69 50.34
C2' ADP T . 53.75 20.01 52.74
O2' ADP T . 54.52 18.85 52.54
C1' ADP T . 54.66 21.22 52.97
N9 ADP T . 55.08 21.39 54.35
C8 ADP T . 54.95 22.51 55.14
N7 ADP T . 55.43 22.36 56.35
C5 ADP T . 55.91 21.05 56.36
C6 ADP T . 56.54 20.29 57.36
N6 ADP T . 56.80 20.73 58.58
N1 ADP T . 56.90 19.01 57.04
C2 ADP T . 56.63 18.56 55.82
N3 ADP T . 56.05 19.20 54.79
C4 ADP T . 55.71 20.46 55.13
MG MG U . 22.85 71.50 39.52
MG MG V . 32.47 49.10 57.52
MG MG W . 52.61 27.04 47.32
PG ATP X . -24.98 -66.35 -125.03
O1G ATP X . -24.38 -66.66 -126.38
O2G ATP X . -23.96 -65.89 -124.02
O3G ATP X . -25.86 -67.47 -124.52
PB ATP X . -27.04 -64.86 -126.45
O1B ATP X . -27.22 -63.40 -126.66
O2B ATP X . -26.70 -65.74 -127.59
O3B ATP X . -25.97 -65.10 -125.28
PA ATP X . -29.79 -64.80 -125.88
O1A ATP X . -30.80 -65.73 -125.29
O2A ATP X . -29.97 -64.34 -127.29
O3A ATP X . -28.34 -65.45 -125.77
O5' ATP X . -29.57 -63.55 -124.90
C5' ATP X . -30.02 -62.24 -125.29
C4' ATP X . -30.82 -61.65 -124.16
O4' ATP X . -31.25 -60.32 -124.53
C3' ATP X . -32.08 -62.42 -123.75
O3' ATP X . -32.23 -62.43 -122.35
C2' ATP X . -33.18 -61.62 -124.47
O2' ATP X . -34.45 -61.80 -123.89
C1' ATP X . -32.63 -60.21 -124.27
N9 ATP X . -33.22 -59.18 -125.13
C8 ATP X . -34.30 -58.40 -124.83
N7 ATP X . -34.59 -57.55 -125.79
C5 ATP X . -33.64 -57.79 -126.76
C6 ATP X . -33.42 -57.22 -128.02
N6 ATP X . -34.16 -56.24 -128.52
N1 ATP X . -32.38 -57.69 -128.75
C2 ATP X . -31.63 -58.68 -128.23
N3 ATP X . -31.75 -59.30 -127.06
C4 ATP X . -32.79 -58.80 -126.37
MG MG Y . -27.71 -68.35 -126.19
PB ADP Z . -16.13 -73.47 -98.96
O1B ADP Z . -15.86 -72.08 -99.48
O2B ADP Z . -17.32 -74.11 -99.61
O3B ADP Z . -14.90 -74.34 -99.01
PA ADP Z . -17.35 -72.11 -96.69
O1A ADP Z . -18.72 -72.11 -97.29
O2A ADP Z . -16.55 -70.85 -96.79
O3A ADP Z . -16.51 -73.27 -97.41
O5' ADP Z . -17.44 -72.59 -95.16
C5' ADP Z . -16.78 -71.80 -94.12
C4' ADP Z . -17.35 -72.06 -92.74
O4' ADP Z . -17.99 -70.87 -92.23
C3' ADP Z . -18.45 -73.12 -92.55
O3' ADP Z . -17.86 -74.39 -92.31
C2' ADP Z . -19.26 -72.61 -91.34
O2' ADP Z . -19.14 -73.45 -90.21
C1' ADP Z . -18.63 -71.24 -91.04
N9 ADP Z . -19.53 -70.15 -90.61
C8 ADP Z . -19.11 -69.11 -89.84
N7 ADP Z . -20.05 -68.23 -89.58
C5 ADP Z . -21.16 -68.74 -90.22
C6 ADP Z . -22.49 -68.26 -90.32
N6 ADP Z . -22.90 -67.14 -89.73
N1 ADP Z . -23.37 -68.99 -91.03
C2 ADP Z . -22.94 -70.12 -91.60
N3 ADP Z . -21.72 -70.66 -91.59
C4 ADP Z . -20.86 -69.93 -90.87
MG MG AA . -18.20 -73.90 -97.76
MG MG BA . 4.65 -94.94 -93.93
PB ADP CA . 3.55 -93.36 -92.45
O1B ADP CA . 3.26 -93.55 -93.91
O2B ADP CA . 2.36 -93.67 -91.57
O3B ADP CA . 4.18 -92.02 -92.15
PA ADP CA . 4.63 -96.05 -92.11
O1A ADP CA . 3.25 -96.49 -92.52
O2A ADP CA . 5.79 -96.53 -92.93
O3A ADP CA . 4.66 -94.45 -92.05
O5' ADP CA . 4.87 -96.40 -90.57
C5' ADP CA . 4.04 -95.73 -89.59
C4' ADP CA . 3.92 -96.58 -88.34
O4' ADP CA . 4.34 -97.94 -88.63
C3' ADP CA . 4.78 -96.18 -87.13
O3' ADP CA . 4.04 -95.38 -86.23
C2' ADP CA . 5.10 -97.51 -86.44
O2' ADP CA . 4.47 -97.64 -85.19
C1' ADP CA . 4.51 -98.57 -87.39
N9 ADP CA . 5.37 -99.74 -87.55
C8 ADP CA . 5.00 -101.04 -87.31
N7 ADP CA . 5.96 -101.90 -87.52
C5 ADP CA . 7.03 -101.12 -87.93
C6 ADP CA . 8.35 -101.44 -88.30
N6 ADP CA . 8.83 -102.69 -88.33
N1 ADP CA . 9.18 -100.42 -88.64
C2 ADP CA . 8.69 -99.17 -88.61
N3 ADP CA . 7.48 -98.74 -88.28
C4 ADP CA . 6.68 -99.78 -87.95
PG ATP DA . -22.22 21.78 -45.44
O1G ATP DA . -22.47 20.29 -45.50
O2G ATP DA . -21.94 22.27 -44.05
O3G ATP DA . -21.20 22.25 -46.46
PB ATP DA . -24.00 23.98 -46.03
O1B ATP DA . -23.17 24.77 -45.06
O2B ATP DA . -24.00 24.35 -47.47
O3B ATP DA . -23.61 22.45 -45.88
PA ATP DA . -26.55 25.21 -45.62
O1A ATP DA . -26.29 25.95 -46.88
O2A ATP DA . -27.93 24.70 -45.36
O3A ATP DA . -25.51 24.00 -45.52
O5' ATP DA . -26.11 26.12 -44.37
C5' ATP DA . -26.63 27.46 -44.39
C4' ATP DA . -27.43 27.74 -43.14
O4' ATP DA . -27.67 29.16 -43.07
C3' ATP DA . -28.83 27.12 -43.06
O3' ATP DA . -29.24 27.02 -41.70
C2' ATP DA . -29.68 28.13 -43.84
O2' ATP DA . -31.01 28.17 -43.40
C1' ATP DA . -28.95 29.46 -43.56
N9 ATP DA . -28.81 30.27 -44.76
C8 ATP DA . -27.92 30.13 -45.81
N7 ATP DA . -28.09 31.04 -46.73
C5 ATP DA . -29.13 31.82 -46.28
C6 ATP DA . -29.78 32.94 -46.83
N6 ATP DA . -29.45 33.50 -47.99
N1 ATP DA . -30.80 33.48 -46.11
C2 ATP DA . -31.13 32.92 -44.93
N3 ATP DA . -30.59 31.85 -44.33
C4 ATP DA . -29.59 31.36 -45.07
MG MG EA . -25.02 21.43 -46.04
MG MG FA . -17.25 8.05 -21.52
MG MG GA . -1.32 -14.13 -20.99
PB ADP HA . -15.61 10.62 -19.87
O1B ADP HA . -16.09 11.71 -20.78
O2B ADP HA . -14.68 11.13 -18.81
O3B ADP HA . -15.06 9.42 -20.63
PA ADP HA . -17.25 9.49 -17.63
O1A ADP HA . -18.63 9.92 -17.26
O2A ADP HA . -17.00 8.03 -17.82
O3A ADP HA . -16.91 10.24 -19.01
O5' ADP HA . -16.22 10.09 -16.55
C5' ADP HA . -15.20 9.29 -15.86
C4' ADP HA . -15.64 8.86 -14.48
O4' ADP HA . -15.96 10.02 -13.66
C3' ADP HA . -16.86 7.95 -14.39
O3' ADP HA . -16.57 6.80 -13.59
C2' ADP HA . -17.93 8.82 -13.73
O2' ADP HA . -18.86 8.10 -12.95
C1' ADP HA . -17.07 9.73 -12.85
N9 ADP HA . -17.75 10.97 -12.50
C8 ADP HA . -17.68 12.16 -13.17
N7 ADP HA . -18.42 13.10 -12.65
C5 ADP HA . -19.03 12.49 -11.57
C6 ADP HA . -19.94 12.98 -10.61
N6 ADP HA . -20.42 14.22 -10.60
N1 ADP HA . -20.36 12.11 -9.66
C2 ADP HA . -19.88 10.86 -9.68
N3 ADP HA . -19.02 10.30 -10.53
C4 ADP HA . -18.62 11.18 -11.47
PB ADP IA . 1.27 -15.25 -19.30
O1B ADP IA . 1.52 -15.90 -20.64
O2B ADP IA . 2.43 -14.42 -18.83
O3B ADP IA . -0.05 -14.49 -19.26
PA ADP IA . 1.00 -18.03 -18.37
O1A ADP IA . 0.26 -18.34 -19.63
O2A ADP IA . 0.44 -18.56 -17.09
O3A ADP IA . 1.13 -16.44 -18.23
O5' ADP IA . 2.53 -18.49 -18.51
C5' ADP IA . 3.54 -18.08 -17.57
C4' ADP IA . 3.97 -19.25 -16.72
O4' ADP IA . 5.06 -18.86 -15.85
C3' ADP IA . 2.92 -19.80 -15.74
O3' ADP IA . 2.01 -20.68 -16.39
C2' ADP IA . 3.79 -20.51 -14.71
O2' ADP IA . 4.09 -21.84 -15.06
C1' ADP IA . 5.06 -19.65 -14.69
N9 ADP IA . 5.14 -18.78 -13.52
C8 ADP IA . 4.62 -17.52 -13.38
N7 ADP IA . 4.82 -17.01 -12.20
C5 ADP IA . 5.52 -17.99 -11.50
C6 ADP IA . 6.03 -18.04 -10.20
N6 ADP IA . 5.90 -17.06 -9.31
N1 ADP IA . 6.67 -19.18 -9.82
C2 ADP IA . 6.80 -20.16 -10.72
N3 ADP IA . 6.35 -20.22 -11.97
C4 ADP IA . 5.72 -19.09 -12.31
#